data_7NSI
#
_entry.id   7NSI
#
_cell.length_a   1.00
_cell.length_b   1.00
_cell.length_c   1.00
_cell.angle_alpha   90.00
_cell.angle_beta   90.00
_cell.angle_gamma   90.00
#
_symmetry.space_group_name_H-M   'P 1'
#
loop_
_entity.id
_entity.type
_entity.pdbx_description
1 polymer '39S ribosomal protein L27, mitochondrial'
2 polymer '39S ribosomal protein L28, mitochondrial'
3 polymer 'Mitochondrial ribosomal protein L47'
4 polymer '39S ribosomal protein L30, mitochondrial'
5 polymer 'Mitochondrial ribosomal protein L55'
6 polymer bL32m
7 polymer '39S ribosomal protein L33, mitochondrial'
8 polymer 'CP tRNAPhe'
9 polymer '39S ribosomal protein L34, mitochondrial'
10 polymer 'Ribosomal_L2_C domain-containing protein'
11 polymer ICT1
12 polymer 'Mitochondrial ribosomal protein L4'
13 polymer 'Ribosome-recycling factor, mitochondrial'
14 polymer '39S ribosomal protein L9, mitochondrial'
15 polymer '39S ribosomal protein L10, mitochondrial isoform a'
16 polymer '39S ribosomal protein L11, mitochondrial isoform a'
17 polymer '39S ribosomal protein L13, mitochondrial'
18 polymer uL14m
19 polymer '39S ribosomal protein L15, mitochondrial'
20 polymer '39S ribosomal protein L16, mitochondrial'
21 polymer '39S ribosomal protein L17, mitochondrial'
22 polymer '39S ribosomal protein L18, mitochondrial isoform 1'
23 polymer '39S ribosomal protein L19, mitochondrial'
24 polymer '39S ribosomal protein L20, mitochondrial isoform 1'
25 polymer '39S ribosomal protein L21, mitochondrial isoform d'
26 polymer '39S ribosomal protein L22, mitochondrial'
27 polymer '39S ribosomal protein L23, mitochondrial'
28 polymer '39S ribosomal protein L24, mitochondrial isoform X1'
29 polymer '39S ribosomal protein L37, mitochondrial'
30 polymer '39S ribosomal protein L38, mitochondrial'
31 polymer 'TGS domain-containing protein'
32 polymer 'Mitochondrial ribosomal protein L40'
33 polymer 'Mitochondrial ribosomal protein L41'
34 polymer mL42
35 polymer '39S ribosomal protein L43, mitochondrial isoform X2'
36 polymer '39S ribosomal protein L35, mitochondrial'
37 polymer '39S ribosomal protein L44, mitochondrial'
38 polymer 'Mitochondrial ribosomal protein L45'
39 polymer '39S ribosomal protein L46, mitochondrial'
40 polymer '39S ribosomal protein L48, mitochondrial'
41 polymer '39S ribosomal protein L49, mitochondrial'
42 polymer '39S ribosomal protein L50, mitochondrial'
43 polymer '39S ribosomal protein L51, mitochondrial'
44 polymer '39S ribosomal protein L52, mitochondrial'
45 polymer mL53
46 polymer '39S ribosomal protein L54, mitochondrial'
47 polymer 'Mitochondrial ribosomal protein L57'
48 polymer 'Mitochondrial ribosomal protein L58'
49 polymer '39S ribosomal protein L59, mitochondrial'
50 polymer '39S ribosomal protein S30, mitochondrial'
51 polymer 'Mitochondrial ribosomal protein S18A'
52 polymer '12S rRNA'
53 polymer 'Ribosomal protein'
54 polymer 'tRNA (P/E)'
55 polymer mRNA
56 polymer '16S rRNA'
57 polymer '28S ribosomal protein S2, mitochondrial'
58 polymer '28S ribosomal protein S24, mitochondrial'
59 polymer '28S ribosomal protein S5, mitochondrial isoform X2'
60 polymer 'Mitochondrial ribosomal protein S6'
61 polymer '28S ribosomal protein S7, mitochondrial'
62 polymer '28S ribosomal protein S9, mitochondrial'
63 polymer '28S ribosomal protein S10, mitochondrial'
64 polymer 'Mitochondrial ribosomal protein S11'
65 polymer 'Mitoribosomal protein us12m, mrps12'
66 polymer '28S ribosomal protein S14, mitochondrial'
67 polymer '28S ribosomal protein S15, mitochondrial'
68 polymer '28S ribosomal protein S16, mitochondrial'
69 polymer uS17m
70 polymer '28S ribosomal protein S18c, mitochondrial isoform 1'
71 polymer '28S ribosomal protein S21, mitochondrial'
72 polymer unknown
73 polymer 'Mitochondrial ribosomal protein S22'
74 polymer 'Mitochondrial ribosomal protein S23'
75 polymer 'Interferon alpha-inducible protein 6'
76 polymer '28S ribosomal protein S26, mitochondrial'
77 polymer 'Mitochondrial ribosomal protein S27'
78 polymer '28S ribosomal protein S28, mitochondrial'
79 polymer 'Death associated protein 3'
80 polymer '28S ribosomal protein S31, mitochondrial'
81 polymer 'Mitochondrial ribosomal protein S33'
82 polymer 'Mitochondrial ribosomal protein S34'
83 polymer '28S ribosomal protein S35, mitochondrial isoform 1'
84 polymer 'Coiled-coil-helix-coiled-coil-helix domain containing 1'
85 polymer 'Aurora kinase A interacting protein 1'
86 polymer 'Pentatricopeptide repeat domain 3,Pentatricopeptide repeat domain 3,mS39,Pentatricopeptide repeat domain 3,Pentatricopeptide repeat domain 3'
87 polymer '28S ribosomal protein S18b, mitochondrial'
88 polymer 'Mitochondrial ribosomal protein L12'
89 non-polymer 'MAGNESIUM ION'
90 non-polymer 'ZINC ION'
91 non-polymer SPERMINE
92 non-polymer "GUANOSINE-5'-MONOPHOSPHATE"
93 non-polymer "GUANOSINE-5'-TRIPHOSPHATE"
94 water water
#
loop_
_entity_poly.entity_id
_entity_poly.type
_entity_poly.pdbx_seq_one_letter_code
_entity_poly.pdbx_strand_id
1 'polypeptide(L)'
;MALAVLALRTRAAVTALLSPPQAAALAVRYASKKTGGSSKNLGGKSPGKRFGIKKMEGHYVHAGNILATQRHFRWHPGAH
VGLGKNKCLYALEEGVVRYTKEVYVPNPSNSEAVDLVTRLPQGAVLYKTFVHVVPAKPEGTFKLVAML
;
B0
2 'polypeptide(L)'
;MPLHKVPVGLWKQLRLWEGIYSRLPRHYLRSLEEARTPTPVHYRPHGAKFKINPKNWQRERVEDVPIPVHYPPESQLGLW
GGEGWVLGHRYVNNDKLSKRVRKVWKPQLFQRELYSEILDKRFTVTVTMRTLDLIDQACGFDFYILKTPKEDLCSKFGMD
LKRGMLLRLARQDPQLHPDDPARRAAIYDRYKAFVIPEAEAEWVGLTLDEAVEKQRLLEEKDPIPLFKIFVEELLGQLQQ
QALSEPAVVQTRASRK
;
B1
3 'polypeptide(L)'
;MAAAGLAVFCRRVSAALKACRLLIRPQAPPSTSCRFSPSLLPKNTPNVTSFHQFRIFHTTFSRRGLEEFFDDPKNWGEEK
VKSGASWTCQQLRNKSNEDLHKLWYVLLKERNMLLTLEQEAKRQRLPMPSPERLEKVVDSMDALDKVVQEREDALRLLQT
GQEKARPGAWRRDIFGRIIWHKFKQWPIPWYLNKKYNRKRFFAMPYVERFVRMRIEKQARIKARKRSLERKKEKFLQEKF
PHLSETQKSSHV
;
B2
4 'polypeptide(L)'
;HPPRQDFLVRRQPHRNRTVTKGMESLICTDWIRHKFTRSRIPDKVFQPSPEDHEKYGGDPQYPHKLHIVTRIKSTKRRPY
WEKDIIKMLGLEKAHTPQVHKNIPSVNAKLKVVKHLIRIKPLKLPQGLPTEEDMANTCLKSNGELVVRWLLNPANQEARK
S
;
B3
5 'polypeptide(L)'
;MAAKGSLLRLLWQRVVTGAAPESCRHLYTSSWRADCNRALLTRLHRQTYARLYPVLLVKQDGSTIHIRYREPRRMLTMPV
DLDSLSPEERRARFRKREAKFKEKKEEPELSDDFDVEQYKRFWTKK
;
B4
6 'polypeptide(L)'
;MASAMLVLVVPPWPAARGLLRNWWEQLQRKLQHNRLGLPLHPWGPALAVQGPAICTEPANDTNGSKAISSLLDSVFWMAA
PKNRRSIEVNRCRRRNPQKLIKVKNNIDVCPECGHLKQKHILCGYCYEKVRKETAEIRRQMGKQEGGPFRAPTTETVVLY
SGETPSEQDQGKRIIERERKRPSWFTQN
;
B5
7 'polypeptide(L)' MFLSAVTFAKSKSKTILVKMMSQAGTGFSFNTKRSRLREKLTLLHYDPVVKKKVLFVEQKKIRSL B6
8 'polyribonucleotide' GUUAAUGUAGCUUAAAUUAUCAAAGCAAGGCACUGAAAAUGCCUAGAUGAGCCUCACAGCUCCAUAAACACCA BB
9 'polypeptide(L)'
;MAFLARSVGRLLDPVSRSAALVGGRWLQPQAWLGFPDTWGLPAMQQTRGKARGNEYQPSNIKRKHKHGWVRRLRTPTGVQ
VILRRMHKGRKSLSH
;
B7
10 'polypeptide(L)'
;MALRVLTRALSSLSLTPRIAVAPGLNLLPAVQVTNNVLLTLPSGLMSLPCRPILTSVALSATSVSWKSRTKYTVMPVKMR
KSGGRNHTGQIQVHGIGGGHKQRYRMIDFLRFRPEHESKPGPFEEKVIAVRYDPCRSADIALVAGGNRKRWIIATENMKA
GDTVLNSDHIGRMAVAAREGDAHPLGALPVGTLINNVESEPGRGAQYIRAAGTCGVLLRKVNGTAIIQLPSKRQMQVLET
CIATVGRVSNVDHNKRVIGKAGRNRWLGKRPNSGLWQRKGGWAGRKIRPLPPMKSYVKLPSAAAQS
;
BD
11 'polypeptide(L)'
;MAPAALLPSWGQRGAAAGGGGKAWEGRRRNALKAEWRGAQRCSGRALLGLTMPGWGLLGRAGARVLGCGADGLGASRGLG
NRTDICLLVRSLHGKSVTWWDEHLSEENVPFVKQLVSDENKAQLASKLCPLKDEPWPIHPWEPGSSRVGLIALKLGMMPL
WTKDGQKHVVTLLQVQDCHVLKYTPKENHNGRMAALTVGGKTVSHFHKSASILEFYQELGLPPKQKVKIFNVTENAVIKP
GTPLYAAHFRPGQYVDVTAKTIGKGFQGVMRRWGFKGQPATHGQTKTHRRPGAISTGDVARVWPGTKMPGQLGNIDRTAF
GLKVWRINTKHNIIYVNGSVPGHKNCLVKIKDSKLPAYKDFCKNLPFPTYFPDGDEEALPEDLYDENVCQPGAPSITFT
;
BE
12 'polypeptide(L)'
;MLQLVRAGARTWFRPSGCRGLNTLAEEAVQQAEKPESVASLGLQPPVLRKCELPVPAHRRPVQAWIESLRGYEQERVGLT
ELHPDVFSTAPRLDILHQVAIWQKNFKRISYAKTKTRAEVRGGGRKPWVQKGSGRARHGSIRSPIWRGGGVAHGPRGPTS
YYYMLPMKVRVQGLKVALTVKLAQDDLHIVDSLELPTADPQYLIELARYRRWGDSVLLVDLEHEDMPQNVVAATSGLKTF
NLVPAVGLNVHSMLKHQTLVLTLPTVAFLEEKLLWHNSRYTPLYPFRLPYCDFP
;
BF
13 'polypeptide(L)'
;MHHHHHHENLYFQSGGSGSGVSEVTLKTVHERQHGHRQYMAYSAVPVRHFATKKAKAKGKGQSQTRVNINAALVEDIINL
EEVNEEMKSVIEALKDNFNKTLNIRTSPGSLDKIAVVTADGKLALNQISQISMKSPQLILVNMASFPECTAAAIKAIRES
GMNLNPEVEGTLIRVPIPQVTREHREMLVKLAKQNTNKAKDSLRKVRTNSMNKLKKSKDTVSEDTIRLIEKQISQMADDT
VAELDRHLAVKTKELLG
;
BG
14 'polypeptide(L)'
;MAAAACTAAGGGLLRAGLERLLRGGVRALLRPRLEGVTPRSERAFSLSLSRSTVIVERWWKVPLAGEGRKPRLHRRHRVY
KLVEDTKHRPKDNLELVLTQSVEELGVRGDLVSVKKSVGRNRLLPQGLAVYASPENKKLFEEEKLLRQEGKLEKLQTKAG
EATVKFLRRCHLEVGMKNNVKWELNPEIVARHFLRNLGVVVAPHALKLPEEPITQRGEYWCEVTVNGLDTVRVPMSVVNF
ERPKTKRYKYWLAQQAAKGDVPTSSQMI
;
BI
15 'polypeptide(L)'
;MAAVVAGMLRGGLLPQAGRLPTFQTVRYGSKAVTRHRRVMHFERQKLMAVTEYIPPKPTINPRCLPPPPTPPQEETGLVR
LLRREIAAVFRDNRMIAVCQHVALSAEDKLLLRHQLRKHKILMKIFPNQVLKPFLEESKYQNLLPLFVGHNLLLVSEEPK
VKEMVRILKGIPFLPLLGGCIDDTILSRQGFINYSKLPSLALVQGELVGGLTFLTAQTYSMLQHQPRQLTALLDQYVKQQ
QEGHPAVPASGQPEPPDPVPDP
;
BJ
16 'polypeptide(L)'
;MSKLSRATRALKKPEASGMIRAIVRAGQARPGPPLGPILGQRGVSINQFCKEFNEKTKDIKEGIPLPTKIFVKPDRTFEI
KIGQPTVSYFLKAAAGIEKGARHTGKEVAGLVTLKHVYEIARVKAQDDAFALQDVPLSSVVRSIIGSARSLGIRVVKDLS
SEELAAFQKERALFLAAQREADLAAQAEAAKK
;
BK
17 'polypeptide(L)'
;MSSFSKAPQQWATFARVWYLLDGKMQPPGKLAAMASVKLQGLHKPVYHQLSDCGDHVVIMNTRHIAFSGNKWEQKVYSSH
TGYPGGFRQVTAAQLHQKDPVAIVKLAIYGMLPKNLHRRTMMQRLHLFPDEDIPEDILKNLVEELPQPRKVPRRLDEYTQ
EEIEAFPRVWSPPEDYRL
;
BN
18 'polypeptide(L)'
;MAFCTGLRGPFAQVSRALSQRCFSTTGSLSAIQKMTRVRVVDNSALGTTPYHRPPRCIHVYNKTGVGKVGDRILLAIRGQ
KKKALIVGHRMPGPRMTPRFDSNNVVLLEDNGNPVGTRIKTPIPSSLRQREGEFSKVLAIAQNFV
;
BO
19 'polypeptide(L)'
;MGGPVQGGGPRALDLLRALPRVSLANLKPNPGSRKPERRPRGRRRGRKCGRGHKGERQRGTRPRLGFEGGQTPFYLRIPK
YGFNEGHSFRHQYQPLSLNRLQYLIDLGRVDPTQPIDLTQLVNGRGVTIQPSKRDYGVQLVEEGADTFKAKVNIEVQMAS
ELAIAAIEKNGGVVTTAFYDPRSLEILCKPVPFFLRGQPIPKRMLPPEALVPYYTDAKNRGYLADPARFPEARLELARKY
GYVLPDITKDELFKMLSTRKDPRQIFFGLAPGWVVNMADKKILKPTDENLLKYYSS
;
BP
20 'polypeptide(L)'
;MWRLLARACAPLLRAPLSDSWAAPSATAGFKTLLPVPTFEDVAIPEKPKLRFVERVPLVPKVRRERKNLSDIRGPSTEAT
EFTEGRFAILALGGGYLHWGHFEMMRLTINRSMDPKNMFALWRVPAPFKPITRKGMGQRMGGGKGAIDHYVTPVKAGRLI
VEMGGRCEFKEVQGFLDLVAHKLPFPAKAVSRETLEKMRKDQEERERNNQNPWTFERIATANMLGIRKVLSPYDLTHKGR
YWGKFYTPERV
;
BQ
21 'polypeptide(L)'
;MRLSVAAAISHGRVFRRLGLGPESRIHLLQNLLTGLVRHERIEASWARVDELRGYAEKLIDYGKLGDTNERAMRMADFWL
TEKDLIPKLFQVLAPRFQGQNGGYTRMLQIPNRNEQDRAKMAVIEYKGNCLPPLPLPRRDSNLTLLNQLLQGLRQDQEAS
SHTAQTPAV
;
BR
22 'polypeptide(L)'
;MALRSRFWALLSICRNPGCRAAALSTSCKPATNPETDPVENEAVAPEFTNRNPRNLELLAVARKERGWGTVWPSREFWHR
LRVIRTQHHIEALVEHRNGQVVVSASTREWAIKKHLYSTRNVVACESVGRVLAERCLEAGINFMVYHPTPWEAASDSIKR
LQHAMTEGGVVLREPRRIYE
;
BS
23 'polypeptide(L)'
;MAASITRGSWAAVGLGQSFPPTRALLPAPASVICRTLAGSGRQQVTGSSEPGAFQPPPKPVIVDKRRPQRPETRFLSPEF
IPPRGRTNPLKFQIERKDMLERRKILHIPEFYVGSILRVTTADPYASAKTSQFLGICIQRSGSGLGATFILRNTIEGQGV
EICFELYNPRIQEIQVVKLEKRLDNSLLYLRDALPEYSTFDVNMKPITQEFNQEVPVNQLKVKMKPKPWSKRWERPKFNI
KGIRFDLCLTEEQMREAQKWSQPWLEFDMMREYDTSKIEAAIWDEIEASKNS
;
BT
24 'polypeptide(L)'
;MVFLTVPLWLRSRVTDRYWRVQEVLKHARHFRGRKNRCYRLAVRAVTRAFVKCTRARRLKKRSLRTLWINRITAASQEHG
LKYPAFIINLIKCQVELNRKVLADLAIYEPKTFKSLAALAKRRREEGFAAALGDGKEPDGIFSRVVQHR
;
BU
25 'polypeptide(L)'
;MAAAVAASVLQGTFGRLVSAYSRSVLRTSRPGTAPPWSAPRRLSSQHTSSLRGCVPKTSLGSPPWPDIVLPDPVEETRHH
AEVVGQVNELIAAGRYGRLFAVVHFAGHQWKVTAEDLILIENELDVACGERIRLEKVLLVGADNFTLLGKPLLGKELVRV
EATVIEKTESWPKINMKFQKRKNYQRKRITVNPQTVLRINSIEIAPCLC
;
BV
26 'polypeptide(L)'
;MAAAVLERLGGLWMQNLRGKLALRLLSSHSILPQSHIHTSASVEISRKWEKKNKIVYPPQLPGEPRRPAEIYHCRRQIKY
SKDKMWYLAKLIRGMSIDQALAQLEFSDKKGAQIIKEVLLEAQDMAVRDHNVEFRSNLYVAESTSGRGQYLKRIRYHGRG
RFGIMEKVFCHYFVKLVEGPPPPREAPKTAVAHAREYIQELRNRTITHAL
;
BW
27 'polypeptide(L)'
;MARNVLYPLYQLGNPQLRVFRTNFFIQLVRPGTAQPEDTVQFRIPMEMTRVDLRNYLERIYNVPVAAVRTRVQYGSNRRR
DHRNIRIKKPDYKVAYVQLALGQTFTFPDLFPERKGASVDVDVRDQVLEDQRQKHSPDPRRGGVPGWFGL
;
BX
28 'polypeptide(L)'
;MRLSALLALASKVTLPPNYRYGMSRPGSLSDKRKNPPGTRRRRVPVEPISDEDWHLFCGDKVEILEGKDAGKQGKVVQVI
RQRNWVVVEGLNTHYRYVGKTVDYRGTMIPSEAPLLHNQVKLVDPTDRKPTDVEWRFTEAGERVRVSTRSGRIIPKPEFP
RADGIVPETWIDGPKDTSVEDALEKTYVPRLKTLEEEVMEAMGIQETRRHKKVYWY
;
BY
29 'polypeptide(L)'
;MALASGPARRALARLGRLGLGGCGAPRRGAYEWGVRSTRKPEPPPLDRVYEIPGLEPITYAGKMHFMPGLARPVFPPWDP
GWTHPKFRRLPPLHEHPLYKDQACYVFHQRCRLLEGVKQALWLTKTQLIEGLPEKVLRLADDPRNHIENQDERVLNAISH
ARLWHSTEDIPKRETYCPVIVDSLIQLCKSQILKHPSLARRICAQNNTLSATWNRESILLQVHGSSGARLNAKDPLPPVA
SQEEVEATKNHVLETFYPISPTMGLQECNVYDVNDDTGFQEGYPYPCPHTLYFLESANLRPRRFQPDQLRAKMILFAFGS
ALAQARLLYGNDSKVLEQPVVVQSVGTDGRLFQFLVLQLNTTDLASDEGVKNLAWVDSDQLLYQHFWCLPVIKKKVVVEP
VGPIGFQPETFRKFLALYLHGAV
;
Ba
30 'polypeptide(L)'
;MAAPWWRAALCASRRWRGFSTSAALSRRAAPLGPMPNEDIDVSDLERLKKYRSFDRYRRRAEQEARKPHWWRTYREHFGE
ESGPKDRVDIGLPPPKVSRTQQLLERKQALRELRANVEEERAARLQTARIPLEAVRAEWERTCGPYHKQRLAEYCGLYRD
LFHGATFVPRVPLHVAYAVGEDDLMPVYHGNEVTPTEAAQAPEVTYEADEGSLWTLLLTNLDGHLLEPDAEYVHWLVTNI
PGNRVTEGQETCPYLPPFPARGSGFHRFAFLLFKQDKRIDFSGDTRPSPCYQLAQRTFHTFDFYKKHQDAMTPAGLAFFQ
CRWDDSVTRVFHQLLDMREPVFEFVRPPPYHPKQKRFPHRQPLRYLDRYRDSHEPTYGIY
;
Bb
31 'polypeptide(L)'
;MAMGAWGLRLWRAVPRGEAGWRLIATSPASQLSPTELIEMQNDLFNKEKNRQLSLTPRTEKIEVKHVGKTDPGTVFVMNK
NISTPYSCAMHLSEWYCRKSILALVDGQPWDMYKPLTKSCEIKFLTFKDDDPGEVNKAYWRSCAMMMGCVIERAFKDEYV
VSLVRAPEVPVIAGAFCYDVVLDKRLDEWMPTKENLHSFTKDARALIYKDLPFETLEVEAKVALEIFQHNKYKLDFIEEK
ASQNPERIVKLHRFGDFIDVSEGPLIPRTSICFQYEVSAVHNLQTQSSLVRRFQGLSLPVHLRAHFTIWNKLLERSRKMV
TEDKTKPTEESAST
;
Bc
32 'polypeptide(L)'
;MAAAALGAASRTLRPASRLVGAWPTQTRDAHERGSLFSFWGLVPMRAEPLRKKKKVDPKKDQAAKDRLKKRIRRLEKASQ
ELIPIEDFITPVKFLNKERQRPPVELPFEESERRALLLKRWSLYKQREHEMERSAIRSLLEAQEEALQELRLSSPELHAE
ATKRDPSLFPFERQGPDYTPPISDYQPPEGRYQDITKVYTQVEFKK
;
Bd
33 'polypeptide(L)'
;MGLLSGAARALVRGADRMSKWTSKRGPRTFCKGRGAKGTGFHGRDGKFVQIKEMIPELVVPELAGFKLKPYVNYRAPEGT
DTPLTAKQLFLETAAPAIEKDFKAGTFDPEHLEKYGFEPTQEGKLFQLYPKNFPR
;
Be
34 'polypeptide(L)'
;MALAAVKWVISSRTILKHLFPIQNSASYCVCHKSTYSSLPDDYNCKVELALTSDGRTIVCYHPSVDIPYEHTKPIPRPDP
VHNIEETHDLVLKTRLEEKGEHLEQGPMIEQLSKMFFTTKHRWYPRGQYHRRRRKPNPPKDR
;
Bf
35 'polypeptide(L)'
;MTARGTASRFLTSVLHNGLGRYVQQLQRLSFSLSRDAPSSRGAREFVEREVTDFARRNPGVVIYVNPRPCCVPRVVAEYL
NGAVREESIHCKSVEEIAALVQKLADQSGLDVIRIRKPFHTDSPSIQGQWHPFTNKPTTLGGLRPREVQDPAPAQVQAQ
;
Bg
36 'polypeptide(L)'
;MAASAFAGAVRAATGILRPLHILASSAYQNCAKNACLSSVLSSRHFSHIQTSALLSAPRLITSVRNLMCGPTAPVLNRVA
PLLPHVLKPPVRTVTYFSSRKGKRKTVKAVIYRFLRLHSGLWLRRKAGYKKKLWKKTAARKRRLREFVFCNKTQSKLLDK
MTTSFWKRRNWYADDPYQKYQDRTNLKV
;
B8
37 'polypeptide(L)'
;MASGLVRLLQWGPRRLLAPAAPTLAPPVRGAKKGFRAAYRFQKELERWRLLRCPPPPVRRSEKPNWDYHAEIQAFGHRLQ
ETFSLDLLKTAFVNSCYIKSEEAKRQKLGIDKEAALLNLKDNQELSEQGISFSQTCLTQFFEDAFPDLPTEGVTSLVDFL
TSEEVVCHVARNLAVEQLALSAEFPVPPPVLRQTFFAVIGALLQSSGPERTALFIRDFLITQMTGKELFEMWTITNPMGL
LVEELKKRKISAPESRLTRQSGSTTALPVYFVGLYCDRKLIAEGPGETVLVAEEEAARVALRKLFGFTENRRPWDYSKPK
EHVRAEKTITAS
;
Bh
38 'polypeptide(L)'
;MAAPVTRGLSCLPRVLGWWSRQPVLVTQSTAVVPVRTKKRFTPPTYQPKYKSEKEFVEHARKAGLVIPHERLERPIHLAC
TAGIFDAYVPPEGDARISSLSKEGLAQRAERLKKNVASQLSIRKIRESDPNFKIKDFPEKAKDIFIEAHLCLNNSDHDRL
HTLVTENCFPDMVWDIRYKTVRWSFVESLEPPQVVQVRCSSLMNQGNIYGQVTVRMHTRQTLAIYDRFGRLMYGQEDVPR
DVLEYVVFEKHLVDPYGSWRMHGKIIPPWAPPKQPILKTVMIPGPQLKPWEEFEEPQGEVHKPQPA
;
Bi
39 'polypeptide(L)'
;MAAPVRRTMLRVVRGWRRFEGPWAHSLGSRNLALAVAPSSSSSPWRLLGALCLQRPPLVTKPLTPLQEEMADLLQQIEIE
RSLYSDHELRALDEAQQLAKKKSDLYEEEDEQNILLAQDLEDMWEQKFLHFKLGARLTEADKKDDRTSLHRKLDRNLILL
VREKLGDQDIWMLPQSDWQPGETLRQTAERTLATLSENNMEAKFLGNAPCGHYKFKFPQAMRTETSLGAKVFFFKALLLT
GDFSQAGKKGHHVWVSKEELGDYLKPKYLAQVRRFLLDL
;
Bj
40 'polypeptide(L)'
;MSEAAGTKVLRELNASRSDIVTGPDQGRSVSIFRPPGIAAAWADLQLARLHTTRQQRMNGALGKALCLRNDTVLKQALSL
IRVRASGESPICSAGGILLSTSRHYRSKPTHGIGRYKHLVKAQEPKKKKGKVEVRPINLGTDYEYGVLNIHLIAYDMALA
ESYAQYVHNLCNHLAIKVEESYAMPTKTMEVLQLQEQGSKMFLDAVLTTHERVVQISGLSATFAEIFLEIIHSNLPEGVK
LSVREHTEEDFKGRFKARPELEELLAKLN
;
Bk
41 'polypeptide(L)'
;MAATVLCGVLRAWRTGVPLGCGLRRLSQTQGTPEYPSFVESVDEYHFVERLLPPASIPRPPKHEHYPTPSGWQPPRDPAP
SLPYFVRRSRMHNIPVYRDITHGNRQMTVIRKVEGDIWALQKDVEDFLSPLLGKTPVTQVNEVTGTLRVKGYFDQQLKAW
LLEKGF
;
Bl
42 'polypeptide(L)'
;MVRLRGKRECLTLSLRLIGWSWRVTAGGGRCFVSKFSSKMAARWVSGLARRSLTCAVSGAPRREFWSPFRKEKQPVVAET
VEEVKKEPILVCPPIQSRTYIPPEDLQSRLESHVKEVFGSSVPSNWQDISLEDVHLKFSFLARLANDLRHAVPNSRLHQM
CRVRDVLDFYNVPVQDRSKFDELIASNLPHNLKITWGY
;
Bm
43 'polypeptide(L)'
;MAGSLSWVTGRGLWGRLPLTCRSFSLGIPRLFHVRVTLPPRKVVDRWNEKRAMFGVYDNIGILGNFEKHPKELIKGPIWL
RGWKGNELQRCIRKKRMVGNRMFIDDLHNLNKRISYLYKHFNRHGKYR
;
Bn
44 'polypeptide(L)'
;MAAWGILLSTGVRRLHCGTAAQAGSQWRLQQGFAANPSGYGPLTELPDWSYADGRPAPPMKGQLRRKAQREKFARRVVLL
SQEMDAGLQAWQLRQQEKLQEEEGKQKNALKSKGALLQNPQPSQ
;
Bo
45 'polypeptide(L)'
;MAAALARLGLRAVKQVRVQFCPFEKNVESTRTFLQAVSSEKVRCTNLNCSVIADVRHDGSEPCVDVLFGDGHRLIMRGAH
LTAQEMLTAFASHIQARGAAGSGDKPSASTGR
;
Bp
46 'polypeptide(L)'
;MAARRLFGAARSWAAWRAWELSDAAVSGRLHVRNYAKRPVIKGGKGGKGAVVGEALKDPEVCTDPFRLTTHAMGVNIYKE
GQDVVLKPDSEYPEWLFEMNVGPPKKLEELDPETREYWRLLRKHNIWRHNRLSKNRKF
;
Bq
47 'polypeptide(L)'
;MFLTALLRRNRIPGRQWIGKHRRPRPVSAQAKQNMIRRLETEAENQYWLSRPFLTAEQERGHAAVRRAAAFQALKAAQAA
RFPAHRRLEEQLGHLLVTRKWS
;
Bt
48 'polypeptide(L)'
;MAAARCLRWGLNRAGAWLLPSPTRYPRRALHKQVEGTEFQSIYSLDKLYPESRGSDTAWRLPDDAKQANDIPVDRLTISY
CRSSGPGGQNVNKVNSKAEVRFHLASADWIAEPVRLKLAVKHKNRINRSGELILTSECSRYQFRNLADCLQKLRDMIAEA
SQPAKEPSREDAELRRSRIENMNRERLRKKRISSAIKTSRRVDVD
;
Bu
49 'polypeptide(L)'
;MAAPVQQARTLLRLVTTLGQGSRGYRARPPPRRSQEPRWPDPDDPLTPRWQLSPRYAAKQFARHGAASGVAAGSLWPSQE
QLRELEAEEREWYPSLAAMQESLRVQQLAEEQKRQAREQLIEECMAKMPQMIENWRQQQQERREKEQADKDRRARLQAEA
QERLGYHVDPRSARFQELLQDMEKQHRKRLKEEKQRKKKEARAAAMAAAAAQDPADSETPSS
;
Bv
50 'polypeptide(L)'
;MAAARCWRFPLRGAGLSLHTAAKAAVTAPEVTGPDVPATPVARYPPIVASLTAKSKAARQRRVEQWQATVHAAKSVDEKL
RILTKMQFMKYVVYPQTFALNADNWYQSFTKTVFLSGLPPTPAKLEPEPTLDITALREAVCDCLLQEHFFLRRKKRAPVI
QDREAIASPFLDQLVASLTGLLSVHNPVLAAAALDCKRPVHFFWLRGEEIIPRGHRKGRVDALRYQINDKPHNQIRISRQ
LPEFVPLDYSIPIEVPVMSCKPDKLPLFKRQYENTIFIGSKTADPLCYGHTQFHLLPDKLKREKLLKQNCADQIEVVFRA
NAIASLFAWTGAQAMYQGFWSEADVTRPFVSQGVITDGKYFSFFCYQLNTLALTAQADQNNPRKNICWGTQSKPLYETIE
DNNVKGFNDDVLLQLVQFLLNRPKEDKSQLLEN
;
Bw
51 'polypeptide(L)'
;MVGLNVLVSGCGRLLRGLLAGPAATSWARPPSRGFREVVEILDGKTTIIEGRITETPQESPNPPNPTGQCPICRWNLKHK
YNYEDVLLLSQFIRPHGGMLPRRITGLCQEEHLKIEECVKMAHRAGLLPNHRPKLPEGFVPKSKPRLNRYLTRWSPRSVK
PIYNKGHRWNKVRMPVGSPLLKDNVSYSGRPLLLYH
;
Bx
52 'polyribonucleotide'
;ACACAGGUUUGGUCCUGGCCUUUCUAUUAAUUCUUAAUAAAAUUACACAUGCAAGUAUCCGCGCCCCGGUGAGAAUGCCC
UCCAGAUCUUAAAGAUCAAAAGGAGCAGGUAUCAAGCACACCUAUAACGGUAGCUCAUAACGCCUUGCUCAACCACACCC
CCACGGGAAACAGCAGUGAUAAAAAUUAAGCCAUGAACGAAAGUUUGACUAAGUUAUAUUAAUUAGAGUUGGUAAAUCUC
GUGCCAGCCACCGCGGUCAUACGAUUAACCCAAAUUAAUAGAUCCACGGCGUAAAGAGUGUUUAAGAAAAAAAAUCACAA
UAGAGUUAAAUUAUAACUAAGCUGUAAAAAGCCCUAGUUAAAAUAAAAUAACCCACGAAAGUGACUCUAAUAAUCCUGAC
ACACGAUAGCUAGGACCCAAACUGGGAUUAGAUACCCCACUAUGCCUAGCCCUAAACCCAAAUAGUUACAUAACAAAACU
AUUCGCCAGAGUACUACUCGCAACUGCCUAAAACUCAAAGGACUUGGCGGUGCUUCACAUCCACCUAGAGGAGCCUGUUC
UAUAAUCGAUAAACCCCGAUAGACCUUACCAACCCUUGCCAAUUCAGCCUAUAUACCGCCAUCUUCAGCAAACCCUAAAA
AGGAACAAUAGUAAGCACAAUCAUAGCACAUAAAAACGUUAGGUCAAGGUGUAGCUUAUGGGUUGGAAAGAAAUGGGCUA
CAUUUUCUACAUAAGAAUAUCCACCACACGAAAGUUUUUAUGAAACUAAAAACCAAAGGAGGAUUUAGCAGUAAAUCAAG
AAUAGAGUGCUUGAUUGAAUAAGGCCAUGAAGCACGCACACACCGCCCGUCACCCUCCUCAAGCAUGUAGUAAUAAAAAU
AACCUAUAUUCAAUUACACAACCAUGCAAGAAGAGACAAGUCGUAACAAGGUAAGCAUACUGGAAAGUGUGCUUGGAUUA
CC
;
AA
53 'polypeptide(L)'
;MATAFLRTVLSAVGPLLHLGGRPLSTFAAGPPRAALAVGAQPSPAAALLSARPLLGPQPALGFKTKGVLKKRCRDCYLVK
RRGRWFIYCKTNPKHKQRQM
;
B9
54 'polyribonucleotide' UUUUUUUUUUUUUUUUUUUUUUUUUUUUUUUUUUUUUUUUUUUUUUUUUUUUUUUUUUUUUUUUUUUUCCA AV
55 'polyribonucleotide' UUUUU AX
56 'polyribonucleotide'
;ACCAAAGCUAGCUCAACAUACUAAACAAAUACAAAAAUACACCAAAAUAAAAUAAAACAUUCACCUAACAUUAAAGUAUA
GGAGAUAGAAAUUUUUAUCCUGACGCUAUAGAGAUAGUACCGUAAGGGAAAGAUGAAAGAAUAAAAUAAAAGUAAAAAAA
AGCAAAGAUUACCCCUUCUACCUUUUGCAUAAUGGUUUAACCAGAAAAAAUCUAACAAAGAGAACUUUAGCUAGAUACCC
CGAAACCAGACGAGCUACCCAUGAGCAGUUUAAAAGAACCAACUCAUCUAUGUGGCAAAAUAGUGAGAAGACUUGUAGGU
AGAGGUGAAAAGCCUAACGAGCCUGGUGAUAGCUGGUUGUCCGAGAAAGAAUUUUAGUUCAACCUUAAAAAUACCCCAAA
AACCCUAAAUUCCAAUGUAUUUUUAAGAGAUAGUCUAAAAAGGUACAGCUUUUUAGAAACGGAUACAACCUUGACUAGAG
AGUAAAAUCUUAAUACUACCAUAGUAGGCCUAAAAGCAGCCAUCAAUUGAGAAAGCGUUAAAGCUCAACAAAUUCACCAA
CAUAAUCCCAAAAACUAAUAACAAACUCCUAGCCCAAUACCGGACUAAUCUAUUGAAACAUAGAAGCAAUAAUGUUAAUA
UGAGUAACAAGAAGCCUUUCUCCUCGCACACGCUUACAUCAGUAACUAAUAAUAUACUGAUAAUUAACAACCAAUAAACC
AAAACAACACUAAAACGUUUAUUAAUUACAUUGUUAACCCAACACAGGAGUGCACCAAGGAAAGAUUAAAAGAAGUAAAA
GGAACUCGGCAAACACAAACCCCGCCUGUUUACCAAAAACAUCACCUCUAGCAUUACUAGUAUUAGAGGCAAUGCCUGCC
CAGUGACACCAGUUUAACGGCCGCGGUAUUCUGACCGUGCAAAGGUAGCAUAAUCACUUGUUCUCCAAAUAAGGACUUGU
AUGAAUGGCCACACGAGGGUUUUACUGUCUCUUACUUCCAAUCAGUGAAAUUAACCUUCCCGUGAAGAGGCGGGAAUAAA
AAAAUAAGACGAGAAGACCCUAUGGAGCUUUAAUUAACUAUUCCAAAAGUUAAACAACUCAACCACAAAGGGAUAAAACA
UAACUUAACAUGGACUAGCAAUUUCGGUUGGGGUGACCUCGGAGUACAAAAAACCCUCCGAGUGAUUUUAAUCUAGACAA
ACCAGUCAAAAUAACCAUAACAUCACUUAUUGAUCCAAAAUUUUGAUCAACGGAACAAGUUACCCUAGGGAUAACAGCGC
AAUCCUGUUCUAGAGUUCCUAUCGACAAUAGGGUUUACGACCUCGAUGUUGGAUCAGGACACCCAAAUGGUGCAACCGCU
AUUAAAGGUUCGUUUGUUCAACGAUUAAAGUCCUACGUGAUCUGAGUUCAGACCGGAGCAAUCCAGGUCGGUUUCUAUCU
AUUAUAAAUUUCUCCCAGUACGAAAGGACAAGAGAAAUGGGACCAACCUCACAAACGCGUCUCAGAGAUAAUUAAUGAUU
UAAUCUUAACCUAAUUAACUCAUAAUAAAUCCAGCCCUAGAACAGGGCACA
;
BA
57 'polypeptide(L)'
;MASGPLLPRLLGAGAPRRPLRLHLVPTATPGPAGPTGRTLGSNAAPAAREPELGNDLRDRILSEPLKHADFFNLKELFSV
RSLFDARVHLGHKAGCRHRFMEPYLFGSRLGQDIIDLEQTAAHLQLALNFTAHVAYREGIILFVSRHRQFAHLIETTARD
CGEYAHTRYFKGGLLTNAPLLLGPGVRLPDLIIFLHTLNNVFEPHVAVRDAAKMNIPTVGIVDTNCNPALITYPVPGNDD
SPPAVRLFCRLFQVAISRAKEKRRQVEALYRLQGPAGAERGPAAPPPPE
;
AB
58 'polypeptide(L)'
;MVASVCGGGLRPLVLSWSRELPCAWRALHISAVCAKNRAARVRVSKGDKPVTYEEAHAPHYIAHRKGWLSLHTGNLDGED
HAAERTVEDVFLRKFMLGTFPGCLADQLVLKRRANQLEICALVLRQLPPHKFYFLVGYSETLLSHFYKCPVHLHLQTVPS
KVVYKYI
;
AC
59 'polypeptide(L)'
;MAAAVRAAGFFPGLFGASAGNLWSRQLYLNTFPAASILTSKTFPSNGPLSPPGTRDNHHFTSLACALQTQCSISSPSNWM
GQQYRSYSFFTKLTADELWKGALAESGAGARKGRGKRTKKKRRKDLNRGQIIGEGRHGFLWPGLNIPLMRNGAVQTIAQR
SKEDQEKVEADMVQQREEWDRRRKMKVKRERGWSGNTWGGVSLGPPDPGPNGETYDDFDTRILEVRNVFNMTAKEGRKRS
VRVLVAVGNGKGAAGFAIGKATERADAFRKAKNRAVHYLHYIERYEDHTIYHDISLKFKRTHIKMKKQPRGYGLHCHRAI
MTICRLIGIKDLYAKVSGSVNMLNLTRGLFLGLSRQETHQQLADKKSLHVVEFREECGPLPIVVASPQGALRKDPEPEDE
VPDITLDWEDVKAAQGMKRSVWSGLKRAAT
;
AE
60 'polypeptide(L)'
;MRRKAWKVPAGSRTIRSKRGGSGSCRVGGVCSSRWQLAEGTRGAALLQWLPGQGAGPRAGCRPQRAGLSRGRGAAALRRG
RGVARGGAWLGEGAWRPVCAAARAFKPGLARPERAFAAWEPSGPAVRQVSAVPALFHPGRRFREEPRAVHSGMPRYELAL
ILKAMQRPETAAALKRTLEALMDRGAVVRNLENLGERMLPYKISAHNQRHSRGGYFLVDFYAPATTVESMMEHLSRDIDV
IRPNIVKHPLTQEVKECEGIVPVPLEEKLYSTKKRK
;
AF
61 'polypeptide(L)'
;MAAPAVKAARGWSCSALGVRIAVLRFPGLTQVRWSRYGPEYKDPQIDKEYYRKPLAEQTEEEKYERDFKKTQLIKAAPAT
KTSSVFEDPVISKFTNMMMKGGNKVLARSLMTQTLEAVKRKQFAKYHAASAEEQATIERNPYTIFHQALKNCEPVIGLVP
ILKGGHFYQVPVPLADRRRRFLAMKWMIAECREKKHRRVLMPEKLSQELLEAFHNQGPVIKRKHDMHKMAEANRALAHYR
WW
;
AG
62 'polypeptide(L)'
;MAAPCVFCGAAVSYRLFLGCRVSFARGQVLWKAAAPELQAGARCQILRLRHTAVVTTKKNVAASRRETYTVDFIKKQIEE
FNIGKRHLANMMGEDPETFTQEDIDRAIAYLFPSGLFEKRARPIMKHPEEIFPKQRAIQWGEDGRPFHFLFYTGKQSYYS
LMHDTYGKLLDVEKHHNQLRAKDLLAEKTKILKDPIGSRWLIKEELEEMLVEKLSDQDYAQFIRLLERLSALPCGATEED
FVNRFRRSIPIQSKKQLIEPLQYDEQGMAFSRGEGKRKTAKAEVVVYGQGSGRIDVNGVDYLLYFPVTQDREQLMFPLHF
LDRLGKHDMTCAVSGGGRSAQAGAVRLAMARALCSFVTEDEVEWMRQAGLLTADPRVRERKKPGQEGARRKFTWKKR
;
AI
63 'polypeptide(L)'
;MAARTAFGALARRLWQGSRNFSVSSSRSSTAKNGGFLLTTMKWVQFSNLHVDVPKDMTKPEITISDEPDTLYKRLSVLVK
GHDKAVLDSYEYFAVLAAKELGISIKVHEPPRKIERFTLLKSVHIFKKHRVQYEMRTLYRCLELEHLTGSTADVYLEYIQ
RNLPEGVAMEVTKTKLEQLPEHIRKPIWETMPEEKEESKS
;
AJ
64 'polypeptide(L)'
;MQVVRNAGSRLLQSWAWPPKTRIVAGLPASTIHRSAPHLQDAAAKLDIEDKEEARTPSHSSFSIYPPIPGQENSLRWAGK
KFEEIPIAHIKASYNNTQIQVVSAAHQPLAHASCGTEGFRNAKKGTGIAAQTAGIAAAAKATGKGVTHVRVVVKGLGPGR
LSAIKGLTMGGLEVISITDNTPIPHNGCRPRKARRL
;
AK
65 'polypeptide(L)'
;MSWSGLLRGLGTSLNCGLALVPRPWATRPMATLNQMHRLGPPKHPPGKMGPTAGRPQLKGVVLRTFIRKPKKPNSANRKC
CRVRLSTGREAVCFIPGEGHSLQEHHVVLVQGGRTQDLPGVKLTVVRGKYDCGHVQKKK
;
AL
66 'polypeptide(L)'
;MAASMLGFLLRTVRQMVPSSASGQVRSYYVDWKMLRDVKRRKMAYEYADERLRINSLRKNTILPKDLQEVADEEIASLPR
DSCPVRIRNRCVMTSRPRGVKRRWRLSRIVFRHLADHGQLSGVQRAMW
;
AN
67 'polypeptide(L)'
;MLRAAWRALSSIRTQAVTQAPVLGLPGGGCARFPSVQRALPSRPAGLILRAARGYAAQKPVQPNQDDPPPSMLLLDYQNV
PGIHKVDDVVKRLLSLEMANQKEKLKIKKMQLMNKVLENPEDTSSLEARIVALTVKIRNYEEHMQKHRKDKAHKRFLLMS
IDQRKKMLKNLRETNYAVFEKICKELGIEYTFPPPYHRKAHRRWVTKKALCTQVFREVQKLKKQKRALRAAAVAAHKQG
;
AO
68 'polypeptide(L)'
;MVQLTTVLCRAYRGGHLTIRLALGGCTNRPFYRIVAAHSKCPRDGRFVEQLGSYDPLPNSHGEKLVALNFDRIRHWIGCG
AHLSKPVEKLLGLSGFYPLHPMMITNAERLRRKRAREVLLASQKTDTEATETKAS
;
AP
69 'polypeptide(L)'
;MSIARSSVHAKWVVGKVIGTAMQKTAKVRVTRLVLDPYLLKYFNKRKTYFAHDALQQCTVGDIVLLKALPVPRTKHVKHE
LAEIIFKVGQVIDPVTGKPCAGTTYLESPISPESTRLTKNLEALQLSSTQ
;
AQ
70 'polypeptide(L)'
;MAAVVSLCSRLGRRKSTDFVNAAVCLTDPGTHAVLWRSCSQYKQVASNEDLPVPMENPYKEPLKKCILCEKHVDYKNVQL
LSQFISPFTGCIYGRHITGLCGKKQKEITKAIKRAQILGFMPVTYKDPAYLKDPKVCNIKYRE
;
AR
71 'polypeptide(L)'
;MANHLKFIARTVMVQEGNVEGAYRTLNRILTMDGLIEDIKRRRYYEKPCRRRQRESYETCRRIYNMEMARKINFLMRKNR
ADPWQGC
;
AU
72 'polypeptide(L)'
;(UNK)(UNK)(UNK)(UNK)(UNK)(UNK)(UNK)(UNK)(UNK)(UNK)(UNK)(UNK)(UNK)(UNK)(UNK)(UNK)
(UNK)(UNK)
;
AZ
73 'polypeptide(L)'
;MPHEPRETRNLSLPLPALVARIIMATLKASALLRSLQTNSCGTGRVCFPVRARPRPRALLQPLPGASGTGTLCRGLGSES
ESGNSEIRKPTFMDEEVQNILIKMTGLDLQKIFKPALQELKPPTYKLMTQAQLEEATKQAVEAAKVRLKMPPVLEERAPI
NDVLAEDKILEGTETAKYVFTDISYSIPHRERFIVVREPSGTLRKASWEERDRMIQVYFPREGRRILTPVIFKEENLQTM
YSQDQHVDVLNLCVAQFEPDSAEYIKIHHHTYEDIDKCGKYDLLRSTRHFGGMAWYFVNKKKIDGLLIDQIQRDLVSDAT
SLVHLYHILHPDGQSAQEAKKQGAEGLHLIKVFAKTEAQKGAYIELTLQAYQEAFITHSAAS
;
Aa
74 'polypeptide(L)'
;MAGSRLETVGSIFSRTRDLIRAGVLKEKPLWLDIYNAFPPLREPVFRRPRLRYGKAKAAVQDIFYHEDRIRAKFYSAYGS
GPKAFDLFNPNFKSTCQRFVEKYIELQRLGETDEEKLFVEAGKALLAEGVTLRRVGEARTQQEGSPISRKSEPTGIKPQT
AVEENQPWKEVPQDQPLEAPEKESKGLPPP
;
Ab
75 'polypeptide(L)'
;MPMKGRFPIRRTLQYLGQGDVVFKDSVKVMTVNYNTHGELGEGARKFVFFNIPQIQYKNPWVQITMFKNMTPSPFLRFYL
DSGEQVLVDVESKSNKEIVEHIRKILGKNEETLEKEEQEKKQLSHPAHFGPRKYCLRECMCEVEGQVPCPGLVPLPKEMT
GKYKAALKATAQD
;
Ac
76 'polypeptide(L)'
;MLRVLGGLGARPAGRLPAPLLLPTRGRKTRHDPPAKSKAGRVATPPAVDPTEFFVLTERYRQYRQTVRALRLEFMSEVRK
KLHEARAGVQAERKAQEDAAEHRELMAWNQAENQRLHELRLARLRQEALEQERRQAEEAVLQAREAQAWAQLKEQEVLQL
QEEAKTFITRENLEARVEEALDSPKSYNWAITREGLVVRPQQKGS
;
Ad
77 'polypeptide(L)'
;MLSRAAPTEGTGGGRRSVDSTPPPRLPATPAPAFPLVCSKMASSIVRRGILRARKVSLPQLSLAGRRCLLSAAYVDSHKW
EARDKEDCHLADLASLMDKTYERKLPVSSLTISRFVDNIASREDIDHAEYYLYKFRHSPNCWYLRDWTIHTWIRQCLKYG
AQDKALYTLKNKVQYGIFPDNYTFNLLMDYFIKKENYKDALSVVFEIMMQEAFEVPSTQLLSLYVLYHCLAEKTDLSWEE
ERNFGASLLLPGLKQKNSVGLSSQLYGYALLGKVELQQGLRAVYCNMPLLWQPGYLHRALQVMEKVASSPEDGQLCGEAL
DVLDRVLKAVTAPAQGTSEEQPQEGEESQRSEELVEQLDVEETEQSKLPQYLERFEALRSKLQALGKVESESLLTLSTQL
AKAQLPTCEAEDIAVYEQRLQQWHGERVRLIQREQEQRERARQDYEARRAAKASA
;
Ae
78 'polypeptide(L)'
;MAALCRTRAVTAKSHFLRVFFFSRPCRGTGTESGSGSESSESTEPKQRPGGFASALERHSELQQKAEFGRMRGSPKNVES
FASMLRHSPLTQMGPAKNKLVIGQIFHIVEDDLYIDFGGKFHCVCKRPEVDGEKYQKGTRVRLRLLDLELTSRFLGATTD
TTILEADAVLLGLQESKDSKSKEERHEK
;
Af
79 'polypeptide(L)'
;MAQLLANLTSIQVMLKGVTRLISRVHKLDPGHVLYMGTQAPQSLAAHLDNQVPVKSPRAISRTSEDDPAKHREQHEGQHY
NISLQELKTVFPHGLPPRFAMQVKTFNEACLMVRKPALELLHYLKNTNFAHPAVRYVLYGEKGTGKTLSLCHILHFCAKQ
NWLILHIPDAHIWVKNCRDLLQSNYNKQRFDQPLEASTWLKNFKTANEHFLSQIKVQEKYVWNKRESTEKGRPLGEVVEQ
GIMRVRNATDAVGIVLKELKRQSSLGIFHLLVAVDGVNALWGRTTLKREDKSPIAPEELALIHNLRKMVKNDWQGGAIVL
TVSQTGSLFKPRNAYLPQELLGKEGFDALDPFIPILVSNYNPKEFESCIQYYLENNWLQHEKAHTEEGKKELLFLSNRNP
GQLERLCAYL
;
Ag
80 'polypeptide(L)'
;MLPRVSAVIPLRPLSRLPLCSGGPEASAAAILLLDSLRGTVRTENNIQRYFGTNNLVYSKKDEQSGPTCEISKETESKGS
VKENSKKDLLNIIKGMKVELSTVNVQTTKPSNKRQLKNLETAIGRIKKAPEDTPQKRSESLSSELVAAVSAVADSLPFDR
RMTKSELLRQLQKHEEDSR(UNK)QKDGEKPKISFSNIISDMKVARSATARVSTRPVHQIQFDEGTDDFADQEKTLNLKK
SFRKNIFKGRRLNIFEPQAVTEEAPETEAVPSLWDIEFAKQLAAVTERPFQNGFEEMIQWTKEGKLWEFPINNEAGFDDD
GSEFHEHIFLDKYLQDFPKQGPIRHFMELVTCGLSKNPYLSVKQKVEHIEWFRNYFNEKRVILKESGIQLN
;
Ah
81 'polypeptide(L)'
;MSSLSEYAVRMSRLSARLFGEVARPTDSKSMKVVKLFSEQPLAKRKETYDWYPNHNTYFALMGTLRFLGLYRDEHQDFRD
EQLRLKKLRGKGKPRKGEGKRAMKKK
;
Ai
82 'polypeptide(L)'
;MARKKVRPRLIAELARRVRALREQRERPRDSQRYALDYETMMRPHSGNRLPMRAWADVRHESRLLQLLNRLPLFGLGRLV
TRKSWLWQHDEPCYWRLTRVRPDYAAENLDHGKAWGILTFKGKTESEAREIEQVMYHDWRLVPKHEEEAFTAFTLVPEDT
PLSVPYPPLLRAMILAQRQKYGDTSTEEPMLNLERARIDPWDYPAKLEAKTKTKGAAV
;
Aj
83 'polypeptide(L)'
;MAATSLPAWLILKSRAGTFRAFSTAMSPATRSPRPALRTTERTSKPERALRRKALPPRTEKMAVDQDWPSVYPVAAPFKP
SAVPLPVRMGYPVKRGVPMAKEGNLELLKIPNFLHLTPVAIKRHCEALKDFCTEWPAALDSDEKCEKHFPIEIDTADYVS
AGPSIRNPKARVVTLRVKLSSLNLDDHAKKKLIKLVGDRYCKSTDVLTIKTDRCPLKRQNYDYAVYLLTVLYHESWKTEE
WEKKKTEADMEEYIWENSTSEKNILETLLQIKAAEKNLELSKEELLGTKEVEDYRKSVVSLKNEGDNENTLSQYKESVKR
LLNLA
;
Ak
84 'polypeptide(L)'
;MATPSLRGRLARLGNPRRPILKPNKPLILANHVGERRREKGEATCITEMSVMMACWKQNEFRDEACRKEIQDFFDCASRA
EAARKMRSIQENLGELGSLPPKKLNKLLHRFPNKPHVS
;
Am
85 'polypeptide(L)'
;MFLVRLTSQLLRAVPGAGRSGSPRVSEVLGRHACRPRYSTQPPGPSGIASLPGKHVHPELEEMLVPRKMSISPLESWLTI
RYLLPRLGAGTPGTVSPAQLYQCPPSQVGEGVKQGDKEVRDTPQMQCKNILKIRRRKMNHHKYRKLVKRTRFLRRKVREG
RLRQKQVKFERDLKRIWQKAGLKEAPAGWQTPKIYLKNQ
;
An
86 'polypeptide(L)'
;MPCSRRQGMFFEPNILQVGSKLCYPDRYSSGHGFYSGSAAHPEVEGANVTGIEEVVIPKKKTWDKVAILQALASTVHRDS
TAAPYVFQDDPYLIPTSSVESHSFLLAKKSGENAAKFIINSYPKYFQKDIAEPHIPCLMPEYFEPQIEDVSEAALQERIK
L(UNK)(UNK)(UNK)(UNK)(UNK)(UNK)(UNK)(UNK)(UNK)(UNK)(UNK)(UNK)(UNK)(UNK)(UNK)
(UNK)(UNK)(UNK)(UNK)(UNK)(UNK)(UNK)(UNK)(UNK)(UNK)(UNK)(UNK)(UNK)(UNK)(UNK)(UNK)
(UNK)(UNK)(UNK)(UNK)(UNK)(UNK)(UNK)(UNK)(UNK)(UNK)(UNK)(UNK)(UNK)(UNK)(UNK)(UNK)
(UNK)(UNK)(UNK)(UNK)(UNK)(UNK)(UNK)(UNK)(UNK)(UNK)(UNK)(UNK)(UNK)(UNK)(UNK)(UNK)
(UNK)(UNK)(UNK)(UNK)(UNK)(UNK)(UNK)(UNK)(UNK)(UNK)(UNK)(UNK)(UNK)TWRTKNNAERIFALM
PEKNAHSYCTMIRGMVKHQAPTQALNLYTVLLNNRLRADVYTFNSLIEATALVVNEKFEEKWNNILDLLKQMVTQNVKPN
LQTFNTILKCLRRFYAFGKLPALQTLREMKAIGIEPSLATYHYVIQLFYQHESPSKGSSLIIYDIMNEVMGKRFSPRDPD
DDMFFQSAMRVCSSLRDLELAYQVHGLLNTGDNWKLIGSDHRRNFYYSKFFNLLCFMEQIDVTLKWYKDLIPSVFFPHSQ
TMIDLLQALDVANRLDMVPQIWKDSKEYGHTFRNELKEEILMLMARDQHPPELQVAFADCAADIKSTYESQDARQTAPEW
PASSLNYVAVLFLRAGRTQEAWKMLGLFRKHNKIPRAELLNEFLDSAKASSSPAQAIELVKLASAFSLPVCEGLTRRVMA
EFTLTQEQREALGELTALTSDSSSDSDSDSDSDISEGK
;
Ao
87 'polypeptide(L)'
;MAASILNVLLRRLPGVSPFRGAYGVQVLLQTLCTKAPPEDDSLPQVPISPYKDEPWKYLDSEEYQNRYGSRPVWADYRRN
HKGGIPPQRTRKMCIRGNKVAGNPCPICRDQKLHVDFRNVKLLEQFVCAHTGIIFHAPYTGVCMKQHKKLTQAIQKARDH
GLLRYHIPQVEPRDLDFSTTHGAVSSTPPAPTLVSGDPWYPWYSWKQPPERELSRLRRLYQGRLREESGPPPELMPEVPL
TAPAEASSTEPGAPQSAL
;
Ap
88 'polypeptide(L)'
;MLPAAASSLWGPCFGLRAAALRVARHQGPRLCGVRLMRCSSHRKGEALAGAPLDNAPKEYPPKIQQLVQDIASLTLLEIS
DLNELLKKTLKIQDVGFMPMGAVAPGAPPAAAAPEAAEEDLPKRKEQTHFTVRLTEAKPVDKVKLIKEIKSHIQGINLVQ
AKKLVESLPQEIKANVPKAEAEKIKAALEAVGGTVVLE
;
CL,DL,EL,FL,GL,HL
#
# COMPACT_ATOMS: atom_id res chain seq x y z
N SER A 39 -29.67 -17.33 4.61
CA SER A 39 -29.94 -16.10 3.88
C SER A 39 -30.92 -15.22 4.65
N LYS A 40 -32.02 -14.85 3.99
CA LYS A 40 -33.03 -14.00 4.59
C LYS A 40 -34.37 -14.70 4.81
N ASN A 41 -34.63 -15.80 4.11
CA ASN A 41 -35.86 -16.56 4.26
C ASN A 41 -35.58 -17.79 5.11
N LEU A 42 -36.18 -17.84 6.30
CA LEU A 42 -35.98 -18.92 7.24
C LEU A 42 -37.32 -19.40 7.77
N GLY A 43 -37.37 -20.67 8.16
CA GLY A 43 -38.58 -21.24 8.74
C GLY A 43 -39.67 -21.58 7.76
N GLY A 44 -39.39 -21.55 6.46
CA GLY A 44 -40.40 -21.88 5.47
C GLY A 44 -40.71 -23.36 5.34
N LYS A 45 -39.95 -24.22 6.00
CA LYS A 45 -40.15 -25.67 5.92
C LYS A 45 -41.11 -26.10 7.02
N SER A 46 -42.27 -26.63 6.63
CA SER A 46 -43.28 -27.07 7.58
C SER A 46 -44.10 -28.19 6.96
N PRO A 47 -44.18 -29.34 7.62
CA PRO A 47 -44.98 -30.45 7.08
C PRO A 47 -46.46 -30.11 7.01
N GLY A 48 -47.13 -30.71 6.03
CA GLY A 48 -48.56 -30.50 5.89
C GLY A 48 -49.32 -31.12 7.05
N LYS A 49 -50.50 -30.56 7.32
CA LYS A 49 -51.35 -31.02 8.41
C LYS A 49 -52.40 -32.03 7.97
N ARG A 50 -52.37 -32.46 6.70
CA ARG A 50 -53.34 -33.42 6.16
C ARG A 50 -54.77 -32.92 6.34
N PHE A 51 -54.97 -31.62 6.15
CA PHE A 51 -56.30 -31.02 6.25
C PHE A 51 -57.09 -31.35 4.99
N GLY A 52 -58.18 -32.09 5.15
CA GLY A 52 -58.98 -32.46 4.00
C GLY A 52 -60.23 -33.19 4.42
N ILE A 53 -60.91 -33.76 3.43
CA ILE A 53 -62.14 -34.52 3.63
C ILE A 53 -61.80 -36.00 3.63
N LYS A 54 -62.21 -36.69 4.69
CA LYS A 54 -61.86 -38.10 4.88
C LYS A 54 -62.91 -39.03 4.27
N LYS A 55 -64.18 -38.79 4.57
CA LYS A 55 -65.27 -39.65 4.12
C LYS A 55 -66.05 -38.94 3.02
N MET A 56 -66.30 -39.67 1.93
CA MET A 56 -67.07 -39.15 0.80
C MET A 56 -68.52 -39.58 0.94
N GLU A 57 -69.36 -39.09 0.03
CA GLU A 57 -70.77 -39.45 0.04
C GLU A 57 -70.95 -40.93 -0.27
N GLY A 58 -71.85 -41.58 0.44
CA GLY A 58 -72.12 -43.00 0.28
C GLY A 58 -71.29 -43.90 1.18
N HIS A 59 -70.30 -43.36 1.88
CA HIS A 59 -69.51 -44.15 2.80
C HIS A 59 -70.30 -44.43 4.07
N TYR A 60 -70.30 -45.68 4.50
CA TYR A 60 -70.99 -46.08 5.72
C TYR A 60 -70.03 -45.97 6.89
N VAL A 61 -70.32 -45.06 7.82
CA VAL A 61 -69.44 -44.77 8.94
C VAL A 61 -70.18 -45.06 10.24
N HIS A 62 -69.43 -45.09 11.33
CA HIS A 62 -69.95 -45.32 12.68
C HIS A 62 -69.80 -44.04 13.50
N ALA A 63 -70.33 -44.09 14.73
CA ALA A 63 -70.25 -42.95 15.61
C ALA A 63 -68.80 -42.70 16.04
N GLY A 64 -68.40 -41.43 16.07
CA GLY A 64 -67.06 -41.05 16.47
C GLY A 64 -66.05 -41.00 15.34
N ASN A 65 -66.42 -41.42 14.14
CA ASN A 65 -65.50 -41.33 13.02
C ASN A 65 -65.40 -39.90 12.53
N ILE A 66 -64.16 -39.42 12.36
CA ILE A 66 -63.94 -38.05 11.91
C ILE A 66 -64.26 -37.97 10.43
N LEU A 67 -65.33 -37.25 10.09
CA LEU A 67 -65.74 -37.14 8.70
C LEU A 67 -64.78 -36.29 7.89
N ALA A 68 -64.35 -35.15 8.44
CA ALA A 68 -63.42 -34.28 7.75
C ALA A 68 -62.71 -33.39 8.76
N THR A 69 -61.56 -32.87 8.36
CA THR A 69 -60.79 -31.94 9.16
C THR A 69 -60.44 -30.72 8.32
N GLN A 70 -60.34 -29.57 8.99
CA GLN A 70 -60.09 -28.32 8.28
C GLN A 70 -59.45 -27.32 9.21
N ARG A 71 -58.82 -26.31 8.61
CA ARG A 71 -58.24 -25.20 9.36
C ARG A 71 -59.19 -24.02 9.43
N HIS A 72 -59.88 -23.73 8.32
CA HIS A 72 -60.95 -22.76 8.29
C HIS A 72 -62.27 -23.46 8.00
N PHE A 73 -63.37 -22.78 8.29
CA PHE A 73 -64.69 -23.38 8.14
C PHE A 73 -65.02 -23.49 6.65
N ARG A 74 -64.71 -24.66 6.08
CA ARG A 74 -65.04 -24.97 4.69
C ARG A 74 -66.28 -25.85 4.58
N TRP A 75 -66.35 -26.91 5.38
CA TRP A 75 -67.52 -27.79 5.45
C TRP A 75 -68.16 -27.62 6.82
N HIS A 76 -69.46 -27.33 6.85
CA HIS A 76 -70.06 -27.17 8.16
C HIS A 76 -70.85 -28.41 8.54
N PRO A 77 -70.86 -28.77 9.82
CA PRO A 77 -71.64 -29.93 10.26
C PRO A 77 -73.13 -29.64 10.16
N GLY A 78 -73.93 -30.68 9.98
CA GLY A 78 -75.37 -30.57 9.93
C GLY A 78 -76.04 -31.46 10.95
N ALA A 79 -76.88 -32.36 10.47
CA ALA A 79 -77.53 -33.31 11.35
C ALA A 79 -76.58 -34.45 11.71
N HIS A 80 -76.54 -34.77 13.00
CA HIS A 80 -75.78 -35.91 13.52
C HIS A 80 -74.28 -35.79 13.26
N VAL A 81 -73.78 -34.56 13.14
CA VAL A 81 -72.35 -34.32 12.98
C VAL A 81 -71.92 -33.30 14.02
N GLY A 82 -70.99 -33.68 14.88
CA GLY A 82 -70.49 -32.77 15.89
C GLY A 82 -69.39 -31.86 15.35
N LEU A 83 -68.98 -30.92 16.20
CA LEU A 83 -67.95 -29.94 15.85
C LEU A 83 -66.93 -29.90 17.00
N GLY A 84 -65.73 -30.40 16.74
CA GLY A 84 -64.67 -30.33 17.72
C GLY A 84 -64.12 -28.93 17.87
N LYS A 85 -63.33 -28.75 18.94
CA LYS A 85 -62.75 -27.45 19.20
C LYS A 85 -61.70 -27.05 18.17
N ASN A 86 -61.17 -28.01 17.41
CA ASN A 86 -60.22 -27.75 16.34
C ASN A 86 -60.91 -27.72 14.97
N LYS A 87 -62.21 -27.40 14.95
CA LYS A 87 -63.00 -27.31 13.72
C LYS A 87 -63.08 -28.64 12.98
N CYS A 88 -62.93 -29.76 13.68
CA CYS A 88 -63.04 -31.07 13.06
C CYS A 88 -64.50 -31.53 13.09
N LEU A 89 -64.85 -32.37 12.11
CA LEU A 89 -66.20 -32.88 11.96
C LEU A 89 -66.19 -34.39 12.18
N TYR A 90 -67.03 -34.86 13.11
CA TYR A 90 -67.10 -36.27 13.45
C TYR A 90 -68.57 -36.69 13.56
N ALA A 91 -68.86 -37.87 13.02
CA ALA A 91 -70.23 -38.38 13.03
C ALA A 91 -70.63 -38.80 14.44
N LEU A 92 -71.87 -38.46 14.82
CA LEU A 92 -72.42 -38.84 16.10
C LEU A 92 -73.27 -40.11 16.02
N GLU A 93 -73.71 -40.48 14.82
CA GLU A 93 -74.55 -41.66 14.62
C GLU A 93 -74.00 -42.49 13.47
N GLU A 94 -74.34 -43.77 13.49
CA GLU A 94 -73.90 -44.70 12.46
C GLU A 94 -74.87 -44.65 11.28
N GLY A 95 -74.35 -44.39 10.09
CA GLY A 95 -75.19 -44.29 8.91
C GLY A 95 -74.46 -43.97 7.63
N VAL A 96 -75.07 -43.14 6.79
CA VAL A 96 -74.55 -42.81 5.46
C VAL A 96 -74.19 -41.33 5.43
N VAL A 97 -72.99 -41.02 4.94
CA VAL A 97 -72.52 -39.64 4.87
C VAL A 97 -73.10 -38.97 3.62
N ARG A 98 -73.59 -37.76 3.79
CA ARG A 98 -74.15 -36.98 2.69
C ARG A 98 -73.63 -35.55 2.77
N TYR A 99 -73.62 -34.88 1.62
CA TYR A 99 -73.21 -33.48 1.53
C TYR A 99 -74.28 -32.69 0.79
N THR A 100 -74.71 -31.58 1.39
CA THR A 100 -75.83 -30.80 0.86
C THR A 100 -75.49 -29.32 0.83
N LYS A 101 -76.07 -28.60 -0.12
CA LYS A 101 -75.99 -27.15 -0.15
C LYS A 101 -77.22 -26.56 0.53
N GLU A 102 -77.03 -25.84 1.63
CA GLU A 102 -78.15 -25.34 2.41
C GLU A 102 -77.95 -23.86 2.72
N VAL A 103 -78.99 -23.26 3.31
CA VAL A 103 -78.90 -21.87 3.73
C VAL A 103 -78.11 -21.77 5.03
N TYR A 104 -77.61 -20.57 5.31
CA TYR A 104 -76.77 -20.31 6.47
C TYR A 104 -77.43 -19.25 7.33
N VAL A 105 -77.91 -19.64 8.51
CA VAL A 105 -78.46 -18.69 9.48
C VAL A 105 -77.53 -18.65 10.68
N PRO A 106 -76.72 -17.61 10.82
CA PRO A 106 -75.71 -17.58 11.88
C PRO A 106 -76.33 -17.32 13.25
N ASN A 107 -75.55 -17.64 14.28
CA ASN A 107 -75.97 -17.39 15.65
C ASN A 107 -76.01 -15.88 15.90
N PRO A 108 -77.02 -15.37 16.62
CA PRO A 108 -77.08 -13.94 16.90
C PRO A 108 -75.90 -13.39 17.69
N SER A 109 -75.23 -14.22 18.48
CA SER A 109 -74.10 -13.76 19.28
C SER A 109 -72.85 -13.50 18.45
N ASN A 110 -72.76 -14.06 17.25
CA ASN A 110 -71.59 -13.88 16.38
C ASN A 110 -71.70 -12.52 15.72
N SER A 111 -70.93 -11.55 16.22
CA SER A 111 -71.07 -10.17 15.78
C SER A 111 -70.71 -10.00 14.31
N GLU A 112 -69.61 -10.62 13.88
CA GLU A 112 -69.18 -10.49 12.49
C GLU A 112 -70.23 -11.04 11.54
N ALA A 113 -70.74 -12.24 11.84
CA ALA A 113 -71.77 -12.84 10.99
C ALA A 113 -73.06 -12.02 11.00
N VAL A 114 -73.45 -11.49 12.15
CA VAL A 114 -74.65 -10.66 12.22
C VAL A 114 -74.48 -9.40 11.38
N ASP A 115 -73.31 -8.76 11.46
CA ASP A 115 -73.06 -7.57 10.67
C ASP A 115 -73.08 -7.88 9.17
N LEU A 116 -72.47 -9.02 8.79
CA LEU A 116 -72.51 -9.42 7.38
C LEU A 116 -73.94 -9.66 6.92
N VAL A 117 -74.74 -10.33 7.75
CA VAL A 117 -76.14 -10.60 7.40
C VAL A 117 -76.91 -9.30 7.24
N THR A 118 -76.72 -8.36 8.16
CA THR A 118 -77.40 -7.07 8.05
C THR A 118 -76.98 -6.30 6.81
N ARG A 119 -75.68 -6.34 6.47
CA ARG A 119 -75.21 -5.66 5.28
C ARG A 119 -75.56 -6.38 3.98
N LEU A 120 -76.03 -7.62 4.06
CA LEU A 120 -76.46 -8.33 2.86
C LEU A 120 -77.64 -7.60 2.22
N PRO A 121 -77.72 -7.56 0.89
CA PRO A 121 -78.87 -6.94 0.23
C PRO A 121 -80.14 -7.76 0.42
N GLN A 122 -81.24 -7.20 -0.08
CA GLN A 122 -82.56 -7.80 0.13
C GLN A 122 -82.69 -9.19 -0.49
N GLY A 123 -82.02 -9.44 -1.61
CA GLY A 123 -82.16 -10.71 -2.29
C GLY A 123 -81.07 -11.70 -2.02
N ALA A 124 -80.19 -11.39 -1.06
CA ALA A 124 -79.05 -12.25 -0.77
C ALA A 124 -79.32 -13.15 0.42
N VAL A 125 -79.09 -14.45 0.24
CA VAL A 125 -79.16 -15.43 1.31
C VAL A 125 -77.90 -16.28 1.27
N LEU A 126 -77.22 -16.38 2.40
CA LEU A 126 -75.96 -17.12 2.45
C LEU A 126 -76.21 -18.61 2.25
N TYR A 127 -75.32 -19.26 1.50
CA TYR A 127 -75.39 -20.69 1.25
C TYR A 127 -74.05 -21.34 1.63
N LYS A 128 -74.14 -22.48 2.30
CA LYS A 128 -72.96 -23.21 2.75
C LYS A 128 -73.12 -24.69 2.41
N THR A 129 -72.00 -25.40 2.49
CA THR A 129 -71.95 -26.83 2.24
C THR A 129 -71.89 -27.55 3.58
N PHE A 130 -72.92 -28.35 3.86
CA PHE A 130 -73.06 -29.04 5.13
C PHE A 130 -72.93 -30.54 4.93
N VAL A 131 -72.34 -31.19 5.93
CA VAL A 131 -72.16 -32.63 5.94
C VAL A 131 -73.13 -33.23 6.95
N HIS A 132 -73.88 -34.24 6.52
CA HIS A 132 -74.88 -34.90 7.34
C HIS A 132 -74.59 -36.39 7.40
N VAL A 133 -75.16 -37.05 8.41
CA VAL A 133 -75.14 -38.50 8.53
C VAL A 133 -76.58 -38.96 8.64
N VAL A 134 -77.02 -39.79 7.70
CA VAL A 134 -78.38 -40.33 7.72
C VAL A 134 -78.36 -41.64 8.49
N PRO A 135 -79.03 -41.72 9.64
CA PRO A 135 -79.01 -42.96 10.43
C PRO A 135 -79.65 -44.12 9.66
N ALA A 136 -79.02 -45.28 9.76
CA ALA A 136 -79.56 -46.50 9.15
C ALA A 136 -80.02 -47.51 10.19
N LYS A 137 -79.22 -47.73 11.23
CA LYS A 137 -79.62 -48.64 12.29
C LYS A 137 -80.78 -48.04 13.08
N PRO A 138 -81.79 -48.84 13.41
CA PRO A 138 -82.89 -48.33 14.23
C PRO A 138 -82.44 -48.05 15.65
N GLU A 139 -83.22 -47.21 16.34
CA GLU A 139 -82.88 -46.85 17.71
C GLU A 139 -82.92 -48.07 18.64
N GLY A 140 -83.91 -48.93 18.46
CA GLY A 140 -84.02 -50.12 19.29
C GLY A 140 -85.16 -50.99 18.82
N THR A 141 -85.26 -52.15 19.45
CA THR A 141 -86.29 -53.13 19.13
C THR A 141 -86.96 -53.59 20.42
N PHE A 142 -88.26 -53.85 20.33
CA PHE A 142 -89.04 -54.35 21.47
C PHE A 142 -89.01 -55.87 21.44
N LYS A 143 -88.28 -56.47 22.36
CA LYS A 143 -88.13 -57.91 22.45
C LYS A 143 -88.83 -58.45 23.70
N LEU A 144 -89.41 -59.63 23.56
CA LEU A 144 -90.07 -60.28 24.68
C LEU A 144 -89.03 -60.74 25.69
N VAL A 145 -89.27 -60.45 26.96
CA VAL A 145 -88.36 -60.86 28.03
C VAL A 145 -88.94 -62.09 28.72
N ALA A 146 -90.14 -61.95 29.27
CA ALA A 146 -90.80 -63.06 29.95
C ALA A 146 -92.30 -62.89 29.85
N MET A 147 -93.02 -64.00 29.66
CA MET A 147 -94.48 -63.98 29.56
C MET A 147 -95.06 -64.35 30.92
N LEU A 148 -95.08 -63.37 31.81
CA LEU A 148 -95.60 -63.56 33.16
C LEU A 148 -97.10 -63.34 33.20
N PRO B 2 -1.35 -83.30 24.30
CA PRO B 2 -1.09 -83.89 25.61
C PRO B 2 -1.42 -82.94 26.75
N LEU B 3 -1.85 -83.50 27.88
CA LEU B 3 -2.23 -82.73 29.05
C LEU B 3 -1.53 -83.26 30.28
N HIS B 4 -1.27 -82.36 31.23
CA HIS B 4 -0.65 -82.76 32.49
C HIS B 4 -1.61 -83.63 33.30
N LYS B 5 -1.08 -84.72 33.85
CA LYS B 5 -1.89 -85.59 34.70
C LYS B 5 -2.33 -84.85 35.96
N VAL B 6 -1.44 -84.08 36.56
CA VAL B 6 -1.72 -83.30 37.76
C VAL B 6 -1.78 -81.83 37.38
N PRO B 7 -2.76 -81.07 37.86
CA PRO B 7 -2.83 -79.64 37.53
C PRO B 7 -1.65 -78.89 38.14
N VAL B 8 -1.36 -77.73 37.53
CA VAL B 8 -0.21 -76.93 37.92
C VAL B 8 -0.29 -76.47 39.37
N GLY B 9 -1.50 -76.28 39.90
CA GLY B 9 -1.65 -75.80 41.26
C GLY B 9 -1.17 -76.77 42.32
N LEU B 10 -1.10 -78.05 42.00
CA LEU B 10 -0.66 -79.07 42.95
C LEU B 10 0.81 -79.44 42.80
N TRP B 11 1.53 -78.77 41.89
CA TRP B 11 2.94 -79.10 41.70
C TRP B 11 3.77 -78.77 42.94
N LYS B 12 3.48 -77.62 43.57
CA LYS B 12 4.20 -77.27 44.80
C LYS B 12 3.89 -78.24 45.93
N GLN B 13 2.62 -78.66 46.04
CA GLN B 13 2.26 -79.65 47.05
C GLN B 13 2.95 -80.99 46.81
N LEU B 14 3.02 -81.41 45.55
CA LEU B 14 3.73 -82.66 45.23
C LEU B 14 5.22 -82.52 45.53
N ARG B 15 5.81 -81.37 45.24
CA ARG B 15 7.23 -81.16 45.56
C ARG B 15 7.46 -81.20 47.06
N LEU B 16 6.55 -80.62 47.84
CA LEU B 16 6.66 -80.70 49.30
C LEU B 16 6.47 -82.13 49.80
N TRP B 17 5.61 -82.91 49.16
CA TRP B 17 5.41 -84.29 49.55
C TRP B 17 6.56 -85.21 49.15
N GLU B 18 7.51 -84.72 48.35
CA GLU B 18 8.62 -85.54 47.88
C GLU B 18 9.93 -84.84 48.25
N GLY B 19 11.03 -85.53 47.98
CA GLY B 19 12.34 -84.96 48.22
C GLY B 19 12.63 -84.80 49.71
N ILE B 20 13.56 -83.88 50.01
CA ILE B 20 13.93 -83.60 51.39
C ILE B 20 12.81 -82.95 52.18
N TYR B 21 11.82 -82.35 51.49
CA TYR B 21 10.71 -81.72 52.18
C TYR B 21 9.89 -82.75 52.94
N SER B 22 9.82 -83.99 52.45
CA SER B 22 9.08 -85.04 53.15
C SER B 22 9.74 -85.41 54.47
N ARG B 23 11.05 -85.21 54.59
CA ARG B 23 11.77 -85.53 55.83
C ARG B 23 11.65 -84.43 56.87
N LEU B 24 11.00 -83.31 56.55
CA LEU B 24 10.81 -82.25 57.51
C LEU B 24 9.87 -82.70 58.63
N PRO B 25 9.98 -82.10 59.82
CA PRO B 25 9.10 -82.51 60.92
C PRO B 25 7.63 -82.31 60.61
N ARG B 26 6.81 -83.25 61.08
CA ARG B 26 5.39 -83.23 60.76
C ARG B 26 4.68 -82.03 61.37
N HIS B 27 5.08 -81.60 62.57
CA HIS B 27 4.46 -80.42 63.15
C HIS B 27 4.74 -79.18 62.31
N TYR B 28 5.97 -79.04 61.81
CA TYR B 28 6.30 -77.92 60.93
C TYR B 28 5.50 -78.02 59.62
N LEU B 29 5.40 -79.23 59.06
CA LEU B 29 4.65 -79.39 57.82
C LEU B 29 3.18 -79.03 58.00
N ARG B 30 2.57 -79.47 59.10
CA ARG B 30 1.19 -79.12 59.37
C ARG B 30 0.99 -77.65 59.68
N SER B 31 1.95 -77.01 60.35
CA SER B 31 1.87 -75.58 60.58
C SER B 31 1.94 -74.79 59.28
N LEU B 32 2.79 -75.22 58.34
CA LEU B 32 2.86 -74.56 57.05
C LEU B 32 1.68 -74.87 56.15
N GLU B 33 1.07 -76.05 56.28
CA GLU B 33 -0.04 -76.42 55.41
C GLU B 33 -1.25 -75.52 55.62
N GLU B 34 -1.60 -75.25 56.88
CA GLU B 34 -2.78 -74.44 57.17
C GLU B 34 -2.55 -73.00 56.72
N ALA B 35 -3.58 -72.41 56.12
CA ALA B 35 -3.53 -71.02 55.66
C ALA B 35 -4.62 -70.23 56.40
N ARG B 36 -4.27 -69.78 57.60
CA ARG B 36 -5.21 -69.03 58.42
C ARG B 36 -5.46 -67.65 57.83
N THR B 37 -6.69 -67.19 57.91
CA THR B 37 -7.05 -65.87 57.39
C THR B 37 -6.50 -64.79 58.31
N PRO B 38 -5.71 -63.85 57.80
CA PRO B 38 -5.17 -62.79 58.66
C PRO B 38 -6.27 -61.84 59.13
N THR B 39 -6.00 -61.19 60.26
CA THR B 39 -6.96 -60.25 60.80
C THR B 39 -7.10 -59.04 59.88
N PRO B 40 -8.31 -58.49 59.74
CA PRO B 40 -8.50 -57.31 58.88
C PRO B 40 -7.81 -56.09 59.46
N VAL B 41 -6.84 -55.56 58.73
CA VAL B 41 -6.08 -54.40 59.15
C VAL B 41 -6.53 -53.14 58.43
N HIS B 42 -6.76 -53.22 57.11
CA HIS B 42 -7.22 -52.09 56.32
C HIS B 42 -8.72 -52.13 56.07
N TYR B 43 -9.21 -53.21 55.46
CA TYR B 43 -10.64 -53.33 55.18
C TYR B 43 -11.40 -53.62 56.47
N ARG B 44 -12.59 -53.01 56.59
CA ARG B 44 -13.42 -53.18 57.77
C ARG B 44 -14.48 -54.22 57.49
N PRO B 45 -14.43 -55.39 58.14
CA PRO B 45 -15.41 -56.44 57.86
C PRO B 45 -16.77 -56.14 58.45
N HIS B 46 -17.78 -56.80 57.88
CA HIS B 46 -19.14 -56.74 58.41
C HIS B 46 -19.37 -57.92 59.36
N GLY B 47 -20.27 -57.71 60.31
CA GLY B 47 -20.50 -58.68 61.35
C GLY B 47 -21.20 -59.94 60.90
N ALA B 48 -22.48 -59.83 60.51
CA ALA B 48 -23.28 -61.00 60.19
C ALA B 48 -23.02 -61.46 58.75
N LYS B 49 -23.32 -62.73 58.50
CA LYS B 49 -23.21 -63.31 57.17
C LYS B 49 -24.36 -62.91 56.25
N PHE B 50 -25.51 -62.53 56.82
CA PHE B 50 -26.67 -62.11 56.04
C PHE B 50 -26.98 -60.64 56.32
N LYS B 51 -27.62 -60.00 55.36
CA LYS B 51 -27.93 -58.58 55.46
C LYS B 51 -29.18 -58.29 54.64
N ILE B 52 -30.00 -57.37 55.13
CA ILE B 52 -31.17 -56.92 54.40
C ILE B 52 -30.74 -55.82 53.44
N ASN B 53 -31.04 -56.00 52.16
CA ASN B 53 -30.68 -55.02 51.15
C ASN B 53 -31.52 -53.76 51.32
N PRO B 54 -30.91 -52.58 51.47
CA PRO B 54 -31.71 -51.36 51.60
C PRO B 54 -32.58 -51.08 50.39
N LYS B 55 -32.13 -51.46 49.19
CA LYS B 55 -32.91 -51.21 47.98
C LYS B 55 -33.91 -52.32 47.70
N ASN B 56 -33.52 -53.58 47.90
CA ASN B 56 -34.37 -54.71 47.58
C ASN B 56 -35.25 -55.14 48.74
N TRP B 57 -34.88 -54.79 49.98
CA TRP B 57 -35.63 -55.19 51.17
C TRP B 57 -35.77 -56.71 51.25
N GLN B 58 -34.68 -57.41 50.92
CA GLN B 58 -34.63 -58.86 50.99
C GLN B 58 -33.32 -59.28 51.62
N ARG B 59 -33.31 -60.48 52.18
CA ARG B 59 -32.12 -61.03 52.81
C ARG B 59 -31.15 -61.54 51.74
N GLU B 60 -29.88 -61.18 51.88
CA GLU B 60 -28.83 -61.63 50.98
C GLU B 60 -27.59 -61.98 51.78
N ARG B 61 -26.86 -62.98 51.30
CA ARG B 61 -25.61 -63.39 51.95
C ARG B 61 -24.47 -62.52 51.45
N VAL B 62 -23.77 -61.87 52.38
CA VAL B 62 -22.64 -61.01 52.06
C VAL B 62 -21.40 -61.59 52.72
N GLU B 63 -20.33 -61.71 51.94
CA GLU B 63 -19.09 -62.32 52.41
C GLU B 63 -17.97 -61.29 52.41
N ASP B 64 -17.04 -61.45 53.35
CA ASP B 64 -15.90 -60.55 53.49
C ASP B 64 -14.80 -60.97 52.53
N VAL B 65 -14.34 -60.02 51.72
CA VAL B 65 -13.28 -60.25 50.74
C VAL B 65 -12.03 -59.52 51.23
N PRO B 66 -10.95 -60.23 51.55
CA PRO B 66 -9.73 -59.55 52.01
C PRO B 66 -9.10 -58.75 50.89
N ILE B 67 -8.76 -57.50 51.19
CA ILE B 67 -8.14 -56.62 50.19
C ILE B 67 -6.65 -56.94 50.13
N PRO B 68 -6.12 -57.27 48.95
CA PRO B 68 -4.68 -57.56 48.85
C PRO B 68 -3.85 -56.35 49.25
N VAL B 69 -2.75 -56.61 49.96
CA VAL B 69 -1.82 -55.58 50.40
C VAL B 69 -0.41 -56.04 50.11
N HIS B 70 0.44 -55.11 49.66
CA HIS B 70 1.82 -55.43 49.31
C HIS B 70 2.74 -55.16 50.48
N TYR B 71 3.62 -56.11 50.76
CA TYR B 71 4.61 -55.97 51.81
C TYR B 71 5.97 -55.73 51.19
N PRO B 72 6.52 -54.53 51.29
CA PRO B 72 7.86 -54.26 50.74
C PRO B 72 8.91 -55.04 51.50
N PRO B 73 10.07 -55.31 50.88
CA PRO B 73 11.12 -56.07 51.58
C PRO B 73 11.61 -55.42 52.86
N GLU B 74 11.52 -54.09 52.96
CA GLU B 74 11.94 -53.41 54.19
C GLU B 74 11.03 -53.74 55.37
N SER B 75 9.81 -54.19 55.12
CA SER B 75 8.89 -54.52 56.20
C SER B 75 9.34 -55.77 56.96
N GLN B 76 10.06 -56.67 56.29
CA GLN B 76 10.54 -57.88 56.94
C GLN B 76 11.57 -57.60 58.02
N LEU B 77 12.24 -56.45 57.97
CA LEU B 77 13.22 -56.08 58.99
C LEU B 77 12.60 -55.39 60.20
N GLY B 78 11.30 -55.07 60.14
CA GLY B 78 10.63 -54.41 61.24
C GLY B 78 9.31 -55.04 61.61
N LEU B 79 8.55 -54.36 62.47
CA LEU B 79 7.25 -54.85 62.92
C LEU B 79 6.21 -53.79 62.59
N TRP B 80 5.51 -53.96 61.46
CA TRP B 80 4.50 -53.02 61.01
C TRP B 80 3.10 -53.38 61.46
N GLY B 81 2.95 -54.43 62.29
CA GLY B 81 1.63 -54.82 62.74
C GLY B 81 0.83 -55.63 61.75
N GLY B 82 1.46 -56.18 60.72
CA GLY B 82 0.76 -56.97 59.73
C GLY B 82 0.21 -56.22 58.56
N GLU B 83 0.53 -54.93 58.42
CA GLU B 83 0.07 -54.12 57.30
C GLU B 83 1.22 -53.90 56.32
N GLY B 84 0.92 -53.18 55.24
CA GLY B 84 1.91 -52.88 54.23
C GLY B 84 1.49 -51.76 53.31
N TRP B 85 1.82 -51.89 52.02
CA TRP B 85 1.46 -50.89 51.03
C TRP B 85 0.19 -51.31 50.31
N VAL B 86 -0.82 -50.45 50.33
CA VAL B 86 -2.10 -50.70 49.67
C VAL B 86 -2.00 -50.13 48.26
N LEU B 87 -1.95 -51.01 47.27
CA LEU B 87 -1.89 -50.59 45.87
C LEU B 87 -3.26 -50.78 45.24
N GLY B 88 -3.78 -49.72 44.63
CA GLY B 88 -5.09 -49.84 44.01
C GLY B 88 -5.41 -48.64 43.16
N HIS B 89 -6.72 -48.43 42.96
CA HIS B 89 -7.22 -47.31 42.18
C HIS B 89 -8.19 -46.49 43.04
N ARG B 90 -8.46 -45.27 42.58
CA ARG B 90 -9.37 -44.38 43.29
C ARG B 90 -9.98 -43.42 42.28
N TYR B 91 -11.08 -42.80 42.67
CA TYR B 91 -11.76 -41.79 41.87
C TYR B 91 -11.50 -40.42 42.48
N VAL B 92 -10.91 -39.53 41.67
CA VAL B 92 -10.69 -38.16 42.13
C VAL B 92 -12.03 -37.45 42.25
N ASN B 93 -12.09 -36.48 43.16
CA ASN B 93 -13.29 -35.71 43.47
C ASN B 93 -14.43 -36.59 43.99
N ASN B 94 -14.11 -37.83 44.39
CA ASN B 94 -15.08 -38.78 44.94
C ASN B 94 -16.28 -38.99 44.02
N ASP B 95 -16.04 -39.03 42.71
CA ASP B 95 -17.10 -39.23 41.73
C ASP B 95 -16.77 -40.42 40.84
N LYS B 96 -17.76 -41.31 40.65
CA LYS B 96 -17.54 -42.48 39.81
C LYS B 96 -17.27 -42.10 38.37
N LEU B 97 -17.99 -41.11 37.84
CA LEU B 97 -17.82 -40.69 36.46
C LEU B 97 -16.57 -39.85 36.24
N SER B 98 -15.73 -39.69 37.25
CA SER B 98 -14.48 -38.94 37.09
C SER B 98 -13.38 -39.89 36.61
N LYS B 99 -12.15 -39.40 36.59
CA LYS B 99 -11.03 -40.22 36.12
C LYS B 99 -10.64 -41.27 37.15
N ARG B 100 -9.93 -42.29 36.67
CA ARG B 100 -9.38 -43.35 37.51
C ARG B 100 -7.91 -43.08 37.75
N VAL B 101 -7.50 -43.04 39.01
CA VAL B 101 -6.14 -42.68 39.39
C VAL B 101 -5.55 -43.81 40.23
N ARG B 102 -4.39 -44.30 39.82
CA ARG B 102 -3.69 -45.29 40.63
C ARG B 102 -3.16 -44.65 41.90
N LYS B 103 -3.31 -45.36 43.02
CA LYS B 103 -2.96 -44.83 44.32
C LYS B 103 -2.22 -45.88 45.13
N VAL B 104 -1.20 -45.43 45.86
CA VAL B 104 -0.43 -46.26 46.77
C VAL B 104 -0.52 -45.62 48.15
N TRP B 105 -1.15 -46.32 49.09
CA TRP B 105 -1.24 -45.89 50.47
C TRP B 105 -0.15 -46.58 51.28
N LYS B 106 0.61 -45.79 52.03
CA LYS B 106 1.72 -46.30 52.81
C LYS B 106 1.55 -45.93 54.28
N PRO B 107 1.92 -46.83 55.19
CA PRO B 107 1.81 -46.52 56.62
C PRO B 107 2.89 -45.55 57.06
N GLN B 108 2.63 -44.91 58.20
CA GLN B 108 3.57 -43.94 58.77
C GLN B 108 4.57 -44.69 59.65
N LEU B 109 5.78 -44.83 59.16
CA LEU B 109 6.81 -45.59 59.87
C LEU B 109 7.48 -44.72 60.94
N PHE B 110 7.87 -45.37 62.03
CA PHE B 110 8.57 -44.70 63.11
C PHE B 110 9.76 -45.55 63.53
N GLN B 111 10.86 -44.88 63.85
CA GLN B 111 12.08 -45.53 64.32
C GLN B 111 12.05 -45.52 65.85
N ARG B 112 11.71 -46.67 66.43
CA ARG B 112 11.52 -46.78 67.87
C ARG B 112 12.37 -47.92 68.41
N GLU B 113 12.77 -47.79 69.67
CA GLU B 113 13.54 -48.82 70.36
C GLU B 113 12.62 -49.52 71.36
N LEU B 114 12.61 -50.85 71.30
CA LEU B 114 11.74 -51.67 72.14
C LEU B 114 12.59 -52.63 72.97
N TYR B 115 12.28 -52.72 74.25
CA TYR B 115 13.00 -53.59 75.18
C TYR B 115 12.23 -54.89 75.36
N SER B 116 12.95 -56.01 75.27
CA SER B 116 12.37 -57.33 75.46
C SER B 116 12.73 -57.86 76.85
N GLU B 117 11.71 -58.26 77.61
CA GLU B 117 11.96 -58.78 78.95
C GLU B 117 12.63 -60.14 78.91
N ILE B 118 12.35 -60.95 77.89
CA ILE B 118 12.91 -62.28 77.81
C ILE B 118 14.33 -62.25 77.29
N LEU B 119 14.56 -61.53 76.18
CA LEU B 119 15.89 -61.48 75.59
C LEU B 119 16.80 -60.46 76.27
N ASP B 120 16.24 -59.55 77.08
CA ASP B 120 17.00 -58.55 77.82
C ASP B 120 17.88 -57.72 76.89
N LYS B 121 17.28 -57.28 75.78
CA LYS B 121 17.97 -56.45 74.80
C LYS B 121 16.97 -55.46 74.22
N ARG B 122 17.48 -54.26 73.89
CA ARG B 122 16.68 -53.23 73.25
C ARG B 122 17.00 -53.23 71.76
N PHE B 123 15.97 -53.46 70.95
CA PHE B 123 16.12 -53.51 69.50
C PHE B 123 15.49 -52.28 68.87
N THR B 124 16.25 -51.57 68.03
CA THR B 124 15.73 -50.42 67.31
C THR B 124 14.98 -50.94 66.09
N VAL B 125 13.66 -51.02 66.22
CA VAL B 125 12.80 -51.64 65.21
C VAL B 125 11.89 -50.58 64.61
N THR B 126 11.87 -50.51 63.28
CA THR B 126 10.98 -49.59 62.58
C THR B 126 9.55 -50.11 62.71
N VAL B 127 8.74 -49.42 63.53
CA VAL B 127 7.38 -49.84 63.82
C VAL B 127 6.44 -48.67 63.57
N THR B 128 5.15 -48.99 63.44
CA THR B 128 4.12 -47.99 63.23
C THR B 128 3.31 -47.82 64.53
N MET B 129 2.32 -46.94 64.49
CA MET B 129 1.46 -46.72 65.65
C MET B 129 0.57 -47.92 65.92
N ARG B 130 0.18 -48.66 64.89
CA ARG B 130 -0.65 -49.85 65.09
C ARG B 130 0.10 -50.92 65.86
N THR B 131 1.40 -51.08 65.61
CA THR B 131 2.18 -52.05 66.36
C THR B 131 2.23 -51.70 67.84
N LEU B 132 2.43 -50.41 68.16
CA LEU B 132 2.43 -49.98 69.54
C LEU B 132 1.06 -50.16 70.19
N ASP B 133 -0.01 -49.88 69.45
CA ASP B 133 -1.35 -50.11 69.98
C ASP B 133 -1.59 -51.59 70.27
N LEU B 134 -1.13 -52.47 69.38
CA LEU B 134 -1.27 -53.90 69.62
C LEU B 134 -0.46 -54.34 70.83
N ILE B 135 0.75 -53.79 70.98
CA ILE B 135 1.57 -54.12 72.15
C ILE B 135 0.86 -53.68 73.43
N ASP B 136 0.30 -52.47 73.43
CA ASP B 136 -0.43 -51.99 74.61
C ASP B 136 -1.66 -52.85 74.90
N GLN B 137 -2.37 -53.28 73.85
CA GLN B 137 -3.53 -54.15 74.06
C GLN B 137 -3.11 -55.49 74.64
N ALA B 138 -1.99 -56.04 74.17
CA ALA B 138 -1.47 -57.30 74.69
C ALA B 138 -0.76 -57.15 76.02
N CYS B 139 -0.56 -55.92 76.49
CA CYS B 139 0.05 -55.64 77.79
C CYS B 139 1.48 -56.21 77.88
N GLY B 140 2.26 -56.04 76.82
CA GLY B 140 3.63 -56.50 76.82
C GLY B 140 4.16 -56.78 75.43
N PHE B 141 5.42 -56.40 75.18
CA PHE B 141 6.03 -56.68 73.89
C PHE B 141 6.16 -58.19 73.66
N ASP B 142 6.69 -58.91 74.65
CA ASP B 142 6.79 -60.36 74.53
C ASP B 142 5.42 -61.01 74.46
N PHE B 143 4.44 -60.49 75.21
CA PHE B 143 3.10 -61.02 75.13
C PHE B 143 2.52 -60.87 73.73
N TYR B 144 2.71 -59.70 73.12
CA TYR B 144 2.26 -59.48 71.76
C TYR B 144 2.93 -60.43 70.78
N ILE B 145 4.25 -60.60 70.93
CA ILE B 145 4.98 -61.48 70.03
C ILE B 145 4.47 -62.91 70.15
N LEU B 146 4.28 -63.39 71.38
CA LEU B 146 3.84 -64.75 71.60
C LEU B 146 2.38 -64.98 71.24
N LYS B 147 1.55 -63.94 71.29
CA LYS B 147 0.13 -64.11 71.02
C LYS B 147 -0.20 -63.95 69.54
N THR B 148 0.41 -62.99 68.86
CA THR B 148 0.11 -62.79 67.45
C THR B 148 0.74 -63.90 66.62
N PRO B 149 -0.03 -64.60 65.80
CA PRO B 149 0.51 -65.71 64.99
C PRO B 149 1.29 -65.19 63.79
N LYS B 150 1.73 -66.14 62.97
CA LYS B 150 2.47 -65.78 61.75
C LYS B 150 1.60 -64.96 60.81
N GLU B 151 0.33 -65.35 60.65
CA GLU B 151 -0.57 -64.64 59.74
C GLU B 151 -0.82 -63.21 60.18
N ASP B 152 -0.67 -62.91 61.46
CA ASP B 152 -0.81 -61.54 61.94
C ASP B 152 0.51 -60.78 61.96
N LEU B 153 1.63 -61.48 62.18
CA LEU B 153 2.93 -60.80 62.20
C LEU B 153 3.40 -60.46 60.79
N CYS B 154 3.49 -61.48 59.92
CA CYS B 154 3.95 -61.32 58.54
C CYS B 154 5.33 -60.66 58.48
N SER B 155 6.21 -61.02 59.42
CA SER B 155 7.53 -60.44 59.50
C SER B 155 8.53 -61.52 59.87
N LYS B 156 9.59 -61.66 59.06
CA LYS B 156 10.64 -62.62 59.37
C LYS B 156 11.34 -62.26 60.68
N PHE B 157 11.55 -60.96 60.92
CA PHE B 157 12.15 -60.52 62.17
C PHE B 157 11.28 -60.89 63.37
N GLY B 158 9.96 -60.69 63.25
CA GLY B 158 9.06 -61.07 64.32
C GLY B 158 9.04 -62.57 64.55
N MET B 159 9.04 -63.36 63.47
CA MET B 159 9.06 -64.80 63.61
C MET B 159 10.35 -65.26 64.28
N ASP B 160 11.48 -64.66 63.92
CA ASP B 160 12.75 -65.00 64.56
C ASP B 160 12.74 -64.62 66.04
N LEU B 161 12.16 -63.46 66.37
CA LEU B 161 12.03 -63.09 67.78
C LEU B 161 11.20 -64.11 68.55
N LYS B 162 10.07 -64.52 67.97
CA LYS B 162 9.22 -65.52 68.63
C LYS B 162 9.96 -66.83 68.82
N ARG B 163 10.67 -67.28 67.78
CA ARG B 163 11.42 -68.53 67.86
C ARG B 163 12.51 -68.45 68.93
N GLY B 164 13.23 -67.32 68.98
CA GLY B 164 14.28 -67.18 69.97
C GLY B 164 13.75 -67.17 71.39
N MET B 165 12.67 -66.42 71.64
CA MET B 165 12.13 -66.38 72.99
C MET B 165 11.50 -67.71 73.38
N LEU B 166 10.87 -68.42 72.43
CA LEU B 166 10.35 -69.74 72.73
C LEU B 166 11.47 -70.72 73.06
N LEU B 167 12.58 -70.65 72.31
CA LEU B 167 13.72 -71.50 72.62
C LEU B 167 14.30 -71.19 74.00
N ARG B 168 14.39 -69.90 74.34
CA ARG B 168 14.89 -69.53 75.66
C ARG B 168 13.98 -70.06 76.75
N LEU B 169 12.66 -69.92 76.57
CA LEU B 169 11.72 -70.43 77.57
C LEU B 169 11.81 -71.95 77.71
N ALA B 170 11.93 -72.65 76.58
CA ALA B 170 12.00 -74.11 76.65
C ALA B 170 13.30 -74.60 77.26
N ARG B 171 14.42 -73.92 76.98
CA ARG B 171 15.71 -74.36 77.48
C ARG B 171 16.00 -73.87 78.89
N GLN B 172 15.25 -72.88 79.39
CA GLN B 172 15.48 -72.30 80.71
C GLN B 172 16.91 -71.79 80.83
N ASP B 173 17.24 -70.83 79.97
CA ASP B 173 18.61 -70.37 79.84
C ASP B 173 19.07 -69.62 81.10
N PRO B 174 20.12 -70.08 81.77
CA PRO B 174 20.68 -69.31 82.90
C PRO B 174 21.31 -67.99 82.47
N GLN B 175 21.63 -67.83 81.19
CA GLN B 175 22.30 -66.63 80.71
C GLN B 175 21.42 -65.39 80.80
N LEU B 176 20.11 -65.55 81.00
CA LEU B 176 19.24 -64.38 81.14
C LEU B 176 19.63 -63.55 82.36
N HIS B 177 19.83 -64.19 83.50
CA HIS B 177 20.25 -63.52 84.72
C HIS B 177 21.08 -64.48 85.56
N PRO B 178 22.35 -64.68 85.21
CA PRO B 178 23.21 -65.55 86.03
C PRO B 178 23.38 -65.04 87.45
N ASP B 179 23.26 -63.75 87.69
CA ASP B 179 23.41 -63.18 89.03
C ASP B 179 22.09 -63.08 89.78
N ASP B 180 20.96 -63.18 89.08
CA ASP B 180 19.63 -63.05 89.68
C ASP B 180 18.77 -64.24 89.30
N PRO B 181 19.01 -65.41 89.91
CA PRO B 181 18.14 -66.56 89.64
C PRO B 181 16.69 -66.30 90.04
N ALA B 182 16.45 -65.55 91.11
CA ALA B 182 15.08 -65.22 91.50
C ALA B 182 14.39 -64.39 90.42
N ARG B 183 15.10 -63.39 89.88
CA ARG B 183 14.51 -62.58 88.81
C ARG B 183 14.30 -63.41 87.55
N ARG B 184 15.23 -64.32 87.25
CA ARG B 184 15.04 -65.19 86.09
C ARG B 184 13.80 -66.06 86.26
N ALA B 185 13.61 -66.63 87.44
CA ALA B 185 12.42 -67.44 87.70
C ALA B 185 11.16 -66.60 87.63
N ALA B 186 11.19 -65.37 88.17
CA ALA B 186 10.02 -64.50 88.10
C ALA B 186 9.66 -64.16 86.65
N ILE B 187 10.67 -63.89 85.83
CA ILE B 187 10.41 -63.60 84.42
C ILE B 187 9.86 -64.84 83.72
N TYR B 188 10.41 -66.01 84.01
CA TYR B 188 9.93 -67.23 83.35
C TYR B 188 8.53 -67.61 83.78
N ASP B 189 8.13 -67.33 85.04
CA ASP B 189 6.82 -67.73 85.50
C ASP B 189 5.70 -67.00 84.76
N ARG B 190 5.88 -65.71 84.50
CA ARG B 190 4.81 -64.93 83.87
C ARG B 190 4.62 -65.27 82.40
N TYR B 191 5.51 -66.07 81.81
CA TYR B 191 5.37 -66.50 80.43
C TYR B 191 5.21 -68.02 80.31
N LYS B 192 4.59 -68.64 81.32
CA LYS B 192 4.37 -70.08 81.29
C LYS B 192 3.18 -70.49 80.44
N ALA B 193 2.37 -69.54 79.96
CA ALA B 193 1.21 -69.87 79.16
C ALA B 193 1.58 -70.25 77.73
N PHE B 194 2.80 -69.96 77.29
CA PHE B 194 3.23 -70.22 75.92
C PHE B 194 4.43 -71.16 75.87
N VAL B 195 4.47 -72.14 76.76
CA VAL B 195 5.60 -73.08 76.81
C VAL B 195 5.44 -74.11 75.71
N ILE B 196 6.47 -74.27 74.89
CA ILE B 196 6.47 -75.22 73.78
C ILE B 196 7.67 -76.14 73.96
N PRO B 197 7.52 -77.44 73.73
CA PRO B 197 8.67 -78.35 73.87
C PRO B 197 9.77 -78.03 72.87
N GLU B 198 10.99 -78.42 73.23
CA GLU B 198 12.17 -78.07 72.43
C GLU B 198 12.10 -78.65 71.03
N ALA B 199 11.44 -79.80 70.86
CA ALA B 199 11.33 -80.41 69.54
C ALA B 199 10.59 -79.53 68.54
N GLU B 200 9.71 -78.65 69.01
CA GLU B 200 8.97 -77.76 68.14
C GLU B 200 9.32 -76.29 68.31
N ALA B 201 10.06 -75.94 69.37
CA ALA B 201 10.40 -74.56 69.63
C ALA B 201 11.49 -74.03 68.69
N GLU B 202 12.19 -74.91 67.98
CA GLU B 202 13.25 -74.51 67.06
C GLU B 202 12.84 -74.67 65.60
N TRP B 203 11.53 -74.74 65.33
CA TRP B 203 11.05 -74.87 63.96
C TRP B 203 9.86 -73.96 63.67
N VAL B 204 9.66 -72.90 64.46
CA VAL B 204 8.49 -72.04 64.27
C VAL B 204 8.81 -70.85 63.38
N GLY B 205 9.98 -70.23 63.58
CA GLY B 205 10.33 -69.04 62.82
C GLY B 205 11.28 -69.30 61.68
N LEU B 206 11.05 -70.40 60.95
CA LEU B 206 11.90 -70.78 59.83
C LEU B 206 11.11 -70.81 58.53
N THR B 207 11.71 -70.32 57.46
CA THR B 207 11.11 -70.38 56.14
C THR B 207 11.35 -71.76 55.54
N LEU B 208 10.83 -71.98 54.34
CA LEU B 208 11.00 -73.28 53.67
C LEU B 208 12.47 -73.56 53.37
N ASP B 209 13.18 -72.56 52.83
CA ASP B 209 14.59 -72.75 52.50
C ASP B 209 15.43 -72.97 53.76
N GLU B 210 15.14 -72.21 54.83
CA GLU B 210 15.87 -72.40 56.07
C GLU B 210 15.60 -73.77 56.68
N ALA B 211 14.36 -74.24 56.62
CA ALA B 211 14.04 -75.57 57.12
C ALA B 211 14.75 -76.65 56.30
N VAL B 212 14.79 -76.48 54.98
CA VAL B 212 15.50 -77.44 54.14
C VAL B 212 16.98 -77.46 54.47
N GLU B 213 17.58 -76.28 54.67
CA GLU B 213 19.00 -76.21 55.01
C GLU B 213 19.27 -76.86 56.36
N LYS B 214 18.39 -76.61 57.34
CA LYS B 214 18.57 -77.22 58.66
C LYS B 214 18.45 -78.74 58.59
N GLN B 215 17.47 -79.23 57.83
CA GLN B 215 17.33 -80.68 57.67
C GLN B 215 18.54 -81.29 56.97
N ARG B 216 19.06 -80.60 55.95
CA ARG B 216 20.25 -81.08 55.25
C ARG B 216 21.45 -81.12 56.18
N LEU B 217 21.62 -80.09 57.02
CA LEU B 217 22.71 -80.09 57.99
C LEU B 217 22.55 -81.21 59.01
N LEU B 218 21.32 -81.46 59.48
CA LEU B 218 21.10 -82.55 60.43
C LEU B 218 21.37 -83.91 59.81
N GLU B 219 20.99 -84.12 58.56
CA GLU B 219 21.16 -85.41 57.89
C GLU B 219 22.48 -85.52 57.16
N GLU B 220 23.34 -84.50 57.22
CA GLU B 220 24.62 -84.51 56.53
C GLU B 220 25.56 -85.49 57.22
N LYS B 221 25.73 -86.67 56.62
CA LYS B 221 26.60 -87.70 57.14
C LYS B 221 27.64 -88.07 56.09
N ASP B 222 28.88 -88.28 56.54
CA ASP B 222 29.91 -88.75 55.64
C ASP B 222 29.63 -90.19 55.23
N PRO B 223 29.91 -90.55 53.97
CA PRO B 223 29.65 -91.92 53.52
C PRO B 223 30.59 -92.90 54.22
N ILE B 224 29.98 -93.87 54.91
CA ILE B 224 30.78 -94.87 55.64
C ILE B 224 31.53 -95.74 54.64
N PRO B 225 32.80 -96.07 54.89
CA PRO B 225 33.52 -96.93 53.96
C PRO B 225 32.93 -98.33 53.90
N LEU B 226 33.06 -98.95 52.73
CA LEU B 226 32.61 -100.33 52.56
C LEU B 226 33.45 -101.31 53.38
N PHE B 227 34.64 -100.88 53.82
CA PHE B 227 35.47 -101.76 54.64
C PHE B 227 34.77 -102.10 55.96
N LYS B 228 34.14 -101.11 56.59
CA LYS B 228 33.41 -101.36 57.83
C LYS B 228 32.25 -102.32 57.61
N ILE B 229 31.51 -102.13 56.51
CA ILE B 229 30.38 -103.00 56.23
C ILE B 229 30.85 -104.43 55.98
N PHE B 230 31.94 -104.60 55.22
CA PHE B 230 32.47 -105.93 54.97
C PHE B 230 33.00 -106.57 56.24
N VAL B 231 33.64 -105.79 57.11
CA VAL B 231 34.10 -106.32 58.39
C VAL B 231 32.93 -106.79 59.23
N GLU B 232 31.85 -106.00 59.26
CA GLU B 232 30.66 -106.40 60.01
C GLU B 232 30.06 -107.69 59.46
N GLU B 233 29.98 -107.80 58.12
CA GLU B 233 29.45 -109.02 57.52
C GLU B 233 30.33 -110.22 57.85
N LEU B 234 31.65 -110.05 57.77
CA LEU B 234 32.56 -111.14 58.08
C LEU B 234 32.45 -111.56 59.54
N LEU B 235 32.32 -110.59 60.46
CA LEU B 235 32.16 -110.91 61.87
C LEU B 235 30.85 -111.66 62.10
N GLY B 236 29.77 -111.23 61.43
CA GLY B 236 28.50 -111.94 61.57
C GLY B 236 28.58 -113.37 61.06
N GLN B 237 29.21 -113.57 59.91
CA GLN B 237 29.38 -114.92 59.39
C GLN B 237 30.24 -115.78 60.30
N LEU B 238 31.32 -115.20 60.83
CA LEU B 238 32.19 -115.95 61.73
C LEU B 238 31.45 -116.34 63.02
N GLN B 239 30.67 -115.42 63.58
CA GLN B 239 29.88 -115.76 64.76
C GLN B 239 28.84 -116.83 64.46
N GLN B 240 28.18 -116.75 63.30
CA GLN B 240 27.20 -117.76 62.94
C GLN B 240 27.85 -119.13 62.79
N GLN B 241 29.03 -119.17 62.16
CA GLN B 241 29.75 -120.44 62.05
C GLN B 241 30.20 -120.96 63.41
N ALA B 242 30.63 -120.06 64.30
CA ALA B 242 31.10 -120.49 65.62
C ALA B 242 29.96 -121.05 66.45
N LEU B 243 28.79 -120.43 66.39
CA LEU B 243 27.65 -120.89 67.17
C LEU B 243 26.95 -122.09 66.54
N SER B 244 27.36 -122.49 65.33
CA SER B 244 26.75 -123.61 64.63
C SER B 244 27.49 -124.92 64.84
N GLU B 245 28.55 -124.92 65.65
CA GLU B 245 29.32 -126.13 65.90
C GLU B 245 29.12 -126.61 67.34
N GLY C 65 67.88 -93.50 20.29
CA GLY C 65 66.80 -94.44 20.12
C GLY C 65 65.61 -93.84 19.39
N LEU C 66 65.87 -93.21 18.24
CA LEU C 66 64.83 -92.59 17.44
C LEU C 66 64.23 -93.55 16.42
N GLU C 67 64.75 -94.77 16.32
CA GLU C 67 64.23 -95.75 15.37
C GLU C 67 62.97 -96.44 15.85
N GLU C 68 62.64 -96.33 17.14
CA GLU C 68 61.47 -96.99 17.69
C GLU C 68 60.16 -96.46 17.12
N PHE C 69 60.17 -95.28 16.50
CA PHE C 69 59.00 -94.78 15.80
C PHE C 69 58.73 -95.50 14.49
N PHE C 70 59.68 -96.32 14.02
CA PHE C 70 59.53 -97.06 12.78
C PHE C 70 59.60 -98.55 13.08
N ASP C 71 59.03 -99.33 12.17
CA ASP C 71 59.01 -100.79 12.31
C ASP C 71 60.34 -101.35 11.80
N ASP C 72 60.43 -102.68 11.68
CA ASP C 72 61.63 -103.31 11.21
C ASP C 72 61.89 -102.94 9.75
N PRO C 73 63.15 -102.77 9.36
CA PRO C 73 63.46 -102.43 7.95
C PRO C 73 62.97 -103.47 6.97
N LYS C 74 62.97 -104.76 7.34
CA LYS C 74 62.49 -105.80 6.45
C LYS C 74 60.96 -105.80 6.32
N ASN C 75 60.26 -105.03 7.14
CA ASN C 75 58.81 -105.00 7.16
C ASN C 75 58.24 -103.71 6.57
N TRP C 76 59.11 -102.83 6.05
CA TRP C 76 58.65 -101.57 5.49
C TRP C 76 57.86 -101.78 4.20
N GLY C 77 58.38 -102.60 3.29
CA GLY C 77 57.75 -102.83 2.01
C GLY C 77 56.73 -103.93 1.96
N GLU C 78 56.42 -104.56 3.09
CA GLU C 78 55.46 -105.66 3.11
C GLU C 78 54.05 -105.14 2.84
N GLU C 79 53.32 -105.86 1.99
CA GLU C 79 51.97 -105.47 1.65
C GLU C 79 50.99 -105.78 2.79
N LYS C 80 51.15 -106.94 3.43
CA LYS C 80 50.29 -107.33 4.55
C LYS C 80 51.18 -107.71 5.72
N VAL C 81 50.88 -107.12 6.88
CA VAL C 81 51.62 -107.40 8.11
C VAL C 81 50.64 -107.95 9.13
N LYS C 82 50.84 -109.19 9.54
CA LYS C 82 49.95 -109.83 10.50
C LYS C 82 50.52 -109.74 11.91
N SER C 83 49.62 -109.84 12.89
CA SER C 83 49.99 -109.75 14.29
C SER C 83 48.91 -110.47 15.10
N GLY C 84 49.12 -110.52 16.42
CA GLY C 84 48.20 -111.20 17.31
C GLY C 84 46.96 -110.36 17.60
N ALA C 85 46.09 -110.93 18.43
CA ALA C 85 44.86 -110.28 18.81
C ALA C 85 45.11 -109.24 19.90
N SER C 86 44.05 -108.55 20.32
CA SER C 86 44.16 -107.52 21.33
C SER C 86 44.10 -108.13 22.73
N TRP C 87 44.56 -107.35 23.70
CA TRP C 87 44.56 -107.78 25.09
C TRP C 87 43.13 -107.82 25.62
N THR C 88 42.86 -108.78 26.51
CA THR C 88 41.56 -108.94 27.11
C THR C 88 41.58 -108.45 28.57
N CYS C 89 40.40 -108.05 29.06
CA CYS C 89 40.31 -107.49 30.41
C CYS C 89 40.74 -108.49 31.47
N GLN C 90 40.35 -109.75 31.34
CA GLN C 90 40.80 -110.77 32.29
C GLN C 90 42.31 -110.93 32.23
N GLN C 91 42.89 -110.89 31.04
CA GLN C 91 44.34 -110.98 30.91
C GLN C 91 45.04 -109.81 31.60
N LEU C 92 44.50 -108.60 31.46
CA LEU C 92 45.06 -107.45 32.17
C LEU C 92 44.92 -107.61 33.68
N ARG C 93 43.76 -108.10 34.14
CA ARG C 93 43.55 -108.27 35.58
C ARG C 93 44.50 -109.31 36.17
N ASN C 94 44.80 -110.37 35.41
CA ASN C 94 45.67 -111.42 35.94
C ASN C 94 47.08 -110.91 36.21
N LYS C 95 47.49 -109.83 35.54
CA LYS C 95 48.85 -109.33 35.70
C LYS C 95 48.96 -108.45 36.94
N SER C 96 50.21 -108.19 37.35
CA SER C 96 50.47 -107.40 38.54
C SER C 96 50.57 -105.92 38.16
N ASN C 97 50.69 -105.05 39.17
CA ASN C 97 50.71 -103.61 38.94
C ASN C 97 51.92 -103.19 38.11
N GLU C 98 53.10 -103.72 38.44
CA GLU C 98 54.30 -103.37 37.69
C GLU C 98 54.24 -103.87 36.26
N ASP C 99 53.68 -105.07 36.05
CA ASP C 99 53.52 -105.59 34.70
C ASP C 99 52.61 -104.69 33.87
N LEU C 100 51.51 -104.23 34.46
CA LEU C 100 50.63 -103.29 33.76
C LEU C 100 51.34 -101.97 33.48
N HIS C 101 52.12 -101.48 34.44
CA HIS C 101 52.84 -100.23 34.25
C HIS C 101 53.82 -100.32 33.10
N LYS C 102 54.54 -101.44 32.98
CA LYS C 102 55.47 -101.61 31.88
C LYS C 102 54.74 -101.84 30.56
N LEU C 103 53.66 -102.63 30.58
CA LEU C 103 52.90 -102.87 29.37
C LEU C 103 52.26 -101.60 28.83
N TRP C 104 52.00 -100.63 29.72
CA TRP C 104 51.49 -99.34 29.26
C TRP C 104 52.46 -98.68 28.29
N TYR C 105 53.74 -98.60 28.67
CA TYR C 105 54.74 -98.04 27.77
C TYR C 105 54.99 -98.93 26.56
N VAL C 106 54.92 -100.26 26.76
CA VAL C 106 55.09 -101.17 25.63
C VAL C 106 54.04 -100.90 24.56
N LEU C 107 52.78 -100.73 24.99
CA LEU C 107 51.71 -100.40 24.04
C LEU C 107 51.83 -98.99 23.51
N LEU C 108 52.32 -98.06 24.33
CA LEU C 108 52.45 -96.67 23.89
C LEU C 108 53.44 -96.54 22.75
N LYS C 109 54.58 -97.23 22.85
CA LYS C 109 55.56 -97.16 21.76
C LYS C 109 54.99 -97.74 20.47
N GLU C 110 54.28 -98.87 20.58
CA GLU C 110 53.68 -99.47 19.39
C GLU C 110 52.63 -98.54 18.78
N ARG C 111 51.83 -97.89 19.63
CA ARG C 111 50.82 -96.96 19.12
C ARG C 111 51.45 -95.77 18.44
N ASN C 112 52.53 -95.24 19.00
CA ASN C 112 53.24 -94.13 18.35
C ASN C 112 53.79 -94.56 17.01
N MET C 113 54.38 -95.75 16.94
CA MET C 113 54.91 -96.25 15.67
C MET C 113 53.79 -96.41 14.64
N LEU C 114 52.65 -96.95 15.05
CA LEU C 114 51.54 -97.14 14.13
C LEU C 114 50.98 -95.81 13.66
N LEU C 115 50.89 -94.82 14.55
CA LEU C 115 50.42 -93.49 14.13
C LEU C 115 51.39 -92.87 13.14
N THR C 116 52.70 -92.99 13.39
CA THR C 116 53.68 -92.48 12.45
C THR C 116 53.55 -93.18 11.09
N LEU C 117 53.35 -94.50 11.10
CA LEU C 117 53.19 -95.24 9.85
C LEU C 117 51.94 -94.79 9.11
N GLU C 118 50.84 -94.58 9.82
CA GLU C 118 49.60 -94.13 9.18
C GLU C 118 49.77 -92.73 8.58
N GLN C 119 50.43 -91.83 9.31
CA GLN C 119 50.65 -90.49 8.78
C GLN C 119 51.55 -90.53 7.55
N GLU C 120 52.59 -91.36 7.58
CA GLU C 120 53.45 -91.49 6.40
C GLU C 120 52.71 -92.10 5.23
N ALA C 121 51.82 -93.06 5.48
CA ALA C 121 51.01 -93.63 4.40
C ALA C 121 50.10 -92.57 3.79
N LYS C 122 49.48 -91.73 4.63
CA LYS C 122 48.67 -90.64 4.10
C LYS C 122 49.51 -89.66 3.30
N ARG C 123 50.73 -89.38 3.77
CA ARG C 123 51.63 -88.50 3.03
C ARG C 123 51.98 -89.08 1.66
N GLN C 124 52.25 -90.38 1.60
CA GLN C 124 52.61 -91.04 0.36
C GLN C 124 51.42 -91.44 -0.49
N ARG C 125 50.20 -91.20 -0.01
CA ARG C 125 48.98 -91.52 -0.75
C ARG C 125 48.87 -93.02 -1.02
N LEU C 126 49.27 -93.81 -0.02
CA LEU C 126 49.18 -95.26 -0.09
C LEU C 126 48.45 -95.81 1.12
N PRO C 127 47.74 -96.92 0.98
CA PRO C 127 47.04 -97.50 2.14
C PRO C 127 48.03 -98.11 3.12
N MET C 128 47.71 -97.97 4.40
CA MET C 128 48.55 -98.54 5.44
C MET C 128 48.36 -100.05 5.49
N PRO C 129 49.44 -100.84 5.50
CA PRO C 129 49.30 -102.30 5.55
C PRO C 129 48.67 -102.74 6.86
N SER C 130 47.52 -103.42 6.77
CA SER C 130 46.78 -103.94 7.91
C SER C 130 46.53 -102.85 8.94
N PRO C 131 45.61 -101.90 8.66
CA PRO C 131 45.35 -100.81 9.61
C PRO C 131 44.72 -101.26 10.92
N GLU C 132 44.24 -102.50 11.00
CA GLU C 132 43.59 -102.99 12.21
C GLU C 132 44.56 -103.12 13.38
N ARG C 133 45.87 -103.05 13.14
CA ARG C 133 46.83 -103.08 14.23
C ARG C 133 46.64 -101.90 15.17
N LEU C 134 46.41 -100.70 14.61
CA LEU C 134 46.17 -99.52 15.44
C LEU C 134 44.91 -99.70 16.27
N GLU C 135 43.85 -100.25 15.67
CA GLU C 135 42.62 -100.50 16.42
C GLU C 135 42.85 -101.48 17.56
N LYS C 136 43.61 -102.55 17.28
CA LYS C 136 43.90 -103.54 18.33
C LYS C 136 44.70 -102.91 19.47
N VAL C 137 45.69 -102.09 19.13
CA VAL C 137 46.50 -101.44 20.17
C VAL C 137 45.64 -100.48 20.99
N VAL C 138 44.76 -99.72 20.32
CA VAL C 138 43.89 -98.81 21.04
C VAL C 138 42.96 -99.58 21.98
N ASP C 139 42.41 -100.71 21.50
CA ASP C 139 41.54 -101.52 22.34
C ASP C 139 42.29 -102.08 23.54
N SER C 140 43.53 -102.54 23.33
CA SER C 140 44.32 -103.07 24.43
C SER C 140 44.62 -101.99 25.46
N MET C 141 44.99 -100.79 25.00
CA MET C 141 45.26 -99.70 25.94
C MET C 141 43.99 -99.29 26.69
N ASP C 142 42.85 -99.29 26.00
CA ASP C 142 41.59 -98.96 26.67
C ASP C 142 41.25 -100.01 27.72
N ALA C 143 41.47 -101.29 27.42
CA ALA C 143 41.22 -102.33 28.40
C ALA C 143 42.14 -102.20 29.60
N LEU C 144 43.41 -101.88 29.36
CA LEU C 144 44.35 -101.68 30.47
C LEU C 144 43.93 -100.51 31.35
N ASP C 145 43.54 -99.40 30.72
CA ASP C 145 43.08 -98.25 31.49
C ASP C 145 41.82 -98.57 32.26
N LYS C 146 40.91 -99.35 31.65
CA LYS C 146 39.69 -99.76 32.34
C LYS C 146 40.01 -100.61 33.56
N VAL C 147 40.96 -101.54 33.43
CA VAL C 147 41.32 -102.39 34.57
C VAL C 147 41.95 -101.55 35.68
N VAL C 148 42.85 -100.63 35.32
CA VAL C 148 43.47 -99.78 36.33
C VAL C 148 42.42 -98.93 37.03
N GLN C 149 41.49 -98.35 36.26
CA GLN C 149 40.44 -97.54 36.85
C GLN C 149 39.51 -98.36 37.75
N GLU C 150 39.19 -99.59 37.35
CA GLU C 150 38.37 -100.45 38.20
C GLU C 150 39.09 -100.77 39.51
N ARG C 151 40.38 -101.07 39.44
CA ARG C 151 41.13 -101.32 40.67
C ARG C 151 41.15 -100.09 41.57
N GLU C 152 41.38 -98.91 40.99
CA GLU C 152 41.40 -97.67 41.77
C GLU C 152 40.04 -97.38 42.39
N ASP C 153 38.97 -97.57 41.62
CA ASP C 153 37.62 -97.34 42.13
C ASP C 153 37.28 -98.30 43.27
N ALA C 154 37.65 -99.58 43.11
CA ALA C 154 37.40 -100.54 44.18
C ALA C 154 38.18 -100.16 45.44
N LEU C 155 39.44 -99.76 45.27
CA LEU C 155 40.24 -99.38 46.43
C LEU C 155 39.67 -98.15 47.12
N ARG C 156 39.23 -97.15 46.35
CA ARG C 156 38.70 -95.95 46.98
C ARG C 156 37.33 -96.20 47.61
N LEU C 157 36.52 -97.09 47.03
CA LEU C 157 35.27 -97.47 47.68
C LEU C 157 35.53 -98.23 48.96
N LEU C 158 36.57 -99.06 49.00
CA LEU C 158 36.87 -99.80 50.22
C LEU C 158 37.45 -98.89 51.30
N GLN C 159 38.25 -97.90 50.91
CA GLN C 159 38.90 -97.04 51.91
C GLN C 159 37.98 -95.92 52.38
N THR C 160 37.47 -95.12 51.44
CA THR C 160 36.61 -93.98 51.77
C THR C 160 35.15 -94.23 51.50
N GLY C 161 34.81 -94.93 50.42
CA GLY C 161 33.44 -95.20 50.05
C GLY C 161 32.86 -94.24 49.02
N GLN C 162 33.61 -93.22 48.62
CA GLN C 162 33.13 -92.28 47.62
C GLN C 162 33.17 -92.91 46.24
N GLU C 163 32.05 -92.78 45.51
CA GLU C 163 31.94 -93.37 44.19
C GLU C 163 32.81 -92.65 43.16
N LYS C 164 32.85 -91.32 43.21
CA LYS C 164 33.59 -90.53 42.24
C LYS C 164 34.86 -90.00 42.86
N ALA C 165 35.94 -90.05 42.09
CA ALA C 165 37.24 -89.60 42.56
C ALA C 165 37.39 -88.08 42.59
N ARG C 166 36.45 -87.35 41.99
CA ARG C 166 36.50 -85.89 42.00
C ARG C 166 35.28 -85.36 42.74
N PRO C 167 35.46 -84.49 43.73
CA PRO C 167 34.31 -83.96 44.47
C PRO C 167 33.38 -83.16 43.57
N GLY C 168 32.08 -83.31 43.81
CA GLY C 168 31.08 -82.60 43.03
C GLY C 168 29.78 -82.53 43.79
N ALA C 169 28.92 -81.62 43.34
CA ALA C 169 27.64 -81.39 44.00
C ALA C 169 26.57 -81.09 42.97
N TRP C 170 25.33 -81.44 43.31
CA TRP C 170 24.18 -81.16 42.46
C TRP C 170 23.71 -79.73 42.72
N ARG C 171 23.99 -78.83 41.80
CA ARG C 171 23.64 -77.43 41.93
C ARG C 171 22.50 -77.08 40.98
N ARG C 172 21.86 -75.94 41.27
CA ARG C 172 20.78 -75.41 40.44
C ARG C 172 21.24 -74.06 39.91
N ASP C 173 21.67 -74.04 38.65
CA ASP C 173 22.20 -72.82 38.06
C ASP C 173 21.08 -71.81 37.81
N ILE C 174 21.45 -70.64 37.28
CA ILE C 174 20.48 -69.60 37.00
C ILE C 174 19.51 -69.97 35.89
N PHE C 175 19.82 -71.00 35.11
CA PHE C 175 18.94 -71.45 34.04
C PHE C 175 17.88 -72.43 34.51
N GLY C 176 17.88 -72.79 35.80
CA GLY C 176 16.90 -73.69 36.35
C GLY C 176 17.26 -75.15 36.25
N ARG C 177 18.26 -75.51 35.46
CA ARG C 177 18.63 -76.90 35.31
C ARG C 177 19.38 -77.40 36.54
N ILE C 178 19.51 -78.72 36.63
CA ILE C 178 20.28 -79.38 37.68
C ILE C 178 21.59 -79.84 37.07
N ILE C 179 22.70 -79.31 37.60
CA ILE C 179 24.02 -79.54 37.03
C ILE C 179 24.91 -80.21 38.06
N TRP C 180 25.69 -81.20 37.62
CA TRP C 180 26.67 -81.85 38.48
C TRP C 180 27.94 -81.01 38.46
N HIS C 181 27.96 -79.97 39.29
CA HIS C 181 29.07 -79.04 39.33
C HIS C 181 30.25 -79.69 40.04
N LYS C 182 31.36 -79.83 39.33
CA LYS C 182 32.58 -80.37 39.93
C LYS C 182 33.28 -79.29 40.75
N PHE C 183 34.21 -79.75 41.59
CA PHE C 183 34.97 -78.83 42.43
C PHE C 183 36.40 -78.70 41.92
N LYS C 184 36.89 -77.47 41.89
CA LYS C 184 38.24 -77.16 41.45
C LYS C 184 39.15 -76.95 42.65
N GLN C 185 40.45 -77.00 42.40
CA GLN C 185 41.45 -76.84 43.45
C GLN C 185 41.77 -75.36 43.62
N TRP C 186 41.61 -74.86 44.84
CA TRP C 186 41.87 -73.46 45.13
C TRP C 186 42.75 -73.33 46.36
N PRO C 187 43.66 -72.34 46.37
CA PRO C 187 44.48 -72.11 47.56
C PRO C 187 43.79 -71.30 48.64
N ILE C 188 42.62 -70.75 48.37
CA ILE C 188 41.90 -69.92 49.33
C ILE C 188 40.49 -70.48 49.46
N PRO C 189 39.82 -70.23 50.59
CA PRO C 189 38.45 -70.76 50.78
C PRO C 189 37.45 -70.16 49.81
N TRP C 190 36.22 -70.67 49.85
CA TRP C 190 35.21 -70.28 48.86
C TRP C 190 34.70 -68.86 49.09
N TYR C 191 34.81 -68.34 50.32
CA TYR C 191 34.30 -67.02 50.62
C TYR C 191 35.31 -65.90 50.37
N LEU C 192 36.50 -66.22 49.86
CA LEU C 192 37.50 -65.23 49.56
C LEU C 192 37.92 -65.21 48.09
N ASN C 193 37.32 -66.04 47.26
CA ASN C 193 37.69 -66.12 45.84
C ASN C 193 36.78 -65.19 45.04
N LYS C 194 37.39 -64.22 44.35
CA LYS C 194 36.61 -63.25 43.60
C LYS C 194 35.87 -63.89 42.45
N LYS C 195 36.56 -64.78 41.70
CA LYS C 195 35.94 -65.40 40.53
C LYS C 195 34.77 -66.30 40.93
N TYR C 196 34.93 -67.07 42.01
CA TYR C 196 33.87 -67.97 42.46
C TYR C 196 32.73 -67.25 43.15
N ASN C 197 32.99 -66.09 43.77
CA ASN C 197 31.95 -65.40 44.53
C ASN C 197 30.84 -64.87 43.63
N ARG C 198 31.20 -64.37 42.44
CA ARG C 198 30.22 -63.76 41.56
C ARG C 198 29.36 -64.78 40.82
N LYS C 199 29.68 -66.07 40.94
CA LYS C 199 28.82 -67.11 40.39
C LYS C 199 27.56 -67.24 41.23
N ARG C 200 26.46 -67.59 40.56
CA ARG C 200 25.16 -67.73 41.21
C ARG C 200 24.67 -69.14 41.03
N PHE C 201 24.31 -69.80 42.14
CA PHE C 201 23.71 -71.12 42.10
C PHE C 201 22.34 -71.04 42.77
N PHE C 202 21.34 -70.66 41.99
CA PHE C 202 19.95 -70.56 42.41
C PHE C 202 19.11 -70.18 41.19
N ALA C 203 17.80 -70.26 41.34
CA ALA C 203 16.86 -69.96 40.27
C ALA C 203 16.04 -68.72 40.62
N MET C 204 16.05 -67.75 39.72
CA MET C 204 15.26 -66.55 39.87
C MET C 204 13.78 -66.85 39.65
N PRO C 205 12.88 -65.98 40.16
CA PRO C 205 11.44 -66.25 39.99
C PRO C 205 10.98 -66.27 38.55
N TYR C 206 11.75 -65.69 37.63
CA TYR C 206 11.38 -65.69 36.22
C TYR C 206 11.87 -66.92 35.47
N VAL C 207 12.54 -67.85 36.15
CA VAL C 207 13.04 -69.05 35.49
C VAL C 207 12.06 -70.21 35.56
N GLU C 208 11.07 -70.15 36.46
CA GLU C 208 10.11 -71.24 36.59
C GLU C 208 9.27 -71.39 35.33
N ARG C 209 8.95 -70.28 34.66
CA ARG C 209 8.18 -70.36 33.42
C ARG C 209 8.96 -71.10 32.35
N PHE C 210 10.26 -70.82 32.22
CA PHE C 210 11.09 -71.54 31.25
C PHE C 210 11.26 -73.00 31.64
N VAL C 211 11.36 -73.29 32.94
CA VAL C 211 11.44 -74.68 33.38
C VAL C 211 10.16 -75.42 32.98
N ARG C 212 9.00 -74.80 33.19
CA ARG C 212 7.75 -75.41 32.80
C ARG C 212 7.67 -75.59 31.29
N MET C 213 8.16 -74.62 30.53
CA MET C 213 8.18 -74.74 29.07
C MET C 213 9.04 -75.92 28.62
N ARG C 214 10.21 -76.09 29.24
CA ARG C 214 11.06 -77.23 28.90
C ARG C 214 10.37 -78.54 29.27
N ILE C 215 9.71 -78.58 30.42
CA ILE C 215 8.98 -79.78 30.83
C ILE C 215 7.92 -80.12 29.80
N GLU C 216 7.14 -79.12 29.38
CA GLU C 216 6.08 -79.34 28.40
C GLU C 216 6.66 -79.80 27.06
N LYS C 217 7.76 -79.20 26.63
CA LYS C 217 8.38 -79.60 25.37
C LYS C 217 8.84 -81.05 25.42
N GLN C 218 9.49 -81.44 26.52
CA GLN C 218 9.94 -82.82 26.65
C GLN C 218 8.77 -83.78 26.71
N ALA C 219 7.70 -83.41 27.42
CA ALA C 219 6.52 -84.26 27.47
C ALA C 219 5.89 -84.43 26.09
N ARG C 220 5.83 -83.33 25.31
CA ARG C 220 5.28 -83.43 23.96
C ARG C 220 6.15 -84.31 23.07
N ILE C 221 7.47 -84.18 23.19
CA ILE C 221 8.37 -85.02 22.39
C ILE C 221 8.18 -86.48 22.74
N LYS C 222 8.10 -86.79 24.04
CA LYS C 222 7.89 -88.17 24.46
C LYS C 222 6.55 -88.71 23.98
N ALA C 223 5.50 -87.88 24.07
CA ALA C 223 4.19 -88.32 23.64
C ALA C 223 4.15 -88.59 22.14
N ARG C 224 4.76 -87.72 21.33
CA ARG C 224 4.75 -87.95 19.90
C ARG C 224 5.63 -89.13 19.51
N LYS C 225 6.74 -89.36 20.24
CA LYS C 225 7.53 -90.56 20.00
C LYS C 225 6.74 -91.82 20.33
N ARG C 226 5.99 -91.80 21.43
CA ARG C 226 5.15 -92.94 21.78
C ARG C 226 4.08 -93.18 20.73
N SER C 227 3.46 -92.11 20.23
CA SER C 227 2.46 -92.26 19.17
C SER C 227 3.10 -92.80 17.90
N LEU C 228 4.33 -92.36 17.58
CA LEU C 228 5.04 -92.86 16.43
C LEU C 228 5.30 -94.36 16.56
N GLU C 229 5.75 -94.80 17.73
CA GLU C 229 5.99 -96.22 17.95
C GLU C 229 4.71 -97.02 17.85
N ARG C 230 3.62 -96.50 18.41
CA ARG C 230 2.34 -97.18 18.34
C ARG C 230 1.87 -97.32 16.89
N LYS C 231 1.98 -96.26 16.10
CA LYS C 231 1.59 -96.32 14.70
C LYS C 231 2.48 -97.28 13.92
N LYS C 232 3.77 -97.30 14.23
CA LYS C 232 4.68 -98.24 13.56
C LYS C 232 4.29 -99.68 13.86
N GLU C 233 3.97 -99.97 15.13
CA GLU C 233 3.54 -101.32 15.49
C GLU C 233 2.24 -101.69 14.77
N LYS C 234 1.29 -100.75 14.73
CA LYS C 234 0.03 -100.99 14.02
C LYS C 234 0.27 -101.29 12.55
N PHE C 235 1.13 -100.48 11.91
CA PHE C 235 1.42 -100.67 10.49
C PHE C 235 2.08 -102.02 10.25
N LEU C 236 3.03 -102.41 11.09
CA LEU C 236 3.69 -103.69 10.93
C LEU C 236 2.70 -104.85 11.10
N GLN C 237 1.83 -104.75 12.11
CA GLN C 237 0.86 -105.82 12.34
C GLN C 237 -0.12 -105.93 11.17
N GLU C 238 -0.58 -104.80 10.64
CA GLU C 238 -1.48 -104.83 9.50
C GLU C 238 -0.80 -105.25 8.21
N LYS C 239 0.52 -105.01 8.09
CA LYS C 239 1.23 -105.40 6.88
C LYS C 239 1.57 -106.89 6.87
N PHE C 240 1.86 -107.45 8.05
CA PHE C 240 2.20 -108.87 8.15
C PHE C 240 1.09 -109.61 8.88
N PRO C 241 0.16 -110.26 8.16
CA PRO C 241 -0.93 -111.01 8.79
C PRO C 241 -0.51 -112.44 9.18
N HIS C 242 0.64 -112.56 9.84
CA HIS C 242 1.13 -113.86 10.27
C HIS C 242 0.55 -114.31 11.60
N LEU C 243 -0.21 -113.45 12.28
CA LEU C 243 -0.79 -113.77 13.57
C LEU C 243 -1.96 -114.73 13.41
N LYS D 35 -47.92 -31.96 -15.99
CA LYS D 35 -47.96 -33.36 -15.57
C LYS D 35 -48.79 -34.18 -16.55
N PHE D 36 -48.31 -35.37 -16.88
CA PHE D 36 -48.99 -36.26 -17.81
C PHE D 36 -49.94 -37.18 -17.05
N THR D 37 -51.23 -37.05 -17.32
CA THR D 37 -52.24 -37.89 -16.68
C THR D 37 -53.13 -38.55 -17.73
N ARG D 38 -54.22 -39.17 -17.28
CA ARG D 38 -55.19 -39.73 -18.21
C ARG D 38 -55.84 -38.61 -19.02
N SER D 39 -56.33 -38.97 -20.21
CA SER D 39 -56.88 -38.01 -21.15
C SER D 39 -58.40 -38.13 -21.18
N ARG D 40 -59.09 -37.02 -20.97
CA ARG D 40 -60.53 -36.99 -21.13
C ARG D 40 -60.88 -36.91 -22.61
N ILE D 41 -61.79 -37.77 -23.06
CA ILE D 41 -62.24 -37.81 -24.44
C ILE D 41 -63.65 -37.24 -24.49
N PRO D 42 -63.87 -36.12 -25.17
CA PRO D 42 -65.22 -35.54 -25.23
C PRO D 42 -66.18 -36.43 -25.99
N ASP D 43 -67.46 -36.32 -25.63
CA ASP D 43 -68.50 -37.13 -26.24
C ASP D 43 -68.72 -36.80 -27.72
N LYS D 44 -68.28 -35.62 -28.17
CA LYS D 44 -68.44 -35.25 -29.58
C LYS D 44 -67.66 -36.17 -30.51
N VAL D 45 -66.57 -36.79 -30.02
CA VAL D 45 -65.78 -37.68 -30.85
C VAL D 45 -66.60 -38.90 -31.27
N PHE D 46 -67.40 -39.43 -30.34
CA PHE D 46 -68.18 -40.65 -30.58
C PHE D 46 -69.57 -40.36 -31.12
N GLN D 47 -69.75 -39.23 -31.81
CA GLN D 47 -71.01 -38.94 -32.47
C GLN D 47 -70.88 -39.27 -33.95
N PRO D 48 -71.46 -40.38 -34.41
CA PRO D 48 -71.27 -40.79 -35.80
C PRO D 48 -71.94 -39.83 -36.78
N SER D 49 -71.30 -39.69 -37.93
CA SER D 49 -71.83 -38.92 -39.05
C SER D 49 -72.61 -39.83 -39.99
N PRO D 50 -73.56 -39.29 -40.74
CA PRO D 50 -74.31 -40.12 -41.70
C PRO D 50 -73.42 -40.79 -42.73
N GLU D 51 -72.35 -40.14 -43.16
CA GLU D 51 -71.43 -40.74 -44.13
C GLU D 51 -70.54 -41.82 -43.51
N ASP D 52 -70.36 -41.80 -42.18
CA ASP D 52 -69.48 -42.78 -41.55
C ASP D 52 -70.04 -44.19 -41.68
N HIS D 53 -71.35 -44.34 -41.57
CA HIS D 53 -71.95 -45.67 -41.70
C HIS D 53 -71.69 -46.24 -43.09
N GLU D 54 -71.88 -45.42 -44.13
CA GLU D 54 -71.61 -45.87 -45.49
C GLU D 54 -70.12 -46.14 -45.70
N LYS D 55 -69.26 -45.32 -45.13
CA LYS D 55 -67.82 -45.48 -45.31
C LYS D 55 -67.30 -46.76 -44.66
N TYR D 56 -67.78 -47.07 -43.45
CA TYR D 56 -67.29 -48.21 -42.69
C TYR D 56 -68.21 -49.43 -42.78
N GLY D 57 -69.24 -49.40 -43.62
CA GLY D 57 -70.10 -50.56 -43.79
C GLY D 57 -70.91 -50.92 -42.57
N GLY D 58 -71.36 -49.92 -41.82
CA GLY D 58 -72.16 -50.16 -40.64
C GLY D 58 -73.63 -49.90 -40.88
N ASP D 59 -74.46 -50.44 -39.98
CA ASP D 59 -75.91 -50.28 -40.09
C ASP D 59 -76.33 -49.04 -39.33
N PRO D 60 -76.86 -48.00 -40.00
CA PRO D 60 -77.31 -46.81 -39.26
C PRO D 60 -78.47 -47.06 -38.33
N GLN D 61 -79.20 -48.16 -38.51
CA GLN D 61 -80.39 -48.43 -37.70
C GLN D 61 -80.07 -49.30 -36.48
N TYR D 62 -79.54 -50.50 -36.72
CA TYR D 62 -79.29 -51.44 -35.64
C TYR D 62 -77.80 -51.60 -35.41
N PRO D 63 -77.30 -51.24 -34.23
CA PRO D 63 -75.88 -51.46 -33.93
C PRO D 63 -75.56 -52.94 -33.84
N HIS D 64 -74.30 -53.26 -34.10
CA HIS D 64 -73.83 -54.63 -34.04
C HIS D 64 -73.84 -55.13 -32.60
N LYS D 65 -73.65 -56.44 -32.43
CA LYS D 65 -73.83 -57.10 -31.14
C LYS D 65 -72.53 -57.40 -30.42
N LEU D 66 -71.49 -57.85 -31.12
CA LEU D 66 -70.25 -58.27 -30.49
C LEU D 66 -69.05 -57.64 -31.17
N HIS D 67 -68.00 -57.40 -30.39
CA HIS D 67 -66.77 -56.78 -30.86
C HIS D 67 -65.68 -57.82 -30.97
N ILE D 68 -64.98 -57.83 -32.11
CA ILE D 68 -63.75 -58.58 -32.29
C ILE D 68 -62.61 -57.59 -32.15
N VAL D 69 -61.77 -57.76 -31.12
CA VAL D 69 -60.70 -56.83 -30.80
C VAL D 69 -59.37 -57.54 -30.99
N THR D 70 -58.43 -56.86 -31.65
CA THR D 70 -57.09 -57.37 -31.87
C THR D 70 -56.06 -56.33 -31.48
N ARG D 71 -55.10 -56.72 -30.66
CA ARG D 71 -54.07 -55.83 -30.16
C ARG D 71 -53.00 -55.65 -31.23
N ILE D 72 -52.81 -54.41 -31.67
CA ILE D 72 -51.84 -54.11 -32.73
C ILE D 72 -50.48 -53.73 -32.16
N LYS D 73 -50.46 -52.73 -31.28
CA LYS D 73 -49.21 -52.21 -30.74
C LYS D 73 -48.94 -52.79 -29.35
N SER D 74 -47.73 -52.54 -28.86
CA SER D 74 -47.28 -53.05 -27.57
C SER D 74 -47.65 -52.09 -26.46
N THR D 75 -47.63 -52.61 -25.24
CA THR D 75 -47.89 -51.81 -24.05
C THR D 75 -46.63 -51.20 -23.46
N LYS D 76 -45.45 -51.53 -23.99
CA LYS D 76 -44.24 -50.84 -23.58
C LYS D 76 -44.29 -49.39 -24.04
N ARG D 77 -43.68 -48.51 -23.24
CA ARG D 77 -43.76 -47.07 -23.46
C ARG D 77 -45.20 -46.57 -23.43
N ARG D 78 -46.03 -47.24 -22.63
CA ARG D 78 -47.43 -46.87 -22.44
C ARG D 78 -47.77 -46.87 -20.96
N PRO D 79 -48.74 -46.07 -20.54
CA PRO D 79 -49.02 -45.93 -19.11
C PRO D 79 -49.49 -47.23 -18.46
N TYR D 80 -49.26 -47.30 -17.15
CA TYR D 80 -49.60 -48.49 -16.38
C TYR D 80 -51.11 -48.73 -16.38
N TRP D 81 -51.92 -47.68 -16.40
CA TRP D 81 -53.37 -47.89 -16.46
C TRP D 81 -53.77 -48.50 -17.79
N GLU D 82 -53.13 -48.09 -18.89
CA GLU D 82 -53.38 -48.74 -20.18
C GLU D 82 -52.92 -50.19 -20.16
N LYS D 83 -51.78 -50.46 -19.51
CA LYS D 83 -51.33 -51.84 -19.37
C LYS D 83 -52.36 -52.68 -18.63
N ASP D 84 -52.89 -52.15 -17.53
CA ASP D 84 -53.89 -52.87 -16.75
C ASP D 84 -55.17 -53.09 -17.54
N ILE D 85 -55.58 -52.09 -18.33
CA ILE D 85 -56.78 -52.24 -19.15
C ILE D 85 -56.56 -53.35 -20.18
N ILE D 86 -55.40 -53.36 -20.84
CA ILE D 86 -55.14 -54.41 -21.82
C ILE D 86 -55.02 -55.77 -21.14
N LYS D 87 -54.57 -55.82 -19.89
CA LYS D 87 -54.50 -57.09 -19.17
C LYS D 87 -55.90 -57.61 -18.84
N MET D 88 -56.77 -56.72 -18.34
CA MET D 88 -58.12 -57.13 -17.98
C MET D 88 -59.00 -57.38 -19.18
N LEU D 89 -58.63 -56.87 -20.36
CA LEU D 89 -59.37 -57.17 -21.57
C LEU D 89 -58.97 -58.50 -22.20
N GLY D 90 -57.99 -59.19 -21.64
CA GLY D 90 -57.57 -60.47 -22.19
C GLY D 90 -56.82 -60.38 -23.50
N LEU D 91 -56.13 -59.27 -23.75
CA LEU D 91 -55.40 -59.05 -24.98
C LEU D 91 -53.89 -59.16 -24.76
N GLU D 92 -53.48 -60.08 -23.89
CA GLU D 92 -52.06 -60.24 -23.60
C GLU D 92 -51.29 -60.69 -24.83
N LYS D 93 -51.85 -61.63 -25.59
CA LYS D 93 -51.21 -62.12 -26.80
C LYS D 93 -51.59 -61.25 -27.98
N ALA D 94 -50.60 -60.64 -28.62
CA ALA D 94 -50.87 -59.76 -29.74
C ALA D 94 -51.29 -60.55 -30.98
N HIS D 95 -52.01 -59.86 -31.87
CA HIS D 95 -52.49 -60.44 -33.12
C HIS D 95 -53.34 -61.69 -32.90
N THR D 96 -54.10 -61.69 -31.81
CA THR D 96 -55.03 -62.78 -31.51
C THR D 96 -56.39 -62.16 -31.21
N PRO D 97 -57.40 -62.42 -32.04
CA PRO D 97 -58.72 -61.78 -31.83
C PRO D 97 -59.37 -62.26 -30.55
N GLN D 98 -60.14 -61.36 -29.94
CA GLN D 98 -60.92 -61.65 -28.75
C GLN D 98 -62.33 -61.11 -28.93
N VAL D 99 -63.31 -61.82 -28.38
CA VAL D 99 -64.71 -61.46 -28.53
C VAL D 99 -65.19 -60.81 -27.23
N HIS D 100 -65.83 -59.65 -27.35
CA HIS D 100 -66.36 -58.93 -26.21
C HIS D 100 -67.76 -58.41 -26.54
N LYS D 101 -68.46 -57.96 -25.50
CA LYS D 101 -69.80 -57.43 -25.65
C LYS D 101 -69.76 -56.02 -26.23
N ASN D 102 -70.92 -55.55 -26.70
CA ASN D 102 -71.09 -54.19 -27.18
C ASN D 102 -71.70 -53.27 -26.12
N ILE D 103 -71.39 -53.52 -24.85
CA ILE D 103 -71.97 -52.76 -23.75
C ILE D 103 -71.08 -51.57 -23.42
N PRO D 104 -71.65 -50.46 -22.94
CA PRO D 104 -70.81 -49.29 -22.60
C PRO D 104 -69.77 -49.57 -21.54
N SER D 105 -70.00 -50.56 -20.67
CA SER D 105 -69.04 -50.86 -19.61
C SER D 105 -67.69 -51.26 -20.18
N VAL D 106 -67.69 -52.10 -21.21
CA VAL D 106 -66.44 -52.44 -21.89
C VAL D 106 -66.10 -51.41 -22.96
N ASN D 107 -67.10 -50.69 -23.48
CA ASN D 107 -66.81 -49.64 -24.44
C ASN D 107 -65.95 -48.55 -23.83
N ALA D 108 -66.11 -48.28 -22.53
CA ALA D 108 -65.27 -47.28 -21.87
C ALA D 108 -63.80 -47.67 -21.94
N LYS D 109 -63.48 -48.92 -21.59
CA LYS D 109 -62.10 -49.38 -21.67
C LYS D 109 -61.61 -49.42 -23.11
N LEU D 110 -62.48 -49.81 -24.05
CA LEU D 110 -62.08 -49.81 -25.45
C LEU D 110 -61.76 -48.41 -25.94
N LYS D 111 -62.52 -47.41 -25.48
CA LYS D 111 -62.19 -46.02 -25.77
C LYS D 111 -60.87 -45.62 -25.13
N VAL D 112 -60.61 -46.07 -23.90
CA VAL D 112 -59.38 -45.72 -23.21
C VAL D 112 -58.16 -46.23 -23.98
N VAL D 113 -58.24 -47.48 -24.47
CA VAL D 113 -57.09 -48.08 -25.14
C VAL D 113 -57.36 -48.26 -26.63
N LYS D 114 -58.15 -47.35 -27.22
CA LYS D 114 -58.50 -47.44 -28.62
C LYS D 114 -57.31 -47.25 -29.57
N HIS D 115 -56.22 -46.64 -29.10
CA HIS D 115 -55.07 -46.39 -29.94
C HIS D 115 -54.13 -47.59 -30.06
N LEU D 116 -54.45 -48.70 -29.39
CA LEU D 116 -53.64 -49.90 -29.45
C LEU D 116 -54.37 -51.11 -30.01
N ILE D 117 -55.63 -50.96 -30.43
CA ILE D 117 -56.44 -52.10 -30.84
C ILE D 117 -57.18 -51.78 -32.13
N ARG D 118 -57.51 -52.84 -32.85
CA ARG D 118 -58.41 -52.80 -33.99
C ARG D 118 -59.70 -53.52 -33.60
N ILE D 119 -60.83 -52.86 -33.82
CA ILE D 119 -62.14 -53.36 -33.41
C ILE D 119 -63.00 -53.53 -34.65
N LYS D 120 -63.64 -54.69 -34.76
CA LYS D 120 -64.53 -55.02 -35.86
C LYS D 120 -65.85 -55.56 -35.32
N PRO D 121 -66.95 -55.39 -36.06
CA PRO D 121 -68.22 -56.01 -35.65
C PRO D 121 -68.28 -57.47 -36.06
N LEU D 122 -68.75 -58.31 -35.13
CA LEU D 122 -68.87 -59.73 -35.42
C LEU D 122 -70.03 -59.96 -36.39
N LYS D 123 -69.76 -60.75 -37.43
CA LYS D 123 -70.75 -61.06 -38.45
C LYS D 123 -71.10 -62.54 -38.37
N LEU D 124 -72.39 -62.85 -38.48
CA LEU D 124 -72.90 -64.22 -38.39
C LEU D 124 -73.77 -64.50 -39.61
N PRO D 125 -73.15 -64.73 -40.77
CA PRO D 125 -73.95 -65.08 -41.95
C PRO D 125 -74.74 -66.36 -41.78
N GLN D 126 -74.21 -67.32 -41.02
CA GLN D 126 -74.87 -68.61 -40.80
C GLN D 126 -75.49 -68.72 -39.41
N GLY D 127 -75.54 -67.62 -38.68
CA GLY D 127 -76.17 -67.61 -37.37
C GLY D 127 -75.27 -68.14 -36.26
N LEU D 128 -75.85 -68.23 -35.07
CA LEU D 128 -75.12 -68.73 -33.92
C LEU D 128 -74.85 -70.23 -34.07
N PRO D 129 -73.60 -70.66 -33.93
CA PRO D 129 -73.30 -72.10 -33.96
C PRO D 129 -74.00 -72.83 -32.81
N THR D 130 -74.52 -74.01 -33.11
CA THR D 130 -75.15 -74.84 -32.09
C THR D 130 -74.12 -75.76 -31.45
N GLU D 131 -74.58 -76.58 -30.50
CA GLU D 131 -73.70 -77.55 -29.86
C GLU D 131 -73.19 -78.62 -30.82
N GLU D 132 -73.85 -78.80 -31.96
CA GLU D 132 -73.40 -79.77 -32.96
C GLU D 132 -72.40 -79.18 -33.94
N ASP D 133 -72.13 -77.88 -33.87
CA ASP D 133 -71.22 -77.21 -34.80
C ASP D 133 -70.09 -76.49 -34.09
N MET D 134 -69.88 -76.78 -32.80
CA MET D 134 -68.82 -76.11 -32.06
C MET D 134 -67.44 -76.55 -32.52
N ALA D 135 -67.30 -77.82 -32.93
CA ALA D 135 -66.00 -78.34 -33.34
C ALA D 135 -65.69 -78.07 -34.80
N ASN D 136 -66.62 -77.52 -35.57
CA ASN D 136 -66.43 -77.27 -36.99
C ASN D 136 -66.53 -75.79 -37.34
N THR D 137 -66.25 -74.92 -36.37
CA THR D 137 -66.35 -73.48 -36.60
C THR D 137 -64.98 -72.89 -36.92
N CYS D 138 -65.00 -71.72 -37.55
CA CYS D 138 -63.78 -71.00 -37.89
C CYS D 138 -64.08 -69.51 -37.96
N LEU D 139 -63.04 -68.71 -37.82
CA LEU D 139 -63.16 -67.25 -37.84
C LEU D 139 -62.36 -66.71 -39.02
N LYS D 140 -63.06 -66.29 -40.07
CA LYS D 140 -62.41 -65.70 -41.23
C LYS D 140 -61.88 -64.32 -40.88
N SER D 141 -60.83 -63.89 -41.58
CA SER D 141 -60.18 -62.61 -41.30
C SER D 141 -61.05 -61.41 -41.66
N ASN D 142 -62.06 -61.58 -42.52
CA ASN D 142 -62.88 -60.44 -42.91
C ASN D 142 -63.81 -59.98 -41.81
N GLY D 143 -63.95 -60.73 -40.73
CA GLY D 143 -64.81 -60.36 -39.63
C GLY D 143 -66.08 -61.18 -39.47
N GLU D 144 -66.21 -62.31 -40.16
CA GLU D 144 -67.38 -63.16 -40.07
C GLU D 144 -67.01 -64.51 -39.46
N LEU D 145 -67.98 -65.12 -38.81
CA LEU D 145 -67.81 -66.42 -38.16
C LEU D 145 -68.58 -67.45 -38.98
N VAL D 146 -67.86 -68.40 -39.57
CA VAL D 146 -68.47 -69.45 -40.37
C VAL D 146 -68.78 -70.63 -39.46
N VAL D 147 -70.02 -71.12 -39.54
CA VAL D 147 -70.47 -72.22 -38.71
C VAL D 147 -70.02 -73.57 -39.27
N ARG D 148 -70.21 -73.77 -40.57
CA ARG D 148 -69.82 -75.02 -41.23
C ARG D 148 -68.53 -74.76 -41.97
N TRP D 149 -67.43 -75.32 -41.47
CA TRP D 149 -66.10 -75.12 -42.03
C TRP D 149 -65.50 -76.48 -42.38
N LEU D 150 -65.01 -76.60 -43.62
CA LEU D 150 -64.37 -77.82 -44.12
C LEU D 150 -65.31 -79.02 -44.01
N LEU D 151 -66.38 -78.96 -44.79
CA LEU D 151 -67.33 -80.07 -44.88
C LEU D 151 -66.69 -81.22 -45.65
N ASN D 152 -66.27 -82.24 -44.92
CA ASN D 152 -65.58 -83.40 -45.50
C ASN D 152 -64.35 -82.99 -46.31
N ASP E 35 -97.23 24.84 6.90
CA ASP E 35 -96.34 23.68 6.99
C ASP E 35 -95.11 24.00 7.82
N CYS E 36 -95.01 25.25 8.28
CA CYS E 36 -93.86 25.65 9.09
C CYS E 36 -93.90 25.04 10.49
N ASN E 37 -95.06 24.54 10.93
CA ASN E 37 -95.20 23.91 12.23
C ASN E 37 -94.95 22.41 12.18
N ARG E 38 -94.17 21.94 11.20
CA ARG E 38 -93.94 20.51 11.05
C ARG E 38 -93.03 19.97 12.14
N ALA E 39 -91.80 20.48 12.20
CA ALA E 39 -90.80 20.01 13.15
C ALA E 39 -90.63 20.94 14.34
N LEU E 40 -91.67 21.68 14.70
CA LEU E 40 -91.60 22.63 15.80
C LEU E 40 -91.93 21.99 17.14
N LEU E 41 -92.85 21.02 17.15
CA LEU E 41 -93.30 20.40 18.40
C LEU E 41 -92.33 19.27 18.77
N THR E 42 -91.23 19.66 19.41
CA THR E 42 -90.21 18.72 19.86
C THR E 42 -89.60 19.23 21.16
N ARG E 43 -88.92 18.32 21.85
CA ARG E 43 -88.25 18.62 23.11
C ARG E 43 -86.81 18.15 23.05
N LEU E 44 -86.10 18.32 24.17
CA LEU E 44 -84.72 17.82 24.28
C LEU E 44 -84.76 16.33 24.57
N HIS E 45 -84.21 15.52 23.66
CA HIS E 45 -84.21 14.08 23.80
C HIS E 45 -83.05 13.55 24.63
N ARG E 46 -82.40 14.40 25.40
CA ARG E 46 -81.28 14.00 26.25
C ARG E 46 -81.76 13.76 27.68
N GLN E 47 -80.90 13.15 28.47
CA GLN E 47 -81.23 12.77 29.84
C GLN E 47 -80.93 13.90 30.83
N THR E 48 -79.68 14.35 30.87
CA THR E 48 -79.24 15.37 31.81
C THR E 48 -79.22 16.73 31.10
N TYR E 49 -80.11 17.63 31.52
CA TYR E 49 -80.18 18.96 30.95
C TYR E 49 -80.89 19.88 31.93
N ALA E 50 -80.60 21.17 31.81
CA ALA E 50 -81.23 22.16 32.65
C ALA E 50 -82.58 22.59 32.08
N ARG E 51 -83.40 23.20 32.93
CA ARG E 51 -84.72 23.63 32.50
C ARG E 51 -84.61 24.84 31.59
N LEU E 52 -85.30 24.79 30.46
CA LEU E 52 -85.31 25.86 29.48
C LEU E 52 -86.69 26.50 29.42
N TYR E 53 -86.71 27.77 29.04
CA TYR E 53 -87.95 28.54 29.02
C TYR E 53 -88.13 29.21 27.67
N PRO E 54 -89.37 29.36 27.21
CA PRO E 54 -89.63 29.97 25.89
C PRO E 54 -89.49 31.49 25.90
N VAL E 55 -88.25 31.96 25.90
CA VAL E 55 -87.99 33.39 25.88
C VAL E 55 -88.25 33.94 24.48
N LEU E 56 -88.63 35.21 24.43
CA LEU E 56 -88.93 35.89 23.16
C LEU E 56 -87.75 36.78 22.80
N LEU E 57 -87.04 36.40 21.75
CA LEU E 57 -85.86 37.13 21.30
C LEU E 57 -86.21 37.99 20.09
N VAL E 58 -85.94 39.29 20.19
CA VAL E 58 -86.18 40.23 19.11
C VAL E 58 -84.84 40.73 18.60
N LYS E 59 -84.60 40.54 17.31
CA LYS E 59 -83.34 40.95 16.69
C LYS E 59 -83.43 42.43 16.33
N GLN E 60 -82.43 42.93 15.61
CA GLN E 60 -82.46 44.28 15.07
C GLN E 60 -83.23 44.35 13.77
N ASP E 61 -84.48 43.89 13.78
CA ASP E 61 -85.36 44.07 12.64
C ASP E 61 -86.79 44.44 13.02
N GLY E 62 -87.21 44.17 14.25
CA GLY E 62 -88.59 44.28 14.62
C GLY E 62 -89.37 42.98 14.64
N SER E 63 -88.70 41.86 14.46
CA SER E 63 -89.33 40.54 14.48
C SER E 63 -88.89 39.77 15.72
N THR E 64 -89.75 38.88 16.19
CA THR E 64 -89.49 38.10 17.40
C THR E 64 -89.56 36.61 17.09
N ILE E 65 -88.78 35.84 17.85
CA ILE E 65 -88.75 34.38 17.76
C ILE E 65 -88.78 33.81 19.17
N HIS E 66 -89.10 32.52 19.27
CA HIS E 66 -89.15 31.81 20.54
C HIS E 66 -87.93 30.91 20.67
N ILE E 67 -87.23 31.03 21.79
CA ILE E 67 -86.00 30.27 22.03
C ILE E 67 -86.09 29.63 23.41
N ARG E 68 -85.78 28.34 23.48
CA ARG E 68 -85.69 27.65 24.77
C ARG E 68 -84.40 28.05 25.45
N TYR E 69 -84.50 28.81 26.54
CA TYR E 69 -83.33 29.38 27.19
C TYR E 69 -83.53 29.44 28.69
N ARG E 70 -82.47 29.20 29.44
CA ARG E 70 -82.50 29.30 30.89
C ARG E 70 -82.65 30.76 31.30
N GLU E 71 -82.71 31.00 32.63
CA GLU E 71 -82.87 32.34 33.17
C GLU E 71 -84.16 32.94 32.62
N PRO E 72 -85.32 32.53 33.13
CA PRO E 72 -86.58 32.79 32.41
C PRO E 72 -86.95 34.25 32.30
N ARG E 73 -86.18 34.99 31.52
CA ARG E 73 -86.51 36.37 31.20
C ARG E 73 -87.58 36.39 30.12
N ARG E 74 -88.54 37.31 30.26
CA ARG E 74 -89.67 37.34 29.36
C ARG E 74 -89.30 37.83 27.96
N MET E 75 -88.21 38.59 27.82
CA MET E 75 -87.84 39.12 26.52
C MET E 75 -86.35 39.40 26.48
N LEU E 76 -85.71 39.05 25.36
CA LEU E 76 -84.32 39.35 25.10
C LEU E 76 -84.21 40.14 23.81
N THR E 77 -83.26 41.08 23.79
CA THR E 77 -83.08 41.98 22.66
C THR E 77 -81.66 41.86 22.11
N MET E 78 -81.57 41.81 20.78
CA MET E 78 -80.29 41.78 20.10
C MET E 78 -79.85 43.20 19.82
N PRO E 79 -78.72 43.65 20.35
CA PRO E 79 -78.22 44.99 20.06
C PRO E 79 -77.29 44.99 18.85
N VAL E 80 -76.78 46.18 18.53
CA VAL E 80 -75.87 46.35 17.40
C VAL E 80 -74.97 47.57 17.62
N ASP E 81 -73.65 47.37 17.53
CA ASP E 81 -72.71 48.48 17.59
C ASP E 81 -71.56 48.28 16.61
N LEU E 82 -71.73 47.40 15.61
CA LEU E 82 -70.66 47.09 14.68
C LEU E 82 -71.11 46.97 13.23
N ASP E 83 -72.38 47.22 12.93
CA ASP E 83 -72.85 47.09 11.55
C ASP E 83 -72.36 48.24 10.68
N SER E 84 -72.31 49.44 11.24
CA SER E 84 -71.99 50.63 10.46
C SER E 84 -70.52 51.00 10.60
N LEU E 85 -70.07 51.96 9.80
CA LEU E 85 -68.70 52.41 9.81
C LEU E 85 -68.53 53.55 10.81
N SER E 86 -67.36 54.20 10.79
CA SER E 86 -67.04 55.24 11.76
C SER E 86 -67.90 56.49 11.63
N PRO E 87 -68.19 56.95 10.40
CA PRO E 87 -69.02 58.13 10.21
C PRO E 87 -70.46 57.90 10.69
N GLU E 88 -71.03 56.76 10.34
CA GLU E 88 -72.39 56.46 10.79
C GLU E 88 -72.43 56.20 12.29
N GLU E 89 -71.38 55.60 12.85
CA GLU E 89 -71.31 55.41 14.30
C GLU E 89 -71.27 56.76 15.01
N ARG E 90 -70.48 57.71 14.49
CA ARG E 90 -70.43 59.04 15.08
C ARG E 90 -71.77 59.75 14.94
N ARG E 91 -72.44 59.58 13.80
CA ARG E 91 -73.76 60.17 13.61
C ARG E 91 -74.77 59.60 14.62
N ALA E 92 -74.72 58.28 14.82
CA ALA E 92 -75.63 57.67 15.81
C ALA E 92 -75.31 58.14 17.23
N ARG E 93 -74.03 58.28 17.55
CA ARG E 93 -73.65 58.79 18.87
C ARG E 93 -74.14 60.22 19.06
N PHE E 94 -74.02 61.06 18.03
CA PHE E 94 -74.54 62.41 18.12
C PHE E 94 -76.05 62.43 18.27
N ARG E 95 -76.76 61.54 17.55
CA ARG E 95 -78.20 61.47 17.67
C ARG E 95 -78.63 61.02 19.07
N LYS E 96 -77.91 60.07 19.65
CA LYS E 96 -78.23 59.59 20.99
C LYS E 96 -77.85 60.62 22.05
N ALA F 79 11.83 -47.19 -22.26
CA ALA F 79 10.47 -47.58 -22.58
C ALA F 79 10.22 -49.06 -22.28
N ALA F 80 9.02 -49.36 -21.84
CA ALA F 80 8.63 -50.73 -21.51
C ALA F 80 7.71 -51.30 -22.57
N PRO F 81 7.76 -52.61 -22.81
CA PRO F 81 6.84 -53.21 -23.78
C PRO F 81 5.40 -53.08 -23.32
N LYS F 82 4.50 -52.93 -24.30
CA LYS F 82 3.08 -52.74 -23.98
C LYS F 82 2.35 -54.07 -23.83
N ASN F 83 2.68 -55.06 -24.68
CA ASN F 83 2.03 -56.35 -24.64
C ASN F 83 3.05 -57.44 -24.96
N ARG F 84 2.74 -58.65 -24.52
CA ARG F 84 3.62 -59.79 -24.78
C ARG F 84 3.59 -60.16 -26.25
N ARG F 85 4.78 -60.31 -26.84
CA ARG F 85 4.88 -60.70 -28.23
C ARG F 85 4.59 -62.20 -28.37
N SER F 86 3.76 -62.55 -29.34
CA SER F 86 3.32 -63.92 -29.50
C SER F 86 4.41 -64.78 -30.15
N ILE F 87 4.21 -66.10 -30.06
CA ILE F 87 5.17 -67.04 -30.61
C ILE F 87 5.24 -66.93 -32.13
N GLU F 88 4.12 -66.64 -32.80
CA GLU F 88 4.14 -66.47 -34.24
C GLU F 88 5.01 -65.29 -34.64
N VAL F 89 4.85 -64.17 -33.93
CA VAL F 89 5.67 -62.98 -34.22
C VAL F 89 7.13 -63.28 -33.92
N ASN F 90 7.41 -63.97 -32.81
CA ASN F 90 8.79 -64.30 -32.48
C ASN F 90 9.43 -65.17 -33.55
N ARG F 91 8.70 -66.17 -34.05
CA ARG F 91 9.21 -67.02 -35.12
C ARG F 91 9.45 -66.22 -36.39
N CYS F 92 8.48 -65.37 -36.77
CA CYS F 92 8.65 -64.57 -37.97
C CYS F 92 9.83 -63.61 -37.85
N ARG F 93 10.17 -63.21 -36.62
CA ARG F 93 11.28 -62.30 -36.43
C ARG F 93 12.63 -63.02 -36.46
N ARG F 94 12.73 -64.17 -35.78
CA ARG F 94 14.02 -64.83 -35.61
C ARG F 94 14.17 -66.08 -36.48
N ARG F 95 13.34 -66.23 -37.51
CA ARG F 95 13.58 -67.24 -38.53
C ARG F 95 13.73 -66.64 -39.92
N ASN F 96 13.85 -65.31 -40.02
CA ASN F 96 14.06 -64.67 -41.30
C ASN F 96 15.42 -65.08 -41.87
N PRO F 97 15.53 -65.20 -43.20
CA PRO F 97 16.83 -65.59 -43.79
C PRO F 97 17.96 -64.63 -43.46
N GLN F 98 17.66 -63.38 -43.12
CA GLN F 98 18.71 -62.45 -42.71
C GLN F 98 19.41 -62.93 -41.45
N LYS F 99 18.65 -63.45 -40.48
CA LYS F 99 19.23 -64.01 -39.26
C LYS F 99 19.69 -65.44 -39.43
N LEU F 100 19.34 -66.10 -40.53
CA LEU F 100 19.77 -67.46 -40.77
C LEU F 100 21.21 -67.49 -41.27
N ILE F 101 21.91 -68.57 -40.95
CA ILE F 101 23.30 -68.72 -41.37
C ILE F 101 23.35 -69.08 -42.85
N LYS F 102 24.09 -68.30 -43.63
CA LYS F 102 24.20 -68.55 -45.06
C LYS F 102 25.23 -69.65 -45.32
N VAL F 103 24.96 -70.43 -46.37
CA VAL F 103 25.86 -71.52 -46.75
C VAL F 103 27.02 -70.94 -47.56
N LYS F 104 28.24 -71.32 -47.20
CA LYS F 104 29.43 -70.85 -47.88
C LYS F 104 29.81 -71.83 -48.97
N ASN F 105 29.98 -71.32 -50.19
CA ASN F 105 30.28 -72.13 -51.36
C ASN F 105 31.75 -72.07 -51.77
N ASN F 106 32.62 -71.55 -50.91
CA ASN F 106 34.04 -71.44 -51.20
C ASN F 106 34.86 -72.56 -50.54
N ILE F 107 34.20 -73.59 -50.03
CA ILE F 107 34.89 -74.68 -49.36
C ILE F 107 35.51 -75.60 -50.40
N ASP F 108 36.80 -75.91 -50.23
CA ASP F 108 37.52 -76.79 -51.13
C ASP F 108 38.43 -77.69 -50.29
N VAL F 109 39.02 -78.67 -50.96
CA VAL F 109 39.93 -79.61 -50.30
C VAL F 109 41.35 -79.26 -50.71
N CYS F 110 42.28 -79.45 -49.77
CA CYS F 110 43.68 -79.16 -50.05
C CYS F 110 44.26 -80.24 -50.95
N PRO F 111 44.85 -79.87 -52.10
CA PRO F 111 45.47 -80.89 -52.95
C PRO F 111 46.63 -81.62 -52.29
N GLU F 112 47.25 -81.04 -51.27
CA GLU F 112 48.42 -81.64 -50.65
C GLU F 112 48.05 -82.71 -49.64
N CYS F 113 47.32 -82.32 -48.59
CA CYS F 113 46.97 -83.23 -47.51
C CYS F 113 45.53 -83.72 -47.53
N GLY F 114 44.70 -83.18 -48.42
CA GLY F 114 43.33 -83.64 -48.52
C GLY F 114 42.38 -83.06 -47.50
N HIS F 115 42.81 -82.10 -46.68
CA HIS F 115 41.94 -81.50 -45.69
C HIS F 115 41.17 -80.33 -46.30
N LEU F 116 40.19 -79.83 -45.55
CA LEU F 116 39.30 -78.79 -46.03
C LEU F 116 39.94 -77.41 -45.85
N LYS F 117 39.73 -76.54 -46.84
CA LYS F 117 40.24 -75.18 -46.79
C LYS F 117 39.40 -74.31 -47.71
N GLN F 118 39.47 -73.01 -47.48
CA GLN F 118 38.81 -72.06 -48.36
C GLN F 118 39.75 -71.63 -49.49
N LYS F 119 39.17 -71.15 -50.58
CA LYS F 119 39.96 -70.80 -51.75
C LYS F 119 40.84 -69.59 -51.53
N HIS F 120 40.40 -68.62 -50.72
CA HIS F 120 41.17 -67.42 -50.46
C HIS F 120 41.96 -67.49 -49.17
N ILE F 121 41.95 -68.63 -48.48
CA ILE F 121 42.67 -68.80 -47.22
C ILE F 121 43.62 -69.97 -47.36
N LEU F 122 44.76 -69.88 -46.68
CA LEU F 122 45.73 -70.96 -46.69
C LEU F 122 45.19 -72.18 -45.95
N CYS F 123 45.76 -73.33 -46.25
CA CYS F 123 45.32 -74.57 -45.62
C CYS F 123 45.76 -74.61 -44.16
N GLY F 124 44.82 -74.93 -43.27
CA GLY F 124 45.14 -74.97 -41.85
C GLY F 124 46.17 -76.03 -41.50
N TYR F 125 46.02 -77.22 -42.09
CA TYR F 125 46.93 -78.32 -41.79
C TYR F 125 48.35 -78.00 -42.25
N CYS F 126 48.51 -77.54 -43.49
CA CYS F 126 49.83 -77.20 -44.00
C CYS F 126 50.43 -76.03 -43.23
N TYR F 127 49.61 -75.04 -42.90
CA TYR F 127 50.11 -73.92 -42.11
C TYR F 127 50.55 -74.36 -40.73
N GLU F 128 49.85 -75.33 -40.13
CA GLU F 128 50.25 -75.87 -38.84
C GLU F 128 51.59 -76.59 -38.96
N LYS F 129 51.78 -77.37 -40.02
CA LYS F 129 53.07 -78.03 -40.24
C LYS F 129 54.18 -76.99 -40.35
N VAL F 130 53.96 -75.95 -41.16
CA VAL F 130 54.97 -74.92 -41.35
C VAL F 130 55.26 -74.20 -40.04
N ARG F 131 54.21 -73.92 -39.26
CA ARG F 131 54.39 -73.24 -37.98
C ARG F 131 55.19 -74.09 -37.01
N LYS F 132 54.92 -75.40 -36.96
CA LYS F 132 55.69 -76.28 -36.10
C LYS F 132 57.16 -76.30 -36.50
N GLU F 133 57.42 -76.44 -37.80
CA GLU F 133 58.81 -76.46 -38.26
C GLU F 133 59.52 -75.15 -37.96
N THR F 134 58.84 -74.03 -38.20
CA THR F 134 59.43 -72.73 -37.93
C THR F 134 59.68 -72.53 -36.44
N ALA F 135 58.76 -73.00 -35.60
CA ALA F 135 58.95 -72.90 -34.15
C ALA F 135 60.17 -73.69 -33.71
N GLU F 136 60.34 -74.91 -34.25
CA GLU F 136 61.52 -75.69 -33.90
C GLU F 136 62.80 -74.99 -34.37
N ILE F 137 62.80 -74.46 -35.59
CA ILE F 137 63.99 -73.80 -36.13
C ILE F 137 64.34 -72.58 -35.29
N ARG F 138 63.34 -71.77 -34.95
CA ARG F 138 63.61 -70.58 -34.15
C ARG F 138 64.03 -70.94 -32.74
N ARG F 139 63.48 -72.02 -32.18
CA ARG F 139 63.92 -72.48 -30.86
C ARG F 139 65.38 -72.86 -30.89
N GLN F 140 65.81 -73.57 -31.93
CA GLN F 140 67.22 -73.93 -32.02
C GLN F 140 68.11 -72.72 -32.25
N MET F 141 67.68 -71.78 -33.09
CA MET F 141 68.49 -70.60 -33.34
C MET F 141 68.56 -69.68 -32.12
N GLY F 142 67.55 -69.70 -31.26
CA GLY F 142 67.63 -68.99 -29.99
C GLY F 142 68.41 -69.72 -28.93
N LYS F 143 68.44 -71.05 -28.98
CA LYS F 143 69.36 -71.80 -28.14
C LYS F 143 70.81 -71.51 -28.52
N GLN F 144 71.08 -71.30 -29.81
CA GLN F 144 72.42 -70.95 -30.24
C GLN F 144 72.88 -69.61 -29.67
N GLU F 145 71.97 -68.65 -29.55
CA GLU F 145 72.30 -67.31 -29.06
C GLU F 145 71.99 -67.26 -27.56
N GLY F 146 73.04 -67.15 -26.75
CA GLY F 146 72.87 -67.17 -25.31
C GLY F 146 72.28 -65.92 -24.71
N GLY F 147 72.14 -64.85 -25.47
CA GLY F 147 71.61 -63.61 -24.96
C GLY F 147 70.39 -63.12 -25.72
N PRO F 148 69.62 -62.23 -25.11
CA PRO F 148 68.41 -61.72 -25.77
C PRO F 148 68.71 -60.72 -26.88
N PHE F 149 69.81 -59.98 -26.74
CA PHE F 149 70.19 -58.96 -27.70
C PHE F 149 71.33 -59.40 -28.61
N ARG F 150 71.60 -60.69 -28.68
CA ARG F 150 72.68 -61.23 -29.51
C ARG F 150 72.06 -61.76 -30.80
N ALA F 151 71.87 -60.86 -31.77
CA ALA F 151 71.29 -61.21 -33.05
C ALA F 151 72.38 -61.30 -34.12
N PRO F 152 72.26 -62.26 -35.05
CA PRO F 152 73.29 -62.39 -36.09
C PRO F 152 73.31 -61.18 -37.01
N THR F 153 74.52 -60.78 -37.41
CA THR F 153 74.71 -59.67 -38.33
C THR F 153 74.77 -60.12 -39.79
N THR F 154 74.74 -61.43 -40.04
CA THR F 154 74.80 -61.97 -41.39
C THR F 154 73.58 -62.84 -41.65
N GLU F 155 73.54 -63.41 -42.84
CA GLU F 155 72.43 -64.29 -43.22
C GLU F 155 72.51 -65.60 -42.45
N THR F 156 71.39 -66.31 -42.38
CA THR F 156 71.29 -67.58 -41.68
C THR F 156 70.77 -68.65 -42.64
N VAL F 157 71.24 -69.88 -42.44
CA VAL F 157 70.86 -71.03 -43.25
C VAL F 157 70.60 -72.20 -42.31
N VAL F 158 69.51 -72.92 -42.54
CA VAL F 158 69.15 -74.10 -41.75
C VAL F 158 69.34 -75.34 -42.61
N LEU F 159 70.02 -76.33 -42.07
CA LEU F 159 70.28 -77.60 -42.75
C LEU F 159 69.87 -78.75 -41.84
N TYR F 160 69.53 -79.86 -42.46
CA TYR F 160 69.09 -81.06 -41.76
C TYR F 160 70.22 -82.10 -41.77
N SER F 161 70.02 -83.18 -41.02
CA SER F 161 70.99 -84.26 -41.00
C SER F 161 71.23 -84.82 -42.39
N GLY F 162 72.50 -85.12 -42.69
CA GLY F 162 72.86 -85.60 -44.01
C GLY F 162 73.04 -84.51 -45.06
N GLU F 163 73.35 -83.29 -44.63
CA GLU F 163 73.55 -82.17 -45.53
C GLU F 163 74.82 -81.42 -45.15
N THR F 164 75.44 -80.79 -46.14
CA THR F 164 76.63 -80.00 -45.94
C THR F 164 76.45 -78.62 -46.57
N PRO F 165 77.04 -77.58 -45.99
CA PRO F 165 76.92 -76.24 -46.58
C PRO F 165 77.62 -76.17 -47.92
N SER F 166 76.99 -75.51 -48.88
CA SER F 166 77.57 -75.31 -50.20
C SER F 166 78.47 -74.08 -50.20
N GLU F 167 79.06 -73.79 -51.36
CA GLU F 167 79.94 -72.63 -51.47
C GLU F 167 79.17 -71.32 -51.29
N GLN F 168 77.96 -71.23 -51.82
CA GLN F 168 77.14 -70.04 -51.65
C GLN F 168 76.52 -69.95 -50.26
N ASP F 169 76.38 -71.07 -49.54
CA ASP F 169 75.85 -71.07 -48.19
C ASP F 169 76.92 -70.86 -47.13
N GLN F 170 78.20 -70.85 -47.52
CA GLN F 170 79.28 -70.67 -46.56
C GLN F 170 79.39 -69.21 -46.14
N GLY F 171 79.98 -68.99 -44.97
CA GLY F 171 80.14 -67.66 -44.43
C GLY F 171 78.93 -67.13 -43.70
N LYS F 172 77.83 -67.89 -43.64
CA LYS F 172 76.61 -67.48 -42.97
C LYS F 172 76.41 -68.31 -41.71
N ARG F 173 75.56 -67.80 -40.82
CA ARG F 173 75.21 -68.54 -39.62
C ARG F 173 74.51 -69.84 -40.01
N ILE F 174 74.82 -70.91 -39.29
CA ILE F 174 74.39 -72.26 -39.67
C ILE F 174 73.60 -72.86 -38.52
N ILE F 175 72.41 -73.38 -38.83
CA ILE F 175 71.60 -74.14 -37.89
C ILE F 175 71.55 -75.58 -38.38
N GLU F 176 71.78 -76.53 -37.48
CA GLU F 176 71.81 -77.95 -37.84
C GLU F 176 70.71 -78.69 -37.08
N ARG F 177 69.89 -79.43 -37.82
CA ARG F 177 68.78 -80.16 -37.23
C ARG F 177 68.99 -81.66 -37.34
N GLU F 178 68.59 -82.37 -36.29
CA GLU F 178 68.63 -83.83 -36.29
C GLU F 178 67.57 -84.43 -37.20
N ARG F 179 66.42 -83.77 -37.34
CA ARG F 179 65.38 -84.23 -38.25
C ARG F 179 65.87 -84.17 -39.69
N LYS F 180 65.33 -85.05 -40.52
CA LYS F 180 65.64 -85.01 -41.94
C LYS F 180 64.86 -83.88 -42.63
N ARG F 181 65.30 -83.54 -43.83
CA ARG F 181 64.68 -82.46 -44.58
C ARG F 181 63.27 -82.86 -45.01
N PRO F 182 62.25 -82.06 -44.69
CA PRO F 182 60.89 -82.37 -45.13
C PRO F 182 60.74 -82.24 -46.64
N SER F 183 59.73 -82.93 -47.17
CA SER F 183 59.47 -82.89 -48.60
C SER F 183 59.06 -81.49 -49.06
N TRP F 184 58.25 -80.79 -48.28
CA TRP F 184 57.82 -79.46 -48.68
C TRP F 184 58.95 -78.44 -48.61
N PHE F 185 59.95 -78.67 -47.76
CA PHE F 185 61.06 -77.76 -47.61
C PHE F 185 62.10 -78.06 -48.69
N THR F 186 62.34 -77.09 -49.57
CA THR F 186 63.26 -77.26 -50.68
C THR F 186 64.64 -76.72 -50.30
N GLN F 187 65.68 -77.34 -50.88
CA GLN F 187 67.04 -76.91 -50.62
C GLN F 187 67.26 -75.47 -51.07
N ASN F 188 67.08 -75.21 -52.37
CA ASN F 188 67.26 -73.88 -52.94
C ASN F 188 68.63 -73.29 -52.65
N SER G 13 -42.00 -8.39 31.35
CA SER G 13 -42.91 -9.11 32.23
C SER G 13 -42.57 -10.59 32.29
N LYS G 14 -42.02 -11.02 33.42
CA LYS G 14 -41.66 -12.42 33.61
C LYS G 14 -42.61 -13.10 34.58
N THR G 15 -43.07 -14.29 34.18
CA THR G 15 -44.05 -15.04 34.93
C THR G 15 -43.38 -15.86 36.04
N ILE G 16 -44.20 -16.60 36.78
CA ILE G 16 -43.72 -17.41 37.89
C ILE G 16 -44.63 -18.63 38.04
N LEU G 17 -44.04 -19.79 38.30
CA LEU G 17 -44.77 -21.03 38.48
C LEU G 17 -44.93 -21.30 39.97
N VAL G 18 -46.19 -21.45 40.41
CA VAL G 18 -46.50 -21.57 41.83
C VAL G 18 -47.26 -22.88 42.07
N LYS G 19 -46.86 -23.61 43.10
CA LYS G 19 -47.55 -24.81 43.54
C LYS G 19 -48.53 -24.44 44.65
N MET G 20 -49.81 -24.73 44.42
CA MET G 20 -50.88 -24.37 45.34
C MET G 20 -51.52 -25.65 45.87
N MET G 21 -51.72 -25.70 47.19
CA MET G 21 -52.34 -26.84 47.85
C MET G 21 -53.79 -26.52 48.21
N SER G 22 -54.57 -27.58 48.38
CA SER G 22 -55.97 -27.42 48.75
C SER G 22 -56.09 -26.99 50.22
N GLN G 23 -57.22 -26.37 50.53
CA GLN G 23 -57.56 -25.98 51.89
C GLN G 23 -58.55 -26.93 52.54
N ALA G 24 -58.84 -28.08 51.92
CA ALA G 24 -59.78 -29.05 52.45
C ALA G 24 -59.12 -30.06 53.37
N GLY G 25 -57.85 -29.86 53.73
CA GLY G 25 -57.13 -30.79 54.57
C GLY G 25 -56.48 -31.91 53.79
N THR G 26 -57.14 -32.38 52.75
CA THR G 26 -56.58 -33.42 51.91
C THR G 26 -55.37 -32.90 51.14
N GLY G 27 -54.33 -33.72 51.04
CA GLY G 27 -53.15 -33.35 50.29
C GLY G 27 -53.36 -33.38 48.80
N PHE G 28 -53.45 -32.20 48.19
CA PHE G 28 -53.67 -32.11 46.75
C PHE G 28 -53.12 -30.76 46.27
N SER G 29 -52.05 -30.81 45.48
CA SER G 29 -51.38 -29.61 45.00
C SER G 29 -51.33 -29.62 43.48
N PHE G 30 -51.40 -28.42 42.90
CA PHE G 30 -51.31 -28.26 41.45
C PHE G 30 -50.50 -27.01 41.14
N ASN G 31 -49.91 -27.00 39.94
CA ASN G 31 -49.04 -25.91 39.52
C ASN G 31 -49.80 -24.94 38.63
N THR G 32 -49.49 -23.66 38.77
CA THR G 32 -50.17 -22.60 38.03
C THR G 32 -49.17 -21.53 37.62
N LYS G 33 -49.37 -20.98 36.43
CA LYS G 33 -48.55 -19.86 35.97
C LYS G 33 -49.16 -18.55 36.42
N ARG G 34 -48.32 -17.68 37.00
CA ARG G 34 -48.77 -16.42 37.56
C ARG G 34 -47.79 -15.32 37.18
N SER G 35 -48.24 -14.08 37.30
CA SER G 35 -47.38 -12.93 37.11
C SER G 35 -46.64 -12.61 38.41
N ARG G 36 -45.37 -12.21 38.26
CA ARG G 36 -44.55 -11.91 39.42
C ARG G 36 -45.04 -10.66 40.16
N LEU G 37 -45.60 -9.70 39.43
CA LEU G 37 -46.05 -8.44 40.03
C LEU G 37 -47.34 -8.59 40.83
N ARG G 38 -48.00 -9.75 40.76
CA ARG G 38 -49.28 -9.93 41.41
C ARG G 38 -49.10 -10.37 42.86
N GLU G 39 -50.19 -10.35 43.61
CA GLU G 39 -50.18 -10.72 45.02
C GLU G 39 -50.16 -12.24 45.14
N LYS G 40 -50.31 -12.74 46.36
CA LYS G 40 -50.41 -14.18 46.58
C LYS G 40 -51.68 -14.71 45.93
N LEU G 41 -51.56 -15.81 45.21
CA LEU G 41 -52.67 -16.34 44.43
C LEU G 41 -53.62 -17.11 45.33
N THR G 42 -54.93 -16.87 45.17
CA THR G 42 -55.95 -17.58 45.92
C THR G 42 -57.17 -17.69 45.03
N LEU G 43 -57.48 -18.91 44.58
CA LEU G 43 -58.51 -19.14 43.58
C LEU G 43 -59.45 -20.24 44.07
N LEU G 44 -60.46 -20.54 43.26
CA LEU G 44 -61.40 -21.62 43.51
C LEU G 44 -61.17 -22.70 42.45
N HIS G 45 -60.69 -23.86 42.90
CA HIS G 45 -60.40 -24.99 42.02
C HIS G 45 -61.28 -26.17 42.41
N TYR G 46 -61.10 -27.28 41.71
CA TYR G 46 -61.87 -28.50 41.94
C TYR G 46 -60.98 -29.57 42.54
N ASP G 47 -61.40 -30.14 43.67
CA ASP G 47 -60.65 -31.19 44.33
C ASP G 47 -61.33 -32.53 44.10
N PRO G 48 -60.70 -33.46 43.39
CA PRO G 48 -61.31 -34.78 43.18
C PRO G 48 -61.28 -35.68 44.40
N VAL G 49 -60.40 -35.42 45.38
CA VAL G 49 -60.38 -36.23 46.59
C VAL G 49 -61.68 -36.05 47.37
N VAL G 50 -62.08 -34.78 47.57
CA VAL G 50 -63.39 -34.50 48.16
C VAL G 50 -64.44 -34.22 47.10
N LYS G 51 -64.05 -34.14 45.83
CA LYS G 51 -64.97 -33.92 44.71
C LYS G 51 -65.78 -32.64 44.93
N LYS G 52 -65.10 -31.56 45.30
CA LYS G 52 -65.78 -30.34 45.69
C LYS G 52 -65.04 -29.12 45.16
N LYS G 53 -65.77 -28.00 45.11
CA LYS G 53 -65.19 -26.71 44.74
C LYS G 53 -64.52 -26.14 45.98
N VAL G 54 -63.18 -26.17 46.00
CA VAL G 54 -62.41 -25.82 47.17
C VAL G 54 -61.58 -24.58 46.88
N LEU G 55 -61.19 -23.88 47.95
CA LEU G 55 -60.31 -22.73 47.85
C LEU G 55 -58.86 -23.19 47.88
N PHE G 56 -58.09 -22.79 46.87
CA PHE G 56 -56.68 -23.15 46.76
C PHE G 56 -55.84 -21.89 46.89
N VAL G 57 -54.86 -21.94 47.77
CA VAL G 57 -53.96 -20.81 48.01
C VAL G 57 -52.55 -21.21 47.60
N GLU G 58 -51.76 -20.21 47.22
CA GLU G 58 -50.37 -20.44 46.84
C GLU G 58 -49.57 -20.92 48.05
N GLN G 59 -48.79 -21.99 47.86
CA GLN G 59 -47.95 -22.52 48.93
C GLN G 59 -46.46 -22.35 48.62
N LYS G 60 -46.03 -22.78 47.43
CA LYS G 60 -44.61 -22.81 47.10
C LYS G 60 -44.39 -22.18 45.73
N LYS G 61 -43.13 -21.80 45.48
CA LYS G 61 -42.69 -21.32 44.18
C LYS G 61 -41.74 -22.35 43.59
N ILE G 62 -42.03 -22.83 42.38
CA ILE G 62 -41.21 -23.89 41.79
C ILE G 62 -40.29 -23.32 40.73
N ARG G 63 -40.86 -22.70 39.70
CA ARG G 63 -40.08 -22.15 38.60
C ARG G 63 -40.46 -20.69 38.38
N SER G 64 -39.49 -19.91 37.92
CA SER G 64 -39.72 -18.51 37.60
C SER G 64 -40.52 -18.37 36.31
N LYS I 50 28.04 -39.89 3.92
CA LYS I 50 27.91 -39.87 2.48
C LYS I 50 27.42 -41.22 1.96
N ALA I 51 28.29 -42.21 2.01
CA ALA I 51 27.95 -43.57 1.59
C ALA I 51 27.58 -44.41 2.80
N ARG I 52 26.46 -45.09 2.73
CA ARG I 52 25.95 -45.92 3.81
C ARG I 52 26.09 -47.40 3.45
N GLY I 53 25.67 -48.25 4.37
CA GLY I 53 25.74 -49.69 4.20
C GLY I 53 26.93 -50.34 4.86
N ASN I 54 27.95 -49.56 5.24
CA ASN I 54 29.14 -50.08 5.91
C ASN I 54 29.18 -49.68 7.38
N GLU I 55 28.01 -49.65 8.03
CA GLU I 55 27.94 -49.24 9.42
C GLU I 55 28.54 -50.26 10.38
N TYR I 56 28.81 -51.47 9.92
CA TYR I 56 29.36 -52.52 10.78
C TYR I 56 30.87 -52.51 10.65
N GLN I 57 31.56 -51.99 11.67
CA GLN I 57 33.01 -52.04 11.73
C GLN I 57 33.42 -53.13 12.71
N PRO I 58 33.98 -54.25 12.25
CA PRO I 58 34.22 -55.38 13.15
C PRO I 58 35.20 -55.02 14.26
N SER I 59 34.94 -55.57 15.44
CA SER I 59 35.81 -55.39 16.60
C SER I 59 35.49 -56.49 17.59
N ASN I 60 36.47 -57.38 17.83
CA ASN I 60 36.24 -58.50 18.74
C ASN I 60 35.98 -58.02 20.17
N ILE I 61 36.71 -56.99 20.61
CA ILE I 61 36.54 -56.48 21.96
C ILE I 61 35.12 -55.94 22.14
N LYS I 62 34.66 -55.13 21.19
CA LYS I 62 33.30 -54.59 21.27
C LYS I 62 32.26 -55.69 21.18
N ARG I 63 32.48 -56.68 20.31
CA ARG I 63 31.51 -57.76 20.18
C ARG I 63 31.40 -58.54 21.48
N LYS I 64 32.52 -58.84 22.12
CA LYS I 64 32.50 -59.56 23.38
C LYS I 64 31.94 -58.73 24.52
N HIS I 65 32.18 -57.42 24.53
CA HIS I 65 31.66 -56.57 25.61
C HIS I 65 30.20 -56.22 25.43
N LYS I 66 29.65 -56.33 24.22
CA LYS I 66 28.25 -55.97 23.98
C LYS I 66 27.34 -57.18 23.90
N HIS I 67 27.79 -58.30 23.30
CA HIS I 67 26.96 -59.47 23.15
C HIS I 67 27.66 -60.73 23.64
N GLY I 68 28.68 -60.59 24.48
CA GLY I 68 29.38 -61.74 25.01
C GLY I 68 28.60 -62.41 26.12
N TRP I 69 29.09 -63.60 26.50
CA TRP I 69 28.39 -64.39 27.51
C TRP I 69 28.40 -63.70 28.87
N VAL I 70 29.54 -63.11 29.25
CA VAL I 70 29.61 -62.41 30.53
C VAL I 70 28.65 -61.24 30.56
N ARG I 71 28.61 -60.47 29.46
CA ARG I 71 27.67 -59.35 29.39
C ARG I 71 26.23 -59.82 29.45
N ARG I 72 25.91 -60.94 28.78
CA ARG I 72 24.55 -61.46 28.84
C ARG I 72 24.18 -61.89 30.25
N LEU I 73 25.09 -62.57 30.96
CA LEU I 73 24.77 -63.12 32.27
C LEU I 73 24.89 -62.10 33.40
N ARG I 74 25.52 -60.95 33.17
CA ARG I 74 25.62 -59.95 34.22
C ARG I 74 24.30 -59.24 34.51
N THR I 75 23.28 -59.43 33.68
CA THR I 75 21.99 -58.78 33.87
C THR I 75 20.89 -59.82 33.79
N PRO I 76 19.81 -59.67 34.56
CA PRO I 76 18.70 -60.61 34.46
C PRO I 76 18.05 -60.63 33.10
N THR I 77 18.02 -59.49 32.39
CA THR I 77 17.43 -59.46 31.05
C THR I 77 18.20 -60.34 30.08
N GLY I 78 19.53 -60.31 30.15
CA GLY I 78 20.32 -61.22 29.35
C GLY I 78 20.11 -62.67 29.71
N VAL I 79 19.88 -62.95 31.00
CA VAL I 79 19.56 -64.31 31.42
C VAL I 79 18.24 -64.76 30.79
N GLN I 80 17.23 -63.89 30.78
CA GLN I 80 15.97 -64.23 30.13
C GLN I 80 16.15 -64.42 28.64
N VAL I 81 16.99 -63.61 28.00
CA VAL I 81 17.27 -63.78 26.58
C VAL I 81 17.91 -65.14 26.32
N ILE I 82 18.88 -65.53 27.15
CA ILE I 82 19.54 -66.81 27.00
C ILE I 82 18.54 -67.95 27.20
N LEU I 83 17.66 -67.81 28.20
CA LEU I 83 16.65 -68.83 28.42
C LEU I 83 15.70 -68.96 27.24
N ARG I 84 15.28 -67.84 26.65
CA ARG I 84 14.42 -67.90 25.47
C ARG I 84 15.13 -68.56 24.30
N ARG I 85 16.41 -68.25 24.09
CA ARG I 85 17.15 -68.88 23.01
C ARG I 85 17.31 -70.38 23.25
N MET I 86 17.55 -70.78 24.50
CA MET I 86 17.63 -72.20 24.83
C MET I 86 16.30 -72.90 24.59
N HIS I 87 15.20 -72.25 24.97
CA HIS I 87 13.88 -72.83 24.72
C HIS I 87 13.62 -72.98 23.23
N LYS I 88 14.00 -71.98 22.43
CA LYS I 88 13.84 -72.08 20.98
C LYS I 88 14.77 -73.12 20.37
N GLY I 89 15.90 -73.41 21.03
CA GLY I 89 16.82 -74.40 20.52
C GLY I 89 17.98 -73.85 19.71
N ARG I 90 18.44 -72.64 20.03
CA ARG I 90 19.51 -72.02 19.26
C ARG I 90 20.82 -72.77 19.44
N LYS I 91 21.54 -72.94 18.33
CA LYS I 91 22.85 -73.58 18.39
C LYS I 91 23.87 -72.68 19.08
N SER I 92 23.83 -71.38 18.83
CA SER I 92 24.75 -70.42 19.40
C SER I 92 23.97 -69.47 20.29
N LEU I 93 24.09 -69.65 21.61
CA LEU I 93 23.39 -68.77 22.54
C LEU I 93 23.92 -67.34 22.46
N SER I 94 25.23 -67.18 22.36
CA SER I 94 25.84 -65.86 22.27
C SER I 94 27.14 -65.98 21.50
N HIS I 95 27.78 -64.84 21.28
CA HIS I 95 29.06 -64.80 20.58
C HIS I 95 30.16 -65.47 21.40
N ALA J 61 26.44 -48.00 32.73
CA ALA J 61 27.33 -48.32 33.83
C ALA J 61 27.47 -47.14 34.79
N THR J 62 28.19 -47.35 35.89
CA THR J 62 28.42 -46.32 36.88
C THR J 62 29.90 -45.97 36.91
N SER J 63 30.20 -44.67 36.80
CA SER J 63 31.57 -44.20 36.82
C SER J 63 32.04 -43.98 38.26
N VAL J 64 33.36 -43.96 38.43
CA VAL J 64 33.99 -43.76 39.73
C VAL J 64 34.68 -42.41 39.74
N SER J 65 34.50 -41.64 40.81
CA SER J 65 35.08 -40.32 40.92
C SER J 65 36.61 -40.41 41.00
N TRP J 66 37.26 -39.34 40.54
CA TRP J 66 38.71 -39.26 40.51
C TRP J 66 39.30 -38.76 41.82
N LYS J 67 38.46 -38.36 42.79
CA LYS J 67 38.91 -37.69 43.99
C LYS J 67 39.35 -38.67 45.09
N SER J 68 39.76 -39.88 44.72
CA SER J 68 40.20 -40.89 45.67
C SER J 68 41.64 -40.60 46.07
N ARG J 69 41.82 -39.69 47.02
CA ARG J 69 43.16 -39.39 47.55
C ARG J 69 42.99 -38.82 48.95
N THR J 70 43.21 -39.67 49.96
CA THR J 70 43.07 -39.24 51.35
C THR J 70 44.25 -38.38 51.79
N LYS J 71 45.46 -38.74 51.37
CA LYS J 71 46.65 -38.03 51.80
C LYS J 71 46.76 -36.69 51.08
N TYR J 72 47.22 -35.68 51.82
CA TYR J 72 47.46 -34.37 51.24
C TYR J 72 48.78 -34.35 50.49
N THR J 73 48.76 -33.87 49.25
CA THR J 73 49.94 -33.85 48.40
C THR J 73 50.18 -32.44 47.89
N VAL J 74 51.43 -31.99 48.04
CA VAL J 74 51.79 -30.66 47.54
C VAL J 74 51.80 -30.64 46.02
N MET J 75 52.32 -31.69 45.40
CA MET J 75 52.41 -31.75 43.95
C MET J 75 51.00 -31.85 43.34
N PRO J 76 50.79 -31.24 42.18
CA PRO J 76 49.49 -31.34 41.51
C PRO J 76 49.17 -32.78 41.15
N VAL J 77 47.90 -33.14 41.25
CA VAL J 77 47.44 -34.49 40.94
C VAL J 77 46.55 -34.43 39.70
N LYS J 78 46.72 -35.42 38.82
CA LYS J 78 45.91 -35.47 37.60
C LYS J 78 44.45 -35.72 37.95
N MET J 79 43.56 -35.08 37.19
CA MET J 79 42.13 -35.17 37.41
C MET J 79 41.43 -35.54 36.11
N ARG J 80 40.35 -36.30 36.22
CA ARG J 80 39.54 -36.71 35.08
C ARG J 80 38.29 -35.83 35.08
N LYS J 81 38.26 -34.86 34.17
CA LYS J 81 37.11 -33.96 34.08
C LYS J 81 35.91 -34.69 33.52
N SER J 82 34.72 -34.22 33.88
CA SER J 82 33.46 -34.77 33.39
C SER J 82 32.54 -33.61 33.05
N GLY J 83 32.06 -33.58 31.81
CA GLY J 83 31.24 -32.48 31.37
C GLY J 83 29.76 -32.69 31.61
N GLY J 84 29.26 -32.19 32.74
CA GLY J 84 27.85 -32.25 33.04
C GLY J 84 27.29 -33.65 33.24
N ARG J 85 28.17 -34.62 33.48
CA ARG J 85 27.78 -36.00 33.61
C ARG J 85 27.81 -36.44 35.07
N ASN J 86 26.71 -37.01 35.54
CA ASN J 86 26.63 -37.55 36.89
C ASN J 86 27.20 -38.96 36.89
N HIS J 87 27.01 -39.68 38.00
CA HIS J 87 27.47 -41.07 38.08
C HIS J 87 26.72 -41.99 37.11
N THR J 88 25.54 -41.59 36.64
CA THR J 88 24.80 -42.41 35.69
C THR J 88 25.39 -42.29 34.29
N GLY J 89 25.56 -41.07 33.81
CA GLY J 89 26.13 -40.84 32.49
C GLY J 89 25.35 -39.85 31.67
N GLN J 90 24.17 -39.48 32.16
CA GLN J 90 23.32 -38.52 31.47
C GLN J 90 23.79 -37.10 31.76
N ILE J 91 23.43 -36.18 30.86
CA ILE J 91 23.82 -34.79 31.02
C ILE J 91 22.95 -34.16 32.10
N GLN J 92 23.59 -33.57 33.11
CA GLN J 92 22.89 -32.87 34.17
C GLN J 92 23.16 -31.37 34.18
N VAL J 93 24.32 -30.95 33.69
CA VAL J 93 24.65 -29.53 33.53
C VAL J 93 25.10 -29.33 32.09
N HIS J 94 24.47 -28.39 31.39
CA HIS J 94 24.77 -28.17 29.99
C HIS J 94 25.86 -27.12 29.81
N GLY J 95 26.60 -27.25 28.70
CA GLY J 95 27.63 -26.28 28.38
C GLY J 95 28.99 -26.57 28.96
N ILE J 96 29.23 -27.77 29.46
CA ILE J 96 30.51 -28.15 30.05
C ILE J 96 31.04 -29.38 29.32
N GLY J 97 32.28 -29.32 28.91
CA GLY J 97 32.93 -30.43 28.24
C GLY J 97 33.94 -29.96 27.21
N GLY J 98 34.85 -30.86 26.84
CA GLY J 98 35.86 -30.57 25.84
C GLY J 98 36.83 -29.48 26.25
N GLY J 99 37.28 -29.52 27.49
CA GLY J 99 38.22 -28.54 28.00
C GLY J 99 39.67 -28.96 27.82
N HIS J 100 40.57 -28.09 28.28
CA HIS J 100 42.00 -28.35 28.22
C HIS J 100 42.41 -29.26 29.37
N LYS J 101 43.46 -30.06 29.13
CA LYS J 101 43.96 -30.94 30.17
C LYS J 101 44.48 -30.13 31.35
N GLN J 102 44.06 -30.51 32.55
CA GLN J 102 44.43 -29.80 33.76
C GLN J 102 44.74 -30.78 34.88
N ARG J 103 45.58 -30.33 35.81
CA ARG J 103 45.84 -31.03 37.05
C ARG J 103 45.04 -30.37 38.18
N TYR J 104 45.11 -30.98 39.36
CA TYR J 104 44.45 -30.45 40.55
C TYR J 104 45.50 -30.20 41.63
N ARG J 105 45.51 -28.97 42.16
CA ARG J 105 46.37 -28.60 43.27
C ARG J 105 45.56 -28.64 44.55
N MET J 106 45.97 -29.48 45.49
CA MET J 106 45.25 -29.62 46.76
C MET J 106 45.41 -28.34 47.57
N ILE J 107 44.28 -27.77 48.01
CA ILE J 107 44.26 -26.51 48.74
C ILE J 107 43.76 -26.77 50.15
N ASP J 108 44.54 -26.32 51.13
CA ASP J 108 44.16 -26.45 52.55
C ASP J 108 43.44 -25.17 52.96
N PHE J 109 42.12 -25.20 52.89
CA PHE J 109 41.33 -24.03 53.27
C PHE J 109 41.36 -23.79 54.76
N LEU J 110 41.63 -24.82 55.56
CA LEU J 110 41.77 -24.66 57.00
C LEU J 110 43.13 -24.02 57.27
N ARG J 111 43.14 -22.69 57.44
CA ARG J 111 44.40 -21.96 57.56
C ARG J 111 45.13 -22.33 58.85
N PHE J 112 44.40 -22.37 59.97
CA PHE J 112 45.01 -22.67 61.27
C PHE J 112 44.99 -24.19 61.47
N ARG J 113 46.08 -24.84 61.11
CA ARG J 113 46.24 -26.28 61.30
C ARG J 113 47.64 -26.56 61.82
N PRO J 114 47.82 -26.70 63.13
CA PRO J 114 49.14 -27.01 63.66
C PRO J 114 49.66 -28.34 63.15
N GLU J 115 50.98 -28.39 62.92
CA GLU J 115 51.61 -29.61 62.44
C GLU J 115 51.49 -30.72 63.48
N HIS J 116 51.84 -30.41 64.73
CA HIS J 116 51.74 -31.37 65.82
C HIS J 116 50.81 -30.84 66.90
N GLU J 117 50.18 -31.78 67.61
CA GLU J 117 49.25 -31.43 68.69
C GLU J 117 49.97 -31.09 69.98
N SER J 118 51.29 -31.29 70.05
CA SER J 118 52.03 -30.94 71.25
C SER J 118 52.04 -29.44 71.49
N LYS J 119 52.16 -28.66 70.41
CA LYS J 119 52.22 -27.19 70.48
C LYS J 119 51.10 -26.61 69.64
N PRO J 120 49.91 -26.40 70.21
CA PRO J 120 48.78 -25.86 69.44
C PRO J 120 48.75 -24.34 69.33
N GLY J 121 49.82 -23.65 69.68
CA GLY J 121 49.84 -22.20 69.66
C GLY J 121 49.93 -21.63 68.25
N PRO J 122 49.82 -20.31 68.14
CA PRO J 122 49.92 -19.67 66.83
C PRO J 122 51.27 -19.92 66.18
N PHE J 123 51.27 -20.03 64.86
CA PHE J 123 52.49 -20.39 64.14
C PHE J 123 52.72 -19.48 62.93
N GLU J 124 54.00 -19.29 62.62
CA GLU J 124 54.44 -18.44 61.53
C GLU J 124 55.15 -19.28 60.48
N GLU J 125 54.81 -19.06 59.22
CA GLU J 125 55.42 -19.75 58.09
C GLU J 125 55.91 -18.73 57.07
N LYS J 126 56.55 -19.22 56.02
CA LYS J 126 57.17 -18.39 55.00
C LYS J 126 56.61 -18.75 53.63
N VAL J 127 56.35 -17.72 52.83
CA VAL J 127 55.83 -17.90 51.48
C VAL J 127 56.96 -18.32 50.55
N ILE J 128 56.70 -19.33 49.73
CA ILE J 128 57.67 -19.83 48.75
C ILE J 128 57.46 -19.16 47.40
N ALA J 129 56.30 -19.36 46.78
CA ALA J 129 56.00 -18.75 45.50
C ALA J 129 54.49 -18.71 45.28
N VAL J 130 54.05 -17.71 44.52
CA VAL J 130 52.65 -17.56 44.12
C VAL J 130 52.58 -17.96 42.65
N ARG J 131 51.75 -18.96 42.36
CA ARG J 131 51.61 -19.52 41.02
C ARG J 131 50.15 -19.48 40.57
N TYR J 132 49.97 -19.76 39.28
CA TYR J 132 48.66 -19.81 38.67
C TYR J 132 48.02 -21.17 38.91
N ASP J 133 46.70 -21.16 39.12
CA ASP J 133 45.92 -22.38 39.35
C ASP J 133 44.81 -22.43 38.31
N PRO J 134 44.78 -23.44 37.44
CA PRO J 134 43.70 -23.53 36.44
C PRO J 134 42.35 -23.92 37.03
N CYS J 135 42.32 -24.46 38.25
CA CYS J 135 41.05 -24.93 38.81
C CYS J 135 40.13 -23.76 39.16
N ARG J 136 40.69 -22.72 39.79
CA ARG J 136 39.91 -21.58 40.25
C ARG J 136 40.42 -20.29 39.64
N SER J 137 39.60 -19.24 39.75
CA SER J 137 39.96 -17.94 39.22
C SER J 137 41.09 -17.27 39.98
N ALA J 138 41.33 -17.68 41.23
CA ALA J 138 42.36 -17.06 42.05
C ALA J 138 43.72 -17.73 41.81
N ASP J 139 44.76 -17.04 42.25
CA ASP J 139 46.13 -17.53 42.16
C ASP J 139 46.52 -18.11 43.51
N ILE J 140 47.20 -19.25 43.50
CA ILE J 140 47.51 -19.98 44.73
C ILE J 140 48.93 -19.65 45.15
N ALA J 141 49.26 -19.97 46.40
CA ALA J 141 50.58 -19.71 46.95
C ALA J 141 51.01 -20.90 47.78
N LEU J 142 52.28 -21.30 47.63
CA LEU J 142 52.81 -22.40 48.42
C LEU J 142 53.52 -21.86 49.65
N VAL J 143 53.08 -22.29 50.83
CA VAL J 143 53.61 -21.81 52.10
C VAL J 143 54.06 -23.02 52.90
N ALA J 144 55.30 -22.97 53.40
CA ALA J 144 55.89 -24.06 54.17
C ALA J 144 56.09 -23.62 55.61
N GLY J 145 55.60 -24.43 56.54
CA GLY J 145 55.80 -24.18 57.96
C GLY J 145 56.11 -25.46 58.71
N GLY J 146 57.22 -25.49 59.41
CA GLY J 146 57.63 -26.69 60.13
C GLY J 146 58.26 -27.71 59.19
N ASN J 147 57.63 -28.88 59.08
CA ASN J 147 58.13 -29.95 58.24
C ASN J 147 57.25 -30.25 57.03
N ARG J 148 56.20 -29.47 56.81
CA ARG J 148 55.26 -29.73 55.72
C ARG J 148 54.91 -28.43 55.00
N LYS J 149 54.51 -28.57 53.75
CA LYS J 149 54.07 -27.46 52.91
C LYS J 149 52.57 -27.53 52.69
N ARG J 150 52.00 -26.42 52.21
CA ARG J 150 50.58 -26.38 51.93
C ARG J 150 50.29 -25.31 50.88
N TRP J 151 49.27 -25.57 50.06
CA TRP J 151 48.81 -24.59 49.09
C TRP J 151 47.63 -23.82 49.66
N ILE J 152 47.76 -22.49 49.71
CA ILE J 152 46.69 -21.64 50.21
C ILE J 152 46.34 -20.61 49.14
N ILE J 153 45.31 -19.84 49.42
CA ILE J 153 44.86 -18.80 48.50
C ILE J 153 45.60 -17.51 48.81
N ALA J 154 46.43 -17.06 47.87
CA ALA J 154 47.24 -15.87 48.07
C ALA J 154 46.36 -14.62 48.09
N THR J 155 46.78 -13.64 48.88
CA THR J 155 46.05 -12.38 49.00
C THR J 155 46.46 -11.46 47.85
N GLU J 156 45.99 -10.21 47.90
CA GLU J 156 46.23 -9.29 46.80
C GLU J 156 47.71 -8.97 46.62
N ASN J 157 48.41 -8.68 47.72
CA ASN J 157 49.79 -8.24 47.67
C ASN J 157 50.77 -9.25 48.26
N MET J 158 50.39 -10.53 48.28
CA MET J 158 51.32 -11.57 48.72
C MET J 158 52.37 -11.81 47.65
N LYS J 159 53.63 -11.84 48.07
CA LYS J 159 54.75 -12.06 47.17
C LYS J 159 55.63 -13.18 47.70
N ALA J 160 56.60 -13.59 46.88
CA ALA J 160 57.53 -14.63 47.26
C ALA J 160 58.43 -14.14 48.40
N GLY J 161 58.78 -15.04 49.30
CA GLY J 161 59.63 -14.70 50.42
C GLY J 161 59.00 -13.75 51.40
N ASP J 162 57.73 -13.96 51.72
CA ASP J 162 56.98 -13.14 52.66
C ASP J 162 56.72 -13.95 53.93
N THR J 163 56.23 -13.27 54.96
CA THR J 163 55.94 -13.88 56.25
C THR J 163 54.44 -14.00 56.43
N VAL J 164 53.98 -15.16 56.90
CA VAL J 164 52.57 -15.41 57.16
C VAL J 164 52.42 -15.87 58.59
N LEU J 165 51.44 -15.30 59.30
CA LEU J 165 51.14 -15.67 60.67
C LEU J 165 49.72 -16.23 60.74
N ASN J 166 49.55 -17.33 61.46
CA ASN J 166 48.24 -17.93 61.68
C ASN J 166 48.04 -18.07 63.19
N SER J 167 47.02 -17.39 63.71
CA SER J 167 46.75 -17.36 65.14
C SER J 167 45.26 -17.57 65.38
N ASP J 168 44.94 -18.09 66.55
CA ASP J 168 43.55 -18.26 66.98
C ASP J 168 43.29 -17.58 68.32
N HIS J 169 44.29 -16.93 68.91
CA HIS J 169 44.12 -16.29 70.20
C HIS J 169 43.27 -15.04 70.06
N ILE J 170 42.39 -14.83 71.04
CA ILE J 170 41.54 -13.64 71.11
C ILE J 170 41.88 -12.88 72.37
N GLY J 171 42.13 -11.58 72.22
CA GLY J 171 42.50 -10.75 73.35
C GLY J 171 41.69 -9.47 73.36
N ARG J 172 41.79 -8.75 74.48
CA ARG J 172 41.07 -7.49 74.62
C ARG J 172 41.62 -6.42 73.67
N MET J 173 42.88 -6.52 73.30
CA MET J 173 43.51 -5.54 72.43
C MET J 173 43.50 -6.04 70.99
N ALA J 174 43.08 -5.18 70.07
CA ALA J 174 43.04 -5.54 68.66
C ALA J 174 44.45 -5.71 68.11
N VAL J 175 44.58 -6.58 67.11
CA VAL J 175 45.85 -6.89 66.48
C VAL J 175 45.92 -6.21 65.13
N ALA J 176 47.05 -5.58 64.83
CA ALA J 176 47.27 -4.91 63.55
C ALA J 176 47.14 -5.95 62.43
N ALA J 177 46.13 -5.78 61.59
CA ALA J 177 45.83 -6.77 60.56
C ALA J 177 46.72 -6.57 59.35
N ARG J 178 47.52 -7.57 59.03
CA ARG J 178 48.31 -7.59 57.80
C ARG J 178 47.52 -8.29 56.70
N GLU J 179 48.18 -8.57 55.58
CA GLU J 179 47.52 -9.30 54.50
C GLU J 179 47.69 -10.81 54.64
N GLY J 180 48.91 -11.28 54.96
CA GLY J 180 49.12 -12.70 55.15
C GLY J 180 48.66 -13.22 56.50
N ASP J 181 48.32 -12.34 57.43
CA ASP J 181 47.91 -12.76 58.75
C ASP J 181 46.51 -13.36 58.72
N ALA J 182 46.30 -14.37 59.55
CA ALA J 182 45.01 -15.06 59.67
C ALA J 182 44.67 -15.19 61.15
N HIS J 183 43.75 -14.35 61.61
CA HIS J 183 43.30 -14.29 62.99
C HIS J 183 41.80 -14.45 63.07
N PRO J 184 41.28 -14.89 64.21
CA PRO J 184 39.82 -15.04 64.35
C PRO J 184 39.11 -13.70 64.29
N LEU J 185 37.82 -13.77 63.94
CA LEU J 185 37.03 -12.55 63.75
C LEU J 185 36.93 -11.71 65.03
N GLY J 186 37.01 -12.34 66.20
CA GLY J 186 36.91 -11.59 67.44
C GLY J 186 38.10 -10.71 67.74
N ALA J 187 39.26 -11.04 67.21
CA ALA J 187 40.48 -10.26 67.45
C ALA J 187 40.76 -9.23 66.37
N LEU J 188 39.88 -9.11 65.37
CA LEU J 188 40.11 -8.17 64.29
C LEU J 188 39.36 -6.85 64.54
N PRO J 189 39.86 -5.75 63.97
CA PRO J 189 39.15 -4.47 64.12
C PRO J 189 37.77 -4.51 63.48
N VAL J 190 36.94 -3.54 63.88
CA VAL J 190 35.52 -3.56 63.55
C VAL J 190 35.23 -3.31 62.08
N GLY J 191 36.18 -2.74 61.33
CA GLY J 191 35.89 -2.37 59.95
C GLY J 191 36.91 -2.86 58.94
N THR J 192 37.42 -4.07 59.13
CA THR J 192 38.44 -4.60 58.25
C THR J 192 37.83 -5.37 57.09
N LEU J 193 38.67 -5.65 56.08
CA LEU J 193 38.29 -6.45 54.94
C LEU J 193 38.91 -7.83 55.06
N ILE J 194 38.12 -8.86 54.81
CA ILE J 194 38.53 -10.24 55.02
C ILE J 194 38.14 -11.10 53.83
N ASN J 195 38.68 -12.32 53.80
CA ASN J 195 38.33 -13.32 52.81
C ASN J 195 38.58 -14.70 53.40
N ASN J 196 37.98 -15.71 52.77
CA ASN J 196 38.08 -17.09 53.22
C ASN J 196 37.58 -17.24 54.66
N VAL J 197 36.44 -16.60 54.94
CA VAL J 197 35.84 -16.67 56.26
C VAL J 197 35.26 -18.06 56.49
N GLU J 198 35.01 -18.38 57.75
CA GLU J 198 34.57 -19.71 58.15
C GLU J 198 33.18 -19.65 58.77
N SER J 199 32.42 -20.72 58.55
CA SER J 199 31.05 -20.83 59.06
C SER J 199 31.01 -21.26 60.52
N GLU J 200 31.73 -22.31 60.88
CA GLU J 200 31.78 -22.82 62.23
C GLU J 200 33.24 -23.02 62.64
N PRO J 201 33.55 -22.91 63.93
CA PRO J 201 34.93 -23.10 64.38
C PRO J 201 35.48 -24.47 64.02
N GLY J 202 36.52 -24.49 63.18
CA GLY J 202 37.13 -25.72 62.74
C GLY J 202 36.47 -26.37 61.53
N ARG J 203 35.37 -25.81 61.03
CA ARG J 203 34.69 -26.41 59.89
C ARG J 203 35.49 -26.29 58.60
N GLY J 204 36.09 -25.13 58.37
CA GLY J 204 36.83 -24.89 57.15
C GLY J 204 36.27 -23.70 56.39
N ALA J 205 37.14 -23.07 55.60
CA ALA J 205 36.79 -21.85 54.88
C ALA J 205 36.07 -22.21 53.59
N GLN J 206 34.75 -22.38 53.66
CA GLN J 206 33.93 -22.63 52.48
C GLN J 206 33.63 -21.34 51.72
N TYR J 207 33.53 -20.22 52.42
CA TYR J 207 33.11 -18.95 51.86
C TYR J 207 34.24 -18.25 51.11
N ILE J 208 34.10 -16.95 50.88
CA ILE J 208 34.66 -16.21 49.75
C ILE J 208 36.06 -16.67 49.38
N ARG J 209 36.23 -17.03 48.11
CA ARG J 209 37.52 -17.45 47.56
C ARG J 209 37.83 -16.85 46.20
N ALA J 210 36.86 -16.24 45.51
CA ALA J 210 37.06 -15.81 44.14
C ALA J 210 38.09 -14.68 44.07
N ALA J 211 38.73 -14.56 42.92
CA ALA J 211 39.75 -13.55 42.72
C ALA J 211 39.14 -12.16 42.75
N GLY J 212 39.66 -11.30 43.62
CA GLY J 212 39.20 -9.93 43.75
C GLY J 212 38.04 -9.74 44.68
N THR J 213 37.36 -10.82 45.08
CA THR J 213 36.22 -10.71 45.98
C THR J 213 36.68 -10.73 47.43
N CYS J 214 36.00 -9.95 48.27
CA CYS J 214 36.32 -9.88 49.68
C CYS J 214 35.12 -9.35 50.46
N GLY J 215 34.91 -9.88 51.66
CA GLY J 215 33.88 -9.40 52.54
C GLY J 215 34.42 -8.36 53.51
N VAL J 216 33.52 -7.73 54.24
CA VAL J 216 33.88 -6.67 55.19
C VAL J 216 33.23 -6.96 56.54
N LEU J 217 34.04 -6.97 57.60
CA LEU J 217 33.50 -7.14 58.94
C LEU J 217 32.74 -5.88 59.35
N LEU J 218 31.55 -6.06 59.92
CA LEU J 218 30.70 -4.93 60.30
C LEU J 218 30.79 -4.62 61.79
N ARG J 219 30.48 -5.59 62.65
CA ARG J 219 30.47 -5.35 64.08
C ARG J 219 30.58 -6.69 64.80
N LYS J 220 30.89 -6.62 66.09
CA LYS J 220 30.94 -7.79 66.97
C LYS J 220 30.09 -7.49 68.20
N VAL J 221 29.02 -8.25 68.39
CA VAL J 221 28.09 -8.04 69.49
C VAL J 221 27.82 -9.39 70.15
N ASN J 222 27.90 -9.41 71.49
CA ASN J 222 27.57 -10.59 72.29
C ASN J 222 28.37 -11.81 71.84
N GLY J 223 29.66 -11.60 71.61
CA GLY J 223 30.52 -12.69 71.15
C GLY J 223 30.08 -13.26 69.82
N THR J 224 29.72 -12.40 68.88
CA THR J 224 29.21 -12.85 67.59
C THR J 224 29.64 -11.85 66.53
N ALA J 225 30.26 -12.34 65.46
CA ALA J 225 30.79 -11.51 64.39
C ALA J 225 29.85 -11.51 63.19
N ILE J 226 29.56 -10.31 62.68
CA ILE J 226 28.71 -10.12 61.52
C ILE J 226 29.57 -9.58 60.39
N ILE J 227 29.45 -10.19 59.21
CA ILE J 227 30.22 -9.80 58.05
C ILE J 227 29.24 -9.48 56.91
N GLN J 228 29.73 -8.72 55.94
CA GLN J 228 29.00 -8.42 54.71
C GLN J 228 29.74 -9.09 53.57
N LEU J 229 29.06 -10.00 52.88
CA LEU J 229 29.63 -10.73 51.76
C LEU J 229 29.62 -9.87 50.50
N PRO J 230 30.37 -10.26 49.47
CA PRO J 230 30.32 -9.50 48.22
C PRO J 230 28.94 -9.39 47.61
N SER J 231 28.04 -10.32 47.90
CA SER J 231 26.65 -10.22 47.48
C SER J 231 25.84 -9.28 48.36
N LYS J 232 26.50 -8.46 49.17
CA LYS J 232 25.87 -7.45 50.02
C LYS J 232 24.88 -8.09 51.00
N ARG J 233 25.17 -9.30 51.46
CA ARG J 233 24.33 -10.02 52.40
C ARG J 233 25.06 -10.16 53.72
N GLN J 234 24.32 -10.04 54.82
CA GLN J 234 24.94 -10.15 56.14
C GLN J 234 24.97 -11.60 56.62
N MET J 235 26.12 -11.99 57.17
CA MET J 235 26.34 -13.34 57.67
C MET J 235 26.84 -13.25 59.10
N GLN J 236 26.13 -13.90 60.01
CA GLN J 236 26.44 -13.89 61.43
C GLN J 236 27.02 -15.23 61.83
N VAL J 237 28.18 -15.21 62.50
CA VAL J 237 28.87 -16.40 62.95
C VAL J 237 29.51 -16.13 64.31
N LEU J 238 30.15 -17.17 64.85
CA LEU J 238 30.89 -17.00 66.08
C LEU J 238 32.19 -16.23 65.83
N GLU J 239 32.68 -15.58 66.89
CA GLU J 239 33.89 -14.79 66.78
C GLU J 239 35.15 -15.63 66.70
N THR J 240 35.05 -16.94 66.93
CA THR J 240 36.20 -17.83 66.94
C THR J 240 36.56 -18.36 65.56
N CYS J 241 35.73 -18.10 64.56
CA CYS J 241 35.99 -18.58 63.20
C CYS J 241 37.24 -17.90 62.64
N ILE J 242 38.11 -18.68 62.01
CA ILE J 242 39.36 -18.16 61.48
C ILE J 242 39.13 -17.60 60.08
N ALA J 243 39.60 -16.38 59.84
CA ALA J 243 39.47 -15.73 58.54
C ALA J 243 40.77 -15.05 58.18
N THR J 244 40.97 -14.84 56.88
CA THR J 244 42.16 -14.17 56.36
C THR J 244 41.83 -12.73 55.98
N VAL J 245 42.69 -11.81 56.39
CA VAL J 245 42.48 -10.38 56.19
C VAL J 245 43.09 -9.98 54.85
N GLY J 246 42.34 -9.28 54.03
CA GLY J 246 42.81 -8.75 52.77
C GLY J 246 41.95 -9.20 51.60
N ARG J 247 42.36 -8.79 50.41
CA ARG J 247 41.67 -9.13 49.18
C ARG J 247 42.39 -10.28 48.47
N VAL J 248 41.62 -11.10 47.78
CA VAL J 248 42.18 -12.23 47.03
C VAL J 248 42.99 -11.71 45.85
N SER J 249 44.01 -12.48 45.47
CA SER J 249 44.89 -12.09 44.38
C SER J 249 44.13 -12.03 43.06
N ASN J 250 44.79 -11.48 42.04
CA ASN J 250 44.24 -11.33 40.69
C ASN J 250 42.92 -10.54 40.72
N VAL J 251 43.04 -9.27 41.15
CA VAL J 251 41.88 -8.41 41.20
C VAL J 251 41.43 -7.97 39.81
N ASP J 252 42.25 -8.21 38.79
CA ASP J 252 41.94 -7.82 37.42
C ASP J 252 41.22 -8.92 36.63
N HIS J 253 40.85 -10.01 37.30
CA HIS J 253 40.18 -11.11 36.60
C HIS J 253 38.84 -10.68 36.02
N ASN J 254 38.13 -9.78 36.72
CA ASN J 254 36.88 -9.26 36.18
C ASN J 254 37.10 -8.39 34.95
N LYS J 255 38.26 -7.75 34.84
CA LYS J 255 38.55 -6.85 33.73
C LYS J 255 39.11 -7.56 32.52
N ARG J 256 39.35 -8.86 32.58
CA ARG J 256 39.85 -9.58 31.43
C ARG J 256 38.80 -9.63 30.33
N VAL J 257 39.27 -9.68 29.08
CA VAL J 257 38.42 -9.74 27.91
C VAL J 257 38.76 -11.02 27.16
N ILE J 258 37.75 -11.86 26.95
CA ILE J 258 37.94 -13.07 26.14
C ILE J 258 38.03 -12.66 24.68
N GLY J 259 39.14 -13.02 24.03
CA GLY J 259 39.41 -12.51 22.69
C GLY J 259 38.61 -13.17 21.59
N LYS J 260 38.17 -14.41 21.80
CA LYS J 260 37.52 -15.16 20.74
C LYS J 260 36.71 -16.30 21.36
N ALA J 261 35.85 -16.90 20.54
CA ALA J 261 35.09 -18.07 20.98
C ALA J 261 36.01 -19.25 21.31
N GLY J 262 37.23 -19.24 20.79
CA GLY J 262 38.16 -20.32 21.08
C GLY J 262 38.61 -20.35 22.53
N ARG J 263 38.65 -19.19 23.18
CA ARG J 263 39.05 -19.16 24.59
C ARG J 263 38.00 -19.82 25.47
N ASN J 264 36.72 -19.69 25.13
CA ASN J 264 35.69 -20.40 25.88
C ASN J 264 35.85 -21.91 25.76
N ARG J 265 36.15 -22.41 24.56
CA ARG J 265 36.42 -23.83 24.39
C ARG J 265 37.67 -24.26 25.14
N TRP J 266 38.70 -23.43 25.16
CA TRP J 266 39.89 -23.73 25.95
C TRP J 266 39.56 -23.84 27.42
N LEU J 267 38.73 -22.94 27.94
CA LEU J 267 38.29 -23.02 29.32
C LEU J 267 37.37 -24.20 29.57
N GLY J 268 36.66 -24.69 28.55
CA GLY J 268 35.80 -25.83 28.69
C GLY J 268 34.33 -25.50 28.79
N LYS J 269 33.91 -24.48 28.05
CA LYS J 269 32.51 -24.02 28.04
C LYS J 269 31.94 -24.27 26.64
N ARG J 270 31.08 -25.28 26.53
CA ARG J 270 30.43 -25.55 25.26
C ARG J 270 29.41 -24.45 24.94
N PRO J 271 29.22 -24.14 23.66
CA PRO J 271 28.30 -23.05 23.30
C PRO J 271 26.86 -23.41 23.63
N ASN J 272 26.07 -22.36 23.84
CA ASN J 272 24.67 -22.53 24.19
C ASN J 272 23.88 -23.10 23.03
N SER J 273 22.78 -23.77 23.35
CA SER J 273 21.91 -24.33 22.34
C SER J 273 21.24 -23.23 21.52
N GLY J 274 20.92 -23.56 20.27
CA GLY J 274 20.31 -22.61 19.37
C GLY J 274 18.82 -22.49 19.47
N LEU J 275 18.18 -23.20 20.40
CA LEU J 275 16.73 -23.14 20.53
C LEU J 275 16.30 -21.77 21.02
N TRP J 276 15.47 -21.09 20.24
CA TRP J 276 14.98 -19.77 20.60
C TRP J 276 13.81 -19.93 21.57
N GLN J 277 13.99 -19.48 22.80
CA GLN J 277 12.97 -19.59 23.84
C GLN J 277 12.45 -18.20 24.18
N ARG J 278 11.13 -18.04 24.12
CA ARG J 278 10.51 -16.76 24.47
C ARG J 278 10.66 -16.49 25.96
N LYS J 279 10.93 -15.22 26.29
CA LYS J 279 11.08 -14.83 27.68
C LYS J 279 9.77 -14.98 28.44
N GLY J 280 9.84 -15.52 29.64
CA GLY J 280 8.68 -15.71 30.49
C GLY J 280 8.55 -14.62 31.54
N GLY J 281 7.79 -14.95 32.60
CA GLY J 281 7.62 -14.00 33.68
C GLY J 281 8.85 -13.79 34.54
N TRP J 282 9.78 -14.74 34.53
CA TRP J 282 11.02 -14.58 35.27
C TRP J 282 11.86 -13.44 34.71
N ALA J 283 11.80 -13.22 33.41
CA ALA J 283 12.58 -12.16 32.78
C ALA J 283 12.10 -10.79 33.24
N GLY J 284 13.02 -9.84 33.28
CA GLY J 284 12.72 -8.48 33.72
C GLY J 284 13.65 -8.04 34.84
N ARG J 285 13.55 -6.74 35.14
CA ARG J 285 14.36 -6.12 36.17
C ARG J 285 13.62 -6.25 37.50
N LYS J 286 14.02 -7.22 38.31
CA LYS J 286 13.36 -7.50 39.58
C LYS J 286 14.10 -6.75 40.69
N ILE J 287 13.44 -5.75 41.25
CA ILE J 287 14.01 -4.97 42.36
C ILE J 287 13.54 -5.66 43.64
N ARG J 288 14.37 -6.57 44.14
CA ARG J 288 13.96 -7.30 45.33
C ARG J 288 14.63 -6.72 46.57
N PRO J 289 13.95 -6.76 47.71
CA PRO J 289 14.58 -6.30 48.96
C PRO J 289 15.69 -7.23 49.40
N LEU J 290 16.59 -6.68 50.20
CA LEU J 290 17.74 -7.45 50.68
C LEU J 290 17.27 -8.59 51.56
N PRO J 291 17.80 -9.80 51.38
CA PRO J 291 17.39 -10.93 52.24
C PRO J 291 17.84 -10.72 53.67
N PRO J 292 17.15 -11.32 54.63
CA PRO J 292 17.56 -11.19 56.03
C PRO J 292 18.93 -11.82 56.28
N MET J 293 19.58 -11.35 57.34
CA MET J 293 20.91 -11.83 57.68
C MET J 293 20.87 -13.33 57.97
N LYS J 294 21.83 -14.06 57.40
CA LYS J 294 21.93 -15.50 57.63
C LYS J 294 22.80 -15.76 58.85
N SER J 295 22.23 -16.36 59.89
CA SER J 295 22.91 -16.58 61.15
C SER J 295 23.22 -18.07 61.31
N TYR J 296 24.46 -18.39 61.65
CA TYR J 296 24.87 -19.76 61.92
C TYR J 296 25.05 -20.06 63.40
N VAL J 297 24.86 -19.07 64.27
CA VAL J 297 24.99 -19.28 65.70
C VAL J 297 23.75 -20.01 66.20
N LYS J 298 23.95 -21.17 66.83
CA LYS J 298 22.84 -21.99 67.31
C LYS J 298 22.47 -21.53 68.71
N LEU J 299 21.43 -20.72 68.80
CA LEU J 299 20.97 -20.23 70.10
C LEU J 299 20.30 -21.37 70.88
N PRO J 300 20.60 -21.53 72.17
CA PRO J 300 20.03 -22.60 72.99
C PRO J 300 18.53 -22.41 73.25
N HIS K 93 23.77 -80.94 -56.79
CA HIS K 93 24.94 -80.29 -57.38
C HIS K 93 25.26 -78.98 -56.69
N GLY K 94 26.03 -79.05 -55.61
CA GLY K 94 26.45 -77.85 -54.91
C GLY K 94 27.66 -77.21 -55.56
N LYS K 95 27.46 -76.58 -56.72
CA LYS K 95 28.56 -75.98 -57.46
C LYS K 95 29.15 -74.80 -56.68
N SER K 96 30.47 -74.66 -56.77
CA SER K 96 31.16 -73.56 -56.10
C SER K 96 31.27 -72.37 -57.03
N VAL K 97 31.58 -71.21 -56.45
CA VAL K 97 31.75 -69.98 -57.23
C VAL K 97 33.11 -70.02 -57.91
N THR K 98 33.14 -69.57 -59.16
CA THR K 98 34.36 -69.60 -59.97
C THR K 98 34.52 -68.26 -60.68
N TRP K 99 35.72 -67.69 -60.58
CA TRP K 99 36.09 -66.48 -61.29
C TRP K 99 37.08 -66.83 -62.40
N TRP K 100 37.31 -65.87 -63.29
CA TRP K 100 38.14 -66.14 -64.47
C TRP K 100 39.60 -66.38 -64.13
N ASP K 101 40.07 -65.95 -62.97
CA ASP K 101 41.46 -66.13 -62.58
C ASP K 101 41.71 -67.39 -61.77
N GLU K 102 40.65 -68.12 -61.41
CA GLU K 102 40.82 -69.30 -60.56
C GLU K 102 41.45 -70.45 -61.34
N HIS K 103 40.99 -70.70 -62.56
CA HIS K 103 41.42 -71.85 -63.33
C HIS K 103 42.52 -71.54 -64.34
N LEU K 104 42.99 -70.30 -64.40
CA LEU K 104 44.04 -69.96 -65.35
C LEU K 104 45.42 -70.26 -64.76
N SER K 105 46.39 -70.45 -65.65
CA SER K 105 47.76 -70.72 -65.29
C SER K 105 48.56 -69.41 -65.27
N GLU K 106 49.82 -69.51 -64.83
CA GLU K 106 50.67 -68.33 -64.75
C GLU K 106 50.93 -67.73 -66.13
N GLU K 107 51.20 -68.55 -67.14
CA GLU K 107 51.51 -68.04 -68.46
C GLU K 107 50.27 -67.60 -69.22
N ASN K 108 49.10 -68.09 -68.85
CA ASN K 108 47.88 -67.80 -69.60
C ASN K 108 47.23 -66.47 -69.23
N VAL K 109 47.41 -66.00 -68.00
CA VAL K 109 46.77 -64.77 -67.54
C VAL K 109 47.25 -63.58 -68.37
N PRO K 110 48.56 -63.36 -68.57
CA PRO K 110 48.97 -62.28 -69.47
C PRO K 110 48.47 -62.46 -70.89
N PHE K 111 48.41 -63.70 -71.38
CA PHE K 111 47.87 -63.95 -72.71
C PHE K 111 46.40 -63.54 -72.80
N VAL K 112 45.60 -63.88 -71.78
CA VAL K 112 44.20 -63.48 -71.77
C VAL K 112 44.07 -61.97 -71.71
N LYS K 113 44.89 -61.31 -70.88
CA LYS K 113 44.82 -59.86 -70.77
C LYS K 113 45.15 -59.21 -72.11
N GLN K 114 46.19 -59.70 -72.79
CA GLN K 114 46.54 -59.16 -74.10
C GLN K 114 45.45 -59.43 -75.15
N LEU K 115 44.87 -60.64 -75.13
CA LEU K 115 43.84 -60.99 -76.10
C LEU K 115 42.57 -60.19 -75.88
N VAL K 116 42.34 -59.72 -74.67
CA VAL K 116 41.23 -58.81 -74.42
C VAL K 116 41.59 -57.38 -74.82
N SER K 117 42.80 -56.94 -74.49
CA SER K 117 43.20 -55.55 -74.75
C SER K 117 43.25 -55.26 -76.24
N ASP K 118 43.90 -56.13 -77.03
CA ASP K 118 43.97 -55.89 -78.46
C ASP K 118 42.61 -56.02 -79.14
N GLU K 119 41.76 -56.94 -78.68
CA GLU K 119 40.41 -57.05 -79.21
C GLU K 119 39.61 -55.78 -78.96
N ASN K 120 39.71 -55.23 -77.74
CA ASN K 120 39.01 -53.98 -77.44
C ASN K 120 39.58 -52.83 -78.28
N LYS K 121 40.90 -52.80 -78.46
CA LYS K 121 41.51 -51.76 -79.29
C LYS K 121 41.02 -51.84 -80.73
N ALA K 122 40.95 -53.05 -81.29
CA ALA K 122 40.43 -53.21 -82.65
C ALA K 122 38.97 -52.83 -82.75
N GLN K 123 38.15 -53.21 -81.75
CA GLN K 123 36.74 -52.82 -81.78
C GLN K 123 36.58 -51.30 -81.72
N LEU K 124 37.37 -50.63 -80.88
CA LEU K 124 37.30 -49.18 -80.82
C LEU K 124 37.78 -48.53 -82.11
N ALA K 125 38.84 -49.05 -82.71
CA ALA K 125 39.34 -48.51 -83.97
C ALA K 125 38.36 -48.73 -85.12
N SER K 126 37.60 -49.83 -85.10
CA SER K 126 36.65 -50.09 -86.18
C SER K 126 35.58 -49.01 -86.26
N LYS K 127 35.08 -48.56 -85.11
CA LYS K 127 34.00 -47.57 -85.07
C LYS K 127 34.50 -46.14 -85.17
N LEU K 128 35.83 -45.93 -85.31
CA LEU K 128 36.38 -44.59 -85.35
C LEU K 128 35.94 -43.80 -86.58
N CYS K 129 35.40 -44.45 -87.60
CA CYS K 129 34.95 -43.80 -88.82
C CYS K 129 33.50 -44.20 -89.07
N PRO K 130 32.55 -43.60 -88.36
CA PRO K 130 31.16 -44.02 -88.47
C PRO K 130 30.45 -43.46 -89.70
N LEU K 131 30.91 -42.31 -90.19
CA LEU K 131 30.19 -41.64 -91.28
C LEU K 131 30.40 -42.32 -92.62
N LYS K 132 31.42 -43.18 -92.75
CA LYS K 132 31.72 -43.81 -94.03
C LYS K 132 31.23 -45.26 -94.11
N ASP K 133 30.78 -45.85 -92.99
CA ASP K 133 30.31 -47.23 -93.03
C ASP K 133 28.86 -47.30 -93.52
N GLU K 134 27.93 -46.74 -92.75
CA GLU K 134 26.53 -46.70 -93.14
C GLU K 134 25.80 -45.65 -92.31
N PRO K 135 25.97 -44.37 -92.59
CA PRO K 135 25.32 -43.34 -91.79
C PRO K 135 23.83 -43.25 -92.06
N TRP K 136 23.06 -43.04 -90.99
CA TRP K 136 21.64 -42.79 -91.14
C TRP K 136 21.43 -41.42 -91.78
N PRO K 137 20.31 -41.22 -92.48
CA PRO K 137 20.06 -39.91 -93.10
C PRO K 137 19.99 -38.81 -92.06
N ILE K 138 20.55 -37.65 -92.41
CA ILE K 138 20.59 -36.51 -91.50
C ILE K 138 19.43 -35.59 -91.83
N HIS K 139 18.60 -35.29 -90.85
CA HIS K 139 17.46 -34.44 -91.07
C HIS K 139 17.78 -32.99 -90.71
N PRO K 140 17.14 -32.02 -91.37
CA PRO K 140 17.39 -30.61 -91.05
C PRO K 140 16.93 -30.27 -89.63
N TRP K 141 17.61 -29.30 -89.05
CA TRP K 141 17.30 -28.85 -87.70
C TRP K 141 15.92 -28.18 -87.68
N GLU K 142 15.14 -28.48 -86.65
CA GLU K 142 13.84 -27.88 -86.47
C GLU K 142 13.77 -27.15 -85.13
N PRO K 143 12.93 -26.11 -85.02
CA PRO K 143 12.84 -25.39 -83.74
C PRO K 143 12.35 -26.24 -82.59
N GLY K 144 11.55 -27.27 -82.84
CA GLY K 144 11.04 -28.11 -81.78
C GLY K 144 11.85 -29.39 -81.60
N SER K 145 13.08 -29.38 -82.09
CA SER K 145 13.95 -30.55 -82.03
C SER K 145 14.87 -30.48 -80.81
N SER K 146 15.38 -31.65 -80.41
CA SER K 146 16.29 -31.77 -79.29
C SER K 146 17.48 -32.64 -79.71
N ARG K 147 18.62 -32.39 -79.07
CA ARG K 147 19.87 -33.06 -79.40
C ARG K 147 20.22 -34.07 -78.31
N VAL K 148 21.10 -35.01 -78.67
CA VAL K 148 21.52 -36.06 -77.76
C VAL K 148 22.66 -35.53 -76.89
N GLY K 149 22.83 -36.16 -75.72
CA GLY K 149 23.85 -35.77 -74.77
C GLY K 149 25.06 -36.71 -74.79
N LEU K 150 25.93 -36.47 -73.83
CA LEU K 150 27.19 -37.21 -73.69
C LEU K 150 27.31 -37.75 -72.26
N ILE K 151 28.30 -38.62 -72.07
CA ILE K 151 28.65 -39.16 -70.76
C ILE K 151 30.14 -38.95 -70.57
N ALA K 152 30.52 -38.09 -69.63
CA ALA K 152 31.91 -37.72 -69.41
C ALA K 152 32.37 -38.13 -68.02
N LEU K 153 33.63 -37.81 -67.71
CA LEU K 153 34.24 -38.12 -66.42
C LEU K 153 34.65 -36.81 -65.76
N LYS K 154 34.33 -36.66 -64.49
CA LYS K 154 34.65 -35.44 -63.76
C LYS K 154 36.11 -35.47 -63.34
N LEU K 155 36.93 -34.61 -63.95
CA LEU K 155 38.35 -34.56 -63.64
C LEU K 155 38.62 -33.72 -62.39
N GLY K 156 38.27 -32.45 -62.45
CA GLY K 156 38.53 -31.56 -61.33
C GLY K 156 38.02 -30.17 -61.61
N MET K 157 38.54 -29.20 -60.85
CA MET K 157 38.13 -27.81 -60.97
C MET K 157 39.33 -26.93 -61.27
N MET K 158 39.10 -25.85 -62.01
CA MET K 158 40.13 -24.92 -62.40
C MET K 158 39.58 -23.51 -62.36
N PRO K 159 40.43 -22.50 -62.19
CA PRO K 159 39.97 -21.12 -62.35
C PRO K 159 39.96 -20.70 -63.81
N LEU K 160 39.22 -19.63 -64.09
CA LEU K 160 39.15 -19.09 -65.45
C LEU K 160 38.77 -17.62 -65.34
N TRP K 161 39.62 -16.74 -65.85
CA TRP K 161 39.35 -15.31 -65.77
C TRP K 161 38.72 -14.81 -67.07
N THR K 162 37.80 -13.87 -66.91
CA THR K 162 37.08 -13.26 -68.03
C THR K 162 37.75 -11.96 -68.40
N LYS K 163 37.44 -11.48 -69.61
CA LYS K 163 38.06 -10.26 -70.11
C LYS K 163 37.64 -9.03 -69.32
N ASP K 164 36.58 -9.10 -68.53
CA ASP K 164 36.11 -7.97 -67.73
C ASP K 164 36.73 -7.95 -66.34
N GLY K 165 37.67 -8.85 -66.04
CA GLY K 165 38.32 -8.90 -64.76
C GLY K 165 37.72 -9.86 -63.75
N GLN K 166 36.57 -10.45 -64.07
CA GLN K 166 35.94 -11.39 -63.15
C GLN K 166 36.63 -12.75 -63.21
N LYS K 167 36.44 -13.54 -62.16
CA LYS K 167 37.01 -14.88 -62.07
C LYS K 167 35.89 -15.88 -61.82
N HIS K 168 35.81 -16.89 -62.67
CA HIS K 168 34.85 -17.98 -62.53
C HIS K 168 35.61 -19.28 -62.28
N VAL K 169 34.85 -20.30 -61.87
CA VAL K 169 35.39 -21.62 -61.60
C VAL K 169 34.76 -22.59 -62.60
N VAL K 170 35.60 -23.31 -63.33
CA VAL K 170 35.13 -24.28 -64.31
C VAL K 170 35.47 -25.68 -63.81
N THR K 171 34.68 -26.64 -64.28
CA THR K 171 34.87 -28.05 -63.98
C THR K 171 35.21 -28.78 -65.26
N LEU K 172 36.16 -29.70 -65.20
CA LEU K 172 36.62 -30.44 -66.35
C LEU K 172 35.86 -31.75 -66.48
N LEU K 173 35.16 -31.93 -67.59
CA LEU K 173 34.45 -33.17 -67.88
C LEU K 173 35.09 -33.80 -69.12
N GLN K 174 35.70 -34.97 -68.94
CA GLN K 174 36.44 -35.64 -70.00
C GLN K 174 35.57 -36.72 -70.62
N VAL K 175 35.34 -36.62 -71.93
CA VAL K 175 34.57 -37.62 -72.67
C VAL K 175 35.56 -38.67 -73.14
N GLN K 176 35.66 -39.77 -72.38
CA GLN K 176 36.59 -40.84 -72.75
C GLN K 176 35.98 -41.74 -73.82
N ASP K 177 34.86 -42.40 -73.51
CA ASP K 177 34.21 -43.31 -74.43
C ASP K 177 32.72 -43.05 -74.40
N CYS K 178 32.22 -42.29 -75.38
CA CYS K 178 30.80 -42.07 -75.57
C CYS K 178 30.39 -42.79 -76.84
N HIS K 179 29.46 -43.74 -76.71
CA HIS K 179 28.99 -44.51 -77.85
C HIS K 179 27.50 -44.75 -77.74
N VAL K 180 26.81 -44.68 -78.88
CA VAL K 180 25.39 -45.00 -78.93
C VAL K 180 25.23 -46.51 -78.95
N LEU K 181 24.54 -47.05 -77.96
CA LEU K 181 24.42 -48.49 -77.79
C LEU K 181 23.19 -49.04 -78.51
N LYS K 182 22.01 -48.56 -78.15
CA LYS K 182 20.76 -49.03 -78.74
C LYS K 182 19.84 -47.85 -78.99
N TYR K 183 18.87 -48.05 -79.88
CA TYR K 183 17.89 -47.04 -80.23
C TYR K 183 16.50 -47.56 -79.87
N THR K 184 15.70 -46.73 -79.21
CA THR K 184 14.35 -47.14 -78.87
C THR K 184 13.35 -46.24 -79.59
N PRO K 185 12.34 -46.82 -80.24
CA PRO K 185 11.37 -45.99 -80.97
C PRO K 185 10.56 -45.11 -80.03
N LYS K 186 10.10 -43.99 -80.58
CA LYS K 186 9.33 -43.01 -79.81
C LYS K 186 8.05 -43.64 -79.28
N GLU K 187 7.34 -44.40 -80.11
CA GLU K 187 6.10 -45.04 -79.68
C GLU K 187 6.35 -46.11 -78.62
N ASN K 188 7.45 -46.85 -78.72
CA ASN K 188 7.75 -47.90 -77.78
C ASN K 188 8.43 -47.40 -76.51
N HIS K 189 8.90 -46.16 -76.48
CA HIS K 189 9.55 -45.62 -75.30
C HIS K 189 8.64 -44.66 -74.55
N ASN K 190 8.07 -43.68 -75.23
CA ASN K 190 7.23 -42.70 -74.56
C ASN K 190 5.98 -42.30 -75.32
N GLY K 191 5.98 -42.36 -76.66
CA GLY K 191 4.88 -41.84 -77.44
C GLY K 191 4.99 -40.37 -77.80
N ARG K 192 6.00 -39.67 -77.29
CA ARG K 192 6.26 -38.30 -77.71
C ARG K 192 7.66 -38.12 -78.28
N MET K 193 8.69 -38.64 -77.61
CA MET K 193 10.07 -38.47 -78.05
C MET K 193 10.78 -39.82 -78.03
N ALA K 194 11.70 -40.00 -78.98
CA ALA K 194 12.49 -41.22 -79.02
C ALA K 194 13.57 -41.19 -77.93
N ALA K 195 14.16 -42.36 -77.69
CA ALA K 195 15.17 -42.52 -76.64
C ALA K 195 16.44 -43.07 -77.26
N LEU K 196 17.57 -42.45 -76.93
CA LEU K 196 18.89 -42.92 -77.37
C LEU K 196 19.71 -43.33 -76.16
N THR K 197 20.33 -44.50 -76.26
CA THR K 197 21.11 -45.07 -75.16
C THR K 197 22.58 -44.77 -75.39
N VAL K 198 23.24 -44.22 -74.37
CA VAL K 198 24.64 -43.81 -74.46
C VAL K 198 25.42 -44.53 -73.36
N GLY K 199 26.61 -45.02 -73.73
CA GLY K 199 27.49 -45.69 -72.79
C GLY K 199 28.66 -44.81 -72.34
N GLY K 200 29.19 -45.13 -71.16
CA GLY K 200 30.31 -44.41 -70.60
C GLY K 200 31.65 -45.05 -70.92
N LYS K 201 32.61 -44.85 -70.02
CA LYS K 201 33.96 -45.33 -70.26
C LYS K 201 34.02 -46.86 -70.19
N THR K 202 35.06 -47.40 -70.82
CA THR K 202 35.20 -48.85 -70.95
C THR K 202 35.49 -49.50 -69.61
N VAL K 203 34.96 -50.71 -69.43
CA VAL K 203 35.20 -51.52 -68.25
C VAL K 203 35.60 -52.92 -68.71
N SER K 204 35.98 -53.76 -67.75
CA SER K 204 36.47 -55.10 -68.04
C SER K 204 35.32 -56.05 -68.31
N HIS K 205 35.58 -57.05 -69.16
CA HIS K 205 34.60 -58.08 -69.48
C HIS K 205 34.43 -59.08 -68.36
N PHE K 206 35.44 -59.28 -67.53
CA PHE K 206 35.45 -60.36 -66.54
C PHE K 206 34.54 -60.09 -65.35
N HIS K 207 33.99 -58.88 -65.22
CA HIS K 207 33.16 -58.54 -64.07
C HIS K 207 31.75 -58.10 -64.49
N LYS K 208 31.35 -58.35 -65.73
CA LYS K 208 30.00 -58.04 -66.19
C LYS K 208 29.19 -59.31 -66.37
N SER K 209 27.87 -59.14 -66.37
CA SER K 209 26.95 -60.26 -66.44
C SER K 209 26.89 -60.84 -67.85
N ALA K 210 26.32 -62.05 -67.94
CA ALA K 210 26.24 -62.73 -69.21
C ALA K 210 25.37 -61.98 -70.21
N SER K 211 24.23 -61.44 -69.75
CA SER K 211 23.35 -60.71 -70.66
C SER K 211 23.99 -59.41 -71.15
N ILE K 212 24.67 -58.69 -70.27
CA ILE K 212 25.36 -57.46 -70.69
C ILE K 212 26.49 -57.79 -71.67
N LEU K 213 27.25 -58.85 -71.39
CA LEU K 213 28.31 -59.25 -72.31
C LEU K 213 27.75 -59.67 -73.66
N GLU K 214 26.62 -60.39 -73.67
CA GLU K 214 25.98 -60.74 -74.94
C GLU K 214 25.51 -59.52 -75.70
N PHE K 215 24.91 -58.55 -75.01
CA PHE K 215 24.48 -57.32 -75.67
C PHE K 215 25.66 -56.58 -76.28
N TYR K 216 26.75 -56.44 -75.53
CA TYR K 216 27.93 -55.76 -76.06
C TYR K 216 28.62 -56.55 -77.16
N GLN K 217 28.56 -57.89 -77.12
CA GLN K 217 29.12 -58.69 -78.20
C GLN K 217 28.33 -58.52 -79.49
N GLU K 218 27.00 -58.50 -79.38
CA GLU K 218 26.19 -58.23 -80.56
C GLU K 218 26.37 -56.80 -81.06
N LEU K 219 26.60 -55.85 -80.15
CA LEU K 219 26.82 -54.47 -80.57
C LEU K 219 28.18 -54.30 -81.24
N GLY K 220 29.19 -55.03 -80.79
CA GLY K 220 30.53 -54.89 -81.34
C GLY K 220 31.45 -53.99 -80.55
N LEU K 221 31.09 -53.63 -79.32
CA LEU K 221 31.89 -52.73 -78.50
C LEU K 221 32.13 -53.34 -77.13
N PRO K 222 33.23 -52.97 -76.46
CA PRO K 222 33.47 -53.44 -75.11
C PRO K 222 32.48 -52.84 -74.13
N PRO K 223 32.22 -53.50 -73.00
CA PRO K 223 31.23 -52.98 -72.06
C PRO K 223 31.61 -51.63 -71.49
N LYS K 224 30.59 -50.83 -71.21
CA LYS K 224 30.75 -49.50 -70.61
C LYS K 224 30.38 -49.57 -69.13
N GLN K 225 30.77 -48.53 -68.39
CA GLN K 225 30.48 -48.49 -66.97
C GLN K 225 29.05 -48.03 -66.71
N LYS K 226 28.72 -46.82 -67.12
CA LYS K 226 27.42 -46.23 -66.87
C LYS K 226 26.64 -46.13 -68.18
N VAL K 227 25.41 -46.62 -68.17
CA VAL K 227 24.54 -46.64 -69.33
C VAL K 227 23.37 -45.72 -69.05
N LYS K 228 23.14 -44.74 -69.92
CA LYS K 228 22.10 -43.75 -69.69
C LYS K 228 21.21 -43.61 -70.92
N ILE K 229 20.03 -43.03 -70.69
CA ILE K 229 19.01 -42.85 -71.72
C ILE K 229 18.74 -41.36 -71.88
N PHE K 230 18.74 -40.88 -73.12
CA PHE K 230 18.49 -39.48 -73.43
C PHE K 230 17.23 -39.38 -74.28
N ASN K 231 16.35 -38.44 -73.91
CA ASN K 231 15.13 -38.20 -74.67
C ASN K 231 15.44 -37.22 -75.79
N VAL K 232 15.34 -37.68 -77.04
CA VAL K 232 15.64 -36.86 -78.20
C VAL K 232 14.48 -36.95 -79.17
N THR K 233 14.38 -35.95 -80.04
CA THR K 233 13.34 -35.95 -81.05
C THR K 233 13.67 -36.96 -82.16
N GLU K 234 12.63 -37.36 -82.89
CA GLU K 234 12.76 -38.39 -83.92
C GLU K 234 13.62 -37.95 -85.11
N ASN K 235 13.78 -36.64 -85.32
CA ASN K 235 14.59 -36.14 -86.43
C ASN K 235 16.07 -36.05 -86.10
N ALA K 236 16.45 -36.28 -84.85
CA ALA K 236 17.85 -36.24 -84.43
C ALA K 236 18.38 -37.61 -84.03
N VAL K 237 17.75 -38.68 -84.52
CA VAL K 237 18.17 -40.03 -84.17
C VAL K 237 19.49 -40.34 -84.85
N ILE K 238 20.32 -41.14 -84.18
CA ILE K 238 21.61 -41.56 -84.70
C ILE K 238 21.69 -43.09 -84.64
N LYS K 239 22.38 -43.67 -85.62
CA LYS K 239 22.54 -45.11 -85.67
C LYS K 239 23.31 -45.60 -84.45
N PRO K 240 22.91 -46.71 -83.83
CA PRO K 240 23.67 -47.25 -82.71
C PRO K 240 25.07 -47.68 -83.15
N GLY K 241 26.01 -47.60 -82.21
CA GLY K 241 27.40 -47.85 -82.50
C GLY K 241 28.19 -46.63 -82.90
N THR K 242 27.55 -45.48 -83.02
CA THR K 242 28.21 -44.23 -83.39
C THR K 242 28.97 -43.67 -82.19
N PRO K 243 30.25 -43.32 -82.36
CA PRO K 243 30.97 -42.65 -81.27
C PRO K 243 30.62 -41.17 -81.22
N LEU K 244 30.86 -40.58 -80.05
CA LEU K 244 30.58 -39.17 -79.79
C LEU K 244 31.81 -38.52 -79.16
N TYR K 245 32.00 -37.24 -79.45
CA TYR K 245 33.17 -36.50 -79.00
C TYR K 245 32.77 -35.23 -78.27
N ALA K 246 33.68 -34.73 -77.44
CA ALA K 246 33.43 -33.53 -76.67
C ALA K 246 33.22 -32.30 -77.53
N ALA K 247 33.60 -32.34 -78.81
CA ALA K 247 33.29 -31.26 -79.72
C ALA K 247 31.80 -31.15 -80.03
N HIS K 248 30.97 -32.05 -79.48
CA HIS K 248 29.54 -31.93 -79.66
C HIS K 248 29.01 -30.63 -79.07
N PHE K 249 29.65 -30.12 -78.03
CA PHE K 249 29.32 -28.82 -77.45
C PHE K 249 30.35 -27.80 -77.89
N ARG K 250 29.88 -26.64 -78.30
CA ARG K 250 30.74 -25.57 -78.77
C ARG K 250 30.92 -24.51 -77.67
N PRO K 251 32.01 -23.72 -77.74
CA PRO K 251 32.23 -22.69 -76.71
C PRO K 251 31.10 -21.68 -76.66
N GLY K 252 30.45 -21.62 -75.50
CA GLY K 252 29.29 -20.76 -75.32
C GLY K 252 28.02 -21.54 -75.55
N GLN K 253 27.50 -22.12 -74.48
CA GLN K 253 26.30 -22.94 -74.49
C GLN K 253 25.94 -23.23 -73.04
N TYR K 254 24.72 -23.70 -72.83
CA TYR K 254 24.21 -23.98 -71.49
C TYR K 254 23.82 -25.45 -71.43
N VAL K 255 24.38 -26.18 -70.47
CA VAL K 255 24.19 -27.61 -70.37
C VAL K 255 23.66 -27.95 -68.98
N ASP K 256 23.00 -29.10 -68.90
CA ASP K 256 22.50 -29.68 -67.67
C ASP K 256 23.31 -30.92 -67.34
N VAL K 257 23.71 -31.03 -66.07
CA VAL K 257 24.60 -32.09 -65.61
C VAL K 257 23.87 -32.94 -64.59
N THR K 258 23.80 -34.24 -64.83
CA THR K 258 23.14 -35.17 -63.92
C THR K 258 24.17 -36.17 -63.42
N ALA K 259 24.18 -36.38 -62.09
CA ALA K 259 25.12 -37.32 -61.50
C ALA K 259 24.69 -37.63 -60.09
N LYS K 260 25.22 -38.72 -59.55
CA LYS K 260 25.01 -39.05 -58.15
C LYS K 260 25.94 -38.22 -57.28
N THR K 261 25.38 -37.44 -56.37
CA THR K 261 26.18 -36.55 -55.53
C THR K 261 27.02 -37.36 -54.55
N ILE K 262 27.92 -36.65 -53.87
CA ILE K 262 28.81 -37.29 -52.90
C ILE K 262 27.96 -37.84 -51.76
N GLY K 263 27.90 -39.16 -51.65
CA GLY K 263 27.09 -39.80 -50.62
C GLY K 263 27.72 -39.74 -49.25
N LYS K 264 27.08 -39.02 -48.34
CA LYS K 264 27.58 -38.83 -46.98
C LYS K 264 27.05 -39.89 -46.02
N GLY K 265 26.25 -40.84 -46.50
CA GLY K 265 25.76 -41.91 -45.66
C GLY K 265 24.63 -41.47 -44.74
N PHE K 266 24.41 -42.28 -43.71
CA PHE K 266 23.35 -42.02 -42.74
C PHE K 266 23.79 -40.88 -41.83
N GLN K 267 23.41 -39.66 -42.19
CA GLN K 267 23.82 -38.46 -41.47
C GLN K 267 22.71 -37.96 -40.56
N GLY K 268 23.10 -37.20 -39.56
CA GLY K 268 22.17 -36.64 -38.61
C GLY K 268 21.31 -35.55 -39.23
N VAL K 269 20.27 -35.16 -38.49
CA VAL K 269 19.31 -34.20 -39.01
C VAL K 269 19.93 -32.82 -39.20
N MET K 270 20.87 -32.42 -38.34
CA MET K 270 21.49 -31.10 -38.48
C MET K 270 22.28 -30.98 -39.78
N ARG K 271 23.01 -32.04 -40.14
CA ARG K 271 23.74 -32.03 -41.41
C ARG K 271 22.83 -32.28 -42.60
N ARG K 272 21.73 -33.00 -42.39
CA ARG K 272 20.88 -33.36 -43.52
C ARG K 272 19.92 -32.23 -43.89
N TRP K 273 19.05 -31.84 -42.97
CA TRP K 273 18.05 -30.81 -43.26
C TRP K 273 18.45 -29.43 -42.77
N GLY K 274 19.57 -29.29 -42.07
CA GLY K 274 20.00 -28.00 -41.58
C GLY K 274 19.31 -27.51 -40.33
N PHE K 275 18.70 -28.38 -39.55
CA PHE K 275 18.04 -27.96 -38.33
C PHE K 275 19.06 -27.44 -37.32
N LYS K 276 18.70 -26.35 -36.65
CA LYS K 276 19.57 -25.79 -35.62
C LYS K 276 19.55 -26.68 -34.37
N GLY K 277 20.71 -26.80 -33.72
CA GLY K 277 20.83 -27.59 -32.53
C GLY K 277 20.49 -26.80 -31.27
N GLN K 278 20.54 -27.48 -30.15
CA GLN K 278 20.27 -26.89 -28.85
C GLN K 278 21.52 -26.22 -28.30
N PRO K 279 21.37 -25.32 -27.32
CA PRO K 279 22.56 -24.68 -26.73
C PRO K 279 23.51 -25.71 -26.14
N ALA K 280 24.80 -25.39 -26.23
CA ALA K 280 25.85 -26.35 -25.93
C ALA K 280 26.04 -26.62 -24.44
N THR K 281 25.94 -25.60 -23.58
CA THR K 281 26.30 -25.79 -22.19
C THR K 281 25.37 -25.09 -21.19
N HIS K 282 24.15 -24.72 -21.60
CA HIS K 282 23.22 -24.07 -20.69
C HIS K 282 22.35 -25.06 -19.93
N GLY K 283 22.85 -26.28 -19.72
CA GLY K 283 22.13 -27.29 -18.97
C GLY K 283 21.53 -28.39 -19.81
N GLN K 284 21.54 -28.25 -21.14
CA GLN K 284 20.95 -29.27 -22.01
C GLN K 284 21.64 -30.61 -21.79
N THR K 285 20.85 -31.66 -21.64
CA THR K 285 21.34 -32.99 -21.32
C THR K 285 21.07 -33.93 -22.50
N LYS K 286 22.13 -34.36 -23.17
CA LYS K 286 22.05 -35.36 -24.24
C LYS K 286 21.09 -34.93 -25.33
N THR K 287 21.18 -33.65 -25.71
CA THR K 287 20.25 -33.07 -26.68
C THR K 287 20.90 -32.18 -27.72
N HIS K 288 22.23 -32.01 -27.72
CA HIS K 288 22.87 -31.00 -28.53
C HIS K 288 22.60 -31.17 -30.03
N ARG K 289 22.25 -32.38 -30.47
CA ARG K 289 21.97 -32.59 -31.89
C ARG K 289 20.65 -33.32 -32.12
N ARG K 290 19.82 -33.49 -31.10
CA ARG K 290 18.53 -34.13 -31.29
C ARG K 290 17.61 -33.25 -32.12
N PRO K 291 16.74 -33.85 -32.94
CA PRO K 291 15.79 -33.04 -33.72
C PRO K 291 14.77 -32.30 -32.87
N GLY K 292 14.54 -32.72 -31.63
CA GLY K 292 13.55 -32.10 -30.78
C GLY K 292 12.15 -32.62 -31.05
N ALA K 293 11.16 -31.73 -31.01
CA ALA K 293 9.79 -32.13 -31.30
C ALA K 293 9.66 -32.53 -32.76
N ILE K 294 8.85 -33.57 -33.01
CA ILE K 294 8.66 -34.08 -34.36
C ILE K 294 7.23 -33.97 -34.86
N SER K 295 6.25 -33.85 -33.98
CA SER K 295 4.84 -33.79 -34.39
C SER K 295 4.05 -33.09 -33.30
N THR K 296 2.73 -33.19 -33.39
CA THR K 296 1.83 -32.55 -32.44
C THR K 296 1.09 -33.59 -31.61
N GLY K 297 0.63 -33.17 -30.44
CA GLY K 297 -0.04 -34.06 -29.51
C GLY K 297 -1.37 -34.59 -29.99
N ASP K 298 -2.19 -33.72 -30.59
CA ASP K 298 -3.53 -34.13 -31.00
C ASP K 298 -3.49 -35.08 -32.19
N VAL K 299 -2.52 -34.93 -33.08
CA VAL K 299 -2.45 -35.78 -34.27
C VAL K 299 -2.22 -37.23 -33.89
N ALA K 300 -1.53 -37.49 -32.79
CA ALA K 300 -1.21 -38.82 -32.30
C ALA K 300 -0.39 -39.62 -33.30
N ARG K 301 0.27 -38.96 -34.22
CA ARG K 301 1.11 -39.60 -35.23
C ARG K 301 2.00 -38.54 -35.85
N VAL K 302 2.96 -39.00 -36.64
CA VAL K 302 3.86 -38.10 -37.35
C VAL K 302 3.54 -38.15 -38.84
N TRP K 303 3.62 -36.98 -39.48
CA TRP K 303 3.33 -36.88 -40.89
C TRP K 303 4.43 -37.52 -41.73
N PRO K 304 4.08 -38.08 -42.89
CA PRO K 304 5.11 -38.68 -43.75
C PRO K 304 6.13 -37.69 -44.27
N GLY K 305 5.81 -36.41 -44.28
CA GLY K 305 6.74 -35.40 -44.78
C GLY K 305 7.70 -34.89 -43.73
N THR K 306 7.70 -35.50 -42.56
CA THR K 306 8.57 -35.07 -41.48
C THR K 306 10.03 -35.30 -41.86
N LYS K 307 10.87 -34.30 -41.57
CA LYS K 307 12.29 -34.39 -41.87
C LYS K 307 13.01 -35.11 -40.73
N MET K 308 13.72 -36.18 -41.06
CA MET K 308 14.37 -37.04 -40.08
C MET K 308 15.74 -37.43 -40.60
N PRO K 309 16.66 -37.80 -39.70
CA PRO K 309 17.98 -38.27 -40.14
C PRO K 309 17.86 -39.53 -40.99
N GLY K 310 18.75 -39.64 -41.97
CA GLY K 310 18.74 -40.78 -42.85
C GLY K 310 19.84 -40.69 -43.89
N GLN K 311 19.66 -41.43 -44.97
CA GLN K 311 20.64 -41.42 -46.05
C GLN K 311 20.70 -40.03 -46.69
N LEU K 312 21.92 -39.59 -47.00
CA LEU K 312 22.15 -38.26 -47.55
C LEU K 312 23.31 -38.32 -48.53
N GLY K 313 23.07 -37.82 -49.75
CA GLY K 313 24.13 -37.68 -50.72
C GLY K 313 24.10 -38.67 -51.85
N ASN K 314 23.81 -39.94 -51.56
CA ASN K 314 23.83 -40.99 -52.57
C ASN K 314 22.50 -41.01 -53.32
N ILE K 315 22.27 -39.92 -54.06
CA ILE K 315 21.07 -39.78 -54.89
C ILE K 315 21.46 -39.00 -56.13
N ASP K 316 20.71 -39.20 -57.21
CA ASP K 316 20.98 -38.55 -58.47
C ASP K 316 20.39 -37.14 -58.44
N ARG K 317 21.22 -36.15 -58.75
CA ARG K 317 20.80 -34.76 -58.81
C ARG K 317 21.26 -34.16 -60.14
N THR K 318 20.53 -33.13 -60.56
CA THR K 318 20.78 -32.45 -61.83
C THR K 318 20.93 -30.95 -61.59
N ALA K 319 22.04 -30.40 -62.06
CA ALA K 319 22.28 -28.96 -62.05
C ALA K 319 22.00 -28.41 -63.45
N PHE K 320 21.18 -27.35 -63.50
CA PHE K 320 20.73 -26.77 -64.75
C PHE K 320 21.44 -25.46 -65.03
N GLY K 321 21.53 -25.12 -66.31
CA GLY K 321 22.10 -23.85 -66.71
C GLY K 321 23.58 -23.66 -66.42
N LEU K 322 24.38 -24.69 -66.66
CA LEU K 322 25.82 -24.58 -66.49
C LEU K 322 26.43 -24.12 -67.82
N LYS K 323 27.05 -22.94 -67.81
CA LYS K 323 27.65 -22.41 -69.03
C LYS K 323 28.98 -23.09 -69.31
N VAL K 324 29.25 -23.33 -70.59
CA VAL K 324 30.51 -23.92 -71.03
C VAL K 324 31.35 -22.83 -71.68
N TRP K 325 32.62 -22.76 -71.27
CA TRP K 325 33.53 -21.74 -71.77
C TRP K 325 34.56 -22.28 -72.75
N ARG K 326 35.17 -23.42 -72.43
CA ARG K 326 36.31 -23.92 -73.18
C ARG K 326 36.08 -25.38 -73.59
N ILE K 327 36.52 -25.71 -74.80
CA ILE K 327 36.44 -27.07 -75.32
C ILE K 327 37.83 -27.48 -75.81
N ASN K 328 38.42 -28.47 -75.16
CA ASN K 328 39.71 -29.02 -75.58
C ASN K 328 39.47 -30.25 -76.43
N THR K 329 39.80 -30.15 -77.71
CA THR K 329 39.51 -31.20 -78.68
C THR K 329 40.42 -32.42 -78.54
N LYS K 330 41.72 -32.19 -78.35
CA LYS K 330 42.67 -33.30 -78.32
C LYS K 330 42.38 -34.26 -77.17
N HIS K 331 42.13 -33.71 -75.98
CA HIS K 331 41.85 -34.52 -74.80
C HIS K 331 40.36 -34.72 -74.56
N ASN K 332 39.50 -34.13 -75.39
CA ASN K 332 38.04 -34.25 -75.26
C ASN K 332 37.60 -33.82 -73.87
N ILE K 333 37.82 -32.53 -73.58
CA ILE K 333 37.54 -31.96 -72.27
C ILE K 333 36.59 -30.79 -72.44
N ILE K 334 35.57 -30.73 -71.58
CA ILE K 334 34.58 -29.66 -71.57
C ILE K 334 34.74 -28.89 -70.25
N TYR K 335 34.82 -27.56 -70.34
CA TYR K 335 34.95 -26.71 -69.17
C TYR K 335 33.58 -26.12 -68.89
N VAL K 336 32.93 -26.61 -67.82
CA VAL K 336 31.58 -26.19 -67.49
C VAL K 336 31.61 -25.27 -66.28
N ASN K 337 30.95 -24.11 -66.39
CA ASN K 337 30.94 -23.16 -65.29
C ASN K 337 30.13 -23.70 -64.11
N GLY K 338 30.56 -23.33 -62.92
CA GLY K 338 29.87 -23.74 -61.71
C GLY K 338 30.26 -25.13 -61.25
N SER K 339 29.68 -25.54 -60.13
CA SER K 339 29.97 -26.83 -59.54
C SER K 339 29.20 -27.93 -60.26
N VAL K 340 29.80 -29.12 -60.27
CA VAL K 340 29.20 -30.32 -60.86
C VAL K 340 28.85 -31.28 -59.73
N PRO K 341 27.58 -31.67 -59.59
CA PRO K 341 27.21 -32.63 -58.54
C PRO K 341 27.95 -33.95 -58.74
N GLY K 342 28.40 -34.54 -57.63
CA GLY K 342 29.14 -35.78 -57.69
C GLY K 342 30.62 -35.58 -57.43
N HIS K 343 31.27 -36.63 -56.94
CA HIS K 343 32.70 -36.54 -56.63
C HIS K 343 33.53 -36.58 -57.92
N LYS K 344 34.82 -36.33 -57.77
CA LYS K 344 35.73 -36.37 -58.89
C LYS K 344 35.93 -37.81 -59.37
N ASN K 345 36.32 -37.94 -60.63
CA ASN K 345 36.53 -39.24 -61.28
C ASN K 345 35.25 -40.09 -61.24
N CYS K 346 34.10 -39.46 -61.47
CA CYS K 346 32.83 -40.16 -61.56
C CYS K 346 32.13 -39.81 -62.87
N LEU K 347 31.23 -40.71 -63.28
CA LEU K 347 30.50 -40.52 -64.53
C LEU K 347 29.46 -39.42 -64.39
N VAL K 348 29.34 -38.60 -65.43
CA VAL K 348 28.45 -37.46 -65.45
C VAL K 348 27.69 -37.46 -66.76
N LYS K 349 26.36 -37.30 -66.69
CA LYS K 349 25.49 -37.26 -67.87
C LYS K 349 25.26 -35.79 -68.24
N ILE K 350 25.72 -35.40 -69.42
CA ILE K 350 25.62 -34.01 -69.87
C ILE K 350 24.60 -33.94 -70.99
N LYS K 351 23.72 -32.95 -70.92
CA LYS K 351 22.75 -32.72 -71.98
C LYS K 351 22.59 -31.22 -72.17
N ASP K 352 21.80 -30.83 -73.17
CA ASP K 352 21.53 -29.42 -73.38
C ASP K 352 20.65 -28.87 -72.26
N SER K 353 20.58 -27.55 -72.17
CA SER K 353 19.74 -26.92 -71.17
C SER K 353 18.28 -26.96 -71.62
N LYS K 354 17.42 -27.52 -70.78
CA LYS K 354 15.99 -27.56 -71.04
C LYS K 354 15.27 -26.34 -70.48
N LEU K 355 15.99 -25.39 -69.91
CA LEU K 355 15.39 -24.18 -69.40
C LEU K 355 14.79 -23.37 -70.54
N PRO K 356 13.66 -22.69 -70.31
CA PRO K 356 13.02 -21.94 -71.40
C PRO K 356 13.88 -20.80 -71.93
N ALA K 357 14.86 -20.33 -71.18
CA ALA K 357 15.69 -19.21 -71.64
C ALA K 357 16.59 -19.62 -72.80
N TYR K 358 16.96 -20.89 -72.88
CA TYR K 358 17.85 -21.39 -73.92
C TYR K 358 17.24 -22.62 -74.60
N LYS K 359 15.97 -22.50 -74.99
CA LYS K 359 15.28 -23.64 -75.61
C LYS K 359 15.72 -23.84 -77.06
N ASP K 360 16.04 -22.76 -77.76
CA ASP K 360 16.35 -22.81 -79.19
C ASP K 360 17.79 -22.36 -79.47
N PHE K 361 18.73 -22.80 -78.64
CA PHE K 361 20.14 -22.47 -78.83
C PHE K 361 20.87 -23.50 -79.69
N CYS K 362 20.22 -24.59 -80.07
CA CYS K 362 20.86 -25.66 -80.81
C CYS K 362 20.89 -25.42 -82.31
N LYS K 363 20.36 -24.29 -82.79
CA LYS K 363 20.33 -24.03 -84.23
C LYS K 363 21.74 -23.92 -84.80
N ASN K 364 22.63 -23.21 -84.11
CA ASN K 364 24.00 -23.04 -84.60
C ASN K 364 24.86 -24.27 -84.39
N LEU K 365 24.50 -25.12 -83.43
CA LEU K 365 25.28 -26.31 -83.14
C LEU K 365 25.07 -27.37 -84.20
N PRO K 366 26.00 -28.31 -84.36
CA PRO K 366 25.77 -29.45 -85.26
C PRO K 366 24.57 -30.26 -84.79
N PHE K 367 23.56 -30.35 -85.65
CA PHE K 367 22.27 -30.90 -85.21
C PHE K 367 22.36 -32.38 -84.87
N PRO K 368 22.78 -33.29 -85.77
CA PRO K 368 22.82 -34.71 -85.40
C PRO K 368 23.84 -34.98 -84.31
N THR K 369 25.11 -34.68 -84.59
CA THR K 369 26.22 -34.79 -83.65
C THR K 369 27.43 -34.15 -84.32
N TYR K 370 28.59 -34.23 -83.65
CA TYR K 370 29.84 -33.77 -84.24
C TYR K 370 30.47 -34.93 -84.99
N PHE K 371 30.63 -34.77 -86.30
CA PHE K 371 31.31 -35.77 -87.11
C PHE K 371 32.69 -35.27 -87.45
N PRO K 372 33.75 -35.82 -86.85
CA PRO K 372 35.12 -35.37 -87.20
C PRO K 372 35.49 -35.63 -88.64
N ASP K 373 34.86 -36.61 -89.30
CA ASP K 373 35.14 -36.92 -90.69
C ASP K 373 34.29 -36.13 -91.67
N GLY K 374 33.18 -35.55 -91.22
CA GLY K 374 32.30 -34.80 -92.10
C GLY K 374 32.91 -33.54 -92.65
N ASP K 375 33.62 -32.79 -91.80
CA ASP K 375 34.23 -31.53 -92.23
C ASP K 375 35.56 -31.72 -92.93
N GLU K 376 36.26 -32.83 -92.67
CA GLU K 376 37.60 -33.09 -93.21
C GLU K 376 38.58 -31.98 -92.85
N GLU K 377 38.38 -31.36 -91.68
CA GLU K 377 39.24 -30.29 -91.22
C GLU K 377 39.44 -30.44 -89.71
N ALA K 378 40.69 -30.43 -89.27
CA ALA K 378 40.98 -30.58 -87.85
C ALA K 378 40.68 -29.28 -87.12
N LEU K 379 39.86 -29.37 -86.07
CA LEU K 379 39.54 -28.21 -85.26
C LEU K 379 40.76 -27.81 -84.43
N PRO K 380 40.82 -26.54 -84.00
CA PRO K 380 41.92 -26.11 -83.15
C PRO K 380 41.94 -26.89 -81.84
N GLU K 381 43.10 -26.87 -81.18
CA GLU K 381 43.28 -27.65 -79.97
C GLU K 381 42.32 -27.20 -78.87
N ASP K 382 42.15 -25.89 -78.71
CA ASP K 382 41.25 -25.36 -77.68
C ASP K 382 40.35 -24.31 -78.32
N LEU K 383 39.05 -24.47 -78.13
CA LEU K 383 38.05 -23.50 -78.57
C LEU K 383 37.58 -22.72 -77.35
N TYR K 384 37.73 -21.41 -77.39
CA TYR K 384 37.37 -20.52 -76.30
C TYR K 384 36.12 -19.73 -76.65
N ASP K 385 35.50 -19.17 -75.61
CA ASP K 385 34.36 -18.29 -75.78
C ASP K 385 34.84 -16.88 -76.11
N GLU K 386 33.90 -16.02 -76.51
CA GLU K 386 34.25 -14.66 -76.89
C GLU K 386 34.72 -13.81 -75.71
N ASN K 387 34.53 -14.27 -74.48
CA ASN K 387 34.93 -13.52 -73.31
C ASN K 387 36.02 -14.19 -72.49
N VAL K 388 36.43 -15.41 -72.84
CA VAL K 388 37.43 -16.13 -72.07
C VAL K 388 38.80 -15.50 -72.32
N CYS K 389 39.50 -15.18 -71.24
CA CYS K 389 40.87 -14.69 -71.33
C CYS K 389 41.78 -15.89 -71.54
N GLN K 390 42.26 -16.05 -72.77
CA GLN K 390 43.05 -17.23 -73.13
C GLN K 390 44.41 -17.20 -72.43
N PRO K 391 45.01 -18.37 -72.23
CA PRO K 391 46.35 -18.41 -71.60
C PRO K 391 47.37 -17.58 -72.36
N GLY K 392 47.30 -17.55 -73.68
CA GLY K 392 48.11 -16.62 -74.45
C GLY K 392 47.37 -15.31 -74.65
N ALA K 393 47.68 -14.33 -73.81
CA ALA K 393 46.97 -13.06 -73.79
C ALA K 393 47.99 -11.94 -73.68
N PRO K 394 47.63 -10.73 -74.13
CA PRO K 394 48.56 -9.60 -74.02
C PRO K 394 48.57 -8.96 -72.64
N SER K 395 48.02 -9.67 -71.64
CA SER K 395 47.87 -9.16 -70.28
C SER K 395 47.03 -7.87 -70.29
N ILE K 396 45.74 -8.08 -70.60
CA ILE K 396 44.82 -6.98 -70.84
C ILE K 396 44.87 -5.98 -69.70
N THR K 397 44.84 -4.70 -70.06
CA THR K 397 44.81 -3.60 -69.11
C THR K 397 43.67 -2.66 -69.46
N PHE K 398 43.07 -2.06 -68.45
CA PHE K 398 41.93 -1.19 -68.67
C PHE K 398 42.37 0.12 -69.32
N THR K 399 41.40 0.79 -69.95
CA THR K 399 41.65 2.07 -70.60
C THR K 399 40.61 3.10 -70.19
N PRO L 45 -42.20 -133.86 22.48
CA PRO L 45 -43.03 -133.02 23.35
C PRO L 45 -43.24 -131.62 22.79
N PRO L 46 -44.49 -131.26 22.50
CA PRO L 46 -44.77 -129.91 21.97
C PRO L 46 -44.51 -128.86 23.04
N VAL L 47 -43.81 -127.80 22.64
CA VAL L 47 -43.50 -126.69 23.53
C VAL L 47 -44.24 -125.45 23.03
N LEU L 48 -45.07 -124.87 23.89
CA LEU L 48 -45.89 -123.73 23.53
C LEU L 48 -45.59 -122.55 24.44
N ARG L 49 -45.44 -121.38 23.82
CA ARG L 49 -45.16 -120.14 24.53
C ARG L 49 -46.38 -119.23 24.41
N LYS L 50 -46.96 -118.87 25.54
CA LYS L 50 -48.13 -118.00 25.60
C LYS L 50 -47.70 -116.59 26.00
N CYS L 51 -48.42 -115.60 25.48
CA CYS L 51 -48.14 -114.22 25.81
C CYS L 51 -48.37 -113.99 27.30
N GLU L 52 -47.40 -113.37 27.97
CA GLU L 52 -47.46 -113.12 29.41
C GLU L 52 -48.02 -111.75 29.73
N LEU L 53 -48.43 -110.97 28.74
CA LEU L 53 -48.98 -109.65 28.95
C LEU L 53 -50.31 -109.52 28.23
N PRO L 54 -51.23 -108.72 28.76
CA PRO L 54 -52.55 -108.57 28.11
C PRO L 54 -52.41 -107.99 26.71
N VAL L 55 -53.14 -108.57 25.76
CA VAL L 55 -53.13 -108.12 24.38
C VAL L 55 -54.40 -107.30 24.14
N PRO L 56 -54.40 -106.37 23.19
CA PRO L 56 -55.63 -105.63 22.89
C PRO L 56 -56.73 -106.55 22.38
N ALA L 57 -57.96 -106.17 22.69
CA ALA L 57 -59.10 -106.99 22.30
C ALA L 57 -59.29 -107.03 20.79
N HIS L 58 -59.05 -105.91 20.11
CA HIS L 58 -59.29 -105.83 18.67
C HIS L 58 -58.19 -106.48 17.84
N ARG L 59 -57.05 -106.81 18.45
CA ARG L 59 -55.88 -107.32 17.74
C ARG L 59 -55.48 -108.67 18.31
N ARG L 60 -55.22 -109.63 17.44
CA ARG L 60 -54.82 -110.95 17.88
C ARG L 60 -53.29 -111.09 17.87
N PRO L 61 -52.73 -111.90 18.76
CA PRO L 61 -51.28 -112.14 18.74
C PRO L 61 -50.86 -112.92 17.50
N VAL L 62 -49.59 -112.75 17.14
CA VAL L 62 -49.03 -113.37 15.95
C VAL L 62 -48.26 -114.62 16.34
N GLN L 63 -48.59 -115.74 15.70
CA GLN L 63 -47.96 -117.01 16.02
C GLN L 63 -46.70 -117.22 15.19
N ALA L 64 -45.73 -117.91 15.78
CA ALA L 64 -44.45 -118.15 15.14
C ALA L 64 -43.93 -119.53 15.55
N TRP L 65 -43.06 -120.08 14.72
CA TRP L 65 -42.47 -121.38 15.01
C TRP L 65 -41.35 -121.24 16.05
N ILE L 66 -41.08 -122.34 16.73
CA ILE L 66 -39.97 -122.45 17.68
C ILE L 66 -39.08 -123.58 17.20
N GLU L 67 -37.87 -123.23 16.77
CA GLU L 67 -36.91 -124.17 16.22
C GLU L 67 -35.97 -124.67 17.31
N SER L 68 -35.15 -125.65 16.95
CA SER L 68 -34.14 -126.21 17.84
C SER L 68 -32.77 -126.10 17.19
N LEU L 69 -31.77 -125.77 17.99
CA LEU L 69 -30.40 -125.60 17.51
C LEU L 69 -29.58 -126.88 17.62
N ARG L 70 -30.19 -127.99 18.02
CA ARG L 70 -29.47 -129.23 18.23
C ARG L 70 -29.49 -130.15 17.02
N GLY L 71 -30.67 -130.38 16.44
CA GLY L 71 -30.82 -131.30 15.33
C GLY L 71 -30.93 -130.60 13.98
N TYR L 72 -30.45 -131.27 12.94
CA TYR L 72 -30.51 -130.71 11.60
C TYR L 72 -31.94 -130.69 11.06
N GLU L 73 -32.65 -131.80 11.18
CA GLU L 73 -33.95 -131.95 10.54
C GLU L 73 -35.11 -131.45 11.39
N GLN L 74 -34.88 -131.10 12.65
CA GLN L 74 -35.96 -130.63 13.52
C GLN L 74 -35.95 -129.10 13.53
N GLU L 75 -36.78 -128.53 12.66
CA GLU L 75 -36.98 -127.08 12.60
C GLU L 75 -38.30 -126.64 13.19
N ARG L 76 -39.31 -127.50 13.20
CA ARG L 76 -40.62 -127.20 13.78
C ARG L 76 -40.76 -128.01 15.06
N VAL L 77 -40.30 -127.42 16.17
CA VAL L 77 -40.36 -128.08 17.46
C VAL L 77 -41.46 -127.53 18.36
N GLY L 78 -41.77 -126.25 18.26
CA GLY L 78 -42.82 -125.68 19.09
C GLY L 78 -43.54 -124.51 18.47
N LEU L 79 -44.46 -123.91 19.22
CA LEU L 79 -45.23 -122.77 18.73
C LEU L 79 -45.23 -121.68 19.79
N THR L 80 -45.06 -120.43 19.37
CA THR L 80 -45.04 -119.30 20.29
C THR L 80 -46.01 -118.22 19.82
N GLU L 81 -46.53 -117.46 20.77
CA GLU L 81 -47.37 -116.30 20.48
C GLU L 81 -46.60 -115.03 20.82
N LEU L 82 -46.63 -114.06 19.91
CA LEU L 82 -45.94 -112.80 20.08
C LEU L 82 -46.95 -111.65 20.08
N HIS L 83 -46.67 -110.66 20.92
CA HIS L 83 -47.56 -109.53 21.06
C HIS L 83 -47.60 -108.72 19.77
N PRO L 84 -48.81 -108.37 19.29
CA PRO L 84 -48.89 -107.58 18.05
C PRO L 84 -48.25 -106.20 18.14
N ASP L 85 -48.25 -105.58 19.32
CA ASP L 85 -47.66 -104.26 19.50
C ASP L 85 -46.13 -104.30 19.59
N VAL L 86 -45.53 -105.47 19.43
CA VAL L 86 -44.08 -105.63 19.42
C VAL L 86 -43.60 -106.23 18.11
N PHE L 87 -44.25 -107.32 17.66
CA PHE L 87 -43.85 -108.02 16.46
C PHE L 87 -44.84 -107.85 15.30
N SER L 88 -45.90 -107.06 15.48
CA SER L 88 -46.87 -106.87 14.41
C SER L 88 -47.31 -105.42 14.31
N THR L 89 -46.49 -104.49 14.78
CA THR L 89 -46.78 -103.07 14.60
C THR L 89 -46.61 -102.67 13.14
N ALA L 90 -47.07 -101.47 12.82
CA ALA L 90 -46.90 -100.94 11.47
C ALA L 90 -45.42 -100.66 11.21
N PRO L 91 -44.87 -101.10 10.08
CA PRO L 91 -43.45 -100.87 9.81
C PRO L 91 -43.15 -99.42 9.49
N ARG L 92 -42.31 -98.79 10.32
CA ARG L 92 -41.95 -97.38 10.14
C ARG L 92 -40.48 -97.33 9.72
N LEU L 93 -40.26 -97.37 8.39
CA LEU L 93 -38.92 -97.27 7.86
C LEU L 93 -38.27 -95.94 8.19
N ASP L 94 -39.06 -94.87 8.34
CA ASP L 94 -38.50 -93.59 8.75
C ASP L 94 -37.88 -93.67 10.14
N ILE L 95 -38.58 -94.29 11.09
CA ILE L 95 -38.04 -94.46 12.43
C ILE L 95 -36.85 -95.42 12.41
N LEU L 96 -36.91 -96.46 11.57
CA LEU L 96 -35.75 -97.35 11.44
C LEU L 96 -34.53 -96.57 10.97
N HIS L 97 -34.68 -95.72 9.96
CA HIS L 97 -33.59 -94.91 9.47
C HIS L 97 -33.09 -93.92 10.53
N GLN L 98 -34.00 -93.29 11.28
CA GLN L 98 -33.59 -92.38 12.32
C GLN L 98 -32.76 -93.09 13.40
N VAL L 99 -33.21 -94.28 13.82
CA VAL L 99 -32.47 -95.03 14.83
C VAL L 99 -31.12 -95.48 14.30
N ALA L 100 -31.07 -95.94 13.05
CA ALA L 100 -29.80 -96.37 12.47
C ALA L 100 -28.82 -95.21 12.37
N ILE L 101 -29.29 -94.04 11.95
CA ILE L 101 -28.43 -92.87 11.88
C ILE L 101 -27.96 -92.44 13.27
N TRP L 102 -28.86 -92.45 14.26
CA TRP L 102 -28.48 -92.06 15.61
C TRP L 102 -27.42 -92.99 16.19
N GLN L 103 -27.60 -94.30 16.00
CA GLN L 103 -26.64 -95.25 16.55
C GLN L 103 -25.25 -95.06 15.94
N LYS L 104 -25.19 -94.70 14.65
CA LYS L 104 -23.90 -94.46 14.02
C LYS L 104 -23.29 -93.13 14.41
N ASN L 105 -24.12 -92.09 14.62
CA ASN L 105 -23.60 -90.75 14.82
C ASN L 105 -23.31 -90.38 16.26
N PHE L 106 -24.12 -90.84 17.22
CA PHE L 106 -24.01 -90.35 18.59
C PHE L 106 -22.69 -90.76 19.24
N LYS L 107 -22.02 -91.80 18.72
CA LYS L 107 -20.71 -92.20 19.25
C LYS L 107 -19.55 -91.51 18.53
N ARG L 108 -19.81 -90.68 17.54
CA ARG L 108 -18.75 -90.08 16.75
C ARG L 108 -18.13 -88.90 17.49
N ILE L 109 -16.79 -88.88 17.54
CA ILE L 109 -16.03 -87.73 18.02
C ILE L 109 -14.88 -87.52 17.03
N SER L 110 -15.00 -86.50 16.19
CA SER L 110 -14.01 -86.26 15.15
C SER L 110 -12.77 -85.61 15.76
N TYR L 111 -11.63 -86.30 15.69
CA TYR L 111 -10.37 -85.78 16.21
C TYR L 111 -9.61 -85.05 15.11
N ALA L 112 -10.30 -84.11 14.46
CA ALA L 112 -9.75 -83.34 13.36
C ALA L 112 -9.62 -81.89 13.80
N LYS L 113 -8.39 -81.44 13.99
CA LYS L 113 -8.10 -80.06 14.37
C LYS L 113 -6.97 -79.52 13.51
N THR L 114 -7.23 -78.44 12.80
CA THR L 114 -6.21 -77.74 12.03
C THR L 114 -5.85 -76.43 12.69
N LYS L 115 -4.68 -75.90 12.34
CA LYS L 115 -4.17 -74.67 12.93
C LYS L 115 -4.62 -73.48 12.08
N THR L 116 -5.28 -72.52 12.71
CA THR L 116 -5.65 -71.28 12.04
C THR L 116 -4.44 -70.36 11.97
N ARG L 117 -4.64 -69.17 11.38
CA ARG L 117 -3.54 -68.23 11.22
C ARG L 117 -2.95 -67.78 12.55
N ALA L 118 -3.74 -67.83 13.62
CA ALA L 118 -3.25 -67.47 14.95
C ALA L 118 -2.48 -68.59 15.62
N GLU L 119 -2.59 -69.83 15.13
CA GLU L 119 -1.91 -70.97 15.73
C GLU L 119 -0.63 -71.35 14.99
N VAL L 120 -0.28 -70.66 13.91
CA VAL L 120 0.95 -70.98 13.21
C VAL L 120 2.15 -70.51 14.04
N ARG L 121 3.33 -71.00 13.66
CA ARG L 121 4.54 -70.72 14.43
C ARG L 121 4.95 -69.26 14.32
N GLY L 122 5.21 -68.80 13.11
CA GLY L 122 5.73 -67.46 12.87
C GLY L 122 4.66 -66.47 12.46
N GLY L 123 4.99 -65.64 11.48
CA GLY L 123 4.08 -64.61 11.02
C GLY L 123 3.81 -63.53 12.05
N GLY L 124 4.87 -63.06 12.69
CA GLY L 124 4.73 -62.07 13.75
C GLY L 124 4.90 -60.64 13.32
N ARG L 125 5.40 -60.41 12.10
CA ARG L 125 5.64 -59.06 11.62
C ARG L 125 5.29 -58.96 10.13
N LYS L 126 5.10 -57.73 9.68
CA LYS L 126 4.82 -57.46 8.28
C LYS L 126 6.06 -57.75 7.45
N PRO L 127 5.94 -58.44 6.30
CA PRO L 127 7.14 -58.76 5.52
C PRO L 127 7.73 -57.55 4.81
N TRP L 128 6.90 -56.61 4.37
CA TRP L 128 7.41 -55.43 3.69
C TRP L 128 6.47 -54.25 3.95
N VAL L 129 6.98 -53.06 3.68
CA VAL L 129 6.23 -51.84 3.94
C VAL L 129 5.02 -51.75 3.01
N GLN L 130 4.02 -50.97 3.43
CA GLN L 130 2.74 -50.93 2.74
C GLN L 130 2.88 -50.37 1.32
N LYS L 131 3.62 -49.27 1.17
CA LYS L 131 3.70 -48.57 -0.11
C LYS L 131 5.12 -48.60 -0.66
N GLY L 132 5.21 -48.49 -1.99
CA GLY L 132 6.46 -48.37 -2.69
C GLY L 132 7.06 -49.68 -3.15
N SER L 133 6.62 -50.80 -2.57
CA SER L 133 7.15 -52.10 -2.99
C SER L 133 6.66 -52.48 -4.38
N GLY L 134 5.46 -52.05 -4.75
CA GLY L 134 4.88 -52.41 -6.02
C GLY L 134 4.22 -53.77 -6.06
N ARG L 135 4.26 -54.52 -4.97
CA ARG L 135 3.66 -55.84 -4.88
C ARG L 135 2.43 -55.79 -3.97
N ALA L 136 1.80 -56.95 -3.80
CA ALA L 136 0.59 -57.03 -3.01
C ALA L 136 0.88 -56.73 -1.54
N ARG L 137 -0.09 -56.08 -0.89
CA ARG L 137 0.00 -55.77 0.53
C ARG L 137 -0.40 -56.99 1.35
N HIS L 138 0.35 -57.25 2.41
CA HIS L 138 0.10 -58.39 3.26
C HIS L 138 0.43 -58.03 4.71
N GLY L 139 -0.17 -58.76 5.64
CA GLY L 139 0.12 -58.59 7.04
C GLY L 139 0.99 -59.72 7.57
N SER L 140 0.37 -60.67 8.26
CA SER L 140 1.10 -61.84 8.73
C SER L 140 1.37 -62.80 7.57
N ILE L 141 2.61 -63.28 7.50
CA ILE L 141 2.99 -64.23 6.44
C ILE L 141 2.35 -65.59 6.63
N ARG L 142 1.65 -65.81 7.74
CA ARG L 142 0.93 -67.05 8.00
C ARG L 142 -0.54 -66.95 7.64
N SER L 143 -0.91 -65.98 6.81
CA SER L 143 -2.29 -65.84 6.39
C SER L 143 -2.68 -67.03 5.51
N PRO L 144 -3.98 -67.36 5.44
CA PRO L 144 -4.41 -68.49 4.61
C PRO L 144 -4.06 -68.34 3.14
N ILE L 145 -3.87 -67.12 2.65
CA ILE L 145 -3.47 -66.92 1.26
C ILE L 145 -2.05 -67.46 1.04
N TRP L 146 -1.17 -67.29 2.02
CA TRP L 146 0.21 -67.72 1.88
C TRP L 146 0.31 -69.23 1.81
N ARG L 147 1.45 -69.71 1.32
CA ARG L 147 1.66 -71.15 1.15
C ARG L 147 1.73 -71.85 2.50
N GLY L 148 2.52 -71.32 3.43
CA GLY L 148 2.71 -71.97 4.71
C GLY L 148 1.73 -71.50 5.77
N GLY L 149 0.71 -70.74 5.36
CA GLY L 149 -0.24 -70.20 6.30
C GLY L 149 -1.24 -71.25 6.78
N GLY L 150 -2.05 -70.83 7.74
CA GLY L 150 -3.06 -71.71 8.30
C GLY L 150 -4.30 -71.80 7.44
N VAL L 151 -5.23 -72.63 7.88
CA VAL L 151 -6.50 -72.83 7.19
C VAL L 151 -7.50 -71.78 7.68
N ALA L 152 -8.32 -71.28 6.75
CA ALA L 152 -9.28 -70.24 7.10
C ALA L 152 -10.27 -70.72 8.16
N HIS L 153 -11.04 -71.76 7.85
CA HIS L 153 -11.99 -72.33 8.80
C HIS L 153 -11.60 -73.73 9.21
N GLY L 154 -11.54 -74.67 8.26
CA GLY L 154 -11.12 -76.03 8.54
C GLY L 154 -11.92 -76.71 9.64
N PRO L 155 -11.46 -77.90 10.05
CA PRO L 155 -12.02 -78.51 11.26
C PRO L 155 -11.32 -77.99 12.50
N ARG L 156 -12.12 -77.59 13.48
CA ARG L 156 -11.63 -76.91 14.68
C ARG L 156 -11.84 -77.80 15.89
N GLY L 157 -10.75 -78.36 16.41
CA GLY L 157 -10.77 -79.10 17.65
C GLY L 157 -11.51 -80.41 17.54
N PRO L 158 -11.59 -81.14 18.65
CA PRO L 158 -12.41 -82.37 18.67
C PRO L 158 -13.89 -82.02 18.60
N THR L 159 -14.57 -82.54 17.59
CA THR L 159 -15.99 -82.27 17.37
C THR L 159 -16.79 -83.47 17.85
N SER L 160 -17.66 -83.25 18.83
CA SER L 160 -18.47 -84.32 19.41
C SER L 160 -19.88 -84.25 18.82
N TYR L 161 -20.19 -85.21 17.94
CA TYR L 161 -21.53 -85.34 17.38
C TYR L 161 -22.34 -86.19 18.34
N TYR L 162 -23.09 -85.55 19.23
CA TYR L 162 -23.82 -86.25 20.27
C TYR L 162 -25.23 -85.68 20.38
N TYR L 163 -26.23 -86.52 20.15
CA TYR L 163 -27.62 -86.16 20.38
C TYR L 163 -28.38 -87.41 20.80
N MET L 164 -29.46 -87.21 21.55
CA MET L 164 -30.23 -88.31 22.13
C MET L 164 -31.62 -88.32 21.52
N LEU L 165 -31.95 -89.40 20.81
CA LEU L 165 -33.31 -89.59 20.36
C LEU L 165 -34.22 -89.91 21.54
N PRO L 166 -35.50 -89.54 21.46
CA PRO L 166 -36.42 -89.86 22.56
C PRO L 166 -36.58 -91.36 22.76
N MET L 167 -36.83 -91.72 24.02
CA MET L 167 -36.94 -93.13 24.39
C MET L 167 -38.11 -93.79 23.68
N LYS L 168 -39.24 -93.09 23.56
CA LYS L 168 -40.39 -93.63 22.85
C LYS L 168 -40.13 -93.79 21.36
N VAL L 169 -39.14 -93.11 20.80
CA VAL L 169 -38.74 -93.31 19.42
C VAL L 169 -37.77 -94.48 19.27
N ARG L 170 -36.81 -94.59 20.19
CA ARG L 170 -35.89 -95.74 20.14
C ARG L 170 -36.62 -97.06 20.36
N VAL L 171 -37.55 -97.10 21.33
CA VAL L 171 -38.32 -98.31 21.57
C VAL L 171 -39.17 -98.65 20.35
N GLN L 172 -39.79 -97.63 19.73
CA GLN L 172 -40.57 -97.87 18.52
C GLN L 172 -39.71 -98.39 17.38
N GLY L 173 -38.48 -97.87 17.25
CA GLY L 173 -37.57 -98.38 16.24
C GLY L 173 -37.20 -99.83 16.47
N LEU L 174 -36.95 -100.20 17.74
CA LEU L 174 -36.70 -101.60 18.04
C LEU L 174 -37.90 -102.48 17.71
N LYS L 175 -39.11 -102.02 18.05
CA LYS L 175 -40.32 -102.77 17.73
C LYS L 175 -40.48 -102.94 16.22
N VAL L 176 -40.23 -101.88 15.45
CA VAL L 176 -40.37 -101.95 14.01
C VAL L 176 -39.33 -102.87 13.41
N ALA L 177 -38.10 -102.82 13.91
CA ALA L 177 -37.07 -103.74 13.42
C ALA L 177 -37.45 -105.20 13.68
N LEU L 178 -37.92 -105.49 14.90
CA LEU L 178 -38.36 -106.85 15.18
C LEU L 178 -39.54 -107.26 14.30
N THR L 179 -40.48 -106.36 14.09
CA THR L 179 -41.66 -106.66 13.27
C THR L 179 -41.27 -106.94 11.82
N VAL L 180 -40.39 -106.14 11.25
CA VAL L 180 -39.99 -106.38 9.85
C VAL L 180 -39.16 -107.64 9.74
N LYS L 181 -38.31 -107.92 10.74
CA LYS L 181 -37.57 -109.18 10.72
C LYS L 181 -38.50 -110.38 10.78
N LEU L 182 -39.56 -110.32 11.59
CA LEU L 182 -40.54 -111.39 11.61
C LEU L 182 -41.30 -111.48 10.30
N ALA L 183 -41.68 -110.35 9.72
CA ALA L 183 -42.51 -110.33 8.52
C ALA L 183 -41.77 -110.81 7.29
N GLN L 184 -40.48 -110.50 7.15
CA GLN L 184 -39.71 -110.91 5.99
C GLN L 184 -39.11 -112.30 6.14
N ASP L 185 -39.64 -113.10 7.07
CA ASP L 185 -39.21 -114.48 7.27
C ASP L 185 -37.70 -114.56 7.54
N ASP L 186 -37.20 -113.61 8.32
CA ASP L 186 -35.79 -113.58 8.69
C ASP L 186 -35.58 -113.74 10.19
N LEU L 187 -36.65 -113.89 10.96
CA LEU L 187 -36.60 -114.05 12.40
C LEU L 187 -36.95 -115.48 12.75
N HIS L 188 -36.15 -116.10 13.63
CA HIS L 188 -36.37 -117.47 14.06
C HIS L 188 -36.25 -117.54 15.58
N ILE L 189 -37.09 -118.35 16.19
CA ILE L 189 -37.10 -118.53 17.64
C ILE L 189 -36.58 -119.92 17.95
N VAL L 190 -35.55 -119.99 18.79
CA VAL L 190 -34.94 -121.25 19.19
C VAL L 190 -35.02 -121.36 20.70
N ASP L 191 -35.15 -122.60 21.19
CA ASP L 191 -35.34 -122.87 22.61
C ASP L 191 -34.03 -123.30 23.25
N SER L 192 -33.64 -122.59 24.31
CA SER L 192 -32.53 -122.94 25.20
C SER L 192 -31.17 -122.80 24.53
N LEU L 193 -31.14 -122.46 23.24
CA LEU L 193 -29.90 -122.15 22.52
C LEU L 193 -28.81 -123.19 22.77
N GLU L 194 -29.18 -124.46 22.66
CA GLU L 194 -28.26 -125.54 22.98
C GLU L 194 -27.57 -126.06 21.73
N LEU L 195 -26.32 -126.50 21.90
CA LEU L 195 -25.53 -127.04 20.80
C LEU L 195 -24.96 -128.40 21.18
N PRO L 196 -25.12 -129.40 20.32
CA PRO L 196 -24.51 -130.71 20.61
C PRO L 196 -23.00 -130.66 20.68
N THR L 197 -22.36 -129.78 19.91
CA THR L 197 -20.90 -129.69 19.88
C THR L 197 -20.50 -128.25 19.60
N ALA L 198 -19.25 -127.94 19.91
CA ALA L 198 -18.71 -126.60 19.71
C ALA L 198 -18.05 -126.44 18.34
N ASP L 199 -18.44 -127.24 17.37
CA ASP L 199 -17.84 -127.16 16.04
C ASP L 199 -18.32 -125.89 15.34
N PRO L 200 -17.42 -124.99 14.94
CA PRO L 200 -17.87 -123.81 14.19
C PRO L 200 -18.51 -124.14 12.86
N GLN L 201 -18.06 -125.21 12.18
CA GLN L 201 -18.65 -125.59 10.91
C GLN L 201 -20.05 -126.17 11.08
N TYR L 202 -20.37 -126.70 12.25
CA TYR L 202 -21.70 -127.25 12.49
C TYR L 202 -22.77 -126.17 12.36
N LEU L 203 -22.53 -124.99 12.94
CA LEU L 203 -23.49 -123.90 12.82
C LEU L 203 -23.62 -123.43 11.38
N ILE L 204 -22.51 -123.35 10.65
CA ILE L 204 -22.55 -122.91 9.25
C ILE L 204 -23.37 -123.90 8.42
N GLU L 205 -23.14 -125.19 8.61
CA GLU L 205 -23.90 -126.20 7.88
C GLU L 205 -25.37 -126.21 8.26
N LEU L 206 -25.69 -126.04 9.54
CA LEU L 206 -27.09 -125.96 9.94
C LEU L 206 -27.78 -124.75 9.32
N ALA L 207 -27.12 -123.59 9.33
CA ALA L 207 -27.70 -122.40 8.72
C ALA L 207 -27.87 -122.57 7.21
N ARG L 208 -26.89 -123.21 6.54
CA ARG L 208 -27.02 -123.46 5.12
C ARG L 208 -28.19 -124.41 4.83
N TYR L 209 -28.35 -125.46 5.63
CA TYR L 209 -29.47 -126.37 5.43
C TYR L 209 -30.81 -125.69 5.65
N ARG L 210 -30.90 -124.84 6.68
CA ARG L 210 -32.15 -124.15 6.97
C ARG L 210 -32.34 -122.90 6.11
N ARG L 211 -31.37 -122.55 5.26
CA ARG L 211 -31.44 -121.40 4.36
C ARG L 211 -31.71 -120.12 5.13
N TRP L 212 -30.96 -119.93 6.21
CA TRP L 212 -31.06 -118.72 7.00
C TRP L 212 -30.41 -117.52 6.33
N GLY L 213 -29.39 -117.74 5.50
CA GLY L 213 -28.72 -116.64 4.83
C GLY L 213 -27.23 -116.61 5.09
N ASP L 214 -26.63 -115.43 5.00
CA ASP L 214 -25.19 -115.27 5.17
C ASP L 214 -24.82 -114.92 6.61
N SER L 215 -25.53 -113.98 7.22
CA SER L 215 -25.23 -113.51 8.56
C SER L 215 -26.33 -113.93 9.53
N VAL L 216 -25.93 -114.40 10.70
CA VAL L 216 -26.86 -114.83 11.75
C VAL L 216 -26.48 -114.13 13.04
N LEU L 217 -27.47 -113.55 13.71
CA LEU L 217 -27.30 -112.90 15.00
C LEU L 217 -28.11 -113.62 16.05
N LEU L 218 -27.42 -114.36 16.93
CA LEU L 218 -28.05 -115.07 18.04
C LEU L 218 -28.11 -114.13 19.24
N VAL L 219 -29.24 -114.10 19.93
CA VAL L 219 -29.41 -113.28 21.12
C VAL L 219 -29.70 -114.18 22.30
N ASP L 220 -28.92 -114.02 23.37
CA ASP L 220 -29.08 -114.81 24.59
C ASP L 220 -29.63 -113.93 25.71
N LEU L 221 -30.26 -114.58 26.68
CA LEU L 221 -30.89 -113.84 27.78
C LEU L 221 -29.85 -113.15 28.67
N GLU L 222 -28.78 -113.86 29.01
CA GLU L 222 -27.76 -113.34 29.90
C GLU L 222 -26.38 -113.55 29.30
N HIS L 223 -25.37 -112.99 29.96
CA HIS L 223 -23.99 -113.08 29.51
C HIS L 223 -23.26 -114.25 30.15
N GLU L 224 -23.28 -114.33 31.49
CA GLU L 224 -22.62 -115.42 32.19
C GLU L 224 -23.36 -116.74 32.06
N ASP L 225 -24.61 -116.72 31.59
CA ASP L 225 -25.40 -117.93 31.43
C ASP L 225 -25.32 -118.50 30.02
N MET L 226 -24.47 -117.93 29.16
CA MET L 226 -24.33 -118.45 27.80
C MET L 226 -23.65 -119.82 27.84
N PRO L 227 -24.20 -120.80 27.12
CA PRO L 227 -23.57 -122.12 27.09
C PRO L 227 -22.19 -122.08 26.46
N GLN L 228 -21.27 -122.87 27.03
CA GLN L 228 -19.88 -122.89 26.57
C GLN L 228 -19.73 -123.40 25.15
N ASN L 229 -20.54 -124.37 24.74
CA ASN L 229 -20.48 -124.83 23.35
C ASN L 229 -20.83 -123.71 22.37
N VAL L 230 -21.89 -122.96 22.65
CA VAL L 230 -22.26 -121.84 21.80
C VAL L 230 -21.18 -120.75 21.84
N VAL L 231 -20.63 -120.46 23.01
CA VAL L 231 -19.57 -119.46 23.10
C VAL L 231 -18.37 -119.86 22.26
N ALA L 232 -17.93 -121.12 22.37
CA ALA L 232 -16.80 -121.59 21.59
C ALA L 232 -17.08 -121.62 20.10
N ALA L 233 -18.29 -122.01 19.70
CA ALA L 233 -18.64 -122.04 18.28
C ALA L 233 -18.66 -120.63 17.70
N THR L 234 -19.20 -119.66 18.44
CA THR L 234 -19.31 -118.30 17.93
C THR L 234 -18.02 -117.50 18.07
N SER L 235 -17.06 -117.97 18.90
CA SER L 235 -15.82 -117.24 19.04
C SER L 235 -14.94 -117.33 17.80
N GLY L 236 -15.17 -118.28 16.91
CA GLY L 236 -14.36 -118.44 15.73
C GLY L 236 -15.08 -118.10 14.44
N LEU L 237 -16.30 -117.57 14.55
CA LEU L 237 -17.12 -117.25 13.39
C LEU L 237 -17.35 -115.74 13.32
N LYS L 238 -17.31 -115.21 12.09
CA LYS L 238 -17.53 -113.80 11.85
C LYS L 238 -18.98 -113.48 11.49
N THR L 239 -19.55 -114.20 10.52
CA THR L 239 -20.93 -113.96 10.12
C THR L 239 -21.93 -114.39 11.18
N PHE L 240 -21.51 -115.22 12.13
CA PHE L 240 -22.35 -115.63 13.24
C PHE L 240 -21.93 -114.87 14.49
N ASN L 241 -22.85 -114.07 15.04
CA ASN L 241 -22.55 -113.23 16.18
C ASN L 241 -23.51 -113.50 17.32
N LEU L 242 -22.95 -113.79 18.49
CA LEU L 242 -23.72 -114.07 19.70
C LEU L 242 -23.68 -112.83 20.59
N VAL L 243 -24.86 -112.34 20.97
CA VAL L 243 -24.97 -111.14 21.80
C VAL L 243 -25.96 -111.39 22.93
N PRO L 244 -25.82 -110.71 24.07
CA PRO L 244 -26.82 -110.86 25.14
C PRO L 244 -28.11 -110.12 24.82
N ALA L 245 -29.12 -110.27 25.68
CA ALA L 245 -30.40 -109.60 25.45
C ALA L 245 -30.26 -108.10 25.49
N VAL L 246 -29.40 -107.57 26.38
CA VAL L 246 -29.16 -106.13 26.47
C VAL L 246 -28.33 -105.60 25.31
N GLY L 247 -27.81 -106.48 24.46
CA GLY L 247 -26.97 -106.05 23.36
C GLY L 247 -27.71 -105.98 22.04
N LEU L 248 -29.04 -105.97 22.09
CA LEU L 248 -29.85 -105.87 20.88
C LEU L 248 -29.91 -104.43 20.40
N ASN L 249 -29.72 -104.25 19.09
CA ASN L 249 -29.74 -102.92 18.50
C ASN L 249 -30.22 -103.01 17.06
N VAL L 250 -30.81 -101.92 16.59
CA VAL L 250 -31.34 -101.87 15.22
C VAL L 250 -30.20 -101.97 14.22
N HIS L 251 -29.06 -101.35 14.51
CA HIS L 251 -27.93 -101.42 13.60
C HIS L 251 -27.46 -102.86 13.40
N SER L 252 -27.33 -103.61 14.49
CA SER L 252 -26.93 -105.01 14.37
C SER L 252 -28.01 -105.86 13.71
N MET L 253 -29.28 -105.58 14.02
CA MET L 253 -30.36 -106.34 13.39
C MET L 253 -30.41 -106.12 11.88
N LEU L 254 -30.14 -104.91 11.41
CA LEU L 254 -30.07 -104.65 9.99
C LEU L 254 -28.77 -105.15 9.36
N LYS L 255 -27.68 -105.15 10.12
CA LYS L 255 -26.42 -105.69 9.62
C LYS L 255 -26.53 -107.19 9.39
N HIS L 256 -27.18 -107.90 10.30
CA HIS L 256 -27.31 -109.35 10.19
C HIS L 256 -28.59 -109.72 9.43
N GLN L 257 -28.43 -110.60 8.44
CA GLN L 257 -29.57 -111.01 7.63
C GLN L 257 -30.62 -111.77 8.45
N THR L 258 -30.18 -112.67 9.33
CA THR L 258 -31.09 -113.53 10.08
C THR L 258 -30.95 -113.24 11.57
N LEU L 259 -32.07 -113.18 12.27
CA LEU L 259 -32.10 -112.98 13.72
C LEU L 259 -32.60 -114.24 14.39
N VAL L 260 -31.96 -114.62 15.50
CA VAL L 260 -32.32 -115.81 16.27
C VAL L 260 -32.54 -115.38 17.71
N LEU L 261 -33.71 -115.69 18.25
CA LEU L 261 -34.12 -115.28 19.59
C LEU L 261 -34.49 -116.49 20.43
N THR L 262 -33.99 -116.53 21.67
CA THR L 262 -34.42 -117.53 22.63
C THR L 262 -35.78 -117.16 23.20
N LEU L 263 -36.49 -118.15 23.73
CA LEU L 263 -37.80 -117.89 24.31
C LEU L 263 -37.76 -116.96 25.52
N PRO L 264 -36.91 -117.17 26.54
CA PRO L 264 -36.82 -116.19 27.62
C PRO L 264 -36.37 -114.82 27.14
N THR L 265 -35.49 -114.76 26.13
CA THR L 265 -35.12 -113.48 25.55
C THR L 265 -36.30 -112.78 24.90
N VAL L 266 -37.15 -113.52 24.19
CA VAL L 266 -38.35 -112.94 23.60
C VAL L 266 -39.28 -112.43 24.68
N ALA L 267 -39.47 -113.21 25.75
CA ALA L 267 -40.32 -112.76 26.85
C ALA L 267 -39.76 -111.49 27.50
N PHE L 268 -38.45 -111.43 27.74
CA PHE L 268 -37.83 -110.25 28.32
C PHE L 268 -37.95 -109.03 27.41
N LEU L 269 -37.73 -109.22 26.10
CA LEU L 269 -37.85 -108.10 25.17
C LEU L 269 -39.29 -107.59 25.12
N GLU L 270 -40.27 -108.50 25.08
CA GLU L 270 -41.66 -108.08 25.09
C GLU L 270 -42.02 -107.33 26.36
N GLU L 271 -41.57 -107.83 27.52
CA GLU L 271 -41.83 -107.14 28.77
C GLU L 271 -41.21 -105.75 28.79
N LYS L 272 -39.97 -105.62 28.32
CA LYS L 272 -39.32 -104.31 28.32
C LYS L 272 -40.00 -103.35 27.36
N LEU L 273 -40.38 -103.83 26.17
CA LEU L 273 -40.92 -102.94 25.15
C LEU L 273 -42.37 -102.53 25.45
N LEU L 274 -43.17 -103.42 26.03
CA LEU L 274 -44.56 -103.06 26.30
C LEU L 274 -44.73 -102.14 27.50
N TRP L 275 -43.68 -101.94 28.29
CA TRP L 275 -43.79 -101.08 29.46
C TRP L 275 -43.89 -99.62 29.08
N HIS L 276 -43.28 -99.22 27.97
CA HIS L 276 -43.27 -97.82 27.56
C HIS L 276 -44.59 -97.35 26.98
N ASN L 277 -45.50 -98.27 26.66
CA ASN L 277 -46.78 -97.88 26.07
C ASN L 277 -47.71 -97.22 27.08
N SER L 278 -47.60 -97.58 28.35
CA SER L 278 -48.50 -97.09 29.39
C SER L 278 -47.71 -96.63 30.60
N ARG L 279 -46.67 -95.84 30.37
CA ARG L 279 -45.81 -95.35 31.44
C ARG L 279 -45.92 -93.83 31.56
N TYR L 280 -45.66 -93.34 32.76
CA TYR L 280 -45.64 -91.91 33.03
C TYR L 280 -44.32 -91.29 32.57
N THR L 281 -44.33 -89.97 32.44
CA THR L 281 -43.08 -89.26 32.23
C THR L 281 -42.23 -89.32 33.50
N PRO L 282 -40.92 -89.49 33.38
CA PRO L 282 -40.08 -89.60 34.57
C PRO L 282 -39.93 -88.29 35.34
N LEU L 283 -40.49 -88.23 36.54
CA LEU L 283 -40.21 -87.12 37.43
C LEU L 283 -38.72 -87.07 37.78
N TYR L 284 -38.15 -88.22 38.07
CA TYR L 284 -36.74 -88.43 38.27
C TYR L 284 -36.30 -89.65 37.46
N PRO L 285 -35.00 -89.77 37.16
CA PRO L 285 -34.56 -90.87 36.29
C PRO L 285 -34.91 -92.23 36.87
N PHE L 286 -35.20 -93.17 35.98
CA PHE L 286 -35.70 -94.49 36.36
C PHE L 286 -34.70 -95.31 37.16
N ARG L 287 -33.42 -94.91 37.18
CA ARG L 287 -32.45 -95.60 38.01
C ARG L 287 -32.80 -95.54 39.48
N LEU L 288 -33.49 -94.50 39.93
CA LEU L 288 -33.93 -94.36 41.29
C LEU L 288 -35.15 -95.23 41.56
N PRO L 289 -35.37 -95.65 42.81
CA PRO L 289 -36.53 -96.49 43.11
C PRO L 289 -37.83 -95.79 42.80
N TYR L 290 -38.81 -96.56 42.31
CA TYR L 290 -40.16 -96.09 42.05
C TYR L 290 -41.15 -96.92 42.86
N CYS L 291 -42.44 -96.66 42.63
CA CYS L 291 -43.47 -97.43 43.30
C CYS L 291 -43.54 -98.85 42.78
N ASP L 292 -43.78 -99.01 41.47
CA ASP L 292 -43.85 -100.31 40.85
C ASP L 292 -42.61 -100.67 40.04
N PHE L 293 -41.77 -99.69 39.71
CA PHE L 293 -40.58 -99.95 38.91
C PHE L 293 -39.37 -100.18 39.81
N PRO L 294 -38.56 -101.21 39.52
CA PRO L 294 -37.36 -101.54 40.29
C PRO L 294 -36.35 -100.38 40.34
N GLN M 64 -9.24 -8.34 -20.34
CA GLN M 64 -9.58 -8.68 -18.96
C GLN M 64 -11.09 -8.76 -18.80
N THR M 65 -11.57 -9.87 -18.22
CA THR M 65 -12.98 -10.04 -17.91
C THR M 65 -13.33 -9.13 -16.74
N ARG M 66 -14.06 -8.06 -17.01
CA ARG M 66 -14.39 -7.06 -15.99
C ARG M 66 -15.42 -7.64 -15.04
N VAL M 67 -14.99 -7.98 -13.83
CA VAL M 67 -15.89 -8.50 -12.81
C VAL M 67 -16.49 -7.32 -12.04
N ASN M 68 -17.78 -7.06 -12.26
CA ASN M 68 -18.48 -5.95 -11.64
C ASN M 68 -19.60 -6.47 -10.77
N ILE M 69 -19.57 -6.14 -9.48
CA ILE M 69 -20.62 -6.54 -8.55
C ILE M 69 -21.79 -5.58 -8.68
N ASN M 70 -22.94 -5.96 -8.10
CA ASN M 70 -24.16 -5.17 -8.23
C ASN M 70 -24.06 -3.81 -7.55
N ALA M 71 -23.15 -3.65 -6.58
CA ALA M 71 -22.93 -2.39 -5.88
C ALA M 71 -24.16 -1.97 -5.08
N ALA M 72 -25.12 -2.89 -4.93
CA ALA M 72 -26.32 -2.61 -4.15
C ALA M 72 -26.59 -3.74 -3.16
N LEU M 73 -25.91 -4.87 -3.35
CA LEU M 73 -26.06 -5.99 -2.43
C LEU M 73 -25.24 -5.81 -1.15
N VAL M 74 -24.31 -4.87 -1.11
CA VAL M 74 -23.54 -4.62 0.11
C VAL M 74 -24.04 -3.36 0.79
N GLU M 75 -23.84 -2.21 0.14
CA GLU M 75 -24.44 -0.93 0.53
C GLU M 75 -24.01 -0.44 1.92
N ASP M 76 -23.22 -1.22 2.64
CA ASP M 76 -22.92 -0.84 4.02
C ASP M 76 -21.43 -0.83 4.36
N ILE M 77 -20.66 -1.79 3.86
CA ILE M 77 -19.25 -1.84 4.19
C ILE M 77 -18.39 -1.08 3.18
N ILE M 78 -18.94 -0.75 2.02
CA ILE M 78 -18.25 0.04 1.01
C ILE M 78 -19.30 0.71 0.15
N ASN M 79 -18.98 1.89 -0.37
CA ASN M 79 -19.86 2.64 -1.25
C ASN M 79 -19.14 2.83 -2.57
N LEU M 80 -19.36 1.89 -3.50
CA LEU M 80 -18.76 2.00 -4.82
C LEU M 80 -19.22 3.25 -5.54
N GLU M 81 -20.46 3.67 -5.29
CA GLU M 81 -20.93 4.94 -5.85
C GLU M 81 -20.09 6.11 -5.34
N GLU M 82 -19.80 6.12 -4.03
CA GLU M 82 -18.96 7.18 -3.47
C GLU M 82 -17.55 7.11 -4.04
N VAL M 83 -16.99 5.91 -4.19
CA VAL M 83 -15.66 5.77 -4.75
C VAL M 83 -15.62 6.30 -6.18
N ASN M 84 -16.62 5.95 -6.98
CA ASN M 84 -16.68 6.45 -8.35
C ASN M 84 -16.86 7.96 -8.39
N GLU M 85 -17.66 8.51 -7.48
CA GLU M 85 -17.83 9.96 -7.41
C GLU M 85 -16.50 10.65 -7.09
N GLU M 86 -15.77 10.12 -6.12
CA GLU M 86 -14.48 10.68 -5.76
C GLU M 86 -13.50 10.62 -6.93
N MET M 87 -13.45 9.47 -7.60
CA MET M 87 -12.54 9.31 -8.74
C MET M 87 -12.89 10.29 -9.85
N LYS M 88 -14.18 10.40 -10.18
CA LYS M 88 -14.61 11.31 -11.24
C LYS M 88 -14.33 12.76 -10.88
N SER M 89 -14.57 13.13 -9.62
CA SER M 89 -14.29 14.49 -9.18
C SER M 89 -12.80 14.81 -9.31
N VAL M 90 -11.95 13.87 -8.87
CA VAL M 90 -10.51 14.06 -8.97
C VAL M 90 -10.09 14.22 -10.43
N ILE M 91 -10.63 13.35 -11.29
CA ILE M 91 -10.30 13.37 -12.72
C ILE M 91 -10.69 14.71 -13.32
N GLU M 92 -11.91 15.16 -13.04
CA GLU M 92 -12.42 16.41 -13.59
C GLU M 92 -11.60 17.60 -13.10
N ALA M 93 -11.30 17.65 -11.80
CA ALA M 93 -10.54 18.75 -11.25
C ALA M 93 -9.14 18.81 -11.86
N LEU M 94 -8.47 17.66 -11.91
CA LEU M 94 -7.14 17.58 -12.51
C LEU M 94 -7.18 18.02 -13.96
N LYS M 95 -8.14 17.49 -14.73
CA LYS M 95 -8.30 17.82 -16.14
C LYS M 95 -8.42 19.33 -16.31
N ASP M 96 -9.44 19.92 -15.69
CA ASP M 96 -9.71 21.34 -15.83
C ASP M 96 -8.49 22.18 -15.43
N ASN M 97 -7.96 21.93 -14.23
CA ASN M 97 -6.86 22.74 -13.72
C ASN M 97 -5.62 22.65 -14.59
N PHE M 98 -5.16 21.43 -14.87
CA PHE M 98 -3.89 21.26 -15.58
C PHE M 98 -4.03 21.67 -17.05
N ASN M 99 -5.21 21.47 -17.64
CA ASN M 99 -5.46 22.00 -18.96
C ASN M 99 -5.35 23.52 -18.95
N LYS M 100 -6.25 24.18 -18.22
CA LYS M 100 -6.32 25.65 -18.28
C LYS M 100 -5.00 26.29 -17.86
N THR M 101 -4.22 25.60 -17.03
CA THR M 101 -2.91 26.10 -16.63
C THR M 101 -1.87 25.90 -17.73
N LEU M 102 -1.87 24.74 -18.38
CA LEU M 102 -0.85 24.40 -19.37
C LEU M 102 -1.38 24.41 -20.79
N ASN M 103 -2.63 24.80 -21.02
CA ASN M 103 -3.10 24.93 -22.40
C ASN M 103 -2.63 26.23 -23.03
N ILE M 104 -1.87 27.04 -22.29
CA ILE M 104 -1.41 28.34 -22.78
C ILE M 104 -0.58 28.14 -24.04
N ARG M 105 0.42 27.24 -23.98
CA ARG M 105 1.28 26.94 -25.12
C ARG M 105 1.67 28.21 -25.87
N THR M 106 2.09 29.23 -25.13
CA THR M 106 2.24 30.60 -25.61
C THR M 106 0.89 31.19 -25.98
N SER M 107 0.27 30.68 -27.05
CA SER M 107 -1.02 31.19 -27.50
C SER M 107 -2.11 30.20 -27.11
N PRO M 108 -2.91 30.48 -26.07
CA PRO M 108 -3.86 29.47 -25.58
C PRO M 108 -5.08 29.33 -26.49
N GLY M 109 -4.93 28.68 -27.63
CA GLY M 109 -6.02 28.60 -28.58
C GLY M 109 -6.41 29.98 -29.04
N SER M 110 -7.58 30.45 -28.62
CA SER M 110 -8.01 31.82 -28.86
C SER M 110 -7.98 32.56 -27.53
N LEU M 111 -7.47 33.80 -27.57
CA LEU M 111 -7.42 34.66 -26.39
C LEU M 111 -8.80 35.17 -26.00
N ASP M 112 -9.85 34.78 -26.72
CA ASP M 112 -11.20 35.20 -26.38
C ASP M 112 -11.70 34.57 -25.08
N LYS M 113 -11.00 33.57 -24.56
CA LYS M 113 -11.41 32.85 -23.36
C LYS M 113 -10.68 33.33 -22.11
N ILE M 114 -10.33 34.61 -22.05
CA ILE M 114 -9.63 35.15 -20.89
C ILE M 114 -10.64 35.46 -19.79
N ALA M 115 -10.39 34.92 -18.59
CA ALA M 115 -11.31 35.07 -17.46
C ALA M 115 -11.15 36.46 -16.86
N VAL M 116 -12.21 37.26 -16.92
CA VAL M 116 -12.23 38.60 -16.36
C VAL M 116 -13.31 38.68 -15.28
N VAL M 117 -12.97 39.24 -14.13
CA VAL M 117 -13.89 39.28 -13.00
C VAL M 117 -15.04 40.24 -13.30
N THR M 118 -16.27 39.80 -13.03
CA THR M 118 -17.46 40.63 -13.21
C THR M 118 -18.57 40.05 -12.36
N ALA M 119 -19.15 40.89 -11.50
CA ALA M 119 -20.21 40.48 -10.58
C ALA M 119 -19.77 39.29 -9.72
N ASP M 120 -18.52 39.34 -9.24
CA ASP M 120 -17.93 38.29 -8.42
C ASP M 120 -17.98 36.94 -9.12
N GLY M 121 -17.73 36.95 -10.43
CA GLY M 121 -17.72 35.73 -11.22
C GLY M 121 -16.66 35.82 -12.31
N LYS M 122 -16.43 34.69 -12.97
CA LYS M 122 -15.43 34.59 -14.02
C LYS M 122 -16.13 34.35 -15.35
N LEU M 123 -15.85 35.23 -16.33
CA LEU M 123 -16.40 35.11 -17.66
C LEU M 123 -15.29 35.32 -18.68
N ALA M 124 -15.46 34.72 -19.85
CA ALA M 124 -14.46 34.83 -20.90
C ALA M 124 -14.42 36.25 -21.47
N LEU M 125 -13.30 36.57 -22.11
CA LEU M 125 -13.16 37.87 -22.76
C LEU M 125 -14.19 38.02 -23.88
N ASN M 126 -14.39 36.98 -24.69
CA ASN M 126 -15.39 37.06 -25.73
C ASN M 126 -16.79 37.16 -25.15
N GLN M 127 -16.99 36.67 -23.92
CA GLN M 127 -18.29 36.82 -23.27
C GLN M 127 -18.50 38.26 -22.82
N ILE M 128 -17.67 38.74 -21.88
CA ILE M 128 -17.71 40.16 -21.55
C ILE M 128 -16.65 40.92 -22.32
N SER M 129 -16.87 41.09 -23.62
CA SER M 129 -16.06 41.94 -24.50
C SER M 129 -16.58 41.88 -25.93
N GLN M 130 -15.93 42.62 -26.82
CA GLN M 130 -16.07 42.42 -28.27
C GLN M 130 -14.66 42.32 -28.83
N ILE M 131 -14.24 41.11 -29.18
CA ILE M 131 -12.87 40.87 -29.63
C ILE M 131 -12.83 40.71 -31.14
N SER M 132 -11.98 41.49 -31.79
CA SER M 132 -11.72 41.37 -33.22
C SER M 132 -10.21 41.27 -33.44
N MET M 133 -9.81 41.18 -34.70
CA MET M 133 -8.40 41.02 -35.06
C MET M 133 -7.99 42.26 -35.87
N LYS M 134 -7.28 43.18 -35.23
CA LYS M 134 -6.81 44.36 -35.94
C LYS M 134 -5.73 43.99 -36.95
N SER M 135 -4.81 43.14 -36.54
CA SER M 135 -3.76 42.57 -37.37
C SER M 135 -3.59 41.11 -37.00
N PRO M 136 -2.96 40.31 -37.87
CA PRO M 136 -2.77 38.89 -37.53
C PRO M 136 -2.06 38.66 -36.21
N GLN M 137 -1.23 39.61 -35.77
CA GLN M 137 -0.59 39.53 -34.45
C GLN M 137 -1.10 40.62 -33.51
N LEU M 138 -2.26 41.22 -33.82
CA LEU M 138 -2.79 42.30 -32.99
C LEU M 138 -4.27 42.03 -32.72
N ILE M 139 -4.59 41.76 -31.46
CA ILE M 139 -5.97 41.54 -31.05
C ILE M 139 -6.56 42.85 -30.57
N LEU M 140 -7.74 43.21 -31.09
CA LEU M 140 -8.40 44.46 -30.74
C LEU M 140 -9.63 44.12 -29.89
N VAL M 141 -9.50 44.36 -28.59
CA VAL M 141 -10.65 44.18 -27.69
C VAL M 141 -11.42 45.49 -27.60
N ASN M 142 -12.73 45.40 -27.38
CA ASN M 142 -13.57 46.57 -27.23
C ASN M 142 -14.55 46.35 -26.09
N MET M 143 -14.72 47.37 -25.24
CA MET M 143 -15.58 47.28 -24.07
C MET M 143 -16.92 47.93 -24.40
N ALA M 144 -17.82 47.15 -24.98
CA ALA M 144 -19.17 47.63 -25.30
C ALA M 144 -20.22 46.80 -24.57
N SER M 145 -20.05 45.49 -24.56
CA SER M 145 -21.02 44.62 -23.90
C SER M 145 -21.02 44.84 -22.40
N PHE M 146 -19.84 44.83 -21.78
CA PHE M 146 -19.70 45.05 -20.34
C PHE M 146 -18.56 46.04 -20.11
N PRO M 147 -18.80 47.33 -20.38
CA PRO M 147 -17.74 48.32 -20.21
C PRO M 147 -17.55 48.77 -18.77
N GLU M 148 -17.38 47.81 -17.87
CA GLU M 148 -17.16 48.11 -16.45
C GLU M 148 -15.95 47.41 -15.85
N CYS M 149 -15.34 46.47 -16.56
CA CYS M 149 -14.17 45.74 -16.08
C CYS M 149 -12.98 45.94 -17.01
N THR M 150 -12.79 47.18 -17.48
CA THR M 150 -11.70 47.47 -18.41
C THR M 150 -10.35 47.25 -17.75
N ALA M 151 -10.19 47.72 -16.52
CA ALA M 151 -8.93 47.54 -15.79
C ALA M 151 -8.65 46.07 -15.56
N ALA M 152 -9.68 45.31 -15.15
CA ALA M 152 -9.51 43.88 -14.90
C ALA M 152 -9.13 43.15 -16.18
N ALA M 153 -9.77 43.50 -17.30
CA ALA M 153 -9.44 42.88 -18.58
C ALA M 153 -8.00 43.20 -18.97
N ILE M 154 -7.58 44.45 -18.76
CA ILE M 154 -6.22 44.84 -19.10
C ILE M 154 -5.22 44.05 -18.26
N LYS M 155 -5.49 43.92 -16.95
CA LYS M 155 -4.59 43.15 -16.09
C LYS M 155 -4.54 41.69 -16.50
N ALA M 156 -5.69 41.09 -16.83
CA ALA M 156 -5.72 39.69 -17.20
C ALA M 156 -4.98 39.46 -18.52
N ILE M 157 -5.13 40.37 -19.48
CA ILE M 157 -4.39 40.25 -20.74
C ILE M 157 -2.90 40.41 -20.47
N ARG M 158 -2.52 41.36 -19.61
CA ARG M 158 -1.12 41.60 -19.31
C ARG M 158 -0.47 40.36 -18.69
N GLU M 159 -1.19 39.70 -17.78
CA GLU M 159 -0.71 38.44 -17.19
C GLU M 159 -1.67 37.33 -17.58
N SER M 160 -1.50 36.78 -18.78
CA SER M 160 -2.20 35.58 -19.21
C SER M 160 -1.16 34.62 -19.76
N GLY M 161 -0.64 33.78 -18.88
CA GLY M 161 0.30 32.74 -19.26
C GLY M 161 1.65 33.27 -19.71
N MET M 162 1.65 34.05 -20.78
CA MET M 162 2.85 34.69 -21.30
C MET M 162 2.78 36.18 -21.00
N ASN M 163 3.69 36.94 -21.60
CA ASN M 163 3.81 38.38 -21.36
C ASN M 163 3.10 39.15 -22.47
N LEU M 164 1.76 39.08 -22.45
CA LEU M 164 0.90 39.75 -23.43
C LEU M 164 0.48 41.14 -22.97
N ASN M 165 1.41 42.09 -22.86
CA ASN M 165 1.10 43.42 -22.39
C ASN M 165 0.24 44.18 -23.41
N PRO M 166 -0.97 44.60 -23.04
CA PRO M 166 -1.80 45.37 -23.98
C PRO M 166 -1.56 46.87 -23.90
N GLU M 167 -2.29 47.64 -24.71
CA GLU M 167 -2.23 49.09 -24.68
C GLU M 167 -3.64 49.62 -24.42
N VAL M 168 -3.77 50.46 -23.40
CA VAL M 168 -5.09 50.89 -22.91
C VAL M 168 -5.47 52.11 -23.72
N GLU M 169 -5.98 51.87 -24.93
CA GLU M 169 -6.51 52.95 -25.77
C GLU M 169 -8.01 53.12 -25.56
N GLY M 170 -8.39 53.42 -24.32
CA GLY M 170 -9.79 53.62 -24.01
C GLY M 170 -10.54 52.32 -24.07
N THR M 171 -11.73 52.36 -24.68
CA THR M 171 -12.50 51.13 -24.88
C THR M 171 -11.74 50.14 -25.74
N LEU M 172 -11.08 50.62 -26.79
CA LEU M 172 -10.22 49.76 -27.58
C LEU M 172 -9.02 49.30 -26.76
N ILE M 173 -8.54 48.10 -27.07
CA ILE M 173 -7.41 47.48 -26.39
C ILE M 173 -6.55 46.78 -27.44
N ARG M 174 -5.32 47.24 -27.61
CA ARG M 174 -4.39 46.66 -28.56
C ARG M 174 -3.51 45.62 -27.86
N VAL M 175 -3.57 44.38 -28.33
CA VAL M 175 -2.82 43.29 -27.74
C VAL M 175 -1.85 42.72 -28.77
N PRO M 176 -0.55 43.04 -28.70
CA PRO M 176 0.41 42.37 -29.58
C PRO M 176 0.61 40.92 -29.17
N ILE M 177 1.02 40.11 -30.14
CA ILE M 177 1.24 38.68 -29.88
C ILE M 177 2.71 38.35 -30.13
N PRO M 178 3.55 38.42 -29.10
CA PRO M 178 4.96 38.06 -29.27
C PRO M 178 5.25 36.59 -29.02
N GLN M 179 6.54 36.24 -28.96
CA GLN M 179 7.03 34.94 -28.50
C GLN M 179 6.65 33.87 -29.52
N VAL M 180 5.91 32.82 -29.15
CA VAL M 180 5.63 31.66 -30.00
C VAL M 180 6.94 31.08 -30.54
N THR M 181 8.03 31.28 -29.81
CA THR M 181 9.32 30.71 -30.19
C THR M 181 10.13 30.32 -28.95
N ARG M 182 9.51 30.40 -27.77
CA ARG M 182 10.22 30.18 -26.52
C ARG M 182 10.64 28.74 -26.31
N GLU M 183 9.97 27.78 -26.96
CA GLU M 183 10.28 26.35 -26.83
C GLU M 183 10.22 25.88 -25.38
N HIS M 184 9.31 26.47 -24.59
CA HIS M 184 9.08 26.00 -23.23
C HIS M 184 8.06 24.87 -23.17
N ARG M 185 7.64 24.34 -24.33
CA ARG M 185 6.67 23.25 -24.34
C ARG M 185 7.21 22.00 -23.67
N GLU M 186 8.52 21.76 -23.74
CA GLU M 186 9.11 20.63 -23.05
C GLU M 186 8.98 20.77 -21.54
N MET M 187 9.24 21.97 -21.02
CA MET M 187 9.07 22.21 -19.59
C MET M 187 7.61 22.12 -19.19
N LEU M 188 6.69 22.59 -20.05
CA LEU M 188 5.27 22.44 -19.76
C LEU M 188 4.87 20.98 -19.72
N VAL M 189 5.42 20.16 -20.63
CA VAL M 189 5.16 18.72 -20.63
C VAL M 189 5.67 18.09 -19.34
N LYS M 190 6.87 18.49 -18.90
CA LYS M 190 7.43 17.95 -17.67
C LYS M 190 6.56 18.33 -16.46
N LEU M 191 6.09 19.58 -16.43
CA LEU M 191 5.19 19.99 -15.36
C LEU M 191 3.89 19.22 -15.39
N ALA M 192 3.34 18.99 -16.58
CA ALA M 192 2.11 18.20 -16.71
C ALA M 192 2.34 16.76 -16.23
N LYS M 193 3.50 16.19 -16.54
CA LYS M 193 3.82 14.86 -16.07
C LYS M 193 3.93 14.81 -14.55
N GLN M 194 4.56 15.82 -13.95
CA GLN M 194 4.66 15.88 -12.49
C GLN M 194 3.27 16.00 -11.86
N ASN M 195 2.41 16.85 -12.44
CA ASN M 195 1.05 16.97 -11.92
C ASN M 195 0.26 15.69 -12.08
N THR M 196 0.44 14.99 -13.21
CA THR M 196 -0.21 13.70 -13.40
C THR M 196 0.26 12.68 -12.38
N ASN M 197 1.55 12.68 -12.07
CA ASN M 197 2.08 11.78 -11.04
C ASN M 197 1.49 12.10 -9.68
N LYS M 198 1.37 13.40 -9.35
CA LYS M 198 0.75 13.78 -8.08
C LYS M 198 -0.71 13.35 -8.02
N ALA M 199 -1.43 13.50 -9.14
CA ALA M 199 -2.82 13.04 -9.19
C ALA M 199 -2.90 11.52 -9.04
N LYS M 200 -1.96 10.78 -9.63
CA LYS M 200 -1.90 9.34 -9.42
C LYS M 200 -1.66 9.00 -7.96
N ASP M 201 -0.78 9.75 -7.30
CA ASP M 201 -0.54 9.52 -5.87
C ASP M 201 -1.80 9.80 -5.05
N SER M 202 -2.53 10.86 -5.39
CA SER M 202 -3.78 11.14 -4.69
C SER M 202 -4.80 10.03 -4.91
N LEU M 203 -4.90 9.53 -6.14
CA LEU M 203 -5.80 8.42 -6.44
C LEU M 203 -5.40 7.17 -5.67
N ARG M 204 -4.09 6.91 -5.56
CA ARG M 204 -3.61 5.79 -4.78
C ARG M 204 -3.96 5.96 -3.31
N LYS M 205 -3.88 7.19 -2.80
CA LYS M 205 -4.29 7.47 -1.42
C LYS M 205 -5.77 7.18 -1.21
N VAL M 206 -6.61 7.59 -2.16
CA VAL M 206 -8.04 7.32 -2.07
C VAL M 206 -8.30 5.82 -2.09
N ARG M 207 -7.61 5.10 -2.98
CA ARG M 207 -7.77 3.65 -3.05
C ARG M 207 -7.31 2.98 -1.76
N THR M 208 -6.23 3.49 -1.17
CA THR M 208 -5.73 2.95 0.10
C THR M 208 -6.73 3.22 1.22
N ASN M 209 -7.38 4.38 1.21
CA ASN M 209 -8.41 4.65 2.20
C ASN M 209 -9.59 3.69 2.05
N SER M 210 -9.99 3.42 0.80
CA SER M 210 -11.06 2.45 0.58
C SER M 210 -10.65 1.06 1.05
N MET M 211 -9.40 0.67 0.78
CA MET M 211 -8.91 -0.64 1.23
C MET M 211 -8.86 -0.71 2.76
N ASN M 212 -8.49 0.40 3.41
CA ASN M 212 -8.48 0.42 4.87
C ASN M 212 -9.89 0.30 5.43
N LYS M 213 -10.86 0.95 4.79
CA LYS M 213 -12.25 0.76 5.19
C LYS M 213 -12.67 -0.69 5.05
N LEU M 214 -12.29 -1.32 3.93
CA LEU M 214 -12.60 -2.73 3.75
C LEU M 214 -11.96 -3.59 4.83
N LYS M 215 -10.69 -3.32 5.16
CA LYS M 215 -10.00 -4.07 6.19
C LYS M 215 -10.67 -3.90 7.56
N LYS M 216 -11.11 -2.68 7.86
CA LYS M 216 -11.87 -2.45 9.09
C LYS M 216 -13.16 -3.25 9.08
N SER M 217 -13.84 -3.33 7.94
CA SER M 217 -15.04 -4.12 7.83
C SER M 217 -14.77 -5.62 7.82
N LYS M 218 -13.52 -6.04 7.66
CA LYS M 218 -13.19 -7.46 7.60
C LYS M 218 -13.29 -8.12 8.97
N ASP M 219 -14.51 -8.21 9.49
CA ASP M 219 -14.75 -8.85 10.77
C ASP M 219 -15.72 -10.01 10.62
N THR M 220 -16.89 -9.73 10.05
CA THR M 220 -17.88 -10.77 9.83
C THR M 220 -18.12 -11.01 8.34
N VAL M 221 -17.88 -9.99 7.51
CA VAL M 221 -18.07 -10.11 6.08
C VAL M 221 -17.06 -11.09 5.50
N SER M 222 -17.50 -11.91 4.55
CA SER M 222 -16.64 -12.93 3.97
C SER M 222 -15.49 -12.30 3.20
N GLU M 223 -14.31 -12.89 3.34
CA GLU M 223 -13.17 -12.44 2.56
C GLU M 223 -13.35 -12.70 1.07
N ASP M 224 -14.26 -13.60 0.68
CA ASP M 224 -14.62 -13.70 -0.73
C ASP M 224 -15.28 -12.41 -1.21
N THR M 225 -16.25 -11.89 -0.45
CA THR M 225 -16.86 -10.62 -0.79
C THR M 225 -15.83 -9.49 -0.72
N ILE M 226 -14.94 -9.55 0.26
CA ILE M 226 -13.89 -8.54 0.37
C ILE M 226 -13.00 -8.55 -0.87
N ARG M 227 -12.62 -9.74 -1.33
CA ARG M 227 -11.80 -9.87 -2.52
C ARG M 227 -12.53 -9.36 -3.76
N LEU M 228 -13.83 -9.66 -3.87
CA LEU M 228 -14.61 -9.15 -4.99
C LEU M 228 -14.63 -7.62 -4.99
N ILE M 229 -14.83 -7.02 -3.81
CA ILE M 229 -14.85 -5.56 -3.72
C ILE M 229 -13.47 -4.99 -4.04
N GLU M 230 -12.40 -5.65 -3.59
CA GLU M 230 -11.06 -5.19 -3.91
C GLU M 230 -10.79 -5.26 -5.40
N LYS M 231 -11.26 -6.32 -6.07
CA LYS M 231 -11.13 -6.42 -7.51
C LYS M 231 -11.89 -5.30 -8.22
N GLN M 232 -13.10 -5.00 -7.74
CA GLN M 232 -13.87 -3.89 -8.31
C GLN M 232 -13.14 -2.57 -8.16
N ILE M 233 -12.60 -2.31 -6.96
CA ILE M 233 -11.89 -1.06 -6.72
C ILE M 233 -10.63 -0.98 -7.57
N SER M 234 -9.91 -2.10 -7.71
CA SER M 234 -8.72 -2.13 -8.55
C SER M 234 -9.07 -1.86 -10.01
N GLN M 235 -10.17 -2.44 -10.50
CA GLN M 235 -10.60 -2.18 -11.87
C GLN M 235 -10.94 -0.71 -12.06
N MET M 236 -11.65 -0.12 -11.11
CA MET M 236 -11.99 1.30 -11.21
C MET M 236 -10.74 2.17 -11.19
N ALA M 237 -9.77 1.83 -10.33
CA ALA M 237 -8.53 2.57 -10.28
C ALA M 237 -7.75 2.45 -11.58
N ASP M 238 -7.73 1.25 -12.16
CA ASP M 238 -7.06 1.06 -13.45
C ASP M 238 -7.72 1.88 -14.54
N ASP M 239 -9.06 1.91 -14.57
CA ASP M 239 -9.75 2.71 -15.56
C ASP M 239 -9.45 4.20 -15.38
N THR M 240 -9.44 4.66 -14.13
CA THR M 240 -9.16 6.07 -13.89
C THR M 240 -7.73 6.45 -14.26
N VAL M 241 -6.76 5.58 -13.95
CA VAL M 241 -5.38 5.89 -14.30
C VAL M 241 -5.18 5.80 -15.82
N ALA M 242 -5.92 4.92 -16.50
CA ALA M 242 -5.87 4.89 -17.96
C ALA M 242 -6.44 6.19 -18.52
N GLU M 243 -7.52 6.70 -17.93
CA GLU M 243 -8.06 7.98 -18.37
C GLU M 243 -7.06 9.11 -18.14
N LEU M 244 -6.37 9.08 -17.00
CA LEU M 244 -5.34 10.09 -16.73
C LEU M 244 -4.21 10.01 -17.74
N ASP M 245 -3.77 8.80 -18.08
CA ASP M 245 -2.71 8.64 -19.08
C ASP M 245 -3.16 9.13 -20.44
N ARG M 246 -4.41 8.84 -20.82
CA ARG M 246 -4.93 9.33 -22.09
C ARG M 246 -5.00 10.85 -22.12
N HIS M 247 -5.43 11.47 -21.01
CA HIS M 247 -5.45 12.92 -20.94
C HIS M 247 -4.05 13.50 -21.04
N LEU M 248 -3.08 12.86 -20.37
CA LEU M 248 -1.70 13.32 -20.46
C LEU M 248 -1.17 13.23 -21.88
N ALA M 249 -1.48 12.13 -22.57
CA ALA M 249 -1.05 11.99 -23.96
C ALA M 249 -1.68 13.04 -24.86
N VAL M 250 -2.98 13.30 -24.67
CA VAL M 250 -3.66 14.32 -25.46
C VAL M 250 -3.05 15.69 -25.21
N LYS M 251 -2.77 16.01 -23.96
CA LYS M 251 -2.17 17.30 -23.63
C LYS M 251 -0.76 17.41 -24.20
N THR M 252 0.00 16.31 -24.17
CA THR M 252 1.34 16.32 -24.75
C THR M 252 1.27 16.56 -26.25
N LYS M 253 0.33 15.91 -26.93
CA LYS M 253 0.15 16.15 -28.37
C LYS M 253 -0.24 17.60 -28.65
N GLU M 254 -1.13 18.15 -27.82
CA GLU M 254 -1.55 19.54 -28.01
C GLU M 254 -0.37 20.49 -27.80
N LEU M 255 0.44 20.25 -26.78
CA LEU M 255 1.62 21.08 -26.54
C LEU M 255 2.62 20.98 -27.68
N LEU M 256 2.84 19.77 -28.18
CA LEU M 256 3.79 19.56 -29.27
C LEU M 256 3.07 19.30 -30.58
N THR N 53 -2.62 -46.25 60.00
CA THR N 53 -3.38 -47.26 59.29
C THR N 53 -4.56 -46.64 58.55
N VAL N 54 -4.66 -46.93 57.25
CA VAL N 54 -5.74 -46.41 56.41
C VAL N 54 -6.80 -47.50 56.25
N ILE N 55 -8.04 -47.06 56.07
CA ILE N 55 -9.17 -47.96 55.89
C ILE N 55 -9.81 -47.64 54.54
N VAL N 56 -9.84 -48.63 53.65
CA VAL N 56 -10.33 -48.45 52.30
C VAL N 56 -11.47 -49.43 52.05
N GLU N 57 -12.36 -49.05 51.13
CA GLU N 57 -13.51 -49.87 50.77
C GLU N 57 -13.63 -49.93 49.26
N ARG N 58 -14.13 -51.07 48.77
CA ARG N 58 -14.27 -51.30 47.34
C ARG N 58 -15.48 -50.55 46.79
N TRP N 59 -15.28 -49.87 45.65
CA TRP N 59 -16.40 -49.23 44.98
C TRP N 59 -17.35 -50.25 44.36
N TRP N 60 -16.82 -51.33 43.81
CA TRP N 60 -17.61 -52.34 43.12
C TRP N 60 -17.82 -53.54 44.02
N LYS N 61 -19.03 -54.09 43.97
CA LYS N 61 -19.37 -55.26 44.76
C LYS N 61 -18.70 -56.49 44.17
N VAL N 62 -18.29 -57.40 45.05
CA VAL N 62 -17.62 -58.63 44.65
C VAL N 62 -18.64 -59.76 44.59
N PRO N 63 -18.67 -60.56 43.52
CA PRO N 63 -19.59 -61.70 43.48
C PRO N 63 -19.29 -62.71 44.58
N LEU N 64 -20.34 -63.30 45.10
CA LEU N 64 -20.23 -64.20 46.24
C LEU N 64 -19.65 -65.54 45.82
N ALA N 65 -19.09 -66.25 46.80
CA ALA N 65 -18.60 -67.62 46.61
C ALA N 65 -18.72 -68.32 47.96
N GLY N 66 -19.84 -69.02 48.15
CA GLY N 66 -20.17 -69.63 49.43
C GLY N 66 -19.66 -71.03 49.66
N GLU N 67 -18.92 -71.61 48.72
CA GLU N 67 -18.40 -72.97 48.86
C GLU N 67 -16.93 -72.99 49.29
N GLY N 68 -16.46 -71.93 49.94
CA GLY N 68 -15.08 -71.88 50.38
C GLY N 68 -14.07 -71.52 49.32
N ARG N 69 -14.52 -71.25 48.09
CA ARG N 69 -13.62 -70.91 47.01
C ARG N 69 -13.19 -69.44 47.11
N LYS N 70 -12.00 -69.17 46.59
CA LYS N 70 -11.50 -67.80 46.60
C LYS N 70 -12.35 -66.93 45.67
N PRO N 71 -12.64 -65.70 46.08
CA PRO N 71 -13.44 -64.81 45.20
C PRO N 71 -12.72 -64.52 43.91
N ARG N 72 -13.49 -64.40 42.84
CA ARG N 72 -12.94 -64.12 41.51
C ARG N 72 -12.84 -62.60 41.35
N LEU N 73 -11.63 -62.07 41.47
CA LEU N 73 -11.39 -60.64 41.42
C LEU N 73 -11.26 -60.18 39.97
N HIS N 74 -11.48 -58.88 39.78
CA HIS N 74 -11.37 -58.24 38.47
C HIS N 74 -10.59 -56.94 38.61
N ARG N 75 -10.21 -56.37 37.48
CA ARG N 75 -9.45 -55.12 37.48
C ARG N 75 -10.22 -54.00 38.16
N ARG N 76 -11.54 -53.94 37.93
CA ARG N 76 -12.36 -52.89 38.53
C ARG N 76 -12.49 -53.02 40.04
N HIS N 77 -12.08 -54.14 40.61
CA HIS N 77 -12.15 -54.35 42.06
C HIS N 77 -11.01 -53.67 42.80
N ARG N 78 -10.04 -53.11 42.09
CA ARG N 78 -8.93 -52.40 42.71
C ARG N 78 -9.24 -50.95 43.05
N VAL N 79 -10.40 -50.44 42.63
CA VAL N 79 -10.77 -49.05 42.88
C VAL N 79 -11.19 -48.95 44.34
N TYR N 80 -10.44 -48.20 45.13
CA TYR N 80 -10.65 -48.10 46.58
C TYR N 80 -10.98 -46.67 46.97
N LYS N 81 -11.89 -46.53 47.92
CA LYS N 81 -12.22 -45.25 48.52
C LYS N 81 -11.74 -45.25 49.96
N LEU N 82 -11.06 -44.17 50.36
CA LEU N 82 -10.54 -44.03 51.72
C LEU N 82 -11.69 -43.62 52.62
N VAL N 83 -12.24 -44.57 53.38
CA VAL N 83 -13.42 -44.29 54.18
C VAL N 83 -13.09 -43.85 55.60
N GLU N 84 -11.91 -44.20 56.12
CA GLU N 84 -11.53 -43.79 57.46
C GLU N 84 -10.02 -43.88 57.60
N ASP N 85 -9.48 -43.06 58.50
CA ASP N 85 -8.05 -43.04 58.79
C ASP N 85 -7.86 -43.10 60.29
N THR N 86 -7.04 -44.03 60.76
CA THR N 86 -6.82 -44.20 62.19
C THR N 86 -6.14 -42.98 62.81
N LYS N 87 -5.15 -42.41 62.12
CA LYS N 87 -4.38 -41.30 62.68
C LYS N 87 -5.20 -40.02 62.81
N HIS N 88 -6.33 -39.92 62.11
CA HIS N 88 -7.16 -38.72 62.18
C HIS N 88 -8.20 -38.78 63.29
N ARG N 89 -8.62 -39.97 63.70
CA ARG N 89 -9.58 -40.08 64.80
C ARG N 89 -8.91 -39.70 66.12
N PRO N 90 -9.68 -39.19 67.08
CA PRO N 90 -9.10 -38.82 68.38
C PRO N 90 -8.59 -40.05 69.12
N LYS N 91 -7.32 -40.02 69.47
CA LYS N 91 -6.69 -41.15 70.16
C LYS N 91 -7.26 -41.31 71.57
N ASP N 92 -7.36 -42.57 72.00
CA ASP N 92 -7.80 -42.88 73.35
C ASP N 92 -6.64 -42.72 74.33
N ASN N 93 -6.94 -42.80 75.62
CA ASN N 93 -5.94 -42.69 76.67
C ASN N 93 -5.59 -44.08 77.19
N LEU N 94 -4.31 -44.27 77.50
CA LEU N 94 -3.79 -45.55 77.99
C LEU N 94 -3.81 -45.54 79.51
N GLU N 95 -4.37 -46.60 80.09
CA GLU N 95 -4.47 -46.74 81.54
C GLU N 95 -3.31 -47.58 82.04
N LEU N 96 -2.66 -47.11 83.11
CA LEU N 96 -1.50 -47.77 83.67
C LEU N 96 -1.58 -47.74 85.19
N VAL N 97 -0.81 -48.63 85.82
CA VAL N 97 -0.73 -48.72 87.27
C VAL N 97 0.69 -48.34 87.68
N LEU N 98 0.80 -47.32 88.53
CA LEU N 98 2.10 -46.82 88.94
C LEU N 98 2.85 -47.84 89.77
N THR N 99 4.15 -47.97 89.49
CA THR N 99 5.04 -48.82 90.28
C THR N 99 5.97 -48.00 91.18
N GLN N 100 5.99 -46.69 91.04
CA GLN N 100 6.79 -45.81 91.90
C GLN N 100 5.95 -44.57 92.19
N SER N 101 6.57 -43.60 92.87
CA SER N 101 5.90 -42.34 93.22
C SER N 101 6.26 -41.30 92.17
N VAL N 102 5.28 -40.92 91.37
CA VAL N 102 5.47 -39.93 90.31
C VAL N 102 4.96 -38.58 90.80
N GLU N 103 5.70 -37.52 90.46
CA GLU N 103 5.36 -36.18 90.91
C GLU N 103 4.01 -35.73 90.35
N GLU N 104 3.77 -35.99 89.06
CA GLU N 104 2.56 -35.48 88.42
C GLU N 104 1.40 -36.45 88.51
N LEU N 105 1.64 -37.76 88.41
CA LEU N 105 0.56 -38.72 88.40
C LEU N 105 0.02 -38.98 89.80
N GLY N 106 0.86 -39.49 90.68
CA GLY N 106 0.43 -39.76 92.04
C GLY N 106 1.41 -40.71 92.74
N VAL N 107 0.90 -41.31 93.81
CA VAL N 107 1.70 -42.20 94.65
C VAL N 107 1.77 -43.58 94.02
N ARG N 108 2.65 -44.44 94.52
CA ARG N 108 2.77 -45.79 93.99
C ARG N 108 1.50 -46.58 94.26
N GLY N 109 1.07 -47.35 93.25
CA GLY N 109 -0.09 -48.19 93.38
C GLY N 109 -1.39 -47.49 93.03
N ASP N 110 -1.35 -46.65 91.99
CA ASP N 110 -2.51 -45.91 91.53
C ASP N 110 -2.75 -46.18 90.06
N LEU N 111 -4.02 -46.31 89.68
CA LEU N 111 -4.41 -46.51 88.29
C LEU N 111 -4.76 -45.14 87.70
N VAL N 112 -4.06 -44.77 86.63
CA VAL N 112 -4.25 -43.46 86.01
C VAL N 112 -4.28 -43.63 84.49
N SER N 113 -5.08 -42.81 83.82
CA SER N 113 -5.17 -42.80 82.37
C SER N 113 -4.37 -41.63 81.83
N VAL N 114 -3.23 -41.93 81.22
CA VAL N 114 -2.35 -40.90 80.65
C VAL N 114 -2.31 -41.09 79.15
N LYS N 115 -1.87 -40.05 78.44
CA LYS N 115 -1.79 -40.11 76.99
C LYS N 115 -0.73 -41.13 76.56
N LYS N 116 -0.97 -41.71 75.37
CA LYS N 116 -0.15 -42.81 74.90
C LYS N 116 1.31 -42.39 74.70
N SER N 117 1.55 -41.15 74.28
CA SER N 117 2.91 -40.70 74.05
C SER N 117 3.74 -40.79 75.32
N VAL N 118 3.25 -40.18 76.40
CA VAL N 118 3.95 -40.23 77.68
C VAL N 118 3.99 -41.66 78.21
N GLY N 119 2.89 -42.39 78.09
CA GLY N 119 2.85 -43.75 78.60
C GLY N 119 3.89 -44.65 77.95
N ARG N 120 4.12 -44.48 76.65
CA ARG N 120 5.08 -45.31 75.93
C ARG N 120 6.51 -44.77 76.02
N ASN N 121 6.69 -43.47 76.24
CA ASN N 121 8.03 -42.90 76.20
C ASN N 121 8.69 -42.72 77.56
N ARG N 122 7.92 -42.48 78.63
CA ARG N 122 8.49 -42.19 79.92
C ARG N 122 8.18 -43.27 80.96
N LEU N 123 6.91 -43.62 81.14
CA LEU N 123 6.53 -44.52 82.23
C LEU N 123 7.02 -45.93 81.98
N LEU N 124 6.70 -46.50 80.82
CA LEU N 124 7.11 -47.87 80.52
C LEU N 124 8.62 -48.05 80.40
N PRO N 125 9.36 -47.23 79.62
CA PRO N 125 10.80 -47.48 79.50
C PRO N 125 11.56 -47.39 80.81
N GLN N 126 11.14 -46.49 81.71
CA GLN N 126 11.84 -46.29 82.97
C GLN N 126 11.25 -47.10 84.12
N GLY N 127 10.21 -47.88 83.87
CA GLY N 127 9.62 -48.70 84.92
C GLY N 127 8.77 -47.95 85.91
N LEU N 128 8.34 -46.73 85.60
CA LEU N 128 7.51 -45.96 86.53
C LEU N 128 6.10 -46.55 86.65
N ALA N 129 5.65 -47.32 85.65
CA ALA N 129 4.31 -47.89 85.69
C ALA N 129 4.28 -49.12 84.79
N VAL N 130 3.25 -49.94 85.00
CA VAL N 130 3.05 -51.15 84.19
C VAL N 130 1.63 -51.14 83.63
N TYR N 131 1.30 -52.18 82.87
CA TYR N 131 -0.01 -52.26 82.23
C TYR N 131 -1.10 -52.58 83.27
N ALA N 132 -2.35 -52.40 82.84
CA ALA N 132 -3.51 -52.62 83.69
C ALA N 132 -4.12 -54.01 83.49
N SER N 133 -3.29 -55.00 83.14
CA SER N 133 -3.79 -56.35 82.98
C SER N 133 -4.21 -56.92 84.33
N PRO N 134 -5.15 -57.86 84.35
CA PRO N 134 -5.56 -58.47 85.63
C PRO N 134 -4.43 -59.17 86.37
N GLU N 135 -3.48 -59.78 85.63
CA GLU N 135 -2.38 -60.46 86.29
C GLU N 135 -1.50 -59.47 87.08
N ASN N 136 -1.20 -58.31 86.48
CA ASN N 136 -0.46 -57.28 87.19
C ASN N 136 -1.32 -56.57 88.23
N LYS N 137 -2.64 -56.56 88.06
CA LYS N 137 -3.53 -55.92 89.02
C LYS N 137 -3.69 -56.74 90.28
N LYS N 138 -3.58 -58.07 90.18
CA LYS N 138 -3.69 -58.92 91.36
C LYS N 138 -2.57 -58.62 92.35
N LEU N 139 -1.35 -58.39 91.85
CA LEU N 139 -0.23 -58.07 92.74
C LEU N 139 -0.47 -56.75 93.47
N PHE N 140 -0.99 -55.74 92.78
CA PHE N 140 -1.30 -54.49 93.45
C PHE N 140 -2.45 -54.64 94.43
N GLU N 141 -3.43 -55.49 94.10
CA GLU N 141 -4.53 -55.74 95.02
C GLU N 141 -4.03 -56.37 96.32
N GLU N 142 -3.16 -57.38 96.20
CA GLU N 142 -2.63 -58.00 97.42
C GLU N 142 -1.70 -57.06 98.18
N GLU N 143 -0.95 -56.22 97.47
CA GLU N 143 -0.13 -55.22 98.15
C GLU N 143 -0.99 -54.23 98.92
N LYS N 144 -2.10 -53.77 98.32
CA LYS N 144 -3.02 -52.90 99.03
C LYS N 144 -3.65 -53.58 100.22
N LEU N 145 -4.01 -54.86 100.08
CA LEU N 145 -4.56 -55.61 101.21
C LEU N 145 -3.56 -55.71 102.35
N LEU N 146 -2.29 -55.96 102.04
CA LEU N 146 -1.26 -56.09 103.06
C LEU N 146 -0.86 -54.76 103.68
N ARG N 147 -0.90 -53.67 102.91
CA ARG N 147 -0.42 -52.38 103.40
C ARG N 147 -1.28 -51.82 104.51
N GLN N 148 -2.60 -51.83 104.34
CA GLN N 148 -3.50 -51.23 105.33
C GLN N 148 -3.57 -52.03 106.62
N GLU N 149 -3.30 -53.34 106.58
CA GLU N 149 -3.32 -54.13 107.81
C GLU N 149 -2.19 -53.70 108.74
N GLY N 150 -1.01 -53.41 108.19
CA GLY N 150 0.11 -52.96 108.98
C GLY N 150 1.01 -51.98 108.24
N GLY O 29 -32.48 -30.54 -19.39
CA GLY O 29 -33.84 -30.10 -19.20
C GLY O 29 -34.03 -28.61 -19.42
N SER O 30 -34.75 -28.25 -20.48
CA SER O 30 -35.01 -26.87 -20.83
C SER O 30 -36.37 -26.42 -20.29
N LYS O 31 -36.56 -25.11 -20.24
CA LYS O 31 -37.81 -24.54 -19.77
C LYS O 31 -38.90 -24.71 -20.83
N ALA O 32 -40.14 -24.38 -20.45
CA ALA O 32 -41.25 -24.51 -21.38
C ALA O 32 -41.10 -23.57 -22.58
N VAL O 33 -40.60 -22.36 -22.36
CA VAL O 33 -40.41 -21.37 -23.40
C VAL O 33 -38.93 -21.03 -23.44
N THR O 34 -38.33 -21.14 -24.63
CA THR O 34 -36.91 -20.87 -24.82
C THR O 34 -36.75 -20.00 -26.06
N ARG O 35 -35.49 -19.71 -26.40
CA ARG O 35 -35.17 -18.87 -27.55
C ARG O 35 -34.64 -19.66 -28.74
N HIS O 36 -34.21 -20.90 -28.53
CA HIS O 36 -33.64 -21.72 -29.59
C HIS O 36 -34.68 -22.57 -30.31
N ARG O 37 -35.94 -22.13 -30.31
CA ARG O 37 -37.03 -22.74 -31.06
C ARG O 37 -37.47 -24.06 -30.43
N ARG O 38 -36.72 -24.56 -29.46
CA ARG O 38 -37.07 -25.76 -28.68
C ARG O 38 -37.47 -26.92 -29.59
N VAL O 39 -36.47 -27.44 -30.31
CA VAL O 39 -36.64 -28.55 -31.24
C VAL O 39 -37.52 -29.62 -30.60
N MET O 40 -38.58 -30.02 -31.29
CA MET O 40 -39.62 -30.86 -30.71
C MET O 40 -39.23 -32.33 -30.79
N HIS O 41 -40.10 -33.16 -30.20
CA HIS O 41 -39.92 -34.61 -30.26
C HIS O 41 -40.23 -35.12 -31.68
N PHE O 42 -39.70 -36.30 -31.98
CA PHE O 42 -39.93 -36.89 -33.30
C PHE O 42 -41.40 -37.18 -33.54
N GLU O 43 -42.12 -37.67 -32.53
CA GLU O 43 -43.55 -37.89 -32.69
C GLU O 43 -44.30 -36.59 -32.95
N ARG O 44 -43.93 -35.51 -32.25
CA ARG O 44 -44.57 -34.22 -32.50
C ARG O 44 -44.26 -33.70 -33.89
N GLN O 45 -43.03 -33.89 -34.37
CA GLN O 45 -42.69 -33.49 -35.73
C GLN O 45 -43.51 -34.27 -36.75
N LYS O 46 -43.66 -35.59 -36.53
CA LYS O 46 -44.50 -36.39 -37.43
C LYS O 46 -45.94 -35.90 -37.40
N LEU O 47 -46.45 -35.58 -36.20
CA LEU O 47 -47.81 -35.07 -36.09
C LEU O 47 -47.98 -33.76 -36.85
N MET O 48 -47.02 -32.86 -36.71
CA MET O 48 -47.09 -31.58 -37.45
C MET O 48 -47.06 -31.82 -38.95
N ALA O 49 -46.17 -32.71 -39.41
CA ALA O 49 -46.07 -32.99 -40.84
C ALA O 49 -47.36 -33.58 -41.38
N VAL O 50 -47.99 -34.49 -40.62
CA VAL O 50 -49.25 -35.07 -41.07
C VAL O 50 -50.36 -34.03 -41.07
N THR O 51 -50.41 -33.17 -40.06
CA THR O 51 -51.46 -32.18 -39.92
C THR O 51 -51.16 -30.89 -40.67
N GLU O 52 -50.12 -30.87 -41.49
CA GLU O 52 -49.84 -29.69 -42.32
C GLU O 52 -51.01 -29.39 -43.24
N TYR O 53 -51.23 -28.10 -43.47
CA TYR O 53 -52.36 -27.64 -44.27
C TYR O 53 -52.20 -28.04 -45.74
N ILE O 54 -53.30 -28.45 -46.35
CA ILE O 54 -53.32 -28.80 -47.76
C ILE O 54 -54.37 -27.93 -48.47
N PRO O 55 -53.95 -26.99 -49.31
CA PRO O 55 -54.91 -26.11 -49.99
C PRO O 55 -55.74 -26.88 -50.99
N PRO O 56 -56.99 -26.46 -51.23
CA PRO O 56 -57.81 -27.11 -52.26
C PRO O 56 -57.30 -26.79 -53.65
N LYS O 57 -57.06 -27.84 -54.44
CA LYS O 57 -56.54 -27.68 -55.79
C LYS O 57 -57.61 -28.03 -56.81
N PRO O 58 -58.09 -27.07 -57.60
CA PRO O 58 -59.11 -27.39 -58.61
C PRO O 58 -58.51 -28.24 -59.73
N THR O 59 -59.42 -28.98 -60.39
CA THR O 59 -59.00 -29.85 -61.49
C THR O 59 -58.46 -29.05 -62.66
N ILE O 60 -59.09 -27.92 -62.98
CA ILE O 60 -58.71 -27.08 -64.10
C ILE O 60 -58.35 -25.69 -63.57
N ASN O 61 -57.22 -25.17 -64.04
CA ASN O 61 -56.77 -23.85 -63.62
C ASN O 61 -57.74 -22.80 -64.17
N PRO O 62 -58.29 -21.91 -63.34
CA PRO O 62 -59.32 -20.99 -63.83
C PRO O 62 -58.79 -19.77 -64.54
N ARG O 63 -57.48 -19.51 -64.51
CA ARG O 63 -56.93 -18.33 -65.16
C ARG O 63 -57.17 -18.36 -66.66
N CYS O 64 -56.71 -19.43 -67.32
CA CYS O 64 -56.82 -19.57 -68.77
C CYS O 64 -58.14 -20.22 -69.18
N LEU O 65 -58.98 -20.57 -68.21
CA LEU O 65 -60.31 -21.11 -68.43
C LEU O 65 -61.15 -20.02 -69.10
N PRO O 66 -62.16 -20.38 -69.89
CA PRO O 66 -63.08 -19.38 -70.43
C PRO O 66 -63.53 -18.43 -69.34
N PRO O 67 -63.23 -17.14 -69.48
CA PRO O 67 -63.38 -16.20 -68.37
C PRO O 67 -64.84 -15.96 -68.04
N PRO O 68 -65.12 -15.46 -66.84
CA PRO O 68 -66.50 -15.12 -66.47
C PRO O 68 -67.06 -14.04 -67.39
N PRO O 69 -68.38 -13.85 -67.42
CA PRO O 69 -68.96 -12.84 -68.31
C PRO O 69 -68.45 -11.45 -67.98
N THR O 70 -68.68 -10.53 -68.91
CA THR O 70 -68.10 -9.19 -68.83
C THR O 70 -68.71 -8.41 -67.67
N PRO O 71 -67.89 -7.87 -66.76
CA PRO O 71 -68.39 -6.92 -65.76
C PRO O 71 -68.47 -5.52 -66.35
N PRO O 72 -69.60 -5.17 -66.98
CA PRO O 72 -69.62 -3.98 -67.84
C PRO O 72 -69.25 -2.71 -67.08
N GLN O 73 -68.49 -1.84 -67.75
CA GLN O 73 -68.06 -0.59 -67.17
C GLN O 73 -69.22 0.39 -67.06
N GLU O 74 -69.13 1.30 -66.11
CA GLU O 74 -70.13 2.33 -65.91
C GLU O 74 -69.60 3.68 -66.38
N GLU O 75 -70.40 4.37 -67.18
CA GLU O 75 -70.04 5.68 -67.70
C GLU O 75 -69.95 6.69 -66.56
N THR O 76 -68.92 7.51 -66.59
CA THR O 76 -68.66 8.49 -65.54
C THR O 76 -68.96 9.89 -66.04
N GLY O 77 -69.00 10.83 -65.08
CA GLY O 77 -69.25 12.21 -65.43
C GLY O 77 -68.21 12.79 -66.36
N LEU O 78 -66.95 12.37 -66.21
CA LEU O 78 -65.89 12.88 -67.07
C LEU O 78 -66.11 12.45 -68.51
N VAL O 79 -66.39 11.17 -68.76
CA VAL O 79 -66.60 10.71 -70.12
C VAL O 79 -67.89 11.29 -70.69
N ARG O 80 -68.92 11.45 -69.85
CA ARG O 80 -70.15 12.08 -70.33
C ARG O 80 -69.91 13.52 -70.75
N LEU O 81 -69.15 14.27 -69.95
CA LEU O 81 -68.82 15.65 -70.31
C LEU O 81 -67.99 15.71 -71.58
N LEU O 82 -67.05 14.78 -71.74
CA LEU O 82 -66.25 14.73 -72.97
C LEU O 82 -67.13 14.48 -74.17
N ARG O 83 -68.06 13.52 -74.07
CA ARG O 83 -68.97 13.24 -75.17
C ARG O 83 -69.83 14.45 -75.50
N ARG O 84 -70.36 15.12 -74.48
CA ARG O 84 -71.18 16.30 -74.70
C ARG O 84 -70.38 17.41 -75.38
N GLU O 85 -69.15 17.63 -74.93
CA GLU O 85 -68.32 18.67 -75.53
C GLU O 85 -67.98 18.36 -76.98
N ILE O 86 -67.66 17.09 -77.27
CA ILE O 86 -67.34 16.71 -78.65
C ILE O 86 -68.58 16.87 -79.54
N ALA O 87 -69.75 16.49 -79.02
CA ALA O 87 -70.98 16.67 -79.79
C ALA O 87 -71.25 18.15 -80.06
N ALA O 88 -71.06 18.99 -79.05
CA ALA O 88 -71.27 20.43 -79.24
C ALA O 88 -70.29 20.99 -80.26
N VAL O 89 -69.03 20.53 -80.21
CA VAL O 89 -68.02 20.98 -81.17
C VAL O 89 -68.43 20.59 -82.58
N PHE O 90 -68.85 19.34 -82.77
CA PHE O 90 -69.23 18.87 -84.10
C PHE O 90 -70.55 19.45 -84.57
N ARG O 91 -71.37 20.01 -83.67
CA ARG O 91 -72.63 20.61 -84.07
C ARG O 91 -72.49 22.10 -84.39
N ASP O 92 -71.85 22.86 -83.50
CA ASP O 92 -71.93 24.32 -83.59
C ASP O 92 -71.01 24.87 -84.69
N ASN O 93 -69.71 24.64 -84.57
CA ASN O 93 -68.75 25.28 -85.45
C ASN O 93 -68.74 24.62 -86.83
N ARG O 94 -68.10 25.32 -87.79
CA ARG O 94 -68.06 24.89 -89.18
C ARG O 94 -66.72 24.27 -89.57
N MET O 95 -65.62 25.00 -89.37
CA MET O 95 -64.30 24.50 -89.70
C MET O 95 -63.80 23.63 -88.56
N ILE O 96 -63.65 22.32 -88.83
CA ILE O 96 -63.10 21.38 -87.87
C ILE O 96 -61.88 20.76 -88.53
N ALA O 97 -60.70 21.31 -88.25
CA ALA O 97 -59.46 20.85 -88.84
C ALA O 97 -58.76 19.88 -87.90
N VAL O 98 -58.17 18.83 -88.47
CA VAL O 98 -57.43 17.83 -87.71
C VAL O 98 -55.95 17.99 -88.06
N CYS O 99 -55.12 18.22 -87.04
CA CYS O 99 -53.70 18.43 -87.23
C CYS O 99 -52.93 17.52 -86.28
N GLN O 100 -51.68 17.25 -86.65
CA GLN O 100 -50.80 16.42 -85.83
C GLN O 100 -50.19 17.29 -84.74
N HIS O 101 -50.49 16.98 -83.48
CA HIS O 101 -49.98 17.76 -82.36
C HIS O 101 -48.49 17.51 -82.20
N VAL O 102 -47.70 18.57 -82.26
CA VAL O 102 -46.24 18.48 -82.17
C VAL O 102 -45.81 19.00 -80.81
N ALA O 103 -44.92 18.25 -80.14
CA ALA O 103 -44.43 18.63 -78.82
C ALA O 103 -43.48 19.81 -78.97
N LEU O 104 -44.00 21.02 -78.79
CA LEU O 104 -43.24 22.25 -78.91
C LEU O 104 -43.09 22.89 -77.53
N SER O 105 -42.34 23.99 -77.49
CA SER O 105 -42.14 24.71 -76.25
C SER O 105 -43.41 25.42 -75.82
N ALA O 106 -43.53 25.64 -74.50
CA ALA O 106 -44.73 26.27 -73.96
C ALA O 106 -44.89 27.70 -74.47
N GLU O 107 -43.80 28.46 -74.55
CA GLU O 107 -43.88 29.83 -75.05
C GLU O 107 -44.33 29.86 -76.50
N ASP O 108 -43.78 28.97 -77.34
CA ASP O 108 -44.21 28.91 -78.73
C ASP O 108 -45.66 28.50 -78.86
N LYS O 109 -46.10 27.52 -78.04
CA LYS O 109 -47.50 27.10 -78.08
C LYS O 109 -48.43 28.24 -77.69
N LEU O 110 -48.08 28.99 -76.64
CA LEU O 110 -48.90 30.13 -76.23
C LEU O 110 -48.90 31.23 -77.27
N LEU O 111 -47.77 31.48 -77.92
CA LEU O 111 -47.73 32.48 -78.99
C LEU O 111 -48.59 32.06 -80.16
N LEU O 112 -48.57 30.77 -80.50
CA LEU O 112 -49.43 30.26 -81.56
C LEU O 112 -50.91 30.38 -81.16
N ARG O 113 -51.22 30.12 -79.89
CA ARG O 113 -52.58 30.31 -79.41
C ARG O 113 -53.02 31.76 -79.56
N HIS O 114 -52.16 32.70 -79.20
CA HIS O 114 -52.49 34.12 -79.33
C HIS O 114 -52.68 34.51 -80.79
N GLN O 115 -51.80 34.01 -81.68
CA GLN O 115 -51.93 34.32 -83.09
C GLN O 115 -53.21 33.73 -83.69
N LEU O 116 -53.61 32.53 -83.25
CA LEU O 116 -54.85 31.95 -83.73
C LEU O 116 -56.07 32.69 -83.20
N ARG O 117 -56.03 33.10 -81.92
CA ARG O 117 -57.14 33.88 -81.38
C ARG O 117 -57.21 35.27 -81.98
N LYS O 118 -56.12 35.76 -82.56
CA LYS O 118 -56.20 36.98 -83.35
C LYS O 118 -57.16 36.82 -84.52
N HIS O 119 -57.20 35.64 -85.13
CA HIS O 119 -58.16 35.33 -86.18
C HIS O 119 -59.41 34.65 -85.62
N LYS O 120 -59.47 34.44 -84.31
CA LYS O 120 -60.63 33.90 -83.60
C LYS O 120 -60.91 32.44 -83.94
N ILE O 121 -59.87 31.62 -84.09
CA ILE O 121 -60.00 30.18 -84.25
C ILE O 121 -59.26 29.51 -83.11
N LEU O 122 -59.93 28.60 -82.42
CA LEU O 122 -59.40 27.98 -81.21
C LEU O 122 -58.89 26.59 -81.49
N MET O 123 -58.22 26.00 -80.50
CA MET O 123 -57.69 24.65 -80.59
C MET O 123 -58.10 23.85 -79.37
N LYS O 124 -58.31 22.54 -79.59
CA LYS O 124 -58.70 21.64 -78.52
C LYS O 124 -57.99 20.30 -78.69
N ILE O 125 -57.88 19.57 -77.58
CA ILE O 125 -57.29 18.23 -77.56
C ILE O 125 -58.24 17.31 -76.82
N PHE O 126 -58.57 16.18 -77.43
CA PHE O 126 -59.44 15.20 -76.80
C PHE O 126 -58.76 13.84 -76.78
N PRO O 127 -58.93 13.07 -75.69
CA PRO O 127 -58.30 11.75 -75.64
C PRO O 127 -58.88 10.81 -76.69
N ASN O 128 -58.00 9.96 -77.23
CA ASN O 128 -58.40 9.04 -78.28
C ASN O 128 -59.39 8.00 -77.77
N GLN O 129 -59.24 7.58 -76.52
CA GLN O 129 -60.10 6.52 -75.98
C GLN O 129 -61.57 6.91 -76.00
N VAL O 130 -61.88 8.20 -75.87
CA VAL O 130 -63.25 8.66 -76.00
C VAL O 130 -63.55 9.23 -77.38
N LEU O 131 -62.54 9.71 -78.11
CA LEU O 131 -62.77 10.28 -79.43
C LEU O 131 -63.06 9.25 -80.49
N LYS O 132 -62.34 8.11 -80.50
CA LYS O 132 -62.55 7.10 -81.54
C LYS O 132 -63.97 6.53 -81.53
N PRO O 133 -64.52 6.07 -80.40
CA PRO O 133 -65.89 5.53 -80.46
C PRO O 133 -66.92 6.53 -80.95
N PHE O 134 -66.82 7.80 -80.50
CA PHE O 134 -67.75 8.81 -80.97
C PHE O 134 -67.61 9.04 -82.46
N LEU O 135 -66.37 9.10 -82.96
CA LEU O 135 -66.15 9.31 -84.38
C LEU O 135 -66.69 8.16 -85.22
N GLU O 136 -66.47 6.92 -84.79
CA GLU O 136 -66.97 5.78 -85.56
C GLU O 136 -68.49 5.63 -85.45
N GLU O 137 -69.10 6.07 -84.35
CA GLU O 137 -70.55 6.07 -84.26
C GLU O 137 -71.18 7.19 -85.08
N SER O 138 -70.50 8.33 -85.20
CA SER O 138 -71.03 9.47 -85.93
C SER O 138 -70.77 9.30 -87.42
N LYS O 139 -71.00 10.36 -88.19
CA LYS O 139 -70.84 10.34 -89.64
C LYS O 139 -69.43 10.69 -90.09
N TYR O 140 -68.51 10.93 -89.17
CA TYR O 140 -67.12 11.28 -89.49
C TYR O 140 -66.18 10.11 -89.30
N GLN O 141 -66.63 8.90 -89.65
CA GLN O 141 -65.80 7.71 -89.49
C GLN O 141 -64.61 7.67 -90.44
N ASN O 142 -64.58 8.53 -91.46
CA ASN O 142 -63.46 8.55 -92.39
C ASN O 142 -62.20 9.17 -91.80
N LEU O 143 -62.30 9.80 -90.63
CA LEU O 143 -61.16 10.45 -90.00
C LEU O 143 -60.42 9.54 -89.02
N LEU O 144 -60.81 8.27 -88.93
CA LEU O 144 -60.17 7.36 -87.99
C LEU O 144 -58.66 7.24 -88.19
N PRO O 145 -58.12 7.08 -89.41
CA PRO O 145 -56.66 7.04 -89.54
C PRO O 145 -55.96 8.34 -89.14
N LEU O 146 -56.68 9.46 -89.09
CA LEU O 146 -56.08 10.72 -88.70
C LEU O 146 -55.86 10.84 -87.20
N PHE O 147 -56.53 10.02 -86.41
CA PHE O 147 -56.49 10.12 -84.95
C PHE O 147 -55.77 8.93 -84.31
N VAL O 148 -54.68 8.49 -84.93
CA VAL O 148 -53.89 7.40 -84.36
C VAL O 148 -52.89 7.91 -83.32
N GLY O 149 -52.16 8.96 -83.65
CA GLY O 149 -51.18 9.56 -82.75
C GLY O 149 -51.71 10.83 -82.10
N HIS O 150 -50.79 11.76 -81.82
CA HIS O 150 -51.18 13.03 -81.25
C HIS O 150 -52.08 13.80 -82.21
N ASN O 151 -53.10 14.45 -81.64
CA ASN O 151 -54.13 15.10 -82.44
C ASN O 151 -54.45 16.47 -81.88
N LEU O 152 -54.89 17.36 -82.76
CA LEU O 152 -55.29 18.71 -82.39
C LEU O 152 -56.46 19.11 -83.29
N LEU O 153 -57.56 19.54 -82.67
CA LEU O 153 -58.75 19.96 -83.39
C LEU O 153 -58.79 21.48 -83.43
N LEU O 154 -58.67 22.04 -84.62
CA LEU O 154 -58.82 23.48 -84.83
C LEU O 154 -60.30 23.76 -85.10
N VAL O 155 -60.91 24.55 -84.23
CA VAL O 155 -62.33 24.87 -84.28
C VAL O 155 -62.48 26.31 -84.71
N SER O 156 -63.21 26.54 -85.81
CA SER O 156 -63.44 27.88 -86.31
C SER O 156 -64.89 28.04 -86.74
N GLU O 157 -65.51 29.14 -86.32
CA GLU O 157 -66.81 29.54 -86.83
C GLU O 157 -66.62 30.59 -87.92
N GLU O 158 -67.46 30.53 -88.95
CA GLU O 158 -67.29 31.34 -90.15
C GLU O 158 -65.89 31.12 -90.71
N PRO O 159 -65.63 29.97 -91.32
CA PRO O 159 -64.25 29.60 -91.65
C PRO O 159 -63.59 30.57 -92.62
N LYS O 160 -62.30 30.81 -92.37
CA LYS O 160 -61.44 31.59 -93.28
C LYS O 160 -60.08 30.90 -93.26
N VAL O 161 -59.86 29.99 -94.21
CA VAL O 161 -58.67 29.14 -94.20
C VAL O 161 -57.42 29.86 -94.66
N LYS O 162 -57.54 31.05 -95.27
CA LYS O 162 -56.37 31.75 -95.76
C LYS O 162 -55.42 32.11 -94.63
N GLU O 163 -55.96 32.71 -93.56
CA GLU O 163 -55.12 33.08 -92.42
C GLU O 163 -54.54 31.85 -91.72
N MET O 164 -55.32 30.78 -91.63
CA MET O 164 -54.81 29.55 -91.02
C MET O 164 -53.65 28.97 -91.82
N VAL O 165 -53.77 28.95 -93.15
CA VAL O 165 -52.69 28.46 -94.00
C VAL O 165 -51.46 29.36 -93.85
N ARG O 166 -51.67 30.68 -93.81
CA ARG O 166 -50.55 31.60 -93.66
C ARG O 166 -49.83 31.38 -92.33
N ILE O 167 -50.58 31.20 -91.24
CA ILE O 167 -49.94 31.05 -89.94
C ILE O 167 -49.30 29.66 -89.81
N LEU O 168 -49.84 28.65 -90.49
CA LEU O 168 -49.22 27.33 -90.46
C LEU O 168 -47.96 27.27 -91.31
N LYS O 169 -47.90 28.05 -92.39
CA LYS O 169 -46.70 28.07 -93.23
C LYS O 169 -45.48 28.60 -92.48
N GLY O 170 -45.68 29.38 -91.43
CA GLY O 170 -44.56 29.89 -90.66
C GLY O 170 -43.82 28.83 -89.87
N ILE O 171 -44.47 27.72 -89.54
CA ILE O 171 -43.86 26.61 -88.83
C ILE O 171 -43.73 25.45 -89.82
N PRO O 172 -42.52 25.00 -90.15
CA PRO O 172 -42.37 24.00 -91.22
C PRO O 172 -42.78 22.59 -90.81
N PHE O 173 -42.45 22.20 -89.58
CA PHE O 173 -42.66 20.83 -89.13
C PHE O 173 -43.95 20.67 -88.32
N LEU O 174 -44.99 21.44 -88.64
CA LEU O 174 -46.31 21.28 -88.04
C LEU O 174 -47.31 21.04 -89.17
N PRO O 175 -47.57 19.80 -89.55
CA PRO O 175 -48.36 19.54 -90.75
C PRO O 175 -49.86 19.45 -90.49
N LEU O 176 -50.63 20.03 -91.41
CA LEU O 176 -52.09 19.91 -91.39
C LEU O 176 -52.47 18.55 -91.93
N LEU O 177 -53.15 17.74 -91.12
CA LEU O 177 -53.51 16.39 -91.54
C LEU O 177 -54.72 16.42 -92.46
N GLY O 178 -55.80 17.05 -92.03
CA GLY O 178 -57.00 17.17 -92.86
C GLY O 178 -58.08 17.93 -92.13
N GLY O 179 -59.34 17.57 -92.41
CA GLY O 179 -60.44 18.18 -91.71
C GLY O 179 -61.70 18.33 -92.53
N CYS O 180 -62.70 19.00 -91.96
CA CYS O 180 -63.97 19.21 -92.65
C CYS O 180 -64.35 20.68 -92.59
N ILE O 181 -64.70 21.22 -93.75
CA ILE O 181 -65.17 22.60 -93.90
C ILE O 181 -66.61 22.50 -94.40
N ASP O 182 -67.56 22.70 -93.49
CA ASP O 182 -69.00 22.60 -93.80
C ASP O 182 -69.33 21.22 -94.38
N ASP O 183 -69.03 20.19 -93.59
CA ASP O 183 -69.33 18.80 -93.93
C ASP O 183 -68.64 18.37 -95.24
N THR O 184 -67.45 18.90 -95.49
CA THR O 184 -66.65 18.54 -96.66
C THR O 184 -65.27 18.09 -96.17
N ILE O 185 -65.07 16.78 -96.09
CA ILE O 185 -63.80 16.22 -95.65
C ILE O 185 -62.75 16.50 -96.72
N LEU O 186 -61.65 17.16 -96.32
CA LEU O 186 -60.58 17.50 -97.24
C LEU O 186 -59.22 17.20 -96.60
N SER O 187 -58.23 16.94 -97.44
CA SER O 187 -56.86 16.74 -96.99
C SER O 187 -56.12 18.08 -97.01
N ARG O 188 -54.80 18.03 -96.88
CA ARG O 188 -54.01 19.27 -96.90
C ARG O 188 -54.13 19.98 -98.24
N GLN O 189 -54.08 19.23 -99.35
CA GLN O 189 -54.23 19.85 -100.65
C GLN O 189 -55.64 20.42 -100.82
N GLY O 190 -56.65 19.74 -100.29
CA GLY O 190 -57.99 20.29 -100.33
C GLY O 190 -58.13 21.58 -99.54
N PHE O 191 -57.49 21.63 -98.37
CA PHE O 191 -57.48 22.87 -97.60
C PHE O 191 -56.77 23.99 -98.34
N ILE O 192 -55.65 23.68 -99.00
CA ILE O 192 -54.93 24.69 -99.77
C ILE O 192 -55.81 25.21 -100.90
N ASN O 193 -56.47 24.30 -101.62
CA ASN O 193 -57.34 24.71 -102.72
C ASN O 193 -58.50 25.56 -102.21
N TYR O 194 -59.10 25.18 -101.08
CA TYR O 194 -60.20 25.98 -100.53
C TYR O 194 -59.72 27.36 -100.10
N SER O 195 -58.53 27.45 -99.51
CA SER O 195 -58.00 28.76 -99.13
C SER O 195 -57.73 29.62 -100.36
N LYS O 196 -57.18 29.03 -101.42
CA LYS O 196 -56.96 29.78 -102.65
C LYS O 196 -58.26 30.16 -103.35
N LEU O 197 -59.34 29.40 -103.12
CA LEU O 197 -60.63 29.66 -103.74
C LEU O 197 -61.20 30.99 -103.25
N PRO O 198 -61.87 31.75 -104.12
CA PRO O 198 -62.44 33.04 -103.71
C PRO O 198 -63.58 32.90 -102.72
N SER O 199 -64.18 34.03 -102.33
CA SER O 199 -65.20 34.04 -101.29
C SER O 199 -66.56 33.66 -101.84
N LEU O 200 -67.48 33.36 -100.92
CA LEU O 200 -68.82 32.93 -101.29
C LEU O 200 -69.57 34.02 -102.05
N ALA O 201 -69.48 35.26 -101.59
CA ALA O 201 -70.16 36.35 -102.28
C ALA O 201 -69.62 36.52 -103.70
N LEU O 202 -68.30 36.45 -103.86
CA LEU O 202 -67.70 36.62 -105.19
C LEU O 202 -68.12 35.48 -106.12
N VAL O 203 -68.08 34.25 -105.64
CA VAL O 203 -68.42 33.12 -106.51
C VAL O 203 -69.90 33.14 -106.85
N GLN O 204 -70.76 33.53 -105.89
CA GLN O 204 -72.19 33.66 -106.18
C GLN O 204 -72.45 34.75 -107.21
N GLY O 205 -71.76 35.89 -107.09
CA GLY O 205 -71.92 36.94 -108.08
C GLY O 205 -71.43 36.52 -109.46
N GLU O 206 -70.33 35.77 -109.52
CA GLU O 206 -69.82 35.31 -110.80
C GLU O 206 -70.65 34.19 -111.39
N LEU O 207 -71.41 33.46 -110.57
CA LEU O 207 -72.29 32.42 -111.10
C LEU O 207 -73.35 33.01 -112.02
N VAL O 208 -73.97 34.12 -111.60
CA VAL O 208 -74.97 34.78 -112.44
C VAL O 208 -74.33 35.31 -113.72
N GLY O 209 -73.12 35.86 -113.61
CA GLY O 209 -72.42 36.32 -114.81
C GLY O 209 -72.14 35.18 -115.77
N GLY O 210 -71.72 34.02 -115.26
CA GLY O 210 -71.52 32.88 -116.12
C GLY O 210 -72.81 32.37 -116.74
N LEU O 211 -73.91 32.40 -116.00
CA LEU O 211 -75.19 31.98 -116.54
C LEU O 211 -75.64 32.90 -117.67
N THR O 212 -75.47 34.22 -117.50
CA THR O 212 -75.87 35.18 -118.52
C THR O 212 -74.80 35.37 -119.60
N PHE O 213 -73.65 34.73 -119.45
CA PHE O 213 -72.58 34.85 -120.44
C PHE O 213 -73.04 34.37 -121.82
N LEU O 214 -73.92 33.38 -121.88
CA LEU O 214 -74.39 32.92 -123.18
C LEU O 214 -75.15 34.02 -123.91
N THR O 215 -76.08 34.68 -123.21
CA THR O 215 -76.81 35.79 -123.82
C THR O 215 -75.88 36.95 -124.14
N ALA O 216 -74.92 37.23 -123.25
CA ALA O 216 -73.98 38.32 -123.50
C ALA O 216 -73.14 38.06 -124.75
N GLN O 217 -72.65 36.83 -124.91
CA GLN O 217 -71.88 36.48 -126.10
C GLN O 217 -72.75 36.49 -127.36
N THR O 218 -73.98 36.02 -127.26
CA THR O 218 -74.88 36.07 -128.41
C THR O 218 -75.12 37.51 -128.84
N TYR O 219 -75.34 38.41 -127.89
CA TYR O 219 -75.56 39.81 -128.21
C TYR O 219 -74.31 40.44 -128.80
N SER O 220 -73.14 40.11 -128.24
CA SER O 220 -71.90 40.65 -128.76
C SER O 220 -71.66 40.20 -130.20
N MET O 221 -71.93 38.92 -130.49
CA MET O 221 -71.80 38.43 -131.86
C MET O 221 -72.80 39.09 -132.80
N LEU O 222 -74.04 39.31 -132.34
CA LEU O 222 -75.03 39.98 -133.18
C LEU O 222 -74.65 41.43 -133.46
N GLN O 223 -74.01 42.11 -132.50
CA GLN O 223 -73.54 43.47 -132.73
C GLN O 223 -72.11 43.52 -133.25
N HIS O 224 -71.43 42.37 -133.38
CA HIS O 224 -70.08 42.35 -133.91
C HIS O 224 -70.05 42.54 -135.43
N GLN O 225 -71.12 42.18 -136.14
CA GLN O 225 -71.15 42.40 -137.58
C GLN O 225 -71.05 43.88 -137.95
N PRO O 226 -71.83 44.80 -137.35
CA PRO O 226 -71.57 46.22 -137.61
C PRO O 226 -70.21 46.68 -137.12
N ARG O 227 -69.68 46.10 -136.06
CA ARG O 227 -68.37 46.50 -135.54
C ARG O 227 -67.24 46.09 -136.48
N GLN O 228 -67.43 45.04 -137.27
CA GLN O 228 -66.39 44.64 -138.22
C GLN O 228 -66.12 45.74 -139.23
N LEU O 229 -67.18 46.35 -139.78
CA LEU O 229 -67.00 47.44 -140.74
C LEU O 229 -66.30 48.63 -140.09
N THR O 230 -66.69 48.97 -138.86
CA THR O 230 -66.07 50.10 -138.17
C THR O 230 -64.59 49.84 -137.93
N ALA O 231 -64.24 48.64 -137.46
CA ALA O 231 -62.84 48.33 -137.18
C ALA O 231 -62.02 48.29 -138.46
N LEU O 232 -62.55 47.69 -139.53
CA LEU O 232 -61.81 47.63 -140.78
C LEU O 232 -61.69 48.99 -141.43
N LEU O 233 -62.71 49.83 -141.29
CA LEU O 233 -62.59 51.22 -141.72
C LEU O 233 -61.52 51.95 -140.91
N ASP O 234 -61.48 51.71 -139.60
CA ASP O 234 -60.43 52.30 -138.77
C ASP O 234 -59.06 51.75 -139.15
N GLN O 235 -59.00 50.50 -139.61
CA GLN O 235 -57.74 49.95 -140.10
C GLN O 235 -57.26 50.72 -141.33
N TYR O 236 -58.17 51.03 -142.26
CA TYR O 236 -57.81 51.88 -143.39
C TYR O 236 -57.45 53.28 -142.92
N VAL O 237 -58.06 53.76 -141.84
CA VAL O 237 -57.71 55.07 -141.31
C VAL O 237 -56.28 55.07 -140.80
N LYS O 238 -55.88 54.03 -140.07
CA LYS O 238 -54.52 53.97 -139.54
C LYS O 238 -53.51 53.63 -140.63
N GLN O 239 -53.94 53.02 -141.73
CA GLN O 239 -53.03 52.78 -142.85
C GLN O 239 -52.55 54.07 -143.48
N GLN O 240 -53.44 55.04 -143.64
CA GLN O 240 -53.08 56.32 -144.25
C GLN O 240 -53.35 57.48 -143.30
N SER P 17 -27.68 33.94 -72.00
CA SER P 17 -27.21 33.33 -70.76
C SER P 17 -28.38 32.73 -69.98
N GLY P 18 -29.47 33.47 -69.90
CA GLY P 18 -30.64 32.99 -69.19
C GLY P 18 -31.63 34.11 -68.94
N MET P 19 -32.52 33.86 -67.99
CA MET P 19 -33.59 34.79 -67.63
C MET P 19 -33.62 34.99 -66.12
N ILE P 20 -33.83 36.23 -65.70
CA ILE P 20 -33.86 36.59 -64.29
C ILE P 20 -35.15 37.34 -64.00
N ARG P 21 -35.86 36.93 -62.96
CA ARG P 21 -37.05 37.64 -62.50
C ARG P 21 -36.66 38.59 -61.37
N ALA P 22 -37.02 39.86 -61.51
CA ALA P 22 -36.65 40.87 -60.52
C ALA P 22 -37.87 41.75 -60.24
N ILE P 23 -38.26 41.82 -58.97
CA ILE P 23 -39.32 42.73 -58.54
C ILE P 23 -38.67 43.99 -58.02
N VAL P 24 -38.83 45.09 -58.75
CA VAL P 24 -38.13 46.34 -58.47
C VAL P 24 -39.17 47.45 -58.29
N ARG P 25 -38.92 48.30 -57.29
CA ARG P 25 -39.76 49.47 -57.07
C ARG P 25 -39.65 50.44 -58.24
N ALA P 26 -40.77 51.11 -58.54
CA ALA P 26 -40.82 52.00 -59.70
C ALA P 26 -39.82 53.14 -59.56
N GLY P 27 -39.79 53.79 -58.40
CA GLY P 27 -38.91 54.91 -58.16
C GLY P 27 -37.56 54.57 -57.59
N GLN P 28 -37.26 53.29 -57.38
CA GLN P 28 -36.01 52.85 -56.79
C GLN P 28 -35.21 52.06 -57.82
N ALA P 29 -33.95 52.43 -58.00
CA ALA P 29 -33.03 51.73 -58.88
C ALA P 29 -31.62 51.88 -58.29
N ARG P 30 -31.20 50.89 -57.50
CA ARG P 30 -29.92 50.96 -56.82
C ARG P 30 -28.97 49.88 -57.32
N PRO P 31 -27.70 50.21 -57.52
CA PRO P 31 -26.70 49.19 -57.89
C PRO P 31 -26.20 48.40 -56.68
N GLY P 32 -27.13 47.73 -56.02
CA GLY P 32 -26.80 46.96 -54.84
C GLY P 32 -27.67 45.73 -54.68
N PRO P 33 -27.66 45.12 -53.50
CA PRO P 33 -28.46 43.93 -53.29
C PRO P 33 -29.94 44.26 -53.21
N PRO P 34 -30.82 43.34 -53.61
CA PRO P 34 -30.47 42.02 -54.15
C PRO P 34 -30.18 42.04 -55.64
N LEU P 35 -30.25 43.23 -56.24
CA LEU P 35 -29.98 43.36 -57.67
C LEU P 35 -28.51 43.28 -58.00
N GLY P 36 -27.64 43.41 -57.01
CA GLY P 36 -26.21 43.44 -57.23
C GLY P 36 -25.62 42.10 -57.67
N PRO P 37 -25.65 41.10 -56.78
CA PRO P 37 -25.03 39.81 -57.12
C PRO P 37 -25.63 39.13 -58.32
N ILE P 38 -26.94 39.25 -58.55
CA ILE P 38 -27.57 38.53 -59.66
C ILE P 38 -27.03 39.02 -61.00
N LEU P 39 -26.87 40.33 -61.17
CA LEU P 39 -26.27 40.88 -62.39
C LEU P 39 -24.74 40.74 -62.40
N GLY P 40 -24.10 40.77 -61.23
CA GLY P 40 -22.66 40.57 -61.19
C GLY P 40 -22.24 39.19 -61.63
N GLN P 41 -23.01 38.16 -61.26
CA GLN P 41 -22.72 36.81 -61.73
C GLN P 41 -22.88 36.70 -63.25
N ARG P 42 -23.89 37.36 -63.81
CA ARG P 42 -24.11 37.36 -65.24
C ARG P 42 -23.11 38.22 -66.00
N GLY P 43 -22.46 39.18 -65.35
CA GLY P 43 -21.50 40.03 -65.99
C GLY P 43 -22.08 41.27 -66.64
N VAL P 44 -23.39 41.47 -66.57
CA VAL P 44 -24.03 42.64 -67.16
C VAL P 44 -23.71 43.86 -66.30
N SER P 45 -23.32 44.95 -66.96
CA SER P 45 -23.03 46.20 -66.25
C SER P 45 -24.29 46.72 -65.56
N ILE P 46 -24.19 46.95 -64.25
CA ILE P 46 -25.36 47.36 -63.48
C ILE P 46 -25.77 48.78 -63.81
N ASN P 47 -24.81 49.65 -64.14
CA ASN P 47 -25.12 51.05 -64.40
C ASN P 47 -26.01 51.21 -65.63
N GLN P 48 -25.72 50.45 -66.70
CA GLN P 48 -26.55 50.51 -67.90
C GLN P 48 -27.96 50.04 -67.61
N PHE P 49 -28.11 48.96 -66.87
CA PHE P 49 -29.44 48.47 -66.51
C PHE P 49 -30.18 49.50 -65.67
N CYS P 50 -29.49 50.14 -64.73
CA CYS P 50 -30.14 51.17 -63.90
C CYS P 50 -30.59 52.35 -64.74
N LYS P 51 -29.75 52.79 -65.68
CA LYS P 51 -30.12 53.91 -66.54
C LYS P 51 -31.32 53.56 -67.41
N GLU P 52 -31.32 52.34 -67.98
CA GLU P 52 -32.45 51.91 -68.79
C GLU P 52 -33.73 51.83 -67.96
N PHE P 53 -33.62 51.32 -66.72
CA PHE P 53 -34.78 51.23 -65.85
C PHE P 53 -35.32 52.62 -65.51
N ASN P 54 -34.41 53.57 -65.24
CA ASN P 54 -34.85 54.94 -64.95
C ASN P 54 -35.52 55.57 -66.16
N GLU P 55 -34.98 55.35 -67.36
CA GLU P 55 -35.59 55.90 -68.56
C GLU P 55 -36.95 55.28 -68.84
N LYS P 56 -37.12 53.99 -68.55
CA LYS P 56 -38.38 53.31 -68.83
C LYS P 56 -39.42 53.48 -67.73
N THR P 57 -39.01 53.88 -66.52
CA THR P 57 -39.93 54.06 -65.41
C THR P 57 -39.95 55.48 -64.88
N LYS P 58 -39.38 56.45 -65.59
CA LYS P 58 -39.47 57.84 -65.15
C LYS P 58 -40.78 58.48 -65.56
N ASP P 59 -41.63 57.76 -66.32
CA ASP P 59 -42.97 58.22 -66.65
C ASP P 59 -44.00 57.81 -65.60
N ILE P 60 -43.56 57.22 -64.50
CA ILE P 60 -44.44 56.77 -63.43
C ILE P 60 -43.85 57.25 -62.11
N LYS P 61 -44.66 57.87 -61.26
CA LYS P 61 -44.15 58.44 -60.02
C LYS P 61 -45.02 58.13 -58.80
N GLU P 62 -45.73 57.00 -58.80
CA GLU P 62 -46.50 56.65 -57.62
C GLU P 62 -45.81 55.58 -56.78
N GLY P 63 -44.63 55.11 -57.20
CA GLY P 63 -43.87 54.16 -56.42
C GLY P 63 -44.55 52.82 -56.22
N ILE P 64 -45.07 52.25 -57.30
CA ILE P 64 -45.74 50.95 -57.28
C ILE P 64 -44.71 49.92 -57.74
N PRO P 65 -44.31 48.98 -56.88
CA PRO P 65 -43.31 47.99 -57.29
C PRO P 65 -43.83 47.07 -58.38
N LEU P 66 -42.95 46.71 -59.32
CA LEU P 66 -43.38 45.85 -60.42
C LEU P 66 -42.36 44.75 -60.69
N PRO P 67 -42.81 43.59 -61.15
CA PRO P 67 -41.89 42.54 -61.59
C PRO P 67 -41.50 42.72 -63.06
N THR P 68 -40.26 42.33 -63.35
CA THR P 68 -39.72 42.41 -64.70
C THR P 68 -38.84 41.20 -64.97
N LYS P 69 -38.67 40.91 -66.25
CA LYS P 69 -37.87 39.78 -66.72
C LYS P 69 -36.69 40.31 -67.50
N ILE P 70 -35.48 39.92 -67.08
CA ILE P 70 -34.25 40.34 -67.73
C ILE P 70 -33.69 39.14 -68.48
N PHE P 71 -33.56 39.28 -69.80
CA PHE P 71 -33.06 38.21 -70.67
C PHE P 71 -31.60 38.49 -70.98
N VAL P 72 -30.70 37.84 -70.27
CA VAL P 72 -29.27 38.01 -70.47
C VAL P 72 -28.82 37.08 -71.59
N LYS P 73 -28.29 37.65 -72.66
CA LYS P 73 -27.76 36.92 -73.79
C LYS P 73 -26.33 36.46 -73.52
N PRO P 74 -25.83 35.46 -74.26
CA PRO P 74 -24.47 34.99 -74.02
C PRO P 74 -23.40 36.05 -74.24
N ASP P 75 -23.67 37.10 -75.03
CA ASP P 75 -22.71 38.16 -75.27
C ASP P 75 -22.79 39.28 -74.23
N ARG P 76 -23.31 38.98 -73.04
CA ARG P 76 -23.43 39.90 -71.92
C ARG P 76 -24.33 41.09 -72.22
N THR P 77 -25.25 40.95 -73.17
CA THR P 77 -26.25 41.97 -73.45
C THR P 77 -27.61 41.54 -72.91
N PHE P 78 -28.40 42.51 -72.47
CA PHE P 78 -29.64 42.23 -71.76
C PHE P 78 -30.80 42.93 -72.45
N GLU P 79 -31.98 42.34 -72.28
CA GLU P 79 -33.24 42.91 -72.75
C GLU P 79 -34.22 42.96 -71.59
N ILE P 80 -35.08 43.99 -71.59
CA ILE P 80 -35.99 44.24 -70.49
C ILE P 80 -37.42 44.21 -70.99
N LYS P 81 -38.29 43.48 -70.29
CA LYS P 81 -39.72 43.48 -70.53
C LYS P 81 -40.40 43.82 -69.21
N ILE P 82 -41.16 44.91 -69.20
CA ILE P 82 -41.81 45.41 -67.99
C ILE P 82 -43.29 45.04 -68.03
N GLY P 83 -43.75 44.33 -67.02
CA GLY P 83 -45.15 43.95 -66.91
C GLY P 83 -45.90 44.80 -65.90
N GLN P 84 -47.12 44.37 -65.60
CA GLN P 84 -47.94 45.08 -64.64
C GLN P 84 -47.41 44.87 -63.22
N PRO P 85 -47.65 45.83 -62.32
CA PRO P 85 -47.11 45.73 -60.95
C PRO P 85 -47.74 44.61 -60.13
N THR P 86 -47.33 44.50 -58.86
CA THR P 86 -47.65 43.35 -58.04
C THR P 86 -49.09 43.39 -57.55
N VAL P 87 -49.74 42.23 -57.58
CA VAL P 87 -51.12 42.10 -57.12
C VAL P 87 -51.21 42.37 -55.62
N SER P 88 -50.22 41.93 -54.85
CA SER P 88 -50.24 42.16 -53.41
C SER P 88 -50.21 43.66 -53.10
N TYR P 89 -49.34 44.41 -53.78
CA TYR P 89 -49.28 45.85 -53.55
C TYR P 89 -50.54 46.52 -54.08
N PHE P 90 -51.10 46.03 -55.18
CA PHE P 90 -52.37 46.57 -55.66
C PHE P 90 -53.46 46.42 -54.61
N LEU P 91 -53.57 45.23 -54.02
CA LEU P 91 -54.58 45.00 -52.98
C LEU P 91 -54.32 45.83 -51.74
N LYS P 92 -53.04 45.96 -51.34
CA LYS P 92 -52.72 46.78 -50.18
C LYS P 92 -53.09 48.24 -50.41
N ALA P 93 -52.80 48.77 -51.60
CA ALA P 93 -53.17 50.15 -51.90
C ALA P 93 -54.68 50.31 -51.97
N ALA P 94 -55.40 49.33 -52.53
CA ALA P 94 -56.84 49.42 -52.63
C ALA P 94 -57.52 49.35 -51.27
N ALA P 95 -56.96 48.58 -50.34
CA ALA P 95 -57.56 48.41 -49.02
C ALA P 95 -57.10 49.45 -48.00
N GLY P 96 -55.93 50.04 -48.18
CA GLY P 96 -55.43 51.02 -47.24
C GLY P 96 -54.64 50.46 -46.08
N ILE P 97 -54.11 49.26 -46.21
CA ILE P 97 -53.35 48.62 -45.13
C ILE P 97 -51.93 48.37 -45.62
N GLU P 98 -50.96 48.77 -44.80
CA GLU P 98 -49.56 48.76 -45.18
C GLU P 98 -48.99 47.35 -45.34
N LYS P 99 -49.32 46.43 -44.43
CA LYS P 99 -48.83 45.07 -44.50
C LYS P 99 -49.97 44.08 -44.30
N GLY P 100 -49.84 42.92 -44.95
CA GLY P 100 -50.85 41.90 -44.88
C GLY P 100 -50.84 41.15 -43.56
N ALA P 101 -51.90 40.35 -43.37
CA ALA P 101 -52.06 39.60 -42.13
C ALA P 101 -51.04 38.47 -42.04
N ARG P 102 -50.50 38.27 -40.84
CA ARG P 102 -49.55 37.20 -40.62
C ARG P 102 -50.22 35.83 -40.70
N HIS P 103 -51.39 35.69 -40.06
CA HIS P 103 -52.13 34.44 -40.05
C HIS P 103 -53.39 34.60 -40.89
N THR P 104 -53.31 34.20 -42.15
CA THR P 104 -54.45 34.27 -43.05
C THR P 104 -55.53 33.30 -42.62
N GLY P 105 -56.78 33.75 -42.65
CA GLY P 105 -57.93 32.96 -42.27
C GLY P 105 -58.38 33.19 -40.84
N LYS P 106 -57.44 33.37 -39.91
CA LYS P 106 -57.78 33.63 -38.52
C LYS P 106 -58.07 35.10 -38.26
N GLU P 107 -57.48 36.01 -39.04
CA GLU P 107 -57.67 37.44 -38.87
C GLU P 107 -57.91 38.07 -40.23
N VAL P 108 -58.53 39.25 -40.20
CA VAL P 108 -58.86 40.00 -41.40
C VAL P 108 -57.81 41.09 -41.60
N ALA P 109 -57.22 41.12 -42.79
CA ALA P 109 -56.20 42.11 -43.12
C ALA P 109 -56.81 43.41 -43.64
N GLY P 110 -57.82 43.30 -44.50
CA GLY P 110 -58.47 44.47 -45.04
C GLY P 110 -59.84 44.15 -45.59
N LEU P 111 -60.47 45.18 -46.17
CA LEU P 111 -61.81 45.03 -46.72
C LEU P 111 -61.89 45.81 -48.02
N VAL P 112 -62.29 45.12 -49.10
CA VAL P 112 -62.50 45.75 -50.40
C VAL P 112 -63.81 45.20 -50.97
N THR P 113 -64.21 45.74 -52.11
CA THR P 113 -65.42 45.32 -52.81
C THR P 113 -65.06 44.81 -54.20
N LEU P 114 -66.11 44.44 -54.95
CA LEU P 114 -65.91 43.90 -56.30
C LEU P 114 -65.37 44.94 -57.26
N LYS P 115 -65.62 46.22 -57.02
CA LYS P 115 -65.16 47.27 -57.92
C LYS P 115 -63.64 47.31 -58.00
N HIS P 116 -62.98 47.22 -56.84
CA HIS P 116 -61.52 47.23 -56.83
C HIS P 116 -60.95 46.02 -57.55
N VAL P 117 -61.54 44.84 -57.33
CA VAL P 117 -61.08 43.63 -58.00
C VAL P 117 -61.24 43.75 -59.50
N TYR P 118 -62.39 44.24 -59.95
CA TYR P 118 -62.61 44.41 -61.40
C TYR P 118 -61.64 45.41 -61.99
N GLU P 119 -61.40 46.52 -61.30
CA GLU P 119 -60.48 47.53 -61.78
C GLU P 119 -59.06 46.98 -61.89
N ILE P 120 -58.63 46.23 -60.85
CA ILE P 120 -57.30 45.63 -60.89
C ILE P 120 -57.20 44.63 -62.03
N ALA P 121 -58.23 43.83 -62.24
CA ALA P 121 -58.20 42.85 -63.34
C ALA P 121 -58.13 43.55 -64.69
N ARG P 122 -58.91 44.62 -64.89
CA ARG P 122 -58.90 45.29 -66.18
C ARG P 122 -57.63 46.10 -66.40
N VAL P 123 -56.93 46.49 -65.34
CA VAL P 123 -55.65 47.17 -65.56
C VAL P 123 -54.50 46.19 -65.65
N LYS P 124 -54.67 44.96 -65.15
CA LYS P 124 -53.65 43.94 -65.27
C LYS P 124 -53.85 43.03 -66.48
N ALA P 125 -54.96 43.18 -67.21
CA ALA P 125 -55.17 42.36 -68.40
C ALA P 125 -54.15 42.62 -69.50
N GLN P 126 -53.38 43.70 -69.40
CA GLN P 126 -52.38 44.03 -70.42
C GLN P 126 -50.99 43.53 -70.06
N ASP P 127 -50.85 42.77 -68.98
CA ASP P 127 -49.52 42.29 -68.59
C ASP P 127 -49.05 41.19 -69.54
N ASP P 128 -47.74 40.93 -69.49
CA ASP P 128 -47.16 39.87 -70.31
C ASP P 128 -47.63 38.49 -69.90
N ALA P 129 -48.15 38.34 -68.68
CA ALA P 129 -48.61 37.03 -68.22
C ALA P 129 -49.97 36.67 -68.80
N PHE P 130 -50.95 37.58 -68.65
CA PHE P 130 -52.30 37.33 -69.11
C PHE P 130 -52.58 37.87 -70.51
N ALA P 131 -51.57 38.46 -71.16
CA ALA P 131 -51.78 38.93 -72.53
C ALA P 131 -51.79 37.77 -73.52
N LEU P 132 -50.96 36.76 -73.30
CA LEU P 132 -50.93 35.61 -74.20
C LEU P 132 -52.21 34.79 -74.10
N GLN P 133 -52.76 34.65 -72.90
CA GLN P 133 -54.04 33.97 -72.73
C GLN P 133 -55.17 34.87 -73.22
N ASP P 134 -56.24 34.24 -73.69
CA ASP P 134 -57.36 34.96 -74.28
C ASP P 134 -58.66 34.73 -73.52
N VAL P 135 -58.55 34.38 -72.24
CA VAL P 135 -59.72 34.22 -71.37
C VAL P 135 -60.32 35.59 -71.10
N PRO P 136 -61.62 35.69 -70.81
CA PRO P 136 -62.21 36.99 -70.50
C PRO P 136 -61.73 37.55 -69.16
N LEU P 137 -62.24 38.72 -68.77
CA LEU P 137 -61.82 39.34 -67.51
C LEU P 137 -62.31 38.56 -66.29
N SER P 138 -63.22 37.61 -66.48
CA SER P 138 -63.72 36.83 -65.35
C SER P 138 -62.62 36.01 -64.71
N SER P 139 -61.76 35.39 -65.53
CA SER P 139 -60.66 34.60 -64.98
C SER P 139 -59.67 35.48 -64.22
N VAL P 140 -59.39 36.68 -64.74
CA VAL P 140 -58.49 37.59 -64.04
C VAL P 140 -59.11 38.04 -62.73
N VAL P 141 -60.42 38.29 -62.71
CA VAL P 141 -61.10 38.64 -61.47
C VAL P 141 -61.01 37.50 -60.46
N ARG P 142 -61.18 36.26 -60.92
CA ARG P 142 -61.05 35.11 -60.04
C ARG P 142 -59.64 35.01 -59.48
N SER P 143 -58.62 35.26 -60.32
CA SER P 143 -57.24 35.23 -59.84
C SER P 143 -57.00 36.31 -58.80
N ILE P 144 -57.52 37.52 -59.02
CA ILE P 144 -57.35 38.59 -58.05
C ILE P 144 -58.05 38.24 -56.74
N ILE P 145 -59.24 37.63 -56.83
CA ILE P 145 -59.97 37.25 -55.62
C ILE P 145 -59.21 36.18 -54.86
N GLY P 146 -58.61 35.22 -55.57
CA GLY P 146 -57.79 34.22 -54.90
C GLY P 146 -56.56 34.81 -54.25
N SER P 147 -55.92 35.78 -54.92
CA SER P 147 -54.78 36.46 -54.32
C SER P 147 -55.20 37.23 -53.06
N ALA P 148 -56.37 37.87 -53.11
CA ALA P 148 -56.88 38.54 -51.91
C ALA P 148 -57.22 37.56 -50.81
N ARG P 149 -57.73 36.38 -51.17
CA ARG P 149 -57.96 35.33 -50.18
C ARG P 149 -56.67 34.93 -49.49
N SER P 150 -55.61 34.74 -50.27
CA SER P 150 -54.30 34.41 -49.70
C SER P 150 -53.76 35.54 -48.83
N LEU P 151 -53.94 36.78 -49.27
CA LEU P 151 -53.44 37.93 -48.51
C LEU P 151 -54.23 38.13 -47.22
N GLY P 152 -55.50 37.72 -47.19
CA GLY P 152 -56.34 37.88 -46.03
C GLY P 152 -57.32 39.04 -46.10
N ILE P 153 -57.31 39.79 -47.20
CA ILE P 153 -58.25 40.91 -47.36
C ILE P 153 -59.62 40.36 -47.72
N ARG P 154 -60.63 40.77 -46.97
CA ARG P 154 -61.99 40.32 -47.19
C ARG P 154 -62.65 41.13 -48.30
N VAL P 155 -63.43 40.46 -49.14
CA VAL P 155 -64.19 41.10 -50.20
C VAL P 155 -65.67 40.90 -49.91
N VAL P 156 -66.46 41.92 -50.23
CA VAL P 156 -67.91 41.90 -50.00
C VAL P 156 -68.62 42.18 -51.31
N LYS P 157 -69.84 41.68 -51.42
CA LYS P 157 -70.59 41.80 -52.67
C LYS P 157 -71.11 43.23 -52.88
N ASP P 158 -71.83 43.76 -51.88
CA ASP P 158 -72.42 45.09 -52.00
C ASP P 158 -72.48 45.73 -50.60
N LEU P 159 -71.52 46.62 -50.32
CA LEU P 159 -71.53 47.43 -49.11
C LEU P 159 -71.07 48.86 -49.39
N SER P 160 -71.55 49.45 -50.48
CA SER P 160 -71.11 50.80 -50.84
C SER P 160 -71.53 51.82 -49.78
N SER P 161 -72.76 51.72 -49.28
CA SER P 161 -73.23 52.66 -48.27
C SER P 161 -72.63 52.37 -46.89
N GLU P 162 -72.37 51.10 -46.59
CA GLU P 162 -71.84 50.71 -45.29
C GLU P 162 -70.31 50.68 -45.26
N GLU P 163 -69.65 50.95 -46.38
CA GLU P 163 -68.18 50.88 -46.42
C GLU P 163 -67.56 51.92 -45.50
N LEU P 164 -68.20 53.08 -45.33
CA LEU P 164 -67.68 54.08 -44.42
C LEU P 164 -67.69 53.58 -42.98
N ALA P 165 -68.83 53.05 -42.52
CA ALA P 165 -68.90 52.50 -41.17
C ALA P 165 -68.01 51.28 -41.04
N ALA P 166 -67.97 50.44 -42.08
CA ALA P 166 -67.07 49.28 -42.05
C ALA P 166 -65.62 49.72 -41.93
N PHE P 167 -65.23 50.75 -42.67
CA PHE P 167 -63.87 51.27 -42.57
C PHE P 167 -63.60 51.84 -41.18
N GLN P 168 -64.55 52.59 -40.64
CA GLN P 168 -64.31 53.24 -39.35
C GLN P 168 -64.25 52.23 -38.21
N LYS P 169 -64.92 51.09 -38.34
CA LYS P 169 -64.80 50.07 -37.31
C LYS P 169 -63.56 49.20 -37.52
N GLU P 170 -63.25 48.87 -38.79
CA GLU P 170 -62.12 47.99 -39.06
C GLU P 170 -60.79 48.70 -38.81
N ARG P 171 -60.73 50.02 -38.98
CA ARG P 171 -59.50 50.73 -38.64
C ARG P 171 -59.21 50.65 -37.15
N ALA P 172 -60.24 50.83 -36.31
CA ALA P 172 -60.05 50.69 -34.87
C ALA P 172 -59.66 49.26 -34.51
N LEU P 173 -60.35 48.28 -35.10
CA LEU P 173 -60.02 46.88 -34.82
C LEU P 173 -58.59 46.56 -35.22
N PHE P 174 -58.16 47.04 -36.39
CA PHE P 174 -56.83 46.73 -36.89
C PHE P 174 -55.75 47.44 -36.08
N LEU P 175 -56.00 48.67 -35.63
CA LEU P 175 -55.02 49.34 -34.80
C LEU P 175 -54.91 48.67 -33.43
N ALA P 176 -56.04 48.21 -32.87
CA ALA P 176 -55.99 47.45 -31.63
C ALA P 176 -55.21 46.15 -31.82
N ALA P 177 -55.45 45.45 -32.93
CA ALA P 177 -54.72 44.21 -33.21
C ALA P 177 -53.23 44.49 -33.40
N GLN P 178 -52.88 45.59 -34.05
CA GLN P 178 -51.48 45.95 -34.24
C GLN P 178 -50.81 46.26 -32.91
N ARG P 179 -51.51 46.98 -32.02
CA ARG P 179 -50.96 47.24 -30.69
C ARG P 179 -50.76 45.95 -29.91
N GLU P 180 -51.73 45.04 -29.97
CA GLU P 180 -51.59 43.76 -29.28
C GLU P 180 -50.43 42.95 -29.85
N ALA P 181 -50.27 42.95 -31.17
CA ALA P 181 -49.18 42.22 -31.80
C ALA P 181 -47.83 42.83 -31.44
N ASP P 182 -47.75 44.15 -31.37
CA ASP P 182 -46.51 44.81 -30.96
C ASP P 182 -46.17 44.46 -29.51
N LEU P 183 -47.18 44.44 -28.63
CA LEU P 183 -46.93 44.05 -27.25
C LEU P 183 -46.46 42.61 -27.15
N ALA P 184 -47.08 41.71 -27.92
CA ALA P 184 -46.67 40.31 -27.91
C ALA P 184 -45.26 40.15 -28.44
N ALA P 185 -44.90 40.87 -29.49
CA ALA P 185 -43.55 40.81 -30.04
C ALA P 185 -42.53 41.33 -29.05
N GLN P 186 -42.86 42.43 -28.35
CA GLN P 186 -41.96 42.95 -27.33
C GLN P 186 -41.78 41.94 -26.19
N ALA P 187 -42.87 41.31 -25.76
CA ALA P 187 -42.77 40.29 -24.71
C ALA P 187 -41.93 39.11 -25.17
N GLU P 188 -42.11 38.66 -26.41
CA GLU P 188 -41.33 37.55 -26.93
C GLU P 188 -39.85 37.91 -27.02
N ALA P 189 -39.54 39.14 -27.47
CA ALA P 189 -38.15 39.58 -27.53
C ALA P 189 -37.53 39.66 -26.14
N ALA P 190 -38.28 40.15 -25.16
CA ALA P 190 -37.76 40.19 -23.79
C ALA P 190 -37.55 38.80 -23.23
N LYS P 191 -38.46 37.86 -23.50
CA LYS P 191 -38.33 36.51 -22.99
C LYS P 191 -37.18 35.76 -23.67
N LYS P 192 -36.94 35.99 -24.95
CA LYS P 192 -35.88 35.31 -25.67
C LYS P 192 -34.51 35.84 -25.26
N SER Q 2 -28.66 -80.40 -70.84
CA SER Q 2 -29.24 -80.95 -69.62
C SER Q 2 -28.44 -82.16 -69.13
N SER Q 3 -28.20 -83.11 -70.05
CA SER Q 3 -27.47 -84.32 -69.71
C SER Q 3 -25.99 -84.15 -70.07
N PHE Q 4 -25.34 -83.31 -69.28
CA PHE Q 4 -23.92 -83.03 -69.45
C PHE Q 4 -23.11 -83.76 -68.38
N SER Q 5 -21.82 -83.95 -68.67
CA SER Q 5 -20.93 -84.51 -67.66
C SER Q 5 -20.65 -83.45 -66.59
N LYS Q 6 -20.09 -83.92 -65.47
CA LYS Q 6 -19.95 -83.05 -64.30
C LYS Q 6 -19.04 -81.86 -64.58
N ALA Q 7 -17.85 -82.12 -65.15
CA ALA Q 7 -16.92 -81.02 -65.41
C ALA Q 7 -17.46 -80.02 -66.44
N PRO Q 8 -17.94 -80.43 -67.62
CA PRO Q 8 -18.50 -79.44 -68.53
C PRO Q 8 -19.74 -78.74 -68.00
N GLN Q 9 -20.58 -79.43 -67.22
CA GLN Q 9 -21.73 -78.77 -66.63
C GLN Q 9 -21.32 -77.70 -65.64
N GLN Q 10 -20.32 -78.01 -64.80
CA GLN Q 10 -19.80 -77.01 -63.87
C GLN Q 10 -19.19 -75.83 -64.62
N TRP Q 11 -18.43 -76.12 -65.68
CA TRP Q 11 -17.82 -75.04 -66.45
C TRP Q 11 -18.86 -74.14 -67.08
N ALA Q 12 -19.91 -74.73 -67.66
CA ALA Q 12 -20.98 -73.92 -68.24
C ALA Q 12 -21.72 -73.12 -67.18
N THR Q 13 -21.96 -73.72 -66.00
CA THR Q 13 -22.69 -73.02 -64.96
C THR Q 13 -21.90 -71.82 -64.44
N PHE Q 14 -20.60 -71.99 -64.21
CA PHE Q 14 -19.76 -70.94 -63.64
C PHE Q 14 -18.89 -70.26 -64.69
N ALA Q 15 -19.29 -70.30 -65.95
CA ALA Q 15 -18.56 -69.62 -67.00
C ALA Q 15 -18.64 -68.11 -66.83
N ARG Q 16 -17.54 -67.43 -67.17
CA ARG Q 16 -17.49 -65.98 -67.14
C ARG Q 16 -18.01 -65.40 -68.45
N VAL Q 17 -18.63 -64.23 -68.35
CA VAL Q 17 -19.26 -63.58 -69.50
C VAL Q 17 -18.73 -62.16 -69.61
N TRP Q 18 -18.47 -61.72 -70.83
CA TRP Q 18 -18.02 -60.36 -71.12
C TRP Q 18 -19.19 -59.58 -71.69
N TYR Q 19 -19.50 -58.44 -71.06
CA TYR Q 19 -20.58 -57.56 -71.48
C TYR Q 19 -20.02 -56.26 -72.02
N LEU Q 20 -20.77 -55.64 -72.92
CA LEU Q 20 -20.42 -54.35 -73.50
C LEU Q 20 -21.38 -53.28 -73.01
N LEU Q 21 -20.86 -52.08 -72.79
CA LEU Q 21 -21.69 -50.98 -72.31
C LEU Q 21 -21.24 -49.68 -72.97
N ASP Q 22 -22.12 -49.09 -73.77
CA ASP Q 22 -21.86 -47.77 -74.34
C ASP Q 22 -22.08 -46.70 -73.27
N GLY Q 23 -21.18 -45.72 -73.24
CA GLY Q 23 -21.25 -44.69 -72.22
C GLY Q 23 -21.54 -43.30 -72.77
N LYS Q 24 -21.80 -43.20 -74.07
CA LYS Q 24 -22.07 -41.92 -74.68
C LYS Q 24 -23.44 -41.41 -74.25
N MET Q 25 -23.48 -40.17 -73.76
CA MET Q 25 -24.72 -39.54 -73.30
C MET Q 25 -25.44 -40.38 -72.25
N GLN Q 26 -24.67 -40.94 -71.32
CA GLN Q 26 -25.24 -41.79 -70.28
C GLN Q 26 -24.78 -41.31 -68.91
N PRO Q 27 -25.64 -41.42 -67.89
CA PRO Q 27 -25.26 -40.97 -66.55
C PRO Q 27 -24.31 -41.95 -65.89
N PRO Q 28 -23.24 -41.44 -65.26
CA PRO Q 28 -22.29 -42.33 -64.59
C PRO Q 28 -22.91 -43.18 -63.51
N GLY Q 29 -23.85 -42.64 -62.74
CA GLY Q 29 -24.45 -43.43 -61.67
C GLY Q 29 -25.24 -44.61 -62.20
N LYS Q 30 -26.07 -44.38 -63.22
CA LYS Q 30 -26.85 -45.47 -63.80
C LYS Q 30 -25.97 -46.47 -64.53
N LEU Q 31 -24.89 -46.02 -65.19
CA LEU Q 31 -23.95 -46.97 -65.77
C LEU Q 31 -23.28 -47.82 -64.69
N ALA Q 32 -22.86 -47.18 -63.60
CA ALA Q 32 -22.15 -47.87 -62.54
C ALA Q 32 -23.06 -48.83 -61.80
N ALA Q 33 -24.36 -48.55 -61.74
CA ALA Q 33 -25.28 -49.48 -61.09
C ALA Q 33 -25.26 -50.84 -61.78
N MET Q 34 -25.48 -50.86 -63.09
CA MET Q 34 -25.46 -52.13 -63.81
C MET Q 34 -24.06 -52.70 -63.89
N ALA Q 35 -23.03 -51.85 -63.95
CA ALA Q 35 -21.66 -52.36 -63.94
C ALA Q 35 -21.38 -53.12 -62.64
N SER Q 36 -21.79 -52.55 -61.51
CA SER Q 36 -21.61 -53.21 -60.22
C SER Q 36 -22.45 -54.47 -60.12
N VAL Q 37 -23.68 -54.44 -60.65
CA VAL Q 37 -24.52 -55.65 -60.64
C VAL Q 37 -23.82 -56.78 -61.39
N LYS Q 38 -23.34 -56.50 -62.59
CA LYS Q 38 -22.65 -57.51 -63.38
C LYS Q 38 -21.35 -57.98 -62.73
N LEU Q 39 -20.59 -57.05 -62.15
CA LEU Q 39 -19.33 -57.41 -61.50
C LEU Q 39 -19.57 -58.31 -60.28
N GLN Q 40 -20.57 -57.99 -59.46
CA GLN Q 40 -20.88 -58.84 -58.32
C GLN Q 40 -21.54 -60.15 -58.76
N GLY Q 41 -22.12 -60.18 -59.96
CA GLY Q 41 -22.83 -61.34 -60.40
C GLY Q 41 -24.24 -61.42 -59.88
N LEU Q 42 -24.82 -60.29 -59.46
CA LEU Q 42 -26.19 -60.25 -58.95
C LEU Q 42 -27.23 -60.48 -60.04
N HIS Q 43 -26.81 -60.73 -61.27
CA HIS Q 43 -27.71 -61.10 -62.35
C HIS Q 43 -27.78 -62.61 -62.57
N LYS Q 44 -27.10 -63.39 -61.74
CA LYS Q 44 -27.07 -64.83 -61.87
C LYS Q 44 -27.82 -65.49 -60.71
N PRO Q 45 -28.76 -66.39 -61.00
CA PRO Q 45 -29.41 -67.14 -59.91
C PRO Q 45 -28.46 -68.04 -59.14
N VAL Q 46 -27.27 -68.32 -59.67
CA VAL Q 46 -26.29 -69.14 -58.99
C VAL Q 46 -25.31 -68.28 -58.19
N TYR Q 47 -25.64 -67.00 -57.97
CA TYR Q 47 -24.75 -66.11 -57.25
C TYR Q 47 -24.62 -66.51 -55.79
N HIS Q 48 -23.42 -66.34 -55.26
CA HIS Q 48 -23.17 -66.52 -53.83
C HIS Q 48 -21.98 -65.67 -53.43
N GLN Q 49 -21.99 -65.19 -52.19
CA GLN Q 49 -20.92 -64.32 -51.72
C GLN Q 49 -19.58 -65.04 -51.69
N LEU Q 50 -19.55 -66.29 -51.19
CA LEU Q 50 -18.32 -67.06 -51.15
C LEU Q 50 -17.85 -67.49 -52.53
N SER Q 51 -18.78 -67.71 -53.47
CA SER Q 51 -18.42 -68.13 -54.81
C SER Q 51 -17.73 -66.97 -55.55
N ASP Q 52 -16.91 -67.34 -56.53
CA ASP Q 52 -16.16 -66.38 -57.33
C ASP Q 52 -16.92 -66.00 -58.61
N CYS Q 53 -18.24 -66.03 -58.58
CA CYS Q 53 -19.05 -65.69 -59.76
C CYS Q 53 -18.88 -64.21 -60.08
N GLY Q 54 -18.23 -63.92 -61.20
CA GLY Q 54 -18.02 -62.55 -61.62
C GLY Q 54 -17.87 -62.42 -63.12
N ASP Q 55 -18.47 -61.40 -63.70
CA ASP Q 55 -18.46 -61.19 -65.14
C ASP Q 55 -17.72 -59.90 -65.49
N HIS Q 56 -17.05 -59.94 -66.64
CA HIS Q 56 -16.29 -58.79 -67.11
C HIS Q 56 -17.20 -57.80 -67.83
N VAL Q 57 -16.94 -56.52 -67.64
CA VAL Q 57 -17.70 -55.45 -68.27
C VAL Q 57 -16.72 -54.50 -68.95
N VAL Q 58 -16.97 -54.20 -70.22
CA VAL Q 58 -16.16 -53.25 -70.98
C VAL Q 58 -17.06 -52.07 -71.33
N ILE Q 59 -16.69 -50.90 -70.84
CA ILE Q 59 -17.45 -49.68 -71.06
C ILE Q 59 -16.69 -48.79 -72.03
N MET Q 60 -17.35 -48.37 -73.10
CA MET Q 60 -16.76 -47.52 -74.12
C MET Q 60 -17.41 -46.15 -74.12
N ASN Q 61 -16.86 -45.25 -74.93
CA ASN Q 61 -17.32 -43.86 -75.03
C ASN Q 61 -17.33 -43.18 -73.66
N THR Q 62 -16.27 -43.43 -72.89
CA THR Q 62 -16.17 -42.84 -71.55
C THR Q 62 -16.04 -41.32 -71.62
N ARG Q 63 -15.27 -40.80 -72.57
CA ARG Q 63 -15.09 -39.35 -72.66
C ARG Q 63 -16.40 -38.62 -72.97
N HIS Q 64 -17.35 -39.32 -73.59
CA HIS Q 64 -18.64 -38.72 -73.95
C HIS Q 64 -19.68 -38.89 -72.85
N ILE Q 65 -19.25 -39.00 -71.59
CA ILE Q 65 -20.20 -39.18 -70.49
C ILE Q 65 -20.93 -37.87 -70.21
N ALA Q 66 -22.09 -37.99 -69.58
CA ALA Q 66 -22.96 -36.86 -69.29
C ALA Q 66 -23.35 -36.84 -67.82
N PHE Q 67 -23.35 -35.64 -67.25
CA PHE Q 67 -23.79 -35.42 -65.87
C PHE Q 67 -25.11 -34.66 -65.88
N SER Q 68 -26.06 -35.12 -65.09
CA SER Q 68 -27.34 -34.43 -64.95
C SER Q 68 -27.16 -33.20 -64.06
N GLY Q 69 -27.80 -32.10 -64.46
CA GLY Q 69 -27.68 -30.87 -63.68
C GLY Q 69 -26.32 -30.23 -63.82
N ASN Q 70 -25.96 -29.44 -62.80
CA ASN Q 70 -24.68 -28.73 -62.77
C ASN Q 70 -23.61 -29.52 -62.02
N LYS Q 71 -23.68 -30.85 -62.05
CA LYS Q 71 -22.69 -31.67 -61.37
C LYS Q 71 -21.30 -31.46 -61.94
N TRP Q 72 -21.19 -31.15 -63.23
CA TRP Q 72 -19.89 -30.87 -63.83
C TRP Q 72 -19.17 -29.75 -63.09
N GLU Q 73 -19.91 -28.75 -62.63
CA GLU Q 73 -19.32 -27.60 -61.97
C GLU Q 73 -19.37 -27.68 -60.45
N GLN Q 74 -20.26 -28.49 -59.88
CA GLN Q 74 -20.42 -28.54 -58.43
C GLN Q 74 -19.77 -29.76 -57.79
N LYS Q 75 -19.86 -30.93 -58.42
CA LYS Q 75 -19.33 -32.15 -57.81
C LYS Q 75 -17.80 -32.09 -57.76
N VAL Q 76 -17.24 -32.50 -56.63
CA VAL Q 76 -15.80 -32.46 -56.42
C VAL Q 76 -15.30 -33.84 -56.03
N TYR Q 77 -14.01 -34.07 -56.27
CA TYR Q 77 -13.32 -35.29 -55.84
C TYR Q 77 -12.10 -34.87 -55.04
N SER Q 78 -11.99 -35.34 -53.81
CA SER Q 78 -10.93 -34.95 -52.91
C SER Q 78 -10.01 -36.14 -52.64
N SER Q 79 -8.70 -35.90 -52.76
CA SER Q 79 -7.69 -36.90 -52.47
C SER Q 79 -6.64 -36.29 -51.55
N HIS Q 80 -5.85 -37.15 -50.94
CA HIS Q 80 -4.77 -36.71 -50.07
C HIS Q 80 -3.55 -37.59 -50.28
N THR Q 81 -2.39 -36.97 -50.42
CA THR Q 81 -1.14 -37.69 -50.62
C THR Q 81 -0.49 -38.12 -49.31
N GLY Q 82 -1.09 -37.81 -48.17
CA GLY Q 82 -0.52 -38.13 -46.87
C GLY Q 82 0.38 -37.07 -46.32
N TYR Q 83 1.19 -36.45 -47.18
CA TYR Q 83 2.07 -35.38 -46.74
C TYR Q 83 1.25 -34.16 -46.34
N PRO Q 84 1.73 -33.39 -45.35
CA PRO Q 84 1.01 -32.18 -44.96
C PRO Q 84 0.93 -31.20 -46.11
N GLY Q 85 -0.22 -30.54 -46.24
CA GLY Q 85 -0.45 -29.67 -47.36
C GLY Q 85 -0.67 -30.38 -48.68
N GLY Q 86 -0.86 -31.69 -48.64
CA GLY Q 86 -1.04 -32.47 -49.86
C GLY Q 86 -2.46 -32.96 -50.04
N PHE Q 87 -3.43 -32.12 -49.68
CA PHE Q 87 -4.84 -32.43 -49.84
C PHE Q 87 -5.37 -31.63 -51.03
N ARG Q 88 -5.88 -32.34 -52.04
CA ARG Q 88 -6.33 -31.74 -53.28
C ARG Q 88 -7.83 -31.97 -53.47
N GLN Q 89 -8.51 -30.96 -53.99
CA GLN Q 89 -9.91 -31.07 -54.36
C GLN Q 89 -10.05 -30.65 -55.81
N VAL Q 90 -10.38 -31.60 -56.68
CA VAL Q 90 -10.45 -31.38 -58.12
C VAL Q 90 -11.91 -31.42 -58.54
N THR Q 91 -12.33 -30.42 -59.31
CA THR Q 91 -13.68 -30.39 -59.84
C THR Q 91 -13.91 -31.56 -60.79
N ALA Q 92 -15.18 -31.91 -60.96
CA ALA Q 92 -15.52 -33.03 -61.84
C ALA Q 92 -15.08 -32.76 -63.28
N ALA Q 93 -15.28 -31.53 -63.75
CA ALA Q 93 -14.86 -31.20 -65.11
C ALA Q 93 -13.36 -31.31 -65.27
N GLN Q 94 -12.60 -30.81 -64.29
CA GLN Q 94 -11.14 -30.89 -64.37
C GLN Q 94 -10.67 -32.34 -64.32
N LEU Q 95 -11.28 -33.15 -63.45
CA LEU Q 95 -10.90 -34.56 -63.37
C LEU Q 95 -11.21 -35.30 -64.66
N HIS Q 96 -12.36 -35.02 -65.28
CA HIS Q 96 -12.68 -35.64 -66.55
C HIS Q 96 -11.73 -35.20 -67.65
N GLN Q 97 -11.35 -33.92 -67.66
CA GLN Q 97 -10.40 -33.43 -68.65
C GLN Q 97 -9.04 -34.10 -68.49
N LYS Q 98 -8.58 -34.24 -67.24
CA LYS Q 98 -7.28 -34.87 -67.00
C LYS Q 98 -7.31 -36.35 -67.35
N ASP Q 99 -8.37 -37.04 -66.95
CA ASP Q 99 -8.51 -38.47 -67.21
C ASP Q 99 -10.00 -38.80 -67.34
N PRO Q 100 -10.50 -39.06 -68.55
CA PRO Q 100 -11.92 -39.40 -68.69
C PRO Q 100 -12.32 -40.66 -67.95
N VAL Q 101 -11.42 -41.64 -67.84
CA VAL Q 101 -11.75 -42.91 -67.21
C VAL Q 101 -12.05 -42.73 -65.72
N ALA Q 102 -11.35 -41.80 -65.07
CA ALA Q 102 -11.38 -41.69 -63.62
C ALA Q 102 -12.80 -41.50 -63.08
N ILE Q 103 -13.65 -40.78 -63.80
CA ILE Q 103 -15.00 -40.50 -63.31
C ILE Q 103 -15.77 -41.80 -63.12
N VAL Q 104 -15.96 -42.55 -64.20
CA VAL Q 104 -16.72 -43.80 -64.12
C VAL Q 104 -15.99 -44.81 -63.25
N LYS Q 105 -14.65 -44.80 -63.26
CA LYS Q 105 -13.90 -45.73 -62.44
C LYS Q 105 -14.20 -45.51 -60.96
N LEU Q 106 -14.16 -44.25 -60.51
CA LEU Q 106 -14.49 -43.94 -59.12
C LEU Q 106 -15.96 -44.21 -58.81
N ALA Q 107 -16.86 -43.94 -59.77
CA ALA Q 107 -18.27 -44.23 -59.54
C ALA Q 107 -18.49 -45.72 -59.29
N ILE Q 108 -17.89 -46.56 -60.13
CA ILE Q 108 -18.03 -48.00 -59.95
C ILE Q 108 -17.33 -48.47 -58.68
N TYR Q 109 -16.18 -47.87 -58.37
CA TYR Q 109 -15.47 -48.23 -57.14
C TYR Q 109 -16.31 -47.94 -55.90
N GLY Q 110 -16.99 -46.80 -55.89
CA GLY Q 110 -17.89 -46.49 -54.79
C GLY Q 110 -19.12 -47.38 -54.74
N MET Q 111 -19.70 -47.70 -55.91
CA MET Q 111 -20.89 -48.53 -55.93
C MET Q 111 -20.61 -49.98 -55.57
N LEU Q 112 -19.38 -50.44 -55.77
CA LEU Q 112 -19.04 -51.82 -55.42
C LEU Q 112 -19.03 -51.99 -53.91
N PRO Q 113 -19.24 -53.22 -53.43
CA PRO Q 113 -19.19 -53.47 -51.98
C PRO Q 113 -17.79 -53.23 -51.43
N LYS Q 114 -17.75 -52.93 -50.13
CA LYS Q 114 -16.53 -52.49 -49.47
C LYS Q 114 -15.72 -53.64 -48.89
N ASN Q 115 -15.84 -54.83 -49.47
CA ASN Q 115 -15.07 -55.99 -49.01
C ASN Q 115 -13.78 -56.11 -49.81
N LEU Q 116 -12.99 -57.15 -49.50
CA LEU Q 116 -11.74 -57.37 -50.21
C LEU Q 116 -11.96 -57.82 -51.65
N HIS Q 117 -13.13 -58.37 -51.96
CA HIS Q 117 -13.42 -58.77 -53.33
C HIS Q 117 -13.61 -57.59 -54.27
N ARG Q 118 -13.68 -56.37 -53.73
CA ARG Q 118 -13.83 -55.20 -54.59
C ARG Q 118 -12.65 -55.04 -55.53
N ARG Q 119 -11.43 -55.23 -55.02
CA ARG Q 119 -10.26 -55.16 -55.89
C ARG Q 119 -10.28 -56.24 -56.95
N THR Q 120 -10.67 -57.47 -56.56
CA THR Q 120 -10.69 -58.57 -57.52
C THR Q 120 -11.68 -58.30 -58.64
N MET Q 121 -12.88 -57.82 -58.29
CA MET Q 121 -13.88 -57.53 -59.32
C MET Q 121 -13.56 -56.27 -60.11
N MET Q 122 -12.81 -55.33 -59.52
CA MET Q 122 -12.36 -54.15 -60.26
C MET Q 122 -11.30 -54.51 -61.28
N GLN Q 123 -10.42 -55.47 -60.97
CA GLN Q 123 -9.44 -55.92 -61.93
C GLN Q 123 -10.09 -56.54 -63.16
N ARG Q 124 -11.34 -56.97 -63.06
CA ARG Q 124 -12.08 -57.52 -64.18
C ARG Q 124 -12.76 -56.46 -65.04
N LEU Q 125 -12.65 -55.20 -64.64
CA LEU Q 125 -13.34 -54.10 -65.32
C LEU Q 125 -12.39 -53.46 -66.32
N HIS Q 126 -12.92 -53.14 -67.51
CA HIS Q 126 -12.16 -52.50 -68.57
C HIS Q 126 -12.91 -51.26 -69.03
N LEU Q 127 -12.24 -50.11 -69.01
CA LEU Q 127 -12.84 -48.83 -69.37
C LEU Q 127 -12.01 -48.16 -70.45
N PHE Q 128 -12.68 -47.71 -71.50
CA PHE Q 128 -12.02 -47.08 -72.63
C PHE Q 128 -12.66 -45.74 -72.96
N PRO Q 129 -11.86 -44.69 -73.14
CA PRO Q 129 -12.45 -43.36 -73.41
C PRO Q 129 -13.28 -43.31 -74.67
N ASP Q 130 -12.89 -44.05 -75.71
CA ASP Q 130 -13.59 -43.99 -76.99
C ASP Q 130 -13.86 -45.39 -77.53
N GLU Q 131 -14.33 -45.47 -78.78
CA GLU Q 131 -14.59 -46.76 -79.43
C GLU Q 131 -13.31 -47.30 -80.08
N ASP Q 132 -12.27 -47.42 -79.24
CA ASP Q 132 -10.98 -47.95 -79.65
C ASP Q 132 -10.65 -49.09 -78.68
N ILE Q 133 -11.08 -50.29 -79.02
CA ILE Q 133 -10.95 -51.46 -78.16
C ILE Q 133 -10.02 -52.46 -78.85
N PRO Q 134 -9.04 -53.02 -78.15
CA PRO Q 134 -8.17 -54.02 -78.78
C PRO Q 134 -8.95 -55.27 -79.19
N GLU Q 135 -8.45 -55.94 -80.23
CA GLU Q 135 -9.14 -57.11 -80.76
C GLU Q 135 -9.19 -58.25 -79.75
N ASP Q 136 -8.19 -58.35 -78.87
CA ASP Q 136 -8.20 -59.42 -77.88
C ASP Q 136 -9.40 -59.29 -76.94
N ILE Q 137 -9.76 -58.07 -76.56
CA ILE Q 137 -10.96 -57.86 -75.75
C ILE Q 137 -12.22 -57.91 -76.61
N LEU Q 138 -12.14 -57.42 -77.85
CA LEU Q 138 -13.31 -57.42 -78.73
C LEU Q 138 -13.81 -58.83 -79.01
N LYS Q 139 -12.90 -59.78 -79.21
CA LYS Q 139 -13.28 -61.15 -79.51
C LYS Q 139 -13.94 -61.87 -78.34
N ASN Q 140 -13.89 -61.29 -77.14
CA ASN Q 140 -14.47 -61.91 -75.97
C ASN Q 140 -15.88 -61.41 -75.66
N LEU Q 141 -16.33 -60.34 -76.31
CA LEU Q 141 -17.65 -59.79 -76.03
C LEU Q 141 -18.75 -60.78 -76.39
N VAL Q 142 -19.77 -60.86 -75.54
CA VAL Q 142 -20.89 -61.77 -75.76
C VAL Q 142 -22.13 -60.96 -76.15
N GLU Q 143 -22.53 -60.02 -75.30
CA GLU Q 143 -23.71 -59.20 -75.55
C GLU Q 143 -23.46 -57.78 -75.05
N GLU Q 144 -24.31 -56.87 -75.52
CA GLU Q 144 -24.23 -55.46 -75.15
C GLU Q 144 -25.48 -55.08 -74.35
N LEU Q 145 -25.28 -54.51 -73.17
CA LEU Q 145 -26.41 -54.11 -72.35
C LEU Q 145 -27.06 -52.85 -72.91
N PRO Q 146 -28.38 -52.71 -72.79
CA PRO Q 146 -29.05 -51.50 -73.27
C PRO Q 146 -28.65 -50.28 -72.46
N GLN Q 147 -28.71 -49.13 -73.11
CA GLN Q 147 -28.37 -47.88 -72.45
C GLN Q 147 -29.43 -47.54 -71.40
N PRO Q 148 -29.03 -47.27 -70.15
CA PRO Q 148 -30.02 -46.98 -69.11
C PRO Q 148 -30.79 -45.69 -69.33
N ARG Q 149 -30.27 -44.77 -70.14
CA ARG Q 149 -30.92 -43.49 -70.38
C ARG Q 149 -31.12 -43.28 -71.87
N LYS Q 150 -32.34 -42.90 -72.26
CA LYS Q 150 -32.62 -42.60 -73.66
C LYS Q 150 -32.01 -41.25 -74.02
N VAL Q 151 -31.24 -41.22 -75.10
CA VAL Q 151 -30.61 -39.99 -75.55
C VAL Q 151 -31.64 -39.14 -76.28
N PRO Q 152 -31.94 -37.93 -75.81
CA PRO Q 152 -32.91 -37.09 -76.51
C PRO Q 152 -32.38 -36.61 -77.85
N ARG Q 153 -33.30 -36.46 -78.79
CA ARG Q 153 -32.94 -35.97 -80.12
C ARG Q 153 -32.71 -34.47 -80.10
N ARG Q 154 -31.85 -34.01 -81.01
CA ARG Q 154 -31.68 -32.58 -81.23
C ARG Q 154 -32.76 -32.11 -82.20
N LEU Q 155 -32.88 -30.79 -82.37
CA LEU Q 155 -33.87 -30.26 -83.31
C LEU Q 155 -33.57 -30.66 -84.75
N ASP Q 156 -32.30 -30.59 -85.16
CA ASP Q 156 -31.94 -30.94 -86.52
C ASP Q 156 -32.02 -32.44 -86.79
N GLU Q 157 -31.98 -33.27 -85.76
CA GLU Q 157 -32.05 -34.72 -85.94
C GLU Q 157 -33.47 -35.21 -86.18
N TYR Q 158 -34.49 -34.40 -85.90
CA TYR Q 158 -35.86 -34.79 -86.15
C TYR Q 158 -36.15 -34.77 -87.64
N THR Q 159 -36.95 -35.73 -88.09
CA THR Q 159 -37.29 -35.83 -89.50
C THR Q 159 -38.33 -34.79 -89.88
N GLN Q 160 -38.29 -34.38 -91.15
CA GLN Q 160 -39.22 -33.35 -91.62
C GLN Q 160 -40.66 -33.81 -91.57
N GLU Q 161 -40.92 -35.10 -91.81
CA GLU Q 161 -42.28 -35.60 -91.71
C GLU Q 161 -42.81 -35.48 -90.28
N GLU Q 162 -41.97 -35.82 -89.29
CA GLU Q 162 -42.37 -35.65 -87.89
C GLU Q 162 -42.56 -34.18 -87.55
N ILE Q 163 -41.69 -33.31 -88.07
CA ILE Q 163 -41.83 -31.88 -87.81
C ILE Q 163 -43.16 -31.36 -88.34
N GLU Q 164 -43.52 -31.77 -89.56
CA GLU Q 164 -44.79 -31.35 -90.14
C GLU Q 164 -45.98 -31.96 -89.40
N ALA Q 165 -45.85 -33.22 -88.97
CA ALA Q 165 -46.94 -33.86 -88.22
C ALA Q 165 -47.16 -33.18 -86.87
N PHE Q 166 -46.10 -32.69 -86.24
CA PHE Q 166 -46.26 -31.97 -84.98
C PHE Q 166 -46.99 -30.67 -85.24
N PRO Q 167 -48.13 -30.43 -84.60
CA PRO Q 167 -48.93 -29.24 -84.92
C PRO Q 167 -48.28 -27.95 -84.44
N ARG Q 168 -48.63 -26.86 -85.12
CA ARG Q 168 -48.20 -25.53 -84.71
C ARG Q 168 -49.18 -25.01 -83.66
N VAL Q 169 -48.71 -24.85 -82.43
CA VAL Q 169 -49.60 -24.51 -81.32
C VAL Q 169 -50.14 -23.09 -81.47
N TRP Q 170 -49.28 -22.15 -81.86
CA TRP Q 170 -49.65 -20.75 -81.93
C TRP Q 170 -49.32 -20.18 -83.30
N SER Q 171 -50.03 -19.11 -83.66
CA SER Q 171 -49.84 -18.44 -84.95
C SER Q 171 -49.13 -17.12 -84.74
N PRO Q 172 -47.89 -16.97 -85.18
CA PRO Q 172 -47.19 -15.68 -85.04
C PRO Q 172 -47.79 -14.63 -85.95
N PRO Q 173 -47.88 -13.39 -85.48
CA PRO Q 173 -48.39 -12.32 -86.34
C PRO Q 173 -47.41 -11.96 -87.45
N GLU Q 174 -47.97 -11.44 -88.54
CA GLU Q 174 -47.14 -11.05 -89.68
C GLU Q 174 -46.38 -9.76 -89.44
N ASP Q 175 -46.89 -8.88 -88.57
CA ASP Q 175 -46.24 -7.60 -88.32
C ASP Q 175 -45.01 -7.73 -87.45
N TYR Q 176 -44.87 -8.81 -86.70
CA TYR Q 176 -43.73 -8.97 -85.80
C TYR Q 176 -42.47 -9.28 -86.58
N ARG Q 177 -41.33 -8.94 -85.99
CA ARG Q 177 -40.02 -9.14 -86.59
C ARG Q 177 -39.18 -10.00 -85.67
N LEU Q 178 -38.53 -11.02 -86.24
CA LEU Q 178 -37.65 -11.90 -85.48
C LEU Q 178 -36.19 -11.59 -85.76
N ALA R 31 34.38 -8.87 -41.75
CA ALA R 31 33.06 -9.10 -41.19
C ALA R 31 32.81 -8.21 -39.98
N ILE R 32 31.89 -7.26 -40.13
CA ILE R 32 31.51 -6.36 -39.05
C ILE R 32 30.03 -6.59 -38.76
N GLN R 33 29.72 -6.91 -37.50
CA GLN R 33 28.36 -7.18 -37.09
C GLN R 33 28.00 -6.36 -35.86
N LYS R 34 26.89 -6.70 -35.21
CA LYS R 34 26.50 -6.01 -33.98
C LYS R 34 27.54 -6.28 -32.89
N MET R 35 27.69 -5.30 -32.00
CA MET R 35 28.61 -5.36 -30.86
C MET R 35 30.07 -5.48 -31.29
N THR R 36 30.43 -4.86 -32.41
CA THR R 36 31.82 -4.84 -32.86
C THR R 36 32.47 -3.52 -32.47
N ARG R 37 33.63 -3.59 -31.83
CA ARG R 37 34.40 -2.39 -31.49
C ARG R 37 35.24 -2.01 -32.71
N VAL R 38 34.94 -0.86 -33.29
CA VAL R 38 35.58 -0.41 -34.51
C VAL R 38 36.47 0.79 -34.20
N ARG R 39 37.20 1.24 -35.22
CA ARG R 39 38.15 2.34 -35.10
C ARG R 39 37.74 3.44 -36.08
N VAL R 40 37.48 4.63 -35.55
CA VAL R 40 37.09 5.76 -36.39
C VAL R 40 38.32 6.37 -37.04
N VAL R 41 38.26 6.55 -38.36
CA VAL R 41 39.41 7.03 -39.12
C VAL R 41 39.35 8.53 -39.36
N ASP R 42 38.19 9.05 -39.78
CA ASP R 42 38.10 10.46 -40.15
C ASP R 42 38.29 11.36 -38.94
N ASN R 43 38.92 12.50 -39.16
CA ASN R 43 39.22 13.45 -38.09
C ASN R 43 37.92 14.14 -37.68
N SER R 44 37.35 13.68 -36.56
CA SER R 44 36.13 14.26 -36.02
C SER R 44 36.22 14.28 -34.51
N ALA R 45 35.36 15.09 -33.89
CA ALA R 45 35.36 15.19 -32.43
C ALA R 45 35.04 13.85 -31.78
N LEU R 46 34.04 13.14 -32.32
CA LEU R 46 33.68 11.84 -31.77
C LEU R 46 34.81 10.83 -31.92
N GLY R 47 35.49 10.83 -33.07
CA GLY R 47 36.55 9.88 -33.32
C GLY R 47 37.89 10.22 -32.69
N THR R 48 38.05 11.46 -32.21
CA THR R 48 39.30 11.89 -31.61
C THR R 48 39.22 12.00 -30.09
N THR R 49 38.15 12.56 -29.55
CA THR R 49 38.03 12.72 -28.11
C THR R 49 37.91 11.34 -27.45
N PRO R 50 38.72 11.07 -26.43
CA PRO R 50 38.64 9.77 -25.75
C PRO R 50 37.32 9.62 -25.00
N TYR R 51 36.93 8.36 -24.82
CA TYR R 51 35.71 8.04 -24.11
C TYR R 51 35.95 6.76 -23.31
N HIS R 52 35.15 6.58 -22.26
CA HIS R 52 35.32 5.43 -21.37
C HIS R 52 34.76 4.14 -21.94
N ARG R 53 34.04 4.20 -23.06
CA ARG R 53 33.52 3.00 -23.72
C ARG R 53 33.89 3.05 -25.20
N PRO R 54 34.51 2.01 -25.73
CA PRO R 54 34.87 2.03 -27.15
C PRO R 54 33.64 2.07 -28.03
N PRO R 55 33.75 2.65 -29.22
CA PRO R 55 32.58 2.72 -30.12
C PRO R 55 32.18 1.35 -30.65
N ARG R 56 31.00 0.89 -30.25
CA ARG R 56 30.47 -0.40 -30.68
C ARG R 56 29.41 -0.22 -31.76
N CYS R 57 29.25 -1.24 -32.58
CA CYS R 57 28.23 -1.23 -33.62
C CYS R 57 26.85 -1.38 -33.02
N ILE R 58 25.87 -0.74 -33.66
CA ILE R 58 24.48 -0.82 -33.24
C ILE R 58 23.68 -1.76 -34.14
N HIS R 59 23.76 -1.57 -35.44
CA HIS R 59 22.95 -2.34 -36.39
C HIS R 59 23.54 -2.19 -37.78
N VAL R 60 23.52 -3.27 -38.55
CA VAL R 60 23.99 -3.28 -39.93
C VAL R 60 22.79 -3.11 -40.84
N TYR R 61 22.83 -2.08 -41.69
CA TYR R 61 21.72 -1.77 -42.58
C TYR R 61 21.53 -2.82 -43.67
N ASN R 62 22.51 -3.68 -43.91
CA ASN R 62 22.32 -4.76 -44.86
C ASN R 62 21.35 -5.79 -44.29
N LYS R 63 20.66 -6.49 -45.19
CA LYS R 63 19.70 -7.50 -44.75
C LYS R 63 20.38 -8.63 -43.98
N THR R 64 21.64 -8.91 -44.28
CA THR R 64 22.43 -9.86 -43.53
C THR R 64 23.04 -9.17 -42.31
N GLY R 65 23.17 -9.92 -41.22
CA GLY R 65 23.71 -9.37 -39.99
C GLY R 65 25.21 -9.14 -40.04
N VAL R 66 25.84 -9.52 -41.15
CA VAL R 66 27.27 -9.35 -41.34
C VAL R 66 27.48 -8.27 -42.39
N GLY R 67 28.29 -7.27 -42.05
CA GLY R 67 28.58 -6.16 -42.94
C GLY R 67 29.96 -6.29 -43.57
N LYS R 68 30.10 -5.73 -44.76
CA LYS R 68 31.36 -5.75 -45.49
C LYS R 68 31.78 -4.34 -45.88
N VAL R 69 32.82 -4.23 -46.71
CA VAL R 69 33.31 -2.92 -47.13
C VAL R 69 32.26 -2.25 -48.01
N GLY R 70 31.88 -1.03 -47.65
CA GLY R 70 30.91 -0.29 -48.42
C GLY R 70 29.47 -0.46 -47.99
N ASP R 71 29.23 -0.71 -46.70
CA ASP R 71 27.88 -0.88 -46.18
C ASP R 71 27.64 0.12 -45.06
N ARG R 72 26.52 0.82 -45.13
CA ARG R 72 26.16 1.77 -44.08
C ARG R 72 25.85 1.03 -42.79
N ILE R 73 26.36 1.55 -41.68
CA ILE R 73 26.25 0.88 -40.38
C ILE R 73 25.96 1.92 -39.32
N LEU R 74 25.45 1.46 -38.18
CA LEU R 74 25.06 2.32 -37.08
C LEU R 74 25.97 2.06 -35.88
N LEU R 75 26.41 3.14 -35.24
CA LEU R 75 27.35 3.08 -34.13
C LEU R 75 26.81 3.86 -32.95
N ALA R 76 27.26 3.47 -31.76
CA ALA R 76 26.96 4.18 -30.51
C ALA R 76 28.29 4.74 -30.00
N ILE R 77 28.58 5.99 -30.35
CA ILE R 77 29.84 6.63 -30.02
C ILE R 77 29.60 7.68 -28.94
N ARG R 78 30.29 7.54 -27.81
CA ARG R 78 30.23 8.50 -26.72
C ARG R 78 28.80 8.74 -26.23
N GLY R 79 28.01 7.67 -26.17
CA GLY R 79 26.67 7.76 -25.64
C GLY R 79 25.61 8.29 -26.58
N GLN R 80 25.92 8.42 -27.87
CA GLN R 80 24.95 8.91 -28.84
C GLN R 80 25.05 8.09 -30.11
N LYS R 81 23.93 8.03 -30.83
CA LYS R 81 23.87 7.26 -32.08
C LYS R 81 24.49 8.05 -33.23
N LYS R 82 25.05 7.32 -34.19
CA LYS R 82 25.63 7.94 -35.37
C LYS R 82 25.69 6.91 -36.49
N LYS R 83 25.82 7.41 -37.71
CA LYS R 83 25.99 6.56 -38.89
C LYS R 83 27.45 6.53 -39.31
N ALA R 84 27.82 5.46 -40.01
CA ALA R 84 29.20 5.30 -40.44
C ALA R 84 29.25 4.41 -41.68
N LEU R 85 30.39 4.47 -42.37
CA LEU R 85 30.65 3.64 -43.53
C LEU R 85 31.86 2.75 -43.26
N ILE R 86 31.74 1.48 -43.58
CA ILE R 86 32.80 0.51 -43.33
C ILE R 86 33.92 0.73 -44.34
N VAL R 87 35.13 0.86 -43.84
CA VAL R 87 36.30 1.04 -44.72
C VAL R 87 37.05 -0.25 -44.93
N GLY R 88 37.46 -0.90 -43.84
CA GLY R 88 38.20 -2.16 -43.95
C GLY R 88 37.93 -3.05 -42.76
N HIS R 89 38.09 -4.35 -42.97
CA HIS R 89 37.84 -5.34 -41.93
C HIS R 89 38.96 -6.39 -41.95
N ARG R 90 39.11 -7.08 -40.83
CA ARG R 90 40.17 -8.06 -40.65
C ARG R 90 39.85 -9.41 -41.26
N MET R 91 38.63 -9.62 -41.73
CA MET R 91 38.29 -10.90 -42.34
C MET R 91 38.77 -10.95 -43.78
N PRO R 92 39.40 -12.04 -44.20
CA PRO R 92 39.76 -12.19 -45.62
C PRO R 92 38.53 -12.19 -46.51
N GLY R 93 38.67 -11.60 -47.68
CA GLY R 93 37.58 -11.51 -48.63
C GLY R 93 37.95 -12.02 -50.00
N PRO R 94 37.53 -11.31 -51.04
CA PRO R 94 37.87 -11.71 -52.41
C PRO R 94 39.36 -11.59 -52.67
N ARG R 95 39.80 -12.25 -53.75
CA ARG R 95 41.21 -12.21 -54.12
C ARG R 95 41.60 -10.81 -54.57
N MET R 96 42.86 -10.45 -54.27
CA MET R 96 43.43 -9.14 -54.58
C MET R 96 42.67 -8.01 -53.91
N THR R 97 41.94 -8.31 -52.82
CA THR R 97 41.26 -7.29 -52.04
C THR R 97 42.05 -6.99 -50.78
N PRO R 98 42.42 -5.73 -50.54
CA PRO R 98 43.25 -5.41 -49.36
C PRO R 98 42.54 -5.79 -48.07
N ARG R 99 43.32 -6.30 -47.12
CA ARG R 99 42.84 -6.68 -45.80
C ARG R 99 43.59 -5.86 -44.76
N PHE R 100 42.83 -5.28 -43.82
CA PHE R 100 43.41 -4.43 -42.80
C PHE R 100 43.49 -5.15 -41.47
N ASP R 101 44.27 -4.58 -40.55
CA ASP R 101 44.45 -5.13 -39.21
C ASP R 101 43.47 -4.55 -38.20
N SER R 102 42.57 -3.68 -38.63
CA SER R 102 41.60 -3.09 -37.73
C SER R 102 40.32 -2.80 -38.51
N ASN R 103 39.20 -2.84 -37.79
CA ASN R 103 37.88 -2.56 -38.38
C ASN R 103 37.73 -1.05 -38.49
N ASN R 104 38.24 -0.49 -39.58
CA ASN R 104 38.23 0.95 -39.77
C ASN R 104 36.90 1.40 -40.34
N VAL R 105 36.31 2.44 -39.73
CA VAL R 105 35.07 3.02 -40.20
C VAL R 105 35.20 4.54 -40.21
N VAL R 106 34.43 5.16 -41.11
CA VAL R 106 34.40 6.61 -41.26
C VAL R 106 32.99 7.10 -40.92
N LEU R 107 32.92 8.13 -40.09
CA LEU R 107 31.63 8.66 -39.67
C LEU R 107 30.88 9.26 -40.85
N LEU R 108 29.57 9.02 -40.89
CA LEU R 108 28.71 9.50 -41.96
C LEU R 108 27.45 10.09 -41.34
N GLU R 109 26.91 11.12 -42.00
CA GLU R 109 25.68 11.74 -41.56
C GLU R 109 24.48 11.11 -42.25
N ASP R 110 23.28 11.47 -41.78
CA ASP R 110 22.06 10.91 -42.35
C ASP R 110 21.82 11.36 -43.78
N ASN R 111 22.43 12.47 -44.20
CA ASN R 111 22.27 12.95 -45.57
C ASN R 111 23.23 12.30 -46.55
N GLY R 112 24.13 11.45 -46.07
CA GLY R 112 25.10 10.80 -46.93
C GLY R 112 26.41 11.53 -47.08
N ASN R 113 26.65 12.58 -46.31
CA ASN R 113 27.88 13.35 -46.39
C ASN R 113 28.76 13.09 -45.17
N PRO R 114 30.03 12.78 -45.36
CA PRO R 114 30.91 12.52 -44.22
C PRO R 114 31.09 13.77 -43.36
N VAL R 115 31.21 13.56 -42.05
CA VAL R 115 31.39 14.67 -41.13
C VAL R 115 32.85 15.03 -40.93
N GLY R 116 33.77 14.11 -41.26
CA GLY R 116 35.19 14.38 -41.08
C GLY R 116 35.75 15.30 -42.14
N THR R 117 36.98 15.74 -41.91
CA THR R 117 37.66 16.63 -42.84
C THR R 117 38.48 15.87 -43.88
N ARG R 118 39.30 14.93 -43.44
CA ARG R 118 40.12 14.15 -44.35
C ARG R 118 40.37 12.77 -43.76
N ILE R 119 40.75 11.84 -44.62
CA ILE R 119 41.00 10.45 -44.24
C ILE R 119 42.48 10.16 -44.48
N LYS R 120 43.16 9.68 -43.45
CA LYS R 120 44.60 9.44 -43.53
C LYS R 120 44.92 7.99 -43.89
N THR R 121 44.26 7.03 -43.25
CA THR R 121 44.55 5.63 -43.49
C THR R 121 44.14 5.23 -44.90
N PRO R 122 44.82 4.25 -45.49
CA PRO R 122 44.49 3.83 -46.85
C PRO R 122 43.09 3.24 -46.94
N ILE R 123 42.48 3.40 -48.11
CA ILE R 123 41.12 2.93 -48.36
C ILE R 123 41.15 1.98 -49.56
N PRO R 124 40.43 0.86 -49.53
CA PRO R 124 40.40 -0.03 -50.69
C PRO R 124 39.89 0.68 -51.93
N SER R 125 40.50 0.35 -53.07
CA SER R 125 40.12 0.97 -54.34
C SER R 125 38.75 0.53 -54.84
N SER R 126 38.20 -0.54 -54.27
CA SER R 126 36.90 -1.04 -54.73
C SER R 126 35.76 -0.08 -54.40
N LEU R 127 35.95 0.81 -53.44
CA LEU R 127 34.90 1.77 -53.10
C LEU R 127 34.68 2.80 -54.20
N ARG R 128 35.65 3.01 -55.08
CA ARG R 128 35.49 3.93 -56.19
C ARG R 128 34.68 3.33 -57.33
N GLN R 129 34.33 2.04 -57.25
CA GLN R 129 33.47 1.45 -58.25
C GLN R 129 32.09 2.10 -58.24
N ARG R 130 31.55 2.36 -57.05
CA ARG R 130 30.25 3.01 -56.89
C ARG R 130 30.51 4.44 -56.39
N GLU R 131 30.54 5.39 -57.32
CA GLU R 131 30.85 6.78 -57.00
C GLU R 131 29.63 7.59 -56.63
N GLY R 132 28.43 7.18 -57.07
CA GLY R 132 27.25 7.99 -56.83
C GLY R 132 26.93 8.18 -55.36
N GLU R 133 26.99 7.10 -54.58
CA GLU R 133 26.66 7.18 -53.16
C GLU R 133 27.87 7.52 -52.29
N PHE R 134 29.09 7.41 -52.82
CA PHE R 134 30.30 7.64 -52.03
C PHE R 134 31.13 8.77 -52.61
N SER R 135 30.49 9.71 -53.31
CA SER R 135 31.22 10.80 -53.95
C SER R 135 31.95 11.65 -52.93
N LYS R 136 31.20 12.28 -52.01
CA LYS R 136 31.82 13.12 -51.00
C LYS R 136 32.65 12.32 -50.01
N VAL R 137 32.31 11.05 -49.78
CA VAL R 137 33.10 10.21 -48.89
C VAL R 137 34.49 9.98 -49.46
N LEU R 138 34.57 9.67 -50.76
CA LEU R 138 35.86 9.43 -51.40
C LEU R 138 36.57 10.72 -51.78
N ALA R 139 35.86 11.84 -51.79
CA ALA R 139 36.51 13.11 -52.11
C ALA R 139 37.53 13.51 -51.06
N ILE R 140 37.34 13.07 -49.81
CA ILE R 140 38.26 13.41 -48.72
C ILE R 140 39.31 12.35 -48.48
N ALA R 141 39.26 11.24 -49.21
CA ALA R 141 40.27 10.19 -49.05
C ALA R 141 41.57 10.61 -49.71
N GLN R 142 42.68 10.28 -49.05
CA GLN R 142 44.00 10.65 -49.55
C GLN R 142 44.70 9.46 -50.22
N ASN R 143 44.78 8.33 -49.52
CA ASN R 143 45.49 7.15 -50.01
C ASN R 143 44.49 6.07 -50.38
N PHE R 144 44.66 5.47 -51.56
CA PHE R 144 43.80 4.39 -52.04
C PHE R 144 44.61 3.12 -52.19
N VAL R 145 44.12 2.04 -51.59
CA VAL R 145 44.75 0.74 -51.70
C VAL R 145 43.72 -0.33 -52.02
N GLY S 9 -55.25 -106.41 9.11
CA GLY S 9 -55.08 -105.01 9.50
C GLY S 9 -53.91 -104.34 8.81
N PRO S 10 -52.71 -104.54 9.34
CA PRO S 10 -51.50 -103.93 8.74
C PRO S 10 -51.07 -104.65 7.46
N ARG S 11 -51.68 -104.25 6.35
CA ARG S 11 -51.36 -104.85 5.05
C ARG S 11 -49.94 -104.55 4.62
N ALA S 12 -49.27 -103.58 5.25
CA ALA S 12 -47.87 -103.33 4.94
C ALA S 12 -46.99 -104.53 5.25
N LEU S 13 -47.27 -105.24 6.34
CA LEU S 13 -46.53 -106.45 6.66
C LEU S 13 -46.70 -107.51 5.57
N ASP S 14 -47.92 -107.68 5.06
CA ASP S 14 -48.14 -108.62 3.97
C ASP S 14 -47.42 -108.19 2.71
N LEU S 15 -47.44 -106.89 2.41
CA LEU S 15 -46.74 -106.38 1.23
C LEU S 15 -45.22 -106.55 1.35
N LEU S 16 -44.69 -106.49 2.56
CA LEU S 16 -43.26 -106.61 2.77
C LEU S 16 -42.71 -107.98 2.38
N ARG S 17 -43.56 -109.01 2.29
CA ARG S 17 -43.07 -110.32 1.89
C ARG S 17 -42.51 -110.30 0.48
N ALA S 18 -43.19 -109.62 -0.44
CA ALA S 18 -42.69 -109.54 -1.81
C ALA S 18 -41.47 -108.64 -1.91
N LEU S 19 -41.40 -107.61 -1.08
CA LEU S 19 -40.26 -106.70 -1.11
C LEU S 19 -39.00 -107.41 -0.60
N PRO S 20 -37.82 -107.01 -1.08
CA PRO S 20 -36.58 -107.67 -0.64
C PRO S 20 -36.22 -107.35 0.81
N ARG S 21 -35.09 -107.87 1.26
CA ARG S 21 -34.66 -107.68 2.64
C ARG S 21 -34.39 -106.20 2.92
N VAL S 22 -34.80 -105.76 4.10
CA VAL S 22 -34.56 -104.37 4.52
C VAL S 22 -33.26 -104.36 5.33
N SER S 23 -32.28 -103.59 4.86
CA SER S 23 -30.99 -103.49 5.53
C SER S 23 -30.53 -102.04 5.46
N LEU S 24 -29.28 -101.80 5.86
CA LEU S 24 -28.71 -100.47 5.81
C LEU S 24 -28.48 -99.97 4.39
N ALA S 25 -28.51 -100.86 3.40
CA ALA S 25 -28.29 -100.45 2.02
C ALA S 25 -29.43 -99.60 1.48
N ASN S 26 -30.67 -99.90 1.86
CA ASN S 26 -31.85 -99.20 1.36
C ASN S 26 -32.59 -98.58 2.54
N LEU S 27 -32.20 -97.36 2.91
CA LEU S 27 -32.86 -96.62 3.97
C LEU S 27 -32.98 -95.16 3.53
N LYS S 28 -34.22 -94.67 3.44
CA LYS S 28 -34.48 -93.31 3.04
C LYS S 28 -35.26 -92.58 4.11
N PRO S 29 -34.85 -91.38 4.51
CA PRO S 29 -35.65 -90.60 5.48
C PRO S 29 -36.91 -90.07 4.83
N ASN S 30 -37.74 -89.45 5.66
CA ASN S 30 -39.01 -88.90 5.19
C ASN S 30 -38.77 -87.77 4.19
N PRO S 31 -39.55 -87.68 3.13
CA PRO S 31 -39.41 -86.55 2.19
C PRO S 31 -39.82 -85.25 2.86
N GLY S 32 -38.90 -84.29 2.86
CA GLY S 32 -39.12 -83.02 3.51
C GLY S 32 -38.63 -82.94 4.94
N SER S 33 -38.20 -84.07 5.52
CA SER S 33 -37.65 -84.06 6.88
C SER S 33 -36.36 -83.26 6.95
N ARG S 34 -35.48 -83.42 5.97
CA ARG S 34 -34.21 -82.69 5.90
C ARG S 34 -34.28 -81.70 4.75
N LYS S 35 -34.21 -80.42 5.08
CA LYS S 35 -34.07 -79.40 4.05
C LYS S 35 -32.60 -79.29 3.68
N PRO S 36 -32.21 -79.55 2.43
CA PRO S 36 -30.79 -79.57 2.08
C PRO S 36 -30.14 -78.21 2.28
N GLU S 37 -28.92 -78.24 2.81
CA GLU S 37 -28.16 -77.01 3.00
C GLU S 37 -27.67 -76.48 1.67
N ARG S 38 -27.57 -75.16 1.57
CA ARG S 38 -27.15 -74.49 0.35
C ARG S 38 -25.89 -73.68 0.63
N ARG S 39 -24.85 -73.91 -0.17
CA ARG S 39 -23.55 -73.29 0.03
C ARG S 39 -23.31 -72.22 -1.01
N PRO S 40 -22.51 -71.20 -0.68
CA PRO S 40 -22.24 -70.13 -1.65
C PRO S 40 -21.31 -70.56 -2.76
N ARG S 41 -21.78 -71.46 -3.62
CA ARG S 41 -21.02 -71.94 -4.76
C ARG S 41 -21.89 -71.87 -6.01
N GLY S 42 -21.26 -71.53 -7.12
CA GLY S 42 -21.95 -71.45 -8.40
C GLY S 42 -22.31 -70.02 -8.74
N ARG S 43 -22.96 -69.88 -9.91
CA ARG S 43 -23.33 -68.55 -10.39
C ARG S 43 -24.46 -67.93 -9.59
N ARG S 44 -25.39 -68.73 -9.09
CA ARG S 44 -26.58 -68.19 -8.44
C ARG S 44 -26.28 -67.79 -7.00
N ARG S 45 -25.72 -68.71 -6.21
CA ARG S 45 -25.43 -68.45 -4.80
C ARG S 45 -24.04 -67.86 -4.58
N GLY S 46 -23.30 -67.59 -5.64
CA GLY S 46 -22.04 -66.88 -5.55
C GLY S 46 -22.23 -65.38 -5.75
N ARG S 47 -21.13 -64.70 -6.08
CA ARG S 47 -21.14 -63.27 -6.37
C ARG S 47 -21.70 -62.48 -5.18
N LYS S 48 -20.88 -62.42 -4.14
CA LYS S 48 -21.10 -61.78 -2.84
C LYS S 48 -21.93 -62.66 -1.92
N CYS S 49 -22.36 -63.85 -2.37
CA CYS S 49 -22.89 -64.90 -1.51
C CYS S 49 -24.07 -64.43 -0.67
N GLY S 50 -24.94 -63.61 -1.26
CA GLY S 50 -26.13 -63.17 -0.54
C GLY S 50 -25.88 -62.06 0.46
N ARG S 51 -24.68 -61.50 0.50
CA ARG S 51 -24.36 -60.43 1.44
C ARG S 51 -24.61 -59.04 0.88
N GLY S 52 -24.99 -58.92 -0.38
CA GLY S 52 -25.25 -57.63 -0.97
C GLY S 52 -23.98 -56.88 -1.31
N HIS S 53 -24.17 -55.61 -1.67
CA HIS S 53 -23.09 -54.74 -2.10
C HIS S 53 -22.38 -54.17 -0.86
N LYS S 54 -21.55 -53.15 -1.08
CA LYS S 54 -20.74 -52.56 -0.02
C LYS S 54 -21.63 -52.08 1.13
N GLY S 55 -20.99 -51.86 2.28
CA GLY S 55 -21.65 -51.44 3.49
C GLY S 55 -21.35 -52.38 4.64
N GLU S 56 -21.96 -52.10 5.78
CA GLU S 56 -21.73 -52.91 6.97
C GLU S 56 -22.33 -54.30 6.87
N ARG S 57 -23.42 -54.46 6.12
CA ARG S 57 -24.06 -55.77 6.01
C ARG S 57 -23.15 -56.79 5.33
N GLN S 58 -22.43 -56.37 4.28
CA GLN S 58 -21.54 -57.30 3.59
C GLN S 58 -20.31 -57.61 4.45
N ARG S 59 -19.76 -56.60 5.13
CA ARG S 59 -18.54 -56.76 5.90
C ARG S 59 -18.79 -57.30 7.31
N GLY S 60 -20.04 -57.52 7.68
CA GLY S 60 -20.35 -58.07 8.99
C GLY S 60 -20.02 -57.13 10.13
N THR S 61 -20.37 -55.85 9.98
CA THR S 61 -20.08 -54.86 11.00
C THR S 61 -21.31 -54.01 11.31
N ARG S 62 -22.50 -54.56 11.09
CA ARG S 62 -23.72 -53.82 11.40
C ARG S 62 -23.90 -53.71 12.91
N PRO S 63 -24.62 -52.68 13.37
CA PRO S 63 -24.80 -52.48 14.81
C PRO S 63 -25.65 -53.55 15.47
N ARG S 64 -25.93 -53.38 16.76
CA ARG S 64 -26.69 -54.34 17.53
C ARG S 64 -28.18 -54.24 17.18
N LEU S 65 -29.00 -55.07 17.83
CA LEU S 65 -30.41 -55.15 17.51
C LEU S 65 -31.13 -53.83 17.83
N GLY S 66 -30.93 -53.31 19.03
CA GLY S 66 -31.65 -52.12 19.45
C GLY S 66 -31.17 -50.83 18.84
N PHE S 67 -29.99 -50.82 18.22
CA PHE S 67 -29.44 -49.60 17.65
C PHE S 67 -30.21 -49.20 16.40
N GLU S 68 -30.51 -47.91 16.30
CA GLU S 68 -31.26 -47.37 15.17
C GLU S 68 -30.48 -46.33 14.39
N GLY S 69 -29.15 -46.39 14.43
CA GLY S 69 -28.33 -45.46 13.68
C GLY S 69 -28.22 -44.09 14.33
N GLY S 70 -27.71 -44.05 15.56
CA GLY S 70 -27.54 -42.82 16.28
C GLY S 70 -28.80 -42.26 16.90
N GLN S 71 -29.97 -42.53 16.32
CA GLN S 71 -31.23 -42.10 16.89
C GLN S 71 -31.44 -42.78 18.24
N THR S 72 -32.11 -42.08 19.15
CA THR S 72 -32.41 -42.65 20.45
C THR S 72 -33.28 -43.89 20.28
N PRO S 73 -32.87 -45.04 20.78
CA PRO S 73 -33.59 -46.29 20.49
C PRO S 73 -34.97 -46.30 21.13
N PHE S 74 -35.83 -47.15 20.57
CA PHE S 74 -37.17 -47.33 21.13
C PHE S 74 -37.11 -47.95 22.52
N TYR S 75 -36.18 -48.88 22.73
CA TYR S 75 -36.04 -49.53 24.02
C TYR S 75 -35.24 -48.72 25.02
N LEU S 76 -34.75 -47.54 24.62
CA LEU S 76 -34.06 -46.65 25.52
C LEU S 76 -34.75 -45.31 25.72
N ARG S 77 -35.74 -44.98 24.89
CA ARG S 77 -36.45 -43.72 25.04
C ARG S 77 -37.68 -43.82 25.94
N ILE S 78 -38.27 -45.00 26.05
CA ILE S 78 -39.45 -45.18 26.90
C ILE S 78 -39.04 -45.04 28.36
N PRO S 79 -39.75 -44.24 29.16
CA PRO S 79 -39.39 -44.13 30.58
C PRO S 79 -39.64 -45.42 31.32
N LYS S 80 -38.83 -45.64 32.36
CA LYS S 80 -38.97 -46.85 33.18
C LYS S 80 -40.24 -46.77 34.03
N TYR S 81 -40.84 -47.93 34.26
CA TYR S 81 -41.98 -48.06 35.16
C TYR S 81 -41.98 -49.46 35.74
N GLY S 82 -42.50 -49.59 36.96
CA GLY S 82 -42.50 -50.88 37.61
C GLY S 82 -43.47 -51.87 37.00
N PHE S 83 -42.93 -52.84 36.26
CA PHE S 83 -43.69 -53.96 35.75
C PHE S 83 -43.15 -55.29 36.26
N ASN S 84 -41.84 -55.49 36.18
CA ASN S 84 -41.17 -56.66 36.73
C ASN S 84 -40.48 -56.36 38.05
N GLU S 85 -40.81 -55.23 38.68
CA GLU S 85 -40.20 -54.82 39.94
C GLU S 85 -40.46 -55.87 41.01
N GLY S 86 -39.39 -56.51 41.47
CA GLY S 86 -39.53 -57.56 42.47
C GLY S 86 -40.28 -58.78 41.99
N HIS S 87 -40.16 -59.12 40.70
CA HIS S 87 -40.85 -60.28 40.17
C HIS S 87 -40.28 -61.59 40.74
N SER S 88 -39.00 -61.61 41.09
CA SER S 88 -38.38 -62.79 41.67
C SER S 88 -38.68 -62.94 43.16
N PHE S 89 -39.65 -62.20 43.68
CA PHE S 89 -40.04 -62.32 45.08
C PHE S 89 -41.55 -62.38 45.27
N ARG S 90 -42.32 -62.33 44.18
CA ARG S 90 -43.76 -62.50 44.27
C ARG S 90 -44.09 -63.99 44.30
N HIS S 91 -44.96 -64.39 45.24
CA HIS S 91 -45.31 -65.79 45.38
C HIS S 91 -46.18 -66.23 44.19
N GLN S 92 -45.84 -67.37 43.60
CA GLN S 92 -46.59 -67.92 42.49
C GLN S 92 -47.29 -69.20 42.93
N TYR S 93 -48.50 -69.41 42.42
CA TYR S 93 -49.31 -70.57 42.77
C TYR S 93 -49.89 -71.16 41.50
N GLN S 94 -49.53 -72.40 41.21
CA GLN S 94 -50.06 -73.07 40.03
C GLN S 94 -51.56 -73.32 40.21
N PRO S 95 -52.39 -72.90 39.25
CA PRO S 95 -53.83 -73.11 39.40
C PRO S 95 -54.23 -74.55 39.11
N LEU S 96 -55.20 -75.05 39.88
CA LEU S 96 -55.77 -76.37 39.67
C LEU S 96 -57.28 -76.23 39.62
N SER S 97 -57.89 -76.72 38.54
CA SER S 97 -59.33 -76.59 38.37
C SER S 97 -60.05 -77.79 38.94
N LEU S 98 -61.28 -77.55 39.42
CA LEU S 98 -62.11 -78.64 39.91
C LEU S 98 -62.45 -79.63 38.79
N ASN S 99 -62.59 -79.14 37.57
CA ASN S 99 -62.81 -80.04 36.44
C ASN S 99 -61.63 -80.98 36.24
N ARG S 100 -60.40 -80.45 36.30
CA ARG S 100 -59.22 -81.31 36.18
C ARG S 100 -59.13 -82.27 37.35
N LEU S 101 -59.45 -81.81 38.56
CA LEU S 101 -59.40 -82.70 39.72
C LEU S 101 -60.40 -83.84 39.57
N GLN S 102 -61.61 -83.55 39.09
CA GLN S 102 -62.60 -84.59 38.83
C GLN S 102 -62.10 -85.54 37.76
N TYR S 103 -61.46 -85.01 36.72
CA TYR S 103 -60.88 -85.86 35.68
C TYR S 103 -59.85 -86.81 36.25
N LEU S 104 -58.96 -86.30 37.10
CA LEU S 104 -57.95 -87.15 37.73
C LEU S 104 -58.59 -88.23 38.60
N ILE S 105 -59.59 -87.85 39.39
CA ILE S 105 -60.24 -88.81 40.28
C ILE S 105 -60.95 -89.89 39.47
N ASP S 106 -61.64 -89.51 38.40
CA ASP S 106 -62.32 -90.49 37.57
C ASP S 106 -61.35 -91.39 36.83
N LEU S 107 -60.20 -90.87 36.40
CA LEU S 107 -59.21 -91.68 35.71
C LEU S 107 -58.36 -92.51 36.67
N GLY S 108 -58.44 -92.25 37.96
CA GLY S 108 -57.73 -93.05 38.94
C GLY S 108 -56.31 -92.61 39.23
N ARG S 109 -55.88 -91.45 38.72
CA ARG S 109 -54.56 -90.94 39.06
C ARG S 109 -54.45 -90.64 40.54
N VAL S 110 -55.50 -90.08 41.13
CA VAL S 110 -55.57 -89.80 42.55
C VAL S 110 -56.84 -90.44 43.11
N ASP S 111 -56.77 -90.89 44.37
CA ASP S 111 -57.88 -91.59 44.99
C ASP S 111 -58.45 -90.77 46.13
N PRO S 112 -59.77 -90.49 46.12
CA PRO S 112 -60.38 -89.76 47.24
C PRO S 112 -60.37 -90.52 48.55
N THR S 113 -60.18 -91.85 48.53
CA THR S 113 -60.17 -92.63 49.75
C THR S 113 -59.03 -92.23 50.68
N GLN S 114 -57.86 -91.94 50.12
CA GLN S 114 -56.72 -91.48 50.88
C GLN S 114 -56.63 -89.96 50.82
N PRO S 115 -56.03 -89.34 51.84
CA PRO S 115 -55.86 -87.88 51.80
C PRO S 115 -54.98 -87.47 50.63
N ILE S 116 -55.42 -86.43 49.93
CA ILE S 116 -54.75 -85.96 48.72
C ILE S 116 -53.99 -84.68 49.05
N ASP S 117 -52.70 -84.68 48.76
CA ASP S 117 -51.82 -83.55 49.03
C ASP S 117 -51.06 -83.19 47.76
N LEU S 118 -50.14 -82.24 47.89
CA LEU S 118 -49.34 -81.82 46.74
C LEU S 118 -48.48 -82.98 46.22
N THR S 119 -47.92 -83.77 47.13
CA THR S 119 -47.15 -84.94 46.71
C THR S 119 -48.02 -85.93 45.96
N GLN S 120 -49.25 -86.15 46.44
CA GLN S 120 -50.17 -87.04 45.74
C GLN S 120 -50.50 -86.50 44.35
N LEU S 121 -50.72 -85.19 44.23
CA LEU S 121 -50.99 -84.60 42.92
C LEU S 121 -49.80 -84.76 41.98
N VAL S 122 -48.58 -84.54 42.49
CA VAL S 122 -47.38 -84.71 41.66
C VAL S 122 -47.24 -86.16 41.20
N ASN S 123 -47.49 -87.11 42.11
CA ASN S 123 -47.43 -88.52 41.76
C ASN S 123 -48.49 -88.88 40.71
N GLY S 124 -49.68 -88.31 40.82
CA GLY S 124 -50.73 -88.51 39.84
C GLY S 124 -50.58 -87.67 38.60
N ARG S 125 -49.53 -86.85 38.52
CA ARG S 125 -49.19 -86.08 37.33
C ARG S 125 -50.25 -85.01 37.02
N GLY S 126 -50.99 -84.59 38.04
CA GLY S 126 -52.02 -83.59 37.83
C GLY S 126 -51.45 -82.18 37.70
N VAL S 127 -50.41 -81.89 38.47
CA VAL S 127 -49.79 -80.57 38.47
C VAL S 127 -48.29 -80.73 38.47
N THR S 128 -47.59 -79.68 38.06
CA THR S 128 -46.14 -79.62 38.07
C THR S 128 -45.71 -78.36 38.77
N ILE S 129 -44.78 -78.48 39.72
CA ILE S 129 -44.33 -77.37 40.55
C ILE S 129 -42.85 -77.15 40.33
N GLN S 130 -42.47 -75.90 40.07
CA GLN S 130 -41.07 -75.54 39.90
C GLN S 130 -40.67 -74.56 41.00
N PRO S 131 -40.18 -75.05 42.15
CA PRO S 131 -39.87 -74.14 43.26
C PRO S 131 -38.82 -73.09 42.93
N SER S 132 -37.86 -73.40 42.05
CA SER S 132 -36.83 -72.44 41.70
C SER S 132 -37.39 -71.23 40.97
N LYS S 133 -38.61 -71.33 40.43
CA LYS S 133 -39.28 -70.23 39.76
C LYS S 133 -40.22 -69.47 40.69
N ARG S 134 -39.93 -69.45 41.98
CA ARG S 134 -40.71 -68.74 43.00
C ARG S 134 -42.14 -69.27 43.12
N ASP S 135 -42.37 -70.51 42.71
CA ASP S 135 -43.67 -71.15 42.91
C ASP S 135 -43.82 -71.54 44.36
N TYR S 136 -44.99 -71.25 44.93
CA TYR S 136 -45.27 -71.54 46.34
C TYR S 136 -46.34 -72.62 46.51
N GLY S 137 -46.61 -73.39 45.47
CA GLY S 137 -47.55 -74.49 45.60
C GLY S 137 -48.69 -74.45 44.59
N VAL S 138 -49.81 -75.07 44.95
CA VAL S 138 -50.97 -75.18 44.07
C VAL S 138 -52.16 -74.48 44.73
N GLN S 139 -52.80 -73.59 43.99
CA GLN S 139 -54.02 -72.94 44.41
C GLN S 139 -55.21 -73.56 43.69
N LEU S 140 -56.40 -73.35 44.26
CA LEU S 140 -57.64 -73.92 43.75
C LEU S 140 -58.45 -72.84 43.04
N VAL S 141 -58.97 -73.18 41.86
CA VAL S 141 -59.88 -72.31 41.13
C VAL S 141 -61.19 -73.06 40.92
N GLU S 142 -62.19 -72.33 40.42
CA GLU S 142 -63.55 -72.83 40.30
C GLU S 142 -63.97 -72.96 38.84
N GLU S 143 -63.05 -73.44 37.99
CA GLU S 143 -63.38 -73.59 36.58
C GLU S 143 -64.45 -74.65 36.36
N GLY S 144 -64.37 -75.76 37.08
CA GLY S 144 -65.32 -76.85 36.92
C GLY S 144 -66.13 -77.14 38.16
N ALA S 145 -66.56 -76.10 38.86
CA ALA S 145 -67.31 -76.28 40.10
C ALA S 145 -68.72 -76.78 39.89
N ASP S 146 -69.27 -76.66 38.67
CA ASP S 146 -70.66 -77.06 38.45
C ASP S 146 -70.82 -78.58 38.40
N THR S 147 -69.83 -79.30 37.89
CA THR S 147 -69.93 -80.75 37.73
C THR S 147 -69.03 -81.51 38.69
N PHE S 148 -68.61 -80.88 39.80
CA PHE S 148 -67.75 -81.53 40.77
C PHE S 148 -68.61 -82.36 41.71
N LYS S 149 -68.46 -83.68 41.65
CA LYS S 149 -69.27 -84.60 42.44
C LYS S 149 -68.46 -85.48 43.38
N ALA S 150 -67.16 -85.27 43.49
CA ALA S 150 -66.30 -86.14 44.29
C ALA S 150 -66.21 -85.64 45.72
N LYS S 151 -66.01 -86.59 46.64
CA LYS S 151 -65.81 -86.31 48.06
C LYS S 151 -64.33 -86.56 48.35
N VAL S 152 -63.55 -85.49 48.40
CA VAL S 152 -62.11 -85.58 48.50
C VAL S 152 -61.61 -84.63 49.57
N ASN S 153 -60.63 -85.09 50.36
CA ASN S 153 -59.91 -84.26 51.32
C ASN S 153 -58.78 -83.59 50.56
N ILE S 154 -58.90 -82.28 50.34
CA ILE S 154 -57.95 -81.53 49.53
C ILE S 154 -57.16 -80.59 50.45
N GLU S 155 -55.83 -80.64 50.33
CA GLU S 155 -54.94 -79.76 51.07
C GLU S 155 -54.08 -79.00 50.06
N VAL S 156 -54.36 -77.71 49.90
CA VAL S 156 -53.65 -76.86 48.95
C VAL S 156 -53.04 -75.69 49.69
N GLN S 157 -52.43 -74.77 48.94
CA GLN S 157 -51.85 -73.57 49.53
C GLN S 157 -52.80 -72.37 49.52
N MET S 158 -53.59 -72.22 48.46
CA MET S 158 -54.59 -71.16 48.39
C MET S 158 -55.89 -71.75 47.85
N ALA S 159 -57.00 -71.17 48.27
CA ALA S 159 -58.31 -71.66 47.85
C ALA S 159 -59.26 -70.47 47.70
N SER S 160 -60.26 -70.65 46.86
CA SER S 160 -61.29 -69.64 46.65
C SER S 160 -62.59 -70.08 47.31
N GLU S 161 -63.44 -69.08 47.61
CA GLU S 161 -64.68 -69.36 48.32
C GLU S 161 -65.59 -70.28 47.52
N LEU S 162 -65.69 -70.06 46.21
CA LEU S 162 -66.55 -70.90 45.40
C LEU S 162 -66.06 -72.34 45.36
N ALA S 163 -64.75 -72.54 45.23
CA ALA S 163 -64.19 -73.89 45.24
C ALA S 163 -64.41 -74.57 46.58
N ILE S 164 -64.20 -73.83 47.68
CA ILE S 164 -64.41 -74.41 49.00
C ILE S 164 -65.87 -74.80 49.19
N ALA S 165 -66.80 -73.94 48.77
CA ALA S 165 -68.21 -74.25 48.88
C ALA S 165 -68.58 -75.47 48.03
N ALA S 166 -68.03 -75.55 46.82
CA ALA S 166 -68.31 -76.71 45.96
C ALA S 166 -67.79 -78.00 46.58
N ILE S 167 -66.61 -77.97 47.17
CA ILE S 167 -66.07 -79.16 47.83
C ILE S 167 -66.91 -79.53 49.04
N GLU S 168 -67.29 -78.55 49.87
CA GLU S 168 -68.08 -78.84 51.05
C GLU S 168 -69.49 -79.31 50.71
N LYS S 169 -70.03 -78.92 49.56
CA LYS S 169 -71.34 -79.41 49.16
C LYS S 169 -71.34 -80.92 48.98
N ASN S 170 -70.29 -81.45 48.34
CA ASN S 170 -70.14 -82.90 48.27
C ASN S 170 -69.71 -83.49 49.60
N GLY S 171 -69.00 -82.73 50.42
CA GLY S 171 -68.64 -83.20 51.75
C GLY S 171 -67.15 -83.44 51.93
N GLY S 172 -66.32 -82.65 51.24
CA GLY S 172 -64.89 -82.75 51.38
C GLY S 172 -64.36 -81.85 52.49
N VAL S 173 -63.04 -81.81 52.59
CA VAL S 173 -62.34 -80.99 53.57
C VAL S 173 -61.32 -80.15 52.83
N VAL S 174 -61.35 -78.83 53.07
CA VAL S 174 -60.44 -77.89 52.45
C VAL S 174 -59.56 -77.29 53.54
N THR S 175 -58.25 -77.33 53.33
CA THR S 175 -57.29 -76.76 54.27
C THR S 175 -56.16 -76.12 53.48
N THR S 176 -55.77 -74.93 53.89
CA THR S 176 -54.69 -74.18 53.26
C THR S 176 -53.51 -74.12 54.22
N ALA S 177 -52.33 -74.53 53.75
CA ALA S 177 -51.11 -74.52 54.54
C ALA S 177 -50.05 -73.66 53.86
N PHE S 178 -48.88 -73.63 54.48
CA PHE S 178 -47.73 -72.88 53.97
C PHE S 178 -46.53 -73.80 53.85
N TYR S 179 -45.67 -73.50 52.86
CA TYR S 179 -44.44 -74.23 52.65
C TYR S 179 -43.35 -73.28 52.18
N ASP S 180 -42.29 -73.15 52.97
CA ASP S 180 -41.10 -72.45 52.51
C ASP S 180 -40.48 -73.24 51.36
N PRO S 181 -39.71 -72.57 50.49
CA PRO S 181 -39.26 -73.25 49.26
C PRO S 181 -38.52 -74.56 49.49
N ARG S 182 -37.72 -74.66 50.55
CA ARG S 182 -37.03 -75.91 50.84
C ARG S 182 -38.03 -77.03 51.14
N SER S 183 -38.99 -76.77 52.03
CA SER S 183 -40.01 -77.75 52.34
C SER S 183 -40.87 -78.07 51.12
N LEU S 184 -41.11 -77.09 50.25
CA LEU S 184 -41.88 -77.34 49.03
C LEU S 184 -41.12 -78.28 48.10
N GLU S 185 -39.80 -78.07 47.95
CA GLU S 185 -39.00 -79.00 47.16
C GLU S 185 -39.03 -80.39 47.76
N ILE S 186 -38.91 -80.49 49.08
CA ILE S 186 -38.92 -81.80 49.73
C ILE S 186 -40.26 -82.49 49.52
N LEU S 187 -41.36 -81.75 49.66
CA LEU S 187 -42.69 -82.32 49.45
C LEU S 187 -42.90 -82.74 48.00
N CYS S 188 -42.43 -81.94 47.04
CA CYS S 188 -42.62 -82.28 45.63
C CYS S 188 -41.81 -83.51 45.24
N LYS S 189 -40.56 -83.61 45.70
CA LYS S 189 -39.68 -84.72 45.36
C LYS S 189 -39.09 -85.30 46.64
N PRO S 190 -39.85 -86.15 47.34
CA PRO S 190 -39.34 -86.75 48.58
C PRO S 190 -38.28 -87.81 48.34
N VAL S 191 -38.44 -88.60 47.29
CA VAL S 191 -37.50 -89.67 46.97
C VAL S 191 -36.11 -89.10 46.71
N PRO S 192 -35.94 -88.04 45.89
CA PRO S 192 -34.62 -87.41 45.82
C PRO S 192 -34.13 -86.87 47.14
N PHE S 193 -35.01 -86.33 47.98
CA PHE S 193 -34.62 -85.87 49.31
C PHE S 193 -34.25 -87.04 50.23
N PHE S 194 -35.00 -88.14 50.15
CA PHE S 194 -34.66 -89.32 50.94
C PHE S 194 -33.35 -89.95 50.50
N LEU S 195 -32.99 -89.80 49.23
CA LEU S 195 -31.70 -90.25 48.74
C LEU S 195 -30.59 -89.22 48.97
N ARG S 196 -30.93 -88.03 49.45
CA ARG S 196 -29.93 -87.00 49.70
C ARG S 196 -29.12 -87.31 50.95
N GLY S 197 -29.72 -87.96 51.95
CA GLY S 197 -29.02 -88.30 53.16
C GLY S 197 -29.08 -87.27 54.26
N GLN S 198 -30.15 -86.47 54.31
CA GLN S 198 -30.29 -85.45 55.34
C GLN S 198 -31.59 -85.65 56.09
N PRO S 199 -31.61 -85.32 57.39
CA PRO S 199 -32.85 -85.44 58.15
C PRO S 199 -33.91 -84.45 57.68
N ILE S 200 -35.16 -84.82 57.87
CA ILE S 200 -36.29 -83.97 57.47
C ILE S 200 -36.29 -82.72 58.34
N PRO S 201 -36.19 -81.53 57.76
CA PRO S 201 -36.16 -80.31 58.55
C PRO S 201 -37.55 -79.84 58.93
N LYS S 202 -37.58 -78.78 59.73
CA LYS S 202 -38.83 -78.17 60.17
C LYS S 202 -39.49 -77.41 59.03
N ARG S 203 -40.80 -77.21 59.16
CA ARG S 203 -41.55 -76.40 58.21
C ARG S 203 -41.66 -74.99 58.77
N MET S 204 -41.04 -74.04 58.08
CA MET S 204 -40.98 -72.66 58.57
C MET S 204 -42.36 -72.01 58.53
N LEU S 205 -42.56 -71.07 59.46
CA LEU S 205 -43.81 -70.36 59.54
C LEU S 205 -43.97 -69.40 58.37
N PRO S 206 -45.20 -69.12 57.95
CA PRO S 206 -45.41 -68.16 56.87
C PRO S 206 -45.01 -66.77 57.30
N PRO S 207 -44.56 -65.92 56.37
CA PRO S 207 -44.16 -64.56 56.74
C PRO S 207 -45.34 -63.69 57.13
N GLU S 208 -45.06 -62.46 57.59
CA GLU S 208 -46.11 -61.57 58.05
C GLU S 208 -47.11 -61.23 56.96
N ALA S 209 -46.70 -61.30 55.69
CA ALA S 209 -47.64 -61.01 54.61
C ALA S 209 -48.69 -62.10 54.46
N LEU S 210 -48.35 -63.34 54.81
CA LEU S 210 -49.26 -64.47 54.66
C LEU S 210 -49.84 -64.95 55.99
N VAL S 211 -49.39 -64.41 57.12
CA VAL S 211 -49.94 -64.83 58.41
C VAL S 211 -51.44 -64.57 58.52
N PRO S 212 -51.95 -63.37 58.21
CA PRO S 212 -53.41 -63.17 58.28
C PRO S 212 -54.21 -64.06 57.34
N TYR S 213 -53.66 -64.40 56.17
CA TYR S 213 -54.38 -65.26 55.24
C TYR S 213 -54.58 -66.66 55.79
N TYR S 214 -53.57 -67.21 56.48
CA TYR S 214 -53.65 -68.54 57.05
C TYR S 214 -54.20 -68.55 58.47
N THR S 215 -54.39 -67.39 59.08
CA THR S 215 -55.00 -67.31 60.41
C THR S 215 -56.51 -67.12 60.36
N ASP S 216 -57.07 -66.92 59.17
CA ASP S 216 -58.50 -66.69 59.01
C ASP S 216 -59.23 -68.01 58.85
N ALA S 217 -60.48 -68.04 59.33
CA ALA S 217 -61.31 -69.23 59.21
C ALA S 217 -61.93 -69.38 57.83
N LYS S 218 -62.30 -68.26 57.18
CA LYS S 218 -62.91 -68.34 55.87
C LYS S 218 -61.97 -68.88 54.81
N ASN S 219 -60.67 -68.66 54.97
CA ASN S 219 -59.67 -69.20 54.04
C ASN S 219 -59.25 -70.62 54.40
N ARG S 220 -59.81 -71.18 55.48
CA ARG S 220 -59.50 -72.54 55.93
C ARG S 220 -58.00 -72.72 56.17
N GLY S 221 -57.42 -71.73 56.84
CA GLY S 221 -56.00 -71.79 57.14
C GLY S 221 -55.69 -72.88 58.15
N TYR S 222 -54.49 -73.45 58.03
CA TYR S 222 -54.08 -74.50 58.94
C TYR S 222 -53.70 -73.97 60.31
N LEU S 223 -53.40 -72.67 60.42
CA LEU S 223 -53.09 -72.05 61.70
C LEU S 223 -54.29 -71.32 62.31
N ALA S 224 -55.46 -71.42 61.67
CA ALA S 224 -56.65 -70.75 62.18
C ALA S 224 -57.21 -71.51 63.38
N ASP S 225 -58.06 -70.82 64.14
CA ASP S 225 -58.68 -71.42 65.31
C ASP S 225 -59.72 -72.45 64.87
N PRO S 226 -59.60 -73.72 65.28
CA PRO S 226 -60.58 -74.73 64.85
C PRO S 226 -62.00 -74.46 65.34
N ALA S 227 -62.18 -73.66 66.38
CA ALA S 227 -63.52 -73.36 66.87
C ALA S 227 -64.33 -72.57 65.85
N ARG S 228 -63.67 -71.78 65.01
CA ARG S 228 -64.34 -70.93 64.04
C ARG S 228 -64.63 -71.64 62.73
N PHE S 229 -64.08 -72.84 62.52
CA PHE S 229 -64.32 -73.54 61.26
C PHE S 229 -65.79 -73.86 61.02
N PRO S 230 -66.54 -74.44 61.98
CA PRO S 230 -67.97 -74.69 61.71
C PRO S 230 -68.75 -73.43 61.42
N GLU S 231 -68.40 -72.31 62.05
CA GLU S 231 -69.08 -71.05 61.75
C GLU S 231 -68.89 -70.66 60.29
N ALA S 232 -67.65 -70.74 59.80
CA ALA S 232 -67.38 -70.41 58.40
C ALA S 232 -68.08 -71.39 57.46
N ARG S 233 -68.09 -72.67 57.81
CA ARG S 233 -68.77 -73.66 56.98
C ARG S 233 -70.27 -73.34 56.89
N LEU S 234 -70.88 -73.00 58.02
CA LEU S 234 -72.30 -72.66 58.02
C LEU S 234 -72.56 -71.39 57.22
N GLU S 235 -71.67 -70.39 57.34
CA GLU S 235 -71.83 -69.16 56.57
C GLU S 235 -71.76 -69.43 55.08
N LEU S 236 -70.80 -70.25 54.65
CA LEU S 236 -70.71 -70.59 53.24
C LEU S 236 -71.94 -71.37 52.78
N ALA S 237 -72.42 -72.30 53.60
CA ALA S 237 -73.59 -73.09 53.24
C ALA S 237 -74.82 -72.21 53.08
N ARG S 238 -75.03 -71.27 54.01
CA ARG S 238 -76.18 -70.38 53.90
C ARG S 238 -76.02 -69.36 52.78
N LYS S 239 -74.78 -69.00 52.43
CA LYS S 239 -74.57 -68.07 51.33
C LYS S 239 -74.86 -68.73 49.98
N TYR S 240 -74.39 -69.96 49.79
CA TYR S 240 -74.56 -70.63 48.51
C TYR S 240 -75.80 -71.52 48.44
N GLY S 241 -76.58 -71.59 49.51
CA GLY S 241 -77.84 -72.30 49.47
C GLY S 241 -77.74 -73.80 49.29
N TYR S 242 -76.77 -74.44 49.93
CA TYR S 242 -76.65 -75.89 49.91
C TYR S 242 -76.62 -76.42 51.34
N VAL S 243 -77.30 -77.54 51.55
CA VAL S 243 -77.36 -78.15 52.87
C VAL S 243 -75.98 -78.67 53.25
N LEU S 244 -75.54 -78.33 54.45
CA LEU S 244 -74.22 -78.76 54.92
C LEU S 244 -74.31 -80.19 55.44
N PRO S 245 -73.59 -81.15 54.84
CA PRO S 245 -73.65 -82.52 55.33
C PRO S 245 -73.03 -82.65 56.71
N ASP S 246 -73.54 -83.64 57.45
CA ASP S 246 -73.01 -83.94 58.78
C ASP S 246 -71.77 -84.82 58.60
N ILE S 247 -70.61 -84.15 58.52
CA ILE S 247 -69.36 -84.86 58.25
C ILE S 247 -68.97 -85.81 59.39
N THR S 248 -69.39 -85.53 60.62
CA THR S 248 -68.98 -86.33 61.76
C THR S 248 -69.53 -87.76 61.69
N LYS S 249 -70.57 -88.00 60.90
CA LYS S 249 -71.19 -89.32 60.80
C LYS S 249 -70.72 -90.10 59.58
N ASP S 250 -69.70 -89.62 58.87
CA ASP S 250 -69.19 -90.32 57.71
C ASP S 250 -68.18 -91.39 58.12
N GLU S 251 -68.14 -92.48 57.33
CA GLU S 251 -67.23 -93.57 57.62
C GLU S 251 -65.77 -93.16 57.43
N LEU S 252 -65.50 -92.18 56.57
CA LEU S 252 -64.15 -91.69 56.34
C LEU S 252 -63.86 -90.42 57.14
N PHE S 253 -64.48 -90.30 58.33
CA PHE S 253 -64.31 -89.09 59.13
C PHE S 253 -62.86 -88.93 59.58
N LYS S 254 -62.22 -90.03 59.98
CA LYS S 254 -60.81 -89.94 60.40
C LYS S 254 -59.91 -89.50 59.25
N MET S 255 -60.13 -90.05 58.04
CA MET S 255 -59.35 -89.64 56.89
C MET S 255 -59.60 -88.17 56.56
N LEU S 256 -60.85 -87.72 56.64
CA LEU S 256 -61.16 -86.32 56.36
C LEU S 256 -60.52 -85.38 57.37
N SER S 257 -60.53 -85.77 58.65
CA SER S 257 -59.97 -84.94 59.71
C SER S 257 -58.47 -85.12 59.88
N THR S 258 -57.85 -86.02 59.11
CA THR S 258 -56.40 -86.22 59.18
C THR S 258 -55.70 -84.93 58.80
N ARG S 259 -55.03 -84.32 59.77
CA ARG S 259 -54.35 -83.04 59.60
C ARG S 259 -52.84 -83.24 59.59
N LYS S 260 -52.15 -82.13 59.35
CA LYS S 260 -50.69 -82.09 59.42
C LYS S 260 -50.25 -81.08 60.47
N ASP S 261 -49.23 -81.46 61.24
CA ASP S 261 -48.64 -80.53 62.19
C ASP S 261 -48.00 -79.37 61.44
N PRO S 262 -48.07 -78.15 61.96
CA PRO S 262 -47.47 -77.00 61.25
C PRO S 262 -45.99 -77.17 61.00
N ARG S 263 -45.26 -77.89 61.85
CA ARG S 263 -43.86 -78.20 61.60
C ARG S 263 -43.66 -79.48 60.82
N GLN S 264 -44.72 -80.22 60.52
CA GLN S 264 -44.63 -81.49 59.83
C GLN S 264 -44.67 -81.29 58.32
N ILE S 265 -44.00 -82.18 57.60
CA ILE S 265 -43.91 -82.09 56.15
C ILE S 265 -44.88 -83.08 55.51
N PHE S 266 -44.71 -84.37 55.80
CA PHE S 266 -45.49 -85.43 55.19
C PHE S 266 -46.58 -85.90 56.16
N PHE S 267 -47.27 -86.98 55.79
CA PHE S 267 -48.29 -87.58 56.63
C PHE S 267 -47.66 -88.73 57.43
N GLY S 268 -47.77 -88.66 58.75
CA GLY S 268 -47.28 -89.72 59.61
C GLY S 268 -45.82 -89.65 59.97
N LEU S 269 -45.03 -88.80 59.32
CA LEU S 269 -43.62 -88.66 59.63
C LEU S 269 -43.40 -87.46 60.55
N ALA S 270 -42.19 -87.36 61.10
CA ALA S 270 -41.83 -86.29 62.00
C ALA S 270 -40.51 -85.69 61.54
N PRO S 271 -40.30 -84.40 61.79
CA PRO S 271 -39.02 -83.76 61.42
C PRO S 271 -37.85 -84.41 62.13
N GLY S 272 -36.72 -84.46 61.45
CA GLY S 272 -35.51 -85.05 61.99
C GLY S 272 -35.35 -86.53 61.71
N TRP S 273 -36.36 -87.19 61.17
CA TRP S 273 -36.28 -88.61 60.86
C TRP S 273 -35.48 -88.82 59.58
N VAL S 274 -34.71 -89.90 59.55
CA VAL S 274 -33.92 -90.29 58.39
C VAL S 274 -34.55 -91.55 57.81
N VAL S 275 -34.90 -91.52 56.53
CA VAL S 275 -35.54 -92.65 55.87
C VAL S 275 -34.48 -93.38 55.05
N ASN S 276 -33.97 -94.48 55.59
CA ASN S 276 -32.99 -95.31 54.88
C ASN S 276 -33.79 -96.32 54.04
N MET S 277 -34.00 -95.98 52.77
CA MET S 277 -34.79 -96.84 51.90
C MET S 277 -34.07 -98.11 51.48
N ALA S 278 -32.74 -98.13 51.55
CA ALA S 278 -32.01 -99.35 51.22
C ALA S 278 -32.33 -100.47 52.20
N ASP S 279 -32.38 -100.15 53.49
CA ASP S 279 -32.70 -101.13 54.53
C ASP S 279 -34.17 -101.04 54.99
N LYS S 280 -34.97 -100.18 54.37
CA LYS S 280 -36.37 -99.98 54.76
C LYS S 280 -36.49 -99.63 56.24
N LYS S 281 -35.64 -98.71 56.68
CA LYS S 281 -35.52 -98.35 58.09
C LYS S 281 -35.78 -96.87 58.30
N ILE S 282 -36.20 -96.54 59.53
CA ILE S 282 -36.41 -95.17 59.96
C ILE S 282 -35.52 -94.92 61.16
N LEU S 283 -34.68 -93.89 61.07
CA LEU S 283 -33.79 -93.50 62.16
C LEU S 283 -34.34 -92.24 62.81
N LYS S 284 -34.53 -92.28 64.13
CA LYS S 284 -35.10 -91.18 64.87
C LYS S 284 -34.10 -90.64 65.89
N PRO S 285 -33.94 -89.31 65.98
CA PRO S 285 -33.04 -88.75 66.98
C PRO S 285 -33.53 -88.99 68.39
N THR S 286 -32.58 -89.13 69.31
CA THR S 286 -32.87 -89.39 70.70
C THR S 286 -32.30 -88.34 71.64
N ASP S 287 -31.35 -87.52 71.19
CA ASP S 287 -30.78 -86.49 72.04
C ASP S 287 -31.83 -85.45 72.41
N GLU S 288 -31.75 -84.96 73.65
CA GLU S 288 -32.73 -83.99 74.12
C GLU S 288 -32.65 -82.69 73.32
N ASN S 289 -31.43 -82.22 73.04
CA ASN S 289 -31.27 -81.00 72.26
C ASN S 289 -31.81 -81.18 70.84
N LEU S 290 -31.53 -82.31 70.21
CA LEU S 290 -32.02 -82.57 68.86
C LEU S 290 -33.55 -82.62 68.84
N LEU S 291 -34.14 -83.30 69.82
CA LEU S 291 -35.59 -83.38 69.89
C LEU S 291 -36.21 -82.01 70.12
N LYS S 292 -35.60 -81.21 71.00
CA LYS S 292 -36.11 -79.86 71.24
C LYS S 292 -36.03 -79.02 69.98
N TYR S 293 -34.92 -79.11 69.25
CA TYR S 293 -34.78 -78.33 68.02
C TYR S 293 -35.80 -78.76 66.98
N TYR S 294 -36.01 -80.07 66.84
CA TYR S 294 -36.94 -80.58 65.83
C TYR S 294 -38.40 -80.40 66.22
N SER S 295 -38.69 -80.21 67.51
CA SER S 295 -40.06 -79.98 67.96
C SER S 295 -40.34 -78.52 68.27
N SER S 296 -39.35 -77.64 68.13
CA SER S 296 -39.55 -76.21 68.38
C SER S 296 -40.34 -75.56 67.25
N PHE T 30 -54.89 8.37 -71.29
CA PHE T 30 -56.08 8.80 -70.57
C PHE T 30 -56.43 7.83 -69.44
N LYS T 31 -56.61 8.37 -68.24
CA LYS T 31 -56.96 7.59 -67.07
C LYS T 31 -58.12 8.26 -66.34
N THR T 32 -58.96 7.44 -65.70
CA THR T 32 -60.09 7.96 -64.98
C THR T 32 -59.65 8.59 -63.66
N LEU T 33 -60.53 9.42 -63.10
CA LEU T 33 -60.27 10.10 -61.85
C LEU T 33 -61.04 9.41 -60.73
N LEU T 34 -60.34 9.05 -59.64
CA LEU T 34 -61.00 8.37 -58.54
C LEU T 34 -61.10 9.30 -57.32
N PRO T 35 -62.18 9.19 -56.56
CA PRO T 35 -62.29 10.00 -55.34
C PRO T 35 -61.26 9.58 -54.31
N VAL T 36 -60.82 10.55 -53.51
CA VAL T 36 -59.85 10.30 -52.45
C VAL T 36 -60.59 10.21 -51.12
N PRO T 37 -60.12 9.41 -50.17
CA PRO T 37 -60.74 9.40 -48.85
C PRO T 37 -60.63 10.76 -48.17
N THR T 38 -61.69 11.14 -47.47
CA THR T 38 -61.74 12.41 -46.75
C THR T 38 -62.01 12.14 -45.28
N PHE T 39 -61.19 12.74 -44.42
CA PHE T 39 -61.27 12.52 -42.97
C PHE T 39 -61.63 13.84 -42.30
N GLU T 40 -62.87 13.95 -41.84
CA GLU T 40 -63.35 15.10 -41.10
C GLU T 40 -63.91 14.74 -39.74
N ASP T 41 -64.54 13.57 -39.62
CA ASP T 41 -65.10 13.15 -38.34
C ASP T 41 -64.02 12.90 -37.31
N VAL T 42 -62.88 12.35 -37.72
CA VAL T 42 -61.79 12.07 -36.80
C VAL T 42 -61.19 13.38 -36.31
N ALA T 43 -61.00 13.48 -34.99
CA ALA T 43 -60.46 14.68 -34.36
C ALA T 43 -59.15 14.33 -33.68
N ILE T 44 -58.13 15.15 -33.89
CA ILE T 44 -56.82 14.93 -33.29
C ILE T 44 -56.86 15.38 -31.83
N PRO T 45 -56.61 14.49 -30.89
CA PRO T 45 -56.63 14.87 -29.47
C PRO T 45 -55.39 15.67 -29.09
N GLU T 46 -55.48 16.33 -27.95
CA GLU T 46 -54.36 17.10 -27.43
C GLU T 46 -53.20 16.19 -27.09
N LYS T 47 -51.98 16.69 -27.30
CA LYS T 47 -50.75 15.92 -27.11
C LYS T 47 -50.80 14.62 -27.91
N PRO T 48 -50.80 14.70 -29.25
CA PRO T 48 -50.89 13.47 -30.05
C PRO T 48 -49.67 12.57 -29.92
N LYS T 49 -48.53 13.09 -29.48
CA LYS T 49 -47.32 12.29 -29.37
C LYS T 49 -47.41 11.31 -28.22
N LEU T 50 -46.64 10.23 -28.32
CA LEU T 50 -46.60 9.24 -27.26
C LEU T 50 -45.99 9.81 -25.99
N ARG T 51 -46.60 9.50 -24.85
CA ARG T 51 -46.12 9.99 -23.58
C ARG T 51 -44.86 9.25 -23.16
N PHE T 52 -44.04 9.91 -22.36
CA PHE T 52 -42.82 9.29 -21.84
C PHE T 52 -43.18 8.20 -20.84
N VAL T 53 -42.34 7.17 -20.79
CA VAL T 53 -42.53 6.03 -19.90
C VAL T 53 -41.32 5.89 -19.00
N GLU T 54 -41.55 5.64 -17.72
CA GLU T 54 -40.48 5.51 -16.75
C GLU T 54 -39.78 4.17 -16.91
N ARG T 55 -38.47 4.17 -16.63
CA ARG T 55 -37.71 2.93 -16.65
C ARG T 55 -38.21 1.96 -15.58
N VAL T 56 -38.51 2.47 -14.39
CA VAL T 56 -38.97 1.64 -13.28
C VAL T 56 -40.29 2.22 -12.77
N PRO T 57 -41.16 1.40 -12.17
CA PRO T 57 -42.39 1.95 -11.60
C PRO T 57 -42.08 2.87 -10.42
N LEU T 58 -43.00 3.82 -10.19
CA LEU T 58 -42.82 4.76 -9.09
C LEU T 58 -42.76 4.05 -7.75
N VAL T 59 -43.42 2.90 -7.63
CA VAL T 59 -43.31 2.06 -6.43
C VAL T 59 -42.58 0.78 -6.81
N PRO T 60 -41.29 0.66 -6.49
CA PRO T 60 -40.53 -0.52 -6.89
C PRO T 60 -41.03 -1.77 -6.21
N LYS T 61 -40.89 -2.90 -6.91
CA LYS T 61 -41.28 -4.20 -6.38
C LYS T 61 -40.23 -4.65 -5.37
N VAL T 62 -40.55 -4.50 -4.08
CA VAL T 62 -39.61 -4.91 -3.05
C VAL T 62 -39.44 -6.43 -3.03
N ARG T 63 -40.51 -7.17 -3.30
CA ARG T 63 -40.47 -8.62 -3.26
C ARG T 63 -40.13 -9.17 -4.64
N ARG T 64 -39.13 -10.04 -4.71
CA ARG T 64 -38.71 -10.65 -5.96
C ARG T 64 -39.71 -11.73 -6.35
N GLU T 65 -40.18 -11.69 -7.59
CA GLU T 65 -41.20 -12.61 -8.08
C GLU T 65 -40.60 -13.58 -9.09
N ARG T 66 -41.12 -14.80 -9.09
CA ARG T 66 -40.68 -15.83 -10.03
C ARG T 66 -41.02 -15.42 -11.46
N LYS T 67 -40.13 -15.77 -12.39
CA LYS T 67 -40.29 -15.42 -13.79
C LYS T 67 -41.24 -16.42 -14.44
N ASN T 68 -42.53 -16.15 -14.34
CA ASN T 68 -43.53 -16.99 -14.99
C ASN T 68 -43.49 -16.76 -16.50
N LEU T 69 -43.32 -17.84 -17.26
CA LEU T 69 -43.27 -17.77 -18.71
C LEU T 69 -44.64 -17.88 -19.35
N SER T 70 -45.69 -18.15 -18.57
CA SER T 70 -47.03 -18.21 -19.12
C SER T 70 -47.53 -16.85 -19.58
N ASP T 71 -46.97 -15.76 -19.04
CA ASP T 71 -47.33 -14.43 -19.50
C ASP T 71 -46.88 -14.17 -20.94
N ILE T 72 -45.96 -14.96 -21.46
CA ILE T 72 -45.56 -14.90 -22.85
C ILE T 72 -46.14 -16.05 -23.66
N ARG T 73 -46.15 -17.26 -23.10
CA ARG T 73 -46.66 -18.42 -23.79
C ARG T 73 -48.16 -18.30 -24.02
N GLY T 74 -48.62 -18.75 -25.18
CA GLY T 74 -50.03 -18.76 -25.51
C GLY T 74 -50.50 -17.49 -26.17
N PRO T 75 -51.69 -17.53 -26.76
CA PRO T 75 -52.22 -16.35 -27.45
C PRO T 75 -52.63 -15.26 -26.46
N SER T 76 -52.64 -14.03 -26.98
CA SER T 76 -53.03 -12.87 -26.19
C SER T 76 -54.54 -12.77 -26.11
N THR T 77 -55.04 -12.38 -24.93
CA THR T 77 -56.46 -12.19 -24.71
C THR T 77 -56.84 -10.75 -24.43
N GLU T 78 -55.87 -9.86 -24.25
CA GLU T 78 -56.12 -8.45 -23.95
C GLU T 78 -55.42 -7.57 -24.96
N ALA T 79 -56.02 -6.39 -25.21
CA ALA T 79 -55.50 -5.43 -26.18
C ALA T 79 -55.34 -6.05 -27.56
N THR T 80 -56.31 -6.89 -27.94
CA THR T 80 -56.27 -7.58 -29.22
C THR T 80 -57.17 -6.95 -30.27
N GLU T 81 -57.85 -5.85 -29.95
CA GLU T 81 -58.76 -5.19 -30.87
C GLU T 81 -58.56 -3.68 -30.84
N PHE T 82 -58.92 -3.04 -31.94
CA PHE T 82 -58.83 -1.58 -32.02
C PHE T 82 -59.84 -0.93 -31.07
N THR T 83 -59.40 0.10 -30.37
CA THR T 83 -60.27 0.87 -29.48
C THR T 83 -60.70 2.18 -30.12
N GLU T 84 -59.74 3.01 -30.54
CA GLU T 84 -60.05 4.30 -31.15
C GLU T 84 -59.25 4.61 -32.41
N GLY T 85 -58.08 4.01 -32.59
CA GLY T 85 -57.29 4.25 -33.79
C GLY T 85 -57.66 3.35 -34.94
N ARG T 86 -57.03 3.60 -36.08
CA ARG T 86 -57.27 2.81 -37.28
C ARG T 86 -56.12 1.89 -37.67
N PHE T 87 -54.90 2.18 -37.20
CA PHE T 87 -53.74 1.34 -37.50
C PHE T 87 -53.13 0.89 -36.19
N ALA T 88 -52.39 -0.22 -36.25
CA ALA T 88 -51.81 -0.79 -35.04
C ALA T 88 -50.55 -1.57 -35.40
N ILE T 89 -49.74 -1.81 -34.37
CA ILE T 89 -48.57 -2.68 -34.48
C ILE T 89 -48.95 -4.02 -33.86
N LEU T 90 -49.14 -5.03 -34.71
CA LEU T 90 -49.57 -6.36 -34.27
C LEU T 90 -48.36 -7.26 -34.10
N ALA T 91 -48.29 -7.94 -32.96
CA ALA T 91 -47.17 -8.82 -32.62
C ALA T 91 -47.57 -10.27 -32.92
N LEU T 92 -46.78 -10.94 -33.75
CA LEU T 92 -47.01 -12.33 -34.10
C LEU T 92 -46.27 -13.31 -33.20
N GLY T 93 -45.60 -12.81 -32.16
CA GLY T 93 -44.89 -13.68 -31.26
C GLY T 93 -44.81 -13.04 -29.89
N GLY T 94 -44.29 -13.83 -28.94
CA GLY T 94 -44.15 -13.37 -27.57
C GLY T 94 -42.75 -12.87 -27.27
N GLY T 95 -42.65 -12.08 -26.20
CA GLY T 95 -41.37 -11.53 -25.80
C GLY T 95 -41.54 -10.53 -24.68
N TYR T 96 -40.41 -9.92 -24.32
CA TYR T 96 -40.34 -8.92 -23.27
C TYR T 96 -39.96 -7.57 -23.84
N LEU T 97 -40.68 -6.53 -23.45
CA LEU T 97 -40.39 -5.17 -23.85
C LEU T 97 -39.92 -4.38 -22.64
N HIS T 98 -38.79 -3.71 -22.77
CA HIS T 98 -38.21 -2.92 -21.69
C HIS T 98 -38.07 -1.46 -22.11
N TRP T 99 -37.47 -0.67 -21.22
CA TRP T 99 -37.42 0.77 -21.41
C TRP T 99 -36.67 1.16 -22.68
N GLY T 100 -35.66 0.38 -23.06
CA GLY T 100 -34.97 0.67 -24.31
C GLY T 100 -35.89 0.57 -25.52
N HIS T 101 -36.65 -0.51 -25.59
CA HIS T 101 -37.61 -0.67 -26.69
C HIS T 101 -38.68 0.41 -26.64
N PHE T 102 -39.17 0.73 -25.44
CA PHE T 102 -40.18 1.79 -25.32
C PHE T 102 -39.64 3.12 -25.81
N GLU T 103 -38.42 3.47 -25.41
CA GLU T 103 -37.83 4.73 -25.84
C GLU T 103 -37.59 4.75 -27.34
N MET T 104 -37.12 3.63 -27.90
CA MET T 104 -36.91 3.56 -29.35
C MET T 104 -38.22 3.79 -30.09
N MET T 105 -39.28 3.09 -29.68
CA MET T 105 -40.58 3.24 -30.33
C MET T 105 -41.08 4.68 -30.21
N ARG T 106 -40.99 5.25 -29.01
CA ARG T 106 -41.50 6.59 -28.78
C ARG T 106 -40.76 7.61 -29.64
N LEU T 107 -39.43 7.56 -29.62
CA LEU T 107 -38.64 8.53 -30.39
C LEU T 107 -38.90 8.38 -31.88
N THR T 108 -38.91 7.14 -32.38
CA THR T 108 -39.12 6.93 -33.81
C THR T 108 -40.49 7.43 -34.25
N ILE T 109 -41.53 7.09 -33.49
CA ILE T 109 -42.88 7.49 -33.88
C ILE T 109 -43.03 9.00 -33.78
N ASN T 110 -42.48 9.62 -32.74
CA ASN T 110 -42.59 11.07 -32.60
C ASN T 110 -41.86 11.79 -33.72
N ARG T 111 -40.67 11.33 -34.10
CA ARG T 111 -39.91 12.03 -35.13
C ARG T 111 -40.45 11.76 -36.53
N SER T 112 -41.10 10.61 -36.74
CA SER T 112 -41.64 10.27 -38.05
C SER T 112 -43.15 10.50 -38.16
N MET T 113 -43.76 11.10 -37.14
CA MET T 113 -45.20 11.32 -37.12
C MET T 113 -45.51 12.80 -37.18
N ASP T 114 -46.50 13.16 -37.99
CA ASP T 114 -46.95 14.55 -38.09
C ASP T 114 -48.00 14.79 -37.01
N PRO T 115 -47.73 15.62 -36.00
CA PRO T 115 -48.71 15.80 -34.93
C PRO T 115 -50.00 16.48 -35.37
N LYS T 116 -49.97 17.24 -36.47
CA LYS T 116 -51.14 17.99 -36.88
C LYS T 116 -52.21 17.11 -37.50
N ASN T 117 -51.85 15.92 -37.99
CA ASN T 117 -52.80 15.04 -38.65
C ASN T 117 -52.82 13.62 -38.11
N MET T 118 -51.92 13.27 -37.19
CA MET T 118 -51.83 11.92 -36.66
C MET T 118 -51.74 11.96 -35.15
N PHE T 119 -52.26 10.91 -34.52
CA PHE T 119 -52.14 10.71 -33.09
C PHE T 119 -51.84 9.24 -32.82
N ALA T 120 -51.13 8.98 -31.73
CA ALA T 120 -50.70 7.64 -31.37
C ALA T 120 -50.90 7.41 -29.88
N LEU T 121 -51.14 6.15 -29.52
CA LEU T 121 -51.32 5.75 -28.13
C LEU T 121 -50.70 4.38 -27.91
N TRP T 122 -50.36 4.10 -26.66
CA TRP T 122 -49.83 2.79 -26.29
C TRP T 122 -50.97 1.81 -26.05
N ARG T 123 -50.62 0.53 -26.04
CA ARG T 123 -51.56 -0.52 -25.69
C ARG T 123 -51.02 -1.47 -24.64
N VAL T 124 -49.74 -1.36 -24.28
CA VAL T 124 -49.13 -2.19 -23.26
C VAL T 124 -48.80 -1.29 -22.06
N PRO T 125 -48.78 -1.82 -20.85
CA PRO T 125 -48.44 -1.00 -19.68
C PRO T 125 -46.94 -0.74 -19.59
N ALA T 126 -46.58 0.11 -18.64
CA ALA T 126 -45.18 0.39 -18.37
C ALA T 126 -44.51 -0.86 -17.80
N PRO T 127 -43.19 -0.97 -17.97
CA PRO T 127 -42.48 -2.15 -17.43
C PRO T 127 -42.67 -2.26 -15.92
N PHE T 128 -43.22 -3.40 -15.50
CA PHE T 128 -43.56 -3.60 -14.09
C PHE T 128 -43.02 -4.92 -13.57
N LYS T 129 -42.82 -5.89 -14.46
CA LYS T 129 -42.32 -7.20 -14.04
C LYS T 129 -40.81 -7.14 -13.83
N PRO T 130 -40.31 -7.39 -12.63
CA PRO T 130 -38.87 -7.29 -12.40
C PRO T 130 -38.12 -8.48 -12.99
N ILE T 131 -36.88 -8.21 -13.41
CA ILE T 131 -35.96 -9.23 -13.89
C ILE T 131 -34.71 -9.17 -13.03
N THR T 132 -34.30 -10.31 -12.50
CA THR T 132 -33.21 -10.38 -11.54
C THR T 132 -31.96 -10.97 -12.17
N ARG T 133 -30.82 -10.35 -11.86
CA ARG T 133 -29.52 -10.87 -12.24
C ARG T 133 -28.75 -11.25 -10.98
N LYS T 134 -27.91 -12.29 -11.10
CA LYS T 134 -27.20 -12.80 -9.93
C LYS T 134 -26.29 -11.75 -9.32
N GLY T 135 -25.31 -11.27 -10.10
CA GLY T 135 -24.44 -10.20 -9.62
C GLY T 135 -23.31 -10.68 -8.74
N MET T 136 -23.42 -10.43 -7.44
CA MET T 136 -22.38 -10.77 -6.48
C MET T 136 -22.24 -12.29 -6.38
N GLY T 137 -21.07 -12.80 -6.77
CA GLY T 137 -20.86 -14.23 -6.79
C GLY T 137 -21.54 -14.86 -7.99
N GLN T 138 -20.87 -15.79 -8.66
CA GLN T 138 -21.42 -16.38 -9.87
C GLN T 138 -21.69 -17.88 -9.75
N ARG T 139 -21.31 -18.50 -8.64
CA ARG T 139 -21.62 -19.91 -8.44
C ARG T 139 -23.12 -20.09 -8.22
N MET T 140 -23.63 -21.24 -8.65
CA MET T 140 -25.06 -21.51 -8.53
C MET T 140 -25.45 -21.62 -7.07
N GLY T 141 -26.60 -21.05 -6.73
CA GLY T 141 -27.11 -21.10 -5.38
C GLY T 141 -26.86 -19.81 -4.61
N GLY T 142 -27.14 -19.88 -3.31
CA GLY T 142 -26.98 -18.74 -2.44
C GLY T 142 -28.20 -17.86 -2.29
N GLY T 143 -29.24 -18.09 -3.09
CA GLY T 143 -30.46 -17.33 -3.03
C GLY T 143 -30.74 -16.65 -4.34
N LYS T 144 -31.79 -15.82 -4.35
CA LYS T 144 -32.17 -15.09 -5.55
C LYS T 144 -31.18 -13.96 -5.81
N GLY T 145 -31.12 -13.53 -7.06
CA GLY T 145 -30.29 -12.42 -7.46
C GLY T 145 -30.90 -11.09 -7.08
N ALA T 146 -30.37 -10.03 -7.68
CA ALA T 146 -30.81 -8.67 -7.43
C ALA T 146 -31.58 -8.15 -8.64
N ILE T 147 -32.62 -7.37 -8.38
CA ILE T 147 -33.44 -6.83 -9.46
C ILE T 147 -32.62 -5.85 -10.27
N ASP T 148 -32.64 -6.03 -11.60
CA ASP T 148 -31.86 -5.21 -12.52
C ASP T 148 -32.73 -4.26 -13.34
N HIS T 149 -33.80 -4.76 -13.95
CA HIS T 149 -34.66 -3.94 -14.78
C HIS T 149 -36.05 -4.55 -14.81
N TYR T 150 -36.98 -3.83 -15.41
CA TYR T 150 -38.37 -4.26 -15.54
C TYR T 150 -38.74 -4.41 -17.00
N VAL T 151 -39.62 -5.38 -17.28
CA VAL T 151 -40.08 -5.66 -18.63
C VAL T 151 -41.59 -5.79 -18.63
N THR T 152 -42.17 -5.64 -19.82
CA THR T 152 -43.61 -5.83 -20.02
C THR T 152 -43.86 -7.07 -20.84
N PRO T 153 -44.43 -8.13 -20.28
CA PRO T 153 -44.71 -9.33 -21.08
C PRO T 153 -45.75 -9.06 -22.14
N VAL T 154 -45.50 -9.58 -23.35
CA VAL T 154 -46.40 -9.41 -24.48
C VAL T 154 -46.60 -10.77 -25.14
N LYS T 155 -47.86 -11.11 -25.40
CA LYS T 155 -48.19 -12.34 -26.10
C LYS T 155 -48.43 -12.07 -27.58
N ALA T 156 -48.43 -13.15 -28.37
CA ALA T 156 -48.69 -13.04 -29.79
C ALA T 156 -50.13 -12.59 -30.03
N GLY T 157 -50.33 -11.74 -31.04
CA GLY T 157 -51.65 -11.23 -31.35
C GLY T 157 -52.07 -10.02 -30.57
N ARG T 158 -51.16 -9.36 -29.86
CA ARG T 158 -51.49 -8.17 -29.08
C ARG T 158 -50.96 -6.92 -29.77
N LEU T 159 -51.77 -5.87 -29.74
CA LEU T 159 -51.39 -4.59 -30.31
C LEU T 159 -50.41 -3.89 -29.37
N ILE T 160 -49.45 -3.18 -29.97
CA ILE T 160 -48.43 -2.49 -29.18
C ILE T 160 -48.71 -0.99 -29.22
N VAL T 161 -48.73 -0.41 -30.41
CA VAL T 161 -49.02 1.00 -30.60
C VAL T 161 -50.19 1.13 -31.56
N GLU T 162 -51.16 1.96 -31.20
CA GLU T 162 -52.35 2.19 -32.02
C GLU T 162 -52.35 3.65 -32.47
N MET T 163 -52.48 3.87 -33.77
CA MET T 163 -52.43 5.20 -34.35
C MET T 163 -53.71 5.48 -35.14
N GLY T 164 -53.99 6.76 -35.30
CA GLY T 164 -55.15 7.21 -36.07
C GLY T 164 -54.97 8.63 -36.51
N GLY T 165 -55.96 9.12 -37.25
CA GLY T 165 -55.95 10.49 -37.71
C GLY T 165 -56.50 10.67 -39.11
N ARG T 166 -56.04 11.72 -39.80
CA ARG T 166 -56.49 12.05 -41.15
C ARG T 166 -55.49 11.58 -42.20
N CYS T 167 -54.84 10.45 -41.96
CA CYS T 167 -53.74 9.98 -42.81
C CYS T 167 -54.09 8.62 -43.40
N GLU T 168 -53.45 8.32 -44.53
CA GLU T 168 -53.63 7.05 -45.21
C GLU T 168 -52.70 5.99 -44.62
N PHE T 169 -53.10 4.73 -44.78
CA PHE T 169 -52.36 3.62 -44.19
C PHE T 169 -50.99 3.42 -44.82
N LYS T 170 -50.79 3.88 -46.06
CA LYS T 170 -49.54 3.59 -46.76
C LYS T 170 -48.34 4.20 -46.05
N GLU T 171 -48.40 5.51 -45.75
CA GLU T 171 -47.31 6.15 -45.03
C GLU T 171 -47.19 5.61 -43.62
N VAL T 172 -48.32 5.34 -42.97
CA VAL T 172 -48.30 4.80 -41.61
C VAL T 172 -47.61 3.44 -41.61
N GLN T 173 -47.96 2.57 -42.55
CA GLN T 173 -47.29 1.28 -42.66
C GLN T 173 -45.81 1.47 -42.97
N GLY T 174 -45.48 2.41 -43.85
CA GLY T 174 -44.09 2.61 -44.23
C GLY T 174 -43.22 3.02 -43.04
N PHE T 175 -43.72 3.92 -42.20
CA PHE T 175 -42.90 4.36 -41.07
C PHE T 175 -43.11 3.53 -39.81
N LEU T 176 -44.06 2.59 -39.80
CA LEU T 176 -44.19 1.67 -38.69
C LEU T 176 -43.52 0.33 -38.95
N ASP T 177 -43.19 0.02 -40.20
CA ASP T 177 -42.46 -1.21 -40.48
C ASP T 177 -41.09 -1.23 -39.82
N LEU T 178 -40.43 -0.07 -39.73
CA LEU T 178 -39.15 0.00 -39.04
C LEU T 178 -39.29 -0.35 -37.57
N VAL T 179 -40.34 0.16 -36.92
CA VAL T 179 -40.59 -0.16 -35.52
C VAL T 179 -40.91 -1.64 -35.36
N ALA T 180 -41.71 -2.18 -36.28
CA ALA T 180 -42.04 -3.60 -36.22
C ALA T 180 -40.79 -4.47 -36.35
N HIS T 181 -39.89 -4.10 -37.27
CA HIS T 181 -38.64 -4.84 -37.42
C HIS T 181 -37.76 -4.72 -36.18
N LYS T 182 -37.65 -3.52 -35.61
CA LYS T 182 -36.80 -3.32 -34.46
C LYS T 182 -37.36 -3.93 -33.18
N LEU T 183 -38.67 -4.22 -33.15
CA LEU T 183 -39.22 -4.94 -32.00
C LEU T 183 -38.62 -6.34 -31.92
N PRO T 184 -38.44 -6.87 -30.71
CA PRO T 184 -37.83 -8.20 -30.55
C PRO T 184 -38.65 -9.29 -31.21
N PHE T 185 -39.92 -9.41 -30.81
CA PHE T 185 -40.81 -10.35 -31.43
C PHE T 185 -41.18 -9.87 -32.83
N PRO T 186 -41.49 -10.80 -33.74
CA PRO T 186 -41.95 -10.39 -35.07
C PRO T 186 -43.23 -9.57 -34.98
N ALA T 187 -43.32 -8.54 -35.83
CA ALA T 187 -44.45 -7.63 -35.77
C ALA T 187 -44.75 -7.10 -37.16
N LYS T 188 -45.98 -6.62 -37.33
CA LYS T 188 -46.44 -6.06 -38.58
C LYS T 188 -47.21 -4.77 -38.30
N ALA T 189 -47.21 -3.88 -39.28
CA ALA T 189 -48.00 -2.65 -39.24
C ALA T 189 -49.31 -2.94 -39.97
N VAL T 190 -50.36 -3.18 -39.19
CA VAL T 190 -51.65 -3.59 -39.76
C VAL T 190 -52.65 -2.47 -39.55
N SER T 191 -53.79 -2.59 -40.22
CA SER T 191 -54.93 -1.71 -40.05
C SER T 191 -56.15 -2.54 -39.67
N ARG T 192 -57.29 -1.88 -39.50
CA ARG T 192 -58.53 -2.61 -39.25
C ARG T 192 -58.85 -3.52 -40.42
N GLU T 193 -58.78 -3.00 -41.63
CA GLU T 193 -59.08 -3.80 -42.82
C GLU T 193 -58.09 -4.94 -42.97
N THR T 194 -56.80 -4.66 -42.75
CA THR T 194 -55.78 -5.70 -42.88
C THR T 194 -55.98 -6.81 -41.85
N LEU T 195 -56.25 -6.44 -40.60
CA LEU T 195 -56.47 -7.44 -39.56
C LEU T 195 -57.71 -8.28 -39.84
N GLU T 196 -58.80 -7.63 -40.27
CA GLU T 196 -60.01 -8.37 -40.61
C GLU T 196 -59.74 -9.31 -41.78
N LYS T 197 -59.01 -8.84 -42.79
CA LYS T 197 -58.72 -9.68 -43.95
C LYS T 197 -57.87 -10.89 -43.57
N MET T 198 -56.85 -10.68 -42.74
CA MET T 198 -55.99 -11.81 -42.37
C MET T 198 -56.75 -12.80 -41.48
N ARG T 199 -57.60 -12.31 -40.58
CA ARG T 199 -58.41 -13.21 -39.76
C ARG T 199 -59.38 -14.01 -40.63
N LYS T 200 -60.01 -13.36 -41.60
CA LYS T 200 -60.93 -14.08 -42.48
C LYS T 200 -60.20 -15.08 -43.35
N ASP T 201 -58.98 -14.74 -43.80
CA ASP T 201 -58.18 -15.68 -44.56
C ASP T 201 -57.81 -16.89 -43.72
N GLN T 202 -57.44 -16.68 -42.46
CA GLN T 202 -57.14 -17.81 -41.59
C GLN T 202 -58.36 -18.68 -41.37
N GLU T 203 -59.52 -18.06 -41.15
CA GLU T 203 -60.75 -18.83 -40.97
C GLU T 203 -61.10 -19.62 -42.23
N GLU T 204 -60.94 -19.01 -43.40
CA GLU T 204 -61.23 -19.70 -44.65
C GLU T 204 -60.28 -20.87 -44.87
N ARG T 205 -58.99 -20.68 -44.56
CA ARG T 205 -58.03 -21.77 -44.71
C ARG T 205 -58.38 -22.92 -43.78
N GLU T 206 -58.75 -22.60 -42.53
CA GLU T 206 -59.19 -23.65 -41.62
C GLU T 206 -60.44 -24.36 -42.14
N ARG T 207 -61.38 -23.60 -42.71
CA ARG T 207 -62.61 -24.17 -43.23
C ARG T 207 -62.37 -25.11 -44.40
N ASN T 208 -61.51 -24.72 -45.34
CA ASN T 208 -61.32 -25.48 -46.56
C ASN T 208 -60.05 -26.34 -46.55
N ASN T 209 -59.44 -26.53 -45.38
CA ASN T 209 -58.31 -27.46 -45.28
C ASN T 209 -58.75 -28.85 -45.74
N GLN T 210 -57.92 -29.45 -46.61
CA GLN T 210 -58.31 -30.67 -47.30
C GLN T 210 -58.09 -31.93 -46.47
N ASN T 211 -56.93 -32.08 -45.84
CA ASN T 211 -56.63 -33.31 -45.13
C ASN T 211 -57.57 -33.47 -43.94
N PRO T 212 -58.18 -34.64 -43.78
CA PRO T 212 -59.11 -34.82 -42.65
C PRO T 212 -58.44 -34.75 -41.28
N TRP T 213 -57.12 -34.91 -41.22
CA TRP T 213 -56.40 -34.97 -39.94
C TRP T 213 -55.92 -33.58 -39.57
N THR T 214 -56.32 -33.11 -38.40
CA THR T 214 -55.90 -31.80 -37.89
C THR T 214 -55.36 -31.95 -36.48
N PHE T 215 -54.48 -31.03 -36.12
CA PHE T 215 -53.85 -31.07 -34.80
C PHE T 215 -54.89 -31.00 -33.68
N GLU T 216 -55.86 -30.09 -33.82
CA GLU T 216 -56.88 -29.94 -32.78
C GLU T 216 -57.70 -31.22 -32.62
N ARG T 217 -58.15 -31.79 -33.75
CA ARG T 217 -58.96 -33.01 -33.68
C ARG T 217 -58.17 -34.15 -33.07
N ILE T 218 -56.91 -34.33 -33.49
CA ILE T 218 -56.11 -35.43 -32.97
C ILE T 218 -55.85 -35.25 -31.47
N ALA T 219 -55.53 -34.02 -31.05
CA ALA T 219 -55.28 -33.77 -29.64
C ALA T 219 -56.54 -34.01 -28.80
N THR T 220 -57.70 -33.57 -29.30
CA THR T 220 -58.94 -33.78 -28.55
C THR T 220 -59.29 -35.26 -28.47
N ALA T 221 -59.09 -36.01 -29.55
CA ALA T 221 -59.45 -37.41 -29.59
C ALA T 221 -58.39 -38.32 -28.97
N ASN T 222 -57.23 -37.78 -28.61
CA ASN T 222 -56.14 -38.57 -28.04
C ASN T 222 -55.75 -39.71 -28.97
N MET T 223 -55.72 -39.40 -30.27
CA MET T 223 -55.35 -40.41 -31.25
C MET T 223 -53.88 -40.77 -31.12
N LEU T 224 -53.58 -42.06 -31.25
CA LEU T 224 -52.23 -42.62 -31.17
C LEU T 224 -51.58 -42.39 -29.81
N GLY T 225 -52.34 -42.01 -28.79
CA GLY T 225 -51.76 -41.66 -27.51
C GLY T 225 -50.83 -40.47 -27.59
N ILE T 226 -51.16 -39.49 -28.45
CA ILE T 226 -50.29 -38.36 -28.68
C ILE T 226 -50.19 -37.42 -27.49
N ARG T 227 -51.11 -37.55 -26.53
CA ARG T 227 -51.06 -36.73 -25.32
C ARG T 227 -49.80 -36.99 -24.51
N LYS T 228 -49.18 -38.15 -24.68
CA LYS T 228 -47.93 -38.44 -23.98
C LYS T 228 -46.83 -37.47 -24.39
N VAL T 229 -46.73 -37.18 -25.69
CA VAL T 229 -45.70 -36.27 -26.19
C VAL T 229 -46.20 -34.84 -26.30
N LEU T 230 -47.50 -34.61 -26.25
CA LEU T 230 -48.04 -33.26 -26.32
C LEU T 230 -48.04 -32.62 -24.93
N SER T 231 -48.67 -31.46 -24.81
CA SER T 231 -48.74 -30.67 -23.59
C SER T 231 -50.19 -30.31 -23.32
N PRO T 232 -50.55 -30.12 -22.04
CA PRO T 232 -51.94 -29.73 -21.74
C PRO T 232 -52.37 -28.43 -22.39
N TYR T 233 -51.46 -27.49 -22.60
CA TYR T 233 -51.79 -26.24 -23.28
C TYR T 233 -51.91 -26.41 -24.79
N ASP T 234 -51.43 -27.53 -25.35
CA ASP T 234 -51.61 -27.78 -26.77
C ASP T 234 -53.06 -27.97 -27.15
N LEU T 235 -53.90 -28.44 -26.23
CA LEU T 235 -55.32 -28.60 -26.52
C LEU T 235 -55.97 -27.27 -26.88
N THR T 236 -55.48 -26.18 -26.31
CA THR T 236 -55.97 -24.85 -26.63
C THR T 236 -55.15 -24.20 -27.75
N HIS T 237 -53.84 -24.47 -27.80
CA HIS T 237 -53.00 -23.85 -28.81
C HIS T 237 -53.29 -24.39 -30.21
N LYS T 238 -53.77 -25.63 -30.31
CA LYS T 238 -54.13 -26.25 -31.58
C LYS T 238 -52.93 -26.33 -32.53
N GLY T 239 -51.73 -26.40 -31.97
CA GLY T 239 -50.51 -26.50 -32.77
C GLY T 239 -50.03 -25.20 -33.36
N ARG T 240 -50.79 -24.11 -33.21
CA ARG T 240 -50.38 -22.83 -33.77
C ARG T 240 -49.34 -22.11 -32.92
N TYR T 241 -49.17 -22.52 -31.67
CA TYR T 241 -48.25 -21.86 -30.75
C TYR T 241 -47.28 -22.88 -30.20
N TRP T 242 -45.98 -22.59 -30.31
CA TRP T 242 -44.91 -23.41 -29.74
C TRP T 242 -43.99 -22.48 -28.98
N GLY T 243 -44.00 -22.59 -27.65
CA GLY T 243 -43.24 -21.68 -26.82
C GLY T 243 -43.70 -20.25 -27.00
N LYS T 244 -42.76 -19.34 -27.30
CA LYS T 244 -43.09 -17.97 -27.62
C LYS T 244 -43.28 -17.75 -29.12
N PHE T 245 -43.14 -18.78 -29.93
CA PHE T 245 -43.23 -18.66 -31.38
C PHE T 245 -44.61 -19.08 -31.85
N TYR T 246 -45.22 -18.24 -32.68
CA TYR T 246 -46.54 -18.50 -33.25
C TYR T 246 -46.41 -18.58 -34.76
N THR T 247 -46.98 -19.64 -35.34
CA THR T 247 -46.94 -19.86 -36.78
C THR T 247 -48.32 -19.61 -37.38
N PRO T 248 -48.51 -18.51 -38.11
CA PRO T 248 -49.84 -18.21 -38.65
C PRO T 248 -50.34 -19.21 -39.69
N GLU T 249 -49.46 -19.95 -40.35
CA GLU T 249 -49.86 -20.88 -41.40
C GLU T 249 -50.03 -22.31 -40.89
N ARG T 250 -50.16 -22.50 -39.58
CA ARG T 250 -50.38 -23.80 -38.99
C ARG T 250 -51.86 -24.15 -38.85
N VAL T 251 -52.75 -23.28 -39.31
CA VAL T 251 -54.18 -23.50 -39.23
C VAL T 251 -54.64 -23.76 -37.80
N ILE U 9 31.53 -39.77 -42.05
CA ILE U 9 32.19 -39.55 -43.33
C ILE U 9 33.67 -39.87 -43.20
N SER U 10 34.11 -40.92 -43.89
CA SER U 10 35.50 -41.37 -43.87
C SER U 10 36.09 -41.37 -45.28
N HIS U 11 35.70 -40.37 -46.09
CA HIS U 11 36.19 -40.29 -47.45
C HIS U 11 37.66 -39.88 -47.48
N GLY U 12 38.44 -40.53 -48.33
CA GLY U 12 39.83 -40.18 -48.49
C GLY U 12 40.70 -40.44 -47.27
N ARG U 13 40.49 -41.56 -46.59
CA ARG U 13 41.26 -41.92 -45.41
C ARG U 13 42.07 -43.17 -45.68
N VAL U 14 43.35 -43.14 -45.31
CA VAL U 14 44.25 -44.26 -45.54
C VAL U 14 44.72 -44.91 -44.25
N PHE U 15 44.59 -44.25 -43.11
CA PHE U 15 45.02 -44.78 -41.83
C PHE U 15 43.82 -45.19 -41.01
N ARG U 16 43.81 -46.44 -40.54
CA ARG U 16 42.71 -46.96 -39.74
C ARG U 16 43.01 -46.79 -38.24
N ARG U 17 41.94 -46.72 -37.45
CA ARG U 17 42.07 -46.47 -36.03
C ARG U 17 42.43 -47.76 -35.30
N LEU U 18 43.54 -47.73 -34.55
CA LEU U 18 43.99 -48.87 -33.78
C LEU U 18 44.46 -48.39 -32.41
N GLY U 19 44.35 -49.28 -31.42
CA GLY U 19 44.84 -48.96 -30.10
C GLY U 19 43.99 -47.90 -29.40
N LEU U 20 44.65 -47.11 -28.55
CA LEU U 20 44.00 -46.09 -27.76
C LEU U 20 44.13 -44.69 -28.37
N GLY U 21 44.60 -44.60 -29.61
CA GLY U 21 44.77 -43.32 -30.26
C GLY U 21 45.86 -43.37 -31.30
N PRO U 22 46.25 -42.19 -31.82
CA PRO U 22 47.30 -42.16 -32.84
C PRO U 22 48.65 -42.62 -32.32
N GLU U 23 49.05 -42.13 -31.15
CA GLU U 23 50.33 -42.54 -30.57
C GLU U 23 50.32 -44.02 -30.20
N SER U 24 49.20 -44.51 -29.67
CA SER U 24 49.09 -45.93 -29.36
C SER U 24 49.19 -46.78 -30.62
N ARG U 25 48.53 -46.34 -31.71
CA ARG U 25 48.64 -47.05 -32.98
C ARG U 25 50.08 -47.05 -33.48
N ILE U 26 50.76 -45.91 -33.37
CA ILE U 26 52.15 -45.83 -33.81
C ILE U 26 53.02 -46.79 -33.00
N HIS U 27 52.82 -46.85 -31.69
CA HIS U 27 53.60 -47.75 -30.85
C HIS U 27 53.32 -49.21 -31.18
N LEU U 28 52.04 -49.55 -31.42
CA LEU U 28 51.70 -50.93 -31.78
C LEU U 28 52.34 -51.31 -33.11
N LEU U 29 52.27 -50.42 -34.10
CA LEU U 29 52.90 -50.68 -35.38
C LEU U 29 54.40 -50.81 -35.24
N GLN U 30 55.01 -49.99 -34.39
CA GLN U 30 56.45 -50.07 -34.16
C GLN U 30 56.83 -51.41 -33.53
N ASN U 31 56.07 -51.87 -32.55
CA ASN U 31 56.34 -53.17 -31.94
C ASN U 31 56.18 -54.30 -32.95
N LEU U 32 55.13 -54.24 -33.76
CA LEU U 32 54.92 -55.27 -34.78
C LEU U 32 56.05 -55.26 -35.80
N LEU U 33 56.51 -54.07 -36.21
CA LEU U 33 57.62 -53.98 -37.15
C LEU U 33 58.91 -54.53 -36.54
N THR U 34 59.14 -54.24 -35.26
CA THR U 34 60.32 -54.78 -34.59
C THR U 34 60.29 -56.30 -34.55
N GLY U 35 59.12 -56.86 -34.22
CA GLY U 35 58.99 -58.31 -34.24
C GLY U 35 59.18 -58.90 -35.62
N LEU U 36 58.63 -58.24 -36.65
CA LEU U 36 58.80 -58.71 -38.01
C LEU U 36 60.26 -58.70 -38.43
N VAL U 37 60.98 -57.63 -38.09
CA VAL U 37 62.40 -57.57 -38.41
C VAL U 37 63.17 -58.66 -37.67
N ARG U 38 62.85 -58.89 -36.40
CA ARG U 38 63.60 -59.86 -35.61
C ARG U 38 63.36 -61.28 -36.09
N HIS U 39 62.13 -61.65 -36.42
CA HIS U 39 61.82 -63.05 -36.71
C HIS U 39 61.65 -63.36 -38.19
N GLU U 40 61.70 -62.35 -39.07
CA GLU U 40 61.59 -62.47 -40.52
C GLU U 40 60.22 -62.94 -40.99
N ARG U 41 59.32 -63.31 -40.07
CA ARG U 41 57.96 -63.69 -40.43
C ARG U 41 57.13 -63.71 -39.15
N ILE U 42 56.01 -62.98 -39.15
CA ILE U 42 55.13 -62.93 -38.00
C ILE U 42 53.69 -63.08 -38.46
N GLU U 43 52.81 -63.34 -37.49
CA GLU U 43 51.38 -63.47 -37.73
C GLU U 43 50.63 -62.61 -36.72
N ALA U 44 49.63 -61.89 -37.19
CA ALA U 44 48.84 -61.00 -36.32
C ALA U 44 47.45 -60.87 -36.91
N SER U 45 46.71 -59.86 -36.47
CA SER U 45 45.39 -59.59 -37.02
C SER U 45 45.53 -59.13 -38.47
N TRP U 46 44.50 -59.43 -39.26
CA TRP U 46 44.54 -59.10 -40.69
C TRP U 46 44.66 -57.61 -40.91
N ALA U 47 43.88 -56.81 -40.18
CA ALA U 47 43.97 -55.36 -40.31
C ALA U 47 45.33 -54.84 -39.87
N ARG U 48 45.85 -55.37 -38.76
CA ARG U 48 47.16 -54.93 -38.28
C ARG U 48 48.26 -55.27 -39.28
N VAL U 49 48.21 -56.47 -39.86
CA VAL U 49 49.22 -56.85 -40.85
C VAL U 49 49.09 -55.98 -42.10
N ASP U 50 47.87 -55.72 -42.55
CA ASP U 50 47.67 -54.87 -43.71
C ASP U 50 48.21 -53.46 -43.46
N GLU U 51 47.99 -52.92 -42.27
CA GLU U 51 48.53 -51.61 -41.95
C GLU U 51 50.06 -51.63 -41.88
N LEU U 52 50.62 -52.70 -41.30
CA LEU U 52 52.06 -52.80 -41.14
C LEU U 52 52.78 -53.06 -42.45
N ARG U 53 52.08 -53.52 -43.47
CA ARG U 53 52.73 -53.80 -44.75
C ARG U 53 53.38 -52.54 -45.33
N GLY U 54 52.68 -51.40 -45.29
CA GLY U 54 53.25 -50.18 -45.83
C GLY U 54 54.50 -49.74 -45.09
N TYR U 55 54.46 -49.81 -43.76
CA TYR U 55 55.64 -49.42 -42.97
C TYR U 55 56.80 -50.38 -43.21
N ALA U 56 56.51 -51.68 -43.36
CA ALA U 56 57.55 -52.64 -43.69
C ALA U 56 58.18 -52.35 -45.04
N GLU U 57 57.37 -51.99 -46.03
CA GLU U 57 57.90 -51.62 -47.33
C GLU U 57 58.76 -50.35 -47.24
N LYS U 58 58.31 -49.37 -46.47
CA LYS U 58 59.06 -48.12 -46.32
C LYS U 58 60.38 -48.33 -45.58
N LEU U 59 60.41 -49.24 -44.61
CA LEU U 59 61.62 -49.46 -43.83
C LEU U 59 62.75 -50.01 -44.69
N ILE U 60 62.42 -50.92 -45.62
CA ILE U 60 63.44 -51.46 -46.52
C ILE U 60 64.00 -50.37 -47.40
N ASP U 61 63.13 -49.49 -47.92
CA ASP U 61 63.59 -48.37 -48.74
C ASP U 61 64.49 -47.44 -47.94
N TYR U 62 64.14 -47.16 -46.68
CA TYR U 62 65.00 -46.33 -45.85
C TYR U 62 66.34 -46.99 -45.59
N GLY U 63 66.34 -48.30 -45.34
CA GLY U 63 67.59 -49.01 -45.13
C GLY U 63 68.48 -49.03 -46.36
N LYS U 64 67.87 -49.10 -47.54
CA LYS U 64 68.63 -49.09 -48.79
C LYS U 64 69.32 -47.75 -49.06
N LEU U 65 68.96 -46.70 -48.33
CA LEU U 65 69.59 -45.40 -48.50
C LEU U 65 71.03 -45.36 -47.98
N GLY U 66 71.45 -46.37 -47.23
CA GLY U 66 72.81 -46.43 -46.73
C GLY U 66 72.87 -46.32 -45.21
N ASP U 67 73.96 -46.84 -44.67
CA ASP U 67 74.16 -46.82 -43.22
C ASP U 67 74.49 -45.43 -42.71
N THR U 68 75.20 -44.63 -43.51
CA THR U 68 75.65 -43.31 -43.09
C THR U 68 74.56 -42.25 -43.18
N ASN U 69 73.39 -42.58 -43.73
CA ASN U 69 72.31 -41.62 -43.81
C ASN U 69 71.73 -41.38 -42.42
N GLU U 70 71.86 -40.15 -41.92
CA GLU U 70 71.43 -39.84 -40.57
C GLU U 70 69.92 -39.95 -40.42
N ARG U 71 69.16 -39.54 -41.43
CA ARG U 71 67.71 -39.67 -41.37
C ARG U 71 67.30 -41.13 -41.24
N ALA U 72 67.88 -42.01 -42.07
CA ALA U 72 67.57 -43.43 -41.98
C ALA U 72 68.01 -44.01 -40.65
N MET U 73 69.18 -43.58 -40.16
CA MET U 73 69.68 -44.09 -38.89
C MET U 73 68.73 -43.73 -37.74
N ARG U 74 68.29 -42.47 -37.69
CA ARG U 74 67.39 -42.08 -36.61
C ARG U 74 66.00 -42.68 -36.79
N MET U 75 65.57 -42.89 -38.04
CA MET U 75 64.30 -43.58 -38.26
C MET U 75 64.35 -45.00 -37.73
N ALA U 76 65.45 -45.71 -38.01
CA ALA U 76 65.62 -47.06 -37.49
C ALA U 76 65.72 -47.04 -35.97
N ASP U 77 66.40 -46.05 -35.41
CA ASP U 77 66.51 -45.93 -33.96
C ASP U 77 65.13 -45.77 -33.33
N PHE U 78 64.28 -44.94 -33.93
CA PHE U 78 62.93 -44.75 -33.41
C PHE U 78 62.11 -46.02 -33.54
N TRP U 79 62.11 -46.64 -34.72
CA TRP U 79 61.19 -47.76 -34.98
C TRP U 79 61.67 -49.05 -34.33
N LEU U 80 62.86 -49.51 -34.69
CA LEU U 80 63.39 -50.75 -34.13
C LEU U 80 63.74 -50.52 -32.68
N THR U 81 62.85 -50.96 -31.77
CA THR U 81 63.09 -50.79 -30.35
C THR U 81 64.31 -51.57 -29.90
N GLU U 82 64.48 -52.79 -30.38
CA GLU U 82 65.67 -53.58 -30.09
C GLU U 82 66.82 -53.08 -30.96
N LYS U 83 67.81 -52.46 -30.32
CA LYS U 83 68.90 -51.82 -31.07
C LYS U 83 69.83 -52.84 -31.73
N ASP U 84 69.74 -54.12 -31.38
CA ASP U 84 70.51 -55.14 -32.05
C ASP U 84 70.01 -55.44 -33.45
N LEU U 85 68.80 -55.01 -33.79
CA LEU U 85 68.24 -55.26 -35.11
C LEU U 85 68.64 -54.21 -36.13
N ILE U 86 69.04 -53.02 -35.69
CA ILE U 86 69.42 -51.95 -36.61
C ILE U 86 70.62 -52.37 -37.45
N PRO U 87 71.71 -52.89 -36.85
CA PRO U 87 72.78 -53.45 -37.71
C PRO U 87 72.28 -54.58 -38.59
N LYS U 88 71.39 -55.42 -38.08
CA LYS U 88 70.80 -56.47 -38.90
C LYS U 88 70.01 -55.88 -40.05
N LEU U 89 69.22 -54.83 -39.77
CA LEU U 89 68.43 -54.20 -40.82
C LEU U 89 69.32 -53.61 -41.89
N PHE U 90 70.41 -52.97 -41.50
CA PHE U 90 71.28 -52.30 -42.47
C PHE U 90 72.28 -53.23 -43.14
N GLN U 91 72.47 -54.45 -42.64
CA GLN U 91 73.49 -55.33 -43.21
C GLN U 91 72.96 -56.69 -43.68
N VAL U 92 71.65 -56.95 -43.55
CA VAL U 92 71.11 -58.23 -44.02
C VAL U 92 69.95 -57.97 -44.97
N LEU U 93 68.93 -57.26 -44.49
CA LEU U 93 67.72 -57.06 -45.28
C LEU U 93 67.99 -56.13 -46.47
N ALA U 94 68.64 -55.00 -46.22
CA ALA U 94 68.95 -54.05 -47.28
C ALA U 94 69.88 -54.65 -48.33
N PRO U 95 70.99 -55.30 -47.96
CA PRO U 95 71.85 -55.88 -49.01
C PRO U 95 71.15 -56.95 -49.83
N ARG U 96 70.28 -57.75 -49.23
CA ARG U 96 69.59 -58.79 -49.99
C ARG U 96 68.42 -58.26 -50.79
N PHE U 97 67.98 -57.04 -50.53
CA PHE U 97 66.94 -56.38 -51.30
C PHE U 97 67.60 -55.22 -52.06
N GLN U 98 68.12 -55.52 -53.24
CA GLN U 98 68.78 -54.52 -54.06
C GLN U 98 68.10 -54.36 -55.42
N GLY U 99 67.98 -55.43 -56.19
CA GLY U 99 67.27 -55.36 -57.45
C GLY U 99 65.75 -55.33 -57.32
N GLN U 100 65.23 -55.79 -56.19
CA GLN U 100 63.80 -55.74 -55.96
C GLN U 100 63.36 -54.31 -55.70
N ASN U 101 62.26 -53.91 -56.33
CA ASN U 101 61.79 -52.54 -56.21
C ASN U 101 60.74 -52.38 -55.12
N GLY U 102 59.69 -53.19 -55.15
CA GLY U 102 58.64 -53.10 -54.15
C GLY U 102 58.12 -54.43 -53.66
N GLY U 103 58.74 -55.51 -54.11
CA GLY U 103 58.36 -56.84 -53.66
C GLY U 103 59.16 -57.30 -52.46
N TYR U 104 58.97 -56.61 -51.33
CA TYR U 104 59.75 -56.90 -50.13
C TYR U 104 59.01 -57.79 -49.13
N THR U 105 57.69 -57.71 -49.09
CA THR U 105 56.89 -58.44 -48.11
C THR U 105 55.81 -59.25 -48.79
N ARG U 106 55.41 -60.34 -48.13
CA ARG U 106 54.30 -61.18 -48.59
C ARG U 106 53.31 -61.34 -47.45
N MET U 107 52.03 -61.11 -47.75
CA MET U 107 50.96 -61.16 -46.76
C MET U 107 49.92 -62.18 -47.20
N LEU U 108 49.55 -63.08 -46.30
CA LEU U 108 48.57 -64.12 -46.61
C LEU U 108 47.60 -64.28 -45.45
N GLN U 109 46.31 -64.41 -45.77
CA GLN U 109 45.30 -64.60 -44.74
C GLN U 109 45.30 -66.05 -44.27
N ILE U 110 45.38 -66.23 -42.95
CA ILE U 110 45.37 -67.56 -42.35
C ILE U 110 44.00 -67.81 -41.75
N PRO U 111 43.62 -69.05 -41.46
CA PRO U 111 42.31 -69.30 -40.83
C PRO U 111 42.21 -68.61 -39.48
N ASN U 112 40.97 -68.46 -39.02
CA ASN U 112 40.70 -67.71 -37.81
C ASN U 112 41.34 -68.38 -36.60
N ARG U 113 41.69 -67.57 -35.61
CA ARG U 113 42.35 -68.06 -34.41
C ARG U 113 41.42 -68.99 -33.64
N ASN U 114 42.01 -70.02 -33.04
CA ASN U 114 41.24 -71.01 -32.29
C ASN U 114 40.64 -70.44 -31.00
N GLU U 115 41.04 -69.26 -30.59
CA GLU U 115 40.45 -68.64 -29.41
C GLU U 115 39.01 -68.24 -29.70
N GLN U 116 38.26 -67.96 -28.63
CA GLN U 116 36.84 -67.67 -28.77
C GLN U 116 36.57 -66.39 -29.52
N ASP U 117 37.58 -65.52 -29.68
CA ASP U 117 37.37 -64.26 -30.38
C ASP U 117 37.13 -64.48 -31.88
N ARG U 118 37.72 -65.52 -32.45
CA ARG U 118 37.57 -65.84 -33.87
C ARG U 118 37.94 -64.66 -34.75
N ALA U 119 39.09 -64.06 -34.45
CA ALA U 119 39.56 -62.91 -35.19
C ALA U 119 40.10 -63.32 -36.56
N LYS U 120 40.04 -62.39 -37.50
CA LYS U 120 40.56 -62.60 -38.85
C LYS U 120 42.06 -62.27 -38.83
N MET U 121 42.89 -63.27 -39.11
CA MET U 121 44.33 -63.17 -38.94
C MET U 121 45.06 -63.30 -40.26
N ALA U 122 46.19 -62.59 -40.36
CA ALA U 122 47.08 -62.65 -41.51
C ALA U 122 48.49 -62.92 -41.03
N VAL U 123 49.35 -63.30 -41.97
CA VAL U 123 50.76 -63.55 -41.72
C VAL U 123 51.57 -62.77 -42.73
N ILE U 124 52.58 -62.04 -42.26
CA ILE U 124 53.49 -61.29 -43.12
C ILE U 124 54.87 -61.89 -43.00
N GLU U 125 55.59 -61.90 -44.13
CA GLU U 125 56.88 -62.57 -44.22
C GLU U 125 57.78 -61.79 -45.17
N TYR U 126 59.03 -61.56 -44.73
CA TYR U 126 60.03 -60.96 -45.60
C TYR U 126 60.52 -62.00 -46.60
N LYS U 127 60.55 -61.63 -47.87
CA LYS U 127 60.95 -62.56 -48.92
C LYS U 127 62.43 -62.94 -48.78
N GLY U 128 62.74 -64.16 -49.18
CA GLY U 128 64.11 -64.65 -49.07
C GLY U 128 64.54 -65.00 -47.67
N ASN U 129 63.60 -65.26 -46.77
CA ASN U 129 63.92 -65.60 -45.40
C ASN U 129 64.37 -67.05 -45.28
N CYS U 130 65.03 -67.36 -44.17
CA CYS U 130 65.53 -68.71 -43.90
C CYS U 130 64.50 -69.52 -43.11
N LEU U 131 63.29 -69.56 -43.63
CA LEU U 131 62.17 -70.26 -43.01
C LEU U 131 61.48 -71.12 -44.05
N PRO U 132 60.80 -72.18 -43.62
CA PRO U 132 60.09 -73.04 -44.56
C PRO U 132 59.06 -72.24 -45.35
N PRO U 133 58.92 -72.51 -46.65
CA PRO U 133 57.96 -71.75 -47.45
C PRO U 133 56.54 -71.99 -46.99
N LEU U 134 55.73 -70.93 -47.05
CA LEU U 134 54.33 -71.04 -46.70
C LEU U 134 53.57 -71.77 -47.81
N PRO U 135 52.43 -72.39 -47.49
CA PRO U 135 51.63 -73.03 -48.54
C PRO U 135 50.99 -72.01 -49.47
N LEU U 136 51.80 -71.45 -50.36
CA LEU U 136 51.31 -70.43 -51.26
C LEU U 136 50.28 -71.03 -52.22
N PRO U 137 49.23 -70.29 -52.57
CA PRO U 137 48.27 -70.79 -53.57
C PRO U 137 48.86 -70.80 -54.96
N ARG U 138 49.17 -71.99 -55.47
CA ARG U 138 49.80 -72.12 -56.78
C ARG U 138 48.74 -72.20 -57.87
N ARG U 139 49.04 -71.59 -59.02
CA ARG U 139 48.15 -71.64 -60.15
C ARG U 139 48.09 -73.06 -60.73
N ASP U 140 47.03 -73.33 -61.49
CA ASP U 140 46.91 -74.62 -62.15
C ASP U 140 47.99 -74.77 -63.22
N SER U 141 48.41 -76.01 -63.42
CA SER U 141 49.43 -76.29 -64.42
C SER U 141 48.88 -76.09 -65.83
N ASN U 142 49.80 -75.90 -66.78
CA ASN U 142 49.41 -75.71 -68.17
C ASN U 142 48.86 -76.97 -68.80
N LEU U 143 48.97 -78.12 -68.14
CA LEU U 143 48.47 -79.38 -68.67
C LEU U 143 46.96 -79.55 -68.47
N THR U 144 46.30 -78.64 -67.77
CA THR U 144 44.86 -78.71 -67.58
C THR U 144 44.15 -78.50 -68.91
N LEU U 145 42.84 -78.80 -68.92
CA LEU U 145 42.06 -78.68 -70.16
C LEU U 145 41.98 -77.23 -70.63
N LEU U 146 41.55 -76.34 -69.73
CA LEU U 146 41.43 -74.93 -70.11
C LEU U 146 42.78 -74.31 -70.43
N ASN U 147 43.80 -74.65 -69.63
CA ASN U 147 45.14 -74.14 -69.90
C ASN U 147 45.68 -74.64 -71.24
N GLN U 148 45.39 -75.89 -71.59
CA GLN U 148 45.83 -76.41 -72.88
C GLN U 148 45.09 -75.75 -74.03
N LEU U 149 43.80 -75.47 -73.86
CA LEU U 149 43.06 -74.74 -74.88
C LEU U 149 43.63 -73.34 -75.06
N LEU U 150 43.96 -72.66 -73.96
CA LEU U 150 44.59 -71.35 -74.06
C LEU U 150 45.97 -71.43 -74.70
N GLN U 151 46.72 -72.52 -74.44
CA GLN U 151 47.99 -72.72 -75.11
C GLN U 151 47.80 -72.89 -76.61
N GLY U 152 46.75 -73.62 -77.01
CA GLY U 152 46.46 -73.74 -78.43
C GLY U 152 46.10 -72.40 -79.06
N LEU U 153 45.32 -71.59 -78.34
CA LEU U 153 45.01 -70.25 -78.82
C LEU U 153 46.29 -69.42 -78.97
N ARG U 154 47.19 -69.51 -78.00
CA ARG U 154 48.45 -68.78 -78.06
C ARG U 154 49.30 -69.25 -79.25
N GLN U 155 49.35 -70.55 -79.49
CA GLN U 155 50.10 -71.08 -80.62
C GLN U 155 49.50 -70.60 -81.94
N ASP U 156 48.17 -70.59 -82.05
CA ASP U 156 47.54 -70.07 -83.25
C ASP U 156 47.84 -68.60 -83.46
N GLN U 157 47.81 -67.81 -82.38
CA GLN U 157 48.15 -66.40 -82.49
C GLN U 157 49.59 -66.20 -82.93
N GLU U 158 50.51 -67.00 -82.38
CA GLU U 158 51.92 -66.88 -82.78
C GLU U 158 52.11 -67.28 -84.23
N ALA U 159 51.43 -68.35 -84.68
CA ALA U 159 51.54 -68.77 -86.07
C ALA U 159 50.91 -67.78 -87.03
N SER U 160 49.90 -67.04 -86.59
CA SER U 160 49.27 -66.03 -87.45
C SER U 160 50.20 -64.85 -87.75
N SER U 161 51.29 -64.71 -87.01
CA SER U 161 52.24 -63.63 -87.25
C SER U 161 53.59 -64.18 -87.69
N PRO V 38 -101.52 -75.48 22.72
CA PRO V 38 -101.75 -74.61 23.88
C PRO V 38 -102.84 -73.57 23.63
N VAL V 39 -102.75 -72.43 24.32
CA VAL V 39 -103.74 -71.38 24.14
C VAL V 39 -103.50 -70.68 22.81
N GLU V 40 -104.56 -70.56 22.01
CA GLU V 40 -104.44 -69.91 20.71
C GLU V 40 -104.12 -68.43 20.85
N ASN V 41 -104.55 -67.80 21.94
CA ASN V 41 -104.26 -66.40 22.18
C ASN V 41 -102.91 -66.17 22.84
N GLU V 42 -102.17 -67.23 23.16
CA GLU V 42 -100.90 -67.12 23.85
C GLU V 42 -99.73 -66.83 22.92
N ALA V 43 -99.96 -66.80 21.61
CA ALA V 43 -98.90 -66.49 20.67
C ALA V 43 -98.43 -65.05 20.86
N VAL V 44 -97.11 -64.86 20.89
CA VAL V 44 -96.52 -63.57 21.22
C VAL V 44 -95.79 -62.95 20.03
N ALA V 45 -95.04 -63.76 19.26
CA ALA V 45 -94.15 -63.26 18.22
C ALA V 45 -93.21 -62.23 18.82
N PRO V 46 -92.17 -62.67 19.57
CA PRO V 46 -91.37 -61.75 20.40
C PRO V 46 -90.87 -60.50 19.69
N GLU V 47 -90.78 -60.52 18.37
CA GLU V 47 -90.34 -59.35 17.61
C GLU V 47 -91.55 -58.44 17.45
N PHE V 48 -91.87 -57.70 18.50
CA PHE V 48 -93.00 -56.77 18.49
C PHE V 48 -92.57 -55.45 17.86
N THR V 49 -93.39 -54.95 16.94
CA THR V 49 -93.13 -53.69 16.25
C THR V 49 -94.23 -52.69 16.62
N ASN V 50 -93.81 -51.51 17.06
CA ASN V 50 -94.72 -50.43 17.40
C ASN V 50 -94.63 -49.39 16.28
N ARG V 51 -95.66 -49.36 15.43
CA ARG V 51 -95.67 -48.47 14.28
C ARG V 51 -95.93 -47.01 14.65
N ASN V 52 -96.28 -46.72 15.89
CA ASN V 52 -96.58 -45.35 16.29
C ASN V 52 -95.30 -44.53 16.33
N PRO V 53 -95.19 -43.45 15.56
CA PRO V 53 -93.98 -42.63 15.61
C PRO V 53 -93.85 -41.83 16.91
N ARG V 54 -94.95 -41.57 17.60
CA ARG V 54 -94.92 -40.79 18.83
C ARG V 54 -94.44 -41.62 20.03
N ASN V 55 -94.34 -42.94 19.89
CA ASN V 55 -94.00 -43.80 21.01
C ASN V 55 -92.61 -43.48 21.54
N LEU V 56 -91.61 -43.45 20.66
CA LEU V 56 -90.24 -43.17 21.09
C LEU V 56 -90.11 -41.75 21.63
N GLU V 57 -90.78 -40.78 21.00
CA GLU V 57 -90.71 -39.41 21.47
C GLU V 57 -91.29 -39.26 22.86
N LEU V 58 -92.41 -39.94 23.15
CA LEU V 58 -92.99 -39.90 24.48
C LEU V 58 -92.14 -40.67 25.48
N LEU V 59 -91.50 -41.75 25.04
CA LEU V 59 -90.58 -42.50 25.91
C LEU V 59 -89.25 -41.79 26.11
N ALA V 60 -89.01 -40.70 25.38
CA ALA V 60 -87.78 -39.91 25.49
C ALA V 60 -86.54 -40.70 25.09
N VAL V 61 -86.72 -41.76 24.30
CA VAL V 61 -85.62 -42.53 23.75
C VAL V 61 -85.47 -42.31 22.26
N ALA V 62 -86.24 -41.40 21.67
CA ALA V 62 -86.15 -41.13 20.24
C ALA V 62 -84.82 -40.45 19.93
N ARG V 63 -84.45 -40.51 18.65
CA ARG V 63 -83.17 -39.98 18.19
C ARG V 63 -83.28 -38.48 17.99
N LYS V 64 -82.77 -37.71 18.93
CA LYS V 64 -82.71 -36.26 18.76
C LYS V 64 -81.71 -35.89 17.68
N GLU V 65 -81.95 -34.75 17.03
CA GLU V 65 -81.09 -34.29 15.95
C GLU V 65 -79.98 -33.38 16.50
N ARG V 66 -79.02 -34.01 17.15
CA ARG V 66 -77.80 -33.32 17.51
C ARG V 66 -77.05 -32.92 16.24
N GLY V 67 -76.06 -32.05 16.39
CA GLY V 67 -75.43 -31.59 15.18
C GLY V 67 -74.88 -30.19 15.15
N TRP V 68 -75.44 -29.37 14.26
CA TRP V 68 -74.80 -28.22 13.63
C TRP V 68 -73.95 -27.39 14.58
N GLY V 69 -74.58 -26.79 15.60
CA GLY V 69 -73.85 -25.98 16.55
C GLY V 69 -73.40 -24.64 16.00
N THR V 70 -73.11 -24.60 14.69
CA THR V 70 -72.64 -23.40 14.02
C THR V 70 -73.76 -22.49 13.56
N VAL V 71 -74.88 -23.05 13.11
CA VAL V 71 -76.02 -22.27 12.67
C VAL V 71 -77.04 -22.21 13.80
N TRP V 72 -77.98 -21.28 13.68
CA TRP V 72 -78.96 -21.02 14.72
C TRP V 72 -80.35 -21.03 14.10
N PRO V 73 -81.36 -21.56 14.81
CA PRO V 73 -81.24 -22.22 16.13
C PRO V 73 -80.81 -23.68 16.02
N SER V 74 -80.38 -24.26 17.13
CA SER V 74 -80.03 -25.67 17.16
C SER V 74 -81.27 -26.52 16.95
N ARG V 75 -81.13 -27.60 16.18
CA ARG V 75 -82.26 -28.44 15.80
C ARG V 75 -82.33 -29.74 16.61
N GLU V 76 -81.81 -29.75 17.84
CA GLU V 76 -81.83 -30.93 18.69
C GLU V 76 -83.09 -30.87 19.54
N PHE V 77 -84.19 -31.41 19.00
CA PHE V 77 -85.46 -31.39 19.70
C PHE V 77 -86.41 -32.39 19.04
N TRP V 78 -87.55 -32.61 19.69
CA TRP V 78 -88.69 -33.28 19.08
C TRP V 78 -89.80 -32.31 18.72
N HIS V 79 -90.02 -31.28 19.54
CA HIS V 79 -90.99 -30.24 19.27
C HIS V 79 -90.36 -28.89 19.55
N ARG V 80 -90.72 -27.90 18.73
CA ARG V 80 -90.12 -26.58 18.78
C ARG V 80 -91.20 -25.52 18.71
N LEU V 81 -91.14 -24.55 19.62
CA LEU V 81 -92.07 -23.43 19.61
C LEU V 81 -91.52 -22.30 18.76
N ARG V 82 -92.31 -21.83 17.82
CA ARG V 82 -91.91 -20.75 16.91
C ARG V 82 -92.94 -19.63 17.01
N VAL V 83 -92.47 -18.42 17.30
CA VAL V 83 -93.34 -17.25 17.42
C VAL V 83 -93.02 -16.30 16.28
N ILE V 84 -94.02 -16.04 15.43
CA ILE V 84 -93.90 -15.11 14.32
C ILE V 84 -94.75 -13.90 14.67
N ARG V 85 -94.11 -12.73 14.76
CA ARG V 85 -94.76 -11.49 15.17
C ARG V 85 -94.72 -10.52 13.98
N THR V 86 -95.74 -10.59 13.14
CA THR V 86 -95.87 -9.64 12.04
C THR V 86 -96.44 -8.32 12.56
N GLN V 87 -96.52 -7.33 11.68
CA GLN V 87 -97.02 -6.03 12.09
C GLN V 87 -98.53 -6.05 12.37
N HIS V 88 -99.23 -7.09 11.94
CA HIS V 88 -100.67 -7.18 12.12
C HIS V 88 -101.09 -8.37 12.99
N HIS V 89 -100.49 -9.54 12.78
CA HIS V 89 -100.93 -10.76 13.43
C HIS V 89 -99.77 -11.46 14.13
N ILE V 90 -100.12 -12.27 15.12
CA ILE V 90 -99.16 -13.05 15.89
C ILE V 90 -99.51 -14.53 15.75
N GLU V 91 -98.53 -15.34 15.38
CA GLU V 91 -98.73 -16.77 15.15
C GLU V 91 -97.74 -17.55 16.01
N ALA V 92 -98.26 -18.49 16.81
CA ALA V 92 -97.42 -19.36 17.62
C ALA V 92 -97.62 -20.79 17.12
N LEU V 93 -96.58 -21.37 16.54
CA LEU V 93 -96.64 -22.71 15.98
C LEU V 93 -95.78 -23.67 16.79
N VAL V 94 -96.14 -24.95 16.74
CA VAL V 94 -95.33 -26.02 17.31
C VAL V 94 -94.93 -26.91 16.14
N GLU V 95 -93.63 -26.93 15.84
CA GLU V 95 -93.12 -27.66 14.68
C GLU V 95 -92.26 -28.84 15.13
N HIS V 96 -92.44 -29.96 14.46
CA HIS V 96 -91.59 -31.12 14.65
C HIS V 96 -90.29 -30.92 13.86
N ARG V 97 -89.32 -31.82 14.10
CA ARG V 97 -88.04 -31.71 13.43
C ARG V 97 -88.14 -31.88 11.91
N ASN V 98 -89.25 -32.45 11.42
CA ASN V 98 -89.46 -32.57 10.00
C ASN V 98 -89.92 -31.29 9.34
N GLY V 99 -90.34 -30.30 10.14
CA GLY V 99 -90.80 -29.03 9.63
C GLY V 99 -92.31 -28.86 9.61
N GLN V 100 -93.07 -29.94 9.79
CA GLN V 100 -94.52 -29.86 9.78
C GLN V 100 -95.03 -29.18 11.05
N VAL V 101 -96.22 -28.60 10.95
CA VAL V 101 -96.84 -27.90 12.07
C VAL V 101 -97.73 -28.86 12.83
N VAL V 102 -97.53 -28.94 14.14
CA VAL V 102 -98.30 -29.83 14.99
C VAL V 102 -99.56 -29.12 15.45
N VAL V 103 -99.39 -28.04 16.20
CA VAL V 103 -100.51 -27.24 16.70
C VAL V 103 -100.15 -25.77 16.54
N SER V 104 -101.13 -24.96 16.12
CA SER V 104 -100.91 -23.55 15.86
C SER V 104 -101.99 -22.72 16.56
N ALA V 105 -101.59 -21.53 17.00
CA ALA V 105 -102.50 -20.55 17.58
C ALA V 105 -102.17 -19.20 16.94
N SER V 106 -103.06 -18.71 16.09
CA SER V 106 -102.82 -17.50 15.33
C SER V 106 -103.93 -16.49 15.59
N THR V 107 -103.56 -15.22 15.68
CA THR V 107 -104.55 -14.16 15.81
C THR V 107 -105.44 -14.04 14.60
N ARG V 108 -105.06 -14.63 13.46
CA ARG V 108 -105.90 -14.60 12.27
C ARG V 108 -107.14 -15.46 12.44
N GLU V 109 -107.14 -16.40 13.38
CA GLU V 109 -108.31 -17.23 13.63
C GLU V 109 -109.46 -16.39 14.17
N TRP V 110 -110.67 -16.71 13.72
CA TRP V 110 -111.83 -15.89 14.08
C TRP V 110 -112.13 -15.96 15.57
N ALA V 111 -111.88 -17.10 16.21
CA ALA V 111 -112.19 -17.25 17.63
C ALA V 111 -111.46 -16.22 18.48
N ILE V 112 -110.17 -16.01 18.21
CA ILE V 112 -109.41 -14.99 18.92
C ILE V 112 -109.67 -13.59 18.35
N LYS V 113 -109.85 -13.49 17.03
CA LYS V 113 -110.01 -12.17 16.40
C LYS V 113 -111.26 -11.47 16.89
N LYS V 114 -112.38 -12.19 17.01
CA LYS V 114 -113.62 -11.57 17.45
C LYS V 114 -113.63 -11.29 18.96
N HIS V 115 -112.88 -12.05 19.74
CA HIS V 115 -112.89 -11.90 21.19
C HIS V 115 -111.78 -10.99 21.72
N LEU V 116 -110.83 -10.58 20.89
CA LEU V 116 -109.72 -9.76 21.34
C LEU V 116 -109.52 -8.58 20.40
N TYR V 117 -109.12 -7.45 20.98
CA TYR V 117 -108.81 -6.24 20.24
C TYR V 117 -107.31 -5.96 20.30
N SER V 118 -106.79 -5.36 19.22
CA SER V 118 -105.36 -5.06 19.07
C SER V 118 -104.53 -6.34 19.15
N THR V 119 -104.67 -7.14 18.08
CA THR V 119 -104.05 -8.46 17.98
C THR V 119 -102.53 -8.41 17.96
N ARG V 120 -101.96 -7.22 18.01
CA ARG V 120 -100.51 -7.05 18.04
C ARG V 120 -99.95 -6.90 19.45
N ASN V 121 -100.79 -6.58 20.43
CA ASN V 121 -100.31 -6.12 21.73
C ASN V 121 -99.87 -7.31 22.60
N VAL V 122 -99.32 -6.94 23.77
CA VAL V 122 -98.83 -7.93 24.73
C VAL V 122 -99.98 -8.79 25.24
N VAL V 123 -101.15 -8.20 25.44
CA VAL V 123 -102.32 -8.98 25.84
C VAL V 123 -102.67 -9.99 24.77
N ALA V 124 -102.57 -9.61 23.50
CA ALA V 124 -102.82 -10.55 22.42
C ALA V 124 -101.80 -11.69 22.42
N CYS V 125 -100.52 -11.36 22.65
CA CYS V 125 -99.51 -12.41 22.73
C CYS V 125 -99.78 -13.37 23.88
N GLU V 126 -100.18 -12.83 25.04
CA GLU V 126 -100.48 -13.68 26.19
C GLU V 126 -101.68 -14.56 25.92
N SER V 127 -102.72 -14.01 25.27
CA SER V 127 -103.88 -14.82 24.91
C SER V 127 -103.51 -15.93 23.94
N VAL V 128 -102.66 -15.61 22.96
CA VAL V 128 -102.20 -16.64 22.02
C VAL V 128 -101.43 -17.73 22.76
N GLY V 129 -100.60 -17.32 23.72
CA GLY V 129 -99.87 -18.30 24.50
C GLY V 129 -100.79 -19.21 25.30
N ARG V 130 -101.81 -18.64 25.93
CA ARG V 130 -102.76 -19.46 26.68
C ARG V 130 -103.52 -20.42 25.78
N VAL V 131 -103.96 -19.94 24.62
CA VAL V 131 -104.68 -20.79 23.68
C VAL V 131 -103.79 -21.92 23.19
N LEU V 132 -102.53 -21.62 22.88
CA LEU V 132 -101.61 -22.65 22.42
C LEU V 132 -101.32 -23.66 23.53
N ALA V 133 -101.21 -23.20 24.78
CA ALA V 133 -101.02 -24.13 25.88
C ALA V 133 -102.21 -25.07 26.03
N GLU V 134 -103.43 -24.53 25.93
CA GLU V 134 -104.62 -25.37 26.01
C GLU V 134 -104.65 -26.38 24.87
N ARG V 135 -104.33 -25.93 23.65
CA ARG V 135 -104.32 -26.84 22.51
C ARG V 135 -103.25 -27.92 22.65
N CYS V 136 -102.09 -27.57 23.19
CA CYS V 136 -101.05 -28.56 23.43
C CYS V 136 -101.48 -29.58 24.48
N LEU V 137 -102.15 -29.12 25.54
CA LEU V 137 -102.68 -30.05 26.53
C LEU V 137 -103.70 -30.99 25.91
N GLU V 138 -104.56 -30.46 25.04
CA GLU V 138 -105.52 -31.31 24.34
C GLU V 138 -104.80 -32.32 23.44
N ALA V 139 -103.76 -31.88 22.73
CA ALA V 139 -103.01 -32.75 21.83
C ALA V 139 -102.13 -33.74 22.55
N GLY V 140 -101.91 -33.57 23.85
CA GLY V 140 -101.07 -34.48 24.61
C GLY V 140 -99.60 -34.19 24.58
N ILE V 141 -99.18 -33.06 24.01
CA ILE V 141 -97.78 -32.67 23.96
C ILE V 141 -97.50 -31.78 25.16
N ASN V 142 -96.50 -32.15 25.97
CA ASN V 142 -96.20 -31.45 27.20
C ASN V 142 -94.81 -30.82 27.22
N PHE V 143 -93.89 -31.25 26.36
CA PHE V 143 -92.53 -30.75 26.38
C PHE V 143 -92.19 -30.17 25.00
N MET V 144 -91.57 -28.99 25.00
CA MET V 144 -91.14 -28.35 23.77
C MET V 144 -89.98 -27.42 24.11
N VAL V 145 -89.23 -27.02 23.09
CA VAL V 145 -88.09 -26.13 23.24
C VAL V 145 -88.44 -24.79 22.62
N TYR V 146 -87.86 -23.72 23.18
CA TYR V 146 -88.03 -22.37 22.67
C TYR V 146 -86.69 -21.68 22.69
N HIS V 147 -86.26 -21.17 21.53
CA HIS V 147 -84.96 -20.53 21.37
C HIS V 147 -85.17 -19.14 20.79
N PRO V 148 -85.54 -18.16 21.62
CA PRO V 148 -85.72 -16.80 21.12
C PRO V 148 -84.39 -16.08 20.96
N THR V 149 -84.44 -14.98 20.22
CA THR V 149 -83.27 -14.14 20.08
C THR V 149 -82.98 -13.43 21.41
N PRO V 150 -81.74 -12.97 21.61
CA PRO V 150 -81.44 -12.23 22.85
C PRO V 150 -82.28 -10.99 23.04
N TRP V 151 -82.64 -10.28 21.96
CA TRP V 151 -83.49 -9.11 22.08
C TRP V 151 -84.96 -9.47 22.23
N GLU V 152 -85.37 -10.66 21.80
CA GLU V 152 -86.74 -11.12 22.00
C GLU V 152 -86.97 -11.71 23.38
N ALA V 153 -85.94 -12.28 24.00
CA ALA V 153 -86.08 -12.87 25.32
C ALA V 153 -86.39 -11.84 26.38
N ALA V 154 -85.96 -10.60 26.20
CA ALA V 154 -86.23 -9.52 27.14
C ALA V 154 -87.48 -8.73 26.78
N SER V 155 -88.17 -9.10 25.70
CA SER V 155 -89.39 -8.42 25.31
C SER V 155 -90.51 -8.69 26.32
N ASP V 156 -91.40 -7.71 26.46
CA ASP V 156 -92.51 -7.82 27.39
C ASP V 156 -93.55 -8.84 26.94
N SER V 157 -93.92 -8.81 25.66
CA SER V 157 -94.95 -9.73 25.17
C SER V 157 -94.48 -11.17 25.24
N ILE V 158 -93.23 -11.43 24.84
CA ILE V 158 -92.74 -12.80 24.80
C ILE V 158 -92.56 -13.36 26.21
N LYS V 159 -92.10 -12.53 27.15
CA LYS V 159 -91.96 -13.00 28.53
C LYS V 159 -93.31 -13.41 29.11
N ARG V 160 -94.35 -12.59 28.89
CA ARG V 160 -95.67 -12.93 29.39
C ARG V 160 -96.25 -14.13 28.64
N LEU V 161 -95.93 -14.28 27.35
CA LEU V 161 -96.36 -15.46 26.61
C LEU V 161 -95.75 -16.73 27.20
N GLN V 162 -94.46 -16.68 27.52
CA GLN V 162 -93.80 -17.83 28.15
C GLN V 162 -94.40 -18.10 29.52
N HIS V 163 -94.66 -17.04 30.29
CA HIS V 163 -95.25 -17.24 31.62
C HIS V 163 -96.63 -17.88 31.52
N ALA V 164 -97.46 -17.41 30.58
CA ALA V 164 -98.78 -18.00 30.39
C ALA V 164 -98.67 -19.45 29.92
N MET V 165 -97.72 -19.74 29.04
CA MET V 165 -97.51 -21.11 28.59
C MET V 165 -97.12 -22.01 29.75
N THR V 166 -96.25 -21.53 30.63
CA THR V 166 -95.85 -22.31 31.80
C THR V 166 -97.03 -22.52 32.75
N GLU V 167 -97.82 -21.46 32.98
CA GLU V 167 -98.95 -21.58 33.89
C GLU V 167 -100.04 -22.47 33.34
N GLY V 168 -100.14 -22.57 32.01
CA GLY V 168 -101.15 -23.42 31.40
C GLY V 168 -100.85 -24.91 31.46
N GLY V 169 -99.66 -25.29 31.92
CA GLY V 169 -99.27 -26.69 32.02
C GLY V 169 -98.20 -27.11 31.03
N VAL V 170 -97.93 -26.30 30.02
CA VAL V 170 -96.88 -26.62 29.05
C VAL V 170 -95.54 -26.16 29.62
N VAL V 171 -94.61 -27.10 29.75
CA VAL V 171 -93.30 -26.85 30.32
C VAL V 171 -92.26 -26.93 29.22
N LEU V 172 -91.35 -25.95 29.19
CA LEU V 172 -90.27 -25.94 28.22
C LEU V 172 -89.19 -26.93 28.65
N ARG V 173 -88.03 -26.88 27.99
CA ARG V 173 -86.88 -27.71 28.34
C ARG V 173 -87.24 -29.21 28.26
N GLU V 174 -87.40 -29.67 27.02
CA GLU V 174 -87.65 -31.08 26.72
C GLU V 174 -86.70 -31.97 27.51
N PRO V 175 -87.15 -33.11 28.01
CA PRO V 175 -86.31 -33.95 28.85
C PRO V 175 -85.12 -34.51 28.08
N ARG V 176 -84.02 -34.71 28.81
CA ARG V 176 -82.80 -35.21 28.20
C ARG V 176 -83.00 -36.62 27.66
N ARG V 177 -82.46 -36.87 26.47
CA ARG V 177 -82.63 -38.16 25.82
C ARG V 177 -81.91 -39.24 26.62
N ILE V 178 -82.59 -40.37 26.81
CA ILE V 178 -81.98 -41.52 27.48
C ILE V 178 -81.01 -42.17 26.52
N TYR V 179 -79.76 -42.34 26.97
CA TYR V 179 -78.67 -42.83 26.12
C TYR V 179 -78.54 -41.98 24.87
N GLU V 180 -78.23 -40.71 25.09
CA GLU V 180 -78.14 -39.70 24.03
C GLU V 180 -77.06 -40.02 23.00
N ALA W 53 80.47 16.11 -71.85
CA ALA W 53 79.77 14.83 -71.90
C ALA W 53 80.76 13.69 -71.78
N PHE W 54 81.65 13.79 -70.80
CA PHE W 54 82.76 12.85 -70.68
C PHE W 54 82.25 11.45 -70.42
N GLN W 55 82.98 10.46 -70.94
CA GLN W 55 82.66 9.06 -70.71
C GLN W 55 83.26 8.62 -69.40
N PRO W 56 82.42 8.07 -68.52
CA PRO W 56 82.90 7.63 -67.21
C PRO W 56 83.32 6.16 -67.15
N PRO W 57 84.62 5.80 -66.92
CA PRO W 57 85.06 4.28 -67.02
C PRO W 57 84.96 3.36 -65.80
N PRO W 58 83.82 2.69 -65.44
CA PRO W 58 83.83 1.89 -64.23
C PRO W 58 84.32 0.47 -64.49
N LYS W 59 83.75 -0.42 -63.69
CA LYS W 59 84.34 -1.65 -63.24
C LYS W 59 85.26 -2.28 -64.25
N PRO W 60 86.55 -2.35 -63.97
CA PRO W 60 87.37 -3.43 -64.48
C PRO W 60 86.94 -4.71 -63.80
N VAL W 61 87.24 -5.82 -64.48
CA VAL W 61 86.62 -7.10 -64.23
C VAL W 61 87.71 -8.01 -63.67
N ILE W 62 88.85 -7.45 -63.33
CA ILE W 62 90.09 -8.21 -63.14
C ILE W 62 90.06 -9.14 -61.94
N VAL W 63 89.52 -10.35 -62.12
CA VAL W 63 89.63 -11.41 -61.13
C VAL W 63 88.99 -12.70 -61.67
N ASP W 64 89.50 -13.85 -61.22
CA ASP W 64 89.27 -15.11 -61.91
C ASP W 64 88.55 -16.10 -61.01
N PHE W 75 65.41 -24.84 -59.46
CA PHE W 75 64.34 -24.27 -58.66
C PHE W 75 63.01 -24.56 -59.35
N LEU W 76 62.17 -25.36 -58.69
CA LEU W 76 60.82 -25.64 -59.17
C LEU W 76 59.84 -24.86 -58.31
N SER W 77 58.98 -24.07 -58.94
CA SER W 77 58.05 -23.24 -58.20
C SER W 77 57.03 -24.13 -57.47
N PRO W 78 56.62 -23.73 -56.26
CA PRO W 78 55.74 -24.60 -55.46
C PRO W 78 54.42 -24.94 -56.12
N GLU W 79 53.86 -24.05 -56.95
CA GLU W 79 52.56 -24.30 -57.53
C GLU W 79 52.55 -25.51 -58.46
N PHE W 80 53.68 -25.82 -59.10
CA PHE W 80 53.74 -26.96 -60.00
C PHE W 80 53.62 -28.30 -59.28
N ILE W 81 53.81 -28.32 -57.96
CA ILE W 81 53.70 -29.56 -57.20
C ILE W 81 52.22 -29.92 -57.08
N PRO W 82 51.81 -31.09 -57.56
CA PRO W 82 50.40 -31.47 -57.46
C PRO W 82 50.06 -31.83 -56.02
N PRO W 83 48.78 -31.70 -55.64
CA PRO W 83 48.38 -32.11 -54.29
C PRO W 83 48.50 -33.61 -54.07
N ARG W 84 48.23 -34.06 -52.85
CA ARG W 84 48.33 -35.47 -52.50
C ARG W 84 47.07 -36.27 -52.83
N GLY W 85 46.05 -35.61 -53.36
CA GLY W 85 44.81 -36.29 -53.68
C GLY W 85 44.96 -37.22 -54.87
N ARG W 86 43.89 -37.95 -55.14
CA ARG W 86 43.85 -38.94 -56.22
C ARG W 86 43.26 -38.36 -57.50
N THR W 87 43.45 -37.05 -57.72
CA THR W 87 42.98 -36.43 -58.95
C THR W 87 43.75 -36.96 -60.14
N ASN W 88 43.06 -37.07 -61.28
CA ASN W 88 43.67 -37.64 -62.47
C ASN W 88 44.82 -36.76 -62.96
N PRO W 89 45.93 -37.36 -63.39
CA PRO W 89 47.07 -36.54 -63.86
C PRO W 89 46.78 -35.72 -65.10
N LEU W 90 45.73 -36.03 -65.86
CA LEU W 90 45.42 -35.24 -67.05
C LEU W 90 45.07 -33.80 -66.70
N LYS W 91 44.32 -33.61 -65.61
CA LYS W 91 44.02 -32.25 -65.15
C LYS W 91 45.29 -31.50 -64.79
N PHE W 92 46.22 -32.17 -64.09
CA PHE W 92 47.48 -31.53 -63.74
C PHE W 92 48.27 -31.16 -64.99
N GLN W 93 48.29 -32.05 -65.99
CA GLN W 93 49.02 -31.75 -67.22
C GLN W 93 48.40 -30.57 -67.96
N ILE W 94 47.07 -30.51 -68.04
CA ILE W 94 46.41 -29.40 -68.73
C ILE W 94 46.68 -28.10 -67.99
N GLU W 95 46.59 -28.12 -66.65
CA GLU W 95 46.82 -26.92 -65.87
C GLU W 95 48.26 -26.45 -66.01
N ARG W 96 49.21 -27.39 -66.03
CA ARG W 96 50.61 -27.03 -66.22
C ARG W 96 50.85 -26.43 -67.60
N LYS W 97 50.22 -26.99 -68.63
CA LYS W 97 50.33 -26.40 -69.96
C LYS W 97 49.79 -24.98 -69.98
N ASP W 98 48.63 -24.76 -69.37
CA ASP W 98 48.04 -23.42 -69.35
C ASP W 98 48.91 -22.44 -68.57
N MET W 99 49.46 -22.87 -67.43
CA MET W 99 50.28 -21.96 -66.63
C MET W 99 51.60 -21.67 -67.32
N LEU W 100 52.16 -22.62 -68.06
CA LEU W 100 53.34 -22.33 -68.87
C LEU W 100 53.02 -21.35 -69.99
N GLU W 101 51.84 -21.50 -70.63
CA GLU W 101 51.44 -20.54 -71.65
C GLU W 101 51.30 -19.15 -71.06
N ARG W 102 50.72 -19.04 -69.86
CA ARG W 102 50.62 -17.75 -69.20
C ARG W 102 51.99 -17.19 -68.85
N ARG W 103 52.90 -18.03 -68.36
CA ARG W 103 54.25 -17.59 -68.03
C ARG W 103 55.02 -17.15 -69.27
N LYS W 104 54.68 -17.68 -70.44
CA LYS W 104 55.34 -17.24 -71.66
C LYS W 104 55.17 -15.74 -71.88
N ILE W 105 54.02 -15.20 -71.48
CA ILE W 105 53.78 -13.77 -71.62
C ILE W 105 54.20 -13.03 -70.36
N LEU W 106 53.68 -13.47 -69.21
CA LEU W 106 53.97 -12.81 -67.93
C LEU W 106 55.18 -13.49 -67.29
N HIS W 107 56.25 -12.71 -67.07
CA HIS W 107 57.48 -13.23 -66.49
C HIS W 107 57.30 -13.33 -64.98
N ILE W 108 57.22 -14.56 -64.47
CA ILE W 108 57.11 -14.80 -63.03
C ILE W 108 58.51 -15.13 -62.51
N PRO W 109 59.11 -14.26 -61.71
CA PRO W 109 60.47 -14.49 -61.22
C PRO W 109 60.47 -15.48 -60.06
N GLU W 110 61.67 -15.84 -59.62
CA GLU W 110 61.85 -16.74 -58.48
C GLU W 110 61.84 -15.92 -57.19
N PHE W 111 60.99 -16.33 -56.24
CA PHE W 111 60.91 -15.67 -54.96
C PHE W 111 60.39 -16.65 -53.93
N TYR W 112 60.92 -16.53 -52.71
CA TYR W 112 60.53 -17.39 -51.60
C TYR W 112 59.72 -16.61 -50.58
N VAL W 113 59.34 -17.28 -49.50
CA VAL W 113 58.62 -16.63 -48.42
C VAL W 113 59.60 -15.76 -47.65
N GLY W 114 59.23 -14.50 -47.43
CA GLY W 114 60.06 -13.52 -46.78
C GLY W 114 60.70 -12.52 -47.72
N SER W 115 60.70 -12.79 -49.02
CA SER W 115 61.20 -11.85 -50.00
C SER W 115 60.24 -10.68 -50.16
N ILE W 116 60.75 -9.59 -50.71
CA ILE W 116 59.98 -8.36 -50.90
C ILE W 116 59.72 -8.17 -52.38
N LEU W 117 58.44 -7.98 -52.73
CA LEU W 117 58.01 -7.90 -54.11
C LEU W 117 57.22 -6.62 -54.34
N ARG W 118 57.16 -6.22 -55.61
CA ARG W 118 56.30 -5.14 -56.07
C ARG W 118 55.43 -5.68 -57.19
N VAL W 119 54.13 -5.46 -57.09
CA VAL W 119 53.14 -5.98 -58.04
C VAL W 119 52.40 -4.81 -58.66
N THR W 120 52.27 -4.84 -59.99
CA THR W 120 51.51 -3.86 -60.74
C THR W 120 50.20 -4.51 -61.19
N THR W 121 49.09 -3.87 -60.86
CA THR W 121 47.77 -4.41 -61.13
C THR W 121 46.97 -3.42 -61.98
N ALA W 122 46.04 -3.95 -62.75
CA ALA W 122 45.18 -3.14 -63.62
C ALA W 122 43.96 -2.71 -62.82
N ASP W 123 43.99 -1.46 -62.33
CA ASP W 123 42.89 -0.91 -61.55
C ASP W 123 42.14 0.12 -62.39
N PRO W 124 40.87 -0.11 -62.74
CA PRO W 124 40.14 0.87 -63.57
C PRO W 124 39.72 2.11 -62.82
N TYR W 125 39.53 2.04 -61.50
CA TYR W 125 38.96 3.14 -60.73
C TYR W 125 40.02 4.05 -60.13
N ALA W 126 41.30 3.80 -60.39
CA ALA W 126 42.36 4.66 -59.91
C ALA W 126 42.61 5.78 -60.91
N SER W 127 43.42 6.76 -60.52
CA SER W 127 43.77 7.85 -61.42
C SER W 127 44.52 7.33 -62.64
N ALA W 128 45.47 6.43 -62.41
CA ALA W 128 46.15 5.72 -63.48
C ALA W 128 45.75 4.25 -63.46
N LYS W 129 45.72 3.65 -64.64
CA LYS W 129 45.31 2.26 -64.77
C LYS W 129 46.27 1.29 -64.08
N THR W 130 47.49 1.71 -63.79
CA THR W 130 48.45 0.88 -63.09
C THR W 130 48.47 1.22 -61.61
N SER W 131 48.38 0.19 -60.77
CA SER W 131 48.43 0.35 -59.32
C SER W 131 49.60 -0.47 -58.79
N GLN W 132 50.47 0.17 -58.02
CA GLN W 132 51.67 -0.48 -57.49
C GLN W 132 51.48 -0.82 -56.02
N PHE W 133 51.83 -2.05 -55.66
CA PHE W 133 51.80 -2.46 -54.26
C PHE W 133 53.07 -3.23 -53.95
N LEU W 134 53.81 -2.76 -52.95
CA LEU W 134 55.05 -3.40 -52.52
C LEU W 134 54.89 -3.97 -51.12
N GLY W 135 55.40 -5.17 -50.92
CA GLY W 135 55.29 -5.80 -49.62
C GLY W 135 56.08 -7.10 -49.55
N ILE W 136 56.21 -7.61 -48.33
CA ILE W 136 56.90 -8.87 -48.10
C ILE W 136 55.92 -10.02 -48.25
N CYS W 137 56.38 -11.11 -48.85
CA CYS W 137 55.54 -12.27 -49.11
C CYS W 137 55.34 -13.04 -47.81
N ILE W 138 54.13 -12.95 -47.25
CA ILE W 138 53.83 -13.68 -46.03
C ILE W 138 53.82 -15.18 -46.28
N GLN W 139 53.13 -15.61 -47.34
CA GLN W 139 53.04 -17.03 -47.65
C GLN W 139 52.62 -17.21 -49.10
N ARG W 140 52.89 -18.40 -49.61
CA ARG W 140 52.43 -18.84 -50.92
C ARG W 140 51.68 -20.15 -50.76
N SER W 141 50.48 -20.23 -51.35
CA SER W 141 49.70 -21.45 -51.23
C SER W 141 48.87 -21.65 -52.48
N GLY W 142 48.57 -22.92 -52.77
CA GLY W 142 47.80 -23.29 -53.93
C GLY W 142 48.55 -24.22 -54.85
N SER W 143 47.79 -24.85 -55.74
CA SER W 143 48.35 -25.80 -56.68
C SER W 143 47.86 -25.45 -58.09
N GLY W 144 48.80 -25.37 -59.03
CA GLY W 144 48.45 -25.10 -60.41
C GLY W 144 48.16 -23.64 -60.70
N LEU W 145 47.16 -23.39 -61.54
CA LEU W 145 46.84 -22.05 -62.01
C LEU W 145 46.27 -21.15 -60.92
N GLY W 146 45.85 -21.72 -59.79
CA GLY W 146 45.21 -20.93 -58.75
C GLY W 146 46.14 -20.54 -57.62
N ALA W 147 47.45 -20.60 -57.84
CA ALA W 147 48.40 -20.27 -56.81
C ALA W 147 48.28 -18.80 -56.40
N THR W 148 48.39 -18.55 -55.10
CA THR W 148 48.27 -17.21 -54.55
C THR W 148 49.41 -16.95 -53.58
N PHE W 149 49.73 -15.68 -53.41
CA PHE W 149 50.75 -15.24 -52.47
C PHE W 149 50.26 -13.99 -51.75
N ILE W 150 50.60 -13.89 -50.47
CA ILE W 150 50.12 -12.80 -49.61
C ILE W 150 51.25 -11.80 -49.40
N LEU W 151 50.97 -10.53 -49.68
CA LEU W 151 51.91 -9.44 -49.47
C LEU W 151 51.41 -8.55 -48.35
N ARG W 152 52.31 -8.24 -47.42
CA ARG W 152 51.99 -7.45 -46.23
C ARG W 152 52.86 -6.21 -46.20
N ASN W 153 52.25 -5.06 -45.91
CA ASN W 153 53.00 -3.81 -45.77
C ASN W 153 52.24 -2.86 -44.88
N THR W 154 52.95 -2.17 -44.00
CA THR W 154 52.34 -1.20 -43.09
C THR W 154 52.43 0.17 -43.73
N ILE W 155 51.27 0.74 -44.07
CA ILE W 155 51.18 2.05 -44.69
C ILE W 155 50.56 3.01 -43.68
N GLU W 156 51.34 3.99 -43.25
CA GLU W 156 50.87 5.04 -42.34
C GLU W 156 50.31 4.44 -41.05
N GLY W 157 50.96 3.38 -40.55
CA GLY W 157 50.56 2.74 -39.32
C GLY W 157 49.45 1.71 -39.45
N GLN W 158 48.90 1.53 -40.65
CA GLN W 158 47.82 0.57 -40.88
C GLN W 158 48.35 -0.56 -41.76
N GLY W 159 48.53 -1.73 -41.17
CA GLY W 159 49.01 -2.88 -41.93
C GLY W 159 47.97 -3.36 -42.93
N VAL W 160 48.39 -3.55 -44.18
CA VAL W 160 47.53 -4.01 -45.25
C VAL W 160 48.13 -5.29 -45.82
N GLU W 161 47.28 -6.31 -45.95
CA GLU W 161 47.66 -7.60 -46.53
C GLU W 161 46.77 -7.85 -47.73
N ILE W 162 47.39 -8.12 -48.88
CA ILE W 162 46.68 -8.38 -50.11
C ILE W 162 47.11 -9.74 -50.65
N CYS W 163 46.14 -10.58 -51.00
CA CYS W 163 46.40 -11.92 -51.53
C CYS W 163 46.26 -11.87 -53.05
N PHE W 164 47.40 -11.84 -53.74
CA PHE W 164 47.41 -11.80 -55.19
C PHE W 164 47.46 -13.21 -55.77
N GLU W 165 46.94 -13.35 -56.98
CA GLU W 165 47.00 -14.60 -57.73
C GLU W 165 48.15 -14.54 -58.73
N LEU W 166 48.95 -15.60 -58.77
CA LEU W 166 50.14 -15.60 -59.62
C LEU W 166 49.77 -15.48 -61.10
N TYR W 167 48.71 -16.18 -61.52
CA TYR W 167 48.33 -16.23 -62.93
C TYR W 167 47.09 -15.40 -63.24
N ASN W 168 46.84 -14.35 -62.45
CA ASN W 168 45.73 -13.45 -62.75
C ASN W 168 46.10 -12.53 -63.90
N PRO W 169 45.25 -12.40 -64.92
CA PRO W 169 45.61 -11.57 -66.08
C PRO W 169 45.69 -10.09 -65.77
N ARG W 170 45.15 -9.63 -64.64
CA ARG W 170 45.17 -8.22 -64.30
C ARG W 170 46.51 -7.76 -63.74
N ILE W 171 47.45 -8.68 -63.51
CA ILE W 171 48.77 -8.34 -63.02
C ILE W 171 49.64 -7.92 -64.20
N GLN W 172 50.26 -6.75 -64.10
CA GLN W 172 51.09 -6.24 -65.17
C GLN W 172 52.55 -6.65 -65.03
N GLU W 173 53.11 -6.56 -63.81
CA GLU W 173 54.51 -6.87 -63.61
C GLU W 173 54.73 -7.26 -62.14
N ILE W 174 55.53 -8.31 -61.94
CA ILE W 174 55.98 -8.71 -60.60
C ILE W 174 57.49 -8.57 -60.57
N GLN W 175 57.98 -7.74 -59.64
CA GLN W 175 59.41 -7.42 -59.56
C GLN W 175 59.90 -7.72 -58.15
N VAL W 176 60.91 -8.58 -58.04
CA VAL W 176 61.50 -8.89 -56.75
C VAL W 176 62.54 -7.84 -56.41
N VAL W 177 62.27 -7.05 -55.36
CA VAL W 177 63.22 -6.02 -54.96
C VAL W 177 64.23 -6.52 -53.93
N LYS W 178 63.94 -7.64 -53.27
CA LYS W 178 64.90 -8.22 -52.32
C LYS W 178 64.61 -9.72 -52.27
N LEU W 179 65.45 -10.51 -52.95
CA LEU W 179 65.35 -11.96 -52.92
C LEU W 179 66.06 -12.46 -51.67
N GLU W 180 65.29 -12.96 -50.71
CA GLU W 180 65.85 -13.32 -49.41
C GLU W 180 64.94 -14.32 -48.72
N LYS W 181 65.52 -15.40 -48.21
CA LYS W 181 64.80 -16.39 -47.44
C LYS W 181 64.77 -16.01 -45.96
N ARG W 182 63.90 -16.68 -45.22
CA ARG W 182 63.80 -16.51 -43.77
C ARG W 182 63.77 -17.88 -43.11
N LEU W 183 63.72 -17.89 -41.78
CA LEU W 183 63.80 -19.12 -41.01
C LEU W 183 62.50 -19.90 -40.99
N ASP W 184 61.40 -19.34 -41.49
CA ASP W 184 60.11 -20.01 -41.44
C ASP W 184 59.50 -20.08 -42.83
N ASN W 185 58.89 -21.22 -43.14
CA ASN W 185 58.26 -21.42 -44.44
C ASN W 185 56.97 -20.61 -44.59
N SER W 186 56.37 -20.18 -43.49
CA SER W 186 55.14 -19.41 -43.54
C SER W 186 55.12 -18.47 -42.34
N LEU W 187 55.40 -17.19 -42.57
CA LEU W 187 55.47 -16.20 -41.49
C LEU W 187 54.13 -15.45 -41.43
N LEU W 188 53.13 -16.11 -40.84
CA LEU W 188 51.85 -15.49 -40.57
C LEU W 188 51.85 -14.68 -39.29
N TYR W 189 52.95 -14.68 -38.54
CA TYR W 189 53.04 -14.02 -37.25
C TYR W 189 53.37 -12.54 -37.34
N LEU W 190 53.56 -12.01 -38.55
CA LEU W 190 53.83 -10.58 -38.69
C LEU W 190 52.66 -9.72 -38.24
N ARG W 191 51.46 -10.28 -38.20
CA ARG W 191 50.31 -9.56 -37.64
C ARG W 191 50.52 -9.27 -36.16
N ASP W 192 51.02 -10.24 -35.41
CA ASP W 192 51.28 -10.08 -33.99
C ASP W 192 52.68 -9.54 -33.70
N ALA W 193 53.53 -9.44 -34.72
CA ALA W 193 54.87 -8.90 -34.53
C ALA W 193 54.82 -7.37 -34.45
N LEU W 194 55.97 -6.78 -34.15
CA LEU W 194 56.05 -5.34 -34.06
C LEU W 194 55.91 -4.71 -35.45
N PRO W 195 55.37 -3.48 -35.52
CA PRO W 195 55.20 -2.83 -36.83
C PRO W 195 56.50 -2.58 -37.56
N GLU W 196 57.63 -2.55 -36.85
CA GLU W 196 58.91 -2.30 -37.50
C GLU W 196 59.26 -3.41 -38.51
N TYR W 197 58.86 -4.64 -38.21
CA TYR W 197 59.12 -5.76 -39.11
C TYR W 197 58.18 -5.83 -40.29
N SER W 198 57.07 -5.08 -40.25
CA SER W 198 56.13 -5.02 -41.35
C SER W 198 56.22 -3.73 -42.15
N THR W 199 56.94 -2.72 -41.64
CA THR W 199 57.12 -1.46 -42.34
C THR W 199 58.22 -1.62 -43.38
N PHE W 200 57.91 -1.30 -44.63
CA PHE W 200 58.87 -1.33 -45.72
C PHE W 200 58.61 -0.15 -46.65
N ASP W 201 59.69 0.49 -47.10
CA ASP W 201 59.56 1.65 -47.96
C ASP W 201 59.00 1.25 -49.31
N VAL W 202 57.97 1.97 -49.77
CA VAL W 202 57.36 1.67 -51.06
C VAL W 202 58.33 2.01 -52.19
N ASN W 203 59.09 3.10 -52.06
CA ASN W 203 59.98 3.57 -53.11
C ASN W 203 61.40 3.07 -52.92
N MET W 204 61.57 1.89 -52.33
CA MET W 204 62.90 1.31 -52.20
C MET W 204 63.40 0.82 -53.55
N LYS W 205 64.72 0.74 -53.68
CA LYS W 205 65.27 0.32 -54.96
C LYS W 205 65.53 -1.19 -54.96
N PRO W 206 65.39 -1.83 -56.12
CA PRO W 206 65.66 -3.27 -56.21
C PRO W 206 67.13 -3.56 -55.91
N ILE W 207 67.37 -4.73 -55.32
CA ILE W 207 68.71 -5.17 -54.95
C ILE W 207 69.04 -6.40 -55.77
N THR W 208 70.15 -6.33 -56.51
CA THR W 208 70.61 -7.43 -57.35
C THR W 208 71.74 -8.18 -56.65
N GLN W 209 71.64 -9.50 -56.64
CA GLN W 209 72.60 -10.35 -55.95
C GLN W 209 73.22 -11.34 -56.94
N GLU W 210 74.42 -11.81 -56.59
CA GLU W 210 75.12 -12.79 -57.41
C GLU W 210 74.47 -14.16 -57.24
N PHE W 211 74.60 -14.99 -58.29
CA PHE W 211 74.03 -16.32 -58.24
C PHE W 211 74.72 -17.21 -57.21
N ASN W 212 76.02 -17.01 -57.00
CA ASN W 212 76.77 -17.83 -56.05
C ASN W 212 76.33 -17.62 -54.61
N GLN W 213 75.59 -16.55 -54.32
CA GLN W 213 75.12 -16.33 -52.95
C GLN W 213 74.09 -17.37 -52.54
N GLU W 214 73.46 -18.04 -53.51
CA GLU W 214 72.52 -19.14 -53.28
C GLU W 214 71.36 -18.71 -52.38
N VAL W 215 70.87 -17.50 -52.62
CA VAL W 215 69.72 -16.93 -51.90
C VAL W 215 69.96 -17.02 -50.39
N PRO W 216 70.82 -16.17 -49.83
CA PRO W 216 71.11 -16.25 -48.39
C PRO W 216 69.84 -16.07 -47.57
N VAL W 217 69.74 -16.84 -46.49
CA VAL W 217 68.57 -16.81 -45.62
C VAL W 217 68.80 -15.83 -44.48
N ASN W 218 67.83 -14.97 -44.24
CA ASN W 218 67.93 -13.95 -43.20
C ASN W 218 67.51 -14.57 -41.86
N GLN W 219 68.48 -14.80 -40.98
CA GLN W 219 68.22 -15.34 -39.65
C GLN W 219 67.99 -14.16 -38.70
N LEU W 220 66.73 -13.75 -38.58
CA LEU W 220 66.35 -12.59 -37.77
C LEU W 220 65.33 -13.02 -36.72
N LYS W 221 65.63 -12.73 -35.46
CA LYS W 221 64.68 -12.94 -34.39
C LYS W 221 63.72 -11.75 -34.33
N VAL W 222 62.42 -12.02 -34.32
CA VAL W 222 61.40 -11.00 -34.40
C VAL W 222 60.74 -10.83 -33.04
N LYS W 223 60.63 -9.58 -32.58
CA LYS W 223 59.94 -9.30 -31.34
C LYS W 223 58.44 -9.53 -31.49
N MET W 224 57.77 -9.69 -30.35
CA MET W 224 56.35 -10.01 -30.34
C MET W 224 55.59 -9.03 -29.44
N LYS W 225 54.36 -8.74 -29.83
CA LYS W 225 53.46 -7.98 -28.99
C LYS W 225 53.02 -8.84 -27.80
N PRO W 226 52.56 -8.21 -26.72
CA PRO W 226 52.07 -8.98 -25.57
C PRO W 226 50.84 -9.79 -25.92
N LYS W 227 50.65 -10.87 -25.16
CA LYS W 227 49.52 -11.75 -25.38
C LYS W 227 48.20 -11.00 -25.16
N PRO W 228 47.12 -11.41 -25.84
CA PRO W 228 47.01 -12.54 -26.78
C PRO W 228 47.53 -12.24 -28.17
N TRP W 229 47.71 -13.28 -28.97
CA TRP W 229 48.13 -13.20 -30.35
C TRP W 229 47.03 -13.71 -31.27
N SER W 230 47.25 -13.56 -32.58
CA SER W 230 46.30 -14.08 -33.55
C SER W 230 46.18 -15.60 -33.48
N LYS W 231 47.32 -16.30 -33.33
CA LYS W 231 47.33 -17.74 -33.20
C LYS W 231 48.28 -18.12 -32.06
N ARG W 232 48.26 -19.40 -31.70
CA ARG W 232 49.13 -19.92 -30.64
C ARG W 232 50.45 -20.33 -31.28
N TRP W 233 51.30 -19.33 -31.53
CA TRP W 233 52.56 -19.57 -32.23
C TRP W 233 53.54 -20.42 -31.43
N GLU W 234 53.34 -20.56 -30.13
CA GLU W 234 54.23 -21.38 -29.31
C GLU W 234 53.95 -22.86 -29.41
N ARG W 235 52.83 -23.25 -30.01
CA ARG W 235 52.51 -24.67 -30.14
C ARG W 235 53.47 -25.35 -31.11
N PRO W 236 53.82 -26.61 -30.86
CA PRO W 236 54.77 -27.30 -31.74
C PRO W 236 54.26 -27.49 -33.16
N LYS W 237 52.95 -27.41 -33.39
CA LYS W 237 52.42 -27.62 -34.73
C LYS W 237 52.85 -26.55 -35.72
N PHE W 238 53.21 -25.36 -35.24
CA PHE W 238 53.67 -24.31 -36.13
C PHE W 238 55.15 -24.44 -36.46
N ASN W 239 55.97 -24.87 -35.50
CA ASN W 239 57.41 -25.08 -35.69
C ASN W 239 58.08 -23.80 -36.20
N ILE W 240 58.07 -22.78 -35.33
CA ILE W 240 58.58 -21.47 -35.67
C ILE W 240 59.88 -21.23 -34.90
N LYS W 241 60.93 -20.87 -35.62
CA LYS W 241 62.22 -20.54 -35.01
C LYS W 241 62.56 -19.05 -35.10
N GLY W 242 61.81 -18.28 -35.90
CA GLY W 242 62.11 -16.88 -36.09
C GLY W 242 61.56 -15.94 -35.05
N ILE W 243 60.88 -16.47 -34.02
CA ILE W 243 60.30 -15.66 -32.96
C ILE W 243 61.16 -15.79 -31.72
N ARG W 244 61.52 -14.66 -31.14
CA ARG W 244 62.36 -14.61 -29.94
C ARG W 244 61.47 -14.91 -28.73
N PHE W 245 61.27 -16.20 -28.46
CA PHE W 245 60.35 -16.61 -27.40
C PHE W 245 60.90 -16.37 -26.00
N ASP W 246 62.23 -16.37 -25.85
CA ASP W 246 62.82 -16.27 -24.52
C ASP W 246 62.54 -14.92 -23.86
N LEU W 247 62.20 -13.89 -24.63
CA LEU W 247 61.89 -12.59 -24.07
C LEU W 247 60.40 -12.30 -24.00
N CYS W 248 59.56 -13.15 -24.59
CA CYS W 248 58.12 -12.93 -24.62
C CYS W 248 57.32 -13.95 -23.82
N LEU W 249 57.86 -15.15 -23.61
CA LEU W 249 57.16 -16.19 -22.88
C LEU W 249 58.01 -16.69 -21.73
N THR W 250 57.36 -17.26 -20.73
CA THR W 250 58.02 -17.76 -19.54
C THR W 250 58.25 -19.27 -19.64
N GLU W 251 59.06 -19.78 -18.71
CA GLU W 251 59.43 -21.19 -18.73
C GLU W 251 58.21 -22.08 -18.52
N GLU W 252 57.30 -21.70 -17.62
CA GLU W 252 56.10 -22.49 -17.40
C GLU W 252 55.24 -22.54 -18.65
N GLN W 253 55.10 -21.41 -19.34
CA GLN W 253 54.33 -21.40 -20.59
C GLN W 253 55.01 -22.26 -21.65
N MET W 254 56.34 -22.20 -21.73
CA MET W 254 57.05 -23.04 -22.69
C MET W 254 56.85 -24.53 -22.39
N ARG W 255 56.90 -24.93 -21.13
CA ARG W 255 56.65 -26.33 -20.78
C ARG W 255 55.20 -26.71 -21.08
N GLU W 256 54.26 -25.81 -20.79
CA GLU W 256 52.85 -26.10 -21.04
C GLU W 256 52.57 -26.30 -22.52
N ALA W 257 53.18 -25.47 -23.38
CA ALA W 257 52.95 -25.59 -24.82
C ALA W 257 53.46 -26.90 -25.38
N GLN W 258 54.36 -27.59 -24.68
CA GLN W 258 54.91 -28.85 -25.17
C GLN W 258 53.95 -30.02 -25.04
N LYS W 259 52.82 -29.85 -24.35
CA LYS W 259 51.88 -30.95 -24.19
C LYS W 259 51.17 -31.30 -25.49
N TRP W 260 51.18 -30.41 -26.47
CA TRP W 260 50.55 -30.65 -27.76
C TRP W 260 51.53 -31.20 -28.79
N SER W 261 52.76 -31.48 -28.39
CA SER W 261 53.75 -32.03 -29.32
C SER W 261 53.36 -33.44 -29.73
N GLN W 262 53.65 -33.78 -30.99
CA GLN W 262 53.36 -35.10 -31.55
C GLN W 262 54.64 -35.63 -32.17
N PRO W 263 55.56 -36.18 -31.36
CA PRO W 263 56.84 -36.65 -31.91
C PRO W 263 56.71 -37.75 -32.94
N TRP W 264 55.66 -38.57 -32.89
CA TRP W 264 55.51 -39.68 -33.82
C TRP W 264 55.29 -39.22 -35.25
N LEU W 265 54.82 -37.98 -35.45
CA LEU W 265 54.59 -37.49 -36.81
C LEU W 265 55.88 -37.29 -37.59
N GLU W 266 57.00 -37.06 -36.90
CA GLU W 266 58.26 -36.89 -37.60
C GLU W 266 58.80 -38.21 -38.11
N PHE W 267 58.43 -39.32 -37.47
CA PHE W 267 58.90 -40.64 -37.86
C PHE W 267 57.76 -41.55 -38.33
N ASP W 268 56.63 -40.97 -38.71
CA ASP W 268 55.48 -41.78 -39.15
C ASP W 268 55.83 -42.60 -40.38
N MET W 269 56.65 -42.05 -41.28
CA MET W 269 57.14 -42.67 -42.50
C MET W 269 56.05 -42.89 -43.54
N MET W 270 54.79 -42.57 -43.24
CA MET W 270 53.70 -42.80 -44.17
C MET W 270 52.96 -41.53 -44.58
N ARG W 271 52.96 -40.48 -43.76
CA ARG W 271 52.33 -39.23 -44.12
C ARG W 271 53.21 -38.37 -45.02
N GLU W 272 54.46 -38.76 -45.26
CA GLU W 272 55.32 -37.99 -46.12
C GLU W 272 54.87 -38.08 -47.57
N TYR W 273 55.20 -37.05 -48.35
CA TYR W 273 54.85 -36.97 -49.76
C TYR W 273 56.12 -37.02 -50.58
N ASP W 274 56.28 -38.09 -51.36
CA ASP W 274 57.42 -38.26 -52.24
C ASP W 274 57.02 -37.85 -53.65
N THR W 275 57.76 -36.92 -54.24
CA THR W 275 57.44 -36.37 -55.55
C THR W 275 58.67 -36.28 -56.44
N SER W 276 59.62 -37.20 -56.29
CA SER W 276 60.83 -37.16 -57.11
C SER W 276 60.50 -37.38 -58.58
N LYS W 277 59.78 -38.45 -58.89
CA LYS W 277 59.43 -38.75 -60.27
C LYS W 277 58.49 -37.69 -60.84
N ILE W 278 57.54 -37.22 -60.03
CA ILE W 278 56.62 -36.19 -60.49
C ILE W 278 57.37 -34.91 -60.83
N GLU W 279 58.30 -34.50 -59.97
CA GLU W 279 59.11 -33.31 -60.25
C GLU W 279 59.98 -33.51 -61.48
N ALA W 280 60.52 -34.71 -61.67
CA ALA W 280 61.31 -34.98 -62.87
C ALA W 280 60.47 -34.85 -64.13
N ALA W 281 59.26 -35.42 -64.11
CA ALA W 281 58.37 -35.31 -65.27
C ALA W 281 57.97 -33.86 -65.53
N ILE W 282 57.66 -33.12 -64.46
CA ILE W 282 57.29 -31.72 -64.61
C ILE W 282 58.44 -30.91 -65.19
N TRP W 283 59.67 -31.17 -64.72
CA TRP W 283 60.83 -30.47 -65.25
C TRP W 283 61.05 -30.80 -66.72
N ASP W 284 60.85 -32.07 -67.09
CA ASP W 284 60.97 -32.45 -68.50
C ASP W 284 59.93 -31.73 -69.34
N GLU W 285 58.70 -31.65 -68.85
CA GLU W 285 57.66 -30.93 -69.59
C GLU W 285 57.98 -29.44 -69.71
N ILE W 286 58.52 -28.85 -68.64
CA ILE W 286 58.92 -27.44 -68.69
C ILE W 286 60.02 -27.23 -69.71
N GLU W 287 61.01 -28.11 -69.74
CA GLU W 287 62.08 -28.00 -70.73
C GLU W 287 61.54 -28.14 -72.15
N ALA W 288 60.62 -29.08 -72.36
CA ALA W 288 60.03 -29.25 -73.68
C ALA W 288 59.25 -28.01 -74.09
N SER W 289 58.48 -27.43 -73.16
CA SER W 289 57.73 -26.22 -73.47
C SER W 289 58.67 -25.05 -73.79
N LYS W 290 59.76 -24.92 -73.04
CA LYS W 290 60.73 -23.86 -73.32
C LYS W 290 61.38 -24.05 -74.69
N ASN W 291 61.74 -25.28 -75.03
CA ASN W 291 62.32 -25.54 -76.34
C ASN W 291 61.30 -25.38 -77.46
N SER W 292 60.01 -25.47 -77.14
CA SER W 292 58.96 -25.29 -78.13
C SER W 292 58.87 -23.83 -78.55
N LEU X 10 -11.20 -84.10 7.46
CA LEU X 10 -11.42 -84.65 6.13
C LEU X 10 -11.05 -83.63 5.07
N ARG X 11 -9.81 -83.67 4.61
CA ARG X 11 -9.35 -82.78 3.56
C ARG X 11 -9.76 -83.34 2.21
N SER X 12 -10.57 -82.59 1.47
CA SER X 12 -11.13 -83.03 0.19
C SER X 12 -10.43 -82.26 -0.92
N ARG X 13 -9.95 -82.99 -1.93
CA ARG X 13 -9.27 -82.41 -3.07
C ARG X 13 -9.92 -82.88 -4.36
N VAL X 14 -9.73 -82.09 -5.42
CA VAL X 14 -10.31 -82.38 -6.72
C VAL X 14 -9.35 -83.27 -7.50
N THR X 15 -9.86 -84.40 -7.99
CA THR X 15 -9.07 -85.34 -8.77
C THR X 15 -9.43 -85.37 -10.24
N ASP X 16 -10.66 -85.00 -10.60
CA ASP X 16 -11.10 -84.96 -11.99
C ASP X 16 -10.92 -83.59 -12.63
N ARG X 17 -10.02 -82.77 -12.09
CA ARG X 17 -9.78 -81.45 -12.67
C ARG X 17 -9.22 -81.57 -14.09
N TYR X 18 -8.49 -82.65 -14.38
CA TYR X 18 -8.03 -82.89 -15.74
C TYR X 18 -9.20 -82.98 -16.72
N TRP X 19 -10.20 -83.80 -16.37
CA TRP X 19 -11.36 -83.93 -17.25
C TRP X 19 -12.19 -82.65 -17.27
N ARG X 20 -12.27 -81.95 -16.14
CA ARG X 20 -12.98 -80.67 -16.13
C ARG X 20 -12.35 -79.68 -17.10
N VAL X 21 -11.01 -79.62 -17.13
CA VAL X 21 -10.32 -78.72 -18.05
C VAL X 21 -10.46 -79.21 -19.49
N GLN X 22 -10.35 -80.51 -19.71
CA GLN X 22 -10.44 -81.04 -21.06
C GLN X 22 -11.82 -80.85 -21.68
N GLU X 23 -12.87 -80.95 -20.87
CA GLU X 23 -14.23 -80.77 -21.37
C GLU X 23 -14.45 -79.37 -21.94
N VAL X 24 -13.63 -78.40 -21.54
CA VAL X 24 -13.71 -77.07 -22.11
C VAL X 24 -12.67 -76.88 -23.21
N LEU X 25 -11.48 -77.47 -23.04
CA LEU X 25 -10.42 -77.32 -24.03
C LEU X 25 -10.73 -78.02 -25.35
N LYS X 26 -11.56 -79.07 -25.32
CA LYS X 26 -11.85 -79.82 -26.54
C LYS X 26 -12.59 -78.98 -27.58
N HIS X 27 -13.28 -77.92 -27.16
CA HIS X 27 -14.00 -77.05 -28.07
C HIS X 27 -13.15 -75.89 -28.58
N ALA X 28 -11.91 -75.77 -28.10
CA ALA X 28 -11.04 -74.66 -28.47
C ALA X 28 -9.76 -75.12 -29.15
N ARG X 29 -9.72 -76.38 -29.60
CA ARG X 29 -8.50 -76.91 -30.20
C ARG X 29 -8.19 -76.31 -31.57
N HIS X 30 -9.16 -75.65 -32.20
CA HIS X 30 -8.98 -75.09 -33.53
C HIS X 30 -8.74 -73.58 -33.51
N PHE X 31 -8.43 -73.01 -32.35
CA PHE X 31 -8.21 -71.57 -32.25
C PHE X 31 -6.76 -71.23 -32.56
N ARG X 32 -6.48 -69.92 -32.61
CA ARG X 32 -5.16 -69.40 -32.92
C ARG X 32 -4.52 -68.81 -31.67
N GLY X 33 -3.24 -69.14 -31.46
CA GLY X 33 -2.49 -68.56 -30.37
C GLY X 33 -2.54 -69.39 -29.10
N ARG X 34 -2.43 -68.68 -27.97
CA ARG X 34 -2.48 -69.33 -26.66
C ARG X 34 -3.89 -69.63 -26.19
N LYS X 35 -4.92 -69.20 -26.94
CA LYS X 35 -6.29 -69.48 -26.54
C LYS X 35 -6.64 -70.96 -26.66
N ASN X 36 -5.86 -71.73 -27.43
CA ASN X 36 -6.07 -73.17 -27.53
C ASN X 36 -5.29 -73.96 -26.50
N ARG X 37 -4.44 -73.30 -25.71
CA ARG X 37 -3.62 -73.97 -24.72
C ARG X 37 -3.92 -73.52 -23.30
N CYS X 38 -3.88 -72.22 -23.03
CA CYS X 38 -4.14 -71.72 -21.70
C CYS X 38 -5.62 -71.79 -21.36
N TYR X 39 -5.92 -72.40 -20.21
CA TYR X 39 -7.33 -72.58 -19.81
C TYR X 39 -8.00 -71.25 -19.51
N ARG X 40 -7.30 -70.33 -18.85
CA ARG X 40 -7.89 -69.04 -18.50
C ARG X 40 -8.27 -68.26 -19.75
N LEU X 41 -7.43 -68.30 -20.77
CA LEU X 41 -7.73 -67.63 -22.03
C LEU X 41 -8.69 -68.41 -22.91
N ALA X 42 -8.95 -69.68 -22.58
CA ALA X 42 -9.86 -70.51 -23.38
C ALA X 42 -11.30 -70.35 -22.96
N VAL X 43 -11.57 -70.19 -21.66
CA VAL X 43 -12.95 -70.13 -21.18
C VAL X 43 -13.67 -68.93 -21.78
N ARG X 44 -13.01 -67.76 -21.81
CA ARG X 44 -13.63 -66.58 -22.39
C ARG X 44 -13.92 -66.77 -23.87
N ALA X 45 -12.97 -67.33 -24.61
CA ALA X 45 -13.16 -67.54 -26.04
C ALA X 45 -14.28 -68.53 -26.32
N VAL X 46 -14.35 -69.62 -25.55
CA VAL X 46 -15.39 -70.62 -25.77
C VAL X 46 -16.78 -70.03 -25.51
N THR X 47 -16.92 -69.24 -24.43
CA THR X 47 -18.21 -68.63 -24.13
C THR X 47 -18.64 -67.69 -25.23
N ARG X 48 -17.73 -66.81 -25.68
CA ARG X 48 -18.06 -65.92 -26.77
C ARG X 48 -18.29 -66.70 -28.06
N ALA X 49 -17.59 -67.81 -28.25
CA ALA X 49 -17.84 -68.66 -29.42
C ALA X 49 -19.26 -69.21 -29.42
N PHE X 50 -19.72 -69.67 -28.25
CA PHE X 50 -21.10 -70.18 -28.17
C PHE X 50 -22.12 -69.06 -28.35
N VAL X 51 -21.84 -67.88 -27.80
CA VAL X 51 -22.76 -66.76 -27.98
C VAL X 51 -22.87 -66.38 -29.46
N LYS X 52 -21.72 -66.32 -30.15
CA LYS X 52 -21.74 -66.06 -31.58
C LYS X 52 -22.43 -67.18 -32.35
N CYS X 53 -22.29 -68.42 -31.89
CA CYS X 53 -22.98 -69.54 -32.53
C CYS X 53 -24.48 -69.37 -32.43
N THR X 54 -24.98 -68.98 -31.25
CA THR X 54 -26.42 -68.74 -31.10
C THR X 54 -26.89 -67.58 -31.96
N ARG X 55 -26.14 -66.48 -31.95
CA ARG X 55 -26.52 -65.32 -32.75
C ARG X 55 -26.54 -65.65 -34.23
N ALA X 56 -25.53 -66.39 -34.70
CA ALA X 56 -25.47 -66.77 -36.10
C ALA X 56 -26.52 -67.81 -36.47
N ARG X 57 -26.90 -68.69 -35.54
CA ARG X 57 -28.02 -69.59 -35.78
C ARG X 57 -29.31 -68.80 -35.96
N ARG X 58 -29.51 -67.75 -35.15
CA ARG X 58 -30.67 -66.89 -35.34
C ARG X 58 -30.60 -66.15 -36.68
N LEU X 59 -29.42 -65.68 -37.05
CA LEU X 59 -29.26 -64.88 -38.27
C LEU X 59 -29.21 -65.72 -39.54
N LYS X 60 -29.03 -67.03 -39.43
CA LYS X 60 -28.91 -67.88 -40.61
C LYS X 60 -30.19 -67.86 -41.44
N LYS X 61 -31.35 -67.88 -40.78
CA LYS X 61 -32.60 -67.82 -41.52
C LYS X 61 -32.69 -66.54 -42.33
N ARG X 62 -32.35 -65.41 -41.72
CA ARG X 62 -32.39 -64.13 -42.41
C ARG X 62 -31.39 -64.10 -43.56
N SER X 63 -30.19 -64.61 -43.34
CA SER X 63 -29.16 -64.59 -44.38
C SER X 63 -29.57 -65.44 -45.57
N LEU X 64 -30.10 -66.64 -45.32
CA LEU X 64 -30.52 -67.50 -46.41
C LEU X 64 -31.76 -66.95 -47.12
N ARG X 65 -32.66 -66.31 -46.38
CA ARG X 65 -33.80 -65.65 -47.03
C ARG X 65 -33.33 -64.53 -47.94
N THR X 66 -32.36 -63.73 -47.49
CA THR X 66 -31.83 -62.66 -48.33
C THR X 66 -31.13 -63.23 -49.56
N LEU X 67 -30.39 -64.33 -49.39
CA LEU X 67 -29.73 -64.96 -50.54
C LEU X 67 -30.75 -65.47 -51.54
N TRP X 68 -31.82 -66.09 -51.05
CA TRP X 68 -32.89 -66.56 -51.93
C TRP X 68 -33.55 -65.40 -52.65
N ILE X 69 -33.78 -64.30 -51.94
CA ILE X 69 -34.38 -63.11 -52.56
C ILE X 69 -33.47 -62.56 -53.66
N ASN X 70 -32.17 -62.49 -53.38
CA ASN X 70 -31.22 -62.01 -54.38
C ASN X 70 -31.22 -62.90 -55.62
N ARG X 71 -31.23 -64.22 -55.41
CA ARG X 71 -31.27 -65.15 -56.56
C ARG X 71 -32.56 -64.99 -57.35
N ILE X 72 -33.68 -64.81 -56.66
CA ILE X 72 -34.95 -64.60 -57.35
C ILE X 72 -34.92 -63.31 -58.15
N THR X 73 -34.36 -62.24 -57.57
CA THR X 73 -34.22 -60.99 -58.30
C THR X 73 -33.38 -61.18 -59.55
N ALA X 74 -32.27 -61.91 -59.43
CA ALA X 74 -31.41 -62.17 -60.59
C ALA X 74 -32.18 -62.90 -61.67
N ALA X 75 -32.85 -63.99 -61.31
CA ALA X 75 -33.57 -64.79 -62.29
C ALA X 75 -34.74 -64.03 -62.92
N SER X 76 -35.42 -63.18 -62.15
CA SER X 76 -36.54 -62.41 -62.67
C SER X 76 -36.08 -61.29 -63.59
N GLN X 77 -35.02 -60.58 -63.21
CA GLN X 77 -34.45 -59.57 -64.10
C GLN X 77 -33.88 -60.21 -65.37
N GLU X 78 -33.44 -61.47 -65.28
CA GLU X 78 -33.05 -62.18 -66.49
C GLU X 78 -34.23 -62.40 -67.43
N HIS X 79 -35.45 -62.40 -66.91
CA HIS X 79 -36.66 -62.46 -67.72
C HIS X 79 -37.30 -61.09 -67.92
N GLY X 80 -36.63 -60.02 -67.52
CA GLY X 80 -37.19 -58.69 -67.66
C GLY X 80 -38.37 -58.39 -66.78
N LEU X 81 -38.36 -58.85 -65.53
CA LEU X 81 -39.44 -58.59 -64.58
C LEU X 81 -38.84 -58.26 -63.23
N LYS X 82 -39.45 -57.31 -62.53
CA LYS X 82 -38.95 -56.88 -61.23
C LYS X 82 -39.45 -57.81 -60.13
N TYR X 83 -38.66 -57.90 -59.06
CA TYR X 83 -38.97 -58.81 -57.96
C TYR X 83 -40.29 -58.48 -57.25
N PRO X 84 -40.56 -57.23 -56.84
CA PRO X 84 -41.84 -56.97 -56.16
C PRO X 84 -43.04 -57.28 -57.02
N ALA X 85 -43.01 -56.89 -58.29
CA ALA X 85 -44.11 -57.20 -59.20
C ALA X 85 -44.28 -58.70 -59.37
N PHE X 86 -43.17 -59.41 -59.55
CA PHE X 86 -43.24 -60.86 -59.71
C PHE X 86 -43.85 -61.52 -58.47
N ILE X 87 -43.42 -61.08 -57.29
CA ILE X 87 -43.93 -61.69 -56.06
C ILE X 87 -45.41 -61.41 -55.88
N ILE X 88 -45.83 -60.14 -56.07
CA ILE X 88 -47.22 -59.81 -55.84
C ILE X 88 -48.12 -60.49 -56.86
N ASN X 89 -47.67 -60.60 -58.11
CA ASN X 89 -48.47 -61.26 -59.13
C ASN X 89 -48.53 -62.77 -58.93
N LEU X 90 -47.45 -63.39 -58.45
CA LEU X 90 -47.52 -64.80 -58.12
C LEU X 90 -48.43 -65.06 -56.93
N ILE X 91 -48.46 -64.14 -55.97
CA ILE X 91 -49.37 -64.26 -54.84
C ILE X 91 -50.82 -64.11 -55.31
N LYS X 92 -51.08 -63.16 -56.21
CA LYS X 92 -52.44 -62.94 -56.70
C LYS X 92 -52.98 -64.17 -57.41
N CYS X 93 -52.11 -64.98 -58.02
CA CYS X 93 -52.53 -66.20 -58.69
C CYS X 93 -52.69 -67.37 -57.72
N GLN X 94 -52.71 -67.09 -56.42
CA GLN X 94 -52.90 -68.13 -55.39
C GLN X 94 -51.84 -69.22 -55.50
N VAL X 95 -50.62 -68.82 -55.82
CA VAL X 95 -49.48 -69.72 -55.93
C VAL X 95 -48.63 -69.50 -54.69
N GLU X 96 -48.73 -70.42 -53.73
CA GLU X 96 -48.05 -70.26 -52.44
C GLU X 96 -46.74 -71.05 -52.48
N LEU X 97 -45.72 -70.41 -53.05
CA LEU X 97 -44.37 -70.96 -53.10
C LEU X 97 -43.43 -70.00 -52.39
N ASN X 98 -42.65 -70.52 -51.45
CA ASN X 98 -41.74 -69.67 -50.70
C ASN X 98 -40.48 -69.38 -51.50
N ARG X 99 -39.68 -68.44 -50.99
CA ARG X 99 -38.48 -68.00 -51.70
C ARG X 99 -37.48 -69.12 -51.88
N LYS X 100 -37.41 -70.06 -50.93
CA LYS X 100 -36.51 -71.19 -51.08
C LYS X 100 -36.88 -72.02 -52.31
N VAL X 101 -38.16 -72.37 -52.44
CA VAL X 101 -38.61 -73.14 -53.59
C VAL X 101 -38.43 -72.35 -54.88
N LEU X 102 -38.71 -71.05 -54.84
CA LEU X 102 -38.54 -70.23 -56.03
C LEU X 102 -37.08 -70.19 -56.48
N ALA X 103 -36.15 -70.06 -55.54
CA ALA X 103 -34.73 -70.05 -55.88
C ALA X 103 -34.29 -71.40 -56.41
N ASP X 104 -34.76 -72.49 -55.80
CA ASP X 104 -34.42 -73.82 -56.29
C ASP X 104 -34.92 -74.02 -57.71
N LEU X 105 -36.14 -73.58 -58.00
CA LEU X 105 -36.68 -73.67 -59.35
C LEU X 105 -35.88 -72.81 -60.33
N ALA X 106 -35.50 -71.60 -59.91
CA ALA X 106 -34.70 -70.75 -60.79
C ALA X 106 -33.36 -71.38 -61.11
N ILE X 107 -32.70 -71.99 -60.13
CA ILE X 107 -31.39 -72.59 -60.35
C ILE X 107 -31.50 -73.86 -61.20
N TYR X 108 -32.47 -74.72 -60.91
CA TYR X 108 -32.51 -76.05 -61.51
C TYR X 108 -33.64 -76.26 -62.52
N GLU X 109 -34.63 -75.38 -62.56
CA GLU X 109 -35.75 -75.52 -63.49
C GLU X 109 -35.96 -74.21 -64.24
N PRO X 110 -35.09 -73.91 -65.20
CA PRO X 110 -35.25 -72.65 -65.96
C PRO X 110 -36.57 -72.57 -66.70
N LYS X 111 -37.05 -73.67 -67.28
CA LYS X 111 -38.33 -73.63 -67.99
C LYS X 111 -39.48 -73.35 -67.03
N THR X 112 -39.49 -74.02 -65.87
CA THR X 112 -40.54 -73.78 -64.89
C THR X 112 -40.51 -72.35 -64.37
N PHE X 113 -39.31 -71.82 -64.12
CA PHE X 113 -39.22 -70.45 -63.61
C PHE X 113 -39.64 -69.44 -64.68
N LYS X 114 -39.30 -69.69 -65.94
CA LYS X 114 -39.78 -68.82 -67.00
C LYS X 114 -41.29 -68.88 -67.14
N SER X 115 -41.88 -70.08 -66.98
CA SER X 115 -43.32 -70.20 -66.99
C SER X 115 -43.95 -69.40 -65.85
N LEU X 116 -43.37 -69.48 -64.66
CA LEU X 116 -43.87 -68.70 -63.53
C LEU X 116 -43.77 -67.20 -63.79
N ALA X 117 -42.65 -66.78 -64.38
CA ALA X 117 -42.48 -65.36 -64.70
C ALA X 117 -43.49 -64.90 -65.73
N ALA X 118 -43.76 -65.73 -66.74
CA ALA X 118 -44.78 -65.41 -67.74
C ALA X 118 -46.15 -65.31 -67.10
N LEU X 119 -46.47 -66.23 -66.18
CA LEU X 119 -47.75 -66.17 -65.48
C LEU X 119 -47.86 -64.89 -64.65
N ALA X 120 -46.78 -64.52 -63.97
CA ALA X 120 -46.80 -63.29 -63.18
C ALA X 120 -46.96 -62.06 -64.06
N LYS X 121 -46.29 -62.03 -65.21
CA LYS X 121 -46.44 -60.90 -66.13
C LYS X 121 -47.86 -60.84 -66.68
N ARG X 122 -48.46 -61.99 -66.99
CA ARG X 122 -49.84 -62.02 -67.44
C ARG X 122 -50.78 -61.49 -66.37
N ARG X 123 -50.55 -61.89 -65.11
CA ARG X 123 -51.37 -61.40 -64.02
C ARG X 123 -51.23 -59.90 -63.86
N ARG X 124 -49.99 -59.39 -63.98
CA ARG X 124 -49.75 -57.95 -63.87
C ARG X 124 -50.46 -57.19 -64.98
N GLU X 125 -50.38 -57.71 -66.22
CA GLU X 125 -51.06 -57.07 -67.33
C GLU X 125 -52.57 -57.08 -67.15
N GLU X 126 -53.12 -58.20 -66.67
CA GLU X 126 -54.56 -58.26 -66.41
C GLU X 126 -54.97 -57.27 -65.34
N GLY X 127 -54.18 -57.17 -64.26
CA GLY X 127 -54.48 -56.21 -63.22
C GLY X 127 -54.43 -54.78 -63.71
N PHE X 128 -53.42 -54.45 -64.52
CA PHE X 128 -53.34 -53.11 -65.09
C PHE X 128 -54.50 -52.81 -66.01
N ALA X 129 -54.90 -53.79 -66.85
CA ALA X 129 -56.04 -53.60 -67.72
C ALA X 129 -57.33 -53.39 -66.93
N ALA X 130 -57.51 -54.18 -65.87
CA ALA X 130 -58.70 -54.02 -65.03
C ALA X 130 -58.71 -52.66 -64.35
N ALA X 131 -57.55 -52.21 -63.85
CA ALA X 131 -57.48 -50.90 -63.22
C ALA X 131 -57.78 -49.78 -64.21
N LEU X 132 -57.28 -49.89 -65.44
CA LEU X 132 -57.56 -48.88 -66.45
C LEU X 132 -59.04 -48.88 -66.83
N GLY X 133 -59.63 -50.05 -67.04
CA GLY X 133 -61.01 -50.16 -67.44
C GLY X 133 -62.01 -49.73 -66.38
N ASP X 134 -61.74 -50.08 -65.11
CA ASP X 134 -62.66 -49.84 -64.00
C ASP X 134 -64.05 -50.40 -64.32
N GLY X 135 -64.06 -51.61 -64.86
CA GLY X 135 -65.31 -52.28 -65.21
C GLY X 135 -65.50 -53.55 -64.42
N LYS X 136 -66.65 -53.64 -63.75
CA LYS X 136 -66.93 -54.82 -62.93
C LYS X 136 -67.08 -56.07 -63.78
N GLU X 137 -67.80 -56.00 -64.90
CA GLU X 137 -68.03 -57.15 -65.76
C GLU X 137 -66.74 -57.69 -66.37
N PRO X 138 -65.87 -56.87 -66.96
CA PRO X 138 -64.64 -57.41 -67.55
C PRO X 138 -63.70 -57.93 -66.46
N ASP X 139 -63.41 -59.23 -66.50
CA ASP X 139 -62.50 -59.87 -65.57
C ASP X 139 -61.51 -60.72 -66.35
N GLY X 140 -60.26 -60.72 -65.89
CA GLY X 140 -59.24 -61.51 -66.54
C GLY X 140 -59.42 -63.00 -66.28
N ILE X 141 -58.86 -63.80 -67.19
CA ILE X 141 -58.96 -65.25 -67.06
C ILE X 141 -58.23 -65.73 -65.83
N PHE X 142 -57.02 -65.23 -65.61
CA PHE X 142 -56.19 -65.64 -64.48
C PHE X 142 -56.45 -64.82 -63.22
N SER X 143 -57.31 -63.81 -63.29
CA SER X 143 -57.62 -62.97 -62.14
C SER X 143 -58.77 -63.52 -61.31
N ARG X 144 -59.40 -64.62 -61.75
CA ARG X 144 -60.50 -65.21 -61.00
C ARG X 144 -60.00 -65.80 -59.69
N VAL X 145 -60.81 -65.69 -58.65
CA VAL X 145 -60.46 -66.15 -57.31
C VAL X 145 -61.22 -67.44 -57.03
N VAL X 146 -60.50 -68.45 -56.58
CA VAL X 146 -61.07 -69.77 -56.28
C VAL X 146 -61.12 -69.95 -54.77
N GLN X 147 -62.28 -70.32 -54.26
CA GLN X 147 -62.46 -70.53 -52.84
C GLN X 147 -61.94 -71.92 -52.44
N HIS X 148 -61.93 -72.19 -51.14
CA HIS X 148 -61.42 -73.44 -50.62
C HIS X 148 -62.41 -74.58 -50.87
N ARG X 149 -61.86 -75.77 -51.08
CA ARG X 149 -62.67 -76.97 -51.25
C ARG X 149 -62.04 -78.15 -50.53
N VAL Y 55 -52.50 -35.59 -83.60
CA VAL Y 55 -52.31 -35.74 -82.16
C VAL Y 55 -50.88 -35.34 -81.78
N PRO Y 56 -50.76 -34.39 -80.84
CA PRO Y 56 -49.43 -33.98 -80.39
C PRO Y 56 -48.69 -35.12 -79.71
N LYS Y 57 -47.38 -35.16 -79.92
CA LYS Y 57 -46.52 -36.19 -79.34
C LYS Y 57 -45.43 -35.50 -78.53
N THR Y 58 -45.49 -35.66 -77.20
CA THR Y 58 -44.51 -35.12 -76.29
C THR Y 58 -43.89 -36.27 -75.49
N SER Y 59 -42.91 -35.94 -74.65
CA SER Y 59 -42.27 -36.95 -73.82
C SER Y 59 -43.25 -37.56 -72.83
N LEU Y 60 -44.07 -36.72 -72.19
CA LEU Y 60 -45.05 -37.17 -71.22
C LEU Y 60 -46.44 -37.35 -71.80
N GLY Y 61 -46.61 -37.16 -73.11
CA GLY Y 61 -47.91 -37.35 -73.72
C GLY Y 61 -48.38 -38.79 -73.64
N SER Y 62 -47.47 -39.73 -73.80
CA SER Y 62 -47.79 -41.15 -73.74
C SER Y 62 -47.10 -41.80 -72.54
N PRO Y 63 -47.68 -42.87 -71.98
CA PRO Y 63 -47.03 -43.54 -70.87
C PRO Y 63 -45.70 -44.15 -71.30
N PRO Y 64 -44.72 -44.21 -70.40
CA PRO Y 64 -43.40 -44.74 -70.74
C PRO Y 64 -43.31 -46.26 -70.58
N TRP Y 65 -44.28 -46.98 -71.17
CA TRP Y 65 -44.27 -48.43 -71.20
C TRP Y 65 -45.08 -48.88 -72.40
N PRO Y 66 -44.71 -50.00 -73.03
CA PRO Y 66 -45.46 -50.47 -74.20
C PRO Y 66 -46.90 -50.82 -73.84
N ASP Y 67 -47.80 -50.52 -74.76
CA ASP Y 67 -49.21 -50.83 -74.55
C ASP Y 67 -49.43 -52.33 -74.60
N ILE Y 68 -50.33 -52.82 -73.75
CA ILE Y 68 -50.64 -54.24 -73.64
C ILE Y 68 -52.03 -54.48 -74.20
N VAL Y 69 -52.16 -55.49 -75.05
CA VAL Y 69 -53.45 -55.88 -75.63
C VAL Y 69 -53.71 -57.32 -75.22
N LEU Y 70 -54.88 -57.56 -74.64
CA LEU Y 70 -55.23 -58.90 -74.20
C LEU Y 70 -56.12 -59.59 -75.23
N PRO Y 71 -55.99 -60.91 -75.37
CA PRO Y 71 -56.84 -61.64 -76.31
C PRO Y 71 -58.29 -61.68 -75.83
N ASP Y 72 -59.18 -61.97 -76.76
CA ASP Y 72 -60.59 -62.07 -76.44
C ASP Y 72 -60.83 -63.25 -75.48
N PRO Y 73 -61.79 -63.12 -74.57
CA PRO Y 73 -62.03 -64.22 -73.62
C PRO Y 73 -62.38 -65.54 -74.26
N VAL Y 74 -63.17 -65.53 -75.34
CA VAL Y 74 -63.55 -66.78 -76.00
C VAL Y 74 -62.33 -67.44 -76.62
N GLU Y 75 -61.49 -66.65 -77.30
CA GLU Y 75 -60.28 -67.21 -77.89
C GLU Y 75 -59.34 -67.73 -76.81
N GLU Y 76 -59.23 -67.03 -75.69
CA GLU Y 76 -58.40 -67.51 -74.59
C GLU Y 76 -58.92 -68.83 -74.03
N THR Y 77 -60.23 -68.95 -73.87
CA THR Y 77 -60.80 -70.20 -73.37
C THR Y 77 -60.56 -71.34 -74.35
N ARG Y 78 -60.73 -71.08 -75.65
CA ARG Y 78 -60.48 -72.12 -76.65
C ARG Y 78 -59.02 -72.56 -76.64
N HIS Y 79 -58.10 -71.58 -76.56
CA HIS Y 79 -56.68 -71.91 -76.53
C HIS Y 79 -56.32 -72.69 -75.27
N HIS Y 80 -56.89 -72.31 -74.13
CA HIS Y 80 -56.64 -73.04 -72.90
C HIS Y 80 -57.17 -74.47 -72.98
N ALA Y 81 -58.35 -74.64 -73.59
CA ALA Y 81 -58.89 -75.98 -73.76
C ALA Y 81 -57.99 -76.82 -74.65
N GLU Y 82 -57.50 -76.25 -75.75
CA GLU Y 82 -56.60 -76.99 -76.62
C GLU Y 82 -55.31 -77.37 -75.89
N VAL Y 83 -54.75 -76.44 -75.12
CA VAL Y 83 -53.51 -76.71 -74.42
C VAL Y 83 -53.70 -77.80 -73.36
N VAL Y 84 -54.80 -77.72 -72.60
CA VAL Y 84 -55.03 -78.72 -71.56
C VAL Y 84 -55.33 -80.08 -72.19
N GLY Y 85 -56.00 -80.10 -73.34
CA GLY Y 85 -56.20 -81.36 -74.04
C GLY Y 85 -54.90 -81.98 -74.51
N GLN Y 86 -54.00 -81.14 -75.04
CA GLN Y 86 -52.69 -81.64 -75.46
C GLN Y 86 -51.90 -82.17 -74.27
N VAL Y 87 -51.94 -81.47 -73.13
CA VAL Y 87 -51.24 -81.93 -71.94
C VAL Y 87 -51.82 -83.24 -71.44
N ASN Y 88 -53.15 -83.36 -71.45
CA ASN Y 88 -53.78 -84.60 -71.01
C ASN Y 88 -53.42 -85.75 -71.94
N GLU Y 89 -53.36 -85.49 -73.25
CA GLU Y 89 -52.92 -86.51 -74.19
C GLU Y 89 -51.48 -86.94 -73.92
N LEU Y 90 -50.61 -85.97 -73.62
CA LEU Y 90 -49.23 -86.31 -73.27
C LEU Y 90 -49.18 -87.19 -72.02
N ILE Y 91 -49.97 -86.83 -71.01
CA ILE Y 91 -50.00 -87.62 -69.78
C ILE Y 91 -50.50 -89.03 -70.05
N ALA Y 92 -51.56 -89.17 -70.86
CA ALA Y 92 -52.10 -90.48 -71.17
C ALA Y 92 -51.10 -91.31 -71.96
N ALA Y 93 -50.40 -90.70 -72.92
CA ALA Y 93 -49.41 -91.44 -73.70
C ALA Y 93 -48.17 -91.75 -72.89
N GLY Y 94 -47.96 -91.05 -71.78
CA GLY Y 94 -46.80 -91.31 -70.94
C GLY Y 94 -45.48 -90.95 -71.58
N ARG Y 95 -45.42 -89.82 -72.28
CA ARG Y 95 -44.19 -89.35 -72.90
C ARG Y 95 -43.34 -88.53 -71.95
N TYR Y 96 -43.68 -88.50 -70.67
CA TYR Y 96 -42.91 -87.80 -69.66
C TYR Y 96 -41.86 -88.74 -69.06
N GLY Y 97 -40.62 -88.27 -69.03
CA GLY Y 97 -39.54 -89.07 -68.46
C GLY Y 97 -39.45 -89.00 -66.96
N ARG Y 98 -39.20 -87.80 -66.43
CA ARG Y 98 -39.03 -87.61 -65.00
C ARG Y 98 -39.88 -86.43 -64.54
N LEU Y 99 -40.39 -86.53 -63.32
CA LEU Y 99 -41.24 -85.49 -62.74
C LEU Y 99 -40.70 -85.06 -61.39
N PHE Y 100 -40.69 -83.75 -61.17
CA PHE Y 100 -40.40 -83.16 -59.88
C PHE Y 100 -41.67 -82.56 -59.29
N ALA Y 101 -41.67 -82.36 -57.98
CA ALA Y 101 -42.85 -81.85 -57.31
C ALA Y 101 -42.45 -80.99 -56.12
N VAL Y 102 -43.07 -79.82 -56.00
CA VAL Y 102 -42.98 -79.00 -54.82
C VAL Y 102 -44.14 -79.39 -53.90
N VAL Y 103 -43.80 -79.92 -52.73
CA VAL Y 103 -44.77 -80.51 -51.80
C VAL Y 103 -44.60 -79.86 -50.44
N HIS Y 104 -45.70 -79.45 -49.82
CA HIS Y 104 -45.68 -78.88 -48.48
C HIS Y 104 -45.83 -80.00 -47.47
N PHE Y 105 -44.89 -80.09 -46.53
CA PHE Y 105 -44.93 -81.13 -45.51
C PHE Y 105 -44.18 -80.66 -44.28
N ALA Y 106 -44.73 -80.96 -43.11
CA ALA Y 106 -44.11 -80.63 -41.82
C ALA Y 106 -43.82 -79.14 -41.71
N GLY Y 107 -44.71 -78.32 -42.29
CA GLY Y 107 -44.55 -76.88 -42.25
C GLY Y 107 -43.54 -76.33 -43.24
N HIS Y 108 -42.93 -77.17 -44.06
CA HIS Y 108 -41.93 -76.75 -45.03
C HIS Y 108 -42.32 -77.18 -46.43
N GLN Y 109 -41.81 -76.44 -47.41
CA GLN Y 109 -42.01 -76.75 -48.82
C GLN Y 109 -40.72 -77.35 -49.36
N TRP Y 110 -40.83 -78.53 -49.96
CA TRP Y 110 -39.68 -79.27 -50.45
C TRP Y 110 -39.83 -79.54 -51.94
N LYS Y 111 -38.76 -79.31 -52.70
CA LYS Y 111 -38.69 -79.72 -54.09
C LYS Y 111 -38.11 -81.13 -54.13
N VAL Y 112 -38.92 -82.10 -54.58
CA VAL Y 112 -38.59 -83.51 -54.46
C VAL Y 112 -38.76 -84.18 -55.82
N THR Y 113 -37.77 -84.97 -56.21
CA THR Y 113 -37.86 -85.84 -57.37
C THR Y 113 -37.87 -87.29 -56.90
N ALA Y 114 -37.99 -88.20 -57.84
CA ALA Y 114 -37.99 -89.62 -57.51
C ALA Y 114 -36.64 -90.05 -56.96
N GLU Y 115 -36.67 -91.04 -56.06
CA GLU Y 115 -35.47 -91.64 -55.48
C GLU Y 115 -34.61 -90.59 -54.77
N ASP Y 116 -35.25 -89.75 -53.97
CA ASP Y 116 -34.55 -88.69 -53.25
C ASP Y 116 -34.66 -88.90 -51.75
N LEU Y 117 -33.90 -88.10 -51.01
CA LEU Y 117 -33.87 -88.15 -49.55
C LEU Y 117 -34.18 -86.78 -48.98
N ILE Y 118 -35.04 -86.76 -47.95
CA ILE Y 118 -35.36 -85.52 -47.23
C ILE Y 118 -35.29 -85.79 -45.74
N LEU Y 119 -35.02 -84.72 -44.98
CA LEU Y 119 -34.89 -84.78 -43.54
C LEU Y 119 -35.95 -83.88 -42.92
N ILE Y 120 -36.70 -84.41 -41.96
CA ILE Y 120 -37.74 -83.67 -41.26
C ILE Y 120 -37.32 -83.53 -39.81
N GLU Y 121 -37.39 -82.31 -39.29
CA GLU Y 121 -36.85 -81.98 -37.97
C GLU Y 121 -37.78 -82.37 -36.83
N ASN Y 122 -38.92 -82.98 -37.11
CA ASN Y 122 -39.86 -83.40 -36.07
C ASN Y 122 -40.18 -84.87 -36.22
N GLU Y 123 -40.49 -85.50 -35.09
CA GLU Y 123 -40.81 -86.92 -35.08
C GLU Y 123 -42.19 -87.17 -35.66
N LEU Y 124 -42.32 -88.27 -36.39
CA LEU Y 124 -43.58 -88.69 -36.97
C LEU Y 124 -44.05 -89.99 -36.33
N ASP Y 125 -45.37 -90.16 -36.26
CA ASP Y 125 -45.96 -91.35 -35.63
C ASP Y 125 -46.07 -92.50 -36.63
N VAL Y 126 -44.92 -92.91 -37.15
CA VAL Y 126 -44.83 -94.01 -38.09
C VAL Y 126 -43.55 -94.79 -37.81
N ALA Y 127 -43.61 -96.11 -38.01
CA ALA Y 127 -42.45 -96.94 -37.83
C ALA Y 127 -41.54 -96.89 -39.06
N CYS Y 128 -40.30 -97.34 -38.88
CA CYS Y 128 -39.35 -97.37 -39.98
C CYS Y 128 -39.79 -98.37 -41.05
N GLY Y 129 -39.53 -98.03 -42.30
CA GLY Y 129 -39.91 -98.87 -43.41
C GLY Y 129 -41.34 -98.73 -43.87
N GLU Y 130 -42.11 -97.83 -43.26
CA GLU Y 130 -43.51 -97.62 -43.63
C GLU Y 130 -43.62 -96.62 -44.77
N ARG Y 131 -44.60 -96.84 -45.64
CA ARG Y 131 -44.84 -95.97 -46.78
C ARG Y 131 -45.94 -94.96 -46.46
N ILE Y 132 -45.73 -93.73 -46.87
CA ILE Y 132 -46.61 -92.60 -46.55
C ILE Y 132 -46.91 -91.85 -47.83
N ARG Y 133 -48.18 -91.53 -48.04
CA ARG Y 133 -48.62 -90.76 -49.21
C ARG Y 133 -48.69 -89.28 -48.81
N LEU Y 134 -47.94 -88.45 -49.53
CA LEU Y 134 -47.96 -87.01 -49.30
C LEU Y 134 -49.10 -86.39 -50.07
N GLU Y 135 -50.03 -85.75 -49.36
CA GLU Y 135 -51.23 -85.21 -49.98
C GLU Y 135 -51.07 -83.76 -50.43
N LYS Y 136 -50.38 -82.94 -49.64
CA LYS Y 136 -50.25 -81.53 -49.97
C LYS Y 136 -49.24 -81.32 -51.09
N VAL Y 137 -49.70 -81.34 -52.33
CA VAL Y 137 -48.85 -81.15 -53.50
C VAL Y 137 -49.08 -79.73 -54.01
N LEU Y 138 -48.04 -78.90 -53.94
CA LEU Y 138 -48.15 -77.51 -54.37
C LEU Y 138 -47.91 -77.37 -55.87
N LEU Y 139 -46.98 -78.15 -56.42
CA LEU Y 139 -46.57 -77.97 -57.81
C LEU Y 139 -46.06 -79.29 -58.38
N VAL Y 140 -46.37 -79.56 -59.64
CA VAL Y 140 -45.82 -80.70 -60.37
C VAL Y 140 -45.16 -80.18 -61.63
N GLY Y 141 -44.06 -80.78 -62.04
CA GLY Y 141 -43.37 -80.35 -63.25
C GLY Y 141 -42.63 -81.49 -63.90
N ALA Y 142 -42.43 -81.37 -65.21
CA ALA Y 142 -41.68 -82.34 -66.00
C ALA Y 142 -40.88 -81.58 -67.04
N ASP Y 143 -40.34 -82.31 -68.01
CA ASP Y 143 -39.49 -81.69 -69.02
C ASP Y 143 -40.28 -80.71 -69.89
N ASN Y 144 -41.51 -81.06 -70.26
CA ASN Y 144 -42.28 -80.27 -71.21
C ASN Y 144 -43.52 -79.61 -70.62
N PHE Y 145 -44.04 -80.10 -69.50
CA PHE Y 145 -45.28 -79.57 -68.96
C PHE Y 145 -45.12 -79.33 -67.46
N THR Y 146 -46.12 -78.67 -66.88
CA THR Y 146 -46.07 -78.30 -65.48
C THR Y 146 -47.48 -77.96 -65.00
N LEU Y 147 -47.88 -78.57 -63.89
CA LEU Y 147 -49.19 -78.35 -63.29
C LEU Y 147 -49.05 -77.52 -62.03
N LEU Y 148 -49.75 -76.39 -61.99
CA LEU Y 148 -49.75 -75.47 -60.86
C LEU Y 148 -51.07 -75.60 -60.12
N GLY Y 149 -51.00 -75.80 -58.81
CA GLY Y 149 -52.19 -75.89 -57.99
C GLY Y 149 -52.67 -74.53 -57.52
N LYS Y 150 -53.98 -74.44 -57.27
CA LYS Y 150 -54.62 -73.21 -56.82
C LYS Y 150 -55.45 -73.50 -55.57
N PRO Y 151 -54.82 -73.57 -54.39
CA PRO Y 151 -53.37 -73.50 -54.22
C PRO Y 151 -52.71 -74.88 -54.20
N LEU Y 152 -53.52 -75.93 -54.37
CA LEU Y 152 -53.03 -77.29 -54.28
C LEU Y 152 -53.58 -78.12 -55.43
N LEU Y 153 -52.86 -79.19 -55.76
CA LEU Y 153 -53.28 -80.12 -56.79
C LEU Y 153 -54.23 -81.17 -56.20
N GLY Y 154 -54.85 -81.94 -57.08
CA GLY Y 154 -55.77 -82.97 -56.64
C GLY Y 154 -55.04 -84.24 -56.25
N LYS Y 155 -55.55 -84.90 -55.19
CA LYS Y 155 -54.97 -86.17 -54.76
C LYS Y 155 -55.13 -87.24 -55.82
N GLU Y 156 -56.28 -87.29 -56.49
CA GLU Y 156 -56.46 -88.20 -57.61
C GLU Y 156 -55.58 -87.82 -58.80
N LEU Y 157 -55.25 -86.54 -58.95
CA LEU Y 157 -54.43 -86.10 -60.07
C LEU Y 157 -52.96 -86.48 -59.86
N VAL Y 158 -52.43 -86.29 -58.66
CA VAL Y 158 -51.02 -86.55 -58.39
C VAL Y 158 -50.90 -87.36 -57.10
N ARG Y 159 -50.02 -88.36 -57.12
CA ARG Y 159 -49.76 -89.21 -55.96
C ARG Y 159 -48.25 -89.29 -55.75
N VAL Y 160 -47.81 -89.02 -54.53
CA VAL Y 160 -46.40 -89.09 -54.15
C VAL Y 160 -46.28 -89.95 -52.91
N GLU Y 161 -45.34 -90.90 -52.93
CA GLU Y 161 -45.15 -91.85 -51.84
C GLU Y 161 -43.70 -91.82 -51.38
N ALA Y 162 -43.50 -91.92 -50.08
CA ALA Y 162 -42.16 -91.92 -49.49
C ALA Y 162 -42.08 -92.93 -48.36
N THR Y 163 -40.93 -93.59 -48.24
CA THR Y 163 -40.72 -94.59 -47.21
C THR Y 163 -39.87 -94.01 -46.08
N VAL Y 164 -40.28 -94.26 -44.84
CA VAL Y 164 -39.53 -93.82 -43.67
C VAL Y 164 -38.31 -94.73 -43.52
N ILE Y 165 -37.13 -94.12 -43.34
CA ILE Y 165 -35.89 -94.89 -43.21
C ILE Y 165 -35.42 -94.89 -41.77
N GLU Y 166 -35.07 -93.71 -41.26
CA GLU Y 166 -34.38 -93.58 -39.99
C GLU Y 166 -35.13 -92.61 -39.09
N LYS Y 167 -35.37 -93.01 -37.86
CA LYS Y 167 -35.92 -92.15 -36.81
C LYS Y 167 -34.82 -91.97 -35.78
N THR Y 168 -34.07 -90.88 -35.91
CA THR Y 168 -32.87 -90.70 -35.10
C THR Y 168 -32.92 -89.39 -34.32
N GLU Y 169 -31.81 -89.00 -33.71
CA GLU Y 169 -31.69 -87.73 -33.01
C GLU Y 169 -30.57 -86.90 -33.62
N SER Y 170 -30.80 -85.60 -33.73
CA SER Y 170 -29.83 -84.72 -34.36
C SER Y 170 -28.60 -84.55 -33.46
N TRP Y 171 -27.56 -83.95 -34.06
CA TRP Y 171 -26.35 -83.66 -33.29
C TRP Y 171 -26.65 -82.61 -32.24
N PRO Y 172 -25.96 -82.66 -31.10
CA PRO Y 172 -26.23 -81.70 -30.01
C PRO Y 172 -26.00 -80.26 -30.43
N LYS Y 173 -27.01 -79.41 -30.26
CA LYS Y 173 -26.91 -77.99 -30.55
C LYS Y 173 -26.75 -77.22 -29.25
N ILE Y 174 -25.77 -76.32 -29.21
CA ILE Y 174 -25.46 -75.58 -27.99
C ILE Y 174 -26.13 -74.21 -28.07
N ASN Y 175 -26.92 -73.88 -27.05
CA ASN Y 175 -27.56 -72.58 -26.95
C ASN Y 175 -27.08 -71.94 -25.65
N MET Y 176 -26.23 -70.91 -25.77
CA MET Y 176 -25.63 -70.26 -24.61
C MET Y 176 -25.90 -68.77 -24.66
N LYS Y 177 -26.51 -68.25 -23.60
CA LYS Y 177 -26.71 -66.82 -23.42
C LYS Y 177 -25.75 -66.30 -22.36
N PHE Y 178 -25.12 -65.16 -22.66
CA PHE Y 178 -24.17 -64.55 -21.74
C PHE Y 178 -24.44 -63.07 -21.67
N GLN Y 179 -24.38 -62.51 -20.46
CA GLN Y 179 -24.61 -61.08 -20.25
C GLN Y 179 -23.36 -60.44 -19.68
N LYS Y 180 -23.06 -59.22 -20.12
CA LYS Y 180 -21.84 -58.55 -19.74
C LYS Y 180 -21.89 -58.08 -18.29
N ARG Y 181 -20.83 -58.41 -17.54
CA ARG Y 181 -20.58 -57.92 -16.17
C ARG Y 181 -21.81 -58.00 -15.27
N LYS Y 182 -22.73 -58.91 -15.58
CA LYS Y 182 -23.87 -59.19 -14.70
C LYS Y 182 -23.86 -60.60 -14.16
N ASN Y 183 -22.84 -61.39 -14.49
CA ASN Y 183 -22.70 -62.76 -14.02
C ASN Y 183 -23.94 -63.58 -14.38
N TYR Y 184 -24.27 -63.57 -15.67
CA TYR Y 184 -25.40 -64.33 -16.20
C TYR Y 184 -24.93 -65.17 -17.37
N GLN Y 185 -24.83 -66.49 -17.15
CA GLN Y 185 -24.54 -67.46 -18.18
C GLN Y 185 -25.57 -68.57 -18.13
N ARG Y 186 -26.05 -68.97 -19.31
CA ARG Y 186 -27.10 -69.98 -19.40
C ARG Y 186 -26.79 -70.87 -20.60
N LYS Y 187 -26.44 -72.13 -20.33
CA LYS Y 187 -26.04 -73.07 -21.38
C LYS Y 187 -27.04 -74.21 -21.43
N ARG Y 188 -27.54 -74.52 -22.62
CA ARG Y 188 -28.44 -75.65 -22.83
C ARG Y 188 -27.98 -76.45 -24.04
N ILE Y 189 -28.21 -77.76 -23.98
CA ILE Y 189 -27.91 -78.66 -25.09
C ILE Y 189 -29.23 -79.20 -25.62
N THR Y 190 -29.48 -78.99 -26.91
CA THR Y 190 -30.71 -79.42 -27.55
C THR Y 190 -30.44 -80.61 -28.45
N VAL Y 191 -31.23 -81.66 -28.30
CA VAL Y 191 -31.19 -82.83 -29.16
C VAL Y 191 -32.56 -82.96 -29.81
N ASN Y 192 -32.61 -82.80 -31.13
CA ASN Y 192 -33.89 -82.77 -31.83
C ASN Y 192 -34.10 -84.05 -32.60
N PRO Y 193 -35.18 -84.80 -32.31
CA PRO Y 193 -35.49 -85.99 -33.12
C PRO Y 193 -35.71 -85.62 -34.59
N GLN Y 194 -35.20 -86.46 -35.48
CA GLN Y 194 -35.29 -86.25 -36.92
C GLN Y 194 -35.76 -87.53 -37.60
N THR Y 195 -36.39 -87.35 -38.76
CA THR Y 195 -36.91 -88.46 -39.55
C THR Y 195 -36.38 -88.33 -40.97
N VAL Y 196 -35.93 -89.46 -41.54
CA VAL Y 196 -35.42 -89.50 -42.90
C VAL Y 196 -36.47 -90.15 -43.79
N LEU Y 197 -36.78 -89.51 -44.91
CA LEU Y 197 -37.76 -90.02 -45.86
C LEU Y 197 -37.12 -90.19 -47.22
N ARG Y 198 -37.31 -91.38 -47.81
CA ARG Y 198 -36.85 -91.68 -49.15
C ARG Y 198 -38.05 -91.67 -50.09
N ILE Y 199 -38.10 -90.68 -50.97
CA ILE Y 199 -39.17 -90.62 -51.96
C ILE Y 199 -38.77 -91.50 -53.14
N ASN Y 200 -39.64 -92.46 -53.47
CA ASN Y 200 -39.36 -93.47 -54.47
C ASN Y 200 -39.97 -93.16 -55.83
N SER Y 201 -41.26 -92.81 -55.86
CA SER Y 201 -41.96 -92.58 -57.11
C SER Y 201 -42.87 -91.38 -57.00
N ILE Y 202 -43.10 -90.73 -58.14
CA ILE Y 202 -44.04 -89.63 -58.26
C ILE Y 202 -44.98 -89.97 -59.40
N GLU Y 203 -46.27 -90.09 -59.10
CA GLU Y 203 -47.25 -90.54 -60.07
C GLU Y 203 -48.23 -89.42 -60.43
N ILE Y 204 -48.63 -89.41 -61.69
CA ILE Y 204 -49.56 -88.42 -62.21
C ILE Y 204 -50.66 -89.14 -62.98
N ALA Y 205 -51.91 -88.72 -62.79
CA ALA Y 205 -53.02 -89.38 -63.46
C ALA Y 205 -53.56 -88.52 -64.59
N PRO Y 206 -54.11 -89.13 -65.64
CA PRO Y 206 -54.62 -88.35 -66.78
C PRO Y 206 -55.93 -87.64 -66.51
N CYS Y 207 -56.41 -87.67 -65.27
CA CYS Y 207 -57.68 -87.04 -64.92
C CYS Y 207 -57.44 -85.53 -64.82
N LEU Y 208 -57.45 -84.87 -65.97
CA LEU Y 208 -57.24 -83.42 -66.03
C LEU Y 208 -58.11 -82.88 -67.16
N CYS Y 209 -59.16 -82.17 -66.80
CA CYS Y 209 -60.07 -81.60 -67.79
C CYS Y 209 -59.64 -80.19 -68.19
N ILE Z 45 13.83 -86.02 -15.74
CA ILE Z 45 14.32 -85.91 -17.11
C ILE Z 45 13.69 -87.00 -17.98
N SER Z 46 14.02 -86.99 -19.27
CA SER Z 46 13.50 -87.96 -20.22
C SER Z 46 14.62 -88.40 -21.14
N ARG Z 47 14.68 -89.70 -21.42
CA ARG Z 47 15.70 -90.28 -22.30
C ARG Z 47 15.01 -91.28 -23.22
N LYS Z 48 14.58 -90.81 -24.40
CA LYS Z 48 13.97 -91.66 -25.41
C LYS Z 48 14.72 -91.66 -26.73
N TRP Z 49 15.45 -90.59 -27.05
CA TRP Z 49 16.22 -90.57 -28.29
C TRP Z 49 17.34 -91.59 -28.27
N GLU Z 50 17.91 -91.88 -27.10
CA GLU Z 50 18.91 -92.95 -26.99
C GLU Z 50 18.29 -94.32 -27.19
N LYS Z 51 17.11 -94.56 -26.62
CA LYS Z 51 16.45 -95.85 -26.72
C LYS Z 51 15.81 -96.09 -28.08
N LYS Z 52 15.56 -95.04 -28.85
CA LYS Z 52 15.02 -95.20 -30.20
C LYS Z 52 15.97 -95.97 -31.11
N ASN Z 53 17.26 -96.03 -30.79
CA ASN Z 53 18.23 -96.74 -31.61
C ASN Z 53 18.32 -98.22 -31.27
N LYS Z 54 17.58 -98.69 -30.26
CA LYS Z 54 17.62 -100.08 -29.85
C LYS Z 54 16.48 -100.91 -30.43
N ILE Z 55 15.66 -100.33 -31.30
CA ILE Z 55 14.54 -101.06 -31.88
C ILE Z 55 15.06 -102.06 -32.91
N VAL Z 56 14.40 -103.21 -33.01
CA VAL Z 56 14.77 -104.27 -33.94
C VAL Z 56 13.60 -104.53 -34.87
N TYR Z 57 13.88 -104.53 -36.19
CA TYR Z 57 12.87 -104.77 -37.20
C TYR Z 57 12.85 -106.24 -37.62
N PRO Z 58 11.69 -106.76 -38.03
CA PRO Z 58 11.64 -108.14 -38.50
C PRO Z 58 12.39 -108.29 -39.81
N PRO Z 59 12.90 -109.49 -40.11
CA PRO Z 59 13.65 -109.68 -41.36
C PRO Z 59 12.79 -109.37 -42.58
N GLN Z 60 13.42 -108.75 -43.58
CA GLN Z 60 12.73 -108.39 -44.81
C GLN Z 60 12.48 -109.62 -45.67
N LEU Z 61 11.28 -109.68 -46.26
CA LEU Z 61 10.94 -110.79 -47.13
C LEU Z 61 11.72 -110.68 -48.43
N PRO Z 62 12.02 -111.82 -49.08
CA PRO Z 62 12.73 -111.77 -50.37
C PRO Z 62 11.89 -111.11 -51.46
N GLY Z 63 12.35 -109.98 -51.95
CA GLY Z 63 11.66 -109.19 -52.94
C GLY Z 63 11.28 -107.79 -52.48
N GLU Z 64 11.19 -107.57 -51.17
CA GLU Z 64 10.91 -106.25 -50.65
C GLU Z 64 12.11 -105.32 -50.84
N PRO Z 65 11.87 -104.02 -51.01
CA PRO Z 65 12.99 -103.08 -51.13
C PRO Z 65 13.79 -102.99 -49.85
N ARG Z 66 15.07 -102.71 -50.00
CA ARG Z 66 15.96 -102.57 -48.85
C ARG Z 66 15.59 -101.32 -48.06
N ARG Z 67 15.23 -101.50 -46.81
CA ARG Z 67 14.88 -100.37 -45.96
C ARG Z 67 16.13 -99.60 -45.56
N PRO Z 68 16.20 -98.29 -45.81
CA PRO Z 68 17.39 -97.53 -45.44
C PRO Z 68 17.61 -97.53 -43.93
N ALA Z 69 18.88 -97.56 -43.55
CA ALA Z 69 19.24 -97.59 -42.14
C ALA Z 69 19.07 -96.21 -41.52
N GLU Z 70 18.56 -96.20 -40.29
CA GLU Z 70 18.35 -94.97 -39.54
C GLU Z 70 19.12 -95.05 -38.23
N ILE Z 71 19.87 -93.99 -37.93
CA ILE Z 71 20.70 -93.93 -36.72
C ILE Z 71 20.31 -92.66 -35.97
N TYR Z 72 19.97 -92.81 -34.69
CA TYR Z 72 19.63 -91.69 -33.84
C TYR Z 72 20.75 -91.43 -32.85
N HIS Z 73 21.13 -90.17 -32.71
CA HIS Z 73 22.17 -89.80 -31.76
C HIS Z 73 21.76 -88.51 -31.06
N CYS Z 74 22.31 -88.30 -29.87
CA CYS Z 74 21.99 -87.10 -29.12
C CYS Z 74 23.13 -86.77 -28.17
N ARG Z 75 23.38 -85.48 -28.01
CA ARG Z 75 24.35 -84.95 -27.06
C ARG Z 75 23.59 -84.19 -25.98
N ARG Z 76 23.84 -84.55 -24.73
CA ARG Z 76 23.10 -84.02 -23.59
C ARG Z 76 23.93 -83.01 -22.82
N GLN Z 77 23.25 -81.98 -22.29
CA GLN Z 77 23.85 -80.99 -21.41
C GLN Z 77 25.03 -80.28 -22.08
N ILE Z 78 24.71 -79.55 -23.14
CA ILE Z 78 25.69 -78.72 -23.84
C ILE Z 78 25.55 -77.29 -23.33
N LYS Z 79 26.70 -76.67 -23.02
CA LYS Z 79 26.70 -75.32 -22.47
C LYS Z 79 26.15 -74.29 -23.46
N TYR Z 80 26.03 -74.65 -24.73
CA TYR Z 80 25.58 -73.71 -25.75
C TYR Z 80 24.12 -73.34 -25.54
N SER Z 81 23.73 -72.21 -26.12
CA SER Z 81 22.37 -71.70 -26.00
C SER Z 81 21.42 -72.46 -26.91
N LYS Z 82 20.15 -72.52 -26.48
CA LYS Z 82 19.16 -73.30 -27.22
C LYS Z 82 18.92 -72.73 -28.61
N ASP Z 83 18.63 -71.43 -28.70
CA ASP Z 83 18.36 -70.83 -29.99
C ASP Z 83 19.60 -70.81 -30.88
N LYS Z 84 20.77 -70.53 -30.29
CA LYS Z 84 21.99 -70.52 -31.08
C LYS Z 84 22.30 -71.90 -31.64
N MET Z 85 22.07 -72.96 -30.85
CA MET Z 85 22.22 -74.31 -31.36
C MET Z 85 21.16 -74.65 -32.40
N TRP Z 86 19.94 -74.12 -32.23
CA TRP Z 86 18.89 -74.36 -33.21
C TRP Z 86 19.22 -73.74 -34.56
N TYR Z 87 19.88 -72.58 -34.55
CA TYR Z 87 20.32 -71.99 -35.82
C TYR Z 87 21.26 -72.93 -36.57
N LEU Z 88 22.25 -73.47 -35.88
CA LEU Z 88 23.17 -74.42 -36.49
C LEU Z 88 22.45 -75.68 -36.95
N ALA Z 89 21.52 -76.19 -36.15
CA ALA Z 89 20.78 -77.38 -36.55
C ALA Z 89 19.97 -77.13 -37.80
N LYS Z 90 19.30 -75.98 -37.89
CA LYS Z 90 18.55 -75.63 -39.09
C LYS Z 90 19.48 -75.43 -40.28
N LEU Z 91 20.71 -75.00 -40.04
CA LEU Z 91 21.65 -74.79 -41.14
C LEU Z 91 21.92 -76.07 -41.91
N ILE Z 92 22.02 -77.20 -41.22
CA ILE Z 92 22.44 -78.46 -41.83
C ILE Z 92 21.26 -79.42 -41.99
N ARG Z 93 20.03 -78.92 -42.03
CA ARG Z 93 18.87 -79.78 -42.22
C ARG Z 93 18.76 -80.18 -43.69
N GLY Z 94 18.62 -81.49 -43.94
CA GLY Z 94 18.44 -82.00 -45.27
C GLY Z 94 19.69 -82.08 -46.11
N MET Z 95 20.86 -81.77 -45.55
CA MET Z 95 22.10 -81.78 -46.30
C MET Z 95 22.86 -83.09 -46.07
N SER Z 96 23.86 -83.32 -46.93
CA SER Z 96 24.71 -84.49 -46.80
C SER Z 96 25.65 -84.34 -45.61
N ILE Z 97 26.12 -85.47 -45.10
CA ILE Z 97 26.97 -85.46 -43.91
C ILE Z 97 28.29 -84.74 -44.20
N ASP Z 98 28.90 -85.01 -45.35
CA ASP Z 98 30.16 -84.37 -45.69
C ASP Z 98 30.00 -82.85 -45.82
N GLN Z 99 28.94 -82.40 -46.49
CA GLN Z 99 28.72 -80.97 -46.66
C GLN Z 99 28.43 -80.30 -45.31
N ALA Z 100 27.66 -80.97 -44.45
CA ALA Z 100 27.40 -80.44 -43.12
C ALA Z 100 28.69 -80.31 -42.32
N LEU Z 101 29.56 -81.33 -42.39
CA LEU Z 101 30.84 -81.26 -41.69
C LEU Z 101 31.70 -80.13 -42.25
N ALA Z 102 31.71 -79.95 -43.58
CA ALA Z 102 32.49 -78.88 -44.17
C ALA Z 102 32.00 -77.52 -43.72
N GLN Z 103 30.68 -77.33 -43.68
CA GLN Z 103 30.14 -76.05 -43.22
C GLN Z 103 30.44 -75.81 -41.75
N LEU Z 104 30.31 -76.85 -40.91
CA LEU Z 104 30.60 -76.70 -39.49
C LEU Z 104 32.07 -76.45 -39.23
N GLU Z 105 32.96 -76.94 -40.10
CA GLU Z 105 34.39 -76.70 -39.90
C GLU Z 105 34.73 -75.22 -39.96
N PHE Z 106 34.14 -74.50 -40.92
CA PHE Z 106 34.41 -73.08 -41.09
C PHE Z 106 33.39 -72.19 -40.37
N SER Z 107 32.35 -72.77 -39.79
CA SER Z 107 31.42 -71.98 -39.00
C SER Z 107 32.10 -71.48 -37.74
N ASP Z 108 31.88 -70.22 -37.40
CA ASP Z 108 32.53 -69.59 -36.26
C ASP Z 108 31.76 -69.77 -34.96
N LYS Z 109 30.61 -70.43 -34.98
CA LYS Z 109 29.87 -70.66 -33.76
C LYS Z 109 30.61 -71.65 -32.86
N LYS Z 110 30.46 -71.45 -31.55
CA LYS Z 110 31.06 -72.37 -30.58
C LYS Z 110 30.44 -73.77 -30.68
N GLY Z 111 29.13 -73.85 -30.91
CA GLY Z 111 28.46 -75.12 -31.03
C GLY Z 111 28.71 -75.84 -32.34
N ALA Z 112 29.35 -75.17 -33.30
CA ALA Z 112 29.68 -75.83 -34.57
C ALA Z 112 30.62 -77.00 -34.33
N GLN Z 113 31.63 -76.81 -33.48
CA GLN Z 113 32.55 -77.89 -33.16
C GLN Z 113 31.83 -79.03 -32.46
N ILE Z 114 30.90 -78.71 -31.56
CA ILE Z 114 30.15 -79.73 -30.84
C ILE Z 114 29.31 -80.55 -31.83
N ILE Z 115 28.63 -79.87 -32.76
CA ILE Z 115 27.82 -80.58 -33.72
C ILE Z 115 28.68 -81.42 -34.66
N LYS Z 116 29.87 -80.92 -35.03
CA LYS Z 116 30.76 -81.70 -35.86
C LYS Z 116 31.23 -82.96 -35.15
N GLU Z 117 31.56 -82.84 -33.85
CA GLU Z 117 31.93 -84.02 -33.07
C GLU Z 117 30.77 -85.00 -32.97
N VAL Z 118 29.55 -84.48 -32.78
CA VAL Z 118 28.37 -85.35 -32.70
C VAL Z 118 28.18 -86.10 -34.01
N LEU Z 119 28.33 -85.40 -35.14
CA LEU Z 119 28.18 -86.04 -36.44
C LEU Z 119 29.26 -87.10 -36.67
N LEU Z 120 30.50 -86.80 -36.26
CA LEU Z 120 31.57 -87.80 -36.40
C LEU Z 120 31.27 -89.03 -35.56
N GLU Z 121 30.81 -88.83 -34.32
CA GLU Z 121 30.47 -89.96 -33.47
C GLU Z 121 29.32 -90.76 -34.06
N ALA Z 122 28.31 -90.09 -34.59
CA ALA Z 122 27.18 -90.79 -35.21
C ALA Z 122 27.63 -91.59 -36.42
N GLN Z 123 28.51 -91.02 -37.25
CA GLN Z 123 29.02 -91.76 -38.41
C GLN Z 123 29.83 -92.98 -37.96
N ASP Z 124 30.66 -92.81 -36.93
CA ASP Z 124 31.43 -93.95 -36.43
C ASP Z 124 30.51 -95.04 -35.89
N MET Z 125 29.46 -94.65 -35.16
CA MET Z 125 28.51 -95.64 -34.66
C MET Z 125 27.79 -96.35 -35.80
N ALA Z 126 27.38 -95.59 -36.83
CA ALA Z 126 26.72 -96.21 -37.97
C ALA Z 126 27.62 -97.18 -38.70
N VAL Z 127 28.90 -96.86 -38.83
CA VAL Z 127 29.85 -97.75 -39.49
C VAL Z 127 30.09 -99.00 -38.65
N ARG Z 128 30.31 -98.83 -37.35
CA ARG Z 128 30.75 -99.95 -36.52
C ARG Z 128 29.58 -100.82 -36.09
N ASP Z 129 28.61 -100.25 -35.37
CA ASP Z 129 27.52 -101.04 -34.83
C ASP Z 129 26.56 -101.48 -35.93
N HIS Z 130 25.96 -100.51 -36.62
CA HIS Z 130 25.00 -100.82 -37.67
C HIS Z 130 25.71 -101.34 -38.92
N ASN Z 131 24.97 -102.12 -39.71
CA ASN Z 131 25.49 -102.67 -40.96
C ASN Z 131 25.26 -101.65 -42.07
N VAL Z 132 26.07 -100.59 -42.03
CA VAL Z 132 25.96 -99.48 -42.96
C VAL Z 132 27.30 -99.34 -43.68
N GLU Z 133 27.32 -99.70 -44.96
CA GLU Z 133 28.48 -99.44 -45.79
C GLU Z 133 28.33 -98.07 -46.46
N PHE Z 134 29.39 -97.63 -47.13
CA PHE Z 134 29.44 -96.33 -47.80
C PHE Z 134 29.17 -95.21 -46.79
N ARG Z 135 30.13 -95.05 -45.88
CA ARG Z 135 29.98 -94.10 -44.77
C ARG Z 135 29.66 -92.68 -45.23
N SER Z 136 29.89 -92.35 -46.50
CA SER Z 136 29.55 -91.05 -47.04
C SER Z 136 28.17 -91.03 -47.69
N ASN Z 137 27.41 -92.11 -47.58
CA ASN Z 137 26.06 -92.20 -48.14
C ASN Z 137 24.98 -91.96 -47.09
N LEU Z 138 25.26 -91.09 -46.12
CA LEU Z 138 24.30 -90.74 -45.08
C LEU Z 138 23.89 -89.29 -45.22
N TYR Z 139 22.63 -89.00 -44.91
CA TYR Z 139 22.13 -87.64 -44.92
C TYR Z 139 21.37 -87.36 -43.64
N VAL Z 140 21.43 -86.10 -43.20
CA VAL Z 140 20.79 -85.68 -41.96
C VAL Z 140 19.30 -85.49 -42.24
N ALA Z 141 18.48 -86.37 -41.68
CA ALA Z 141 17.03 -86.25 -41.85
C ALA Z 141 16.46 -85.21 -40.90
N GLU Z 142 16.79 -85.32 -39.61
CA GLU Z 142 16.29 -84.39 -38.60
C GLU Z 142 17.46 -83.91 -37.75
N SER Z 143 17.42 -82.63 -37.39
CA SER Z 143 18.44 -82.02 -36.54
C SER Z 143 17.75 -80.98 -35.67
N THR Z 144 17.59 -81.29 -34.39
CA THR Z 144 16.81 -80.46 -33.49
C THR Z 144 17.64 -80.10 -32.26
N SER Z 145 17.26 -79.01 -31.61
CA SER Z 145 17.90 -78.55 -30.39
C SER Z 145 16.83 -78.19 -29.37
N GLY Z 146 16.96 -78.73 -28.15
CA GLY Z 146 16.06 -78.43 -27.07
C GLY Z 146 16.82 -77.92 -25.85
N ARG Z 147 16.05 -77.52 -24.85
CA ARG Z 147 16.60 -77.00 -23.61
C ARG Z 147 16.69 -78.10 -22.56
N GLY Z 148 17.49 -77.86 -21.52
CA GLY Z 148 17.61 -78.79 -20.42
C GLY Z 148 17.50 -78.12 -19.07
N GLN Z 149 18.17 -78.70 -18.06
CA GLN Z 149 18.14 -78.14 -16.72
C GLN Z 149 19.03 -76.91 -16.65
N TYR Z 150 18.45 -75.78 -16.27
CA TYR Z 150 19.20 -74.54 -16.16
C TYR Z 150 19.72 -74.35 -14.73
N LEU Z 151 20.64 -73.41 -14.59
CA LEU Z 151 21.16 -72.99 -13.29
C LEU Z 151 20.75 -71.55 -13.02
N LYS Z 152 20.29 -71.29 -11.80
CA LYS Z 152 19.83 -69.97 -11.41
C LYS Z 152 20.86 -69.29 -10.52
N ARG Z 153 21.26 -68.08 -10.90
CA ARG Z 153 22.21 -67.27 -10.16
C ARG Z 153 21.67 -65.86 -10.00
N ILE Z 154 22.39 -65.04 -9.24
CA ILE Z 154 21.99 -63.67 -8.96
C ILE Z 154 22.88 -62.73 -9.76
N ARG Z 155 22.25 -61.84 -10.54
CA ARG Z 155 22.96 -60.83 -11.32
C ARG Z 155 22.61 -59.46 -10.76
N TYR Z 156 23.60 -58.81 -10.16
CA TYR Z 156 23.38 -57.52 -9.53
C TYR Z 156 23.30 -56.41 -10.57
N HIS Z 157 22.50 -55.39 -10.27
CA HIS Z 157 22.35 -54.23 -11.15
C HIS Z 157 22.77 -52.92 -10.50
N GLY Z 158 22.31 -52.67 -9.30
CA GLY Z 158 22.59 -51.43 -8.58
C GLY Z 158 21.42 -51.05 -7.71
N ARG Z 159 21.70 -50.17 -6.74
CA ARG Z 159 20.71 -49.74 -5.76
C ARG Z 159 20.11 -50.92 -4.99
N GLY Z 160 20.90 -51.99 -4.84
CA GLY Z 160 20.42 -53.18 -4.17
C GLY Z 160 19.51 -54.06 -5.00
N ARG Z 161 19.42 -53.84 -6.30
CA ARG Z 161 18.54 -54.62 -7.15
C ARG Z 161 19.29 -55.76 -7.84
N PHE Z 162 18.58 -56.85 -8.07
CA PHE Z 162 19.17 -58.04 -8.66
C PHE Z 162 18.14 -58.73 -9.54
N GLY Z 163 18.65 -59.54 -10.48
CA GLY Z 163 17.81 -60.34 -11.33
C GLY Z 163 18.27 -61.79 -11.32
N ILE Z 164 17.42 -62.65 -11.85
CA ILE Z 164 17.70 -64.08 -11.93
C ILE Z 164 18.39 -64.35 -13.27
N MET Z 165 19.60 -64.88 -13.20
CA MET Z 165 20.39 -65.21 -14.38
C MET Z 165 20.37 -66.72 -14.60
N GLU Z 166 20.06 -67.14 -15.81
CA GLU Z 166 19.88 -68.56 -16.14
C GLU Z 166 21.06 -69.04 -16.98
N LYS Z 167 21.98 -69.75 -16.33
CA LYS Z 167 22.98 -70.52 -17.06
C LYS Z 167 22.26 -71.64 -17.81
N VAL Z 168 22.29 -71.59 -19.13
CA VAL Z 168 21.47 -72.45 -19.97
C VAL Z 168 22.26 -73.67 -20.42
N PHE Z 169 21.54 -74.77 -20.67
CA PHE Z 169 22.10 -75.98 -21.22
C PHE Z 169 21.16 -76.51 -22.29
N CYS Z 170 21.73 -77.04 -23.36
CA CYS Z 170 20.94 -77.49 -24.50
C CYS Z 170 21.29 -78.94 -24.85
N HIS Z 171 20.32 -79.63 -25.42
CA HIS Z 171 20.46 -80.98 -25.92
C HIS Z 171 20.30 -80.97 -27.43
N TYR Z 172 21.15 -81.72 -28.13
CA TYR Z 172 21.15 -81.77 -29.59
C TYR Z 172 20.77 -83.18 -30.03
N PHE Z 173 19.78 -83.27 -30.91
CA PHE Z 173 19.31 -84.54 -31.44
C PHE Z 173 19.53 -84.57 -32.95
N VAL Z 174 20.09 -85.67 -33.45
CA VAL Z 174 20.39 -85.81 -34.87
C VAL Z 174 19.95 -87.19 -35.33
N LYS Z 175 19.42 -87.24 -36.54
CA LYS Z 175 19.01 -88.50 -37.18
C LYS Z 175 19.69 -88.60 -38.53
N LEU Z 176 20.38 -89.71 -38.77
CA LEU Z 176 21.07 -89.97 -40.02
C LEU Z 176 20.39 -91.12 -40.76
N VAL Z 177 20.11 -90.92 -42.03
CA VAL Z 177 19.46 -91.92 -42.88
C VAL Z 177 20.41 -92.28 -44.01
N GLU Z 178 20.59 -93.58 -44.24
CA GLU Z 178 21.44 -94.05 -45.31
C GLU Z 178 20.79 -93.81 -46.66
N GLY Z 179 21.57 -93.27 -47.61
CA GLY Z 179 21.08 -92.99 -48.93
C GLY Z 179 21.42 -91.59 -49.37
N PRO Z 180 21.17 -91.29 -50.66
CA PRO Z 180 21.44 -89.95 -51.15
C PRO Z 180 20.50 -88.94 -50.51
N PRO Z 181 20.93 -87.71 -50.32
CA PRO Z 181 20.06 -86.68 -49.75
C PRO Z 181 18.86 -86.43 -50.65
N PRO Z 182 17.69 -86.18 -50.07
CA PRO Z 182 16.51 -85.90 -50.89
C PRO Z 182 16.68 -84.59 -51.63
N PRO Z 183 16.12 -84.46 -52.83
CA PRO Z 183 16.25 -83.21 -53.58
C PRO Z 183 15.49 -82.07 -52.90
N ARG Z 184 16.00 -80.86 -53.07
CA ARG Z 184 15.34 -79.68 -52.54
C ARG Z 184 14.05 -79.40 -53.32
N GLU Z 185 13.06 -78.86 -52.63
CA GLU Z 185 11.78 -78.55 -53.26
C GLU Z 185 11.87 -77.22 -53.99
N ALA Z 186 11.65 -77.25 -55.31
CA ALA Z 186 11.68 -76.05 -56.12
C ALA Z 186 10.41 -75.23 -55.94
N PRO Z 187 10.48 -73.91 -56.14
CA PRO Z 187 9.27 -73.10 -56.05
C PRO Z 187 8.25 -73.50 -57.11
N LYS Z 188 6.98 -73.32 -56.76
CA LYS Z 188 5.90 -73.70 -57.66
C LYS Z 188 5.96 -72.89 -58.94
N THR Z 189 5.86 -73.57 -60.08
CA THR Z 189 5.96 -72.91 -61.37
C THR Z 189 4.62 -72.31 -61.80
N ALA Z 190 4.68 -71.48 -62.84
CA ALA Z 190 3.48 -70.81 -63.33
C ALA Z 190 2.46 -71.81 -63.85
N VAL Z 191 2.91 -72.86 -64.53
CA VAL Z 191 1.99 -73.87 -65.03
C VAL Z 191 1.28 -74.57 -63.88
N ALA Z 192 2.02 -74.91 -62.82
CA ALA Z 192 1.42 -75.54 -61.66
C ALA Z 192 0.43 -74.60 -60.97
N HIS Z 193 0.78 -73.32 -60.87
CA HIS Z 193 -0.15 -72.34 -60.30
C HIS Z 193 -1.44 -72.27 -61.12
N ALA Z 194 -1.30 -72.26 -62.44
CA ALA Z 194 -2.47 -72.22 -63.31
C ALA Z 194 -3.31 -73.48 -63.14
N ARG Z 195 -2.67 -74.65 -63.04
CA ARG Z 195 -3.42 -75.89 -62.83
C ARG Z 195 -4.17 -75.85 -61.51
N GLU Z 196 -3.53 -75.37 -60.45
CA GLU Z 196 -4.20 -75.28 -59.15
C GLU Z 196 -5.37 -74.31 -59.20
N TYR Z 197 -5.20 -73.16 -59.86
CA TYR Z 197 -6.29 -72.20 -59.97
C TYR Z 197 -7.46 -72.76 -60.77
N ILE Z 198 -7.17 -73.46 -61.87
CA ILE Z 198 -8.24 -74.06 -62.66
C ILE Z 198 -8.95 -75.14 -61.85
N GLN Z 199 -8.20 -75.95 -61.11
CA GLN Z 199 -8.83 -76.97 -60.27
C GLN Z 199 -9.71 -76.35 -59.20
N GLU Z 200 -9.25 -75.26 -58.57
CA GLU Z 200 -10.08 -74.58 -57.58
C GLU Z 200 -11.34 -74.00 -58.20
N LEU Z 201 -11.24 -73.42 -59.40
CA LEU Z 201 -12.44 -72.93 -60.07
C LEU Z 201 -13.40 -74.05 -60.42
N ARG Z 202 -12.88 -75.20 -60.87
CA ARG Z 202 -13.73 -76.30 -61.28
C ARG Z 202 -14.36 -77.03 -60.09
N ASN Z 203 -13.71 -77.03 -58.94
CA ASN Z 203 -14.25 -77.69 -57.76
C ASN Z 203 -15.40 -76.94 -57.12
N ARG Z 204 -15.77 -75.77 -57.65
CA ARG Z 204 -16.85 -74.99 -57.07
C ARG Z 204 -18.19 -75.70 -57.26
N THR Z 205 -19.15 -75.34 -56.41
CA THR Z 205 -20.51 -75.84 -56.51
C THR Z 205 -21.45 -74.74 -56.03
N ILE Z 206 -22.70 -74.81 -56.49
CA ILE Z 206 -23.69 -73.81 -56.13
C ILE Z 206 -24.12 -74.05 -54.68
N THR Z 207 -23.57 -73.25 -53.77
CA THR Z 207 -23.86 -73.42 -52.35
C THR Z 207 -25.27 -72.93 -52.03
N HIS Z 208 -25.94 -73.65 -51.13
CA HIS Z 208 -27.29 -73.29 -50.67
C HIS Z 208 -28.25 -73.17 -51.84
N ALA Z 209 -28.18 -74.13 -52.76
CA ALA Z 209 -28.94 -74.10 -54.00
C ALA Z 209 -30.09 -75.09 -54.03
N LEU Z 210 -29.86 -76.33 -53.61
CA LEU Z 210 -30.88 -77.37 -53.69
C LEU Z 210 -31.93 -77.21 -52.59
N ALA AA 2 49.89 -85.60 31.27
CA ALA AA 2 48.84 -86.27 30.51
C ALA AA 2 47.75 -85.27 30.12
N ARG AA 3 46.83 -85.71 29.26
CA ARG AA 3 45.75 -84.88 28.78
C ARG AA 3 44.42 -85.32 29.39
N ASN AA 4 43.50 -84.36 29.51
CA ASN AA 4 42.15 -84.59 30.03
C ASN AA 4 42.18 -85.14 31.45
N VAL AA 5 43.22 -84.80 32.21
CA VAL AA 5 43.39 -85.29 33.58
C VAL AA 5 43.63 -84.08 34.48
N LEU AA 6 42.90 -84.01 35.59
CA LEU AA 6 43.07 -82.93 36.54
C LEU AA 6 44.45 -83.02 37.20
N TYR AA 7 45.13 -81.87 37.28
CA TYR AA 7 46.43 -81.81 37.92
C TYR AA 7 46.32 -81.29 39.35
N PRO AA 8 47.13 -81.81 40.26
CA PRO AA 8 47.12 -81.29 41.63
C PRO AA 8 47.64 -79.87 41.69
N LEU AA 9 47.00 -79.05 42.52
CA LEU AA 9 47.43 -77.66 42.68
C LEU AA 9 48.76 -77.62 43.43
N TYR AA 10 49.70 -76.85 42.90
CA TYR AA 10 51.03 -76.73 43.52
C TYR AA 10 51.04 -75.59 44.52
N GLN AA 11 51.70 -75.83 45.64
CA GLN AA 11 51.95 -74.81 46.66
C GLN AA 11 53.37 -74.98 47.16
N LEU AA 12 53.80 -74.06 48.02
CA LEU AA 12 55.14 -74.11 48.58
C LEU AA 12 55.28 -75.36 49.46
N GLY AA 13 56.25 -76.21 49.14
CA GLY AA 13 56.42 -77.47 49.83
C GLY AA 13 55.68 -78.64 49.22
N ASN AA 14 54.95 -78.44 48.14
CA ASN AA 14 54.21 -79.52 47.51
C ASN AA 14 55.17 -80.54 46.91
N PRO AA 15 54.82 -81.82 46.96
CA PRO AA 15 55.71 -82.86 46.39
C PRO AA 15 55.83 -82.72 44.88
N GLN AA 16 56.92 -83.28 44.37
CA GLN AA 16 57.18 -83.27 42.93
C GLN AA 16 56.07 -83.99 42.19
N LEU AA 17 55.58 -83.38 41.11
CA LEU AA 17 54.54 -84.00 40.30
C LEU AA 17 55.12 -85.17 39.51
N ARG AA 18 54.46 -86.32 39.59
CA ARG AA 18 54.92 -87.53 38.92
C ARG AA 18 53.76 -88.14 38.14
N VAL AA 19 54.00 -88.43 36.87
CA VAL AA 19 53.01 -89.07 36.00
C VAL AA 19 53.56 -90.44 35.62
N PHE AA 20 52.78 -91.48 35.87
CA PHE AA 20 53.24 -92.86 35.65
C PHE AA 20 52.78 -93.40 34.30
N ARG AA 21 51.52 -93.21 33.95
CA ARG AA 21 50.97 -93.66 32.67
C ARG AA 21 50.54 -92.44 31.88
N THR AA 22 51.43 -91.91 31.05
CA THR AA 22 51.13 -90.72 30.27
C THR AA 22 50.09 -91.03 29.20
N ASN AA 23 49.23 -90.05 28.93
CA ASN AA 23 48.17 -90.17 27.94
C ASN AA 23 48.53 -89.49 26.62
N PHE AA 24 49.78 -89.07 26.46
CA PHE AA 24 50.20 -88.35 25.26
C PHE AA 24 50.58 -89.33 24.16
N PHE AA 25 50.24 -88.98 22.93
CA PHE AA 25 50.60 -89.77 21.74
C PHE AA 25 51.22 -88.84 20.71
N ILE AA 26 52.37 -89.25 20.17
CA ILE AA 26 53.18 -88.39 19.31
C ILE AA 26 53.41 -89.10 17.99
N GLN AA 27 53.22 -88.38 16.89
CA GLN AA 27 53.53 -88.87 15.56
C GLN AA 27 54.83 -88.24 15.06
N LEU AA 28 55.50 -88.93 14.14
CA LEU AA 28 56.72 -88.44 13.52
C LEU AA 28 56.43 -88.21 12.04
N VAL AA 29 56.70 -87.00 11.55
CA VAL AA 29 56.32 -86.63 10.19
C VAL AA 29 57.54 -86.11 9.45
N ARG AA 30 57.55 -86.34 8.14
CA ARG AA 30 58.57 -85.78 7.27
C ARG AA 30 58.28 -84.30 7.03
N PRO AA 31 59.26 -83.41 7.25
CA PRO AA 31 59.01 -81.98 7.01
C PRO AA 31 58.62 -81.71 5.56
N GLY AA 32 57.63 -80.85 5.39
CA GLY AA 32 57.19 -80.49 4.04
C GLY AA 32 58.14 -79.57 3.31
N THR AA 33 58.95 -78.82 4.05
CA THR AA 33 59.93 -77.90 3.48
C THR AA 33 61.34 -78.40 3.76
N ALA AA 34 62.33 -77.60 3.37
CA ALA AA 34 63.72 -77.94 3.64
C ALA AA 34 63.98 -77.89 5.13
N GLN AA 35 64.61 -78.95 5.66
CA GLN AA 35 64.88 -79.04 7.08
C GLN AA 35 66.33 -79.40 7.32
N PRO AA 36 66.96 -78.84 8.36
CA PRO AA 36 68.36 -79.19 8.65
C PRO AA 36 68.51 -80.62 9.16
N GLU AA 37 69.76 -81.08 9.26
CA GLU AA 37 70.02 -82.48 9.59
C GLU AA 37 69.60 -82.79 11.01
N ASP AA 38 69.83 -81.88 11.96
CA ASP AA 38 69.62 -82.17 13.37
C ASP AA 38 68.20 -81.90 13.84
N THR AA 39 67.29 -81.51 12.94
CA THR AA 39 65.92 -81.17 13.29
C THR AA 39 64.98 -82.30 12.91
N VAL AA 40 64.14 -82.71 13.85
CA VAL AA 40 63.15 -83.76 13.66
C VAL AA 40 61.77 -83.18 13.95
N GLN AA 41 60.80 -83.51 13.12
CA GLN AA 41 59.47 -82.91 13.17
C GLN AA 41 58.44 -83.91 13.67
N PHE AA 42 57.77 -83.57 14.76
CA PHE AA 42 56.74 -84.40 15.36
C PHE AA 42 55.41 -83.65 15.40
N ARG AA 43 54.34 -84.42 15.44
CA ARG AA 43 52.99 -83.92 15.71
C ARG AA 43 52.60 -84.38 17.10
N ILE AA 44 52.27 -83.41 17.96
CA ILE AA 44 52.02 -83.65 19.37
C ILE AA 44 50.58 -83.26 19.69
N PRO AA 45 50.00 -83.77 20.76
CA PRO AA 45 48.64 -83.35 21.14
C PRO AA 45 48.62 -81.88 21.55
N MET AA 46 47.41 -81.32 21.56
CA MET AA 46 47.23 -79.91 21.84
C MET AA 46 47.70 -79.51 23.23
N GLU AA 47 47.78 -80.47 24.16
CA GLU AA 47 48.18 -80.20 25.54
C GLU AA 47 49.61 -80.66 25.82
N MET AA 48 50.51 -80.48 24.85
CA MET AA 48 51.92 -80.84 24.99
C MET AA 48 52.76 -79.57 25.09
N THR AA 49 53.66 -79.53 26.07
CA THR AA 49 54.57 -78.41 26.26
C THR AA 49 55.98 -78.81 25.87
N ARG AA 50 56.86 -77.79 25.81
CA ARG AA 50 58.25 -78.04 25.45
C ARG AA 50 58.92 -78.97 26.45
N VAL AA 51 58.73 -78.71 27.74
CA VAL AA 51 59.38 -79.54 28.75
C VAL AA 51 58.78 -80.94 28.77
N ASP AA 52 57.47 -81.04 28.56
CA ASP AA 52 56.83 -82.36 28.49
C ASP AA 52 57.39 -83.17 27.33
N LEU AA 53 57.54 -82.54 26.16
CA LEU AA 53 58.10 -83.24 25.01
C LEU AA 53 59.55 -83.63 25.26
N ARG AA 54 60.32 -82.73 25.89
CA ARG AA 54 61.72 -83.01 26.18
C ARG AA 54 61.86 -84.21 27.11
N ASN AA 55 61.08 -84.23 28.18
CA ASN AA 55 61.11 -85.37 29.11
C ASN AA 55 60.64 -86.64 28.42
N TYR AA 56 59.60 -86.54 27.61
CA TYR AA 56 59.09 -87.69 26.86
C TYR AA 56 60.20 -88.32 26.01
N LEU AA 57 60.89 -87.49 25.23
CA LEU AA 57 61.92 -88.01 24.33
C LEU AA 57 63.18 -88.43 25.07
N GLU AA 58 63.49 -87.81 26.22
CA GLU AA 58 64.69 -88.17 26.96
C GLU AA 58 64.51 -89.43 27.81
N ARG AA 59 63.28 -89.74 28.22
CA ARG AA 59 63.06 -90.90 29.07
C ARG AA 59 62.43 -92.08 28.34
N ILE AA 60 61.34 -91.86 27.60
CA ILE AA 60 60.67 -92.96 26.92
C ILE AA 60 61.54 -93.48 25.77
N TYR AA 61 62.12 -92.57 24.98
CA TYR AA 61 62.94 -92.96 23.84
C TYR AA 61 64.42 -92.71 24.04
N ASN AA 62 64.82 -91.97 25.07
CA ASN AA 62 66.22 -91.69 25.37
C ASN AA 62 66.92 -91.04 24.17
N VAL AA 63 66.36 -89.92 23.75
CA VAL AA 63 66.86 -89.15 22.61
C VAL AA 63 67.50 -87.86 23.13
N PRO AA 64 68.78 -87.62 22.87
CA PRO AA 64 69.43 -86.38 23.35
C PRO AA 64 69.01 -85.14 22.56
N VAL AA 65 67.85 -84.60 22.94
CA VAL AA 65 67.32 -83.41 22.29
C VAL AA 65 67.94 -82.18 22.93
N ALA AA 66 68.20 -81.16 22.11
CA ALA AA 66 68.79 -79.91 22.57
C ALA AA 66 67.80 -78.75 22.58
N ALA AA 67 67.05 -78.57 21.49
CA ALA AA 67 66.13 -77.45 21.38
C ALA AA 67 64.74 -77.95 21.01
N VAL AA 68 63.72 -77.26 21.51
CA VAL AA 68 62.32 -77.59 21.22
C VAL AA 68 61.61 -76.31 20.78
N ARG AA 69 60.93 -76.36 19.65
CA ARG AA 69 60.15 -75.22 19.16
C ARG AA 69 58.79 -75.73 18.70
N THR AA 70 57.73 -75.19 19.29
CA THR AA 70 56.38 -75.66 19.03
C THR AA 70 55.55 -74.59 18.34
N ARG AA 71 54.57 -75.04 17.55
CA ARG AA 71 53.65 -74.16 16.86
C ARG AA 71 52.31 -74.87 16.72
N VAL AA 72 51.27 -74.09 16.44
CA VAL AA 72 49.91 -74.61 16.32
C VAL AA 72 49.43 -74.36 14.90
N GLN AA 73 49.21 -75.44 14.15
CA GLN AA 73 48.64 -75.36 12.82
C GLN AA 73 47.12 -75.49 12.90
N TYR AA 74 46.43 -74.57 12.26
CA TYR AA 74 44.98 -74.47 12.32
C TYR AA 74 44.34 -75.20 11.15
N GLY AA 75 43.47 -76.15 11.46
CA GLY AA 75 42.78 -76.91 10.43
C GLY AA 75 41.77 -76.04 9.70
N SER AA 76 41.63 -76.30 8.40
CA SER AA 76 40.77 -75.49 7.55
C SER AA 76 39.31 -75.71 7.91
N ASN AA 77 38.54 -74.62 7.94
CA ASN AA 77 37.09 -74.66 8.13
C ASN AA 77 36.35 -74.12 6.91
N ARG AA 78 36.86 -74.37 5.71
CA ARG AA 78 36.31 -73.82 4.48
C ARG AA 78 35.32 -74.76 3.81
N ARG AA 79 35.59 -76.06 3.83
CA ARG AA 79 34.76 -77.01 3.11
C ARG AA 79 33.36 -77.09 3.72
N ARG AA 80 32.35 -77.20 2.87
CA ARG AA 80 30.96 -77.26 3.28
C ARG AA 80 30.42 -78.68 3.10
N ASP AA 81 29.49 -79.05 3.96
CA ASP AA 81 28.82 -80.34 3.87
C ASP AA 81 27.62 -80.24 2.93
N HIS AA 82 26.93 -81.36 2.74
CA HIS AA 82 25.74 -81.36 1.88
C HIS AA 82 24.63 -80.50 2.47
N ARG AA 83 24.63 -80.31 3.79
CA ARG AA 83 23.69 -79.42 4.45
C ARG AA 83 24.20 -77.98 4.52
N ASN AA 84 25.19 -77.64 3.69
CA ASN AA 84 25.84 -76.33 3.72
C ASN AA 84 26.39 -76.00 5.10
N ILE AA 85 26.93 -77.02 5.77
CA ILE AA 85 27.53 -76.87 7.10
C ILE AA 85 29.03 -77.02 6.97
N ARG AA 86 29.77 -76.11 7.61
CA ARG AA 86 31.22 -76.14 7.52
C ARG AA 86 31.77 -77.40 8.18
N ILE AA 87 32.73 -78.04 7.50
CA ILE AA 87 33.44 -79.19 8.04
C ILE AA 87 34.84 -78.73 8.38
N LYS AA 88 35.19 -78.76 9.66
CA LYS AA 88 36.45 -78.22 10.15
C LYS AA 88 37.41 -79.35 10.46
N LYS AA 89 38.58 -79.33 9.83
CA LYS AA 89 39.64 -80.27 10.18
C LYS AA 89 40.23 -79.88 11.54
N PRO AA 90 40.57 -80.85 12.38
CA PRO AA 90 41.08 -80.52 13.71
C PRO AA 90 42.45 -79.85 13.64
N ASP AA 91 42.63 -78.83 14.47
CA ASP AA 91 43.93 -78.18 14.58
C ASP AA 91 44.90 -79.11 15.30
N TYR AA 92 46.19 -78.96 14.97
CA TYR AA 92 47.19 -79.85 15.54
C TYR AA 92 48.45 -79.07 15.86
N LYS AA 93 49.18 -79.55 16.87
CA LYS AA 93 50.41 -78.91 17.31
C LYS AA 93 51.61 -79.62 16.69
N VAL AA 94 52.51 -78.85 16.09
CA VAL AA 94 53.70 -79.38 15.43
C VAL AA 94 54.93 -78.88 16.17
N ALA AA 95 55.83 -79.79 16.50
CA ALA AA 95 57.04 -79.47 17.24
C ALA AA 95 58.26 -79.87 16.42
N TYR AA 96 59.32 -79.08 16.57
CA TYR AA 96 60.62 -79.33 15.96
C TYR AA 96 61.63 -79.49 17.08
N VAL AA 97 62.35 -80.60 17.08
CA VAL AA 97 63.36 -80.90 18.08
C VAL AA 97 64.72 -80.95 17.41
N GLN AA 98 65.65 -80.16 17.92
CA GLN AA 98 67.02 -80.14 17.45
C GLN AA 98 67.88 -80.95 18.40
N LEU AA 99 68.59 -81.94 17.87
CA LEU AA 99 69.34 -82.88 18.68
C LEU AA 99 70.56 -82.21 19.29
N ALA AA 100 71.10 -82.86 20.33
CA ALA AA 100 72.20 -82.31 21.12
C ALA AA 100 73.56 -82.77 20.63
N LEU AA 101 73.80 -84.07 20.60
CA LEU AA 101 75.12 -84.63 20.30
C LEU AA 101 75.48 -84.55 18.82
N GLY AA 102 74.75 -83.81 17.99
CA GLY AA 102 75.08 -83.70 16.59
C GLY AA 102 74.65 -84.87 15.73
N GLN AA 103 73.76 -85.72 16.25
CA GLN AA 103 73.28 -86.85 15.47
C GLN AA 103 72.49 -86.36 14.27
N THR AA 104 72.72 -86.99 13.11
CA THR AA 104 72.06 -86.63 11.87
C THR AA 104 70.92 -87.60 11.62
N PHE AA 105 69.72 -87.07 11.46
CA PHE AA 105 68.52 -87.88 11.23
C PHE AA 105 67.88 -87.51 9.90
N THR AA 106 67.53 -88.53 9.13
CA THR AA 106 66.82 -88.37 7.86
C THR AA 106 65.64 -89.33 7.85
N PHE AA 107 64.50 -88.86 7.37
CA PHE AA 107 63.30 -89.68 7.37
C PHE AA 107 63.46 -90.83 6.37
N PRO AA 108 63.37 -92.07 6.81
CA PRO AA 108 63.57 -93.20 5.89
C PRO AA 108 62.36 -93.40 4.97
N ASP AA 109 62.63 -94.01 3.82
CA ASP AA 109 61.57 -94.35 2.88
C ASP AA 109 60.85 -95.60 3.38
N LEU AA 110 59.62 -95.43 3.86
CA LEU AA 110 58.86 -96.52 4.46
C LEU AA 110 58.11 -97.35 3.44
N PHE AA 111 58.08 -96.95 2.17
CA PHE AA 111 57.38 -97.70 1.12
C PHE AA 111 58.33 -97.93 -0.05
N PRO AA 112 59.27 -98.85 0.09
CA PRO AA 112 60.17 -99.17 -1.03
C PRO AA 112 59.48 -100.13 -2.00
N GLU AA 113 59.40 -99.73 -3.27
CA GLU AA 113 58.82 -100.58 -4.28
C GLU AA 113 59.70 -101.80 -4.54
N ARG AA 114 59.06 -102.93 -4.80
CA ARG AA 114 59.75 -104.19 -5.00
C ARG AA 114 59.93 -104.47 -6.50
N LYS AA 115 61.13 -104.89 -6.88
CA LYS AA 115 61.39 -105.21 -8.28
C LYS AA 115 60.53 -106.38 -8.76
N GLY AA 116 60.37 -107.41 -7.92
CA GLY AA 116 59.52 -108.54 -8.28
C GLY AA 116 58.07 -108.09 -8.43
N ALA AA 117 57.59 -107.23 -7.54
CA ALA AA 117 56.22 -106.72 -7.65
C ALA AA 117 56.04 -105.91 -8.92
N SER AA 118 57.02 -105.08 -9.27
CA SER AA 118 56.93 -104.29 -10.49
C SER AA 118 56.93 -105.19 -11.72
N VAL AA 119 57.76 -106.24 -11.72
CA VAL AA 119 57.77 -107.18 -12.84
C VAL AA 119 56.43 -107.90 -12.96
N ASP AA 120 55.86 -108.31 -11.83
CA ASP AA 120 54.55 -108.96 -11.86
C ASP AA 120 53.48 -108.02 -12.38
N VAL AA 121 53.51 -106.76 -11.96
CA VAL AA 121 52.54 -105.78 -12.46
C VAL AA 121 52.69 -105.56 -13.96
N ASP AA 122 53.93 -105.48 -14.44
CA ASP AA 122 54.16 -105.33 -15.88
C ASP AA 122 53.65 -106.54 -16.65
N VAL AA 123 53.89 -107.75 -16.11
CA VAL AA 123 53.40 -108.96 -16.77
C VAL AA 123 51.88 -108.98 -16.80
N ARG AA 124 51.23 -108.57 -15.70
CA ARG AA 124 49.77 -108.52 -15.67
C ARG AA 124 49.23 -107.51 -16.68
N ASP AA 125 49.89 -106.35 -16.78
CA ASP AA 125 49.48 -105.36 -17.76
C ASP AA 125 49.64 -105.88 -19.19
N GLN AA 126 50.74 -106.59 -19.46
CA GLN AA 126 50.94 -107.18 -20.78
C GLN AA 126 49.87 -108.22 -21.08
N VAL AA 127 49.52 -109.05 -20.08
CA VAL AA 127 48.48 -110.04 -20.27
C VAL AA 127 47.13 -109.39 -20.55
N LEU AA 128 46.81 -108.31 -19.82
CA LEU AA 128 45.57 -107.58 -20.06
C LEU AA 128 45.55 -106.97 -21.46
N GLU AA 129 46.67 -106.41 -21.90
CA GLU AA 129 46.74 -105.85 -23.25
C GLU AA 129 46.56 -106.94 -24.30
N ASP AA 130 47.17 -108.11 -24.09
CA ASP AA 130 46.99 -109.21 -25.03
C ASP AA 130 45.55 -109.69 -25.06
N GLN AA 131 44.90 -109.75 -23.89
CA GLN AA 131 43.49 -110.14 -23.85
C GLN AA 131 42.63 -109.13 -24.60
N ARG AA 132 42.90 -107.84 -24.41
CA ARG AA 132 42.14 -106.81 -25.13
C ARG AA 132 42.37 -106.94 -26.63
N GLN AA 133 43.61 -107.20 -27.04
CA GLN AA 133 43.91 -107.35 -28.46
C GLN AA 133 43.19 -108.55 -29.06
N LYS AA 134 43.18 -109.68 -28.35
CA LYS AA 134 42.53 -110.88 -28.88
C LYS AA 134 41.01 -110.75 -28.85
N HIS AA 135 40.47 -109.95 -27.93
CA HIS AA 135 39.03 -109.71 -27.90
C HIS AA 135 38.60 -108.59 -28.83
N SER AA 136 39.54 -107.82 -29.37
CA SER AA 136 39.19 -106.77 -30.32
C SER AA 136 38.63 -107.39 -31.60
N PRO AA 137 37.52 -106.86 -32.12
CA PRO AA 137 36.93 -107.44 -33.33
C PRO AA 137 37.84 -107.31 -34.54
N ASP AA 138 37.74 -108.30 -35.42
CA ASP AA 138 38.50 -108.29 -36.67
C ASP AA 138 37.92 -107.24 -37.61
N PRO AA 139 38.71 -106.28 -38.09
CA PRO AA 139 38.18 -105.25 -38.99
C PRO AA 139 37.58 -105.82 -40.27
N ARG AA 140 38.06 -106.97 -40.75
CA ARG AA 140 37.52 -107.57 -41.97
C ARG AA 140 36.13 -108.15 -41.78
N ARG AA 141 35.64 -108.26 -40.55
CA ARG AA 141 34.31 -108.83 -40.30
C ARG AA 141 33.21 -107.79 -40.34
N GLY AA 142 33.52 -106.55 -39.97
CA GLY AA 142 32.54 -105.49 -40.03
C GLY AA 142 31.48 -105.55 -38.94
N GLY AA 143 31.77 -106.19 -37.82
CA GLY AA 143 30.83 -106.31 -36.72
C GLY AA 143 30.11 -107.64 -36.63
N VAL AA 144 30.28 -108.51 -37.61
CA VAL AA 144 29.65 -109.84 -37.55
C VAL AA 144 30.28 -110.63 -36.42
N PRO AA 145 29.49 -111.25 -35.53
CA PRO AA 145 30.07 -112.05 -34.44
C PRO AA 145 30.91 -113.20 -34.99
N GLY AA 146 32.05 -113.43 -34.34
CA GLY AA 146 32.96 -114.47 -34.77
C GLY AA 146 32.79 -115.77 -34.02
N TRP AA 147 31.82 -115.82 -33.09
CA TRP AA 147 31.60 -117.03 -32.32
C TRP AA 147 31.13 -118.18 -33.20
N PHE AA 148 30.21 -117.91 -34.13
CA PHE AA 148 29.70 -118.94 -35.02
C PHE AA 148 30.75 -119.31 -36.06
N GLY AA 149 30.94 -120.60 -36.28
CA GLY AA 149 31.86 -121.07 -37.30
C GLY AA 149 31.35 -120.78 -38.70
N LEU AA 150 30.28 -121.47 -39.09
CA LEU AA 150 29.65 -121.26 -40.40
C LEU AA 150 28.13 -121.37 -40.29
N SER BA 11 35.91 -98.38 15.43
CA SER BA 11 35.35 -97.40 14.50
C SER BA 11 33.95 -97.82 14.04
N LYS BA 12 32.94 -97.12 14.52
CA LYS BA 12 31.55 -97.38 14.17
C LYS BA 12 31.02 -96.21 13.35
N VAL BA 13 30.62 -96.49 12.12
CA VAL BA 13 30.08 -95.45 11.26
C VAL BA 13 28.59 -95.27 11.54
N THR BA 14 28.16 -94.03 11.75
CA THR BA 14 26.78 -93.73 12.06
C THR BA 14 25.97 -93.57 10.79
N LEU BA 15 24.85 -94.31 10.69
CA LEU BA 15 23.96 -94.23 9.55
C LEU BA 15 22.72 -93.42 9.87
N PRO BA 16 22.15 -92.73 8.89
CA PRO BA 16 20.90 -91.98 9.12
C PRO BA 16 19.76 -92.94 9.43
N PRO BA 17 18.75 -92.48 10.18
CA PRO BA 17 17.63 -93.38 10.52
C PRO BA 17 16.90 -93.90 9.30
N ASN BA 18 16.76 -93.09 8.25
CA ASN BA 18 16.16 -93.53 7.01
C ASN BA 18 17.29 -94.01 6.10
N TYR BA 19 17.46 -95.32 6.00
CA TYR BA 19 18.59 -95.89 5.29
C TYR BA 19 18.13 -97.10 4.47
N ARG BA 20 18.86 -97.35 3.38
CA ARG BA 20 18.61 -98.48 2.49
C ARG BA 20 19.82 -99.39 2.51
N TYR BA 21 19.60 -100.68 2.77
CA TYR BA 21 20.68 -101.66 2.81
C TYR BA 21 20.69 -102.46 1.52
N GLY BA 22 21.84 -102.50 0.85
CA GLY BA 22 21.95 -103.18 -0.43
C GLY BA 22 23.04 -104.22 -0.48
N MET BA 23 23.19 -105.00 0.59
CA MET BA 23 24.19 -106.06 0.69
C MET BA 23 25.61 -105.52 0.59
N SER BA 24 25.83 -104.29 1.03
CA SER BA 24 27.14 -103.66 1.00
C SER BA 24 27.48 -103.11 2.38
N ARG BA 25 28.79 -102.99 2.63
CA ARG BA 25 29.24 -102.43 3.90
C ARG BA 25 28.80 -100.97 4.01
N PRO BA 26 28.29 -100.55 5.17
CA PRO BA 26 27.82 -99.16 5.31
C PRO BA 26 28.91 -98.13 5.03
N GLY BA 27 30.16 -98.43 5.33
CA GLY BA 27 31.24 -97.50 5.08
C GLY BA 27 32.10 -97.92 3.90
N SER BA 28 31.46 -98.44 2.86
CA SER BA 28 32.15 -98.91 1.67
C SER BA 28 31.97 -97.95 0.51
N LEU BA 29 32.94 -97.95 -0.40
CA LEU BA 29 32.88 -97.09 -1.57
C LEU BA 29 31.69 -97.45 -2.45
N SER BA 30 31.39 -98.74 -2.59
CA SER BA 30 30.24 -99.16 -3.39
C SER BA 30 28.94 -98.63 -2.80
N ASP BA 31 28.79 -98.70 -1.48
CA ASP BA 31 27.59 -98.17 -0.85
C ASP BA 31 27.51 -96.65 -0.99
N LYS BA 32 28.64 -95.96 -0.82
CA LYS BA 32 28.64 -94.51 -0.98
C LYS BA 32 28.26 -94.11 -2.39
N ARG BA 33 28.73 -94.84 -3.40
CA ARG BA 33 28.34 -94.58 -4.77
C ARG BA 33 26.88 -94.91 -5.02
N LYS BA 34 26.36 -95.97 -4.39
CA LYS BA 34 24.96 -96.33 -4.58
C LYS BA 34 24.03 -95.26 -4.00
N ASN BA 35 24.25 -94.86 -2.76
CA ASN BA 35 23.49 -93.77 -2.15
C ASN BA 35 24.42 -92.80 -1.45
N PRO BA 36 24.51 -91.56 -1.91
CA PRO BA 36 25.34 -90.56 -1.22
C PRO BA 36 24.71 -90.18 0.11
N PRO BA 37 25.49 -89.55 1.00
CA PRO BA 37 24.93 -89.16 2.31
C PRO BA 37 23.86 -88.09 2.22
N GLY BA 38 23.55 -87.58 1.03
CA GLY BA 38 22.54 -86.54 0.90
C GLY BA 38 21.21 -87.04 0.38
N THR BA 39 21.00 -88.35 0.38
CA THR BA 39 19.77 -88.95 -0.10
C THR BA 39 19.13 -89.80 0.98
N ARG BA 40 17.82 -90.02 0.85
CA ARG BA 40 17.05 -90.80 1.81
C ARG BA 40 15.87 -91.40 1.08
N ARG BA 41 15.90 -92.72 0.87
CA ARG BA 41 14.89 -93.41 0.09
C ARG BA 41 13.70 -93.80 0.98
N ARG BA 42 12.75 -94.52 0.38
CA ARG BA 42 11.56 -94.95 1.10
C ARG BA 42 11.89 -96.08 2.06
N ARG BA 43 11.24 -96.07 3.22
CA ARG BA 43 11.42 -97.12 4.22
C ARG BA 43 10.64 -98.36 3.81
N VAL BA 44 11.31 -99.52 3.84
CA VAL BA 44 10.67 -100.78 3.52
C VAL BA 44 10.15 -101.42 4.80
N PRO BA 45 9.02 -102.13 4.77
CA PRO BA 45 8.52 -102.78 5.97
C PRO BA 45 9.41 -103.95 6.37
N VAL BA 46 9.72 -104.04 7.66
CA VAL BA 46 10.55 -105.11 8.21
C VAL BA 46 9.73 -105.82 9.28
N GLU BA 47 9.57 -107.13 9.12
CA GLU BA 47 8.84 -107.91 10.11
C GLU BA 47 9.63 -107.98 11.41
N PRO BA 48 9.03 -107.67 12.56
CA PRO BA 48 9.79 -107.66 13.81
C PRO BA 48 10.26 -109.05 14.24
N ILE BA 49 11.56 -109.28 14.18
CA ILE BA 49 12.17 -110.53 14.63
C ILE BA 49 13.24 -110.17 15.65
N SER BA 50 13.08 -110.65 16.88
CA SER BA 50 14.04 -110.36 17.93
C SER BA 50 15.27 -111.25 17.78
N ASP BA 51 16.29 -110.96 18.59
CA ASP BA 51 17.51 -111.77 18.57
C ASP BA 51 17.26 -113.19 19.05
N GLU BA 52 16.32 -113.36 19.97
CA GLU BA 52 16.03 -114.68 20.53
C GLU BA 52 15.15 -115.54 19.62
N ASP BA 53 14.62 -114.98 18.53
CA ASP BA 53 13.76 -115.72 17.62
C ASP BA 53 14.36 -115.84 16.22
N TRP BA 54 15.66 -115.55 16.08
CA TRP BA 54 16.34 -115.67 14.79
C TRP BA 54 17.09 -117.01 14.77
N HIS BA 55 16.59 -117.95 13.97
CA HIS BA 55 17.14 -119.30 13.92
C HIS BA 55 18.10 -119.52 12.76
N LEU BA 56 18.18 -118.58 11.82
CA LEU BA 56 19.00 -118.73 10.63
C LEU BA 56 20.36 -118.10 10.88
N PHE BA 57 21.40 -118.93 10.96
CA PHE BA 57 22.77 -118.48 11.10
C PHE BA 57 23.54 -118.73 9.82
N CYS BA 58 24.84 -118.45 9.85
CA CYS BA 58 25.71 -118.61 8.69
C CYS BA 58 26.49 -119.91 8.82
N GLY BA 59 26.49 -120.70 7.75
CA GLY BA 59 27.23 -121.95 7.70
C GLY BA 59 26.36 -123.19 7.67
N ASP BA 60 25.05 -123.07 7.80
CA ASP BA 60 24.15 -124.22 7.80
C ASP BA 60 23.54 -124.41 6.41
N LYS BA 61 23.09 -125.65 6.16
CA LYS BA 61 22.47 -126.00 4.88
C LYS BA 61 20.98 -125.73 4.97
N VAL BA 62 20.47 -124.89 4.06
CA VAL BA 62 19.06 -124.54 4.01
C VAL BA 62 18.56 -124.72 2.58
N GLU BA 63 17.24 -124.88 2.46
CA GLU BA 63 16.60 -125.13 1.18
C GLU BA 63 15.78 -123.92 0.76
N ILE BA 64 15.83 -123.61 -0.54
CA ILE BA 64 15.08 -122.49 -1.10
C ILE BA 64 13.66 -122.96 -1.41
N LEU BA 65 12.67 -122.17 -1.01
CA LEU BA 65 11.27 -122.55 -1.16
C LEU BA 65 10.62 -122.00 -2.43
N GLU BA 66 10.95 -120.78 -2.84
CA GLU BA 66 10.33 -120.16 -3.99
C GLU BA 66 11.40 -119.62 -4.93
N GLY BA 67 11.07 -119.58 -6.21
CA GLY BA 67 11.98 -119.06 -7.22
C GLY BA 67 12.16 -120.03 -8.38
N LYS BA 68 13.01 -119.64 -9.34
CA LYS BA 68 13.31 -120.54 -10.45
C LYS BA 68 14.00 -121.81 -9.97
N ASP BA 69 14.98 -121.66 -9.08
CA ASP BA 69 15.70 -122.80 -8.51
C ASP BA 69 15.09 -123.10 -7.14
N ALA BA 70 13.95 -123.78 -7.17
CA ALA BA 70 13.23 -124.14 -5.96
C ALA BA 70 13.56 -125.57 -5.55
N GLY BA 71 13.57 -125.80 -4.24
CA GLY BA 71 13.89 -127.10 -3.70
C GLY BA 71 15.37 -127.39 -3.61
N LYS BA 72 16.24 -126.44 -3.92
CA LYS BA 72 17.67 -126.65 -3.88
C LYS BA 72 18.23 -126.24 -2.51
N GLN BA 73 19.22 -127.01 -2.06
CA GLN BA 73 19.84 -126.81 -0.76
C GLN BA 73 21.24 -126.24 -0.94
N GLY BA 74 21.60 -125.29 -0.07
CA GLY BA 74 22.89 -124.65 -0.12
C GLY BA 74 23.30 -124.14 1.24
N LYS BA 75 24.57 -123.80 1.36
CA LYS BA 75 25.15 -123.33 2.61
C LYS BA 75 24.98 -121.83 2.74
N VAL BA 76 24.54 -121.38 3.91
CA VAL BA 76 24.36 -119.95 4.17
C VAL BA 76 25.73 -119.31 4.33
N VAL BA 77 25.93 -118.18 3.66
CA VAL BA 77 27.20 -117.45 3.69
C VAL BA 77 27.08 -116.15 4.47
N GLN BA 78 26.07 -115.33 4.14
CA GLN BA 78 25.90 -114.03 4.77
C GLN BA 78 24.45 -113.84 5.18
N VAL BA 79 24.28 -113.13 6.30
CA VAL BA 79 22.97 -112.79 6.83
C VAL BA 79 22.96 -111.32 7.21
N ILE BA 80 21.90 -110.62 6.83
CA ILE BA 80 21.69 -109.21 7.16
C ILE BA 80 20.43 -109.14 8.01
N ARG BA 81 20.59 -108.80 9.28
CA ARG BA 81 19.45 -108.73 10.19
C ARG BA 81 18.63 -107.45 10.05
N GLN BA 82 19.14 -106.45 9.33
CA GLN BA 82 18.39 -105.21 9.14
C GLN BA 82 17.13 -105.44 8.32
N ARG BA 83 17.22 -106.24 7.27
CA ARG BA 83 16.07 -106.52 6.40
C ARG BA 83 15.72 -108.01 6.37
N ASN BA 84 16.26 -108.81 7.29
CA ASN BA 84 15.98 -110.25 7.36
C ASN BA 84 16.34 -110.94 6.05
N TRP BA 85 17.59 -110.76 5.63
CA TRP BA 85 18.10 -111.35 4.40
C TRP BA 85 19.09 -112.46 4.73
N VAL BA 86 18.98 -113.57 4.01
CA VAL BA 86 19.94 -114.67 4.09
C VAL BA 86 20.33 -115.06 2.68
N VAL BA 87 21.63 -115.16 2.42
CA VAL BA 87 22.13 -115.42 1.08
C VAL BA 87 22.74 -116.81 1.06
N VAL BA 88 22.53 -117.53 -0.04
CA VAL BA 88 23.13 -118.84 -0.27
C VAL BA 88 24.07 -118.73 -1.46
N GLU BA 89 25.08 -119.60 -1.48
CA GLU BA 89 26.14 -119.50 -2.48
C GLU BA 89 25.75 -120.25 -3.75
N GLY BA 90 25.46 -119.50 -4.81
CA GLY BA 90 25.24 -120.09 -6.11
C GLY BA 90 23.99 -120.94 -6.27
N LEU BA 91 22.86 -120.51 -5.68
CA LEU BA 91 21.59 -121.17 -5.91
C LEU BA 91 20.59 -120.25 -6.61
N ASN BA 92 20.30 -119.08 -6.03
CA ASN BA 92 19.46 -118.07 -6.67
C ASN BA 92 20.39 -116.95 -7.13
N THR BA 93 20.70 -116.95 -8.43
CA THR BA 93 21.80 -116.15 -8.95
C THR BA 93 21.38 -115.32 -10.15
N HIS BA 94 22.08 -114.19 -10.31
CA HIS BA 94 21.98 -113.35 -11.49
C HIS BA 94 23.40 -113.00 -11.94
N TYR BA 95 23.57 -112.87 -13.26
CA TYR BA 95 24.89 -112.73 -13.86
C TYR BA 95 25.24 -111.25 -13.98
N ARG BA 96 26.41 -110.87 -13.46
CA ARG BA 96 26.87 -109.49 -13.47
C ARG BA 96 28.32 -109.42 -13.94
N TYR BA 97 28.65 -108.35 -14.64
CA TYR BA 97 30.01 -108.12 -15.09
C TYR BA 97 30.77 -107.24 -14.11
N VAL BA 98 32.00 -107.65 -13.80
CA VAL BA 98 32.88 -106.92 -12.89
C VAL BA 98 33.98 -106.18 -13.64
N GLY BA 99 34.62 -106.86 -14.59
CA GLY BA 99 35.66 -106.23 -15.39
C GLY BA 99 35.08 -105.41 -16.53
N LYS BA 100 35.14 -104.09 -16.39
CA LYS BA 100 34.56 -103.18 -17.38
C LYS BA 100 35.56 -102.09 -17.69
N THR BA 101 35.95 -101.97 -18.96
CA THR BA 101 36.88 -100.94 -19.40
C THR BA 101 36.27 -100.26 -20.62
N VAL BA 102 37.05 -99.40 -21.26
CA VAL BA 102 36.56 -98.66 -22.42
C VAL BA 102 36.31 -99.60 -23.60
N ASP BA 103 37.15 -100.62 -23.78
CA ASP BA 103 37.01 -101.49 -24.94
C ASP BA 103 37.18 -102.97 -24.59
N TYR BA 104 36.93 -103.36 -23.35
CA TYR BA 104 37.06 -104.77 -22.96
C TYR BA 104 36.11 -105.08 -21.81
N ARG BA 105 35.51 -106.26 -21.86
CA ARG BA 105 34.68 -106.77 -20.78
C ARG BA 105 34.95 -108.26 -20.62
N GLY BA 106 34.65 -108.79 -19.44
CA GLY BA 106 34.85 -110.20 -19.21
C GLY BA 106 34.52 -110.56 -17.78
N THR BA 107 34.72 -111.84 -17.47
CA THR BA 107 34.48 -112.40 -16.14
C THR BA 107 33.06 -112.10 -15.66
N MET BA 108 32.08 -112.60 -16.43
CA MET BA 108 30.68 -112.46 -16.08
C MET BA 108 30.37 -113.42 -14.93
N ILE BA 109 30.45 -112.90 -13.70
CA ILE BA 109 30.33 -113.74 -12.51
C ILE BA 109 28.87 -113.87 -12.11
N PRO BA 110 28.42 -115.04 -11.68
CA PRO BA 110 27.05 -115.20 -11.19
C PRO BA 110 26.97 -114.88 -9.71
N SER BA 111 26.46 -113.70 -9.40
CA SER BA 111 26.29 -113.27 -8.01
C SER BA 111 24.96 -113.78 -7.48
N GLU BA 112 24.81 -113.74 -6.16
CA GLU BA 112 23.69 -114.36 -5.48
C GLU BA 112 22.72 -113.30 -4.99
N ALA BA 113 21.44 -113.45 -5.35
CA ALA BA 113 20.42 -112.53 -4.92
C ALA BA 113 19.99 -112.83 -3.48
N PRO BA 114 19.59 -111.82 -2.73
CA PRO BA 114 19.17 -112.05 -1.33
C PRO BA 114 17.82 -112.72 -1.25
N LEU BA 115 17.60 -113.42 -0.13
CA LEU BA 115 16.34 -114.08 0.15
C LEU BA 115 15.89 -113.75 1.57
N LEU BA 116 14.58 -113.64 1.74
CA LEU BA 116 13.99 -113.36 3.04
C LEU BA 116 13.90 -114.63 3.89
N HIS BA 117 13.61 -114.44 5.17
CA HIS BA 117 13.44 -115.56 6.08
C HIS BA 117 12.21 -116.39 5.74
N ASN BA 118 11.18 -115.78 5.15
CA ASN BA 118 9.97 -116.52 4.81
C ASN BA 118 10.21 -117.52 3.69
N GLN BA 119 11.19 -117.26 2.82
CA GLN BA 119 11.49 -118.12 1.69
C GLN BA 119 12.58 -119.14 2.01
N VAL BA 120 13.08 -119.16 3.23
CA VAL BA 120 14.18 -120.04 3.63
C VAL BA 120 13.80 -120.76 4.92
N LYS BA 121 13.93 -122.08 4.92
CA LYS BA 121 13.69 -122.89 6.11
C LYS BA 121 14.91 -123.76 6.39
N LEU BA 122 15.30 -123.85 7.66
CA LEU BA 122 16.44 -124.64 8.05
C LEU BA 122 16.14 -126.13 7.87
N VAL BA 123 17.14 -126.88 7.43
CA VAL BA 123 17.01 -128.30 7.13
C VAL BA 123 17.90 -129.09 8.08
N ASP BA 124 17.31 -130.06 8.77
CA ASP BA 124 18.08 -130.91 9.66
C ASP BA 124 18.97 -131.85 8.85
N PRO BA 125 20.18 -132.15 9.34
CA PRO BA 125 21.11 -132.99 8.58
C PRO BA 125 20.76 -134.46 8.56
N THR BA 126 19.75 -134.90 9.31
CA THR BA 126 19.47 -136.33 9.42
C THR BA 126 18.74 -136.86 8.19
N ASP BA 127 17.55 -136.33 7.91
CA ASP BA 127 16.76 -136.78 6.77
C ASP BA 127 16.82 -135.82 5.58
N ARG BA 128 17.51 -134.68 5.73
CA ARG BA 128 17.68 -133.71 4.64
C ARG BA 128 16.34 -133.24 4.09
N LYS BA 129 15.42 -132.90 5.00
CA LYS BA 129 14.12 -132.36 4.63
C LYS BA 129 13.87 -131.05 5.36
N PRO BA 130 13.14 -130.12 4.74
CA PRO BA 130 12.83 -128.85 5.42
C PRO BA 130 11.95 -129.08 6.64
N THR BA 131 12.16 -128.24 7.66
CA THR BA 131 11.40 -128.32 8.89
C THR BA 131 11.33 -126.95 9.54
N ASP BA 132 10.33 -126.78 10.40
CA ASP BA 132 10.16 -125.54 11.17
C ASP BA 132 11.03 -125.64 12.42
N VAL BA 133 11.79 -124.57 12.70
CA VAL BA 133 12.74 -124.56 13.80
C VAL BA 133 12.19 -123.69 14.92
N GLU BA 134 12.04 -124.28 16.11
CA GLU BA 134 11.60 -123.58 17.30
C GLU BA 134 12.65 -123.70 18.39
N TRP BA 135 12.94 -122.59 19.06
CA TRP BA 135 13.96 -122.56 20.09
C TRP BA 135 13.45 -123.28 21.34
N ARG BA 136 14.28 -124.18 21.88
CA ARG BA 136 13.95 -124.95 23.07
C ARG BA 136 15.08 -124.82 24.06
N PHE BA 137 14.74 -125.02 25.35
CA PHE BA 137 15.72 -124.99 26.43
C PHE BA 137 15.86 -126.40 26.97
N THR BA 138 17.08 -126.94 26.89
CA THR BA 138 17.34 -128.30 27.32
C THR BA 138 17.60 -128.35 28.83
N GLU BA 139 17.57 -129.56 29.38
CA GLU BA 139 17.78 -129.76 30.81
C GLU BA 139 19.22 -129.50 31.22
N ALA BA 140 20.16 -129.46 30.27
CA ALA BA 140 21.56 -129.24 30.56
C ALA BA 140 21.94 -127.77 30.55
N GLY BA 141 20.95 -126.87 30.52
CA GLY BA 141 21.23 -125.45 30.47
C GLY BA 141 21.63 -124.93 29.11
N GLU BA 142 21.54 -125.74 28.07
CA GLU BA 142 21.90 -125.34 26.72
C GLU BA 142 20.66 -125.06 25.89
N ARG BA 143 20.68 -123.92 25.20
CA ARG BA 143 19.59 -123.50 24.31
C ARG BA 143 19.95 -123.96 22.91
N VAL BA 144 19.27 -125.01 22.44
CA VAL BA 144 19.52 -125.58 21.11
C VAL BA 144 18.21 -125.56 20.34
N ARG BA 145 18.32 -125.47 19.02
CA ARG BA 145 17.15 -125.43 18.16
C ARG BA 145 16.65 -126.84 17.91
N VAL BA 146 15.35 -127.05 18.12
CA VAL BA 146 14.72 -128.36 17.99
C VAL BA 146 13.65 -128.27 16.91
N SER BA 147 13.71 -129.20 15.96
CA SER BA 147 12.71 -129.26 14.89
C SER BA 147 11.43 -129.91 15.39
N THR BA 148 10.30 -129.49 14.82
CA THR BA 148 9.01 -130.06 15.16
C THR BA 148 8.52 -131.09 14.15
N ARG BA 149 8.99 -131.02 12.90
CA ARG BA 149 8.57 -131.98 11.89
C ARG BA 149 9.00 -133.39 12.25
N SER BA 150 10.23 -133.52 12.74
CA SER BA 150 10.80 -134.82 13.09
C SER BA 150 11.05 -134.99 14.58
N GLY BA 151 11.33 -133.89 15.30
CA GLY BA 151 11.62 -133.98 16.71
C GLY BA 151 13.10 -134.20 16.98
N ARG BA 152 13.95 -133.50 16.25
CA ARG BA 152 15.40 -133.62 16.35
C ARG BA 152 16.01 -132.26 16.66
N ILE BA 153 17.30 -132.27 17.00
CA ILE BA 153 18.03 -131.05 17.32
C ILE BA 153 19.01 -130.77 16.18
N ILE BA 154 19.28 -129.48 15.99
CA ILE BA 154 20.16 -129.00 14.92
C ILE BA 154 21.34 -128.30 15.57
N PRO BA 155 22.58 -128.76 15.36
CA PRO BA 155 23.74 -128.11 15.97
C PRO BA 155 23.98 -126.73 15.38
N LYS BA 156 24.67 -125.90 16.16
CA LYS BA 156 24.96 -124.54 15.72
C LYS BA 156 25.96 -124.57 14.56
N PRO BA 157 25.67 -123.89 13.46
CA PRO BA 157 26.57 -123.94 12.30
C PRO BA 157 27.80 -123.06 12.46
N GLU BA 158 28.83 -123.59 13.14
CA GLU BA 158 30.06 -122.83 13.34
C GLU BA 158 30.67 -122.45 12.01
N PHE BA 159 30.89 -121.14 11.81
CA PHE BA 159 31.37 -120.57 10.56
C PHE BA 159 32.66 -119.79 10.79
N PRO BA 160 33.64 -119.92 9.90
CA PRO BA 160 34.91 -119.20 10.08
C PRO BA 160 34.70 -117.69 10.08
N ARG BA 161 35.50 -117.01 10.90
CA ARG BA 161 35.37 -115.56 11.05
C ARG BA 161 35.88 -114.85 9.79
N ALA BA 162 35.51 -113.58 9.66
CA ALA BA 162 35.87 -112.80 8.48
C ALA BA 162 37.34 -112.43 8.46
N ASP BA 163 38.05 -112.52 9.59
CA ASP BA 163 39.46 -112.19 9.61
C ASP BA 163 40.28 -113.18 8.80
N GLY BA 164 39.90 -114.46 8.82
CA GLY BA 164 40.58 -115.47 8.03
C GLY BA 164 41.74 -116.16 8.71
N ILE BA 165 41.88 -116.03 10.03
CA ILE BA 165 42.95 -116.67 10.78
C ILE BA 165 42.33 -117.73 11.69
N VAL BA 166 42.85 -118.96 11.60
CA VAL BA 166 42.33 -120.06 12.40
C VAL BA 166 43.23 -120.28 13.60
N PRO BA 167 42.66 -120.51 14.80
CA PRO BA 167 43.51 -120.77 15.98
C PRO BA 167 44.32 -122.04 15.89
N GLU BA 168 43.92 -123.00 15.06
CA GLU BA 168 44.61 -124.28 14.98
C GLU BA 168 46.04 -124.10 14.48
N THR BA 169 46.24 -123.28 13.46
CA THR BA 169 47.55 -123.03 12.87
C THR BA 169 47.87 -121.55 13.02
N TRP BA 170 48.80 -121.25 13.92
CA TRP BA 170 49.22 -119.87 14.15
C TRP BA 170 50.68 -119.85 14.59
N ILE BA 171 51.41 -118.83 14.16
CA ILE BA 171 52.82 -118.66 14.48
C ILE BA 171 52.97 -117.35 15.23
N ASP BA 172 53.60 -117.41 16.40
CA ASP BA 172 53.82 -116.22 17.21
C ASP BA 172 55.00 -115.43 16.69
N GLY BA 173 54.77 -114.15 16.40
CA GLY BA 173 55.81 -113.28 15.90
C GLY BA 173 56.59 -112.62 17.01
N PRO BA 174 57.54 -111.76 16.65
CA PRO BA 174 58.32 -111.04 17.67
C PRO BA 174 57.48 -110.16 18.57
N LYS BA 175 56.33 -109.68 18.09
CA LYS BA 175 55.46 -108.80 18.86
C LYS BA 175 54.27 -109.53 19.46
N ASP BA 176 54.32 -110.86 19.53
CA ASP BA 176 53.25 -111.66 20.09
C ASP BA 176 53.74 -112.44 21.29
N THR BA 177 52.93 -112.48 22.34
CA THR BA 177 53.24 -113.22 23.55
C THR BA 177 52.82 -114.67 23.39
N SER BA 178 53.43 -115.54 24.19
CA SER BA 178 53.04 -116.94 24.20
C SER BA 178 51.81 -117.13 25.08
N VAL BA 179 51.24 -118.33 25.00
CA VAL BA 179 50.08 -118.64 25.84
C VAL BA 179 50.46 -118.65 27.31
N GLU BA 180 51.67 -119.12 27.64
CA GLU BA 180 52.10 -119.13 29.03
C GLU BA 180 52.21 -117.70 29.57
N ASP BA 181 52.80 -116.80 28.79
CA ASP BA 181 52.87 -115.41 29.19
C ASP BA 181 51.50 -114.75 29.29
N ALA BA 182 50.59 -115.07 28.36
CA ALA BA 182 49.27 -114.48 28.39
C ALA BA 182 48.47 -114.93 29.60
N LEU BA 183 48.55 -116.21 29.96
CA LEU BA 183 47.79 -116.77 31.06
C LEU BA 183 48.55 -116.76 32.37
N GLU BA 184 49.77 -116.24 32.41
CA GLU BA 184 50.54 -116.20 33.64
C GLU BA 184 49.97 -115.13 34.55
N LYS BA 185 49.51 -115.54 35.72
CA LYS BA 185 48.89 -114.62 36.69
C LYS BA 185 49.91 -114.26 37.76
N THR BA 186 50.23 -112.97 37.86
CA THR BA 186 51.15 -112.47 38.88
C THR BA 186 50.49 -111.42 39.77
N TYR BA 187 49.18 -111.24 39.65
CA TYR BA 187 48.49 -110.21 40.42
C TYR BA 187 48.50 -110.55 41.90
N VAL BA 188 48.88 -109.57 42.72
CA VAL BA 188 48.81 -109.71 44.17
C VAL BA 188 47.73 -108.76 44.66
N PRO BA 189 46.53 -109.26 44.98
CA PRO BA 189 45.42 -108.36 45.33
C PRO BA 189 45.57 -107.74 46.71
N ARG BA 190 46.37 -106.69 46.82
CA ARG BA 190 46.52 -105.94 48.05
C ARG BA 190 45.92 -104.54 47.88
N LEU BA 191 45.96 -103.78 48.98
CA LEU BA 191 45.27 -102.49 49.04
C LEU BA 191 46.19 -101.30 48.75
N LYS BA 192 47.17 -101.46 47.87
CA LYS BA 192 48.10 -100.39 47.55
C LYS BA 192 47.87 -99.91 46.11
N THR BA 193 47.97 -98.60 45.92
CA THR BA 193 47.73 -98.00 44.62
C THR BA 193 48.86 -98.34 43.65
N LEU BA 194 48.56 -98.15 42.36
CA LEU BA 194 49.56 -98.40 41.32
C LEU BA 194 50.76 -97.46 41.48
N GLU BA 195 50.49 -96.19 41.78
CA GLU BA 195 51.58 -95.23 41.95
C GLU BA 195 52.48 -95.62 43.12
N GLU BA 196 51.88 -96.02 44.25
CA GLU BA 196 52.67 -96.44 45.40
C GLU BA 196 53.45 -97.71 45.09
N GLU BA 197 52.82 -98.65 44.36
CA GLU BA 197 53.51 -99.87 43.96
C GLU BA 197 54.74 -99.55 43.13
N VAL BA 198 54.59 -98.67 42.13
CA VAL BA 198 55.71 -98.33 41.26
C VAL BA 198 56.80 -97.61 42.05
N MET BA 199 56.42 -96.68 42.92
CA MET BA 199 57.41 -95.95 43.70
C MET BA 199 58.19 -96.88 44.62
N GLU BA 200 57.49 -97.81 45.29
CA GLU BA 200 58.18 -98.74 46.17
C GLU BA 200 59.04 -99.73 45.40
N ALA BA 201 58.63 -100.12 44.18
CA ALA BA 201 59.43 -101.03 43.38
C ALA BA 201 60.70 -100.35 42.87
N MET BA 202 60.58 -99.09 42.45
CA MET BA 202 61.72 -98.36 41.88
C MET BA 202 62.55 -97.64 42.94
N GLY BA 203 62.14 -97.66 44.20
CA GLY BA 203 62.90 -97.00 45.23
C GLY BA 203 62.81 -95.50 45.24
N ILE BA 204 61.78 -94.93 44.60
CA ILE BA 204 61.60 -93.49 44.60
C ILE BA 204 61.22 -93.04 46.00
N GLN BA 205 61.93 -92.02 46.51
CA GLN BA 205 61.71 -91.51 47.86
C GLN BA 205 61.12 -90.11 47.77
N GLU BA 206 59.98 -89.91 48.44
CA GLU BA 206 59.33 -88.61 48.54
C GLU BA 206 59.01 -88.34 50.00
N THR BA 207 59.52 -87.24 50.53
CA THR BA 207 59.36 -86.90 51.94
C THR BA 207 58.29 -85.85 52.17
N ARG BA 208 58.31 -84.76 51.41
CA ARG BA 208 57.35 -83.68 51.60
C ARG BA 208 55.94 -84.14 51.20
N ARG BA 209 54.94 -83.47 51.76
CA ARG BA 209 53.55 -83.80 51.51
C ARG BA 209 52.79 -82.54 51.10
N HIS BA 210 51.64 -82.73 50.46
CA HIS BA 210 50.84 -81.63 49.97
C HIS BA 210 50.25 -80.83 51.12
N LYS BA 211 50.00 -79.55 50.85
CA LYS BA 211 49.36 -78.66 51.82
C LYS BA 211 47.85 -78.83 51.74
N LYS BA 212 47.12 -77.98 52.45
CA LYS BA 212 45.66 -78.04 52.45
C LYS BA 212 45.13 -77.35 51.20
N VAL BA 213 44.28 -78.05 50.45
CA VAL BA 213 43.70 -77.54 49.22
C VAL BA 213 42.18 -77.54 49.37
N TYR BA 214 41.57 -76.39 49.09
CA TYR BA 214 40.12 -76.25 49.15
C TYR BA 214 39.49 -76.71 47.84
N TRP BA 215 38.31 -77.31 47.94
CA TRP BA 215 37.58 -77.83 46.79
C TRP BA 215 36.19 -77.21 46.77
N TYR BA 216 35.90 -76.45 45.72
CA TYR BA 216 34.58 -75.85 45.54
C TYR BA 216 34.41 -75.35 44.10
N ALA CA 30 37.17 -29.50 59.68
CA ALA CA 30 38.06 -29.43 58.53
C ALA CA 30 37.41 -30.05 57.30
N TYR CA 31 38.19 -30.23 56.24
CA TYR CA 31 37.71 -30.81 54.99
C TYR CA 31 38.48 -32.10 54.75
N GLU CA 32 37.81 -33.23 54.97
CA GLU CA 32 38.43 -34.53 54.72
C GLU CA 32 38.64 -34.73 53.22
N TRP CA 33 39.80 -35.28 52.86
CA TRP CA 33 40.15 -35.49 51.46
C TRP CA 33 39.63 -36.80 50.91
N GLY CA 34 38.96 -37.62 51.72
CA GLY CA 34 38.36 -38.85 51.26
C GLY CA 34 36.92 -38.62 50.82
N VAL CA 35 36.47 -39.44 49.88
CA VAL CA 35 35.12 -39.36 49.33
C VAL CA 35 34.40 -40.65 49.66
N ARG CA 36 33.19 -40.53 50.21
CA ARG CA 36 32.41 -41.71 50.58
C ARG CA 36 32.11 -42.59 49.37
N SER CA 37 31.96 -41.98 48.19
CA SER CA 37 31.67 -42.76 46.99
C SER CA 37 32.81 -43.68 46.61
N THR CA 38 34.06 -43.20 46.70
CA THR CA 38 35.21 -43.96 46.25
C THR CA 38 35.94 -44.70 47.36
N ARG CA 39 35.67 -44.38 48.62
CA ARG CA 39 36.30 -45.10 49.71
C ARG CA 39 35.76 -46.52 49.79
N LYS CA 40 36.45 -47.36 50.56
CA LYS CA 40 36.02 -48.74 50.72
C LYS CA 40 34.67 -48.76 51.43
N PRO CA 41 33.68 -49.46 50.89
CA PRO CA 41 32.35 -49.44 51.50
C PRO CA 41 32.32 -50.15 52.85
N GLU CA 42 31.46 -49.65 53.73
CA GLU CA 42 31.24 -50.30 55.01
C GLU CA 42 30.54 -51.64 54.78
N PRO CA 43 30.90 -52.67 55.55
CA PRO CA 43 30.21 -53.95 55.40
C PRO CA 43 28.73 -53.81 55.65
N PRO CA 44 27.91 -54.57 54.94
CA PRO CA 44 26.45 -54.44 55.10
C PRO CA 44 26.02 -54.79 56.50
N PRO CA 45 24.94 -54.19 56.99
CA PRO CA 45 24.47 -54.49 58.35
C PRO CA 45 24.14 -55.97 58.50
N LEU CA 46 24.46 -56.51 59.68
CA LEU CA 46 24.23 -57.93 59.94
C LEU CA 46 22.74 -58.23 59.95
N ASP CA 47 22.40 -59.46 59.57
CA ASP CA 47 21.00 -59.86 59.54
C ASP CA 47 20.44 -59.92 60.95
N ARG CA 48 19.11 -59.83 61.04
CA ARG CA 48 18.43 -59.75 62.33
C ARG CA 48 18.58 -61.01 63.17
N VAL CA 49 19.02 -62.12 62.58
CA VAL CA 49 19.14 -63.36 63.34
C VAL CA 49 20.30 -63.31 64.32
N TYR CA 50 21.29 -62.44 64.10
CA TYR CA 50 22.46 -62.37 64.95
C TYR CA 50 22.25 -61.55 66.22
N GLU CA 51 21.11 -60.87 66.34
CA GLU CA 51 20.79 -60.11 67.54
C GLU CA 51 19.98 -60.91 68.55
N ILE CA 52 19.71 -62.18 68.26
CA ILE CA 52 18.88 -63.02 69.13
C ILE CA 52 19.82 -63.82 70.02
N PRO CA 53 19.83 -63.58 71.33
CA PRO CA 53 20.69 -64.37 72.22
C PRO CA 53 20.28 -65.84 72.22
N GLY CA 54 21.28 -66.71 72.30
CA GLY CA 54 21.04 -68.14 72.35
C GLY CA 54 20.33 -68.71 71.14
N LEU CA 55 20.61 -68.18 69.96
CA LEU CA 55 20.00 -68.66 68.73
C LEU CA 55 21.07 -68.77 67.65
N GLU CA 56 21.11 -69.92 66.98
CA GLU CA 56 22.08 -70.14 65.91
C GLU CA 56 21.48 -69.73 64.58
N PRO CA 57 22.07 -68.78 63.86
CA PRO CA 57 21.56 -68.44 62.52
C PRO CA 57 21.79 -69.57 61.54
N ILE CA 58 20.90 -69.66 60.57
CA ILE CA 58 21.01 -70.62 59.48
C ILE CA 58 21.51 -69.89 58.24
N THR CA 59 22.71 -70.25 57.78
CA THR CA 59 23.37 -69.57 56.69
C THR CA 59 23.56 -70.52 55.52
N TYR CA 60 24.21 -70.03 54.47
CA TYR CA 60 24.52 -70.82 53.29
C TYR CA 60 25.95 -71.32 53.29
N ALA CA 61 26.62 -71.27 54.43
CA ALA CA 61 27.99 -71.78 54.51
C ALA CA 61 28.06 -73.28 54.27
N GLY CA 62 26.99 -74.01 54.55
CA GLY CA 62 26.98 -75.45 54.31
C GLY CA 62 27.06 -75.83 52.86
N LYS CA 63 26.38 -75.08 51.99
CA LYS CA 63 26.38 -75.35 50.55
C LYS CA 63 27.53 -74.66 49.83
N MET CA 64 28.33 -73.86 50.53
CA MET CA 64 29.52 -73.22 49.98
C MET CA 64 29.21 -72.30 48.80
N HIS CA 65 28.01 -71.74 48.77
CA HIS CA 65 27.65 -70.76 47.76
C HIS CA 65 26.50 -69.92 48.28
N PHE CA 66 26.35 -68.72 47.71
CA PHE CA 66 25.33 -67.79 48.16
C PHE CA 66 23.96 -68.17 47.60
N MET CA 67 22.94 -68.05 48.45
CA MET CA 67 21.55 -68.23 48.07
C MET CA 67 20.70 -67.24 48.83
N PRO CA 68 19.73 -66.62 48.17
CA PRO CA 68 18.84 -65.68 48.87
C PRO CA 68 17.96 -66.38 49.88
N GLY CA 69 17.57 -65.64 50.91
CA GLY CA 69 16.71 -66.14 51.95
C GLY CA 69 17.42 -66.71 53.16
N LEU CA 70 18.73 -66.88 53.09
CA LEU CA 70 19.53 -67.40 54.19
C LEU CA 70 20.35 -66.27 54.81
N ALA CA 71 20.72 -66.48 56.08
CA ALA CA 71 21.47 -65.47 56.81
C ALA CA 71 22.90 -65.37 56.26
N ARG CA 72 23.49 -64.20 56.45
CA ARG CA 72 24.85 -63.96 56.01
C ARG CA 72 25.83 -64.57 57.02
N PRO CA 73 26.63 -65.56 56.64
CA PRO CA 73 27.60 -66.14 57.57
C PRO CA 73 28.74 -65.18 57.86
N VAL CA 74 29.22 -65.23 59.10
CA VAL CA 74 30.36 -64.43 59.53
C VAL CA 74 31.58 -65.34 59.60
N PHE CA 75 32.63 -64.99 58.86
CA PHE CA 75 33.76 -65.89 58.88
C PHE CA 75 34.89 -65.32 59.71
N PRO CA 76 35.60 -66.18 60.45
CA PRO CA 76 36.76 -65.72 61.21
C PRO CA 76 37.90 -65.34 60.28
N PRO CA 77 38.84 -64.52 60.74
CA PRO CA 77 40.01 -64.19 59.89
C PRO CA 77 40.78 -65.44 59.50
N TRP CA 78 40.89 -65.66 58.19
CA TRP CA 78 41.53 -66.85 57.68
C TRP CA 78 43.01 -66.83 58.01
N ASP CA 79 43.51 -67.93 58.59
CA ASP CA 79 44.89 -68.02 59.03
C ASP CA 79 45.64 -69.03 58.18
N PRO CA 80 46.50 -68.60 57.26
CA PRO CA 80 47.29 -69.55 56.48
C PRO CA 80 48.43 -70.16 57.28
N GLY CA 81 48.13 -71.22 58.03
CA GLY CA 81 49.08 -71.88 58.91
C GLY CA 81 50.49 -72.03 58.36
N TRP CA 82 50.61 -72.33 57.08
CA TRP CA 82 51.89 -72.31 56.39
C TRP CA 82 52.03 -70.97 55.68
N THR CA 83 53.13 -70.26 55.97
CA THR CA 83 53.33 -68.92 55.47
C THR CA 83 53.87 -68.96 54.05
N HIS CA 84 53.21 -68.25 53.14
CA HIS CA 84 53.70 -68.15 51.78
C HIS CA 84 54.32 -66.77 51.53
N PRO CA 85 55.46 -66.72 50.87
CA PRO CA 85 56.15 -65.43 50.68
C PRO CA 85 55.32 -64.41 49.90
N LYS CA 86 54.90 -64.79 48.70
CA LYS CA 86 54.28 -63.84 47.78
C LYS CA 86 52.89 -63.41 48.24
N PHE CA 87 52.10 -64.33 48.79
CA PHE CA 87 50.68 -64.10 49.03
C PHE CA 87 50.35 -63.76 50.48
N ARG CA 88 51.35 -63.46 51.30
CA ARG CA 88 51.07 -63.11 52.69
C ARG CA 88 50.92 -61.60 52.85
N ARG CA 89 50.36 -61.20 53.99
CA ARG CA 89 50.16 -59.80 54.27
C ARG CA 89 51.48 -59.11 54.58
N LEU CA 90 51.53 -57.80 54.33
CA LEU CA 90 52.75 -57.05 54.60
C LEU CA 90 52.91 -56.84 56.10
N PRO CA 91 54.04 -57.24 56.68
CA PRO CA 91 54.20 -57.09 58.13
C PRO CA 91 54.22 -55.63 58.53
N PRO CA 92 53.74 -55.30 59.72
CA PRO CA 92 53.76 -53.91 60.18
C PRO CA 92 55.18 -53.42 60.43
N LEU CA 93 55.33 -52.09 60.40
CA LEU CA 93 56.64 -51.48 60.58
C LEU CA 93 57.22 -51.76 61.96
N HIS CA 94 56.40 -51.70 63.00
CA HIS CA 94 56.88 -51.92 64.36
C HIS CA 94 57.36 -53.35 64.59
N GLU CA 95 56.93 -54.29 63.77
CA GLU CA 95 57.37 -55.68 63.89
C GLU CA 95 58.82 -55.86 63.46
N HIS CA 96 59.36 -54.93 62.68
CA HIS CA 96 60.72 -55.07 62.17
C HIS CA 96 61.72 -55.00 63.32
N PRO CA 97 62.75 -55.87 63.31
CA PRO CA 97 63.74 -55.83 64.39
C PRO CA 97 64.51 -54.52 64.47
N LEU CA 98 64.63 -53.79 63.36
CA LEU CA 98 65.37 -52.53 63.34
C LEU CA 98 64.49 -51.33 63.69
N TYR CA 99 63.23 -51.56 64.07
CA TYR CA 99 62.35 -50.47 64.41
C TYR CA 99 62.85 -49.75 65.66
N LYS CA 100 62.91 -48.42 65.59
CA LYS CA 100 63.37 -47.60 66.69
C LYS CA 100 62.38 -46.46 66.93
N ASP CA 101 62.23 -46.09 68.20
CA ASP CA 101 61.28 -45.04 68.57
C ASP CA 101 61.70 -43.69 68.01
N GLN CA 102 63.00 -43.38 68.06
CA GLN CA 102 63.49 -42.09 67.59
C GLN CA 102 63.42 -42.03 66.07
N ALA CA 103 62.68 -41.05 65.54
CA ALA CA 103 62.56 -40.87 64.11
C ALA CA 103 63.84 -40.26 63.56
N CYS CA 104 64.40 -40.87 62.52
CA CYS CA 104 65.62 -40.41 61.90
C CYS CA 104 65.31 -39.73 60.58
N TYR CA 105 65.99 -38.62 60.30
CA TYR CA 105 65.80 -37.89 59.05
C TYR CA 105 66.84 -38.38 58.05
N VAL CA 106 66.39 -39.16 57.08
CA VAL CA 106 67.27 -39.76 56.08
C VAL CA 106 67.27 -38.88 54.84
N PHE CA 107 68.44 -38.75 54.23
CA PHE CA 107 68.62 -38.05 52.95
C PHE CA 107 69.13 -39.06 51.93
N HIS CA 108 68.30 -39.34 50.92
CA HIS CA 108 68.67 -40.24 49.85
C HIS CA 108 69.00 -39.45 48.59
N GLN CA 109 69.20 -40.16 47.47
CA GLN CA 109 69.69 -39.53 46.25
C GLN CA 109 68.70 -38.51 45.71
N ARG CA 110 67.41 -38.84 45.73
CA ARG CA 110 66.39 -38.01 45.10
C ARG CA 110 65.65 -37.12 46.10
N CYS CA 111 66.24 -36.86 47.26
CA CYS CA 111 65.63 -35.97 48.24
C CYS CA 111 65.69 -34.53 47.73
N ARG CA 112 64.65 -33.76 48.01
CA ARG CA 112 64.57 -32.36 47.62
C ARG CA 112 64.57 -31.46 48.84
N LEU CA 113 65.33 -30.37 48.76
CA LEU CA 113 65.43 -29.41 49.85
C LEU CA 113 64.86 -28.07 49.40
N LEU CA 114 64.04 -27.46 50.27
CA LEU CA 114 63.41 -26.20 49.92
C LEU CA 114 64.43 -25.06 49.89
N GLU CA 115 65.12 -24.85 51.01
CA GLU CA 115 66.21 -23.87 51.06
C GLU CA 115 67.54 -24.62 50.97
N GLY CA 116 67.76 -25.22 49.81
CA GLY CA 116 68.85 -26.16 49.58
C GLY CA 116 70.20 -25.79 50.16
N VAL CA 117 70.77 -24.68 49.69
CA VAL CA 117 72.10 -24.29 50.15
C VAL CA 117 72.08 -23.98 51.65
N LYS CA 118 71.10 -23.18 52.09
CA LYS CA 118 71.05 -22.80 53.50
C LYS CA 118 70.80 -24.00 54.41
N GLN CA 119 69.85 -24.86 54.02
CA GLN CA 119 69.58 -26.04 54.82
C GLN CA 119 70.78 -26.97 54.87
N ALA CA 120 71.46 -27.15 53.74
CA ALA CA 120 72.65 -28.00 53.71
C ALA CA 120 73.75 -27.43 54.61
N LEU CA 121 73.97 -26.11 54.54
CA LEU CA 121 74.98 -25.50 55.39
C LEU CA 121 74.64 -25.66 56.86
N TRP CA 122 73.36 -25.47 57.21
CA TRP CA 122 72.97 -25.60 58.62
C TRP CA 122 73.12 -27.03 59.10
N LEU CA 123 72.73 -28.01 58.28
CA LEU CA 123 72.82 -29.41 58.69
C LEU CA 123 74.26 -29.93 58.65
N THR CA 124 75.15 -29.27 57.92
CA THR CA 124 76.51 -29.75 57.76
C THR CA 124 77.53 -29.00 58.63
N LYS CA 125 77.18 -27.84 59.16
CA LYS CA 125 78.11 -26.99 59.90
C LYS CA 125 79.32 -26.64 59.02
N THR CA 126 79.02 -25.94 57.93
CA THR CA 126 80.01 -25.59 56.93
C THR CA 126 79.91 -24.12 56.57
N GLN CA 127 81.04 -23.53 56.19
CA GLN CA 127 81.10 -22.17 55.71
C GLN CA 127 81.27 -22.18 54.19
N LEU CA 128 80.45 -21.40 53.50
CA LEU CA 128 80.39 -21.39 52.05
C LEU CA 128 81.34 -20.35 51.46
N ILE CA 129 82.04 -20.73 50.39
CA ILE CA 129 82.94 -19.84 49.68
C ILE CA 129 82.58 -19.90 48.19
N GLU CA 130 82.57 -18.73 47.55
CA GLU CA 130 82.19 -18.66 46.14
C GLU CA 130 83.27 -19.24 45.23
N GLY CA 131 84.47 -18.69 45.30
CA GLY CA 131 85.54 -19.10 44.41
C GLY CA 131 86.13 -20.45 44.77
N LEU CA 132 86.83 -21.02 43.80
CA LEU CA 132 87.52 -22.28 43.99
C LEU CA 132 88.78 -22.09 44.83
N PRO CA 133 89.29 -23.17 45.44
CA PRO CA 133 90.53 -23.05 46.23
C PRO CA 133 91.71 -22.58 45.40
N GLU CA 134 92.68 -21.99 46.09
CA GLU CA 134 93.83 -21.40 45.41
C GLU CA 134 94.64 -22.46 44.66
N LYS CA 135 94.83 -23.62 45.27
CA LYS CA 135 95.59 -24.69 44.60
C LYS CA 135 94.87 -25.15 43.34
N VAL CA 136 93.55 -25.29 43.40
CA VAL CA 136 92.77 -25.69 42.23
C VAL CA 136 92.88 -24.64 41.14
N LEU CA 137 92.79 -23.36 41.51
CA LEU CA 137 92.90 -22.29 40.53
C LEU CA 137 94.29 -22.28 39.88
N ARG CA 138 95.34 -22.49 40.68
CA ARG CA 138 96.69 -22.56 40.11
C ARG CA 138 96.85 -23.74 39.18
N LEU CA 139 96.31 -24.90 39.55
CA LEU CA 139 96.40 -26.07 38.67
C LEU CA 139 95.61 -25.86 37.38
N ALA CA 140 94.50 -25.14 37.45
CA ALA CA 140 93.70 -24.88 36.27
C ALA CA 140 94.39 -23.89 35.33
N ASP CA 141 94.70 -22.70 35.84
CA ASP CA 141 95.24 -21.62 35.02
C ASP CA 141 96.62 -21.93 34.45
N ASP CA 142 97.31 -22.96 34.94
CA ASP CA 142 98.62 -23.29 34.43
C ASP CA 142 98.49 -23.93 33.04
N PRO CA 143 99.07 -23.34 32.00
CA PRO CA 143 98.92 -23.92 30.65
C PRO CA 143 99.68 -25.22 30.46
N ARG CA 144 100.61 -25.56 31.35
CA ARG CA 144 101.41 -26.77 31.15
C ARG CA 144 100.58 -28.04 31.37
N ASN CA 145 99.45 -27.94 32.05
CA ASN CA 145 98.59 -29.08 32.32
C ASN CA 145 97.50 -29.25 31.29
N HIS CA 146 97.49 -28.42 30.24
CA HIS CA 146 96.46 -28.53 29.21
C HIS CA 146 96.74 -29.71 28.29
N ILE CA 147 95.68 -30.16 27.61
CA ILE CA 147 95.78 -31.27 26.67
C ILE CA 147 96.38 -30.74 25.36
N GLU CA 148 96.77 -31.66 24.48
CA GLU CA 148 97.42 -31.26 23.23
C GLU CA 148 96.58 -30.27 22.44
N ASN CA 149 95.39 -30.68 22.03
CA ASN CA 149 94.43 -29.81 21.36
C ASN CA 149 93.18 -29.76 22.24
N GLN CA 150 93.22 -28.89 23.25
CA GLN CA 150 92.20 -28.90 24.28
C GLN CA 150 90.86 -28.41 23.75
N ASP CA 151 90.86 -27.27 23.06
CA ASP CA 151 89.61 -26.69 22.58
C ASP CA 151 88.93 -27.61 21.58
N GLU CA 152 89.70 -28.13 20.61
CA GLU CA 152 89.14 -29.01 19.61
C GLU CA 152 88.66 -30.33 20.22
N ARG CA 153 89.41 -30.86 21.18
CA ARG CA 153 88.97 -32.09 21.85
C ARG CA 153 87.67 -31.88 22.58
N VAL CA 154 87.54 -30.77 23.31
CA VAL CA 154 86.31 -30.50 24.04
C VAL CA 154 85.14 -30.28 23.09
N LEU CA 155 85.37 -29.54 21.99
CA LEU CA 155 84.30 -29.34 21.01
C LEU CA 155 83.86 -30.65 20.39
N ASN CA 156 84.81 -31.52 20.03
CA ASN CA 156 84.45 -32.81 19.46
C ASN CA 156 83.68 -33.66 20.47
N ALA CA 157 84.10 -33.64 21.74
CA ALA CA 157 83.37 -34.40 22.76
C ALA CA 157 81.95 -33.89 22.93
N ILE CA 158 81.79 -32.56 22.95
CA ILE CA 158 80.45 -31.98 23.10
C ILE CA 158 79.57 -32.35 21.92
N SER CA 159 80.11 -32.23 20.71
CA SER CA 159 79.33 -32.56 19.51
C SER CA 159 78.96 -34.04 19.50
N HIS CA 160 79.91 -34.91 19.85
CA HIS CA 160 79.62 -36.35 19.88
C HIS CA 160 78.55 -36.67 20.90
N ALA CA 161 78.65 -36.09 22.10
CA ALA CA 161 77.66 -36.39 23.13
C ALA CA 161 76.28 -35.87 22.75
N ARG CA 162 76.21 -34.64 22.24
CA ARG CA 162 74.90 -34.02 21.99
C ARG CA 162 74.23 -34.57 20.73
N LEU CA 163 74.99 -34.84 19.68
CA LEU CA 163 74.42 -35.20 18.39
C LEU CA 163 74.89 -36.56 17.88
N TRP CA 164 76.20 -36.82 17.90
CA TRP CA 164 76.75 -37.96 17.19
C TRP CA 164 76.59 -39.29 17.92
N HIS CA 165 76.45 -39.27 19.25
CA HIS CA 165 76.44 -40.52 20.01
C HIS CA 165 75.19 -41.34 19.78
N SER CA 166 74.15 -40.79 19.15
CA SER CA 166 72.91 -41.51 18.92
C SER CA 166 72.49 -41.36 17.47
N THR CA 167 71.86 -42.42 16.95
CA THR CA 167 71.32 -42.38 15.59
C THR CA 167 70.13 -41.42 15.48
N GLU CA 168 69.50 -41.09 16.59
CA GLU CA 168 68.38 -40.16 16.56
C GLU CA 168 68.88 -38.74 16.28
N ASP CA 169 67.99 -37.93 15.71
CA ASP CA 169 68.35 -36.57 15.36
C ASP CA 169 68.58 -35.72 16.60
N ILE CA 170 67.72 -35.87 17.60
CA ILE CA 170 67.79 -35.10 18.83
C ILE CA 170 67.84 -36.08 20.00
N PRO CA 171 69.03 -36.47 20.43
CA PRO CA 171 69.15 -37.37 21.58
C PRO CA 171 68.65 -36.70 22.87
N LYS CA 172 68.14 -37.54 23.77
CA LYS CA 172 67.55 -37.08 25.01
C LYS CA 172 68.63 -36.78 26.05
N ARG CA 173 68.25 -36.00 27.06
CA ARG CA 173 69.18 -35.65 28.12
C ARG CA 173 69.63 -36.87 28.90
N GLU CA 174 68.71 -37.79 29.18
CA GLU CA 174 69.07 -39.04 29.86
C GLU CA 174 70.10 -39.82 29.08
N THR CA 175 70.21 -39.59 27.77
CA THR CA 175 71.23 -40.23 26.96
C THR CA 175 72.54 -39.43 26.94
N TYR CA 176 72.45 -38.12 26.70
CA TYR CA 176 73.68 -37.36 26.44
C TYR CA 176 74.32 -36.79 27.70
N CYS CA 177 73.71 -36.92 28.87
CA CYS CA 177 74.38 -36.43 30.07
C CYS CA 177 75.48 -37.41 30.52
N PRO CA 178 75.18 -38.70 30.71
CA PRO CA 178 76.27 -39.62 31.05
C PRO CA 178 77.32 -39.71 29.95
N VAL CA 179 76.91 -39.57 28.69
CA VAL CA 179 77.88 -39.64 27.59
C VAL CA 179 78.87 -38.49 27.69
N ILE CA 180 78.39 -37.26 27.91
CA ILE CA 180 79.30 -36.13 27.99
C ILE CA 180 80.15 -36.21 29.26
N VAL CA 181 79.57 -36.72 30.36
CA VAL CA 181 80.36 -36.86 31.58
C VAL CA 181 81.49 -37.85 31.38
N ASP CA 182 81.20 -38.99 30.74
CA ASP CA 182 82.23 -39.98 30.48
C ASP CA 182 83.24 -39.49 29.46
N SER CA 183 82.81 -38.67 28.50
CA SER CA 183 83.75 -38.09 27.54
C SER CA 183 84.73 -37.14 28.25
N LEU CA 184 84.22 -36.32 29.16
CA LEU CA 184 85.11 -35.45 29.93
C LEU CA 184 86.05 -36.26 30.81
N ILE CA 185 85.54 -37.35 31.39
CA ILE CA 185 86.38 -38.22 32.21
C ILE CA 185 87.50 -38.82 31.37
N GLN CA 186 87.18 -39.28 30.16
CA GLN CA 186 88.20 -39.84 29.28
C GLN CA 186 89.21 -38.79 28.85
N LEU CA 187 88.75 -37.56 28.57
CA LEU CA 187 89.67 -36.49 28.21
C LEU CA 187 90.62 -36.19 29.35
N CYS CA 188 90.12 -36.18 30.58
CA CYS CA 188 91.00 -36.01 31.74
C CYS CA 188 91.95 -37.18 31.89
N LYS CA 189 91.47 -38.40 31.66
CA LYS CA 189 92.31 -39.59 31.73
C LYS CA 189 93.44 -39.54 30.71
N SER CA 190 93.22 -38.90 29.57
CA SER CA 190 94.22 -38.82 28.52
C SER CA 190 95.50 -38.12 28.97
N GLN CA 191 95.52 -37.50 30.14
CA GLN CA 191 96.70 -36.83 30.66
C GLN CA 191 97.57 -37.73 31.53
N ILE CA 192 97.19 -39.00 31.67
CA ILE CA 192 97.96 -39.93 32.49
C ILE CA 192 99.35 -40.18 31.90
N LEU CA 193 99.51 -40.02 30.58
CA LEU CA 193 100.83 -40.17 29.98
C LEU CA 193 101.79 -39.12 30.51
N LYS CA 194 101.34 -37.87 30.63
CA LYS CA 194 102.19 -36.82 31.18
C LYS CA 194 102.28 -36.93 32.71
N HIS CA 195 101.21 -37.36 33.36
CA HIS CA 195 101.20 -37.50 34.82
C HIS CA 195 101.01 -38.96 35.21
N PRO CA 196 102.08 -39.70 35.51
CA PRO CA 196 101.98 -41.12 35.86
C PRO CA 196 101.57 -41.36 37.31
N SER CA 197 100.56 -40.64 37.78
CA SER CA 197 100.04 -40.82 39.12
C SER CA 197 98.54 -41.08 39.17
N LEU CA 198 97.84 -41.01 38.04
CA LEU CA 198 96.40 -41.24 38.01
C LEU CA 198 96.03 -42.72 38.12
N ALA CA 199 97.01 -43.62 38.05
CA ALA CA 199 96.75 -45.05 38.16
C ALA CA 199 96.34 -45.47 39.57
N ARG CA 200 96.49 -44.60 40.56
CA ARG CA 200 96.10 -44.89 41.93
C ARG CA 200 94.61 -44.75 42.18
N ARG CA 201 93.80 -44.63 41.12
CA ARG CA 201 92.38 -44.36 41.24
C ARG CA 201 91.58 -45.47 40.55
N ILE CA 202 90.30 -45.54 40.93
CA ILE CA 202 89.37 -46.55 40.39
C ILE CA 202 87.95 -46.00 40.51
N CYS CA 203 87.09 -46.41 39.59
CA CYS CA 203 85.71 -45.93 39.58
C CYS CA 203 84.76 -46.98 40.15
N ALA CA 204 83.67 -46.50 40.74
CA ALA CA 204 82.65 -47.35 41.32
C ALA CA 204 81.27 -46.78 41.02
N GLN CA 205 80.30 -47.68 40.84
CA GLN CA 205 78.94 -47.33 40.49
C GLN CA 205 77.98 -47.92 41.50
N ASN CA 206 77.08 -47.09 42.04
CA ASN CA 206 75.98 -47.53 42.90
C ASN CA 206 76.49 -48.31 44.11
N ASN CA 207 77.25 -47.61 44.95
CA ASN CA 207 77.72 -48.16 46.22
C ASN CA 207 76.96 -47.50 47.36
N THR CA 208 76.50 -48.32 48.31
CA THR CA 208 75.69 -47.79 49.40
C THR CA 208 76.55 -46.93 50.32
N LEU CA 209 76.03 -45.75 50.64
CA LEU CA 209 76.67 -44.83 51.58
C LEU CA 209 75.71 -44.57 52.72
N SER CA 210 76.21 -44.67 53.94
CA SER CA 210 75.40 -44.48 55.15
C SER CA 210 76.25 -43.75 56.19
N ALA CA 211 75.89 -42.50 56.47
CA ALA CA 211 76.58 -41.70 57.48
C ALA CA 211 75.54 -41.02 58.35
N THR CA 212 75.48 -41.41 59.62
CA THR CA 212 74.49 -40.91 60.56
C THR CA 212 75.17 -40.08 61.64
N TRP CA 213 74.55 -38.95 61.99
CA TRP CA 213 75.07 -38.10 63.04
C TRP CA 213 73.92 -37.39 63.73
N ASN CA 214 74.12 -37.04 65.00
CA ASN CA 214 73.14 -36.32 65.79
C ASN CA 214 73.62 -34.88 65.97
N ARG CA 215 72.93 -33.94 65.32
CA ARG CA 215 73.25 -32.52 65.41
C ARG CA 215 72.05 -31.79 65.99
N GLU CA 216 72.29 -31.02 67.05
CA GLU CA 216 71.25 -30.21 67.69
C GLU CA 216 70.04 -31.06 68.07
N SER CA 217 70.31 -32.21 68.69
CA SER CA 217 69.30 -33.18 69.12
C SER CA 217 68.45 -33.69 67.96
N ILE CA 218 69.00 -33.68 66.74
CA ILE CA 218 68.30 -34.18 65.56
C ILE CA 218 69.18 -35.25 64.93
N LEU CA 219 68.60 -36.43 64.71
CA LEU CA 219 69.35 -37.57 64.17
C LEU CA 219 69.21 -37.59 62.66
N LEU CA 220 70.21 -37.06 61.97
CA LEU CA 220 70.25 -37.02 60.51
C LEU CA 220 71.09 -38.19 60.00
N GLN CA 221 70.82 -38.59 58.77
CA GLN CA 221 71.56 -39.70 58.18
C GLN CA 221 71.53 -39.58 56.66
N VAL CA 222 72.68 -39.35 56.06
CA VAL CA 222 72.82 -39.39 54.60
C VAL CA 222 72.98 -40.86 54.22
N HIS CA 223 71.95 -41.41 53.57
CA HIS CA 223 71.93 -42.83 53.25
C HIS CA 223 71.37 -43.00 51.84
N GLY CA 224 72.09 -43.72 50.99
CA GLY CA 224 71.61 -43.97 49.65
C GLY CA 224 72.73 -44.41 48.73
N SER CA 225 72.62 -44.00 47.48
CA SER CA 225 73.63 -44.30 46.46
C SER CA 225 73.80 -43.10 45.56
N SER CA 226 75.01 -42.93 45.03
CA SER CA 226 75.34 -41.82 44.15
C SER CA 226 75.50 -42.32 42.71
N GLY CA 227 75.72 -41.38 41.80
CA GLY CA 227 75.91 -41.71 40.40
C GLY CA 227 77.22 -42.44 40.15
N ALA CA 228 78.33 -41.73 40.28
CA ALA CA 228 79.65 -42.34 40.13
C ALA CA 228 80.54 -41.87 41.28
N ARG CA 229 81.47 -42.74 41.67
CA ARG CA 229 82.37 -42.42 42.78
C ARG CA 229 83.79 -42.80 42.39
N LEU CA 230 84.71 -41.85 42.46
CA LEU CA 230 86.11 -42.12 42.21
C LEU CA 230 86.83 -42.29 43.54
N ASN CA 231 87.55 -43.39 43.67
CA ASN CA 231 88.31 -43.69 44.88
C ASN CA 231 89.78 -43.79 44.53
N ALA CA 232 90.64 -43.58 45.53
CA ALA CA 232 92.07 -43.56 45.31
C ALA CA 232 92.79 -44.16 46.50
N LYS CA 233 94.02 -44.59 46.25
CA LYS CA 233 94.87 -45.12 47.31
C LYS CA 233 95.42 -44.01 48.20
N ASP CA 234 95.72 -42.84 47.64
CA ASP CA 234 96.35 -41.78 48.40
C ASP CA 234 95.32 -40.75 48.86
N PRO CA 235 95.49 -40.22 50.07
CA PRO CA 235 94.58 -39.19 50.57
C PRO CA 235 94.82 -37.86 49.88
N LEU CA 236 93.79 -37.03 49.89
CA LEU CA 236 93.89 -35.70 49.32
C LEU CA 236 94.38 -34.73 50.37
N PRO CA 237 95.46 -33.98 50.11
CA PRO CA 237 95.98 -33.06 51.13
C PRO CA 237 94.99 -31.95 51.41
N PRO CA 238 94.95 -31.43 52.64
CA PRO CA 238 94.03 -30.34 52.96
C PRO CA 238 94.36 -29.09 52.16
N VAL CA 239 93.32 -28.33 51.81
CA VAL CA 239 93.49 -27.12 51.01
C VAL CA 239 93.13 -25.86 51.78
N ALA CA 240 92.51 -25.99 52.96
CA ALA CA 240 92.13 -24.84 53.76
C ALA CA 240 93.23 -24.52 54.76
N SER CA 241 93.60 -23.24 54.81
CA SER CA 241 94.68 -22.80 55.68
C SER CA 241 94.20 -22.69 57.12
N GLN CA 242 95.18 -22.71 58.04
CA GLN CA 242 94.85 -22.58 59.46
C GLN CA 242 94.21 -21.24 59.77
N GLU CA 243 94.58 -20.19 59.05
CA GLU CA 243 93.93 -18.90 59.24
C GLU CA 243 92.44 -18.98 58.92
N GLU CA 244 92.10 -19.62 57.81
CA GLU CA 244 90.69 -19.81 57.46
C GLU CA 244 89.99 -20.70 58.47
N VAL CA 245 90.68 -21.74 58.95
CA VAL CA 245 90.07 -22.62 59.95
C VAL CA 245 89.74 -21.84 61.21
N GLU CA 246 90.66 -21.00 61.67
CA GLU CA 246 90.40 -20.20 62.87
C GLU CA 246 89.32 -19.16 62.62
N ALA CA 247 89.30 -18.52 61.45
CA ALA CA 247 88.26 -17.57 61.14
C ALA CA 247 86.89 -18.23 61.03
N THR CA 248 86.85 -19.52 60.71
CA THR CA 248 85.58 -20.22 60.63
C THR CA 248 84.89 -20.28 62.00
N LYS CA 249 85.66 -20.20 63.09
CA LYS CA 249 85.05 -20.20 64.42
C LYS CA 249 84.16 -18.99 64.63
N ASN CA 250 84.57 -17.81 64.15
CA ASN CA 250 83.80 -16.60 64.32
C ASN CA 250 82.59 -16.52 63.39
N HIS CA 251 82.50 -17.41 62.40
CA HIS CA 251 81.39 -17.43 61.48
C HIS CA 251 80.16 -18.03 62.16
N VAL CA 252 79.00 -17.46 61.86
CA VAL CA 252 77.72 -17.89 62.43
C VAL CA 252 76.81 -18.34 61.30
N LEU CA 253 76.25 -19.54 61.44
CA LEU CA 253 75.36 -20.08 60.42
C LEU CA 253 74.05 -19.31 60.37
N GLU CA 254 73.57 -19.05 59.16
CA GLU CA 254 72.28 -18.40 59.00
C GLU CA 254 71.16 -19.34 59.43
N THR CA 255 70.19 -18.79 60.16
CA THR CA 255 69.07 -19.57 60.67
C THR CA 255 67.78 -19.12 60.02
N PHE CA 256 66.92 -20.08 59.70
CA PHE CA 256 65.61 -19.83 59.11
C PHE CA 256 64.55 -20.28 60.10
N TYR CA 257 63.77 -19.31 60.60
CA TYR CA 257 62.79 -19.56 61.65
C TYR CA 257 61.56 -20.31 61.14
N PRO CA 258 60.85 -19.80 60.11
CA PRO CA 258 59.60 -20.48 59.72
C PRO CA 258 59.79 -21.92 59.28
N ILE CA 259 60.92 -22.25 58.68
CA ILE CA 259 61.17 -23.57 58.12
C ILE CA 259 62.05 -24.36 59.07
N SER CA 260 61.67 -25.60 59.34
CA SER CA 260 62.52 -26.47 60.12
C SER CA 260 63.69 -26.95 59.27
N PRO CA 261 64.85 -27.19 59.88
CA PRO CA 261 66.02 -27.64 59.09
C PRO CA 261 65.82 -28.99 58.44
N THR CA 262 64.90 -29.81 58.93
CA THR CA 262 64.68 -31.16 58.41
C THR CA 262 63.69 -31.20 57.26
N MET CA 263 63.35 -30.05 56.69
CA MET CA 263 62.41 -30.02 55.56
C MET CA 263 62.99 -30.76 54.37
N GLY CA 264 62.19 -31.64 53.77
CA GLY CA 264 62.57 -32.37 52.59
C GLY CA 264 63.24 -33.71 52.85
N LEU CA 265 63.57 -34.01 54.10
CA LEU CA 265 64.17 -35.29 54.45
C LEU CA 265 63.08 -36.32 54.74
N GLN CA 266 63.43 -37.59 54.57
CA GLN CA 266 62.49 -38.69 54.78
C GLN CA 266 62.52 -39.07 56.27
N GLU CA 267 61.39 -38.89 56.95
CA GLU CA 267 61.31 -39.22 58.37
C GLU CA 267 61.01 -40.70 58.51
N CYS CA 268 62.01 -41.48 58.91
CA CYS CA 268 61.90 -42.93 58.95
C CYS CA 268 62.03 -43.44 60.39
N ASN CA 269 61.50 -44.64 60.62
CA ASN CA 269 61.55 -45.27 61.94
C ASN CA 269 62.39 -46.54 61.98
N VAL CA 270 62.78 -47.08 60.83
CA VAL CA 270 63.63 -48.27 60.76
C VAL CA 270 64.95 -47.86 60.13
N TYR CA 271 66.04 -48.04 60.88
CA TYR CA 271 67.36 -47.64 60.42
C TYR CA 271 68.41 -48.27 61.32
N ASP CA 272 69.66 -48.19 60.90
CA ASP CA 272 70.80 -48.70 61.66
C ASP CA 272 71.82 -47.59 61.82
N VAL CA 273 72.28 -47.39 63.04
CA VAL CA 273 73.29 -46.34 63.32
C VAL CA 273 74.65 -47.01 63.17
N ASN CA 274 75.10 -47.09 61.91
CA ASN CA 274 76.38 -47.71 61.59
C ASN CA 274 77.00 -46.95 60.43
N ASP CA 275 78.30 -46.69 60.54
CA ASP CA 275 79.04 -45.97 59.49
C ASP CA 275 79.42 -46.98 58.41
N ASP CA 276 78.54 -47.10 57.41
CA ASP CA 276 78.72 -48.04 56.32
C ASP CA 276 79.10 -47.26 55.07
N THR CA 277 80.35 -47.39 54.65
CA THR CA 277 80.83 -46.76 53.43
C THR CA 277 80.51 -47.65 52.24
N GLY CA 278 81.06 -47.31 51.08
CA GLY CA 278 80.79 -48.08 49.87
C GLY CA 278 81.57 -49.37 49.73
N PHE CA 279 82.52 -49.63 50.63
CA PHE CA 279 83.36 -50.82 50.54
C PHE CA 279 83.51 -51.43 51.94
N GLN CA 280 84.11 -52.62 51.97
CA GLN CA 280 84.39 -53.30 53.22
C GLN CA 280 85.80 -52.94 53.68
N GLU CA 281 86.29 -53.64 54.70
CA GLU CA 281 87.62 -53.37 55.23
C GLU CA 281 88.70 -53.84 54.26
N GLY CA 282 89.85 -53.17 54.32
CA GLY CA 282 90.98 -53.54 53.49
C GLY CA 282 90.82 -53.18 52.02
N TYR CA 283 90.00 -52.19 51.71
CA TYR CA 283 89.81 -51.80 50.31
C TYR CA 283 91.06 -51.10 49.80
N PRO CA 284 91.59 -51.51 48.64
CA PRO CA 284 92.86 -50.92 48.18
C PRO CA 284 92.78 -49.45 47.81
N TYR CA 285 91.58 -48.90 47.60
CA TYR CA 285 91.41 -47.50 47.19
C TYR CA 285 90.49 -46.81 48.18
N PRO CA 286 90.99 -46.49 49.37
CA PRO CA 286 90.11 -46.02 50.44
C PRO CA 286 89.57 -44.61 50.24
N CYS CA 287 90.43 -43.66 49.86
CA CYS CA 287 90.07 -42.24 49.98
C CYS CA 287 89.23 -41.81 48.79
N PRO CA 288 88.00 -41.36 49.01
CA PRO CA 288 87.21 -40.81 47.90
C PRO CA 288 87.82 -39.51 47.38
N HIS CA 289 87.82 -39.36 46.06
CA HIS CA 289 88.38 -38.18 45.42
C HIS CA 289 87.31 -37.29 44.80
N THR CA 290 86.41 -37.87 44.00
CA THR CA 290 85.40 -37.07 43.31
C THR CA 290 84.12 -37.88 43.16
N LEU CA 291 83.02 -37.29 43.60
CA LEU CA 291 81.68 -37.78 43.31
C LEU CA 291 81.17 -37.17 42.01
N TYR CA 292 80.36 -37.93 41.29
CA TYR CA 292 79.80 -37.48 40.02
C TYR CA 292 78.30 -37.69 40.05
N PHE CA 293 77.55 -36.59 39.95
CA PHE CA 293 76.09 -36.62 39.95
C PHE CA 293 75.59 -36.18 38.59
N LEU CA 294 74.58 -36.88 38.07
CA LEU CA 294 74.03 -36.63 36.75
C LEU CA 294 72.54 -36.34 36.88
N GLU CA 295 72.09 -35.24 36.30
CA GLU CA 295 70.67 -34.92 36.26
C GLU CA 295 70.08 -35.37 34.92
N SER CA 296 70.07 -36.70 34.74
CA SER CA 296 69.63 -37.31 33.49
C SER CA 296 68.11 -37.53 33.55
N ALA CA 297 67.37 -36.46 33.28
CA ALA CA 297 65.92 -36.51 33.23
C ALA CA 297 65.44 -35.61 32.10
N ASN CA 298 64.46 -36.11 31.34
CA ASN CA 298 63.97 -35.37 30.18
C ASN CA 298 63.04 -34.24 30.56
N LEU CA 299 62.49 -34.26 31.77
CA LEU CA 299 61.50 -33.29 32.20
C LEU CA 299 62.09 -32.33 33.23
N ARG CA 300 61.77 -31.05 33.06
CA ARG CA 300 62.11 -30.05 34.09
C ARG CA 300 61.60 -30.44 35.47
N PRO CA 301 60.34 -30.87 35.65
CA PRO CA 301 59.92 -31.33 36.98
C PRO CA 301 60.75 -32.47 37.52
N ARG CA 302 61.13 -33.43 36.67
CA ARG CA 302 61.89 -34.58 37.14
C ARG CA 302 63.36 -34.26 37.38
N ARG CA 303 63.86 -33.15 36.85
CA ARG CA 303 65.22 -32.75 37.13
C ARG CA 303 65.29 -32.00 38.46
N PHE CA 304 66.52 -31.73 38.89
CA PHE CA 304 66.77 -30.98 40.11
C PHE CA 304 67.09 -29.53 39.80
N GLN CA 305 66.67 -28.65 40.70
CA GLN CA 305 67.08 -27.26 40.64
C GLN CA 305 68.57 -27.17 40.97
N PRO CA 306 69.26 -26.12 40.51
CA PRO CA 306 70.69 -25.99 40.84
C PRO CA 306 70.94 -25.93 42.34
N ASP CA 307 70.07 -25.24 43.09
CA ASP CA 307 70.24 -25.16 44.53
C ASP CA 307 70.09 -26.52 45.19
N GLN CA 308 69.07 -27.28 44.78
CA GLN CA 308 68.87 -28.62 45.31
C GLN CA 308 70.01 -29.55 44.94
N LEU CA 309 70.54 -29.43 43.72
CA LEU CA 309 71.68 -30.26 43.32
C LEU CA 309 72.92 -29.93 44.14
N ARG CA 310 73.15 -28.64 44.40
CA ARG CA 310 74.27 -28.26 45.25
C ARG CA 310 74.10 -28.81 46.66
N ALA CA 311 72.89 -28.72 47.21
CA ALA CA 311 72.63 -29.29 48.53
C ALA CA 311 72.87 -30.80 48.55
N LYS CA 312 72.41 -31.49 47.50
CA LYS CA 312 72.58 -32.94 47.43
C LYS CA 312 74.05 -33.33 47.37
N MET CA 313 74.83 -32.64 46.54
CA MET CA 313 76.25 -32.97 46.46
C MET CA 313 76.96 -32.62 47.76
N ILE CA 314 76.55 -31.53 48.41
CA ILE CA 314 77.10 -31.18 49.71
C ILE CA 314 76.88 -32.31 50.71
N LEU CA 315 75.65 -32.80 50.78
CA LEU CA 315 75.32 -33.83 51.76
C LEU CA 315 76.02 -35.15 51.44
N PHE CA 316 76.11 -35.51 50.15
CA PHE CA 316 76.79 -36.75 49.80
C PHE CA 316 78.28 -36.68 50.09
N ALA CA 317 78.92 -35.55 49.76
CA ALA CA 317 80.33 -35.39 50.08
C ALA CA 317 80.55 -35.41 51.59
N PHE CA 318 79.63 -34.79 52.35
CA PHE CA 318 79.74 -34.81 53.80
C PHE CA 318 79.59 -36.22 54.35
N GLY CA 319 78.69 -37.01 53.78
CA GLY CA 319 78.55 -38.39 54.21
C GLY CA 319 79.80 -39.21 53.93
N SER CA 320 80.39 -39.02 52.74
CA SER CA 320 81.64 -39.72 52.42
C SER CA 320 82.76 -39.30 53.36
N ALA CA 321 82.87 -38.00 53.66
CA ALA CA 321 83.89 -37.52 54.57
C ALA CA 321 83.68 -38.07 55.97
N LEU CA 322 82.42 -38.12 56.44
CA LEU CA 322 82.14 -38.71 57.73
C LEU CA 322 82.54 -40.18 57.78
N ALA CA 323 82.21 -40.93 56.73
CA ALA CA 323 82.58 -42.34 56.68
C ALA CA 323 84.09 -42.51 56.75
N GLN CA 324 84.83 -41.73 55.96
CA GLN CA 324 86.29 -41.83 55.96
C GLN CA 324 86.87 -41.46 57.32
N ALA CA 325 86.38 -40.36 57.92
CA ALA CA 325 86.91 -39.90 59.20
C ALA CA 325 86.62 -40.91 60.30
N ARG CA 326 85.42 -41.49 60.31
CA ARG CA 326 85.04 -42.42 61.36
C ARG CA 326 85.63 -43.81 61.15
N LEU CA 327 86.09 -44.13 59.93
CA LEU CA 327 86.83 -45.38 59.76
C LEU CA 327 88.31 -45.19 60.04
N LEU CA 328 88.84 -43.97 59.88
CA LEU CA 328 90.25 -43.74 60.12
C LEU CA 328 90.54 -43.44 61.59
N TYR CA 329 89.78 -42.54 62.21
CA TYR CA 329 90.06 -42.07 63.56
C TYR CA 329 89.15 -42.69 64.61
N GLY CA 330 87.86 -42.85 64.33
CA GLY CA 330 86.93 -43.46 65.25
C GLY CA 330 85.58 -42.77 65.25
N ASN CA 331 84.68 -43.31 66.06
CA ASN CA 331 83.32 -42.80 66.17
C ASN CA 331 83.21 -41.63 67.14
N ASP CA 332 84.26 -41.32 67.88
CA ASP CA 332 84.19 -40.24 68.87
C ASP CA 332 84.07 -38.89 68.19
N SER CA 333 83.31 -38.01 68.83
CA SER CA 333 83.11 -36.65 68.31
C SER CA 333 84.28 -35.78 68.75
N LYS CA 334 85.14 -35.41 67.81
CA LYS CA 334 86.34 -34.64 68.12
C LYS CA 334 86.76 -33.86 66.89
N VAL CA 335 87.55 -32.80 67.13
CA VAL CA 335 88.06 -31.99 66.03
C VAL CA 335 89.15 -32.75 65.30
N LEU CA 336 89.06 -32.78 63.97
CA LEU CA 336 90.00 -33.52 63.14
C LEU CA 336 91.25 -32.68 62.92
N GLU CA 337 92.38 -33.14 63.46
CA GLU CA 337 93.64 -32.46 63.22
C GLU CA 337 94.09 -32.55 61.76
N GLN CA 338 93.67 -33.60 61.06
CA GLN CA 338 93.93 -33.76 59.63
C GLN CA 338 92.60 -33.74 58.90
N PRO CA 339 92.20 -32.60 58.31
CA PRO CA 339 90.90 -32.52 57.67
C PRO CA 339 90.81 -33.43 56.45
N VAL CA 340 89.57 -33.82 56.13
CA VAL CA 340 89.30 -34.71 55.02
C VAL CA 340 88.63 -33.89 53.93
N VAL CA 341 89.25 -33.82 52.76
CA VAL CA 341 88.76 -33.01 51.65
C VAL CA 341 88.30 -33.93 50.52
N VAL CA 342 87.08 -33.70 50.05
CA VAL CA 342 86.49 -34.45 48.96
C VAL CA 342 85.99 -33.46 47.91
N GLN CA 343 85.78 -33.96 46.70
CA GLN CA 343 85.31 -33.14 45.58
C GLN CA 343 84.05 -33.77 44.99
N SER CA 344 83.26 -32.94 44.32
CA SER CA 344 82.05 -33.42 43.68
C SER CA 344 81.71 -32.55 42.48
N VAL CA 345 81.20 -33.17 41.43
CA VAL CA 345 80.80 -32.48 40.21
C VAL CA 345 79.38 -32.92 39.87
N GLY CA 346 78.48 -31.96 39.71
CA GLY CA 346 77.11 -32.22 39.29
C GLY CA 346 76.89 -31.67 37.90
N THR CA 347 76.34 -32.51 37.01
CA THR CA 347 76.16 -32.16 35.62
C THR CA 347 74.69 -32.25 35.25
N ASP CA 348 74.13 -31.14 34.76
CA ASP CA 348 72.77 -31.10 34.25
C ASP CA 348 72.69 -31.46 32.78
N GLY CA 349 73.83 -31.66 32.12
CA GLY CA 349 73.86 -31.90 30.69
C GLY CA 349 74.62 -30.80 29.98
N ARG CA 350 74.41 -29.56 30.42
CA ARG CA 350 75.18 -28.42 29.94
C ARG CA 350 75.65 -27.50 31.05
N LEU CA 351 75.17 -27.67 32.29
CA LEU CA 351 75.54 -26.83 33.41
C LEU CA 351 76.31 -27.68 34.42
N PHE CA 352 77.40 -27.13 34.93
CA PHE CA 352 78.28 -27.85 35.84
C PHE CA 352 78.38 -27.12 37.18
N GLN CA 353 78.26 -27.89 38.27
CA GLN CA 353 78.43 -27.39 39.62
C GLN CA 353 79.60 -28.11 40.25
N PHE CA 354 80.58 -27.35 40.74
CA PHE CA 354 81.78 -27.91 41.33
C PHE CA 354 81.80 -27.64 42.83
N LEU CA 355 82.19 -28.64 43.61
CA LEU CA 355 82.23 -28.50 45.06
C LEU CA 355 83.49 -29.14 45.62
N VAL CA 356 84.16 -28.42 46.50
CA VAL CA 356 85.28 -28.96 47.28
C VAL CA 356 84.91 -28.79 48.75
N LEU CA 357 84.67 -29.91 49.43
CA LEU CA 357 84.20 -29.90 50.82
C LEU CA 357 85.29 -30.45 51.72
N GLN CA 358 85.70 -29.65 52.70
CA GLN CA 358 86.74 -30.03 53.66
C GLN CA 358 86.09 -30.16 55.03
N LEU CA 359 85.90 -31.40 55.48
CA LEU CA 359 85.44 -31.69 56.82
C LEU CA 359 86.59 -31.55 57.80
N ASN CA 360 86.37 -30.80 58.87
CA ASN CA 360 87.40 -30.49 59.85
C ASN CA 360 87.06 -30.91 61.27
N THR CA 361 85.81 -31.22 61.56
CA THR CA 361 85.40 -31.58 62.91
C THR CA 361 84.33 -32.67 62.85
N THR CA 362 84.18 -33.39 63.96
CA THR CA 362 83.18 -34.45 64.05
C THR CA 362 82.01 -34.09 64.96
N ASP CA 363 82.25 -33.37 66.05
CA ASP CA 363 81.19 -32.99 66.98
C ASP CA 363 80.28 -31.97 66.32
N LEU CA 364 79.02 -32.34 66.11
CA LEU CA 364 78.04 -31.47 65.50
C LEU CA 364 76.86 -31.18 66.42
N ALA CA 365 76.83 -31.78 67.61
CA ALA CA 365 75.74 -31.52 68.55
C ALA CA 365 75.73 -30.06 68.98
N SER CA 366 76.91 -29.49 69.23
CA SER CA 366 77.03 -28.10 69.61
C SER CA 366 77.45 -27.24 68.42
N ASP CA 367 76.88 -26.04 68.34
CA ASP CA 367 77.17 -25.10 67.26
C ASP CA 367 78.21 -24.07 67.65
N GLU CA 368 78.85 -24.23 68.82
CA GLU CA 368 79.85 -23.29 69.31
C GLU CA 368 81.26 -23.65 68.86
N GLY CA 369 81.46 -24.79 68.23
CA GLY CA 369 82.78 -25.25 67.86
C GLY CA 369 83.18 -24.83 66.47
N VAL CA 370 84.19 -25.52 65.94
CA VAL CA 370 84.72 -25.25 64.61
C VAL CA 370 83.72 -25.77 63.57
N LYS CA 371 83.66 -25.08 62.43
CA LYS CA 371 82.83 -25.49 61.32
C LYS CA 371 83.71 -25.94 60.16
N ASN CA 372 83.16 -26.85 59.35
CA ASN CA 372 83.86 -27.32 58.16
C ASN CA 372 83.82 -26.23 57.08
N LEU CA 373 84.50 -26.48 55.97
CA LEU CA 373 84.61 -25.48 54.91
C LEU CA 373 84.15 -26.07 53.59
N ALA CA 374 83.65 -25.21 52.70
CA ALA CA 374 83.23 -25.67 51.39
C ALA CA 374 83.43 -24.55 50.38
N TRP CA 375 83.96 -24.91 49.21
CA TRP CA 375 84.05 -24.03 48.06
C TRP CA 375 83.07 -24.54 47.02
N VAL CA 376 82.13 -23.70 46.59
CA VAL CA 376 81.11 -24.09 45.65
C VAL CA 376 81.17 -23.15 44.45
N ASP CA 377 81.61 -23.66 43.31
CA ASP CA 377 81.59 -22.93 42.05
C ASP CA 377 80.30 -23.31 41.34
N SER CA 378 79.39 -22.35 41.19
CA SER CA 378 78.04 -22.60 40.72
C SER CA 378 77.77 -21.88 39.41
N ASP CA 379 76.81 -22.41 38.66
CA ASP CA 379 76.33 -21.82 37.41
C ASP CA 379 77.47 -21.66 36.41
N GLN CA 380 78.14 -22.79 36.14
CA GLN CA 380 79.23 -22.85 35.17
C GLN CA 380 78.67 -23.42 33.87
N LEU CA 381 78.49 -22.56 32.88
CA LEU CA 381 77.91 -22.97 31.61
C LEU CA 381 79.01 -23.44 30.65
N LEU CA 382 79.00 -24.72 30.32
CA LEU CA 382 79.93 -25.24 29.32
C LEU CA 382 79.65 -24.65 27.94
N TYR CA 383 78.38 -24.51 27.59
CA TYR CA 383 77.98 -23.91 26.33
C TYR CA 383 76.58 -23.34 26.48
N GLN CA 384 76.30 -22.29 25.71
CA GLN CA 384 75.01 -21.63 25.79
C GLN CA 384 73.90 -22.49 25.22
N HIS CA 385 74.02 -22.87 23.94
CA HIS CA 385 73.00 -23.64 23.28
C HIS CA 385 73.64 -24.51 22.21
N PHE CA 386 72.96 -25.59 21.86
CA PHE CA 386 73.41 -26.52 20.83
C PHE CA 386 72.30 -26.69 19.81
N TRP CA 387 72.67 -26.69 18.53
CA TRP CA 387 71.72 -26.88 17.43
C TRP CA 387 72.01 -28.22 16.77
N CYS CA 388 71.11 -29.19 16.99
CA CYS CA 388 71.29 -30.50 16.38
C CYS CA 388 70.99 -30.47 14.88
N LEU CA 389 70.19 -29.50 14.43
CA LEU CA 389 69.84 -29.37 13.03
C LEU CA 389 70.11 -27.95 12.54
N PRO CA 390 70.47 -27.77 11.28
CA PRO CA 390 70.75 -26.42 10.77
C PRO CA 390 69.48 -25.58 10.64
N VAL CA 391 69.34 -24.58 11.50
CA VAL CA 391 68.17 -23.70 11.44
C VAL CA 391 68.27 -22.82 10.22
N ILE CA 392 67.21 -22.78 9.42
CA ILE CA 392 67.15 -22.02 8.17
C ILE CA 392 66.08 -20.96 8.31
N LYS CA 393 66.45 -19.70 8.09
CA LYS CA 393 65.54 -18.58 8.14
C LYS CA 393 65.64 -17.81 6.82
N LYS CA 394 64.48 -17.54 6.21
CA LYS CA 394 64.40 -16.80 4.95
C LYS CA 394 65.27 -17.45 3.87
N LYS CA 395 65.11 -18.77 3.74
CA LYS CA 395 65.71 -19.57 2.67
C LYS CA 395 67.23 -19.60 2.73
N VAL CA 396 67.83 -19.12 3.81
CA VAL CA 396 69.28 -19.17 3.99
C VAL CA 396 69.58 -19.69 5.39
N VAL CA 397 70.78 -20.25 5.55
CA VAL CA 397 71.21 -20.80 6.83
C VAL CA 397 71.85 -19.68 7.64
N VAL CA 398 71.27 -19.40 8.80
CA VAL CA 398 71.77 -18.31 9.65
C VAL CA 398 72.73 -18.85 10.71
N GLU CA 399 72.47 -20.04 11.25
CA GLU CA 399 73.31 -20.64 12.28
C GLU CA 399 73.59 -22.08 11.90
N PRO CA 400 74.86 -22.47 11.77
CA PRO CA 400 75.19 -23.84 11.36
C PRO CA 400 75.06 -24.81 12.52
N VAL CA 401 75.35 -26.07 12.23
CA VAL CA 401 75.27 -27.12 13.26
C VAL CA 401 76.46 -27.00 14.20
N GLY CA 402 76.19 -27.09 15.49
CA GLY CA 402 77.24 -27.00 16.49
C GLY CA 402 76.81 -26.17 17.68
N PRO CA 403 77.61 -26.20 18.75
CA PRO CA 403 77.28 -25.43 19.95
C PRO CA 403 77.60 -23.95 19.76
N ILE CA 404 76.65 -23.11 20.11
CA ILE CA 404 76.83 -21.66 20.07
C ILE CA 404 77.23 -21.18 21.46
N GLY CA 405 78.38 -20.52 21.56
CA GLY CA 405 78.91 -20.12 22.84
C GLY CA 405 79.71 -21.22 23.49
N PHE CA 406 80.94 -20.91 23.89
CA PHE CA 406 81.82 -21.93 24.46
C PHE CA 406 82.64 -21.30 25.57
N GLN CA 407 82.66 -21.95 26.73
CA GLN CA 407 83.43 -21.46 27.88
C GLN CA 407 84.46 -22.52 28.28
N PRO CA 408 85.71 -22.42 27.84
CA PRO CA 408 86.72 -23.42 28.23
C PRO CA 408 87.08 -23.37 29.70
N GLU CA 409 86.67 -22.33 30.44
CA GLU CA 409 87.00 -22.23 31.85
C GLU CA 409 86.36 -23.35 32.66
N THR CA 410 85.14 -23.74 32.31
CA THR CA 410 84.49 -24.83 33.04
C THR CA 410 85.26 -26.14 32.87
N PHE CA 411 85.69 -26.44 31.65
CA PHE CA 411 86.48 -27.65 31.42
C PHE CA 411 87.84 -27.54 32.11
N ARG CA 412 88.42 -26.33 32.14
CA ARG CA 412 89.69 -26.15 32.85
C ARG CA 412 89.54 -26.44 34.33
N LYS CA 413 88.45 -25.95 34.94
CA LYS CA 413 88.18 -26.22 36.34
C LYS CA 413 87.94 -27.70 36.58
N PHE CA 414 87.21 -28.36 35.67
CA PHE CA 414 86.99 -29.79 35.81
C PHE CA 414 88.30 -30.57 35.74
N LEU CA 415 89.18 -30.18 34.81
CA LEU CA 415 90.49 -30.82 34.72
C LEU CA 415 91.32 -30.57 35.97
N ALA CA 416 91.25 -29.37 36.52
CA ALA CA 416 91.96 -29.07 37.76
C ALA CA 416 91.45 -29.93 38.91
N LEU CA 417 90.13 -30.10 39.00
CA LEU CA 417 89.57 -30.97 40.03
C LEU CA 417 90.00 -32.41 39.84
N TYR CA 418 90.05 -32.88 38.59
CA TYR CA 418 90.49 -34.24 38.33
C TYR CA 418 91.95 -34.44 38.70
N LEU CA 419 92.80 -33.46 38.39
CA LEU CA 419 94.24 -33.57 38.61
C LEU CA 419 94.68 -33.06 39.97
N HIS CA 420 93.73 -32.64 40.82
CA HIS CA 420 94.09 -32.11 42.13
C HIS CA 420 94.80 -33.14 43.01
N GLY CA 421 94.54 -34.43 42.79
CA GLY CA 421 95.24 -35.45 43.55
C GLY CA 421 96.72 -35.51 43.20
N ALA CA 422 97.06 -35.30 41.94
CA ALA CA 422 98.45 -35.33 41.50
C ALA CA 422 98.93 -33.93 41.12
N ARG DA 27 -61.90 -27.28 -14.67
CA ARG DA 27 -63.07 -27.55 -15.49
C ARG DA 27 -64.31 -26.90 -14.89
N ARG DA 28 -65.08 -26.21 -15.73
CA ARG DA 28 -66.29 -25.53 -15.32
C ARG DA 28 -67.50 -26.21 -15.93
N ALA DA 29 -68.59 -26.29 -15.17
CA ALA DA 29 -69.82 -26.92 -15.61
C ALA DA 29 -70.98 -25.94 -15.47
N ALA DA 30 -71.93 -26.04 -16.40
CA ALA DA 30 -73.11 -25.20 -16.41
C ALA DA 30 -74.08 -25.60 -15.29
N PRO DA 31 -74.58 -24.63 -14.54
CA PRO DA 31 -75.54 -24.95 -13.46
C PRO DA 31 -76.81 -25.58 -14.03
N LEU DA 32 -77.37 -26.52 -13.28
CA LEU DA 32 -78.58 -27.22 -13.68
C LEU DA 32 -79.80 -26.49 -13.12
N GLY DA 33 -79.97 -25.25 -13.58
CA GLY DA 33 -81.06 -24.41 -13.15
C GLY DA 33 -80.59 -23.05 -12.69
N PRO DA 34 -81.53 -22.21 -12.26
CA PRO DA 34 -81.17 -20.85 -11.85
C PRO DA 34 -80.39 -20.82 -10.55
N MET DA 35 -79.37 -19.98 -10.50
CA MET DA 35 -78.59 -19.80 -9.29
C MET DA 35 -79.41 -19.05 -8.26
N PRO DA 36 -79.13 -19.25 -6.97
CA PRO DA 36 -79.93 -18.58 -5.94
C PRO DA 36 -79.77 -17.07 -5.94
N ASN DA 37 -78.54 -16.57 -6.05
CA ASN DA 37 -78.26 -15.14 -5.94
C ASN DA 37 -77.88 -14.52 -7.28
N GLU DA 38 -78.46 -15.00 -8.37
CA GLU DA 38 -78.18 -14.45 -9.70
C GLU DA 38 -79.19 -13.39 -10.12
N ASP DA 39 -80.18 -13.09 -9.29
CA ASP DA 39 -81.21 -12.13 -9.67
C ASP DA 39 -80.80 -10.70 -9.33
N ILE DA 40 -80.25 -10.49 -8.14
CA ILE DA 40 -79.85 -9.15 -7.72
C ILE DA 40 -78.62 -8.71 -8.51
N ASP DA 41 -78.61 -7.44 -8.89
CA ASP DA 41 -77.52 -6.87 -9.67
C ASP DA 41 -76.33 -6.59 -8.76
N VAL DA 42 -75.14 -7.02 -9.20
CA VAL DA 42 -73.93 -6.78 -8.42
C VAL DA 42 -73.57 -5.31 -8.41
N SER DA 43 -73.65 -4.65 -9.55
CA SER DA 43 -73.28 -3.24 -9.65
C SER DA 43 -74.29 -2.36 -8.93
N ASP DA 44 -73.79 -1.28 -8.34
CA ASP DA 44 -74.60 -0.30 -7.62
C ASP DA 44 -75.39 -0.95 -6.49
N LEU DA 45 -74.64 -1.46 -5.50
CA LEU DA 45 -75.26 -2.02 -4.31
C LEU DA 45 -75.84 -0.94 -3.40
N GLU DA 46 -75.30 0.28 -3.44
CA GLU DA 46 -75.76 1.34 -2.55
C GLU DA 46 -77.19 1.76 -2.83
N ARG DA 47 -77.61 1.75 -4.10
CA ARG DA 47 -78.98 2.07 -4.44
C ARG DA 47 -79.95 0.92 -4.19
N LEU DA 48 -79.43 -0.27 -3.89
CA LEU DA 48 -80.26 -1.43 -3.60
C LEU DA 48 -80.54 -1.49 -2.10
N LYS DA 49 -81.82 -1.68 -1.76
CA LYS DA 49 -82.21 -1.72 -0.35
C LYS DA 49 -81.68 -2.98 0.32
N LYS DA 50 -81.36 -2.85 1.61
CA LYS DA 50 -80.95 -3.97 2.44
C LYS DA 50 -81.90 -4.13 3.62
N TYR DA 51 -81.96 -5.34 4.16
CA TYR DA 51 -82.64 -5.59 5.42
C TYR DA 51 -81.61 -5.58 6.54
N ARG DA 52 -81.89 -4.80 7.58
CA ARG DA 52 -80.97 -4.66 8.71
C ARG DA 52 -81.42 -5.47 9.92
N SER DA 53 -82.37 -6.37 9.74
CA SER DA 53 -82.93 -7.14 10.85
C SER DA 53 -82.58 -8.61 10.69
N PHE DA 54 -81.96 -9.17 11.73
CA PHE DA 54 -81.70 -10.61 11.77
C PHE DA 54 -82.99 -11.40 11.65
N ASP DA 55 -84.09 -10.86 12.20
CA ASP DA 55 -85.39 -11.52 12.05
C ASP DA 55 -85.83 -11.54 10.59
N ARG DA 56 -85.65 -10.43 9.88
CA ARG DA 56 -85.98 -10.41 8.45
C ARG DA 56 -85.14 -11.40 7.68
N TYR DA 57 -83.84 -11.46 7.97
CA TYR DA 57 -82.98 -12.42 7.29
C TYR DA 57 -83.41 -13.86 7.59
N ARG DA 58 -83.76 -14.13 8.85
CA ARG DA 58 -84.21 -15.46 9.21
C ARG DA 58 -85.50 -15.84 8.49
N ARG DA 59 -86.44 -14.90 8.41
CA ARG DA 59 -87.67 -15.15 7.68
C ARG DA 59 -87.40 -15.45 6.21
N ARG DA 60 -86.54 -14.64 5.58
CA ARG DA 60 -86.24 -14.87 4.16
C ARG DA 60 -85.56 -16.21 3.95
N ALA DA 61 -84.60 -16.55 4.82
CA ALA DA 61 -83.88 -17.81 4.68
C ALA DA 61 -84.80 -19.01 4.87
N GLU DA 62 -85.68 -18.95 5.87
CA GLU DA 62 -86.62 -20.05 6.07
C GLU DA 62 -87.66 -20.15 4.96
N GLN DA 63 -88.07 -19.01 4.39
CA GLN DA 63 -88.97 -19.06 3.24
C GLN DA 63 -88.31 -19.69 2.04
N GLU DA 64 -87.03 -19.36 1.81
CA GLU DA 64 -86.33 -19.95 0.66
C GLU DA 64 -86.01 -21.42 0.88
N ALA DA 65 -85.74 -21.83 2.12
CA ALA DA 65 -85.33 -23.21 2.40
C ALA DA 65 -86.43 -24.22 2.11
N ARG DA 66 -87.70 -23.80 2.03
CA ARG DA 66 -88.80 -24.71 1.76
C ARG DA 66 -89.04 -24.92 0.28
N LYS DA 67 -88.30 -24.23 -0.59
CA LYS DA 67 -88.51 -24.37 -2.02
C LYS DA 67 -87.79 -25.62 -2.54
N PRO DA 68 -88.35 -26.26 -3.58
CA PRO DA 68 -87.72 -27.46 -4.18
C PRO DA 68 -86.52 -27.13 -5.05
N HIS DA 69 -85.37 -26.96 -4.42
CA HIS DA 69 -84.14 -26.65 -5.14
C HIS DA 69 -83.71 -27.84 -5.99
N TRP DA 70 -82.94 -27.55 -7.04
CA TRP DA 70 -82.48 -28.58 -7.95
C TRP DA 70 -81.26 -29.34 -7.44
N TRP DA 71 -80.58 -28.83 -6.43
CA TRP DA 71 -79.44 -29.52 -5.84
C TRP DA 71 -79.90 -30.39 -4.68
N ARG DA 72 -78.96 -31.17 -4.14
CA ARG DA 72 -79.24 -32.08 -3.04
C ARG DA 72 -79.50 -31.27 -1.77
N THR DA 73 -80.71 -31.38 -1.23
CA THR DA 73 -81.09 -30.64 -0.04
C THR DA 73 -81.21 -31.58 1.16
N TYR DA 74 -81.45 -30.98 2.33
CA TYR DA 74 -81.55 -31.76 3.56
C TYR DA 74 -82.78 -32.65 3.58
N ARG DA 75 -83.91 -32.14 3.08
CA ARG DA 75 -85.17 -32.88 3.16
C ARG DA 75 -85.13 -34.15 2.34
N GLU DA 76 -84.52 -34.09 1.15
CA GLU DA 76 -84.45 -35.26 0.28
C GLU DA 76 -83.70 -36.41 0.95
N HIS DA 77 -82.58 -36.09 1.61
CA HIS DA 77 -81.79 -37.11 2.28
C HIS DA 77 -82.36 -37.50 3.64
N PHE DA 78 -83.16 -36.64 4.27
CA PHE DA 78 -83.70 -36.93 5.59
C PHE DA 78 -85.21 -37.14 5.57
N GLY DA 79 -85.75 -37.60 4.44
CA GLY DA 79 -87.10 -38.14 4.43
C GLY DA 79 -88.22 -37.13 4.52
N GLU DA 80 -88.37 -36.31 3.48
CA GLU DA 80 -89.49 -35.37 3.37
C GLU DA 80 -90.81 -36.06 3.01
N GLU DA 81 -90.87 -37.39 3.14
CA GLU DA 81 -92.07 -38.18 2.88
C GLU DA 81 -92.51 -38.06 1.42
N SER DA 82 -91.61 -38.43 0.52
CA SER DA 82 -91.83 -38.48 -0.92
C SER DA 82 -92.31 -37.16 -1.50
N GLY DA 83 -92.04 -36.04 -0.82
CA GLY DA 83 -92.45 -34.74 -1.28
C GLY DA 83 -93.96 -34.61 -1.40
N PRO DA 84 -94.42 -34.10 -2.54
CA PRO DA 84 -95.86 -33.95 -2.74
C PRO DA 84 -96.58 -35.28 -2.77
N LYS DA 85 -97.81 -35.29 -2.27
CA LYS DA 85 -98.64 -36.49 -2.22
C LYS DA 85 -100.08 -36.10 -2.51
N ASP DA 86 -100.65 -36.67 -3.57
CA ASP DA 86 -102.04 -36.42 -3.94
C ASP DA 86 -102.94 -37.25 -3.05
N ARG DA 87 -103.33 -36.69 -1.90
CA ARG DA 87 -104.14 -37.40 -0.93
C ARG DA 87 -105.56 -37.61 -1.48
N VAL DA 88 -106.09 -38.81 -1.29
CA VAL DA 88 -107.46 -39.10 -1.68
C VAL DA 88 -108.38 -38.65 -0.55
N ASP DA 89 -109.38 -37.84 -0.88
CA ASP DA 89 -110.28 -37.26 0.10
C ASP DA 89 -111.54 -38.12 0.19
N ILE DA 90 -111.74 -38.76 1.35
CA ILE DA 90 -112.96 -39.50 1.62
C ILE DA 90 -113.66 -38.87 2.81
N GLY DA 91 -114.57 -37.93 2.55
CA GLY DA 91 -115.25 -37.26 3.63
C GLY DA 91 -116.41 -36.43 3.11
N LEU DA 92 -117.07 -35.76 4.04
CA LEU DA 92 -118.19 -34.90 3.69
C LEU DA 92 -117.69 -33.61 3.04
N PRO DA 93 -118.45 -33.04 2.11
CA PRO DA 93 -118.04 -31.79 1.49
C PRO DA 93 -118.03 -30.67 2.51
N PRO DA 94 -117.18 -29.66 2.32
CA PRO DA 94 -117.14 -28.54 3.26
C PRO DA 94 -118.44 -27.74 3.20
N PRO DA 95 -118.85 -27.15 4.32
CA PRO DA 95 -120.09 -26.35 4.32
C PRO DA 95 -119.98 -25.18 3.36
N LYS DA 96 -121.07 -24.88 2.68
CA LYS DA 96 -121.12 -23.75 1.74
C LYS DA 96 -121.57 -22.50 2.49
N VAL DA 97 -120.65 -21.57 2.69
CA VAL DA 97 -120.91 -20.34 3.42
C VAL DA 97 -120.72 -19.16 2.49
N SER DA 98 -121.62 -18.18 2.59
CA SER DA 98 -121.52 -16.96 1.79
C SER DA 98 -120.32 -16.15 2.24
N ARG DA 99 -119.28 -16.11 1.40
CA ARG DA 99 -118.04 -15.45 1.77
C ARG DA 99 -118.24 -13.95 2.00
N THR DA 100 -119.03 -13.30 1.13
CA THR DA 100 -119.23 -11.87 1.24
C THR DA 100 -119.98 -11.52 2.52
N GLN DA 101 -121.07 -12.22 2.80
CA GLN DA 101 -121.82 -11.98 4.01
C GLN DA 101 -121.01 -12.30 5.26
N GLN DA 102 -120.23 -13.38 5.22
CA GLN DA 102 -119.38 -13.72 6.36
C GLN DA 102 -118.36 -12.63 6.63
N LEU DA 103 -117.72 -12.12 5.57
CA LEU DA 103 -116.73 -11.07 5.74
C LEU DA 103 -117.39 -9.79 6.24
N LEU DA 104 -118.59 -9.47 5.74
CA LEU DA 104 -119.29 -8.27 6.19
C LEU DA 104 -119.64 -8.38 7.67
N GLU DA 105 -120.14 -9.54 8.10
CA GLU DA 105 -120.48 -9.73 9.50
C GLU DA 105 -119.24 -9.67 10.39
N ARG DA 106 -118.14 -10.26 9.93
CA ARG DA 106 -116.90 -10.21 10.71
C ARG DA 106 -116.37 -8.77 10.82
N LYS DA 107 -116.45 -8.01 9.73
CA LYS DA 107 -116.01 -6.62 9.77
C LYS DA 107 -116.90 -5.80 10.71
N GLN DA 108 -118.22 -6.03 10.68
CA GLN DA 108 -119.11 -5.32 11.58
C GLN DA 108 -118.80 -5.67 13.04
N ALA DA 109 -118.55 -6.95 13.33
CA ALA DA 109 -118.20 -7.35 14.68
C ALA DA 109 -116.89 -6.72 15.13
N LEU DA 110 -115.89 -6.67 14.25
CA LEU DA 110 -114.63 -6.04 14.59
C LEU DA 110 -114.80 -4.56 14.85
N ARG DA 111 -115.60 -3.87 14.04
CA ARG DA 111 -115.86 -2.46 14.26
C ARG DA 111 -116.57 -2.25 15.59
N GLU DA 112 -117.55 -3.08 15.91
CA GLU DA 112 -118.23 -2.98 17.20
C GLU DA 112 -117.28 -3.19 18.37
N LEU DA 113 -116.39 -4.18 18.26
CA LEU DA 113 -115.43 -4.44 19.32
C LEU DA 113 -114.46 -3.27 19.48
N ARG DA 114 -114.00 -2.70 18.37
CA ARG DA 114 -113.07 -1.57 18.44
C ARG DA 114 -113.76 -0.30 18.91
N ALA DA 115 -115.08 -0.22 18.76
CA ALA DA 115 -115.82 0.95 19.21
C ALA DA 115 -115.79 1.11 20.73
N ASN DA 116 -115.69 0.02 21.47
CA ASN DA 116 -115.64 0.11 22.93
C ASN DA 116 -114.34 0.77 23.38
N VAL DA 117 -114.45 1.58 24.43
CA VAL DA 117 -113.30 2.28 24.98
C VAL DA 117 -112.73 1.47 26.14
N GLU DA 118 -113.59 0.67 26.78
CA GLU DA 118 -113.14 -0.14 27.90
C GLU DA 118 -112.14 -1.20 27.46
N GLU DA 119 -112.36 -1.80 26.29
CA GLU DA 119 -111.39 -2.77 25.76
C GLU DA 119 -110.05 -2.11 25.47
N GLU DA 120 -110.07 -0.90 24.91
CA GLU DA 120 -108.82 -0.19 24.65
C GLU DA 120 -108.11 0.15 25.95
N ARG DA 121 -108.85 0.56 26.98
CA ARG DA 121 -108.25 0.83 28.28
C ARG DA 121 -107.61 -0.43 28.85
N ALA DA 122 -108.31 -1.58 28.74
CA ALA DA 122 -107.76 -2.83 29.23
C ALA DA 122 -106.49 -3.21 28.47
N ALA DA 123 -106.48 -3.01 27.15
CA ALA DA 123 -105.29 -3.30 26.36
C ALA DA 123 -104.13 -2.40 26.77
N ARG DA 124 -104.40 -1.12 27.01
CA ARG DA 124 -103.36 -0.21 27.45
C ARG DA 124 -102.82 -0.60 28.82
N LEU DA 125 -103.69 -1.01 29.73
CA LEU DA 125 -103.29 -1.35 31.09
C LEU DA 125 -102.82 -2.80 31.22
N GLN DA 126 -102.81 -3.56 30.13
CA GLN DA 126 -102.31 -4.94 30.10
C GLN DA 126 -103.11 -5.87 30.99
N THR DA 127 -104.38 -5.57 31.24
CA THR DA 127 -105.27 -6.37 32.09
C THR DA 127 -106.47 -6.77 31.26
N ALA DA 128 -106.36 -7.92 30.58
CA ALA DA 128 -107.45 -8.41 29.74
C ALA DA 128 -107.49 -9.92 29.81
N ARG DA 129 -108.69 -10.49 29.74
CA ARG DA 129 -108.90 -11.93 29.76
C ARG DA 129 -109.72 -12.34 28.54
N ILE DA 130 -109.67 -13.62 28.23
CA ILE DA 130 -110.29 -14.16 27.03
C ILE DA 130 -111.22 -15.31 27.39
N PRO DA 131 -112.42 -15.40 26.81
CA PRO DA 131 -113.31 -16.53 27.08
C PRO DA 131 -112.81 -17.80 26.40
N LEU DA 132 -111.91 -18.53 27.08
CA LEU DA 132 -111.26 -19.67 26.46
C LEU DA 132 -112.25 -20.75 26.04
N GLU DA 133 -113.34 -20.94 26.80
CA GLU DA 133 -114.33 -21.94 26.42
C GLU DA 133 -115.02 -21.57 25.10
N ALA DA 134 -115.40 -20.30 24.96
CA ALA DA 134 -116.01 -19.84 23.72
C ALA DA 134 -115.01 -19.91 22.57
N VAL DA 135 -113.74 -19.61 22.83
CA VAL DA 135 -112.71 -19.72 21.80
C VAL DA 135 -112.58 -21.16 21.33
N ARG DA 136 -112.58 -22.10 22.28
CA ARG DA 136 -112.51 -23.52 21.95
C ARG DA 136 -113.71 -23.95 21.11
N ALA DA 137 -114.90 -23.50 21.51
CA ALA DA 137 -116.11 -23.86 20.77
C ALA DA 137 -116.05 -23.32 19.33
N GLU DA 138 -115.65 -22.05 19.19
CA GLU DA 138 -115.56 -21.46 17.85
C GLU DA 138 -114.49 -22.14 17.01
N TRP DA 139 -113.36 -22.50 17.64
CA TRP DA 139 -112.30 -23.21 16.92
C TRP DA 139 -112.80 -24.56 16.42
N GLU DA 140 -113.49 -25.31 17.28
CA GLU DA 140 -114.07 -26.57 16.85
C GLU DA 140 -115.09 -26.36 15.73
N ARG DA 141 -115.83 -25.26 15.78
CA ARG DA 141 -116.86 -25.04 14.77
C ARG DA 141 -116.28 -24.68 13.41
N THR DA 142 -115.23 -23.87 13.35
CA THR DA 142 -114.75 -23.36 12.07
C THR DA 142 -113.44 -23.96 11.60
N CYS DA 143 -112.43 -24.10 12.47
CA CYS DA 143 -111.10 -24.51 12.04
C CYS DA 143 -110.55 -25.70 12.81
N GLY DA 144 -111.32 -26.27 13.75
CA GLY DA 144 -110.93 -27.48 14.43
C GLY DA 144 -110.71 -28.69 13.55
N PRO DA 145 -111.56 -28.96 12.56
CA PRO DA 145 -111.33 -30.12 11.69
C PRO DA 145 -109.97 -30.14 11.02
N TYR DA 146 -109.48 -29.00 10.54
CA TYR DA 146 -108.18 -28.97 9.87
C TYR DA 146 -107.04 -29.27 10.83
N HIS DA 147 -107.09 -28.69 12.03
CA HIS DA 147 -106.05 -28.96 13.02
C HIS DA 147 -106.09 -30.42 13.46
N LYS DA 148 -107.28 -30.98 13.64
CA LYS DA 148 -107.38 -32.39 13.97
C LYS DA 148 -106.85 -33.27 12.84
N GLN DA 149 -107.12 -32.89 11.59
CA GLN DA 149 -106.61 -33.65 10.46
C GLN DA 149 -105.09 -33.63 10.42
N ARG DA 150 -104.49 -32.47 10.61
CA ARG DA 150 -103.03 -32.41 10.58
C ARG DA 150 -102.41 -33.12 11.78
N LEU DA 151 -103.06 -33.07 12.94
CA LEU DA 151 -102.57 -33.83 14.09
C LEU DA 151 -102.63 -35.34 13.83
N ALA DA 152 -103.72 -35.80 13.21
CA ALA DA 152 -103.82 -37.22 12.87
C ALA DA 152 -102.78 -37.61 11.83
N GLU DA 153 -102.51 -36.72 10.88
CA GLU DA 153 -101.44 -36.97 9.91
C GLU DA 153 -100.09 -37.08 10.60
N TYR DA 154 -99.82 -36.20 11.56
CA TYR DA 154 -98.57 -36.28 12.31
C TYR DA 154 -98.48 -37.58 13.10
N CYS DA 155 -99.57 -37.99 13.73
CA CYS DA 155 -99.58 -39.23 14.51
C CYS DA 155 -99.67 -40.48 13.64
N GLY DA 156 -99.89 -40.32 12.34
CA GLY DA 156 -99.91 -41.47 11.44
C GLY DA 156 -101.17 -42.30 11.49
N LEU DA 157 -102.32 -41.68 11.76
CA LEU DA 157 -103.59 -42.41 11.76
C LEU DA 157 -103.94 -42.88 10.36
N TYR DA 158 -103.89 -41.98 9.37
CA TYR DA 158 -104.26 -42.34 8.01
C TYR DA 158 -103.26 -43.29 7.37
N ARG DA 159 -102.01 -43.28 7.83
CA ARG DA 159 -101.00 -44.18 7.28
C ARG DA 159 -101.31 -45.63 7.63
N ASP DA 160 -102.03 -45.87 8.72
CA ASP DA 160 -102.34 -47.21 9.18
C ASP DA 160 -103.82 -47.56 9.08
N LEU DA 161 -104.69 -46.60 8.79
CA LEU DA 161 -106.11 -46.87 8.63
C LEU DA 161 -106.53 -47.02 7.18
N PHE DA 162 -106.03 -46.16 6.29
CA PHE DA 162 -106.34 -46.24 4.87
C PHE DA 162 -105.11 -46.30 3.97
N HIS DA 163 -103.96 -45.83 4.44
CA HIS DA 163 -102.66 -45.95 3.78
C HIS DA 163 -102.55 -45.04 2.57
N GLY DA 164 -103.65 -44.43 2.14
CA GLY DA 164 -103.59 -43.55 1.00
C GLY DA 164 -104.54 -42.36 1.05
N ALA DA 165 -105.33 -42.26 2.13
CA ALA DA 165 -106.42 -41.30 2.19
C ALA DA 165 -106.46 -40.65 3.56
N THR DA 166 -106.60 -39.33 3.59
CA THR DA 166 -106.83 -38.58 4.81
C THR DA 166 -108.13 -37.78 4.66
N PHE DA 167 -108.93 -37.76 5.73
CA PHE DA 167 -110.23 -37.10 5.70
C PHE DA 167 -110.24 -35.91 6.65
N VAL DA 168 -111.29 -35.11 6.53
CA VAL DA 168 -111.51 -33.92 7.35
C VAL DA 168 -112.58 -34.24 8.38
N PRO DA 169 -112.27 -34.23 9.68
CA PRO DA 169 -113.31 -34.51 10.68
C PRO DA 169 -114.31 -33.37 10.79
N ARG DA 170 -115.28 -33.34 9.88
CA ARG DA 170 -116.21 -32.22 9.82
C ARG DA 170 -117.02 -32.09 11.10
N VAL DA 171 -117.62 -33.18 11.56
CA VAL DA 171 -118.46 -33.14 12.76
C VAL DA 171 -117.58 -33.28 13.99
N PRO DA 172 -117.92 -32.63 15.10
CA PRO DA 172 -117.17 -32.84 16.35
C PRO DA 172 -117.51 -34.18 16.97
N LEU DA 173 -116.64 -34.61 17.88
CA LEU DA 173 -116.82 -35.87 18.60
C LEU DA 173 -116.20 -35.71 19.99
N HIS DA 174 -117.05 -35.63 21.00
CA HIS DA 174 -116.60 -35.46 22.39
C HIS DA 174 -116.72 -36.80 23.09
N VAL DA 175 -115.58 -37.39 23.43
CA VAL DA 175 -115.52 -38.67 24.12
C VAL DA 175 -115.09 -38.43 25.56
N ALA DA 176 -115.78 -39.07 26.50
CA ALA DA 176 -115.47 -38.86 27.91
C ALA DA 176 -115.60 -40.15 28.68
N TYR DA 177 -114.59 -40.47 29.48
CA TYR DA 177 -114.65 -41.59 30.40
C TYR DA 177 -115.06 -41.10 31.79
N ALA DA 178 -115.85 -41.92 32.48
CA ALA DA 178 -116.32 -41.61 33.81
C ALA DA 178 -115.48 -42.38 34.83
N VAL DA 179 -114.61 -41.68 35.56
CA VAL DA 179 -113.78 -42.32 36.56
C VAL DA 179 -114.50 -42.48 37.89
N GLY DA 180 -115.67 -41.85 38.04
CA GLY DA 180 -116.44 -41.95 39.26
C GLY DA 180 -117.77 -41.24 39.15
N GLU DA 181 -118.20 -40.60 40.23
CA GLU DA 181 -119.46 -39.85 40.21
C GLU DA 181 -119.29 -38.42 39.74
N ASP DA 182 -118.13 -37.81 40.02
CA ASP DA 182 -117.88 -36.42 39.66
C ASP DA 182 -116.58 -36.24 38.89
N ASP DA 183 -115.95 -37.32 38.43
CA ASP DA 183 -114.67 -37.25 37.75
C ASP DA 183 -114.84 -37.71 36.30
N LEU DA 184 -114.56 -36.80 35.36
CA LEU DA 184 -114.73 -37.07 33.94
C LEU DA 184 -113.41 -36.78 33.23
N MET DA 185 -112.89 -37.79 32.53
CA MET DA 185 -111.66 -37.62 31.76
C MET DA 185 -112.01 -37.46 30.28
N PRO DA 186 -111.73 -36.31 29.68
CA PRO DA 186 -111.99 -36.15 28.25
C PRO DA 186 -110.97 -36.89 27.41
N VAL DA 187 -111.36 -37.14 26.16
CA VAL DA 187 -110.49 -37.82 25.20
C VAL DA 187 -110.32 -36.93 23.98
N TYR DA 188 -109.24 -36.16 23.95
CA TYR DA 188 -108.96 -35.27 22.83
C TYR DA 188 -108.01 -35.94 21.84
N HIS DA 189 -107.65 -35.19 20.81
CA HIS DA 189 -106.82 -35.70 19.73
C HIS DA 189 -105.36 -35.86 20.18
N GLY DA 190 -104.99 -37.06 20.62
CA GLY DA 190 -103.65 -37.33 21.07
C GLY DA 190 -103.43 -37.25 22.56
N ASN DA 191 -104.49 -37.21 23.36
CA ASN DA 191 -104.36 -37.13 24.81
C ASN DA 191 -103.89 -38.49 25.35
N GLU DA 192 -103.54 -38.51 26.63
CA GLU DA 192 -103.07 -39.71 27.32
C GLU DA 192 -104.11 -40.13 28.34
N VAL DA 193 -104.72 -41.29 28.12
CA VAL DA 193 -105.73 -41.84 29.02
C VAL DA 193 -105.27 -43.22 29.46
N THR DA 194 -105.22 -43.43 30.77
CA THR DA 194 -104.76 -44.69 31.33
C THR DA 194 -105.86 -45.75 31.28
N PRO DA 195 -105.48 -47.03 31.28
CA PRO DA 195 -106.51 -48.09 31.30
C PRO DA 195 -107.40 -48.04 32.53
N THR DA 196 -106.91 -47.51 33.65
CA THR DA 196 -107.76 -47.36 34.83
C THR DA 196 -108.95 -46.45 34.53
N GLU DA 197 -108.70 -45.33 33.85
CA GLU DA 197 -109.79 -44.44 33.45
C GLU DA 197 -110.57 -45.00 32.25
N ALA DA 198 -109.93 -45.83 31.43
CA ALA DA 198 -110.55 -46.34 30.21
C ALA DA 198 -111.20 -47.71 30.42
N ALA DA 199 -111.30 -48.17 31.66
CA ALA DA 199 -111.86 -49.50 31.91
C ALA DA 199 -113.31 -49.61 31.47
N GLN DA 200 -114.11 -48.57 31.72
CA GLN DA 200 -115.53 -48.59 31.40
C GLN DA 200 -115.77 -47.98 30.02
N ALA DA 201 -116.96 -48.25 29.48
CA ALA DA 201 -117.31 -47.72 28.17
C ALA DA 201 -117.53 -46.22 28.24
N PRO DA 202 -116.89 -45.45 27.36
CA PRO DA 202 -117.02 -44.00 27.41
C PRO DA 202 -118.31 -43.52 26.76
N GLU DA 203 -118.62 -42.25 27.03
CA GLU DA 203 -119.76 -41.58 26.42
C GLU DA 203 -119.28 -40.75 25.24
N VAL DA 204 -120.07 -40.75 24.16
CA VAL DA 204 -119.74 -40.04 22.93
C VAL DA 204 -120.86 -39.06 22.63
N THR DA 205 -120.49 -37.82 22.34
CA THR DA 205 -121.43 -36.75 22.05
C THR DA 205 -121.08 -36.11 20.71
N TYR DA 206 -122.10 -35.93 19.87
CA TYR DA 206 -121.93 -35.25 18.59
C TYR DA 206 -123.30 -34.73 18.16
N GLU DA 207 -123.29 -33.63 17.41
CA GLU DA 207 -124.52 -33.01 16.95
C GLU DA 207 -124.96 -33.68 15.65
N ALA DA 208 -126.20 -34.16 15.62
CA ALA DA 208 -126.74 -34.82 14.44
C ALA DA 208 -128.26 -34.85 14.55
N ASP DA 209 -128.93 -34.71 13.41
CA ASP DA 209 -130.38 -34.74 13.38
C ASP DA 209 -130.87 -36.19 13.44
N GLU DA 210 -132.18 -36.33 13.67
CA GLU DA 210 -132.82 -37.64 13.79
C GLU DA 210 -133.21 -38.21 12.43
N GLY DA 211 -132.31 -38.09 11.46
CA GLY DA 211 -132.56 -38.56 10.12
C GLY DA 211 -131.37 -39.26 9.48
N SER DA 212 -130.30 -39.44 10.26
CA SER DA 212 -129.08 -40.08 9.77
C SER DA 212 -128.72 -41.26 10.66
N LEU DA 213 -127.81 -42.08 10.16
CA LEU DA 213 -127.31 -43.23 10.89
C LEU DA 213 -125.79 -43.12 11.01
N TRP DA 214 -125.26 -43.58 12.14
CA TRP DA 214 -123.84 -43.44 12.44
C TRP DA 214 -123.30 -44.77 12.94
N THR DA 215 -121.98 -44.93 12.78
CA THR DA 215 -121.26 -46.10 13.28
C THR DA 215 -120.01 -45.64 14.00
N LEU DA 216 -119.77 -46.21 15.18
CA LEU DA 216 -118.61 -45.87 16.00
C LEU DA 216 -117.71 -47.10 16.13
N LEU DA 217 -116.40 -46.89 15.93
CA LEU DA 217 -115.43 -47.98 15.97
C LEU DA 217 -114.22 -47.53 16.78
N LEU DA 218 -113.92 -48.27 17.85
CA LEU DA 218 -112.71 -48.04 18.63
C LEU DA 218 -111.66 -49.04 18.18
N THR DA 219 -110.61 -48.53 17.54
CA THR DA 219 -109.55 -49.36 16.98
C THR DA 219 -108.23 -49.06 17.69
N ASN DA 220 -107.55 -50.11 18.13
CA ASN DA 220 -106.22 -50.00 18.72
C ASN DA 220 -105.20 -50.34 17.66
N LEU DA 221 -104.37 -49.36 17.28
CA LEU DA 221 -103.40 -49.58 16.21
C LEU DA 221 -102.20 -50.39 16.67
N ASP DA 222 -101.80 -50.26 17.93
CA ASP DA 222 -100.62 -50.94 18.46
C ASP DA 222 -101.05 -51.88 19.57
N GLY DA 223 -100.59 -53.12 19.50
CA GLY DA 223 -100.91 -54.09 20.54
C GLY DA 223 -101.11 -55.49 20.02
N HIS DA 224 -101.21 -55.65 18.70
CA HIS DA 224 -101.35 -56.98 18.14
C HIS DA 224 -100.02 -57.74 18.21
N LEU DA 225 -100.06 -58.91 18.83
CA LEU DA 225 -98.82 -59.66 19.06
C LEU DA 225 -98.30 -60.32 17.79
N LEU DA 226 -99.20 -60.84 16.95
CA LEU DA 226 -98.78 -61.62 15.79
C LEU DA 226 -98.60 -60.77 14.54
N GLU DA 227 -99.67 -60.10 14.09
CA GLU DA 227 -99.59 -59.41 12.81
C GLU DA 227 -99.28 -57.94 13.01
N PRO DA 228 -98.12 -57.46 12.56
CA PRO DA 228 -97.84 -56.02 12.66
C PRO DA 228 -98.80 -55.17 11.85
N ASP DA 229 -99.30 -55.69 10.74
CA ASP DA 229 -100.16 -54.92 9.83
C ASP DA 229 -101.64 -54.96 10.24
N ALA DA 230 -101.99 -55.66 11.30
CA ALA DA 230 -103.36 -55.75 11.76
C ALA DA 230 -103.51 -54.97 13.07
N GLU DA 231 -104.76 -54.63 13.38
CA GLU DA 231 -105.08 -53.83 14.55
C GLU DA 231 -106.24 -54.48 15.29
N TYR DA 232 -106.42 -54.07 16.54
CA TYR DA 232 -107.44 -54.65 17.40
C TYR DA 232 -108.70 -53.78 17.42
N VAL DA 233 -109.82 -54.42 17.72
CA VAL DA 233 -111.10 -53.73 17.88
C VAL DA 233 -111.56 -53.86 19.32
N HIS DA 234 -111.88 -52.72 19.95
CA HIS DA 234 -112.34 -52.72 21.33
C HIS DA 234 -113.83 -52.50 21.49
N TRP DA 235 -114.44 -51.67 20.63
CA TRP DA 235 -115.87 -51.39 20.75
C TRP DA 235 -116.38 -50.93 19.39
N LEU DA 236 -117.17 -51.77 18.74
CA LEU DA 236 -117.78 -51.45 17.44
C LEU DA 236 -119.28 -51.47 17.61
N VAL DA 237 -119.93 -50.35 17.34
CA VAL DA 237 -121.39 -50.24 17.43
C VAL DA 237 -121.90 -49.58 16.16
N THR DA 238 -122.88 -50.22 15.52
CA THR DA 238 -123.39 -49.77 14.23
C THR DA 238 -124.86 -49.35 14.35
N ASN DA 239 -125.31 -48.64 13.32
CA ASN DA 239 -126.71 -48.21 13.19
C ASN DA 239 -127.15 -47.37 14.39
N ILE DA 240 -126.51 -46.21 14.53
CA ILE DA 240 -126.81 -45.27 15.60
C ILE DA 240 -127.90 -44.32 15.10
N PRO DA 241 -129.09 -44.32 15.69
CA PRO DA 241 -130.13 -43.35 15.31
C PRO DA 241 -129.82 -41.99 15.92
N GLY DA 242 -129.40 -41.05 15.06
CA GLY DA 242 -129.06 -39.73 15.56
C GLY DA 242 -127.88 -39.79 16.52
N ASN DA 243 -128.04 -39.13 17.66
CA ASN DA 243 -126.99 -39.09 18.68
C ASN DA 243 -127.12 -40.20 19.71
N ARG DA 244 -128.18 -41.01 19.65
CA ARG DA 244 -128.41 -42.06 20.64
C ARG DA 244 -127.47 -43.23 20.37
N VAL DA 245 -126.27 -43.18 20.95
CA VAL DA 245 -125.31 -44.25 20.77
C VAL DA 245 -125.75 -45.53 21.47
N THR DA 246 -126.37 -45.41 22.64
CA THR DA 246 -126.79 -46.61 23.37
C THR DA 246 -127.87 -47.39 22.64
N GLU DA 247 -128.81 -46.68 21.99
CA GLU DA 247 -129.90 -47.35 21.30
C GLU DA 247 -129.42 -48.18 20.12
N GLY DA 248 -128.30 -47.81 19.49
CA GLY DA 248 -127.79 -48.57 18.37
C GLY DA 248 -127.24 -49.92 18.79
N GLN DA 249 -127.31 -50.87 17.87
CA GLN DA 249 -126.82 -52.22 18.14
C GLN DA 249 -125.29 -52.24 18.14
N GLU DA 250 -124.70 -52.84 19.15
CA GLU DA 250 -123.25 -52.93 19.27
C GLU DA 250 -122.77 -54.23 18.66
N THR DA 251 -121.91 -54.13 17.64
CA THR DA 251 -121.36 -55.32 17.01
C THR DA 251 -120.34 -56.01 17.91
N CYS DA 252 -119.45 -55.25 18.51
CA CYS DA 252 -118.40 -55.78 19.38
C CYS DA 252 -118.53 -55.12 20.74
N PRO DA 253 -118.68 -55.89 21.82
CA PRO DA 253 -118.76 -55.29 23.16
C PRO DA 253 -117.47 -54.58 23.53
N TYR DA 254 -117.61 -53.54 24.36
CA TYR DA 254 -116.48 -52.73 24.76
C TYR DA 254 -115.46 -53.58 25.53
N LEU DA 255 -114.18 -53.34 25.26
CA LEU DA 255 -113.10 -54.06 25.92
C LEU DA 255 -112.06 -53.06 26.42
N PRO DA 256 -111.61 -53.18 27.67
CA PRO DA 256 -110.62 -52.24 28.18
C PRO DA 256 -109.31 -52.38 27.44
N PRO DA 257 -108.56 -51.29 27.29
CA PRO DA 257 -107.25 -51.38 26.64
C PRO DA 257 -106.30 -52.28 27.41
N PHE DA 258 -105.48 -53.02 26.67
CA PHE DA 258 -104.49 -53.93 27.25
C PHE DA 258 -103.15 -53.77 26.55
N PRO DA 259 -102.44 -52.68 26.82
CA PRO DA 259 -101.11 -52.49 26.23
C PRO DA 259 -100.05 -53.35 26.92
N ALA DA 260 -98.96 -53.56 26.20
CA ALA DA 260 -97.84 -54.33 26.72
C ALA DA 260 -97.06 -53.50 27.73
N ARG DA 261 -96.50 -54.19 28.73
CA ARG DA 261 -95.74 -53.49 29.77
C ARG DA 261 -94.47 -52.86 29.22
N GLY DA 262 -93.79 -53.55 28.31
CA GLY DA 262 -92.60 -53.02 27.71
C GLY DA 262 -92.88 -51.98 26.65
N SER DA 263 -93.58 -52.37 25.60
CA SER DA 263 -93.94 -51.45 24.52
C SER DA 263 -95.20 -50.71 24.91
N GLY DA 264 -95.04 -49.45 25.33
CA GLY DA 264 -96.14 -48.62 25.76
C GLY DA 264 -96.53 -47.57 24.73
N PHE DA 265 -97.46 -46.71 25.16
CA PHE DA 265 -97.97 -45.60 24.36
C PHE DA 265 -98.55 -46.09 23.04
N HIS DA 266 -99.51 -46.99 23.15
CA HIS DA 266 -100.30 -47.40 21.99
C HIS DA 266 -101.36 -46.36 21.68
N ARG DA 267 -101.84 -46.37 20.45
CA ARG DA 267 -102.82 -45.41 19.98
C ARG DA 267 -104.19 -46.08 19.84
N PHE DA 268 -105.21 -45.46 20.42
CA PHE DA 268 -106.59 -45.92 20.34
C PHE DA 268 -107.41 -44.82 19.71
N ALA DA 269 -108.09 -45.12 18.61
CA ALA DA 269 -108.82 -44.12 17.84
C ALA DA 269 -110.30 -44.48 17.77
N PHE DA 270 -111.15 -43.52 18.10
CA PHE DA 270 -112.58 -43.60 17.87
C PHE DA 270 -112.88 -43.00 16.50
N LEU DA 271 -113.44 -43.81 15.61
CA LEU DA 271 -113.82 -43.37 14.28
C LEU DA 271 -115.34 -43.38 14.17
N LEU DA 272 -115.89 -42.26 13.72
CA LEU DA 272 -117.33 -42.10 13.54
C LEU DA 272 -117.62 -41.94 12.05
N PHE DA 273 -118.46 -42.81 11.51
CA PHE DA 273 -118.84 -42.81 10.11
C PHE DA 273 -120.33 -42.52 9.98
N LYS DA 274 -120.69 -41.70 9.00
CA LYS DA 274 -122.08 -41.45 8.66
C LYS DA 274 -122.47 -42.36 7.50
N GLN DA 275 -123.61 -43.03 7.64
CA GLN DA 275 -124.10 -43.95 6.63
C GLN DA 275 -125.53 -43.61 6.25
N ASP DA 276 -125.90 -43.99 5.02
CA ASP DA 276 -127.21 -43.68 4.47
C ASP DA 276 -128.18 -44.85 4.62
N LYS DA 277 -127.80 -46.03 4.12
CA LYS DA 277 -128.68 -47.18 4.17
C LYS DA 277 -128.49 -47.96 5.46
N ARG DA 278 -129.46 -48.81 5.77
CA ARG DA 278 -129.40 -49.71 6.92
C ARG DA 278 -128.47 -50.86 6.57
N ILE DA 279 -127.22 -50.77 7.02
CA ILE DA 279 -126.23 -51.78 6.71
C ILE DA 279 -126.34 -52.94 7.69
N ASP DA 280 -126.50 -54.15 7.16
CA ASP DA 280 -126.52 -55.36 7.96
C ASP DA 280 -125.44 -56.30 7.46
N PHE DA 281 -124.62 -56.80 8.39
CA PHE DA 281 -123.51 -57.67 8.05
C PHE DA 281 -123.47 -58.84 9.03
N SER DA 282 -123.16 -60.02 8.52
CA SER DA 282 -123.05 -61.22 9.35
C SER DA 282 -121.62 -61.72 9.51
N GLY DA 283 -120.71 -61.31 8.62
CA GLY DA 283 -119.33 -61.76 8.71
C GLY DA 283 -118.53 -61.04 9.77
N ASP DA 284 -118.81 -59.75 9.96
CA ASP DA 284 -118.11 -58.93 10.93
C ASP DA 284 -118.80 -58.91 12.30
N THR DA 285 -119.90 -59.65 12.45
CA THR DA 285 -120.59 -59.70 13.73
C THR DA 285 -119.72 -60.41 14.77
N ARG DA 286 -119.71 -59.87 15.99
CA ARG DA 286 -118.88 -60.42 17.05
C ARG DA 286 -119.74 -61.02 18.16
N PRO DA 287 -119.26 -62.07 18.82
CA PRO DA 287 -120.04 -62.68 19.92
C PRO DA 287 -120.06 -61.81 21.16
N SER DA 288 -120.99 -62.11 22.08
CA SER DA 288 -121.06 -61.33 23.32
C SER DA 288 -119.78 -61.43 24.15
N PRO DA 289 -119.19 -62.62 24.38
CA PRO DA 289 -117.92 -62.64 25.11
C PRO DA 289 -116.80 -61.95 24.34
N CYS DA 290 -116.55 -62.41 23.12
CA CYS DA 290 -115.55 -61.81 22.22
C CYS DA 290 -114.19 -61.71 22.90
N TYR DA 291 -113.79 -62.77 23.59
CA TYR DA 291 -112.52 -62.81 24.28
C TYR DA 291 -111.42 -63.52 23.49
N GLN DA 292 -111.64 -63.74 22.19
CA GLN DA 292 -110.67 -64.41 21.34
C GLN DA 292 -109.93 -63.36 20.51
N LEU DA 293 -108.62 -63.27 20.70
CA LEU DA 293 -107.81 -62.34 19.91
C LEU DA 293 -107.80 -62.70 18.44
N ALA DA 294 -107.99 -63.97 18.09
CA ALA DA 294 -108.09 -64.35 16.68
C ALA DA 294 -109.29 -63.70 16.02
N GLN DA 295 -110.44 -63.70 16.71
CA GLN DA 295 -111.61 -62.99 16.21
C GLN DA 295 -111.42 -61.48 16.29
N ARG DA 296 -110.71 -61.00 17.32
CA ARG DA 296 -110.46 -59.56 17.47
C ARG DA 296 -109.23 -59.17 16.65
N THR DA 297 -109.31 -59.47 15.36
CA THR DA 297 -108.30 -59.06 14.38
C THR DA 297 -109.02 -58.31 13.28
N PHE DA 298 -108.61 -57.07 13.02
CA PHE DA 298 -109.38 -56.17 12.18
C PHE DA 298 -108.47 -55.44 11.20
N HIS DA 299 -109.05 -55.03 10.09
CA HIS DA 299 -108.36 -54.25 9.06
C HIS DA 299 -109.30 -53.14 8.61
N THR DA 300 -108.97 -51.89 8.97
CA THR DA 300 -109.82 -50.76 8.60
C THR DA 300 -109.89 -50.58 7.09
N PHE DA 301 -108.80 -50.86 6.38
CA PHE DA 301 -108.80 -50.74 4.93
C PHE DA 301 -109.83 -51.69 4.31
N ASP DA 302 -109.80 -52.96 4.71
CA ASP DA 302 -110.77 -53.92 4.20
C ASP DA 302 -112.18 -53.60 4.66
N PHE DA 303 -112.34 -53.10 5.88
CA PHE DA 303 -113.66 -52.73 6.38
C PHE DA 303 -114.26 -51.61 5.54
N TYR DA 304 -113.47 -50.59 5.22
CA TYR DA 304 -113.97 -49.51 4.39
C TYR DA 304 -114.16 -49.94 2.95
N LYS DA 305 -113.36 -50.89 2.47
CA LYS DA 305 -113.62 -51.47 1.16
C LYS DA 305 -114.98 -52.17 1.13
N LYS DA 306 -115.29 -52.91 2.19
CA LYS DA 306 -116.58 -53.60 2.25
C LYS DA 306 -117.75 -52.63 2.36
N HIS DA 307 -117.61 -51.59 3.19
CA HIS DA 307 -118.71 -50.67 3.46
C HIS DA 307 -118.45 -49.29 2.86
N GLN DA 308 -117.84 -49.25 1.68
CA GLN DA 308 -117.50 -47.98 1.04
C GLN DA 308 -118.70 -47.30 0.40
N ASP DA 309 -119.73 -48.05 0.01
CA ASP DA 309 -120.86 -47.47 -0.70
C ASP DA 309 -121.62 -46.48 0.17
N ALA DA 310 -121.83 -46.80 1.44
CA ALA DA 310 -122.64 -45.98 2.32
C ALA DA 310 -121.81 -45.19 3.34
N MET DA 311 -120.91 -45.86 4.05
CA MET DA 311 -120.19 -45.20 5.14
C MET DA 311 -119.23 -44.15 4.60
N THR DA 312 -119.16 -43.02 5.29
CA THR DA 312 -118.22 -41.95 4.99
C THR DA 312 -117.72 -41.43 6.33
N PRO DA 313 -116.41 -41.41 6.55
CA PRO DA 313 -115.89 -40.97 7.86
C PRO DA 313 -116.13 -39.48 8.07
N ALA DA 314 -116.57 -39.12 9.28
CA ALA DA 314 -116.80 -37.73 9.64
C ALA DA 314 -116.25 -37.36 11.02
N GLY DA 315 -115.99 -38.33 11.89
CA GLY DA 315 -115.46 -38.03 13.21
C GLY DA 315 -114.25 -38.87 13.53
N LEU DA 316 -113.30 -38.24 14.24
CA LEU DA 316 -112.07 -38.92 14.63
C LEU DA 316 -111.62 -38.38 15.97
N ALA DA 317 -111.21 -39.29 16.86
CA ALA DA 317 -110.68 -38.90 18.17
C ALA DA 317 -109.68 -39.95 18.60
N PHE DA 318 -108.39 -39.63 18.54
CA PHE DA 318 -107.33 -40.58 18.85
C PHE DA 318 -106.62 -40.15 20.13
N PHE DA 319 -106.21 -41.14 20.93
CA PHE DA 319 -105.53 -40.86 22.18
C PHE DA 319 -104.48 -41.93 22.44
N GLN DA 320 -103.54 -41.59 23.32
CA GLN DA 320 -102.46 -42.49 23.70
C GLN DA 320 -102.79 -43.19 25.01
N CYS DA 321 -102.30 -44.42 25.15
CA CYS DA 321 -102.54 -45.21 26.35
C CYS DA 321 -101.35 -46.10 26.62
N ARG DA 322 -100.89 -46.13 27.86
CA ARG DA 322 -99.73 -46.90 28.27
C ARG DA 322 -100.13 -47.96 29.28
N TRP DA 323 -99.17 -48.77 29.69
CA TRP DA 323 -99.40 -49.87 30.61
C TRP DA 323 -99.54 -49.37 32.04
N ASP DA 324 -100.41 -50.02 32.81
CA ASP DA 324 -100.56 -49.73 34.23
C ASP DA 324 -100.92 -51.04 34.94
N ASP DA 325 -101.27 -50.93 36.22
CA ASP DA 325 -101.60 -52.11 37.01
C ASP DA 325 -102.91 -52.76 36.57
N SER DA 326 -103.78 -52.03 35.88
CA SER DA 326 -105.06 -52.58 35.46
C SER DA 326 -104.95 -53.51 34.27
N VAL DA 327 -103.82 -53.50 33.55
CA VAL DA 327 -103.67 -54.35 32.38
C VAL DA 327 -103.54 -55.82 32.78
N THR DA 328 -102.92 -56.08 33.94
CA THR DA 328 -102.73 -57.47 34.39
C THR DA 328 -104.07 -58.17 34.61
N ARG DA 329 -105.03 -57.47 35.22
CA ARG DA 329 -106.34 -58.06 35.44
C ARG DA 329 -107.04 -58.38 34.12
N VAL DA 330 -106.93 -57.49 33.13
CA VAL DA 330 -107.52 -57.74 31.82
C VAL DA 330 -106.86 -58.95 31.17
N PHE DA 331 -105.53 -59.05 31.25
CA PHE DA 331 -104.83 -60.17 30.62
C PHE DA 331 -105.19 -61.49 31.31
N HIS DA 332 -105.32 -61.49 32.63
CA HIS DA 332 -105.50 -62.74 33.37
C HIS DA 332 -106.97 -63.17 33.41
N GLN DA 333 -107.84 -62.33 33.98
CA GLN DA 333 -109.22 -62.73 34.18
C GLN DA 333 -110.00 -62.75 32.86
N LEU DA 334 -109.83 -61.71 32.03
CA LEU DA 334 -110.62 -61.61 30.81
C LEU DA 334 -110.02 -62.43 29.68
N LEU DA 335 -108.77 -62.14 29.31
CA LEU DA 335 -108.15 -62.78 28.16
C LEU DA 335 -107.68 -64.20 28.45
N ASP DA 336 -107.61 -64.60 29.72
CA ASP DA 336 -107.12 -65.93 30.11
C ASP DA 336 -105.72 -66.17 29.52
N MET DA 337 -104.81 -65.24 29.78
CA MET DA 337 -103.47 -65.26 29.23
C MET DA 337 -102.46 -64.85 30.29
N ARG DA 338 -101.20 -65.14 30.02
CA ARG DA 338 -100.10 -64.65 30.81
C ARG DA 338 -99.62 -63.31 30.26
N GLU DA 339 -99.30 -62.38 31.17
CA GLU DA 339 -98.93 -61.03 30.78
C GLU DA 339 -97.60 -61.02 30.05
N PRO DA 340 -97.55 -60.52 28.82
CA PRO DA 340 -96.27 -60.42 28.11
C PRO DA 340 -95.52 -59.17 28.54
N VAL DA 341 -94.23 -59.33 28.80
CA VAL DA 341 -93.36 -58.23 29.23
C VAL DA 341 -92.28 -58.04 28.17
N PHE DA 342 -92.16 -56.82 27.66
CA PHE DA 342 -91.17 -56.47 26.65
C PHE DA 342 -90.15 -55.52 27.24
N GLU DA 343 -89.15 -55.16 26.42
CA GLU DA 343 -88.11 -54.25 26.85
C GLU DA 343 -87.49 -53.61 25.61
N PHE DA 344 -87.11 -52.34 25.75
CA PHE DA 344 -86.46 -51.59 24.68
C PHE DA 344 -84.98 -51.93 24.72
N VAL DA 345 -84.60 -52.96 23.97
CA VAL DA 345 -83.20 -53.39 23.90
C VAL DA 345 -82.50 -52.57 22.82
N ARG DA 346 -81.24 -52.24 23.07
CA ARG DA 346 -80.46 -51.42 22.16
C ARG DA 346 -79.48 -52.28 21.37
N PRO DA 347 -79.13 -51.86 20.15
CA PRO DA 347 -78.19 -52.63 19.36
C PRO DA 347 -76.85 -52.71 20.06
N PRO DA 348 -76.13 -53.83 19.91
CA PRO DA 348 -74.83 -53.95 20.56
C PRO DA 348 -73.84 -52.95 20.00
N PRO DA 349 -72.89 -52.48 20.80
CA PRO DA 349 -71.92 -51.51 20.30
C PRO DA 349 -71.04 -52.11 19.22
N TYR DA 350 -70.65 -51.27 18.26
CA TYR DA 350 -69.82 -51.72 17.16
C TYR DA 350 -68.35 -51.72 17.56
N HIS DA 351 -67.65 -52.78 17.19
CA HIS DA 351 -66.21 -52.88 17.44
C HIS DA 351 -65.50 -53.31 16.17
N PRO DA 352 -64.33 -52.73 15.88
CA PRO DA 352 -63.57 -53.15 14.70
C PRO DA 352 -63.01 -54.55 14.85
N LYS DA 353 -62.54 -55.14 13.75
CA LYS DA 353 -61.94 -56.47 13.81
C LYS DA 353 -60.71 -56.44 14.70
N GLN DA 354 -60.61 -57.41 15.60
CA GLN DA 354 -59.49 -57.47 16.53
C GLN DA 354 -58.21 -57.78 15.78
N LYS DA 355 -57.16 -57.00 16.03
CA LYS DA 355 -55.89 -57.15 15.34
C LYS DA 355 -54.93 -57.99 16.17
N ARG DA 356 -53.98 -58.62 15.47
CA ARG DA 356 -52.97 -59.45 16.15
C ARG DA 356 -52.10 -58.59 17.06
N PHE DA 357 -51.64 -57.44 16.57
CA PHE DA 357 -50.81 -56.51 17.34
C PHE DA 357 -51.42 -55.12 17.23
N PRO DA 358 -52.37 -54.77 18.09
CA PRO DA 358 -52.89 -53.39 18.10
C PRO DA 358 -51.78 -52.39 18.40
N HIS DA 359 -51.80 -51.26 17.71
CA HIS DA 359 -50.75 -50.26 17.80
C HIS DA 359 -51.27 -49.05 18.56
N ARG DA 360 -50.53 -48.64 19.61
CA ARG DA 360 -50.89 -47.49 20.44
C ARG DA 360 -52.30 -47.60 21.00
N GLN DA 361 -52.68 -48.81 21.41
CA GLN DA 361 -54.00 -48.98 21.99
C GLN DA 361 -53.92 -49.18 23.50
N PRO DA 362 -54.93 -48.72 24.23
CA PRO DA 362 -54.90 -48.85 25.70
C PRO DA 362 -54.93 -50.31 26.14
N LEU DA 363 -54.58 -50.52 27.41
CA LEU DA 363 -54.60 -51.86 27.98
C LEU DA 363 -56.02 -52.43 27.98
N ARG DA 364 -57.03 -51.58 28.02
CA ARG DA 364 -58.43 -52.00 28.00
C ARG DA 364 -58.88 -52.48 26.63
N TYR DA 365 -57.98 -52.52 25.63
CA TYR DA 365 -58.36 -53.00 24.31
C TYR DA 365 -58.79 -54.45 24.34
N LEU DA 366 -58.10 -55.29 25.11
CA LEU DA 366 -58.47 -56.69 25.23
C LEU DA 366 -59.83 -56.88 25.89
N ASP DA 367 -60.26 -55.93 26.72
CA ASP DA 367 -61.56 -56.03 27.38
C ASP DA 367 -62.72 -55.78 26.43
N ARG DA 368 -62.46 -55.15 25.28
CA ARG DA 368 -63.54 -54.86 24.34
C ARG DA 368 -64.04 -56.10 23.61
N TYR DA 369 -63.24 -57.17 23.57
CA TYR DA 369 -63.61 -58.40 22.89
C TYR DA 369 -63.77 -59.57 23.87
N ARG DA 370 -63.78 -59.29 25.16
CA ARG DA 370 -63.92 -60.35 26.16
C ARG DA 370 -65.34 -60.90 26.15
N ASP DA 371 -65.47 -62.23 26.13
CA ASP DA 371 -66.78 -62.85 26.15
C ASP DA 371 -67.48 -62.63 27.47
N SER DA 372 -66.78 -62.88 28.58
CA SER DA 372 -67.36 -62.72 29.90
C SER DA 372 -66.26 -62.36 30.89
N HIS DA 373 -66.66 -61.70 31.98
CA HIS DA 373 -65.72 -61.28 33.02
C HIS DA 373 -65.51 -62.42 34.03
N GLU DA 374 -65.04 -63.55 33.50
CA GLU DA 374 -64.77 -64.73 34.31
C GLU DA 374 -63.42 -65.30 33.89
N PRO DA 375 -62.53 -65.59 34.83
CA PRO DA 375 -61.25 -66.22 34.48
C PRO DA 375 -61.48 -67.63 33.95
N THR DA 376 -60.85 -67.93 32.81
CA THR DA 376 -61.00 -69.23 32.16
C THR DA 376 -59.66 -69.95 32.20
N TYR DA 377 -59.65 -71.14 32.78
CA TYR DA 377 -58.46 -71.98 32.85
C TYR DA 377 -58.65 -73.15 31.89
N GLY DA 378 -57.85 -73.20 30.84
CA GLY DA 378 -57.98 -74.22 29.82
C GLY DA 378 -57.69 -75.62 30.30
N ILE DA 379 -56.43 -75.88 30.67
CA ILE DA 379 -56.03 -77.20 31.13
C ILE DA 379 -55.64 -77.22 32.61
N TYR DA 380 -55.47 -76.07 33.24
CA TYR DA 380 -55.08 -76.02 34.64
C TYR DA 380 -56.30 -76.08 35.55
N SER EA 30 17.47 -104.53 -94.09
CA SER EA 30 16.50 -105.15 -93.19
C SER EA 30 15.43 -104.15 -92.78
N GLN EA 31 14.20 -104.65 -92.63
CA GLN EA 31 13.07 -103.80 -92.25
C GLN EA 31 13.04 -103.69 -90.74
N LEU EA 32 13.88 -102.82 -90.20
CA LEU EA 32 13.99 -102.63 -88.76
C LEU EA 32 13.83 -101.15 -88.42
N SER EA 33 12.94 -100.86 -87.48
CA SER EA 33 12.78 -99.50 -87.00
C SER EA 33 13.99 -99.11 -86.15
N PRO EA 34 14.34 -97.82 -86.10
CA PRO EA 34 15.43 -97.40 -85.21
C PRO EA 34 15.19 -97.74 -83.74
N THR EA 35 13.94 -97.62 -83.28
CA THR EA 35 13.64 -98.02 -81.90
C THR EA 35 13.82 -99.52 -81.71
N GLU EA 36 13.46 -100.32 -82.71
CA GLU EA 36 13.69 -101.75 -82.62
C GLU EA 36 15.18 -102.07 -82.58
N LEU EA 37 15.98 -101.35 -83.38
CA LEU EA 37 17.43 -101.54 -83.34
C LEU EA 37 17.99 -101.19 -81.97
N ILE EA 38 17.52 -100.08 -81.39
CA ILE EA 38 17.95 -99.69 -80.05
C ILE EA 38 17.58 -100.77 -79.04
N GLU EA 39 16.36 -101.29 -79.13
CA GLU EA 39 15.92 -102.33 -78.20
C GLU EA 39 16.77 -103.59 -78.34
N MET EA 40 17.07 -104.00 -79.58
CA MET EA 40 17.88 -105.19 -79.79
C MET EA 40 19.28 -105.00 -79.24
N GLN EA 41 19.88 -103.83 -79.48
CA GLN EA 41 21.22 -103.56 -78.97
C GLN EA 41 21.23 -103.57 -77.44
N ASN EA 42 20.23 -102.93 -76.82
CA ASN EA 42 20.17 -102.92 -75.37
C ASN EA 42 19.96 -104.31 -74.80
N ASP EA 43 19.11 -105.13 -75.44
CA ASP EA 43 18.89 -106.48 -74.96
C ASP EA 43 20.15 -107.32 -75.07
N LEU EA 44 20.87 -107.20 -76.19
CA LEU EA 44 22.10 -107.97 -76.36
C LEU EA 44 23.17 -107.52 -75.35
N PHE EA 45 23.27 -106.21 -75.12
CA PHE EA 45 24.21 -105.71 -74.12
C PHE EA 45 23.86 -106.23 -72.73
N ASN EA 46 22.56 -106.24 -72.40
CA ASN EA 46 22.12 -106.75 -71.11
C ASN EA 46 22.41 -108.24 -70.97
N LYS EA 47 22.21 -109.00 -72.05
CA LYS EA 47 22.53 -110.43 -72.00
C LYS EA 47 24.02 -110.65 -71.79
N GLU EA 48 24.87 -109.87 -72.47
CA GLU EA 48 26.31 -109.98 -72.27
C GLU EA 48 26.69 -109.63 -70.83
N LYS EA 49 26.07 -108.58 -70.28
CA LYS EA 49 26.34 -108.20 -68.90
C LYS EA 49 25.91 -109.29 -67.93
N ASN EA 50 24.76 -109.91 -68.19
CA ASN EA 50 24.29 -111.02 -67.35
C ASN EA 50 25.25 -112.20 -67.42
N ARG EA 51 25.76 -112.50 -68.62
CA ARG EA 51 26.75 -113.57 -68.75
C ARG EA 51 28.03 -113.23 -67.97
N GLN EA 52 28.47 -111.98 -68.04
CA GLN EA 52 29.66 -111.57 -67.30
C GLN EA 52 29.44 -111.70 -65.79
N LEU EA 53 28.26 -111.30 -65.31
CA LEU EA 53 27.94 -111.43 -63.90
C LEU EA 53 27.84 -112.89 -63.46
N SER EA 54 27.25 -113.75 -64.29
CA SER EA 54 27.15 -115.16 -63.95
C SER EA 54 28.49 -115.88 -64.07
N LEU EA 55 29.46 -115.30 -64.78
CA LEU EA 55 30.79 -115.89 -64.84
C LEU EA 55 31.40 -116.04 -63.45
N THR EA 56 31.11 -115.11 -62.55
CA THR EA 56 31.56 -115.22 -61.17
C THR EA 56 30.42 -115.72 -60.31
N PRO EA 57 30.46 -116.96 -59.81
CA PRO EA 57 29.34 -117.49 -59.04
C PRO EA 57 29.32 -116.99 -57.60
N ARG EA 58 30.49 -116.77 -57.02
CA ARG EA 58 30.62 -116.35 -55.63
C ARG EA 58 31.13 -114.91 -55.56
N THR EA 59 31.13 -114.38 -54.34
CA THR EA 59 31.61 -113.03 -54.06
C THR EA 59 32.96 -113.15 -53.38
N GLU EA 60 34.03 -112.92 -54.15
CA GLU EA 60 35.38 -113.00 -53.62
C GLU EA 60 35.80 -111.66 -53.05
N LYS EA 61 36.63 -111.71 -52.01
CA LYS EA 61 37.12 -110.51 -51.34
C LYS EA 61 38.49 -110.15 -51.89
N ILE EA 62 38.63 -108.90 -52.32
CA ILE EA 62 39.89 -108.36 -52.83
C ILE EA 62 40.34 -107.23 -51.93
N GLU EA 63 41.63 -107.21 -51.61
CA GLU EA 63 42.23 -106.19 -50.76
C GLU EA 63 42.88 -105.17 -51.67
N VAL EA 64 42.29 -103.98 -51.74
CA VAL EA 64 42.77 -102.90 -52.61
C VAL EA 64 43.41 -101.82 -51.76
N LYS EA 65 44.64 -101.47 -52.10
CA LYS EA 65 45.36 -100.41 -51.42
C LYS EA 65 45.07 -99.07 -52.09
N HIS EA 66 45.15 -97.99 -51.32
CA HIS EA 66 44.99 -96.64 -51.82
C HIS EA 66 46.36 -95.98 -51.87
N VAL EA 67 46.85 -95.73 -53.07
CA VAL EA 67 48.20 -95.18 -53.25
C VAL EA 67 48.14 -93.66 -53.46
N GLY EA 68 46.99 -93.04 -53.21
CA GLY EA 68 46.86 -91.61 -53.39
C GLY EA 68 47.70 -90.81 -52.41
N LYS EA 69 47.97 -89.57 -52.80
CA LYS EA 69 48.82 -88.69 -52.00
C LYS EA 69 48.13 -88.27 -50.71
N THR EA 70 46.81 -88.27 -50.68
CA THR EA 70 46.08 -87.74 -49.53
C THR EA 70 46.11 -88.70 -48.35
N ASP EA 71 45.62 -89.93 -48.55
CA ASP EA 71 45.49 -90.91 -47.47
C ASP EA 71 46.22 -92.19 -47.86
N PRO EA 72 47.53 -92.25 -47.67
CA PRO EA 72 48.27 -93.49 -47.96
C PRO EA 72 47.96 -94.58 -46.95
N GLY EA 73 48.13 -95.82 -47.39
CA GLY EA 73 47.94 -96.97 -46.54
C GLY EA 73 46.49 -97.39 -46.33
N THR EA 74 45.54 -96.74 -46.97
CA THR EA 74 44.14 -97.11 -46.81
C THR EA 74 43.86 -98.44 -47.49
N VAL EA 75 43.11 -99.30 -46.82
CA VAL EA 75 42.82 -100.65 -47.29
C VAL EA 75 41.31 -100.79 -47.48
N PHE EA 76 40.92 -101.33 -48.63
CA PHE EA 76 39.52 -101.55 -48.96
C PHE EA 76 39.29 -103.04 -49.19
N VAL EA 77 38.31 -103.61 -48.51
CA VAL EA 77 37.90 -104.99 -48.69
C VAL EA 77 36.69 -104.96 -49.62
N MET EA 78 36.90 -105.25 -50.90
CA MET EA 78 35.89 -105.09 -51.92
C MET EA 78 35.44 -106.44 -52.47
N ASN EA 79 34.28 -106.44 -53.11
CA ASN EA 79 33.76 -107.62 -53.77
C ASN EA 79 34.32 -107.72 -55.18
N LYS EA 80 34.77 -108.92 -55.55
CA LYS EA 80 35.36 -109.14 -56.85
C LYS EA 80 34.31 -109.00 -57.94
N ASN EA 81 34.65 -108.25 -58.99
CA ASN EA 81 33.81 -108.03 -60.16
C ASN EA 81 32.48 -107.35 -59.83
N ILE EA 82 32.33 -106.82 -58.61
CA ILE EA 82 31.12 -106.14 -58.19
C ILE EA 82 31.42 -104.72 -57.73
N SER EA 83 32.37 -104.57 -56.81
CA SER EA 83 32.74 -103.25 -56.33
C SER EA 83 33.43 -102.44 -57.42
N THR EA 84 33.36 -101.13 -57.29
CA THR EA 84 33.87 -100.20 -58.29
C THR EA 84 34.71 -99.11 -57.62
N PRO EA 85 35.61 -98.47 -58.36
CA PRO EA 85 36.32 -97.30 -57.81
C PRO EA 85 35.38 -96.19 -57.38
N TYR EA 86 34.20 -96.07 -57.99
CA TYR EA 86 33.20 -95.14 -57.48
C TYR EA 86 32.77 -95.55 -56.08
N SER EA 87 32.59 -96.85 -55.84
CA SER EA 87 32.27 -97.33 -54.49
C SER EA 87 33.43 -97.07 -53.53
N CYS EA 88 34.66 -97.20 -54.00
CA CYS EA 88 35.82 -96.87 -53.16
C CYS EA 88 35.81 -95.40 -52.78
N ALA EA 89 35.49 -94.52 -53.75
CA ALA EA 89 35.38 -93.10 -53.46
C ALA EA 89 34.26 -92.81 -52.48
N MET EA 90 33.13 -93.51 -52.61
CA MET EA 90 32.05 -93.37 -51.64
C MET EA 90 32.50 -93.80 -50.25
N HIS EA 91 33.25 -94.89 -50.15
CA HIS EA 91 33.81 -95.30 -48.87
C HIS EA 91 34.75 -94.24 -48.30
N LEU EA 92 35.52 -93.58 -49.15
CA LEU EA 92 36.44 -92.56 -48.66
C LEU EA 92 35.68 -91.31 -48.20
N SER EA 93 35.04 -90.61 -49.12
CA SER EA 93 34.23 -89.42 -48.82
C SER EA 93 33.58 -88.96 -50.11
N GLU EA 94 32.50 -88.18 -49.95
CA GLU EA 94 31.79 -87.64 -51.10
C GLU EA 94 32.64 -86.66 -51.90
N TRP EA 95 33.66 -86.06 -51.26
CA TRP EA 95 34.54 -85.15 -51.99
C TRP EA 95 35.28 -85.88 -53.10
N TYR EA 96 35.72 -87.11 -52.83
CA TYR EA 96 36.38 -87.90 -53.88
C TYR EA 96 35.42 -88.18 -55.03
N CYS EA 97 34.15 -88.51 -54.72
CA CYS EA 97 33.18 -88.72 -55.78
C CYS EA 97 32.94 -87.46 -56.60
N ARG EA 98 32.86 -86.30 -55.94
CA ARG EA 98 32.61 -85.06 -56.65
C ARG EA 98 33.80 -84.64 -57.51
N LYS EA 99 35.02 -84.82 -57.01
CA LYS EA 99 36.19 -84.31 -57.70
C LYS EA 99 36.81 -85.34 -58.65
N SER EA 100 37.24 -86.49 -58.11
CA SER EA 100 37.99 -87.46 -58.89
C SER EA 100 37.15 -87.99 -60.05
N ILE EA 101 37.73 -87.99 -61.25
CA ILE EA 101 37.07 -88.50 -62.43
C ILE EA 101 37.64 -89.85 -62.84
N LEU EA 102 38.96 -89.99 -62.83
CA LEU EA 102 39.61 -91.19 -63.34
C LEU EA 102 40.25 -91.97 -62.20
N ALA EA 103 40.42 -93.27 -62.43
CA ALA EA 103 41.11 -94.14 -61.49
C ALA EA 103 42.28 -94.81 -62.19
N LEU EA 104 43.42 -94.84 -61.52
CA LEU EA 104 44.62 -95.51 -61.99
C LEU EA 104 44.76 -96.78 -61.16
N VAL EA 105 44.44 -97.92 -61.76
CA VAL EA 105 44.53 -99.22 -61.07
C VAL EA 105 45.93 -99.75 -61.35
N ASP EA 106 46.90 -99.20 -60.63
CA ASP EA 106 48.24 -99.76 -60.43
C ASP EA 106 49.07 -99.81 -61.70
N GLY EA 107 48.45 -99.70 -62.88
CA GLY EA 107 49.22 -99.57 -64.10
C GLY EA 107 48.57 -98.85 -65.25
N GLN EA 108 47.31 -98.44 -65.11
CA GLN EA 108 46.51 -98.03 -66.26
C GLN EA 108 45.35 -97.20 -65.78
N PRO EA 109 44.80 -96.33 -66.63
CA PRO EA 109 43.57 -95.63 -66.28
C PRO EA 109 42.38 -96.58 -66.19
N TRP EA 110 41.39 -96.18 -65.41
CA TRP EA 110 40.23 -97.03 -65.14
C TRP EA 110 39.04 -96.13 -64.83
N ASP EA 111 37.92 -96.38 -65.50
CA ASP EA 111 36.72 -95.59 -65.25
C ASP EA 111 36.10 -95.98 -63.91
N MET EA 112 35.25 -95.08 -63.40
CA MET EA 112 34.69 -95.27 -62.06
C MET EA 112 33.67 -96.39 -62.01
N TYR EA 113 32.93 -96.64 -63.09
CA TYR EA 113 31.86 -97.62 -63.08
C TYR EA 113 32.25 -98.93 -63.75
N LYS EA 114 33.54 -99.26 -63.77
CA LYS EA 114 34.01 -100.55 -64.27
C LYS EA 114 34.45 -101.41 -63.09
N PRO EA 115 33.84 -102.57 -62.87
CA PRO EA 115 34.18 -103.38 -61.69
C PRO EA 115 35.65 -103.80 -61.69
N LEU EA 116 36.22 -103.84 -60.49
CA LEU EA 116 37.59 -104.30 -60.31
C LEU EA 116 37.65 -105.82 -60.40
N THR EA 117 38.83 -106.31 -60.79
CA THR EA 117 39.03 -107.74 -61.01
C THR EA 117 39.84 -108.41 -59.92
N LYS EA 118 41.04 -107.91 -59.64
CA LYS EA 118 41.95 -108.53 -58.67
C LYS EA 118 42.41 -107.50 -57.65
N SER EA 119 43.18 -107.98 -56.68
CA SER EA 119 43.79 -107.10 -55.70
C SER EA 119 44.82 -106.20 -56.37
N CYS EA 120 44.82 -104.93 -56.00
CA CYS EA 120 45.61 -103.92 -56.70
C CYS EA 120 45.72 -102.68 -55.82
N GLU EA 121 46.21 -101.59 -56.41
CA GLU EA 121 46.25 -100.29 -55.75
C GLU EA 121 45.63 -99.26 -56.68
N ILE EA 122 44.95 -98.29 -56.08
CA ILE EA 122 44.15 -97.31 -56.80
C ILE EA 122 44.68 -95.91 -56.48
N LYS EA 123 44.80 -95.08 -57.51
CA LYS EA 123 45.08 -93.66 -57.35
C LYS EA 123 44.01 -92.86 -58.08
N PHE EA 124 43.43 -91.88 -57.41
CA PHE EA 124 42.39 -91.09 -58.02
C PHE EA 124 42.96 -89.89 -58.76
N LEU EA 125 42.33 -89.54 -59.88
CA LEU EA 125 42.81 -88.47 -60.75
C LEU EA 125 41.67 -87.51 -61.05
N THR EA 126 41.93 -86.22 -60.85
CA THR EA 126 40.96 -85.15 -61.03
C THR EA 126 41.34 -84.31 -62.25
N PHE EA 127 40.56 -83.24 -62.46
CA PHE EA 127 40.85 -82.33 -63.58
C PHE EA 127 42.04 -81.45 -63.28
N LYS EA 128 42.19 -81.01 -62.03
CA LYS EA 128 43.22 -80.05 -61.64
C LYS EA 128 44.45 -80.72 -61.05
N ASP EA 129 44.78 -81.91 -61.50
CA ASP EA 129 45.98 -82.60 -61.03
C ASP EA 129 47.21 -82.08 -61.77
N ASP EA 130 48.39 -82.54 -61.34
CA ASP EA 130 49.63 -82.06 -61.96
C ASP EA 130 49.75 -82.55 -63.40
N ASP EA 131 49.33 -83.79 -63.67
CA ASP EA 131 49.38 -84.38 -65.01
C ASP EA 131 47.98 -84.92 -65.31
N PRO EA 132 47.06 -84.04 -65.72
CA PRO EA 132 45.66 -84.46 -65.86
C PRO EA 132 45.37 -85.02 -67.26
N GLY EA 133 46.44 -85.27 -68.04
CA GLY EA 133 46.27 -85.54 -69.45
C GLY EA 133 45.38 -86.74 -69.73
N GLU EA 134 45.51 -87.79 -68.91
CA GLU EA 134 44.65 -88.95 -69.08
C GLU EA 134 43.19 -88.60 -68.85
N VAL EA 135 42.91 -87.78 -67.84
CA VAL EA 135 41.55 -87.34 -67.58
C VAL EA 135 41.04 -86.47 -68.72
N ASN EA 136 41.92 -85.64 -69.29
CA ASN EA 136 41.53 -84.82 -70.44
C ASN EA 136 41.17 -85.69 -71.63
N LYS EA 137 41.96 -86.74 -71.88
CA LYS EA 137 41.63 -87.68 -72.95
C LYS EA 137 40.29 -88.35 -72.70
N ALA EA 138 40.05 -88.78 -71.45
CA ALA EA 138 38.79 -89.43 -71.13
C ALA EA 138 37.61 -88.49 -71.35
N TYR EA 139 37.74 -87.24 -70.91
CA TYR EA 139 36.68 -86.26 -71.12
C TYR EA 139 36.47 -85.96 -72.59
N TRP EA 140 37.56 -85.89 -73.37
CA TRP EA 140 37.46 -85.67 -74.80
C TRP EA 140 36.69 -86.80 -75.47
N ARG EA 141 37.03 -88.04 -75.14
CA ARG EA 141 36.33 -89.18 -75.71
C ARG EA 141 34.86 -89.21 -75.30
N SER EA 142 34.58 -88.86 -74.04
CA SER EA 142 33.19 -88.83 -73.58
C SER EA 142 32.39 -87.78 -74.34
N CYS EA 143 32.97 -86.60 -74.53
CA CYS EA 143 32.28 -85.55 -75.29
C CYS EA 143 32.05 -85.97 -76.73
N ALA EA 144 33.04 -86.62 -77.35
CA ALA EA 144 32.87 -87.11 -78.71
C ALA EA 144 31.75 -88.14 -78.79
N MET EA 145 31.69 -89.05 -77.81
CA MET EA 145 30.63 -90.05 -77.80
C MET EA 145 29.26 -89.42 -77.61
N MET EA 146 29.17 -88.42 -76.73
CA MET EA 146 27.89 -87.72 -76.53
C MET EA 146 27.45 -87.01 -77.79
N MET EA 147 28.39 -86.34 -78.47
CA MET EA 147 28.04 -85.66 -79.73
C MET EA 147 27.59 -86.66 -80.78
N GLY EA 148 28.28 -87.80 -80.88
CA GLY EA 148 27.84 -88.82 -81.82
C GLY EA 148 26.46 -89.37 -81.50
N CYS EA 149 26.17 -89.55 -80.21
CA CYS EA 149 24.84 -90.01 -79.81
C CYS EA 149 23.78 -89.00 -80.19
N VAL EA 150 24.06 -87.71 -79.99
CA VAL EA 150 23.11 -86.68 -80.38
C VAL EA 150 22.89 -86.68 -81.88
N ILE EA 151 23.98 -86.78 -82.65
CA ILE EA 151 23.89 -86.71 -84.10
C ILE EA 151 23.12 -87.90 -84.65
N GLU EA 152 23.38 -89.10 -84.13
CA GLU EA 152 22.77 -90.31 -84.68
C GLU EA 152 21.25 -90.29 -84.53
N ARG EA 153 20.74 -89.63 -83.49
CA ARG EA 153 19.30 -89.62 -83.23
C ARG EA 153 18.64 -88.28 -83.51
N ALA EA 154 19.40 -87.27 -83.94
CA ALA EA 154 18.80 -86.00 -84.31
C ALA EA 154 18.39 -85.92 -85.78
N PHE EA 155 18.59 -87.00 -86.53
CA PHE EA 155 18.26 -87.01 -87.96
C PHE EA 155 17.00 -87.81 -88.23
N LYS EA 156 16.43 -87.57 -89.40
CA LYS EA 156 15.16 -88.18 -89.79
C LYS EA 156 15.33 -89.69 -89.99
N ASP EA 157 14.25 -90.42 -89.73
CA ASP EA 157 14.28 -91.87 -89.85
C ASP EA 157 14.43 -92.33 -91.30
N GLU EA 158 13.82 -91.61 -92.24
CA GLU EA 158 13.92 -91.98 -93.65
C GLU EA 158 15.33 -91.84 -94.18
N TYR EA 159 16.15 -91.01 -93.56
CA TYR EA 159 17.55 -90.87 -93.94
C TYR EA 159 18.40 -91.87 -93.18
N VAL EA 160 19.56 -92.17 -93.75
CA VAL EA 160 20.51 -93.12 -93.15
C VAL EA 160 21.70 -92.33 -92.60
N VAL EA 161 22.07 -92.65 -91.36
CA VAL EA 161 23.18 -92.01 -90.67
C VAL EA 161 24.01 -93.13 -90.05
N SER EA 162 25.31 -93.15 -90.36
CA SER EA 162 26.22 -94.17 -89.85
C SER EA 162 27.41 -93.50 -89.19
N LEU EA 163 27.61 -93.75 -87.90
CA LEU EA 163 28.78 -93.25 -87.20
C LEU EA 163 30.00 -94.09 -87.58
N VAL EA 164 31.11 -93.42 -87.88
CA VAL EA 164 32.32 -94.14 -88.30
C VAL EA 164 33.16 -94.46 -87.08
N ARG EA 165 33.66 -93.42 -86.42
CA ARG EA 165 34.54 -93.59 -85.26
C ARG EA 165 34.69 -92.21 -84.61
N ALA EA 166 35.51 -92.17 -83.56
CA ALA EA 166 35.86 -90.91 -82.89
C ALA EA 166 37.35 -90.68 -83.06
N PRO EA 167 37.78 -89.84 -84.00
CA PRO EA 167 39.22 -89.61 -84.21
C PRO EA 167 39.84 -88.94 -82.99
N GLU EA 168 40.86 -89.58 -82.43
CA GLU EA 168 41.53 -89.07 -81.24
C GLU EA 168 42.44 -87.93 -81.63
N VAL EA 169 41.99 -86.70 -81.42
CA VAL EA 169 42.81 -85.51 -81.64
C VAL EA 169 43.31 -85.04 -80.28
N PRO EA 170 44.49 -84.43 -80.20
CA PRO EA 170 45.04 -84.04 -78.91
C PRO EA 170 44.27 -82.88 -78.30
N VAL EA 171 44.54 -82.64 -77.01
CA VAL EA 171 43.90 -81.55 -76.29
C VAL EA 171 44.29 -80.19 -76.88
N ILE EA 172 45.43 -80.12 -77.56
CA ILE EA 172 45.85 -78.88 -78.20
C ILE EA 172 44.83 -78.44 -79.24
N ALA EA 173 44.25 -79.40 -79.96
CA ALA EA 173 43.17 -79.08 -80.88
C ALA EA 173 41.98 -78.51 -80.13
N GLY EA 174 41.31 -77.54 -80.73
CA GLY EA 174 40.26 -76.79 -80.07
C GLY EA 174 38.89 -77.43 -80.05
N ALA EA 175 38.71 -78.58 -80.69
CA ALA EA 175 37.40 -79.19 -80.75
C ALA EA 175 37.54 -80.69 -80.95
N PHE EA 176 36.64 -81.44 -80.30
CA PHE EA 176 36.57 -82.88 -80.50
C PHE EA 176 35.76 -83.19 -81.74
N CYS EA 177 36.24 -84.14 -82.53
CA CYS EA 177 35.69 -84.44 -83.84
C CYS EA 177 35.06 -85.82 -83.85
N TYR EA 178 33.96 -85.93 -84.61
CA TYR EA 178 33.28 -87.21 -84.81
C TYR EA 178 32.91 -87.35 -86.27
N ASP EA 179 33.08 -88.55 -86.80
CA ASP EA 179 32.89 -88.83 -88.22
C ASP EA 179 31.54 -89.49 -88.45
N VAL EA 180 30.74 -88.91 -89.35
CA VAL EA 180 29.40 -89.40 -89.66
C VAL EA 180 29.24 -89.47 -91.17
N VAL EA 181 28.69 -90.58 -91.65
CA VAL EA 181 28.33 -90.74 -93.05
C VAL EA 181 26.82 -90.59 -93.17
N LEU EA 182 26.39 -89.64 -93.99
CA LEU EA 182 24.97 -89.37 -94.19
C LEU EA 182 24.46 -90.03 -95.46
N ASP EA 183 23.14 -89.99 -95.63
CA ASP EA 183 22.51 -90.44 -96.87
C ASP EA 183 23.11 -89.71 -98.07
N LYS EA 184 22.99 -90.35 -99.24
CA LYS EA 184 23.54 -89.78 -100.47
C LYS EA 184 22.88 -88.45 -100.83
N ARG EA 185 21.56 -88.34 -100.64
CA ARG EA 185 20.85 -87.11 -100.96
C ARG EA 185 21.11 -86.01 -99.93
N LEU EA 186 21.75 -86.32 -98.82
CA LEU EA 186 22.10 -85.33 -97.81
C LEU EA 186 23.49 -84.73 -98.02
N ASP EA 187 24.16 -85.11 -99.11
CA ASP EA 187 25.51 -84.64 -99.37
C ASP EA 187 25.55 -83.23 -99.95
N GLU EA 188 24.40 -82.65 -100.28
CA GLU EA 188 24.36 -81.31 -100.87
C GLU EA 188 24.34 -80.22 -99.81
N TRP EA 189 23.47 -80.34 -98.82
CA TRP EA 189 23.29 -79.30 -97.82
C TRP EA 189 24.24 -79.49 -96.65
N MET EA 190 24.53 -78.38 -95.97
CA MET EA 190 25.27 -78.38 -94.72
C MET EA 190 24.45 -77.71 -93.63
N PRO EA 191 24.52 -78.22 -92.40
CA PRO EA 191 23.70 -77.63 -91.32
C PRO EA 191 24.09 -76.17 -91.08
N THR EA 192 23.08 -75.36 -90.78
CA THR EA 192 23.26 -73.93 -90.59
C THR EA 192 23.40 -73.61 -89.10
N LYS EA 193 23.38 -72.32 -88.77
CA LYS EA 193 23.45 -71.91 -87.36
C LYS EA 193 22.26 -72.42 -86.58
N GLU EA 194 21.07 -72.42 -87.19
CA GLU EA 194 19.89 -72.94 -86.51
C GLU EA 194 20.04 -74.43 -86.22
N ASN EA 195 20.55 -75.19 -87.19
CA ASN EA 195 20.76 -76.62 -86.98
C ASN EA 195 21.82 -76.88 -85.91
N LEU EA 196 22.90 -76.10 -85.91
CA LEU EA 196 23.91 -76.24 -84.87
C LEU EA 196 23.34 -75.93 -83.49
N HIS EA 197 22.50 -74.90 -83.41
CA HIS EA 197 21.88 -74.55 -82.13
C HIS EA 197 20.90 -75.65 -81.69
N SER EA 198 20.19 -76.26 -82.63
CA SER EA 198 19.31 -77.38 -82.28
C SER EA 198 20.13 -78.56 -81.75
N PHE EA 199 21.26 -78.85 -82.39
CA PHE EA 199 22.14 -79.91 -81.89
C PHE EA 199 22.65 -79.59 -80.50
N THR EA 200 23.03 -78.33 -80.27
CA THR EA 200 23.50 -77.92 -78.95
C THR EA 200 22.39 -78.06 -77.91
N LYS EA 201 21.16 -77.69 -78.27
CA LYS EA 201 20.05 -77.85 -77.34
C LYS EA 201 19.79 -79.32 -77.03
N ASP EA 202 19.87 -80.19 -78.03
CA ASP EA 202 19.72 -81.62 -77.79
C ASP EA 202 20.81 -82.14 -76.87
N ALA EA 203 22.06 -81.70 -77.07
CA ALA EA 203 23.15 -82.12 -76.20
C ALA EA 203 22.93 -81.63 -74.77
N ARG EA 204 22.46 -80.39 -74.61
CA ARG EA 204 22.17 -79.87 -73.28
C ARG EA 204 21.05 -80.63 -72.61
N ALA EA 205 20.00 -80.99 -73.37
CA ALA EA 205 18.92 -81.80 -72.82
C ALA EA 205 19.43 -83.17 -72.38
N LEU EA 206 20.31 -83.77 -73.18
CA LEU EA 206 20.91 -85.05 -72.79
C LEU EA 206 21.75 -84.91 -71.52
N ILE EA 207 22.48 -83.79 -71.39
CA ILE EA 207 23.28 -83.55 -70.19
C ILE EA 207 22.37 -83.38 -68.98
N TYR EA 208 21.24 -82.69 -69.15
CA TYR EA 208 20.37 -82.39 -68.02
C TYR EA 208 19.95 -83.65 -67.28
N LYS EA 209 19.69 -84.74 -68.01
CA LYS EA 209 19.41 -86.02 -67.39
C LYS EA 209 20.73 -86.77 -67.18
N ASP EA 210 20.95 -87.22 -65.94
CA ASP EA 210 22.20 -87.87 -65.59
C ASP EA 210 22.19 -89.31 -66.09
N LEU EA 211 23.13 -89.64 -66.97
CA LEU EA 211 23.26 -90.98 -67.53
C LEU EA 211 24.66 -91.49 -67.26
N PRO EA 212 24.85 -92.45 -66.36
CA PRO EA 212 26.18 -92.98 -66.11
C PRO EA 212 26.74 -93.72 -67.31
N PHE EA 213 28.07 -93.67 -67.43
CA PHE EA 213 28.78 -94.39 -68.48
C PHE EA 213 29.22 -95.74 -67.96
N GLU EA 214 28.83 -96.79 -68.68
CA GLU EA 214 29.16 -98.17 -68.31
C GLU EA 214 30.11 -98.75 -69.34
N THR EA 215 31.18 -99.38 -68.87
CA THR EA 215 32.18 -100.00 -69.72
C THR EA 215 32.10 -101.51 -69.58
N LEU EA 216 32.00 -102.21 -70.72
CA LEU EA 216 31.90 -103.65 -70.72
C LEU EA 216 32.95 -104.22 -71.67
N GLU EA 217 33.67 -105.24 -71.19
CA GLU EA 217 34.70 -105.90 -71.97
C GLU EA 217 34.06 -107.08 -72.71
N VAL EA 218 33.97 -106.96 -74.04
CA VAL EA 218 33.35 -108.00 -74.86
C VAL EA 218 34.35 -108.47 -75.91
N GLU EA 219 33.94 -109.42 -76.74
CA GLU EA 219 34.76 -109.92 -77.82
C GLU EA 219 34.21 -109.45 -79.16
N ALA EA 220 35.04 -109.56 -80.19
CA ALA EA 220 34.62 -109.18 -81.54
C ALA EA 220 33.46 -110.03 -82.02
N LYS EA 221 33.40 -111.31 -81.60
CA LYS EA 221 32.34 -112.19 -82.04
C LYS EA 221 30.97 -111.68 -81.63
N VAL EA 222 30.86 -111.11 -80.43
CA VAL EA 222 29.58 -110.55 -79.99
C VAL EA 222 29.43 -109.10 -80.42
N ALA EA 223 30.53 -108.36 -80.59
CA ALA EA 223 30.43 -106.98 -81.06
C ALA EA 223 29.88 -106.91 -82.47
N LEU EA 224 30.27 -107.87 -83.32
CA LEU EA 224 29.76 -107.89 -84.70
C LEU EA 224 28.26 -108.06 -84.72
N GLU EA 225 27.71 -108.96 -83.90
CA GLU EA 225 26.26 -109.12 -83.87
C GLU EA 225 25.58 -107.98 -83.11
N ILE EA 226 26.31 -107.29 -82.21
CA ILE EA 226 25.73 -106.13 -81.55
C ILE EA 226 25.50 -105.01 -82.55
N PHE EA 227 26.51 -104.68 -83.36
CA PHE EA 227 26.35 -103.58 -84.31
C PHE EA 227 25.62 -104.05 -85.56
N GLN EA 228 26.22 -104.97 -86.31
CA GLN EA 228 25.56 -105.74 -87.36
C GLN EA 228 25.00 -104.91 -88.50
N HIS EA 229 25.07 -103.58 -88.42
CA HIS EA 229 24.45 -102.74 -89.44
C HIS EA 229 25.41 -101.72 -90.04
N ASN EA 230 26.30 -101.17 -89.22
CA ASN EA 230 27.21 -100.12 -89.66
C ASN EA 230 28.50 -100.77 -90.15
N LYS EA 231 28.75 -100.67 -91.45
CA LYS EA 231 29.97 -101.25 -92.03
C LYS EA 231 31.21 -100.57 -91.47
N TYR EA 232 31.16 -99.25 -91.29
CA TYR EA 232 32.30 -98.53 -90.73
C TYR EA 232 32.56 -98.98 -89.29
N LYS EA 233 31.50 -99.16 -88.51
CA LYS EA 233 31.67 -99.65 -87.14
C LYS EA 233 32.23 -101.07 -87.12
N LEU EA 234 31.78 -101.92 -88.05
CA LEU EA 234 32.32 -103.27 -88.13
C LEU EA 234 33.80 -103.25 -88.47
N ASP EA 235 34.19 -102.40 -89.42
CA ASP EA 235 35.61 -102.28 -89.77
C ASP EA 235 36.42 -101.76 -88.58
N PHE EA 236 35.87 -100.79 -87.84
CA PHE EA 236 36.55 -100.29 -86.65
C PHE EA 236 36.72 -101.39 -85.61
N ILE EA 237 35.68 -102.20 -85.39
CA ILE EA 237 35.78 -103.30 -84.44
C ILE EA 237 36.84 -104.30 -84.89
N GLU EA 238 36.86 -104.62 -86.19
CA GLU EA 238 37.85 -105.57 -86.70
C GLU EA 238 39.27 -105.04 -86.51
N GLU EA 239 39.51 -103.76 -86.84
CA GLU EA 239 40.87 -103.22 -86.71
C GLU EA 239 41.27 -103.04 -85.26
N LYS EA 240 40.31 -102.83 -84.36
CA LYS EA 240 40.63 -102.76 -82.94
C LYS EA 240 40.89 -104.14 -82.34
N ALA EA 241 40.20 -105.16 -82.83
CA ALA EA 241 40.44 -106.53 -82.37
C ALA EA 241 41.70 -107.14 -82.97
N SER EA 242 42.14 -106.65 -84.13
CA SER EA 242 43.35 -107.18 -84.74
C SER EA 242 44.57 -106.95 -83.86
N GLN EA 243 44.69 -105.75 -83.27
CA GLN EA 243 45.82 -105.44 -82.41
C GLN EA 243 45.71 -106.11 -81.04
N ASN EA 244 44.56 -106.68 -80.68
CA ASN EA 244 44.39 -107.36 -79.41
C ASN EA 244 44.47 -108.86 -79.64
N PRO EA 245 45.49 -109.54 -79.10
CA PRO EA 245 45.60 -110.99 -79.33
C PRO EA 245 44.41 -111.79 -78.80
N GLU EA 246 43.77 -111.34 -77.73
CA GLU EA 246 42.65 -112.05 -77.13
C GLU EA 246 41.31 -111.71 -77.77
N ARG EA 247 41.30 -110.80 -78.76
CA ARG EA 247 40.08 -110.37 -79.42
C ARG EA 247 39.08 -109.78 -78.41
N ILE EA 248 39.51 -108.71 -77.76
CA ILE EA 248 38.72 -108.03 -76.74
C ILE EA 248 38.39 -106.63 -77.24
N VAL EA 249 37.11 -106.29 -77.22
CA VAL EA 249 36.61 -104.98 -77.65
C VAL EA 249 35.96 -104.30 -76.47
N LYS EA 250 36.36 -103.05 -76.22
CA LYS EA 250 35.80 -102.26 -75.12
C LYS EA 250 34.56 -101.54 -75.62
N LEU EA 251 33.43 -101.78 -74.97
CA LEU EA 251 32.17 -101.14 -75.32
C LEU EA 251 31.72 -100.23 -74.18
N HIS EA 252 31.17 -99.08 -74.56
CA HIS EA 252 30.64 -98.11 -73.61
C HIS EA 252 29.17 -97.87 -73.94
N ARG EA 253 28.35 -97.78 -72.90
CA ARG EA 253 26.91 -97.61 -73.08
C ARG EA 253 26.36 -96.71 -71.99
N PHE EA 254 25.66 -95.65 -72.40
CA PHE EA 254 24.94 -94.78 -71.47
C PHE EA 254 23.52 -94.62 -72.00
N GLY EA 255 22.54 -94.77 -71.11
CA GLY EA 255 21.15 -94.71 -71.52
C GLY EA 255 20.79 -95.79 -72.51
N ASP EA 256 20.51 -95.40 -73.75
CA ASP EA 256 20.19 -96.35 -74.82
C ASP EA 256 21.19 -96.33 -75.95
N PHE EA 257 22.32 -95.63 -75.79
CA PHE EA 257 23.31 -95.48 -76.84
C PHE EA 257 24.51 -96.37 -76.54
N ILE EA 258 24.93 -97.16 -77.54
CA ILE EA 258 26.06 -98.06 -77.42
C ILE EA 258 27.09 -97.69 -78.48
N ASP EA 259 28.34 -97.57 -78.08
CA ASP EA 259 29.41 -97.21 -78.99
C ASP EA 259 30.71 -97.85 -78.52
N VAL EA 260 31.66 -97.98 -79.45
CA VAL EA 260 32.97 -98.54 -79.16
C VAL EA 260 34.00 -97.41 -79.21
N SER EA 261 34.81 -97.32 -78.17
CA SER EA 261 35.82 -96.27 -78.08
C SER EA 261 37.00 -96.78 -77.27
N GLU EA 262 38.14 -96.14 -77.45
CA GLU EA 262 39.37 -96.55 -76.78
C GLU EA 262 39.48 -95.90 -75.40
N GLY EA 263 39.91 -96.67 -74.42
CA GLY EA 263 40.14 -96.17 -73.09
C GLY EA 263 38.87 -95.97 -72.29
N PRO EA 264 39.01 -95.52 -71.04
CA PRO EA 264 37.85 -95.31 -70.19
C PRO EA 264 37.17 -93.98 -70.51
N LEU EA 265 36.07 -93.73 -69.80
CA LEU EA 265 35.28 -92.51 -69.95
C LEU EA 265 34.98 -91.93 -68.58
N ILE EA 266 34.34 -90.77 -68.57
CA ILE EA 266 33.93 -90.10 -67.34
C ILE EA 266 32.78 -90.88 -66.72
N PRO EA 267 32.62 -90.86 -65.40
CA PRO EA 267 31.54 -91.64 -64.77
C PRO EA 267 30.16 -91.08 -65.02
N ARG EA 268 30.02 -89.75 -65.01
CA ARG EA 268 28.73 -89.10 -65.11
C ARG EA 268 28.70 -88.14 -66.29
N THR EA 269 27.54 -88.08 -66.95
CA THR EA 269 27.34 -87.12 -68.03
C THR EA 269 27.23 -85.69 -67.50
N SER EA 270 26.56 -85.51 -66.36
CA SER EA 270 26.34 -84.19 -65.79
C SER EA 270 27.64 -83.46 -65.46
N ILE EA 271 28.79 -84.14 -65.53
CA ILE EA 271 30.06 -83.45 -65.35
C ILE EA 271 30.25 -82.40 -66.45
N CYS EA 272 29.79 -82.69 -67.66
CA CYS EA 272 29.87 -81.73 -68.76
C CYS EA 272 28.90 -80.59 -68.49
N PHE EA 273 29.43 -79.39 -68.23
CA PHE EA 273 28.61 -78.22 -67.96
C PHE EA 273 28.43 -77.35 -69.20
N GLN EA 274 29.52 -76.89 -69.80
CA GLN EA 274 29.47 -76.15 -71.04
C GLN EA 274 29.60 -77.11 -72.21
N TYR EA 275 28.75 -76.95 -73.21
CA TYR EA 275 28.76 -77.85 -74.36
C TYR EA 275 28.23 -77.11 -75.57
N GLU EA 276 28.98 -77.16 -76.67
CA GLU EA 276 28.59 -76.50 -77.90
C GLU EA 276 29.04 -77.35 -79.08
N VAL EA 277 28.23 -77.37 -80.13
CA VAL EA 277 28.58 -78.00 -81.40
C VAL EA 277 29.15 -76.89 -82.28
N SER EA 278 30.47 -76.89 -82.45
CA SER EA 278 31.14 -75.77 -83.10
C SER EA 278 30.78 -75.69 -84.59
N ALA EA 279 31.12 -76.73 -85.35
CA ALA EA 279 30.91 -76.68 -86.80
C ALA EA 279 30.96 -78.09 -87.37
N VAL EA 280 30.87 -78.16 -88.69
CA VAL EA 280 30.98 -79.40 -89.44
C VAL EA 280 31.81 -79.14 -90.68
N HIS EA 281 32.59 -80.14 -91.08
CA HIS EA 281 33.42 -80.05 -92.29
C HIS EA 281 33.27 -81.33 -93.09
N ASN EA 282 32.88 -81.20 -94.36
CA ASN EA 282 32.67 -82.37 -95.21
C ASN EA 282 33.98 -82.69 -95.91
N LEU EA 283 34.58 -83.84 -95.57
CA LEU EA 283 35.79 -84.31 -96.21
C LEU EA 283 35.42 -85.43 -97.18
N GLN EA 284 35.82 -85.27 -98.44
CA GLN EA 284 35.44 -86.18 -99.51
C GLN EA 284 36.62 -87.07 -99.87
N THR EA 285 36.40 -88.38 -99.87
CA THR EA 285 37.40 -89.36 -100.26
C THR EA 285 36.96 -90.07 -101.53
N GLN EA 286 37.81 -90.99 -102.00
CA GLN EA 286 37.53 -91.73 -103.22
C GLN EA 286 36.38 -92.71 -103.07
N SER EA 287 36.07 -93.14 -101.84
CA SER EA 287 35.01 -94.10 -101.59
C SER EA 287 33.73 -93.44 -101.10
N SER EA 288 33.83 -92.51 -100.15
CA SER EA 288 32.65 -91.85 -99.60
C SER EA 288 33.08 -90.53 -98.99
N LEU EA 289 32.09 -89.66 -98.76
CA LEU EA 289 32.31 -88.36 -98.14
C LEU EA 289 31.76 -88.41 -96.71
N VAL EA 290 32.55 -87.91 -95.76
CA VAL EA 290 32.23 -88.01 -94.34
C VAL EA 290 32.15 -86.61 -93.76
N ARG EA 291 31.10 -86.35 -92.98
CA ARG EA 291 30.98 -85.12 -92.22
C ARG EA 291 31.73 -85.27 -90.91
N ARG EA 292 32.72 -84.42 -90.68
CA ARG EA 292 33.45 -84.36 -89.42
C ARG EA 292 32.83 -83.24 -88.60
N PHE EA 293 32.10 -83.60 -87.55
CA PHE EA 293 31.49 -82.63 -86.66
C PHE EA 293 32.48 -82.31 -85.54
N GLN EA 294 32.80 -81.02 -85.39
CA GLN EA 294 33.70 -80.54 -84.35
C GLN EA 294 32.88 -79.80 -83.31
N GLY EA 295 33.07 -80.17 -82.04
CA GLY EA 295 32.36 -79.55 -80.95
C GLY EA 295 33.30 -79.19 -79.81
N LEU EA 296 32.82 -78.30 -78.95
CA LEU EA 296 33.60 -77.79 -77.83
C LEU EA 296 32.82 -77.94 -76.54
N SER EA 297 33.52 -78.34 -75.48
CA SER EA 297 32.88 -78.54 -74.18
C SER EA 297 33.90 -78.29 -73.08
N LEU EA 298 33.39 -77.87 -71.92
CA LEU EA 298 34.19 -77.67 -70.72
C LEU EA 298 33.44 -78.24 -69.54
N PRO EA 299 34.13 -78.86 -68.59
CA PRO EA 299 33.43 -79.47 -67.44
C PRO EA 299 32.95 -78.44 -66.43
N VAL EA 300 32.22 -78.90 -65.42
CA VAL EA 300 31.75 -78.01 -64.37
C VAL EA 300 32.89 -77.47 -63.52
N HIS EA 301 33.91 -78.29 -63.28
CA HIS EA 301 35.04 -77.84 -62.47
C HIS EA 301 35.89 -76.80 -63.19
N LEU EA 302 35.95 -76.88 -64.51
CA LEU EA 302 36.82 -76.02 -65.31
C LEU EA 302 36.04 -75.10 -66.25
N ARG EA 303 34.88 -74.59 -65.81
CA ARG EA 303 34.15 -73.64 -66.64
C ARG EA 303 34.88 -72.31 -66.72
N ALA EA 304 34.79 -71.68 -67.87
CA ALA EA 304 35.51 -70.44 -68.16
C ALA EA 304 34.53 -69.27 -68.27
N HIS EA 305 35.10 -68.09 -68.51
CA HIS EA 305 34.30 -66.87 -68.65
C HIS EA 305 33.60 -66.86 -70.01
N PHE EA 306 32.66 -65.92 -70.16
CA PHE EA 306 31.89 -65.81 -71.40
C PHE EA 306 32.79 -65.47 -72.58
N THR EA 307 33.66 -64.47 -72.42
CA THR EA 307 34.56 -64.07 -73.50
C THR EA 307 35.56 -65.17 -73.82
N ILE EA 308 36.07 -65.83 -72.79
CA ILE EA 308 37.01 -66.94 -73.01
C ILE EA 308 36.33 -68.05 -73.79
N TRP EA 309 35.09 -68.39 -73.42
CA TRP EA 309 34.36 -69.42 -74.14
C TRP EA 309 34.09 -69.00 -75.58
N ASN EA 310 33.79 -67.72 -75.82
CA ASN EA 310 33.59 -67.26 -77.19
C ASN EA 310 34.87 -67.39 -78.00
N LYS EA 311 36.02 -67.02 -77.41
CA LYS EA 311 37.29 -67.15 -78.12
C LYS EA 311 37.60 -68.62 -78.42
N LEU EA 312 37.35 -69.51 -77.44
CA LEU EA 312 37.60 -70.93 -77.66
C LEU EA 312 36.70 -71.48 -78.76
N LEU EA 313 35.44 -71.07 -78.78
CA LEU EA 313 34.53 -71.51 -79.84
C LEU EA 313 34.99 -70.99 -81.20
N GLU EA 314 35.44 -69.74 -81.26
CA GLU EA 314 35.94 -69.19 -82.51
C GLU EA 314 37.15 -69.96 -83.01
N ARG EA 315 38.06 -70.33 -82.10
CA ARG EA 315 39.19 -71.15 -82.50
C ARG EA 315 38.75 -72.53 -82.97
N SER EA 316 37.78 -73.14 -82.27
CA SER EA 316 37.28 -74.46 -82.64
C SER EA 316 36.52 -74.47 -83.95
N ARG EA 317 36.04 -73.30 -84.41
CA ARG EA 317 35.37 -73.24 -85.70
C ARG EA 317 36.23 -73.74 -86.84
N LYS EA 318 37.55 -73.67 -86.70
CA LYS EA 318 38.45 -74.06 -87.78
C LYS EA 318 38.51 -75.58 -87.93
N MET EA 319 39.10 -76.00 -89.04
CA MET EA 319 39.25 -77.42 -89.32
C MET EA 319 40.29 -78.06 -88.42
N VAL EA 320 40.00 -79.28 -87.96
CA VAL EA 320 40.93 -80.09 -87.18
C VAL EA 320 41.18 -81.37 -87.97
N THR EA 321 42.45 -81.64 -88.26
CA THR EA 321 42.85 -82.83 -89.02
C THR EA 321 44.00 -83.52 -88.29
N GLU EA 322 43.69 -84.60 -87.57
CA GLU EA 322 44.72 -85.39 -86.91
C GLU EA 322 44.17 -86.82 -86.74
N ASP EA 323 44.64 -87.73 -87.59
CA ASP EA 323 44.21 -89.12 -87.56
C ASP EA 323 45.30 -90.09 -87.15
N LYS EA 324 46.57 -89.79 -87.46
CA LYS EA 324 47.67 -90.68 -87.11
C LYS EA 324 48.93 -89.88 -86.80
N ASP FA 61 -28.93 28.53 6.53
CA ASP FA 61 -29.55 28.89 5.26
C ASP FA 61 -30.29 27.70 4.64
N GLN FA 62 -29.60 26.56 4.52
CA GLN FA 62 -30.20 25.35 3.98
C GLN FA 62 -30.58 24.37 5.08
N ALA FA 63 -29.78 24.29 6.15
CA ALA FA 63 -30.12 23.40 7.26
C ALA FA 63 -31.41 23.81 7.94
N ALA FA 64 -31.63 25.11 8.14
CA ALA FA 64 -32.87 25.57 8.73
C ALA FA 64 -34.07 25.21 7.85
N LYS FA 65 -33.92 25.38 6.53
CA LYS FA 65 -34.99 25.02 5.61
C LYS FA 65 -35.27 23.52 5.66
N ASP FA 66 -34.23 22.70 5.71
CA ASP FA 66 -34.42 21.25 5.79
C ASP FA 66 -35.13 20.85 7.08
N ARG FA 67 -34.73 21.45 8.21
CA ARG FA 67 -35.40 21.17 9.48
C ARG FA 67 -36.86 21.59 9.43
N LEU FA 68 -37.13 22.76 8.83
CA LEU FA 68 -38.50 23.25 8.72
C LEU FA 68 -39.35 22.31 7.88
N LYS FA 69 -38.82 21.84 6.75
CA LYS FA 69 -39.56 20.91 5.91
C LYS FA 69 -39.80 19.58 6.63
N LYS FA 70 -38.80 19.09 7.36
CA LYS FA 70 -38.97 17.84 8.09
C LYS FA 70 -40.03 17.97 9.17
N ARG FA 71 -40.05 19.11 9.88
CA ARG FA 71 -41.09 19.33 10.87
C ARG FA 71 -42.47 19.49 10.22
N ILE FA 72 -42.52 20.11 9.05
CA ILE FA 72 -43.79 20.21 8.31
C ILE FA 72 -44.31 18.82 7.98
N ARG FA 73 -43.43 17.95 7.49
CA ARG FA 73 -43.83 16.59 7.17
C ARG FA 73 -44.29 15.83 8.41
N ARG FA 74 -43.55 16.00 9.51
CA ARG FA 74 -43.90 15.30 10.78
C ARG FA 74 -45.31 15.67 11.22
N LEU FA 75 -45.59 16.98 11.37
CA LEU FA 75 -46.92 17.42 11.88
C LEU FA 75 -47.91 17.55 10.70
N GLU FA 76 -49.11 18.08 10.96
CA GLU FA 76 -50.14 18.27 9.91
C GLU FA 76 -50.27 16.99 9.06
N LYS FA 77 -50.22 15.81 9.70
CA LYS FA 77 -50.32 14.52 8.97
C LYS FA 77 -50.82 13.45 9.94
N ALA FA 78 -50.95 13.80 11.23
CA ALA FA 78 -51.43 12.83 12.24
C ALA FA 78 -52.60 13.45 13.02
N SER FA 79 -52.52 14.74 13.33
CA SER FA 79 -53.59 15.42 14.11
C SER FA 79 -54.73 15.86 13.18
N GLN FA 80 -55.66 14.95 12.86
CA GLN FA 80 -56.81 15.31 11.99
C GLN FA 80 -58.09 15.14 12.81
N GLU FA 81 -57.99 15.19 14.14
CA GLU FA 81 -59.15 15.01 15.00
C GLU FA 81 -59.98 16.28 15.07
N LEU FA 82 -61.30 16.10 15.17
CA LEU FA 82 -62.25 17.20 15.13
C LEU FA 82 -62.30 17.91 16.49
N ILE FA 83 -62.95 19.07 16.49
CA ILE FA 83 -63.18 19.81 17.73
C ILE FA 83 -64.26 19.12 18.53
N PRO FA 84 -64.06 18.87 19.83
CA PRO FA 84 -65.13 18.28 20.65
C PRO FA 84 -66.35 19.19 20.69
N ILE FA 85 -67.52 18.56 20.73
CA ILE FA 85 -68.78 19.30 20.74
C ILE FA 85 -69.31 19.36 22.17
N GLU FA 86 -69.56 20.58 22.66
CA GLU FA 86 -70.05 20.75 24.02
C GLU FA 86 -71.49 20.29 24.19
N ASP FA 87 -72.26 20.18 23.10
CA ASP FA 87 -73.64 19.73 23.21
C ASP FA 87 -73.71 18.27 23.66
N PHE FA 88 -72.86 17.42 23.09
CA PHE FA 88 -72.95 15.98 23.34
C PHE FA 88 -72.30 15.57 24.66
N ILE FA 89 -71.51 16.44 25.28
CA ILE FA 89 -70.86 16.15 26.54
C ILE FA 89 -71.54 16.97 27.64
N THR FA 90 -71.87 16.30 28.75
CA THR FA 90 -72.57 16.96 29.84
C THR FA 90 -71.57 17.64 30.78
N PRO FA 91 -71.72 18.92 31.04
CA PRO FA 91 -70.83 19.61 31.99
C PRO FA 91 -71.02 19.08 33.40
N VAL FA 92 -69.98 19.29 34.22
CA VAL FA 92 -70.00 18.80 35.60
C VAL FA 92 -71.01 19.53 36.47
N LYS FA 93 -71.51 20.69 36.02
CA LYS FA 93 -72.44 21.48 36.81
C LYS FA 93 -73.78 20.80 37.00
N PHE FA 94 -74.11 19.78 36.20
CA PHE FA 94 -75.40 19.11 36.26
C PHE FA 94 -75.41 17.91 37.19
N LEU FA 95 -74.27 17.55 37.78
CA LEU FA 95 -74.21 16.37 38.64
C LEU FA 95 -74.77 16.65 40.03
N ASN FA 96 -74.86 17.90 40.45
CA ASN FA 96 -75.29 18.23 41.80
C ASN FA 96 -76.78 18.53 41.90
N LYS FA 97 -77.45 18.82 40.79
CA LYS FA 97 -78.85 19.21 40.80
C LYS FA 97 -79.80 18.02 40.62
N GLU FA 98 -79.28 16.83 40.35
CA GLU FA 98 -80.14 15.69 40.07
C GLU FA 98 -80.80 15.15 41.34
N ARG FA 99 -80.05 15.06 42.43
CA ARG FA 99 -80.59 14.47 43.66
C ARG FA 99 -81.67 15.34 44.30
N GLN FA 100 -81.69 16.64 44.00
CA GLN FA 100 -82.68 17.53 44.59
C GLN FA 100 -84.00 17.54 43.82
N ARG FA 101 -84.07 16.86 42.68
CA ARG FA 101 -85.31 16.85 41.89
C ARG FA 101 -86.30 15.87 42.49
N PRO FA 102 -87.50 16.32 42.87
CA PRO FA 102 -88.50 15.41 43.43
C PRO FA 102 -89.28 14.70 42.34
N PRO FA 103 -89.92 13.58 42.66
CA PRO FA 103 -90.75 12.89 41.66
C PRO FA 103 -92.03 13.66 41.38
N VAL FA 104 -92.72 13.24 40.32
CA VAL FA 104 -93.89 13.94 39.83
C VAL FA 104 -95.20 13.23 40.14
N GLU FA 105 -95.19 11.90 40.25
CA GLU FA 105 -96.37 11.10 40.63
C GLU FA 105 -97.53 11.34 39.66
N LEU FA 106 -97.28 10.94 38.41
CA LEU FA 106 -98.30 11.07 37.37
C LEU FA 106 -99.55 10.28 37.73
N PRO FA 107 -100.73 10.88 37.69
CA PRO FA 107 -101.95 10.16 38.05
C PRO FA 107 -102.58 9.43 36.88
N PHE FA 108 -103.60 8.62 37.20
CA PHE FA 108 -104.23 7.75 36.21
C PHE FA 108 -104.93 8.54 35.11
N GLU FA 109 -105.67 9.59 35.47
CA GLU FA 109 -106.38 10.36 34.45
C GLU FA 109 -105.41 11.07 33.52
N GLU FA 110 -104.33 11.62 34.07
CA GLU FA 110 -103.33 12.25 33.22
C GLU FA 110 -102.65 11.24 32.32
N SER FA 111 -102.36 10.04 32.85
CA SER FA 111 -101.77 9.01 32.01
C SER FA 111 -102.70 8.61 30.86
N GLU FA 112 -103.99 8.47 31.15
CA GLU FA 112 -104.94 8.09 30.10
C GLU FA 112 -105.09 9.17 29.05
N ARG FA 113 -105.19 10.44 29.48
CA ARG FA 113 -105.31 11.51 28.50
C ARG FA 113 -104.02 11.66 27.69
N ARG FA 114 -102.86 11.40 28.31
CA ARG FA 114 -101.61 11.42 27.57
C ARG FA 114 -101.56 10.30 26.53
N ALA FA 115 -102.05 9.11 26.88
CA ALA FA 115 -102.10 8.02 25.91
C ALA FA 115 -103.02 8.36 24.75
N LEU FA 116 -104.19 8.94 25.07
CA LEU FA 116 -105.10 9.37 24.00
C LEU FA 116 -104.45 10.41 23.11
N LEU FA 117 -103.77 11.39 23.70
CA LEU FA 117 -103.10 12.42 22.92
C LEU FA 117 -101.99 11.83 22.06
N LEU FA 118 -101.26 10.84 22.59
CA LEU FA 118 -100.22 10.18 21.81
C LEU FA 118 -100.80 9.46 20.60
N LYS FA 119 -101.91 8.74 20.80
CA LYS FA 119 -102.54 8.05 19.68
C LYS FA 119 -103.04 9.04 18.62
N ARG FA 120 -103.68 10.12 19.08
CA ARG FA 120 -104.16 11.15 18.16
C ARG FA 120 -103.00 11.78 17.40
N TRP FA 121 -101.89 12.05 18.08
CA TRP FA 121 -100.73 12.64 17.44
C TRP FA 121 -100.10 11.68 16.43
N SER FA 122 -100.05 10.39 16.75
CA SER FA 122 -99.52 9.42 15.80
C SER FA 122 -100.39 9.36 14.55
N LEU FA 123 -101.72 9.35 14.72
CA LEU FA 123 -102.61 9.33 13.56
C LEU FA 123 -102.46 10.61 12.74
N TYR FA 124 -102.36 11.77 13.42
CA TYR FA 124 -102.21 13.03 12.72
C TYR FA 124 -100.88 13.09 11.96
N LYS FA 125 -99.81 12.59 12.57
CA LYS FA 125 -98.52 12.57 11.88
C LYS FA 125 -98.55 11.65 10.67
N GLN FA 126 -99.19 10.48 10.80
CA GLN FA 126 -99.31 9.59 9.66
C GLN FA 126 -100.08 10.25 8.52
N ARG FA 127 -101.20 10.91 8.85
CA ARG FA 127 -101.97 11.58 7.82
C ARG FA 127 -101.22 12.75 7.20
N GLU FA 128 -100.47 13.50 8.00
CA GLU FA 128 -99.67 14.60 7.47
C GLU FA 128 -98.58 14.10 6.53
N HIS FA 129 -97.91 13.01 6.92
CA HIS FA 129 -96.91 12.41 6.04
C HIS FA 129 -97.55 11.94 4.74
N GLU FA 130 -98.73 11.32 4.83
CA GLU FA 130 -99.41 10.85 3.64
C GLU FA 130 -99.78 12.00 2.70
N MET FA 131 -100.31 13.09 3.26
CA MET FA 131 -100.69 14.21 2.40
C MET FA 131 -99.48 14.92 1.82
N GLU FA 132 -98.39 15.02 2.59
CA GLU FA 132 -97.17 15.61 2.06
C GLU FA 132 -96.59 14.75 0.93
N ARG FA 133 -96.64 13.43 1.09
CA ARG FA 133 -96.17 12.55 0.03
C ARG FA 133 -97.06 12.62 -1.21
N SER FA 134 -98.37 12.76 -1.02
CA SER FA 134 -99.25 12.98 -2.17
C SER FA 134 -98.91 14.28 -2.88
N ALA FA 135 -98.64 15.34 -2.11
CA ALA FA 135 -98.29 16.62 -2.70
C ALA FA 135 -96.98 16.54 -3.49
N ILE FA 136 -95.97 15.88 -2.92
CA ILE FA 136 -94.70 15.77 -3.63
C ILE FA 136 -94.85 14.87 -4.84
N ARG FA 137 -95.70 13.85 -4.77
CA ARG FA 137 -95.96 13.02 -5.94
C ARG FA 137 -96.62 13.83 -7.04
N SER FA 138 -97.58 14.69 -6.69
CA SER FA 138 -98.20 15.55 -7.69
C SER FA 138 -97.19 16.52 -8.30
N LEU FA 139 -96.33 17.10 -7.46
CA LEU FA 139 -95.31 18.01 -7.97
C LEU FA 139 -94.35 17.28 -8.91
N LEU FA 140 -93.94 16.07 -8.54
CA LEU FA 140 -93.01 15.31 -9.37
C LEU FA 140 -93.66 14.87 -10.69
N GLU FA 141 -94.94 14.50 -10.65
CA GLU FA 141 -95.60 14.12 -11.90
C GLU FA 141 -95.78 15.34 -12.81
N ALA FA 142 -96.08 16.51 -12.24
CA ALA FA 142 -96.12 17.72 -13.04
C ALA FA 142 -94.76 18.03 -13.64
N GLN FA 143 -93.69 17.87 -12.86
CA GLN FA 143 -92.35 18.12 -13.35
C GLN FA 143 -91.99 17.18 -14.49
N GLU FA 144 -92.30 15.88 -14.34
CA GLU FA 144 -91.95 14.93 -15.39
C GLU FA 144 -92.81 15.13 -16.64
N GLU FA 145 -94.08 15.52 -16.48
CA GLU FA 145 -94.89 15.84 -17.64
C GLU FA 145 -94.32 17.05 -18.38
N ALA FA 146 -93.91 18.08 -17.64
CA ALA FA 146 -93.31 19.26 -18.28
C ALA FA 146 -92.01 18.89 -18.99
N LEU FA 147 -91.19 18.05 -18.36
CA LEU FA 147 -89.92 17.64 -18.98
C LEU FA 147 -90.18 16.82 -20.24
N GLN FA 148 -91.17 15.93 -20.21
CA GLN FA 148 -91.49 15.14 -21.39
C GLN FA 148 -92.03 16.02 -22.51
N GLU FA 149 -92.85 17.01 -22.18
CA GLU FA 149 -93.32 17.95 -23.20
C GLU FA 149 -92.17 18.75 -23.79
N LEU FA 150 -91.22 19.16 -22.95
CA LEU FA 150 -90.04 19.85 -23.46
C LEU FA 150 -89.23 18.96 -24.40
N ARG FA 151 -89.07 17.69 -24.03
CA ARG FA 151 -88.34 16.75 -24.86
C ARG FA 151 -89.03 16.54 -26.21
N LEU FA 152 -90.36 16.43 -26.20
CA LEU FA 152 -91.10 16.27 -27.43
C LEU FA 152 -91.04 17.54 -28.29
N SER FA 153 -91.00 18.70 -27.67
CA SER FA 153 -91.00 19.96 -28.41
C SER FA 153 -89.63 20.24 -29.03
N SER FA 154 -88.60 20.39 -28.19
CA SER FA 154 -87.27 20.72 -28.67
C SER FA 154 -86.21 20.07 -27.79
N PRO FA 155 -85.20 19.45 -28.39
CA PRO FA 155 -84.15 18.79 -27.59
C PRO FA 155 -83.12 19.77 -27.04
N GLU FA 156 -82.87 20.85 -27.77
CA GLU FA 156 -81.87 21.82 -27.34
C GLU FA 156 -82.27 22.49 -26.03
N LEU FA 157 -83.53 22.93 -25.94
CA LEU FA 157 -84.01 23.53 -24.69
C LEU FA 157 -84.02 22.52 -23.56
N HIS FA 158 -84.39 21.27 -23.85
CA HIS FA 158 -84.37 20.23 -22.82
C HIS FA 158 -82.95 20.03 -22.27
N ALA FA 159 -81.95 19.96 -23.16
CA ALA FA 159 -80.58 19.82 -22.71
C ALA FA 159 -80.11 21.04 -21.94
N GLU FA 160 -80.51 22.24 -22.38
CA GLU FA 160 -80.10 23.45 -21.68
C GLU FA 160 -80.76 23.58 -20.32
N ALA FA 161 -81.95 22.99 -20.15
CA ALA FA 161 -82.67 23.07 -18.88
C ALA FA 161 -82.33 21.93 -17.92
N THR FA 162 -81.84 20.80 -18.43
CA THR FA 162 -81.52 19.67 -17.56
C THR FA 162 -80.23 19.87 -16.75
N LYS FA 163 -79.53 20.99 -16.95
CA LYS FA 163 -78.32 21.29 -16.19
C LYS FA 163 -78.64 22.29 -15.09
N ARG FA 164 -77.77 22.32 -14.09
CA ARG FA 164 -77.96 23.18 -12.92
C ARG FA 164 -77.18 24.48 -13.09
N ASP FA 165 -77.84 25.59 -12.77
CA ASP FA 165 -77.19 26.89 -12.85
C ASP FA 165 -76.13 27.01 -11.77
N PRO FA 166 -75.05 27.76 -12.03
CA PRO FA 166 -74.03 27.99 -11.00
C PRO FA 166 -74.47 28.93 -9.90
N SER FA 167 -75.58 29.64 -10.06
CA SER FA 167 -76.04 30.57 -9.04
C SER FA 167 -76.68 29.89 -7.84
N LEU FA 168 -76.97 28.59 -7.93
CA LEU FA 168 -77.60 27.86 -6.84
C LEU FA 168 -76.59 27.32 -5.84
N PHE FA 169 -75.29 27.47 -6.10
CA PHE FA 169 -74.30 26.96 -5.17
C PHE FA 169 -74.37 27.64 -3.82
N PRO FA 170 -74.37 28.98 -3.69
CA PRO FA 170 -74.49 29.58 -2.36
C PRO FA 170 -75.94 29.89 -1.98
N PHE FA 171 -76.74 28.83 -1.86
CA PHE FA 171 -78.16 28.99 -1.55
C PHE FA 171 -78.32 29.26 -0.06
N GLU FA 172 -78.81 30.45 0.28
CA GLU FA 172 -79.06 30.83 1.67
C GLU FA 172 -80.54 31.11 1.85
N ARG FA 173 -81.04 30.82 3.05
CA ARG FA 173 -82.48 30.91 3.31
C ARG FA 173 -82.72 30.92 4.80
N GLN FA 174 -83.76 31.65 5.22
CA GLN FA 174 -84.18 31.70 6.61
C GLN FA 174 -85.67 31.47 6.71
N GLY FA 175 -86.10 30.92 7.85
CA GLY FA 175 -87.50 30.65 8.08
C GLY FA 175 -88.25 31.87 8.57
N PRO FA 176 -89.53 31.67 8.86
CA PRO FA 176 -90.38 32.77 9.33
C PRO FA 176 -90.08 33.11 10.78
N ASP FA 177 -90.80 34.10 11.30
CA ASP FA 177 -90.66 34.56 12.67
C ASP FA 177 -92.03 34.58 13.33
N TYR FA 178 -92.03 34.76 14.65
CA TYR FA 178 -93.28 34.83 15.40
C TYR FA 178 -94.00 36.15 15.23
N THR FA 179 -93.27 37.24 15.01
CA THR FA 179 -93.85 38.56 14.89
C THR FA 179 -93.34 39.22 13.61
N PRO FA 180 -94.20 39.87 12.83
CA PRO FA 180 -93.74 40.61 11.66
C PRO FA 180 -92.84 41.76 12.06
N PRO FA 181 -91.90 42.15 11.20
CA PRO FA 181 -90.97 43.23 11.57
C PRO FA 181 -91.70 44.55 11.78
N ILE FA 182 -91.16 45.35 12.69
CA ILE FA 182 -91.73 46.66 13.02
C ILE FA 182 -90.95 47.72 12.28
N SER FA 183 -91.66 48.58 11.54
CA SER FA 183 -91.02 49.65 10.80
C SER FA 183 -90.42 50.68 11.75
N ASP FA 184 -89.27 51.21 11.37
CA ASP FA 184 -88.56 52.24 12.14
C ASP FA 184 -88.31 51.80 13.58
N TYR FA 185 -87.89 50.55 13.75
CA TYR FA 185 -87.51 50.04 15.06
C TYR FA 185 -86.03 50.28 15.30
N GLN FA 186 -85.72 50.87 16.45
CA GLN FA 186 -84.36 51.33 16.75
C GLN FA 186 -83.79 50.62 17.97
N PRO FA 187 -82.92 49.62 17.79
CA PRO FA 187 -82.19 49.05 18.92
C PRO FA 187 -81.26 50.09 19.52
N PRO FA 188 -81.27 50.26 20.85
CA PRO FA 188 -80.54 51.37 21.46
C PRO FA 188 -79.03 51.31 21.27
N GLU FA 189 -78.40 50.24 21.74
CA GLU FA 189 -76.94 50.12 21.71
C GLU FA 189 -76.57 48.75 22.27
N GLY FA 190 -75.32 48.36 22.04
CA GLY FA 190 -74.78 47.12 22.57
C GLY FA 190 -73.79 46.47 21.63
N ARG FA 191 -72.76 45.85 22.20
CA ARG FA 191 -71.66 45.28 21.46
C ARG FA 191 -71.64 43.77 21.61
N TYR FA 192 -71.16 43.09 20.56
CA TYR FA 192 -71.09 41.64 20.51
C TYR FA 192 -69.66 41.17 20.75
N GLN FA 193 -69.52 40.01 21.40
CA GLN FA 193 -68.23 39.37 21.58
C GLN FA 193 -68.43 37.86 21.60
N ASP FA 194 -67.35 37.13 21.30
CA ASP FA 194 -67.37 35.68 21.25
C ASP FA 194 -66.60 35.12 22.44
N ILE FA 195 -67.19 34.14 23.12
CA ILE FA 195 -66.57 33.52 24.28
C ILE FA 195 -66.36 32.04 23.99
N THR FA 196 -66.45 31.67 22.71
CA THR FA 196 -66.28 30.28 22.32
C THR FA 196 -64.86 29.81 22.62
N LYS FA 197 -64.75 28.57 23.07
CA LYS FA 197 -63.46 28.01 23.47
C LYS FA 197 -62.75 27.38 22.27
N VAL FA 198 -61.43 27.50 22.27
CA VAL FA 198 -60.59 26.94 21.22
C VAL FA 198 -59.90 25.70 21.74
N GLY GA 14 28.10 -60.22 8.91
CA GLY GA 14 28.86 -59.85 10.09
C GLY GA 14 29.88 -60.88 10.50
N ALA GA 15 30.14 -60.98 11.80
CA ALA GA 15 31.11 -61.95 12.32
C ALA GA 15 30.47 -63.33 12.40
N ASP GA 16 31.27 -64.31 12.81
CA ASP GA 16 30.82 -65.69 12.92
C ASP GA 16 30.67 -66.05 14.39
N ARG GA 17 29.62 -66.81 14.71
CA ARG GA 17 29.42 -67.32 16.05
C ARG GA 17 29.52 -68.83 16.15
N MET GA 18 29.34 -69.54 15.04
CA MET GA 18 29.41 -71.00 15.08
C MET GA 18 30.83 -71.50 15.31
N SER GA 19 31.83 -70.81 14.75
CA SER GA 19 33.21 -71.21 14.98
C SER GA 19 33.61 -70.92 16.42
N LYS GA 20 34.47 -71.78 16.96
CA LYS GA 20 34.90 -71.65 18.34
C LYS GA 20 35.78 -70.42 18.51
N TRP GA 21 35.68 -69.80 19.68
CA TRP GA 21 36.44 -68.59 19.98
C TRP GA 21 37.80 -68.99 20.53
N THR GA 22 38.85 -68.82 19.73
CA THR GA 22 40.21 -69.17 20.11
C THR GA 22 41.07 -67.91 20.14
N SER GA 23 42.38 -68.11 20.38
CA SER GA 23 43.30 -66.99 20.48
C SER GA 23 43.63 -66.38 19.12
N LYS GA 24 43.56 -67.17 18.04
CA LYS GA 24 43.91 -66.64 16.73
C LYS GA 24 42.90 -65.60 16.26
N ARG GA 25 41.64 -65.75 16.64
CA ARG GA 25 40.59 -64.83 16.22
C ARG GA 25 40.46 -63.61 17.13
N GLY GA 26 41.49 -63.31 17.91
CA GLY GA 26 41.45 -62.17 18.79
C GLY GA 26 42.60 -61.21 18.53
N PRO GA 27 42.58 -60.05 19.21
CA PRO GA 27 43.66 -59.08 19.03
C PRO GA 27 44.95 -59.52 19.69
N ARG GA 28 45.96 -58.64 19.66
CA ARG GA 28 47.22 -58.95 20.32
C ARG GA 28 47.06 -59.09 21.82
N THR GA 29 46.21 -58.26 22.43
CA THR GA 29 46.00 -58.29 23.86
C THR GA 29 45.30 -59.56 24.34
N PHE GA 30 44.75 -60.36 23.43
CA PHE GA 30 44.08 -61.60 23.77
C PHE GA 30 44.99 -62.76 23.36
N CYS GA 31 45.47 -63.51 24.35
CA CYS GA 31 46.31 -64.68 24.12
C CYS GA 31 45.84 -65.78 25.07
N LYS GA 32 44.96 -66.65 24.57
CA LYS GA 32 44.40 -67.74 25.36
C LYS GA 32 45.14 -69.04 25.05
N GLY GA 33 45.42 -69.81 26.08
CA GLY GA 33 46.10 -71.06 25.90
C GLY GA 33 45.25 -72.11 25.22
N ARG GA 34 45.91 -73.14 24.72
CA ARG GA 34 45.26 -74.24 24.03
C ARG GA 34 44.87 -75.39 24.95
N GLY GA 35 45.08 -75.24 26.26
CA GLY GA 35 44.75 -76.28 27.22
C GLY GA 35 45.93 -76.84 27.98
N ALA GA 36 47.15 -76.38 27.73
CA ALA GA 36 48.30 -76.88 28.47
C ALA GA 36 48.31 -76.34 29.89
N LYS GA 37 48.98 -77.08 30.77
CA LYS GA 37 49.05 -76.71 32.18
C LYS GA 37 50.25 -75.81 32.44
N GLY GA 38 50.06 -74.82 33.30
CA GLY GA 38 51.13 -73.90 33.64
C GLY GA 38 52.24 -74.60 34.39
N THR GA 39 53.47 -74.10 34.19
CA THR GA 39 54.66 -74.70 34.79
C THR GA 39 55.40 -73.75 35.72
N GLY GA 40 54.82 -72.61 36.05
CA GLY GA 40 55.49 -71.66 36.93
C GLY GA 40 54.74 -70.36 37.10
N PHE GA 41 55.47 -69.26 37.28
CA PHE GA 41 54.88 -67.95 37.50
C PHE GA 41 55.77 -66.90 36.86
N HIS GA 42 55.52 -65.64 37.17
CA HIS GA 42 56.29 -64.51 36.66
C HIS GA 42 57.19 -63.96 37.76
N GLY GA 43 58.47 -63.80 37.45
CA GLY GA 43 59.45 -63.37 38.42
C GLY GA 43 59.41 -61.88 38.70
N ARG GA 44 60.59 -61.32 38.94
CA ARG GA 44 60.72 -59.91 39.32
C ARG GA 44 60.96 -59.00 38.12
N ASP GA 45 61.94 -59.34 37.28
CA ASP GA 45 62.33 -58.53 36.15
C ASP GA 45 61.43 -58.73 34.94
N GLY GA 46 60.26 -59.33 35.12
CA GLY GA 46 59.33 -59.54 34.04
C GLY GA 46 59.47 -60.86 33.32
N LYS GA 47 60.50 -61.64 33.62
CA LYS GA 47 60.68 -62.94 32.99
C LYS GA 47 59.77 -63.97 33.64
N PHE GA 48 59.79 -65.19 33.10
CA PHE GA 48 58.98 -66.28 33.59
C PHE GA 48 59.87 -67.24 34.36
N VAL GA 49 59.50 -67.54 35.61
CA VAL GA 49 60.23 -68.48 36.45
C VAL GA 49 59.45 -69.80 36.43
N GLN GA 50 60.09 -70.85 35.91
CA GLN GA 50 59.45 -72.15 35.81
C GLN GA 50 59.81 -72.99 37.03
N ILE GA 51 58.81 -73.63 37.61
CA ILE GA 51 59.00 -74.45 38.81
C ILE GA 51 59.16 -75.91 38.41
N LYS GA 52 60.30 -76.49 38.78
CA LYS GA 52 60.56 -77.89 38.45
C LYS GA 52 59.61 -78.84 39.18
N GLU GA 53 58.98 -78.38 40.26
CA GLU GA 53 58.01 -79.21 40.98
C GLU GA 53 56.69 -79.32 40.24
N MET GA 54 56.35 -78.34 39.40
CA MET GA 54 55.08 -78.33 38.70
C MET GA 54 55.09 -79.14 37.41
N ILE GA 55 56.25 -79.29 36.77
CA ILE GA 55 56.32 -80.02 35.50
C ILE GA 55 56.11 -81.50 35.77
N PRO GA 56 55.35 -82.19 34.92
CA PRO GA 56 55.11 -83.63 35.13
C PRO GA 56 56.39 -84.43 34.87
N GLU GA 57 56.74 -85.27 35.83
CA GLU GA 57 57.90 -86.16 35.70
C GLU GA 57 57.40 -87.53 35.27
N LEU GA 58 57.72 -87.92 34.03
CA LEU GA 58 57.28 -89.21 33.49
C LEU GA 58 58.09 -90.33 34.12
N VAL GA 59 57.44 -91.21 34.88
CA VAL GA 59 58.10 -92.33 35.53
C VAL GA 59 58.03 -93.51 34.58
N VAL GA 60 59.14 -93.78 33.88
CA VAL GA 60 59.22 -94.86 32.91
C VAL GA 60 60.01 -96.01 33.53
N PRO GA 61 59.48 -97.24 33.52
CA PRO GA 61 60.23 -98.37 34.09
C PRO GA 61 61.27 -98.92 33.10
N GLU GA 62 61.90 -100.02 33.47
CA GLU GA 62 62.89 -100.67 32.61
C GLU GA 62 62.21 -101.76 31.79
N LEU GA 63 62.28 -101.63 30.47
CA LEU GA 63 61.70 -102.59 29.54
C LEU GA 63 62.72 -103.57 28.98
N ALA GA 64 63.95 -103.52 29.46
CA ALA GA 64 65.00 -104.40 28.95
C ALA GA 64 64.75 -105.86 29.32
N GLY GA 65 64.44 -106.11 30.59
CA GLY GA 65 64.21 -107.46 31.05
C GLY GA 65 62.74 -107.83 31.14
N PHE GA 66 61.89 -107.07 30.47
CA PHE GA 66 60.44 -107.27 30.49
C PHE GA 66 60.05 -108.11 29.29
N LYS GA 67 59.65 -109.35 29.53
CA LYS GA 67 59.32 -110.29 28.46
C LYS GA 67 57.80 -110.29 28.22
N LEU GA 68 57.33 -109.18 27.66
CA LEU GA 68 55.93 -109.05 27.29
C LEU GA 68 55.85 -108.24 26.01
N LYS GA 69 54.85 -108.54 25.19
CA LYS GA 69 54.69 -107.94 23.87
C LYS GA 69 53.35 -107.22 23.77
N PRO GA 70 53.24 -106.22 22.88
CA PRO GA 70 51.97 -105.49 22.75
C PRO GA 70 50.80 -106.34 22.28
N TYR GA 71 51.06 -107.50 21.68
CA TYR GA 71 50.00 -108.37 21.18
C TYR GA 71 50.07 -109.72 21.87
N VAL GA 72 48.92 -110.38 21.94
CA VAL GA 72 48.80 -111.67 22.60
C VAL GA 72 48.69 -112.77 21.55
N ASN GA 73 48.85 -114.01 21.99
CA ASN GA 73 48.71 -115.16 21.10
C ASN GA 73 47.25 -115.31 20.68
N TYR GA 74 47.03 -115.59 19.40
CA TYR GA 74 45.68 -115.79 18.89
C TYR GA 74 45.04 -117.05 19.44
N ARG GA 75 45.81 -118.12 19.61
CA ARG GA 75 45.29 -119.37 20.16
C ARG GA 75 45.06 -119.29 21.67
N ALA GA 76 45.54 -118.25 22.33
CA ALA GA 76 45.35 -118.12 23.77
C ALA GA 76 43.89 -117.83 24.09
N PRO GA 77 43.26 -118.62 24.94
CA PRO GA 77 41.86 -118.38 25.29
C PRO GA 77 41.69 -117.12 26.13
N GLU GA 78 40.51 -116.53 26.02
CA GLU GA 78 40.15 -115.36 26.80
C GLU GA 78 39.41 -115.80 28.06
N GLY GA 79 38.91 -114.85 28.83
CA GLY GA 79 38.23 -115.15 30.08
C GLY GA 79 36.88 -114.45 30.16
N THR GA 80 36.03 -115.01 31.01
CA THR GA 80 34.71 -114.42 31.24
C THR GA 80 34.84 -113.09 31.96
N ASP GA 81 34.04 -112.11 31.54
CA ASP GA 81 34.09 -110.76 32.09
C ASP GA 81 33.63 -110.78 33.54
N THR GA 82 34.58 -110.65 34.46
CA THR GA 82 34.31 -110.60 35.89
C THR GA 82 34.94 -109.33 36.44
N PRO GA 83 34.24 -108.19 36.38
CA PRO GA 83 34.84 -106.94 36.87
C PRO GA 83 35.17 -107.01 38.36
N LEU GA 84 36.29 -106.41 38.73
CA LEU GA 84 36.70 -106.37 40.12
C LEU GA 84 35.78 -105.45 40.91
N THR GA 85 35.42 -105.89 42.11
CA THR GA 85 34.53 -105.14 42.98
C THR GA 85 35.11 -105.06 44.39
N ALA GA 86 34.53 -104.18 45.19
CA ALA GA 86 35.05 -103.93 46.54
C ALA GA 86 34.98 -105.19 47.41
N LYS GA 87 33.86 -105.93 47.32
CA LYS GA 87 33.73 -107.13 48.13
C LYS GA 87 34.76 -108.19 47.74
N GLN GA 88 34.99 -108.38 46.44
CA GLN GA 88 36.01 -109.34 46.01
C GLN GA 88 37.40 -108.89 46.43
N LEU GA 89 37.69 -107.58 46.33
CA LEU GA 89 38.98 -107.09 46.77
C LEU GA 89 39.18 -107.33 48.27
N PHE GA 90 38.14 -107.07 49.07
CA PHE GA 90 38.23 -107.30 50.50
C PHE GA 90 38.45 -108.77 50.80
N LEU GA 91 37.72 -109.66 50.11
CA LEU GA 91 37.88 -111.09 50.32
C LEU GA 91 39.29 -111.54 49.94
N GLU GA 92 39.86 -110.98 48.87
CA GLU GA 92 41.19 -111.38 48.45
C GLU GA 92 42.28 -110.84 49.36
N THR GA 93 42.09 -109.64 49.93
CA THR GA 93 43.16 -108.99 50.68
C THR GA 93 43.01 -109.15 52.19
N ALA GA 94 41.91 -108.65 52.76
CA ALA GA 94 41.80 -108.53 54.21
C ALA GA 94 41.02 -109.64 54.88
N ALA GA 95 40.16 -110.35 54.14
CA ALA GA 95 39.34 -111.38 54.77
C ALA GA 95 40.15 -112.49 55.41
N PRO GA 96 41.16 -113.09 54.76
CA PRO GA 96 41.92 -114.14 55.46
C PRO GA 96 42.58 -113.68 56.74
N ALA GA 97 43.14 -112.46 56.75
CA ALA GA 97 43.81 -111.96 57.94
C ALA GA 97 42.82 -111.75 59.08
N ILE GA 98 41.68 -111.14 58.78
CA ILE GA 98 40.67 -110.91 59.82
C ILE GA 98 40.11 -112.24 60.32
N GLU GA 99 39.89 -113.21 59.42
CA GLU GA 99 39.40 -114.52 59.85
C GLU GA 99 40.41 -115.21 60.76
N LYS GA 100 41.69 -115.17 60.41
CA LYS GA 100 42.70 -115.79 61.26
C LYS GA 100 42.79 -115.10 62.61
N ASP GA 101 42.73 -113.76 62.62
CA ASP GA 101 42.78 -113.03 63.88
C ASP GA 101 41.59 -113.32 64.76
N PHE GA 102 40.39 -113.43 64.17
CA PHE GA 102 39.21 -113.76 64.95
C PHE GA 102 39.25 -115.19 65.47
N LYS GA 103 39.76 -116.13 64.67
CA LYS GA 103 39.92 -117.50 65.15
C LYS GA 103 40.92 -117.56 66.30
N ALA GA 104 42.01 -116.81 66.23
CA ALA GA 104 42.99 -116.76 67.30
C ALA GA 104 42.55 -115.90 68.47
N GLY GA 105 41.46 -115.14 68.32
CA GLY GA 105 41.00 -114.29 69.40
C GLY GA 105 41.72 -112.96 69.53
N THR GA 106 42.52 -112.59 68.53
CA THR GA 106 43.31 -111.37 68.57
C THR GA 106 42.68 -110.22 67.78
N PHE GA 107 41.43 -110.39 67.33
CA PHE GA 107 40.77 -109.34 66.58
C PHE GA 107 40.45 -108.16 67.48
N ASP GA 108 40.80 -106.96 67.04
CA ASP GA 108 40.57 -105.74 67.80
C ASP GA 108 39.70 -104.78 67.01
N PRO GA 109 38.42 -104.62 67.36
CA PRO GA 109 37.57 -103.67 66.62
C PRO GA 109 38.03 -102.22 66.70
N GLU GA 110 38.81 -101.86 67.72
CA GLU GA 110 39.26 -100.47 67.86
C GLU GA 110 40.29 -100.11 66.80
N HIS GA 111 41.24 -101.00 66.53
CA HIS GA 111 42.34 -100.74 65.61
C HIS GA 111 42.23 -101.69 64.42
N LEU GA 112 42.00 -101.14 63.23
CA LEU GA 112 41.93 -101.93 62.01
C LEU GA 112 42.99 -101.52 61.00
N GLU GA 113 44.02 -100.80 61.45
CA GLU GA 113 45.06 -100.33 60.52
C GLU GA 113 45.90 -101.46 59.96
N LYS GA 114 46.08 -102.55 60.71
CA LYS GA 114 46.92 -103.65 60.25
C LYS GA 114 46.32 -104.42 59.08
N TYR GA 115 45.01 -104.31 58.87
CA TYR GA 115 44.36 -105.01 57.77
C TYR GA 115 44.41 -104.25 56.46
N GLY GA 116 45.02 -103.07 56.44
CA GLY GA 116 45.08 -102.23 55.25
C GLY GA 116 44.15 -101.05 55.26
N PHE GA 117 43.21 -101.00 56.20
CA PHE GA 117 42.29 -99.86 56.31
C PHE GA 117 43.04 -98.63 56.78
N GLU GA 118 42.65 -97.47 56.22
CA GLU GA 118 43.26 -96.21 56.59
C GLU GA 118 42.21 -95.29 57.20
N PRO GA 119 42.45 -94.74 58.40
CA PRO GA 119 41.48 -93.84 59.01
C PRO GA 119 41.29 -92.54 58.22
N THR GA 120 42.40 -91.92 57.84
CA THR GA 120 42.38 -90.66 57.11
C THR GA 120 43.18 -90.79 55.83
N GLN GA 121 42.89 -89.88 54.89
CA GLN GA 121 43.57 -89.87 53.59
C GLN GA 121 44.71 -88.86 53.51
N GLU GA 122 44.70 -87.80 54.33
CA GLU GA 122 45.72 -86.78 54.25
C GLU GA 122 47.08 -87.26 54.76
N GLY GA 123 47.12 -88.35 55.53
CA GLY GA 123 48.37 -88.84 56.07
C GLY GA 123 49.37 -89.32 55.04
N LYS GA 124 48.90 -90.13 54.08
CA LYS GA 124 49.79 -90.68 53.08
C LYS GA 124 49.98 -89.71 51.92
N LEU GA 125 50.86 -90.09 50.99
CA LEU GA 125 51.18 -89.22 49.86
C LEU GA 125 50.04 -89.21 48.83
N PHE GA 126 49.70 -90.37 48.28
CA PHE GA 126 48.65 -90.48 47.27
C PHE GA 126 47.33 -90.79 47.98
N GLN GA 127 46.48 -89.78 48.10
CA GLN GA 127 45.17 -89.94 48.70
C GLN GA 127 44.13 -90.16 47.61
N LEU GA 128 43.12 -90.99 47.93
CA LEU GA 128 42.19 -91.48 46.94
C LEU GA 128 41.07 -90.48 46.64
N TYR GA 129 40.30 -90.09 47.66
CA TYR GA 129 39.17 -89.19 47.40
C TYR GA 129 39.61 -87.83 46.89
N PRO GA 130 40.59 -87.14 47.49
CA PRO GA 130 41.06 -85.87 46.90
C PRO GA 130 41.72 -86.05 45.54
N LYS GA 131 42.20 -87.26 45.22
CA LYS GA 131 42.82 -87.55 43.93
C LYS GA 131 44.04 -86.67 43.68
N ASN GA 132 45.04 -86.81 44.55
CA ASN GA 132 46.26 -86.05 44.39
C ASN GA 132 47.09 -86.50 43.19
N PHE GA 133 47.01 -87.76 42.82
CA PHE GA 133 47.78 -88.26 41.70
C PHE GA 133 46.99 -88.12 40.42
N PRO GA 134 47.58 -87.57 39.35
CA PRO GA 134 46.85 -87.47 38.08
C PRO GA 134 46.52 -88.85 37.50
N ARG GA 135 47.54 -89.68 37.30
CA ARG GA 135 47.35 -91.02 36.76
C ARG GA 135 48.31 -92.01 37.41
N THR HA 35 -52.41 -66.57 -80.94
CA THR HA 35 -50.98 -66.49 -80.62
C THR HA 35 -50.70 -65.35 -79.67
N TYR HA 36 -50.48 -65.68 -78.39
CA TYR HA 36 -50.19 -64.69 -77.38
C TYR HA 36 -49.35 -65.32 -76.28
N SER HA 37 -48.36 -64.56 -75.80
CA SER HA 37 -47.49 -65.02 -74.73
C SER HA 37 -46.92 -63.79 -74.02
N SER HA 38 -46.88 -63.86 -72.69
CA SER HA 38 -46.34 -62.76 -71.90
C SER HA 38 -44.86 -62.57 -72.19
N LEU HA 39 -44.11 -63.67 -72.26
CA LEU HA 39 -42.68 -63.56 -72.54
C LEU HA 39 -42.37 -64.08 -73.94
N PRO HA 40 -41.38 -63.48 -74.62
CA PRO HA 40 -41.00 -63.99 -75.94
C PRO HA 40 -40.47 -65.41 -75.84
N ASP HA 41 -40.73 -66.18 -76.90
CA ASP HA 41 -40.31 -67.58 -76.98
C ASP HA 41 -38.96 -67.74 -77.65
N ASP HA 42 -38.10 -66.72 -77.58
CA ASP HA 42 -36.83 -66.75 -78.30
C ASP HA 42 -35.71 -67.40 -77.52
N TYR HA 43 -35.84 -67.56 -76.20
CA TYR HA 43 -34.74 -68.06 -75.37
C TYR HA 43 -35.15 -69.34 -74.67
N ASN HA 44 -34.71 -70.47 -75.23
CA ASN HA 44 -34.62 -71.82 -74.69
C ASN HA 44 -35.96 -72.55 -74.60
N CYS HA 45 -37.10 -71.87 -74.77
CA CYS HA 45 -38.37 -72.59 -74.67
C CYS HA 45 -39.51 -71.71 -75.14
N LYS HA 46 -40.64 -72.35 -75.41
CA LYS HA 46 -41.86 -71.69 -75.87
C LYS HA 46 -42.95 -71.95 -74.84
N VAL HA 47 -43.31 -70.93 -74.06
CA VAL HA 47 -44.25 -71.09 -72.97
C VAL HA 47 -45.67 -70.82 -73.46
N GLU HA 48 -46.59 -71.73 -73.18
CA GLU HA 48 -48.01 -71.56 -73.47
C GLU HA 48 -48.79 -71.84 -72.20
N LEU HA 49 -49.41 -70.80 -71.63
CA LEU HA 49 -50.14 -70.90 -70.39
C LEU HA 49 -51.60 -71.24 -70.65
N ALA HA 50 -52.21 -71.95 -69.69
CA ALA HA 50 -53.63 -72.31 -69.79
C ALA HA 50 -54.16 -72.60 -68.40
N LEU HA 51 -55.49 -72.50 -68.27
CA LEU HA 51 -56.19 -72.75 -67.03
C LEU HA 51 -57.21 -73.86 -67.24
N THR HA 52 -57.27 -74.79 -66.28
CA THR HA 52 -58.24 -75.88 -66.36
C THR HA 52 -59.66 -75.32 -66.28
N SER HA 53 -60.58 -75.97 -67.00
CA SER HA 53 -61.97 -75.54 -67.01
C SER HA 53 -62.57 -75.54 -65.61
N ASP HA 54 -62.09 -76.40 -64.71
CA ASP HA 54 -62.53 -76.34 -63.32
C ASP HA 54 -62.09 -75.04 -62.66
N GLY HA 55 -60.89 -74.57 -62.98
CA GLY HA 55 -60.37 -73.31 -62.46
C GLY HA 55 -59.38 -73.44 -61.33
N ARG HA 56 -59.16 -74.64 -60.81
CA ARG HA 56 -58.27 -74.85 -59.68
C ARG HA 56 -56.89 -75.36 -60.10
N THR HA 57 -56.58 -75.38 -61.40
CA THR HA 57 -55.30 -75.87 -61.87
C THR HA 57 -54.81 -75.01 -63.03
N ILE HA 58 -53.53 -74.70 -63.02
CA ILE HA 58 -52.88 -73.93 -64.08
C ILE HA 58 -51.84 -74.83 -64.73
N VAL HA 59 -51.89 -74.93 -66.05
CA VAL HA 59 -50.96 -75.75 -66.81
C VAL HA 59 -50.16 -74.84 -67.74
N CYS HA 60 -48.98 -75.30 -68.12
CA CYS HA 60 -48.13 -74.54 -69.04
C CYS HA 60 -47.30 -75.52 -69.86
N TYR HA 61 -47.50 -75.50 -71.17
CA TYR HA 61 -46.74 -76.32 -72.10
C TYR HA 61 -45.52 -75.52 -72.55
N HIS HA 62 -44.33 -76.00 -72.21
CA HIS HA 62 -43.09 -75.27 -72.47
C HIS HA 62 -42.09 -76.18 -73.18
N PRO HA 63 -42.30 -76.46 -74.46
CA PRO HA 63 -41.31 -77.22 -75.22
C PRO HA 63 -40.01 -76.44 -75.38
N SER HA 64 -38.90 -77.18 -75.33
CA SER HA 64 -37.59 -76.58 -75.50
C SER HA 64 -37.41 -76.08 -76.93
N VAL HA 65 -36.62 -75.02 -77.06
CA VAL HA 65 -36.37 -74.38 -78.36
C VAL HA 65 -34.94 -74.69 -78.77
N ASP HA 66 -34.79 -75.27 -79.96
CA ASP HA 66 -33.48 -75.59 -80.50
C ASP HA 66 -32.91 -74.39 -81.25
N ILE HA 67 -31.59 -74.30 -81.27
CA ILE HA 67 -30.90 -73.20 -81.93
C ILE HA 67 -30.98 -73.41 -83.44
N PRO HA 68 -31.51 -72.45 -84.20
CA PRO HA 68 -31.60 -72.63 -85.64
C PRO HA 68 -30.21 -72.60 -86.29
N TYR HA 69 -30.14 -73.22 -87.47
CA TYR HA 69 -28.86 -73.34 -88.16
C TYR HA 69 -28.35 -72.00 -88.65
N GLU HA 70 -29.25 -71.03 -88.85
CA GLU HA 70 -28.85 -69.72 -89.37
C GLU HA 70 -28.16 -68.85 -88.34
N HIS HA 71 -28.28 -69.18 -87.05
CA HIS HA 71 -27.71 -68.38 -85.98
C HIS HA 71 -26.43 -68.98 -85.43
N THR HA 72 -25.70 -69.74 -86.24
CA THR HA 72 -24.46 -70.38 -85.83
C THR HA 72 -23.36 -70.02 -86.82
N LYS HA 73 -22.12 -70.22 -86.39
CA LYS HA 73 -20.95 -69.96 -87.21
C LYS HA 73 -20.05 -71.18 -87.23
N PRO HA 74 -19.31 -71.39 -88.31
CA PRO HA 74 -18.47 -72.59 -88.41
C PRO HA 74 -17.32 -72.57 -87.42
N ILE HA 75 -16.88 -73.76 -87.04
CA ILE HA 75 -15.82 -73.94 -86.07
C ILE HA 75 -14.49 -73.49 -86.67
N PRO HA 76 -13.79 -72.54 -86.06
CA PRO HA 76 -12.46 -72.16 -86.56
C PRO HA 76 -11.46 -73.28 -86.29
N ARG HA 77 -10.64 -73.58 -87.30
CA ARG HA 77 -9.61 -74.60 -87.19
C ARG HA 77 -8.24 -73.96 -87.42
N PRO HA 78 -7.35 -74.12 -86.46
CA PRO HA 78 -5.99 -73.60 -86.53
C PRO HA 78 -5.02 -74.76 -86.42
N ASP HA 79 -4.31 -75.06 -87.52
CA ASP HA 79 -3.33 -76.13 -87.56
C ASP HA 79 -2.15 -75.67 -88.41
N PRO HA 80 -1.03 -75.34 -87.74
CA PRO HA 80 0.18 -74.91 -88.43
C PRO HA 80 1.39 -75.34 -87.62
N VAL HA 81 2.38 -75.90 -88.30
CA VAL HA 81 3.63 -76.34 -87.67
C VAL HA 81 4.80 -75.64 -88.38
N HIS HA 82 5.24 -74.52 -87.82
CA HIS HA 82 6.34 -73.77 -88.40
C HIS HA 82 7.71 -74.25 -87.93
N ASN HA 83 7.75 -75.23 -87.03
CA ASN HA 83 9.01 -75.77 -86.54
C ASN HA 83 9.50 -76.96 -87.36
N ILE HA 84 8.78 -77.33 -88.41
CA ILE HA 84 9.16 -78.46 -89.25
C ILE HA 84 10.35 -78.08 -90.11
N GLU HA 85 11.37 -78.93 -90.11
CA GLU HA 85 12.57 -78.71 -90.92
C GLU HA 85 12.77 -79.89 -91.87
N GLU HA 86 13.03 -79.58 -93.14
CA GLU HA 86 13.23 -80.61 -94.14
C GLU HA 86 14.53 -81.37 -93.97
N THR HA 87 15.49 -80.80 -93.23
CA THR HA 87 16.78 -81.46 -93.06
C THR HA 87 16.71 -82.58 -92.03
N HIS HA 88 16.09 -82.31 -90.88
CA HIS HA 88 16.02 -83.29 -89.79
C HIS HA 88 14.67 -83.16 -89.09
N ASP HA 89 13.74 -84.06 -89.43
CA ASP HA 89 12.44 -84.06 -88.76
C ASP HA 89 12.55 -84.47 -87.30
N LEU HA 90 13.57 -85.28 -86.96
CA LEU HA 90 13.78 -85.63 -85.56
C LEU HA 90 14.09 -84.39 -84.72
N VAL HA 91 14.93 -83.48 -85.23
CA VAL HA 91 15.18 -82.23 -84.54
C VAL HA 91 14.01 -81.27 -84.66
N LEU HA 92 13.26 -81.33 -85.77
CA LEU HA 92 12.10 -80.47 -85.93
C LEU HA 92 11.04 -80.78 -84.88
N LYS HA 93 10.82 -82.07 -84.59
CA LYS HA 93 9.83 -82.44 -83.58
C LYS HA 93 10.21 -81.92 -82.20
N THR HA 94 11.49 -82.01 -81.84
CA THR HA 94 11.95 -81.50 -80.55
C THR HA 94 12.02 -79.98 -80.52
N ARG HA 95 12.06 -79.32 -81.69
CA ARG HA 95 12.04 -77.87 -81.72
C ARG HA 95 10.75 -77.29 -81.17
N LEU HA 96 9.62 -77.98 -81.33
CA LEU HA 96 8.35 -77.52 -80.81
C LEU HA 96 8.10 -77.95 -79.37
N GLU HA 97 8.99 -78.77 -78.80
CA GLU HA 97 8.84 -79.24 -77.43
C GLU HA 97 9.92 -78.71 -76.50
N GLU HA 98 11.02 -78.17 -77.01
CA GLU HA 98 12.09 -77.65 -76.19
C GLU HA 98 11.86 -76.21 -75.75
N LYS HA 99 10.61 -75.76 -75.73
CA LYS HA 99 10.28 -74.41 -75.29
C LYS HA 99 10.08 -74.40 -73.79
N GLY HA 100 10.82 -73.53 -73.10
CA GLY HA 100 10.73 -73.42 -71.65
C GLY HA 100 11.13 -72.01 -71.24
N GLU HA 101 10.68 -71.62 -70.04
CA GLU HA 101 10.98 -70.30 -69.52
C GLU HA 101 10.86 -70.33 -68.00
N HIS HA 102 11.68 -69.51 -67.34
CA HIS HA 102 11.65 -69.39 -65.89
C HIS HA 102 11.74 -67.92 -65.53
N LEU HA 103 10.92 -67.49 -64.58
CA LEU HA 103 10.86 -66.11 -64.13
C LEU HA 103 10.89 -66.05 -62.61
N GLU HA 104 11.09 -64.85 -62.09
CA GLU HA 104 11.09 -64.63 -60.64
C GLU HA 104 9.66 -64.67 -60.10
N GLN HA 105 9.56 -64.68 -58.77
CA GLN HA 105 8.26 -64.79 -58.11
C GLN HA 105 7.37 -63.61 -58.45
N GLY HA 106 7.93 -62.40 -58.40
CA GLY HA 106 7.18 -61.20 -58.70
C GLY HA 106 6.63 -61.17 -60.11
N PRO HA 107 7.51 -61.31 -61.11
CA PRO HA 107 7.03 -61.38 -62.50
C PRO HA 107 6.06 -62.52 -62.74
N MET HA 108 6.27 -63.68 -62.12
CA MET HA 108 5.36 -64.81 -62.31
C MET HA 108 3.97 -64.49 -61.76
N ILE HA 109 3.92 -63.92 -60.57
CA ILE HA 109 2.63 -63.55 -59.97
C ILE HA 109 1.95 -62.48 -60.81
N GLU HA 110 2.72 -61.50 -61.30
CA GLU HA 110 2.14 -60.45 -62.14
C GLU HA 110 1.57 -61.04 -63.43
N GLN HA 111 2.30 -61.97 -64.05
CA GLN HA 111 1.82 -62.61 -65.27
C GLN HA 111 0.55 -63.41 -65.02
N LEU HA 112 0.51 -64.17 -63.91
CA LEU HA 112 -0.69 -64.94 -63.59
C LEU HA 112 -1.88 -64.04 -63.33
N SER HA 113 -1.67 -62.94 -62.61
CA SER HA 113 -2.75 -62.00 -62.34
C SER HA 113 -3.25 -61.36 -63.63
N LYS HA 114 -2.33 -61.01 -64.54
CA LYS HA 114 -2.74 -60.45 -65.82
C LYS HA 114 -3.51 -61.45 -66.65
N MET HA 115 -3.11 -62.73 -66.62
CA MET HA 115 -3.79 -63.75 -67.40
C MET HA 115 -5.19 -64.02 -66.87
N PHE HA 116 -5.33 -64.19 -65.56
CA PHE HA 116 -6.59 -64.59 -64.97
C PHE HA 116 -7.43 -63.42 -64.47
N PHE HA 117 -7.01 -62.18 -64.73
CA PHE HA 117 -7.77 -60.99 -64.36
C PHE HA 117 -8.08 -60.96 -62.86
N THR HA 118 -7.06 -61.25 -62.06
CA THR HA 118 -7.20 -61.22 -60.60
C THR HA 118 -6.13 -60.34 -59.99
N THR HA 119 -6.06 -60.33 -58.66
CA THR HA 119 -5.05 -59.54 -57.96
C THR HA 119 -3.81 -60.39 -57.69
N LYS HA 120 -2.73 -59.72 -57.31
CA LYS HA 120 -1.47 -60.41 -57.03
C LYS HA 120 -1.44 -61.04 -55.65
N HIS HA 121 -2.38 -60.71 -54.77
CA HIS HA 121 -2.39 -61.22 -53.41
C HIS HA 121 -2.84 -62.68 -53.31
N ARG HA 122 -3.52 -63.19 -54.34
CA ARG HA 122 -4.03 -64.56 -54.27
C ARG HA 122 -2.93 -65.60 -54.48
N TRP HA 123 -1.97 -65.30 -55.35
CA TRP HA 123 -0.97 -66.28 -55.76
C TRP HA 123 0.13 -66.50 -54.73
N TYR HA 124 0.24 -65.66 -53.72
CA TYR HA 124 1.28 -65.88 -52.73
C TYR HA 124 0.97 -67.12 -51.90
N PRO HA 125 1.99 -67.88 -51.50
CA PRO HA 125 1.75 -69.10 -50.72
C PRO HA 125 1.24 -68.81 -49.31
N ARG HA 126 0.98 -69.87 -48.55
CA ARG HA 126 0.46 -69.75 -47.19
C ARG HA 126 1.36 -70.52 -46.23
N GLY HA 127 1.20 -70.22 -44.94
CA GLY HA 127 2.08 -70.76 -43.92
C GLY HA 127 1.63 -72.10 -43.38
N GLN HA 128 2.45 -72.61 -42.44
CA GLN HA 128 2.19 -73.91 -41.85
C GLN HA 128 0.88 -73.92 -41.08
N TYR HA 129 0.57 -72.84 -40.36
CA TYR HA 129 -0.64 -72.82 -39.54
C TYR HA 129 -1.90 -73.01 -40.39
N HIS HA 130 -1.96 -72.35 -41.54
CA HIS HA 130 -3.11 -72.52 -42.43
C HIS HA 130 -3.04 -73.82 -43.22
N ARG HA 131 -1.85 -74.27 -43.62
CA ARG HA 131 -1.75 -75.48 -44.43
C ARG HA 131 -1.96 -76.75 -43.63
N ARG HA 132 -1.81 -76.70 -42.30
CA ARG HA 132 -2.05 -77.88 -41.48
C ARG HA 132 -3.53 -78.07 -41.18
N ARG HA 133 -4.30 -76.99 -41.09
CA ARG HA 133 -5.68 -77.06 -40.65
C ARG HA 133 -6.66 -77.34 -41.77
N ARG HA 134 -6.19 -77.46 -43.02
CA ARG HA 134 -7.07 -77.82 -44.12
C ARG HA 134 -7.54 -79.26 -43.97
N LYS HA 135 -8.82 -79.47 -44.24
CA LYS HA 135 -9.40 -80.80 -44.08
C LYS HA 135 -8.88 -81.74 -45.16
N PRO HA 136 -8.22 -82.84 -44.81
CA PRO HA 136 -7.69 -83.72 -45.86
C PRO HA 136 -8.76 -84.35 -46.74
N ASN HA 137 -9.93 -84.66 -46.15
CA ASN HA 137 -11.01 -85.37 -46.86
C ASN HA 137 -12.30 -84.58 -46.68
N PRO HA 138 -12.49 -83.51 -47.45
CA PRO HA 138 -13.73 -82.75 -47.32
C PRO HA 138 -14.92 -83.57 -47.78
N PRO HA 139 -16.09 -83.35 -47.20
CA PRO HA 139 -17.29 -84.06 -47.66
C PRO HA 139 -17.63 -83.69 -49.09
N LYS HA 140 -18.16 -84.66 -49.83
CA LYS HA 140 -18.53 -84.48 -51.22
C LYS HA 140 -19.97 -84.92 -51.42
N ASP HA 141 -20.75 -84.08 -52.10
CA ASP HA 141 -22.13 -84.38 -52.42
C ASP HA 141 -22.22 -84.94 -53.84
N ARG HA 142 -23.43 -85.31 -54.24
CA ARG HA 142 -23.71 -85.83 -55.58
C ARG HA 142 -22.87 -87.06 -55.89
N THR IA 2 -20.73 -76.90 -32.29
CA THR IA 2 -20.09 -75.93 -33.18
C THR IA 2 -19.70 -76.58 -34.51
N ALA IA 3 -20.17 -76.00 -35.61
CA ALA IA 3 -19.87 -76.54 -36.92
C ALA IA 3 -18.39 -76.45 -37.25
N ARG IA 4 -17.76 -75.30 -36.95
CA ARG IA 4 -16.34 -75.14 -37.23
C ARG IA 4 -15.47 -76.00 -36.31
N GLY IA 5 -15.98 -76.39 -35.14
CA GLY IA 5 -15.21 -77.20 -34.22
C GLY IA 5 -15.33 -78.68 -34.46
N THR IA 6 -16.53 -79.13 -34.85
CA THR IA 6 -16.79 -80.54 -35.08
C THR IA 6 -16.75 -80.85 -36.57
N ALA IA 7 -16.87 -82.14 -36.89
CA ALA IA 7 -16.88 -82.57 -38.29
C ALA IA 7 -18.28 -82.39 -38.88
N SER IA 8 -18.42 -82.77 -40.14
CA SER IA 8 -19.70 -82.63 -40.83
C SER IA 8 -19.81 -83.69 -41.92
N ARG IA 9 -21.04 -83.95 -42.33
CA ARG IA 9 -21.31 -84.88 -43.42
C ARG IA 9 -22.61 -84.48 -44.10
N PHE IA 10 -22.78 -84.96 -45.32
CA PHE IA 10 -24.00 -84.74 -46.08
C PHE IA 10 -25.04 -85.79 -45.73
N LEU IA 11 -26.28 -85.51 -46.09
CA LEU IA 11 -27.39 -86.44 -45.87
C LEU IA 11 -27.22 -87.62 -46.82
N THR IA 12 -26.84 -88.77 -46.27
CA THR IA 12 -26.60 -89.96 -47.07
C THR IA 12 -27.28 -91.17 -46.44
N SER IA 13 -27.53 -92.18 -47.27
CA SER IA 13 -28.14 -93.43 -46.83
C SER IA 13 -27.22 -94.58 -47.22
N VAL IA 14 -27.15 -95.59 -46.36
CA VAL IA 14 -26.26 -96.73 -46.59
C VAL IA 14 -26.88 -97.65 -47.63
N LEU IA 15 -26.13 -97.92 -48.70
CA LEU IA 15 -26.51 -98.90 -49.71
C LEU IA 15 -27.84 -98.57 -50.37
N HIS IA 16 -28.18 -97.28 -50.41
CA HIS IA 16 -29.44 -96.80 -50.98
C HIS IA 16 -30.63 -97.52 -50.34
N ASN IA 17 -30.58 -97.62 -49.02
CA ASN IA 17 -31.63 -98.31 -48.27
C ASN IA 17 -32.96 -97.59 -48.44
N GLY IA 18 -34.04 -98.39 -48.49
CA GLY IA 18 -35.37 -97.86 -48.65
C GLY IA 18 -35.79 -97.59 -50.07
N LEU IA 19 -34.91 -97.74 -51.04
CA LEU IA 19 -35.28 -97.53 -52.44
C LEU IA 19 -35.98 -98.76 -53.00
N GLY IA 20 -35.27 -99.89 -53.03
CA GLY IA 20 -35.89 -101.14 -53.43
C GLY IA 20 -36.66 -101.76 -52.28
N ARG IA 21 -35.99 -101.87 -51.12
CA ARG IA 21 -36.64 -102.36 -49.91
C ARG IA 21 -35.93 -101.75 -48.71
N TYR IA 22 -36.63 -101.75 -47.58
CA TYR IA 22 -36.07 -101.24 -46.34
C TYR IA 22 -35.37 -102.36 -45.58
N VAL IA 23 -34.16 -102.10 -45.10
CA VAL IA 23 -33.39 -103.05 -44.30
C VAL IA 23 -33.06 -102.38 -42.97
N GLN IA 24 -33.37 -103.07 -41.88
CA GLN IA 24 -33.06 -102.54 -40.56
C GLN IA 24 -31.55 -102.50 -40.36
N GLN IA 25 -31.02 -101.29 -40.15
CA GLN IA 25 -29.57 -101.12 -40.10
C GLN IA 25 -28.95 -101.62 -38.80
N LEU IA 26 -29.75 -101.91 -37.79
CA LEU IA 26 -29.22 -102.46 -36.54
C LEU IA 26 -28.94 -103.94 -36.72
N GLN IA 27 -27.69 -104.34 -36.54
CA GLN IA 27 -27.28 -105.73 -36.71
C GLN IA 27 -27.28 -106.50 -35.40
N ARG IA 28 -26.54 -106.02 -34.39
CA ARG IA 28 -26.49 -106.73 -33.12
C ARG IA 28 -26.60 -105.73 -31.98
N LEU IA 29 -27.11 -106.24 -30.85
CA LEU IA 29 -27.36 -105.43 -29.66
C LEU IA 29 -26.97 -106.28 -28.46
N SER IA 30 -25.90 -105.89 -27.78
CA SER IA 30 -25.34 -106.67 -26.68
C SER IA 30 -25.51 -105.88 -25.38
N PHE IA 31 -26.25 -106.45 -24.44
CA PHE IA 31 -26.40 -105.87 -23.11
C PHE IA 31 -25.42 -106.53 -22.16
N SER IA 32 -24.72 -105.71 -21.39
CA SER IA 32 -23.84 -106.17 -20.32
C SER IA 32 -24.36 -105.59 -19.02
N LEU IA 33 -24.81 -106.45 -18.10
CA LEU IA 33 -25.41 -106.00 -16.86
C LEU IA 33 -24.89 -106.80 -15.68
N SER IA 34 -25.50 -106.63 -14.52
CA SER IA 34 -25.13 -107.39 -13.33
C SER IA 34 -26.38 -107.85 -12.61
N ARG IA 35 -26.26 -108.93 -11.84
CA ARG IA 35 -27.38 -109.47 -11.11
C ARG IA 35 -27.45 -108.98 -9.67
N ASP IA 36 -26.34 -108.50 -9.10
CA ASP IA 36 -26.30 -108.03 -7.73
C ASP IA 36 -26.11 -106.52 -7.60
N ALA IA 37 -25.67 -105.85 -8.67
CA ALA IA 37 -25.47 -104.41 -8.57
C ALA IA 37 -26.82 -103.69 -8.59
N PRO IA 38 -27.08 -102.80 -7.63
CA PRO IA 38 -28.35 -102.06 -7.63
C PRO IA 38 -28.55 -101.21 -8.88
N SER IA 39 -27.47 -100.76 -9.52
CA SER IA 39 -27.61 -99.93 -10.71
C SER IA 39 -28.20 -100.69 -11.88
N SER IA 40 -28.06 -102.02 -11.89
CA SER IA 40 -28.53 -102.85 -13.00
C SER IA 40 -29.98 -103.27 -12.85
N ARG IA 41 -30.73 -102.61 -11.95
CA ARG IA 41 -32.14 -102.98 -11.76
C ARG IA 41 -32.95 -102.78 -13.03
N GLY IA 42 -32.75 -101.64 -13.71
CA GLY IA 42 -33.49 -101.38 -14.93
C GLY IA 42 -33.17 -102.37 -16.02
N ALA IA 43 -31.89 -102.69 -16.21
CA ALA IA 43 -31.49 -103.67 -17.21
C ALA IA 43 -32.06 -105.04 -16.89
N ARG IA 44 -32.01 -105.44 -15.62
CA ARG IA 44 -32.57 -106.74 -15.23
C ARG IA 44 -34.07 -106.79 -15.49
N GLU IA 45 -34.79 -105.73 -15.13
CA GLU IA 45 -36.23 -105.73 -15.36
C GLU IA 45 -36.57 -105.72 -16.84
N PHE IA 46 -35.79 -104.99 -17.64
CA PHE IA 46 -36.01 -104.99 -19.08
C PHE IA 46 -35.77 -106.37 -19.69
N VAL IA 47 -34.71 -107.05 -19.23
CA VAL IA 47 -34.46 -108.41 -19.71
C VAL IA 47 -35.60 -109.34 -19.30
N GLU IA 48 -36.10 -109.17 -18.08
CA GLU IA 48 -37.21 -110.02 -17.62
C GLU IA 48 -38.46 -109.79 -18.45
N ARG IA 49 -38.76 -108.53 -18.80
CA ARG IA 49 -40.06 -108.18 -19.35
C ARG IA 49 -40.05 -108.02 -20.87
N GLU IA 50 -39.27 -107.06 -21.40
CA GLU IA 50 -39.50 -106.55 -22.74
C GLU IA 50 -38.53 -107.06 -23.79
N VAL IA 51 -37.44 -107.73 -23.41
CA VAL IA 51 -36.46 -108.12 -24.42
C VAL IA 51 -37.03 -109.19 -25.36
N THR IA 52 -37.86 -110.09 -24.85
CA THR IA 52 -38.44 -111.13 -25.71
C THR IA 52 -39.42 -110.54 -26.71
N ASP IA 53 -40.26 -109.60 -26.27
CA ASP IA 53 -41.19 -108.94 -27.18
C ASP IA 53 -40.46 -108.14 -28.24
N PHE IA 54 -39.39 -107.43 -27.85
CA PHE IA 54 -38.62 -106.69 -28.84
C PHE IA 54 -37.94 -107.62 -29.83
N ALA IA 55 -37.41 -108.74 -29.35
CA ALA IA 55 -36.80 -109.72 -30.25
C ALA IA 55 -37.81 -110.29 -31.23
N ARG IA 56 -39.03 -110.59 -30.76
CA ARG IA 56 -40.06 -111.05 -31.67
C ARG IA 56 -40.46 -109.99 -32.68
N ARG IA 57 -40.57 -108.72 -32.26
CA ARG IA 57 -40.93 -107.66 -33.18
C ARG IA 57 -39.86 -107.46 -34.23
N ASN IA 58 -38.58 -107.50 -33.84
CA ASN IA 58 -37.47 -107.30 -34.76
C ASN IA 58 -36.60 -108.55 -34.78
N PRO IA 59 -36.81 -109.46 -35.74
CA PRO IA 59 -35.98 -110.67 -35.80
C PRO IA 59 -34.63 -110.48 -36.47
N GLY IA 60 -34.40 -109.34 -37.10
CA GLY IA 60 -33.17 -109.09 -37.83
C GLY IA 60 -32.00 -108.62 -37.00
N VAL IA 61 -32.16 -108.50 -35.69
CA VAL IA 61 -31.11 -108.03 -34.80
C VAL IA 61 -30.77 -109.15 -33.82
N VAL IA 62 -29.48 -109.45 -33.70
CA VAL IA 62 -29.01 -110.48 -32.78
C VAL IA 62 -28.86 -109.86 -31.41
N ILE IA 63 -29.61 -110.36 -30.43
CA ILE IA 63 -29.62 -109.80 -29.09
C ILE IA 63 -28.81 -110.71 -28.18
N TYR IA 64 -27.79 -110.13 -27.54
CA TYR IA 64 -26.97 -110.82 -26.56
C TYR IA 64 -27.23 -110.24 -25.18
N VAL IA 65 -27.27 -111.11 -24.17
CA VAL IA 65 -27.42 -110.69 -22.78
C VAL IA 65 -26.30 -111.32 -21.96
N ASN IA 66 -25.60 -110.50 -21.18
CA ASN IA 66 -24.46 -110.97 -20.40
C ASN IA 66 -24.51 -110.41 -18.99
N PRO IA 67 -24.92 -111.20 -18.00
CA PRO IA 67 -24.70 -110.82 -16.60
C PRO IA 67 -23.25 -111.10 -16.21
N ARG IA 68 -22.64 -110.12 -15.57
CA ARG IA 68 -21.23 -110.19 -15.19
C ARG IA 68 -21.02 -109.28 -13.99
N PRO IA 69 -19.97 -109.51 -13.21
CA PRO IA 69 -19.69 -108.63 -12.08
C PRO IA 69 -19.21 -107.26 -12.52
N CYS IA 70 -20.13 -106.42 -13.01
CA CYS IA 70 -19.83 -105.09 -13.51
C CYS IA 70 -20.64 -104.06 -12.77
N CYS IA 71 -20.14 -102.82 -12.74
CA CYS IA 71 -20.80 -101.73 -12.04
C CYS IA 71 -21.58 -100.80 -12.97
N VAL IA 72 -21.19 -100.69 -14.22
CA VAL IA 72 -21.84 -99.81 -15.18
C VAL IA 72 -22.54 -100.66 -16.23
N PRO IA 73 -23.86 -100.78 -16.16
CA PRO IA 73 -24.58 -101.51 -17.20
C PRO IA 73 -24.51 -100.79 -18.54
N ARG IA 74 -24.18 -101.53 -19.58
CA ARG IA 74 -23.90 -100.95 -20.88
C ARG IA 74 -24.65 -101.69 -21.98
N VAL IA 75 -24.88 -100.98 -23.09
CA VAL IA 75 -25.51 -101.54 -24.27
C VAL IA 75 -24.68 -101.16 -25.49
N VAL IA 76 -24.25 -102.17 -26.25
CA VAL IA 76 -23.44 -101.95 -27.44
C VAL IA 76 -24.25 -102.31 -28.68
N ALA IA 77 -24.47 -101.34 -29.56
CA ALA IA 77 -25.17 -101.59 -30.80
C ALA IA 77 -24.19 -101.55 -31.97
N GLU IA 78 -24.12 -102.64 -32.73
CA GLU IA 78 -23.28 -102.70 -33.91
C GLU IA 78 -24.17 -102.77 -35.13
N TYR IA 79 -23.94 -101.88 -36.08
CA TYR IA 79 -24.80 -101.69 -37.24
C TYR IA 79 -24.18 -102.34 -38.47
N LEU IA 80 -24.96 -102.39 -39.55
CA LEU IA 80 -24.47 -102.98 -40.80
C LEU IA 80 -23.34 -102.17 -41.40
N ASN IA 81 -23.19 -100.90 -41.03
CA ASN IA 81 -22.08 -100.10 -41.53
C ASN IA 81 -20.77 -100.52 -40.88
N GLY IA 82 -20.82 -101.38 -39.87
CA GLY IA 82 -19.68 -101.69 -39.04
C GLY IA 82 -19.50 -100.74 -37.89
N ALA IA 83 -20.36 -99.74 -37.76
CA ALA IA 83 -20.27 -98.77 -36.69
C ALA IA 83 -20.71 -99.39 -35.37
N VAL IA 84 -20.03 -98.99 -34.30
CA VAL IA 84 -20.30 -99.47 -32.95
C VAL IA 84 -20.66 -98.25 -32.10
N ARG IA 85 -21.84 -98.28 -31.50
CA ARG IA 85 -22.32 -97.19 -30.63
C ARG IA 85 -22.56 -97.78 -29.25
N GLU IA 86 -21.84 -97.26 -28.26
CA GLU IA 86 -21.96 -97.75 -26.91
C GLU IA 86 -22.66 -96.73 -26.02
N GLU IA 87 -23.69 -97.19 -25.30
CA GLU IA 87 -24.47 -96.35 -24.42
C GLU IA 87 -24.50 -96.96 -23.03
N SER IA 88 -24.77 -96.12 -22.04
CA SER IA 88 -24.86 -96.55 -20.66
C SER IA 88 -26.32 -96.57 -20.23
N ILE IA 89 -26.75 -97.69 -19.65
CA ILE IA 89 -28.13 -97.83 -19.17
C ILE IA 89 -28.10 -97.78 -17.65
N HIS IA 90 -27.08 -97.10 -17.11
CA HIS IA 90 -26.86 -97.04 -15.67
C HIS IA 90 -27.99 -96.28 -14.99
N CYS IA 91 -28.77 -97.01 -14.17
CA CYS IA 91 -29.84 -96.43 -13.36
C CYS IA 91 -30.88 -95.71 -14.23
N LYS IA 92 -31.55 -96.51 -15.06
CA LYS IA 92 -32.63 -96.02 -15.90
C LYS IA 92 -33.83 -96.94 -15.78
N SER IA 93 -35.02 -96.35 -15.88
CA SER IA 93 -36.25 -97.11 -15.74
C SER IA 93 -36.50 -97.96 -16.99
N VAL IA 94 -37.45 -98.89 -16.87
CA VAL IA 94 -37.75 -99.80 -17.97
C VAL IA 94 -38.24 -99.03 -19.19
N GLU IA 95 -39.06 -97.99 -18.97
CA GLU IA 95 -39.53 -97.19 -20.09
C GLU IA 95 -38.39 -96.49 -20.80
N GLU IA 96 -37.43 -95.96 -20.03
CA GLU IA 96 -36.26 -95.32 -20.63
C GLU IA 96 -35.42 -96.33 -21.41
N ILE IA 97 -35.26 -97.54 -20.87
CA ILE IA 97 -34.51 -98.57 -21.58
C ILE IA 97 -35.20 -98.92 -22.90
N ALA IA 98 -36.52 -99.08 -22.87
CA ALA IA 98 -37.25 -99.40 -24.08
C ALA IA 98 -37.15 -98.28 -25.11
N ALA IA 99 -37.24 -97.03 -24.65
CA ALA IA 99 -37.11 -95.90 -25.57
C ALA IA 99 -35.72 -95.86 -26.20
N LEU IA 100 -34.68 -96.11 -25.40
CA LEU IA 100 -33.32 -96.12 -25.94
C LEU IA 100 -33.13 -97.25 -26.94
N VAL IA 101 -33.69 -98.43 -26.64
CA VAL IA 101 -33.57 -99.56 -27.56
C VAL IA 101 -34.28 -99.25 -28.87
N GLN IA 102 -35.49 -98.68 -28.80
CA GLN IA 102 -36.21 -98.32 -30.01
C GLN IA 102 -35.46 -97.27 -30.81
N LYS IA 103 -34.86 -96.29 -30.13
CA LYS IA 103 -34.08 -95.26 -30.82
C LYS IA 103 -32.88 -95.88 -31.53
N LEU IA 104 -32.18 -96.80 -30.86
CA LEU IA 104 -31.06 -97.47 -31.49
C LEU IA 104 -31.50 -98.30 -32.69
N ALA IA 105 -32.63 -98.99 -32.58
CA ALA IA 105 -33.15 -99.77 -33.69
C ALA IA 105 -33.50 -98.88 -34.87
N ASP IA 106 -34.11 -97.73 -34.62
CA ASP IA 106 -34.50 -96.82 -35.68
C ASP IA 106 -33.32 -96.06 -36.28
N GLN IA 107 -32.21 -95.95 -35.55
CA GLN IA 107 -31.04 -95.27 -36.07
C GLN IA 107 -30.41 -96.05 -37.21
N SER IA 108 -29.82 -95.32 -38.16
CA SER IA 108 -29.14 -95.92 -39.30
C SER IA 108 -27.69 -96.27 -39.02
N GLY IA 109 -27.16 -95.92 -37.85
CA GLY IA 109 -25.79 -96.21 -37.50
C GLY IA 109 -24.77 -95.23 -38.03
N LEU IA 110 -25.19 -94.18 -38.71
CA LEU IA 110 -24.25 -93.20 -39.23
C LEU IA 110 -23.77 -92.28 -38.11
N ASP IA 111 -22.77 -91.47 -38.43
CA ASP IA 111 -22.20 -90.55 -37.46
C ASP IA 111 -23.21 -89.47 -37.08
N VAL IA 112 -23.32 -89.21 -35.79
CA VAL IA 112 -24.25 -88.18 -35.28
C VAL IA 112 -23.48 -86.88 -35.24
N ILE IA 113 -23.42 -86.22 -36.40
CA ILE IA 113 -22.76 -84.93 -36.55
C ILE IA 113 -23.70 -84.00 -37.31
N ARG IA 114 -23.24 -82.77 -37.55
CA ARG IA 114 -24.05 -81.79 -38.24
C ARG IA 114 -24.24 -82.20 -39.70
N ILE IA 115 -25.48 -82.18 -40.17
CA ILE IA 115 -25.77 -82.46 -41.57
C ILE IA 115 -25.89 -81.13 -42.30
N ARG IA 116 -25.07 -80.96 -43.35
CA ARG IA 116 -25.00 -79.69 -44.05
C ARG IA 116 -26.32 -79.33 -44.70
N LYS IA 117 -26.97 -80.31 -45.34
CA LYS IA 117 -28.24 -80.01 -45.98
C LYS IA 117 -29.32 -80.99 -45.55
N PRO IA 118 -30.54 -80.51 -45.32
CA PRO IA 118 -31.65 -81.40 -44.94
C PRO IA 118 -32.23 -82.20 -46.10
N PHE IA 119 -31.56 -82.23 -47.25
CA PHE IA 119 -32.07 -82.87 -48.44
C PHE IA 119 -30.91 -83.49 -49.22
N HIS IA 120 -31.22 -84.50 -50.02
CA HIS IA 120 -30.23 -85.15 -50.86
C HIS IA 120 -30.94 -85.71 -52.09
N THR IA 121 -30.76 -85.05 -53.23
CA THR IA 121 -31.37 -85.46 -54.49
C THR IA 121 -30.27 -85.72 -55.50
N ASP IA 122 -30.27 -86.90 -56.10
CA ASP IA 122 -29.31 -87.23 -57.14
C ASP IA 122 -29.80 -86.72 -58.48
N SER IA 123 -28.93 -85.99 -59.18
CA SER IA 123 -29.24 -85.36 -60.46
C SER IA 123 -30.46 -84.45 -60.38
N PRO IA 124 -30.37 -83.33 -59.67
CA PRO IA 124 -31.49 -82.39 -59.59
C PRO IA 124 -31.61 -81.44 -60.77
N SER IA 125 -30.94 -81.72 -61.88
CA SER IA 125 -30.90 -80.84 -63.04
C SER IA 125 -31.91 -81.25 -64.11
N ILE IA 126 -33.07 -81.74 -63.68
CA ILE IA 126 -34.11 -82.14 -64.62
C ILE IA 126 -34.51 -80.94 -65.49
N GLN IA 127 -34.79 -81.22 -66.77
CA GLN IA 127 -35.19 -80.25 -67.78
C GLN IA 127 -34.07 -79.24 -68.07
N GLY IA 128 -32.92 -79.43 -67.42
CA GLY IA 128 -31.75 -78.59 -67.66
C GLY IA 128 -31.28 -77.92 -66.38
N GLN IA 129 -30.08 -77.34 -66.48
CA GLN IA 129 -29.48 -76.58 -65.40
C GLN IA 129 -29.12 -75.19 -65.93
N TRP IA 130 -29.30 -74.19 -65.08
CA TRP IA 130 -29.10 -72.81 -65.51
C TRP IA 130 -27.65 -72.56 -65.88
N HIS IA 131 -27.45 -71.89 -67.00
CA HIS IA 131 -26.15 -71.38 -67.44
C HIS IA 131 -26.37 -70.01 -68.03
N PRO IA 132 -25.33 -69.15 -68.04
CA PRO IA 132 -25.53 -67.76 -68.48
C PRO IA 132 -26.00 -67.62 -69.91
N PHE IA 133 -26.09 -68.73 -70.64
CA PHE IA 133 -26.56 -68.72 -72.02
C PHE IA 133 -27.95 -69.34 -72.18
N THR IA 134 -28.62 -69.70 -71.08
CA THR IA 134 -29.91 -70.35 -71.18
C THR IA 134 -31.07 -69.36 -71.32
N ASN IA 135 -30.82 -68.06 -71.21
CA ASN IA 135 -31.86 -67.06 -71.36
C ASN IA 135 -31.46 -65.94 -72.31
N LYS IA 136 -30.33 -66.07 -73.02
CA LYS IA 136 -29.91 -65.01 -73.93
C LYS IA 136 -30.20 -65.40 -75.37
N PRO IA 137 -31.03 -64.62 -76.06
CA PRO IA 137 -31.37 -64.93 -77.45
C PRO IA 137 -30.16 -64.89 -78.36
N THR IA 138 -30.19 -65.74 -79.38
CA THR IA 138 -29.10 -65.83 -80.35
C THR IA 138 -29.34 -64.85 -81.49
N THR IA 139 -28.29 -64.13 -81.86
CA THR IA 139 -28.32 -63.19 -82.97
C THR IA 139 -28.13 -63.93 -84.29
N LEU IA 140 -28.42 -63.22 -85.38
CA LEU IA 140 -28.31 -63.81 -86.71
C LEU IA 140 -26.84 -64.04 -87.04
N GLY IA 141 -26.47 -65.30 -87.24
CA GLY IA 141 -25.11 -65.66 -87.59
C GLY IA 141 -24.16 -65.78 -86.41
N GLY IA 142 -24.63 -65.55 -85.20
CA GLY IA 142 -23.77 -65.64 -84.03
C GLY IA 142 -22.68 -64.59 -83.99
N LEU IA 143 -22.98 -63.35 -84.36
CA LEU IA 143 -21.98 -62.31 -84.40
C LEU IA 143 -21.85 -61.62 -83.04
N ARG IA 144 -20.66 -61.09 -82.79
CA ARG IA 144 -20.40 -60.30 -81.59
C ARG IA 144 -21.12 -58.96 -81.69
N PRO IA 145 -21.35 -58.29 -80.56
CA PRO IA 145 -22.13 -57.03 -80.61
C PRO IA 145 -21.56 -55.98 -81.55
N ARG IA 146 -20.24 -55.85 -81.61
CA ARG IA 146 -19.59 -54.89 -82.50
C ARG IA 146 -18.69 -55.55 -83.53
N GLU IA 147 -19.06 -56.75 -83.99
CA GLU IA 147 -18.32 -57.44 -85.04
C GLU IA 147 -19.06 -57.33 -86.35
N VAL IA 148 -18.37 -56.89 -87.40
CA VAL IA 148 -18.95 -56.70 -88.73
C VAL IA 148 -18.53 -57.87 -89.61
N GLN IA 149 -19.51 -58.48 -90.27
CA GLN IA 149 -19.26 -59.61 -91.15
C GLN IA 149 -18.97 -59.14 -92.57
N VAL JA 94 -26.59 -57.02 22.26
CA VAL JA 94 -27.12 -58.29 22.77
C VAL JA 94 -26.08 -59.38 22.66
N THR JA 95 -25.76 -60.01 23.80
CA THR JA 95 -24.76 -61.08 23.85
C THR JA 95 -25.43 -62.38 23.45
N TYR JA 96 -25.21 -62.80 22.20
CA TYR JA 96 -25.80 -64.04 21.72
C TYR JA 96 -25.16 -65.25 22.38
N PHE JA 97 -23.86 -65.19 22.67
CA PHE JA 97 -23.15 -66.28 23.35
C PHE JA 97 -22.32 -65.67 24.47
N SER JA 98 -22.60 -66.09 25.70
CA SER JA 98 -21.91 -65.55 26.86
C SER JA 98 -20.48 -66.11 26.95
N SER JA 99 -19.69 -65.50 27.83
CA SER JA 99 -18.32 -65.94 28.05
C SER JA 99 -18.22 -67.00 29.14
N ARG JA 100 -19.05 -66.90 30.19
CA ARG JA 100 -18.99 -67.86 31.28
C ARG JA 100 -19.75 -69.14 30.92
N LYS JA 101 -21.06 -69.02 30.69
CA LYS JA 101 -21.89 -70.18 30.40
C LYS JA 101 -22.13 -70.41 28.92
N GLY JA 102 -21.85 -69.42 28.07
CA GLY JA 102 -22.09 -69.57 26.65
C GLY JA 102 -23.53 -69.46 26.23
N LYS JA 103 -24.43 -69.06 27.13
CA LYS JA 103 -25.84 -68.91 26.80
C LYS JA 103 -26.08 -67.54 26.17
N ARG JA 104 -27.34 -67.19 25.97
CA ARG JA 104 -27.72 -65.91 25.38
C ARG JA 104 -28.28 -65.02 26.49
N LYS JA 105 -27.66 -63.87 26.70
CA LYS JA 105 -28.08 -62.95 27.73
C LYS JA 105 -29.22 -62.06 27.22
N THR JA 106 -29.72 -61.21 28.11
CA THR JA 106 -30.79 -60.28 27.80
C THR JA 106 -30.45 -58.90 28.35
N VAL JA 107 -31.00 -57.87 27.71
CA VAL JA 107 -30.80 -56.50 28.13
C VAL JA 107 -31.82 -56.15 29.21
N LYS JA 108 -31.34 -55.60 30.32
CA LYS JA 108 -32.21 -55.33 31.46
C LYS JA 108 -33.10 -54.11 31.26
N ALA JA 109 -32.79 -53.26 30.28
CA ALA JA 109 -33.63 -52.09 30.03
C ALA JA 109 -35.04 -52.52 29.60
N VAL JA 110 -35.13 -53.57 28.78
CA VAL JA 110 -36.44 -54.03 28.31
C VAL JA 110 -37.28 -54.52 29.48
N ILE JA 111 -36.69 -55.29 30.39
CA ILE JA 111 -37.46 -55.79 31.52
C ILE JA 111 -37.76 -54.67 32.51
N TYR JA 112 -36.94 -53.61 32.52
CA TYR JA 112 -37.20 -52.50 33.42
C TYR JA 112 -38.32 -51.60 32.92
N ARG JA 113 -38.44 -51.41 31.60
CA ARG JA 113 -39.41 -50.47 31.06
C ARG JA 113 -40.41 -51.13 30.11
N PHE JA 114 -40.64 -52.44 30.25
CA PHE JA 114 -41.59 -53.15 29.41
C PHE JA 114 -42.20 -54.30 30.19
N LEU JA 115 -43.35 -54.78 29.70
CA LEU JA 115 -44.00 -55.95 30.25
C LEU JA 115 -44.56 -56.77 29.09
N ARG JA 116 -44.27 -58.07 29.10
CA ARG JA 116 -44.71 -58.98 28.05
C ARG JA 116 -45.85 -59.84 28.56
N LEU JA 117 -46.93 -59.90 27.80
CA LEU JA 117 -48.03 -60.81 28.08
C LEU JA 117 -47.77 -62.15 27.42
N HIS JA 118 -48.38 -63.20 27.98
CA HIS JA 118 -48.18 -64.55 27.45
C HIS JA 118 -48.75 -64.71 26.06
N SER JA 119 -49.65 -63.81 25.64
CA SER JA 119 -50.21 -63.85 24.30
C SER JA 119 -49.27 -63.28 23.25
N GLY JA 120 -48.12 -62.75 23.65
CA GLY JA 120 -47.16 -62.17 22.72
C GLY JA 120 -47.14 -60.65 22.69
N LEU JA 121 -48.13 -59.99 23.29
CA LEU JA 121 -48.16 -58.54 23.31
C LEU JA 121 -47.20 -57.99 24.35
N TRP JA 122 -46.71 -56.78 24.10
CA TRP JA 122 -45.83 -56.07 25.02
C TRP JA 122 -46.51 -54.79 25.48
N LEU JA 123 -46.37 -54.50 26.78
CA LEU JA 123 -46.98 -53.34 27.40
C LEU JA 123 -45.91 -52.34 27.80
N ARG JA 124 -46.15 -51.06 27.51
CA ARG JA 124 -45.20 -50.01 27.82
C ARG JA 124 -45.96 -48.77 28.25
N ARG JA 125 -45.24 -47.84 28.89
CA ARG JA 125 -45.79 -46.57 29.30
C ARG JA 125 -45.56 -45.52 28.22
N LYS JA 126 -46.48 -44.56 28.14
CA LYS JA 126 -46.35 -43.48 27.18
C LYS JA 126 -45.18 -42.57 27.55
N ALA JA 127 -44.42 -42.17 26.55
CA ALA JA 127 -43.24 -41.34 26.75
C ALA JA 127 -43.67 -39.94 27.18
N GLY JA 128 -42.97 -39.39 28.17
CA GLY JA 128 -43.23 -38.05 28.63
C GLY JA 128 -44.42 -37.87 29.55
N TYR JA 129 -44.80 -38.90 30.30
CA TYR JA 129 -45.96 -38.80 31.19
C TYR JA 129 -45.62 -38.18 32.54
N LYS JA 130 -44.36 -37.82 32.78
CA LYS JA 130 -43.95 -37.20 34.03
C LYS JA 130 -43.21 -35.88 33.81
N LYS JA 131 -43.22 -35.34 32.59
CA LYS JA 131 -42.47 -34.13 32.27
C LYS JA 131 -43.44 -33.01 31.93
N LYS JA 132 -43.37 -31.91 32.68
CA LYS JA 132 -44.08 -30.67 32.38
C LYS JA 132 -45.59 -30.90 32.27
N LEU JA 133 -46.18 -31.33 33.40
CA LEU JA 133 -47.61 -31.58 33.44
C LEU JA 133 -48.43 -30.30 33.47
N TRP JA 134 -47.88 -29.20 34.00
CA TRP JA 134 -48.63 -27.95 34.05
C TRP JA 134 -48.81 -27.33 32.67
N LYS JA 135 -47.98 -27.71 31.70
CA LYS JA 135 -48.03 -27.12 30.37
C LYS JA 135 -48.91 -27.90 29.41
N LYS JA 136 -49.46 -29.03 29.83
CA LYS JA 136 -50.21 -29.91 28.96
C LYS JA 136 -51.68 -29.98 29.36
N THR JA 137 -52.52 -30.25 28.36
CA THR JA 137 -53.96 -30.31 28.56
C THR JA 137 -54.35 -31.59 29.30
N ALA JA 138 -55.56 -31.58 29.85
CA ALA JA 138 -56.04 -32.74 30.60
C ALA JA 138 -56.14 -33.97 29.73
N ALA JA 139 -56.64 -33.82 28.50
CA ALA JA 139 -56.69 -34.96 27.58
C ALA JA 139 -55.31 -35.49 27.26
N ARG JA 140 -54.35 -34.59 27.05
CA ARG JA 140 -52.97 -35.01 26.80
C ARG JA 140 -52.40 -35.74 27.99
N LYS JA 141 -52.67 -35.25 29.20
CA LYS JA 141 -52.18 -35.93 30.40
C LYS JA 141 -52.81 -37.30 30.56
N ARG JA 142 -54.11 -37.44 30.27
CA ARG JA 142 -54.74 -38.75 30.32
C ARG JA 142 -54.14 -39.70 29.29
N ARG JA 143 -53.87 -39.20 28.08
CA ARG JA 143 -53.22 -40.03 27.07
C ARG JA 143 -51.83 -40.47 27.52
N LEU JA 144 -51.07 -39.56 28.14
CA LEU JA 144 -49.75 -39.91 28.64
C LEU JA 144 -49.83 -40.95 29.75
N ARG JA 145 -50.80 -40.81 30.66
CA ARG JA 145 -50.93 -41.75 31.76
C ARG JA 145 -51.46 -43.11 31.31
N GLU JA 146 -52.23 -43.16 30.23
CA GLU JA 146 -52.78 -44.43 29.77
C GLU JA 146 -51.69 -45.32 29.18
N PHE JA 147 -51.86 -46.62 29.36
CA PHE JA 147 -50.94 -47.60 28.82
C PHE JA 147 -51.13 -47.75 27.31
N VAL JA 148 -50.11 -48.28 26.64
CA VAL JA 148 -50.14 -48.52 25.20
C VAL JA 148 -49.46 -49.85 24.89
N PHE JA 149 -49.72 -50.36 23.69
CA PHE JA 149 -49.14 -51.60 23.20
C PHE JA 149 -48.07 -51.30 22.16
N CYS JA 150 -47.37 -52.37 21.75
CA CYS JA 150 -46.32 -52.28 20.75
C CYS JA 150 -46.72 -53.06 19.50
N ASN JA 151 -46.20 -52.63 18.36
CA ASN JA 151 -46.53 -53.25 17.09
C ASN JA 151 -45.68 -54.49 16.88
N LYS JA 152 -45.84 -55.13 15.72
CA LYS JA 152 -45.18 -56.41 15.46
C LYS JA 152 -43.66 -56.27 15.44
N THR JA 153 -43.15 -55.22 14.80
CA THR JA 153 -41.70 -55.05 14.69
C THR JA 153 -41.06 -54.85 16.06
N GLN JA 154 -41.65 -53.97 16.87
CA GLN JA 154 -41.12 -53.75 18.22
C GLN JA 154 -41.26 -55.00 19.08
N SER JA 155 -42.37 -55.73 18.93
CA SER JA 155 -42.54 -56.96 19.68
C SER JA 155 -41.46 -57.98 19.32
N LYS JA 156 -41.17 -58.13 18.02
CA LYS JA 156 -40.12 -59.05 17.59
C LYS JA 156 -38.76 -58.60 18.10
N LEU JA 157 -38.49 -57.29 18.08
CA LEU JA 157 -37.22 -56.79 18.60
C LEU JA 157 -37.08 -57.10 20.08
N LEU JA 158 -38.14 -56.88 20.86
CA LEU JA 158 -38.10 -57.17 22.29
C LEU JA 158 -37.93 -58.67 22.54
N ASP JA 159 -38.61 -59.50 21.75
CA ASP JA 159 -38.46 -60.94 21.91
C ASP JA 159 -37.03 -61.38 21.60
N LYS JA 160 -36.41 -60.82 20.56
CA LYS JA 160 -35.03 -61.14 20.24
C LYS JA 160 -34.10 -60.69 21.36
N MET JA 161 -34.32 -59.50 21.91
CA MET JA 161 -33.45 -58.96 22.95
C MET JA 161 -33.65 -59.61 24.31
N THR JA 162 -34.79 -60.28 24.53
CA THR JA 162 -35.06 -60.93 25.81
C THR JA 162 -34.92 -62.45 25.66
N THR JA 163 -34.57 -63.10 26.77
CA THR JA 163 -34.45 -64.54 26.78
C THR JA 163 -35.82 -65.19 26.95
N SER JA 164 -35.86 -66.52 26.84
CA SER JA 164 -37.09 -67.28 26.97
C SER JA 164 -37.63 -67.33 28.38
N PHE JA 165 -36.82 -66.92 29.38
CA PHE JA 165 -37.31 -66.91 30.75
C PHE JA 165 -38.47 -65.95 30.93
N TRP JA 166 -38.41 -64.77 30.30
CA TRP JA 166 -39.46 -63.77 30.44
C TRP JA 166 -40.69 -64.08 29.59
N LYS JA 167 -40.61 -65.08 28.72
CA LYS JA 167 -41.74 -65.50 27.90
C LYS JA 167 -42.53 -66.64 28.53
N ARG JA 168 -42.19 -67.03 29.75
CA ARG JA 168 -42.86 -68.11 30.43
C ARG JA 168 -44.25 -67.67 30.92
N ARG JA 169 -45.03 -68.63 31.38
CA ARG JA 169 -46.34 -68.36 31.95
C ARG JA 169 -46.21 -68.20 33.45
N ASN JA 170 -46.56 -67.03 33.96
CA ASN JA 170 -46.42 -66.71 35.38
C ASN JA 170 -47.81 -66.57 35.99
N TRP JA 171 -47.99 -67.19 37.16
CA TRP JA 171 -49.24 -67.11 37.91
C TRP JA 171 -48.95 -66.41 39.24
N TYR JA 172 -48.98 -65.08 39.21
CA TYR JA 172 -48.72 -64.29 40.41
C TYR JA 172 -50.00 -64.15 41.23
N ALA JA 173 -49.82 -64.08 42.55
CA ALA JA 173 -50.95 -63.89 43.46
C ALA JA 173 -51.45 -62.45 43.33
N ASP JA 174 -52.76 -62.30 43.11
CA ASP JA 174 -53.38 -60.99 42.91
C ASP JA 174 -52.70 -60.24 41.77
N ASP JA 175 -52.46 -60.95 40.67
CA ASP JA 175 -51.82 -60.33 39.51
C ASP JA 175 -52.84 -59.54 38.71
N PRO JA 176 -52.66 -58.22 38.58
CA PRO JA 176 -53.64 -57.43 37.80
C PRO JA 176 -53.71 -57.83 36.34
N TYR JA 177 -52.61 -58.30 35.76
CA TYR JA 177 -52.55 -58.59 34.33
C TYR JA 177 -52.85 -60.05 34.00
N GLN JA 178 -53.22 -60.85 35.00
CA GLN JA 178 -53.57 -62.25 34.75
C GLN JA 178 -54.77 -62.35 33.81
N LYS JA 179 -55.71 -61.40 33.91
CA LYS JA 179 -56.83 -61.37 32.99
C LYS JA 179 -56.38 -61.10 31.55
N TYR JA 180 -55.40 -60.23 31.37
CA TYR JA 180 -54.90 -59.87 30.06
C TYR JA 180 -53.82 -60.80 29.54
N GLN JA 181 -53.43 -61.81 30.33
CA GLN JA 181 -52.37 -62.71 29.89
C GLN JA 181 -52.74 -63.44 28.61
N ASP JA 182 -53.99 -63.89 28.49
CA ASP JA 182 -54.43 -64.68 27.35
C ASP JA 182 -55.20 -63.81 26.36
N ARG JA 183 -55.45 -64.37 25.18
CA ARG JA 183 -56.19 -63.71 24.12
C ARG JA 183 -57.45 -64.51 23.80
N THR JA 184 -58.54 -63.80 23.55
CA THR JA 184 -59.82 -64.43 23.26
C THR JA 184 -60.44 -63.83 22.00
N ASN JA 185 -61.17 -64.67 21.27
CA ASN JA 185 -61.89 -64.26 20.06
C ASN JA 185 -60.96 -63.60 19.04
N LEU JA 186 -59.81 -64.23 18.80
CA LEU JA 186 -58.85 -63.77 17.81
C LEU JA 186 -59.12 -64.54 16.53
N LYS JA 187 -59.95 -63.96 15.66
CA LYS JA 187 -60.33 -64.60 14.40
C LYS JA 187 -59.37 -64.14 13.32
N VAL JA 188 -58.28 -64.90 13.15
CA VAL JA 188 -57.26 -64.57 12.16
C VAL JA 188 -57.01 -65.78 11.25
N ALA KA 31 -0.03 -87.54 -2.75
CA ALA KA 31 -0.84 -88.74 -2.87
C ALA KA 31 -2.32 -88.44 -2.71
N LYS KA 32 -3.06 -88.48 -3.81
CA LYS KA 32 -4.49 -88.25 -3.81
C LYS KA 32 -5.21 -89.58 -3.64
N LYS KA 33 -5.96 -89.70 -2.56
CA LYS KA 33 -6.68 -90.94 -2.26
C LYS KA 33 -7.90 -91.05 -3.15
N GLY KA 34 -7.93 -92.05 -4.02
CA GLY KA 34 -9.04 -92.25 -4.92
C GLY KA 34 -8.77 -93.31 -5.98
N PHE KA 35 -9.83 -93.97 -6.45
CA PHE KA 35 -9.71 -95.00 -7.48
C PHE KA 35 -10.45 -94.65 -8.77
N ARG KA 36 -11.51 -93.84 -8.69
CA ARG KA 36 -12.24 -93.46 -9.89
C ARG KA 36 -11.36 -92.68 -10.86
N ALA KA 37 -10.60 -91.71 -10.33
CA ALA KA 37 -9.70 -90.94 -11.19
C ALA KA 37 -8.63 -91.82 -11.81
N ALA KA 38 -8.08 -92.75 -11.03
CA ALA KA 38 -7.07 -93.65 -11.57
C ALA KA 38 -7.64 -94.53 -12.68
N TYR KA 39 -8.84 -95.05 -12.48
CA TYR KA 39 -9.44 -95.91 -13.52
C TYR KA 39 -9.78 -95.10 -14.77
N ARG KA 40 -10.27 -93.87 -14.60
CA ARG KA 40 -10.56 -93.03 -15.74
C ARG KA 40 -9.29 -92.69 -16.51
N PHE KA 41 -8.20 -92.42 -15.79
CA PHE KA 41 -6.94 -92.14 -16.46
C PHE KA 41 -6.38 -93.40 -17.13
N GLN KA 42 -6.65 -94.57 -16.58
CA GLN KA 42 -6.26 -95.81 -17.26
C GLN KA 42 -7.04 -95.96 -18.56
N LYS KA 43 -8.33 -95.64 -18.55
CA LYS KA 43 -9.11 -95.64 -19.78
C LYS KA 43 -8.54 -94.66 -20.80
N GLU KA 44 -8.16 -93.48 -20.33
CA GLU KA 44 -7.54 -92.49 -21.22
C GLU KA 44 -6.22 -92.99 -21.79
N LEU KA 45 -5.40 -93.66 -20.97
CA LEU KA 45 -4.15 -94.22 -21.45
C LEU KA 45 -4.39 -95.30 -22.49
N GLU KA 46 -5.39 -96.15 -22.27
CA GLU KA 46 -5.73 -97.16 -23.27
C GLU KA 46 -6.17 -96.50 -24.57
N ARG KA 47 -6.96 -95.43 -24.48
CA ARG KA 47 -7.38 -94.70 -25.68
C ARG KA 47 -6.18 -94.11 -26.42
N TRP KA 48 -5.25 -93.51 -25.67
CA TRP KA 48 -4.06 -92.92 -26.29
C TRP KA 48 -3.21 -94.00 -26.95
N ARG KA 49 -3.05 -95.15 -26.30
CA ARG KA 49 -2.29 -96.25 -26.89
C ARG KA 49 -2.96 -96.75 -28.16
N LEU KA 50 -4.30 -96.87 -28.14
CA LEU KA 50 -5.02 -97.30 -29.33
C LEU KA 50 -4.83 -96.30 -30.47
N LEU KA 51 -4.87 -95.00 -30.17
CA LEU KA 51 -4.64 -93.99 -31.19
C LEU KA 51 -3.21 -94.06 -31.74
N ARG KA 52 -2.23 -94.26 -30.85
CA ARG KA 52 -0.83 -94.27 -31.28
C ARG KA 52 -0.52 -95.47 -32.16
N CYS KA 53 -0.91 -96.66 -31.71
CA CYS KA 53 -0.66 -97.88 -32.48
C CYS KA 53 -1.99 -98.58 -32.79
N PRO KA 54 -2.55 -98.41 -33.98
CA PRO KA 54 -3.80 -99.09 -34.32
C PRO KA 54 -3.58 -100.58 -34.48
N PRO KA 55 -4.37 -101.40 -33.80
CA PRO KA 55 -4.22 -102.85 -33.92
C PRO KA 55 -4.73 -103.33 -35.27
N PRO KA 56 -4.23 -104.47 -35.76
CA PRO KA 56 -4.76 -105.03 -37.00
C PRO KA 56 -6.21 -105.43 -36.83
N PRO KA 57 -7.02 -105.33 -37.88
CA PRO KA 57 -8.44 -105.72 -37.78
C PRO KA 57 -8.57 -107.18 -37.36
N VAL KA 58 -9.54 -107.44 -36.49
CA VAL KA 58 -9.77 -108.79 -35.99
C VAL KA 58 -11.15 -109.25 -36.45
N ARG KA 59 -11.34 -110.57 -36.45
CA ARG KA 59 -12.57 -111.16 -36.96
C ARG KA 59 -13.72 -110.97 -35.98
N ARG KA 60 -14.90 -110.69 -36.54
CA ARG KA 60 -16.09 -110.55 -35.70
C ARG KA 60 -16.42 -111.86 -35.00
N SER KA 61 -16.20 -113.00 -35.67
CA SER KA 61 -16.37 -114.28 -35.01
C SER KA 61 -15.38 -114.46 -33.87
N GLU KA 62 -14.13 -114.04 -34.07
CA GLU KA 62 -13.13 -114.09 -33.02
C GLU KA 62 -13.43 -113.15 -31.87
N LYS KA 63 -14.20 -112.09 -32.10
CA LYS KA 63 -14.64 -111.24 -31.01
C LYS KA 63 -15.59 -112.02 -30.09
N PRO KA 64 -15.69 -111.63 -28.81
CA PRO KA 64 -16.42 -112.49 -27.85
C PRO KA 64 -17.89 -112.71 -28.20
N ASN KA 65 -18.66 -111.64 -28.38
CA ASN KA 65 -20.10 -111.76 -28.63
C ASN KA 65 -20.29 -112.24 -30.06
N TRP KA 66 -20.53 -113.54 -30.24
CA TRP KA 66 -20.73 -114.10 -31.56
C TRP KA 66 -21.48 -115.42 -31.45
N ASP KA 67 -22.39 -115.65 -32.40
CA ASP KA 67 -23.11 -116.91 -32.49
C ASP KA 67 -23.46 -117.11 -33.96
N TYR KA 68 -22.81 -118.07 -34.61
CA TYR KA 68 -22.89 -118.19 -36.07
C TYR KA 68 -24.30 -118.50 -36.53
N HIS KA 69 -25.00 -119.40 -35.84
CA HIS KA 69 -26.36 -119.76 -36.25
C HIS KA 69 -27.30 -118.57 -36.12
N ALA KA 70 -27.19 -117.83 -35.01
CA ALA KA 70 -28.02 -116.64 -34.84
C ALA KA 70 -27.70 -115.58 -35.89
N GLU KA 71 -26.42 -115.42 -36.24
CA GLU KA 71 -26.06 -114.47 -37.29
C GLU KA 71 -26.63 -114.88 -38.63
N ILE KA 72 -26.59 -116.19 -38.94
CA ILE KA 72 -27.16 -116.66 -40.20
C ILE KA 72 -28.66 -116.41 -40.25
N GLN KA 73 -29.35 -116.72 -39.14
CA GLN KA 73 -30.79 -116.49 -39.09
C GLN KA 73 -31.13 -115.01 -39.23
N ALA KA 74 -30.36 -114.15 -38.56
CA ALA KA 74 -30.61 -112.72 -38.65
C ALA KA 74 -30.36 -112.19 -40.07
N PHE KA 75 -29.30 -112.69 -40.71
CA PHE KA 75 -29.04 -112.29 -42.10
C PHE KA 75 -30.16 -112.74 -43.02
N GLY KA 76 -30.70 -113.94 -42.80
CA GLY KA 76 -31.82 -114.39 -43.59
C GLY KA 76 -33.06 -113.56 -43.38
N HIS KA 77 -33.36 -113.21 -42.13
CA HIS KA 77 -34.59 -112.49 -41.83
C HIS KA 77 -34.51 -111.00 -42.18
N ARG KA 78 -33.32 -110.40 -42.14
CA ARG KA 78 -33.20 -108.97 -42.35
C ARG KA 78 -33.47 -108.55 -43.79
N LEU KA 79 -33.36 -109.48 -44.74
CA LEU KA 79 -33.54 -109.18 -46.15
C LEU KA 79 -34.95 -109.49 -46.63
N GLN KA 80 -35.86 -109.82 -45.72
CA GLN KA 80 -37.22 -110.23 -46.07
C GLN KA 80 -37.21 -111.42 -47.04
N GLU KA 81 -36.28 -112.35 -46.81
CA GLU KA 81 -36.10 -113.51 -47.66
C GLU KA 81 -36.14 -114.77 -46.81
N THR KA 82 -36.39 -115.90 -47.48
CA THR KA 82 -36.47 -117.22 -46.83
C THR KA 82 -35.42 -118.11 -47.47
N PHE KA 83 -34.22 -118.13 -46.88
CA PHE KA 83 -33.14 -118.97 -47.37
C PHE KA 83 -33.20 -120.35 -46.73
N SER KA 84 -32.25 -121.19 -47.12
CA SER KA 84 -32.04 -122.49 -46.48
C SER KA 84 -30.76 -122.41 -45.67
N LEU KA 85 -30.82 -122.90 -44.42
CA LEU KA 85 -29.66 -122.80 -43.54
C LEU KA 85 -28.48 -123.61 -44.08
N ASP KA 86 -28.73 -124.81 -44.58
CA ASP KA 86 -27.66 -125.62 -45.15
C ASP KA 86 -27.05 -124.95 -46.37
N LEU KA 87 -27.88 -124.36 -47.23
CA LEU KA 87 -27.37 -123.68 -48.41
C LEU KA 87 -26.53 -122.46 -48.03
N LEU KA 88 -26.98 -121.70 -47.02
CA LEU KA 88 -26.19 -120.55 -46.58
C LEU KA 88 -24.86 -120.98 -45.97
N LYS KA 89 -24.85 -122.05 -45.17
CA LYS KA 89 -23.61 -122.54 -44.61
C LYS KA 89 -22.68 -123.05 -45.71
N THR KA 90 -23.24 -123.69 -46.74
CA THR KA 90 -22.43 -124.11 -47.89
C THR KA 90 -21.85 -122.91 -48.62
N ALA KA 91 -22.63 -121.84 -48.77
CA ALA KA 91 -22.17 -120.67 -49.51
C ALA KA 91 -21.15 -119.85 -48.74
N PHE KA 92 -21.19 -119.89 -47.40
CA PHE KA 92 -20.35 -119.03 -46.60
C PHE KA 92 -18.98 -119.62 -46.27
N VAL KA 93 -18.65 -120.80 -46.80
CA VAL KA 93 -17.34 -121.39 -46.64
C VAL KA 93 -16.51 -121.13 -47.89
N ASN KA 94 -15.19 -121.12 -47.75
CA ASN KA 94 -14.30 -120.77 -48.84
C ASN KA 94 -13.15 -121.76 -48.94
N SER KA 95 -12.60 -121.86 -50.15
CA SER KA 95 -11.51 -122.79 -50.42
C SER KA 95 -10.25 -122.41 -49.63
N CYS KA 96 -9.97 -121.12 -49.51
CA CYS KA 96 -8.82 -120.69 -48.71
C CYS KA 96 -9.01 -121.09 -47.25
N TYR KA 97 -10.23 -120.93 -46.73
CA TYR KA 97 -10.51 -121.35 -45.36
C TYR KA 97 -10.32 -122.85 -45.20
N ILE KA 98 -10.80 -123.63 -46.17
CA ILE KA 98 -10.64 -125.08 -46.11
C ILE KA 98 -9.17 -125.47 -46.12
N LYS KA 99 -8.38 -124.82 -46.99
CA LYS KA 99 -6.95 -125.12 -47.05
C LYS KA 99 -6.24 -124.73 -45.76
N SER KA 100 -6.61 -123.59 -45.17
CA SER KA 100 -6.02 -123.20 -43.89
C SER KA 100 -6.36 -124.21 -42.79
N GLU KA 101 -7.61 -124.67 -42.76
CA GLU KA 101 -7.99 -125.67 -41.77
C GLU KA 101 -7.24 -126.98 -41.98
N GLU KA 102 -7.06 -127.38 -43.23
CA GLU KA 102 -6.30 -128.60 -43.52
C GLU KA 102 -4.83 -128.44 -43.12
N ALA KA 103 -4.24 -127.26 -43.35
CA ALA KA 103 -2.87 -127.02 -42.93
C ALA KA 103 -2.75 -127.08 -41.41
N LYS KA 104 -3.72 -126.51 -40.69
CA LYS KA 104 -3.72 -126.61 -39.24
C LYS KA 104 -3.87 -128.06 -38.79
N ARG KA 105 -4.72 -128.83 -39.47
CA ARG KA 105 -4.90 -130.23 -39.16
C ARG KA 105 -3.60 -131.01 -39.32
N GLN KA 106 -2.90 -130.77 -40.44
CA GLN KA 106 -1.62 -131.45 -40.67
C GLN KA 106 -0.57 -131.02 -39.66
N LYS KA 107 -0.55 -129.74 -39.29
CA LYS KA 107 0.42 -129.27 -38.32
C LYS KA 107 0.15 -129.82 -36.93
N LEU KA 108 -1.11 -130.02 -36.57
CA LEU KA 108 -1.46 -130.52 -35.25
C LEU KA 108 -1.41 -132.05 -35.14
N GLY KA 109 -1.62 -132.76 -36.24
CA GLY KA 109 -1.55 -134.22 -36.20
C GLY KA 109 -2.83 -134.90 -35.77
N ILE KA 110 -3.98 -134.30 -36.02
CA ILE KA 110 -5.27 -134.89 -35.69
C ILE KA 110 -5.97 -135.26 -36.99
N ASP KA 111 -6.90 -136.21 -36.89
CA ASP KA 111 -7.67 -136.69 -38.04
C ASP KA 111 -8.94 -135.87 -38.16
N LYS KA 112 -9.09 -135.18 -39.29
CA LYS KA 112 -10.29 -134.38 -39.57
C LYS KA 112 -10.93 -134.73 -40.90
N GLU KA 113 -10.47 -135.80 -41.56
CA GLU KA 113 -10.98 -136.13 -42.89
C GLU KA 113 -12.46 -136.52 -42.87
N ALA KA 114 -12.99 -136.88 -41.71
CA ALA KA 114 -14.39 -137.31 -41.63
C ALA KA 114 -15.35 -136.14 -41.85
N ALA KA 115 -15.07 -134.99 -41.24
CA ALA KA 115 -15.97 -133.85 -41.31
C ALA KA 115 -15.42 -132.68 -42.09
N LEU KA 116 -14.10 -132.45 -42.08
CA LEU KA 116 -13.55 -131.28 -42.77
C LEU KA 116 -13.61 -131.43 -44.28
N LEU KA 117 -13.55 -132.66 -44.79
CA LEU KA 117 -13.58 -132.88 -46.22
C LEU KA 117 -14.98 -132.74 -46.83
N ASN KA 118 -16.02 -132.73 -45.99
CA ASN KA 118 -17.41 -132.65 -46.47
C ASN KA 118 -17.97 -131.24 -46.30
N LEU KA 119 -17.14 -130.22 -46.44
CA LEU KA 119 -17.60 -128.85 -46.28
C LEU KA 119 -18.38 -128.34 -47.50
N LYS KA 120 -18.24 -129.00 -48.65
CA LYS KA 120 -19.00 -128.67 -49.85
C LYS KA 120 -18.76 -127.22 -50.27
N ASP KA 121 -17.56 -126.99 -50.80
CA ASP KA 121 -17.12 -125.66 -51.22
C ASP KA 121 -18.18 -124.98 -52.08
N ASN KA 122 -18.25 -123.66 -51.98
CA ASN KA 122 -19.27 -122.86 -52.63
C ASN KA 122 -18.91 -122.48 -54.06
N GLN KA 123 -18.03 -123.24 -54.71
CA GLN KA 123 -17.65 -122.92 -56.08
C GLN KA 123 -18.85 -123.01 -57.02
N GLU KA 124 -19.63 -124.09 -56.90
CA GLU KA 124 -20.80 -124.26 -57.76
C GLU KA 124 -21.84 -123.18 -57.50
N LEU KA 125 -22.09 -122.86 -56.22
CA LEU KA 125 -23.06 -121.82 -55.89
C LEU KA 125 -22.60 -120.47 -56.43
N SER KA 126 -21.32 -120.16 -56.29
CA SER KA 126 -20.80 -118.89 -56.80
C SER KA 126 -20.92 -118.81 -58.31
N GLU KA 127 -20.59 -119.89 -59.02
CA GLU KA 127 -20.71 -119.88 -60.48
C GLU KA 127 -22.16 -119.71 -60.91
N GLN KA 128 -23.08 -120.43 -60.26
CA GLN KA 128 -24.50 -120.29 -60.60
C GLN KA 128 -24.99 -118.87 -60.31
N GLY KA 129 -24.56 -118.29 -59.19
CA GLY KA 129 -24.95 -116.93 -58.88
C GLY KA 129 -24.42 -115.93 -59.89
N ILE KA 130 -23.16 -116.09 -60.30
CA ILE KA 130 -22.58 -115.20 -61.29
C ILE KA 130 -23.36 -115.29 -62.61
N SER KA 131 -23.62 -116.51 -63.07
CA SER KA 131 -24.32 -116.69 -64.33
C SER KA 131 -25.73 -116.11 -64.27
N PHE KA 132 -26.47 -116.43 -63.21
CA PHE KA 132 -27.83 -115.94 -63.10
C PHE KA 132 -27.87 -114.42 -62.98
N SER KA 133 -26.96 -113.84 -62.19
CA SER KA 133 -26.94 -112.39 -62.04
C SER KA 133 -26.61 -111.70 -63.36
N GLN KA 134 -25.63 -112.22 -64.10
CA GLN KA 134 -25.29 -111.62 -65.39
C GLN KA 134 -26.46 -111.70 -66.35
N THR KA 135 -27.11 -112.87 -66.42
CA THR KA 135 -28.24 -113.03 -67.34
C THR KA 135 -29.39 -112.10 -66.94
N CYS KA 136 -29.69 -112.02 -65.64
CA CYS KA 136 -30.81 -111.21 -65.19
C CYS KA 136 -30.55 -109.73 -65.41
N LEU KA 137 -29.31 -109.27 -65.14
CA LEU KA 137 -28.98 -107.88 -65.39
C LEU KA 137 -29.03 -107.55 -66.88
N THR KA 138 -28.53 -108.47 -67.73
CA THR KA 138 -28.60 -108.25 -69.16
C THR KA 138 -30.05 -108.14 -69.63
N GLN KA 139 -30.92 -109.03 -69.15
CA GLN KA 139 -32.32 -108.97 -69.53
C GLN KA 139 -32.98 -107.68 -69.03
N PHE KA 140 -32.67 -107.28 -67.80
CA PHE KA 140 -33.23 -106.05 -67.25
C PHE KA 140 -32.85 -104.86 -68.09
N PHE KA 141 -31.56 -104.75 -68.42
CA PHE KA 141 -31.11 -103.60 -69.22
C PHE KA 141 -31.65 -103.64 -70.64
N GLU KA 142 -31.80 -104.85 -71.21
CA GLU KA 142 -32.37 -104.94 -72.55
C GLU KA 142 -33.84 -104.50 -72.56
N ASP KA 143 -34.62 -104.90 -71.55
CA ASP KA 143 -36.02 -104.48 -71.54
C ASP KA 143 -36.18 -103.01 -71.14
N ALA KA 144 -35.23 -102.47 -70.36
CA ALA KA 144 -35.35 -101.08 -69.94
C ALA KA 144 -34.89 -100.12 -71.03
N PHE KA 145 -33.75 -100.40 -71.65
CA PHE KA 145 -33.17 -99.55 -72.68
C PHE KA 145 -32.94 -100.37 -73.94
N PRO KA 146 -33.95 -100.51 -74.81
CA PRO KA 146 -33.76 -101.31 -76.03
C PRO KA 146 -32.71 -100.75 -76.96
N ASP KA 147 -32.41 -99.46 -76.90
CA ASP KA 147 -31.45 -98.83 -77.81
C ASP KA 147 -30.00 -99.00 -77.38
N LEU KA 148 -29.76 -99.53 -76.18
CA LEU KA 148 -28.39 -99.74 -75.74
C LEU KA 148 -27.72 -100.84 -76.57
N PRO KA 149 -26.51 -100.60 -77.06
CA PRO KA 149 -25.83 -101.63 -77.86
C PRO KA 149 -25.33 -102.78 -76.99
N THR KA 150 -24.87 -103.82 -77.66
CA THR KA 150 -24.38 -105.00 -76.95
C THR KA 150 -23.16 -104.66 -76.10
N GLU KA 151 -22.23 -103.88 -76.64
CA GLU KA 151 -21.07 -103.47 -75.85
C GLU KA 151 -21.48 -102.62 -74.66
N GLY KA 152 -22.45 -101.73 -74.85
CA GLY KA 152 -22.90 -100.90 -73.75
C GLY KA 152 -23.53 -101.72 -72.63
N VAL KA 153 -24.43 -102.64 -72.99
CA VAL KA 153 -25.08 -103.45 -71.97
C VAL KA 153 -24.08 -104.39 -71.30
N THR KA 154 -23.10 -104.91 -72.05
CA THR KA 154 -22.06 -105.73 -71.44
C THR KA 154 -21.23 -104.92 -70.45
N SER KA 155 -20.89 -103.68 -70.82
CA SER KA 155 -20.15 -102.82 -69.90
C SER KA 155 -20.96 -102.52 -68.65
N LEU KA 156 -22.26 -102.29 -68.81
CA LEU KA 156 -23.13 -102.04 -67.65
C LEU KA 156 -23.16 -103.26 -66.73
N VAL KA 157 -23.31 -104.45 -67.30
CA VAL KA 157 -23.35 -105.67 -66.50
C VAL KA 157 -22.03 -105.88 -65.78
N ASP KA 158 -20.92 -105.67 -66.48
CA ASP KA 158 -19.61 -105.82 -65.86
C ASP KA 158 -19.38 -104.81 -64.76
N PHE KA 159 -19.86 -103.58 -64.93
CA PHE KA 159 -19.75 -102.58 -63.87
C PHE KA 159 -20.57 -102.99 -62.66
N LEU KA 160 -21.79 -103.50 -62.88
CA LEU KA 160 -22.62 -103.91 -61.75
C LEU KA 160 -22.06 -105.13 -61.04
N THR KA 161 -21.39 -106.01 -61.76
CA THR KA 161 -20.79 -107.21 -61.18
C THR KA 161 -19.31 -107.05 -60.87
N SER KA 162 -18.79 -105.82 -60.95
CA SER KA 162 -17.38 -105.59 -60.74
C SER KA 162 -17.02 -105.77 -59.26
N GLU KA 163 -15.71 -105.77 -58.98
CA GLU KA 163 -15.27 -106.00 -57.61
C GLU KA 163 -15.72 -104.89 -56.67
N GLU KA 164 -15.63 -103.64 -57.10
CA GLU KA 164 -15.90 -102.52 -56.19
C GLU KA 164 -17.35 -102.52 -55.71
N VAL KA 165 -18.31 -102.59 -56.65
CA VAL KA 165 -19.72 -102.50 -56.28
C VAL KA 165 -20.14 -103.70 -55.45
N VAL KA 166 -19.76 -104.90 -55.88
CA VAL KA 166 -20.15 -106.11 -55.17
C VAL KA 166 -19.54 -106.13 -53.77
N CYS KA 167 -18.27 -105.76 -53.65
CA CYS KA 167 -17.62 -105.73 -52.34
C CYS KA 167 -18.27 -104.69 -51.43
N HIS KA 168 -18.61 -103.52 -51.97
CA HIS KA 168 -19.30 -102.51 -51.16
C HIS KA 168 -20.64 -103.02 -50.67
N VAL KA 169 -21.40 -103.69 -51.55
CA VAL KA 169 -22.70 -104.22 -51.15
C VAL KA 169 -22.53 -105.30 -50.08
N ALA KA 170 -21.56 -106.19 -50.26
CA ALA KA 170 -21.33 -107.25 -49.28
C ALA KA 170 -20.90 -106.70 -47.94
N ARG KA 171 -20.02 -105.68 -47.94
CA ARG KA 171 -19.60 -105.07 -46.70
C ARG KA 171 -20.75 -104.36 -46.00
N ASN KA 172 -21.62 -103.69 -46.76
CA ASN KA 172 -22.77 -103.04 -46.16
C ASN KA 172 -23.81 -104.05 -45.66
N LEU KA 173 -23.86 -105.23 -46.27
CA LEU KA 173 -24.76 -106.29 -45.83
C LEU KA 173 -24.11 -107.24 -44.82
N ALA KA 174 -22.88 -106.96 -44.41
CA ALA KA 174 -22.15 -107.75 -43.42
C ALA KA 174 -21.87 -109.17 -43.91
N VAL KA 175 -21.79 -109.34 -45.23
CA VAL KA 175 -21.40 -110.65 -45.77
C VAL KA 175 -19.95 -110.97 -45.41
N GLU KA 176 -19.09 -109.95 -45.33
CA GLU KA 176 -17.70 -110.18 -44.98
C GLU KA 176 -17.55 -110.78 -43.58
N GLN KA 177 -18.33 -110.31 -42.61
CA GLN KA 177 -18.26 -110.86 -41.27
C GLN KA 177 -18.73 -112.31 -41.21
N LEU KA 178 -19.75 -112.66 -42.00
CA LEU KA 178 -20.28 -114.02 -41.99
C LEU KA 178 -19.54 -114.96 -42.92
N ALA KA 179 -18.62 -114.46 -43.73
CA ALA KA 179 -17.87 -115.30 -44.66
C ALA KA 179 -16.74 -116.01 -43.92
N LEU KA 180 -16.73 -117.34 -43.98
CA LEU KA 180 -15.68 -118.13 -43.35
C LEU KA 180 -14.49 -118.19 -44.31
N SER KA 181 -13.46 -117.40 -44.01
CA SER KA 181 -12.27 -117.36 -44.86
C SER KA 181 -11.12 -116.77 -44.06
N ALA KA 182 -9.91 -117.26 -44.36
CA ALA KA 182 -8.71 -116.67 -43.78
C ALA KA 182 -8.47 -115.29 -44.39
N GLU KA 183 -7.50 -114.58 -43.83
CA GLU KA 183 -7.15 -113.23 -44.28
C GLU KA 183 -8.37 -112.31 -44.17
N PHE KA 184 -8.74 -112.04 -42.91
CA PHE KA 184 -9.91 -111.27 -42.50
C PHE KA 184 -10.19 -110.04 -43.37
N PRO KA 185 -9.17 -109.34 -43.90
CA PRO KA 185 -9.46 -108.37 -44.96
C PRO KA 185 -10.35 -108.90 -46.08
N VAL KA 186 -10.30 -110.20 -46.37
CA VAL KA 186 -11.17 -110.84 -47.36
C VAL KA 186 -11.04 -110.12 -48.70
N PRO KA 187 -9.98 -110.39 -49.47
CA PRO KA 187 -9.73 -109.67 -50.73
C PRO KA 187 -10.96 -109.65 -51.62
N PRO KA 188 -11.00 -108.70 -52.57
CA PRO KA 188 -12.20 -108.51 -53.41
C PRO KA 188 -12.60 -109.77 -54.15
N PRO KA 189 -11.67 -110.58 -54.67
CA PRO KA 189 -12.13 -111.84 -55.30
C PRO KA 189 -12.87 -112.75 -54.35
N VAL KA 190 -12.40 -112.89 -53.11
CA VAL KA 190 -13.07 -113.73 -52.13
C VAL KA 190 -14.43 -113.14 -51.76
N LEU KA 191 -14.49 -111.81 -51.59
CA LEU KA 191 -15.76 -111.17 -51.27
C LEU KA 191 -16.78 -111.38 -52.38
N ARG KA 192 -16.36 -111.21 -53.65
CA ARG KA 192 -17.27 -111.39 -54.76
C ARG KA 192 -17.72 -112.85 -54.87
N GLN KA 193 -16.80 -113.79 -54.66
CA GLN KA 193 -17.17 -115.20 -54.69
C GLN KA 193 -18.20 -115.52 -53.62
N THR KA 194 -18.00 -115.01 -52.40
CA THR KA 194 -18.97 -115.27 -51.33
C THR KA 194 -20.31 -114.63 -51.64
N PHE KA 195 -20.31 -113.40 -52.15
CA PHE KA 195 -21.57 -112.73 -52.45
C PHE KA 195 -22.35 -113.48 -53.53
N PHE KA 196 -21.66 -113.91 -54.59
CA PHE KA 196 -22.37 -114.64 -55.64
C PHE KA 196 -22.75 -116.05 -55.20
N ALA KA 197 -22.01 -116.65 -54.27
CA ALA KA 197 -22.46 -117.91 -53.69
C ALA KA 197 -23.75 -117.72 -52.90
N VAL KA 198 -23.85 -116.62 -52.15
CA VAL KA 198 -25.10 -116.31 -51.46
C VAL KA 198 -26.22 -116.09 -52.47
N ILE KA 199 -25.91 -115.40 -53.58
CA ILE KA 199 -26.92 -115.18 -54.61
C ILE KA 199 -27.40 -116.51 -55.19
N GLY KA 200 -26.47 -117.43 -55.47
CA GLY KA 200 -26.86 -118.73 -55.99
C GLY KA 200 -27.66 -119.54 -54.99
N ALA KA 201 -27.31 -119.45 -53.71
CA ALA KA 201 -28.09 -120.12 -52.68
C ALA KA 201 -29.52 -119.56 -52.62
N LEU KA 202 -29.65 -118.25 -52.73
CA LEU KA 202 -30.98 -117.65 -52.79
C LEU KA 202 -31.75 -118.13 -54.01
N LEU KA 203 -31.06 -118.23 -55.15
CA LEU KA 203 -31.73 -118.70 -56.36
C LEU KA 203 -32.22 -120.14 -56.19
N GLN KA 204 -31.41 -120.99 -55.58
CA GLN KA 204 -31.80 -122.38 -55.38
C GLN KA 204 -32.92 -122.51 -54.34
N SER KA 205 -32.90 -121.68 -53.30
CA SER KA 205 -33.90 -121.78 -52.25
C SER KA 205 -35.23 -121.17 -52.68
N SER KA 206 -35.25 -119.88 -52.97
CA SER KA 206 -36.46 -119.19 -53.36
C SER KA 206 -36.65 -119.27 -54.87
N GLY KA 207 -37.62 -118.51 -55.38
CA GLY KA 207 -37.92 -118.52 -56.79
C GLY KA 207 -37.03 -117.60 -57.60
N PRO KA 208 -36.93 -117.87 -58.90
CA PRO KA 208 -36.16 -116.97 -59.78
C PRO KA 208 -36.68 -115.55 -59.78
N GLU KA 209 -38.00 -115.36 -59.69
CA GLU KA 209 -38.56 -114.02 -59.63
C GLU KA 209 -38.11 -113.30 -58.36
N ARG KA 210 -38.13 -114.00 -57.23
CA ARG KA 210 -37.67 -113.39 -55.98
C ARG KA 210 -36.19 -113.06 -56.03
N THR KA 211 -35.39 -113.95 -56.64
CA THR KA 211 -33.97 -113.66 -56.81
C THR KA 211 -33.75 -112.45 -57.71
N ALA KA 212 -34.54 -112.32 -58.77
CA ALA KA 212 -34.44 -111.16 -59.64
C ALA KA 212 -34.81 -109.89 -58.90
N LEU KA 213 -35.85 -109.95 -58.07
CA LEU KA 213 -36.22 -108.78 -57.27
C LEU KA 213 -35.10 -108.39 -56.31
N PHE KA 214 -34.48 -109.38 -55.67
CA PHE KA 214 -33.35 -109.10 -54.77
C PHE KA 214 -32.19 -108.46 -55.53
N ILE KA 215 -31.88 -108.99 -56.71
CA ILE KA 215 -30.80 -108.43 -57.52
C ILE KA 215 -31.13 -106.98 -57.90
N ARG KA 216 -32.37 -106.74 -58.32
CA ARG KA 216 -32.78 -105.38 -58.66
C ARG KA 216 -32.67 -104.43 -57.47
N ASP KA 217 -33.07 -104.87 -56.29
CA ASP KA 217 -33.05 -104.02 -55.11
C ASP KA 217 -31.65 -103.78 -54.57
N PHE KA 218 -30.71 -104.70 -54.78
CA PHE KA 218 -29.40 -104.58 -54.16
C PHE KA 218 -28.24 -104.36 -55.13
N LEU KA 219 -28.47 -104.33 -56.43
CA LEU KA 219 -27.38 -104.02 -57.35
C LEU KA 219 -27.71 -102.89 -58.31
N ILE KA 220 -28.95 -102.82 -58.79
CA ILE KA 220 -29.34 -101.73 -59.68
C ILE KA 220 -29.39 -100.39 -58.96
N THR KA 221 -29.74 -100.39 -57.67
CA THR KA 221 -29.79 -99.14 -56.91
C THR KA 221 -28.43 -98.46 -56.84
N GLN KA 222 -27.34 -99.19 -57.03
CA GLN KA 222 -26.01 -98.61 -57.07
C GLN KA 222 -25.79 -97.74 -58.31
N MET KA 223 -26.65 -97.84 -59.30
CA MET KA 223 -26.56 -97.04 -60.51
C MET KA 223 -27.35 -95.73 -60.40
N THR KA 224 -27.99 -95.48 -59.26
CA THR KA 224 -28.78 -94.27 -59.09
C THR KA 224 -27.88 -93.04 -59.10
N GLY KA 225 -28.19 -92.10 -59.98
CA GLY KA 225 -27.40 -90.88 -60.11
C GLY KA 225 -26.14 -91.03 -60.93
N LYS KA 226 -25.84 -92.21 -61.45
CA LYS KA 226 -24.64 -92.43 -62.22
C LYS KA 226 -24.88 -92.12 -63.70
N GLU KA 227 -23.78 -92.02 -64.44
CA GLU KA 227 -23.82 -91.77 -65.88
C GLU KA 227 -23.39 -93.00 -66.64
N LEU KA 228 -23.91 -93.13 -67.86
CA LEU KA 228 -23.58 -94.28 -68.71
C LEU KA 228 -22.10 -94.32 -69.06
N PHE KA 229 -21.53 -93.17 -69.42
CA PHE KA 229 -20.15 -93.12 -69.84
C PHE KA 229 -19.18 -93.30 -68.68
N GLU KA 230 -19.58 -92.93 -67.46
CA GLU KA 230 -18.70 -93.10 -66.30
C GLU KA 230 -18.33 -94.56 -66.09
N MET KA 231 -19.18 -95.49 -66.55
CA MET KA 231 -18.88 -96.91 -66.48
C MET KA 231 -18.61 -97.55 -67.83
N TRP KA 232 -19.00 -96.90 -68.93
CA TRP KA 232 -18.71 -97.44 -70.25
C TRP KA 232 -17.29 -97.13 -70.68
N THR KA 233 -16.84 -95.89 -70.47
CA THR KA 233 -15.48 -95.45 -70.81
C THR KA 233 -15.16 -95.69 -72.28
N ILE KA 234 -15.89 -95.00 -73.14
CA ILE KA 234 -15.63 -95.08 -74.58
C ILE KA 234 -14.48 -94.13 -74.93
N THR KA 235 -13.90 -94.36 -76.11
CA THR KA 235 -12.74 -93.60 -76.56
C THR KA 235 -13.03 -92.62 -77.68
N ASN KA 236 -13.94 -92.96 -78.60
CA ASN KA 236 -14.25 -92.13 -79.76
C ASN KA 236 -15.75 -91.87 -79.78
N PRO KA 237 -16.22 -90.91 -78.98
CA PRO KA 237 -17.66 -90.59 -79.01
C PRO KA 237 -18.15 -90.16 -80.38
N MET KA 238 -17.34 -89.39 -81.12
CA MET KA 238 -17.77 -88.97 -82.45
C MET KA 238 -17.91 -90.16 -83.39
N GLY KA 239 -16.95 -91.09 -83.35
CA GLY KA 239 -17.04 -92.27 -84.19
C GLY KA 239 -18.23 -93.14 -83.83
N LEU KA 240 -18.46 -93.34 -82.53
CA LEU KA 240 -19.62 -94.11 -82.12
C LEU KA 240 -20.92 -93.43 -82.54
N LEU KA 241 -20.99 -92.11 -82.43
CA LEU KA 241 -22.17 -91.37 -82.84
C LEU KA 241 -22.42 -91.51 -84.34
N VAL KA 242 -21.38 -91.37 -85.15
CA VAL KA 242 -21.59 -91.47 -86.60
C VAL KA 242 -21.96 -92.89 -86.99
N GLU KA 243 -21.39 -93.90 -86.33
CA GLU KA 243 -21.81 -95.27 -86.61
C GLU KA 243 -23.27 -95.51 -86.23
N GLU KA 244 -23.69 -94.99 -85.07
CA GLU KA 244 -25.09 -95.13 -84.67
C GLU KA 244 -26.02 -94.39 -85.63
N LEU KA 245 -25.62 -93.21 -86.10
CA LEU KA 245 -26.43 -92.49 -87.08
C LEU KA 245 -26.50 -93.25 -88.40
N LYS KA 246 -25.40 -93.88 -88.82
CA LYS KA 246 -25.43 -94.70 -90.03
C LYS KA 246 -26.38 -95.87 -89.87
N LYS KA 247 -26.38 -96.50 -88.68
CA LYS KA 247 -27.34 -97.57 -88.41
C LYS KA 247 -28.77 -97.05 -88.44
N ARG KA 248 -29.00 -95.87 -87.88
CA ARG KA 248 -30.33 -95.25 -87.84
C ARG KA 248 -30.68 -94.52 -89.14
N LYS KA 249 -29.83 -94.63 -90.17
CA LYS KA 249 -30.08 -94.01 -91.48
C LYS KA 249 -30.04 -92.48 -91.37
N ILE KA 250 -28.95 -91.97 -90.82
CA ILE KA 250 -28.68 -90.54 -90.75
C ILE KA 250 -27.33 -90.29 -91.41
N SER KA 251 -27.27 -89.27 -92.26
CA SER KA 251 -26.12 -89.06 -93.14
C SER KA 251 -24.85 -88.73 -92.37
N ALA KA 252 -24.83 -87.60 -91.67
CA ALA KA 252 -23.64 -87.16 -90.95
C ALA KA 252 -23.96 -85.98 -90.04
N PRO KA 253 -23.40 -85.95 -88.82
CA PRO KA 253 -23.58 -84.78 -87.97
C PRO KA 253 -22.56 -83.69 -88.27
N GLU KA 254 -23.01 -82.44 -88.20
CA GLU KA 254 -22.15 -81.28 -88.42
C GLU KA 254 -21.99 -80.52 -87.11
N SER KA 255 -20.74 -80.23 -86.74
CA SER KA 255 -20.45 -79.50 -85.52
C SER KA 255 -20.39 -78.01 -85.81
N ARG KA 256 -21.25 -77.24 -85.14
CA ARG KA 256 -21.33 -75.80 -85.35
C ARG KA 256 -21.23 -75.07 -84.03
N LEU KA 257 -20.46 -73.98 -84.01
CA LEU KA 257 -20.30 -73.20 -82.80
C LEU KA 257 -21.55 -72.35 -82.55
N THR KA 258 -22.27 -72.65 -81.48
CA THR KA 258 -23.51 -71.93 -81.18
C THR KA 258 -23.25 -70.66 -80.37
N ARG KA 259 -22.64 -70.82 -79.19
CA ARG KA 259 -22.30 -69.68 -78.34
C ARG KA 259 -20.91 -69.88 -77.77
N GLN KA 260 -20.27 -68.77 -77.41
CA GLN KA 260 -18.96 -68.80 -76.80
C GLN KA 260 -18.81 -67.59 -75.89
N SER KA 261 -17.88 -67.70 -74.93
CA SER KA 261 -17.63 -66.62 -73.97
C SER KA 261 -16.12 -66.46 -73.83
N GLY KA 262 -15.55 -65.53 -74.60
CA GLY KA 262 -14.12 -65.27 -74.54
C GLY KA 262 -13.31 -66.22 -75.40
N SER KA 263 -12.42 -65.67 -76.22
CA SER KA 263 -11.54 -66.46 -77.05
C SER KA 263 -10.07 -66.30 -76.72
N THR KA 264 -9.63 -65.09 -76.35
CA THR KA 264 -8.25 -64.84 -75.95
C THR KA 264 -8.05 -64.95 -74.44
N THR KA 265 -9.11 -65.25 -73.69
CA THR KA 265 -9.02 -65.33 -72.24
C THR KA 265 -8.31 -66.63 -71.84
N ALA KA 266 -7.88 -66.66 -70.58
CA ALA KA 266 -7.21 -67.86 -70.05
C ALA KA 266 -8.18 -69.02 -69.86
N LEU KA 267 -9.47 -68.75 -69.72
CA LEU KA 267 -10.48 -69.79 -69.53
C LEU KA 267 -11.63 -69.58 -70.50
N PRO KA 268 -11.41 -69.87 -71.78
CA PRO KA 268 -12.49 -69.74 -72.76
C PRO KA 268 -13.58 -70.79 -72.52
N VAL KA 269 -14.78 -70.45 -72.96
CA VAL KA 269 -15.94 -71.33 -72.87
C VAL KA 269 -16.59 -71.39 -74.26
N TYR KA 270 -16.84 -72.60 -74.74
CA TYR KA 270 -17.44 -72.80 -76.05
C TYR KA 270 -18.64 -73.73 -75.94
N PHE KA 271 -19.62 -73.49 -76.81
CA PHE KA 271 -20.78 -74.37 -76.97
C PHE KA 271 -20.82 -74.85 -78.41
N VAL KA 272 -20.77 -76.17 -78.59
CA VAL KA 272 -20.80 -76.78 -79.91
C VAL KA 272 -22.06 -77.61 -80.04
N GLY KA 273 -22.83 -77.36 -81.09
CA GLY KA 273 -24.03 -78.13 -81.35
C GLY KA 273 -23.87 -79.04 -82.56
N LEU KA 274 -24.67 -80.10 -82.60
CA LEU KA 274 -24.63 -81.08 -83.68
C LEU KA 274 -25.90 -80.95 -84.50
N TYR KA 275 -25.74 -80.70 -85.79
CA TYR KA 275 -26.85 -80.50 -86.71
C TYR KA 275 -26.85 -81.63 -87.74
N CYS KA 276 -27.96 -82.35 -87.83
CA CYS KA 276 -28.20 -83.32 -88.89
C CYS KA 276 -29.32 -82.78 -89.77
N ASP KA 277 -29.02 -82.58 -91.05
CA ASP KA 277 -29.94 -81.93 -91.98
C ASP KA 277 -30.36 -80.56 -91.45
N ARG KA 278 -29.40 -79.81 -90.91
CA ARG KA 278 -29.62 -78.49 -90.33
C ARG KA 278 -30.64 -78.52 -89.19
N LYS KA 279 -30.65 -79.61 -88.43
CA LYS KA 279 -31.51 -79.76 -87.26
C LYS KA 279 -30.66 -80.09 -86.05
N LEU KA 280 -30.75 -79.26 -85.01
CA LEU KA 280 -29.97 -79.47 -83.81
C LEU KA 280 -30.46 -80.70 -83.07
N ILE KA 281 -29.56 -81.63 -82.78
CA ILE KA 281 -29.92 -82.86 -82.07
C ILE KA 281 -29.37 -82.82 -80.65
N ALA KA 282 -28.25 -82.14 -80.46
CA ALA KA 282 -27.63 -82.05 -79.15
C ALA KA 282 -26.65 -80.89 -79.14
N GLU KA 283 -26.27 -80.48 -77.93
CA GLU KA 283 -25.31 -79.40 -77.75
C GLU KA 283 -24.45 -79.73 -76.53
N GLY KA 284 -23.22 -79.23 -76.54
CA GLY KA 284 -22.30 -79.50 -75.46
C GLY KA 284 -21.35 -78.34 -75.19
N PRO KA 285 -21.15 -78.04 -73.91
CA PRO KA 285 -20.16 -77.02 -73.53
C PRO KA 285 -18.78 -77.62 -73.30
N GLY KA 286 -17.79 -76.73 -73.30
CA GLY KA 286 -16.43 -77.16 -73.07
C GLY KA 286 -15.50 -75.98 -72.86
N GLU KA 287 -14.32 -76.28 -72.32
CA GLU KA 287 -13.28 -75.27 -72.19
C GLU KA 287 -12.72 -74.90 -73.56
N THR KA 288 -12.41 -75.90 -74.37
CA THR KA 288 -11.93 -75.71 -75.73
C THR KA 288 -12.94 -76.26 -76.72
N VAL KA 289 -12.71 -75.94 -77.99
CA VAL KA 289 -13.65 -76.33 -79.04
C VAL KA 289 -13.70 -77.85 -79.18
N LEU KA 290 -12.54 -78.51 -79.12
CA LEU KA 290 -12.50 -79.96 -79.25
C LEU KA 290 -13.24 -80.64 -78.09
N VAL KA 291 -13.03 -80.16 -76.86
CA VAL KA 291 -13.71 -80.74 -75.72
C VAL KA 291 -15.21 -80.49 -75.82
N ALA KA 292 -15.62 -79.30 -76.27
CA ALA KA 292 -17.04 -79.02 -76.44
C ALA KA 292 -17.66 -79.93 -77.49
N GLU KA 293 -16.95 -80.17 -78.60
CA GLU KA 293 -17.45 -81.08 -79.62
C GLU KA 293 -17.57 -82.51 -79.09
N GLU KA 294 -16.58 -82.96 -78.32
CA GLU KA 294 -16.66 -84.29 -77.74
C GLU KA 294 -17.84 -84.40 -76.77
N GLU KA 295 -18.07 -83.37 -75.96
CA GLU KA 295 -19.20 -83.38 -75.05
C GLU KA 295 -20.53 -83.38 -75.81
N ALA KA 296 -20.60 -82.61 -76.90
CA ALA KA 296 -21.82 -82.62 -77.71
C ALA KA 296 -22.06 -84.00 -78.32
N ALA KA 297 -21.01 -84.66 -78.79
CA ALA KA 297 -21.15 -86.01 -79.31
C ALA KA 297 -21.62 -86.97 -78.22
N ARG KA 298 -21.08 -86.82 -77.01
CA ARG KA 298 -21.52 -87.66 -75.89
C ARG KA 298 -23.00 -87.43 -75.57
N VAL KA 299 -23.43 -86.17 -75.58
CA VAL KA 299 -24.83 -85.86 -75.31
C VAL KA 299 -25.73 -86.45 -76.39
N ALA KA 300 -25.33 -86.33 -77.65
CA ALA KA 300 -26.11 -86.91 -78.73
C ALA KA 300 -26.21 -88.43 -78.59
N LEU KA 301 -25.09 -89.07 -78.24
CA LEU KA 301 -25.10 -90.52 -78.05
C LEU KA 301 -26.02 -90.93 -76.91
N ARG KA 302 -25.97 -90.19 -75.80
CA ARG KA 302 -26.85 -90.50 -74.66
C ARG KA 302 -28.31 -90.31 -75.04
N LYS KA 303 -28.62 -89.25 -75.78
CA LYS KA 303 -29.99 -89.02 -76.22
C LYS KA 303 -30.47 -90.14 -77.14
N LEU KA 304 -29.61 -90.59 -78.06
CA LEU KA 304 -29.98 -91.67 -78.95
C LEU KA 304 -30.20 -92.97 -78.20
N PHE KA 305 -29.35 -93.26 -77.22
CA PHE KA 305 -29.48 -94.49 -76.45
C PHE KA 305 -30.56 -94.42 -75.39
N GLY KA 306 -31.09 -93.23 -75.10
CA GLY KA 306 -32.14 -93.08 -74.12
C GLY KA 306 -31.69 -92.89 -72.69
N PHE KA 307 -30.38 -92.97 -72.42
CA PHE KA 307 -29.85 -92.79 -71.07
C PHE KA 307 -29.64 -91.29 -70.86
N THR KA 308 -30.70 -90.61 -70.47
CA THR KA 308 -30.71 -89.17 -70.27
C THR KA 308 -31.08 -88.84 -68.83
N GLU KA 309 -30.67 -87.64 -68.40
CA GLU KA 309 -31.01 -87.21 -67.04
C GLU KA 309 -32.51 -87.05 -66.85
N ASN KA 310 -33.26 -86.89 -67.94
CA ASN KA 310 -34.71 -86.75 -67.88
C ASN KA 310 -35.44 -88.04 -68.22
N ARG KA 311 -34.79 -89.19 -68.07
CA ARG KA 311 -35.39 -90.47 -68.40
C ARG KA 311 -36.33 -90.93 -67.29
N ARG KA 312 -37.02 -92.03 -67.55
CA ARG KA 312 -37.88 -92.63 -66.54
C ARG KA 312 -37.04 -93.21 -65.40
N PRO KA 313 -37.36 -92.90 -64.15
CA PRO KA 313 -36.66 -93.54 -63.04
C PRO KA 313 -36.95 -95.03 -62.99
N TRP KA 314 -36.01 -95.79 -62.44
CA TRP KA 314 -36.16 -97.22 -62.37
C TRP KA 314 -37.37 -97.60 -61.52
N ASP KA 315 -38.13 -98.57 -61.99
CA ASP KA 315 -39.39 -98.95 -61.35
C ASP KA 315 -39.09 -99.96 -60.25
N TYR KA 316 -39.41 -99.60 -59.01
CA TYR KA 316 -39.24 -100.47 -57.85
C TYR KA 316 -40.63 -100.76 -57.29
N SER KA 317 -41.23 -101.85 -57.74
CA SER KA 317 -42.56 -102.23 -57.31
C SER KA 317 -42.63 -103.76 -57.23
N LYS KA 318 -43.82 -104.27 -56.88
CA LYS KA 318 -44.06 -105.70 -56.76
C LYS KA 318 -45.09 -106.12 -57.80
N PRO KA 319 -44.67 -106.69 -58.94
CA PRO KA 319 -45.58 -107.11 -60.00
C PRO KA 319 -46.40 -108.34 -59.62
N LYS LA 38 6.79 -35.94 2.37
CA LYS LA 38 7.70 -36.68 3.23
C LYS LA 38 8.73 -37.43 2.40
N LYS LA 39 9.89 -37.70 3.00
CA LYS LA 39 10.98 -38.42 2.35
C LYS LA 39 10.72 -39.91 2.49
N ARG LA 40 9.82 -40.44 1.65
CA ARG LA 40 9.44 -41.85 1.69
C ARG LA 40 10.33 -42.63 0.74
N PHE LA 41 11.12 -43.55 1.29
CA PHE LA 41 12.05 -44.38 0.52
C PHE LA 41 11.86 -45.84 0.92
N THR LA 42 11.80 -46.72 -0.07
CA THR LA 42 11.59 -48.14 0.16
C THR LA 42 12.86 -48.91 -0.16
N PRO LA 43 13.56 -49.45 0.84
CA PRO LA 43 14.77 -50.21 0.55
C PRO LA 43 14.43 -51.51 -0.17
N PRO LA 44 15.30 -52.00 -1.04
CA PRO LA 44 15.05 -53.27 -1.72
C PRO LA 44 15.19 -54.46 -0.77
N THR LA 45 14.58 -55.57 -1.15
CA THR LA 45 14.61 -56.79 -0.37
C THR LA 45 15.40 -57.84 -1.13
N TYR LA 46 16.42 -58.41 -0.48
CA TYR LA 46 17.22 -59.45 -1.09
C TYR LA 46 16.53 -60.80 -0.98
N GLN LA 47 16.93 -61.72 -1.85
CA GLN LA 47 16.43 -63.09 -1.80
C GLN LA 47 17.43 -63.99 -1.10
N PRO LA 48 16.96 -65.09 -0.51
CA PRO LA 48 17.89 -66.04 0.12
C PRO LA 48 18.85 -66.64 -0.88
N LYS LA 49 20.06 -66.96 -0.40
CA LYS LA 49 21.13 -67.43 -1.26
C LYS LA 49 20.97 -68.87 -1.70
N TYR LA 50 20.06 -69.63 -1.10
CA TYR LA 50 19.86 -71.02 -1.50
C TYR LA 50 19.21 -71.13 -2.87
N LYS LA 51 18.40 -70.15 -3.26
CA LYS LA 51 17.79 -70.15 -4.59
C LYS LA 51 18.82 -69.96 -5.70
N SER LA 52 19.99 -69.42 -5.37
CA SER LA 52 21.06 -69.21 -6.33
C SER LA 52 22.17 -70.24 -6.23
N GLU LA 53 22.47 -70.72 -5.03
CA GLU LA 53 23.56 -71.69 -4.83
C GLU LA 53 23.01 -73.09 -5.12
N LYS LA 54 23.11 -73.50 -6.37
CA LYS LA 54 22.68 -74.82 -6.81
C LYS LA 54 23.67 -75.35 -7.82
N GLU LA 55 24.01 -76.63 -7.72
CA GLU LA 55 25.00 -77.27 -8.58
C GLU LA 55 24.43 -78.54 -9.17
N PHE LA 56 25.15 -79.09 -10.15
CA PHE LA 56 24.75 -80.33 -10.79
C PHE LA 56 25.23 -81.54 -9.97
N VAL LA 57 24.56 -82.66 -10.17
CA VAL LA 57 24.86 -83.90 -9.48
C VAL LA 57 24.85 -85.04 -10.49
N GLU LA 58 25.08 -86.26 -10.00
CA GLU LA 58 25.03 -87.49 -10.79
C GLU LA 58 26.10 -87.47 -11.90
N HIS LA 59 27.35 -87.52 -11.43
CA HIS LA 59 28.52 -87.65 -12.31
C HIS LA 59 28.95 -89.11 -12.28
N ALA LA 60 28.74 -89.81 -13.40
CA ALA LA 60 28.99 -91.25 -13.44
C ALA LA 60 30.48 -91.51 -13.62
N ARG LA 61 31.05 -92.30 -12.70
CA ARG LA 61 32.46 -92.65 -12.73
C ARG LA 61 32.62 -94.06 -12.21
N LYS LA 62 33.57 -94.80 -12.78
CA LYS LA 62 33.85 -96.18 -12.40
C LYS LA 62 35.28 -96.24 -11.87
N ALA LA 63 35.43 -96.16 -10.55
CA ALA LA 63 36.73 -96.18 -9.89
C ALA LA 63 36.76 -97.40 -8.96
N GLY LA 64 37.62 -98.37 -9.27
CA GLY LA 64 37.78 -99.56 -8.46
C GLY LA 64 39.07 -99.52 -7.68
N LEU LA 65 39.02 -100.02 -6.44
CA LEU LA 65 40.17 -100.03 -5.56
C LEU LA 65 40.36 -101.43 -4.98
N VAL LA 66 41.61 -101.75 -4.65
CA VAL LA 66 41.93 -103.08 -4.14
C VAL LA 66 41.38 -103.30 -2.73
N ILE LA 67 41.26 -102.25 -1.93
CA ILE LA 67 40.82 -102.38 -0.54
C ILE LA 67 39.38 -102.90 -0.46
N PRO LA 68 38.40 -102.31 -1.15
CA PRO LA 68 37.05 -102.90 -1.12
C PRO LA 68 36.98 -104.28 -1.74
N HIS LA 69 37.80 -104.56 -2.77
CA HIS LA 69 37.80 -105.89 -3.37
C HIS LA 69 38.30 -106.95 -2.40
N GLU LA 70 39.31 -106.62 -1.60
CA GLU LA 70 39.84 -107.56 -0.63
C GLU LA 70 39.04 -107.60 0.66
N ARG LA 71 38.24 -106.56 0.94
CA ARG LA 71 37.42 -106.53 2.15
C ARG LA 71 36.01 -107.06 1.90
N LEU LA 72 35.84 -107.94 0.91
CA LEU LA 72 34.54 -108.55 0.69
C LEU LA 72 34.26 -109.60 1.75
N GLU LA 73 33.07 -109.53 2.36
CA GLU LA 73 32.72 -110.50 3.39
C GLU LA 73 32.61 -111.91 2.82
N ARG LA 74 32.05 -112.04 1.63
CA ARG LA 74 31.85 -113.35 1.02
C ARG LA 74 32.66 -113.46 -0.26
N PRO LA 75 33.40 -114.55 -0.45
CA PRO LA 75 34.10 -114.74 -1.72
C PRO LA 75 33.13 -114.93 -2.88
N ILE LA 76 33.58 -114.54 -4.06
CA ILE LA 76 32.76 -114.66 -5.27
C ILE LA 76 32.66 -116.12 -5.66
N HIS LA 77 31.44 -116.61 -5.82
CA HIS LA 77 31.21 -118.00 -6.19
C HIS LA 77 31.32 -118.15 -7.71
N LEU LA 78 32.19 -119.05 -8.15
CA LEU LA 78 32.40 -119.30 -9.57
C LEU LA 78 31.92 -120.70 -9.93
N ALA LA 79 31.08 -120.78 -10.96
CA ALA LA 79 30.57 -122.06 -11.44
C ALA LA 79 31.48 -122.72 -12.46
N CYS LA 80 32.52 -122.03 -12.92
CA CYS LA 80 33.43 -122.57 -13.92
C CYS LA 80 34.77 -121.87 -13.79
N THR LA 81 35.76 -122.37 -14.52
CA THR LA 81 37.10 -121.80 -14.50
C THR LA 81 37.14 -120.59 -15.43
N ALA LA 82 38.33 -120.01 -15.60
CA ALA LA 82 38.48 -118.84 -16.44
C ALA LA 82 38.47 -119.20 -17.91
N GLY LA 83 39.40 -120.06 -18.33
CA GLY LA 83 39.53 -120.48 -19.70
C GLY LA 83 39.76 -121.98 -19.80
N ILE LA 84 40.65 -122.36 -20.72
CA ILE LA 84 41.00 -123.76 -20.95
C ILE LA 84 42.46 -123.96 -20.55
N PHE LA 85 42.71 -124.97 -19.73
CA PHE LA 85 44.06 -125.23 -19.25
C PHE LA 85 44.89 -125.93 -20.32
N ASP LA 86 44.46 -127.11 -20.76
CA ASP LA 86 45.19 -127.89 -21.76
C ASP LA 86 44.38 -127.87 -23.06
N ALA LA 87 44.89 -127.14 -24.05
CA ALA LA 87 44.24 -127.06 -25.35
C ALA LA 87 44.74 -128.18 -26.25
N TYR LA 88 43.82 -129.02 -26.72
CA TYR LA 88 44.18 -130.12 -27.60
C TYR LA 88 44.61 -129.58 -28.96
N VAL LA 89 45.75 -130.05 -29.46
CA VAL LA 89 46.27 -129.64 -30.76
C VAL LA 89 45.97 -130.77 -31.75
N PRO LA 90 45.04 -130.58 -32.68
CA PRO LA 90 44.71 -131.66 -33.62
C PRO LA 90 45.73 -131.76 -34.73
N PRO LA 91 45.98 -132.95 -35.25
CA PRO LA 91 46.86 -133.09 -36.41
C PRO LA 91 46.25 -132.46 -37.65
N GLU LA 92 47.11 -131.94 -38.52
CA GLU LA 92 46.68 -131.23 -39.73
C GLU LA 92 46.04 -132.14 -40.77
N GLY LA 93 46.14 -133.46 -40.64
CA GLY LA 93 45.59 -134.35 -41.64
C GLY LA 93 44.16 -134.79 -41.37
N ASP LA 94 43.53 -134.17 -40.36
CA ASP LA 94 42.17 -134.57 -39.99
C ASP LA 94 41.18 -134.32 -41.12
N ALA LA 95 41.39 -133.26 -41.92
CA ALA LA 95 40.47 -132.97 -43.01
C ALA LA 95 40.43 -134.10 -44.04
N ARG LA 96 41.58 -134.66 -44.38
CA ARG LA 96 41.64 -135.79 -45.29
C ARG LA 96 41.24 -137.10 -44.62
N ILE LA 97 41.55 -137.25 -43.34
CA ILE LA 97 41.17 -138.48 -42.62
C ILE LA 97 39.66 -138.59 -42.52
N SER LA 98 38.96 -137.46 -42.37
CA SER LA 98 37.50 -137.47 -42.25
C SER LA 98 36.82 -138.05 -43.47
N SER LA 99 37.51 -138.09 -44.62
CA SER LA 99 36.92 -138.69 -45.81
C SER LA 99 36.68 -140.19 -45.66
N LEU LA 100 37.40 -140.85 -44.74
CA LEU LA 100 37.22 -142.26 -44.48
C LEU LA 100 36.59 -142.45 -43.10
N SER LA 101 35.70 -143.43 -43.01
CA SER LA 101 34.98 -143.66 -41.76
C SER LA 101 35.85 -144.39 -40.74
N LYS LA 102 36.25 -145.62 -41.07
CA LYS LA 102 37.05 -146.42 -40.14
C LYS LA 102 38.43 -145.81 -39.89
N GLU LA 103 39.05 -145.23 -40.92
CA GLU LA 103 40.36 -144.62 -40.76
C GLU LA 103 40.33 -143.41 -39.83
N GLY LA 104 39.15 -142.86 -39.55
CA GLY LA 104 39.04 -141.81 -38.56
C GLY LA 104 38.60 -142.34 -37.21
N LEU LA 105 37.65 -143.28 -37.23
CA LEU LA 105 37.13 -143.85 -35.98
C LEU LA 105 38.19 -144.63 -35.21
N ALA LA 106 39.00 -145.44 -35.91
CA ALA LA 106 40.03 -146.20 -35.22
C ALA LA 106 41.07 -145.28 -34.58
N GLN LA 107 41.48 -144.23 -35.29
CA GLN LA 107 42.43 -143.27 -34.72
C GLN LA 107 41.82 -142.51 -33.54
N ARG LA 108 40.55 -142.10 -33.65
CA ARG LA 108 39.93 -141.40 -32.54
C ARG LA 108 39.79 -142.30 -31.31
N ALA LA 109 39.49 -143.58 -31.50
CA ALA LA 109 39.44 -144.51 -30.39
C ALA LA 109 40.82 -144.76 -29.79
N GLU LA 110 41.84 -144.92 -30.64
CA GLU LA 110 43.19 -145.20 -30.16
C GLU LA 110 43.78 -144.03 -29.38
N ARG LA 111 43.60 -142.81 -29.88
CA ARG LA 111 44.16 -141.65 -29.20
C ARG LA 111 43.53 -141.38 -27.84
N LEU LA 112 42.23 -141.66 -27.68
CA LEU LA 112 41.58 -141.48 -26.38
C LEU LA 112 42.12 -142.46 -25.36
N LYS LA 113 42.44 -143.69 -25.78
CA LYS LA 113 42.91 -144.71 -24.86
C LYS LA 113 44.39 -144.64 -24.57
N LYS LA 114 45.22 -144.25 -25.55
CA LYS LA 114 46.66 -144.24 -25.36
C LYS LA 114 47.15 -143.14 -24.43
N ASN LA 115 46.43 -142.03 -24.32
CA ASN LA 115 46.84 -140.94 -23.44
C ASN LA 115 46.60 -141.34 -21.99
N VAL LA 116 47.58 -141.05 -21.14
CA VAL LA 116 47.45 -141.39 -19.73
C VAL LA 116 46.70 -140.30 -18.97
N ALA LA 117 46.90 -139.03 -19.36
CA ALA LA 117 46.21 -137.93 -18.69
C ALA LA 117 44.71 -138.04 -18.86
N SER LA 118 44.24 -138.35 -20.08
CA SER LA 118 42.81 -138.50 -20.31
C SER LA 118 42.24 -139.65 -19.49
N GLN LA 119 42.95 -140.78 -19.44
CA GLN LA 119 42.46 -141.92 -18.68
C GLN LA 119 42.38 -141.61 -17.18
N LEU LA 120 43.40 -140.95 -16.64
CA LEU LA 120 43.35 -140.61 -15.22
C LEU LA 120 42.27 -139.58 -14.93
N SER LA 121 42.04 -138.64 -15.85
CA SER LA 121 40.96 -137.69 -15.67
C SER LA 121 39.60 -138.37 -15.68
N ILE LA 122 39.40 -139.31 -16.60
CA ILE LA 122 38.15 -140.06 -16.65
C ILE LA 122 37.96 -140.88 -15.38
N ARG LA 123 39.03 -141.50 -14.90
CA ARG LA 123 38.95 -142.27 -13.67
C ARG LA 123 38.60 -141.39 -12.48
N LYS LA 124 39.20 -140.19 -12.40
CA LYS LA 124 38.88 -139.27 -11.33
C LYS LA 124 37.43 -138.80 -11.40
N ILE LA 125 36.93 -138.53 -12.61
CA ILE LA 125 35.53 -138.15 -12.77
C ILE LA 125 34.62 -139.28 -12.32
N ARG LA 126 34.95 -140.52 -12.70
CA ARG LA 126 34.12 -141.65 -12.31
C ARG LA 126 34.11 -141.86 -10.81
N GLU LA 127 35.27 -141.73 -10.15
CA GLU LA 127 35.31 -141.90 -8.71
C GLU LA 127 34.64 -140.75 -7.97
N SER LA 128 34.66 -139.54 -8.54
CA SER LA 128 33.97 -138.42 -7.93
C SER LA 128 32.45 -138.53 -8.08
N ASP LA 129 31.97 -138.95 -9.25
CA ASP LA 129 30.55 -139.07 -9.52
C ASP LA 129 30.30 -140.38 -10.26
N PRO LA 130 29.43 -141.24 -9.76
CA PRO LA 130 29.14 -142.51 -10.43
C PRO LA 130 28.25 -142.27 -11.65
N ASN LA 131 27.94 -143.38 -12.35
CA ASN LA 131 27.11 -143.35 -13.54
C ASN LA 131 27.68 -142.40 -14.60
N PHE LA 132 28.99 -142.45 -14.78
CA PHE LA 132 29.69 -141.65 -15.78
C PHE LA 132 30.16 -142.57 -16.89
N LYS LA 133 29.61 -142.40 -18.08
CA LYS LA 133 29.92 -143.24 -19.22
C LYS LA 133 30.40 -142.38 -20.39
N ILE LA 134 31.57 -142.74 -20.92
CA ILE LA 134 32.10 -142.02 -22.08
C ILE LA 134 31.26 -142.31 -23.32
N LYS LA 135 30.78 -143.55 -23.46
CA LYS LA 135 30.04 -143.93 -24.67
C LYS LA 135 28.73 -143.15 -24.80
N ASP LA 136 28.08 -142.83 -23.69
CA ASP LA 136 26.82 -142.11 -23.70
C ASP LA 136 26.99 -140.60 -23.71
N PHE LA 137 28.23 -140.11 -23.73
CA PHE LA 137 28.53 -138.68 -23.67
C PHE LA 137 28.29 -137.96 -24.99
N PRO LA 138 28.77 -138.48 -26.14
CA PRO LA 138 28.63 -137.70 -27.39
C PRO LA 138 27.20 -137.36 -27.76
N GLU LA 139 26.23 -138.26 -27.52
CA GLU LA 139 24.85 -137.95 -27.80
C GLU LA 139 24.36 -136.79 -26.95
N LYS LA 140 24.69 -136.80 -25.66
CA LYS LA 140 24.31 -135.72 -24.77
C LYS LA 140 24.95 -134.40 -25.19
N ALA LA 141 26.22 -134.44 -25.59
CA ALA LA 141 26.90 -133.23 -26.04
C ALA LA 141 26.26 -132.68 -27.30
N LYS LA 142 25.93 -133.56 -28.25
CA LYS LA 142 25.27 -133.12 -29.48
C LYS LA 142 23.92 -132.48 -29.18
N ASP LA 143 23.14 -133.11 -28.30
CA ASP LA 143 21.85 -132.55 -27.94
C ASP LA 143 22.00 -131.20 -27.24
N ILE LA 144 23.00 -131.09 -26.35
CA ILE LA 144 23.23 -129.83 -25.65
C ILE LA 144 23.60 -128.72 -26.63
N PHE LA 145 24.47 -129.04 -27.59
CA PHE LA 145 24.88 -128.04 -28.58
C PHE LA 145 23.69 -127.61 -29.43
N ILE LA 146 22.88 -128.57 -29.87
CA ILE LA 146 21.71 -128.25 -30.70
C ILE LA 146 20.73 -127.38 -29.93
N GLU LA 147 20.45 -127.74 -28.67
CA GLU LA 147 19.52 -126.96 -27.87
C GLU LA 147 20.08 -125.58 -27.54
N ALA LA 148 21.39 -125.46 -27.34
CA ALA LA 148 21.98 -124.14 -27.11
C ALA LA 148 21.84 -123.27 -28.33
N HIS LA 149 22.08 -123.83 -29.53
CA HIS LA 149 21.90 -123.04 -30.74
C HIS LA 149 20.43 -122.64 -30.92
N LEU LA 150 19.50 -123.55 -30.61
CA LEU LA 150 18.09 -123.21 -30.70
C LEU LA 150 17.70 -122.12 -29.70
N CYS LA 151 18.22 -122.18 -28.48
CA CYS LA 151 17.93 -121.16 -27.48
C CYS LA 151 18.51 -119.81 -27.90
N LEU LA 152 19.71 -119.80 -28.47
CA LEU LA 152 20.27 -118.54 -28.96
C LEU LA 152 19.45 -118.00 -30.13
N ASN LA 153 18.93 -118.88 -30.98
CA ASN LA 153 18.04 -118.46 -32.06
C ASN LA 153 16.77 -117.84 -31.49
N ASN LA 154 16.21 -118.46 -30.45
CA ASN LA 154 14.95 -118.01 -29.84
C ASN LA 154 15.14 -116.88 -28.84
N SER LA 155 16.38 -116.48 -28.56
CA SER LA 155 16.69 -115.45 -27.57
C SER LA 155 16.16 -115.82 -26.19
N ASP LA 156 16.22 -117.12 -25.87
CA ASP LA 156 15.81 -117.63 -24.55
C ASP LA 156 17.04 -117.58 -23.66
N HIS LA 157 17.26 -116.42 -23.03
CA HIS LA 157 18.48 -116.21 -22.26
C HIS LA 157 18.54 -117.10 -21.02
N ASP LA 158 17.39 -117.37 -20.39
CA ASP LA 158 17.40 -118.24 -19.20
C ASP LA 158 17.87 -119.65 -19.54
N ARG LA 159 17.28 -120.24 -20.58
CA ARG LA 159 17.68 -121.59 -20.97
C ARG LA 159 19.10 -121.61 -21.52
N LEU LA 160 19.51 -120.53 -22.20
CA LEU LA 160 20.89 -120.44 -22.67
C LEU LA 160 21.86 -120.39 -21.49
N HIS LA 161 21.51 -119.67 -20.43
CA HIS LA 161 22.33 -119.65 -19.23
C HIS LA 161 22.38 -121.02 -18.58
N THR LA 162 21.25 -121.73 -18.54
CA THR LA 162 21.24 -123.07 -17.97
C THR LA 162 22.13 -124.02 -18.76
N LEU LA 163 22.18 -123.86 -20.08
CA LEU LA 163 22.98 -124.76 -20.91
C LEU LA 163 24.46 -124.37 -20.90
N VAL LA 164 24.78 -123.20 -21.45
CA VAL LA 164 26.17 -122.79 -21.60
C VAL LA 164 26.66 -122.18 -20.29
N THR LA 165 27.98 -122.04 -20.14
CA THR LA 165 28.56 -121.56 -18.90
C THR LA 165 28.77 -120.06 -18.96
N GLU LA 166 29.29 -119.49 -17.87
CA GLU LA 166 29.45 -118.04 -17.78
C GLU LA 166 30.59 -117.54 -18.67
N ASN LA 167 31.54 -118.41 -19.00
CA ASN LA 167 32.60 -118.04 -19.92
C ASN LA 167 32.20 -118.20 -21.38
N CYS LA 168 31.09 -118.89 -21.65
CA CYS LA 168 30.60 -119.11 -23.00
C CYS LA 168 29.45 -118.19 -23.38
N PHE LA 169 28.61 -117.81 -22.42
CA PHE LA 169 27.44 -116.98 -22.73
C PHE LA 169 27.80 -115.62 -23.34
N PRO LA 170 28.72 -114.83 -22.77
CA PRO LA 170 29.00 -113.52 -23.39
C PRO LA 170 29.52 -113.61 -24.81
N ASP LA 171 30.41 -114.58 -25.08
CA ASP LA 171 30.98 -114.70 -26.42
C ASP LA 171 29.93 -115.04 -27.46
N MET LA 172 28.79 -115.59 -27.06
CA MET LA 172 27.73 -115.95 -27.98
C MET LA 172 26.51 -115.04 -27.87
N VAL LA 173 26.52 -114.06 -26.97
CA VAL LA 173 25.40 -113.14 -26.83
C VAL LA 173 25.77 -111.70 -27.15
N TRP LA 174 27.03 -111.30 -26.97
CA TRP LA 174 27.43 -109.89 -27.01
C TRP LA 174 27.16 -109.24 -28.36
N ASP LA 175 27.76 -109.76 -29.42
CA ASP LA 175 27.63 -109.15 -30.73
C ASP LA 175 26.36 -109.58 -31.47
N ILE LA 176 25.52 -110.40 -30.85
CA ILE LA 176 24.33 -110.93 -31.52
C ILE LA 176 23.04 -110.53 -30.83
N ARG LA 177 23.10 -109.89 -29.67
CA ARG LA 177 21.88 -109.53 -28.94
C ARG LA 177 20.97 -108.59 -29.74
N TYR LA 178 21.52 -107.84 -30.69
CA TYR LA 178 20.74 -106.87 -31.46
C TYR LA 178 20.51 -107.31 -32.89
N LYS LA 179 20.57 -108.61 -33.17
CA LYS LA 179 20.42 -109.14 -34.52
C LYS LA 179 19.52 -110.36 -34.49
N THR LA 180 19.04 -110.74 -35.67
CA THR LA 180 18.14 -111.86 -35.83
C THR LA 180 18.92 -113.06 -36.36
N VAL LA 181 18.72 -114.22 -35.75
CA VAL LA 181 19.43 -115.44 -36.08
C VAL LA 181 18.44 -116.47 -36.60
N ARG LA 182 18.79 -117.12 -37.71
CA ARG LA 182 18.00 -118.21 -38.29
C ARG LA 182 18.95 -119.38 -38.51
N TRP LA 183 19.12 -120.20 -37.48
CA TRP LA 183 19.99 -121.36 -37.53
C TRP LA 183 19.14 -122.63 -37.46
N SER LA 184 19.55 -123.65 -38.22
CA SER LA 184 18.84 -124.92 -38.26
C SER LA 184 19.84 -126.06 -38.32
N PHE LA 185 19.37 -127.25 -37.93
CA PHE LA 185 20.15 -128.47 -37.98
C PHE LA 185 19.56 -129.37 -39.06
N VAL LA 186 20.41 -129.81 -39.98
CA VAL LA 186 19.96 -130.59 -41.14
C VAL LA 186 20.55 -131.99 -41.14
N GLU LA 187 21.86 -132.12 -40.96
CA GLU LA 187 22.52 -133.40 -41.06
C GLU LA 187 23.81 -133.37 -40.24
N SER LA 188 24.33 -134.56 -39.94
CA SER LA 188 25.61 -134.71 -39.25
C SER LA 188 26.46 -135.69 -40.05
N LEU LA 189 27.48 -135.16 -40.74
CA LEU LA 189 28.32 -136.02 -41.58
C LEU LA 189 29.09 -137.04 -40.75
N GLU LA 190 29.66 -136.60 -39.63
CA GLU LA 190 30.42 -137.48 -38.76
C GLU LA 190 29.93 -137.36 -37.33
N PRO LA 191 29.73 -138.47 -36.64
CA PRO LA 191 29.32 -138.40 -35.24
C PRO LA 191 30.37 -137.72 -34.41
N PRO LA 192 29.97 -136.99 -33.36
CA PRO LA 192 30.96 -136.37 -32.47
C PRO LA 192 31.82 -137.42 -31.79
N GLN LA 193 33.10 -137.10 -31.61
CA GLN LA 193 34.07 -138.04 -31.08
C GLN LA 193 34.81 -137.42 -29.90
N VAL LA 194 34.82 -138.13 -28.77
CA VAL LA 194 35.51 -137.65 -27.57
C VAL LA 194 37.00 -137.80 -27.79
N VAL LA 195 37.73 -136.69 -27.77
CA VAL LA 195 39.17 -136.73 -28.05
C VAL LA 195 39.97 -136.90 -26.76
N GLN LA 196 39.80 -135.97 -25.82
CA GLN LA 196 40.54 -136.00 -24.56
C GLN LA 196 39.65 -135.48 -23.45
N VAL LA 197 40.00 -135.84 -22.22
CA VAL LA 197 39.31 -135.38 -21.02
C VAL LA 197 40.35 -134.81 -20.07
N ARG LA 198 40.07 -133.62 -19.55
CA ARG LA 198 40.99 -132.91 -18.66
C ARG LA 198 40.27 -132.52 -17.38
N CYS LA 199 41.04 -132.45 -16.29
CA CYS LA 199 40.50 -132.07 -14.99
C CYS LA 199 41.50 -131.17 -14.29
N SER LA 200 41.00 -130.08 -13.71
CA SER LA 200 41.82 -129.15 -12.94
C SER LA 200 41.30 -129.13 -11.50
N SER LA 201 42.20 -129.37 -10.56
CA SER LA 201 41.84 -129.41 -9.14
C SER LA 201 42.55 -128.29 -8.41
N LEU LA 202 41.76 -127.42 -7.76
CA LEU LA 202 42.29 -126.35 -6.93
C LEU LA 202 42.09 -126.76 -5.48
N MET LA 203 43.20 -126.98 -4.77
CA MET LA 203 43.18 -127.45 -3.39
C MET LA 203 42.89 -126.36 -2.38
N ASN LA 204 43.01 -125.09 -2.77
CA ASN LA 204 42.71 -123.99 -1.84
C ASN LA 204 41.24 -124.02 -1.43
N GLN LA 205 40.34 -124.25 -2.38
CA GLN LA 205 38.92 -124.39 -2.10
C GLN LA 205 38.43 -125.82 -2.23
N GLY LA 206 39.30 -126.76 -2.61
CA GLY LA 206 38.90 -128.14 -2.80
C GLY LA 206 37.90 -128.32 -3.93
N ASN LA 207 38.13 -127.66 -5.07
CA ASN LA 207 37.19 -127.68 -6.18
C ASN LA 207 37.84 -128.35 -7.39
N ILE LA 208 37.12 -129.30 -7.98
CA ILE LA 208 37.59 -130.03 -9.16
C ILE LA 208 36.66 -129.70 -10.32
N TYR LA 209 37.23 -129.21 -11.41
CA TYR LA 209 36.48 -128.86 -12.62
C TYR LA 209 36.94 -129.78 -13.74
N GLY LA 210 36.01 -130.50 -14.35
CA GLY LA 210 36.32 -131.43 -15.43
C GLY LA 210 35.82 -130.91 -16.76
N GLN LA 211 36.72 -130.81 -17.72
CA GLN LA 211 36.41 -130.39 -19.08
C GLN LA 211 36.68 -131.55 -20.04
N VAL LA 212 35.72 -131.78 -20.93
CA VAL LA 212 35.79 -132.87 -21.91
C VAL LA 212 35.79 -132.26 -23.29
N THR LA 213 36.76 -132.65 -24.12
CA THR LA 213 36.88 -132.14 -25.48
C THR LA 213 36.30 -133.15 -26.46
N VAL LA 214 35.38 -132.69 -27.31
CA VAL LA 214 34.75 -133.54 -28.31
C VAL LA 214 34.84 -132.85 -29.66
N ARG LA 215 35.42 -133.54 -30.64
CA ARG LA 215 35.43 -133.07 -32.01
C ARG LA 215 34.04 -133.25 -32.61
N MET LA 216 33.50 -132.19 -33.21
CA MET LA 216 32.19 -132.22 -33.83
C MET LA 216 32.30 -131.73 -35.26
N HIS LA 217 31.91 -132.58 -36.21
CA HIS LA 217 31.78 -132.21 -37.61
C HIS LA 217 30.29 -132.15 -37.93
N THR LA 218 29.80 -130.94 -38.22
CA THR LA 218 28.37 -130.69 -38.32
C THR LA 218 28.04 -130.03 -39.66
N ARG LA 219 26.79 -130.20 -40.08
CA ARG LA 219 26.24 -129.55 -41.27
C ARG LA 219 25.20 -128.55 -40.78
N GLN LA 220 25.51 -127.26 -40.88
CA GLN LA 220 24.68 -126.21 -40.34
C GLN LA 220 24.35 -125.18 -41.41
N THR LA 221 23.16 -124.58 -41.28
CA THR LA 221 22.73 -123.47 -42.13
C THR LA 221 22.55 -122.25 -41.23
N LEU LA 222 23.29 -121.19 -41.53
CA LEU LA 222 23.28 -119.98 -40.71
C LEU LA 222 22.86 -118.79 -41.55
N ALA LA 223 21.96 -117.97 -41.01
CA ALA LA 223 21.52 -116.74 -41.65
C ALA LA 223 21.37 -115.66 -40.58
N ILE LA 224 22.25 -114.68 -40.59
CA ILE LA 224 22.25 -113.59 -39.61
C ILE LA 224 21.74 -112.34 -40.30
N TYR LA 225 20.63 -111.80 -39.81
CA TYR LA 225 20.02 -110.60 -40.36
C TYR LA 225 20.47 -109.38 -39.57
N ASP LA 226 20.11 -108.21 -40.08
CA ASP LA 226 20.41 -106.95 -39.43
C ASP LA 226 19.21 -106.48 -38.62
N ARG LA 227 19.46 -105.51 -37.74
CA ARG LA 227 18.38 -104.94 -36.93
C ARG LA 227 17.33 -104.23 -37.78
N PHE LA 228 17.66 -103.86 -39.01
CA PHE LA 228 16.71 -103.24 -39.93
C PHE LA 228 15.96 -104.27 -40.78
N GLY LA 229 16.29 -105.55 -40.65
CA GLY LA 229 15.59 -106.60 -41.37
C GLY LA 229 16.29 -107.10 -42.63
N ARG LA 230 17.45 -106.56 -42.96
CA ARG LA 230 18.17 -106.97 -44.16
C ARG LA 230 19.20 -108.03 -43.83
N LEU LA 231 19.42 -108.93 -44.79
CA LEU LA 231 20.38 -110.01 -44.61
C LEU LA 231 21.79 -109.46 -44.56
N MET LA 232 22.59 -109.97 -43.62
CA MET LA 232 23.94 -109.46 -43.39
C MET LA 232 25.03 -110.48 -43.65
N TYR LA 233 24.93 -111.68 -43.07
CA TYR LA 233 26.04 -112.62 -43.07
C TYR LA 233 25.92 -113.70 -44.13
N GLY LA 234 24.86 -114.50 -44.10
CA GLY LA 234 24.75 -115.63 -45.01
C GLY LA 234 23.32 -116.04 -45.27
N GLN LA 235 23.18 -116.94 -46.24
CA GLN LA 235 21.87 -117.42 -46.68
C GLN LA 235 21.40 -118.56 -45.78
N GLU LA 236 20.07 -118.69 -45.69
CA GLU LA 236 19.43 -119.64 -44.78
C GLU LA 236 19.23 -121.03 -45.39
N ASP LA 237 19.55 -121.23 -46.67
CA ASP LA 237 19.31 -122.50 -47.32
C ASP LA 237 20.58 -123.24 -47.71
N VAL LA 238 21.75 -122.69 -47.40
CA VAL LA 238 23.03 -123.34 -47.71
C VAL LA 238 23.44 -124.19 -46.51
N PRO LA 239 23.52 -125.51 -46.66
CA PRO LA 239 23.97 -126.39 -45.54
C PRO LA 239 25.49 -126.51 -45.46
N ARG LA 240 26.12 -125.42 -45.04
CA ARG LA 240 27.58 -125.38 -44.98
C ARG LA 240 28.11 -126.29 -43.88
N ASP LA 241 29.27 -126.89 -44.13
CA ASP LA 241 29.86 -127.84 -43.20
C ASP LA 241 30.91 -127.16 -42.34
N VAL LA 242 30.90 -127.47 -41.05
CA VAL LA 242 31.82 -126.89 -40.09
C VAL LA 242 32.42 -128.03 -39.25
N LEU LA 243 33.61 -127.77 -38.70
CA LEU LA 243 34.31 -128.75 -37.87
C LEU LA 243 34.95 -127.99 -36.72
N GLU LA 244 34.48 -128.25 -35.50
CA GLU LA 244 34.99 -127.57 -34.32
C GLU LA 244 35.31 -128.59 -33.24
N TYR LA 245 35.79 -128.09 -32.10
CA TYR LA 245 36.06 -128.90 -30.92
C TYR LA 245 35.36 -128.23 -29.74
N VAL LA 246 34.31 -128.87 -29.23
CA VAL LA 246 33.56 -128.33 -28.10
C VAL LA 246 34.16 -128.87 -26.81
N VAL LA 247 34.50 -127.97 -25.89
CA VAL LA 247 35.05 -128.33 -24.58
C VAL LA 247 33.98 -128.01 -23.56
N PHE LA 248 33.42 -129.06 -22.94
CA PHE LA 248 32.41 -128.92 -21.91
C PHE LA 248 33.06 -128.87 -20.54
N GLU LA 249 32.38 -128.21 -19.60
CA GLU LA 249 32.87 -128.09 -18.24
C GLU LA 249 31.76 -128.49 -17.28
N LYS LA 250 32.12 -129.26 -16.27
CA LYS LA 250 31.20 -129.70 -15.23
C LYS LA 250 31.91 -129.72 -13.89
N HIS LA 251 31.32 -129.07 -12.89
CA HIS LA 251 31.89 -129.06 -11.55
C HIS LA 251 31.52 -130.34 -10.82
N LEU LA 252 32.54 -131.11 -10.43
CA LEU LA 252 32.32 -132.40 -9.79
C LEU LA 252 31.95 -132.29 -8.32
N VAL LA 253 32.48 -131.29 -7.63
CA VAL LA 253 32.16 -131.13 -6.20
C VAL LA 253 30.69 -130.75 -6.03
N ASP LA 254 30.14 -129.97 -6.94
CA ASP LA 254 28.75 -129.55 -6.82
C ASP LA 254 27.82 -130.76 -6.94
N PRO LA 255 26.86 -130.90 -6.01
CA PRO LA 255 25.95 -132.05 -6.09
C PRO LA 255 25.12 -132.08 -7.37
N TYR LA 256 24.77 -130.92 -7.92
CA TYR LA 256 23.97 -130.91 -9.14
C TYR LA 256 24.85 -131.19 -10.36
N GLY LA 257 25.82 -130.32 -10.62
CA GLY LA 257 26.80 -130.54 -11.66
C GLY LA 257 26.24 -130.76 -13.05
N SER LA 258 25.65 -129.74 -13.64
CA SER LA 258 25.16 -129.84 -15.01
C SER LA 258 26.31 -129.69 -16.00
N TRP LA 259 26.19 -130.37 -17.13
CA TRP LA 259 27.18 -130.28 -18.20
C TRP LA 259 26.95 -128.99 -18.97
N ARG LA 260 27.96 -128.11 -18.97
CA ARG LA 260 27.87 -126.81 -19.61
C ARG LA 260 29.00 -126.66 -20.62
N MET LA 261 28.67 -126.18 -21.81
CA MET LA 261 29.68 -125.94 -22.83
C MET LA 261 30.56 -124.76 -22.42
N HIS LA 262 31.87 -124.94 -22.47
CA HIS LA 262 32.82 -123.95 -21.99
C HIS LA 262 33.61 -123.28 -23.11
N GLY LA 263 34.17 -124.07 -24.03
CA GLY LA 263 35.03 -123.52 -25.05
C GLY LA 263 34.73 -124.08 -26.41
N LYS LA 264 35.13 -123.31 -27.44
CA LYS LA 264 34.91 -123.65 -28.84
C LYS LA 264 36.24 -123.47 -29.57
N ILE LA 265 36.97 -124.55 -29.76
CA ILE LA 265 38.29 -124.52 -30.37
C ILE LA 265 38.15 -124.77 -31.86
N ILE LA 266 38.80 -123.94 -32.67
CA ILE LA 266 38.85 -124.13 -34.11
C ILE LA 266 40.29 -124.42 -34.51
N PRO LA 267 40.51 -125.34 -35.45
CA PRO LA 267 41.88 -125.64 -35.85
C PRO LA 267 42.53 -124.46 -36.54
N PRO LA 268 43.85 -124.27 -36.39
CA PRO LA 268 44.51 -123.16 -37.08
C PRO LA 268 44.44 -123.27 -38.60
N TRP LA 269 44.40 -124.48 -39.14
CA TRP LA 269 44.35 -124.68 -40.59
C TRP LA 269 42.94 -124.73 -41.13
N ALA LA 270 41.94 -124.35 -40.33
CA ALA LA 270 40.57 -124.38 -40.80
C ALA LA 270 40.37 -123.39 -41.94
N PRO LA 271 39.48 -123.72 -42.89
CA PRO LA 271 39.24 -122.80 -44.00
C PRO LA 271 38.68 -121.49 -43.50
N PRO LA 272 38.99 -120.38 -44.17
CA PRO LA 272 38.49 -119.09 -43.72
C PRO LA 272 36.97 -119.01 -43.81
N LYS LA 273 36.39 -118.18 -42.94
CA LYS LA 273 34.95 -118.02 -42.89
C LYS LA 273 34.45 -117.32 -44.15
N GLN LA 274 33.15 -117.46 -44.40
CA GLN LA 274 32.57 -116.94 -45.63
C GLN LA 274 32.65 -115.42 -45.66
N PRO LA 275 32.83 -114.83 -46.84
CA PRO LA 275 32.98 -113.37 -46.93
C PRO LA 275 31.73 -112.63 -46.50
N ILE LA 276 31.94 -111.41 -46.00
CA ILE LA 276 30.83 -110.55 -45.61
C ILE LA 276 30.15 -110.00 -46.86
N LEU LA 277 28.82 -109.88 -46.79
CA LEU LA 277 28.07 -109.38 -47.94
C LEU LA 277 28.40 -107.93 -48.25
N LYS LA 278 28.69 -107.13 -47.23
CA LYS LA 278 28.97 -105.71 -47.41
C LYS LA 278 30.44 -105.52 -47.78
N THR LA 279 30.78 -104.26 -48.07
CA THR LA 279 32.16 -103.86 -48.33
C THR LA 279 32.71 -103.12 -47.12
N VAL LA 280 33.96 -103.42 -46.77
CA VAL LA 280 34.58 -102.88 -45.57
C VAL LA 280 35.78 -102.02 -45.97
N MET LA 281 35.84 -100.82 -45.39
CA MET LA 281 36.95 -99.90 -45.59
C MET LA 281 37.79 -99.86 -44.33
N ILE LA 282 39.09 -100.05 -44.47
CA ILE LA 282 40.02 -100.06 -43.35
C ILE LA 282 40.78 -98.73 -43.36
N PRO LA 283 40.55 -97.84 -42.40
CA PRO LA 283 41.29 -96.58 -42.37
C PRO LA 283 42.75 -96.79 -42.03
N GLY LA 284 43.59 -95.88 -42.54
CA GLY LA 284 45.00 -95.90 -42.24
C GLY LA 284 45.32 -95.19 -40.95
N PRO LA 285 46.61 -95.09 -40.65
CA PRO LA 285 47.03 -94.40 -39.43
C PRO LA 285 46.80 -92.90 -39.54
N GLN LA 286 46.21 -92.33 -38.50
CA GLN LA 286 45.97 -90.88 -38.46
C GLN LA 286 47.29 -90.18 -38.16
N LEU LA 287 47.67 -89.24 -39.03
CA LEU LA 287 48.97 -88.60 -38.94
C LEU LA 287 48.84 -87.18 -38.39
N LYS LA 288 49.68 -86.86 -37.40
CA LYS LA 288 49.78 -85.50 -36.91
C LYS LA 288 50.48 -84.62 -37.94
N PRO LA 289 50.24 -83.31 -37.91
CA PRO LA 289 50.89 -82.43 -38.90
C PRO LA 289 52.41 -82.49 -38.87
N TRP LA 290 53.01 -82.67 -37.69
CA TRP LA 290 54.45 -82.74 -37.59
C TRP LA 290 55.02 -84.13 -37.83
N GLU LA 291 54.17 -85.11 -38.14
CA GLU LA 291 54.61 -86.48 -38.37
C GLU LA 291 54.52 -86.81 -39.86
N GLU LA 292 55.59 -87.35 -40.40
CA GLU LA 292 55.65 -87.76 -41.80
C GLU LA 292 55.26 -89.23 -41.93
N PHE LA 293 54.60 -89.55 -43.05
CA PHE LA 293 54.15 -90.91 -43.29
C PHE LA 293 55.33 -91.79 -43.70
N GLU LA 294 55.26 -93.06 -43.30
CA GLU LA 294 56.25 -94.07 -43.66
C GLU LA 294 55.53 -95.22 -44.34
N GLU LA 295 55.89 -95.49 -45.59
CA GLU LA 295 55.24 -96.54 -46.35
C GLU LA 295 55.97 -97.86 -46.11
N PRO LA 296 55.32 -98.87 -45.51
CA PRO LA 296 55.98 -100.16 -45.31
C PRO LA 296 56.07 -100.95 -46.60
N GLN LA 297 57.13 -101.75 -46.71
CA GLN LA 297 57.33 -102.61 -47.88
C GLN LA 297 57.67 -104.04 -47.46
N SER MA 43 -96.52 22.38 -39.24
CA SER MA 43 -97.31 22.81 -38.09
C SER MA 43 -96.60 23.92 -37.33
N PRO MA 44 -97.07 25.16 -37.49
CA PRO MA 44 -96.45 26.28 -36.78
C PRO MA 44 -96.60 26.15 -35.27
N TRP MA 45 -95.57 26.58 -34.56
CA TRP MA 45 -95.52 26.50 -33.10
C TRP MA 45 -95.15 27.85 -32.53
N ARG MA 46 -95.86 28.24 -31.47
CA ARG MA 46 -95.55 29.43 -30.71
C ARG MA 46 -95.10 29.03 -29.30
N LEU MA 47 -94.06 29.69 -28.81
CA LEU MA 47 -93.46 29.34 -27.53
C LEU MA 47 -93.49 30.54 -26.61
N LEU MA 48 -93.90 30.34 -25.36
CA LEU MA 48 -93.93 31.40 -24.37
C LEU MA 48 -93.48 30.86 -23.03
N GLY MA 49 -92.71 31.66 -22.30
CA GLY MA 49 -92.45 31.38 -20.91
C GLY MA 49 -93.45 32.08 -20.01
N ALA MA 50 -93.41 31.72 -18.73
CA ALA MA 50 -94.27 32.35 -17.73
C ALA MA 50 -93.62 32.19 -16.37
N LEU MA 51 -93.93 33.11 -15.47
CA LEU MA 51 -93.25 33.19 -14.19
C LEU MA 51 -94.27 33.10 -13.05
N CYS MA 52 -93.98 32.23 -12.08
CA CYS MA 52 -94.78 32.08 -10.87
C CYS MA 52 -93.91 32.53 -9.70
N LEU MA 53 -94.15 33.75 -9.21
CA LEU MA 53 -93.35 34.33 -8.15
C LEU MA 53 -94.02 34.08 -6.81
N GLN MA 54 -93.32 33.40 -5.91
CA GLN MA 54 -93.83 33.09 -4.58
C GLN MA 54 -93.16 33.98 -3.54
N ARG MA 55 -93.98 34.64 -2.71
CA ARG MA 55 -93.49 35.45 -1.61
C ARG MA 55 -93.39 34.60 -0.36
N PRO MA 56 -92.24 34.58 0.31
CA PRO MA 56 -92.11 33.76 1.51
C PRO MA 56 -93.06 34.23 2.61
N PRO MA 57 -93.62 33.31 3.39
CA PRO MA 57 -94.44 33.74 4.53
C PRO MA 57 -93.58 34.34 5.61
N LEU MA 58 -94.02 35.48 6.15
CA LEU MA 58 -93.25 36.20 7.16
C LEU MA 58 -93.49 35.69 8.58
N VAL MA 59 -94.74 35.34 8.89
CA VAL MA 59 -95.10 34.87 10.22
C VAL MA 59 -95.47 33.40 10.14
N THR MA 60 -95.25 32.69 11.25
CA THR MA 60 -95.62 31.29 11.32
C THR MA 60 -97.13 31.13 11.42
N LYS MA 61 -97.63 30.01 10.91
CA LYS MA 61 -99.06 29.75 10.92
C LYS MA 61 -99.53 29.41 12.34
N PRO MA 62 -100.79 29.73 12.66
CA PRO MA 62 -101.31 29.38 13.98
C PRO MA 62 -101.42 27.87 14.17
N LEU MA 63 -101.38 27.46 15.43
CA LEU MA 63 -101.35 26.05 15.78
C LEU MA 63 -102.75 25.49 15.90
N THR MA 64 -102.94 24.28 15.38
CA THR MA 64 -104.16 23.53 15.61
C THR MA 64 -104.29 23.25 17.11
N PRO MA 65 -105.50 23.20 17.65
CA PRO MA 65 -105.66 22.86 19.08
C PRO MA 65 -105.02 21.52 19.46
N LEU MA 66 -105.04 20.54 18.55
CA LEU MA 66 -104.31 19.30 18.81
C LEU MA 66 -102.81 19.57 18.96
N GLN MA 67 -102.26 20.43 18.09
CA GLN MA 67 -100.86 20.79 18.21
C GLN MA 67 -100.58 21.55 19.50
N GLU MA 68 -101.53 22.40 19.94
CA GLU MA 68 -101.35 23.10 21.21
C GLU MA 68 -101.33 22.12 22.38
N GLU MA 69 -102.23 21.13 22.37
CA GLU MA 69 -102.21 20.11 23.40
C GLU MA 69 -100.90 19.34 23.39
N MET MA 70 -100.41 18.98 22.20
CA MET MA 70 -99.14 18.28 22.10
C MET MA 70 -97.99 19.13 22.63
N ALA MA 71 -97.99 20.43 22.30
CA ALA MA 71 -96.93 21.31 22.78
C ALA MA 71 -96.97 21.45 24.30
N ASP MA 72 -98.18 21.55 24.87
CA ASP MA 72 -98.29 21.61 26.33
C ASP MA 72 -97.77 20.32 26.97
N LEU MA 73 -98.13 19.17 26.39
CA LEU MA 73 -97.63 17.90 26.90
C LEU MA 73 -96.10 17.83 26.82
N LEU MA 74 -95.53 18.28 25.70
CA LEU MA 74 -94.08 18.25 25.53
C LEU MA 74 -93.40 19.16 26.53
N GLN MA 75 -93.96 20.36 26.76
CA GLN MA 75 -93.40 21.25 27.77
C GLN MA 75 -93.45 20.63 29.16
N GLN MA 76 -94.58 20.00 29.49
CA GLN MA 76 -94.72 19.39 30.82
C GLN MA 76 -93.72 18.26 31.01
N ILE MA 77 -93.58 17.38 30.00
CA ILE MA 77 -92.66 16.26 30.15
C ILE MA 77 -91.21 16.74 30.16
N GLU MA 78 -90.90 17.78 29.39
CA GLU MA 78 -89.56 18.35 29.41
C GLU MA 78 -89.23 18.93 30.79
N ILE MA 79 -90.18 19.64 31.39
CA ILE MA 79 -89.97 20.16 32.74
C ILE MA 79 -89.80 19.02 33.73
N GLU MA 80 -90.60 17.96 33.60
CA GLU MA 80 -90.50 16.83 34.51
C GLU MA 80 -89.15 16.15 34.40
N ARG MA 81 -88.66 15.93 33.18
CA ARG MA 81 -87.39 15.25 32.97
C ARG MA 81 -86.18 16.16 33.19
N SER MA 82 -86.38 17.47 33.23
CA SER MA 82 -85.28 18.37 33.49
C SER MA 82 -84.79 18.21 34.93
N LEU MA 83 -83.48 18.41 35.12
CA LEU MA 83 -82.90 18.26 36.44
C LEU MA 83 -83.19 19.49 37.31
N TYR MA 84 -82.68 20.65 36.91
CA TYR MA 84 -82.91 21.91 37.61
C TYR MA 84 -82.34 23.05 36.77
N SER MA 85 -82.91 24.23 36.95
CA SER MA 85 -82.38 25.45 36.37
C SER MA 85 -81.71 26.29 37.45
N ASP MA 86 -80.75 27.12 37.03
CA ASP MA 86 -80.03 27.96 37.98
C ASP MA 86 -80.97 28.92 38.69
N HIS MA 87 -81.89 29.53 37.95
CA HIS MA 87 -82.81 30.50 38.55
C HIS MA 87 -83.70 29.83 39.60
N GLU MA 88 -84.27 28.67 39.27
CA GLU MA 88 -85.12 27.97 40.22
C GLU MA 88 -84.33 27.47 41.42
N LEU MA 89 -83.10 26.99 41.19
CA LEU MA 89 -82.27 26.54 42.29
C LEU MA 89 -81.96 27.69 43.25
N ARG MA 90 -81.61 28.86 42.70
CA ARG MA 90 -81.36 30.01 43.55
C ARG MA 90 -82.62 30.46 44.28
N ALA MA 91 -83.77 30.40 43.60
CA ALA MA 91 -85.02 30.79 44.23
C ALA MA 91 -85.35 29.89 45.42
N LEU MA 92 -85.24 28.57 45.22
CA LEU MA 92 -85.53 27.64 46.31
C LEU MA 92 -84.51 27.76 47.44
N ASP MA 93 -83.24 27.98 47.09
CA ASP MA 93 -82.22 28.16 48.11
C ASP MA 93 -82.50 29.39 48.96
N GLU MA 94 -82.86 30.51 48.32
CA GLU MA 94 -83.20 31.72 49.06
C GLU MA 94 -84.45 31.51 49.91
N ALA MA 95 -85.45 30.82 49.37
CA ALA MA 95 -86.68 30.57 50.12
C ALA MA 95 -86.43 29.73 51.37
N GLN MA 96 -85.58 28.70 51.25
CA GLN MA 96 -85.26 27.89 52.43
C GLN MA 96 -84.38 28.66 53.42
N GLN MA 97 -83.39 29.42 52.91
CA GLN MA 97 -82.48 30.12 53.79
C GLN MA 97 -83.20 31.20 54.59
N LEU MA 98 -84.04 32.00 53.93
CA LEU MA 98 -84.79 33.02 54.66
C LEU MA 98 -85.75 32.39 55.66
N ALA MA 99 -86.41 31.30 55.28
CA ALA MA 99 -87.34 30.65 56.19
C ALA MA 99 -86.62 30.11 57.42
N LYS MA 100 -85.43 29.54 57.26
CA LYS MA 100 -84.70 29.04 58.41
C LYS MA 100 -84.07 30.14 59.24
N LYS MA 101 -83.69 31.25 58.60
CA LYS MA 101 -83.13 32.39 59.33
C LYS MA 101 -84.18 33.16 60.11
N LYS MA 102 -85.45 33.12 59.66
CA LYS MA 102 -86.50 33.80 60.40
C LYS MA 102 -86.65 33.24 61.81
N SER MA 103 -86.56 31.92 61.97
CA SER MA 103 -86.69 31.28 63.27
C SER MA 103 -85.41 31.34 64.09
N ASP MA 104 -84.30 31.79 63.50
CA ASP MA 104 -83.04 31.89 64.22
C ASP MA 104 -82.36 33.22 63.96
N LEU MA 116 -82.89 39.18 44.55
CA LEU MA 116 -83.61 37.92 44.66
C LEU MA 116 -84.19 37.51 43.31
N ALA MA 117 -84.68 36.28 43.23
CA ALA MA 117 -85.26 35.76 42.00
C ALA MA 117 -86.61 36.36 41.70
N GLN MA 118 -87.45 36.55 42.73
CA GLN MA 118 -88.77 37.12 42.51
C GLN MA 118 -88.70 38.56 42.01
N ASP MA 119 -87.77 39.36 42.54
CA ASP MA 119 -87.62 40.74 42.06
C ASP MA 119 -87.22 40.77 40.59
N LEU MA 120 -86.28 39.90 40.20
CA LEU MA 120 -85.89 39.83 38.79
C LEU MA 120 -87.04 39.37 37.91
N GLU MA 121 -87.82 38.40 38.40
CA GLU MA 121 -88.98 37.94 37.63
C GLU MA 121 -89.99 39.06 37.44
N ASP MA 122 -90.25 39.84 38.50
CA ASP MA 122 -91.18 40.96 38.39
C ASP MA 122 -90.64 42.02 37.43
N MET MA 123 -89.33 42.29 37.48
CA MET MA 123 -88.73 43.23 36.55
C MET MA 123 -88.88 42.76 35.11
N TRP MA 124 -88.64 41.48 34.85
CA TRP MA 124 -88.80 40.94 33.51
C TRP MA 124 -90.24 41.04 33.05
N GLU MA 125 -91.18 40.72 33.94
CA GLU MA 125 -92.60 40.80 33.58
C GLU MA 125 -93.02 42.22 33.26
N GLN MA 126 -92.59 43.19 34.06
CA GLN MA 126 -92.97 44.57 33.80
C GLN MA 126 -92.31 45.09 32.53
N LYS MA 127 -91.06 44.71 32.26
CA LYS MA 127 -90.43 45.09 31.00
C LYS MA 127 -91.17 44.50 29.81
N PHE MA 128 -91.58 43.23 29.91
CA PHE MA 128 -92.34 42.61 28.82
C PHE MA 128 -93.67 43.30 28.61
N LEU MA 129 -94.35 43.66 29.70
CA LEU MA 129 -95.63 44.36 29.57
C LEU MA 129 -95.44 45.74 28.96
N HIS MA 130 -94.39 46.46 29.34
CA HIS MA 130 -94.12 47.77 28.75
C HIS MA 130 -93.81 47.66 27.26
N PHE MA 131 -93.00 46.67 26.89
CA PHE MA 131 -92.65 46.48 25.48
C PHE MA 131 -93.85 45.94 24.71
N LYS MA 132 -94.09 46.50 23.53
CA LYS MA 132 -95.20 46.09 22.68
C LYS MA 132 -94.66 45.61 21.34
N LEU MA 133 -95.16 44.46 20.89
CA LEU MA 133 -94.72 43.86 19.64
C LEU MA 133 -95.55 44.41 18.48
N GLY MA 134 -95.15 44.05 17.26
CA GLY MA 134 -95.89 44.48 16.09
C GLY MA 134 -97.20 43.72 15.92
N ALA MA 135 -98.07 44.30 15.11
CA ALA MA 135 -99.38 43.70 14.84
C ALA MA 135 -99.24 42.63 13.78
N ARG MA 136 -99.57 41.39 14.14
CA ARG MA 136 -99.46 40.28 13.18
C ARG MA 136 -100.58 40.31 12.15
N LEU MA 137 -101.71 40.93 12.46
CA LEU MA 137 -102.87 40.97 11.57
C LEU MA 137 -102.83 42.31 10.83
N THR MA 138 -102.05 42.36 9.75
CA THR MA 138 -101.93 43.55 8.92
C THR MA 138 -102.92 43.54 7.76
N GLU MA 139 -103.77 42.52 7.66
CA GLU MA 139 -104.79 42.42 6.62
C GLU MA 139 -106.20 42.55 7.17
N ALA MA 140 -106.44 42.08 8.39
CA ALA MA 140 -107.76 42.20 9.00
C ALA MA 140 -108.16 43.65 9.21
N ASP MA 141 -107.20 44.50 9.59
CA ASP MA 141 -107.50 45.91 9.77
C ASP MA 141 -107.79 46.62 8.46
N LYS MA 142 -107.13 46.19 7.37
CA LYS MA 142 -107.33 46.84 6.08
C LYS MA 142 -108.60 46.34 5.38
N LYS MA 143 -108.61 45.06 5.01
CA LYS MA 143 -109.73 44.40 4.32
C LYS MA 143 -110.10 45.09 3.00
N ASP MA 144 -109.21 45.91 2.45
CA ASP MA 144 -109.50 46.62 1.20
C ASP MA 144 -108.49 46.30 0.11
N ASP MA 145 -107.20 46.32 0.43
CA ASP MA 145 -106.16 46.18 -0.58
C ASP MA 145 -105.78 44.70 -0.73
N ARG MA 146 -106.10 44.13 -1.89
CA ARG MA 146 -105.64 42.80 -2.27
C ARG MA 146 -104.33 42.84 -3.04
N THR MA 147 -103.82 44.02 -3.35
CA THR MA 147 -102.64 44.19 -4.17
C THR MA 147 -101.38 44.47 -3.36
N SER MA 148 -101.49 44.50 -2.02
CA SER MA 148 -100.35 44.83 -1.19
C SER MA 148 -99.43 43.63 -1.03
N LEU MA 149 -98.11 43.89 -1.09
CA LEU MA 149 -97.14 42.83 -0.85
C LEU MA 149 -97.20 42.34 0.60
N HIS MA 150 -97.60 43.20 1.52
CA HIS MA 150 -97.73 42.86 2.93
C HIS MA 150 -99.13 42.37 3.28
N ARG MA 151 -99.88 41.86 2.30
CA ARG MA 151 -101.25 41.42 2.53
C ARG MA 151 -101.29 40.26 3.50
N LYS MA 152 -100.73 39.11 3.11
CA LYS MA 152 -100.74 37.91 3.93
C LYS MA 152 -99.32 37.56 4.36
N LEU MA 153 -99.17 37.23 5.64
CA LEU MA 153 -97.87 36.92 6.21
C LEU MA 153 -97.69 35.46 6.59
N ASP MA 154 -98.77 34.73 6.83
CA ASP MA 154 -98.69 33.33 7.20
C ASP MA 154 -98.61 32.40 5.99
N ARG MA 155 -99.20 32.80 4.87
CA ARG MA 155 -99.22 32.01 3.64
C ARG MA 155 -98.26 32.59 2.61
N ASN MA 156 -98.19 31.93 1.46
CA ASN MA 156 -97.40 32.40 0.34
C ASN MA 156 -98.32 32.99 -0.73
N LEU MA 157 -97.89 34.10 -1.32
CA LEU MA 157 -98.68 34.82 -2.31
C LEU MA 157 -98.00 34.80 -3.66
N ILE MA 158 -98.81 34.81 -4.73
CA ILE MA 158 -98.33 34.86 -6.09
C ILE MA 158 -98.93 36.10 -6.75
N LEU MA 159 -98.30 36.53 -7.84
CA LEU MA 159 -98.68 37.77 -8.51
C LEU MA 159 -99.50 37.46 -9.77
N LEU MA 160 -100.64 38.12 -9.89
CA LEU MA 160 -101.49 38.02 -11.07
C LEU MA 160 -101.66 39.40 -11.69
N VAL MA 161 -101.50 39.48 -13.01
CA VAL MA 161 -101.59 40.74 -13.74
C VAL MA 161 -102.77 40.67 -14.69
N ARG MA 162 -103.59 41.72 -14.68
CA ARG MA 162 -104.77 41.80 -15.53
C ARG MA 162 -104.39 42.43 -16.87
N GLU MA 163 -104.67 41.71 -17.96
CA GLU MA 163 -104.40 42.20 -19.30
C GLU MA 163 -105.63 41.98 -20.17
N LYS MA 164 -106.02 43.01 -20.92
CA LYS MA 164 -107.12 42.92 -21.87
C LYS MA 164 -106.54 43.07 -23.27
N LEU MA 165 -106.46 41.96 -24.00
CA LEU MA 165 -105.90 41.95 -25.34
C LEU MA 165 -106.99 42.29 -26.35
N GLY MA 166 -106.65 42.26 -27.64
CA GLY MA 166 -107.62 42.62 -28.66
C GLY MA 166 -108.77 41.63 -28.75
N ASP MA 167 -108.48 40.34 -28.63
CA ASP MA 167 -109.48 39.29 -28.75
C ASP MA 167 -109.73 38.54 -27.46
N GLN MA 168 -108.91 38.76 -26.43
CA GLN MA 168 -109.04 38.05 -25.17
C GLN MA 168 -108.92 39.01 -24.00
N ASP MA 169 -109.76 38.81 -22.99
CA ASP MA 169 -109.70 39.55 -21.73
C ASP MA 169 -109.40 38.51 -20.64
N ILE MA 170 -108.12 38.32 -20.35
CA ILE MA 170 -107.67 37.21 -19.53
C ILE MA 170 -107.02 37.75 -18.26
N TRP MA 171 -107.41 37.19 -17.12
CA TRP MA 171 -106.72 37.41 -15.85
C TRP MA 171 -105.53 36.46 -15.84
N MET MA 172 -104.43 36.91 -16.44
CA MET MA 172 -103.35 36.04 -16.87
C MET MA 172 -102.15 36.11 -15.93
N LEU MA 173 -101.51 34.97 -15.71
CA LEU MA 173 -100.24 34.94 -15.03
C LEU MA 173 -99.17 35.60 -15.91
N PRO MA 174 -98.17 36.25 -15.31
CA PRO MA 174 -97.18 36.98 -16.13
C PRO MA 174 -96.38 36.08 -17.05
N GLN MA 175 -96.63 36.22 -18.35
CA GLN MA 175 -95.99 35.42 -19.39
C GLN MA 175 -94.89 36.25 -20.07
N SER MA 176 -94.33 35.69 -21.13
CA SER MA 176 -93.17 36.28 -21.79
C SER MA 176 -93.19 35.91 -23.27
N ASP MA 177 -92.20 36.42 -24.00
CA ASP MA 177 -91.99 36.09 -25.40
C ASP MA 177 -90.50 36.17 -25.69
N TRP MA 178 -89.99 35.21 -26.46
CA TRP MA 178 -88.56 35.11 -26.67
C TRP MA 178 -88.28 34.51 -28.05
N GLN MA 179 -87.28 35.04 -28.73
CA GLN MA 179 -86.82 34.48 -29.98
C GLN MA 179 -85.99 33.22 -29.70
N PRO MA 180 -85.92 32.29 -30.65
CA PRO MA 180 -85.22 31.01 -30.40
C PRO MA 180 -83.78 31.17 -29.95
N GLY MA 181 -83.19 32.36 -30.05
CA GLY MA 181 -81.83 32.58 -29.59
C GLY MA 181 -81.68 32.85 -28.11
N GLU MA 182 -82.78 32.82 -27.36
CA GLU MA 182 -82.76 33.14 -25.93
C GLU MA 182 -83.19 31.92 -25.10
N THR MA 183 -82.74 31.90 -23.86
CA THR MA 183 -83.05 30.84 -22.91
C THR MA 183 -84.32 31.18 -22.15
N LEU MA 184 -85.03 30.14 -21.71
CA LEU MA 184 -86.28 30.33 -20.97
C LEU MA 184 -86.03 31.06 -19.65
N ARG MA 185 -84.99 30.66 -18.91
CA ARG MA 185 -84.70 31.29 -17.63
C ARG MA 185 -84.28 32.74 -17.80
N GLN MA 186 -83.45 33.03 -18.82
CA GLN MA 186 -83.07 34.41 -19.09
C GLN MA 186 -84.27 35.24 -19.53
N THR MA 187 -85.18 34.64 -20.30
CA THR MA 187 -86.41 35.34 -20.68
C THR MA 187 -87.25 35.66 -19.47
N ALA MA 188 -87.35 34.72 -18.51
CA ALA MA 188 -88.10 34.98 -17.29
C ALA MA 188 -87.44 36.10 -16.48
N GLU MA 189 -86.11 36.11 -16.41
CA GLU MA 189 -85.42 37.18 -15.71
C GLU MA 189 -85.67 38.53 -16.37
N ARG MA 190 -85.61 38.58 -17.70
CA ARG MA 190 -85.89 39.81 -18.41
C ARG MA 190 -87.33 40.27 -18.18
N THR MA 191 -88.26 39.33 -18.16
CA THR MA 191 -89.66 39.68 -17.93
C THR MA 191 -89.87 40.25 -16.53
N LEU MA 192 -89.29 39.60 -15.52
CA LEU MA 192 -89.45 40.12 -14.16
C LEU MA 192 -88.74 41.45 -13.98
N ALA MA 193 -87.67 41.70 -14.74
CA ALA MA 193 -86.99 42.98 -14.65
C ALA MA 193 -87.74 44.10 -15.37
N THR MA 194 -88.40 43.80 -16.49
CA THR MA 194 -89.03 44.82 -17.32
C THR MA 194 -90.51 45.00 -17.01
N LEU MA 195 -91.30 43.93 -17.13
CA LEU MA 195 -92.75 44.05 -16.99
C LEU MA 195 -93.15 44.47 -15.58
N SER MA 196 -92.47 43.95 -14.55
CA SER MA 196 -92.82 44.30 -13.18
C SER MA 196 -92.55 45.76 -12.87
N GLU MA 197 -91.65 46.40 -13.62
CA GLU MA 197 -91.37 47.84 -13.49
C GLU MA 197 -90.95 48.22 -12.07
N ASN MA 198 -90.09 47.39 -11.47
CA ASN MA 198 -89.58 47.66 -10.13
C ASN MA 198 -88.27 46.93 -9.94
N ASN MA 199 -87.54 47.32 -8.89
CA ASN MA 199 -86.30 46.67 -8.51
C ASN MA 199 -86.64 45.52 -7.58
N MET MA 200 -86.58 44.30 -8.11
CA MET MA 200 -86.99 43.10 -7.41
C MET MA 200 -85.92 42.03 -7.53
N GLU MA 201 -85.64 41.36 -6.42
CA GLU MA 201 -84.67 40.27 -6.39
C GLU MA 201 -85.41 38.94 -6.37
N ALA MA 202 -85.31 38.20 -7.46
CA ALA MA 202 -85.99 36.91 -7.61
C ALA MA 202 -84.96 35.80 -7.60
N LYS MA 203 -85.15 34.83 -6.72
CA LYS MA 203 -84.27 33.67 -6.60
C LYS MA 203 -84.91 32.50 -7.33
N PHE MA 204 -84.29 32.06 -8.42
CA PHE MA 204 -84.80 30.94 -9.19
C PHE MA 204 -84.38 29.62 -8.54
N LEU MA 205 -85.32 28.69 -8.45
CA LEU MA 205 -85.07 27.42 -7.77
C LEU MA 205 -84.27 26.47 -8.64
N GLY MA 206 -84.78 26.14 -9.81
CA GLY MA 206 -84.09 25.23 -10.71
C GLY MA 206 -84.21 25.69 -12.15
N ASN MA 207 -83.21 25.31 -12.95
CA ASN MA 207 -83.20 25.67 -14.36
C ASN MA 207 -84.26 24.91 -15.16
N ALA MA 208 -84.70 23.75 -14.67
CA ALA MA 208 -85.70 22.98 -15.39
C ALA MA 208 -87.08 23.62 -15.24
N PRO MA 209 -87.93 23.50 -16.25
CA PRO MA 209 -89.29 24.06 -16.16
C PRO MA 209 -90.11 23.36 -15.09
N CYS MA 210 -91.05 24.11 -14.53
CA CYS MA 210 -91.94 23.61 -13.49
C CYS MA 210 -93.25 23.07 -14.04
N GLY MA 211 -93.81 23.72 -15.06
CA GLY MA 211 -95.04 23.23 -15.66
C GLY MA 211 -95.08 23.54 -17.14
N HIS MA 212 -95.81 22.73 -17.89
CA HIS MA 212 -95.96 22.91 -19.32
C HIS MA 212 -97.43 22.80 -19.70
N TYR MA 213 -97.90 23.69 -20.58
CA TYR MA 213 -99.29 23.63 -21.02
C TYR MA 213 -99.38 24.01 -22.50
N LYS MA 214 -100.15 23.24 -23.27
CA LYS MA 214 -100.28 23.44 -24.70
C LYS MA 214 -101.73 23.69 -25.08
N PHE MA 215 -101.91 24.52 -26.11
CA PHE MA 215 -103.22 24.72 -26.72
C PHE MA 215 -103.04 24.96 -28.21
N LYS MA 216 -103.83 24.25 -29.02
CA LYS MA 216 -103.69 24.28 -30.47
C LYS MA 216 -104.91 24.92 -31.10
N PHE MA 217 -104.69 25.87 -32.00
CA PHE MA 217 -105.79 26.58 -32.65
C PHE MA 217 -106.30 25.80 -33.86
N LEU MA 227 -101.40 24.77 -36.23
CA LEU MA 227 -100.93 25.86 -35.38
C LEU MA 227 -101.15 25.53 -33.91
N GLY MA 228 -100.05 25.52 -33.14
CA GLY MA 228 -100.12 25.27 -31.72
C GLY MA 228 -99.30 26.28 -30.95
N ALA MA 229 -99.56 26.35 -29.65
CA ALA MA 229 -98.83 27.24 -28.77
C ALA MA 229 -98.59 26.54 -27.44
N LYS MA 230 -97.46 26.85 -26.82
CA LYS MA 230 -97.02 26.22 -25.59
C LYS MA 230 -96.55 27.28 -24.62
N VAL MA 231 -96.85 27.09 -23.33
CA VAL MA 231 -96.44 27.98 -22.26
C VAL MA 231 -95.73 27.17 -21.19
N PHE MA 232 -94.56 27.65 -20.77
CA PHE MA 232 -93.70 26.96 -19.80
C PHE MA 232 -93.62 27.81 -18.55
N PHE MA 233 -94.21 27.33 -17.46
CA PHE MA 233 -94.23 28.05 -16.19
C PHE MA 233 -93.00 27.66 -15.37
N PHE MA 234 -92.22 28.66 -14.99
CA PHE MA 234 -91.07 28.51 -14.10
C PHE MA 234 -91.39 29.17 -12.76
N LYS MA 235 -91.01 28.51 -11.67
CA LYS MA 235 -91.22 29.03 -10.32
C LYS MA 235 -90.02 29.83 -9.88
N ALA MA 236 -90.26 30.97 -9.25
CA ALA MA 236 -89.22 31.81 -8.68
C ALA MA 236 -89.65 32.25 -7.29
N LEU MA 237 -88.66 32.57 -6.46
CA LEU MA 237 -88.89 32.99 -5.08
C LEU MA 237 -88.49 34.45 -4.91
N LEU MA 238 -89.34 35.21 -4.22
CA LEU MA 238 -89.10 36.62 -3.97
C LEU MA 238 -88.18 36.79 -2.76
N LEU MA 239 -87.10 37.53 -2.94
CA LEU MA 239 -86.19 37.84 -1.84
C LEU MA 239 -86.45 39.23 -1.26
N THR MA 240 -86.42 40.25 -2.11
CA THR MA 240 -86.68 41.63 -1.68
C THR MA 240 -87.08 42.44 -2.89
N GLY MA 241 -88.29 43.01 -2.87
CA GLY MA 241 -88.79 43.80 -3.97
C GLY MA 241 -89.24 45.17 -3.48
N ASP MA 242 -88.82 46.20 -4.19
CA ASP MA 242 -89.20 47.58 -3.91
C ASP MA 242 -90.11 48.02 -5.06
N PHE MA 243 -91.40 47.76 -4.92
CA PHE MA 243 -92.37 48.01 -5.99
C PHE MA 243 -92.64 49.52 -6.06
N SER MA 244 -92.15 50.16 -7.12
CA SER MA 244 -92.40 51.57 -7.35
C SER MA 244 -93.71 51.76 -8.12
N GLN MA 245 -94.34 52.91 -7.90
CA GLN MA 245 -95.61 53.27 -8.52
C GLN MA 245 -96.68 52.22 -8.20
N ALA MA 246 -97.02 52.14 -6.92
CA ALA MA 246 -98.06 51.21 -6.47
C ALA MA 246 -99.45 51.68 -6.85
N GLY MA 247 -99.61 52.93 -7.23
CA GLY MA 247 -100.91 53.46 -7.60
C GLY MA 247 -101.19 53.43 -9.09
N LYS MA 248 -100.41 52.64 -9.82
CA LYS MA 248 -100.55 52.56 -11.26
C LYS MA 248 -101.82 51.78 -11.62
N LYS MA 249 -102.26 51.96 -12.87
CA LYS MA 249 -103.46 51.29 -13.34
C LYS MA 249 -103.23 49.82 -13.69
N GLY MA 250 -101.98 49.37 -13.77
CA GLY MA 250 -101.69 47.97 -14.00
C GLY MA 250 -102.17 47.11 -12.84
N HIS MA 251 -103.24 46.34 -13.07
CA HIS MA 251 -103.85 45.57 -12.00
C HIS MA 251 -102.97 44.37 -11.67
N HIS MA 252 -102.12 44.53 -10.65
CA HIS MA 252 -101.29 43.47 -10.12
C HIS MA 252 -101.80 43.11 -8.73
N VAL MA 253 -102.08 41.83 -8.50
CA VAL MA 253 -102.71 41.37 -7.28
C VAL MA 253 -101.86 40.26 -6.68
N TRP MA 254 -101.55 40.38 -5.39
CA TRP MA 254 -100.94 39.29 -4.63
C TRP MA 254 -102.05 38.43 -4.04
N VAL MA 255 -101.99 37.13 -4.32
CA VAL MA 255 -103.14 36.25 -4.11
C VAL MA 255 -102.65 34.91 -3.59
N SER MA 256 -103.41 34.33 -2.67
CA SER MA 256 -103.08 33.04 -2.07
C SER MA 256 -103.75 31.91 -2.88
N LYS MA 257 -103.73 30.69 -2.32
CA LYS MA 257 -104.22 29.53 -3.06
C LYS MA 257 -105.73 29.58 -3.28
N GLU MA 258 -106.49 29.90 -2.22
CA GLU MA 258 -107.94 29.86 -2.33
C GLU MA 258 -108.46 30.97 -3.24
N GLU MA 259 -107.99 32.20 -3.03
CA GLU MA 259 -108.39 33.29 -3.91
C GLU MA 259 -107.83 33.10 -5.31
N LEU MA 260 -106.71 32.37 -5.44
CA LEU MA 260 -106.17 32.06 -6.76
C LEU MA 260 -107.11 31.14 -7.52
N GLY MA 261 -107.59 30.08 -6.86
CA GLY MA 261 -108.59 29.22 -7.47
C GLY MA 261 -109.88 29.97 -7.77
N ASP MA 262 -110.24 30.92 -6.91
CA ASP MA 262 -111.43 31.74 -7.17
C ASP MA 262 -111.24 32.62 -8.40
N TYR MA 263 -110.05 33.18 -8.58
CA TYR MA 263 -109.81 34.14 -9.66
C TYR MA 263 -109.61 33.47 -11.01
N LEU MA 264 -108.72 32.49 -11.08
CA LEU MA 264 -108.31 31.94 -12.37
C LEU MA 264 -109.42 31.09 -12.97
N LYS MA 265 -110.00 31.58 -14.06
CA LYS MA 265 -111.09 30.92 -14.77
C LYS MA 265 -110.66 29.81 -15.74
N PRO MA 266 -109.68 30.00 -16.62
CA PRO MA 266 -109.46 29.03 -17.69
C PRO MA 266 -108.87 27.73 -17.15
N LYS MA 267 -109.06 26.67 -17.94
CA LYS MA 267 -108.57 25.36 -17.53
C LYS MA 267 -107.05 25.27 -17.56
N TYR MA 268 -106.39 26.00 -18.47
CA TYR MA 268 -104.94 25.99 -18.52
C TYR MA 268 -104.34 26.58 -17.25
N LEU MA 269 -104.91 27.68 -16.77
CA LEU MA 269 -104.43 28.32 -15.55
C LEU MA 269 -105.05 27.71 -14.30
N ALA MA 270 -106.05 26.84 -14.44
CA ALA MA 270 -106.64 26.17 -13.29
C ALA MA 270 -105.80 25.00 -12.80
N GLN MA 271 -104.77 24.59 -13.55
CA GLN MA 271 -103.90 23.49 -13.17
C GLN MA 271 -102.58 23.99 -12.60
N VAL MA 272 -102.45 25.28 -12.32
CA VAL MA 272 -101.25 25.80 -11.67
C VAL MA 272 -101.13 25.23 -10.26
N ARG MA 273 -102.26 25.03 -9.58
CA ARG MA 273 -102.25 24.46 -8.23
C ARG MA 273 -101.76 23.03 -8.21
N ARG MA 274 -101.68 22.36 -9.36
CA ARG MA 274 -101.14 21.01 -9.41
C ARG MA 274 -99.69 20.97 -8.95
N PHE MA 275 -98.89 21.95 -9.40
CA PHE MA 275 -97.51 22.06 -8.96
C PHE MA 275 -97.29 23.15 -7.92
N LEU MA 276 -98.28 24.00 -7.67
CA LEU MA 276 -98.17 24.99 -6.60
C LEU MA 276 -98.29 24.29 -5.25
N LEU MA 277 -97.47 24.72 -4.29
CA LEU MA 277 -97.52 24.15 -2.96
C LEU MA 277 -98.78 24.60 -2.23
N ASP MA 278 -99.52 23.63 -1.68
CA ASP MA 278 -100.75 23.95 -0.97
C ASP MA 278 -100.49 24.58 0.39
N LEU MA 279 -99.49 24.10 1.11
CA LEU MA 279 -99.16 24.60 2.44
C LEU MA 279 -100.35 24.53 3.39
N TYR NA 105 -67.48 -27.95 -5.16
CA TYR NA 105 -66.31 -28.27 -5.97
C TYR NA 105 -66.35 -27.49 -7.28
N ARG NA 106 -65.17 -27.25 -7.86
CA ARG NA 106 -65.09 -26.40 -9.03
C ARG NA 106 -65.70 -27.05 -10.27
N SER NA 107 -65.59 -28.38 -10.38
CA SER NA 107 -66.18 -29.07 -11.53
C SER NA 107 -67.67 -29.33 -11.36
N LYS NA 108 -68.21 -29.21 -10.15
CA LYS NA 108 -69.62 -29.46 -9.93
C LYS NA 108 -70.46 -28.32 -10.48
N PRO NA 109 -71.68 -28.61 -10.95
CA PRO NA 109 -72.56 -27.54 -11.44
C PRO NA 109 -72.95 -26.55 -10.37
N THR NA 110 -72.89 -26.92 -9.09
CA THR NA 110 -73.27 -26.04 -8.00
C THR NA 110 -72.11 -25.18 -7.50
N HIS NA 111 -71.07 -25.01 -8.31
CA HIS NA 111 -69.93 -24.20 -7.89
C HIS NA 111 -70.31 -22.73 -7.80
N GLY NA 112 -69.74 -22.05 -6.80
CA GLY NA 112 -70.02 -20.64 -6.61
C GLY NA 112 -71.33 -20.35 -5.91
N ILE NA 113 -71.99 -21.37 -5.36
CA ILE NA 113 -73.25 -21.14 -4.65
C ILE NA 113 -73.02 -20.39 -3.34
N GLY NA 114 -71.86 -20.57 -2.70
CA GLY NA 114 -71.50 -19.84 -1.51
C GLY NA 114 -70.80 -18.52 -1.77
N ARG NA 115 -70.69 -18.10 -3.02
CA ARG NA 115 -70.05 -16.84 -3.36
C ARG NA 115 -70.88 -15.69 -2.80
N TYR NA 116 -70.31 -14.95 -1.84
CA TYR NA 116 -71.03 -13.86 -1.19
C TYR NA 116 -70.24 -12.56 -1.09
N LYS NA 117 -68.92 -12.57 -1.27
CA LYS NA 117 -68.14 -11.35 -1.13
C LYS NA 117 -68.46 -10.33 -2.24
N HIS NA 118 -69.06 -10.77 -3.33
CA HIS NA 118 -69.50 -9.84 -4.37
C HIS NA 118 -70.81 -9.15 -4.02
N LEU NA 119 -71.52 -9.64 -3.00
CA LEU NA 119 -72.79 -9.05 -2.61
C LEU NA 119 -72.65 -7.91 -1.61
N VAL NA 120 -71.46 -7.74 -1.02
CA VAL NA 120 -71.18 -6.66 -0.09
C VAL NA 120 -69.80 -6.08 -0.43
N LYS NA 121 -69.70 -4.77 -0.44
CA LYS NA 121 -68.44 -4.07 -0.71
C LYS NA 121 -67.98 -3.40 0.58
N ALA NA 122 -67.22 -4.14 1.39
CA ALA NA 122 -66.70 -3.63 2.66
C ALA NA 122 -65.26 -4.11 2.81
N GLN NA 123 -64.31 -3.27 2.41
CA GLN NA 123 -62.89 -3.60 2.52
C GLN NA 123 -62.16 -2.64 3.45
N VAL NA 134 -64.90 14.52 -3.50
CA VAL NA 134 -65.83 14.10 -4.55
C VAL NA 134 -66.02 15.22 -5.56
N ARG NA 135 -65.69 14.94 -6.82
CA ARG NA 135 -65.78 15.87 -7.95
C ARG NA 135 -67.15 15.78 -8.61
N PRO NA 136 -67.83 16.91 -8.79
CA PRO NA 136 -69.16 16.88 -9.39
C PRO NA 136 -69.14 16.31 -10.81
N ILE NA 137 -70.15 15.51 -11.12
CA ILE NA 137 -70.29 14.87 -12.43
C ILE NA 137 -71.29 15.72 -13.21
N ASN NA 138 -70.78 16.70 -13.95
CA ASN NA 138 -71.61 17.61 -14.74
C ASN NA 138 -71.41 17.25 -16.21
N LEU NA 139 -72.38 16.54 -16.77
CA LEU NA 139 -72.31 16.07 -18.15
C LEU NA 139 -73.30 16.76 -19.07
N GLY NA 140 -73.86 17.88 -18.66
CA GLY NA 140 -74.79 18.64 -19.49
C GLY NA 140 -76.26 18.31 -19.31
N THR NA 141 -76.63 17.05 -19.54
CA THR NA 141 -78.01 16.60 -19.39
C THR NA 141 -78.25 15.88 -18.07
N ASP NA 142 -77.40 14.93 -17.69
CA ASP NA 142 -77.49 14.27 -16.39
C ASP NA 142 -76.54 14.96 -15.41
N TYR NA 143 -76.99 16.14 -14.97
CA TYR NA 143 -76.19 17.01 -14.11
C TYR NA 143 -76.20 16.45 -12.68
N GLU NA 144 -75.44 15.37 -12.49
CA GLU NA 144 -75.32 14.73 -11.18
C GLU NA 144 -74.09 15.32 -10.48
N TYR NA 145 -74.29 16.47 -9.87
CA TYR NA 145 -73.19 17.19 -9.23
C TYR NA 145 -72.73 16.44 -7.98
N GLY NA 146 -71.72 17.01 -7.33
CA GLY NA 146 -71.07 16.35 -6.21
C GLY NA 146 -71.82 16.45 -4.89
N VAL NA 147 -71.12 16.18 -3.80
CA VAL NA 147 -71.72 16.18 -2.48
C VAL NA 147 -72.12 17.59 -2.08
N LEU NA 148 -73.23 17.70 -1.37
CA LEU NA 148 -73.79 18.98 -0.95
C LEU NA 148 -74.01 19.00 0.55
N ASN NA 149 -73.71 20.14 1.16
CA ASN NA 149 -73.90 20.36 2.59
C ASN NA 149 -75.16 21.17 2.83
N ILE NA 150 -76.04 20.67 3.68
CA ILE NA 150 -77.22 21.40 4.12
C ILE NA 150 -76.99 21.78 5.59
N HIS NA 151 -76.87 23.08 5.83
CA HIS NA 151 -76.59 23.60 7.16
C HIS NA 151 -77.86 24.18 7.77
N LEU NA 152 -78.15 23.76 9.01
CA LEU NA 152 -79.26 24.30 9.78
C LEU NA 152 -78.67 24.95 11.02
N ILE NA 153 -78.79 26.27 11.11
CA ILE NA 153 -78.21 27.06 12.20
C ILE NA 153 -79.36 27.54 13.08
N ALA NA 154 -79.26 27.27 14.37
CA ALA NA 154 -80.36 27.66 15.26
C ALA NA 154 -79.84 27.89 16.66
N TYR NA 155 -80.46 28.85 17.36
CA TYR NA 155 -80.20 29.04 18.78
C TYR NA 155 -80.87 27.96 19.63
N ASP NA 156 -81.99 27.41 19.17
CA ASP NA 156 -82.70 26.35 19.89
C ASP NA 156 -82.12 25.02 19.45
N MET NA 157 -81.40 24.36 20.37
CA MET NA 157 -80.79 23.07 20.05
C MET NA 157 -81.85 22.02 19.73
N ALA NA 158 -82.94 22.01 20.50
CA ALA NA 158 -84.00 21.04 20.25
C ALA NA 158 -84.61 21.23 18.87
N LEU NA 159 -84.90 22.47 18.49
CA LEU NA 159 -85.49 22.74 17.17
C LEU NA 159 -84.52 22.39 16.06
N ALA NA 160 -83.24 22.73 16.23
CA ALA NA 160 -82.23 22.40 15.22
C ALA NA 160 -82.13 20.88 15.04
N GLU NA 161 -82.09 20.13 16.15
CA GLU NA 161 -82.01 18.69 16.06
C GLU NA 161 -83.27 18.11 15.44
N SER NA 162 -84.44 18.66 15.76
CA SER NA 162 -85.67 18.18 15.17
C SER NA 162 -85.70 18.38 13.66
N TYR NA 163 -85.27 19.55 13.19
CA TYR NA 163 -85.27 19.79 11.76
C TYR NA 163 -84.20 18.98 11.05
N ALA NA 164 -83.05 18.75 11.70
CA ALA NA 164 -82.04 17.86 11.12
C ALA NA 164 -82.57 16.44 10.99
N GLN NA 165 -83.28 15.96 12.02
CA GLN NA 165 -83.89 14.64 11.93
C GLN NA 165 -84.92 14.59 10.82
N TYR NA 166 -85.73 15.64 10.69
CA TYR NA 166 -86.76 15.66 9.65
C TYR NA 166 -86.14 15.63 8.27
N VAL NA 167 -85.10 16.44 8.04
CA VAL NA 167 -84.48 16.46 6.70
C VAL NA 167 -83.75 15.16 6.43
N HIS NA 168 -83.13 14.55 7.44
CA HIS NA 168 -82.49 13.25 7.24
C HIS NA 168 -83.51 12.19 6.87
N ASN NA 169 -84.64 12.16 7.57
CA ASN NA 169 -85.69 11.20 7.26
C ASN NA 169 -86.27 11.44 5.87
N LEU NA 170 -86.44 12.71 5.49
CA LEU NA 170 -86.94 13.01 4.15
C LEU NA 170 -85.96 12.54 3.08
N CYS NA 171 -84.66 12.75 3.31
CA CYS NA 171 -83.66 12.28 2.36
C CYS NA 171 -83.67 10.76 2.25
N ASN NA 172 -83.81 10.07 3.39
CA ASN NA 172 -83.90 8.62 3.36
C ASN NA 172 -85.13 8.15 2.61
N HIS NA 173 -86.26 8.82 2.81
CA HIS NA 173 -87.49 8.45 2.11
C HIS NA 173 -87.39 8.71 0.61
N LEU NA 174 -86.75 9.80 0.21
CA LEU NA 174 -86.66 10.18 -1.20
C LEU NA 174 -85.48 9.53 -1.91
N ALA NA 175 -84.96 8.41 -1.38
CA ALA NA 175 -83.86 7.68 -2.00
C ALA NA 175 -82.63 8.56 -2.24
N ILE NA 176 -82.33 9.43 -1.29
CA ILE NA 176 -81.17 10.32 -1.40
C ILE NA 176 -80.03 9.73 -0.57
N LYS NA 177 -78.90 9.51 -1.23
CA LYS NA 177 -77.72 8.92 -0.57
C LYS NA 177 -77.13 9.96 0.38
N VAL NA 178 -77.44 9.82 1.67
CA VAL NA 178 -76.94 10.74 2.68
C VAL NA 178 -75.53 10.31 3.06
N GLU NA 179 -74.54 11.15 2.74
CA GLU NA 179 -73.16 10.83 3.09
C GLU NA 179 -72.93 10.88 4.59
N GLU NA 180 -73.37 11.97 5.24
CA GLU NA 180 -73.16 12.16 6.66
C GLU NA 180 -74.29 12.99 7.25
N SER NA 181 -74.38 12.97 8.58
CA SER NA 181 -75.30 13.84 9.31
C SER NA 181 -74.63 14.18 10.64
N TYR NA 182 -73.93 15.31 10.67
CA TYR NA 182 -73.06 15.65 11.79
C TYR NA 182 -73.41 17.03 12.32
N ALA NA 183 -72.66 17.45 13.34
CA ALA NA 183 -72.87 18.73 14.00
C ALA NA 183 -71.56 19.50 14.04
N MET NA 184 -71.60 20.78 13.65
CA MET NA 184 -70.45 21.64 13.78
C MET NA 184 -70.35 22.16 15.22
N PRO NA 185 -69.15 22.55 15.66
CA PRO NA 185 -69.01 23.04 17.04
C PRO NA 185 -69.85 24.29 17.27
N THR NA 186 -70.42 24.38 18.48
CA THR NA 186 -71.32 25.47 18.82
C THR NA 186 -70.56 26.80 18.92
N LYS NA 187 -71.29 27.90 18.76
CA LYS NA 187 -70.73 29.24 18.91
C LYS NA 187 -71.52 29.97 19.98
N THR NA 188 -70.83 30.40 21.04
CA THR NA 188 -71.47 31.05 22.18
C THR NA 188 -71.13 32.54 22.12
N MET NA 189 -72.11 33.35 21.75
CA MET NA 189 -71.95 34.80 21.73
C MET NA 189 -72.43 35.41 23.03
N GLU NA 190 -71.72 36.46 23.47
CA GLU NA 190 -72.03 37.16 24.70
C GLU NA 190 -72.61 38.53 24.35
N VAL NA 191 -73.73 38.89 24.97
CA VAL NA 191 -74.37 40.17 24.71
C VAL NA 191 -73.87 41.18 25.73
N LEU NA 192 -73.28 42.26 25.25
CA LEU NA 192 -72.81 43.36 26.09
C LEU NA 192 -73.64 44.59 25.73
N GLN NA 193 -74.60 44.93 26.58
CA GLN NA 193 -75.52 46.01 26.31
C GLN NA 193 -75.06 47.29 27.01
N LEU NA 194 -75.27 48.42 26.35
CA LEU NA 194 -74.89 49.71 26.91
C LEU NA 194 -75.91 50.11 27.97
N GLN NA 195 -75.45 50.28 29.21
CA GLN NA 195 -76.34 50.63 30.31
C GLN NA 195 -76.83 52.07 30.17
N GLU NA 196 -77.91 52.38 30.89
CA GLU NA 196 -78.48 53.72 30.87
C GLU NA 196 -77.44 54.75 31.28
N GLN NA 197 -77.60 55.98 30.77
CA GLN NA 197 -76.71 57.12 30.92
C GLN NA 197 -75.41 56.94 30.15
N GLY NA 198 -75.19 55.82 29.49
CA GLY NA 198 -74.04 55.64 28.62
C GLY NA 198 -72.74 55.37 29.35
N SER NA 199 -71.65 55.23 28.58
CA SER NA 199 -70.31 55.02 29.11
C SER NA 199 -70.23 53.78 30.01
N LYS NA 200 -71.00 52.76 29.66
CA LYS NA 200 -71.01 51.51 30.40
C LYS NA 200 -71.39 50.37 29.47
N MET NA 201 -71.02 49.16 29.87
CA MET NA 201 -71.37 47.95 29.13
C MET NA 201 -71.56 46.82 30.13
N PHE NA 202 -72.77 46.28 30.20
CA PHE NA 202 -73.10 45.23 31.15
C PHE NA 202 -73.47 43.95 30.42
N LEU NA 203 -73.21 42.83 31.07
CA LEU NA 203 -73.51 41.51 30.51
C LEU NA 203 -75.01 41.29 30.53
N ASP NA 204 -75.59 41.02 29.35
CA ASP NA 204 -77.02 40.76 29.25
C ASP NA 204 -77.33 39.26 29.29
N ALA NA 205 -76.77 38.50 28.35
CA ALA NA 205 -77.02 37.07 28.28
C ALA NA 205 -75.98 36.42 27.37
N VAL NA 206 -76.10 35.11 27.22
CA VAL NA 206 -75.27 34.31 26.32
C VAL NA 206 -76.18 33.51 25.41
N LEU NA 207 -75.89 33.52 24.12
CA LEU NA 207 -76.66 32.78 23.12
C LEU NA 207 -75.74 31.76 22.46
N THR NA 208 -76.11 30.49 22.56
CA THR NA 208 -75.34 29.40 21.97
C THR NA 208 -76.05 28.95 20.70
N THR NA 209 -75.45 29.24 19.55
CA THR NA 209 -75.98 28.81 18.27
C THR NA 209 -75.30 27.52 17.84
N HIS NA 210 -76.10 26.59 17.34
CA HIS NA 210 -75.66 25.26 16.95
C HIS NA 210 -75.99 25.03 15.48
N GLU NA 211 -75.08 24.34 14.79
CA GLU NA 211 -75.20 24.09 13.36
C GLU NA 211 -75.20 22.59 13.12
N ARG NA 212 -76.22 22.10 12.43
CA ARG NA 212 -76.34 20.69 12.06
C ARG NA 212 -76.23 20.60 10.55
N VAL NA 213 -75.30 19.78 10.06
CA VAL NA 213 -74.98 19.69 8.65
C VAL NA 213 -75.27 18.29 8.15
N VAL NA 214 -76.06 18.21 7.09
CA VAL NA 214 -76.35 16.94 6.42
C VAL NA 214 -75.62 16.95 5.08
N GLN NA 215 -74.76 15.96 4.89
CA GLN NA 215 -73.97 15.82 3.66
C GLN NA 215 -74.64 14.77 2.78
N ILE NA 216 -75.19 15.22 1.66
CA ILE NA 216 -75.83 14.34 0.70
C ILE NA 216 -74.88 14.15 -0.48
N SER NA 217 -75.07 13.05 -1.21
CA SER NA 217 -74.10 12.64 -2.21
C SER NA 217 -74.40 13.21 -3.60
N GLY NA 218 -75.56 12.88 -4.16
CA GLY NA 218 -75.88 13.29 -5.51
C GLY NA 218 -77.32 13.71 -5.63
N LEU NA 219 -77.57 14.57 -6.61
CA LEU NA 219 -78.92 15.08 -6.84
C LEU NA 219 -78.99 15.66 -8.25
N SER NA 220 -80.22 15.80 -8.75
CA SER NA 220 -80.50 16.36 -10.07
C SER NA 220 -81.11 17.75 -9.91
N ALA NA 221 -81.27 18.44 -11.04
CA ALA NA 221 -81.78 19.81 -11.01
C ALA NA 221 -83.25 19.86 -10.60
N THR NA 222 -84.09 19.04 -11.23
CA THR NA 222 -85.52 19.05 -10.93
C THR NA 222 -85.78 18.59 -9.50
N PHE NA 223 -85.14 17.48 -9.10
CA PHE NA 223 -85.33 17.00 -7.74
C PHE NA 223 -84.73 17.96 -6.72
N ALA NA 224 -83.66 18.66 -7.08
CA ALA NA 224 -83.12 19.69 -6.20
C ALA NA 224 -84.11 20.84 -6.03
N GLU NA 225 -84.75 21.26 -7.11
CA GLU NA 225 -85.78 22.29 -7.00
C GLU NA 225 -86.91 21.85 -6.09
N ILE NA 226 -87.40 20.62 -6.28
CA ILE NA 226 -88.50 20.11 -5.45
C ILE NA 226 -88.08 20.02 -3.99
N PHE NA 227 -86.87 19.52 -3.74
CA PHE NA 227 -86.38 19.36 -2.37
C PHE NA 227 -86.21 20.71 -1.69
N LEU NA 228 -85.67 21.71 -2.41
CA LEU NA 228 -85.55 23.04 -1.85
C LEU NA 228 -86.91 23.66 -1.57
N GLU NA 229 -87.88 23.44 -2.46
CA GLU NA 229 -89.24 23.91 -2.21
C GLU NA 229 -89.80 23.31 -0.92
N ILE NA 230 -89.62 21.99 -0.76
CA ILE NA 230 -90.13 21.32 0.44
C ILE NA 230 -89.44 21.85 1.69
N ILE NA 231 -88.12 22.02 1.63
CA ILE NA 231 -87.37 22.47 2.80
C ILE NA 231 -87.80 23.87 3.20
N HIS NA 232 -87.86 24.79 2.23
CA HIS NA 232 -88.23 26.16 2.56
C HIS NA 232 -89.71 26.30 2.91
N SER NA 233 -90.55 25.35 2.50
CA SER NA 233 -91.94 25.37 2.94
C SER NA 233 -92.08 24.83 4.36
N ASN NA 234 -91.25 23.87 4.73
CA ASN NA 234 -91.31 23.25 6.06
C ASN NA 234 -90.30 23.85 7.03
N LEU NA 235 -89.66 24.95 6.65
CA LEU NA 235 -88.69 25.59 7.53
C LEU NA 235 -89.36 26.03 8.83
N PRO NA 236 -88.80 25.69 10.00
CA PRO NA 236 -89.35 26.21 11.26
C PRO NA 236 -89.02 27.68 11.44
N GLU NA 237 -89.42 28.24 12.58
CA GLU NA 237 -89.15 29.64 12.88
C GLU NA 237 -87.78 29.79 13.54
N GLY NA 238 -87.05 30.82 13.15
CA GLY NA 238 -85.75 31.09 13.73
C GLY NA 238 -84.69 30.06 13.41
N VAL NA 239 -84.68 29.53 12.18
CA VAL NA 239 -83.68 28.56 11.75
C VAL NA 239 -83.11 29.05 10.42
N LYS NA 240 -81.79 29.21 10.37
CA LYS NA 240 -81.12 29.61 9.14
C LYS NA 240 -80.78 28.37 8.31
N LEU NA 241 -81.17 28.39 7.03
CA LEU NA 241 -80.93 27.30 6.11
C LEU NA 241 -79.87 27.70 5.10
N SER NA 242 -78.88 26.84 4.91
CA SER NA 242 -77.82 27.07 3.93
C SER NA 242 -77.66 25.81 3.09
N VAL NA 243 -77.50 25.97 1.78
CA VAL NA 243 -77.22 24.86 0.88
C VAL NA 243 -75.94 25.22 0.13
N ARG NA 244 -74.88 24.46 0.36
CA ARG NA 244 -73.56 24.79 -0.19
C ARG NA 244 -72.94 23.55 -0.82
N GLU NA 245 -71.91 23.78 -1.63
CA GLU NA 245 -71.06 22.70 -2.09
C GLU NA 245 -70.01 22.39 -1.03
N HIS NA 246 -69.69 21.10 -0.90
CA HIS NA 246 -68.72 20.64 0.08
C HIS NA 246 -67.32 20.98 -0.43
N THR NA 247 -66.70 21.98 0.18
CA THR NA 247 -65.37 22.45 -0.20
C THR NA 247 -64.38 22.15 0.92
N GLU NA 248 -63.11 22.45 0.65
CA GLU NA 248 -62.08 22.22 1.65
C GLU NA 248 -62.26 23.11 2.88
N GLU NA 249 -62.72 24.34 2.67
CA GLU NA 249 -63.01 25.21 3.81
C GLU NA 249 -64.12 24.63 4.69
N ASP NA 250 -65.18 24.13 4.07
CA ASP NA 250 -66.25 23.50 4.84
C ASP NA 250 -65.77 22.25 5.55
N PHE NA 251 -64.91 21.45 4.89
CA PHE NA 251 -64.36 20.26 5.51
C PHE NA 251 -63.48 20.60 6.70
N LYS NA 252 -62.67 21.65 6.60
CA LYS NA 252 -61.78 22.08 7.66
C LYS NA 252 -62.48 22.88 8.75
N GLY NA 253 -63.70 23.35 8.50
CA GLY NA 253 -64.42 24.10 9.52
C GLY NA 253 -64.62 23.32 10.81
N ARG NA 254 -64.90 22.02 10.70
CA ARG NA 254 -65.03 21.18 11.88
C ARG NA 254 -63.71 20.98 12.61
N PHE NA 255 -62.60 20.89 11.87
CA PHE NA 255 -61.30 20.67 12.47
C PHE NA 255 -60.81 21.92 13.18
N LYS NA 256 -59.94 21.70 14.16
CA LYS NA 256 -59.32 22.80 14.89
C LYS NA 256 -58.11 23.34 14.12
N ALA NA 257 -57.64 24.51 14.57
CA ALA NA 257 -56.53 25.17 13.91
C ALA NA 257 -55.23 24.41 14.14
N ARG NA 258 -54.18 24.83 13.43
CA ARG NA 258 -52.85 24.24 13.51
C ARG NA 258 -51.86 25.36 13.81
N PRO NA 259 -51.76 25.79 15.08
CA PRO NA 259 -50.83 26.88 15.40
C PRO NA 259 -49.38 26.58 15.05
N GLU NA 260 -48.93 25.35 15.25
CA GLU NA 260 -47.55 25.00 14.91
C GLU NA 260 -47.33 25.06 13.40
N LEU NA 261 -48.29 24.55 12.63
CA LEU NA 261 -48.19 24.63 11.17
C LEU NA 261 -48.17 26.06 10.69
N GLU NA 262 -49.02 26.92 11.27
CA GLU NA 262 -49.05 28.32 10.89
C GLU NA 262 -47.74 29.02 11.24
N GLU NA 263 -47.18 28.71 12.41
CA GLU NA 263 -45.89 29.30 12.79
C GLU NA 263 -44.78 28.84 11.85
N LEU NA 264 -44.78 27.56 11.47
CA LEU NA 264 -43.78 27.05 10.53
C LEU NA 264 -43.92 27.73 9.17
N LEU NA 265 -45.16 27.91 8.69
CA LEU NA 265 -45.36 28.60 7.43
C LEU NA 265 -44.92 30.06 7.51
N ALA NA 266 -45.20 30.73 8.63
CA ALA NA 266 -44.76 32.12 8.79
C ALA NA 266 -43.23 32.22 8.81
N LYS NA 267 -42.56 31.28 9.48
CA LYS NA 267 -41.11 31.26 9.46
C LYS NA 267 -40.56 30.99 8.06
N LEU NA 268 -41.23 30.11 7.30
CA LEU NA 268 -40.82 29.88 5.92
C LEU NA 268 -40.98 31.14 5.08
N ASN NA 269 -42.07 31.88 5.27
CA ASN NA 269 -42.28 33.15 4.57
C ASN NA 269 -41.73 34.32 5.38
N GLU OA 34 -18.75 -87.46 70.10
CA GLU OA 34 -20.01 -87.15 70.76
C GLU OA 34 -21.20 -87.38 69.83
N TYR OA 35 -21.23 -88.56 69.21
CA TYR OA 35 -22.32 -88.89 68.29
C TYR OA 35 -23.61 -89.12 69.05
N PRO OA 36 -24.69 -88.40 68.74
CA PRO OA 36 -25.95 -88.59 69.47
C PRO OA 36 -26.56 -89.95 69.19
N SER OA 37 -27.31 -90.42 70.19
CA SER OA 37 -27.99 -91.70 70.09
C SER OA 37 -29.18 -91.61 69.15
N PHE OA 38 -29.48 -92.74 68.49
CA PHE OA 38 -30.57 -92.81 67.54
C PHE OA 38 -31.33 -94.10 67.74
N VAL OA 39 -32.59 -94.10 67.32
CA VAL OA 39 -33.46 -95.26 67.43
C VAL OA 39 -33.88 -95.70 66.03
N GLU OA 40 -33.82 -97.01 65.81
CA GLU OA 40 -34.12 -97.60 64.50
C GLU OA 40 -35.39 -98.42 64.63
N SER OA 41 -36.37 -98.15 63.76
CA SER OA 41 -37.66 -98.82 63.79
C SER OA 41 -38.21 -98.96 62.38
N VAL OA 42 -39.13 -99.90 62.22
CA VAL OA 42 -39.77 -100.19 60.94
C VAL OA 42 -41.28 -99.95 60.98
N ASP OA 43 -41.77 -99.29 62.02
CA ASP OA 43 -43.21 -99.13 62.18
C ASP OA 43 -43.79 -98.08 61.24
N GLU OA 44 -43.09 -96.95 61.07
CA GLU OA 44 -43.62 -95.81 60.32
C GLU OA 44 -43.21 -95.82 58.85
N TYR OA 45 -42.59 -96.90 58.39
CA TYR OA 45 -42.13 -96.93 57.00
C TYR OA 45 -43.26 -97.02 55.99
N HIS OA 46 -44.46 -97.42 56.42
CA HIS OA 46 -45.58 -97.53 55.49
C HIS OA 46 -46.05 -96.17 54.98
N PHE OA 47 -45.78 -95.09 55.72
CA PHE OA 47 -46.08 -93.76 55.21
C PHE OA 47 -45.23 -93.42 54.00
N VAL OA 48 -44.00 -93.93 53.94
CA VAL OA 48 -43.12 -93.64 52.83
C VAL OA 48 -43.65 -94.20 51.51
N GLU OA 49 -44.31 -95.36 51.55
CA GLU OA 49 -44.82 -95.98 50.33
C GLU OA 49 -45.81 -95.08 49.60
N ARG OA 50 -46.54 -94.23 50.31
CA ARG OA 50 -47.45 -93.29 49.67
C ARG OA 50 -46.69 -92.23 48.87
N LEU OA 51 -45.43 -91.97 49.24
CA LEU OA 51 -44.66 -90.91 48.62
C LEU OA 51 -43.95 -91.33 47.35
N LEU OA 52 -44.00 -92.61 46.98
CA LEU OA 52 -43.33 -93.09 45.79
C LEU OA 52 -44.30 -93.02 44.61
N PRO OA 53 -44.04 -92.16 43.61
CA PRO OA 53 -44.95 -92.09 42.47
C PRO OA 53 -44.86 -93.36 41.64
N PRO OA 54 -45.95 -93.77 41.00
CA PRO OA 54 -45.91 -94.93 40.12
C PRO OA 54 -45.25 -94.61 38.79
N ALA OA 55 -44.56 -95.60 38.24
CA ALA OA 55 -43.90 -95.45 36.95
C ALA OA 55 -44.78 -95.86 35.78
N SER OA 56 -45.97 -96.40 36.05
CA SER OA 56 -46.91 -96.81 35.01
C SER OA 56 -48.19 -95.99 35.14
N ILE OA 57 -49.08 -96.17 34.17
CA ILE OA 57 -50.37 -95.48 34.13
C ILE OA 57 -51.43 -96.44 34.64
N PRO OA 58 -52.03 -96.20 35.80
CA PRO OA 58 -53.06 -97.11 36.30
C PRO OA 58 -54.30 -97.08 35.43
N ARG OA 59 -54.98 -98.21 35.34
CA ARG OA 59 -56.22 -98.29 34.60
C ARG OA 59 -57.33 -97.53 35.35
N PRO OA 60 -58.21 -96.86 34.61
CA PRO OA 60 -59.30 -96.13 35.26
C PRO OA 60 -60.22 -97.07 36.00
N PRO OA 61 -60.67 -96.69 37.20
CA PRO OA 61 -61.60 -97.54 37.95
C PRO OA 61 -62.95 -97.64 37.24
N LYS OA 62 -63.61 -98.77 37.44
CA LYS OA 62 -64.94 -98.98 36.87
C LYS OA 62 -65.98 -98.24 37.70
N HIS OA 63 -66.83 -97.47 37.03
CA HIS OA 63 -67.88 -96.71 37.70
C HIS OA 63 -69.25 -97.34 37.44
N GLU OA 64 -70.18 -97.07 38.35
CA GLU OA 64 -71.52 -97.61 38.26
C GLU OA 64 -72.36 -96.95 37.16
N HIS OA 65 -72.08 -95.69 36.83
CA HIS OA 65 -72.84 -94.98 35.81
C HIS OA 65 -71.87 -94.31 34.85
N TYR OA 66 -72.23 -94.31 33.56
CA TYR OA 66 -71.45 -93.68 32.51
C TYR OA 66 -72.33 -92.75 31.70
N PRO OA 67 -71.78 -91.63 31.18
CA PRO OA 67 -70.39 -91.21 31.35
C PRO OA 67 -70.09 -90.60 32.72
N THR OA 68 -68.82 -90.54 33.08
CA THR OA 68 -68.43 -89.94 34.35
C THR OA 68 -68.71 -88.44 34.34
N PRO OA 69 -68.82 -87.81 35.51
CA PRO OA 69 -69.09 -86.37 35.57
C PRO OA 69 -68.05 -85.54 34.83
N SER OA 70 -66.83 -86.07 34.73
CA SER OA 70 -65.77 -85.42 33.95
C SER OA 70 -65.95 -85.62 32.45
N GLY OA 71 -66.93 -86.42 32.03
CA GLY OA 71 -67.17 -86.67 30.63
C GLY OA 71 -66.46 -87.86 30.04
N TRP OA 72 -65.62 -88.54 30.80
CA TRP OA 72 -64.90 -89.69 30.29
C TRP OA 72 -65.83 -90.90 30.23
N GLN OA 73 -65.74 -91.64 29.11
CA GLN OA 73 -66.56 -92.82 28.90
C GLN OA 73 -65.70 -93.91 28.28
N PRO OA 74 -65.69 -95.11 28.85
CA PRO OA 74 -64.89 -96.20 28.28
C PRO OA 74 -65.47 -96.67 26.96
N PRO OA 75 -64.65 -97.24 26.09
CA PRO OA 75 -65.16 -97.75 24.81
C PRO OA 75 -66.01 -98.99 24.99
N ARG OA 76 -66.63 -99.45 23.90
CA ARG OA 76 -67.43 -100.66 23.96
C ARG OA 76 -66.55 -101.88 24.22
N ASP OA 77 -67.12 -102.86 24.94
CA ASP OA 77 -66.37 -104.10 25.19
C ASP OA 77 -66.00 -104.81 23.90
N PRO OA 78 -66.91 -105.01 22.92
CA PRO OA 78 -66.48 -105.63 21.66
C PRO OA 78 -65.95 -104.62 20.67
N ALA OA 79 -65.29 -105.10 19.61
CA ALA OA 79 -64.72 -104.25 18.58
C ALA OA 79 -65.72 -104.06 17.44
N PRO OA 80 -65.99 -102.82 17.04
CA PRO OA 80 -66.93 -102.59 15.95
C PRO OA 80 -66.41 -103.13 14.63
N SER OA 81 -67.34 -103.47 13.75
CA SER OA 81 -67.01 -104.10 12.47
C SER OA 81 -66.49 -103.11 11.43
N LEU OA 82 -66.20 -101.87 11.83
CA LEU OA 82 -65.65 -100.91 10.89
C LEU OA 82 -64.25 -101.34 10.45
N PRO OA 83 -63.89 -101.13 9.19
CA PRO OA 83 -62.56 -101.55 8.73
C PRO OA 83 -61.45 -100.62 9.18
N TYR OA 84 -61.49 -100.21 10.44
CA TYR OA 84 -60.47 -99.35 11.05
C TYR OA 84 -60.73 -99.33 12.54
N PHE OA 85 -59.71 -98.89 13.28
CA PHE OA 85 -59.79 -98.83 14.74
C PHE OA 85 -59.01 -97.62 15.22
N VAL OA 86 -59.63 -96.81 16.08
CA VAL OA 86 -58.98 -95.65 16.66
C VAL OA 86 -58.51 -96.07 18.05
N ARG OA 87 -57.21 -96.35 18.16
CA ARG OA 87 -56.65 -96.79 19.43
C ARG OA 87 -56.68 -95.66 20.45
N ARG OA 88 -57.08 -96.00 21.68
CA ARG OA 88 -57.11 -95.02 22.75
C ARG OA 88 -55.70 -94.61 23.15
N SER OA 89 -55.60 -93.41 23.73
CA SER OA 89 -54.31 -92.88 24.16
C SER OA 89 -53.82 -93.61 25.40
N ARG OA 90 -52.55 -93.38 25.75
CA ARG OA 90 -52.00 -93.96 26.98
C ARG OA 90 -52.71 -93.43 28.22
N MET OA 91 -53.37 -92.28 28.12
CA MET OA 91 -54.17 -91.73 29.21
C MET OA 91 -55.65 -92.05 29.06
N HIS OA 92 -56.00 -92.99 28.17
CA HIS OA 92 -57.38 -93.40 27.94
C HIS OA 92 -58.23 -92.22 27.47
N ASN OA 93 -57.77 -91.57 26.40
CA ASN OA 93 -58.48 -90.45 25.81
C ASN OA 93 -58.49 -90.60 24.29
N ILE OA 94 -59.44 -89.92 23.66
CA ILE OA 94 -59.57 -89.97 22.21
C ILE OA 94 -58.41 -89.18 21.59
N PRO OA 95 -57.65 -89.77 20.66
CA PRO OA 95 -56.52 -89.05 20.04
C PRO OA 95 -56.98 -88.10 18.92
N VAL OA 96 -57.87 -87.18 19.27
CA VAL OA 96 -58.34 -86.14 18.36
C VAL OA 96 -57.88 -84.81 18.93
N TYR OA 97 -56.97 -84.14 18.24
CA TYR OA 97 -56.38 -82.90 18.71
C TYR OA 97 -56.45 -81.85 17.62
N ARG OA 98 -56.13 -80.61 18.01
CA ARG OA 98 -56.05 -79.49 17.08
C ARG OA 98 -54.61 -79.00 17.00
N ASP OA 99 -54.28 -78.39 15.87
CA ASP OA 99 -52.93 -77.86 15.67
C ASP OA 99 -53.03 -76.51 14.97
N ILE OA 100 -52.04 -75.65 15.22
CA ILE OA 100 -51.98 -74.32 14.62
C ILE OA 100 -50.64 -74.17 13.92
N THR OA 101 -50.68 -73.70 12.68
CA THR OA 101 -49.48 -73.47 11.89
C THR OA 101 -49.53 -72.08 11.28
N HIS OA 102 -48.38 -71.41 11.26
CA HIS OA 102 -48.23 -70.05 10.76
C HIS OA 102 -49.09 -69.03 11.51
N GLY OA 103 -49.70 -69.43 12.63
CA GLY OA 103 -50.52 -68.54 13.42
C GLY OA 103 -51.94 -68.36 12.92
N ASN OA 104 -52.30 -68.97 11.79
CA ASN OA 104 -53.63 -68.80 11.22
C ASN OA 104 -54.21 -70.06 10.60
N ARG OA 105 -53.42 -71.12 10.40
CA ARG OA 105 -53.90 -72.34 9.77
C ARG OA 105 -54.40 -73.29 10.86
N GLN OA 106 -55.68 -73.65 10.80
CA GLN OA 106 -56.31 -74.50 11.80
C GLN OA 106 -56.59 -75.87 11.21
N MET OA 107 -56.08 -76.90 11.85
CA MET OA 107 -56.31 -78.28 11.44
C MET OA 107 -56.63 -79.13 12.65
N THR OA 108 -57.40 -80.20 12.41
CA THR OA 108 -57.72 -81.18 13.43
C THR OA 108 -57.09 -82.51 13.04
N VAL OA 109 -56.37 -83.13 13.96
CA VAL OA 109 -55.55 -84.31 13.68
C VAL OA 109 -56.09 -85.48 14.48
N ILE OA 110 -56.31 -86.60 13.79
CA ILE OA 110 -56.70 -87.87 14.41
C ILE OA 110 -55.55 -88.84 14.22
N ARG OA 111 -55.04 -89.37 15.33
CA ARG OA 111 -53.89 -90.25 15.34
C ARG OA 111 -54.28 -91.67 15.75
N LYS OA 112 -53.33 -92.59 15.61
CA LYS OA 112 -53.48 -93.98 16.01
C LYS OA 112 -54.67 -94.64 15.30
N VAL OA 113 -54.56 -94.70 13.98
CA VAL OA 113 -55.57 -95.32 13.13
C VAL OA 113 -55.01 -96.64 12.62
N GLU OA 114 -55.69 -97.73 12.94
CA GLU OA 114 -55.28 -99.07 12.52
C GLU OA 114 -56.40 -99.68 11.68
N GLY OA 115 -56.17 -99.78 10.38
CA GLY OA 115 -57.14 -100.31 9.46
C GLY OA 115 -57.10 -99.54 8.16
N ASP OA 116 -58.21 -99.61 7.42
CA ASP OA 116 -58.33 -98.88 6.16
C ASP OA 116 -58.62 -97.42 6.47
N ILE OA 117 -57.59 -96.59 6.39
CA ILE OA 117 -57.75 -95.17 6.69
C ILE OA 117 -58.61 -94.47 5.67
N TRP OA 118 -58.72 -95.01 4.46
CA TRP OA 118 -59.57 -94.38 3.44
C TRP OA 118 -61.04 -94.47 3.81
N ALA OA 119 -61.46 -95.58 4.40
CA ALA OA 119 -62.84 -95.69 4.89
C ALA OA 119 -63.11 -94.67 5.99
N LEU OA 120 -62.15 -94.48 6.90
CA LEU OA 120 -62.30 -93.47 7.93
C LEU OA 120 -62.39 -92.08 7.34
N GLN OA 121 -61.57 -91.80 6.32
CA GLN OA 121 -61.63 -90.50 5.65
C GLN OA 121 -63.00 -90.30 4.99
N LYS OA 122 -63.53 -91.33 4.34
CA LYS OA 122 -64.86 -91.24 3.75
C LYS OA 122 -65.91 -90.96 4.80
N ASP OA 123 -65.85 -91.68 5.93
CA ASP OA 123 -66.83 -91.46 7.00
C ASP OA 123 -66.73 -90.04 7.56
N VAL OA 124 -65.51 -89.55 7.77
CA VAL OA 124 -65.33 -88.22 8.32
C VAL OA 124 -65.84 -87.15 7.37
N GLU OA 125 -65.53 -87.29 6.07
CA GLU OA 125 -66.00 -86.28 5.12
C GLU OA 125 -67.52 -86.33 4.97
N ASP OA 126 -68.11 -87.53 5.00
CA ASP OA 126 -69.58 -87.62 4.96
C ASP OA 126 -70.20 -87.00 6.21
N PHE OA 127 -69.58 -87.18 7.37
CA PHE OA 127 -70.08 -86.58 8.60
C PHE OA 127 -69.99 -85.06 8.55
N LEU OA 128 -68.89 -84.53 8.02
CA LEU OA 128 -68.68 -83.09 7.99
C LEU OA 128 -69.34 -82.38 6.82
N SER OA 129 -69.82 -83.13 5.81
CA SER OA 129 -70.46 -82.48 4.67
C SER OA 129 -71.69 -81.67 5.04
N PRO OA 130 -72.68 -82.21 5.78
CA PRO OA 130 -73.83 -81.37 6.15
C PRO OA 130 -73.48 -80.19 7.04
N LEU OA 131 -72.42 -80.29 7.85
CA LEU OA 131 -72.04 -79.18 8.72
C LEU OA 131 -71.58 -77.97 7.93
N LEU OA 132 -70.78 -78.19 6.88
CA LEU OA 132 -70.20 -77.09 6.12
C LEU OA 132 -70.85 -76.89 4.75
N GLY OA 133 -71.59 -77.87 4.25
CA GLY OA 133 -72.12 -77.80 2.90
C GLY OA 133 -71.13 -78.14 1.82
N LYS OA 134 -69.93 -78.59 2.18
CA LYS OA 134 -68.91 -78.94 1.20
C LYS OA 134 -68.03 -80.03 1.78
N THR OA 135 -67.32 -80.72 0.91
CA THR OA 135 -66.41 -81.78 1.34
C THR OA 135 -65.21 -81.17 2.06
N PRO OA 136 -64.93 -81.55 3.30
CA PRO OA 136 -63.77 -80.99 3.99
C PRO OA 136 -62.47 -81.45 3.37
N VAL OA 137 -61.46 -80.58 3.48
CA VAL OA 137 -60.13 -80.87 2.96
C VAL OA 137 -59.42 -81.82 3.92
N THR OA 138 -58.93 -82.94 3.40
CA THR OA 138 -58.35 -83.99 4.22
C THR OA 138 -57.01 -84.43 3.68
N GLN OA 139 -56.11 -84.77 4.59
CA GLN OA 139 -54.81 -85.36 4.28
C GLN OA 139 -54.70 -86.68 5.03
N VAL OA 140 -54.26 -87.73 4.33
CA VAL OA 140 -54.17 -89.07 4.89
C VAL OA 140 -52.70 -89.45 4.91
N ASN OA 141 -52.07 -89.35 6.08
CA ASN OA 141 -50.72 -89.85 6.27
C ASN OA 141 -50.83 -91.35 6.56
N GLU OA 142 -50.88 -92.13 5.48
CA GLU OA 142 -51.18 -93.56 5.59
C GLU OA 142 -50.08 -94.33 6.29
N VAL OA 143 -48.80 -94.01 6.02
CA VAL OA 143 -47.71 -94.71 6.67
C VAL OA 143 -47.72 -94.43 8.17
N THR OA 144 -47.99 -93.20 8.56
CA THR OA 144 -48.14 -92.86 9.97
C THR OA 144 -49.47 -93.33 10.54
N GLY OA 145 -50.50 -93.43 9.72
CA GLY OA 145 -51.83 -93.77 10.19
C GLY OA 145 -52.51 -92.58 10.82
N THR OA 146 -52.51 -91.46 10.12
CA THR OA 146 -53.01 -90.21 10.67
C THR OA 146 -53.92 -89.53 9.67
N LEU OA 147 -54.95 -88.86 10.17
CA LEU OA 147 -55.85 -88.06 9.35
C LEU OA 147 -55.79 -86.61 9.80
N ARG OA 148 -55.75 -85.69 8.84
CA ARG OA 148 -55.67 -84.26 9.14
C ARG OA 148 -56.72 -83.54 8.33
N VAL OA 149 -57.72 -82.98 9.01
CA VAL OA 149 -58.80 -82.26 8.36
C VAL OA 149 -58.59 -80.77 8.57
N LYS OA 150 -58.98 -80.00 7.57
CA LYS OA 150 -58.80 -78.54 7.59
C LYS OA 150 -59.93 -77.91 8.38
N GLY OA 151 -59.61 -77.36 9.54
CA GLY OA 151 -60.57 -76.69 10.40
C GLY OA 151 -60.45 -77.16 11.84
N TYR OA 152 -61.32 -76.59 12.68
CA TYR OA 152 -61.38 -76.91 14.10
C TYR OA 152 -62.67 -77.71 14.34
N PHE OA 153 -62.55 -79.04 14.29
CA PHE OA 153 -63.67 -79.93 14.52
C PHE OA 153 -63.32 -80.98 15.57
N ASP OA 154 -62.44 -80.64 16.51
CA ASP OA 154 -61.95 -81.61 17.47
C ASP OA 154 -63.07 -82.13 18.37
N GLN OA 155 -63.90 -81.23 18.89
CA GLN OA 155 -64.97 -81.65 19.79
C GLN OA 155 -66.00 -82.51 19.07
N GLN OA 156 -66.38 -82.09 17.86
CA GLN OA 156 -67.36 -82.86 17.10
C GLN OA 156 -66.81 -84.24 16.73
N LEU OA 157 -65.53 -84.32 16.36
CA LEU OA 157 -64.93 -85.62 16.06
C LEU OA 157 -64.84 -86.49 17.30
N LYS OA 158 -64.54 -85.90 18.46
CA LYS OA 158 -64.54 -86.68 19.70
C LYS OA 158 -65.92 -87.25 19.98
N ALA OA 159 -66.96 -86.43 19.82
CA ALA OA 159 -68.32 -86.90 20.03
C ALA OA 159 -68.68 -88.00 19.04
N TRP OA 160 -68.29 -87.84 17.77
CA TRP OA 160 -68.58 -88.84 16.76
C TRP OA 160 -67.89 -90.16 17.06
N LEU OA 161 -66.63 -90.11 17.50
CA LEU OA 161 -65.92 -91.34 17.85
C LEU OA 161 -66.49 -91.98 19.10
N LEU OA 162 -66.94 -91.18 20.07
CA LEU OA 162 -67.63 -91.74 21.23
C LEU OA 162 -68.91 -92.44 20.82
N GLU OA 163 -69.66 -91.84 19.89
CA GLU OA 163 -70.88 -92.49 19.39
C GLU OA 163 -70.56 -93.79 18.67
N LYS OA 164 -69.50 -93.81 17.86
CA LYS OA 164 -69.13 -95.02 17.12
C LYS OA 164 -68.39 -96.04 17.98
N GLY OA 165 -68.02 -95.69 19.20
CA GLY OA 165 -67.37 -96.64 20.09
C GLY OA 165 -65.90 -96.83 19.84
N PHE OA 166 -65.13 -95.75 19.96
CA PHE OA 166 -63.68 -95.82 19.81
C PHE OA 166 -62.98 -95.13 20.98
N LEU PA 90 -22.86 -136.84 12.94
CA LEU PA 90 -23.31 -135.52 12.56
C LEU PA 90 -23.04 -135.24 11.08
N VAL PA 91 -23.99 -135.61 10.24
CA VAL PA 91 -23.88 -135.44 8.79
C VAL PA 91 -24.96 -134.48 8.32
N CYS PA 92 -24.55 -133.50 7.51
CA CYS PA 92 -25.50 -132.51 7.01
C CYS PA 92 -26.40 -133.14 5.96
N PRO PA 93 -27.72 -133.10 6.15
CA PRO PA 93 -28.64 -133.66 5.16
C PRO PA 93 -28.65 -132.82 3.90
N PRO PA 94 -29.02 -133.41 2.76
CA PRO PA 94 -29.09 -132.63 1.52
C PRO PA 94 -30.11 -131.51 1.64
N ILE PA 95 -29.78 -130.37 1.03
CA ILE PA 95 -30.64 -129.20 1.12
C ILE PA 95 -31.76 -129.31 0.09
N GLN PA 96 -33.01 -129.24 0.56
CA GLN PA 96 -34.15 -129.32 -0.34
C GLN PA 96 -34.24 -128.06 -1.20
N SER PA 97 -34.73 -128.24 -2.42
CA SER PA 97 -34.90 -127.14 -3.36
C SER PA 97 -36.14 -126.30 -3.08
N ARG PA 98 -36.97 -126.71 -2.12
CA ARG PA 98 -38.17 -125.97 -1.71
C ARG PA 98 -39.15 -125.78 -2.85
N THR PA 99 -39.22 -126.73 -3.78
CA THR PA 99 -40.23 -126.72 -4.83
C THR PA 99 -41.45 -127.51 -4.38
N TYR PA 100 -42.62 -126.90 -4.52
CA TYR PA 100 -43.87 -127.49 -4.06
C TYR PA 100 -44.82 -127.68 -5.23
N ILE PA 101 -45.42 -128.86 -5.32
CA ILE PA 101 -46.42 -129.19 -6.33
C ILE PA 101 -47.64 -129.74 -5.60
N PRO PA 102 -48.83 -129.16 -5.78
CA PRO PA 102 -50.00 -129.66 -5.05
C PRO PA 102 -50.42 -131.03 -5.54
N PRO PA 103 -50.48 -132.02 -4.66
CA PRO PA 103 -50.88 -133.36 -5.07
C PRO PA 103 -52.38 -133.45 -5.33
N GLU PA 104 -52.77 -134.51 -6.04
CA GLU PA 104 -54.17 -134.76 -6.35
C GLU PA 104 -54.95 -135.28 -5.15
N ASP PA 105 -54.28 -135.85 -4.15
CA ASP PA 105 -54.91 -136.37 -2.95
C ASP PA 105 -54.89 -135.34 -1.82
N LEU PA 106 -54.85 -134.06 -2.17
CA LEU PA 106 -54.70 -133.02 -1.15
C LEU PA 106 -55.89 -132.97 -0.20
N GLN PA 107 -57.11 -133.01 -0.75
CA GLN PA 107 -58.31 -132.93 0.09
C GLN PA 107 -58.40 -134.11 1.03
N SER PA 108 -58.18 -135.33 0.51
CA SER PA 108 -58.26 -136.52 1.34
C SER PA 108 -57.17 -136.53 2.41
N ARG PA 109 -55.96 -136.12 2.04
CA ARG PA 109 -54.88 -136.05 3.03
C ARG PA 109 -55.19 -135.04 4.12
N LEU PA 110 -55.74 -133.88 3.74
CA LEU PA 110 -56.12 -132.88 4.73
C LEU PA 110 -57.19 -133.41 5.66
N GLU PA 111 -58.20 -134.09 5.11
CA GLU PA 111 -59.25 -134.65 5.95
C GLU PA 111 -58.71 -135.71 6.90
N SER PA 112 -57.82 -136.59 6.40
CA SER PA 112 -57.24 -137.62 7.26
C SER PA 112 -56.40 -137.00 8.37
N HIS PA 113 -55.61 -135.97 8.04
CA HIS PA 113 -54.82 -135.31 9.06
C HIS PA 113 -55.71 -134.63 10.10
N VAL PA 114 -56.80 -134.00 9.67
CA VAL PA 114 -57.72 -133.39 10.61
C VAL PA 114 -58.31 -134.44 11.54
N LYS PA 115 -58.73 -135.58 10.98
CA LYS PA 115 -59.30 -136.65 11.79
C LYS PA 115 -58.28 -137.16 12.80
N GLU PA 116 -57.05 -137.41 12.37
CA GLU PA 116 -56.05 -137.98 13.26
C GLU PA 116 -55.49 -136.97 14.25
N VAL PA 117 -55.66 -135.68 14.01
CA VAL PA 117 -55.15 -134.65 14.90
C VAL PA 117 -56.22 -134.17 15.87
N PHE PA 118 -57.51 -134.37 15.55
CA PHE PA 118 -58.56 -133.99 16.47
C PHE PA 118 -59.11 -135.16 17.27
N GLY PA 119 -59.27 -136.32 16.64
CA GLY PA 119 -59.79 -137.47 17.35
C GLY PA 119 -61.24 -137.37 17.74
N SER PA 120 -62.01 -136.52 17.08
CA SER PA 120 -63.42 -136.30 17.36
C SER PA 120 -64.24 -136.58 16.10
N SER PA 121 -65.56 -136.52 16.26
CA SER PA 121 -66.45 -136.73 15.13
C SER PA 121 -66.32 -135.60 14.11
N VAL PA 122 -66.29 -135.97 12.84
CA VAL PA 122 -66.14 -134.98 11.78
C VAL PA 122 -67.48 -134.29 11.55
N PRO PA 123 -67.54 -132.97 11.65
CA PRO PA 123 -68.80 -132.25 11.42
C PRO PA 123 -69.11 -132.17 9.93
N SER PA 124 -70.23 -131.52 9.61
CA SER PA 124 -70.62 -131.37 8.21
C SER PA 124 -69.61 -130.53 7.43
N ASN PA 125 -69.09 -129.48 8.05
CA ASN PA 125 -68.09 -128.61 7.43
C ASN PA 125 -66.76 -128.86 8.12
N TRP PA 126 -65.95 -129.75 7.53
CA TRP PA 126 -64.66 -130.10 8.12
C TRP PA 126 -63.60 -129.02 7.94
N GLN PA 127 -63.78 -128.11 6.99
CA GLN PA 127 -62.81 -127.06 6.72
C GLN PA 127 -63.13 -125.77 7.46
N ASP PA 128 -64.23 -125.71 8.20
CA ASP PA 128 -64.64 -124.51 8.91
C ASP PA 128 -64.28 -124.53 10.39
N ILE PA 129 -63.59 -125.56 10.86
CA ILE PA 129 -63.18 -125.63 12.26
C ILE PA 129 -61.96 -124.74 12.46
N SER PA 130 -62.06 -123.81 13.40
CA SER PA 130 -60.97 -122.88 13.67
C SER PA 130 -59.80 -123.57 14.36
N LEU PA 131 -58.63 -122.97 14.25
CA LEU PA 131 -57.39 -123.49 14.83
C LEU PA 131 -56.94 -122.68 16.03
N GLU PA 132 -57.89 -122.19 16.85
CA GLU PA 132 -57.52 -121.35 17.99
C GLU PA 132 -56.76 -122.12 19.06
N ASP PA 133 -56.94 -123.44 19.11
CA ASP PA 133 -56.19 -124.25 20.07
C ASP PA 133 -54.75 -124.35 19.63
N VAL PA 134 -53.83 -123.88 20.48
CA VAL PA 134 -52.42 -123.83 20.11
C VAL PA 134 -51.86 -125.24 19.91
N HIS PA 135 -52.17 -126.15 20.83
CA HIS PA 135 -51.66 -127.52 20.73
C HIS PA 135 -52.12 -128.19 19.45
N LEU PA 136 -53.44 -128.15 19.19
CA LEU PA 136 -53.99 -128.81 18.01
C LEU PA 136 -53.46 -128.16 16.73
N LYS PA 137 -53.40 -126.83 16.70
CA LYS PA 137 -52.91 -126.15 15.49
C LYS PA 137 -51.46 -126.49 15.22
N PHE PA 138 -50.62 -126.49 16.27
CA PHE PA 138 -49.22 -126.82 16.09
C PHE PA 138 -49.05 -128.25 15.60
N SER PA 139 -49.76 -129.20 16.22
CA SER PA 139 -49.63 -130.59 15.80
C SER PA 139 -50.10 -130.78 14.37
N PHE PA 140 -51.23 -130.15 14.01
CA PHE PA 140 -51.77 -130.29 12.66
C PHE PA 140 -50.82 -129.72 11.63
N LEU PA 141 -50.29 -128.52 11.88
CA LEU PA 141 -49.37 -127.90 10.93
C LEU PA 141 -48.07 -128.68 10.82
N ALA PA 142 -47.56 -129.18 11.94
CA ALA PA 142 -46.33 -129.97 11.90
C ALA PA 142 -46.51 -131.25 11.12
N ARG PA 143 -47.63 -131.95 11.33
CA ARG PA 143 -47.89 -133.18 10.57
C ARG PA 143 -48.07 -132.88 9.10
N LEU PA 144 -48.79 -131.80 8.76
CA LEU PA 144 -48.94 -131.43 7.36
C LEU PA 144 -47.60 -131.14 6.71
N ALA PA 145 -46.74 -130.40 7.41
CA ALA PA 145 -45.43 -130.07 6.85
C ALA PA 145 -44.58 -131.32 6.67
N ASN PA 146 -44.56 -132.20 7.67
CA ASN PA 146 -43.78 -133.42 7.55
C ASN PA 146 -44.33 -134.37 6.49
N ASP PA 147 -45.62 -134.29 6.18
CA ASP PA 147 -46.21 -135.15 5.16
C ASP PA 147 -46.00 -134.60 3.75
N LEU PA 148 -46.19 -133.29 3.56
CA LEU PA 148 -46.14 -132.68 2.24
C LEU PA 148 -44.79 -132.05 1.91
N ARG PA 149 -43.80 -132.17 2.80
CA ARG PA 149 -42.45 -131.63 2.57
C ARG PA 149 -42.48 -130.12 2.32
N HIS PA 150 -43.44 -129.43 2.94
CA HIS PA 150 -43.56 -127.98 2.79
C HIS PA 150 -44.17 -127.42 4.07
N ALA PA 151 -43.50 -126.44 4.66
CA ALA PA 151 -43.91 -125.87 5.93
C ALA PA 151 -44.38 -124.43 5.76
N VAL PA 152 -45.41 -124.08 6.52
CA VAL PA 152 -45.93 -122.71 6.50
C VAL PA 152 -44.89 -121.77 7.12
N PRO PA 153 -44.57 -120.64 6.50
CA PRO PA 153 -43.60 -119.71 7.09
C PRO PA 153 -44.13 -119.10 8.37
N ASN PA 154 -43.20 -118.54 9.14
CA ASN PA 154 -43.54 -117.94 10.43
C ASN PA 154 -44.43 -116.71 10.28
N SER PA 155 -44.46 -116.10 9.10
CA SER PA 155 -45.25 -114.90 8.90
C SER PA 155 -46.74 -115.22 8.77
N ARG PA 156 -47.08 -116.33 8.13
CA ARG PA 156 -48.47 -116.65 7.83
C ARG PA 156 -49.14 -117.47 8.92
N LEU PA 157 -48.45 -117.76 10.02
CA LEU PA 157 -49.08 -118.51 11.10
C LEU PA 157 -50.21 -117.74 11.75
N HIS PA 158 -50.12 -116.41 11.83
CA HIS PA 158 -51.22 -115.61 12.33
C HIS PA 158 -52.38 -115.55 11.33
N GLN PA 159 -52.09 -115.62 10.03
CA GLN PA 159 -53.16 -115.68 9.03
C GLN PA 159 -53.87 -117.02 9.04
N MET PA 160 -53.16 -118.10 9.37
CA MET PA 160 -53.76 -119.43 9.41
C MET PA 160 -54.75 -119.49 10.55
N CYS PA 161 -56.04 -119.35 10.23
CA CYS PA 161 -57.12 -119.43 11.22
C CYS PA 161 -57.99 -120.66 11.02
N ARG PA 162 -58.48 -120.89 9.81
CA ARG PA 162 -59.33 -122.03 9.51
C ARG PA 162 -58.54 -123.06 8.71
N VAL PA 163 -59.14 -124.25 8.53
CA VAL PA 163 -58.55 -125.23 7.64
C VAL PA 163 -58.62 -124.76 6.20
N ARG PA 164 -59.59 -123.88 5.88
CA ARG PA 164 -59.69 -123.33 4.54
C ARG PA 164 -58.47 -122.49 4.19
N ASP PA 165 -57.94 -121.73 5.15
CA ASP PA 165 -56.74 -120.94 4.89
C ASP PA 165 -55.56 -121.84 4.55
N VAL PA 166 -55.38 -122.93 5.29
CA VAL PA 166 -54.29 -123.86 4.99
C VAL PA 166 -54.51 -124.53 3.64
N LEU PA 167 -55.76 -124.88 3.32
CA LEU PA 167 -56.04 -125.49 2.02
C LEU PA 167 -55.70 -124.54 0.88
N ASP PA 168 -56.07 -123.27 1.01
CA ASP PA 168 -55.72 -122.29 -0.01
C ASP PA 168 -54.21 -122.05 -0.07
N PHE PA 169 -53.53 -122.09 1.07
CA PHE PA 169 -52.08 -121.94 1.08
C PHE PA 169 -51.41 -123.08 0.33
N TYR PA 170 -51.88 -124.31 0.53
CA TYR PA 170 -51.30 -125.46 -0.15
C TYR PA 170 -51.81 -125.64 -1.57
N ASN PA 171 -52.85 -124.93 -1.98
CA ASN PA 171 -53.30 -124.97 -3.36
C ASN PA 171 -52.38 -124.19 -4.29
N VAL PA 172 -51.80 -123.09 -3.84
CA VAL PA 172 -50.97 -122.24 -4.67
C VAL PA 172 -49.53 -122.75 -4.62
N PRO PA 173 -48.91 -123.06 -5.74
CA PRO PA 173 -47.53 -123.55 -5.73
C PRO PA 173 -46.54 -122.40 -5.48
N VAL PA 174 -45.32 -122.79 -5.14
CA VAL PA 174 -44.23 -121.84 -4.92
C VAL PA 174 -43.02 -122.32 -5.71
N GLN PA 175 -42.40 -121.40 -6.44
CA GLN PA 175 -41.24 -121.70 -7.28
C GLN PA 175 -40.02 -121.01 -6.68
N ASP PA 176 -38.97 -121.79 -6.43
CA ASP PA 176 -37.73 -121.25 -5.87
C ASP PA 176 -36.80 -120.69 -6.94
N ARG PA 177 -37.09 -120.92 -8.23
CA ARG PA 177 -36.23 -120.42 -9.29
C ARG PA 177 -36.32 -118.91 -9.40
N SER PA 178 -35.21 -118.31 -9.80
CA SER PA 178 -35.14 -116.86 -9.96
C SER PA 178 -35.73 -116.45 -11.31
N LYS PA 179 -35.76 -115.14 -11.55
CA LYS PA 179 -36.27 -114.64 -12.82
C LYS PA 179 -35.38 -115.08 -13.99
N PHE PA 180 -34.06 -115.08 -13.80
CA PHE PA 180 -33.16 -115.54 -14.85
C PHE PA 180 -33.41 -117.01 -15.17
N ASP PA 181 -33.58 -117.84 -14.14
CA ASP PA 181 -33.88 -119.25 -14.37
C ASP PA 181 -35.22 -119.44 -15.06
N GLU PA 182 -36.23 -118.66 -14.68
CA GLU PA 182 -37.53 -118.74 -15.34
C GLU PA 182 -37.42 -118.35 -16.81
N LEU PA 183 -36.66 -117.30 -17.11
CA LEU PA 183 -36.50 -116.85 -18.48
C LEU PA 183 -35.64 -117.79 -19.33
N ILE PA 184 -34.74 -118.55 -18.70
CA ILE PA 184 -33.91 -119.49 -19.45
C ILE PA 184 -34.77 -120.53 -20.16
N ALA PA 185 -35.75 -121.09 -19.44
CA ALA PA 185 -36.62 -122.12 -19.99
C ALA PA 185 -37.96 -121.56 -20.47
N SER PA 186 -37.96 -120.32 -20.97
CA SER PA 186 -39.18 -119.66 -21.42
C SER PA 186 -39.29 -119.62 -22.94
N ASN PA 187 -38.66 -120.56 -23.63
CA ASN PA 187 -38.72 -120.67 -25.09
C ASN PA 187 -38.23 -119.37 -25.76
N LEU PA 188 -36.95 -119.08 -25.55
CA LEU PA 188 -36.36 -117.88 -26.11
C LEU PA 188 -36.34 -117.97 -27.64
N PRO PA 189 -36.54 -116.87 -28.34
CA PRO PA 189 -36.52 -116.90 -29.80
C PRO PA 189 -35.12 -117.18 -30.34
N HIS PA 190 -35.05 -117.33 -31.66
CA HIS PA 190 -33.79 -117.69 -32.31
C HIS PA 190 -32.79 -116.55 -32.36
N ASN PA 191 -33.23 -115.31 -32.14
CA ASN PA 191 -32.36 -114.15 -32.22
C ASN PA 191 -31.94 -113.63 -30.85
N LEU PA 192 -32.14 -114.43 -29.81
CA LEU PA 192 -31.76 -114.05 -28.44
C LEU PA 192 -30.87 -115.13 -27.86
N LYS PA 193 -29.64 -114.75 -27.52
CA LYS PA 193 -28.68 -115.64 -26.90
C LYS PA 193 -28.25 -115.03 -25.57
N ILE PA 194 -28.47 -115.77 -24.48
CA ILE PA 194 -28.15 -115.31 -23.13
C ILE PA 194 -27.14 -116.27 -22.52
N THR PA 195 -26.03 -115.73 -22.02
CA THR PA 195 -24.96 -116.52 -21.44
C THR PA 195 -24.78 -116.11 -19.98
N TRP PA 196 -24.78 -117.09 -19.08
CA TRP PA 196 -24.56 -116.81 -17.66
C TRP PA 196 -23.08 -116.60 -17.39
N GLY PA 197 -22.74 -115.46 -16.82
CA GLY PA 197 -21.36 -115.11 -16.60
C GLY PA 197 -20.93 -115.11 -15.15
N TYR PA 198 -21.55 -115.95 -14.34
CA TYR PA 198 -21.16 -116.08 -12.94
C TYR PA 198 -20.77 -117.52 -12.61
N PHE QA 32 -3.37 -80.83 -12.19
CA PHE QA 32 -4.39 -81.78 -12.60
C PHE QA 32 -3.76 -83.11 -13.02
N HIS QA 33 -2.44 -83.21 -12.84
CA HIS QA 33 -1.72 -84.42 -13.21
C HIS QA 33 -2.13 -85.56 -12.27
N VAL QA 34 -2.94 -86.48 -12.78
CA VAL QA 34 -3.38 -87.62 -11.99
C VAL QA 34 -2.34 -88.73 -12.05
N ARG QA 35 -2.41 -89.64 -11.09
CA ARG QA 35 -1.45 -90.74 -11.02
C ARG QA 35 -1.64 -91.69 -12.20
N VAL QA 36 -0.54 -92.32 -12.62
CA VAL QA 36 -0.55 -93.14 -13.83
C VAL QA 36 -0.73 -94.63 -13.54
N THR QA 37 -0.81 -95.03 -12.27
CA THR QA 37 -0.94 -96.43 -11.90
C THR QA 37 -2.16 -96.64 -11.02
N LEU QA 38 -2.81 -97.78 -11.20
CA LEU QA 38 -3.95 -98.12 -10.35
C LEU QA 38 -3.48 -98.42 -8.93
N PRO QA 39 -4.09 -97.81 -7.93
CA PRO QA 39 -3.72 -98.09 -6.54
C PRO QA 39 -4.12 -99.50 -6.16
N PRO QA 40 -3.40 -100.13 -5.23
CA PRO QA 40 -3.82 -101.47 -4.77
C PRO QA 40 -5.19 -101.42 -4.13
N ARG QA 41 -5.99 -102.45 -4.36
CA ARG QA 41 -7.34 -102.50 -3.82
C ARG QA 41 -7.29 -102.69 -2.32
N LYS QA 42 -7.92 -101.77 -1.59
CA LYS QA 42 -7.98 -101.87 -0.13
C LYS QA 42 -8.96 -102.97 0.26
N VAL QA 43 -8.44 -104.15 0.59
CA VAL QA 43 -9.28 -105.29 0.94
C VAL QA 43 -9.71 -105.15 2.40
N VAL QA 44 -10.82 -104.47 2.61
CA VAL QA 44 -11.36 -104.24 3.96
C VAL QA 44 -12.55 -105.18 4.17
N ASP QA 45 -12.48 -105.99 5.22
CA ASP QA 45 -13.55 -106.90 5.57
C ASP QA 45 -14.62 -106.17 6.35
N ARG QA 46 -15.88 -106.35 5.95
CA ARG QA 46 -17.00 -105.71 6.63
C ARG QA 46 -17.48 -106.52 7.82
N TRP QA 47 -16.86 -107.65 8.10
CA TRP QA 47 -17.23 -108.52 9.22
C TRP QA 47 -16.08 -108.70 10.20
N ASN QA 48 -15.33 -107.62 10.44
CA ASN QA 48 -14.33 -107.64 11.48
C ASN QA 48 -15.01 -107.46 12.85
N GLU QA 49 -14.20 -107.52 13.91
CA GLU QA 49 -14.76 -107.46 15.26
C GLU QA 49 -15.46 -106.13 15.51
N LYS QA 50 -14.83 -105.02 15.12
CA LYS QA 50 -15.42 -103.71 15.39
C LYS QA 50 -16.68 -103.48 14.58
N ARG QA 51 -16.65 -103.82 13.28
CA ARG QA 51 -17.84 -103.65 12.45
C ARG QA 51 -18.95 -104.62 12.82
N ALA QA 52 -18.62 -105.73 13.49
CA ALA QA 52 -19.63 -106.68 13.92
C ALA QA 52 -20.26 -106.29 15.25
N MET QA 53 -19.46 -105.72 16.16
CA MET QA 53 -19.95 -105.34 17.49
C MET QA 53 -20.20 -103.84 17.62
N PHE QA 54 -20.23 -103.11 16.50
CA PHE QA 54 -20.48 -101.68 16.57
C PHE QA 54 -21.90 -101.41 17.05
N GLY QA 55 -22.02 -100.50 18.01
CA GLY QA 55 -23.32 -100.08 18.51
C GLY QA 55 -24.11 -101.19 19.18
N VAL QA 56 -23.43 -102.19 19.73
CA VAL QA 56 -24.13 -103.33 20.33
C VAL QA 56 -24.93 -102.91 21.55
N TYR QA 57 -24.35 -102.08 22.41
CA TYR QA 57 -24.96 -101.72 23.69
C TYR QA 57 -25.59 -100.33 23.67
N ASP QA 58 -26.04 -99.87 22.50
CA ASP QA 58 -26.65 -98.55 22.42
C ASP QA 58 -27.95 -98.48 23.20
N ASN QA 59 -28.67 -99.60 23.33
CA ASN QA 59 -29.91 -99.66 24.07
C ASN QA 59 -29.75 -100.31 25.45
N ILE QA 60 -28.60 -100.09 26.08
CA ILE QA 60 -28.32 -100.75 27.35
C ILE QA 60 -29.33 -100.33 28.42
N GLY QA 61 -29.60 -99.02 28.51
CA GLY QA 61 -30.56 -98.55 29.50
C GLY QA 61 -31.97 -99.05 29.22
N ILE QA 62 -32.39 -98.99 27.95
CA ILE QA 62 -33.75 -99.37 27.59
C ILE QA 62 -33.98 -100.85 27.86
N LEU QA 63 -33.01 -101.69 27.49
CA LEU QA 63 -33.15 -103.13 27.62
C LEU QA 63 -32.52 -103.68 28.90
N GLY QA 64 -32.14 -102.81 29.83
CA GLY QA 64 -31.47 -103.30 31.02
C GLY QA 64 -31.88 -102.67 32.33
N ASN QA 65 -33.14 -102.27 32.48
CA ASN QA 65 -33.65 -101.77 33.76
C ASN QA 65 -32.84 -100.55 34.23
N PHE QA 66 -33.04 -99.44 33.52
CA PHE QA 66 -32.08 -98.36 33.36
C PHE QA 66 -31.22 -98.11 34.60
N GLU QA 67 -29.91 -98.23 34.42
CA GLU QA 67 -28.91 -97.93 35.43
C GLU QA 67 -27.79 -97.04 34.88
N LYS QA 68 -27.41 -97.23 33.62
CA LYS QA 68 -26.34 -96.46 33.00
C LYS QA 68 -26.87 -95.81 31.73
N HIS QA 69 -26.76 -94.49 31.65
CA HIS QA 69 -27.14 -93.79 30.44
C HIS QA 69 -26.11 -94.06 29.34
N PRO QA 70 -26.52 -93.99 28.06
CA PRO QA 70 -25.56 -94.17 26.96
C PRO QA 70 -24.42 -93.16 26.96
N LYS QA 71 -24.46 -92.17 27.86
CA LYS QA 71 -23.34 -91.24 27.98
C LYS QA 71 -22.05 -91.94 28.37
N GLU QA 72 -22.14 -92.97 29.22
CA GLU QA 72 -20.96 -93.69 29.66
C GLU QA 72 -20.25 -94.42 28.53
N LEU QA 73 -20.95 -94.69 27.43
CA LEU QA 73 -20.36 -95.40 26.29
C LEU QA 73 -19.53 -94.48 25.39
N ILE QA 74 -19.55 -93.17 25.64
CA ILE QA 74 -18.82 -92.22 24.81
C ILE QA 74 -17.36 -92.23 25.25
N LYS QA 75 -16.47 -92.64 24.34
CA LYS QA 75 -15.03 -92.66 24.61
C LYS QA 75 -14.35 -91.52 23.87
N GLY QA 76 -13.59 -90.72 24.60
CA GLY QA 76 -12.91 -89.58 24.02
C GLY QA 76 -12.43 -88.61 25.07
N PRO QA 77 -12.38 -87.32 24.71
CA PRO QA 77 -11.92 -86.30 25.66
C PRO QA 77 -12.90 -86.17 26.82
N ILE QA 78 -12.35 -85.72 27.95
CA ILE QA 78 -13.13 -85.65 29.18
C ILE QA 78 -14.26 -84.62 29.05
N TRP QA 79 -14.00 -83.52 28.34
CA TRP QA 79 -14.97 -82.44 28.24
C TRP QA 79 -15.99 -82.64 27.12
N LEU QA 80 -15.97 -83.80 26.44
CA LEU QA 80 -16.94 -84.08 25.40
C LEU QA 80 -17.68 -85.40 25.61
N ARG QA 81 -17.65 -85.95 26.82
CA ARG QA 81 -18.34 -87.20 27.11
C ARG QA 81 -19.83 -86.90 27.26
N GLY QA 82 -20.56 -87.07 26.16
CA GLY QA 82 -21.99 -86.85 26.17
C GLY QA 82 -22.38 -85.38 26.23
N TRP QA 83 -21.77 -84.57 25.37
CA TRP QA 83 -22.08 -83.15 25.33
C TRP QA 83 -21.84 -82.62 23.93
N LYS QA 84 -22.65 -81.63 23.53
CA LYS QA 84 -22.58 -81.05 22.20
C LYS QA 84 -22.68 -79.54 22.30
N GLY QA 85 -22.01 -78.86 21.37
CA GLY QA 85 -22.07 -77.40 21.32
C GLY QA 85 -21.28 -76.88 20.15
N ASN QA 86 -21.31 -75.56 19.99
CA ASN QA 86 -20.54 -74.91 18.94
C ASN QA 86 -19.08 -74.82 19.36
N GLU QA 87 -18.25 -74.22 18.51
CA GLU QA 87 -16.81 -74.15 18.81
C GLU QA 87 -16.54 -73.31 20.04
N LEU QA 88 -17.24 -72.17 20.17
CA LEU QA 88 -17.03 -71.32 21.34
C LEU QA 88 -17.41 -72.03 22.63
N GLN QA 89 -18.55 -72.73 22.62
CA GLN QA 89 -18.97 -73.47 23.80
C GLN QA 89 -18.00 -74.60 24.11
N ARG QA 90 -17.52 -75.29 23.09
CA ARG QA 90 -16.53 -76.35 23.31
C ARG QA 90 -15.26 -75.80 23.95
N CYS QA 91 -14.77 -74.67 23.44
CA CYS QA 91 -13.57 -74.07 23.99
C CYS QA 91 -13.78 -73.62 25.43
N ILE QA 92 -14.94 -73.02 25.72
CA ILE QA 92 -15.23 -72.58 27.08
C ILE QA 92 -15.28 -73.77 28.02
N ARG QA 93 -15.95 -74.85 27.60
CA ARG QA 93 -16.05 -76.04 28.43
C ARG QA 93 -14.68 -76.66 28.67
N LYS QA 94 -13.85 -76.73 27.63
CA LYS QA 94 -12.51 -77.29 27.78
C LYS QA 94 -11.67 -76.44 28.74
N LYS QA 95 -11.73 -75.11 28.61
CA LYS QA 95 -11.00 -74.25 29.52
C LYS QA 95 -11.47 -74.40 30.96
N ARG QA 96 -12.78 -74.51 31.17
CA ARG QA 96 -13.29 -74.65 32.53
C ARG QA 96 -12.90 -75.99 33.13
N MET QA 97 -12.94 -77.06 32.34
CA MET QA 97 -12.71 -78.40 32.89
C MET QA 97 -11.22 -78.72 32.99
N VAL QA 98 -10.53 -78.74 31.86
CA VAL QA 98 -9.14 -79.17 31.82
C VAL QA 98 -8.20 -78.02 31.45
N GLY QA 99 -8.67 -76.77 31.56
CA GLY QA 99 -7.82 -75.64 31.22
C GLY QA 99 -6.65 -75.47 32.16
N ASN QA 100 -6.78 -75.94 33.41
CA ASN QA 100 -5.71 -75.84 34.39
C ASN QA 100 -4.62 -76.88 34.18
N ARG QA 101 -4.87 -77.91 33.37
CA ARG QA 101 -3.89 -78.93 33.08
C ARG QA 101 -3.21 -78.76 31.72
N MET QA 102 -3.61 -77.75 30.95
CA MET QA 102 -3.04 -77.55 29.63
C MET QA 102 -1.66 -76.91 29.73
N PHE QA 103 -0.93 -76.96 28.61
CA PHE QA 103 0.38 -76.32 28.52
C PHE QA 103 0.20 -74.81 28.37
N ILE QA 104 1.31 -74.08 28.51
CA ILE QA 104 1.27 -72.62 28.45
C ILE QA 104 0.83 -72.16 27.07
N ASP QA 105 1.49 -72.69 26.03
CA ASP QA 105 1.15 -72.28 24.66
C ASP QA 105 -0.26 -72.70 24.29
N ASP QA 106 -0.67 -73.91 24.69
CA ASP QA 106 -2.01 -74.38 24.39
C ASP QA 106 -3.06 -73.52 25.08
N LEU QA 107 -2.82 -73.16 26.35
CA LEU QA 107 -3.75 -72.30 27.07
C LEU QA 107 -3.83 -70.92 26.44
N HIS QA 108 -2.69 -70.36 26.04
CA HIS QA 108 -2.71 -69.04 25.40
C HIS QA 108 -3.47 -69.09 24.08
N ASN QA 109 -3.24 -70.12 23.27
CA ASN QA 109 -3.97 -70.26 22.02
C ASN QA 109 -5.47 -70.44 22.26
N LEU QA 110 -5.82 -71.22 23.29
CA LEU QA 110 -7.23 -71.40 23.61
C LEU QA 110 -7.88 -70.09 24.03
N ASN QA 111 -7.19 -69.29 24.84
CA ASN QA 111 -7.74 -68.00 25.24
C ASN QA 111 -7.90 -67.07 24.04
N LYS QA 112 -6.91 -67.05 23.14
CA LYS QA 112 -7.03 -66.21 21.95
C LYS QA 112 -8.19 -66.67 21.08
N ARG QA 113 -8.36 -67.98 20.91
CA ARG QA 113 -9.47 -68.50 20.12
C ARG QA 113 -10.80 -68.17 20.76
N ILE QA 114 -10.89 -68.25 22.09
CA ILE QA 114 -12.13 -67.90 22.78
C ILE QA 114 -12.47 -66.44 22.55
N SER QA 115 -11.49 -65.56 22.69
CA SER QA 115 -11.73 -64.14 22.47
C SER QA 115 -12.17 -63.87 21.04
N TYR QA 116 -11.48 -64.49 20.07
CA TYR QA 116 -11.82 -64.27 18.67
C TYR QA 116 -13.23 -64.77 18.36
N LEU QA 117 -13.59 -65.95 18.86
CA LEU QA 117 -14.92 -66.49 18.62
C LEU QA 117 -15.99 -65.63 19.27
N TYR QA 118 -15.74 -65.15 20.49
CA TYR QA 118 -16.71 -64.26 21.14
C TYR QA 118 -16.92 -63.01 20.31
N LYS QA 119 -15.83 -62.38 19.88
CA LYS QA 119 -15.96 -61.15 19.09
C LYS QA 119 -16.69 -61.40 17.78
N HIS QA 120 -16.35 -62.50 17.10
CA HIS QA 120 -16.99 -62.80 15.82
C HIS QA 120 -18.48 -63.08 15.99
N PHE QA 121 -18.85 -63.82 17.05
CA PHE QA 121 -20.24 -64.20 17.24
C PHE QA 121 -21.09 -63.06 17.77
N ASN QA 122 -20.51 -62.13 18.53
CA ASN QA 122 -21.30 -61.07 19.14
C ASN QA 122 -21.28 -59.76 18.37
N ARG QA 123 -20.21 -59.47 17.64
CA ARG QA 123 -20.07 -58.21 16.95
C ARG QA 123 -20.08 -58.33 15.43
N HIS QA 124 -20.09 -59.55 14.89
CA HIS QA 124 -20.09 -59.76 13.45
C HIS QA 124 -21.24 -60.68 13.05
N GLY QA 125 -21.73 -60.48 11.82
CA GLY QA 125 -22.81 -61.28 11.29
C GLY QA 125 -23.73 -60.49 10.39
N LYS QA 126 -24.62 -61.19 9.68
CA LYS QA 126 -25.57 -60.55 8.77
C LYS QA 126 -26.96 -60.45 9.37
N TYR QA 127 -27.53 -61.56 9.82
CA TYR QA 127 -28.87 -61.52 10.41
C TYR QA 127 -28.88 -60.79 11.74
N ARG QA 128 -27.74 -60.69 12.42
CA ARG QA 128 -27.61 -59.98 13.68
C ARG QA 128 -28.57 -60.52 14.74
N ALA RA 23 -44.87 -61.35 -49.41
CA ALA RA 23 -45.84 -60.48 -48.75
C ALA RA 23 -47.24 -60.68 -49.32
N GLY RA 24 -47.88 -59.58 -49.73
CA GLY RA 24 -49.21 -59.65 -50.28
C GLY RA 24 -50.27 -59.96 -49.24
N SER RA 25 -50.32 -59.14 -48.19
CA SER RA 25 -51.29 -59.34 -47.12
C SER RA 25 -52.61 -58.61 -47.38
N GLN RA 26 -52.53 -57.40 -47.94
CA GLN RA 26 -53.74 -56.62 -48.19
C GLN RA 26 -54.63 -57.31 -49.23
N TRP RA 27 -54.03 -57.89 -50.27
CA TRP RA 27 -54.81 -58.58 -51.28
C TRP RA 27 -55.54 -59.79 -50.69
N ARG RA 28 -54.84 -60.57 -49.86
CA ARG RA 28 -55.48 -61.71 -49.20
C ARG RA 28 -56.59 -61.26 -48.26
N LEU RA 29 -56.37 -60.17 -47.53
CA LEU RA 29 -57.42 -59.64 -46.66
C LEU RA 29 -58.65 -59.21 -47.46
N GLN RA 30 -58.43 -58.55 -48.60
CA GLN RA 30 -59.55 -58.14 -49.44
C GLN RA 30 -60.29 -59.35 -49.99
N GLN RA 31 -59.56 -60.38 -50.42
CA GLN RA 31 -60.19 -61.58 -50.95
C GLN RA 31 -60.81 -62.44 -49.86
N GLY RA 32 -60.51 -62.16 -48.60
CA GLY RA 32 -61.10 -62.88 -47.48
C GLY RA 32 -60.17 -63.88 -46.83
N PHE RA 33 -59.04 -64.20 -47.46
CA PHE RA 33 -58.09 -65.14 -46.88
C PHE RA 33 -57.32 -64.46 -45.75
N ALA RA 34 -56.63 -65.27 -44.95
CA ALA RA 34 -55.86 -64.74 -43.84
C ALA RA 34 -54.67 -63.93 -44.35
N ALA RA 35 -54.22 -63.01 -43.51
CA ALA RA 35 -53.03 -62.22 -43.84
C ALA RA 35 -51.80 -63.11 -44.01
N ASN RA 36 -51.76 -64.23 -43.30
CA ASN RA 36 -50.71 -65.23 -43.43
C ASN RA 36 -51.29 -66.47 -44.08
N PRO RA 37 -50.67 -67.01 -45.12
CA PRO RA 37 -51.21 -68.22 -45.76
C PRO RA 37 -51.31 -69.42 -44.82
N SER RA 38 -50.64 -69.39 -43.68
CA SER RA 38 -50.77 -70.46 -42.70
C SER RA 38 -52.05 -70.34 -41.87
N GLY RA 39 -52.81 -69.26 -42.04
CA GLY RA 39 -54.02 -69.06 -41.26
C GLY RA 39 -55.25 -69.72 -41.82
N TYR RA 40 -55.69 -70.80 -41.18
CA TYR RA 40 -56.93 -71.53 -41.50
C TYR RA 40 -57.03 -71.91 -42.97
N GLY RA 41 -55.93 -71.88 -43.71
CA GLY RA 41 -55.94 -72.25 -45.09
C GLY RA 41 -55.85 -73.73 -45.29
N PRO RA 42 -56.18 -74.18 -46.51
CA PRO RA 42 -56.04 -75.61 -46.84
C PRO RA 42 -54.61 -76.10 -46.79
N LEU RA 43 -53.62 -75.21 -46.88
CA LEU RA 43 -52.22 -75.61 -46.75
C LEU RA 43 -51.89 -76.09 -45.35
N THR RA 44 -52.75 -75.84 -44.37
CA THR RA 44 -52.50 -76.24 -42.99
C THR RA 44 -53.61 -77.08 -42.38
N GLU RA 45 -54.88 -76.80 -42.72
CA GLU RA 45 -55.98 -77.53 -42.12
C GLU RA 45 -56.05 -78.97 -42.60
N LEU RA 46 -55.73 -79.23 -43.85
CA LEU RA 46 -55.79 -80.57 -44.40
C LEU RA 46 -54.68 -81.45 -43.80
N PRO RA 47 -54.89 -82.76 -43.76
CA PRO RA 47 -53.81 -83.66 -43.31
C PRO RA 47 -52.69 -83.70 -44.35
N ASP RA 48 -51.47 -83.42 -43.91
CA ASP RA 48 -50.33 -83.32 -44.81
C ASP RA 48 -49.85 -84.66 -45.33
N TRP RA 49 -50.18 -85.76 -44.66
CA TRP RA 49 -49.69 -87.07 -45.07
C TRP RA 49 -50.70 -88.14 -44.67
N SER RA 50 -50.57 -89.30 -45.31
CA SER RA 50 -51.43 -90.44 -45.01
C SER RA 50 -50.70 -91.71 -45.43
N TYR RA 51 -51.18 -92.84 -44.91
CA TYR RA 51 -50.59 -94.12 -45.24
C TYR RA 51 -50.82 -94.46 -46.71
N ALA RA 52 -49.89 -95.24 -47.28
CA ALA RA 52 -50.03 -95.67 -48.66
C ALA RA 52 -51.24 -96.56 -48.87
N ASP RA 53 -51.72 -97.23 -47.83
CA ASP RA 53 -52.91 -98.06 -47.94
C ASP RA 53 -54.19 -97.24 -48.03
N GLY RA 54 -54.13 -95.96 -47.68
CA GLY RA 54 -55.29 -95.10 -47.70
C GLY RA 54 -55.92 -94.85 -46.35
N ARG RA 55 -55.55 -95.62 -45.33
CA ARG RA 55 -56.09 -95.39 -44.00
C ARG RA 55 -55.61 -94.05 -43.44
N PRO RA 56 -56.46 -93.33 -42.71
CA PRO RA 56 -56.10 -91.99 -42.26
C PRO RA 56 -54.93 -91.99 -41.30
N ALA RA 57 -54.14 -90.93 -41.35
CA ALA RA 57 -53.00 -90.69 -40.50
C ALA RA 57 -53.44 -90.13 -39.16
N PRO RA 58 -52.63 -90.30 -38.11
CA PRO RA 58 -52.95 -89.70 -36.81
C PRO RA 58 -53.04 -88.19 -36.90
N PRO RA 59 -53.93 -87.57 -36.14
CA PRO RA 59 -54.12 -86.12 -36.25
C PRO RA 59 -52.92 -85.35 -35.71
N MET RA 60 -52.81 -84.11 -36.16
CA MET RA 60 -51.70 -83.23 -35.78
C MET RA 60 -52.01 -82.50 -34.48
N LYS RA 61 -50.96 -82.33 -33.66
CA LYS RA 61 -51.12 -81.64 -32.39
C LYS RA 61 -51.54 -80.19 -32.59
N GLY RA 62 -50.94 -79.52 -33.55
CA GLY RA 62 -51.33 -78.15 -33.85
C GLY RA 62 -52.77 -78.04 -34.31
N GLN RA 63 -53.20 -78.98 -35.15
CA GLN RA 63 -54.60 -79.00 -35.59
C GLN RA 63 -55.55 -79.22 -34.42
N LEU RA 64 -55.18 -80.12 -33.50
CA LEU RA 64 -56.02 -80.36 -32.32
C LEU RA 64 -56.10 -79.11 -31.46
N ARG RA 65 -54.97 -78.44 -31.24
CA ARG RA 65 -54.98 -77.22 -30.44
C ARG RA 65 -55.83 -76.14 -31.10
N ARG RA 66 -55.70 -75.99 -32.42
CA ARG RA 66 -56.49 -75.01 -33.14
C ARG RA 66 -57.97 -75.31 -33.05
N LYS RA 67 -58.36 -76.58 -33.18
CA LYS RA 67 -59.76 -76.95 -33.04
C LYS RA 67 -60.27 -76.66 -31.63
N ALA RA 68 -59.45 -76.96 -30.61
CA ALA RA 68 -59.86 -76.69 -29.24
C ALA RA 68 -60.07 -75.20 -29.00
N GLN RA 69 -59.15 -74.37 -29.49
CA GLN RA 69 -59.29 -72.94 -29.28
C GLN RA 69 -60.45 -72.36 -30.07
N ARG RA 70 -60.71 -72.87 -31.28
CA ARG RA 70 -61.88 -72.43 -32.04
C ARG RA 70 -63.17 -72.80 -31.32
N GLU RA 71 -63.23 -74.02 -30.75
CA GLU RA 71 -64.40 -74.43 -29.99
C GLU RA 71 -64.60 -73.55 -28.77
N LYS RA 72 -63.51 -73.22 -28.07
CA LYS RA 72 -63.62 -72.33 -26.93
C LYS RA 72 -64.11 -70.95 -27.34
N PHE RA 73 -63.62 -70.42 -28.47
CA PHE RA 73 -64.07 -69.14 -28.96
C PHE RA 73 -65.55 -69.17 -29.31
N ALA RA 74 -66.01 -70.23 -29.96
CA ALA RA 74 -67.42 -70.35 -30.31
C ALA RA 74 -68.28 -70.43 -29.06
N ARG RA 75 -67.84 -71.20 -28.06
CA ARG RA 75 -68.59 -71.29 -26.80
C ARG RA 75 -68.68 -69.92 -26.13
N ARG RA 76 -67.58 -69.18 -26.11
CA ARG RA 76 -67.60 -67.85 -25.52
C ARG RA 76 -68.55 -66.92 -26.27
N VAL RA 77 -68.54 -66.99 -27.60
CA VAL RA 77 -69.42 -66.13 -28.39
C VAL RA 77 -70.89 -66.46 -28.09
N VAL RA 78 -71.21 -67.75 -28.04
CA VAL RA 78 -72.59 -68.16 -27.76
C VAL RA 78 -72.99 -67.70 -26.35
N LEU RA 79 -72.09 -67.86 -25.38
CA LEU RA 79 -72.39 -67.44 -24.02
C LEU RA 79 -72.64 -65.94 -23.95
N LEU RA 80 -71.80 -65.15 -24.63
CA LEU RA 80 -72.00 -63.70 -24.62
C LEU RA 80 -73.32 -63.32 -25.27
N SER RA 81 -73.67 -63.95 -26.39
CA SER RA 81 -74.93 -63.65 -27.04
C SER RA 81 -76.12 -64.00 -26.15
N GLN RA 82 -76.06 -65.16 -25.49
CA GLN RA 82 -77.15 -65.57 -24.61
C GLN RA 82 -77.28 -64.63 -23.43
N GLU RA 83 -76.15 -64.21 -22.85
CA GLU RA 83 -76.19 -63.27 -21.73
C GLU RA 83 -76.77 -61.93 -22.17
N MET RA 84 -76.40 -61.46 -23.36
CA MET RA 84 -76.94 -60.20 -23.87
C MET RA 84 -78.45 -60.29 -24.05
N ASP RA 85 -78.92 -61.38 -24.65
CA ASP RA 85 -80.36 -61.56 -24.85
C ASP RA 85 -81.10 -61.66 -23.51
N ALA RA 86 -80.52 -62.39 -22.56
CA ALA RA 86 -81.14 -62.53 -21.24
C ALA RA 86 -81.22 -61.19 -20.53
N GLY RA 87 -80.16 -60.38 -20.63
CA GLY RA 87 -80.19 -59.06 -20.00
C GLY RA 87 -81.24 -58.15 -20.63
N LEU RA 88 -81.33 -58.16 -21.96
CA LEU RA 88 -82.33 -57.34 -22.63
C LEU RA 88 -83.75 -57.76 -22.24
N GLN RA 89 -84.01 -59.07 -22.24
CA GLN RA 89 -85.33 -59.55 -21.85
C GLN RA 89 -85.63 -59.26 -20.39
N ALA RA 90 -84.61 -59.35 -19.51
CA ALA RA 90 -84.82 -59.02 -18.10
C ALA RA 90 -85.16 -57.54 -17.93
N TRP RA 91 -84.48 -56.66 -18.68
CA TRP RA 91 -84.81 -55.25 -18.61
C TRP RA 91 -86.24 -54.98 -19.08
N GLN RA 92 -86.64 -55.62 -20.19
CA GLN RA 92 -88.00 -55.45 -20.68
C GLN RA 92 -89.02 -55.96 -19.67
N LEU RA 93 -88.74 -57.11 -19.04
CA LEU RA 93 -89.63 -57.65 -18.03
C LEU RA 93 -89.72 -56.74 -16.82
N ARG RA 94 -88.60 -56.14 -16.41
CA ARG RA 94 -88.62 -55.19 -15.31
C ARG RA 94 -89.46 -53.96 -15.64
N GLN RA 95 -89.34 -53.45 -16.88
CA GLN RA 95 -90.18 -52.32 -17.28
C GLN RA 95 -91.65 -52.70 -17.27
N GLN RA 96 -91.99 -53.89 -17.76
CA GLN RA 96 -93.38 -54.33 -17.74
C GLN RA 96 -93.88 -54.49 -16.31
N GLU RA 97 -93.04 -55.02 -15.42
CA GLU RA 97 -93.42 -55.16 -14.02
C GLU RA 97 -93.67 -53.80 -13.37
N LYS RA 98 -92.82 -52.82 -13.68
CA LYS RA 98 -93.02 -51.47 -13.14
C LYS RA 98 -94.32 -50.87 -13.65
N LEU RA 99 -94.63 -51.07 -14.94
CA LEU RA 99 -95.90 -50.57 -15.47
C LEU RA 99 -97.09 -51.25 -14.81
N GLN RA 100 -96.99 -52.57 -14.59
CA GLN RA 100 -98.08 -53.29 -13.93
C GLN RA 100 -98.25 -52.82 -12.48
N GLU RA 101 -97.14 -52.54 -11.79
CA GLU RA 101 -97.24 -52.01 -10.43
C GLU RA 101 -97.89 -50.62 -10.43
N GLU RA 102 -97.55 -49.80 -11.42
CA GLU RA 102 -98.18 -48.48 -11.54
C GLU RA 102 -99.69 -48.63 -11.76
N GLU RA 103 -100.09 -49.58 -12.61
CA GLU RA 103 -101.52 -49.83 -12.81
C GLU RA 103 -102.18 -50.33 -11.53
N GLY RA 104 -101.53 -51.24 -10.81
CA GLY RA 104 -102.11 -51.79 -9.60
C GLY RA 104 -102.24 -50.77 -8.48
N LYS RA 105 -101.32 -49.81 -8.43
CA LYS RA 105 -101.43 -48.75 -7.42
C LYS RA 105 -102.71 -47.96 -7.60
N GLN RA 106 -103.05 -47.61 -8.84
CA GLN RA 106 -104.32 -46.93 -9.10
C GLN RA 106 -105.50 -47.88 -8.92
N LYS RA 107 -105.32 -49.16 -9.22
CA LYS RA 107 -106.38 -50.15 -9.02
C LYS RA 107 -106.77 -50.29 -7.55
N ASN RA 108 -105.81 -50.28 -6.63
CA ASN RA 108 -106.08 -50.44 -5.22
C ASN RA 108 -106.47 -49.13 -4.55
N ALA RA 109 -106.51 -48.03 -5.29
CA ALA RA 109 -106.87 -46.74 -4.71
C ALA RA 109 -108.38 -46.70 -4.41
N LEU RA 110 -108.76 -45.75 -3.56
CA LEU RA 110 -110.14 -45.59 -3.15
C LEU RA 110 -110.82 -44.51 -4.00
N LYS RA 111 -112.13 -44.38 -3.79
CA LYS RA 111 -112.92 -43.40 -4.54
C LYS RA 111 -112.90 -42.05 -3.85
N SER RA 112 -112.74 -41.00 -4.64
CA SER RA 112 -112.75 -39.64 -4.11
C SER RA 112 -114.18 -39.21 -3.80
N LYS RA 113 -114.38 -38.67 -2.60
CA LYS RA 113 -115.71 -38.29 -2.15
C LYS RA 113 -115.81 -36.85 -1.65
N GLY RA 114 -114.78 -36.34 -0.99
CA GLY RA 114 -114.85 -35.03 -0.34
C GLY RA 114 -115.19 -33.88 -1.25
N ALA RA 115 -114.55 -33.81 -2.41
CA ALA RA 115 -114.82 -32.74 -3.37
C ALA RA 115 -115.86 -33.11 -4.42
N LEU RA 116 -116.35 -34.35 -4.41
CA LEU RA 116 -117.29 -34.80 -5.43
C LEU RA 116 -118.72 -34.97 -4.90
N LEU RA 117 -118.90 -35.06 -3.58
CA LEU RA 117 -120.25 -35.20 -3.05
C LEU RA 117 -121.10 -33.96 -3.33
N GLN RA 118 -120.51 -32.77 -3.20
CA GLN RA 118 -121.25 -31.54 -3.43
C GLN RA 118 -121.45 -31.23 -4.91
N ASN RA 119 -120.69 -31.88 -5.79
CA ASN RA 119 -120.83 -31.64 -7.23
C ASN RA 119 -121.92 -32.51 -7.82
N ALA SA 2 -37.12 11.07 -77.79
CA ALA SA 2 -36.65 12.44 -77.91
C ALA SA 2 -35.37 12.66 -77.12
N ALA SA 3 -35.28 12.03 -75.95
CA ALA SA 3 -34.10 12.18 -75.10
C ALA SA 3 -32.87 11.58 -75.78
N ALA SA 4 -33.04 10.41 -76.42
CA ALA SA 4 -31.90 9.78 -77.09
C ALA SA 4 -31.35 10.64 -78.23
N LEU SA 5 -32.24 11.26 -79.01
CA LEU SA 5 -31.79 12.15 -80.07
C LEU SA 5 -31.20 13.43 -79.51
N ALA SA 6 -31.74 13.94 -78.40
CA ALA SA 6 -31.21 15.16 -77.80
C ALA SA 6 -29.83 14.95 -77.21
N ARG SA 7 -29.58 13.78 -76.62
CA ARG SA 7 -28.29 13.53 -75.97
C ARG SA 7 -27.20 13.09 -76.95
N LEU SA 8 -27.54 12.89 -78.23
CA LEU SA 8 -26.59 12.37 -79.18
C LEU SA 8 -25.87 13.45 -79.98
N GLY SA 9 -26.21 14.72 -79.78
CA GLY SA 9 -25.58 15.77 -80.53
C GLY SA 9 -26.00 15.78 -81.98
N LEU SA 10 -27.15 16.39 -82.27
CA LEU SA 10 -27.67 16.48 -83.63
C LEU SA 10 -27.18 17.71 -84.39
N ARG SA 11 -26.08 18.33 -83.95
CA ARG SA 11 -25.59 19.54 -84.61
C ARG SA 11 -25.13 19.27 -86.05
N ALA SA 12 -24.90 18.01 -86.41
CA ALA SA 12 -24.33 17.67 -87.71
C ALA SA 12 -25.37 17.22 -88.74
N VAL SA 13 -26.58 17.77 -88.70
CA VAL SA 13 -27.61 17.43 -89.66
C VAL SA 13 -28.09 18.71 -90.34
N LYS SA 14 -28.37 18.60 -91.64
CA LYS SA 14 -28.82 19.75 -92.44
C LYS SA 14 -30.33 19.73 -92.65
N GLN SA 15 -30.87 18.66 -93.22
CA GLN SA 15 -32.28 18.62 -93.55
C GLN SA 15 -32.86 17.26 -93.17
N VAL SA 16 -34.06 17.27 -92.59
CA VAL SA 16 -34.82 16.07 -92.31
C VAL SA 16 -36.23 16.28 -92.82
N ARG SA 17 -36.66 15.46 -93.77
CA ARG SA 17 -38.00 15.56 -94.33
C ARG SA 17 -38.71 14.21 -94.21
N VAL SA 18 -39.98 14.27 -93.82
CA VAL SA 18 -40.81 13.08 -93.66
C VAL SA 18 -42.00 13.24 -94.59
N GLN SA 19 -42.08 12.40 -95.61
CA GLN SA 19 -43.15 12.45 -96.60
C GLN SA 19 -44.09 11.29 -96.36
N PHE SA 20 -45.35 11.58 -96.07
CA PHE SA 20 -46.28 10.52 -95.69
C PHE SA 20 -47.71 10.93 -96.05
N CYS SA 21 -48.59 9.94 -96.02
CA CYS SA 21 -50.02 10.14 -96.25
C CYS SA 21 -50.78 9.77 -94.99
N PRO SA 22 -51.34 10.75 -94.26
CA PRO SA 22 -52.00 10.42 -92.98
C PRO SA 22 -53.20 9.51 -93.10
N PHE SA 23 -53.80 9.39 -94.28
CA PHE SA 23 -55.02 8.59 -94.45
C PHE SA 23 -54.74 7.12 -94.73
N GLU SA 24 -53.51 6.66 -94.53
CA GLU SA 24 -53.16 5.26 -94.73
C GLU SA 24 -53.22 4.51 -93.40
N LYS SA 25 -53.05 3.20 -93.47
CA LYS SA 25 -53.18 2.33 -92.31
C LYS SA 25 -51.86 1.96 -91.67
N ASN SA 26 -50.73 2.47 -92.18
CA ASN SA 26 -49.42 2.14 -91.64
C ASN SA 26 -48.56 3.39 -91.46
N VAL SA 27 -49.16 4.47 -90.94
CA VAL SA 27 -48.45 5.73 -90.74
C VAL SA 27 -48.27 6.03 -89.25
N GLU SA 28 -48.66 5.12 -88.37
CA GLU SA 28 -48.49 5.35 -86.94
C GLU SA 28 -47.01 5.49 -86.58
N SER SA 29 -46.19 4.55 -87.05
CA SER SA 29 -44.76 4.63 -86.78
C SER SA 29 -44.12 5.85 -87.44
N THR SA 30 -44.56 6.19 -88.65
CA THR SA 30 -44.02 7.36 -89.34
C THR SA 30 -44.33 8.64 -88.57
N ARG SA 31 -45.57 8.79 -88.09
CA ARG SA 31 -45.92 9.97 -87.32
C ARG SA 31 -45.24 9.99 -85.96
N THR SA 32 -45.05 8.82 -85.34
CA THR SA 32 -44.29 8.77 -84.10
C THR SA 32 -42.85 9.23 -84.31
N PHE SA 33 -42.22 8.78 -85.40
CA PHE SA 33 -40.87 9.22 -85.72
C PHE SA 33 -40.83 10.72 -85.98
N LEU SA 34 -41.82 11.24 -86.72
CA LEU SA 34 -41.88 12.67 -87.00
C LEU SA 34 -41.99 13.47 -85.71
N GLN SA 35 -42.88 13.05 -84.81
CA GLN SA 35 -43.03 13.75 -83.54
C GLN SA 35 -41.77 13.66 -82.69
N ALA SA 36 -41.10 12.50 -82.69
CA ALA SA 36 -39.87 12.36 -81.92
C ALA SA 36 -38.78 13.27 -82.46
N VAL SA 37 -38.64 13.38 -83.78
CA VAL SA 37 -37.58 14.20 -84.34
C VAL SA 37 -37.95 15.68 -84.32
N SER SA 38 -39.24 16.00 -84.15
CA SER SA 38 -39.68 17.38 -84.05
C SER SA 38 -39.87 17.83 -82.60
N SER SA 39 -39.29 17.10 -81.64
CA SER SA 39 -39.42 17.48 -80.25
C SER SA 39 -38.63 18.76 -79.98
N GLU SA 40 -39.00 19.44 -78.88
CA GLU SA 40 -38.38 20.73 -78.57
C GLU SA 40 -36.89 20.57 -78.24
N LYS SA 41 -36.53 19.46 -77.59
CA LYS SA 41 -35.12 19.22 -77.29
C LYS SA 41 -34.29 19.10 -78.57
N VAL SA 42 -34.80 18.39 -79.57
CA VAL SA 42 -34.10 18.29 -80.84
C VAL SA 42 -33.98 19.65 -81.50
N ARG SA 43 -35.04 20.45 -81.45
CA ARG SA 43 -35.00 21.80 -82.03
C ARG SA 43 -33.96 22.68 -81.36
N CYS SA 44 -33.89 22.65 -80.03
CA CYS SA 44 -32.93 23.48 -79.31
C CYS SA 44 -31.51 22.93 -79.36
N THR SA 45 -31.34 21.65 -79.72
CA THR SA 45 -29.98 21.12 -79.88
C THR SA 45 -29.26 21.82 -81.02
N ASN SA 46 -29.93 22.05 -82.14
CA ASN SA 46 -29.34 22.75 -83.27
C ASN SA 46 -30.43 23.48 -84.03
N LEU SA 47 -30.18 24.75 -84.35
CA LEU SA 47 -31.11 25.57 -85.09
C LEU SA 47 -30.82 25.63 -86.58
N ASN SA 48 -29.70 25.06 -87.03
CA ASN SA 48 -29.34 25.08 -88.43
C ASN SA 48 -30.00 23.97 -89.25
N CYS SA 49 -30.75 23.08 -88.60
CA CYS SA 49 -31.42 22.00 -89.30
C CYS SA 49 -32.82 22.43 -89.73
N SER SA 50 -33.24 21.94 -90.89
CA SER SA 50 -34.56 22.25 -91.45
C SER SA 50 -35.39 20.97 -91.47
N VAL SA 51 -36.55 21.01 -90.82
CA VAL SA 51 -37.44 19.87 -90.71
C VAL SA 51 -38.67 20.14 -91.56
N ILE SA 52 -39.00 19.20 -92.44
CA ILE SA 52 -40.09 19.34 -93.39
C ILE SA 52 -41.03 18.15 -93.24
N ALA SA 53 -42.33 18.43 -93.22
CA ALA SA 53 -43.37 17.40 -93.12
C ALA SA 53 -44.25 17.48 -94.36
N ASP SA 54 -44.00 16.58 -95.32
CA ASP SA 54 -44.76 16.53 -96.55
C ASP SA 54 -45.97 15.64 -96.35
N VAL SA 55 -47.15 16.19 -96.63
CA VAL SA 55 -48.42 15.48 -96.48
C VAL SA 55 -48.98 15.22 -97.86
N ARG SA 56 -49.23 13.96 -98.17
CA ARG SA 56 -49.80 13.55 -99.45
C ARG SA 56 -51.09 12.76 -99.19
N HIS SA 57 -51.80 12.45 -100.27
CA HIS SA 57 -53.04 11.69 -100.18
C HIS SA 57 -53.01 10.41 -100.99
N ASP SA 58 -52.38 10.41 -102.15
CA ASP SA 58 -52.28 9.23 -103.00
C ASP SA 58 -50.87 8.65 -103.06
N GLY SA 59 -49.93 9.22 -102.31
CA GLY SA 59 -48.58 8.69 -102.31
C GLY SA 59 -48.51 7.28 -101.74
N SER SA 60 -49.18 7.06 -100.61
CA SER SA 60 -49.32 5.77 -99.95
C SER SA 60 -47.99 5.13 -99.57
N GLU SA 61 -46.89 5.87 -99.65
CA GLU SA 61 -45.57 5.34 -99.34
C GLU SA 61 -44.84 6.29 -98.39
N PRO SA 62 -45.01 6.12 -97.09
CA PRO SA 62 -44.28 6.96 -96.13
C PRO SA 62 -42.78 6.73 -96.23
N CYS SA 63 -42.01 7.80 -96.06
CA CYS SA 63 -40.56 7.73 -96.17
C CYS SA 63 -39.95 8.91 -95.43
N VAL SA 64 -38.67 8.75 -95.07
CA VAL SA 64 -37.91 9.77 -94.37
C VAL SA 64 -36.57 9.96 -95.09
N ASP SA 65 -36.25 11.19 -95.43
CA ASP SA 65 -34.99 11.53 -96.08
C ASP SA 65 -34.22 12.50 -95.19
N VAL SA 66 -32.98 12.14 -94.84
CA VAL SA 66 -32.13 12.95 -93.99
C VAL SA 66 -30.85 13.24 -94.77
N LEU SA 67 -30.62 14.51 -95.06
CA LEU SA 67 -29.40 14.96 -95.72
C LEU SA 67 -28.53 15.65 -94.69
N PHE SA 68 -27.30 15.15 -94.50
CA PHE SA 68 -26.39 15.77 -93.56
C PHE SA 68 -25.01 15.95 -94.19
N GLY SA 69 -24.28 16.93 -93.63
CA GLY SA 69 -23.10 17.57 -94.16
C GLY SA 69 -21.90 16.68 -94.41
N ASP SA 70 -21.99 15.39 -94.11
CA ASP SA 70 -21.00 14.43 -94.59
C ASP SA 70 -21.24 14.05 -96.04
N GLY SA 71 -22.05 14.84 -96.74
CA GLY SA 71 -22.51 14.49 -98.07
C GLY SA 71 -23.35 13.24 -98.09
N HIS SA 72 -24.14 13.01 -97.04
CA HIS SA 72 -24.84 11.73 -96.88
C HIS SA 72 -26.34 11.93 -96.91
N ARG SA 73 -27.02 11.01 -97.58
CA ARG SA 73 -28.48 11.00 -97.72
C ARG SA 73 -28.99 9.65 -97.20
N LEU SA 74 -29.54 9.66 -95.98
CA LEU SA 74 -30.15 8.48 -95.40
C LEU SA 74 -31.63 8.47 -95.77
N ILE SA 75 -32.03 7.48 -96.56
CA ILE SA 75 -33.42 7.34 -97.00
C ILE SA 75 -33.98 6.07 -96.37
N MET SA 76 -35.07 6.22 -95.62
CA MET SA 76 -35.72 5.12 -94.92
C MET SA 76 -37.16 5.04 -95.42
N ARG SA 77 -37.47 3.97 -96.16
CA ARG SA 77 -38.83 3.74 -96.64
C ARG SA 77 -39.58 2.96 -95.57
N GLY SA 78 -40.01 3.68 -94.54
CA GLY SA 78 -40.65 3.05 -93.41
C GLY SA 78 -42.14 2.87 -93.58
N ALA SA 79 -42.56 1.67 -93.99
CA ALA SA 79 -43.96 1.32 -94.12
C ALA SA 79 -44.40 0.24 -93.14
N HIS SA 80 -43.47 -0.61 -92.69
CA HIS SA 80 -43.77 -1.62 -91.69
C HIS SA 80 -42.81 -1.61 -90.51
N LEU SA 81 -41.75 -0.83 -90.56
CA LEU SA 81 -40.78 -0.79 -89.47
C LEU SA 81 -41.36 -0.12 -88.24
N THR SA 82 -40.92 -0.58 -87.07
CA THR SA 82 -41.33 0.02 -85.81
C THR SA 82 -40.70 1.39 -85.66
N ALA SA 83 -41.42 2.29 -84.99
CA ALA SA 83 -40.91 3.64 -84.78
C ALA SA 83 -39.64 3.62 -83.94
N GLN SA 84 -39.59 2.78 -82.92
CA GLN SA 84 -38.39 2.66 -82.10
C GLN SA 84 -37.22 2.12 -82.92
N GLU SA 85 -37.48 1.14 -83.78
CA GLU SA 85 -36.43 0.61 -84.65
C GLU SA 85 -35.91 1.69 -85.59
N MET SA 86 -36.81 2.48 -86.18
CA MET SA 86 -36.38 3.57 -87.05
C MET SA 86 -35.54 4.58 -86.28
N LEU SA 87 -35.97 4.94 -85.07
CA LEU SA 87 -35.22 5.89 -84.26
C LEU SA 87 -33.83 5.37 -83.95
N THR SA 88 -33.72 4.12 -83.52
CA THR SA 88 -32.41 3.61 -83.12
C THR SA 88 -31.50 3.41 -84.33
N ALA SA 89 -32.05 2.99 -85.47
CA ALA SA 89 -31.24 2.88 -86.67
C ALA SA 89 -30.74 4.24 -87.13
N PHE SA 90 -31.62 5.25 -87.10
CA PHE SA 90 -31.22 6.61 -87.48
C PHE SA 90 -30.12 7.13 -86.55
N ALA SA 91 -30.30 6.93 -85.24
CA ALA SA 91 -29.31 7.40 -84.28
C ALA SA 91 -27.97 6.70 -84.48
N SER SA 92 -28.00 5.37 -84.67
CA SER SA 92 -26.77 4.62 -84.88
C SER SA 92 -26.06 5.03 -86.17
N HIS SA 93 -26.81 5.33 -87.23
CA HIS SA 93 -26.16 5.77 -88.47
C HIS SA 93 -25.58 7.17 -88.34
N ILE SA 94 -26.33 8.10 -87.73
CA ILE SA 94 -25.82 9.47 -87.63
C ILE SA 94 -24.64 9.57 -86.67
N GLN SA 95 -24.64 8.82 -85.58
CA GLN SA 95 -23.48 8.82 -84.69
C GLN SA 95 -22.25 8.20 -85.33
N ALA SA 96 -22.44 7.11 -86.07
CA ALA SA 96 -21.33 6.47 -86.76
C ALA SA 96 -20.75 7.36 -87.85
N ARG SA 97 -21.61 8.03 -88.62
CA ARG SA 97 -21.18 8.94 -89.68
C ARG SA 97 -21.61 10.35 -89.29
N GLY SA 98 -20.73 11.05 -88.58
CA GLY SA 98 -20.99 12.41 -88.15
C GLY SA 98 -20.20 12.81 -86.92
N PRO TA 59 -41.67 53.10 -50.27
CA PRO TA 59 -41.23 54.35 -50.89
C PRO TA 59 -42.42 55.23 -51.26
N GLU TA 60 -43.58 54.60 -51.46
CA GLU TA 60 -44.79 55.35 -51.76
C GLU TA 60 -45.58 55.59 -50.49
N VAL TA 61 -46.80 56.11 -50.64
CA VAL TA 61 -47.67 56.41 -49.50
C VAL TA 61 -49.05 55.86 -49.77
N CYS TA 62 -49.73 55.42 -48.71
CA CYS TA 62 -51.06 54.86 -48.82
C CYS TA 62 -52.10 55.95 -48.58
N THR TA 63 -53.36 55.57 -48.47
CA THR TA 63 -54.46 56.50 -48.26
C THR TA 63 -55.15 56.20 -46.93
N ASP TA 64 -56.15 57.03 -46.60
CA ASP TA 64 -56.89 56.91 -45.34
C ASP TA 64 -58.29 57.52 -45.46
N PRO TA 65 -58.46 58.73 -46.03
CA PRO TA 65 -59.81 59.33 -46.09
C PRO TA 65 -60.72 58.66 -47.11
N PHE TA 66 -61.87 59.27 -47.35
CA PHE TA 66 -62.93 58.74 -48.21
C PHE TA 66 -62.44 58.30 -49.59
N ARG TA 67 -61.20 58.64 -49.96
CA ARG TA 67 -60.65 58.23 -51.25
C ARG TA 67 -60.70 56.71 -51.42
N LEU TA 68 -60.40 55.97 -50.35
CA LEU TA 68 -60.42 54.51 -50.42
C LEU TA 68 -61.79 53.98 -50.81
N THR TA 69 -62.85 54.52 -50.21
CA THR TA 69 -64.19 54.05 -50.52
C THR TA 69 -64.71 54.58 -51.85
N THR TA 70 -64.27 55.78 -52.25
CA THR TA 70 -64.81 56.42 -53.44
C THR TA 70 -64.08 56.03 -54.72
N HIS TA 71 -62.86 55.49 -54.62
CA HIS TA 71 -62.11 55.09 -55.81
C HIS TA 71 -60.92 54.27 -55.35
N ALA TA 72 -60.10 53.87 -56.32
CA ALA TA 72 -58.83 53.21 -56.06
C ALA TA 72 -57.71 54.15 -56.44
N MET TA 73 -56.81 54.42 -55.48
CA MET TA 73 -55.76 55.42 -55.62
C MET TA 73 -54.38 54.79 -55.73
N GLY TA 74 -54.31 53.48 -55.97
CA GLY TA 74 -53.04 52.80 -56.08
C GLY TA 74 -52.89 52.06 -57.39
N VAL TA 75 -53.93 52.11 -58.20
CA VAL TA 75 -53.93 51.40 -59.47
C VAL TA 75 -53.50 52.32 -60.60
N ASN TA 76 -53.72 53.63 -60.45
CA ASN TA 76 -53.22 54.64 -61.36
C ASN TA 76 -51.70 54.50 -61.46
N ILE TA 77 -51.20 54.16 -62.64
CA ILE TA 77 -49.82 53.72 -62.77
C ILE TA 77 -48.91 54.79 -63.36
N TYR TA 78 -49.43 55.68 -64.19
CA TYR TA 78 -48.55 56.62 -64.90
C TYR TA 78 -48.21 57.82 -64.04
N LYS TA 79 -47.56 58.80 -64.67
CA LYS TA 79 -47.01 59.97 -63.99
C LYS TA 79 -48.12 60.82 -63.39
N GLU TA 80 -49.02 61.28 -64.24
CA GLU TA 80 -50.13 62.15 -63.83
C GLU TA 80 -51.01 61.44 -62.79
N GLY TA 81 -51.39 62.17 -61.74
CA GLY TA 81 -52.29 61.63 -60.75
C GLY TA 81 -53.72 61.60 -61.21
N GLN TA 82 -53.99 60.84 -62.27
CA GLN TA 82 -55.34 60.73 -62.83
C GLN TA 82 -55.96 59.43 -62.31
N ASP TA 83 -56.53 59.51 -61.11
CA ASP TA 83 -57.20 58.37 -60.51
C ASP TA 83 -58.51 58.09 -61.24
N VAL TA 84 -58.82 56.82 -61.42
CA VAL TA 84 -60.06 56.40 -62.05
C VAL TA 84 -61.18 56.43 -61.02
N VAL TA 85 -62.35 56.90 -61.43
CA VAL TA 85 -63.51 57.01 -60.54
C VAL TA 85 -64.22 55.67 -60.46
N LEU TA 86 -65.05 55.49 -59.43
CA LEU TA 86 -65.87 54.30 -59.30
C LEU TA 86 -67.18 54.46 -60.09
N LYS TA 87 -67.18 53.82 -61.27
CA LYS TA 87 -68.31 53.83 -62.19
C LYS TA 87 -69.52 53.19 -61.53
N PRO TA 88 -70.74 53.64 -61.86
CA PRO TA 88 -71.94 53.12 -61.19
C PRO TA 88 -72.12 51.62 -61.34
N ASP TA 89 -72.88 51.02 -60.43
CA ASP TA 89 -73.07 49.58 -60.39
C ASP TA 89 -73.70 49.05 -61.68
N SER TA 90 -74.48 49.86 -62.39
CA SER TA 90 -75.11 49.42 -63.63
C SER TA 90 -74.09 49.10 -64.72
N GLU TA 91 -72.91 49.70 -64.68
CA GLU TA 91 -71.90 49.45 -65.69
C GLU TA 91 -71.27 48.07 -65.55
N TYR TA 92 -71.14 47.57 -64.32
CA TYR TA 92 -70.51 46.28 -64.09
C TYR TA 92 -71.45 45.15 -64.44
N PRO TA 93 -71.04 44.20 -65.28
CA PRO TA 93 -71.94 43.09 -65.66
C PRO TA 93 -72.23 42.13 -64.53
N GLU TA 94 -72.99 41.08 -64.83
CA GLU TA 94 -73.47 40.16 -63.80
C GLU TA 94 -72.40 39.20 -63.31
N TRP TA 95 -71.39 38.91 -64.14
CA TRP TA 95 -70.37 37.94 -63.73
C TRP TA 95 -69.51 38.44 -62.58
N LEU TA 96 -69.54 39.73 -62.25
CA LEU TA 96 -68.85 40.22 -61.07
C LEU TA 96 -69.59 39.85 -59.80
N PHE TA 97 -70.92 39.88 -59.84
CA PHE TA 97 -71.74 39.65 -58.66
C PHE TA 97 -72.14 38.19 -58.47
N GLU TA 98 -72.24 37.42 -59.55
CA GLU TA 98 -72.69 36.03 -59.41
C GLU TA 98 -71.65 35.14 -58.73
N MET TA 99 -70.37 35.50 -58.85
CA MET TA 99 -69.31 34.64 -58.34
C MET TA 99 -69.26 34.67 -56.81
N ASN TA 100 -68.87 33.53 -56.23
CA ASN TA 100 -68.67 33.44 -54.79
C ASN TA 100 -67.39 34.15 -54.39
N VAL TA 101 -67.32 34.58 -53.13
CA VAL TA 101 -66.19 35.32 -52.61
C VAL TA 101 -65.54 34.60 -51.42
N GLY TA 102 -66.33 34.28 -50.40
CA GLY TA 102 -65.77 33.78 -49.16
C GLY TA 102 -65.55 32.28 -49.09
N PRO TA 103 -66.62 31.50 -49.11
CA PRO TA 103 -66.47 30.05 -48.93
C PRO TA 103 -66.10 29.36 -50.23
N PRO TA 104 -64.93 28.71 -50.29
CA PRO TA 104 -64.56 27.96 -51.48
C PRO TA 104 -65.47 26.75 -51.65
N LYS TA 105 -65.68 26.38 -52.92
CA LYS TA 105 -66.55 25.24 -53.22
C LYS TA 105 -65.89 23.94 -52.77
N LYS TA 106 -66.69 23.05 -52.17
CA LYS TA 106 -66.20 21.77 -51.71
C LYS TA 106 -66.53 20.68 -52.73
N LEU TA 107 -66.06 19.47 -52.45
CA LEU TA 107 -66.26 18.35 -53.37
C LEU TA 107 -67.73 17.98 -53.48
N GLU TA 108 -68.42 17.89 -52.34
CA GLU TA 108 -69.82 17.51 -52.34
C GLU TA 108 -70.75 18.63 -52.78
N GLU TA 109 -70.28 19.88 -52.75
CA GLU TA 109 -71.14 21.00 -53.17
C GLU TA 109 -71.25 21.07 -54.68
N LEU TA 110 -70.20 20.70 -55.40
CA LEU TA 110 -70.20 20.84 -56.85
C LEU TA 110 -70.97 19.71 -57.52
N ASP TA 111 -71.47 20.00 -58.71
CA ASP TA 111 -72.18 19.02 -59.52
C ASP TA 111 -71.18 18.08 -60.17
N PRO TA 112 -71.33 16.76 -60.03
CA PRO TA 112 -70.38 15.83 -60.65
C PRO TA 112 -70.32 15.93 -62.16
N GLU TA 113 -71.34 16.50 -62.81
CA GLU TA 113 -71.34 16.68 -64.26
C GLU TA 113 -70.72 18.01 -64.67
N THR TA 114 -69.88 18.60 -63.82
CA THR TA 114 -69.26 19.89 -64.06
C THR TA 114 -67.74 19.76 -64.03
N ARG TA 115 -67.07 20.55 -64.88
CA ARG TA 115 -65.62 20.46 -65.01
C ARG TA 115 -64.92 20.92 -63.74
N GLU TA 116 -65.51 21.86 -62.99
CA GLU TA 116 -64.89 22.34 -61.75
C GLU TA 116 -64.81 21.21 -60.73
N TYR TA 117 -65.82 20.35 -60.67
CA TYR TA 117 -65.78 19.21 -59.77
C TYR TA 117 -64.60 18.30 -60.09
N TRP TA 118 -64.37 18.02 -61.37
CA TRP TA 118 -63.26 17.17 -61.75
C TRP TA 118 -61.92 17.85 -61.53
N ARG TA 119 -61.85 19.17 -61.70
CA ARG TA 119 -60.63 19.89 -61.37
C ARG TA 119 -60.32 19.79 -59.89
N LEU TA 120 -61.33 19.96 -59.04
CA LEU TA 120 -61.12 19.81 -57.60
C LEU TA 120 -60.73 18.38 -57.25
N LEU TA 121 -61.33 17.40 -57.93
CA LEU TA 121 -60.98 16.01 -57.69
C LEU TA 121 -59.53 15.74 -58.08
N ARG TA 122 -59.07 16.33 -59.19
CA ARG TA 122 -57.66 16.19 -59.57
C ARG TA 122 -56.75 16.83 -58.53
N LYS TA 123 -57.14 18.00 -58.02
CA LYS TA 123 -56.33 18.64 -56.98
C LYS TA 123 -56.26 17.77 -55.73
N HIS TA 124 -57.39 17.16 -55.35
CA HIS TA 124 -57.38 16.25 -54.21
C HIS TA 124 -56.55 15.01 -54.48
N ASN TA 125 -56.56 14.50 -55.72
CA ASN TA 125 -55.71 13.37 -56.08
C ASN TA 125 -54.24 13.74 -55.95
N ILE TA 126 -53.86 14.96 -56.37
CA ILE TA 126 -52.48 15.39 -56.23
C ILE TA 126 -52.11 15.52 -54.77
N TRP TA 127 -53.03 16.05 -53.95
CA TRP TA 127 -52.76 16.14 -52.51
C TRP TA 127 -52.55 14.76 -51.90
N ARG TA 128 -53.39 13.80 -52.29
CA ARG TA 128 -53.25 12.43 -51.78
C ARG TA 128 -51.92 11.83 -52.20
N HIS TA 129 -51.53 12.03 -53.46
CA HIS TA 129 -50.27 11.50 -53.95
C HIS TA 129 -49.09 12.13 -53.21
N ASN TA 130 -49.15 13.44 -52.96
CA ASN TA 130 -48.09 14.11 -52.22
C ASN TA 130 -48.01 13.58 -50.79
N ARG TA 131 -49.15 13.36 -50.15
CA ARG TA 131 -49.13 12.81 -48.79
C ARG TA 131 -48.56 11.40 -48.79
N LEU TA 132 -48.90 10.59 -49.78
CA LEU TA 132 -48.39 9.21 -49.83
C LEU TA 132 -46.89 9.19 -50.12
N SER TA 133 -46.40 10.12 -50.94
CA SER TA 133 -45.01 10.14 -51.36
C SER TA 133 -44.11 10.92 -50.42
N LYS TA 134 -44.55 11.15 -49.17
CA LYS TA 134 -43.70 11.85 -48.21
C LYS TA 134 -42.59 10.98 -47.67
N ASN TA 135 -42.62 9.67 -47.94
CA ASN TA 135 -41.61 8.73 -47.46
C ASN TA 135 -40.59 8.40 -48.53
N ARG TA 136 -40.26 9.36 -49.39
CA ARG TA 136 -39.27 9.14 -50.44
C ARG TA 136 -37.88 8.97 -49.82
N LYS TA 137 -37.27 7.82 -50.05
CA LYS TA 137 -35.92 7.56 -49.57
C LYS TA 137 -34.84 7.99 -50.56
N PHE TA 138 -35.22 8.42 -51.75
CA PHE TA 138 -34.25 8.86 -52.75
C PHE TA 138 -33.77 10.27 -52.46
N ARG UA 9 -15.81 -32.71 -39.79
CA ARG UA 9 -15.91 -31.26 -39.86
C ARG UA 9 -17.11 -30.73 -39.09
N ASN UA 10 -18.29 -31.21 -39.45
CA ASN UA 10 -19.52 -30.78 -38.80
C ASN UA 10 -19.77 -31.68 -37.60
N ARG UA 11 -19.64 -31.11 -36.40
CA ARG UA 11 -19.83 -31.85 -35.16
C ARG UA 11 -21.19 -31.56 -34.55
N ILE UA 12 -21.76 -32.56 -33.90
CA ILE UA 12 -23.01 -32.42 -33.17
C ILE UA 12 -22.66 -32.22 -31.70
N PRO UA 13 -22.90 -31.03 -31.13
CA PRO UA 13 -22.51 -30.79 -29.74
C PRO UA 13 -23.31 -31.65 -28.77
N GLY UA 14 -22.67 -32.03 -27.68
CA GLY UA 14 -23.31 -32.87 -26.68
C GLY UA 14 -23.63 -34.24 -27.24
N ARG UA 15 -24.67 -34.86 -26.67
CA ARG UA 15 -25.14 -36.12 -27.21
C ARG UA 15 -26.00 -35.87 -28.44
N GLN UA 16 -26.18 -36.92 -29.24
CA GLN UA 16 -26.83 -36.77 -30.54
C GLN UA 16 -28.31 -36.44 -30.41
N TRP UA 17 -28.97 -36.87 -29.34
CA TRP UA 17 -30.41 -36.70 -29.23
C TRP UA 17 -30.81 -36.23 -27.83
N ILE UA 18 -29.95 -35.44 -27.18
CA ILE UA 18 -30.25 -34.97 -25.83
C ILE UA 18 -30.14 -33.46 -25.71
N GLY UA 19 -29.01 -32.91 -26.15
CA GLY UA 19 -28.67 -31.52 -25.87
C GLY UA 19 -29.63 -30.52 -26.48
N LYS UA 20 -29.34 -29.25 -26.22
CA LYS UA 20 -30.14 -28.16 -26.79
C LYS UA 20 -30.11 -28.20 -28.31
N HIS UA 21 -28.93 -28.44 -28.89
CA HIS UA 21 -28.76 -28.56 -30.33
C HIS UA 21 -28.76 -30.03 -30.68
N ARG UA 22 -29.86 -30.51 -31.24
CA ARG UA 22 -30.02 -31.92 -31.57
C ARG UA 22 -29.78 -32.13 -33.07
N ARG UA 23 -29.79 -33.40 -33.46
CA ARG UA 23 -29.69 -33.74 -34.87
C ARG UA 23 -30.93 -33.26 -35.62
N PRO UA 24 -30.77 -32.71 -36.82
CA PRO UA 24 -31.91 -32.11 -37.52
C PRO UA 24 -32.77 -33.12 -38.27
N ARG UA 25 -32.58 -34.42 -37.96
CA ARG UA 25 -33.24 -35.56 -38.59
C ARG UA 25 -34.70 -35.28 -38.92
N PRO UA 26 -35.06 -35.27 -40.20
CA PRO UA 26 -36.41 -34.90 -40.60
C PRO UA 26 -37.38 -36.09 -40.58
N VAL UA 27 -38.62 -35.80 -40.97
CA VAL UA 27 -39.67 -36.80 -41.07
C VAL UA 27 -39.75 -37.28 -42.51
N SER UA 28 -40.03 -38.57 -42.69
CA SER UA 28 -40.05 -39.18 -44.01
C SER UA 28 -41.47 -39.49 -44.47
N ALA UA 29 -41.61 -39.67 -45.78
CA ALA UA 29 -42.92 -40.00 -46.35
C ALA UA 29 -43.43 -41.34 -45.84
N GLN UA 30 -42.53 -42.30 -45.61
CA GLN UA 30 -42.94 -43.57 -45.02
C GLN UA 30 -43.56 -43.36 -43.64
N ALA UA 31 -42.92 -42.54 -42.81
CA ALA UA 31 -43.47 -42.26 -41.49
C ALA UA 31 -44.81 -41.54 -41.60
N LYS UA 32 -44.93 -40.60 -42.55
CA LYS UA 32 -46.20 -39.90 -42.74
C LYS UA 32 -47.31 -40.87 -43.12
N GLN UA 33 -47.02 -41.79 -44.05
CA GLN UA 33 -48.02 -42.77 -44.47
C GLN UA 33 -48.39 -43.70 -43.33
N ASN UA 34 -47.40 -44.11 -42.53
CA ASN UA 34 -47.69 -44.96 -41.38
C ASN UA 34 -48.59 -44.27 -40.38
N MET UA 35 -48.31 -42.99 -40.10
CA MET UA 35 -49.15 -42.24 -39.17
C MET UA 35 -50.56 -42.07 -39.73
N ILE UA 36 -50.69 -41.81 -41.03
CA ILE UA 36 -52.01 -41.69 -41.64
C ILE UA 36 -52.78 -43.00 -41.52
N ARG UA 37 -52.11 -44.13 -41.78
CA ARG UA 37 -52.76 -45.43 -41.68
C ARG UA 37 -53.23 -45.70 -40.26
N ARG UA 38 -52.38 -45.40 -39.27
CA ARG UA 38 -52.77 -45.60 -37.88
C ARG UA 38 -53.93 -44.69 -37.50
N LEU UA 39 -53.92 -43.45 -37.98
CA LEU UA 39 -55.03 -42.54 -37.71
C LEU UA 39 -56.33 -43.06 -38.31
N GLU UA 40 -56.28 -43.59 -39.54
CA GLU UA 40 -57.47 -44.16 -40.15
C GLU UA 40 -57.99 -45.36 -39.34
N THR UA 41 -57.08 -46.22 -38.89
CA THR UA 41 -57.49 -47.37 -38.09
C THR UA 41 -58.15 -46.92 -36.79
N GLU UA 42 -57.57 -45.92 -36.11
CA GLU UA 42 -58.15 -45.45 -34.87
C GLU UA 42 -59.47 -44.72 -35.10
N ALA UA 43 -59.62 -44.04 -36.24
CA ALA UA 43 -60.89 -43.42 -36.57
C ALA UA 43 -61.97 -44.47 -36.77
N GLU UA 44 -61.64 -45.56 -37.46
CA GLU UA 44 -62.60 -46.65 -37.60
C GLU UA 44 -62.95 -47.25 -36.24
N ASN UA 45 -61.95 -47.40 -35.37
CA ASN UA 45 -62.20 -47.92 -34.03
C ASN UA 45 -63.15 -47.01 -33.25
N GLN UA 46 -62.91 -45.71 -33.28
CA GLN UA 46 -63.77 -44.78 -32.55
C GLN UA 46 -65.15 -44.66 -33.18
N TYR UA 47 -65.28 -44.91 -34.48
CA TYR UA 47 -66.61 -45.01 -35.07
C TYR UA 47 -67.35 -46.24 -34.55
N TRP UA 48 -66.69 -47.40 -34.55
CA TRP UA 48 -67.33 -48.60 -34.04
C TRP UA 48 -67.61 -48.53 -32.56
N LEU UA 49 -66.92 -47.66 -31.83
CA LEU UA 49 -67.15 -47.46 -30.40
C LEU UA 49 -68.15 -46.34 -30.12
N SER UA 50 -69.04 -46.05 -31.05
CA SER UA 50 -69.98 -44.93 -30.90
C SER UA 50 -71.39 -45.38 -30.47
N ARG UA 51 -71.92 -46.44 -31.07
CA ARG UA 51 -73.28 -46.87 -30.81
C ARG UA 51 -73.30 -48.23 -30.11
N PRO UA 52 -73.50 -48.27 -28.80
CA PRO UA 52 -73.55 -49.56 -28.10
C PRO UA 52 -74.85 -50.31 -28.41
N PHE UA 53 -74.83 -51.60 -28.10
CA PHE UA 53 -76.01 -52.43 -28.29
C PHE UA 53 -77.05 -52.18 -27.19
N LEU UA 54 -76.65 -52.40 -25.94
CA LEU UA 54 -77.49 -52.10 -24.79
C LEU UA 54 -77.06 -50.79 -24.14
N THR UA 55 -77.95 -50.23 -23.33
CA THR UA 55 -77.68 -48.97 -22.65
C THR UA 55 -77.21 -49.22 -21.21
N ALA UA 56 -76.83 -48.13 -20.53
CA ALA UA 56 -76.34 -48.23 -19.17
C ALA UA 56 -77.41 -48.76 -18.22
N GLU UA 57 -78.65 -48.30 -18.37
CA GLU UA 57 -79.74 -48.80 -17.55
C GLU UA 57 -80.14 -50.23 -17.89
N GLN UA 58 -79.96 -50.64 -19.15
CA GLN UA 58 -80.29 -52.00 -19.55
C GLN UA 58 -79.20 -52.99 -19.17
N GLU UA 59 -77.97 -52.54 -18.94
CA GLU UA 59 -76.88 -53.42 -18.57
C GLU UA 59 -76.70 -53.54 -17.06
N ARG UA 60 -77.62 -52.99 -16.27
CA ARG UA 60 -77.49 -53.00 -14.81
C ARG UA 60 -77.59 -54.43 -14.31
N GLY UA 61 -76.44 -55.01 -13.96
CA GLY UA 61 -76.42 -56.35 -13.41
C GLY UA 61 -76.95 -57.43 -14.32
N HIS UA 62 -76.70 -57.32 -15.63
CA HIS UA 62 -77.24 -58.31 -16.56
C HIS UA 62 -76.52 -59.64 -16.43
N ALA UA 63 -75.22 -59.62 -16.13
CA ALA UA 63 -74.42 -60.84 -15.96
C ALA UA 63 -73.65 -60.74 -14.65
N ALA UA 64 -74.30 -61.11 -13.55
CA ALA UA 64 -73.68 -61.10 -12.24
C ALA UA 64 -73.55 -62.47 -11.60
N VAL UA 65 -74.46 -63.39 -11.92
CA VAL UA 65 -74.35 -64.75 -11.38
C VAL UA 65 -73.09 -65.44 -11.91
N ARG UA 66 -72.72 -65.16 -13.16
CA ARG UA 66 -71.49 -65.73 -13.70
C ARG UA 66 -70.27 -65.22 -12.95
N ARG UA 67 -70.22 -63.92 -12.67
CA ARG UA 67 -69.10 -63.37 -11.90
C ARG UA 67 -69.06 -63.96 -10.50
N ALA UA 68 -70.22 -64.09 -9.86
CA ALA UA 68 -70.27 -64.67 -8.52
C ALA UA 68 -69.79 -66.11 -8.52
N ALA UA 69 -70.22 -66.89 -9.53
CA ALA UA 69 -69.79 -68.28 -9.62
C ALA UA 69 -68.29 -68.38 -9.88
N ALA UA 70 -67.75 -67.51 -10.74
CA ALA UA 70 -66.32 -67.53 -10.99
C ALA UA 70 -65.53 -67.19 -9.73
N PHE UA 71 -66.00 -66.19 -8.97
CA PHE UA 71 -65.32 -65.84 -7.73
C PHE UA 71 -65.41 -66.97 -6.71
N GLN UA 72 -66.56 -67.64 -6.63
CA GLN UA 72 -66.68 -68.78 -5.73
C GLN UA 72 -65.75 -69.91 -6.13
N ALA UA 73 -65.62 -70.16 -7.44
CA ALA UA 73 -64.70 -71.19 -7.92
C ALA UA 73 -63.26 -70.83 -7.56
N LEU UA 74 -62.89 -69.56 -7.72
CA LEU UA 74 -61.55 -69.13 -7.34
C LEU UA 74 -61.30 -69.32 -5.85
N LYS UA 75 -62.30 -68.96 -5.03
CA LYS UA 75 -62.17 -69.13 -3.59
C LYS UA 75 -62.02 -70.61 -3.22
N ALA UA 76 -62.81 -71.48 -3.85
CA ALA UA 76 -62.70 -72.91 -3.58
C ALA UA 76 -61.35 -73.46 -4.00
N ALA UA 77 -60.84 -73.01 -5.15
CA ALA UA 77 -59.53 -73.45 -5.61
C ALA UA 77 -58.43 -73.01 -4.65
N GLN UA 78 -58.50 -71.77 -4.15
CA GLN UA 78 -57.51 -71.32 -3.18
C GLN UA 78 -57.63 -72.04 -1.84
N ALA UA 79 -58.85 -72.35 -1.41
CA ALA UA 79 -59.04 -73.06 -0.14
C ALA UA 79 -58.67 -74.52 -0.23
N ALA UA 80 -58.68 -75.11 -1.43
CA ALA UA 80 -58.31 -76.50 -1.61
C ALA UA 80 -56.81 -76.75 -1.44
N ARG UA 81 -56.00 -75.68 -1.34
CA ARG UA 81 -54.56 -75.83 -1.22
C ARG UA 81 -54.23 -76.51 0.11
N PHE UA 82 -53.55 -77.65 0.02
CA PHE UA 82 -53.27 -78.49 1.18
C PHE UA 82 -52.22 -79.53 0.80
N PRO UA 83 -51.39 -79.98 1.74
CA PRO UA 83 -50.41 -81.04 1.42
C PRO UA 83 -51.11 -82.31 0.98
N ALA UA 84 -50.46 -83.01 0.04
CA ALA UA 84 -51.04 -84.21 -0.55
C ALA UA 84 -50.95 -85.39 0.41
N HIS UA 85 -51.55 -86.50 0.00
CA HIS UA 85 -51.59 -87.71 0.82
C HIS UA 85 -50.30 -88.51 0.65
N ARG UA 86 -49.76 -89.01 1.75
CA ARG UA 86 -48.59 -89.88 1.73
C ARG UA 86 -49.06 -91.31 1.93
N ARG UA 87 -48.79 -92.16 0.94
CA ARG UA 87 -49.27 -93.54 0.91
C ARG UA 87 -48.17 -94.51 1.28
N LEU UA 88 -48.57 -95.77 1.51
CA LEU UA 88 -47.60 -96.82 1.80
C LEU UA 88 -46.70 -97.11 0.62
N GLU UA 89 -47.22 -96.92 -0.61
CA GLU UA 89 -46.44 -97.23 -1.80
C GLU UA 89 -45.20 -96.35 -1.90
N GLU UA 90 -45.34 -95.07 -1.58
CA GLU UA 90 -44.21 -94.15 -1.68
C GLU UA 90 -43.08 -94.55 -0.76
N GLN UA 91 -43.39 -94.98 0.47
CA GLN UA 91 -42.36 -95.42 1.40
C GLN UA 91 -41.81 -96.80 1.05
N LEU UA 92 -42.65 -97.71 0.57
CA LEU UA 92 -42.21 -99.07 0.30
C LEU UA 92 -41.53 -99.24 -1.05
N GLY UA 93 -41.63 -98.25 -1.95
CA GLY UA 93 -40.97 -98.36 -3.23
C GLY UA 93 -39.47 -98.15 -3.18
N HIS UA 94 -38.96 -97.54 -2.11
CA HIS UA 94 -37.53 -97.31 -1.99
C HIS UA 94 -36.75 -98.59 -1.73
N LEU UA 95 -37.43 -99.64 -1.24
CA LEU UA 95 -36.75 -100.90 -0.96
C LEU UA 95 -36.41 -101.68 -2.22
N LEU UA 96 -37.07 -101.36 -3.35
CA LEU UA 96 -36.84 -102.09 -4.59
C LEU UA 96 -35.49 -101.75 -5.24
N VAL UA 97 -34.77 -100.75 -4.73
CA VAL UA 97 -33.48 -100.41 -5.31
C VAL UA 97 -32.48 -101.53 -5.10
N THR UA 98 -32.69 -102.37 -4.09
CA THR UA 98 -31.80 -103.49 -3.78
C THR UA 98 -32.36 -104.82 -4.27
N ARG UA 99 -33.28 -104.79 -5.24
CA ARG UA 99 -33.88 -106.01 -5.76
C ARG UA 99 -32.86 -106.73 -6.64
N LYS UA 100 -32.46 -107.93 -6.23
CA LYS UA 100 -31.43 -108.70 -6.91
C LYS UA 100 -32.02 -109.99 -7.48
N TRP UA 101 -31.20 -110.69 -8.25
CA TRP UA 101 -31.56 -111.98 -8.81
C TRP UA 101 -31.00 -113.10 -7.94
N SER UA 102 -31.87 -114.02 -7.54
CA SER UA 102 -31.46 -115.14 -6.70
C SER UA 102 -31.02 -116.34 -7.54
N GLU VA 38 -49.50 -88.25 65.34
CA GLU VA 38 -49.13 -88.35 66.75
C GLU VA 38 -48.10 -87.29 67.13
N PHE VA 39 -47.36 -86.82 66.13
CA PHE VA 39 -46.34 -85.80 66.38
C PHE VA 39 -46.98 -84.50 66.85
N GLN VA 40 -46.30 -83.83 67.78
CA GLN VA 40 -46.76 -82.56 68.32
C GLN VA 40 -45.58 -81.59 68.37
N SER VA 41 -45.91 -80.30 68.28
CA SER VA 41 -44.90 -79.25 68.30
C SER VA 41 -45.42 -78.10 69.14
N ILE VA 42 -44.55 -77.12 69.39
CA ILE VA 42 -44.93 -75.97 70.19
C ILE VA 42 -46.03 -75.18 69.49
N TYR VA 43 -45.91 -74.98 68.18
CA TYR VA 43 -46.89 -74.22 67.41
C TYR VA 43 -48.07 -75.07 66.95
N SER VA 44 -48.30 -76.22 67.56
CA SER VA 44 -49.43 -77.05 67.18
C SER VA 44 -50.75 -76.37 67.54
N LEU VA 45 -51.83 -76.82 66.89
CA LEU VA 45 -53.13 -76.21 67.12
C LEU VA 45 -53.58 -76.37 68.57
N ASP VA 46 -53.35 -77.53 69.16
CA ASP VA 46 -53.77 -77.76 70.53
C ASP VA 46 -53.06 -76.83 71.50
N LYS VA 47 -51.75 -76.64 71.32
CA LYS VA 47 -50.99 -75.76 72.19
C LYS VA 47 -51.19 -74.29 71.87
N LEU VA 48 -51.69 -73.95 70.68
CA LEU VA 48 -52.00 -72.56 70.37
C LEU VA 48 -53.38 -72.16 70.86
N TYR VA 49 -54.32 -73.09 70.85
CA TYR VA 49 -55.69 -72.83 71.30
C TYR VA 49 -56.10 -73.88 72.33
N PRO VA 50 -55.78 -73.67 73.60
CA PRO VA 50 -56.13 -74.68 74.62
C PRO VA 50 -57.63 -74.91 74.78
N GLU VA 51 -58.47 -73.98 74.35
CA GLU VA 51 -59.91 -74.14 74.52
C GLU VA 51 -60.43 -75.36 73.76
N SER VA 52 -59.96 -75.56 72.53
CA SER VA 52 -60.35 -76.69 71.71
C SER VA 52 -59.16 -77.63 71.55
N ARG VA 53 -59.34 -78.89 71.95
CA ARG VA 53 -58.27 -79.88 71.89
C ARG VA 53 -58.60 -81.10 71.06
N GLY VA 54 -59.85 -81.56 71.06
CA GLY VA 54 -60.22 -82.68 70.23
C GLY VA 54 -60.19 -82.33 68.75
N SER VA 55 -60.00 -83.35 67.92
CA SER VA 55 -59.95 -83.15 66.48
C SER VA 55 -61.33 -82.99 65.86
N ASP VA 56 -62.41 -83.26 66.60
CA ASP VA 56 -63.76 -83.20 66.08
C ASP VA 56 -64.46 -81.89 66.41
N THR VA 57 -63.77 -80.95 67.05
CA THR VA 57 -64.41 -79.69 67.43
C THR VA 57 -64.70 -78.80 66.23
N ALA VA 58 -63.87 -78.89 65.18
CA ALA VA 58 -64.06 -78.07 63.99
C ALA VA 58 -65.10 -78.63 63.04
N TRP VA 59 -65.56 -79.86 63.26
CA TRP VA 59 -66.52 -80.51 62.37
C TRP VA 59 -67.92 -80.55 62.97
N ARG VA 60 -68.14 -79.89 64.10
CA ARG VA 60 -69.44 -79.89 64.74
C ARG VA 60 -70.44 -79.05 63.95
N LEU VA 61 -71.72 -79.25 64.25
CA LEU VA 61 -72.81 -78.51 63.60
C LEU VA 61 -73.51 -77.64 64.64
N PRO VA 62 -73.19 -76.35 64.72
CA PRO VA 62 -73.84 -75.46 65.70
C PRO VA 62 -75.25 -75.03 65.27
N ASP VA 63 -76.19 -75.97 65.38
CA ASP VA 63 -77.57 -75.70 65.00
C ASP VA 63 -78.24 -74.70 65.94
N ASP VA 64 -77.88 -74.69 67.22
CA ASP VA 64 -78.48 -73.75 68.17
C ASP VA 64 -78.04 -72.31 67.93
N ALA VA 65 -76.90 -72.11 67.27
CA ALA VA 65 -76.42 -70.75 67.03
C ALA VA 65 -77.34 -69.99 66.09
N LYS VA 66 -77.75 -70.63 64.99
CA LYS VA 66 -78.63 -70.03 64.00
C LYS VA 66 -79.92 -70.85 63.95
N GLN VA 67 -80.89 -70.47 64.78
CA GLN VA 67 -82.19 -71.13 64.81
C GLN VA 67 -83.25 -70.38 64.02
N ALA VA 68 -82.89 -69.25 63.40
CA ALA VA 68 -83.86 -68.54 62.56
C ALA VA 68 -84.24 -69.38 61.35
N ASN VA 69 -83.26 -70.03 60.71
CA ASN VA 69 -83.48 -70.95 59.60
C ASN VA 69 -84.23 -70.25 58.46
N ASP VA 70 -83.65 -69.14 57.99
CA ASP VA 70 -84.24 -68.40 56.90
C ASP VA 70 -83.99 -69.11 55.56
N ILE VA 71 -84.77 -68.72 54.56
CA ILE VA 71 -84.67 -69.25 53.20
C ILE VA 71 -84.74 -70.77 53.21
N PRO VA 72 -85.91 -71.37 53.43
CA PRO VA 72 -86.01 -72.84 53.33
C PRO VA 72 -85.94 -73.29 51.89
N VAL VA 73 -84.72 -73.48 51.40
CA VAL VA 73 -84.45 -73.77 49.99
C VAL VA 73 -85.18 -75.03 49.54
N ASP VA 74 -85.45 -75.93 50.49
CA ASP VA 74 -86.20 -77.14 50.16
C ASP VA 74 -87.60 -76.83 49.65
N ARG VA 75 -88.15 -75.68 50.01
CA ARG VA 75 -89.47 -75.26 49.53
C ARG VA 75 -89.39 -74.41 48.28
N LEU VA 76 -88.21 -74.20 47.71
CA LEU VA 76 -88.02 -73.37 46.54
C LEU VA 76 -87.79 -74.23 45.31
N THR VA 77 -88.37 -73.79 44.19
CA THR VA 77 -88.20 -74.46 42.90
C THR VA 77 -87.05 -73.80 42.17
N ILE VA 78 -86.01 -74.57 41.87
CA ILE VA 78 -84.79 -74.06 41.24
C ILE VA 78 -84.65 -74.69 39.86
N SER VA 79 -84.45 -73.83 38.85
CA SER VA 79 -84.28 -74.26 37.48
C SER VA 79 -83.04 -73.62 36.88
N TYR VA 80 -82.32 -74.38 36.06
CA TYR VA 80 -81.11 -73.90 35.40
C TYR VA 80 -81.31 -73.96 33.89
N CYS VA 81 -80.99 -72.86 33.22
CA CYS VA 81 -80.99 -72.79 31.76
C CYS VA 81 -79.59 -72.40 31.31
N ARG VA 82 -78.82 -73.37 30.84
CA ARG VA 82 -77.42 -73.15 30.49
C ARG VA 82 -77.35 -72.80 29.00
N SER VA 83 -77.37 -71.50 28.70
CA SER VA 83 -77.30 -71.02 27.32
C SER VA 83 -75.84 -70.73 27.00
N SER VA 84 -75.27 -71.50 26.07
CA SER VA 84 -73.87 -71.37 25.68
C SER VA 84 -73.76 -71.11 24.19
N GLY VA 85 -72.58 -70.61 23.80
CA GLY VA 85 -72.32 -70.32 22.40
C GLY VA 85 -71.31 -69.21 22.20
N LYS VA 93 -72.71 -65.67 24.36
CA LYS VA 93 -72.13 -65.80 25.69
C LYS VA 93 -72.58 -67.09 26.36
N VAL VA 94 -71.79 -67.56 27.32
CA VAL VA 94 -72.10 -68.77 28.07
C VAL VA 94 -72.54 -68.37 29.47
N ASN VA 95 -73.80 -68.59 29.79
CA ASN VA 95 -74.35 -68.24 31.09
C ASN VA 95 -75.41 -69.25 31.50
N SER VA 96 -75.42 -69.58 32.79
CA SER VA 96 -76.40 -70.50 33.36
C SER VA 96 -77.42 -69.67 34.10
N LYS VA 97 -78.48 -69.29 33.40
CA LYS VA 97 -79.57 -68.54 34.03
C LYS VA 97 -80.20 -69.39 35.14
N ALA VA 98 -80.35 -68.79 36.31
CA ALA VA 98 -80.94 -69.47 37.46
C ALA VA 98 -82.30 -68.86 37.77
N GLU VA 99 -83.31 -69.70 37.89
CA GLU VA 99 -84.67 -69.28 38.16
C GLU VA 99 -85.12 -69.90 39.48
N VAL VA 100 -85.56 -69.06 40.41
CA VAL VA 100 -86.07 -69.51 41.71
C VAL VA 100 -87.54 -69.12 41.76
N ARG VA 101 -88.42 -70.12 41.83
CA ARG VA 101 -89.86 -69.91 41.86
C ARG VA 101 -90.42 -70.46 43.17
N PHE VA 102 -91.27 -69.67 43.83
CA PHE VA 102 -91.91 -70.15 45.04
C PHE VA 102 -93.24 -69.43 45.22
N HIS VA 103 -94.24 -70.15 45.74
CA HIS VA 103 -95.56 -69.57 45.91
C HIS VA 103 -95.56 -68.59 47.07
N LEU VA 104 -95.84 -67.32 46.77
CA LEU VA 104 -95.81 -66.28 47.79
C LEU VA 104 -96.89 -66.49 48.84
N ALA VA 105 -98.10 -66.83 48.43
CA ALA VA 105 -99.19 -67.02 49.39
C ALA VA 105 -98.98 -68.29 50.22
N SER VA 106 -98.23 -69.25 49.70
CA SER VA 106 -97.93 -70.48 50.42
C SER VA 106 -96.65 -70.39 51.23
N ALA VA 107 -95.97 -69.24 51.23
CA ALA VA 107 -94.75 -69.05 51.99
C ALA VA 107 -95.09 -68.77 53.44
N ASP VA 108 -94.96 -69.79 54.29
CA ASP VA 108 -95.31 -69.69 55.70
C ASP VA 108 -94.12 -69.35 56.58
N TRP VA 109 -92.94 -69.14 56.00
CA TRP VA 109 -91.75 -68.79 56.78
C TRP VA 109 -91.56 -67.29 56.91
N ILE VA 110 -92.51 -66.49 56.44
CA ILE VA 110 -92.46 -65.03 56.57
C ILE VA 110 -93.77 -64.55 57.17
N ALA VA 111 -93.72 -63.36 57.76
CA ALA VA 111 -94.91 -62.78 58.38
C ALA VA 111 -95.92 -62.36 57.32
N GLU VA 112 -97.18 -62.32 57.72
CA GLU VA 112 -98.27 -61.91 56.84
C GLU VA 112 -98.13 -60.48 56.34
N PRO VA 113 -97.83 -59.49 57.20
CA PRO VA 113 -97.59 -58.14 56.66
C PRO VA 113 -96.43 -58.08 55.70
N VAL VA 114 -95.36 -58.84 55.96
CA VAL VA 114 -94.23 -58.89 55.03
C VAL VA 114 -94.66 -59.48 53.69
N ARG VA 115 -95.47 -60.55 53.74
CA ARG VA 115 -95.97 -61.14 52.51
C ARG VA 115 -96.84 -60.17 51.73
N LEU VA 116 -97.70 -59.43 52.44
CA LEU VA 116 -98.55 -58.44 51.77
C LEU VA 116 -97.72 -57.32 51.15
N LYS VA 117 -96.70 -56.84 51.86
CA LYS VA 117 -95.84 -55.81 51.30
C LYS VA 117 -95.07 -56.32 50.08
N LEU VA 118 -94.61 -57.57 50.13
CA LEU VA 118 -93.94 -58.17 48.99
C LEU VA 118 -94.88 -58.25 47.79
N ALA VA 119 -96.12 -58.68 48.03
CA ALA VA 119 -97.10 -58.75 46.95
C ALA VA 119 -97.43 -57.39 46.37
N VAL VA 120 -97.47 -56.36 47.22
CA VAL VA 120 -97.78 -55.01 46.73
C VAL VA 120 -96.61 -54.45 45.92
N LYS VA 121 -95.38 -54.60 46.42
CA LYS VA 121 -94.24 -53.95 45.79
C LYS VA 121 -93.75 -54.72 44.57
N HIS VA 122 -93.51 -56.03 44.72
CA HIS VA 122 -92.93 -56.84 43.67
C HIS VA 122 -93.98 -57.57 42.84
N LYS VA 123 -95.16 -56.98 42.69
CA LYS VA 123 -96.21 -57.60 41.88
C LYS VA 123 -95.85 -57.66 40.41
N ASN VA 124 -94.88 -56.85 39.96
CA ASN VA 124 -94.46 -56.87 38.56
C ASN VA 124 -93.83 -58.20 38.16
N ARG VA 125 -93.14 -58.86 39.08
CA ARG VA 125 -92.49 -60.14 38.80
C ARG VA 125 -93.27 -61.33 39.36
N ILE VA 126 -94.53 -61.13 39.71
CA ILE VA 126 -95.37 -62.21 40.23
C ILE VA 126 -96.16 -62.83 39.09
N ASN VA 127 -96.05 -64.15 38.94
CA ASN VA 127 -96.80 -64.86 37.92
C ASN VA 127 -98.29 -64.88 38.28
N ARG VA 128 -99.12 -65.10 37.25
CA ARG VA 128 -100.56 -65.14 37.48
C ARG VA 128 -100.98 -66.30 38.38
N SER VA 129 -100.11 -67.28 38.57
CA SER VA 129 -100.37 -68.40 39.46
C SER VA 129 -99.93 -68.12 40.90
N GLY VA 130 -99.46 -66.91 41.18
CA GLY VA 130 -98.98 -66.57 42.50
C GLY VA 130 -97.56 -66.97 42.81
N GLU VA 131 -96.83 -67.49 41.82
CA GLU VA 131 -95.46 -67.96 42.03
C GLU VA 131 -94.50 -66.80 41.81
N LEU VA 132 -93.94 -66.28 42.89
CA LEU VA 132 -92.89 -65.26 42.77
C LEU VA 132 -91.64 -65.89 42.18
N ILE VA 133 -91.03 -65.19 41.24
CA ILE VA 133 -89.92 -65.71 40.44
C ILE VA 133 -88.77 -64.72 40.50
N LEU VA 134 -87.57 -65.23 40.78
CA LEU VA 134 -86.34 -64.46 40.74
C LEU VA 134 -85.39 -65.08 39.72
N THR VA 135 -84.64 -64.23 39.01
CA THR VA 135 -83.79 -64.68 37.94
C THR VA 135 -82.39 -64.08 38.10
N SER VA 136 -81.38 -64.91 37.91
CA SER VA 136 -79.99 -64.49 37.93
C SER VA 136 -79.30 -64.89 36.63
N GLU VA 137 -78.51 -63.96 36.08
CA GLU VA 137 -77.84 -64.17 34.81
C GLU VA 137 -76.39 -63.71 34.79
N CYS VA 138 -75.90 -63.05 35.84
CA CYS VA 138 -74.59 -62.40 35.78
C CYS VA 138 -73.46 -63.40 35.57
N SER VA 139 -73.25 -64.30 36.53
CA SER VA 139 -72.11 -65.20 36.49
C SER VA 139 -72.41 -66.42 35.63
N ARG VA 140 -71.35 -67.05 35.14
CA ARG VA 140 -71.47 -68.28 34.37
C ARG VA 140 -71.70 -69.50 35.25
N TYR VA 141 -71.54 -69.37 36.56
CA TYR VA 141 -71.63 -70.50 37.48
C TYR VA 141 -72.96 -70.49 38.21
N GLN VA 142 -73.66 -71.63 38.16
CA GLN VA 142 -74.97 -71.73 38.79
C GLN VA 142 -74.89 -71.50 40.29
N PHE VA 143 -73.76 -71.81 40.92
CA PHE VA 143 -73.61 -71.54 42.35
C PHE VA 143 -73.66 -70.05 42.63
N ARG VA 144 -72.90 -69.25 41.87
CA ARG VA 144 -72.95 -67.80 42.04
C ARG VA 144 -74.31 -67.24 41.66
N ASN VA 145 -74.95 -67.82 40.63
CA ASN VA 145 -76.28 -67.35 40.27
C ASN VA 145 -77.29 -67.61 41.39
N LEU VA 146 -77.22 -68.78 42.03
CA LEU VA 146 -78.09 -69.06 43.17
C LEU VA 146 -77.77 -68.16 44.34
N ALA VA 147 -76.48 -67.87 44.55
CA ALA VA 147 -76.10 -66.93 45.62
C ALA VA 147 -76.70 -65.56 45.37
N ASP VA 148 -76.66 -65.10 44.12
CA ASP VA 148 -77.26 -63.80 43.77
C ASP VA 148 -78.77 -63.84 43.98
N CYS VA 149 -79.42 -64.94 43.59
CA CYS VA 149 -80.85 -65.06 43.81
C CYS VA 149 -81.20 -64.99 45.30
N LEU VA 150 -80.43 -65.70 46.13
CA LEU VA 150 -80.64 -65.67 47.57
C LEU VA 150 -80.39 -64.29 48.14
N GLN VA 151 -79.37 -63.58 47.65
CA GLN VA 151 -79.11 -62.23 48.13
C GLN VA 151 -80.26 -61.29 47.78
N LYS VA 152 -80.80 -61.42 46.55
CA LYS VA 152 -81.95 -60.61 46.17
C LYS VA 152 -83.16 -60.93 47.04
N LEU VA 153 -83.39 -62.22 47.33
CA LEU VA 153 -84.49 -62.60 48.19
C LEU VA 153 -84.32 -62.02 49.59
N ARG VA 154 -83.11 -62.07 50.12
CA ARG VA 154 -82.83 -61.48 51.44
C ARG VA 154 -83.09 -59.99 51.43
N ASP VA 155 -82.66 -59.29 50.37
CA ASP VA 155 -82.89 -57.85 50.28
C ASP VA 155 -84.39 -57.54 50.24
N MET VA 156 -85.15 -58.31 49.45
CA MET VA 156 -86.60 -58.09 49.39
C MET VA 156 -87.25 -58.34 50.74
N ILE VA 157 -86.84 -59.41 51.43
CA ILE VA 157 -87.40 -59.72 52.74
C ILE VA 157 -87.09 -58.60 53.72
N ALA VA 158 -85.85 -58.10 53.70
CA ALA VA 158 -85.48 -57.02 54.62
C ALA VA 158 -86.25 -55.75 54.33
N GLU VA 159 -86.38 -55.38 53.06
CA GLU VA 159 -87.09 -54.15 52.72
C GLU VA 159 -88.59 -54.26 52.95
N ALA VA 160 -89.14 -55.47 52.93
CA ALA VA 160 -90.55 -55.65 53.23
C ALA VA 160 -90.82 -55.83 54.72
N SER VA 161 -89.82 -56.21 55.50
CA SER VA 161 -90.00 -56.39 56.93
C SER VA 161 -89.66 -55.15 57.74
N GLN VA 162 -88.74 -54.32 57.25
CA GLN VA 162 -88.38 -53.10 57.97
C GLN VA 162 -89.51 -52.10 57.89
N PRO VA 163 -90.07 -51.65 59.02
CA PRO VA 163 -91.14 -50.65 58.97
C PRO VA 163 -90.66 -49.23 58.79
N ALA VA 164 -89.36 -48.97 58.89
CA ALA VA 164 -88.81 -47.63 58.76
C ALA VA 164 -88.56 -47.23 57.31
N LYS VA 165 -89.15 -47.95 56.35
CA LYS VA 165 -88.94 -47.62 54.94
C LYS VA 165 -89.77 -46.41 54.57
N GLU VA 166 -89.10 -45.37 54.05
CA GLU VA 166 -89.76 -44.13 53.65
C GLU VA 166 -90.21 -44.14 52.20
N PRO VA 167 -89.89 -45.19 51.45
CA PRO VA 167 -90.27 -45.31 50.04
C PRO VA 167 -89.75 -44.12 49.22
N SER VA 168 -88.46 -43.86 49.35
CA SER VA 168 -87.82 -42.79 48.60
C SER VA 168 -87.79 -43.11 47.12
N ARG VA 169 -88.06 -42.10 46.30
CA ARG VA 169 -88.12 -42.24 44.85
C ARG VA 169 -87.21 -41.21 44.19
N GLU VA 170 -86.70 -41.57 43.02
CA GLU VA 170 -85.84 -40.67 42.26
C GLU VA 170 -86.67 -39.55 41.64
N ASP VA 171 -85.97 -38.53 41.15
CA ASP VA 171 -86.60 -37.36 40.53
C ASP VA 171 -86.35 -37.25 39.04
N ALA VA 172 -85.15 -37.64 38.57
CA ALA VA 172 -84.82 -37.48 37.16
C ALA VA 172 -85.73 -38.31 36.28
N GLU VA 173 -86.01 -39.55 36.68
CA GLU VA 173 -86.84 -40.46 35.89
C GLU VA 173 -88.33 -40.33 36.19
N LEU VA 174 -88.72 -39.52 37.17
CA LEU VA 174 -90.11 -39.36 37.54
C LEU VA 174 -90.65 -37.95 37.32
N ARG VA 175 -89.80 -37.01 36.96
CA ARG VA 175 -90.27 -35.65 36.69
C ARG VA 175 -91.24 -35.63 35.51
N ARG VA 176 -90.92 -36.38 34.44
CA ARG VA 176 -91.81 -36.45 33.30
C ARG VA 176 -93.16 -37.07 33.69
N SER VA 177 -93.13 -38.13 34.50
CA SER VA 177 -94.36 -38.77 34.94
C SER VA 177 -95.20 -37.81 35.76
N ARG VA 178 -94.58 -37.07 36.68
CA ARG VA 178 -95.33 -36.12 37.49
C ARG VA 178 -95.92 -35.01 36.62
N ILE VA 179 -95.14 -34.49 35.67
CA ILE VA 179 -95.63 -33.41 34.82
C ILE VA 179 -96.80 -33.88 33.97
N GLU VA 180 -96.69 -35.07 33.36
CA GLU VA 180 -97.79 -35.56 32.55
C GLU VA 180 -99.01 -35.90 33.40
N ASN VA 181 -98.80 -36.37 34.63
CA ASN VA 181 -99.92 -36.62 35.53
C ASN VA 181 -100.65 -35.33 35.84
N MET VA 182 -99.92 -34.26 36.15
CA MET VA 182 -100.56 -32.98 36.42
C MET VA 182 -101.28 -32.45 35.17
N ASN VA 183 -100.65 -32.59 34.01
CA ASN VA 183 -101.28 -32.11 32.78
C ASN VA 183 -102.56 -32.85 32.45
N ARG VA 184 -102.58 -34.18 32.62
CA ARG VA 184 -103.80 -34.92 32.37
C ARG VA 184 -104.85 -34.68 33.46
N GLU VA 185 -104.42 -34.41 34.69
CA GLU VA 185 -105.36 -34.04 35.74
C GLU VA 185 -106.02 -32.70 35.44
N ARG VA 186 -105.29 -31.78 34.80
CA ARG VA 186 -105.88 -30.50 34.42
C ARG VA 186 -107.12 -30.71 33.54
N LEU VA 187 -107.02 -31.60 32.55
CA LEU VA 187 -108.20 -31.94 31.75
C LEU VA 187 -109.19 -32.78 32.52
N ARG VA 188 -108.71 -33.63 33.43
CA ARG VA 188 -109.58 -34.48 34.24
C ARG VA 188 -110.44 -33.67 35.20
N LYS VA 189 -110.09 -32.40 35.44
CA LYS VA 189 -110.81 -31.56 36.39
C LYS VA 189 -112.26 -31.31 35.98
N LYS VA 190 -112.66 -31.81 34.81
CA LYS VA 190 -114.05 -31.68 34.39
C LYS VA 190 -114.95 -32.51 35.29
N ARG VA 191 -116.02 -31.90 35.80
CA ARG VA 191 -116.91 -32.54 36.77
C ARG VA 191 -118.33 -32.50 36.20
N ILE VA 192 -118.70 -33.54 35.45
CA ILE VA 192 -120.04 -33.69 34.91
C ILE VA 192 -120.54 -35.08 35.25
N SER VA 193 -121.74 -35.16 35.84
CA SER VA 193 -122.33 -36.44 36.17
C SER VA 193 -122.66 -37.22 34.90
N SER VA 194 -122.48 -38.54 34.97
CA SER VA 194 -122.71 -39.41 33.83
C SER VA 194 -122.99 -40.82 34.33
N ALA VA 195 -123.20 -41.73 33.37
CA ALA VA 195 -123.49 -43.13 33.67
C ALA VA 195 -124.69 -43.30 34.58
N TYR WA 25 -18.00 -113.79 16.29
CA TYR WA 25 -17.40 -113.23 17.49
C TYR WA 25 -18.37 -113.24 18.65
N ARG WA 26 -17.87 -112.93 19.84
CA ARG WA 26 -18.68 -112.84 21.05
C ARG WA 26 -18.69 -111.40 21.57
N ALA WA 27 -19.84 -110.97 22.07
CA ALA WA 27 -19.97 -109.62 22.57
C ALA WA 27 -19.19 -109.44 23.86
N ARG WA 28 -18.73 -108.20 24.08
CA ARG WA 28 -18.03 -107.87 25.30
C ARG WA 28 -19.00 -107.89 26.48
N PRO WA 29 -18.48 -108.07 27.69
CA PRO WA 29 -19.34 -108.02 28.88
C PRO WA 29 -20.06 -106.68 28.97
N PRO WA 30 -21.38 -106.68 29.11
CA PRO WA 30 -22.14 -105.44 29.13
C PRO WA 30 -21.73 -104.56 30.31
N PRO WA 31 -21.68 -103.25 30.11
CA PRO WA 31 -21.35 -102.34 31.23
C PRO WA 31 -22.48 -102.32 32.26
N ARG WA 32 -22.16 -102.71 33.48
CA ARG WA 32 -23.12 -102.77 34.56
C ARG WA 32 -22.68 -101.84 35.69
N ARG WA 33 -23.62 -101.07 36.22
CA ARG WA 33 -23.34 -100.15 37.30
C ARG WA 33 -23.31 -100.92 38.61
N SER WA 34 -22.15 -100.93 39.28
CA SER WA 34 -22.01 -101.65 40.52
C SER WA 34 -22.83 -101.02 41.63
N GLN WA 35 -23.51 -101.85 42.41
CA GLN WA 35 -24.30 -101.38 43.54
C GLN WA 35 -23.48 -101.25 44.82
N GLU WA 36 -22.24 -101.74 44.82
CA GLU WA 36 -21.40 -101.66 46.02
C GLU WA 36 -20.91 -100.23 46.23
N PRO WA 37 -20.82 -99.78 47.48
CA PRO WA 37 -20.29 -98.44 47.76
C PRO WA 37 -18.83 -98.33 47.33
N ARG WA 38 -18.47 -97.15 46.86
CA ARG WA 38 -17.11 -96.84 46.43
C ARG WA 38 -16.65 -95.55 47.12
N TRP WA 39 -15.44 -95.56 47.66
CA TRP WA 39 -14.91 -94.45 48.40
C TRP WA 39 -13.58 -93.99 47.81
N PRO WA 40 -13.41 -92.70 47.54
CA PRO WA 40 -12.12 -92.21 47.04
C PRO WA 40 -11.04 -92.27 48.11
N ASP WA 41 -9.80 -92.31 47.65
CA ASP WA 41 -8.67 -92.39 48.56
C ASP WA 41 -8.45 -91.04 49.23
N PRO WA 42 -8.51 -90.96 50.56
CA PRO WA 42 -8.28 -89.67 51.23
C PRO WA 42 -6.87 -89.13 51.03
N ASP WA 43 -5.89 -89.99 50.77
CA ASP WA 43 -4.50 -89.57 50.64
C ASP WA 43 -4.14 -89.13 49.22
N ASP WA 44 -4.86 -89.60 48.21
CA ASP WA 44 -4.56 -89.23 46.84
C ASP WA 44 -4.97 -87.77 46.61
N PRO WA 45 -4.05 -86.90 46.21
CA PRO WA 45 -4.41 -85.50 45.96
C PRO WA 45 -5.23 -85.29 44.70
N LEU WA 46 -5.36 -86.29 43.84
CA LEU WA 46 -6.04 -86.15 42.56
C LEU WA 46 -7.56 -86.33 42.67
N THR WA 47 -8.06 -86.79 43.81
CA THR WA 47 -9.50 -86.97 43.93
C THR WA 47 -10.20 -85.61 44.04
N PRO WA 48 -11.39 -85.47 43.46
CA PRO WA 48 -12.10 -84.19 43.54
C PRO WA 48 -12.63 -83.94 44.95
N ARG WA 49 -12.88 -82.65 45.21
CA ARG WA 49 -13.32 -82.23 46.54
C ARG WA 49 -14.74 -82.71 46.86
N TRP WA 50 -15.62 -82.76 45.85
CA TRP WA 50 -17.00 -83.17 46.10
C TRP WA 50 -17.09 -84.64 46.49
N GLN WA 51 -16.11 -85.46 46.13
CA GLN WA 51 -16.08 -86.84 46.58
C GLN WA 51 -15.53 -86.99 47.99
N LEU WA 52 -14.87 -85.95 48.52
CA LEU WA 52 -14.39 -85.95 49.89
C LEU WA 52 -15.27 -85.14 50.83
N SER WA 53 -16.23 -84.40 50.30
CA SER WA 53 -17.12 -83.61 51.14
C SER WA 53 -18.00 -84.52 52.00
N PRO WA 54 -18.36 -84.08 53.21
CA PRO WA 54 -19.22 -84.91 54.06
C PRO WA 54 -20.58 -85.24 53.44
N ARG WA 55 -21.11 -84.35 52.61
CA ARG WA 55 -22.39 -84.62 51.95
C ARG WA 55 -22.28 -85.83 51.03
N TYR WA 56 -21.10 -86.07 50.46
CA TYR WA 56 -20.91 -87.29 49.68
C TYR WA 56 -21.08 -88.53 50.54
N ALA WA 57 -20.51 -88.52 51.75
CA ALA WA 57 -20.69 -89.64 52.67
C ALA WA 57 -22.14 -89.78 53.09
N ALA WA 58 -22.82 -88.66 53.33
CA ALA WA 58 -24.23 -88.71 53.71
C ALA WA 58 -25.07 -89.33 52.59
N LYS WA 59 -24.82 -88.95 51.35
CA LYS WA 59 -25.56 -89.53 50.23
C LYS WA 59 -25.18 -90.99 50.01
N GLN WA 60 -23.93 -91.35 50.28
CA GLN WA 60 -23.54 -92.76 50.21
C GLN WA 60 -24.31 -93.58 51.23
N PHE WA 61 -24.44 -93.06 52.45
CA PHE WA 61 -25.24 -93.73 53.47
C PHE WA 61 -26.71 -93.82 53.05
N ALA WA 62 -27.24 -92.76 52.46
CA ALA WA 62 -28.61 -92.80 51.96
C ALA WA 62 -28.78 -93.87 50.90
N ARG WA 63 -27.79 -94.02 50.01
CA ARG WA 63 -27.85 -95.05 48.98
C ARG WA 63 -27.79 -96.45 49.59
N HIS WA 64 -26.85 -96.70 50.50
CA HIS WA 64 -26.62 -98.03 51.02
C HIS WA 64 -26.92 -98.14 52.51
N GLY WA 65 -26.28 -97.34 53.34
CA GLY WA 65 -26.48 -97.41 54.77
C GLY WA 65 -25.76 -98.58 55.42
N ALA WA 66 -26.17 -99.81 55.08
CA ALA WA 66 -25.55 -100.98 55.69
C ALA WA 66 -24.13 -101.19 55.17
N ALA WA 67 -23.99 -101.37 53.86
CA ALA WA 67 -22.68 -101.61 53.27
C ALA WA 67 -21.87 -100.33 53.10
N SER WA 68 -22.48 -99.15 53.30
CA SER WA 68 -21.74 -97.90 53.17
C SER WA 68 -20.67 -97.77 54.25
N GLY WA 69 -20.97 -98.21 55.47
CA GLY WA 69 -20.03 -98.07 56.57
C GLY WA 69 -19.98 -96.69 57.18
N VAL WA 70 -21.07 -95.92 57.08
CA VAL WA 70 -21.12 -94.57 57.62
C VAL WA 70 -21.92 -94.61 58.91
N ALA WA 71 -21.38 -93.99 59.96
CA ALA WA 71 -22.06 -93.92 61.25
C ALA WA 71 -23.35 -93.13 61.10
N ALA WA 72 -24.44 -93.66 61.65
CA ALA WA 72 -25.74 -92.98 61.55
C ALA WA 72 -25.79 -91.71 62.37
N GLY WA 73 -24.96 -91.59 63.42
CA GLY WA 73 -24.98 -90.41 64.25
C GLY WA 73 -24.34 -89.18 63.62
N SER WA 74 -23.61 -89.35 62.52
CA SER WA 74 -22.99 -88.23 61.84
C SER WA 74 -23.95 -87.47 60.94
N LEU WA 75 -25.10 -88.05 60.61
CA LEU WA 75 -26.07 -87.36 59.76
C LEU WA 75 -26.63 -86.10 60.43
N TRP WA 76 -26.94 -86.17 61.71
CA TRP WA 76 -27.45 -85.00 62.42
C TRP WA 76 -26.33 -84.01 62.70
N PRO WA 77 -26.64 -82.72 62.77
CA PRO WA 77 -25.61 -81.73 63.06
C PRO WA 77 -25.02 -81.91 64.45
N SER WA 78 -23.76 -81.51 64.59
CA SER WA 78 -23.05 -81.61 65.85
C SER WA 78 -23.58 -80.55 66.82
N GLN WA 79 -22.96 -80.45 68.01
CA GLN WA 79 -23.44 -79.50 69.01
C GLN WA 79 -23.26 -78.06 68.55
N GLU WA 80 -22.06 -77.71 68.07
CA GLU WA 80 -21.81 -76.34 67.63
C GLU WA 80 -22.66 -75.99 66.42
N GLN WA 81 -22.82 -76.94 65.49
CA GLN WA 81 -23.67 -76.71 64.33
C GLN WA 81 -25.12 -76.49 64.75
N LEU WA 82 -25.60 -77.27 65.73
CA LEU WA 82 -26.95 -77.08 66.23
C LEU WA 82 -27.11 -75.72 66.89
N ARG WA 83 -26.09 -75.28 67.65
CA ARG WA 83 -26.14 -73.95 68.25
C ARG WA 83 -26.22 -72.87 67.19
N GLU WA 84 -25.39 -72.98 66.15
CA GLU WA 84 -25.41 -72.00 65.07
C GLU WA 84 -26.75 -71.97 64.36
N LEU WA 85 -27.31 -73.15 64.08
CA LEU WA 85 -28.61 -73.22 63.42
C LEU WA 85 -29.70 -72.61 64.29
N GLU WA 86 -29.67 -72.90 65.60
CA GLU WA 86 -30.64 -72.30 66.51
C GLU WA 86 -30.53 -70.78 66.52
N ALA WA 87 -29.30 -70.27 66.59
CA ALA WA 87 -29.11 -68.81 66.59
C ALA WA 87 -29.61 -68.19 65.29
N GLU WA 88 -29.29 -68.81 64.15
CA GLU WA 88 -29.73 -68.27 62.87
C GLU WA 88 -31.25 -68.29 62.74
N GLU WA 89 -31.88 -69.39 63.16
CA GLU WA 89 -33.33 -69.48 63.10
C GLU WA 89 -33.98 -68.45 64.02
N ARG WA 90 -33.43 -68.27 65.22
CA ARG WA 90 -33.98 -67.29 66.14
C ARG WA 90 -33.83 -65.86 65.60
N GLU WA 91 -32.71 -65.57 64.94
CA GLU WA 91 -32.50 -64.23 64.43
C GLU WA 91 -33.36 -63.94 63.21
N TRP WA 92 -33.47 -64.89 62.28
CA TRP WA 92 -34.15 -64.65 61.01
C TRP WA 92 -35.56 -65.23 60.96
N TYR WA 93 -36.11 -65.67 62.09
CA TYR WA 93 -37.47 -66.20 62.12
C TYR WA 93 -38.10 -65.85 63.46
N PRO WA 94 -38.83 -64.73 63.52
CA PRO WA 94 -39.48 -64.35 64.78
C PRO WA 94 -40.61 -65.30 65.14
N SER WA 95 -40.99 -65.28 66.41
CA SER WA 95 -42.07 -66.11 66.90
C SER WA 95 -43.40 -65.68 66.27
N LEU WA 96 -44.33 -66.63 66.22
CA LEU WA 96 -45.65 -66.34 65.63
C LEU WA 96 -46.38 -65.26 66.43
N ALA WA 97 -46.30 -65.32 67.75
CA ALA WA 97 -46.95 -64.29 68.58
C ALA WA 97 -46.33 -62.92 68.33
N ALA WA 98 -45.00 -62.85 68.22
CA ALA WA 98 -44.35 -61.58 67.94
C ALA WA 98 -44.74 -61.04 66.58
N MET WA 99 -44.80 -61.91 65.57
CA MET WA 99 -45.20 -61.46 64.24
C MET WA 99 -46.65 -60.97 64.23
N GLN WA 100 -47.53 -61.67 64.94
CA GLN WA 100 -48.92 -61.22 65.02
C GLN WA 100 -49.02 -59.88 65.75
N GLU WA 101 -48.23 -59.70 66.81
CA GLU WA 101 -48.21 -58.41 67.51
C GLU WA 101 -47.71 -57.30 66.59
N SER WA 102 -46.67 -57.57 65.81
CA SER WA 102 -46.17 -56.57 64.86
C SER WA 102 -47.22 -56.23 63.82
N LEU WA 103 -47.92 -57.24 63.31
CA LEU WA 103 -48.99 -56.98 62.34
C LEU WA 103 -50.11 -56.17 62.96
N ARG WA 104 -50.48 -56.46 64.20
CA ARG WA 104 -51.51 -55.68 64.88
C ARG WA 104 -51.06 -54.24 65.07
N VAL WA 105 -49.79 -54.02 65.43
CA VAL WA 105 -49.28 -52.67 65.59
C VAL WA 105 -49.32 -51.92 64.26
N GLN WA 106 -48.92 -52.59 63.17
CA GLN WA 106 -48.96 -51.96 61.86
C GLN WA 106 -50.38 -51.61 61.45
N GLN WA 107 -51.33 -52.51 61.68
CA GLN WA 107 -52.72 -52.23 61.36
C GLN WA 107 -53.26 -51.07 62.19
N LEU WA 108 -52.88 -51.03 63.47
CA LEU WA 108 -53.29 -49.91 64.32
C LEU WA 108 -52.72 -48.60 63.80
N ALA WA 109 -51.46 -48.61 63.36
CA ALA WA 109 -50.86 -47.40 62.81
C ALA WA 109 -51.59 -46.96 61.55
N GLU WA 110 -51.91 -47.92 60.66
CA GLU WA 110 -52.63 -47.58 59.44
C GLU WA 110 -54.00 -46.99 59.75
N GLU WA 111 -54.73 -47.61 60.69
CA GLU WA 111 -56.04 -47.10 61.08
C GLU WA 111 -55.93 -45.73 61.71
N GLN WA 112 -54.89 -45.50 62.52
CA GLN WA 112 -54.68 -44.19 63.12
C GLN WA 112 -54.44 -43.13 62.04
N LYS WA 113 -53.63 -43.47 61.03
CA LYS WA 113 -53.39 -42.52 59.94
C LYS WA 113 -54.69 -42.23 59.19
N ARG WA 114 -55.48 -43.26 58.92
CA ARG WA 114 -56.75 -43.05 58.23
C ARG WA 114 -57.69 -42.15 59.03
N GLN WA 115 -57.78 -42.40 60.34
CA GLN WA 115 -58.66 -41.60 61.19
C GLN WA 115 -58.16 -40.16 61.30
N ALA WA 116 -56.84 -39.97 61.39
CA ALA WA 116 -56.30 -38.62 61.42
C ALA WA 116 -56.59 -37.87 60.12
N ARG WA 117 -56.44 -38.55 58.99
CA ARG WA 117 -56.77 -37.92 57.72
C ARG WA 117 -58.25 -37.55 57.64
N GLU WA 118 -59.12 -38.46 58.07
CA GLU WA 118 -60.56 -38.16 58.04
C GLU WA 118 -60.89 -36.99 58.97
N GLN WA 119 -60.29 -36.96 60.16
CA GLN WA 119 -60.54 -35.87 61.09
C GLN WA 119 -60.07 -34.54 60.54
N LEU WA 120 -58.88 -34.52 59.94
CA LEU WA 120 -58.37 -33.28 59.35
C LEU WA 120 -59.26 -32.82 58.20
N ILE WA 121 -59.71 -33.75 57.36
CA ILE WA 121 -60.58 -33.40 56.24
C ILE WA 121 -61.88 -32.80 56.77
N GLU WA 122 -62.48 -33.44 57.78
CA GLU WA 122 -63.73 -32.92 58.33
C GLU WA 122 -63.53 -31.55 58.95
N GLU WA 123 -62.44 -31.37 59.71
CA GLU WA 123 -62.19 -30.09 60.37
C GLU WA 123 -61.98 -28.98 59.35
N CYS WA 124 -61.24 -29.24 58.27
CA CYS WA 124 -61.02 -28.23 57.25
C CYS WA 124 -62.24 -28.00 56.37
N MET WA 125 -63.10 -29.00 56.21
CA MET WA 125 -64.32 -28.84 55.44
C MET WA 125 -65.41 -28.09 56.21
N ALA WA 126 -65.43 -28.22 57.54
CA ALA WA 126 -66.41 -27.48 58.32
C ALA WA 126 -66.23 -25.98 58.22
N LYS WA 127 -65.00 -25.51 58.02
CA LYS WA 127 -64.71 -24.09 57.88
C LYS WA 127 -64.69 -23.64 56.43
N MET WA 128 -64.96 -24.56 55.49
CA MET WA 128 -64.85 -24.22 54.07
C MET WA 128 -65.83 -23.13 53.64
N PRO WA 129 -67.13 -23.19 53.95
CA PRO WA 129 -68.01 -22.08 53.56
C PRO WA 129 -67.58 -20.74 54.14
N GLN WA 130 -67.13 -20.72 55.39
CA GLN WA 130 -66.66 -19.48 55.97
C GLN WA 130 -65.44 -18.94 55.23
N MET WA 131 -64.51 -19.83 54.88
CA MET WA 131 -63.31 -19.40 54.17
C MET WA 131 -63.64 -18.86 52.79
N ILE WA 132 -64.54 -19.53 52.06
CA ILE WA 132 -64.87 -19.04 50.72
C ILE WA 132 -65.65 -17.74 50.79
N GLU WA 133 -66.53 -17.59 51.78
CA GLU WA 133 -67.23 -16.32 51.94
C GLU WA 133 -66.27 -15.20 52.29
N ASN WA 134 -65.30 -15.47 53.17
CA ASN WA 134 -64.30 -14.46 53.51
C ASN WA 134 -63.47 -14.07 52.29
N TRP WA 135 -63.09 -15.07 51.48
CA TRP WA 135 -62.32 -14.77 50.27
C TRP WA 135 -63.14 -13.92 49.29
N ARG WA 136 -64.42 -14.26 49.12
CA ARG WA 136 -65.27 -13.46 48.23
C ARG WA 136 -65.41 -12.03 48.74
N GLN WA 137 -65.61 -11.87 50.05
CA GLN WA 137 -65.74 -10.52 50.61
C GLN WA 137 -64.44 -9.74 50.46
N GLN WA 138 -63.30 -10.39 50.67
CA GLN WA 138 -62.02 -9.70 50.50
C GLN WA 138 -61.81 -9.28 49.06
N GLN WA 139 -62.12 -10.15 48.10
CA GLN WA 139 -61.98 -9.80 46.70
C GLN WA 139 -62.91 -8.65 46.32
N GLN WA 140 -64.16 -8.69 46.80
CA GLN WA 140 -65.10 -7.61 46.52
C GLN WA 140 -64.62 -6.29 47.13
N GLU WA 141 -64.09 -6.34 48.36
CA GLU WA 141 -63.57 -5.14 48.98
C GLU WA 141 -62.39 -4.58 48.21
N ARG WA 142 -61.49 -5.44 47.74
CA ARG WA 142 -60.35 -4.97 46.95
C ARG WA 142 -60.81 -4.32 45.65
N ARG WA 143 -61.76 -4.96 44.95
CA ARG WA 143 -62.27 -4.37 43.72
C ARG WA 143 -62.95 -3.04 43.98
N GLU WA 144 -63.74 -2.95 45.04
CA GLU WA 144 -64.41 -1.70 45.38
C GLU WA 144 -63.40 -0.61 45.73
N LYS WA 145 -62.34 -0.96 46.46
CA LYS WA 145 -61.31 0.02 46.78
C LYS WA 145 -60.62 0.53 45.52
N GLU WA 146 -60.28 -0.37 44.61
CA GLU WA 146 -59.64 0.06 43.35
C GLU WA 146 -60.57 0.95 42.54
N GLN WA 147 -61.85 0.58 42.44
CA GLN WA 147 -62.81 1.39 41.69
C GLN WA 147 -63.01 2.75 42.33
N ALA WA 148 -63.07 2.80 43.67
CA ALA WA 148 -63.21 4.08 44.37
C ALA WA 148 -61.99 4.96 44.16
N ASP WA 149 -60.79 4.38 44.20
CA ASP WA 149 -59.58 5.15 43.93
C ASP WA 149 -59.60 5.70 42.52
N LYS WA 150 -60.00 4.88 41.54
CA LYS WA 150 -60.06 5.35 40.16
C LYS WA 150 -61.09 6.47 40.00
N ASP WA 151 -62.25 6.33 40.64
CA ASP WA 151 -63.28 7.35 40.56
C ASP WA 151 -62.82 8.66 41.19
N ARG WA 152 -62.14 8.56 42.34
CA ARG WA 152 -61.61 9.76 42.99
C ARG WA 152 -60.55 10.44 42.12
N ARG WA 153 -59.69 9.64 41.50
CA ARG WA 153 -58.67 10.20 40.60
C ARG WA 153 -59.32 10.92 39.42
N ALA WA 154 -60.33 10.28 38.81
CA ALA WA 154 -61.01 10.90 37.68
C ALA WA 154 -61.73 12.18 38.11
N ARG WA 155 -62.36 12.17 39.29
CA ARG WA 155 -63.07 13.34 39.76
C ARG WA 155 -62.13 14.49 40.07
N LEU WA 156 -60.95 14.20 40.64
CA LEU WA 156 -60.00 15.27 40.93
C LEU WA 156 -59.32 15.80 39.68
N GLN WA 157 -59.11 14.94 38.68
CA GLN WA 157 -58.53 15.41 37.42
C GLN WA 157 -59.53 16.16 36.54
N ALA WA 158 -60.83 15.87 36.66
CA ALA WA 158 -61.82 16.58 35.87
C ALA WA 158 -61.92 18.05 36.27
N GLU WA 159 -61.83 18.35 37.56
CA GLU WA 159 -61.90 19.73 38.03
C GLU WA 159 -60.66 20.52 37.62
N PRO XA 40 80.01 -39.97 -43.13
CA PRO XA 40 81.03 -40.83 -43.74
C PRO XA 40 81.31 -42.08 -42.92
N VAL XA 41 80.95 -42.04 -41.64
CA VAL XA 41 81.15 -43.15 -40.72
C VAL XA 41 79.81 -43.54 -40.11
N ALA XA 42 79.51 -44.83 -40.11
CA ALA XA 42 78.27 -45.33 -39.55
C ALA XA 42 78.24 -45.10 -38.04
N ARG XA 43 77.16 -44.54 -37.54
CA ARG XA 43 76.99 -44.25 -36.12
C ARG XA 43 75.84 -45.10 -35.59
N TYR XA 44 76.16 -46.05 -34.73
CA TYR XA 44 75.14 -46.97 -34.22
C TYR XA 44 74.80 -46.64 -32.77
N PRO XA 45 73.52 -46.68 -32.41
CA PRO XA 45 73.12 -46.46 -31.01
C PRO XA 45 73.54 -47.64 -30.15
N PRO XA 46 73.69 -47.43 -28.84
CA PRO XA 46 74.09 -48.53 -27.97
C PRO XA 46 73.04 -49.64 -27.92
N ILE XA 47 73.51 -50.86 -27.69
CA ILE XA 47 72.66 -52.03 -27.68
C ILE XA 47 72.15 -52.34 -26.28
N VAL XA 48 72.17 -51.37 -25.37
CA VAL XA 48 71.62 -51.57 -24.03
C VAL XA 48 70.11 -51.73 -24.12
N ALA XA 49 69.54 -52.41 -23.12
CA ALA XA 49 68.11 -52.66 -23.10
C ALA XA 49 67.34 -51.36 -22.87
N SER XA 50 66.01 -51.46 -22.97
CA SER XA 50 65.15 -50.32 -22.74
C SER XA 50 65.09 -49.99 -21.24
N LEU XA 51 64.59 -48.80 -20.94
CA LEU XA 51 64.52 -48.30 -19.57
C LEU XA 51 63.13 -48.40 -18.98
N THR XA 52 62.08 -48.20 -19.78
CA THR XA 52 60.71 -48.21 -19.30
C THR XA 52 59.99 -49.52 -19.57
N ALA XA 53 60.70 -50.54 -20.06
CA ALA XA 53 60.09 -51.82 -20.36
C ALA XA 53 59.89 -52.64 -19.08
N LYS XA 54 59.09 -53.69 -19.20
CA LYS XA 54 58.80 -54.59 -18.08
C LYS XA 54 59.79 -55.73 -17.97
N SER XA 55 60.73 -55.84 -18.91
CA SER XA 55 61.64 -56.98 -18.95
C SER XA 55 62.63 -56.94 -17.79
N LYS XA 56 63.17 -58.13 -17.48
CA LYS XA 56 64.22 -58.22 -16.46
C LYS XA 56 65.45 -57.43 -16.86
N ALA XA 57 65.73 -57.35 -18.17
CA ALA XA 57 66.82 -56.51 -18.63
C ALA XA 57 66.57 -55.05 -18.31
N ALA XA 58 65.33 -54.60 -18.49
CA ALA XA 58 64.98 -53.23 -18.14
C ALA XA 58 65.10 -52.99 -16.63
N ARG XA 59 64.67 -53.97 -15.84
CA ARG XA 59 64.83 -53.85 -14.39
C ARG XA 59 66.29 -53.75 -14.00
N GLN XA 60 67.14 -54.58 -14.63
CA GLN XA 60 68.57 -54.52 -14.35
C GLN XA 60 69.15 -53.17 -14.79
N ARG XA 61 68.67 -52.62 -15.90
CA ARG XA 61 69.13 -51.30 -16.33
C ARG XA 61 68.76 -50.23 -15.31
N ARG XA 62 67.54 -50.30 -14.77
CA ARG XA 62 67.15 -49.35 -13.73
C ARG XA 62 67.99 -49.52 -12.47
N VAL XA 63 68.31 -50.77 -12.13
CA VAL XA 63 69.18 -51.04 -10.98
C VAL XA 63 70.54 -50.40 -11.20
N GLU XA 64 71.09 -50.57 -12.41
CA GLU XA 64 72.36 -49.93 -12.75
C GLU XA 64 72.25 -48.42 -12.71
N GLN XA 65 71.10 -47.87 -13.10
CA GLN XA 65 70.92 -46.43 -13.08
C GLN XA 65 70.96 -45.89 -11.66
N TRP XA 66 70.25 -46.54 -10.73
CA TRP XA 66 70.26 -46.02 -9.36
C TRP XA 66 71.59 -46.29 -8.68
N GLN XA 67 72.28 -47.38 -9.05
CA GLN XA 67 73.63 -47.59 -8.53
C GLN XA 67 74.59 -46.53 -9.06
N ALA XA 68 74.43 -46.12 -10.32
CA ALA XA 68 75.24 -45.04 -10.86
C ALA XA 68 74.90 -43.71 -10.18
N THR XA 69 73.63 -43.51 -9.81
CA THR XA 69 73.28 -42.33 -9.02
C THR XA 69 74.01 -42.34 -7.68
N VAL XA 70 74.06 -43.52 -7.03
CA VAL XA 70 74.82 -43.64 -5.78
C VAL XA 70 76.28 -43.33 -6.01
N HIS XA 71 76.85 -43.83 -7.10
CA HIS XA 71 78.26 -43.54 -7.42
C HIS XA 71 78.47 -42.04 -7.61
N ALA XA 72 77.56 -41.38 -8.32
CA ALA XA 72 77.66 -39.95 -8.58
C ALA XA 72 77.34 -39.11 -7.35
N ALA XA 73 76.77 -39.70 -6.31
CA ALA XA 73 76.55 -38.97 -5.06
C ALA XA 73 77.88 -38.51 -4.49
N LYS XA 74 77.89 -37.30 -3.94
CA LYS XA 74 79.12 -36.66 -3.51
C LYS XA 74 79.52 -37.05 -2.09
N SER XA 75 78.63 -36.85 -1.12
CA SER XA 75 78.97 -37.09 0.27
C SER XA 75 78.58 -38.50 0.70
N VAL XA 76 79.34 -39.03 1.66
CA VAL XA 76 79.05 -40.36 2.20
C VAL XA 76 77.70 -40.38 2.90
N ASP XA 77 77.30 -39.26 3.51
CA ASP XA 77 75.98 -39.19 4.12
C ASP XA 77 74.88 -39.36 3.07
N GLU XA 78 75.01 -38.68 1.93
CA GLU XA 78 74.03 -38.84 0.87
C GLU XA 78 74.07 -40.26 0.30
N LYS XA 79 75.27 -40.84 0.17
CA LYS XA 79 75.37 -42.22 -0.32
C LYS XA 79 74.63 -43.17 0.60
N LEU XA 80 74.84 -43.04 1.91
CA LEU XA 80 74.17 -43.92 2.87
C LEU XA 80 72.67 -43.68 2.86
N ARG XA 81 72.24 -42.42 2.75
CA ARG XA 81 70.81 -42.11 2.71
C ARG XA 81 70.16 -42.78 1.50
N ILE XA 82 70.80 -42.70 0.34
CA ILE XA 82 70.23 -43.32 -0.85
C ILE XA 82 70.26 -44.84 -0.72
N LEU XA 83 71.35 -45.41 -0.20
CA LEU XA 83 71.46 -46.86 -0.12
C LEU XA 83 70.50 -47.47 0.91
N THR XA 84 70.11 -46.70 1.92
CA THR XA 84 69.25 -47.23 2.98
C THR XA 84 67.88 -46.57 3.04
N LYS XA 85 67.50 -45.78 2.04
CA LYS XA 85 66.17 -45.18 2.05
C LYS XA 85 65.07 -46.19 1.78
N MET XA 86 65.40 -47.37 1.23
CA MET XA 86 64.42 -48.41 1.01
C MET XA 86 64.27 -49.26 2.26
N GLN XA 87 63.03 -49.61 2.58
CA GLN XA 87 62.68 -50.29 3.82
C GLN XA 87 61.99 -51.62 3.55
N PHE XA 88 62.53 -52.39 2.60
CA PHE XA 88 61.95 -53.69 2.28
C PHE XA 88 62.18 -54.67 3.43
N MET XA 89 61.65 -55.88 3.27
CA MET XA 89 61.75 -56.88 4.31
C MET XA 89 63.21 -57.31 4.49
N LYS XA 90 63.55 -57.67 5.72
CA LYS XA 90 64.93 -58.01 6.06
C LYS XA 90 64.92 -58.94 7.26
N TYR XA 91 66.05 -59.64 7.44
CA TYR XA 91 66.25 -60.49 8.60
C TYR XA 91 66.94 -59.70 9.72
N VAL XA 92 66.65 -60.09 10.95
CA VAL XA 92 67.26 -59.49 12.13
C VAL XA 92 68.24 -60.52 12.68
N VAL XA 93 69.53 -60.23 12.55
CA VAL XA 93 70.58 -61.15 12.99
C VAL XA 93 71.07 -60.72 14.37
N TYR XA 94 70.91 -61.61 15.37
CA TYR XA 94 71.35 -61.35 16.73
C TYR XA 94 72.72 -61.96 16.97
N PRO XA 95 73.71 -61.17 17.39
CA PRO XA 95 75.02 -61.75 17.71
C PRO XA 95 74.95 -62.78 18.84
N GLN XA 96 74.27 -62.41 19.92
CA GLN XA 96 74.08 -63.32 21.05
C GLN XA 96 72.84 -64.15 20.78
N THR XA 97 73.03 -65.28 20.11
CA THR XA 97 71.94 -66.14 19.69
C THR XA 97 71.93 -67.45 20.48
N PHE XA 98 70.74 -68.01 20.62
CA PHE XA 98 70.53 -69.26 21.34
C PHE XA 98 70.49 -70.47 20.42
N ALA XA 99 70.70 -70.28 19.12
CA ALA XA 99 70.72 -71.39 18.19
C ALA XA 99 71.91 -72.29 18.45
N LEU XA 100 71.74 -73.57 18.14
CA LEU XA 100 72.79 -74.57 18.37
C LEU XA 100 74.02 -74.25 17.53
N ASN XA 101 73.89 -74.34 16.21
CA ASN XA 101 75.00 -74.12 15.29
C ASN XA 101 74.66 -72.91 14.43
N ALA XA 102 74.88 -71.72 14.97
CA ALA XA 102 74.61 -70.48 14.25
C ALA XA 102 75.86 -69.88 13.62
N ASP XA 103 77.05 -70.33 14.02
CA ASP XA 103 78.28 -69.82 13.41
C ASP XA 103 78.33 -70.17 11.93
N ASN XA 104 77.94 -71.39 11.57
CA ASN XA 104 77.95 -71.79 10.17
C ASN XA 104 76.95 -70.97 9.36
N TRP XA 105 75.76 -70.72 9.91
CA TRP XA 105 74.78 -69.92 9.21
C TRP XA 105 75.26 -68.48 9.03
N TYR XA 106 75.90 -67.91 10.07
CA TYR XA 106 76.43 -66.56 9.95
C TYR XA 106 77.55 -66.52 8.91
N GLN XA 107 78.41 -67.54 8.87
CA GLN XA 107 79.45 -67.60 7.85
C GLN XA 107 78.84 -67.70 6.46
N SER XA 108 77.76 -68.46 6.31
CA SER XA 108 77.09 -68.53 5.01
C SER XA 108 76.51 -67.17 4.62
N PHE XA 109 75.93 -66.46 5.59
CA PHE XA 109 75.35 -65.16 5.29
C PHE XA 109 76.42 -64.11 5.00
N THR XA 110 77.62 -64.29 5.54
CA THR XA 110 78.65 -63.26 5.47
C THR XA 110 79.73 -63.53 4.42
N LYS XA 111 79.83 -64.76 3.92
CA LYS XA 111 80.96 -65.20 3.10
C LYS XA 111 82.28 -64.99 3.86
N THR XA 112 82.34 -65.61 5.04
CA THR XA 112 83.49 -65.48 5.93
C THR XA 112 83.97 -66.86 6.33
N VAL XA 113 85.29 -67.06 6.28
CA VAL XA 113 85.92 -68.30 6.69
C VAL XA 113 86.54 -68.10 8.08
N PHE XA 114 86.33 -69.07 8.96
CA PHE XA 114 86.80 -69.01 10.33
C PHE XA 114 88.04 -69.85 10.50
N LEU XA 115 89.10 -69.25 11.05
CA LEU XA 115 90.38 -69.92 11.28
C LEU XA 115 90.63 -69.98 12.78
N SER XA 116 90.85 -71.18 13.29
CA SER XA 116 91.18 -71.34 14.70
C SER XA 116 92.60 -70.85 14.97
N GLY XA 117 92.78 -70.18 16.10
CA GLY XA 117 94.07 -69.65 16.47
C GLY XA 117 94.26 -68.20 16.04
N LEU XA 118 95.30 -67.59 16.60
CA LEU XA 118 95.58 -66.20 16.32
C LEU XA 118 96.12 -66.05 14.90
N PRO XA 119 95.95 -64.87 14.29
CA PRO XA 119 96.58 -64.60 12.99
C PRO XA 119 98.09 -64.55 13.13
N PRO XA 120 98.83 -64.67 12.04
CA PRO XA 120 100.31 -64.63 12.14
C PRO XA 120 100.78 -63.35 12.79
N THR XA 121 101.77 -63.50 13.68
CA THR XA 121 102.25 -62.36 14.46
C THR XA 121 103.21 -61.52 13.64
N PRO XA 122 102.96 -60.22 13.48
CA PRO XA 122 103.97 -59.31 12.89
C PRO XA 122 105.17 -59.13 13.83
N ALA XA 123 106.18 -59.96 13.62
CA ALA XA 123 107.35 -60.00 14.49
C ALA XA 123 108.30 -58.83 14.28
N LYS XA 124 108.02 -57.86 13.40
CA LYS XA 124 108.88 -56.71 13.19
C LYS XA 124 108.67 -55.62 14.23
N LEU XA 125 108.04 -55.95 15.36
CA LEU XA 125 107.77 -54.99 16.40
C LEU XA 125 109.04 -54.64 17.16
N GLU XA 126 109.04 -53.44 17.74
CA GLU XA 126 110.16 -52.97 18.54
C GLU XA 126 110.10 -53.57 19.95
N PRO XA 127 111.24 -53.62 20.67
CA PRO XA 127 111.22 -54.17 22.03
C PRO XA 127 110.52 -53.25 23.01
N GLU XA 128 109.24 -52.98 22.75
CA GLU XA 128 108.40 -52.12 23.58
C GLU XA 128 107.85 -52.80 24.82
N PRO XA 129 107.30 -54.05 24.74
CA PRO XA 129 106.56 -54.59 25.89
C PRO XA 129 107.45 -54.94 27.08
N THR XA 130 107.88 -53.92 27.83
CA THR XA 130 108.58 -54.10 29.09
C THR XA 130 107.74 -53.66 30.27
N LEU XA 131 106.43 -53.80 30.16
CA LEU XA 131 105.50 -53.31 31.17
C LEU XA 131 105.56 -54.17 32.44
N ASP XA 132 104.77 -53.75 33.43
CA ASP XA 132 104.78 -54.39 34.75
C ASP XA 132 103.65 -55.42 34.80
N ILE XA 133 104.01 -56.68 34.60
CA ILE XA 133 103.04 -57.77 34.70
C ILE XA 133 102.46 -57.83 36.10
N THR XA 134 103.28 -57.60 37.13
CA THR XA 134 102.79 -57.61 38.49
C THR XA 134 101.77 -56.51 38.72
N ALA XA 135 102.03 -55.30 38.21
CA ALA XA 135 101.09 -54.20 38.37
C ALA XA 135 99.79 -54.48 37.62
N LEU XA 136 99.88 -55.03 36.41
CA LEU XA 136 98.66 -55.36 35.66
C LEU XA 136 97.84 -56.41 36.40
N ARG XA 137 98.50 -57.45 36.93
CA ARG XA 137 97.81 -58.46 37.70
C ARG XA 137 97.17 -57.87 38.95
N GLU XA 138 97.88 -56.94 39.60
CA GLU XA 138 97.34 -56.27 40.78
C GLU XA 138 96.07 -55.50 40.42
N ALA XA 139 96.09 -54.78 39.30
CA ALA XA 139 94.92 -54.03 38.87
C ALA XA 139 93.75 -54.96 38.56
N VAL XA 140 94.02 -56.05 37.84
CA VAL XA 140 92.95 -56.99 37.50
C VAL XA 140 92.35 -57.61 38.75
N CYS XA 141 93.21 -58.03 39.68
CA CYS XA 141 92.73 -58.61 40.93
C CYS XA 141 91.95 -57.61 41.76
N ASP XA 142 92.40 -56.35 41.79
CA ASP XA 142 91.66 -55.32 42.52
C ASP XA 142 90.28 -55.12 41.91
N CYS XA 143 90.19 -55.07 40.58
CA CYS XA 143 88.88 -54.93 39.93
C CYS XA 143 87.98 -56.11 40.27
N LEU XA 144 88.52 -57.33 40.19
CA LEU XA 144 87.73 -58.52 40.49
C LEU XA 144 87.23 -58.49 41.93
N LEU XA 145 88.12 -58.19 42.88
CA LEU XA 145 87.74 -58.18 44.29
C LEU XA 145 86.74 -57.09 44.58
N GLN XA 146 86.90 -55.91 43.97
CA GLN XA 146 85.93 -54.84 44.15
C GLN XA 146 84.56 -55.25 43.63
N GLU XA 147 84.50 -55.78 42.42
CA GLU XA 147 83.22 -56.06 41.80
C GLU XA 147 82.60 -57.38 42.25
N HIS XA 148 83.31 -58.18 43.05
CA HIS XA 148 82.76 -59.42 43.58
C HIS XA 148 82.50 -59.38 45.08
N PHE XA 149 83.41 -58.82 45.87
CA PHE XA 149 83.32 -58.91 47.33
C PHE XA 149 83.41 -57.57 48.04
N PHE XA 150 84.24 -56.65 47.56
CA PHE XA 150 84.45 -55.40 48.29
C PHE XA 150 83.28 -54.44 48.16
N LEU XA 151 82.72 -54.31 46.95
CA LEU XA 151 81.68 -53.30 46.72
C LEU XA 151 80.41 -53.69 47.47
N ARG XA 152 79.97 -52.81 48.37
CA ARG XA 152 78.73 -53.01 49.10
C ARG XA 152 77.60 -52.35 48.32
N ARG XA 153 76.60 -53.15 47.95
CA ARG XA 153 75.44 -52.67 47.23
C ARG XA 153 74.17 -53.05 48.00
N LYS XA 154 73.01 -52.79 47.40
CA LYS XA 154 71.75 -53.14 48.03
C LYS XA 154 71.64 -54.64 48.21
N LYS XA 155 71.01 -55.05 49.32
CA LYS XA 155 70.87 -56.46 49.64
C LYS XA 155 70.09 -57.19 48.56
N ARG XA 156 70.72 -58.18 47.94
CA ARG XA 156 70.11 -58.93 46.84
C ARG XA 156 69.28 -60.06 47.43
N ALA XA 157 67.95 -59.92 47.38
CA ALA XA 157 67.09 -60.99 47.86
C ALA XA 157 67.27 -62.30 47.11
N PRO XA 158 67.34 -62.34 45.78
CA PRO XA 158 67.67 -63.62 45.10
C PRO XA 158 69.09 -64.04 45.43
N VAL XA 159 69.23 -65.25 45.99
CA VAL XA 159 70.51 -65.76 46.43
C VAL XA 159 71.27 -66.35 45.23
N ILE XA 160 70.61 -66.39 44.07
CA ILE XA 160 71.23 -66.97 42.89
C ILE XA 160 72.45 -66.15 42.45
N GLN XA 161 72.47 -64.85 42.72
CA GLN XA 161 73.58 -63.96 42.41
C GLN XA 161 73.91 -63.99 40.91
N ASP XA 162 72.96 -63.46 40.13
CA ASP XA 162 73.13 -63.36 38.69
C ASP XA 162 74.41 -62.60 38.36
N ARG XA 163 75.15 -63.12 37.38
CA ARG XA 163 76.48 -62.62 37.06
C ARG XA 163 76.47 -61.44 36.10
N GLU XA 164 75.30 -61.05 35.59
CA GLU XA 164 75.24 -59.90 34.69
C GLU XA 164 75.61 -58.61 35.42
N ALA XA 165 74.95 -58.35 36.55
CA ALA XA 165 75.25 -57.16 37.34
C ALA XA 165 76.58 -57.28 38.07
N ILE XA 166 77.19 -58.46 38.10
CA ILE XA 166 78.50 -58.64 38.70
C ILE XA 166 79.60 -58.42 37.67
N ALA XA 167 79.40 -58.88 36.44
CA ALA XA 167 80.42 -58.80 35.40
C ALA XA 167 80.37 -57.51 34.60
N SER XA 168 79.20 -56.90 34.40
CA SER XA 168 79.12 -55.70 33.58
C SER XA 168 79.92 -54.54 34.19
N PRO XA 169 79.72 -54.14 35.45
CA PRO XA 169 80.63 -53.15 36.04
C PRO XA 169 82.06 -53.64 36.10
N PHE XA 170 82.26 -54.94 36.32
CA PHE XA 170 83.62 -55.49 36.31
C PHE XA 170 84.26 -55.33 34.93
N LEU XA 171 83.51 -55.64 33.88
CA LEU XA 171 84.05 -55.48 32.53
C LEU XA 171 84.37 -54.02 32.23
N ASP XA 172 83.46 -53.11 32.60
CA ASP XA 172 83.70 -51.69 32.35
C ASP XA 172 84.94 -51.20 33.09
N GLN XA 173 85.06 -51.56 34.38
CA GLN XA 173 86.21 -51.11 35.16
C GLN XA 173 87.50 -51.74 34.66
N LEU XA 174 87.47 -53.01 34.27
CA LEU XA 174 88.66 -53.65 33.71
C LEU XA 174 89.11 -52.97 32.43
N VAL XA 175 88.16 -52.66 31.54
CA VAL XA 175 88.50 -51.99 30.29
C VAL XA 175 89.11 -50.62 30.58
N ALA XA 176 88.49 -49.86 31.49
CA ALA XA 176 88.98 -48.53 31.81
C ALA XA 176 90.38 -48.60 32.41
N SER XA 177 90.59 -49.51 33.35
CA SER XA 177 91.90 -49.63 34.01
C SER XA 177 92.97 -50.07 33.03
N LEU XA 178 92.66 -51.04 32.16
CA LEU XA 178 93.63 -51.49 31.17
C LEU XA 178 93.97 -50.36 30.20
N THR XA 179 92.97 -49.61 29.75
CA THR XA 179 93.24 -48.50 28.86
C THR XA 179 94.13 -47.46 29.52
N GLY XA 180 93.83 -47.11 30.78
CA GLY XA 180 94.64 -46.14 31.49
C GLY XA 180 96.06 -46.60 31.72
N LEU XA 181 96.25 -47.88 32.04
CA LEU XA 181 97.59 -48.40 32.31
C LEU XA 181 98.42 -48.55 31.04
N LEU XA 182 97.81 -49.06 29.96
CA LEU XA 182 98.55 -49.31 28.73
C LEU XA 182 98.61 -48.10 27.81
N SER XA 183 97.90 -47.01 28.13
CA SER XA 183 98.01 -45.80 27.33
C SER XA 183 99.40 -45.18 27.41
N VAL XA 184 100.14 -45.45 28.48
CA VAL XA 184 101.51 -44.95 28.58
C VAL XA 184 102.37 -45.56 27.49
N HIS XA 185 102.25 -46.87 27.27
CA HIS XA 185 103.00 -47.52 26.21
C HIS XA 185 102.43 -47.21 24.83
N ASN XA 186 101.10 -47.17 24.71
CA ASN XA 186 100.46 -46.91 23.42
C ASN XA 186 99.81 -45.53 23.46
N PRO XA 187 100.40 -44.52 22.82
CA PRO XA 187 99.79 -43.18 22.82
C PRO XA 187 98.45 -43.12 22.12
N VAL XA 188 98.12 -44.08 21.25
CA VAL XA 188 96.86 -44.03 20.53
C VAL XA 188 95.68 -44.18 21.48
N LEU XA 189 95.82 -44.99 22.54
CA LEU XA 189 94.74 -45.17 23.50
C LEU XA 189 94.38 -43.88 24.21
N ALA XA 190 95.35 -42.98 24.42
CA ALA XA 190 95.04 -41.70 25.06
C ALA XA 190 94.11 -40.86 24.19
N ALA XA 191 94.36 -40.82 22.88
CA ALA XA 191 93.51 -40.08 21.97
C ALA XA 191 92.26 -40.84 21.57
N ALA XA 192 92.18 -42.13 21.89
CA ALA XA 192 91.02 -42.93 21.53
C ALA XA 192 89.83 -42.57 22.42
N ALA XA 193 88.64 -42.91 21.92
CA ALA XA 193 87.40 -42.68 22.64
C ALA XA 193 86.81 -44.01 23.07
N LEU XA 194 86.23 -44.03 24.28
CA LEU XA 194 85.66 -45.23 24.87
C LEU XA 194 84.14 -45.14 24.82
N ASP XA 195 83.52 -46.09 24.14
CA ASP XA 195 82.07 -46.17 24.04
C ASP XA 195 81.54 -47.21 25.01
N CYS XA 196 80.56 -46.81 25.82
CA CYS XA 196 79.98 -47.68 26.84
C CYS XA 196 78.53 -47.96 26.46
N LYS XA 197 78.27 -49.19 26.01
CA LYS XA 197 76.93 -49.66 25.67
C LYS XA 197 76.26 -48.75 24.63
N ARG XA 198 77.02 -48.47 23.56
CA ARG XA 198 76.51 -47.67 22.46
C ARG XA 198 76.26 -48.57 21.25
N PRO XA 199 75.07 -48.54 20.67
CA PRO XA 199 74.73 -49.52 19.63
C PRO XA 199 75.53 -49.34 18.36
N VAL XA 200 75.71 -50.46 17.65
CA VAL XA 200 76.34 -50.50 16.33
C VAL XA 200 75.37 -51.18 15.39
N HIS XA 201 75.04 -50.51 14.29
CA HIS XA 201 74.06 -50.99 13.33
C HIS XA 201 74.69 -51.18 11.97
N PHE XA 202 74.29 -52.25 11.28
CA PHE XA 202 74.74 -52.51 9.92
C PHE XA 202 73.65 -53.23 9.16
N PHE XA 203 73.63 -53.03 7.84
CA PHE XA 203 72.61 -53.61 6.97
C PHE XA 203 73.26 -53.95 5.63
N TRP XA 204 72.96 -55.13 5.10
CA TRP XA 204 73.55 -55.57 3.84
C TRP XA 204 72.61 -56.53 3.13
N LEU XA 205 73.04 -56.98 1.96
CA LEU XA 205 72.29 -57.92 1.14
C LEU XA 205 73.17 -59.12 0.81
N ARG XA 206 72.53 -60.27 0.61
CA ARG XA 206 73.27 -61.50 0.36
C ARG XA 206 72.38 -62.46 -0.43
N GLY XA 207 72.72 -62.66 -1.70
CA GLY XA 207 72.04 -63.66 -2.51
C GLY XA 207 70.65 -63.23 -2.95
N GLU XA 208 69.96 -64.18 -3.58
CA GLU XA 208 68.61 -63.99 -4.07
C GLU XA 208 67.68 -65.04 -3.49
N GLU XA 209 66.37 -64.78 -3.63
CA GLU XA 209 65.36 -65.73 -3.17
C GLU XA 209 64.09 -65.49 -3.96
N ILE XA 210 63.53 -66.55 -4.53
CA ILE XA 210 62.25 -66.46 -5.22
C ILE XA 210 61.14 -66.44 -4.17
N ILE XA 211 60.24 -65.47 -4.30
CA ILE XA 211 59.18 -65.28 -3.31
C ILE XA 211 58.21 -66.44 -3.39
N PRO XA 212 58.03 -67.20 -2.30
CA PRO XA 212 57.20 -68.41 -2.38
C PRO XA 212 55.71 -68.14 -2.25
N ARG XA 213 55.34 -67.12 -1.47
CA ARG XA 213 53.94 -66.87 -1.13
C ARG XA 213 53.61 -65.41 -1.33
N GLY XA 214 52.33 -65.13 -1.56
CA GLY XA 214 51.85 -63.78 -1.79
C GLY XA 214 51.64 -63.52 -3.28
N HIS XA 215 51.13 -62.30 -3.55
CA HIS XA 215 50.91 -61.90 -4.92
C HIS XA 215 52.20 -61.67 -5.69
N ARG XA 216 53.35 -61.60 -5.00
CA ARG XA 216 54.65 -61.46 -5.64
C ARG XA 216 55.32 -62.81 -5.87
N LYS XA 217 54.55 -63.89 -5.87
CA LYS XA 217 55.12 -65.22 -6.07
C LYS XA 217 55.72 -65.35 -7.45
N GLY XA 218 56.84 -66.07 -7.53
CA GLY XA 218 57.54 -66.28 -8.80
C GLY XA 218 58.54 -65.21 -9.15
N ARG XA 219 58.67 -64.18 -8.33
CA ARG XA 219 59.61 -63.09 -8.59
C ARG XA 219 60.82 -63.20 -7.67
N VAL XA 220 61.95 -62.76 -8.18
CA VAL XA 220 63.23 -62.88 -7.48
C VAL XA 220 63.41 -61.69 -6.56
N ASP XA 221 63.68 -61.96 -5.28
CA ASP XA 221 63.91 -60.93 -4.29
C ASP XA 221 65.22 -61.21 -3.57
N ALA XA 222 66.00 -60.14 -3.36
CA ALA XA 222 67.29 -60.28 -2.69
C ALA XA 222 67.11 -60.37 -1.18
N LEU XA 223 67.87 -61.27 -0.56
CA LEU XA 223 67.83 -61.41 0.89
C LEU XA 223 68.57 -60.26 1.55
N ARG XA 224 67.92 -59.64 2.54
CA ARG XA 224 68.48 -58.51 3.26
C ARG XA 224 68.68 -58.89 4.73
N TYR XA 225 69.79 -58.44 5.30
CA TYR XA 225 70.14 -58.75 6.68
C TYR XA 225 70.51 -57.49 7.44
N GLN XA 226 70.13 -57.45 8.71
CA GLN XA 226 70.38 -56.31 9.59
C GLN XA 226 70.93 -56.81 10.91
N ILE XA 227 71.98 -56.15 11.39
CA ILE XA 227 72.59 -56.48 12.68
C ILE XA 227 72.58 -55.22 13.52
N ASN XA 228 71.91 -55.28 14.67
CA ASN XA 228 71.84 -54.17 15.63
C ASN XA 228 72.42 -54.65 16.94
N ASP XA 229 73.75 -54.58 17.07
CA ASP XA 229 74.41 -55.07 18.27
C ASP XA 229 74.58 -53.93 19.27
N LYS XA 230 74.77 -54.30 20.53
CA LYS XA 230 75.02 -53.33 21.61
C LYS XA 230 76.28 -53.78 22.35
N PRO XA 231 77.45 -53.52 21.77
CA PRO XA 231 78.70 -53.92 22.43
C PRO XA 231 78.85 -53.26 23.80
N HIS XA 232 79.41 -54.02 24.73
CA HIS XA 232 79.55 -53.52 26.10
C HIS XA 232 80.56 -52.38 26.17
N ASN XA 233 81.71 -52.55 25.52
CA ASN XA 233 82.75 -51.53 25.50
C ASN XA 233 83.41 -51.51 24.13
N GLN XA 234 83.61 -50.31 23.59
CA GLN XA 234 84.25 -50.12 22.30
C GLN XA 234 85.35 -49.08 22.42
N ILE XA 235 86.36 -49.22 21.57
CA ILE XA 235 87.46 -48.26 21.50
C ILE XA 235 87.55 -47.77 20.06
N ARG XA 236 87.43 -46.47 19.87
CA ARG XA 236 87.48 -45.85 18.55
C ARG XA 236 88.73 -44.97 18.45
N ILE XA 237 89.46 -45.09 17.35
CA ILE XA 237 90.73 -44.39 17.19
C ILE XA 237 90.69 -43.49 15.97
N SER XA 238 91.81 -42.82 15.69
CA SER XA 238 91.88 -41.86 14.59
C SER XA 238 92.30 -42.52 13.28
N ARG XA 239 93.32 -43.36 13.30
CA ARG XA 239 93.85 -44.00 12.10
C ARG XA 239 93.63 -45.50 12.16
N GLN XA 240 93.37 -46.09 11.00
CA GLN XA 240 93.02 -47.51 10.93
C GLN XA 240 94.21 -48.39 11.32
N LEU XA 241 93.92 -49.49 12.01
CA LEU XA 241 94.94 -50.45 12.36
C LEU XA 241 95.44 -51.17 11.10
N PRO XA 242 96.69 -51.61 11.10
CA PRO XA 242 97.22 -52.31 9.93
C PRO XA 242 96.58 -53.69 9.75
N GLU XA 243 96.57 -54.13 8.50
CA GLU XA 243 95.99 -55.43 8.16
C GLU XA 243 96.87 -56.56 8.67
N PHE XA 244 96.27 -57.75 8.79
CA PHE XA 244 96.98 -58.96 9.18
C PHE XA 244 97.43 -59.80 7.99
N VAL XA 245 96.63 -59.85 6.93
CA VAL XA 245 96.96 -60.61 5.73
C VAL XA 245 96.70 -59.72 4.52
N PRO XA 246 97.35 -60.00 3.39
CA PRO XA 246 97.15 -59.16 2.20
C PRO XA 246 95.71 -59.21 1.71
N LEU XA 247 95.39 -58.27 0.81
CA LEU XA 247 94.02 -58.14 0.32
C LEU XA 247 93.57 -59.39 -0.41
N ASP XA 248 94.44 -59.96 -1.24
CA ASP XA 248 94.13 -61.16 -2.01
C ASP XA 248 94.62 -62.44 -1.35
N TYR XA 249 94.64 -62.48 -0.01
CA TYR XA 249 95.07 -63.69 0.70
C TYR XA 249 94.08 -64.81 0.45
N SER XA 250 94.60 -65.97 0.05
CA SER XA 250 93.78 -67.12 -0.29
C SER XA 250 93.83 -68.17 0.82
N ILE XA 251 92.68 -68.78 1.08
CA ILE XA 251 92.57 -69.81 2.11
C ILE XA 251 91.98 -71.07 1.49
N PRO XA 252 92.58 -72.25 1.70
CA PRO XA 252 91.98 -73.48 1.16
C PRO XA 252 90.59 -73.76 1.71
N ILE XA 253 90.31 -73.36 2.94
CA ILE XA 253 88.98 -73.59 3.51
C ILE XA 253 87.97 -72.67 2.86
N GLU XA 254 86.86 -73.25 2.42
CA GLU XA 254 85.78 -72.49 1.77
C GLU XA 254 84.68 -72.18 2.78
N VAL XA 255 83.91 -71.14 2.46
CA VAL XA 255 82.79 -70.75 3.32
C VAL XA 255 81.71 -71.83 3.25
N PRO XA 256 81.23 -72.34 4.38
CA PRO XA 256 80.16 -73.35 4.35
C PRO XA 256 78.88 -72.73 3.81
N VAL XA 257 78.20 -73.48 2.94
CA VAL XA 257 76.95 -73.04 2.33
C VAL XA 257 75.84 -73.91 2.89
N MET XA 258 74.83 -73.27 3.48
CA MET XA 258 73.70 -73.99 4.03
C MET XA 258 72.66 -74.22 2.95
N SER XA 259 72.29 -75.48 2.75
CA SER XA 259 71.30 -75.85 1.73
C SER XA 259 69.90 -75.87 2.33
N CYS XA 260 69.55 -74.76 2.98
CA CYS XA 260 68.25 -74.63 3.62
C CYS XA 260 67.95 -73.16 3.81
N LYS XA 261 66.67 -72.85 4.04
CA LYS XA 261 66.26 -71.47 4.23
C LYS XA 261 66.75 -70.93 5.57
N PRO XA 262 67.00 -69.62 5.66
CA PRO XA 262 67.44 -69.04 6.94
C PRO XA 262 66.40 -69.14 8.05
N ASP XA 263 65.13 -69.37 7.71
CA ASP XA 263 64.07 -69.40 8.71
C ASP XA 263 64.22 -70.57 9.69
N LYS XA 264 65.06 -71.56 9.36
CA LYS XA 264 65.22 -72.73 10.21
C LYS XA 264 66.36 -72.57 11.22
N LEU XA 265 67.00 -71.41 11.27
CA LEU XA 265 68.07 -71.20 12.24
C LEU XA 265 67.62 -71.34 13.69
N PRO XA 266 66.48 -70.77 14.12
CA PRO XA 266 65.45 -69.99 13.43
C PRO XA 266 65.82 -68.51 13.23
N LEU XA 267 65.40 -67.96 12.10
CA LEU XA 267 65.47 -66.53 11.82
C LEU XA 267 64.13 -66.07 11.29
N PHE XA 268 63.80 -64.81 11.58
CA PHE XA 268 62.51 -64.25 11.22
C PHE XA 268 62.69 -62.91 10.54
N LYS XA 269 61.82 -62.62 9.58
CA LYS XA 269 61.86 -61.36 8.86
C LYS XA 269 61.11 -60.27 9.62
N ARG XA 270 61.63 -59.06 9.53
CA ARG XA 270 61.00 -57.89 10.14
C ARG XA 270 61.31 -56.68 9.29
N GLN XA 271 60.47 -55.65 9.41
CA GLN XA 271 60.61 -54.43 8.63
C GLN XA 271 60.65 -53.24 9.57
N TYR XA 272 61.78 -52.53 9.59
CA TYR XA 272 61.94 -51.30 10.34
C TYR XA 272 63.08 -50.51 9.71
N GLU XA 273 63.53 -49.46 10.40
CA GLU XA 273 64.56 -48.60 9.85
C GLU XA 273 65.88 -49.35 9.76
N ASN XA 274 66.43 -49.42 8.55
CA ASN XA 274 67.71 -50.10 8.32
C ASN XA 274 68.82 -49.06 8.42
N THR XA 275 69.47 -49.01 9.57
CA THR XA 275 70.51 -48.03 9.84
C THR XA 275 71.89 -48.68 9.80
N ILE XA 276 72.87 -47.89 9.39
CA ILE XA 276 74.28 -48.31 9.37
C ILE XA 276 75.01 -47.41 10.35
N PHE XA 277 75.31 -47.93 11.54
CA PHE XA 277 75.87 -47.12 12.61
C PHE XA 277 77.20 -47.73 13.05
N ILE XA 278 78.23 -46.88 13.14
CA ILE XA 278 79.55 -47.31 13.59
C ILE XA 278 79.75 -47.08 15.08
N GLY XA 279 78.75 -46.57 15.78
CA GLY XA 279 78.92 -46.09 17.15
C GLY XA 279 78.94 -44.58 17.26
N SER XA 280 79.03 -43.87 16.14
CA SER XA 280 78.96 -42.41 16.12
C SER XA 280 78.55 -41.99 14.72
N LYS XA 281 78.09 -40.74 14.60
CA LYS XA 281 77.71 -40.23 13.31
C LYS XA 281 78.95 -40.00 12.44
N THR XA 282 78.71 -39.85 11.14
CA THR XA 282 79.82 -39.70 10.20
C THR XA 282 80.61 -38.42 10.44
N ALA XA 283 79.96 -37.40 11.01
CA ALA XA 283 80.67 -36.16 11.31
C ALA XA 283 81.72 -36.32 12.40
N ASP XA 284 81.70 -37.44 13.14
CA ASP XA 284 82.70 -37.68 14.15
C ASP XA 284 84.07 -37.88 13.51
N PRO XA 285 85.11 -37.21 14.01
CA PRO XA 285 86.45 -37.37 13.40
C PRO XA 285 87.01 -38.77 13.53
N LEU XA 286 86.56 -39.56 14.52
CA LEU XA 286 87.08 -40.90 14.73
C LEU XA 286 86.26 -41.87 13.88
N CYS XA 287 86.68 -42.05 12.63
CA CYS XA 287 86.01 -42.93 11.70
C CYS XA 287 86.50 -44.37 11.77
N TYR XA 288 87.46 -44.66 12.65
CA TYR XA 288 87.99 -46.00 12.80
C TYR XA 288 87.93 -46.41 14.27
N GLY XA 289 88.01 -47.72 14.51
CA GLY XA 289 87.97 -48.26 15.84
C GLY XA 289 89.14 -49.20 16.10
N HIS XA 290 89.30 -49.57 17.37
CA HIS XA 290 90.42 -50.39 17.81
C HIS XA 290 89.99 -51.77 18.28
N THR XA 291 89.10 -51.85 19.26
CA THR XA 291 88.70 -53.14 19.82
C THR XA 291 87.30 -53.03 20.40
N GLN XA 292 86.57 -54.14 20.37
CA GLN XA 292 85.24 -54.25 20.95
C GLN XA 292 85.25 -55.22 22.13
N PHE XA 293 84.33 -54.98 23.05
CA PHE XA 293 84.11 -55.85 24.20
C PHE XA 293 82.64 -56.24 24.25
N HIS XA 294 82.37 -57.54 24.34
CA HIS XA 294 81.01 -58.07 24.37
C HIS XA 294 80.84 -58.97 25.57
N LEU XA 295 79.89 -58.64 26.44
CA LEU XA 295 79.61 -59.44 27.63
C LEU XA 295 78.44 -60.38 27.35
N LEU XA 296 78.64 -61.67 27.62
CA LEU XA 296 77.57 -62.62 27.40
C LEU XA 296 76.46 -62.45 28.43
N PRO XA 297 75.21 -62.67 28.05
CA PRO XA 297 74.10 -62.55 29.00
C PRO XA 297 73.94 -63.83 29.81
N ASP XA 298 72.96 -63.82 30.72
CA ASP XA 298 72.71 -64.98 31.56
C ASP XA 298 72.06 -66.12 30.79
N LYS XA 299 71.40 -65.83 29.67
CA LYS XA 299 70.75 -66.88 28.90
C LYS XA 299 71.74 -67.79 28.19
N LEU XA 300 72.98 -67.36 28.03
CA LEU XA 300 74.00 -68.12 27.30
C LEU XA 300 75.13 -68.55 28.22
N LYS XA 301 74.80 -68.85 29.48
CA LYS XA 301 75.80 -69.30 30.43
C LYS XA 301 76.17 -70.77 30.19
N ARG XA 302 77.37 -71.13 30.67
CA ARG XA 302 77.83 -72.51 30.54
C ARG XA 302 76.91 -73.47 31.28
N GLU XA 303 76.49 -73.08 32.49
CA GLU XA 303 75.57 -73.93 33.26
C GLU XA 303 74.24 -74.07 32.54
N LYS XA 304 73.73 -72.98 31.95
CA LYS XA 304 72.48 -73.06 31.19
C LYS XA 304 72.62 -74.00 29.99
N LEU XA 305 73.74 -73.89 29.27
CA LEU XA 305 73.95 -74.78 28.13
C LEU XA 305 74.08 -76.24 28.57
N LEU XA 306 74.76 -76.49 29.69
CA LEU XA 306 74.87 -77.86 30.20
C LEU XA 306 73.50 -78.41 30.58
N LYS XA 307 72.67 -77.59 31.23
CA LYS XA 307 71.32 -78.04 31.56
C LYS XA 307 70.48 -78.26 30.31
N GLN XA 308 70.71 -77.47 29.26
CA GLN XA 308 70.09 -77.70 27.96
C GLN XA 308 70.76 -78.83 27.19
N ASN XA 309 71.80 -79.45 27.76
CA ASN XA 309 72.53 -80.55 27.13
C ASN XA 309 73.24 -80.07 25.86
N CYS XA 310 74.01 -78.99 26.00
CA CYS XA 310 74.76 -78.42 24.89
C CYS XA 310 76.16 -78.10 25.37
N ALA XA 311 77.12 -78.95 25.02
CA ALA XA 311 78.51 -78.78 25.40
C ALA XA 311 79.38 -78.22 24.29
N ASP XA 312 79.20 -78.69 23.05
CA ASP XA 312 79.98 -78.18 21.93
C ASP XA 312 79.54 -76.80 21.48
N GLN XA 313 78.32 -76.37 21.85
CA GLN XA 313 77.81 -75.09 21.41
C GLN XA 313 78.33 -73.93 22.25
N ILE XA 314 79.08 -74.20 23.33
CA ILE XA 314 79.64 -73.12 24.13
C ILE XA 314 80.59 -72.27 23.30
N GLU XA 315 81.45 -72.92 22.52
CA GLU XA 315 82.34 -72.19 21.63
C GLU XA 315 81.60 -71.66 20.41
N VAL XA 316 80.54 -72.34 19.98
CA VAL XA 316 79.76 -71.88 18.83
C VAL XA 316 79.10 -70.54 19.14
N VAL XA 317 78.65 -70.35 20.38
CA VAL XA 317 78.05 -69.07 20.78
C VAL XA 317 79.07 -67.95 20.63
N PHE XA 318 80.29 -68.17 21.14
CA PHE XA 318 81.34 -67.17 20.99
C PHE XA 318 81.66 -66.89 19.53
N ARG XA 319 81.75 -67.95 18.72
CA ARG XA 319 82.06 -67.76 17.31
C ARG XA 319 81.00 -66.94 16.61
N ALA XA 320 79.72 -67.27 16.85
CA ALA XA 320 78.63 -66.54 16.22
C ALA XA 320 78.60 -65.09 16.67
N ASN XA 321 78.78 -64.84 17.96
CA ASN XA 321 78.78 -63.47 18.47
C ASN XA 321 79.89 -62.66 17.83
N ALA XA 322 81.10 -63.23 17.79
CA ALA XA 322 82.24 -62.52 17.21
C ALA XA 322 82.02 -62.26 15.72
N ILE XA 323 81.57 -63.27 14.99
CA ILE XA 323 81.38 -63.14 13.55
C ILE XA 323 80.34 -62.07 13.24
N ALA XA 324 79.24 -62.04 13.99
CA ALA XA 324 78.24 -61.00 13.77
C ALA XA 324 78.77 -59.62 14.12
N SER XA 325 79.33 -59.46 15.32
CA SER XA 325 79.68 -58.14 15.82
C SER XA 325 80.83 -57.53 15.03
N LEU XA 326 81.93 -58.28 14.85
CA LEU XA 326 83.08 -57.73 14.16
C LEU XA 326 82.76 -57.43 12.70
N PHE XA 327 81.99 -58.30 12.04
CA PHE XA 327 81.62 -58.04 10.66
C PHE XA 327 80.74 -56.80 10.56
N ALA XA 328 79.78 -56.63 11.49
CA ALA XA 328 78.96 -55.43 11.46
C ALA XA 328 79.80 -54.18 11.66
N TRP XA 329 80.75 -54.24 12.59
CA TRP XA 329 81.62 -53.08 12.84
C TRP XA 329 82.47 -52.74 11.63
N THR XA 330 83.07 -53.77 11.00
CA THR XA 330 83.91 -53.53 9.83
C THR XA 330 83.10 -53.02 8.65
N GLY XA 331 81.89 -53.55 8.44
CA GLY XA 331 81.04 -53.03 7.38
C GLY XA 331 80.64 -51.60 7.63
N ALA XA 332 80.35 -51.25 8.89
CA ALA XA 332 80.05 -49.87 9.22
C ALA XA 332 81.24 -48.98 8.92
N GLN XA 333 82.45 -49.42 9.28
CA GLN XA 333 83.65 -48.62 8.98
C GLN XA 333 83.81 -48.44 7.47
N ALA XA 334 83.64 -49.51 6.71
CA ALA XA 334 83.83 -49.43 5.27
C ALA XA 334 82.81 -48.50 4.61
N MET XA 335 81.54 -48.60 5.02
CA MET XA 335 80.52 -47.75 4.43
C MET XA 335 80.58 -46.31 4.92
N TYR XA 336 81.13 -46.07 6.11
CA TYR XA 336 81.45 -44.70 6.51
C TYR XA 336 82.59 -44.14 5.69
N GLN XA 337 83.58 -44.97 5.34
CA GLN XA 337 84.64 -44.54 4.45
C GLN XA 337 84.16 -44.34 3.02
N GLY XA 338 83.07 -45.00 2.63
CA GLY XA 338 82.46 -44.79 1.33
C GLY XA 338 82.44 -46.01 0.43
N PHE XA 339 82.77 -47.20 0.91
CA PHE XA 339 82.75 -48.40 0.09
C PHE XA 339 81.44 -49.14 0.23
N TRP XA 340 80.97 -49.72 -0.86
CA TRP XA 340 79.74 -50.50 -0.87
C TRP XA 340 79.86 -51.59 -1.92
N SER XA 341 78.72 -52.16 -2.33
CA SER XA 341 78.74 -53.33 -3.21
C SER XA 341 79.43 -53.04 -4.54
N GLU XA 342 79.09 -51.93 -5.17
CA GLU XA 342 79.69 -51.56 -6.44
C GLU XA 342 80.95 -50.73 -6.27
N ALA XA 343 81.33 -50.40 -5.04
CA ALA XA 343 82.57 -49.70 -4.75
C ALA XA 343 83.38 -50.48 -3.72
N ASP XA 344 83.61 -51.77 -4.01
CA ASP XA 344 84.22 -52.70 -3.07
C ASP XA 344 85.48 -52.13 -2.42
N VAL XA 345 85.74 -52.53 -1.18
CA VAL XA 345 86.81 -51.93 -0.39
C VAL XA 345 88.16 -52.21 -1.03
N THR XA 346 89.05 -51.23 -0.95
CA THR XA 346 90.41 -51.36 -1.47
C THR XA 346 91.38 -51.89 -0.42
N ARG XA 347 91.40 -51.27 0.76
CA ARG XA 347 92.26 -51.70 1.84
C ARG XA 347 91.45 -52.40 2.91
N PRO XA 348 91.85 -53.61 3.32
CA PRO XA 348 91.03 -54.37 4.27
C PRO XA 348 90.91 -53.67 5.61
N PHE XA 349 89.78 -53.92 6.28
CA PHE XA 349 89.50 -53.38 7.61
C PHE XA 349 89.69 -54.48 8.64
N VAL XA 350 90.51 -54.21 9.64
CA VAL XA 350 90.82 -55.18 10.68
C VAL XA 350 90.13 -54.77 11.98
N SER XA 351 89.59 -55.76 12.68
CA SER XA 351 88.88 -55.52 13.93
C SER XA 351 89.27 -56.59 14.95
N GLN XA 352 89.26 -56.20 16.22
CA GLN XA 352 89.56 -57.08 17.32
C GLN XA 352 88.39 -57.11 18.29
N GLY XA 353 88.10 -58.29 18.82
CA GLY XA 353 86.98 -58.44 19.74
C GLY XA 353 87.29 -59.33 20.92
N VAL XA 354 86.82 -58.94 22.10
CA VAL XA 354 86.97 -59.72 23.31
C VAL XA 354 85.58 -60.04 23.82
N ILE XA 355 85.26 -61.33 23.91
CA ILE XA 355 83.97 -61.79 24.41
C ILE XA 355 84.19 -62.38 25.79
N THR XA 356 83.46 -61.86 26.78
CA THR XA 356 83.67 -62.20 28.18
C THR XA 356 82.40 -62.80 28.75
N ASP XA 357 82.52 -63.99 29.35
CA ASP XA 357 81.45 -64.58 30.13
C ASP XA 357 81.64 -64.17 31.59
N GLY XA 358 80.92 -64.82 32.50
CA GLY XA 358 81.11 -64.54 33.91
C GLY XA 358 82.50 -64.87 34.41
N LYS XA 359 83.13 -65.89 33.82
CA LYS XA 359 84.44 -66.34 34.28
C LYS XA 359 85.45 -66.43 33.14
N TYR XA 360 84.98 -66.75 31.94
CA TYR XA 360 85.84 -67.07 30.82
C TYR XA 360 86.00 -65.90 29.86
N PHE XA 361 87.05 -65.98 29.04
CA PHE XA 361 87.36 -64.96 28.04
C PHE XA 361 87.65 -65.63 26.71
N SER XA 362 87.43 -64.88 25.63
CA SER XA 362 87.79 -65.34 24.30
C SER XA 362 88.16 -64.14 23.45
N PHE XA 363 89.10 -64.34 22.53
CA PHE XA 363 89.60 -63.28 21.66
C PHE XA 363 89.38 -63.65 20.20
N PHE XA 364 89.04 -62.66 19.40
CA PHE XA 364 88.77 -62.89 17.98
C PHE XA 364 89.36 -61.74 17.16
N CYS XA 365 89.84 -62.08 15.96
CA CYS XA 365 90.33 -61.11 15.01
C CYS XA 365 89.62 -61.30 13.68
N TYR XA 366 89.14 -60.20 13.10
CA TYR XA 366 88.34 -60.25 11.89
C TYR XA 366 88.97 -59.31 10.86
N GLN XA 367 88.93 -59.72 9.60
CA GLN XA 367 89.40 -58.87 8.50
C GLN XA 367 88.33 -58.87 7.41
N LEU XA 368 87.76 -57.70 7.16
CA LEU XA 368 86.82 -57.50 6.06
C LEU XA 368 87.61 -57.04 4.84
N ASN XA 369 87.57 -57.85 3.78
CA ASN XA 369 88.25 -57.55 2.53
C ASN XA 369 87.28 -57.25 1.40
N THR XA 370 86.25 -58.07 1.23
CA THR XA 370 85.26 -57.90 0.19
C THR XA 370 83.93 -57.49 0.80
N LEU XA 371 83.30 -56.47 0.22
CA LEU XA 371 82.00 -55.99 0.67
C LEU XA 371 80.88 -56.25 -0.33
N ALA XA 372 81.22 -56.69 -1.54
CA ALA XA 372 80.22 -56.95 -2.59
C ALA XA 372 79.60 -58.32 -2.35
N LEU XA 373 78.69 -58.36 -1.38
CA LEU XA 373 78.00 -59.59 -1.02
C LEU XA 373 76.70 -59.79 -1.80
N THR XA 374 76.32 -58.83 -2.65
CA THR XA 374 75.13 -58.98 -3.46
C THR XA 374 75.36 -60.01 -4.56
N ALA XA 375 74.25 -60.54 -5.09
CA ALA XA 375 74.33 -61.60 -6.08
C ALA XA 375 75.01 -61.13 -7.37
N GLN XA 376 74.66 -59.94 -7.85
CA GLN XA 376 75.18 -59.47 -9.12
C GLN XA 376 76.66 -59.12 -9.08
N ALA XA 377 77.21 -58.87 -7.89
CA ALA XA 377 78.63 -58.54 -7.77
C ALA XA 377 79.46 -59.63 -7.13
N ASP XA 378 78.84 -60.68 -6.60
CA ASP XA 378 79.56 -61.81 -6.01
C ASP XA 378 79.80 -62.93 -7.01
N GLN XA 379 79.42 -62.74 -8.27
CA GLN XA 379 79.60 -63.78 -9.27
C GLN XA 379 81.09 -64.06 -9.50
N ASN XA 380 81.90 -63.02 -9.57
CA ASN XA 380 83.32 -63.13 -9.84
C ASN XA 380 84.15 -62.47 -8.74
N ASN XA 381 83.77 -62.71 -7.48
CA ASN XA 381 84.51 -62.17 -6.36
C ASN XA 381 85.31 -63.28 -5.69
N PRO XA 382 86.62 -63.35 -5.87
CA PRO XA 382 87.40 -64.42 -5.26
C PRO XA 382 87.75 -64.16 -3.80
N ARG XA 383 87.79 -62.88 -3.42
CA ARG XA 383 88.19 -62.52 -2.06
C ARG XA 383 87.14 -62.97 -1.05
N LYS XA 384 87.61 -63.31 0.14
CA LYS XA 384 86.76 -63.77 1.22
C LYS XA 384 87.17 -63.08 2.52
N ASN XA 385 86.20 -62.93 3.42
CA ASN XA 385 86.47 -62.38 4.74
C ASN XA 385 87.02 -63.47 5.65
N ILE XA 386 87.89 -63.06 6.57
CA ILE XA 386 88.59 -63.98 7.45
C ILE XA 386 88.29 -63.60 8.90
N CYS XA 387 87.95 -64.60 9.70
CA CYS XA 387 87.69 -64.41 11.13
C CYS XA 387 88.60 -65.35 11.91
N TRP XA 388 89.58 -64.78 12.61
CA TRP XA 388 90.47 -65.55 13.46
C TRP XA 388 89.84 -65.70 14.84
N GLY XA 389 89.86 -66.92 15.37
CA GLY XA 389 89.24 -67.20 16.64
C GLY XA 389 90.19 -67.89 17.59
N THR XA 390 89.95 -67.68 18.88
CA THR XA 390 90.73 -68.30 19.95
C THR XA 390 89.79 -69.05 20.89
N GLN XA 391 90.23 -70.21 21.35
CA GLN XA 391 89.41 -71.02 22.23
C GLN XA 391 89.21 -70.31 23.57
N SER XA 392 88.08 -70.63 24.21
CA SER XA 392 87.75 -69.99 25.49
C SER XA 392 88.74 -70.40 26.56
N LYS XA 393 89.16 -69.42 27.38
CA LYS XA 393 90.14 -69.65 28.42
C LYS XA 393 89.74 -68.85 29.65
N PRO XA 394 89.62 -69.49 30.81
CA PRO XA 394 89.27 -68.75 32.02
C PRO XA 394 90.39 -67.82 32.48
N LEU XA 395 90.01 -66.78 33.20
CA LEU XA 395 90.96 -65.82 33.73
C LEU XA 395 91.29 -66.09 35.20
N TYR XA 396 90.29 -66.12 36.06
CA TYR XA 396 90.46 -66.42 37.48
C TYR XA 396 89.85 -67.77 37.78
N GLU XA 397 89.84 -68.14 39.06
CA GLU XA 397 89.32 -69.44 39.48
C GLU XA 397 88.81 -69.31 40.92
N THR XA 398 87.48 -69.35 41.07
CA THR XA 398 86.77 -69.37 42.36
C THR XA 398 87.44 -68.47 43.41
N ILE XA 399 87.45 -67.17 43.11
CA ILE XA 399 87.95 -66.21 44.09
C ILE XA 399 87.09 -66.28 45.35
N GLU XA 400 87.74 -66.12 46.50
CA GLU XA 400 87.05 -66.30 47.78
C GLU XA 400 87.73 -65.46 48.85
N ASP XA 401 86.94 -64.61 49.51
CA ASP XA 401 87.38 -63.82 50.66
C ASP XA 401 88.60 -62.96 50.30
N ASN XA 402 88.35 -62.02 49.40
CA ASN XA 402 89.33 -61.02 48.93
C ASN XA 402 90.67 -61.65 48.56
N ASN XA 403 90.68 -62.91 48.15
CA ASN XA 403 91.89 -63.61 47.74
C ASN XA 403 91.62 -64.34 46.44
N VAL XA 404 92.41 -64.05 45.42
CA VAL XA 404 92.27 -64.70 44.12
C VAL XA 404 93.03 -66.02 44.17
N LYS XA 405 92.31 -67.13 44.03
CA LYS XA 405 92.94 -68.45 44.10
C LYS XA 405 93.74 -68.73 42.84
N GLY XA 406 93.08 -68.79 41.69
CA GLY XA 406 93.73 -69.07 40.42
C GLY XA 406 93.74 -67.85 39.53
N PHE XA 407 94.78 -67.74 38.72
CA PHE XA 407 94.93 -66.62 37.79
C PHE XA 407 95.72 -67.09 36.59
N ASN XA 408 95.38 -66.57 35.41
CA ASN XA 408 96.03 -66.94 34.16
C ASN XA 408 96.63 -65.69 33.54
N ASP XA 409 97.95 -65.66 33.44
CA ASP XA 409 98.64 -64.52 32.86
C ASP XA 409 98.58 -64.50 31.33
N ASP XA 410 98.30 -65.64 30.71
CA ASP XA 410 98.23 -65.67 29.25
C ASP XA 410 97.07 -64.83 28.72
N VAL XA 411 95.92 -64.87 29.40
CA VAL XA 411 94.79 -64.04 29.00
C VAL XA 411 95.12 -62.57 29.14
N LEU XA 412 95.80 -62.20 30.24
CA LEU XA 412 96.21 -60.81 30.42
C LEU XA 412 97.20 -60.38 29.35
N LEU XA 413 98.11 -61.27 28.97
CA LEU XA 413 99.06 -60.96 27.90
C LEU XA 413 98.34 -60.78 26.56
N GLN XA 414 97.33 -61.61 26.31
CA GLN XA 414 96.54 -61.44 25.08
C GLN XA 414 95.82 -60.10 25.06
N LEU XA 415 95.24 -59.72 26.20
CA LEU XA 415 94.60 -58.41 26.29
C LEU XA 415 95.61 -57.29 26.07
N VAL XA 416 96.81 -57.46 26.64
CA VAL XA 416 97.86 -56.46 26.48
C VAL XA 416 98.23 -56.30 25.00
N GLN XA 417 98.40 -57.42 24.30
CA GLN XA 417 98.73 -57.36 22.89
C GLN XA 417 97.60 -56.71 22.09
N PHE XA 418 96.36 -57.07 22.39
CA PHE XA 418 95.23 -56.49 21.68
C PHE XA 418 95.16 -54.98 21.88
N LEU XA 419 95.39 -54.51 23.10
CA LEU XA 419 95.37 -53.07 23.36
C LEU XA 419 96.63 -52.37 22.86
N LEU XA 420 97.73 -53.08 22.69
CA LEU XA 420 99.00 -52.50 22.26
C LEU XA 420 99.20 -52.58 20.75
N ASN XA 421 98.31 -53.22 20.01
CA ASN XA 421 98.37 -53.16 18.56
C ASN XA 421 98.27 -51.71 18.11
N ARG XA 422 99.22 -51.28 17.27
CA ARG XA 422 99.32 -49.87 16.93
C ARG XA 422 99.07 -49.64 15.44
N PRO XA 423 98.44 -48.51 15.09
CA PRO XA 423 98.29 -48.18 13.67
C PRO XA 423 99.62 -47.81 13.03
N LYS XA 424 99.65 -47.92 11.71
CA LYS XA 424 100.86 -47.58 10.96
C LYS XA 424 101.16 -46.09 11.09
N GLU XA 425 102.46 -45.79 11.17
CA GLU XA 425 102.95 -44.41 11.31
C GLU XA 425 103.61 -44.00 10.00
N ASP XA 426 103.25 -42.82 9.51
CA ASP XA 426 103.81 -42.30 8.27
C ASP XA 426 103.74 -40.78 8.23
N PHE YA 35 -43.68 -12.61 -90.88
CA PHE YA 35 -42.41 -12.18 -90.30
C PHE YA 35 -41.87 -10.96 -91.02
N ARG YA 36 -41.29 -10.03 -90.27
CA ARG YA 36 -40.74 -8.80 -90.81
C ARG YA 36 -39.22 -8.87 -90.77
N GLU YA 37 -38.59 -8.43 -91.86
CA GLU YA 37 -37.14 -8.44 -91.99
C GLU YA 37 -36.65 -7.05 -92.38
N VAL YA 38 -35.57 -6.61 -91.76
CA VAL YA 38 -34.96 -5.32 -92.04
C VAL YA 38 -33.82 -5.53 -93.01
N VAL YA 39 -33.86 -4.85 -94.15
CA VAL YA 39 -32.84 -4.96 -95.19
C VAL YA 39 -32.19 -3.59 -95.35
N GLU YA 40 -30.85 -3.57 -95.32
CA GLU YA 40 -30.07 -2.36 -95.49
C GLU YA 40 -29.27 -2.44 -96.78
N ILE YA 41 -29.34 -1.39 -97.59
CA ILE YA 41 -28.67 -1.33 -98.88
C ILE YA 41 -27.77 -0.10 -98.88
N LEU YA 42 -26.50 -0.31 -99.26
CA LEU YA 42 -25.52 0.77 -99.35
C LEU YA 42 -25.15 0.94 -100.82
N ASP YA 43 -25.49 2.10 -101.38
CA ASP YA 43 -25.23 2.42 -102.79
C ASP YA 43 -24.73 3.86 -102.87
N GLY YA 44 -23.40 4.03 -102.84
CA GLY YA 44 -22.81 5.34 -103.00
C GLY YA 44 -23.14 6.31 -101.89
N LYS YA 45 -22.68 6.00 -100.67
CA LYS YA 45 -22.90 6.85 -99.49
C LYS YA 45 -24.39 7.07 -99.23
N THR YA 46 -25.22 6.13 -99.65
CA THR YA 46 -26.66 6.19 -99.44
C THR YA 46 -27.11 4.93 -98.73
N THR YA 47 -27.84 5.08 -97.64
CA THR YA 47 -28.34 3.97 -96.85
C THR YA 47 -29.84 3.86 -97.03
N ILE YA 48 -30.30 2.69 -97.47
CA ILE YA 48 -31.72 2.41 -97.65
C ILE YA 48 -32.10 1.33 -96.64
N ILE YA 49 -33.02 1.64 -95.74
CA ILE YA 49 -33.52 0.70 -94.75
C ILE YA 49 -34.96 0.39 -95.09
N GLU YA 50 -35.27 -0.89 -95.31
CA GLU YA 50 -36.60 -1.29 -95.74
C GLU YA 50 -37.09 -2.47 -94.91
N GLY YA 51 -38.40 -2.54 -94.73
CA GLY YA 51 -39.03 -3.66 -94.06
C GLY YA 51 -39.77 -4.53 -95.05
N ARG YA 52 -39.47 -5.84 -95.02
CA ARG YA 52 -40.05 -6.79 -95.94
C ARG YA 52 -40.85 -7.82 -95.14
N ILE YA 53 -42.06 -8.11 -95.61
CA ILE YA 53 -42.95 -9.04 -94.93
C ILE YA 53 -42.96 -10.36 -95.69
N THR YA 54 -42.67 -11.45 -94.99
CA THR YA 54 -42.64 -12.78 -95.56
C THR YA 54 -43.81 -13.60 -95.03
N GLU YA 55 -44.12 -14.68 -95.73
CA GLU YA 55 -45.22 -15.56 -95.33
C GLU YA 55 -44.84 -16.32 -94.07
N THR YA 56 -45.82 -16.53 -93.19
CA THR YA 56 -45.59 -17.20 -91.93
C THR YA 56 -46.56 -18.36 -91.75
N PRO YA 57 -46.12 -19.45 -91.12
CA PRO YA 57 -47.04 -20.57 -90.87
C PRO YA 57 -48.12 -20.18 -89.87
N GLN YA 58 -49.28 -20.83 -90.01
CA GLN YA 58 -50.43 -20.56 -89.16
C GLN YA 58 -50.70 -21.74 -88.24
N GLU YA 59 -51.64 -21.54 -87.32
CA GLU YA 59 -52.00 -22.58 -86.36
C GLU YA 59 -52.77 -23.71 -87.06
N SER YA 60 -52.65 -24.91 -86.50
CA SER YA 60 -53.34 -26.06 -87.06
C SER YA 60 -54.86 -25.87 -86.93
N PRO YA 61 -55.63 -26.35 -87.90
CA PRO YA 61 -57.08 -26.05 -87.89
C PRO YA 61 -57.82 -26.62 -86.70
N ASN YA 62 -57.42 -27.79 -86.20
CA ASN YA 62 -58.21 -28.49 -85.18
C ASN YA 62 -57.42 -28.64 -83.88
N PRO YA 63 -57.63 -27.79 -82.90
CA PRO YA 63 -57.06 -28.02 -81.56
C PRO YA 63 -57.96 -28.94 -80.77
N PRO YA 64 -57.38 -29.78 -79.91
CA PRO YA 64 -58.22 -30.70 -79.10
C PRO YA 64 -59.20 -29.98 -78.18
N ASN YA 65 -58.82 -28.81 -77.66
CA ASN YA 65 -59.68 -28.03 -76.77
C ASN YA 65 -59.79 -26.62 -77.31
N PRO YA 66 -60.70 -26.38 -78.25
CA PRO YA 66 -60.86 -25.01 -78.78
C PRO YA 66 -61.31 -24.00 -77.73
N THR YA 67 -61.92 -24.46 -76.64
CA THR YA 67 -62.44 -23.57 -75.60
C THR YA 67 -61.34 -22.93 -74.76
N GLY YA 68 -60.10 -23.41 -74.85
CA GLY YA 68 -59.03 -22.86 -74.04
C GLY YA 68 -58.49 -21.56 -74.62
N GLN YA 69 -58.37 -20.55 -73.76
CA GLN YA 69 -57.84 -19.27 -74.20
C GLN YA 69 -56.34 -19.35 -74.48
N CYS YA 70 -55.60 -20.00 -73.60
CA CYS YA 70 -54.15 -20.15 -73.67
C CYS YA 70 -53.77 -21.17 -74.74
N PRO YA 71 -52.68 -20.95 -75.47
CA PRO YA 71 -52.31 -21.91 -76.52
C PRO YA 71 -51.99 -23.30 -76.00
N ILE YA 72 -51.08 -23.41 -75.03
CA ILE YA 72 -50.73 -24.72 -74.48
C ILE YA 72 -51.92 -25.31 -73.73
N CYS YA 73 -52.62 -24.47 -72.96
CA CYS YA 73 -53.77 -24.91 -72.18
C CYS YA 73 -54.91 -25.39 -73.08
N ARG YA 74 -54.97 -24.95 -74.33
CA ARG YA 74 -55.99 -25.38 -75.27
C ARG YA 74 -55.52 -26.53 -76.16
N TRP YA 75 -54.21 -26.69 -76.34
CA TRP YA 75 -53.68 -27.85 -77.04
C TRP YA 75 -53.39 -29.01 -76.10
N ASN YA 76 -53.69 -28.85 -74.81
CA ASN YA 76 -53.61 -29.93 -73.82
C ASN YA 76 -52.18 -30.44 -73.67
N LEU YA 77 -51.21 -29.55 -73.84
CA LEU YA 77 -49.82 -29.86 -73.59
C LEU YA 77 -49.37 -29.41 -72.21
N LYS YA 78 -50.29 -28.89 -71.40
CA LYS YA 78 -49.96 -28.49 -70.05
C LYS YA 78 -49.61 -29.71 -69.20
N HIS YA 79 -48.56 -29.57 -68.40
CA HIS YA 79 -48.04 -30.67 -67.57
C HIS YA 79 -47.59 -31.84 -68.43
N LYS YA 80 -47.20 -31.57 -69.67
CA LYS YA 80 -46.75 -32.61 -70.60
C LYS YA 80 -45.37 -32.34 -71.18
N TYR YA 81 -45.04 -31.08 -71.47
CA TYR YA 81 -43.79 -30.76 -72.12
C TYR YA 81 -42.63 -30.83 -71.13
N ASN YA 82 -41.42 -30.88 -71.67
CA ASN YA 82 -40.19 -30.97 -70.89
C ASN YA 82 -39.05 -30.47 -71.78
N TYR YA 83 -37.83 -30.47 -71.23
CA TYR YA 83 -36.66 -30.08 -72.02
C TYR YA 83 -36.42 -31.01 -73.19
N GLU YA 84 -36.85 -32.26 -73.10
CA GLU YA 84 -36.67 -33.21 -74.19
C GLU YA 84 -37.55 -32.86 -75.38
N ASP YA 85 -38.74 -32.31 -75.14
CA ASP YA 85 -39.66 -31.95 -76.21
C ASP YA 85 -39.15 -30.66 -76.88
N VAL YA 86 -38.39 -30.84 -77.95
CA VAL YA 86 -37.83 -29.69 -78.66
C VAL YA 86 -38.79 -29.12 -79.69
N LEU YA 87 -39.68 -29.97 -80.24
CA LEU YA 87 -40.60 -29.51 -81.28
C LEU YA 87 -41.55 -28.43 -80.77
N LEU YA 88 -41.92 -28.47 -79.49
CA LEU YA 88 -42.76 -27.44 -78.92
C LEU YA 88 -41.98 -26.20 -78.50
N LEU YA 89 -40.78 -26.39 -77.94
CA LEU YA 89 -39.98 -25.26 -77.50
C LEU YA 89 -39.46 -24.45 -78.68
N SER YA 90 -39.23 -25.09 -79.83
CA SER YA 90 -38.70 -24.38 -80.99
C SER YA 90 -39.75 -23.59 -81.74
N GLN YA 91 -41.03 -23.73 -81.39
CA GLN YA 91 -42.08 -23.02 -82.12
C GLN YA 91 -41.94 -21.51 -81.97
N PHE YA 92 -41.68 -21.04 -80.75
CA PHE YA 92 -41.57 -19.61 -80.48
C PHE YA 92 -40.25 -19.33 -79.75
N ILE YA 93 -39.19 -19.16 -80.54
CA ILE YA 93 -37.91 -18.67 -80.05
C ILE YA 93 -37.22 -17.94 -81.19
N ARG YA 94 -36.44 -16.93 -80.86
CA ARG YA 94 -35.73 -16.17 -81.87
C ARG YA 94 -34.63 -17.02 -82.50
N PRO YA 95 -34.26 -16.73 -83.75
CA PRO YA 95 -33.22 -17.54 -84.42
C PRO YA 95 -31.87 -17.50 -83.71
N HIS YA 96 -31.61 -16.48 -82.90
CA HIS YA 96 -30.38 -16.40 -82.13
C HIS YA 96 -30.53 -17.01 -80.74
N GLY YA 97 -31.58 -17.80 -80.52
CA GLY YA 97 -31.82 -18.43 -79.23
C GLY YA 97 -32.53 -17.56 -78.21
N GLY YA 98 -32.94 -16.35 -78.58
CA GLY YA 98 -33.60 -15.48 -77.62
C GLY YA 98 -35.03 -15.90 -77.33
N MET YA 99 -35.54 -15.40 -76.21
CA MET YA 99 -36.91 -15.69 -75.81
C MET YA 99 -37.88 -14.78 -76.55
N LEU YA 100 -39.17 -15.14 -76.49
CA LEU YA 100 -40.19 -14.36 -77.16
C LEU YA 100 -41.14 -13.73 -76.13
N PRO YA 101 -41.56 -12.49 -76.36
CA PRO YA 101 -42.44 -11.82 -75.38
C PRO YA 101 -43.76 -12.54 -75.19
N ARG YA 102 -44.23 -12.53 -73.94
CA ARG YA 102 -45.50 -13.16 -73.61
C ARG YA 102 -46.67 -12.40 -74.21
N ARG YA 103 -46.58 -11.07 -74.30
CA ARG YA 103 -47.66 -10.29 -74.89
C ARG YA 103 -47.87 -10.65 -76.35
N ILE YA 104 -46.87 -11.21 -77.02
CA ILE YA 104 -47.00 -11.69 -78.39
C ILE YA 104 -47.34 -13.16 -78.45
N THR YA 105 -46.76 -13.96 -77.54
CA THR YA 105 -47.00 -15.40 -77.56
C THR YA 105 -48.43 -15.74 -77.14
N GLY YA 106 -48.85 -15.26 -75.98
CA GLY YA 106 -50.20 -15.50 -75.48
C GLY YA 106 -50.31 -16.53 -74.38
N LEU YA 107 -49.20 -17.06 -73.88
CA LEU YA 107 -49.25 -18.08 -72.85
C LEU YA 107 -49.60 -17.47 -71.49
N CYS YA 108 -50.08 -18.32 -70.59
CA CYS YA 108 -50.23 -17.93 -69.20
C CYS YA 108 -48.86 -17.75 -68.56
N GLN YA 109 -48.83 -17.01 -67.45
CA GLN YA 109 -47.56 -16.65 -66.84
C GLN YA 109 -46.77 -17.87 -66.40
N GLU YA 110 -47.44 -18.85 -65.77
CA GLU YA 110 -46.74 -20.03 -65.27
C GLU YA 110 -46.14 -20.83 -66.41
N GLU YA 111 -46.91 -21.06 -67.48
CA GLU YA 111 -46.38 -21.82 -68.61
C GLU YA 111 -45.29 -21.04 -69.32
N HIS YA 112 -45.40 -19.71 -69.37
CA HIS YA 112 -44.35 -18.90 -69.96
C HIS YA 112 -43.05 -19.08 -69.20
N LEU YA 113 -43.11 -19.01 -67.86
CA LEU YA 113 -41.91 -19.20 -67.06
C LEU YA 113 -41.35 -20.61 -67.22
N LYS YA 114 -42.23 -21.62 -67.23
CA LYS YA 114 -41.78 -23.01 -67.38
C LYS YA 114 -41.10 -23.22 -68.73
N ILE YA 115 -41.68 -22.67 -69.80
CA ILE YA 115 -41.09 -22.83 -71.12
C ILE YA 115 -39.78 -22.06 -71.24
N GLU YA 116 -39.69 -20.90 -70.60
CA GLU YA 116 -38.40 -20.19 -70.56
C GLU YA 116 -37.34 -21.03 -69.88
N GLU YA 117 -37.70 -21.65 -68.74
CA GLU YA 117 -36.76 -22.51 -68.04
C GLU YA 117 -36.36 -23.70 -68.91
N CYS YA 118 -37.33 -24.31 -69.60
CA CYS YA 118 -37.02 -25.45 -70.46
C CYS YA 118 -36.13 -25.05 -71.62
N VAL YA 119 -36.35 -23.87 -72.20
CA VAL YA 119 -35.49 -23.40 -73.29
C VAL YA 119 -34.08 -23.16 -72.79
N LYS YA 120 -33.93 -22.55 -71.61
CA LYS YA 120 -32.60 -22.35 -71.04
C LYS YA 120 -31.92 -23.70 -70.78
N MET YA 121 -32.67 -24.66 -70.25
CA MET YA 121 -32.10 -25.97 -69.98
C MET YA 121 -31.65 -26.66 -71.26
N ALA YA 122 -32.47 -26.58 -72.32
CA ALA YA 122 -32.09 -27.19 -73.58
C ALA YA 122 -30.86 -26.51 -74.18
N HIS YA 123 -30.79 -25.19 -74.12
CA HIS YA 123 -29.63 -24.48 -74.65
C HIS YA 123 -28.37 -24.85 -73.90
N ARG YA 124 -28.45 -24.96 -72.57
CA ARG YA 124 -27.29 -25.36 -71.79
C ARG YA 124 -26.93 -26.82 -72.05
N ALA YA 125 -27.92 -27.68 -72.29
CA ALA YA 125 -27.66 -29.08 -72.56
C ALA YA 125 -27.07 -29.32 -73.93
N GLY YA 126 -27.32 -28.41 -74.88
CA GLY YA 126 -26.79 -28.55 -76.22
C GLY YA 126 -27.82 -28.76 -77.32
N LEU YA 127 -29.10 -28.71 -77.00
CA LEU YA 127 -30.14 -28.83 -78.01
C LEU YA 127 -30.27 -27.53 -78.79
N LEU YA 128 -31.08 -27.54 -79.84
CA LEU YA 128 -31.26 -26.42 -80.74
C LEU YA 128 -29.91 -25.96 -81.30
N PRO YA 129 -29.21 -26.83 -82.05
CA PRO YA 129 -27.87 -26.46 -82.54
C PRO YA 129 -27.91 -25.32 -83.55
N ASN YA 130 -29.00 -25.23 -84.29
CA ASN YA 130 -29.12 -24.25 -85.37
C ASN YA 130 -29.60 -22.89 -84.89
N HIS YA 131 -29.91 -22.74 -83.60
CA HIS YA 131 -30.39 -21.49 -83.04
C HIS YA 131 -29.29 -20.67 -82.38
N ARG YA 132 -28.05 -20.83 -82.83
CA ARG YA 132 -26.95 -20.04 -82.31
C ARG YA 132 -26.50 -19.01 -83.36
N PRO YA 133 -26.01 -17.85 -82.91
CA PRO YA 133 -25.48 -16.87 -83.86
C PRO YA 133 -24.30 -17.43 -84.63
N LYS YA 134 -24.24 -17.05 -85.91
CA LYS YA 134 -23.16 -17.51 -86.79
C LYS YA 134 -21.99 -16.53 -86.69
N LEU YA 135 -20.86 -17.03 -86.19
CA LEU YA 135 -19.66 -16.23 -86.02
C LEU YA 135 -18.52 -16.85 -86.81
N PRO YA 136 -18.26 -16.40 -88.04
CA PRO YA 136 -17.19 -17.02 -88.84
C PRO YA 136 -15.81 -16.89 -88.22
N GLU YA 137 -15.56 -15.83 -87.45
CA GLU YA 137 -14.23 -15.62 -86.85
C GLU YA 137 -14.01 -16.51 -85.63
N GLY YA 138 -15.07 -16.77 -84.86
CA GLY YA 138 -14.92 -17.50 -83.62
C GLY YA 138 -15.02 -19.01 -83.73
N PHE YA 139 -15.46 -19.52 -84.88
CA PHE YA 139 -15.61 -20.97 -85.03
C PHE YA 139 -14.30 -21.66 -85.40
N VAL YA 140 -13.28 -20.92 -85.78
CA VAL YA 140 -11.97 -21.50 -86.09
C VAL YA 140 -11.20 -21.80 -84.80
N PRO YA 141 -11.08 -20.85 -83.83
CA PRO YA 141 -10.35 -21.21 -82.60
C PRO YA 141 -11.16 -22.10 -81.67
N LYS YA 142 -11.08 -23.40 -81.92
CA LYS YA 142 -11.80 -24.37 -81.11
C LYS YA 142 -11.26 -24.36 -79.68
N SER YA 143 -12.15 -24.69 -78.74
CA SER YA 143 -11.84 -24.73 -77.32
C SER YA 143 -11.97 -26.18 -76.83
N LYS YA 144 -12.04 -26.33 -75.52
CA LYS YA 144 -12.24 -27.65 -74.93
C LYS YA 144 -13.59 -28.22 -75.38
N PRO YA 145 -13.68 -29.54 -75.57
CA PRO YA 145 -14.94 -30.13 -76.02
C PRO YA 145 -16.08 -29.88 -75.03
N ARG YA 146 -17.27 -29.64 -75.57
CA ARG YA 146 -18.43 -29.34 -74.74
C ARG YA 146 -18.81 -30.56 -73.92
N LEU YA 147 -18.83 -30.39 -72.60
CA LEU YA 147 -19.21 -31.46 -71.70
C LEU YA 147 -20.70 -31.76 -71.84
N ASN YA 148 -21.04 -33.03 -71.96
CA ASN YA 148 -22.43 -33.43 -72.11
C ASN YA 148 -23.17 -33.21 -70.80
N ARG YA 149 -24.33 -32.56 -70.86
CA ARG YA 149 -25.10 -32.25 -69.68
C ARG YA 149 -26.58 -32.20 -70.04
N TYR YA 150 -27.43 -32.34 -69.04
CA TYR YA 150 -28.86 -32.24 -69.22
C TYR YA 150 -29.51 -31.94 -67.87
N LEU YA 151 -30.71 -31.38 -67.92
CA LEU YA 151 -31.46 -31.00 -66.72
C LEU YA 151 -30.66 -30.05 -65.84
N THR YA 152 -29.88 -29.18 -66.47
CA THR YA 152 -29.05 -28.21 -65.75
C THR YA 152 -29.89 -27.02 -65.35
N ARG YA 153 -29.82 -26.63 -64.07
CA ARG YA 153 -30.66 -25.56 -63.56
C ARG YA 153 -29.96 -24.21 -63.62
N TRP YA 154 -28.76 -24.12 -63.05
CA TRP YA 154 -28.04 -22.86 -63.02
C TRP YA 154 -27.16 -22.72 -64.25
N SER YA 155 -26.44 -21.60 -64.33
CA SER YA 155 -25.47 -21.39 -65.39
C SER YA 155 -24.17 -22.11 -65.07
N PRO YA 156 -23.52 -22.72 -66.07
CA PRO YA 156 -22.25 -23.42 -65.82
C PRO YA 156 -21.13 -22.52 -65.34
N ARG YA 157 -21.20 -21.21 -65.61
CA ARG YA 157 -20.12 -20.28 -65.28
C ARG YA 157 -20.37 -19.51 -64.00
N SER YA 158 -21.40 -19.86 -63.23
CA SER YA 158 -21.76 -19.09 -62.05
C SER YA 158 -21.84 -19.90 -60.77
N VAL YA 159 -21.67 -21.21 -60.82
CA VAL YA 159 -21.79 -22.06 -59.63
C VAL YA 159 -20.40 -22.50 -59.20
N LYS YA 160 -20.04 -22.17 -57.96
CA LYS YA 160 -18.76 -22.56 -57.39
C LYS YA 160 -18.83 -23.98 -56.84
N PRO YA 161 -17.74 -24.75 -56.93
CA PRO YA 161 -17.76 -26.12 -56.39
C PRO YA 161 -17.98 -26.13 -54.89
N ILE YA 162 -18.68 -27.15 -54.42
CA ILE YA 162 -18.98 -27.32 -53.00
C ILE YA 162 -17.87 -28.18 -52.39
N TYR YA 163 -16.92 -27.53 -51.71
CA TYR YA 163 -15.80 -28.24 -51.11
C TYR YA 163 -16.17 -28.95 -49.81
N ASN YA 164 -17.25 -28.54 -49.14
CA ASN YA 164 -17.64 -29.13 -47.88
C ASN YA 164 -18.62 -30.28 -48.06
N LYS YA 165 -19.64 -30.09 -48.90
CA LYS YA 165 -20.58 -31.12 -49.32
C LYS YA 165 -21.50 -31.55 -48.18
N GLY YA 166 -21.25 -31.05 -46.97
CA GLY YA 166 -22.12 -31.34 -45.84
C GLY YA 166 -22.08 -32.77 -45.35
N HIS YA 167 -22.51 -32.99 -44.10
CA HIS YA 167 -22.58 -34.33 -43.53
C HIS YA 167 -23.92 -34.96 -43.87
N ARG YA 168 -24.24 -36.08 -43.22
CA ARG YA 168 -25.48 -36.79 -43.52
C ARG YA 168 -26.69 -35.97 -43.12
N TRP YA 169 -26.71 -35.40 -41.91
CA TRP YA 169 -27.88 -34.67 -41.45
C TRP YA 169 -28.01 -33.33 -42.15
N ASN YA 170 -26.91 -32.59 -42.31
CA ASN YA 170 -26.90 -31.33 -43.03
C ASN YA 170 -26.04 -31.51 -44.28
N LYS YA 171 -26.69 -31.67 -45.43
CA LYS YA 171 -25.99 -31.93 -46.69
C LYS YA 171 -26.44 -30.91 -47.72
N VAL YA 172 -25.48 -30.34 -48.44
CA VAL YA 172 -25.77 -29.38 -49.50
C VAL YA 172 -26.13 -30.17 -50.76
N ARG YA 173 -27.41 -30.43 -50.95
CA ARG YA 173 -27.87 -31.23 -52.08
C ARG YA 173 -27.67 -30.47 -53.39
N MET YA 174 -27.39 -31.22 -54.44
CA MET YA 174 -27.12 -30.64 -55.76
C MET YA 174 -28.43 -30.52 -56.53
N PRO YA 175 -28.87 -29.31 -56.87
CA PRO YA 175 -30.15 -29.17 -57.58
C PRO YA 175 -30.05 -29.63 -59.03
N VAL YA 176 -31.06 -30.40 -59.45
CA VAL YA 176 -31.16 -30.89 -60.81
C VAL YA 176 -32.56 -30.60 -61.32
N GLY YA 177 -32.66 -29.95 -62.47
CA GLY YA 177 -33.95 -29.63 -63.06
C GLY YA 177 -34.58 -28.38 -62.45
N SER YA 178 -35.58 -27.87 -63.15
CA SER YA 178 -36.23 -26.66 -62.65
C SER YA 178 -37.41 -27.04 -61.76
N PRO YA 179 -37.58 -26.35 -60.63
CA PRO YA 179 -38.73 -26.65 -59.75
C PRO YA 179 -40.07 -26.34 -60.38
N LEU YA 180 -40.12 -25.52 -61.43
CA LEU YA 180 -41.40 -25.20 -62.07
C LEU YA 180 -42.01 -26.40 -62.77
N LEU YA 181 -41.25 -27.47 -62.97
CA LEU YA 181 -41.73 -28.66 -63.66
C LEU YA 181 -42.20 -29.75 -62.69
N LYS YA 182 -42.43 -29.39 -61.42
CA LYS YA 182 -42.88 -30.38 -60.45
C LYS YA 182 -44.33 -30.78 -60.62
N ASP YA 183 -45.09 -30.06 -61.44
CA ASP YA 183 -46.50 -30.35 -61.67
C ASP YA 183 -46.73 -31.22 -62.89
N ASN YA 184 -45.68 -31.70 -63.53
CA ASN YA 184 -45.83 -32.56 -64.69
C ASN YA 184 -46.42 -33.91 -64.27
N VAL YA 185 -47.09 -34.56 -65.22
CA VAL YA 185 -47.71 -35.84 -64.95
C VAL YA 185 -46.64 -36.89 -64.69
N SER YA 186 -46.82 -37.68 -63.63
CA SER YA 186 -45.91 -38.74 -63.26
C SER YA 186 -46.64 -40.07 -63.41
N TYR YA 187 -46.38 -40.77 -64.52
CA TYR YA 187 -46.99 -42.08 -64.72
C TYR YA 187 -46.52 -43.08 -63.67
N SER YA 188 -45.24 -43.05 -63.32
CA SER YA 188 -44.75 -43.92 -62.27
C SER YA 188 -45.31 -43.53 -60.91
N GLY YA 189 -45.61 -42.24 -60.70
CA GLY YA 189 -46.15 -41.74 -59.47
C GLY YA 189 -45.12 -41.25 -58.48
N ARG YA 190 -43.85 -41.58 -58.68
CA ARG YA 190 -42.80 -41.12 -57.78
C ARG YA 190 -42.51 -39.65 -58.03
N PRO YA 191 -42.41 -38.86 -56.96
CA PRO YA 191 -42.10 -37.43 -57.14
C PRO YA 191 -40.72 -37.25 -57.75
N LEU YA 192 -40.60 -36.18 -58.53
CA LEU YA 192 -39.35 -35.88 -59.23
C LEU YA 192 -38.34 -35.30 -58.24
N LEU YA 193 -37.17 -35.92 -58.15
CA LEU YA 193 -36.13 -35.45 -57.23
C LEU YA 193 -35.46 -34.22 -57.82
N LEU YA 194 -35.78 -33.05 -57.27
CA LEU YA 194 -35.23 -31.79 -57.76
C LEU YA 194 -33.87 -31.46 -57.17
N TYR YA 195 -33.43 -32.19 -56.16
CA TYR YA 195 -32.16 -31.92 -55.49
C TYR YA 195 -31.47 -33.25 -55.22
N HIS YA 196 -30.44 -33.56 -56.01
CA HIS YA 196 -29.65 -34.76 -55.80
C HIS YA 196 -28.25 -34.62 -56.39
N PHE AB 63 -17.38 -1.23 -54.08
CA PHE AB 63 -18.47 -2.14 -53.78
C PHE AB 63 -18.67 -2.31 -52.27
N LYS AB 64 -19.93 -2.40 -51.86
CA LYS AB 64 -20.28 -2.69 -50.48
C LYS AB 64 -21.10 -3.96 -50.44
N THR AB 65 -20.67 -4.92 -49.61
CA THR AB 65 -21.36 -6.19 -49.46
C THR AB 65 -22.45 -6.04 -48.41
N LYS AB 66 -23.68 -6.33 -48.78
CA LYS AB 66 -24.82 -6.22 -47.90
C LYS AB 66 -25.71 -7.45 -48.01
N GLY AB 67 -26.53 -7.65 -46.98
CA GLY AB 67 -27.51 -8.73 -47.00
C GLY AB 67 -28.80 -8.33 -47.69
N VAL AB 68 -29.13 -7.04 -47.63
CA VAL AB 68 -30.30 -6.49 -48.28
C VAL AB 68 -29.85 -5.31 -49.14
N LEU AB 69 -30.28 -5.30 -50.40
CA LEU AB 69 -29.91 -4.24 -51.34
C LEU AB 69 -31.09 -3.31 -51.56
N LYS AB 70 -30.79 -2.01 -51.57
CA LYS AB 70 -31.81 -0.99 -51.84
C LYS AB 70 -31.19 0.13 -52.64
N LYS AB 71 -31.99 0.70 -53.55
CA LYS AB 71 -31.50 1.77 -54.41
C LYS AB 71 -31.41 3.07 -53.63
N ARG AB 72 -30.25 3.73 -53.73
CA ARG AB 72 -30.04 5.03 -53.10
C ARG AB 72 -30.36 6.20 -54.01
N CYS AB 73 -30.64 5.94 -55.29
CA CYS AB 73 -31.07 6.98 -56.21
C CYS AB 73 -31.84 6.32 -57.34
N ARG AB 74 -32.40 7.16 -58.22
CA ARG AB 74 -33.26 6.66 -59.30
C ARG AB 74 -32.48 6.04 -60.45
N ASP AB 75 -31.17 6.21 -60.50
CA ASP AB 75 -30.36 5.66 -61.59
C ASP AB 75 -29.71 4.34 -61.24
N CYS AB 76 -29.90 3.82 -60.03
CA CYS AB 76 -29.39 2.52 -59.66
C CYS AB 76 -30.25 1.43 -60.27
N TYR AB 77 -29.61 0.43 -60.87
CA TYR AB 77 -30.31 -0.70 -61.47
C TYR AB 77 -29.80 -2.00 -60.87
N LEU AB 78 -30.72 -2.95 -60.67
CA LEU AB 78 -30.42 -4.24 -60.07
C LEU AB 78 -30.26 -5.28 -61.16
N VAL AB 79 -29.15 -6.02 -61.11
CA VAL AB 79 -28.86 -7.03 -62.12
C VAL AB 79 -28.33 -8.28 -61.44
N LYS AB 80 -28.74 -9.44 -61.94
CA LYS AB 80 -28.29 -10.73 -61.41
C LYS AB 80 -27.09 -11.18 -62.24
N ARG AB 81 -25.91 -11.21 -61.60
CA ARG AB 81 -24.68 -11.58 -62.27
C ARG AB 81 -23.85 -12.47 -61.35
N ARG AB 82 -23.17 -13.45 -61.96
CA ARG AB 82 -22.29 -14.37 -61.23
C ARG AB 82 -23.01 -15.09 -60.10
N GLY AB 83 -24.32 -15.27 -60.22
CA GLY AB 83 -25.10 -15.92 -59.20
C GLY AB 83 -25.50 -15.05 -58.03
N ARG AB 84 -25.15 -13.76 -58.05
CA ARG AB 84 -25.51 -12.83 -57.00
C ARG AB 84 -26.28 -11.66 -57.58
N TRP AB 85 -26.74 -10.78 -56.70
CA TRP AB 85 -27.45 -9.57 -57.10
C TRP AB 85 -26.56 -8.35 -56.89
N PHE AB 86 -26.64 -7.41 -57.84
CA PHE AB 86 -25.78 -6.23 -57.81
C PHE AB 86 -26.61 -5.00 -58.12
N ILE AB 87 -26.58 -4.04 -57.22
CA ILE AB 87 -27.12 -2.70 -57.46
C ILE AB 87 -25.97 -1.88 -58.04
N TYR AB 88 -26.06 -1.57 -59.33
CA TYR AB 88 -25.06 -0.79 -60.04
C TYR AB 88 -25.58 0.62 -60.28
N CYS AB 89 -24.73 1.61 -60.01
CA CYS AB 89 -25.05 3.01 -60.26
C CYS AB 89 -23.90 3.65 -61.01
N LYS AB 90 -24.22 4.41 -62.05
CA LYS AB 90 -23.21 5.08 -62.84
C LYS AB 90 -22.98 6.52 -62.40
N THR AB 91 -24.05 7.23 -62.05
CA THR AB 91 -23.90 8.61 -61.59
C THR AB 91 -23.15 8.67 -60.26
N ASN AB 92 -23.52 7.79 -59.33
CA ASN AB 92 -22.83 7.71 -58.03
C ASN AB 92 -22.15 6.37 -57.91
N PRO AB 93 -20.85 6.27 -58.18
CA PRO AB 93 -20.16 4.97 -58.06
C PRO AB 93 -20.16 4.40 -56.66
N LYS AB 94 -20.37 5.22 -55.63
CA LYS AB 94 -20.40 4.74 -54.25
C LYS AB 94 -21.62 3.89 -53.94
N HIS AB 95 -22.61 3.85 -54.84
CA HIS AB 95 -23.84 3.10 -54.62
C HIS AB 95 -23.73 1.64 -55.05
N LYS AB 96 -22.54 1.18 -55.41
CA LYS AB 96 -22.34 -0.20 -55.85
C LYS AB 96 -22.58 -1.14 -54.68
N GLN AB 97 -23.64 -1.94 -54.76
CA GLN AB 97 -24.02 -2.86 -53.70
C GLN AB 97 -24.02 -4.29 -54.22
N ARG AB 98 -23.53 -5.21 -53.40
CA ARG AB 98 -23.43 -6.62 -53.76
C ARG AB 98 -24.14 -7.44 -52.68
N GLN AB 99 -25.11 -8.25 -53.09
CA GLN AB 99 -25.84 -9.11 -52.16
C GLN AB 99 -24.97 -10.30 -51.80
N MET AB 100 -24.76 -10.50 -50.50
CA MET AB 100 -23.94 -11.61 -50.03
C MET AB 100 -24.77 -12.88 -49.90
N ASN EB 55 42.32 123.04 30.90
CA ASN EB 55 42.54 121.65 30.52
C ASN EB 55 44.02 121.30 30.51
N ASP EB 56 44.85 122.27 30.14
CA ASP EB 56 46.29 122.05 30.12
C ASP EB 56 46.84 121.84 31.53
N LEU EB 57 46.31 122.57 32.52
CA LEU EB 57 46.76 122.39 33.89
C LEU EB 57 46.17 121.15 34.55
N ARG EB 58 45.13 120.56 33.95
CA ARG EB 58 44.51 119.38 34.56
C ARG EB 58 45.38 118.13 34.38
N ASP EB 59 46.01 117.98 33.21
CA ASP EB 59 46.85 116.80 32.99
C ASP EB 59 48.10 116.82 33.87
N ARG EB 60 48.57 118.02 34.24
CA ARG EB 60 49.72 118.12 35.14
C ARG EB 60 49.42 117.55 36.51
N ILE EB 61 48.21 117.75 37.02
CA ILE EB 61 47.83 117.20 38.32
C ILE EB 61 47.89 115.68 38.28
N LEU EB 62 47.38 115.07 37.21
CA LEU EB 62 47.41 113.62 37.10
C LEU EB 62 48.83 113.09 36.88
N SER EB 63 49.66 113.83 36.13
CA SER EB 63 51.01 113.38 35.83
C SER EB 63 51.99 113.61 36.96
N GLU EB 64 51.65 114.47 37.93
CA GLU EB 64 52.59 114.73 39.03
C GLU EB 64 52.90 113.47 39.84
N PRO EB 65 51.93 112.71 40.36
CA PRO EB 65 52.28 111.55 41.20
C PRO EB 65 52.94 110.41 40.44
N LEU EB 66 52.75 110.32 39.13
CA LEU EB 66 53.33 109.22 38.36
C LEU EB 66 54.83 109.36 38.19
N LYS EB 67 55.39 110.54 38.40
CA LYS EB 67 56.82 110.78 38.25
C LYS EB 67 57.61 110.51 39.51
N HIS EB 68 56.95 110.17 40.62
CA HIS EB 68 57.63 109.91 41.88
C HIS EB 68 57.28 108.52 42.38
N ALA EB 69 58.26 107.84 42.97
CA ALA EB 69 58.05 106.48 43.44
C ALA EB 69 57.21 106.45 44.71
N ASP EB 70 57.66 107.15 45.76
CA ASP EB 70 56.94 107.21 47.02
C ASP EB 70 56.29 108.59 47.13
N PHE EB 71 55.22 108.78 46.35
CA PHE EB 71 54.57 110.09 46.30
C PHE EB 71 53.86 110.42 47.60
N PHE EB 72 53.21 109.44 48.21
CA PHE EB 72 52.41 109.67 49.42
C PHE EB 72 53.16 109.30 50.70
N ASN EB 73 54.42 108.89 50.61
CA ASN EB 73 55.24 108.54 51.78
C ASN EB 73 54.57 107.44 52.61
N LEU EB 74 54.42 106.27 51.98
CA LEU EB 74 53.77 105.12 52.59
C LEU EB 74 54.75 104.19 53.28
N LYS EB 75 56.06 104.46 53.21
CA LYS EB 75 57.03 103.58 53.83
C LYS EB 75 56.93 103.61 55.35
N GLU EB 76 56.65 104.78 55.92
CA GLU EB 76 56.56 104.91 57.37
C GLU EB 76 55.35 104.21 57.96
N LEU EB 77 54.37 103.85 57.14
CA LEU EB 77 53.13 103.25 57.64
C LEU EB 77 53.34 101.88 58.27
N PHE EB 78 54.33 101.12 57.82
CA PHE EB 78 54.53 99.77 58.32
C PHE EB 78 55.99 99.39 58.16
N SER EB 79 56.34 98.24 58.72
CA SER EB 79 57.69 97.69 58.63
C SER EB 79 57.59 96.18 58.83
N VAL EB 80 58.75 95.51 58.79
CA VAL EB 80 58.77 94.07 59.01
C VAL EB 80 58.31 93.73 60.42
N ARG EB 81 58.77 94.48 61.42
CA ARG EB 81 58.35 94.24 62.79
C ARG EB 81 56.88 94.54 63.02
N SER EB 82 56.35 95.57 62.35
CA SER EB 82 54.93 95.88 62.46
C SER EB 82 54.06 94.74 61.93
N LEU EB 83 54.45 94.16 60.79
CA LEU EB 83 53.75 92.98 60.29
C LEU EB 83 53.94 91.78 61.21
N PHE EB 84 55.14 91.61 61.77
CA PHE EB 84 55.40 90.47 62.65
C PHE EB 84 54.54 90.53 63.91
N ASP EB 85 54.36 91.72 64.48
CA ASP EB 85 53.56 91.88 65.68
C ASP EB 85 52.07 91.61 65.46
N ALA EB 86 51.61 91.56 64.21
CA ALA EB 86 50.20 91.36 63.89
C ALA EB 86 49.90 89.94 63.43
N ARG EB 87 50.83 89.00 63.65
CA ARG EB 87 50.66 87.59 63.29
C ARG EB 87 50.42 87.41 61.79
N VAL EB 88 50.97 88.32 60.97
CA VAL EB 88 50.77 88.24 59.53
C VAL EB 88 51.51 87.05 58.95
N HIS EB 89 52.71 86.74 59.46
CA HIS EB 89 53.55 85.70 58.89
C HIS EB 89 52.97 84.29 59.06
N LEU EB 90 51.93 84.13 59.86
CA LEU EB 90 51.37 82.82 60.19
C LEU EB 90 50.28 82.45 59.19
N GLY EB 91 50.39 81.25 58.62
CA GLY EB 91 49.39 80.76 57.70
C GLY EB 91 48.75 79.46 58.15
N HIS EB 92 48.01 78.80 57.26
CA HIS EB 92 47.32 77.57 57.60
C HIS EB 92 48.32 76.42 57.67
N LYS EB 93 47.80 75.21 57.86
CA LYS EB 93 48.64 74.03 57.93
C LYS EB 93 49.17 73.66 56.55
N ALA EB 94 50.08 72.69 56.51
CA ALA EB 94 50.66 72.26 55.25
C ALA EB 94 49.64 71.60 54.34
N GLY EB 95 48.64 70.93 54.92
CA GLY EB 95 47.63 70.27 54.10
C GLY EB 95 46.70 71.23 53.41
N CYS EB 96 46.57 72.45 53.94
CA CYS EB 96 45.74 73.48 53.34
C CYS EB 96 46.52 74.39 52.40
N ARG EB 97 47.80 74.12 52.19
CA ARG EB 97 48.62 74.97 51.34
C ARG EB 97 48.19 74.84 49.88
N HIS EB 98 47.97 75.98 49.23
CA HIS EB 98 47.70 75.97 47.80
C HIS EB 98 49.01 75.79 47.03
N ARG EB 99 48.89 75.24 45.82
CA ARG EB 99 50.09 74.95 45.03
C ARG EB 99 50.80 76.23 44.61
N PHE EB 100 50.06 77.31 44.36
CA PHE EB 100 50.64 78.57 43.90
C PHE EB 100 51.16 79.42 45.05
N MET EB 101 51.02 78.97 46.30
CA MET EB 101 51.51 79.70 47.45
C MET EB 101 52.92 79.28 47.86
N GLU EB 102 53.52 78.31 47.17
CA GLU EB 102 54.87 77.90 47.52
C GLU EB 102 55.89 79.01 47.41
N PRO EB 103 55.95 79.81 46.33
CA PRO EB 103 56.92 80.91 46.30
C PRO EB 103 56.68 81.99 47.34
N TYR EB 104 55.46 82.09 47.89
CA TYR EB 104 55.12 83.10 48.88
C TYR EB 104 55.20 82.57 50.30
N LEU EB 105 55.95 81.49 50.52
CA LEU EB 105 56.11 80.91 51.85
C LEU EB 105 57.58 80.87 52.24
N PHE EB 106 57.85 81.17 53.51
CA PHE EB 106 59.21 81.10 54.04
C PHE EB 106 59.58 79.69 54.49
N GLY EB 107 58.61 78.93 54.98
CA GLY EB 107 58.87 77.58 55.42
C GLY EB 107 57.69 76.95 56.13
N SER EB 108 57.93 75.85 56.83
CA SER EB 108 56.88 75.15 57.58
C SER EB 108 57.40 74.88 58.98
N ARG EB 109 56.65 75.32 59.98
CA ARG EB 109 57.02 75.17 61.39
C ARG EB 109 56.08 74.15 62.01
N LEU EB 110 56.47 72.87 61.93
CA LEU EB 110 55.71 71.77 62.53
C LEU EB 110 54.27 71.73 62.00
N GLY EB 111 54.15 71.57 60.69
CA GLY EB 111 52.87 71.51 60.01
C GLY EB 111 52.32 72.85 59.55
N GLN EB 112 52.52 73.90 60.33
CA GLN EB 112 52.04 75.22 59.99
C GLN EB 112 53.05 75.94 59.10
N ASP EB 113 52.59 76.40 57.94
CA ASP EB 113 53.46 77.15 57.04
C ASP EB 113 53.62 78.59 57.51
N ILE EB 114 54.75 79.18 57.18
CA ILE EB 114 55.09 80.55 57.59
C ILE EB 114 55.29 81.38 56.34
N ILE EB 115 54.61 82.53 56.28
CA ILE EB 115 54.71 83.43 55.14
C ILE EB 115 55.91 84.36 55.34
N ASP EB 116 56.66 84.58 54.26
CA ASP EB 116 57.86 85.41 54.33
C ASP EB 116 57.47 86.88 54.35
N LEU EB 117 57.72 87.53 55.48
CA LEU EB 117 57.34 88.93 55.64
C LEU EB 117 58.15 89.88 54.76
N GLU EB 118 59.33 89.47 54.29
CA GLU EB 118 60.08 90.32 53.36
C GLU EB 118 59.30 90.51 52.07
N GLN EB 119 58.87 89.41 51.44
CA GLN EB 119 58.02 89.50 50.26
C GLN EB 119 56.64 90.04 50.59
N THR EB 120 56.13 89.78 51.80
CA THR EB 120 54.86 90.37 52.21
C THR EB 120 54.93 91.89 52.14
N ALA EB 121 55.97 92.49 52.73
CA ALA EB 121 56.13 93.93 52.69
C ALA EB 121 56.47 94.44 51.29
N ALA EB 122 57.23 93.66 50.52
CA ALA EB 122 57.54 94.07 49.15
C ALA EB 122 56.27 94.18 48.31
N HIS EB 123 55.35 93.22 48.46
CA HIS EB 123 54.07 93.32 47.77
C HIS EB 123 53.17 94.40 48.37
N LEU EB 124 53.23 94.58 49.70
CA LEU EB 124 52.36 95.55 50.36
C LEU EB 124 52.70 96.98 49.96
N GLN EB 125 53.98 97.29 49.78
CA GLN EB 125 54.34 98.63 49.33
C GLN EB 125 53.69 98.97 48.00
N LEU EB 126 53.82 98.08 47.01
CA LEU EB 126 53.19 98.32 45.71
C LEU EB 126 51.68 98.35 45.81
N ALA EB 127 51.08 97.46 46.62
CA ALA EB 127 49.63 97.44 46.76
C ALA EB 127 49.11 98.74 47.35
N LEU EB 128 49.77 99.25 48.40
CA LEU EB 128 49.35 100.51 49.00
C LEU EB 128 49.58 101.69 48.05
N ASN EB 129 50.68 101.68 47.30
CA ASN EB 129 50.90 102.76 46.35
C ASN EB 129 49.83 102.76 45.26
N PHE EB 130 49.48 101.58 44.74
CA PHE EB 130 48.42 101.49 43.75
C PHE EB 130 47.07 101.93 44.31
N THR EB 131 46.77 101.52 45.54
CA THR EB 131 45.51 101.93 46.17
C THR EB 131 45.46 103.44 46.37
N ALA EB 132 46.58 104.04 46.80
CA ALA EB 132 46.62 105.48 47.01
C ALA EB 132 46.48 106.25 45.69
N HIS EB 133 47.11 105.77 44.62
CA HIS EB 133 47.00 106.45 43.34
C HIS EB 133 45.58 106.43 42.81
N VAL EB 134 44.86 105.31 42.98
CA VAL EB 134 43.48 105.23 42.50
C VAL EB 134 42.60 106.23 43.24
N ALA EB 135 42.76 106.33 44.55
CA ALA EB 135 42.00 107.32 45.31
C ALA EB 135 42.38 108.74 44.92
N TYR EB 136 43.66 108.98 44.66
CA TYR EB 136 44.09 110.32 44.23
C TYR EB 136 43.49 110.69 42.89
N ARG EB 137 43.37 109.73 41.97
CA ARG EB 137 42.82 109.99 40.65
C ARG EB 137 41.29 109.90 40.63
N GLU EB 138 40.64 110.03 41.79
CA GLU EB 138 39.18 109.97 41.90
C GLU EB 138 38.63 108.67 41.32
N GLY EB 139 39.03 107.57 41.96
CA GLY EB 139 38.58 106.24 41.56
C GLY EB 139 37.66 105.64 42.61
N ILE EB 140 36.75 104.80 42.15
CA ILE EB 140 35.81 104.13 43.04
C ILE EB 140 36.46 102.86 43.59
N ILE EB 141 36.56 102.76 44.91
CA ILE EB 141 37.22 101.64 45.58
C ILE EB 141 36.16 100.87 46.36
N LEU EB 142 36.09 99.56 46.11
CA LEU EB 142 35.12 98.69 46.72
C LEU EB 142 35.85 97.62 47.52
N PHE EB 143 35.64 97.61 48.84
CA PHE EB 143 36.20 96.59 49.72
C PHE EB 143 35.24 95.41 49.78
N VAL EB 144 35.57 94.34 49.08
CA VAL EB 144 34.75 93.15 49.01
C VAL EB 144 35.38 92.09 49.90
N SER EB 145 34.60 91.56 50.85
CA SER EB 145 35.12 90.54 51.75
C SER EB 145 33.96 89.76 52.35
N ARG EB 146 34.02 88.43 52.23
CA ARG EB 146 32.97 87.55 52.72
C ARG EB 146 33.53 86.78 53.90
N HIS EB 147 33.35 87.32 55.11
CA HIS EB 147 33.83 86.66 56.32
C HIS EB 147 33.04 87.16 57.51
N ARG EB 148 32.32 86.26 58.17
CA ARG EB 148 31.40 86.62 59.25
C ARG EB 148 32.13 86.77 60.59
N GLN EB 149 33.12 87.65 60.63
CA GLN EB 149 33.78 87.98 61.88
C GLN EB 149 34.13 89.47 61.99
N PHE EB 150 34.54 90.09 60.89
CA PHE EB 150 34.96 91.49 60.88
C PHE EB 150 34.17 92.30 59.85
N ALA EB 151 32.96 91.84 59.53
CA ALA EB 151 32.13 92.57 58.56
C ALA EB 151 31.81 93.97 59.04
N HIS EB 152 31.47 94.13 60.32
CA HIS EB 152 31.23 95.45 60.88
C HIS EB 152 32.47 96.33 60.83
N LEU EB 153 33.64 95.75 61.13
CA LEU EB 153 34.88 96.51 61.05
C LEU EB 153 35.16 96.97 59.62
N ILE EB 154 34.92 96.11 58.63
CA ILE EB 154 35.11 96.50 57.25
C ILE EB 154 34.13 97.60 56.85
N GLU EB 155 32.86 97.48 57.26
CA GLU EB 155 31.88 98.51 56.95
C GLU EB 155 32.26 99.85 57.55
N THR EB 156 32.69 99.85 58.82
CA THR EB 156 33.13 101.08 59.46
C THR EB 156 34.39 101.66 58.82
N THR EB 157 35.35 100.81 58.45
CA THR EB 157 36.56 101.31 57.78
C THR EB 157 36.22 101.94 56.44
N ALA EB 158 35.34 101.30 55.67
CA ALA EB 158 34.90 101.88 54.40
C ALA EB 158 34.13 103.18 54.60
N ARG EB 159 33.26 103.25 55.60
CA ARG EB 159 32.56 104.50 55.87
C ARG EB 159 33.53 105.61 56.22
N ASP EB 160 34.53 105.32 57.06
CA ASP EB 160 35.54 106.32 57.39
C ASP EB 160 36.35 106.73 56.18
N CYS EB 161 36.71 105.77 55.32
CA CYS EB 161 37.44 106.08 54.09
C CYS EB 161 36.62 106.88 53.10
N GLY EB 162 35.29 106.76 53.13
CA GLY EB 162 34.48 107.36 52.10
C GLY EB 162 34.37 106.53 50.84
N GLU EB 163 34.89 105.31 50.86
CA GLU EB 163 34.79 104.39 49.74
C GLU EB 163 33.60 103.46 49.98
N TYR EB 164 33.47 102.44 49.13
CA TYR EB 164 32.31 101.58 49.16
C TYR EB 164 32.71 100.18 49.63
N ALA EB 165 31.73 99.45 50.19
CA ALA EB 165 31.99 98.17 50.81
C ALA EB 165 30.98 97.14 50.36
N HIS EB 166 31.37 95.87 50.45
CA HIS EB 166 30.50 94.73 50.17
C HIS EB 166 30.98 93.57 51.03
N THR EB 167 30.31 93.35 52.16
CA THR EB 167 30.64 92.27 53.07
C THR EB 167 29.51 91.26 53.20
N ARG EB 168 28.43 91.43 52.44
CA ARG EB 168 27.29 90.53 52.51
C ARG EB 168 27.35 89.54 51.35
N TYR EB 169 26.27 88.78 51.17
CA TYR EB 169 26.19 87.82 50.08
C TYR EB 169 26.33 88.53 48.74
N PHE EB 170 27.21 88.01 47.88
CA PHE EB 170 27.48 88.61 46.59
C PHE EB 170 26.52 88.05 45.56
N LYS EB 171 25.72 88.91 44.94
CA LYS EB 171 24.75 88.46 43.96
C LYS EB 171 25.46 88.06 42.66
N GLY EB 172 24.78 87.21 41.89
CA GLY EB 172 25.38 86.62 40.70
C GLY EB 172 25.82 87.62 39.64
N GLY EB 173 24.88 88.34 39.05
CA GLY EB 173 25.21 89.30 38.02
C GLY EB 173 25.42 90.71 38.53
N LEU EB 174 26.15 90.84 39.65
CA LEU EB 174 26.36 92.15 40.25
C LEU EB 174 27.30 93.00 39.41
N LEU EB 175 28.51 92.50 39.17
CA LEU EB 175 29.50 93.24 38.40
C LEU EB 175 29.34 93.07 36.90
N THR EB 176 28.84 91.92 36.45
CA THR EB 176 28.65 91.69 35.03
C THR EB 176 27.36 92.35 34.54
N ASN EB 177 26.23 91.95 35.12
CA ASN EB 177 24.93 92.52 34.73
C ASN EB 177 24.61 93.74 35.59
N ALA EB 178 25.57 94.67 35.62
CA ALA EB 178 25.44 95.93 36.35
C ALA EB 178 24.28 96.78 35.84
N PRO EB 179 24.09 96.97 34.50
CA PRO EB 179 23.00 97.83 34.04
C PRO EB 179 21.61 97.33 34.40
N LEU EB 180 21.53 96.13 34.97
CA LEU EB 180 20.26 95.58 35.43
C LEU EB 180 20.22 95.37 36.93
N LEU EB 181 21.38 95.21 37.58
CA LEU EB 181 21.39 94.96 39.02
C LEU EB 181 21.53 96.25 39.82
N LEU EB 182 22.26 97.24 39.30
CA LEU EB 182 22.50 98.47 40.03
C LEU EB 182 21.63 99.63 39.56
N GLY EB 183 21.53 99.83 38.25
CA GLY EB 183 20.74 100.92 37.70
C GLY EB 183 20.87 100.99 36.19
N PRO EB 184 20.16 101.94 35.57
CA PRO EB 184 20.22 102.07 34.10
C PRO EB 184 21.64 102.30 33.61
N GLY EB 185 22.30 103.33 34.14
CA GLY EB 185 23.70 103.58 33.83
C GLY EB 185 24.50 103.84 35.08
N VAL EB 186 25.46 102.95 35.37
CA VAL EB 186 26.24 103.02 36.60
C VAL EB 186 27.71 103.02 36.24
N ARG EB 187 28.54 103.39 37.21
CA ARG EB 187 29.99 103.45 37.06
C ARG EB 187 30.61 102.31 37.84
N LEU EB 188 31.32 101.43 37.16
CA LEU EB 188 31.93 100.28 37.81
C LEU EB 188 33.05 100.74 38.75
N PRO EB 189 33.27 100.01 39.84
CA PRO EB 189 34.39 100.36 40.74
C PRO EB 189 35.72 100.29 40.00
N ASP EB 190 36.57 101.28 40.25
CA ASP EB 190 37.88 101.33 39.62
C ASP EB 190 38.93 100.50 40.35
N LEU EB 191 38.64 100.05 41.56
CA LEU EB 191 39.56 99.20 42.30
C LEU EB 191 38.76 98.31 43.24
N ILE EB 192 39.14 97.04 43.34
CA ILE EB 192 38.49 96.08 44.22
C ILE EB 192 39.52 95.56 45.20
N ILE EB 193 39.22 95.68 46.49
CA ILE EB 193 40.15 95.29 47.55
C ILE EB 193 39.56 94.11 48.32
N PHE EB 194 40.32 93.03 48.38
CA PHE EB 194 39.92 91.79 49.04
C PHE EB 194 40.63 91.67 50.38
N LEU EB 195 39.86 91.58 51.46
CA LEU EB 195 40.40 91.25 52.76
C LEU EB 195 40.31 89.77 53.08
N HIS EB 196 39.35 89.07 52.48
CA HIS EB 196 39.23 87.62 52.60
C HIS EB 196 38.88 87.07 51.24
N THR EB 197 39.87 86.46 50.56
CA THR EB 197 39.65 85.96 49.22
C THR EB 197 38.63 84.83 49.16
N LEU EB 198 38.60 83.96 50.17
CA LEU EB 198 37.70 82.82 50.18
C LEU EB 198 36.41 83.17 50.92
N ASN EB 199 35.32 82.58 50.47
CA ASN EB 199 34.01 82.77 51.08
C ASN EB 199 33.80 81.70 52.15
N ASN EB 200 32.58 81.62 52.68
CA ASN EB 200 32.28 80.66 53.74
C ASN EB 200 32.30 79.22 53.25
N VAL EB 201 32.28 78.99 51.94
CA VAL EB 201 32.30 77.64 51.38
C VAL EB 201 33.71 77.21 50.98
N PHE EB 202 34.73 77.96 51.41
CA PHE EB 202 36.13 77.67 51.08
C PHE EB 202 36.36 77.59 49.58
N GLU EB 203 35.76 78.51 48.84
CA GLU EB 203 35.87 78.59 47.40
C GLU EB 203 36.24 80.01 46.97
N PRO EB 204 36.86 80.17 45.79
CA PRO EB 204 37.19 81.51 45.32
C PRO EB 204 35.94 82.38 45.19
N HIS EB 205 36.09 83.66 45.50
CA HIS EB 205 34.98 84.58 45.50
C HIS EB 205 34.54 84.87 44.06
N VAL EB 206 33.30 85.34 43.93
CA VAL EB 206 32.78 85.72 42.61
C VAL EB 206 33.45 86.99 42.12
N ALA EB 207 33.69 87.94 43.02
CA ALA EB 207 34.20 89.24 42.62
C ALA EB 207 35.63 89.19 42.09
N VAL EB 208 36.46 88.28 42.58
CA VAL EB 208 37.83 88.19 42.06
C VAL EB 208 37.82 87.76 40.60
N ARG EB 209 36.89 86.87 40.22
CA ARG EB 209 36.77 86.49 38.82
C ARG EB 209 36.07 87.58 37.99
N ASP EB 210 35.06 88.23 38.55
CA ASP EB 210 34.33 89.26 37.83
C ASP EB 210 35.21 90.48 37.55
N ALA EB 211 36.10 90.84 38.47
CA ALA EB 211 36.99 91.97 38.24
C ALA EB 211 37.94 91.68 37.09
N ALA EB 212 38.49 90.47 37.03
CA ALA EB 212 39.32 90.09 35.89
C ALA EB 212 38.52 90.06 34.60
N LYS EB 213 37.28 89.60 34.64
CA LYS EB 213 36.43 89.58 33.45
C LYS EB 213 36.10 90.97 32.95
N MET EB 214 35.89 91.94 33.86
CA MET EB 214 35.51 93.30 33.50
C MET EB 214 36.70 94.26 33.49
N ASN EB 215 37.92 93.73 33.62
CA ASN EB 215 39.14 94.54 33.57
C ASN EB 215 39.17 95.59 34.68
N ILE EB 216 38.97 95.12 35.90
CA ILE EB 216 39.00 95.96 37.10
C ILE EB 216 40.16 95.50 37.98
N PRO EB 217 41.12 96.38 38.29
CA PRO EB 217 42.24 95.96 39.13
C PRO EB 217 41.80 95.55 40.53
N THR EB 218 42.48 94.52 41.05
CA THR EB 218 42.16 93.93 42.34
C THR EB 218 43.42 93.84 43.19
N VAL EB 219 43.34 94.39 44.39
CA VAL EB 219 44.39 94.26 45.41
C VAL EB 219 43.84 93.35 46.49
N GLY EB 220 44.52 92.24 46.74
CA GLY EB 220 43.96 91.25 47.64
C GLY EB 220 44.91 90.61 48.63
N ILE EB 221 44.47 90.49 49.88
CA ILE EB 221 45.22 89.77 50.90
C ILE EB 221 44.98 88.28 50.68
N VAL EB 222 46.03 87.53 50.37
CA VAL EB 222 45.93 86.12 50.03
C VAL EB 222 46.60 85.30 51.12
N ASP EB 223 45.86 84.32 51.65
CA ASP EB 223 46.39 83.42 52.67
C ASP EB 223 47.07 82.23 51.98
N THR EB 224 47.49 81.25 52.77
CA THR EB 224 48.18 80.09 52.21
C THR EB 224 47.26 79.21 51.39
N ASN EB 225 45.95 79.31 51.58
CA ASN EB 225 44.97 78.51 50.84
C ASN EB 225 44.25 79.31 49.77
N CYS EB 226 44.75 80.50 49.44
CA CYS EB 226 44.13 81.36 48.43
C CYS EB 226 44.85 81.23 47.10
N ASN EB 227 44.16 81.65 46.04
CA ASN EB 227 44.70 81.60 44.68
C ASN EB 227 45.03 83.00 44.21
N PRO EB 228 46.31 83.38 44.14
CA PRO EB 228 46.66 84.75 43.72
C PRO EB 228 46.78 84.88 42.22
N ALA EB 229 46.30 83.89 41.47
CA ALA EB 229 46.48 83.89 40.02
C ALA EB 229 45.76 85.06 39.36
N LEU EB 230 44.52 85.35 39.76
CA LEU EB 230 43.74 86.40 39.13
C LEU EB 230 43.82 87.74 39.85
N ILE EB 231 44.46 87.80 41.02
CA ILE EB 231 44.56 89.06 41.75
C ILE EB 231 45.70 89.89 41.18
N THR EB 232 45.41 91.14 40.81
CA THR EB 232 46.41 91.99 40.19
C THR EB 232 47.56 92.28 41.15
N TYR EB 233 47.23 92.61 42.41
CA TYR EB 233 48.22 92.91 43.44
C TYR EB 233 47.94 92.00 44.64
N PRO EB 234 48.53 90.80 44.66
CA PRO EB 234 48.35 89.94 45.83
C PRO EB 234 49.39 90.23 46.90
N VAL EB 235 48.94 90.20 48.14
CA VAL EB 235 49.83 90.39 49.28
C VAL EB 235 49.72 89.17 50.19
N PRO EB 236 50.76 88.34 50.26
CA PRO EB 236 50.70 87.13 51.10
C PRO EB 236 50.68 87.49 52.57
N GLY EB 237 49.63 87.09 53.26
CA GLY EB 237 49.50 87.38 54.67
C GLY EB 237 48.42 86.52 55.30
N ASN EB 238 48.05 86.90 56.53
CA ASN EB 238 47.03 86.19 57.29
C ASN EB 238 45.78 87.02 57.37
N ASP EB 239 44.65 86.42 57.01
CA ASP EB 239 43.35 87.11 57.02
C ASP EB 239 42.44 86.61 58.13
N ASP EB 240 42.92 85.73 59.00
CA ASP EB 240 42.11 85.18 60.08
C ASP EB 240 42.49 85.73 61.45
N SER EB 241 43.59 86.47 61.56
CA SER EB 241 43.99 87.07 62.83
C SER EB 241 43.38 88.46 62.97
N PRO EB 242 42.67 88.69 64.08
CA PRO EB 242 42.09 90.01 64.32
C PRO EB 242 43.13 91.13 64.31
N PRO EB 243 44.31 90.96 64.92
CA PRO EB 243 45.34 92.00 64.77
C PRO EB 243 45.77 92.24 63.34
N ALA EB 244 45.92 91.19 62.54
CA ALA EB 244 46.31 91.36 61.15
C ALA EB 244 45.23 92.09 60.35
N VAL EB 245 43.97 91.71 60.53
CA VAL EB 245 42.90 92.37 59.77
C VAL EB 245 42.75 93.82 60.20
N ARG EB 246 42.93 94.10 61.50
CA ARG EB 246 42.90 95.49 61.95
C ARG EB 246 44.06 96.29 61.39
N LEU EB 247 45.26 95.69 61.34
CA LEU EB 247 46.41 96.38 60.76
C LEU EB 247 46.16 96.71 59.30
N PHE EB 248 45.65 95.74 58.53
CA PHE EB 248 45.37 95.99 57.12
C PHE EB 248 44.28 97.04 56.95
N CYS EB 249 43.22 96.99 57.77
CA CYS EB 249 42.17 98.00 57.68
C CYS EB 249 42.71 99.40 57.98
N ARG EB 250 43.54 99.53 59.00
CA ARG EB 250 44.14 100.82 59.32
C ARG EB 250 45.08 101.32 58.23
N LEU EB 251 45.87 100.43 57.64
CA LEU EB 251 46.75 100.84 56.55
C LEU EB 251 45.95 101.32 55.34
N PHE EB 252 44.93 100.56 54.94
CA PHE EB 252 44.11 101.00 53.83
C PHE EB 252 43.25 102.21 54.16
N GLN EB 253 43.00 102.47 55.44
CA GLN EB 253 42.32 103.69 55.84
C GLN EB 253 43.25 104.89 55.69
N VAL EB 254 44.45 104.81 56.26
CA VAL EB 254 45.38 105.93 56.22
C VAL EB 254 45.86 106.22 54.80
N ALA EB 255 46.03 105.19 53.96
CA ALA EB 255 46.43 105.45 52.57
C ALA EB 255 45.38 106.26 51.83
N ILE EB 256 44.11 105.89 51.96
CA ILE EB 256 43.03 106.63 51.31
C ILE EB 256 42.91 108.03 51.88
N SER EB 257 43.04 108.17 53.20
CA SER EB 257 42.94 109.49 53.81
C SER EB 257 44.05 110.41 53.32
N ARG EB 258 45.29 109.90 53.28
CA ARG EB 258 46.39 110.70 52.77
C ARG EB 258 46.22 111.04 51.29
N ALA EB 259 45.75 110.09 50.49
CA ALA EB 259 45.55 110.37 49.07
C ALA EB 259 44.50 111.46 48.87
N LYS EB 260 43.38 111.38 49.58
CA LYS EB 260 42.35 112.41 49.45
C LYS EB 260 42.83 113.76 49.96
N GLU EB 261 43.53 113.80 51.10
CA GLU EB 261 44.02 115.06 51.63
C GLU EB 261 45.03 115.70 50.69
N LYS EB 262 45.94 114.90 50.12
CA LYS EB 262 46.91 115.43 49.17
C LYS EB 262 46.24 115.86 47.87
N ARG EB 263 45.20 115.17 47.41
CA ARG EB 263 44.45 115.63 46.25
C ARG EB 263 43.80 116.99 46.54
N ARG EB 264 43.22 117.15 47.72
CA ARG EB 264 42.64 118.45 48.08
C ARG EB 264 43.69 119.54 48.13
N GLN EB 265 44.87 119.25 48.70
CA GLN EB 265 45.93 120.24 48.74
C GLN EB 265 46.41 120.61 47.34
N VAL EB 266 46.52 119.61 46.45
CA VAL EB 266 46.95 119.88 45.08
C VAL EB 266 45.92 120.73 44.35
N GLU EB 267 44.63 120.46 44.59
CA GLU EB 267 43.59 121.31 44.00
C GLU EB 267 43.65 122.73 44.54
N ALA EB 268 43.92 122.88 45.84
CA ALA EB 268 44.06 124.22 46.42
C ALA EB 268 45.23 124.97 45.78
N LEU EB 269 46.36 124.28 45.58
CA LEU EB 269 47.49 124.88 44.88
C LEU EB 269 47.17 125.21 43.43
N TYR EB 270 46.42 124.34 42.75
CA TYR EB 270 46.01 124.62 41.38
C TYR EB 270 45.15 125.86 41.29
N ARG EB 271 44.26 126.06 42.27
CA ARG EB 271 43.45 127.28 42.29
C ARG EB 271 44.31 128.53 42.43
N LEU EB 272 45.37 128.47 43.23
CA LEU EB 272 46.29 129.59 43.38
C LEU EB 272 47.22 129.74 42.18
N GLN EB 273 47.40 128.69 41.39
CA GLN EB 273 48.25 128.75 40.20
C GLN EB 273 47.80 129.82 39.21
N GLY EB 274 46.50 130.09 39.11
CA GLY EB 274 46.00 131.09 38.18
C GLY EB 274 44.77 131.82 38.68
N LYS FB 36 -10.92 76.01 29.54
CA LYS FB 36 -10.53 77.39 29.84
C LYS FB 36 -11.53 78.38 29.26
N ASN FB 37 -11.80 79.44 30.02
CA ASN FB 37 -12.72 80.47 29.56
C ASN FB 37 -12.07 81.29 28.44
N ARG FB 38 -12.82 81.51 27.36
CA ARG FB 38 -12.31 82.23 26.21
C ARG FB 38 -13.22 83.37 25.75
N ALA FB 39 -14.35 83.59 26.42
CA ALA FB 39 -15.29 84.62 26.00
C ALA FB 39 -14.80 85.99 26.41
N ALA FB 40 -14.73 86.91 25.44
CA ALA FB 40 -14.28 88.28 25.68
C ALA FB 40 -12.92 88.30 26.37
N ARG FB 41 -12.03 87.42 25.94
CA ARG FB 41 -10.71 87.25 26.56
C ARG FB 41 -9.67 87.23 25.46
N VAL FB 42 -8.75 88.19 25.51
CA VAL FB 42 -7.66 88.29 24.55
C VAL FB 42 -6.47 87.52 25.09
N ARG FB 43 -5.94 86.59 24.30
CA ARG FB 43 -4.85 85.75 24.75
C ARG FB 43 -3.54 86.53 24.82
N VAL FB 44 -2.65 86.06 25.69
CA VAL FB 44 -1.38 86.74 25.92
C VAL FB 44 -0.36 86.26 24.90
N SER FB 45 0.26 87.20 24.18
CA SER FB 45 1.31 86.91 23.23
C SER FB 45 2.65 86.88 23.95
N LYS FB 46 3.75 86.90 23.20
CA LYS FB 46 5.08 86.83 23.80
C LYS FB 46 5.40 88.03 24.68
N GLY FB 47 4.64 89.12 24.58
CA GLY FB 47 4.85 90.28 25.43
C GLY FB 47 4.98 91.59 24.70
N ASP FB 48 4.51 91.63 23.46
CA ASP FB 48 4.61 92.83 22.64
C ASP FB 48 3.27 93.33 22.12
N LYS FB 49 2.16 92.67 22.46
CA LYS FB 49 0.88 93.08 21.90
C LYS FB 49 0.30 94.26 22.69
N PRO FB 50 -0.07 95.36 22.03
CA PRO FB 50 -0.74 96.46 22.73
C PRO FB 50 -2.22 96.14 22.91
N VAL FB 51 -2.70 96.28 24.16
CA VAL FB 51 -4.08 95.98 24.50
C VAL FB 51 -4.66 97.15 25.28
N THR FB 52 -5.90 97.51 24.95
CA THR FB 52 -6.59 98.61 25.61
C THR FB 52 -7.14 98.15 26.96
N TYR FB 53 -7.65 99.12 27.73
CA TYR FB 53 -8.19 98.81 29.05
C TYR FB 53 -9.40 97.89 28.97
N GLU FB 54 -10.30 98.13 28.01
CA GLU FB 54 -11.49 97.30 27.88
C GLU FB 54 -11.13 95.86 27.57
N GLU FB 55 -10.15 95.64 26.69
CA GLU FB 55 -9.72 94.30 26.34
C GLU FB 55 -8.88 93.64 27.44
N ALA FB 56 -8.17 94.42 28.24
CA ALA FB 56 -7.27 93.89 29.25
C ALA FB 56 -8.00 93.27 30.43
N HIS FB 57 -9.32 93.43 30.53
CA HIS FB 57 -10.09 92.91 31.65
C HIS FB 57 -11.05 91.83 31.16
N ALA FB 58 -11.08 90.72 31.87
CA ALA FB 58 -11.96 89.61 31.53
C ALA FB 58 -13.42 89.97 31.84
N PRO FB 59 -14.37 89.26 31.25
CA PRO FB 59 -15.79 89.58 31.50
C PRO FB 59 -16.22 89.41 32.96
N HIS FB 60 -15.47 88.69 33.78
CA HIS FB 60 -15.82 88.56 35.19
C HIS FB 60 -15.49 89.82 35.99
N TYR FB 61 -14.84 90.80 35.36
CA TYR FB 61 -14.54 92.09 36.00
C TYR FB 61 -15.57 93.16 35.66
N ILE FB 62 -16.63 92.81 34.94
CA ILE FB 62 -17.67 93.78 34.62
C ILE FB 62 -18.38 94.20 35.90
N ALA FB 63 -18.58 95.51 36.06
CA ALA FB 63 -19.16 96.17 37.23
C ALA FB 63 -18.23 96.12 38.44
N HIS FB 64 -17.08 95.46 38.34
CA HIS FB 64 -16.06 95.48 39.39
C HIS FB 64 -14.95 96.48 39.07
N ARG FB 65 -14.31 96.32 37.92
CA ARG FB 65 -13.25 97.21 37.47
C ARG FB 65 -13.62 98.02 36.23
N LYS FB 66 -14.47 97.48 35.37
CA LYS FB 66 -14.91 98.17 34.18
C LYS FB 66 -16.43 98.20 34.12
N GLY FB 67 -16.97 99.24 33.49
CA GLY FB 67 -18.39 99.42 33.34
C GLY FB 67 -18.91 98.90 32.01
N TRP FB 68 -20.22 98.98 31.87
CA TRP FB 68 -20.90 98.54 30.65
C TRP FB 68 -20.71 99.56 29.54
N LEU FB 69 -20.66 99.07 28.30
CA LEU FB 69 -20.49 99.94 27.14
C LEU FB 69 -21.76 100.67 26.75
N SER FB 70 -22.92 100.25 27.26
CA SER FB 70 -24.18 100.88 26.92
C SER FB 70 -25.01 101.03 28.19
N LEU FB 71 -25.84 102.08 28.22
CA LEU FB 71 -26.74 102.35 29.34
C LEU FB 71 -28.13 102.62 28.80
N HIS FB 72 -29.13 101.94 29.35
CA HIS FB 72 -30.52 102.16 28.99
C HIS FB 72 -31.39 101.67 30.13
N THR FB 73 -32.71 101.68 29.92
CA THR FB 73 -33.67 101.29 30.95
C THR FB 73 -34.27 99.91 30.72
N GLY FB 74 -34.07 99.32 29.53
CA GLY FB 74 -34.66 98.04 29.23
C GLY FB 74 -34.14 96.88 30.05
N ASN FB 75 -32.98 97.05 30.69
CA ASN FB 75 -32.37 96.01 31.49
C ASN FB 75 -32.67 96.15 32.98
N LEU FB 76 -33.64 96.96 33.35
CA LEU FB 76 -34.02 97.11 34.75
C LEU FB 76 -34.99 96.00 35.14
N ASP FB 77 -35.56 96.09 36.34
CA ASP FB 77 -36.42 95.03 36.85
C ASP FB 77 -37.82 95.11 36.26
N GLY FB 78 -38.53 96.21 36.52
CA GLY FB 78 -39.90 96.35 36.09
C GLY FB 78 -40.05 97.15 34.81
N GLU FB 79 -39.11 97.00 33.89
CA GLU FB 79 -39.13 97.70 32.62
C GLU FB 79 -39.23 96.71 31.46
N ASP FB 80 -39.54 97.23 30.29
CA ASP FB 80 -39.74 96.40 29.10
C ASP FB 80 -38.93 96.93 27.93
N HIS FB 81 -39.18 96.37 26.74
CA HIS FB 81 -38.52 96.80 25.51
C HIS FB 81 -37.00 96.66 25.60
N ALA FB 82 -36.56 95.46 25.99
CA ALA FB 82 -35.12 95.22 26.06
C ALA FB 82 -34.54 94.81 24.72
N ALA FB 83 -35.18 93.88 24.02
CA ALA FB 83 -34.72 93.45 22.70
C ALA FB 83 -34.81 94.55 21.66
N GLU FB 84 -35.80 95.44 21.78
CA GLU FB 84 -35.91 96.57 20.86
C GLU FB 84 -34.69 97.48 20.96
N ARG FB 85 -34.18 97.71 22.17
CA ARG FB 85 -32.97 98.48 22.33
C ARG FB 85 -31.73 97.68 21.97
N THR FB 86 -31.75 96.36 22.23
CA THR FB 86 -30.58 95.53 21.94
C THR FB 86 -30.31 95.46 20.43
N VAL FB 87 -31.35 95.28 19.63
CA VAL FB 87 -31.14 95.20 18.19
C VAL FB 87 -30.63 96.54 17.65
N GLU FB 88 -31.15 97.65 18.17
CA GLU FB 88 -30.63 98.96 17.79
C GLU FB 88 -29.18 99.14 18.21
N ASP FB 89 -28.81 98.64 19.39
CA ASP FB 89 -27.42 98.74 19.83
C ASP FB 89 -26.50 97.97 18.89
N VAL FB 90 -26.88 96.74 18.53
CA VAL FB 90 -26.05 95.96 17.62
C VAL FB 90 -25.95 96.63 16.25
N PHE FB 91 -27.07 97.14 15.74
CA PHE FB 91 -27.04 97.82 14.46
C PHE FB 91 -26.15 99.06 14.52
N LEU FB 92 -26.21 99.82 15.62
CA LEU FB 92 -25.34 100.97 15.78
C LEU FB 92 -23.87 100.57 15.84
N ARG FB 93 -23.53 99.50 16.57
CA ARG FB 93 -22.14 99.04 16.61
C ARG FB 93 -21.63 98.72 15.21
N LYS FB 94 -22.38 97.89 14.47
CA LYS FB 94 -21.94 97.51 13.12
C LYS FB 94 -21.91 98.70 12.17
N PHE FB 95 -22.92 99.58 12.23
CA PHE FB 95 -22.98 100.72 11.33
C PHE FB 95 -21.83 101.69 11.59
N MET FB 96 -21.52 101.97 12.85
CA MET FB 96 -20.39 102.86 13.14
C MET FB 96 -19.06 102.20 12.82
N LEU FB 97 -18.93 100.89 13.02
CA LEU FB 97 -17.70 100.20 12.64
C LEU FB 97 -17.47 100.29 11.12
N GLY FB 98 -18.54 100.15 10.34
CA GLY FB 98 -18.39 100.31 8.89
C GLY FB 98 -18.25 101.76 8.45
N THR FB 99 -18.81 102.70 9.22
CA THR FB 99 -18.75 104.11 8.84
C THR FB 99 -17.37 104.70 9.11
N PHE FB 100 -16.74 104.30 10.21
CA PHE FB 100 -15.39 104.76 10.53
C PHE FB 100 -14.40 103.61 10.41
N PRO FB 101 -13.94 103.30 9.19
CA PRO FB 101 -13.09 102.12 9.00
C PRO FB 101 -11.63 102.43 9.30
N GLY FB 102 -11.08 101.73 10.30
CA GLY FB 102 -9.68 101.83 10.63
C GLY FB 102 -9.30 102.97 11.55
N CYS FB 103 -10.16 103.97 11.73
CA CYS FB 103 -9.88 105.09 12.61
C CYS FB 103 -10.58 104.99 13.96
N LEU FB 104 -11.31 103.91 14.20
CA LEU FB 104 -12.01 103.74 15.48
C LEU FB 104 -11.07 103.12 16.49
N ALA FB 105 -10.88 103.79 17.64
CA ALA FB 105 -9.95 103.31 18.65
C ALA FB 105 -10.59 102.22 19.52
N ASP FB 106 -11.67 102.56 20.22
CA ASP FB 106 -12.37 101.64 21.10
C ASP FB 106 -13.82 101.51 20.67
N GLN FB 107 -14.57 100.70 21.40
CA GLN FB 107 -15.98 100.48 21.11
C GLN FB 107 -16.80 101.71 21.50
N LEU FB 108 -18.02 101.77 20.96
CA LEU FB 108 -18.90 102.90 21.19
C LEU FB 108 -19.41 102.93 22.63
N VAL FB 109 -19.82 104.12 23.07
CA VAL FB 109 -20.55 104.29 24.31
C VAL FB 109 -21.93 104.82 23.93
N LEU FB 110 -22.95 103.99 24.13
CA LEU FB 110 -24.31 104.31 23.69
C LEU FB 110 -25.16 104.65 24.91
N LYS FB 111 -25.38 105.94 25.13
CA LYS FB 111 -26.25 106.41 26.20
C LYS FB 111 -27.65 106.63 25.64
N ARG FB 112 -28.66 106.23 26.40
CA ARG FB 112 -30.06 106.42 26.02
C ARG FB 112 -30.74 107.22 27.12
N ARG FB 113 -31.00 108.51 26.84
CA ARG FB 113 -31.48 109.44 27.86
C ARG FB 113 -32.66 110.23 27.28
N ALA FB 114 -33.88 109.82 27.63
CA ALA FB 114 -35.10 110.56 27.31
C ALA FB 114 -35.27 110.74 25.79
N ASN FB 115 -35.49 109.60 25.13
CA ASN FB 115 -35.90 109.55 23.72
C ASN FB 115 -34.80 109.97 22.76
N GLN FB 116 -33.71 110.53 23.28
CA GLN FB 116 -32.57 110.92 22.46
C GLN FB 116 -31.36 110.10 22.86
N LEU FB 117 -30.67 109.54 21.87
CA LEU FB 117 -29.56 108.64 22.11
C LEU FB 117 -28.24 109.30 21.72
N GLU FB 118 -27.26 109.21 22.62
CA GLU FB 118 -25.94 109.79 22.43
C GLU FB 118 -24.94 108.67 22.13
N ILE FB 119 -24.10 108.89 21.13
CA ILE FB 119 -23.08 107.94 20.72
C ILE FB 119 -21.72 108.62 20.91
N CYS FB 120 -20.97 108.13 21.90
CA CYS FB 120 -19.62 108.63 22.19
C CYS FB 120 -18.62 107.67 21.54
N ALA FB 121 -17.70 108.23 20.76
CA ALA FB 121 -16.71 107.43 20.05
C ALA FB 121 -15.32 108.03 20.24
N LEU FB 122 -14.32 107.15 20.26
CA LEU FB 122 -12.92 107.53 20.29
C LEU FB 122 -12.34 107.20 18.91
N VAL FB 123 -11.92 108.25 18.20
CA VAL FB 123 -11.50 108.13 16.80
C VAL FB 123 -10.06 108.58 16.67
N LEU FB 124 -9.26 107.83 15.91
CA LEU FB 124 -7.93 108.29 15.57
C LEU FB 124 -8.00 109.45 14.58
N ARG FB 125 -7.03 110.35 14.69
CA ARG FB 125 -6.99 111.54 13.83
C ARG FB 125 -6.35 111.22 12.49
N GLN FB 126 -6.95 110.27 11.79
CA GLN FB 126 -6.49 109.85 10.47
C GLN FB 126 -7.16 110.64 9.35
N LEU FB 127 -8.44 110.97 9.50
CA LEU FB 127 -9.21 111.69 8.50
C LEU FB 127 -9.12 113.19 8.74
N PRO FB 128 -9.19 113.99 7.67
CA PRO FB 128 -9.22 115.43 7.84
C PRO FB 128 -10.50 115.87 8.52
N PRO FB 129 -10.48 117.02 9.21
CA PRO FB 129 -11.71 117.52 9.83
C PRO FB 129 -12.85 117.75 8.85
N HIS FB 130 -12.54 118.12 7.60
CA HIS FB 130 -13.59 118.30 6.60
C HIS FB 130 -14.35 116.99 6.36
N LYS FB 131 -13.63 115.87 6.28
CA LYS FB 131 -14.27 114.57 6.14
C LYS FB 131 -14.92 114.09 7.43
N PHE FB 132 -14.36 114.46 8.59
CA PHE FB 132 -15.00 114.10 9.86
C PHE FB 132 -16.35 114.77 10.02
N TYR FB 133 -16.42 116.08 9.72
CA TYR FB 133 -17.68 116.79 9.82
C TYR FB 133 -18.72 116.30 8.83
N PHE FB 134 -18.31 115.96 7.60
CA PHE FB 134 -19.25 115.40 6.63
C PHE FB 134 -19.87 114.12 7.17
N LEU FB 135 -19.05 113.22 7.71
CA LEU FB 135 -19.57 111.97 8.24
C LEU FB 135 -20.46 112.18 9.46
N VAL FB 136 -20.08 113.07 10.37
CA VAL FB 136 -20.89 113.25 11.57
C VAL FB 136 -22.23 113.90 11.21
N GLY FB 137 -22.23 114.85 10.27
CA GLY FB 137 -23.47 115.45 9.82
C GLY FB 137 -24.37 114.47 9.08
N TYR FB 138 -23.77 113.61 8.25
CA TYR FB 138 -24.56 112.58 7.58
C TYR FB 138 -25.16 111.60 8.58
N SER FB 139 -24.39 111.18 9.60
CA SER FB 139 -24.88 110.21 10.57
C SER FB 139 -25.97 110.81 11.46
N GLU FB 140 -25.79 112.04 11.95
CA GLU FB 140 -26.75 112.63 12.88
C GLU FB 140 -28.12 112.83 12.23
N THR FB 141 -28.20 112.79 10.90
CA THR FB 141 -29.48 112.83 10.20
C THR FB 141 -29.97 111.44 9.80
N LEU FB 142 -29.07 110.60 9.28
CA LEU FB 142 -29.50 109.28 8.81
C LEU FB 142 -29.98 108.41 9.96
N LEU FB 143 -29.25 108.36 11.07
CA LEU FB 143 -29.69 107.57 12.21
C LEU FB 143 -30.98 108.09 12.81
N SER FB 144 -31.14 109.42 12.91
CA SER FB 144 -32.37 109.99 13.44
C SER FB 144 -33.57 109.64 12.57
N HIS FB 145 -33.42 109.75 11.25
CA HIS FB 145 -34.52 109.42 10.35
C HIS FB 145 -34.79 107.92 10.31
N PHE FB 146 -33.77 107.08 10.52
CA PHE FB 146 -33.97 105.64 10.49
C PHE FB 146 -34.60 105.10 11.76
N TYR FB 147 -34.25 105.65 12.93
CA TYR FB 147 -34.77 105.15 14.20
C TYR FB 147 -35.85 106.03 14.81
N LYS FB 148 -36.27 107.09 14.12
CA LYS FB 148 -37.39 107.93 14.56
C LYS FB 148 -37.16 108.48 15.97
N CYS FB 149 -35.91 108.83 16.25
CA CYS FB 149 -35.54 109.37 17.55
C CYS FB 149 -34.30 110.23 17.38
N PRO FB 150 -34.18 111.33 18.13
CA PRO FB 150 -33.00 112.19 18.00
C PRO FB 150 -31.72 111.47 18.39
N VAL FB 151 -30.67 111.73 17.61
CA VAL FB 151 -29.35 111.12 17.81
C VAL FB 151 -28.31 112.23 17.95
N HIS FB 152 -27.44 112.10 18.93
CA HIS FB 152 -26.28 112.96 19.11
C HIS FB 152 -25.03 112.12 18.90
N LEU FB 153 -24.03 112.70 18.22
CA LEU FB 153 -22.80 111.99 17.92
C LEU FB 153 -21.63 112.83 18.42
N HIS FB 154 -20.83 112.27 19.33
CA HIS FB 154 -19.68 112.95 19.90
C HIS FB 154 -18.43 112.13 19.62
N LEU FB 155 -17.39 112.79 19.12
CA LEU FB 155 -16.14 112.16 18.75
C LEU FB 155 -15.01 112.78 19.57
N GLN FB 156 -14.11 111.93 20.08
CA GLN FB 156 -12.90 112.37 20.74
C GLN FB 156 -11.71 111.87 19.93
N THR FB 157 -10.91 112.79 19.43
CA THR FB 157 -9.78 112.45 18.56
C THR FB 157 -8.56 112.13 19.41
N VAL FB 158 -7.99 110.96 19.21
CA VAL FB 158 -6.80 110.52 19.94
C VAL FB 158 -5.64 110.41 18.96
N PRO FB 159 -4.42 110.76 19.37
CA PRO FB 159 -3.27 110.59 18.46
C PRO FB 159 -3.04 109.14 18.04
N SER FB 160 -3.30 108.19 18.93
CA SER FB 160 -3.15 106.78 18.63
C SER FB 160 -3.98 106.00 19.64
N LYS FB 161 -3.99 104.67 19.49
CA LYS FB 161 -4.69 103.81 20.44
C LYS FB 161 -3.98 103.84 21.79
N VAL FB 162 -4.74 104.08 22.84
CA VAL FB 162 -4.16 104.16 24.18
C VAL FB 162 -3.93 102.76 24.72
N VAL FB 163 -2.70 102.49 25.16
CA VAL FB 163 -2.31 101.17 25.65
C VAL FB 163 -2.29 101.22 27.18
N TYR FB 164 -2.97 100.26 27.80
CA TYR FB 164 -3.06 100.17 29.26
C TYR FB 164 -2.05 99.17 29.82
N LYS FB 165 -2.04 97.95 29.31
CA LYS FB 165 -1.13 96.92 29.76
C LYS FB 165 0.15 96.94 28.89
N TYR FB 166 0.93 95.86 28.98
CA TYR FB 166 2.17 95.75 28.22
C TYR FB 166 1.91 95.98 26.73
N ILE FB 167 2.94 96.48 26.05
CA ILE FB 167 2.85 96.78 24.63
C ILE FB 167 4.04 96.16 23.90
N SER GB 88 -30.00 89.71 7.25
CA SER GB 88 -28.76 88.96 7.09
C SER GB 88 -27.55 89.81 7.42
N PHE GB 89 -27.79 91.10 7.67
CA PHE GB 89 -26.70 92.02 7.98
C PHE GB 89 -26.05 91.68 9.33
N PHE GB 90 -26.86 91.27 10.30
CA PHE GB 90 -26.34 90.96 11.63
C PHE GB 90 -25.49 89.69 11.65
N THR GB 91 -25.50 88.90 10.59
CA THR GB 91 -24.69 87.70 10.51
C THR GB 91 -23.25 87.97 10.07
N LYS GB 92 -22.93 89.20 9.73
CA LYS GB 92 -21.58 89.55 9.29
C LYS GB 92 -20.69 89.83 10.50
N LEU GB 93 -19.39 89.68 10.28
CA LEU GB 93 -18.41 89.88 11.35
C LEU GB 93 -17.31 90.85 10.91
N THR GB 94 -16.26 90.97 11.72
CA THR GB 94 -15.15 91.87 11.44
C THR GB 94 -14.12 91.16 10.57
N ALA GB 95 -13.44 91.96 9.73
CA ALA GB 95 -12.39 91.42 8.87
C ALA GB 95 -11.26 90.79 9.64
N ASP GB 96 -10.94 91.30 10.84
CA ASP GB 96 -9.90 90.68 11.66
C ASP GB 96 -10.29 89.25 12.03
N GLU GB 97 -11.52 89.05 12.52
CA GLU GB 97 -11.99 87.70 12.83
C GLU GB 97 -12.11 86.83 11.59
N LEU GB 98 -12.51 87.40 10.45
CA LEU GB 98 -12.57 86.63 9.22
C LEU GB 98 -11.20 86.12 8.81
N TRP GB 99 -10.18 86.98 8.84
CA TRP GB 99 -8.84 86.55 8.47
C TRP GB 99 -8.25 85.60 9.49
N LYS GB 100 -8.56 85.79 10.77
CA LYS GB 100 -8.04 84.90 11.81
C LYS GB 100 -8.57 83.48 11.63
N GLY GB 101 -9.82 83.34 11.19
CA GLY GB 101 -10.38 82.03 10.95
C GLY GB 101 -9.99 81.46 9.60
N ALA GB 102 -9.75 82.34 8.62
CA ALA GB 102 -9.37 81.88 7.29
C ALA GB 102 -7.94 81.35 7.26
N LEU GB 103 -7.00 82.08 7.88
CA LEU GB 103 -5.61 81.66 7.86
C LEU GB 103 -5.36 80.50 8.82
N ALA GB 104 -6.17 80.39 9.88
CA ALA GB 104 -6.02 79.33 10.89
C ALA GB 104 -4.61 79.32 11.47
N GLU GB 105 -4.11 80.51 11.79
CA GLU GB 105 -2.76 80.64 12.35
C GLU GB 105 -2.65 79.94 13.70
N SER GB 106 -3.70 79.99 14.51
CA SER GB 106 -3.71 79.37 15.82
C SER GB 106 -4.38 78.00 15.82
N GLY GB 107 -4.25 77.26 14.74
CA GLY GB 107 -4.85 75.94 14.67
C GLY GB 107 -4.19 74.96 15.63
N ALA GB 108 -4.96 73.97 16.05
CA ALA GB 108 -4.46 72.97 16.99
C ALA GB 108 -3.46 72.02 16.35
N GLY GB 109 -3.59 71.74 15.06
CA GLY GB 109 -2.70 70.82 14.39
C GLY GB 109 -1.34 71.41 14.08
N ALA GB 110 -1.26 72.73 14.01
CA ALA GB 110 -0.01 73.41 13.70
C ALA GB 110 0.84 73.67 14.94
N ARG GB 111 0.38 73.26 16.12
CA ARG GB 111 1.12 73.52 17.35
C ARG GB 111 2.36 72.65 17.45
N LYS GB 112 2.17 71.32 17.45
CA LYS GB 112 3.29 70.41 17.60
C LYS GB 112 4.16 70.35 16.34
N GLY GB 113 3.56 70.55 15.17
CA GLY GB 113 4.32 70.53 13.94
C GLY GB 113 3.71 69.69 12.84
N ARG GB 114 2.46 69.26 13.02
CA ARG GB 114 1.79 68.46 12.00
C ARG GB 114 1.56 69.24 10.71
N GLY GB 115 1.67 70.56 10.76
CA GLY GB 115 1.49 71.39 9.58
C GLY GB 115 2.75 71.47 8.73
N LYS GB 116 3.12 72.69 8.33
CA LYS GB 116 4.28 72.98 7.50
C LYS GB 116 4.18 72.35 6.12
N ARG GB 117 3.04 71.75 5.77
CA ARG GB 117 2.88 71.17 4.44
C ARG GB 117 2.59 72.23 3.39
N THR GB 118 1.57 73.05 3.63
CA THR GB 118 1.28 74.22 2.81
C THR GB 118 1.94 75.40 3.52
N LYS GB 119 3.26 75.52 3.36
CA LYS GB 119 4.06 76.50 4.08
C LYS GB 119 3.92 77.86 3.41
N LYS GB 120 2.74 78.45 3.56
CA LYS GB 120 2.47 79.80 3.10
C LYS GB 120 1.32 80.38 3.92
N LYS GB 121 1.50 81.61 4.39
CA LYS GB 121 0.51 82.30 5.21
C LYS GB 121 0.58 83.79 4.86
N ARG GB 122 -0.29 84.23 3.95
CA ARG GB 122 -0.32 85.62 3.51
C ARG GB 122 -1.68 86.21 3.83
N ARG GB 123 -1.69 87.34 4.51
CA ARG GB 123 -2.90 88.08 4.82
C ARG GB 123 -2.88 89.41 4.08
N LYS GB 124 -3.94 89.67 3.32
CA LYS GB 124 -4.03 90.88 2.51
C LYS GB 124 -5.01 91.85 3.14
N ASP GB 125 -4.59 93.11 3.29
CA ASP GB 125 -5.45 94.14 3.85
C ASP GB 125 -6.36 94.69 2.76
N LEU GB 126 -7.66 94.55 2.96
CA LEU GB 126 -8.63 95.02 1.97
C LEU GB 126 -8.77 96.54 1.96
N ASN GB 127 -8.36 97.22 3.04
CA ASN GB 127 -8.47 98.67 3.14
C ASN GB 127 -7.16 99.37 2.80
N ARG GB 128 -6.37 98.80 1.90
CA ARG GB 128 -5.10 99.42 1.52
C ARG GB 128 -5.34 100.60 0.58
N GLY GB 129 -5.96 100.36 -0.57
CA GLY GB 129 -6.25 101.41 -1.51
C GLY GB 129 -7.73 101.71 -1.65
N GLN GB 130 -8.45 101.67 -0.53
CA GLN GB 130 -9.89 101.94 -0.52
C GLN GB 130 -10.13 103.38 -0.09
N ILE GB 131 -10.47 104.23 -1.06
CA ILE GB 131 -10.87 105.59 -0.77
C ILE GB 131 -12.30 105.59 -0.23
N ILE GB 132 -12.52 106.33 0.85
CA ILE GB 132 -13.79 106.25 1.58
C ILE GB 132 -14.97 106.69 0.73
N GLY GB 133 -14.83 107.81 0.01
CA GLY GB 133 -15.97 108.37 -0.70
C GLY GB 133 -16.41 107.58 -1.91
N GLU GB 134 -15.49 106.86 -2.55
CA GLU GB 134 -15.80 106.15 -3.78
C GLU GB 134 -16.68 104.94 -3.50
N GLY GB 135 -17.61 104.68 -4.41
CA GLY GB 135 -18.49 103.54 -4.31
C GLY GB 135 -18.77 102.97 -5.69
N ARG GB 136 -19.62 101.94 -5.73
CA ARG GB 136 -19.94 101.30 -7.00
C ARG GB 136 -20.69 102.24 -7.93
N HIS GB 137 -21.63 103.03 -7.41
CA HIS GB 137 -22.42 103.92 -8.25
C HIS GB 137 -21.63 105.12 -8.76
N GLY GB 138 -20.43 105.36 -8.22
CA GLY GB 138 -19.64 106.50 -8.64
C GLY GB 138 -20.20 107.84 -8.24
N PHE GB 139 -20.76 107.95 -7.03
CA PHE GB 139 -21.25 109.22 -6.56
C PHE GB 139 -20.11 110.08 -6.02
N LEU GB 140 -20.12 111.36 -6.38
CA LEU GB 140 -19.14 112.34 -5.94
C LEU GB 140 -19.83 113.20 -4.88
N TRP GB 141 -19.37 113.06 -3.63
CA TRP GB 141 -19.80 113.77 -2.44
C TRP GB 141 -18.86 114.94 -2.18
N PRO GB 142 -19.41 116.12 -1.86
CA PRO GB 142 -18.56 117.31 -1.66
C PRO GB 142 -17.58 117.18 -0.51
N GLY GB 143 -17.82 116.29 0.45
CA GLY GB 143 -16.98 116.19 1.62
C GLY GB 143 -15.90 115.13 1.55
N LEU GB 144 -16.05 114.15 0.67
CA LEU GB 144 -15.12 113.03 0.62
C LEU GB 144 -14.32 112.96 -0.67
N ASN GB 145 -14.99 112.85 -1.82
CA ASN GB 145 -14.27 112.65 -3.07
C ASN GB 145 -13.77 113.97 -3.66
N ILE GB 146 -14.70 114.87 -3.98
CA ILE GB 146 -14.37 116.13 -4.61
C ILE GB 146 -14.14 117.19 -3.53
N PRO GB 147 -13.41 118.26 -3.82
CA PRO GB 147 -13.26 119.34 -2.83
C PRO GB 147 -14.61 119.97 -2.50
N LEU GB 148 -14.64 120.67 -1.36
CA LEU GB 148 -15.90 121.21 -0.87
C LEU GB 148 -16.37 122.41 -1.69
N MET GB 149 -15.44 123.25 -2.14
CA MET GB 149 -15.77 124.49 -2.83
C MET GB 149 -15.06 124.55 -4.17
N ARG GB 150 -15.80 124.88 -5.22
CA ARG GB 150 -15.23 125.12 -6.54
C ARG GB 150 -15.76 126.44 -7.08
N ASN GB 151 -14.87 127.21 -7.72
CA ASN GB 151 -15.21 128.49 -8.36
C ASN GB 151 -15.87 129.45 -7.38
N GLY GB 152 -15.63 129.27 -6.09
CA GLY GB 152 -16.25 130.09 -5.06
C GLY GB 152 -17.67 129.70 -4.69
N ALA GB 153 -18.24 128.69 -5.34
CA ALA GB 153 -19.60 128.25 -5.06
C ALA GB 153 -19.60 126.86 -4.45
N VAL GB 154 -20.68 126.55 -3.74
CA VAL GB 154 -20.82 125.26 -3.09
C VAL GB 154 -21.06 124.18 -4.13
N GLN GB 155 -20.63 122.96 -3.83
CA GLN GB 155 -20.78 121.83 -4.74
C GLN GB 155 -21.90 120.93 -4.26
N THR GB 156 -22.73 120.48 -5.21
CA THR GB 156 -23.80 119.54 -4.91
C THR GB 156 -23.31 118.11 -5.13
N ILE GB 157 -24.20 117.15 -4.87
CA ILE GB 157 -23.89 115.75 -5.09
C ILE GB 157 -23.87 115.47 -6.59
N ALA GB 158 -22.78 114.90 -7.08
CA ALA GB 158 -22.63 114.61 -8.50
C ALA GB 158 -22.53 113.09 -8.70
N GLN GB 159 -22.55 112.68 -9.96
CA GLN GB 159 -22.36 111.28 -10.31
C GLN GB 159 -21.46 111.20 -11.55
N ARG GB 160 -20.48 110.30 -11.49
CA ARG GB 160 -19.58 110.13 -12.62
C ARG GB 160 -20.30 109.51 -13.81
N SER GB 161 -19.81 109.84 -15.01
CA SER GB 161 -20.35 109.26 -16.22
C SER GB 161 -19.99 107.77 -16.28
N LYS GB 162 -20.67 107.05 -17.16
CA LYS GB 162 -20.47 105.60 -17.24
C LYS GB 162 -19.04 105.26 -17.65
N GLU GB 163 -18.49 105.98 -18.64
CA GLU GB 163 -17.13 105.69 -19.09
C GLU GB 163 -16.08 106.18 -18.10
N ASP GB 164 -16.31 107.32 -17.46
CA ASP GB 164 -15.39 107.79 -16.43
C ASP GB 164 -15.34 106.82 -15.24
N GLN GB 165 -16.50 106.29 -14.85
CA GLN GB 165 -16.53 105.28 -13.79
C GLN GB 165 -15.80 104.03 -14.22
N GLU GB 166 -15.93 103.63 -15.48
CA GLU GB 166 -15.19 102.46 -15.96
C GLU GB 166 -13.69 102.71 -15.96
N LYS GB 167 -13.25 103.92 -16.31
CA LYS GB 167 -11.84 104.25 -16.24
C LYS GB 167 -11.32 104.20 -14.80
N VAL GB 168 -12.09 104.73 -13.85
CA VAL GB 168 -11.68 104.68 -12.45
C VAL GB 168 -11.61 103.23 -11.98
N GLU GB 169 -12.59 102.40 -12.36
CA GLU GB 169 -12.55 100.99 -11.99
C GLU GB 169 -11.37 100.28 -12.63
N ALA GB 170 -11.00 100.64 -13.86
CA ALA GB 170 -9.83 100.05 -14.49
C ALA GB 170 -8.55 100.43 -13.75
N ASP GB 171 -8.45 101.67 -13.30
CA ASP GB 171 -7.31 102.07 -12.46
C ASP GB 171 -7.29 101.29 -11.15
N MET GB 172 -8.45 101.11 -10.52
CA MET GB 172 -8.52 100.33 -9.28
C MET GB 172 -8.10 98.89 -9.52
N VAL GB 173 -8.50 98.30 -10.65
CA VAL GB 173 -8.12 96.93 -10.96
C VAL GB 173 -6.62 96.83 -11.22
N GLN GB 174 -6.06 97.73 -12.04
CA GLN GB 174 -4.63 97.68 -12.32
C GLN GB 174 -3.80 97.93 -11.07
N GLN GB 175 -4.34 98.63 -10.08
CA GLN GB 175 -3.68 98.70 -8.78
C GLN GB 175 -3.55 97.31 -8.15
N ARG GB 176 -4.59 96.47 -8.26
CA ARG GB 176 -4.50 95.10 -7.75
C ARG GB 176 -3.40 94.32 -8.47
N GLU GB 177 -3.31 94.47 -9.79
CA GLU GB 177 -2.26 93.77 -10.53
C GLU GB 177 -0.86 94.26 -10.14
N GLU GB 178 -0.70 95.57 -9.95
CA GLU GB 178 0.60 96.09 -9.52
C GLU GB 178 0.98 95.57 -8.14
N TRP GB 179 0.01 95.55 -7.21
CA TRP GB 179 0.30 95.02 -5.87
C TRP GB 179 0.60 93.53 -5.91
N ASP GB 180 -0.11 92.76 -6.74
CA ASP GB 180 0.21 91.35 -6.87
C ASP GB 180 1.58 91.13 -7.50
N ARG GB 181 1.96 91.97 -8.46
CA ARG GB 181 3.30 91.91 -9.02
C ARG GB 181 4.36 92.17 -7.97
N ARG GB 182 4.12 93.18 -7.12
CA ARG GB 182 5.04 93.45 -6.01
C ARG GB 182 5.11 92.29 -5.03
N ARG GB 183 3.99 91.64 -4.75
CA ARG GB 183 3.95 90.55 -3.78
C ARG GB 183 4.58 89.26 -4.30
N LYS GB 184 4.38 88.97 -5.60
CA LYS GB 184 4.95 87.75 -6.22
C LYS GB 184 6.47 87.86 -6.28
N MET GB 185 6.99 89.06 -6.57
CA MET GB 185 8.46 89.22 -6.73
C MET GB 185 9.15 89.29 -5.36
N LYS GB 186 10.44 88.97 -5.30
CA LYS GB 186 11.20 89.00 -4.02
C LYS GB 186 12.59 89.58 -4.27
N VAL GB 187 13.47 89.51 -3.26
CA VAL GB 187 14.85 90.06 -3.39
C VAL GB 187 15.85 88.88 -3.36
N LYS GB 188 17.14 89.19 -3.51
CA LYS GB 188 18.21 88.16 -3.50
C LYS GB 188 19.06 88.33 -2.23
N ARG GB 189 20.12 87.53 -2.10
CA ARG GB 189 20.89 87.48 -0.82
C ARG GB 189 22.37 87.23 -1.08
N GLU GB 190 23.26 87.89 -0.33
CA GLU GB 190 24.70 87.66 -0.45
C GLU GB 190 25.02 86.31 0.17
N ARG GB 191 25.20 85.29 -0.68
CA ARG GB 191 25.54 83.97 -0.19
C ARG GB 191 26.98 83.95 0.32
N GLY GB 192 27.16 83.44 1.54
CA GLY GB 192 28.48 83.36 2.12
C GLY GB 192 29.32 82.25 1.52
N TRP GB 193 28.87 81.02 1.69
CA TRP GB 193 29.56 79.84 1.16
C TRP GB 193 28.78 79.13 0.07
N SER GB 194 27.48 78.92 0.26
CA SER GB 194 26.62 78.35 -0.75
C SER GB 194 25.34 79.17 -0.82
N GLY GB 195 24.54 78.90 -1.86
CA GLY GB 195 23.35 79.69 -2.10
C GLY GB 195 22.21 79.43 -1.13
N ASN GB 196 22.31 78.39 -0.31
CA ASN GB 196 21.27 78.01 0.62
C ASN GB 196 21.86 77.73 2.00
N THR GB 197 22.73 78.62 2.47
CA THR GB 197 23.32 78.50 3.80
C THR GB 197 23.54 79.88 4.39
N TRP GB 198 23.63 79.94 5.72
CA TRP GB 198 23.92 81.17 6.43
C TRP GB 198 25.40 81.31 6.77
N GLY GB 199 26.24 80.36 6.39
CA GLY GB 199 27.64 80.42 6.73
C GLY GB 199 28.37 81.45 5.87
N GLY GB 200 28.94 82.46 6.52
CA GLY GB 200 29.72 83.48 5.83
C GLY GB 200 28.93 84.67 5.34
N VAL GB 201 27.61 84.70 5.53
CA VAL GB 201 26.81 85.82 5.07
C VAL GB 201 27.02 87.01 6.00
N SER GB 202 26.84 88.21 5.46
CA SER GB 202 26.99 89.43 6.24
C SER GB 202 25.74 89.71 7.06
N LEU GB 203 25.94 90.15 8.30
CA LEU GB 203 24.84 90.44 9.22
C LEU GB 203 24.79 91.89 9.66
N GLY GB 204 25.78 92.70 9.29
CA GLY GB 204 25.79 94.11 9.65
C GLY GB 204 26.50 94.38 10.95
N PRO GB 205 26.85 95.65 11.20
CA PRO GB 205 27.56 95.99 12.42
C PRO GB 205 26.72 95.69 13.65
N PRO GB 206 27.33 95.33 14.77
CA PRO GB 206 26.57 95.03 15.98
C PRO GB 206 25.96 96.30 16.58
N ASP GB 207 24.96 96.08 17.43
CA ASP GB 207 24.25 97.18 18.08
C ASP GB 207 25.18 97.91 19.05
N PRO GB 208 24.98 99.23 19.20
CA PRO GB 208 25.83 100.00 20.11
C PRO GB 208 25.60 99.63 21.56
N GLY GB 209 26.62 99.88 22.38
CA GLY GB 209 26.57 99.54 23.78
C GLY GB 209 25.73 100.52 24.57
N PRO GB 210 25.45 100.15 25.83
CA PRO GB 210 24.61 101.01 26.69
C PRO GB 210 25.25 102.34 27.01
N ASN GB 211 26.58 102.37 27.09
CA ASN GB 211 27.29 103.61 27.41
C ASN GB 211 27.35 104.58 26.24
N GLY GB 212 26.98 104.14 25.04
CA GLY GB 212 26.99 104.99 23.87
C GLY GB 212 28.06 104.66 22.85
N GLU GB 213 28.93 103.70 23.11
CA GLU GB 213 29.95 103.32 22.13
C GLU GB 213 29.29 102.64 20.94
N THR GB 214 29.72 103.01 19.74
CA THR GB 214 29.18 102.47 18.50
C THR GB 214 30.26 101.70 17.76
N TYR GB 215 29.91 100.52 17.26
CA TYR GB 215 30.85 99.66 16.53
C TYR GB 215 30.51 99.74 15.05
N ASP GB 216 31.07 100.75 14.38
CA ASP GB 216 30.87 100.92 12.95
C ASP GB 216 31.95 100.25 12.11
N ASP GB 217 33.20 100.25 12.58
CA ASP GB 217 34.27 99.60 11.85
C ASP GB 217 34.20 98.08 11.95
N PHE GB 218 33.53 97.55 12.96
CA PHE GB 218 33.43 96.10 13.12
C PHE GB 218 32.52 95.50 12.06
N ASP GB 219 32.90 94.30 11.60
CA ASP GB 219 32.11 93.54 10.66
C ASP GB 219 31.97 92.12 11.19
N THR GB 220 30.82 91.50 10.90
CA THR GB 220 30.52 90.18 11.42
C THR GB 220 30.05 89.26 10.28
N ARG GB 221 30.30 87.98 10.46
CA ARG GB 221 29.88 86.95 9.52
C ARG GB 221 29.36 85.75 10.30
N ILE GB 222 28.21 85.22 9.89
CA ILE GB 222 27.64 84.06 10.57
C ILE GB 222 28.44 82.82 10.19
N LEU GB 223 28.88 82.08 11.21
CA LEU GB 223 29.70 80.89 10.98
C LEU GB 223 28.90 79.59 11.02
N GLU GB 224 27.98 79.43 11.97
CA GLU GB 224 27.22 78.20 12.07
C GLU GB 224 25.79 78.51 12.49
N VAL GB 225 24.83 77.81 11.90
CA VAL GB 225 23.42 77.92 12.26
C VAL GB 225 22.86 76.52 12.42
N ARG GB 226 22.10 76.29 13.49
CA ARG GB 226 21.59 74.96 13.78
C ARG GB 226 20.25 75.06 14.48
N ASN GB 227 19.31 74.23 14.06
CA ASN GB 227 17.99 74.17 14.68
C ASN GB 227 18.01 73.08 15.74
N VAL GB 228 18.35 73.46 16.97
CA VAL GB 228 18.43 72.52 18.08
C VAL GB 228 17.03 72.22 18.58
N PHE GB 229 16.81 70.98 19.00
CA PHE GB 229 15.53 70.55 19.54
C PHE GB 229 15.71 70.00 20.95
N ASN GB 230 14.77 70.35 21.82
CA ASN GB 230 14.77 69.90 23.20
C ASN GB 230 13.45 69.20 23.49
N MET GB 231 13.49 68.28 24.46
CA MET GB 231 12.30 67.51 24.83
C MET GB 231 11.70 68.10 26.09
N THR GB 232 10.61 68.85 25.94
CA THR GB 232 9.85 69.40 27.03
C THR GB 232 8.61 68.52 27.30
N ALA GB 233 8.18 68.52 28.57
CA ALA GB 233 7.13 67.61 29.00
C ALA GB 233 5.83 67.84 28.24
N LYS GB 234 5.43 69.09 28.08
CA LYS GB 234 4.15 69.43 27.48
C LYS GB 234 4.25 69.56 25.95
N GLU GB 235 5.13 70.42 25.47
CA GLU GB 235 5.21 70.69 24.04
C GLU GB 235 5.94 69.59 23.27
N GLY GB 236 6.71 68.74 23.96
CA GLY GB 236 7.46 67.72 23.25
C GLY GB 236 8.68 68.32 22.57
N ARG GB 237 8.66 68.43 21.25
CA ARG GB 237 9.78 69.05 20.54
C ARG GB 237 9.70 70.57 20.65
N LYS GB 238 10.73 71.17 21.23
CA LYS GB 238 10.87 72.62 21.29
C LYS GB 238 12.06 72.99 20.42
N ARG GB 239 11.84 73.89 19.46
CA ARG GB 239 12.87 74.24 18.49
C ARG GB 239 13.48 75.59 18.82
N SER GB 240 14.81 75.66 18.90
CA SER GB 240 15.54 76.90 19.12
C SER GB 240 16.67 77.00 18.11
N VAL GB 241 16.79 78.15 17.46
CA VAL GB 241 17.87 78.39 16.52
C VAL GB 241 19.09 78.88 17.29
N ARG GB 242 20.23 78.22 17.09
CA ARG GB 242 21.49 78.59 17.71
C ARG GB 242 22.52 78.90 16.63
N VAL GB 243 23.19 80.04 16.76
CA VAL GB 243 24.14 80.50 15.75
C VAL GB 243 25.46 80.85 16.42
N LEU GB 244 26.54 80.31 15.88
CA LEU GB 244 27.90 80.70 16.22
C LEU GB 244 28.34 81.76 15.23
N VAL GB 245 28.61 82.97 15.73
CA VAL GB 245 28.88 84.13 14.89
C VAL GB 245 30.14 84.82 15.41
N ALA GB 246 30.99 85.25 14.49
CA ALA GB 246 32.23 85.94 14.82
C ALA GB 246 32.17 87.38 14.33
N VAL GB 247 32.76 88.27 15.10
CA VAL GB 247 32.85 89.69 14.75
C VAL GB 247 34.33 90.08 14.64
N GLY GB 248 34.59 91.11 13.84
CA GLY GB 248 35.93 91.61 13.66
C GLY GB 248 35.96 92.95 12.95
N ASN GB 249 37.02 93.73 13.19
CA ASN GB 249 37.15 95.05 12.58
C ASN GB 249 38.24 95.14 11.51
N GLY GB 250 39.09 94.14 11.38
CA GLY GB 250 40.16 94.16 10.41
C GLY GB 250 41.46 94.76 10.92
N LYS GB 251 41.49 95.24 12.16
CA LYS GB 251 42.69 95.83 12.75
C LYS GB 251 43.41 94.87 13.69
N GLY GB 252 43.05 93.60 13.69
CA GLY GB 252 43.67 92.61 14.56
C GLY GB 252 42.84 92.23 15.76
N ALA GB 253 41.71 92.91 16.00
CA ALA GB 253 40.84 92.60 17.12
C ALA GB 253 39.59 91.90 16.59
N ALA GB 254 39.28 90.73 17.14
CA ALA GB 254 38.13 89.96 16.70
C ALA GB 254 37.71 89.01 17.82
N GLY GB 255 36.48 88.50 17.69
CA GLY GB 255 35.94 87.59 18.69
C GLY GB 255 34.85 86.73 18.08
N PHE GB 256 34.34 85.81 18.90
CA PHE GB 256 33.28 84.91 18.48
C PHE GB 256 32.35 84.63 19.66
N ALA GB 257 31.11 84.26 19.36
CA ALA GB 257 30.15 83.96 20.41
C ALA GB 257 29.02 83.12 19.84
N ILE GB 258 28.26 82.52 20.76
CA ILE GB 258 27.12 81.67 20.42
C ILE GB 258 25.85 82.33 20.96
N GLY GB 259 24.88 82.52 20.07
CA GLY GB 259 23.59 83.04 20.47
C GLY GB 259 22.47 82.08 20.13
N LYS GB 260 21.69 81.67 21.12
CA LYS GB 260 20.61 80.71 20.94
C LYS GB 260 19.31 81.35 21.38
N ALA GB 261 18.30 81.30 20.52
CA ALA GB 261 17.01 81.91 20.82
C ALA GB 261 15.94 81.18 20.01
N THR GB 262 14.68 81.37 20.44
CA THR GB 262 13.57 80.73 19.74
C THR GB 262 13.47 81.23 18.29
N GLU GB 263 13.65 82.53 18.08
CA GLU GB 263 13.55 83.10 16.75
C GLU GB 263 14.93 83.35 16.15
N ARG GB 264 14.99 83.22 14.82
CA ARG GB 264 16.26 83.38 14.12
C ARG GB 264 16.80 84.81 14.25
N ALA GB 265 15.93 85.80 14.12
CA ALA GB 265 16.36 87.19 14.28
C ALA GB 265 16.83 87.48 15.70
N ASP GB 266 16.12 86.95 16.70
CA ASP GB 266 16.56 87.12 18.08
C ASP GB 266 17.90 86.45 18.34
N ALA GB 267 18.13 85.25 17.79
CA ALA GB 267 19.43 84.61 17.92
C ALA GB 267 20.53 85.41 17.24
N PHE GB 268 20.25 85.95 16.05
CA PHE GB 268 21.23 86.82 15.39
C PHE GB 268 21.58 88.03 16.24
N ARG GB 269 20.55 88.70 16.78
CA ARG GB 269 20.77 89.88 17.60
C ARG GB 269 21.55 89.55 18.87
N LYS GB 270 21.20 88.46 19.55
CA LYS GB 270 21.94 88.05 20.74
C LYS GB 270 23.39 87.70 20.42
N ALA GB 271 23.65 86.97 19.34
CA ALA GB 271 25.02 86.65 18.98
C ALA GB 271 25.82 87.91 18.66
N LYS GB 272 25.23 88.84 17.90
CA LYS GB 272 25.92 90.09 17.59
C LYS GB 272 26.21 90.88 18.85
N ASN GB 273 25.25 90.94 19.78
CA ASN GB 273 25.44 91.71 21.01
C ASN GB 273 26.42 91.06 21.97
N ARG GB 274 26.53 89.74 21.97
CA ARG GB 274 27.39 89.04 22.91
C ARG GB 274 28.79 88.76 22.37
N ALA GB 275 28.99 88.87 21.05
CA ALA GB 275 30.32 88.65 20.50
C ALA GB 275 31.28 89.80 20.79
N VAL GB 276 30.75 91.02 20.97
CA VAL GB 276 31.62 92.17 21.25
C VAL GB 276 32.29 92.03 22.61
N HIS GB 277 31.59 91.45 23.59
CA HIS GB 277 32.13 91.35 24.93
C HIS GB 277 33.33 90.42 25.02
N TYR GB 278 33.49 89.51 24.06
CA TYR GB 278 34.60 88.58 24.02
C TYR GB 278 35.41 88.86 22.75
N LEU GB 279 36.48 89.64 22.90
CA LEU GB 279 37.34 90.02 21.78
C LEU GB 279 38.77 89.61 22.06
N HIS GB 280 39.40 88.95 21.10
CA HIS GB 280 40.81 88.63 21.15
C HIS GB 280 41.60 89.62 20.30
N TYR GB 281 42.89 89.74 20.60
CA TYR GB 281 43.83 90.53 19.81
C TYR GB 281 44.83 89.57 19.19
N ILE GB 282 45.00 89.65 17.87
CA ILE GB 282 45.85 88.73 17.13
C ILE GB 282 47.10 89.48 16.70
N GLU GB 283 48.26 88.95 17.09
CA GLU GB 283 49.52 89.54 16.67
C GLU GB 283 49.83 89.15 15.23
N ARG GB 284 49.75 90.12 14.33
CA ARG GB 284 49.90 89.89 12.88
C ARG GB 284 51.22 90.48 12.43
N TYR GB 285 52.12 89.62 11.94
CA TYR GB 285 53.42 90.07 11.46
C TYR GB 285 53.26 90.85 10.15
N GLU GB 286 53.70 92.10 10.15
CA GLU GB 286 53.56 93.01 9.02
C GLU GB 286 52.12 93.14 8.55
N ASP GB 287 51.16 92.85 9.43
CA ASP GB 287 49.73 93.01 9.17
C ASP GB 287 49.26 92.17 7.97
N HIS GB 288 49.99 91.11 7.63
CA HIS GB 288 49.62 90.28 6.49
C HIS GB 288 49.68 88.79 6.82
N THR GB 289 50.56 88.41 7.75
CA THR GB 289 50.73 87.01 8.11
C THR GB 289 50.97 86.87 9.61
N ILE GB 290 51.17 85.64 10.08
CA ILE GB 290 51.43 85.37 11.47
C ILE GB 290 52.95 85.32 11.68
N TYR GB 291 53.36 85.46 12.94
CA TYR GB 291 54.79 85.51 13.24
C TYR GB 291 55.48 84.18 12.95
N HIS GB 292 54.85 83.07 13.34
CA HIS GB 292 55.46 81.76 13.16
C HIS GB 292 54.39 80.71 12.93
N ASP GB 293 54.80 79.58 12.37
CA ASP GB 293 53.90 78.46 12.13
C ASP GB 293 53.37 77.93 13.45
N ILE GB 294 52.08 77.61 13.49
CA ILE GB 294 51.43 77.14 14.70
C ILE GB 294 50.81 75.77 14.44
N SER GB 295 51.18 74.80 15.27
CA SER GB 295 50.61 73.45 15.22
C SER GB 295 49.89 73.21 16.54
N LEU GB 296 48.57 73.28 16.51
CA LEU GB 296 47.76 73.17 17.72
C LEU GB 296 46.83 71.97 17.64
N LYS GB 297 46.59 71.37 18.80
CA LYS GB 297 45.67 70.23 18.93
C LYS GB 297 44.62 70.59 19.97
N PHE GB 298 43.41 70.88 19.52
CA PHE GB 298 42.31 71.21 20.41
C PHE GB 298 41.74 69.92 21.00
N LYS GB 299 40.49 69.96 21.47
CA LYS GB 299 39.81 68.78 21.98
C LYS GB 299 39.95 67.59 21.04
N ARG GB 300 39.43 67.73 19.81
CA ARG GB 300 39.58 66.67 18.82
C ARG GB 300 39.90 67.21 17.42
N THR GB 301 40.19 68.50 17.30
CA THR GB 301 40.51 69.13 16.02
C THR GB 301 41.97 69.56 16.02
N HIS GB 302 42.70 69.15 14.99
CA HIS GB 302 44.10 69.52 14.84
C HIS GB 302 44.20 70.59 13.75
N ILE GB 303 44.87 71.70 14.07
CA ILE GB 303 45.03 72.82 13.15
C ILE GB 303 46.52 73.05 12.93
N LYS GB 304 46.93 73.09 11.67
CA LYS GB 304 48.31 73.35 11.29
C LYS GB 304 48.33 74.55 10.36
N MET GB 305 48.86 75.67 10.84
CA MET GB 305 48.92 76.90 10.07
C MET GB 305 50.37 77.28 9.83
N LYS GB 306 50.68 77.64 8.58
CA LYS GB 306 52.04 77.96 8.19
C LYS GB 306 52.12 79.40 7.70
N LYS GB 307 53.23 80.06 8.03
CA LYS GB 307 53.46 81.42 7.56
C LYS GB 307 53.66 81.43 6.05
N GLN GB 308 53.08 82.42 5.40
CA GLN GB 308 53.09 82.49 3.94
C GLN GB 308 53.56 83.86 3.48
N PRO GB 309 54.13 83.94 2.27
CA PRO GB 309 54.59 85.24 1.76
C PRO GB 309 53.44 86.11 1.30
N ARG GB 310 53.78 87.27 0.69
CA ARG GB 310 52.76 88.23 0.29
C ARG GB 310 51.82 87.67 -0.77
N GLY GB 311 52.33 86.88 -1.70
CA GLY GB 311 51.55 86.42 -2.83
C GLY GB 311 50.70 85.19 -2.61
N TYR GB 312 50.66 84.66 -1.39
CA TYR GB 312 49.89 83.46 -1.07
C TYR GB 312 48.79 83.87 -0.10
N GLY GB 313 47.63 84.23 -0.63
CA GLY GB 313 46.58 84.84 0.16
C GLY GB 313 45.41 83.96 0.56
N LEU GB 314 45.36 83.57 1.82
CA LEU GB 314 44.20 82.91 2.44
C LEU GB 314 43.81 81.65 1.68
N HIS GB 315 44.76 80.71 1.61
CA HIS GB 315 44.48 79.37 1.10
C HIS GB 315 44.18 78.43 2.26
N CYS GB 316 43.07 78.71 2.94
CA CYS GB 316 42.67 78.01 4.15
C CYS GB 316 41.23 77.52 4.01
N HIS GB 317 40.73 76.89 5.08
CA HIS GB 317 39.36 76.42 5.13
C HIS GB 317 38.39 77.58 4.93
N ARG GB 318 37.17 77.26 4.48
CA ARG GB 318 36.22 78.31 4.13
C ARG GB 318 35.78 79.13 5.33
N ALA GB 319 35.91 78.60 6.55
CA ALA GB 319 35.61 79.36 7.75
C ALA GB 319 36.84 80.08 8.30
N ILE GB 320 38.00 79.45 8.22
CA ILE GB 320 39.22 80.10 8.67
C ILE GB 320 39.54 81.30 7.79
N MET GB 321 39.25 81.21 6.49
CA MET GB 321 39.45 82.35 5.61
C MET GB 321 38.58 83.53 6.01
N THR GB 322 37.31 83.28 6.33
CA THR GB 322 36.43 84.36 6.77
C THR GB 322 36.90 84.95 8.11
N ILE GB 323 37.32 84.09 9.04
CA ILE GB 323 37.81 84.58 10.32
C ILE GB 323 39.04 85.45 10.13
N CYS GB 324 39.99 85.00 9.29
CA CYS GB 324 41.19 85.79 9.05
C CYS GB 324 40.89 87.07 8.29
N ARG GB 325 39.91 87.05 7.38
CA ARG GB 325 39.51 88.26 6.69
C ARG GB 325 38.92 89.29 7.66
N LEU GB 326 38.10 88.83 8.60
CA LEU GB 326 37.58 89.73 9.63
C LEU GB 326 38.69 90.23 10.56
N ILE GB 327 39.67 89.38 10.87
CA ILE GB 327 40.76 89.78 11.76
C ILE GB 327 41.63 90.83 11.09
N GLY GB 328 41.99 90.62 9.83
CA GLY GB 328 42.89 91.51 9.12
C GLY GB 328 44.02 90.76 8.45
N ILE GB 329 44.06 89.44 8.61
CA ILE GB 329 45.10 88.62 8.00
C ILE GB 329 44.76 88.45 6.52
N LYS GB 330 45.72 88.77 5.65
CA LYS GB 330 45.50 88.68 4.21
C LYS GB 330 46.18 87.47 3.58
N ASP GB 331 47.28 86.97 4.16
CA ASP GB 331 48.02 85.86 3.59
C ASP GB 331 48.19 84.80 4.68
N LEU GB 332 47.79 83.57 4.38
CA LEU GB 332 47.89 82.47 5.34
C LEU GB 332 47.54 81.16 4.66
N TYR GB 333 48.17 80.09 5.13
CA TYR GB 333 47.81 78.73 4.74
C TYR GB 333 47.52 77.93 6.00
N ALA GB 334 46.41 77.21 6.01
CA ALA GB 334 45.99 76.42 7.16
C ALA GB 334 45.39 75.10 6.72
N LYS GB 335 45.56 74.07 7.54
CA LYS GB 335 45.01 72.75 7.29
C LYS GB 335 44.37 72.25 8.58
N VAL GB 336 43.15 71.71 8.47
CA VAL GB 336 42.44 71.16 9.62
C VAL GB 336 42.29 69.66 9.40
N SER GB 337 42.72 68.89 10.40
CA SER GB 337 42.64 67.43 10.38
C SER GB 337 41.92 66.94 11.62
N GLY GB 338 41.30 65.75 11.49
CA GLY GB 338 40.54 65.22 12.59
C GLY GB 338 39.10 65.69 12.55
N SER GB 339 38.63 66.21 13.68
CA SER GB 339 37.26 66.72 13.77
C SER GB 339 37.10 67.99 12.93
N VAL GB 340 35.88 68.21 12.45
CA VAL GB 340 35.59 69.36 11.62
C VAL GB 340 34.49 70.19 12.28
N ASN GB 341 34.29 69.97 13.58
CA ASN GB 341 33.27 70.72 14.31
C ASN GB 341 33.56 72.21 14.26
N MET GB 342 32.53 73.00 13.95
CA MET GB 342 32.73 74.42 13.75
C MET GB 342 33.12 75.14 15.04
N LEU GB 343 32.44 74.83 16.15
CA LEU GB 343 32.74 75.51 17.40
C LEU GB 343 34.14 75.18 17.89
N ASN GB 344 34.50 73.90 17.89
CA ASN GB 344 35.85 73.51 18.28
C ASN GB 344 36.91 74.09 17.35
N LEU GB 345 36.64 74.11 16.05
CA LEU GB 345 37.58 74.71 15.10
C LEU GB 345 37.79 76.19 15.40
N THR GB 346 36.71 76.92 15.65
CA THR GB 346 36.83 78.35 15.96
C THR GB 346 37.59 78.57 17.25
N ARG GB 347 37.27 77.80 18.29
CA ARG GB 347 37.96 77.98 19.57
C ARG GB 347 39.45 77.65 19.45
N GLY GB 348 39.79 76.57 18.74
CA GLY GB 348 41.18 76.24 18.53
C GLY GB 348 41.93 77.26 17.71
N LEU GB 349 41.29 77.79 16.66
CA LEU GB 349 41.92 78.83 15.86
C LEU GB 349 42.19 80.07 16.69
N PHE GB 350 41.20 80.50 17.50
CA PHE GB 350 41.41 81.65 18.35
C PHE GB 350 42.51 81.41 19.40
N LEU GB 351 42.54 80.23 20.01
CA LEU GB 351 43.58 79.93 20.99
C LEU GB 351 44.97 79.94 20.34
N GLY GB 352 45.09 79.33 19.16
CA GLY GB 352 46.37 79.31 18.48
C GLY GB 352 46.83 80.69 18.04
N LEU GB 353 45.89 81.52 17.57
CA LEU GB 353 46.24 82.88 17.19
C LEU GB 353 46.59 83.74 18.39
N SER GB 354 45.97 83.49 19.55
CA SER GB 354 46.31 84.23 20.76
C SER GB 354 47.62 83.79 21.38
N ARG GB 355 47.98 82.51 21.24
CA ARG GB 355 49.21 81.98 21.83
C ARG GB 355 50.42 82.18 20.93
N GLN GB 356 50.38 83.16 20.02
CA GLN GB 356 51.54 83.45 19.20
C GLN GB 356 52.63 84.12 20.02
N GLU GB 357 53.86 83.97 19.55
CA GLU GB 357 55.03 84.58 20.20
C GLU GB 357 55.57 85.67 19.29
N THR GB 358 55.62 86.90 19.81
CA THR GB 358 56.13 88.02 19.03
C THR GB 358 57.65 87.95 18.91
N HIS GB 359 58.18 88.53 17.84
CA HIS GB 359 59.62 88.60 17.68
C HIS GB 359 60.27 89.40 18.80
N GLN GB 360 59.64 90.50 19.21
CA GLN GB 360 60.17 91.29 20.32
C GLN GB 360 60.17 90.48 21.62
N GLN GB 361 59.11 89.70 21.86
CA GLN GB 361 59.07 88.86 23.06
C GLN GB 361 60.16 87.79 23.00
N LEU GB 362 60.38 87.18 21.83
CA LEU GB 362 61.44 86.19 21.69
C LEU GB 362 62.80 86.81 21.93
N ALA GB 363 63.03 88.01 21.40
CA ALA GB 363 64.28 88.73 21.64
C ALA GB 363 64.48 89.09 23.10
N ASP GB 364 63.43 89.52 23.78
CA ASP GB 364 63.53 89.81 25.21
C ASP GB 364 63.82 88.55 26.02
N LYS GB 365 63.18 87.44 25.68
CA LYS GB 365 63.36 86.20 26.44
C LYS GB 365 64.67 85.50 26.13
N LYS GB 366 65.29 85.79 24.99
CA LYS GB 366 66.55 85.15 24.63
C LYS GB 366 67.77 86.05 24.74
N SER GB 367 67.58 87.35 24.94
CA SER GB 367 68.69 88.31 25.03
C SER GB 367 69.57 88.25 23.78
N LEU GB 368 68.94 88.04 22.63
CA LEU GB 368 69.66 87.94 21.36
C LEU GB 368 68.87 88.70 20.29
N HIS GB 369 69.59 89.14 19.27
CA HIS GB 369 68.97 89.84 18.16
C HIS GB 369 68.23 88.87 17.26
N VAL GB 370 67.05 89.27 16.80
CA VAL GB 370 66.27 88.50 15.85
C VAL GB 370 66.55 89.02 14.45
N VAL GB 371 67.10 88.17 13.59
CA VAL GB 371 67.53 88.56 12.25
C VAL GB 371 66.72 87.78 11.25
N GLU GB 372 66.16 88.48 10.26
CA GLU GB 372 65.37 87.86 9.20
C GLU GB 372 66.21 87.74 7.94
N PHE GB 373 66.28 86.54 7.39
CA PHE GB 373 67.03 86.26 6.17
C PHE GB 373 66.03 86.01 5.05
N ARG GB 374 65.68 87.08 4.33
CA ARG GB 374 64.73 86.96 3.22
C ARG GB 374 65.37 86.21 2.06
N GLU GB 375 64.62 85.25 1.51
CA GLU GB 375 65.11 84.49 0.37
C GLU GB 375 65.31 85.36 -0.86
N GLU GB 376 64.39 86.29 -1.12
CA GLU GB 376 64.51 87.17 -2.28
C GLU GB 376 65.58 88.23 -2.08
N CYS GB 377 65.86 88.60 -0.84
CA CYS GB 377 66.88 89.59 -0.54
C CYS GB 377 68.26 88.96 -0.33
N GLY GB 378 68.39 87.65 -0.52
CA GLY GB 378 69.66 86.98 -0.38
C GLY GB 378 70.15 86.93 1.05
N PRO GB 379 71.47 87.05 1.22
CA PRO GB 379 72.05 86.93 2.56
C PRO GB 379 71.97 88.22 3.37
N LEU GB 380 71.11 89.14 2.97
CA LEU GB 380 70.97 90.41 3.67
C LEU GB 380 70.44 90.18 5.08
N PRO GB 381 71.16 90.60 6.13
CA PRO GB 381 70.69 90.39 7.51
C PRO GB 381 69.68 91.44 7.98
N ILE GB 382 68.43 91.23 7.60
CA ILE GB 382 67.36 92.15 8.00
C ILE GB 382 67.01 91.89 9.46
N VAL GB 383 67.02 92.96 10.26
CA VAL GB 383 66.68 92.89 11.67
C VAL GB 383 65.27 93.42 11.86
N VAL GB 384 64.41 92.62 12.47
CA VAL GB 384 63.01 92.99 12.70
C VAL GB 384 62.80 93.55 14.10
N ALA GB 385 63.36 92.90 15.12
CA ALA GB 385 63.20 93.33 16.50
C ALA GB 385 64.56 93.32 17.19
N SER GB 386 64.72 94.22 18.15
CA SER GB 386 65.96 94.31 18.91
C SER GB 386 65.73 93.86 20.35
N PRO GB 387 66.67 93.13 20.95
CA PRO GB 387 66.49 92.68 22.33
C PRO GB 387 66.72 93.78 23.33
N GLN GB 388 65.70 94.61 23.55
CA GLN GB 388 65.83 95.72 24.49
C GLN GB 388 66.17 95.21 25.88
N GLY GB 389 67.17 95.84 26.51
CA GLY GB 389 67.66 95.40 27.80
C GLY GB 389 69.10 94.95 27.74
N ALA GB 390 69.45 93.93 28.52
CA ALA GB 390 70.81 93.41 28.53
C ALA GB 390 71.00 92.45 27.36
N LEU GB 391 71.93 92.77 26.48
CA LEU GB 391 72.24 91.95 25.32
C LEU GB 391 73.34 90.96 25.68
N ARG GB 392 72.99 89.69 25.80
CA ARG GB 392 73.96 88.67 26.16
C ARG GB 392 74.92 88.42 24.99
N LYS GB 393 76.21 88.38 25.30
CA LYS GB 393 77.23 88.12 24.29
C LYS GB 393 77.53 86.63 24.12
N ASP GB 394 76.91 85.78 24.92
CA ASP GB 394 77.13 84.34 24.81
C ASP GB 394 76.31 83.77 23.65
N PRO GB 395 76.93 83.19 22.64
CA PRO GB 395 76.16 82.59 21.54
C PRO GB 395 75.32 81.42 22.02
N GLU GB 396 74.17 81.25 21.37
CA GLU GB 396 73.30 80.13 21.68
C GLU GB 396 73.97 78.82 21.26
N PRO GB 397 73.67 77.73 21.96
CA PRO GB 397 74.28 76.44 21.59
C PRO GB 397 73.80 75.94 20.24
N GLU GB 398 74.69 75.92 19.25
CA GLU GB 398 74.33 75.47 17.92
C GLU GB 398 74.16 73.96 17.91
N ASP GB 399 73.00 73.50 17.45
CA ASP GB 399 72.70 72.08 17.38
C ASP GB 399 73.02 71.56 15.98
N GLU GB 400 73.94 70.60 15.90
CA GLU GB 400 74.27 69.99 14.62
C GLU GB 400 73.07 69.23 14.06
N VAL GB 401 72.35 68.52 14.92
CA VAL GB 401 71.14 67.80 14.53
C VAL GB 401 69.96 68.34 15.35
N PRO GB 402 69.10 69.15 14.76
CA PRO GB 402 67.99 69.72 15.53
C PRO GB 402 66.98 68.65 15.95
N ASP GB 403 66.55 68.73 17.20
CA ASP GB 403 65.55 67.81 17.74
C ASP GB 403 64.19 68.50 17.68
N ILE GB 404 63.62 68.53 16.49
CA ILE GB 404 62.34 69.18 16.26
C ILE GB 404 61.29 68.12 15.98
N THR GB 405 60.03 68.47 16.24
CA THR GB 405 58.90 67.56 16.04
C THR GB 405 58.35 67.79 14.64
N LEU GB 406 58.88 67.04 13.67
CA LEU GB 406 58.42 67.16 12.30
C LEU GB 406 57.10 66.42 12.12
N ASP GB 407 56.47 66.66 10.97
CA ASP GB 407 55.23 66.00 10.60
C ASP GB 407 55.36 65.38 9.22
N TRP GB 408 54.86 64.15 9.07
CA TRP GB 408 54.92 63.47 7.79
C TRP GB 408 54.14 64.20 6.71
N GLU GB 409 53.09 64.93 7.09
CA GLU GB 409 52.35 65.74 6.12
C GLU GB 409 53.26 66.81 5.51
N ASP GB 410 54.08 67.47 6.33
CA ASP GB 410 55.03 68.44 5.81
C ASP GB 410 56.19 67.78 5.09
N VAL GB 411 56.59 66.60 5.53
CA VAL GB 411 57.70 65.89 4.89
C VAL GB 411 57.31 65.49 3.46
N LYS GB 412 56.08 65.03 3.27
CA LYS GB 412 55.63 64.68 1.93
C LYS GB 412 55.64 65.89 1.00
N ALA GB 413 55.16 67.03 1.49
CA ALA GB 413 55.19 68.26 0.69
C ALA GB 413 56.61 68.69 0.37
N ALA GB 414 57.52 68.60 1.35
CA ALA GB 414 58.91 68.98 1.10
C ALA GB 414 59.57 68.06 0.09
N GLN GB 415 59.31 66.76 0.15
CA GLN GB 415 59.91 65.80 -0.76
C GLN GB 415 59.16 65.67 -2.08
N GLY GB 416 58.04 66.38 -2.22
CA GLY GB 416 57.30 66.33 -3.47
C GLY GB 416 56.52 65.07 -3.72
N MET GB 417 56.20 64.32 -2.66
CA MET GB 417 55.42 63.10 -2.78
C MET GB 417 53.91 63.36 -2.79
N LYS GB 418 53.50 64.61 -2.66
CA LYS GB 418 52.07 64.97 -2.69
C LYS GB 418 51.58 64.89 -4.12
N ARG GB 419 51.16 63.68 -4.52
CA ARG GB 419 50.64 63.44 -5.86
C ARG GB 419 49.13 63.59 -5.93
N SER GB 420 48.48 64.02 -4.85
CA SER GB 420 47.04 64.19 -4.85
C SER GB 420 46.63 65.29 -5.82
N VAL GB 421 45.52 65.05 -6.54
CA VAL GB 421 45.04 66.02 -7.53
C VAL GB 421 44.33 67.20 -6.89
N TRP GB 422 44.00 67.12 -5.61
CA TRP GB 422 43.28 68.18 -4.92
C TRP GB 422 44.20 69.20 -4.28
N SER GB 423 45.52 69.04 -4.42
CA SER GB 423 46.47 69.95 -3.81
C SER GB 423 46.82 71.13 -4.71
N GLY GB 424 46.95 70.90 -6.01
CA GLY GB 424 47.33 71.95 -6.93
C GLY GB 424 46.19 72.43 -7.81
N LEU GB 425 44.99 72.48 -7.26
CA LEU GB 425 43.83 72.93 -8.02
C LEU GB 425 43.77 74.46 -8.05
N LYS GB 426 43.33 74.99 -9.19
CA LYS GB 426 43.15 76.42 -9.35
C LYS GB 426 41.82 76.82 -8.74
N ARG GB 427 41.85 77.80 -7.85
CA ARG GB 427 40.68 78.24 -7.11
C ARG GB 427 40.49 79.74 -7.28
N ALA GB 428 39.36 80.23 -6.77
CA ALA GB 428 39.04 81.64 -6.88
C ALA GB 428 39.92 82.48 -5.95
N ALA GB 429 39.86 83.79 -6.14
CA ALA GB 429 40.66 84.72 -5.36
C ALA GB 429 40.06 84.87 -3.96
N THR GB 430 40.70 85.71 -3.15
CA THR GB 430 40.24 85.96 -1.79
C THR GB 430 38.90 86.68 -1.77
N PRO HB 154 67.42 23.42 70.28
CA PRO HB 154 66.29 22.56 69.91
C PRO HB 154 65.82 22.78 68.48
N ARG HB 155 65.70 21.69 67.71
CA ARG HB 155 65.28 21.77 66.32
C ARG HB 155 63.80 21.43 66.15
N TYR HB 156 63.38 20.26 66.61
CA TYR HB 156 61.99 19.82 66.52
C TYR HB 156 61.39 19.65 67.92
N GLU HB 157 60.09 19.87 67.99
CA GLU HB 157 59.36 19.78 69.25
C GLU HB 157 58.21 18.80 69.08
N LEU HB 158 58.08 17.90 70.06
CA LEU HB 158 57.02 16.90 70.08
C LEU HB 158 56.08 17.22 71.24
N ALA HB 159 54.82 17.45 70.92
CA ALA HB 159 53.78 17.70 71.93
C ALA HB 159 53.05 16.40 72.18
N LEU HB 160 53.56 15.60 73.12
CA LEU HB 160 53.07 14.26 73.36
C LEU HB 160 51.92 14.31 74.36
N ILE HB 161 50.74 13.92 73.92
CA ILE HB 161 49.55 13.83 74.76
C ILE HB 161 49.36 12.36 75.10
N LEU HB 162 49.86 11.95 76.27
CA LEU HB 162 49.74 10.56 76.69
C LEU HB 162 48.44 10.35 77.45
N LYS HB 163 47.95 9.11 77.40
CA LYS HB 163 46.74 8.75 78.11
C LYS HB 163 46.96 8.87 79.62
N ALA HB 164 45.94 9.37 80.31
CA ALA HB 164 46.02 9.54 81.77
C ALA HB 164 46.08 8.17 82.43
N MET HB 165 47.25 7.82 82.96
CA MET HB 165 47.48 6.52 83.56
C MET HB 165 48.32 6.70 84.82
N GLN HB 166 48.82 5.58 85.35
CA GLN HB 166 49.55 5.60 86.61
C GLN HB 166 50.98 6.09 86.40
N ARG HB 167 51.67 6.36 87.51
CA ARG HB 167 53.05 6.86 87.43
C ARG HB 167 54.00 5.86 86.78
N PRO HB 168 54.05 4.58 87.19
CA PRO HB 168 54.95 3.64 86.49
C PRO HB 168 54.61 3.44 85.02
N GLU HB 169 53.33 3.45 84.66
CA GLU HB 169 52.96 3.30 83.25
C GLU HB 169 53.35 4.52 82.44
N THR HB 170 53.19 5.73 83.00
CA THR HB 170 53.69 6.93 82.33
C THR HB 170 55.20 6.88 82.16
N ALA HB 171 55.91 6.43 83.20
CA ALA HB 171 57.37 6.31 83.09
C ALA HB 171 57.78 5.32 82.01
N ALA HB 172 57.11 4.17 81.94
CA ALA HB 172 57.42 3.19 80.90
C ALA HB 172 57.10 3.73 79.51
N ALA HB 173 55.97 4.41 79.35
CA ALA HB 173 55.62 4.98 78.05
C ALA HB 173 56.63 6.04 77.62
N LEU HB 174 57.03 6.92 78.53
CA LEU HB 174 58.05 7.92 78.21
C LEU HB 174 59.38 7.27 77.86
N LYS HB 175 59.78 6.24 78.62
CA LYS HB 175 61.04 5.56 78.35
C LYS HB 175 61.03 4.93 76.97
N ARG HB 176 59.96 4.21 76.62
CA ARG HB 176 59.92 3.57 75.31
C ARG HB 176 59.77 4.58 74.17
N THR HB 177 59.04 5.69 74.39
CA THR HB 177 58.94 6.72 73.36
C THR HB 177 60.30 7.37 73.10
N LEU HB 178 61.04 7.71 74.17
CA LEU HB 178 62.36 8.29 73.97
C LEU HB 178 63.33 7.29 73.36
N GLU HB 179 63.23 6.01 73.73
CA GLU HB 179 64.06 4.99 73.10
C GLU HB 179 63.78 4.88 71.60
N ALA HB 180 62.49 4.90 71.23
CA ALA HB 180 62.13 4.87 69.81
C ALA HB 180 62.64 6.10 69.07
N LEU HB 181 62.54 7.27 69.69
CA LEU HB 181 63.06 8.49 69.07
C LEU HB 181 64.58 8.43 68.89
N MET HB 182 65.30 7.90 69.87
CA MET HB 182 66.74 7.78 69.75
C MET HB 182 67.14 6.73 68.71
N ASP HB 183 66.34 5.68 68.56
CA ASP HB 183 66.64 4.64 67.58
C ASP HB 183 66.59 5.15 66.15
N ARG HB 184 65.87 6.24 65.89
CA ARG HB 184 65.78 6.79 64.55
C ARG HB 184 66.92 7.72 64.20
N GLY HB 185 67.85 7.95 65.12
CA GLY HB 185 68.97 8.84 64.86
C GLY HB 185 68.81 10.25 65.37
N ALA HB 186 68.06 10.43 66.46
CA ALA HB 186 67.82 11.75 67.03
C ALA HB 186 68.25 11.77 68.50
N VAL HB 187 68.81 12.90 68.92
CA VAL HB 187 69.24 13.10 70.29
C VAL HB 187 68.25 14.02 70.98
N VAL HB 188 67.69 13.57 72.10
CA VAL HB 188 66.70 14.34 72.84
C VAL HB 188 67.42 15.37 73.70
N ARG HB 189 67.05 16.65 73.54
CA ARG HB 189 67.69 17.71 74.31
C ARG HB 189 67.20 17.71 75.76
N ASN HB 190 65.90 17.85 75.97
CA ASN HB 190 65.32 17.85 77.29
C ASN HB 190 63.95 17.19 77.26
N LEU HB 191 63.36 17.02 78.44
CA LEU HB 191 62.01 16.49 78.58
C LEU HB 191 61.27 17.36 79.58
N GLU HB 192 60.21 18.03 79.12
CA GLU HB 192 59.45 18.97 79.93
C GLU HB 192 58.04 18.43 80.09
N ASN HB 193 57.57 18.33 81.33
CA ASN HB 193 56.22 17.86 81.63
C ASN HB 193 55.33 19.05 81.91
N LEU HB 194 54.23 19.16 81.17
CA LEU HB 194 53.28 20.25 81.32
C LEU HB 194 52.17 19.94 82.32
N GLY HB 195 52.17 18.75 82.91
CA GLY HB 195 51.16 18.38 83.88
C GLY HB 195 49.95 17.72 83.24
N GLU HB 196 49.17 17.05 84.09
CA GLU HB 196 47.96 16.37 83.66
C GLU HB 196 46.78 17.33 83.81
N ARG HB 197 46.20 17.73 82.70
CA ARG HB 197 45.08 18.66 82.67
C ARG HB 197 43.87 17.99 82.03
N MET HB 198 42.71 18.61 82.20
CA MET HB 198 41.50 18.19 81.51
C MET HB 198 41.62 18.53 80.02
N LEU HB 199 41.30 17.58 79.16
CA LEU HB 199 41.39 17.82 77.73
C LEU HB 199 40.35 18.86 77.31
N PRO HB 200 40.69 19.75 76.38
CA PRO HB 200 39.70 20.74 75.90
C PRO HB 200 38.47 20.09 75.29
N TYR HB 201 38.62 18.94 74.66
CA TYR HB 201 37.51 18.24 74.05
C TYR HB 201 37.76 16.73 74.17
N LYS HB 202 36.67 15.97 74.08
CA LYS HB 202 36.74 14.51 74.18
C LYS HB 202 37.38 13.96 72.92
N ILE HB 203 38.60 13.43 73.05
CA ILE HB 203 39.36 12.93 71.91
C ILE HB 203 39.11 11.43 71.77
N SER HB 204 38.77 11.00 70.56
CA SER HB 204 38.52 9.59 70.25
C SER HB 204 39.75 9.04 69.53
N ALA HB 205 40.43 8.09 70.17
CA ALA HB 205 41.63 7.49 69.60
C ALA HB 205 41.75 6.05 70.09
N HIS HB 206 42.19 5.16 69.19
CA HIS HB 206 42.39 3.75 69.49
C HIS HB 206 41.12 3.11 70.04
N ASN HB 207 39.98 3.48 69.47
CA ASN HB 207 38.66 2.99 69.89
C ASN HB 207 38.43 3.25 71.37
N GLN HB 208 38.93 4.39 71.85
CA GLN HB 208 38.78 4.77 73.25
C GLN HB 208 38.38 6.25 73.32
N ARG HB 209 37.42 6.54 74.19
CA ARG HB 209 37.00 7.91 74.43
C ARG HB 209 37.82 8.47 75.58
N HIS HB 210 38.66 9.45 75.29
CA HIS HB 210 39.57 10.03 76.26
C HIS HB 210 39.06 11.38 76.72
N SER HB 211 38.94 11.55 78.04
CA SER HB 211 38.54 12.82 78.63
C SER HB 211 39.69 13.58 79.28
N ARG HB 212 40.73 12.87 79.73
CA ARG HB 212 41.91 13.48 80.34
C ARG HB 212 43.15 13.02 79.58
N GLY HB 213 44.28 13.66 79.92
CA GLY HB 213 45.54 13.34 79.29
C GLY HB 213 46.70 14.14 79.82
N GLY HB 214 47.89 13.53 79.84
CA GLY HB 214 49.09 14.21 80.30
C GLY HB 214 49.87 14.82 79.14
N TYR HB 215 50.28 16.07 79.32
CA TYR HB 215 51.01 16.79 78.29
C TYR HB 215 52.51 16.73 78.56
N PHE HB 216 53.28 16.44 77.52
CA PHE HB 216 54.73 16.37 77.61
C PHE HB 216 55.35 17.09 76.43
N LEU HB 217 56.49 17.73 76.67
CA LEU HB 217 57.18 18.52 75.66
C LEU HB 217 58.55 17.90 75.44
N VAL HB 218 58.82 17.45 74.22
CA VAL HB 218 60.06 16.75 73.89
C VAL HB 218 60.78 17.54 72.81
N ASP HB 219 61.81 18.28 73.21
CA ASP HB 219 62.64 19.03 72.26
C ASP HB 219 63.87 18.22 71.90
N PHE HB 220 64.15 18.13 70.60
CA PHE HB 220 65.24 17.28 70.15
C PHE HB 220 65.78 17.79 68.82
N TYR HB 221 66.87 17.16 68.39
CA TYR HB 221 67.45 17.39 67.06
C TYR HB 221 67.29 16.12 66.24
N ALA HB 222 66.59 16.22 65.11
CA ALA HB 222 66.37 15.07 64.26
C ALA HB 222 66.55 15.46 62.80
N PRO HB 223 67.00 14.52 61.97
CA PRO HB 223 67.07 14.79 60.53
C PRO HB 223 65.67 14.95 59.93
N ALA HB 224 65.61 15.68 58.82
CA ALA HB 224 64.33 15.97 58.19
C ALA HB 224 63.67 14.73 57.60
N THR HB 225 64.40 13.62 57.46
CA THR HB 225 63.85 12.44 56.81
C THR HB 225 63.13 11.51 57.78
N THR HB 226 63.41 11.62 59.08
CA THR HB 226 62.84 10.71 60.06
C THR HB 226 61.59 11.26 60.75
N VAL HB 227 61.17 12.47 60.40
CA VAL HB 227 59.99 13.06 61.04
C VAL HB 227 58.75 12.23 60.73
N GLU HB 228 58.58 11.85 59.46
CA GLU HB 228 57.46 10.99 59.08
C GLU HB 228 57.53 9.61 59.72
N SER HB 229 58.71 9.00 59.80
CA SER HB 229 58.83 7.70 60.46
C SER HB 229 58.45 7.79 61.94
N MET HB 230 58.90 8.84 62.63
CA MET HB 230 58.48 9.04 64.01
C MET HB 230 56.98 9.26 64.11
N MET HB 231 56.40 10.04 63.19
CA MET HB 231 54.96 10.26 63.21
C MET HB 231 54.19 8.96 63.01
N GLU HB 232 54.62 8.12 62.06
CA GLU HB 232 53.98 6.83 61.85
C GLU HB 232 54.13 5.91 63.06
N HIS HB 233 55.32 5.90 63.69
CA HIS HB 233 55.49 5.08 64.88
C HIS HB 233 54.60 5.55 66.02
N LEU HB 234 54.47 6.86 66.21
CA LEU HB 234 53.62 7.36 67.29
C LEU HB 234 52.14 7.23 66.97
N SER HB 235 51.77 7.12 65.70
CA SER HB 235 50.36 6.97 65.35
C SER HB 235 49.79 5.64 65.84
N ARG HB 236 50.59 4.58 65.84
CA ARG HB 236 50.11 3.26 66.20
C ARG HB 236 50.27 2.95 67.68
N ASP HB 237 50.73 3.90 68.49
CA ASP HB 237 50.88 3.69 69.92
C ASP HB 237 49.52 3.89 70.60
N ILE HB 238 49.08 2.88 71.35
CA ILE HB 238 47.77 2.94 72.02
C ILE HB 238 47.77 3.83 73.25
N ASP HB 239 48.94 4.16 73.79
CA ASP HB 239 49.03 5.02 74.96
C ASP HB 239 49.23 6.48 74.61
N VAL HB 240 49.21 6.83 73.32
CA VAL HB 240 49.37 8.20 72.86
C VAL HB 240 48.02 8.68 72.34
N ILE HB 241 47.55 9.80 72.89
CA ILE HB 241 46.25 10.34 72.47
C ILE HB 241 46.39 11.08 71.14
N ARG HB 242 47.34 11.99 71.03
CA ARG HB 242 47.57 12.73 69.80
C ARG HB 242 49.01 13.20 69.70
N PRO HB 243 49.84 12.55 68.87
CA PRO HB 243 51.22 13.02 68.69
C PRO HB 243 51.31 14.11 67.63
N ASN HB 244 52.19 15.07 67.89
CA ASN HB 244 52.38 16.18 66.96
C ASN HB 244 53.84 16.63 67.00
N ILE HB 245 54.47 16.68 65.84
CA ILE HB 245 55.85 17.11 65.69
C ILE HB 245 55.85 18.40 64.89
N VAL HB 246 56.35 19.47 65.50
CA VAL HB 246 56.43 20.78 64.87
C VAL HB 246 57.86 21.29 64.98
N LYS HB 247 58.09 22.47 64.41
CA LYS HB 247 59.36 23.14 64.61
C LYS HB 247 59.39 23.84 65.96
N HIS HB 248 60.53 23.74 66.64
CA HIS HB 248 60.65 24.33 67.96
C HIS HB 248 60.54 25.85 67.86
N PRO HB 249 59.79 26.48 68.77
CA PRO HB 249 59.59 27.94 68.68
C PRO HB 249 60.87 28.75 68.83
N LEU HB 250 61.92 28.18 69.42
CA LEU HB 250 63.16 28.93 69.67
C LEU HB 250 64.03 29.08 68.42
N THR HB 251 63.84 28.24 67.40
CA THR HB 251 64.68 28.36 66.21
C THR HB 251 64.29 29.55 65.35
N GLN HB 252 63.07 30.08 65.52
CA GLN HB 252 62.66 31.30 64.83
C GLN HB 252 63.01 32.49 65.71
N GLU HB 253 63.97 33.30 65.26
CA GLU HB 253 64.36 34.48 66.01
C GLU HB 253 63.21 35.48 66.06
N VAL HB 254 63.07 36.15 67.20
CA VAL HB 254 62.01 37.15 67.38
C VAL HB 254 62.46 38.44 66.70
N LYS HB 255 61.93 38.71 65.52
CA LYS HB 255 62.28 39.92 64.80
C LYS HB 255 61.70 41.14 65.51
N GLU HB 256 62.23 42.31 65.16
CA GLU HB 256 61.84 43.56 65.81
C GLU HB 256 60.40 43.90 65.47
N CYS HB 257 59.51 43.78 66.45
CA CYS HB 257 58.15 44.28 66.32
C CYS HB 257 58.22 45.80 66.37
N GLU HB 258 58.28 46.43 65.19
CA GLU HB 258 58.56 47.87 65.14
C GLU HB 258 57.44 48.69 65.79
N GLY HB 259 56.20 48.30 65.58
CA GLY HB 259 55.06 48.99 66.15
C GLY HB 259 54.06 49.38 65.08
N ILE HB 260 53.07 50.16 65.52
CA ILE HB 260 51.99 50.62 64.66
C ILE HB 260 52.52 51.80 63.84
N VAL HB 261 52.92 51.53 62.61
CA VAL HB 261 53.37 52.58 61.70
C VAL HB 261 52.14 53.32 61.19
N PRO HB 262 52.06 54.64 61.35
CA PRO HB 262 50.87 55.36 60.92
C PRO HB 262 50.75 55.37 59.40
N VAL HB 263 49.66 54.81 58.90
CA VAL HB 263 49.37 54.75 57.47
C VAL HB 263 48.47 55.92 57.10
N PRO HB 264 48.93 56.84 56.24
CA PRO HB 264 48.10 57.98 55.87
C PRO HB 264 46.94 57.54 54.97
N LEU HB 265 45.93 58.41 54.90
CA LEU HB 265 44.79 58.17 54.04
C LEU HB 265 45.21 58.23 52.58
N GLU HB 266 44.78 57.26 51.78
CA GLU HB 266 45.15 57.22 50.38
C GLU HB 266 44.49 58.38 49.63
N GLU HB 267 45.24 58.99 48.72
CA GLU HB 267 44.78 60.13 47.96
C GLU HB 267 45.03 59.90 46.47
N LYS HB 268 44.45 60.78 45.65
CA LYS HB 268 44.61 60.76 44.19
C LYS HB 268 44.03 59.49 43.57
N LEU HB 269 43.01 58.91 44.21
CA LEU HB 269 42.30 57.77 43.66
C LEU HB 269 41.23 58.17 42.66
N TYR HB 270 40.92 59.46 42.54
CA TYR HB 270 39.92 59.94 41.60
C TYR HB 270 40.40 61.24 40.98
N SER HB 271 39.86 61.54 39.81
CA SER HB 271 40.24 62.73 39.07
C SER HB 271 39.69 63.99 39.74
N THR HB 272 40.21 65.14 39.31
CA THR HB 272 39.80 66.43 39.85
C THR HB 272 38.59 67.01 39.13
N LYS HB 273 37.80 66.16 38.48
CA LYS HB 273 36.63 66.60 37.76
C LYS HB 273 35.60 67.18 38.73
N LYS HB 274 34.98 68.29 38.34
CA LYS HB 274 33.98 68.94 39.19
C LYS HB 274 32.64 68.25 39.03
N ARG HB 275 32.05 67.84 40.15
CA ARG HB 275 30.78 67.12 40.12
C ARG HB 275 29.62 68.07 39.84
N SER IB 35 -17.67 75.25 58.87
CA SER IB 35 -16.52 75.89 58.26
C SER IB 35 -16.62 77.42 58.38
N ARG IB 36 -17.82 77.90 58.69
CA ARG IB 36 -18.02 79.35 58.84
C ARG IB 36 -17.31 79.90 60.07
N TYR IB 37 -16.93 79.03 61.01
CA TYR IB 37 -16.17 79.45 62.19
C TYR IB 37 -14.68 79.34 61.90
N GLY IB 38 -13.95 80.44 62.10
CA GLY IB 38 -12.55 80.45 61.85
C GLY IB 38 -11.77 79.68 62.90
N PRO IB 39 -10.48 79.48 62.64
CA PRO IB 39 -9.63 78.76 63.60
C PRO IB 39 -9.49 79.46 64.94
N GLU IB 40 -9.68 80.78 64.98
CA GLU IB 40 -9.58 81.52 66.23
C GLU IB 40 -10.77 81.31 67.15
N TYR IB 41 -11.88 80.79 66.63
CA TYR IB 41 -13.06 80.52 67.45
C TYR IB 41 -12.82 79.29 68.30
N LYS IB 42 -13.17 79.38 69.58
CA LYS IB 42 -13.03 78.27 70.51
C LYS IB 42 -14.39 77.73 70.93
N ASP IB 43 -14.38 76.47 71.41
CA ASP IB 43 -15.61 75.82 71.83
C ASP IB 43 -16.15 76.47 73.11
N PRO IB 44 -17.46 76.67 73.19
CA PRO IB 44 -18.04 77.27 74.40
C PRO IB 44 -18.03 76.31 75.58
N GLN IB 45 -18.15 76.87 76.77
CA GLN IB 45 -18.26 76.11 78.00
C GLN IB 45 -19.64 76.34 78.58
N ILE IB 46 -20.39 75.25 78.78
CA ILE IB 46 -21.76 75.37 79.26
C ILE IB 46 -21.88 75.18 80.77
N ASP IB 47 -20.85 74.63 81.42
CA ASP IB 47 -20.92 74.36 82.85
C ASP IB 47 -21.02 75.67 83.64
N LYS IB 48 -22.18 75.89 84.26
CA LYS IB 48 -22.37 77.07 85.09
C LYS IB 48 -21.56 77.00 86.37
N GLU IB 49 -21.39 75.80 86.93
CA GLU IB 49 -20.55 75.61 88.11
C GLU IB 49 -19.10 75.98 87.84
N TYR IB 50 -18.65 75.88 86.59
CA TYR IB 50 -17.28 76.26 86.25
C TYR IB 50 -17.04 77.75 86.49
N TYR IB 51 -18.07 78.58 86.32
CA TYR IB 51 -17.96 80.02 86.52
C TYR IB 51 -18.47 80.48 87.87
N ARG IB 52 -19.35 79.71 88.52
CA ARG IB 52 -19.96 80.17 89.75
C ARG IB 52 -18.97 80.23 90.91
N LYS IB 53 -17.90 79.44 90.86
CA LYS IB 53 -16.91 79.39 91.94
C LYS IB 53 -15.51 79.58 91.36
N PRO IB 54 -15.14 80.81 91.00
CA PRO IB 54 -13.80 81.05 90.45
C PRO IB 54 -12.75 81.26 91.54
N LEU IB 55 -13.19 81.58 92.74
CA LEU IB 55 -12.28 81.92 93.84
C LEU IB 55 -11.81 80.70 94.63
N ALA IB 56 -12.37 79.52 94.35
CA ALA IB 56 -12.04 78.31 95.11
C ALA IB 56 -10.74 77.66 94.67
N GLU IB 57 -10.11 78.16 93.60
CA GLU IB 57 -8.87 77.58 93.10
C GLU IB 57 -8.10 78.64 92.32
N GLN IB 58 -6.81 78.41 92.15
CA GLN IB 58 -5.93 79.32 91.42
C GLN IB 58 -5.48 78.77 90.08
N THR IB 59 -5.31 77.45 89.96
CA THR IB 59 -4.90 76.86 88.69
C THR IB 59 -5.95 77.10 87.62
N GLU IB 60 -7.23 76.91 87.95
CA GLU IB 60 -8.31 77.23 87.03
C GLU IB 60 -8.55 78.73 86.93
N GLU IB 61 -8.20 79.51 87.97
CA GLU IB 61 -8.30 80.95 87.87
C GLU IB 61 -7.35 81.51 86.82
N GLU IB 62 -6.14 80.94 86.73
CA GLU IB 62 -5.14 81.45 85.80
C GLU IB 62 -5.52 81.22 84.34
N LYS IB 63 -6.35 80.22 84.03
CA LYS IB 63 -6.63 79.93 82.63
C LYS IB 63 -7.79 80.77 82.10
N TYR IB 64 -8.86 80.96 82.89
CA TYR IB 64 -9.99 81.72 82.39
C TYR IB 64 -9.72 83.21 82.35
N GLU IB 65 -8.73 83.70 83.09
CA GLU IB 65 -8.37 85.11 82.98
C GLU IB 65 -7.65 85.41 81.68
N ARG IB 66 -6.82 84.47 81.21
CA ARG IB 66 -6.15 84.63 79.92
C ARG IB 66 -6.99 84.12 78.75
N ASP IB 67 -8.08 83.40 79.03
CA ASP IB 67 -8.95 82.93 77.95
C ASP IB 67 -9.55 84.11 77.18
N PHE IB 68 -10.00 85.14 77.90
CA PHE IB 68 -10.64 86.29 77.26
C PHE IB 68 -9.68 87.45 77.02
N LYS IB 69 -8.60 87.55 77.79
CA LYS IB 69 -7.66 88.65 77.62
C LYS IB 69 -6.83 88.50 76.35
N LYS IB 70 -6.83 87.33 75.73
CA LYS IB 70 -6.13 87.13 74.45
C LYS IB 70 -7.01 87.42 73.25
N THR IB 71 -8.17 88.06 73.45
CA THR IB 71 -9.09 88.40 72.37
C THR IB 71 -9.48 87.17 71.56
N GLN IB 72 -9.91 86.11 72.26
CA GLN IB 72 -10.30 84.87 71.62
C GLN IB 72 -11.80 84.83 71.40
N LEU IB 73 -12.18 84.55 70.15
CA LEU IB 73 -13.59 84.47 69.78
C LEU IB 73 -14.17 83.14 70.23
N ILE IB 74 -15.48 83.14 70.51
CA ILE IB 74 -16.19 81.97 71.01
C ILE IB 74 -17.33 81.65 70.05
N LYS IB 75 -17.47 80.37 69.71
CA LYS IB 75 -18.53 79.94 68.83
C LYS IB 75 -19.89 80.09 69.50
N ALA IB 76 -20.94 80.12 68.69
CA ALA IB 76 -22.29 80.18 69.20
C ALA IB 76 -22.69 78.86 69.85
N ALA IB 77 -23.49 78.95 70.90
CA ALA IB 77 -23.93 77.75 71.60
C ALA IB 77 -24.86 76.94 70.72
N PRO IB 78 -24.65 75.63 70.60
CA PRO IB 78 -25.55 74.81 69.77
C PRO IB 78 -26.95 74.73 70.37
N ALA IB 79 -27.93 74.54 69.48
CA ALA IB 79 -29.32 74.43 69.91
C ALA IB 79 -29.59 73.13 70.65
N THR IB 80 -28.89 72.05 70.30
CA THR IB 80 -29.15 70.76 70.93
C THR IB 80 -28.61 70.70 72.34
N LYS IB 81 -27.51 71.41 72.62
CA LYS IB 81 -26.86 71.38 73.92
C LYS IB 81 -27.20 72.66 74.69
N THR IB 82 -27.74 72.49 75.90
CA THR IB 82 -28.11 73.62 76.75
C THR IB 82 -27.52 73.47 78.14
N SER IB 83 -27.95 74.33 79.07
CA SER IB 83 -27.50 74.29 80.45
C SER IB 83 -28.45 73.51 81.36
N SER IB 84 -29.41 72.79 80.78
CA SER IB 84 -30.36 72.01 81.58
C SER IB 84 -29.64 70.92 82.35
N VAL IB 85 -30.14 70.65 83.57
CA VAL IB 85 -29.54 69.64 84.42
C VAL IB 85 -30.14 68.25 84.21
N PHE IB 86 -31.25 68.14 83.50
CA PHE IB 86 -31.91 66.86 83.26
C PHE IB 86 -31.46 66.21 81.96
N GLU IB 87 -30.57 66.84 81.20
CA GLU IB 87 -30.09 66.30 79.94
C GLU IB 87 -28.67 65.74 80.12
N ASP IB 88 -28.36 64.73 79.30
CA ASP IB 88 -27.06 64.10 79.35
C ASP IB 88 -26.45 64.01 77.96
N PRO IB 89 -25.13 64.16 77.85
CA PRO IB 89 -24.48 63.99 76.54
C PRO IB 89 -24.68 62.60 75.94
N VAL IB 90 -24.72 61.55 76.77
CA VAL IB 90 -24.98 60.21 76.26
C VAL IB 90 -26.37 60.13 75.67
N ILE IB 91 -27.36 60.69 76.36
CA ILE IB 91 -28.73 60.69 75.85
C ILE IB 91 -28.82 61.47 74.55
N SER IB 92 -28.15 62.63 74.49
CA SER IB 92 -28.17 63.43 73.27
C SER IB 92 -27.53 62.68 72.10
N LYS IB 93 -26.40 62.02 72.35
CA LYS IB 93 -25.74 61.25 71.29
C LYS IB 93 -26.61 60.09 70.83
N PHE IB 94 -27.26 59.39 71.76
CA PHE IB 94 -28.12 58.28 71.38
C PHE IB 94 -29.33 58.76 70.58
N THR IB 95 -29.89 59.92 70.95
CA THR IB 95 -30.99 60.49 70.19
C THR IB 95 -30.54 60.91 68.79
N ASN IB 96 -29.36 61.51 68.68
CA ASN IB 96 -28.86 61.92 67.37
C ASN IB 96 -28.61 60.71 66.48
N MET IB 97 -28.02 59.64 67.02
CA MET IB 97 -27.81 58.43 66.24
C MET IB 97 -29.12 57.77 65.84
N MET IB 98 -30.14 57.81 66.69
CA MET IB 98 -31.45 57.25 66.38
C MET IB 98 -32.20 58.07 65.35
N MET IB 99 -32.01 59.39 65.32
CA MET IB 99 -32.71 60.26 64.38
C MET IB 99 -32.38 59.86 62.95
N LYS IB 100 -33.41 59.74 62.12
CA LYS IB 100 -33.25 59.45 60.70
C LYS IB 100 -33.57 60.69 59.89
N GLY IB 101 -32.67 61.07 59.00
CA GLY IB 101 -32.86 62.25 58.18
C GLY IB 101 -32.59 63.53 58.95
N GLY IB 102 -33.64 64.28 59.25
CA GLY IB 102 -33.52 65.50 60.01
C GLY IB 102 -34.65 65.70 61.00
N ASN IB 103 -35.44 64.64 61.20
CA ASN IB 103 -36.61 64.71 62.08
C ASN IB 103 -36.15 64.53 63.51
N LYS IB 104 -35.75 65.64 64.15
CA LYS IB 104 -35.23 65.59 65.52
C LYS IB 104 -36.34 65.41 66.55
N VAL IB 105 -37.51 65.99 66.30
CA VAL IB 105 -38.60 65.89 67.27
C VAL IB 105 -39.08 64.45 67.40
N LEU IB 106 -39.09 63.70 66.29
CA LEU IB 106 -39.49 62.30 66.36
C LEU IB 106 -38.51 61.49 67.21
N ALA IB 107 -37.21 61.71 67.04
CA ALA IB 107 -36.22 61.01 67.85
C ALA IB 107 -36.33 61.41 69.32
N ARG IB 108 -36.58 62.70 69.59
CA ARG IB 108 -36.78 63.14 70.97
C ARG IB 108 -37.99 62.47 71.60
N SER IB 109 -39.10 62.38 70.85
CA SER IB 109 -40.29 61.70 71.36
C SER IB 109 -40.03 60.22 71.59
N LEU IB 110 -39.28 59.58 70.68
CA LEU IB 110 -38.94 58.17 70.87
C LEU IB 110 -38.09 57.97 72.12
N MET IB 111 -37.10 58.84 72.36
CA MET IB 111 -36.30 58.74 73.58
C MET IB 111 -37.15 58.95 74.83
N THR IB 112 -38.04 59.94 74.81
CA THR IB 112 -38.92 60.18 75.94
C THR IB 112 -39.81 58.98 76.22
N GLN IB 113 -40.38 58.38 75.16
CA GLN IB 113 -41.20 57.20 75.31
C GLN IB 113 -40.42 55.99 75.80
N THR IB 114 -39.17 55.83 75.34
CA THR IB 114 -38.33 54.75 75.85
C THR IB 114 -38.08 54.92 77.35
N LEU IB 115 -37.74 56.14 77.77
CA LEU IB 115 -37.52 56.37 79.19
C LEU IB 115 -38.78 56.14 80.00
N GLU IB 116 -39.93 56.59 79.51
CA GLU IB 116 -41.18 56.39 80.21
C GLU IB 116 -41.55 54.91 80.31
N ALA IB 117 -41.36 54.15 79.23
CA ALA IB 117 -41.63 52.71 79.26
C ALA IB 117 -40.70 51.99 80.22
N VAL IB 118 -39.41 52.35 80.22
CA VAL IB 118 -38.49 51.73 81.17
C VAL IB 118 -38.91 52.04 82.60
N LYS IB 119 -39.27 53.29 82.88
CA LYS IB 119 -39.71 53.67 84.23
C LYS IB 119 -40.95 52.90 84.64
N ARG IB 120 -41.94 52.78 83.74
CA ARG IB 120 -43.18 52.12 84.10
C ARG IB 120 -43.04 50.62 84.21
N LYS IB 121 -42.11 50.01 83.48
CA LYS IB 121 -41.84 48.58 83.67
C LYS IB 121 -41.08 48.34 84.96
N GLN IB 122 -40.13 49.22 85.29
CA GLN IB 122 -39.41 49.08 86.56
C GLN IB 122 -40.35 49.26 87.74
N PHE IB 123 -41.28 50.22 87.67
CA PHE IB 123 -42.24 50.39 88.76
C PHE IB 123 -43.15 49.18 88.88
N ALA IB 124 -43.59 48.61 87.75
CA ALA IB 124 -44.45 47.44 87.78
C ALA IB 124 -43.74 46.24 88.41
N LYS IB 125 -42.47 46.02 88.06
CA LYS IB 125 -41.68 44.97 88.69
C LYS IB 125 -41.44 45.26 90.17
N TYR IB 126 -41.21 46.52 90.53
CA TYR IB 126 -40.98 46.90 91.92
C TYR IB 126 -42.19 46.63 92.79
N HIS IB 127 -43.39 46.96 92.29
CA HIS IB 127 -44.61 46.76 93.06
C HIS IB 127 -45.01 45.31 93.18
N ALA IB 128 -44.43 44.41 92.38
CA ALA IB 128 -44.78 43.00 92.40
C ALA IB 128 -43.79 42.15 93.19
N ALA IB 129 -42.82 42.76 93.85
CA ALA IB 129 -41.81 42.04 94.60
C ALA IB 129 -42.02 42.24 96.10
N SER IB 130 -41.14 41.61 96.89
CA SER IB 130 -41.17 41.73 98.33
C SER IB 130 -40.26 42.88 98.76
N ALA IB 131 -40.11 43.07 100.08
CA ALA IB 131 -39.29 44.17 100.59
C ALA IB 131 -37.80 43.95 100.34
N GLU IB 132 -37.37 42.71 100.14
CA GLU IB 132 -35.95 42.44 99.92
C GLU IB 132 -35.51 42.91 98.55
N GLU IB 133 -36.29 42.63 97.51
CA GLU IB 133 -35.94 43.03 96.16
C GLU IB 133 -36.19 44.51 95.90
N GLN IB 134 -36.99 45.16 96.75
CA GLN IB 134 -37.22 46.60 96.59
C GLN IB 134 -35.98 47.42 96.90
N ALA IB 135 -35.07 46.90 97.72
CA ALA IB 135 -33.80 47.57 98.00
C ALA IB 135 -32.73 47.27 96.95
N THR IB 136 -33.03 46.44 95.96
CA THR IB 136 -32.09 46.08 94.91
C THR IB 136 -32.51 46.55 93.54
N ILE IB 137 -33.81 46.55 93.24
CA ILE IB 137 -34.30 46.96 91.93
C ILE IB 137 -34.15 48.47 91.79
N GLU IB 138 -33.47 48.91 90.73
CA GLU IB 138 -33.27 50.32 90.46
C GLU IB 138 -34.38 50.86 89.58
N ARG IB 139 -34.83 52.08 89.88
CA ARG IB 139 -35.90 52.72 89.12
C ARG IB 139 -35.46 53.92 88.31
N ASN IB 140 -34.15 54.19 88.24
CA ASN IB 140 -33.69 55.36 87.51
C ASN IB 140 -33.39 55.00 86.06
N PRO IB 141 -34.18 55.50 85.10
CA PRO IB 141 -33.92 55.16 83.69
C PRO IB 141 -32.55 55.61 83.20
N TYR IB 142 -32.05 56.76 83.66
CA TYR IB 142 -30.72 57.21 83.26
C TYR IB 142 -29.63 56.26 83.76
N THR IB 143 -29.71 55.84 85.02
CA THR IB 143 -28.75 54.88 85.55
C THR IB 143 -28.84 53.54 84.83
N ILE IB 144 -30.05 53.06 84.55
CA ILE IB 144 -30.20 51.81 83.83
C ILE IB 144 -29.59 51.91 82.44
N PHE IB 145 -29.84 53.02 81.74
CA PHE IB 145 -29.30 53.21 80.39
C PHE IB 145 -27.77 53.29 80.42
N HIS IB 146 -27.21 54.03 81.37
CA HIS IB 146 -25.76 54.12 81.47
C HIS IB 146 -25.12 52.77 81.80
N GLN IB 147 -25.71 52.02 82.73
CA GLN IB 147 -25.16 50.71 83.06
C GLN IB 147 -25.28 49.74 81.89
N ALA IB 148 -26.40 49.77 81.17
CA ALA IB 148 -26.54 48.91 79.99
C ALA IB 148 -25.51 49.26 78.91
N LEU IB 149 -25.27 50.55 78.67
CA LEU IB 149 -24.24 50.92 77.71
C LEU IB 149 -22.85 50.51 78.17
N LYS IB 150 -22.55 50.66 79.46
CA LYS IB 150 -21.26 50.21 79.97
C LYS IB 150 -21.10 48.70 79.82
N ASN IB 151 -22.15 47.93 80.08
CA ASN IB 151 -22.08 46.49 79.88
C ASN IB 151 -21.89 46.13 78.41
N CYS IB 152 -22.59 46.81 77.51
CA CYS IB 152 -22.48 46.54 76.08
C CYS IB 152 -21.21 47.10 75.45
N GLU IB 153 -20.46 47.93 76.18
CA GLU IB 153 -19.26 48.53 75.63
C GLU IB 153 -18.19 47.48 75.41
N PRO IB 154 -17.66 47.32 74.20
CA PRO IB 154 -16.64 46.30 73.96
C PRO IB 154 -15.30 46.70 74.54
N VAL IB 155 -14.40 45.72 74.65
CA VAL IB 155 -13.07 45.98 75.20
C VAL IB 155 -12.04 46.13 74.09
N ILE IB 156 -11.99 45.18 73.16
CA ILE IB 156 -11.00 45.16 72.09
C ILE IB 156 -11.71 44.86 70.78
N GLY IB 157 -11.33 45.58 69.73
CA GLY IB 157 -11.97 45.40 68.45
C GLY IB 157 -11.08 44.71 67.44
N LEU IB 158 -11.56 44.57 66.21
CA LEU IB 158 -10.81 43.90 65.15
C LEU IB 158 -10.61 44.86 63.99
N VAL IB 159 -9.40 44.86 63.43
CA VAL IB 159 -9.05 45.72 62.30
C VAL IB 159 -8.59 44.83 61.15
N PRO IB 160 -9.12 44.98 59.95
CA PRO IB 160 -8.62 44.20 58.81
C PRO IB 160 -7.32 44.82 58.28
N ILE IB 161 -6.28 43.99 58.22
CA ILE IB 161 -4.97 44.41 57.72
C ILE IB 161 -4.62 43.50 56.56
N LEU IB 162 -4.18 44.10 55.45
CA LEU IB 162 -3.80 43.34 54.26
C LEU IB 162 -2.33 42.98 54.35
N LYS IB 163 -2.03 41.68 54.32
CA LYS IB 163 -0.66 41.20 54.31
C LYS IB 163 -0.60 39.91 53.49
N GLY IB 164 0.29 39.89 52.50
CA GLY IB 164 0.39 38.75 51.61
C GLY IB 164 -0.81 38.52 50.73
N GLY IB 165 -1.47 39.60 50.29
CA GLY IB 165 -2.60 39.48 49.40
C GLY IB 165 -3.90 39.05 50.04
N HIS IB 166 -3.95 38.98 51.38
CA HIS IB 166 -5.16 38.56 52.08
C HIS IB 166 -5.38 39.46 53.29
N PHE IB 167 -6.62 39.51 53.74
CA PHE IB 167 -7.02 40.34 54.86
C PHE IB 167 -7.06 39.49 56.13
N TYR IB 168 -6.43 39.99 57.20
CA TYR IB 168 -6.42 39.33 58.49
C TYR IB 168 -7.03 40.27 59.54
N GLN IB 169 -7.86 39.72 60.41
CA GLN IB 169 -8.53 40.50 61.45
C GLN IB 169 -7.61 40.55 62.67
N VAL IB 170 -6.84 41.61 62.80
CA VAL IB 170 -5.89 41.79 63.90
C VAL IB 170 -6.64 42.39 65.08
N PRO IB 171 -6.52 41.83 66.28
CA PRO IB 171 -7.13 42.44 67.47
C PRO IB 171 -6.40 43.71 67.85
N VAL IB 172 -7.15 44.80 68.01
CA VAL IB 172 -6.59 46.12 68.27
C VAL IB 172 -7.39 46.74 69.42
N PRO IB 173 -6.74 47.36 70.41
CA PRO IB 173 -7.47 48.11 71.42
C PRO IB 173 -8.22 49.29 70.81
N LEU IB 174 -9.37 49.59 71.37
CA LEU IB 174 -10.20 50.68 70.89
C LEU IB 174 -10.23 51.84 71.89
N ALA IB 175 -10.41 53.05 71.35
CA ALA IB 175 -10.53 54.24 72.17
C ALA IB 175 -11.90 54.26 72.85
N ASP IB 176 -12.03 55.10 73.88
CA ASP IB 176 -13.28 55.17 74.63
C ASP IB 176 -14.43 55.64 73.75
N ARG IB 177 -14.20 56.64 72.91
CA ARG IB 177 -15.24 57.12 72.01
C ARG IB 177 -15.67 56.04 71.03
N ARG IB 178 -14.71 55.31 70.46
CA ARG IB 178 -15.04 54.21 69.56
C ARG IB 178 -15.82 53.12 70.27
N ARG IB 179 -15.42 52.75 71.49
CA ARG IB 179 -16.11 51.71 72.23
C ARG IB 179 -17.55 52.11 72.53
N ARG IB 180 -17.75 53.35 73.00
CA ARG IB 180 -19.11 53.82 73.29
C ARG IB 180 -19.95 53.93 72.01
N PHE IB 181 -19.36 54.41 70.91
CA PHE IB 181 -20.10 54.47 69.66
C PHE IB 181 -20.51 53.09 69.17
N LEU IB 182 -19.62 52.09 69.28
CA LEU IB 182 -19.99 50.73 68.92
C LEU IB 182 -21.08 50.19 69.84
N ALA IB 183 -20.99 50.48 71.14
CA ALA IB 183 -22.01 50.02 72.07
C ALA IB 183 -23.39 50.59 71.73
N MET IB 184 -23.45 51.88 71.38
CA MET IB 184 -24.72 52.46 70.98
C MET IB 184 -25.20 51.91 69.65
N LYS IB 185 -24.29 51.78 68.68
CA LYS IB 185 -24.67 51.37 67.33
C LYS IB 185 -25.18 49.93 67.30
N TRP IB 186 -24.56 49.03 68.07
CA TRP IB 186 -25.04 47.65 68.09
C TRP IB 186 -26.48 47.56 68.60
N MET IB 187 -26.78 48.26 69.70
CA MET IB 187 -28.15 48.24 70.23
C MET IB 187 -29.12 48.89 69.26
N ILE IB 188 -28.75 50.01 68.64
CA ILE IB 188 -29.65 50.66 67.69
C ILE IB 188 -29.93 49.75 66.50
N ALA IB 189 -28.89 49.14 65.93
CA ALA IB 189 -29.06 48.25 64.80
C ALA IB 189 -29.91 47.04 65.16
N GLU IB 190 -29.68 46.45 66.35
CA GLU IB 190 -30.49 45.30 66.76
C GLU IB 190 -31.95 45.69 66.92
N CYS IB 191 -32.21 46.82 67.57
CA CYS IB 191 -33.59 47.24 67.78
C CYS IB 191 -34.30 47.64 66.49
N ARG IB 192 -33.55 48.12 65.49
CA ARG IB 192 -34.17 48.54 64.23
C ARG IB 192 -34.60 47.37 63.35
N GLU IB 193 -33.91 46.23 63.40
CA GLU IB 193 -34.16 45.14 62.47
C GLU IB 193 -34.70 43.88 63.13
N LYS IB 194 -34.37 43.62 64.39
CA LYS IB 194 -34.72 42.35 65.04
C LYS IB 194 -36.02 42.43 65.83
N LYS IB 195 -36.95 43.29 65.43
CA LYS IB 195 -38.23 43.44 66.10
C LYS IB 195 -39.37 43.20 65.12
N HIS IB 196 -40.52 42.81 65.67
CA HIS IB 196 -41.72 42.62 64.86
C HIS IB 196 -42.27 43.98 64.41
N ARG IB 197 -43.02 43.96 63.31
CA ARG IB 197 -43.57 45.19 62.77
C ARG IB 197 -44.55 45.85 63.73
N ARG IB 198 -45.34 45.05 64.46
CA ARG IB 198 -46.25 45.60 65.45
C ARG IB 198 -45.51 46.13 66.68
N VAL IB 199 -44.28 45.67 66.92
CA VAL IB 199 -43.52 46.12 68.09
C VAL IB 199 -42.95 47.50 67.80
N LEU IB 200 -43.17 48.44 68.70
CA LEU IB 200 -42.71 49.80 68.53
C LEU IB 200 -41.25 49.93 68.98
N MET IB 201 -40.59 50.98 68.50
CA MET IB 201 -39.18 51.19 68.84
C MET IB 201 -38.99 51.43 70.34
N PRO IB 202 -39.72 52.34 71.01
CA PRO IB 202 -39.55 52.45 72.46
C PRO IB 202 -39.87 51.18 73.21
N GLU IB 203 -40.89 50.43 72.78
CA GLU IB 203 -41.24 49.19 73.46
C GLU IB 203 -40.13 48.16 73.35
N LYS IB 204 -39.52 48.03 72.18
CA LYS IB 204 -38.41 47.10 72.01
C LYS IB 204 -37.17 47.57 72.77
N LEU IB 205 -36.88 48.88 72.73
CA LEU IB 205 -35.70 49.40 73.39
C LEU IB 205 -35.81 49.29 74.91
N SER IB 206 -37.02 49.39 75.45
CA SER IB 206 -37.19 49.21 76.89
C SER IB 206 -36.81 47.80 77.32
N GLN IB 207 -37.22 46.79 76.56
CA GLN IB 207 -36.82 45.41 76.85
C GLN IB 207 -35.31 45.24 76.66
N GLU IB 208 -34.77 45.82 75.59
CA GLU IB 208 -33.35 45.65 75.29
C GLU IB 208 -32.46 46.27 76.36
N LEU IB 209 -32.82 47.46 76.85
CA LEU IB 209 -32.03 48.10 77.89
C LEU IB 209 -32.04 47.28 79.18
N LEU IB 210 -33.21 46.76 79.56
CA LEU IB 210 -33.29 45.92 80.75
C LEU IB 210 -32.49 44.64 80.60
N GLU IB 211 -32.53 44.01 79.41
CA GLU IB 211 -31.70 42.83 79.19
C GLU IB 211 -30.21 43.15 79.25
N ALA IB 212 -29.80 44.26 78.64
CA ALA IB 212 -28.40 44.67 78.68
C ALA IB 212 -27.93 45.04 80.07
N PHE IB 213 -28.82 45.57 80.91
CA PHE IB 213 -28.45 45.87 82.29
C PHE IB 213 -28.07 44.63 83.06
N HIS IB 214 -28.78 43.52 82.87
CA HIS IB 214 -28.48 42.25 83.52
C HIS IB 214 -27.58 41.37 82.68
N ASN IB 215 -27.12 41.87 81.52
CA ASN IB 215 -26.17 41.16 80.66
C ASN IB 215 -26.78 39.88 80.10
N GLN IB 216 -28.04 39.98 79.63
CA GLN IB 216 -28.75 38.85 79.06
C GLN IB 216 -29.33 39.15 77.68
N GLY IB 217 -28.95 40.27 77.07
CA GLY IB 217 -29.46 40.64 75.77
C GLY IB 217 -28.54 40.23 74.63
N PRO IB 218 -29.07 40.24 73.40
CA PRO IB 218 -28.23 39.88 72.25
C PRO IB 218 -27.06 40.82 72.01
N VAL IB 219 -27.10 42.05 72.53
CA VAL IB 219 -25.93 42.91 72.40
C VAL IB 219 -24.75 42.34 73.18
N ILE IB 220 -25.01 41.78 74.36
CA ILE IB 220 -23.95 41.12 75.13
C ILE IB 220 -23.43 39.90 74.37
N LYS IB 221 -24.32 39.17 73.69
CA LYS IB 221 -23.87 38.04 72.88
C LYS IB 221 -22.98 38.50 71.73
N ARG IB 222 -23.34 39.61 71.09
CA ARG IB 222 -22.51 40.16 70.01
C ARG IB 222 -21.15 40.61 70.53
N LYS IB 223 -21.13 41.26 71.71
CA LYS IB 223 -19.86 41.65 72.33
C LYS IB 223 -19.00 40.44 72.63
N HIS IB 224 -19.62 39.38 73.16
CA HIS IB 224 -18.88 38.15 73.45
C HIS IB 224 -18.38 37.49 72.16
N ASP IB 225 -19.17 37.55 71.09
CA ASP IB 225 -18.70 37.05 69.80
C ASP IB 225 -17.47 37.83 69.31
N MET IB 226 -17.50 39.15 69.45
CA MET IB 226 -16.33 39.96 69.10
C MET IB 226 -15.12 39.57 69.94
N HIS IB 227 -15.31 39.41 71.25
CA HIS IB 227 -14.21 39.02 72.13
C HIS IB 227 -13.66 37.64 71.77
N LYS IB 228 -14.53 36.70 71.47
CA LYS IB 228 -14.08 35.36 71.09
C LYS IB 228 -13.35 35.36 69.76
N MET IB 229 -13.83 36.14 68.78
CA MET IB 229 -13.14 36.22 67.51
C MET IB 229 -11.78 36.91 67.65
N ALA IB 230 -11.68 37.88 68.57
CA ALA IB 230 -10.38 38.49 68.86
C ALA IB 230 -9.44 37.52 69.57
N GLU IB 231 -9.98 36.70 70.48
CA GLU IB 231 -9.15 35.72 71.17
C GLU IB 231 -8.68 34.62 70.22
N ALA IB 232 -9.50 34.24 69.25
CA ALA IB 232 -9.10 33.23 68.29
C ALA IB 232 -8.12 33.77 67.26
N ASN IB 233 -8.07 35.08 67.06
CA ASN IB 233 -7.21 35.71 66.06
C ASN IB 233 -6.09 36.52 66.69
N ARG IB 234 -5.91 36.38 68.01
CA ARG IB 234 -4.73 36.95 68.68
C ARG IB 234 -3.43 36.44 68.05
N ALA IB 235 -3.50 35.38 67.25
CA ALA IB 235 -2.34 34.92 66.48
C ALA IB 235 -1.78 36.02 65.58
N LEU IB 236 -2.63 36.90 65.08
CA LEU IB 236 -2.25 37.91 64.10
C LEU IB 236 -1.98 39.26 64.72
N ALA IB 237 -1.83 39.33 66.05
CA ALA IB 237 -1.61 40.60 66.72
C ALA IB 237 -0.27 41.24 66.37
N HIS IB 238 0.71 40.46 65.89
CA HIS IB 238 2.00 41.03 65.51
C HIS IB 238 1.95 41.76 64.18
N TYR IB 239 0.87 41.60 63.40
CA TYR IB 239 0.75 42.32 62.14
C TYR IB 239 0.55 43.82 62.35
N ARG IB 240 0.01 44.23 63.49
CA ARG IB 240 -0.17 45.65 63.76
C ARG IB 240 1.17 46.32 63.97
N TRP IB 241 1.31 47.52 63.40
CA TRP IB 241 2.55 48.29 63.50
C TRP IB 241 2.39 49.55 64.35
N TRP IB 242 1.28 49.70 65.05
CA TRP IB 242 1.07 50.86 65.90
C TRP IB 242 0.63 50.44 67.31
N THR JB 70 11.81 111.39 35.78
CA THR JB 70 10.37 111.63 35.91
C THR JB 70 10.08 112.68 36.97
N VAL JB 71 11.11 113.38 37.41
CA VAL JB 71 10.95 114.41 38.43
C VAL JB 71 10.13 115.59 37.90
N ASP JB 72 10.43 116.03 36.67
CA ASP JB 72 9.68 117.13 36.08
C ASP JB 72 8.23 116.76 35.78
N PHE JB 73 7.97 115.49 35.45
CA PHE JB 73 6.59 115.05 35.28
C PHE JB 73 5.79 115.20 36.57
N ILE JB 74 6.37 114.79 37.70
CA ILE JB 74 5.69 114.94 38.98
C ILE JB 74 5.56 116.42 39.35
N LYS JB 75 6.57 117.22 39.01
CA LYS JB 75 6.50 118.66 39.29
C LYS JB 75 5.35 119.31 38.52
N LYS JB 76 5.17 118.96 37.25
CA LYS JB 76 4.05 119.47 36.47
C LYS JB 76 2.72 118.92 36.98
N GLN JB 77 2.69 117.66 37.41
CA GLN JB 77 1.47 117.09 37.96
C GLN JB 77 1.06 117.79 39.25
N ILE JB 78 2.02 118.27 40.04
CA ILE JB 78 1.67 119.03 41.24
C ILE JB 78 0.93 120.31 40.88
N GLU JB 79 1.43 121.06 39.90
CA GLU JB 79 0.77 122.29 39.47
C GLU JB 79 -0.60 122.00 38.89
N GLU JB 80 -0.70 120.94 38.07
CA GLU JB 80 -2.00 120.57 37.51
C GLU JB 80 -2.98 120.16 38.60
N PHE JB 81 -2.53 119.43 39.61
CA PHE JB 81 -3.39 119.08 40.74
C PHE JB 81 -3.85 120.32 41.49
N ASN JB 82 -2.95 121.29 41.70
CA ASN JB 82 -3.35 122.50 42.39
C ASN JB 82 -4.39 123.30 41.61
N ILE JB 83 -4.18 123.47 40.30
CA ILE JB 83 -5.13 124.24 39.51
C ILE JB 83 -6.46 123.49 39.39
N GLY JB 84 -6.41 122.15 39.30
CA GLY JB 84 -7.63 121.38 39.29
C GLY JB 84 -8.39 121.45 40.60
N LYS JB 85 -7.67 121.46 41.72
CA LYS JB 85 -8.32 121.64 43.02
C LYS JB 85 -8.97 123.02 43.12
N ARG JB 86 -8.29 124.06 42.64
CA ARG JB 86 -8.90 125.39 42.62
C ARG JB 86 -10.17 125.42 41.78
N HIS JB 87 -10.12 124.82 40.57
CA HIS JB 87 -11.30 124.79 39.72
C HIS JB 87 -12.42 123.96 40.33
N LEU JB 88 -12.08 122.85 40.99
CA LEU JB 88 -13.09 122.03 41.65
C LEU JB 88 -13.77 122.79 42.78
N ALA JB 89 -12.98 123.52 43.58
CA ALA JB 89 -13.56 124.37 44.62
C ALA JB 89 -14.45 125.45 44.03
N ASN JB 90 -14.03 126.08 42.92
CA ASN JB 90 -14.84 127.10 42.28
C ASN JB 90 -16.16 126.54 41.78
N MET JB 91 -16.12 125.37 41.14
CA MET JB 91 -17.35 124.79 40.59
C MET JB 91 -18.23 124.18 41.67
N MET JB 92 -17.68 123.79 42.81
CA MET JB 92 -18.47 123.23 43.89
C MET JB 92 -19.06 124.30 44.80
N GLY JB 93 -18.42 125.46 44.88
CA GLY JB 93 -18.96 126.56 45.65
C GLY JB 93 -18.40 126.69 47.05
N GLU JB 94 -17.38 125.93 47.40
CA GLU JB 94 -16.75 126.00 48.70
C GLU JB 94 -15.48 126.83 48.63
N ASP JB 95 -15.00 127.23 49.80
CA ASP JB 95 -13.79 128.04 49.89
C ASP JB 95 -12.58 127.20 49.53
N PRO JB 96 -11.79 127.58 48.53
CA PRO JB 96 -10.58 126.80 48.20
C PRO JB 96 -9.57 126.73 49.33
N GLU JB 97 -9.48 127.75 50.18
CA GLU JB 97 -8.58 127.71 51.32
C GLU JB 97 -8.97 126.62 52.30
N THR JB 98 -10.27 126.45 52.54
CA THR JB 98 -10.77 125.40 53.43
C THR JB 98 -11.03 124.09 52.70
N PHE JB 99 -10.74 124.02 51.40
CA PHE JB 99 -10.95 122.81 50.61
C PHE JB 99 -9.89 121.79 50.98
N THR JB 100 -10.31 120.59 51.37
CA THR JB 100 -9.43 119.53 51.81
C THR JB 100 -9.70 118.25 51.02
N GLN JB 101 -8.90 117.22 51.30
CA GLN JB 101 -9.07 115.94 50.61
C GLN JB 101 -10.41 115.28 50.94
N GLU JB 102 -10.92 115.50 52.15
CA GLU JB 102 -12.25 114.99 52.48
C GLU JB 102 -13.33 115.58 51.58
N ASP JB 103 -13.26 116.89 51.32
CA ASP JB 103 -14.15 117.52 50.36
C ASP JB 103 -13.87 117.08 48.93
N ILE JB 104 -12.59 116.84 48.60
CA ILE JB 104 -12.24 116.37 47.26
C ILE JB 104 -12.90 115.02 46.96
N ASP JB 105 -12.85 114.11 47.93
CA ASP JB 105 -13.44 112.79 47.74
C ASP JB 105 -14.94 112.88 47.48
N ARG JB 106 -15.65 113.69 48.28
CA ARG JB 106 -17.09 113.86 48.08
C ARG JB 106 -17.39 114.53 46.75
N ALA JB 107 -16.61 115.54 46.37
CA ALA JB 107 -16.81 116.22 45.09
C ALA JB 107 -16.61 115.27 43.92
N ILE JB 108 -15.56 114.44 43.97
CA ILE JB 108 -15.34 113.46 42.92
C ILE JB 108 -16.48 112.45 42.87
N ALA JB 109 -16.91 111.95 44.04
CA ALA JB 109 -18.01 110.99 44.06
C ALA JB 109 -19.30 111.56 43.50
N TYR JB 110 -19.58 112.83 43.78
CA TYR JB 110 -20.80 113.45 43.27
C TYR JB 110 -20.71 113.78 41.78
N LEU JB 111 -19.57 114.28 41.32
CA LEU JB 111 -19.46 114.70 39.93
C LEU JB 111 -19.33 113.50 38.99
N PHE JB 112 -18.66 112.44 39.43
CA PHE JB 112 -18.41 111.25 38.61
C PHE JB 112 -18.91 110.04 39.39
N PRO JB 113 -20.22 109.79 39.40
CA PRO JB 113 -20.77 108.66 40.17
C PRO JB 113 -20.56 107.32 39.48
N SER JB 114 -19.32 106.81 39.58
CA SER JB 114 -18.97 105.52 38.99
C SER JB 114 -19.34 104.43 39.98
N GLY JB 115 -20.33 103.63 39.64
CA GLY JB 115 -20.72 102.52 40.48
C GLY JB 115 -19.95 101.25 40.15
N LEU JB 116 -18.90 100.98 40.93
CA LEU JB 116 -18.09 99.79 40.74
C LEU JB 116 -17.80 99.18 42.11
N PHE JB 117 -17.67 97.85 42.12
CA PHE JB 117 -17.44 97.14 43.38
C PHE JB 117 -16.03 97.33 43.90
N GLU JB 118 -15.06 97.56 43.01
CA GLU JB 118 -13.68 97.81 43.41
C GLU JB 118 -13.49 99.31 43.60
N LYS JB 119 -13.12 99.71 44.82
CA LYS JB 119 -12.95 101.12 45.13
C LYS JB 119 -11.77 101.74 44.39
N ARG JB 120 -10.75 100.95 44.06
CA ARG JB 120 -9.61 101.48 43.33
C ARG JB 120 -9.94 101.78 41.88
N ALA JB 121 -11.03 101.23 41.36
CA ALA JB 121 -11.46 101.51 39.99
C ALA JB 121 -12.25 102.80 39.86
N ARG JB 122 -12.71 103.38 40.98
CA ARG JB 122 -13.42 104.64 40.92
C ARG JB 122 -12.45 105.77 40.58
N PRO JB 123 -12.95 106.86 39.97
CA PRO JB 123 -12.09 108.01 39.72
C PRO JB 123 -11.53 108.57 41.02
N ILE JB 124 -10.25 108.93 40.98
CA ILE JB 124 -9.56 109.46 42.15
C ILE JB 124 -8.63 110.59 41.71
N MET JB 125 -8.61 111.67 42.49
CA MET JB 125 -7.72 112.80 42.25
C MET JB 125 -7.04 113.17 43.56
N LYS JB 126 -5.82 112.70 43.74
CA LYS JB 126 -5.03 112.97 44.93
C LYS JB 126 -3.74 113.68 44.53
N HIS JB 127 -2.86 113.89 45.51
CA HIS JB 127 -1.57 114.50 45.23
C HIS JB 127 -0.74 113.53 44.38
N PRO JB 128 0.17 114.05 43.55
CA PRO JB 128 1.04 113.16 42.77
C PRO JB 128 1.87 112.21 43.63
N GLU JB 129 2.34 112.65 44.80
CA GLU JB 129 3.08 111.76 45.68
C GLU JB 129 2.21 110.64 46.25
N GLU JB 130 0.90 110.82 46.28
CA GLU JB 130 -0.02 109.78 46.74
C GLU JB 130 -0.46 108.86 45.60
N ILE JB 131 -0.70 109.42 44.41
CA ILE JB 131 -1.13 108.60 43.28
C ILE JB 131 0.05 107.81 42.72
N PHE JB 132 1.08 108.52 42.25
CA PHE JB 132 2.27 107.86 41.74
C PHE JB 132 3.01 107.15 42.86
N PRO JB 133 3.60 105.98 42.60
CA PRO JB 133 4.34 105.28 43.64
C PRO JB 133 5.62 106.02 44.00
N LYS JB 134 6.16 105.67 45.17
CA LYS JB 134 7.38 106.31 45.64
C LYS JB 134 8.54 105.94 44.74
N GLN JB 135 9.50 106.84 44.56
CA GLN JB 135 10.58 106.61 43.62
C GLN JB 135 11.89 106.53 44.37
N ARG JB 136 12.77 105.63 43.94
CA ARG JB 136 14.09 105.49 44.52
C ARG JB 136 14.90 106.76 44.24
N ALA JB 137 15.62 107.24 45.24
CA ALA JB 137 16.39 108.47 45.10
C ALA JB 137 17.55 108.26 44.14
N ILE JB 138 18.08 109.37 43.64
CA ILE JB 138 19.24 109.32 42.75
C ILE JB 138 20.43 108.76 43.50
N GLN JB 139 20.87 107.57 43.12
CA GLN JB 139 21.87 106.85 43.89
C GLN JB 139 23.29 107.37 43.68
N TRP JB 140 23.54 108.12 42.62
CA TRP JB 140 24.89 108.59 42.32
C TRP JB 140 24.82 110.03 41.85
N GLY JB 141 25.93 110.75 42.03
CA GLY JB 141 26.04 112.12 41.60
C GLY JB 141 26.36 112.22 40.12
N GLU JB 142 26.54 113.46 39.67
CA GLU JB 142 26.90 113.72 38.28
C GLU JB 142 28.28 113.18 37.91
N ASP JB 143 29.14 112.97 38.90
CA ASP JB 143 30.46 112.39 38.66
C ASP JB 143 30.43 110.87 38.58
N GLY JB 144 29.28 110.25 38.87
CA GLY JB 144 29.15 108.81 38.83
C GLY JB 144 29.39 108.12 40.15
N ARG JB 145 29.93 108.81 41.14
CA ARG JB 145 30.18 108.20 42.44
C ARG JB 145 28.88 108.04 43.21
N PRO JB 146 28.52 106.83 43.66
CA PRO JB 146 27.32 106.67 44.47
C PRO JB 146 27.44 107.39 45.80
N PHE JB 147 26.29 107.78 46.34
CA PHE JB 147 26.27 108.51 47.61
C PHE JB 147 26.50 107.58 48.79
N HIS JB 148 25.62 106.60 48.97
CA HIS JB 148 25.75 105.68 50.10
C HIS JB 148 26.90 104.71 49.85
N PHE JB 149 27.57 104.32 50.94
CA PHE JB 149 28.73 103.45 50.86
C PHE JB 149 28.36 101.98 50.69
N LEU JB 150 27.08 101.63 50.77
CA LEU JB 150 26.61 100.26 50.57
C LEU JB 150 25.82 100.12 49.28
N PHE JB 151 26.09 100.99 48.30
CA PHE JB 151 25.35 100.95 47.04
C PHE JB 151 25.60 99.65 46.28
N TYR JB 152 26.83 99.15 46.28
CA TYR JB 152 27.20 97.95 45.53
C TYR JB 152 26.78 96.67 46.24
N THR JB 153 25.98 96.76 47.29
CA THR JB 153 25.52 95.59 48.02
C THR JB 153 24.12 95.15 47.60
N GLY JB 154 23.51 95.82 46.63
CA GLY JB 154 22.20 95.45 46.16
C GLY JB 154 21.06 96.12 46.91
N LYS JB 155 21.03 95.95 48.22
CA LYS JB 155 19.99 96.53 49.07
C LYS JB 155 20.67 97.47 50.05
N GLN JB 156 20.91 98.71 49.60
CA GLN JB 156 21.66 99.66 50.41
C GLN JB 156 20.91 100.05 51.67
N SER JB 157 19.60 100.29 51.59
CA SER JB 157 18.84 100.69 52.76
C SER JB 157 18.75 99.58 53.80
N TYR JB 158 18.41 98.36 53.37
CA TYR JB 158 18.32 97.25 54.31
C TYR JB 158 19.68 96.93 54.93
N TYR JB 159 20.75 96.96 54.12
CA TYR JB 159 22.06 96.65 54.66
C TYR JB 159 22.58 97.76 55.57
N SER JB 160 22.28 99.03 55.28
CA SER JB 160 22.61 100.10 56.20
C SER JB 160 21.84 99.97 57.50
N LEU JB 161 20.56 99.59 57.44
CA LEU JB 161 19.79 99.39 58.66
C LEU JB 161 20.38 98.25 59.49
N MET JB 162 20.76 97.15 58.84
CA MET JB 162 21.38 96.04 59.56
C MET JB 162 22.72 96.46 60.17
N HIS JB 163 23.53 97.21 59.43
CA HIS JB 163 24.81 97.69 59.94
C HIS JB 163 24.63 98.61 61.14
N ASP JB 164 23.66 99.52 61.08
CA ASP JB 164 23.40 100.40 62.21
C ASP JB 164 22.91 99.62 63.41
N THR JB 165 22.05 98.62 63.18
CA THR JB 165 21.57 97.79 64.29
C THR JB 165 22.71 97.02 64.94
N TYR JB 166 23.62 96.47 64.13
CA TYR JB 166 24.76 95.74 64.70
C TYR JB 166 25.73 96.67 65.42
N GLY JB 167 25.95 97.88 64.89
CA GLY JB 167 26.78 98.85 65.58
C GLY JB 167 26.21 99.27 66.91
N LYS JB 168 24.90 99.52 66.97
CA LYS JB 168 24.24 99.80 68.23
C LYS JB 168 24.29 98.63 69.19
N LEU JB 169 24.15 97.40 68.68
CA LEU JB 169 24.29 96.22 69.53
C LEU JB 169 25.69 96.14 70.14
N LEU JB 170 26.72 96.39 69.33
CA LEU JB 170 28.09 96.38 69.84
C LEU JB 170 28.31 97.49 70.86
N ASP JB 171 27.78 98.69 70.61
CA ASP JB 171 27.90 99.78 71.56
C ASP JB 171 27.21 99.45 72.88
N VAL JB 172 26.02 98.85 72.81
CA VAL JB 172 25.32 98.45 74.02
C VAL JB 172 26.11 97.38 74.76
N GLU JB 173 26.69 96.42 74.03
CA GLU JB 173 27.50 95.39 74.68
C GLU JB 173 28.71 95.98 75.39
N LYS JB 174 29.41 96.92 74.75
CA LYS JB 174 30.55 97.56 75.39
C LYS JB 174 30.13 98.37 76.62
N HIS JB 175 29.04 99.12 76.51
CA HIS JB 175 28.56 99.91 77.64
C HIS JB 175 28.16 99.01 78.80
N HIS JB 176 27.48 97.89 78.52
CA HIS JB 176 27.08 96.97 79.57
C HIS JB 176 28.29 96.27 80.18
N ASN JB 177 29.31 95.96 79.38
CA ASN JB 177 30.53 95.39 79.93
C ASN JB 177 31.22 96.37 80.86
N GLN JB 178 31.29 97.64 80.47
CA GLN JB 178 31.87 98.65 81.37
C GLN JB 178 31.04 98.81 82.64
N LEU JB 179 29.71 98.79 82.53
CA LEU JB 179 28.87 98.90 83.71
C LEU JB 179 29.06 97.70 84.64
N ARG JB 180 29.16 96.49 84.08
CA ARG JB 180 29.40 95.31 84.90
C ARG JB 180 30.78 95.35 85.55
N ALA JB 181 31.79 95.84 84.84
CA ALA JB 181 33.11 95.99 85.43
C ALA JB 181 33.10 97.00 86.57
N LYS JB 182 32.34 98.09 86.42
CA LYS JB 182 32.22 99.09 87.47
C LYS JB 182 31.16 98.72 88.51
N ASP JB 183 30.51 97.56 88.36
CA ASP JB 183 29.49 97.09 89.30
C ASP JB 183 28.32 98.06 89.37
N LEU JB 184 27.79 98.43 88.21
CA LEU JB 184 26.66 99.35 88.10
C LEU JB 184 25.59 98.70 87.24
N LEU JB 185 24.42 98.47 87.83
CA LEU JB 185 23.27 97.90 87.14
C LEU JB 185 22.10 98.86 87.32
N ALA JB 186 21.88 99.73 86.33
CA ALA JB 186 20.82 100.73 86.38
C ALA JB 186 19.75 100.52 85.33
N GLU JB 187 19.92 99.55 84.43
CA GLU JB 187 18.95 99.30 83.38
C GLU JB 187 17.85 98.36 83.86
N LYS JB 188 16.75 98.35 83.11
CA LYS JB 188 15.60 97.51 83.42
C LYS JB 188 15.20 96.73 82.19
N THR JB 189 14.33 95.74 82.39
CA THR JB 189 13.84 94.89 81.32
C THR JB 189 12.59 95.53 80.71
N LYS JB 190 12.73 96.08 79.51
CA LYS JB 190 11.63 96.73 78.82
C LYS JB 190 11.14 95.92 77.62
N ILE JB 191 11.61 94.67 77.48
CA ILE JB 191 11.22 93.85 76.34
C ILE JB 191 9.76 93.40 76.43
N LEU JB 192 9.26 93.18 77.65
CA LEU JB 192 7.90 92.67 77.84
C LEU JB 192 6.92 93.82 77.65
N LYS JB 193 6.22 93.81 76.52
CA LYS JB 193 5.21 94.81 76.19
C LYS JB 193 3.84 94.17 75.98
N ASP JB 194 3.51 93.17 76.80
CA ASP JB 194 2.22 92.50 76.68
C ASP JB 194 1.02 93.43 76.92
N PRO JB 195 0.97 94.24 77.99
CA PRO JB 195 -0.19 95.11 78.17
C PRO JB 195 -0.36 96.14 77.06
N ILE JB 196 0.72 96.57 76.43
CA ILE JB 196 0.62 97.56 75.36
C ILE JB 196 0.10 96.94 74.07
N GLY JB 197 0.42 95.68 73.81
CA GLY JB 197 0.04 95.05 72.56
C GLY JB 197 1.01 95.42 71.44
N SER JB 198 2.29 95.10 71.64
CA SER JB 198 3.32 95.44 70.68
C SER JB 198 3.70 94.23 69.85
N ARG JB 199 3.81 94.43 68.54
CA ARG JB 199 4.24 93.41 67.60
C ARG JB 199 5.39 93.95 66.76
N TRP JB 200 6.06 93.07 66.05
CA TRP JB 200 7.10 93.46 65.12
C TRP JB 200 6.50 93.77 63.76
N LEU JB 201 7.27 94.50 62.94
CA LEU JB 201 6.82 94.85 61.61
C LEU JB 201 6.69 93.60 60.75
N ILE JB 202 5.68 93.59 59.88
CA ILE JB 202 5.54 92.53 58.88
C ILE JB 202 6.43 92.86 57.70
N LYS JB 203 6.57 91.90 56.77
CA LYS JB 203 7.40 92.15 55.59
C LYS JB 203 6.86 93.31 54.77
N GLU JB 204 5.53 93.45 54.66
CA GLU JB 204 4.97 94.59 53.94
C GLU JB 204 5.26 95.89 54.66
N GLU JB 205 5.17 95.90 56.00
CA GLU JB 205 5.47 97.10 56.76
C GLU JB 205 6.95 97.48 56.68
N LEU JB 206 7.83 96.52 56.49
CA LEU JB 206 9.24 96.84 56.26
C LEU JB 206 9.52 97.27 54.83
N GLU JB 207 8.81 96.73 53.84
CA GLU JB 207 9.00 97.11 52.46
C GLU JB 207 8.37 98.46 52.14
N GLU JB 208 7.37 98.90 52.91
CA GLU JB 208 6.85 100.25 52.74
C GLU JB 208 7.77 101.30 53.35
N MET JB 209 8.65 100.90 54.28
CA MET JB 209 9.64 101.82 54.81
C MET JB 209 10.90 101.84 53.94
N LEU JB 210 11.46 100.67 53.65
CA LEU JB 210 12.59 100.55 52.75
C LEU JB 210 12.07 100.36 51.34
N VAL JB 211 12.31 101.36 50.48
CA VAL JB 211 11.66 101.39 49.17
C VAL JB 211 11.99 100.15 48.35
N GLU JB 212 13.23 99.69 48.43
CA GLU JB 212 13.66 98.52 47.68
C GLU JB 212 12.99 97.26 48.21
N LYS JB 213 12.98 96.23 47.37
CA LYS JB 213 12.34 94.96 47.72
C LYS JB 213 13.12 94.26 48.82
N LEU JB 214 12.43 93.36 49.51
CA LEU JB 214 13.00 92.61 50.62
C LEU JB 214 12.74 91.12 50.44
N SER JB 215 13.51 90.31 51.17
CA SER JB 215 13.40 88.86 51.12
C SER JB 215 12.94 88.34 52.48
N ASP JB 216 12.33 87.14 52.44
CA ASP JB 216 11.84 86.52 53.68
C ASP JB 216 12.99 86.21 54.63
N GLN JB 217 14.08 85.66 54.11
CA GLN JB 217 15.22 85.33 54.96
C GLN JB 217 15.85 86.57 55.56
N ASP JB 218 15.99 87.64 54.77
CA ASP JB 218 16.53 88.89 55.30
C ASP JB 218 15.61 89.49 56.35
N TYR JB 219 14.30 89.43 56.13
CA TYR JB 219 13.35 89.93 57.13
C TYR JB 219 13.44 89.12 58.43
N ALA JB 220 13.56 87.80 58.32
CA ALA JB 220 13.71 86.97 59.51
C ALA JB 220 15.01 87.28 60.24
N GLN JB 221 16.10 87.51 59.50
CA GLN JB 221 17.36 87.89 60.12
C GLN JB 221 17.24 89.22 60.84
N PHE JB 222 16.55 90.19 60.23
CA PHE JB 222 16.36 91.48 60.88
C PHE JB 222 15.54 91.34 62.16
N ILE JB 223 14.47 90.53 62.11
CA ILE JB 223 13.65 90.34 63.30
C ILE JB 223 14.45 89.65 64.41
N ARG JB 224 15.24 88.64 64.05
CA ARG JB 224 16.03 87.91 65.04
C ARG JB 224 17.20 88.73 65.56
N LEU JB 225 17.67 89.73 64.81
CA LEU JB 225 18.64 90.67 65.36
C LEU JB 225 17.98 91.69 66.28
N LEU JB 226 16.76 92.11 65.94
CA LEU JB 226 16.02 93.00 66.83
C LEU JB 226 15.71 92.34 68.17
N GLU JB 227 15.34 91.05 68.15
CA GLU JB 227 15.10 90.37 69.42
C GLU JB 227 16.39 90.23 70.23
N ARG JB 228 17.53 90.00 69.56
CA ARG JB 228 18.81 89.98 70.25
C ARG JB 228 19.10 91.33 70.90
N LEU JB 229 18.84 92.42 70.18
CA LEU JB 229 19.06 93.74 70.74
C LEU JB 229 18.14 94.00 71.92
N SER JB 230 16.88 93.58 71.84
CA SER JB 230 15.93 93.77 72.92
C SER JB 230 16.22 92.89 74.13
N ALA JB 231 16.89 91.76 73.94
CA ALA JB 231 17.20 90.85 75.04
C ALA JB 231 18.30 91.38 75.95
N LEU JB 232 18.97 92.47 75.57
CA LEU JB 232 20.03 93.06 76.35
C LEU JB 232 19.56 94.33 77.04
N PRO JB 233 20.23 94.76 78.12
CA PRO JB 233 19.84 96.02 78.78
C PRO JB 233 19.81 97.20 77.81
N CYS JB 234 18.62 97.74 77.58
CA CYS JB 234 18.43 98.78 76.58
C CYS JB 234 18.86 100.14 77.11
N GLY JB 235 19.44 100.94 76.23
CA GLY JB 235 19.81 102.30 76.55
C GLY JB 235 18.66 103.26 76.31
N ALA JB 236 18.96 104.55 76.48
CA ALA JB 236 17.95 105.58 76.28
C ALA JB 236 17.53 105.70 74.83
N THR JB 237 18.51 105.78 73.92
CA THR JB 237 18.21 105.89 72.50
C THR JB 237 17.94 104.55 71.83
N GLU JB 238 18.47 103.46 72.38
CA GLU JB 238 18.25 102.15 71.77
C GLU JB 238 16.78 101.76 71.83
N GLU JB 239 16.13 101.99 72.97
CA GLU JB 239 14.72 101.67 73.07
C GLU JB 239 13.88 102.52 72.12
N ASP JB 240 14.21 103.81 71.99
CA ASP JB 240 13.49 104.66 71.03
C ASP JB 240 13.69 104.18 69.60
N PHE JB 241 14.91 103.76 69.25
CA PHE JB 241 15.18 103.22 67.93
C PHE JB 241 14.38 101.94 67.68
N VAL JB 242 14.29 101.06 68.68
CA VAL JB 242 13.49 99.86 68.53
C VAL JB 242 12.00 100.16 68.42
N ASN JB 243 11.52 101.18 69.13
CA ASN JB 243 10.09 101.48 69.16
C ASN JB 243 9.52 101.83 67.79
N ARG JB 244 10.30 102.44 66.91
CA ARG JB 244 9.79 102.76 65.58
C ARG JB 244 9.54 101.52 64.74
N PHE JB 245 10.07 100.36 65.14
CA PHE JB 245 9.78 99.08 64.50
C PHE JB 245 8.70 98.31 65.25
N ARG JB 246 8.05 98.93 66.22
CA ARG JB 246 7.00 98.31 67.01
C ARG JB 246 5.64 98.82 66.56
N ARG JB 247 4.73 97.90 66.27
CA ARG JB 247 3.34 98.30 65.87
C ARG JB 247 2.41 98.02 67.05
N SER JB 248 1.87 99.06 67.67
CA SER JB 248 0.98 98.87 68.85
C SER JB 248 -0.43 98.49 68.39
N ILE JB 249 -0.66 97.20 68.13
CA ILE JB 249 -2.01 96.73 67.71
C ILE JB 249 -2.95 96.82 68.91
N PRO JB 250 -4.08 97.58 68.83
CA PRO JB 250 -4.99 97.76 69.95
C PRO JB 250 -6.26 96.91 69.86
N ILE JB 251 -6.22 95.80 69.10
CA ILE JB 251 -7.44 94.96 68.89
C ILE JB 251 -7.46 93.85 69.94
N GLN JB 252 -7.72 94.20 71.20
CA GLN JB 252 -7.70 93.18 72.30
C GLN JB 252 -8.97 93.33 73.14
N SER JB 253 -9.50 94.55 73.27
CA SER JB 253 -10.69 94.79 74.12
C SER JB 253 -11.97 94.43 73.35
N LYS JB 254 -12.24 93.13 73.18
CA LYS JB 254 -13.46 92.70 72.52
C LYS JB 254 -14.67 92.76 73.45
N LYS JB 255 -14.59 93.57 74.50
CA LYS JB 255 -15.72 93.76 75.39
C LYS JB 255 -16.87 94.45 74.64
N GLN JB 256 -18.07 93.94 74.82
CA GLN JB 256 -19.23 94.50 74.14
C GLN JB 256 -19.76 95.72 74.90
N LEU JB 257 -20.49 96.56 74.18
CA LEU JB 257 -21.10 97.75 74.76
C LEU JB 257 -22.35 97.34 75.54
N ILE JB 258 -22.46 97.83 76.77
CA ILE JB 258 -23.58 97.49 77.63
C ILE JB 258 -24.64 98.58 77.52
N GLU JB 259 -25.85 98.19 77.14
CA GLU JB 259 -26.93 99.16 77.04
C GLU JB 259 -27.36 99.61 78.44
N PRO JB 260 -27.38 100.92 78.70
CA PRO JB 260 -27.81 101.40 80.01
C PRO JB 260 -29.29 101.08 80.25
N LEU JB 261 -29.61 100.87 81.52
CA LEU JB 261 -31.00 100.61 81.91
C LEU JB 261 -31.87 101.81 81.58
N GLN JB 262 -33.01 101.57 80.94
CA GLN JB 262 -33.90 102.63 80.52
C GLN JB 262 -35.19 102.59 81.34
N TYR JB 263 -35.84 103.76 81.42
CA TYR JB 263 -37.11 103.90 82.14
C TYR JB 263 -38.10 104.61 81.23
N ASP JB 264 -39.13 103.89 80.79
CA ASP JB 264 -40.09 104.41 79.82
C ASP JB 264 -41.49 104.31 80.41
N GLU JB 265 -42.15 105.47 80.58
CA GLU JB 265 -43.55 105.56 80.97
C GLU JB 265 -43.81 104.82 82.29
N GLN JB 266 -43.18 105.35 83.34
CA GLN JB 266 -43.32 104.84 84.70
C GLN JB 266 -42.90 103.39 84.83
N GLY JB 267 -42.01 102.92 83.96
CA GLY JB 267 -41.51 101.56 84.03
C GLY JB 267 -40.05 101.50 84.41
N MET JB 268 -39.70 100.63 85.35
CA MET JB 268 -38.34 100.50 85.83
C MET JB 268 -37.75 99.16 85.43
N ALA JB 269 -36.42 99.13 85.35
CA ALA JB 269 -35.67 97.95 84.94
C ALA JB 269 -36.14 97.44 83.57
N PHE JB 270 -35.99 98.33 82.58
CA PHE JB 270 -36.45 98.07 81.22
C PHE JB 270 -35.26 97.99 80.29
N SER JB 271 -35.27 97.02 79.38
CA SER JB 271 -34.19 96.87 78.43
C SER JB 271 -34.73 96.25 77.14
N ARG JB 272 -33.97 96.41 76.06
CA ARG JB 272 -34.34 95.90 74.76
C ARG JB 272 -33.13 95.21 74.13
N GLY JB 273 -33.40 94.14 73.38
CA GLY JB 273 -32.35 93.38 72.73
C GLY JB 273 -32.79 92.92 71.36
N GLU JB 274 -31.80 92.70 70.50
CA GLU JB 274 -32.03 92.29 69.11
C GLU JB 274 -31.15 91.08 68.80
N GLY JB 275 -31.72 90.11 68.08
CA GLY JB 275 -30.97 88.94 67.66
C GLY JB 275 -31.37 88.51 66.27
N LYS JB 276 -30.49 87.73 65.64
CA LYS JB 276 -30.73 87.27 64.28
C LYS JB 276 -29.94 85.98 64.05
N ARG JB 277 -30.63 84.93 63.61
CA ARG JB 277 -29.99 83.65 63.33
C ARG JB 277 -30.80 82.91 62.28
N LYS JB 278 -30.16 82.60 61.16
CA LYS JB 278 -30.75 81.79 60.08
C LYS JB 278 -32.06 82.41 59.58
N THR JB 279 -31.93 83.64 59.07
CA THR JB 279 -33.05 84.38 58.48
C THR JB 279 -34.24 84.49 59.44
N ALA JB 280 -33.93 84.76 60.71
CA ALA JB 280 -34.95 84.95 61.74
C ALA JB 280 -34.53 86.14 62.60
N LYS JB 281 -35.33 87.21 62.56
CA LYS JB 281 -35.03 88.44 63.28
C LYS JB 281 -35.95 88.54 64.49
N ALA JB 282 -35.35 88.66 65.68
CA ALA JB 282 -36.11 88.68 66.93
C ALA JB 282 -35.75 89.93 67.72
N GLU JB 283 -36.76 90.56 68.32
CA GLU JB 283 -36.57 91.67 69.23
C GLU JB 283 -37.27 91.35 70.55
N VAL JB 284 -36.54 91.54 71.65
CA VAL JB 284 -37.03 91.20 72.99
C VAL JB 284 -37.07 92.45 73.84
N VAL JB 285 -38.18 92.64 74.56
CA VAL JB 285 -38.33 93.71 75.53
C VAL JB 285 -38.44 93.06 76.89
N VAL JB 286 -37.51 93.39 77.79
CA VAL JB 286 -37.40 92.70 79.08
C VAL JB 286 -37.59 93.73 80.20
N TYR JB 287 -38.47 93.39 81.15
CA TYR JB 287 -38.67 94.16 82.36
C TYR JB 287 -38.16 93.35 83.55
N GLY JB 288 -37.25 93.95 84.32
CA GLY JB 288 -36.69 93.29 85.48
C GLY JB 288 -37.51 93.40 86.74
N GLN JB 289 -38.65 94.08 86.69
CA GLN JB 289 -39.51 94.25 87.86
C GLN JB 289 -40.72 93.32 87.85
N GLY JB 290 -40.96 92.60 86.76
CA GLY JB 290 -42.09 91.71 86.66
C GLY JB 290 -41.75 90.27 87.01
N SER JB 291 -42.78 89.43 86.95
CA SER JB 291 -42.62 88.01 87.22
C SER JB 291 -42.04 87.30 86.00
N GLY JB 292 -41.64 86.04 86.20
CA GLY JB 292 -41.03 85.28 85.14
C GLY JB 292 -42.03 84.72 84.15
N ARG JB 293 -42.09 85.31 82.97
CA ARG JB 293 -42.97 84.83 81.90
C ARG JB 293 -42.51 85.41 80.58
N ILE JB 294 -42.84 84.71 79.49
CA ILE JB 294 -42.48 85.09 78.14
C ILE JB 294 -43.74 85.16 77.31
N ASP JB 295 -43.95 86.29 76.62
CA ASP JB 295 -45.07 86.48 75.71
C ASP JB 295 -44.52 86.67 74.31
N VAL JB 296 -44.79 85.73 73.42
CA VAL JB 296 -44.22 85.72 72.07
C VAL JB 296 -45.34 86.05 71.08
N ASN JB 297 -45.21 87.18 70.40
CA ASN JB 297 -46.12 87.58 69.32
C ASN JB 297 -47.58 87.63 69.80
N GLY JB 298 -47.78 88.08 71.04
CA GLY JB 298 -49.11 88.21 71.60
C GLY JB 298 -49.66 86.96 72.23
N VAL JB 299 -48.97 85.83 72.12
CA VAL JB 299 -49.40 84.59 72.72
C VAL JB 299 -48.30 84.08 73.66
N ASP JB 300 -48.65 83.07 74.47
CA ASP JB 300 -47.72 82.54 75.44
C ASP JB 300 -46.61 81.75 74.76
N TYR JB 301 -45.44 81.72 75.41
CA TYR JB 301 -44.30 81.00 74.86
C TYR JB 301 -44.55 79.50 74.79
N LEU JB 302 -45.29 78.93 75.75
CA LEU JB 302 -45.61 77.51 75.70
C LEU JB 302 -46.43 77.19 74.46
N LEU JB 303 -47.44 78.03 74.15
CA LEU JB 303 -48.23 77.82 72.95
C LEU JB 303 -47.42 78.06 71.68
N TYR JB 304 -46.52 79.05 71.69
CA TYR JB 304 -45.77 79.37 70.49
C TYR JB 304 -44.67 78.34 70.20
N PHE JB 305 -44.16 77.66 71.23
CA PHE JB 305 -43.10 76.67 71.09
C PHE JB 305 -43.55 75.37 71.72
N PRO JB 306 -44.37 74.57 71.03
CA PRO JB 306 -44.78 73.27 71.58
C PRO JB 306 -43.63 72.31 71.80
N VAL JB 307 -42.51 72.47 71.10
CA VAL JB 307 -41.39 71.54 71.21
C VAL JB 307 -40.61 71.83 72.48
N THR JB 308 -40.16 70.76 73.15
CA THR JB 308 -39.39 70.90 74.37
C THR JB 308 -38.06 71.60 74.11
N GLN JB 309 -37.40 71.27 72.99
CA GLN JB 309 -36.10 71.85 72.68
C GLN JB 309 -36.19 73.36 72.51
N ASP JB 310 -37.27 73.85 71.88
CA ASP JB 310 -37.44 75.29 71.70
C ASP JB 310 -37.55 76.01 73.04
N ARG JB 311 -38.29 75.43 74.00
CA ARG JB 311 -38.38 76.02 75.33
C ARG JB 311 -37.09 75.89 76.12
N GLU JB 312 -36.31 74.82 75.90
CA GLU JB 312 -34.98 74.74 76.50
C GLU JB 312 -34.07 75.84 75.96
N GLN JB 313 -34.22 76.18 74.68
CA GLN JB 313 -33.45 77.29 74.12
C GLN JB 313 -33.81 78.61 74.82
N LEU JB 314 -35.10 78.83 75.09
CA LEU JB 314 -35.50 80.02 75.84
C LEU JB 314 -34.97 80.00 77.27
N MET JB 315 -34.97 78.84 77.91
CA MET JB 315 -34.48 78.72 79.27
C MET JB 315 -32.97 78.87 79.38
N PHE JB 316 -32.23 78.58 78.31
CA PHE JB 316 -30.77 78.60 78.37
C PHE JB 316 -30.20 79.94 78.84
N PRO JB 317 -30.63 81.10 78.34
CA PRO JB 317 -30.08 82.35 78.89
C PRO JB 317 -30.51 82.64 80.31
N LEU JB 318 -31.78 82.43 80.64
CA LEU JB 318 -32.28 82.76 81.97
C LEU JB 318 -31.70 81.85 83.04
N HIS JB 319 -31.57 80.56 82.75
CA HIS JB 319 -31.03 79.62 83.73
C HIS JB 319 -29.58 79.90 84.06
N PHE JB 320 -28.78 80.33 83.08
CA PHE JB 320 -27.38 80.64 83.34
C PHE JB 320 -27.22 81.81 84.30
N LEU JB 321 -28.08 82.82 84.18
CA LEU JB 321 -28.05 83.99 85.04
C LEU JB 321 -28.94 83.88 86.26
N ASP JB 322 -29.61 82.73 86.44
CA ASP JB 322 -30.55 82.51 87.55
C ASP JB 322 -31.63 83.58 87.59
N ARG JB 323 -32.14 83.94 86.41
CA ARG JB 323 -33.18 84.95 86.27
C ARG JB 323 -34.43 84.36 85.64
N LEU JB 324 -34.83 83.17 86.09
CA LEU JB 324 -35.98 82.49 85.52
C LEU JB 324 -37.28 83.23 85.86
N GLY JB 325 -37.56 83.39 87.14
CA GLY JB 325 -38.80 84.00 87.58
C GLY JB 325 -38.66 85.46 87.99
N LYS JB 326 -37.60 86.12 87.53
CA LYS JB 326 -37.30 87.49 87.94
C LYS JB 326 -37.43 88.50 86.81
N HIS JB 327 -37.84 88.07 85.61
CA HIS JB 327 -37.94 88.97 84.47
C HIS JB 327 -39.16 88.62 83.63
N ASP JB 328 -39.84 89.65 83.15
CA ASP JB 328 -40.99 89.50 82.26
C ASP JB 328 -40.59 89.97 80.87
N MET JB 329 -40.71 89.09 79.87
CA MET JB 329 -40.18 89.40 78.55
C MET JB 329 -41.24 89.21 77.48
N THR JB 330 -41.22 90.12 76.51
CA THR JB 330 -42.06 90.04 75.33
C THR JB 330 -41.17 89.98 74.09
N CYS JB 331 -41.37 88.95 73.28
CA CYS JB 331 -40.53 88.67 72.13
C CYS JB 331 -41.34 88.75 70.85
N ALA JB 332 -40.77 89.37 69.82
CA ALA JB 332 -41.36 89.46 68.49
C ALA JB 332 -40.33 88.95 67.50
N VAL JB 333 -40.60 87.80 66.88
CA VAL JB 333 -39.66 87.17 65.97
C VAL JB 333 -40.35 86.94 64.63
N SER JB 334 -39.65 87.27 63.56
CA SER JB 334 -40.16 87.14 62.20
C SER JB 334 -39.14 86.41 61.33
N GLY JB 335 -39.64 85.50 60.49
CA GLY JB 335 -38.80 84.73 59.61
C GLY JB 335 -38.23 83.48 60.27
N GLY JB 336 -37.66 82.62 59.43
CA GLY JB 336 -37.08 81.38 59.91
C GLY JB 336 -38.13 80.34 60.23
N GLY JB 337 -37.65 79.23 60.78
CA GLY JB 337 -38.53 78.13 61.15
C GLY JB 337 -38.75 78.02 62.64
N ARG JB 338 -39.11 76.81 63.11
CA ARG JB 338 -39.38 76.60 64.53
C ARG JB 338 -38.11 76.79 65.37
N SER JB 339 -36.99 76.25 64.91
CA SER JB 339 -35.75 76.35 65.67
C SER JB 339 -34.99 77.64 65.41
N ALA JB 340 -35.09 78.20 64.20
CA ALA JB 340 -34.43 79.47 63.93
C ALA JB 340 -35.00 80.60 64.77
N GLN JB 341 -36.32 80.64 64.92
CA GLN JB 341 -36.94 81.65 65.78
C GLN JB 341 -36.51 81.48 67.22
N ALA JB 342 -36.45 80.24 67.71
CA ALA JB 342 -35.99 80.01 69.08
C ALA JB 342 -34.55 80.45 69.28
N GLY JB 343 -33.67 80.15 68.31
CA GLY JB 343 -32.30 80.61 68.41
C GLY JB 343 -32.15 82.11 68.37
N ALA JB 344 -32.91 82.78 67.49
CA ALA JB 344 -32.87 84.24 67.44
C ALA JB 344 -33.39 84.86 68.74
N VAL JB 345 -34.46 84.30 69.30
CA VAL JB 345 -34.98 84.80 70.58
C VAL JB 345 -33.96 84.57 71.69
N ARG JB 346 -33.28 83.41 71.67
CA ARG JB 346 -32.24 83.14 72.65
C ARG JB 346 -31.11 84.16 72.56
N LEU JB 347 -30.65 84.45 71.34
CA LEU JB 347 -29.57 85.43 71.17
C LEU JB 347 -30.00 86.82 71.60
N ALA JB 348 -31.21 87.23 71.23
CA ALA JB 348 -31.70 88.56 71.62
C ALA JB 348 -31.85 88.66 73.13
N MET JB 349 -32.38 87.61 73.77
CA MET JB 349 -32.52 87.62 75.22
C MET JB 349 -31.17 87.68 75.91
N ALA JB 350 -30.18 86.93 75.40
CA ALA JB 350 -28.84 86.98 75.97
C ALA JB 350 -28.24 88.37 75.84
N ARG JB 351 -28.41 89.01 74.68
CA ARG JB 351 -27.89 90.36 74.49
C ARG JB 351 -28.62 91.38 75.35
N ALA JB 352 -29.92 91.19 75.61
CA ALA JB 352 -30.69 92.11 76.42
C ALA JB 352 -30.47 91.94 77.92
N LEU JB 353 -30.07 90.75 78.37
CA LEU JB 353 -29.87 90.50 79.78
C LEU JB 353 -28.57 91.09 80.33
N CYS JB 354 -27.72 91.65 79.46
CA CYS JB 354 -26.46 92.20 79.92
C CYS JB 354 -26.66 93.40 80.84
N SER JB 355 -27.72 94.19 80.62
CA SER JB 355 -27.94 95.39 81.42
C SER JB 355 -28.30 95.06 82.86
N PHE JB 356 -28.98 93.94 83.10
CA PHE JB 356 -29.43 93.59 84.43
C PHE JB 356 -28.38 92.83 85.24
N VAL JB 357 -27.21 92.54 84.67
CA VAL JB 357 -26.18 91.76 85.33
C VAL JB 357 -24.88 92.56 85.35
N THR JB 358 -23.95 92.10 86.19
CA THR JB 358 -22.65 92.75 86.32
C THR JB 358 -21.74 92.36 85.16
N GLU JB 359 -20.58 93.03 85.08
CA GLU JB 359 -19.66 92.79 83.98
C GLU JB 359 -19.02 91.41 84.04
N ASP JB 360 -18.76 90.88 85.24
CA ASP JB 360 -18.13 89.58 85.35
C ASP JB 360 -19.01 88.45 84.87
N GLU JB 361 -20.33 88.67 84.78
CA GLU JB 361 -21.23 87.66 84.25
C GLU JB 361 -21.46 87.78 82.76
N VAL JB 362 -21.28 88.97 82.20
CA VAL JB 362 -21.38 89.14 80.75
C VAL JB 362 -20.27 88.35 80.05
N GLU JB 363 -19.06 88.40 80.59
CA GLU JB 363 -17.96 87.60 80.04
C GLU JB 363 -18.25 86.11 80.16
N TRP JB 364 -18.90 85.68 81.24
CA TRP JB 364 -19.27 84.27 81.37
C TRP JB 364 -20.26 83.85 80.30
N MET JB 365 -21.23 84.69 79.96
CA MET JB 365 -22.16 84.36 78.87
C MET JB 365 -21.47 84.35 77.52
N ARG JB 366 -20.61 85.34 77.27
CA ARG JB 366 -19.94 85.39 75.96
C ARG JB 366 -18.92 84.28 75.80
N GLN JB 367 -18.39 83.74 76.90
CA GLN JB 367 -17.56 82.55 76.84
C GLN JB 367 -18.39 81.27 76.79
N ALA JB 368 -19.67 81.34 77.12
CA ALA JB 368 -20.58 80.21 77.00
C ALA JB 368 -21.31 80.18 75.66
N GLY JB 369 -21.20 81.24 74.86
CA GLY JB 369 -21.80 81.28 73.56
C GLY JB 369 -23.14 81.99 73.48
N LEU JB 370 -23.59 82.60 74.57
CA LEU JB 370 -24.86 83.32 74.59
C LEU JB 370 -24.80 84.61 73.78
N LEU JB 371 -23.67 85.31 73.81
CA LEU JB 371 -23.56 86.64 73.22
C LEU JB 371 -22.91 86.63 71.84
N THR JB 372 -22.73 85.46 71.24
CA THR JB 372 -22.13 85.35 69.92
C THR JB 372 -23.17 84.88 68.91
N ALA JB 373 -23.23 85.56 67.77
CA ALA JB 373 -24.18 85.22 66.73
C ALA JB 373 -23.78 83.91 66.05
N ASP JB 374 -24.71 83.36 65.27
CA ASP JB 374 -24.50 82.10 64.57
C ASP JB 374 -24.35 82.35 63.09
N PRO JB 375 -23.12 82.31 62.54
CA PRO JB 375 -22.94 82.51 61.10
C PRO JB 375 -23.34 81.32 60.24
N ARG JB 376 -23.79 80.23 60.83
CA ARG JB 376 -24.13 79.02 60.07
C ARG JB 376 -25.44 79.27 59.31
N VAL JB 377 -25.31 79.59 58.04
CA VAL JB 377 -26.46 79.84 57.17
C VAL JB 377 -26.45 78.82 56.04
N ARG JB 378 -27.58 78.73 55.35
CA ARG JB 378 -27.70 77.80 54.23
C ARG JB 378 -26.82 78.25 53.07
N GLU JB 379 -26.02 77.33 52.54
CA GLU JB 379 -25.14 77.63 51.43
C GLU JB 379 -25.90 77.53 50.10
N ARG JB 380 -25.54 78.40 49.17
CA ARG JB 380 -26.18 78.42 47.87
C ARG JB 380 -25.83 77.16 47.07
N LYS JB 381 -26.83 76.63 46.37
CA LYS JB 381 -26.62 75.46 45.53
C LYS JB 381 -25.73 75.82 44.34
N LYS JB 382 -24.80 74.91 43.99
CA LYS JB 382 -23.91 75.14 42.88
C LYS JB 382 -24.40 74.42 41.62
N PRO JB 383 -24.14 74.97 40.44
CA PRO JB 383 -24.55 74.29 39.20
C PRO JB 383 -23.83 72.96 39.04
N GLY JB 384 -24.54 71.99 38.49
CA GLY JB 384 -23.99 70.66 38.31
C GLY JB 384 -24.02 69.79 39.54
N GLN JB 385 -24.53 70.28 40.65
CA GLN JB 385 -24.61 69.54 41.90
C GLN JB 385 -26.07 69.47 42.37
N GLU JB 386 -26.29 68.74 43.46
CA GLU JB 386 -27.63 68.55 44.01
C GLU JB 386 -27.90 69.46 45.19
N GLY JB 387 -27.08 69.40 46.23
CA GLY JB 387 -27.30 70.18 47.43
C GLY JB 387 -26.11 71.03 47.82
N ALA JB 388 -25.39 71.54 46.82
CA ALA JB 388 -24.23 72.42 46.97
C ALA JB 388 -23.02 71.64 47.47
N ARG JB 389 -23.21 70.37 47.80
CA ARG JB 389 -22.12 69.44 48.07
C ARG JB 389 -22.32 68.11 47.37
N ARG JB 390 -23.55 67.61 47.29
CA ARG JB 390 -23.82 66.33 46.66
C ARG JB 390 -23.62 66.44 45.15
N LYS JB 391 -22.62 65.74 44.63
CA LYS JB 391 -22.36 65.74 43.20
C LYS JB 391 -23.26 64.73 42.50
N PHE JB 392 -23.30 64.83 41.17
CA PHE JB 392 -24.03 63.84 40.39
C PHE JB 392 -23.31 62.50 40.43
N THR JB 393 -24.04 61.45 40.07
CA THR JB 393 -23.48 60.10 40.07
C THR JB 393 -22.40 60.02 38.99
N TRP JB 394 -21.14 60.04 39.42
CA TRP JB 394 -20.01 60.05 38.49
C TRP JB 394 -19.71 58.61 38.07
N LYS JB 395 -19.95 58.32 36.79
CA LYS JB 395 -19.65 57.02 36.22
C LYS JB 395 -18.21 57.03 35.69
N LYS JB 396 -17.39 56.09 36.17
CA LYS JB 396 -16.00 56.04 35.73
C LYS JB 396 -15.89 55.69 34.26
N ARG JB 397 -16.72 54.78 33.77
CA ARG JB 397 -16.69 54.40 32.37
C ARG JB 397 -18.11 54.35 31.79
N LEU KB 49 -13.74 136.70 35.00
CA LEU KB 49 -14.08 138.10 34.71
C LEU KB 49 -14.67 138.24 33.32
N HIS KB 50 -15.94 137.87 33.16
CA HIS KB 50 -16.63 137.99 31.88
C HIS KB 50 -17.29 139.37 31.81
N VAL KB 51 -16.73 140.25 30.99
CA VAL KB 51 -17.21 141.63 30.92
C VAL KB 51 -18.40 141.78 29.99
N ASP KB 52 -18.41 141.05 28.88
CA ASP KB 52 -19.49 141.15 27.89
C ASP KB 52 -20.66 140.28 28.34
N VAL KB 53 -21.50 140.82 29.19
CA VAL KB 53 -22.69 140.14 29.70
C VAL KB 53 -23.89 140.65 28.93
N PRO KB 54 -24.69 139.76 28.33
CA PRO KB 54 -25.87 140.22 27.59
C PRO KB 54 -26.89 140.88 28.50
N LYS KB 55 -27.64 141.82 27.93
CA LYS KB 55 -28.64 142.59 28.65
C LYS KB 55 -30.04 142.19 28.20
N ASP KB 56 -30.97 142.22 29.16
CA ASP KB 56 -32.36 141.84 28.92
C ASP KB 56 -32.45 140.40 28.39
N MET KB 57 -31.93 139.47 29.20
CA MET KB 57 -31.88 138.07 28.82
C MET KB 57 -33.08 137.26 29.28
N THR KB 58 -34.00 137.88 30.02
CA THR KB 58 -35.16 137.18 30.57
C THR KB 58 -36.43 137.69 29.91
N LYS KB 59 -37.23 136.76 29.38
CA LYS KB 59 -38.53 137.11 28.78
C LYS KB 59 -39.41 135.87 28.77
N PRO KB 60 -40.00 135.53 29.92
CA PRO KB 60 -40.86 134.35 30.01
C PRO KB 60 -42.31 134.69 29.71
N GLU KB 61 -43.09 133.63 29.45
CA GLU KB 61 -44.53 133.74 29.22
C GLU KB 61 -45.24 133.00 30.34
N ILE KB 62 -45.58 133.71 31.40
CA ILE KB 62 -46.26 133.13 32.56
C ILE KB 62 -47.58 133.87 32.75
N THR KB 63 -48.67 133.12 32.81
CA THR KB 63 -50.00 133.67 33.04
C THR KB 63 -50.70 132.85 34.12
N ILE KB 64 -51.60 133.52 34.85
CA ILE KB 64 -52.34 132.91 35.93
C ILE KB 64 -53.79 132.81 35.50
N SER KB 65 -54.32 131.59 35.46
CA SER KB 65 -55.70 131.36 35.07
C SER KB 65 -56.60 131.31 36.31
N ASP KB 66 -57.89 131.57 36.08
CA ASP KB 66 -58.87 131.57 37.16
C ASP KB 66 -59.24 130.17 37.61
N GLU KB 67 -58.86 129.14 36.88
CA GLU KB 67 -59.19 127.78 37.27
C GLU KB 67 -58.37 127.38 38.49
N PRO KB 68 -59.00 126.87 39.56
CA PRO KB 68 -58.25 126.56 40.78
C PRO KB 68 -57.17 125.50 40.53
N ASP KB 69 -56.02 125.69 41.18
CA ASP KB 69 -54.91 124.78 41.00
C ASP KB 69 -55.18 123.43 41.67
N THR KB 70 -54.62 122.38 41.09
CA THR KB 70 -54.77 121.04 41.62
C THR KB 70 -53.85 120.83 42.82
N LEU KB 71 -54.38 120.14 43.84
CA LEU KB 71 -53.64 119.84 45.05
C LEU KB 71 -53.27 118.37 45.09
N TYR KB 72 -52.08 118.07 45.59
CA TYR KB 72 -51.58 116.71 45.71
C TYR KB 72 -51.19 116.46 47.16
N LYS KB 73 -51.57 115.30 47.69
CA LYS KB 73 -51.21 114.96 49.07
C LYS KB 73 -49.81 114.38 49.14
N ARG KB 74 -49.52 113.37 48.31
CA ARG KB 74 -48.22 112.70 48.33
C ARG KB 74 -47.76 112.42 46.92
N LEU KB 75 -46.50 112.76 46.63
CA LEU KB 75 -45.86 112.44 45.37
C LEU KB 75 -44.73 111.46 45.65
N SER KB 76 -44.87 110.24 45.15
CA SER KB 76 -43.87 109.19 45.33
C SER KB 76 -43.08 109.02 44.05
N VAL KB 77 -41.76 109.11 44.15
CA VAL KB 77 -40.85 108.95 43.02
C VAL KB 77 -39.97 107.74 43.29
N LEU KB 78 -40.13 106.70 42.49
CA LEU KB 78 -39.36 105.48 42.63
C LEU KB 78 -38.33 105.43 41.51
N VAL KB 79 -37.07 105.67 41.86
CA VAL KB 79 -35.98 105.71 40.90
C VAL KB 79 -35.25 104.37 40.95
N LYS KB 80 -35.28 103.64 39.85
CA LYS KB 80 -34.61 102.35 39.75
C LYS KB 80 -33.37 102.47 38.87
N GLY KB 81 -32.29 101.86 39.34
CA GLY KB 81 -31.02 101.94 38.64
C GLY KB 81 -30.20 100.69 38.85
N HIS KB 82 -29.03 100.68 38.20
CA HIS KB 82 -28.10 99.56 38.29
C HIS KB 82 -27.01 99.77 39.33
N ASP KB 83 -26.48 100.98 39.41
CA ASP KB 83 -25.38 101.30 40.32
C ASP KB 83 -25.85 102.29 41.38
N LYS KB 84 -25.20 102.23 42.55
CA LYS KB 84 -25.62 103.02 43.69
C LYS KB 84 -25.02 104.43 43.70
N ALA KB 85 -23.87 104.63 43.07
CA ALA KB 85 -23.25 105.96 43.06
C ALA KB 85 -24.11 106.96 42.30
N VAL KB 86 -24.64 106.55 41.14
CA VAL KB 86 -25.51 107.43 40.36
C VAL KB 86 -26.78 107.75 41.15
N LEU KB 87 -27.34 106.74 41.83
CA LEU KB 87 -28.54 106.97 42.64
C LEU KB 87 -28.26 107.92 43.80
N ASP KB 88 -27.11 107.79 44.45
CA ASP KB 88 -26.77 108.71 45.54
C ASP KB 88 -26.57 110.14 45.04
N SER KB 89 -25.87 110.30 43.91
CA SER KB 89 -25.70 111.63 43.34
C SER KB 89 -27.04 112.24 42.93
N TYR KB 90 -27.92 111.43 42.33
CA TYR KB 90 -29.24 111.92 41.98
C TYR KB 90 -30.07 112.27 43.20
N GLU KB 91 -29.94 111.49 44.28
CA GLU KB 91 -30.63 111.82 45.53
C GLU KB 91 -30.15 113.16 46.08
N TYR KB 92 -28.84 113.39 46.08
CA TYR KB 92 -28.31 114.66 46.54
C TYR KB 92 -28.80 115.81 45.67
N PHE KB 93 -28.81 115.62 44.34
CA PHE KB 93 -29.32 116.64 43.43
C PHE KB 93 -30.78 116.94 43.68
N ALA KB 94 -31.60 115.91 43.87
CA ALA KB 94 -33.03 116.10 44.11
C ALA KB 94 -33.29 116.80 45.44
N VAL KB 95 -32.54 116.42 46.48
CA VAL KB 95 -32.71 117.08 47.77
C VAL KB 95 -32.32 118.55 47.68
N LEU KB 96 -31.20 118.84 47.01
CA LEU KB 96 -30.79 120.23 46.85
C LEU KB 96 -31.79 121.04 46.05
N ALA KB 97 -32.35 120.46 44.98
CA ALA KB 97 -33.37 121.16 44.21
C ALA KB 97 -34.65 121.37 45.01
N ALA KB 98 -35.08 120.38 45.79
CA ALA KB 98 -36.32 120.49 46.55
C ALA KB 98 -36.21 121.45 47.73
N LYS KB 99 -35.05 121.52 48.39
CA LYS KB 99 -34.90 122.43 49.51
C LYS KB 99 -34.95 123.89 49.06
N GLU KB 100 -34.49 124.18 47.85
CA GLU KB 100 -34.58 125.55 47.34
C GLU KB 100 -36.03 125.97 47.15
N LEU KB 101 -36.87 125.06 46.65
CA LEU KB 101 -38.29 125.35 46.46
C LEU KB 101 -39.11 125.19 47.73
N GLY KB 102 -38.55 124.59 48.77
CA GLY KB 102 -39.28 124.42 50.02
C GLY KB 102 -40.34 123.33 49.95
N ILE KB 103 -39.91 122.08 49.78
CA ILE KB 103 -40.84 120.97 49.66
C ILE KB 103 -40.73 119.99 50.84
N SER KB 104 -39.61 119.98 51.56
CA SER KB 104 -39.38 119.06 52.68
C SER KB 104 -39.52 117.61 52.23
N ILE KB 105 -38.63 117.21 51.34
CA ILE KB 105 -38.67 115.88 50.75
C ILE KB 105 -38.16 114.85 51.75
N LYS KB 106 -38.83 113.70 51.78
CA LYS KB 106 -38.41 112.56 52.58
C LYS KB 106 -37.84 111.49 51.65
N VAL KB 107 -36.64 111.02 51.96
CA VAL KB 107 -35.93 110.08 51.10
C VAL KB 107 -35.59 108.84 51.92
N HIS KB 108 -35.96 107.67 51.40
CA HIS KB 108 -35.58 106.39 51.97
C HIS KB 108 -35.28 105.42 50.83
N GLU KB 109 -34.50 104.39 51.14
CA GLU KB 109 -34.03 103.45 50.12
C GLU KB 109 -34.81 102.15 50.20
N PRO KB 110 -35.64 101.85 49.20
CA PRO KB 110 -36.32 100.55 49.17
C PRO KB 110 -35.33 99.42 48.96
N PRO KB 111 -35.66 98.21 49.40
CA PRO KB 111 -34.73 97.08 49.22
C PRO KB 111 -34.48 96.77 47.76
N ARG KB 112 -33.26 96.28 47.49
CA ARG KB 112 -32.84 95.97 46.14
C ARG KB 112 -33.51 94.68 45.65
N LYS KB 113 -33.41 94.46 44.34
CA LYS KB 113 -33.92 93.24 43.72
C LYS KB 113 -32.86 92.67 42.80
N ILE KB 114 -32.57 91.38 42.94
CA ILE KB 114 -31.53 90.70 42.18
C ILE KB 114 -32.19 89.62 41.36
N GLU KB 115 -31.97 89.65 40.04
CA GLU KB 115 -32.49 88.65 39.13
C GLU KB 115 -31.33 87.85 38.56
N ARG KB 116 -31.26 86.57 38.90
CA ARG KB 116 -30.19 85.70 38.45
C ARG KB 116 -30.73 84.62 37.53
N PHE KB 117 -29.97 84.32 36.47
CA PHE KB 117 -30.34 83.24 35.57
C PHE KB 117 -29.10 82.47 35.16
N THR KB 118 -29.32 81.27 34.63
CA THR KB 118 -28.24 80.33 34.35
C THR KB 118 -28.32 79.89 32.89
N LEU KB 119 -27.17 79.81 32.24
CA LEU KB 119 -27.06 79.37 30.85
C LEU KB 119 -25.92 78.36 30.73
N LEU KB 120 -25.90 77.66 29.60
CA LEU KB 120 -24.84 76.70 29.32
C LEU KB 120 -23.51 77.42 29.13
N LYS KB 121 -22.44 76.79 29.61
CA LYS KB 121 -21.10 77.38 29.51
C LYS KB 121 -20.47 77.15 28.14
N SER KB 122 -20.67 75.97 27.56
CA SER KB 122 -20.12 75.63 26.27
C SER KB 122 -21.14 75.89 25.16
N VAL KB 123 -20.84 75.42 23.96
CA VAL KB 123 -21.69 75.67 22.80
C VAL KB 123 -22.56 74.45 22.50
N HIS KB 124 -21.93 73.28 22.29
CA HIS KB 124 -22.67 72.12 21.80
C HIS KB 124 -23.18 71.25 22.95
N ILE KB 125 -22.27 70.62 23.70
CA ILE KB 125 -22.68 69.74 24.78
C ILE KB 125 -21.78 69.87 26.00
N PHE KB 126 -22.20 70.69 26.97
CA PHE KB 126 -21.58 70.68 28.30
C PHE KB 126 -22.61 71.28 29.27
N LYS KB 127 -23.32 70.42 29.99
CA LYS KB 127 -24.36 70.86 30.90
C LYS KB 127 -23.91 70.89 32.35
N LYS KB 128 -22.88 70.12 32.71
CA LYS KB 128 -22.38 70.14 34.07
C LYS KB 128 -21.73 71.48 34.42
N HIS KB 129 -21.22 72.20 33.42
CA HIS KB 129 -20.62 73.50 33.62
C HIS KB 129 -21.59 74.57 33.12
N ARG KB 130 -21.84 75.57 33.96
CA ARG KB 130 -22.84 76.59 33.68
C ARG KB 130 -22.24 77.98 33.93
N VAL KB 131 -22.87 78.99 33.32
CA VAL KB 131 -22.53 80.39 33.53
C VAL KB 131 -23.76 81.09 34.08
N GLN KB 132 -23.61 81.74 35.23
CA GLN KB 132 -24.70 82.43 35.88
C GLN KB 132 -24.54 83.94 35.73
N TYR KB 133 -25.61 84.60 35.26
CA TYR KB 133 -25.63 86.03 35.10
C TYR KB 133 -26.58 86.66 36.11
N GLU KB 134 -26.21 87.85 36.58
CA GLU KB 134 -26.92 88.56 37.63
C GLU KB 134 -27.27 89.96 37.15
N MET KB 135 -28.47 90.41 37.51
CA MET KB 135 -28.95 91.76 37.19
C MET KB 135 -29.43 92.40 38.48
N ARG KB 136 -28.76 93.47 38.89
CA ARG KB 136 -29.10 94.17 40.13
C ARG KB 136 -29.99 95.36 39.83
N THR KB 137 -30.96 95.61 40.71
CA THR KB 137 -31.86 96.76 40.58
C THR KB 137 -31.98 97.41 41.95
N LEU KB 138 -31.43 98.63 42.07
CA LEU KB 138 -31.47 99.39 43.31
C LEU KB 138 -32.51 100.49 43.20
N TYR KB 139 -33.23 100.71 44.29
CA TYR KB 139 -34.36 101.63 44.32
C TYR KB 139 -34.11 102.77 45.29
N ARG KB 140 -34.53 103.97 44.88
CA ARG KB 140 -34.54 105.14 45.74
C ARG KB 140 -35.96 105.70 45.76
N CYS KB 141 -36.43 106.07 46.95
CA CYS KB 141 -37.79 106.56 47.13
C CYS KB 141 -37.73 108.03 47.56
N LEU KB 142 -38.27 108.90 46.71
CA LEU KB 142 -38.39 110.32 47.02
C LEU KB 142 -39.85 110.59 47.38
N GLU KB 143 -40.09 110.99 48.63
CA GLU KB 143 -41.43 111.24 49.13
C GLU KB 143 -41.62 112.74 49.30
N LEU KB 144 -42.46 113.34 48.46
CA LEU KB 144 -42.77 114.76 48.52
C LEU KB 144 -44.19 114.94 49.06
N GLU KB 145 -44.39 115.94 49.90
CA GLU KB 145 -45.71 116.20 50.46
C GLU KB 145 -46.01 117.68 50.42
N HIS KB 146 -47.31 118.00 50.39
CA HIS KB 146 -47.81 119.37 50.36
C HIS KB 146 -47.34 120.11 49.11
N LEU KB 147 -47.79 119.62 47.96
CA LEU KB 147 -47.49 120.24 46.68
C LEU KB 147 -48.78 120.66 45.98
N THR KB 148 -48.63 121.58 45.03
CA THR KB 148 -49.72 122.02 44.18
C THR KB 148 -49.47 121.53 42.76
N GLY KB 149 -50.45 121.79 41.88
CA GLY KB 149 -50.33 121.33 40.51
C GLY KB 149 -49.17 121.95 39.77
N SER KB 150 -48.94 123.26 39.95
CA SER KB 150 -47.84 123.94 39.28
C SER KB 150 -46.50 123.61 39.93
N THR KB 151 -46.44 123.52 41.25
CA THR KB 151 -45.19 123.18 41.93
C THR KB 151 -44.75 121.77 41.59
N ALA KB 152 -45.66 120.81 41.59
CA ALA KB 152 -45.31 119.45 41.18
C ALA KB 152 -44.89 119.41 39.72
N ASP KB 153 -45.56 120.18 38.86
CA ASP KB 153 -45.19 120.21 37.44
C ASP KB 153 -43.78 120.75 37.25
N VAL KB 154 -43.44 121.85 37.91
CA VAL KB 154 -42.11 122.42 37.73
C VAL KB 154 -41.04 121.54 38.35
N TYR KB 155 -41.32 120.93 39.51
CA TYR KB 155 -40.34 120.01 40.10
C TYR KB 155 -40.11 118.79 39.21
N LEU KB 156 -41.19 118.22 38.67
CA LEU KB 156 -41.04 117.09 37.77
C LEU KB 156 -40.32 117.48 36.49
N GLU KB 157 -40.55 118.70 36.00
CA GLU KB 157 -39.81 119.18 34.83
C GLU KB 157 -38.32 119.24 35.13
N TYR KB 158 -37.95 119.92 36.22
CA TYR KB 158 -36.53 120.05 36.58
C TYR KB 158 -35.89 118.71 36.93
N ILE KB 159 -36.69 117.72 37.32
CA ILE KB 159 -36.17 116.38 37.62
C ILE KB 159 -35.96 115.58 36.35
N GLN KB 160 -36.96 115.54 35.47
CA GLN KB 160 -36.89 114.69 34.29
C GLN KB 160 -35.98 115.28 33.22
N ARG KB 161 -35.87 116.61 33.14
CA ARG KB 161 -34.99 117.20 32.14
C ARG KB 161 -33.52 116.85 32.39
N ASN KB 162 -33.15 116.55 33.63
CA ASN KB 162 -31.78 116.20 33.98
C ASN KB 162 -31.65 114.75 34.46
N LEU KB 163 -32.60 113.89 34.10
CA LEU KB 163 -32.54 112.50 34.53
C LEU KB 163 -31.40 111.78 33.81
N PRO KB 164 -30.62 110.96 34.52
CA PRO KB 164 -29.54 110.21 33.87
C PRO KB 164 -30.06 109.19 32.86
N GLU KB 165 -29.16 108.62 32.07
CA GLU KB 165 -29.53 107.69 31.01
C GLU KB 165 -29.69 106.25 31.51
N GLY KB 166 -28.99 105.89 32.57
CA GLY KB 166 -29.00 104.53 33.07
C GLY KB 166 -30.03 104.21 34.13
N VAL KB 167 -30.94 105.13 34.42
CA VAL KB 167 -31.95 104.94 35.46
C VAL KB 167 -33.33 105.25 34.90
N ALA KB 168 -34.34 104.74 35.58
CA ALA KB 168 -35.74 105.01 35.23
C ALA KB 168 -36.46 105.51 36.48
N MET KB 169 -37.62 106.12 36.26
CA MET KB 169 -38.35 106.75 37.35
C MET KB 169 -39.84 106.48 37.19
N GLU KB 170 -40.48 106.11 38.30
CA GLU KB 170 -41.91 105.87 38.37
C GLU KB 170 -42.52 106.96 39.25
N VAL KB 171 -43.58 107.60 38.76
CA VAL KB 171 -44.20 108.73 39.45
C VAL KB 171 -45.60 108.33 39.87
N THR KB 172 -45.90 108.49 41.16
CA THR KB 172 -47.23 108.23 41.71
C THR KB 172 -47.73 109.50 42.39
N LYS KB 173 -48.86 110.02 41.92
CA LYS KB 173 -49.43 111.27 42.43
C LYS KB 173 -50.71 110.96 43.19
N THR KB 174 -50.85 111.54 44.38
CA THR KB 174 -52.07 111.42 45.18
C THR KB 174 -52.85 112.72 45.04
N LYS KB 175 -53.73 112.77 44.04
CA LYS KB 175 -54.49 113.99 43.77
C LYS KB 175 -55.56 114.20 44.82
N LEU KB 176 -55.65 115.44 45.31
CA LEU KB 176 -56.62 115.80 46.34
C LEU KB 176 -57.91 116.32 45.70
N GLU KB 177 -59.04 115.78 46.16
CA GLU KB 177 -60.34 116.21 45.69
C GLU KB 177 -61.33 116.10 46.84
N GLN KB 178 -62.25 117.06 46.92
CA GLN KB 178 -63.20 117.07 48.03
C GLN KB 178 -64.33 116.08 47.79
N LEU KB 179 -65.15 116.31 46.77
CA LEU KB 179 -66.29 115.47 46.42
C LEU KB 179 -66.76 115.80 45.00
N PRO KB 180 -67.31 114.82 44.27
CA PRO KB 180 -67.95 115.14 42.98
C PRO KB 180 -69.27 115.86 43.17
N GLU KB 181 -69.93 116.22 42.05
CA GLU KB 181 -71.13 117.03 42.13
C GLU KB 181 -72.35 116.24 42.58
N HIS KB 182 -72.39 114.94 42.26
CA HIS KB 182 -73.58 114.13 42.48
C HIS KB 182 -73.55 113.36 43.79
N ILE KB 183 -72.69 113.74 44.74
CA ILE KB 183 -72.59 113.00 45.99
C ILE KB 183 -72.60 113.94 47.19
N ARG KB 184 -72.60 115.25 46.92
CA ARG KB 184 -72.50 116.23 48.02
C ARG KB 184 -73.68 116.10 48.97
N LYS KB 185 -74.89 116.35 48.49
CA LYS KB 185 -76.08 116.14 49.30
C LYS KB 185 -77.29 115.77 48.45
N PRO KB 186 -77.25 114.70 47.67
CA PRO KB 186 -78.42 114.31 46.88
C PRO KB 186 -79.29 113.27 47.56
N ILE KB 187 -80.54 113.22 47.13
CA ILE KB 187 -81.47 112.17 47.52
C ILE KB 187 -81.98 111.57 46.21
N TRP KB 188 -81.30 110.53 45.72
CA TRP KB 188 -81.60 109.91 44.44
C TRP KB 188 -81.75 110.93 43.31
N SER LB 60 26.00 42.06 95.96
CA SER LB 60 25.32 41.23 94.97
C SER LB 60 26.19 41.04 93.72
N SER LB 61 27.30 40.34 93.88
CA SER LB 61 28.21 40.07 92.77
C SER LB 61 27.66 38.91 91.96
N PHE LB 62 27.03 39.23 90.82
CA PHE LB 62 26.43 38.22 89.95
C PHE LB 62 27.15 38.22 88.61
N SER LB 63 27.56 37.04 88.17
CA SER LB 63 28.25 36.86 86.90
C SER LB 63 27.37 36.05 85.96
N ILE LB 64 27.30 36.49 84.69
CA ILE LB 64 26.47 35.81 83.70
C ILE LB 64 27.08 34.50 83.23
N TYR LB 65 28.33 34.21 83.57
CA TYR LB 65 28.95 32.97 83.13
C TYR LB 65 28.32 31.78 83.85
N PRO LB 66 28.17 30.64 83.18
CA PRO LB 66 27.53 29.49 83.82
C PRO LB 66 28.41 28.92 84.92
N PRO LB 67 27.80 28.35 85.96
CA PRO LB 67 28.60 27.70 87.01
C PRO LB 67 29.11 26.33 86.59
N ILE LB 68 30.26 26.31 85.93
CA ILE LB 68 30.90 25.07 85.48
C ILE LB 68 31.15 24.18 86.69
N PRO LB 69 30.86 22.88 86.60
CA PRO LB 69 31.02 21.99 87.77
C PRO LB 69 32.45 21.88 88.28
N GLY LB 70 33.45 22.22 87.46
CA GLY LB 70 34.83 22.15 87.91
C GLY LB 70 35.18 23.12 89.01
N GLN LB 71 34.36 24.16 89.20
CA GLN LB 71 34.58 25.14 90.25
C GLN LB 71 33.87 24.71 91.53
N GLU LB 72 34.11 25.48 92.60
CA GLU LB 72 33.52 25.22 93.90
C GLU LB 72 32.39 26.20 94.23
N ASN LB 73 31.63 26.60 93.23
CA ASN LB 73 30.54 27.55 93.44
C ASN LB 73 29.42 26.92 94.26
N SER LB 74 28.74 27.77 95.03
CA SER LB 74 27.63 27.34 95.89
C SER LB 74 26.37 28.08 95.46
N LEU LB 75 25.70 27.52 94.45
CA LEU LB 75 24.43 28.05 93.97
C LEU LB 75 23.42 26.91 93.89
N ARG LB 76 22.27 27.09 94.51
CA ARG LB 76 21.24 26.06 94.57
C ARG LB 76 19.91 26.63 94.12
N TRP LB 77 19.18 25.83 93.34
CA TRP LB 77 17.81 26.15 92.93
C TRP LB 77 16.92 24.98 93.36
N ALA LB 78 16.02 25.25 94.30
CA ALA LB 78 15.12 24.24 94.86
C ALA LB 78 15.90 23.07 95.47
N GLY LB 79 17.09 23.38 96.02
CA GLY LB 79 17.91 22.38 96.66
C GLY LB 79 18.82 21.59 95.75
N LYS LB 80 18.75 21.81 94.44
CA LYS LB 80 19.57 21.09 93.47
C LYS LB 80 20.68 21.98 92.92
N LYS LB 81 21.76 21.35 92.47
CA LYS LB 81 22.85 22.05 91.85
C LYS LB 81 22.51 22.37 90.40
N PHE LB 82 23.41 23.10 89.73
CA PHE LB 82 23.22 23.46 88.34
C PHE LB 82 23.29 22.25 87.41
N GLU LB 83 23.97 21.19 87.82
CA GLU LB 83 24.14 20.02 86.96
C GLU LB 83 22.94 19.08 87.00
N GLU LB 84 22.05 19.22 87.99
CA GLU LB 84 20.91 18.34 88.14
C GLU LB 84 19.61 18.97 87.65
N ILE LB 85 19.61 20.27 87.34
CA ILE LB 85 18.41 20.97 86.89
C ILE LB 85 18.04 20.50 85.50
N PRO LB 86 16.78 20.19 85.24
CA PRO LB 86 16.38 19.64 83.93
C PRO LB 86 16.65 20.63 82.80
N ILE LB 87 16.63 20.10 81.59
CA ILE LB 87 16.91 20.86 80.36
C ILE LB 87 15.62 20.94 79.55
N ALA LB 88 15.48 22.03 78.80
CA ALA LB 88 14.36 22.24 77.89
C ALA LB 88 14.95 22.62 76.53
N HIS LB 89 14.97 21.67 75.61
CA HIS LB 89 15.45 21.93 74.26
C HIS LB 89 14.33 22.53 73.43
N ILE LB 90 14.55 23.73 72.90
CA ILE LB 90 13.59 24.42 72.07
C ILE LB 90 14.23 24.60 70.70
N LYS LB 91 13.81 23.77 69.74
CA LYS LB 91 14.25 23.88 68.36
C LYS LB 91 13.27 24.81 67.65
N ALA LB 92 13.72 26.03 67.34
CA ALA LB 92 12.87 27.05 66.74
C ALA LB 92 13.22 27.15 65.25
N SER LB 93 12.49 26.40 64.44
CA SER LB 93 12.70 26.41 63.00
C SER LB 93 11.86 27.53 62.37
N TYR LB 94 12.04 27.73 61.06
CA TYR LB 94 11.33 28.78 60.35
C TYR LB 94 9.87 28.45 60.13
N ASN LB 95 9.47 27.18 60.28
CA ASN LB 95 8.09 26.77 60.09
C ASN LB 95 7.49 26.07 61.30
N ASN LB 96 8.29 25.74 62.31
CA ASN LB 96 7.80 25.01 63.46
C ASN LB 96 8.71 25.27 64.64
N THR LB 97 8.19 25.02 65.83
CA THR LB 97 8.95 25.15 67.08
C THR LB 97 8.64 23.96 67.95
N GLN LB 98 9.65 23.12 68.19
CA GLN LB 98 9.49 21.90 68.99
C GLN LB 98 10.18 22.08 70.33
N ILE LB 99 9.44 21.88 71.41
CA ILE LB 99 9.95 22.03 72.77
C ILE LB 99 9.87 20.69 73.46
N GLN LB 100 11.01 20.21 73.98
CA GLN LB 100 11.07 18.94 74.69
C GLN LB 100 11.80 19.15 76.01
N VAL LB 101 11.18 18.69 77.10
CA VAL LB 101 11.75 18.82 78.43
C VAL LB 101 12.32 17.48 78.83
N VAL LB 102 13.62 17.45 79.11
CA VAL LB 102 14.32 16.24 79.54
C VAL LB 102 14.94 16.49 80.90
N SER LB 103 15.24 15.39 81.60
CA SER LB 103 15.87 15.49 82.90
C SER LB 103 17.39 15.61 82.75
N ALA LB 104 18.09 15.76 83.88
CA ALA LB 104 19.54 15.82 83.85
C ALA LB 104 20.14 14.50 83.38
N ALA LB 105 19.43 13.39 83.58
CA ALA LB 105 19.85 12.09 83.09
C ALA LB 105 19.42 11.83 81.66
N HIS LB 106 19.07 12.89 80.91
CA HIS LB 106 18.68 12.79 79.51
C HIS LB 106 17.46 11.88 79.33
N GLN LB 107 16.48 12.04 80.23
CA GLN LB 107 15.22 11.32 80.15
C GLN LB 107 14.12 12.28 79.77
N PRO LB 108 13.47 12.11 78.61
CA PRO LB 108 12.44 13.07 78.18
C PRO LB 108 11.24 13.05 79.12
N LEU LB 109 10.90 14.22 79.68
CA LEU LB 109 9.78 14.36 80.59
C LEU LB 109 8.55 14.94 79.90
N ALA LB 110 8.68 16.11 79.29
CA ALA LB 110 7.57 16.77 78.62
C ALA LB 110 7.97 17.12 77.20
N HIS LB 111 7.07 16.87 76.25
CA HIS LB 111 7.30 17.21 74.85
C HIS LB 111 6.03 17.84 74.30
N ALA LB 112 6.18 19.03 73.70
CA ALA LB 112 5.05 19.75 73.12
C ALA LB 112 5.57 20.62 71.99
N SER LB 113 4.92 20.55 70.84
CA SER LB 113 5.31 21.31 69.66
C SER LB 113 4.09 21.98 69.07
N CYS LB 114 4.34 22.93 68.17
CA CYS LB 114 3.26 23.66 67.52
C CYS LB 114 2.38 22.74 66.69
N GLY LB 115 2.99 21.77 65.99
CA GLY LB 115 2.19 20.82 65.23
C GLY LB 115 1.32 19.96 66.11
N THR LB 116 1.84 19.50 67.24
CA THR LB 116 1.05 18.74 68.20
C THR LB 116 0.03 19.60 68.92
N GLU LB 117 0.17 20.93 68.87
CA GLU LB 117 -0.77 21.83 69.52
C GLU LB 117 -2.02 22.09 68.70
N GLY LB 118 -2.27 21.26 67.68
CA GLY LB 118 -3.49 21.39 66.90
C GLY LB 118 -3.46 22.46 65.84
N PHE LB 119 -2.29 22.97 65.48
CA PHE LB 119 -2.16 24.00 64.46
C PHE LB 119 -2.12 23.35 63.07
N ARG LB 120 -1.71 24.13 62.07
CA ARG LB 120 -1.70 23.67 60.68
C ARG LB 120 -0.43 24.17 60.01
N ASN LB 121 -0.41 24.12 58.67
CA ASN LB 121 0.80 24.41 57.92
C ASN LB 121 1.35 25.79 58.24
N ALA LB 122 0.60 26.84 57.90
CA ALA LB 122 1.03 28.20 58.18
C ALA LB 122 0.57 28.71 59.54
N LYS LB 123 -0.30 27.96 60.23
CA LYS LB 123 -0.76 28.40 61.54
C LYS LB 123 0.30 28.20 62.60
N LYS LB 124 1.16 27.19 62.44
CA LYS LB 124 2.17 26.89 63.45
C LYS LB 124 3.45 27.69 63.27
N GLY LB 125 3.57 28.49 62.21
CA GLY LB 125 4.75 29.30 62.00
C GLY LB 125 4.81 30.60 62.76
N THR LB 126 3.69 31.00 63.36
CA THR LB 126 3.63 32.26 64.10
C THR LB 126 4.18 32.07 65.51
N GLY LB 127 4.43 33.20 66.19
CA GLY LB 127 4.96 33.15 67.53
C GLY LB 127 3.96 32.68 68.57
N ILE LB 128 2.67 32.85 68.30
CA ILE LB 128 1.65 32.36 69.23
C ILE LB 128 1.68 30.84 69.30
N ALA LB 129 2.02 30.18 68.19
CA ALA LB 129 2.15 28.73 68.22
C ALA LB 129 3.29 28.31 69.16
N ALA LB 130 4.41 29.01 69.09
CA ALA LB 130 5.50 28.75 70.03
C ALA LB 130 5.10 29.02 71.46
N GLN LB 131 4.35 30.11 71.69
CA GLN LB 131 3.90 30.42 73.05
C GLN LB 131 2.97 29.33 73.59
N THR LB 132 2.03 28.86 72.77
CA THR LB 132 1.13 27.80 73.19
C THR LB 132 1.88 26.49 73.41
N ALA LB 133 2.84 26.17 72.54
CA ALA LB 133 3.64 24.97 72.74
C ALA LB 133 4.44 25.05 74.04
N GLY LB 134 5.00 26.22 74.34
CA GLY LB 134 5.70 26.40 75.61
C GLY LB 134 4.79 26.28 76.81
N ILE LB 135 3.58 26.82 76.72
CA ILE LB 135 2.62 26.69 77.81
C ILE LB 135 2.25 25.23 78.04
N ALA LB 136 1.99 24.50 76.95
CA ALA LB 136 1.66 23.07 77.08
C ALA LB 136 2.83 22.26 77.62
N ALA LB 137 4.05 22.55 77.16
CA ALA LB 137 5.22 21.85 77.68
C ALA LB 137 5.46 22.15 79.14
N ALA LB 138 5.26 23.41 79.56
CA ALA LB 138 5.36 23.76 80.96
C ALA LB 138 4.31 23.06 81.82
N ALA LB 139 3.07 22.98 81.33
CA ALA LB 139 2.04 22.26 82.07
C ALA LB 139 2.39 20.78 82.20
N LYS LB 140 2.85 20.15 81.11
CA LYS LB 140 3.24 18.75 81.18
C LYS LB 140 4.44 18.52 82.08
N ALA LB 141 5.41 19.43 82.09
CA ALA LB 141 6.57 19.29 82.96
C ALA LB 141 6.20 19.49 84.43
N THR LB 142 5.36 20.48 84.72
CA THR LB 142 4.89 20.69 86.08
C THR LB 142 4.02 19.55 86.57
N GLY LB 143 3.35 18.84 85.66
CA GLY LB 143 2.65 17.62 86.06
C GLY LB 143 3.57 16.56 86.62
N LYS LB 144 4.85 16.58 86.25
CA LYS LB 144 5.84 15.65 86.77
C LYS LB 144 6.69 16.26 87.89
N GLY LB 145 6.38 17.47 88.33
CA GLY LB 145 7.03 18.05 89.49
C GLY LB 145 8.42 18.61 89.23
N VAL LB 146 8.52 19.65 88.41
CA VAL LB 146 9.77 20.36 88.18
C VAL LB 146 9.53 21.85 88.41
N THR LB 147 10.56 22.53 88.90
CA THR LB 147 10.50 23.96 89.18
C THR LB 147 11.43 24.78 88.30
N HIS LB 148 12.71 24.43 88.26
CA HIS LB 148 13.70 25.15 87.48
C HIS LB 148 14.15 24.32 86.29
N VAL LB 149 14.43 25.01 85.18
CA VAL LB 149 14.84 24.34 83.95
C VAL LB 149 15.77 25.27 83.19
N ARG LB 150 16.70 24.68 82.45
CA ARG LB 150 17.66 25.42 81.63
C ARG LB 150 17.25 25.32 80.17
N VAL LB 151 17.01 26.48 79.54
CA VAL LB 151 16.51 26.55 78.18
C VAL LB 151 17.69 26.50 77.23
N VAL LB 152 17.65 25.58 76.27
CA VAL LB 152 18.67 25.47 75.22
C VAL LB 152 17.97 25.71 73.89
N VAL LB 153 18.33 26.82 73.25
CA VAL LB 153 17.69 27.24 72.00
C VAL LB 153 18.51 26.72 70.83
N LYS LB 154 17.83 26.11 69.85
CA LYS LB 154 18.48 25.55 68.68
C LYS LB 154 17.82 26.12 67.43
N GLY LB 155 18.60 26.84 66.63
CA GLY LB 155 18.08 27.42 65.41
C GLY LB 155 17.53 28.81 65.62
N LEU LB 156 17.38 29.54 64.51
CA LEU LB 156 16.85 30.89 64.52
C LEU LB 156 15.50 30.87 63.80
N GLY LB 157 14.45 31.30 64.49
CA GLY LB 157 13.13 31.34 63.91
C GLY LB 157 12.27 32.42 64.51
N PRO LB 158 11.05 32.58 63.97
CA PRO LB 158 10.14 33.61 64.51
C PRO LB 158 9.65 33.30 65.90
N GLY LB 159 9.58 32.02 66.24
CA GLY LB 159 9.11 31.60 67.55
C GLY LB 159 10.23 31.31 68.52
N ARG LB 160 11.27 32.15 68.50
CA ARG LB 160 12.42 31.92 69.38
C ARG LB 160 12.14 32.44 70.79
N LEU LB 161 11.87 33.73 70.92
CA LEU LB 161 11.59 34.31 72.23
C LEU LB 161 10.20 33.95 72.74
N SER LB 162 9.24 33.79 71.82
CA SER LB 162 7.89 33.40 72.23
C SER LB 162 7.86 32.04 72.90
N ALA LB 163 8.61 31.07 72.36
CA ALA LB 163 8.71 29.77 73.00
C ALA LB 163 9.38 29.84 74.37
N ILE LB 164 10.41 30.68 74.52
CA ILE LB 164 11.07 30.82 75.80
C ILE LB 164 10.11 31.41 76.84
N LYS LB 165 9.38 32.46 76.46
CA LYS LB 165 8.44 33.07 77.40
C LYS LB 165 7.22 32.21 77.63
N GLY LB 166 6.93 31.26 76.75
CA GLY LB 166 5.84 30.33 76.98
C GLY LB 166 6.01 29.48 78.22
N LEU LB 167 7.24 29.06 78.53
CA LEU LB 167 7.48 28.32 79.76
C LEU LB 167 7.16 29.17 80.99
N THR LB 168 7.59 30.44 80.98
CA THR LB 168 7.29 31.33 82.11
C THR LB 168 5.80 31.56 82.23
N MET LB 169 5.10 31.70 81.10
CA MET LB 169 3.65 31.86 81.14
C MET LB 169 2.94 30.61 81.66
N GLY LB 170 3.40 29.43 81.28
CA GLY LB 170 2.82 28.18 81.75
C GLY LB 170 3.28 27.75 83.13
N GLY LB 171 4.24 28.46 83.72
CA GLY LB 171 4.64 28.18 85.09
C GLY LB 171 5.94 27.43 85.24
N LEU LB 172 6.97 27.85 84.51
CA LEU LB 172 8.31 27.33 84.68
C LEU LB 172 9.29 28.48 84.80
N GLU LB 173 10.24 28.36 85.71
CA GLU LB 173 11.24 29.39 85.96
C GLU LB 173 12.48 29.11 85.12
N VAL LB 174 12.90 30.10 84.34
CA VAL LB 174 14.09 30.00 83.51
C VAL LB 174 15.25 30.59 84.30
N ILE LB 175 16.32 29.81 84.46
CA ILE LB 175 17.48 30.24 85.23
C ILE LB 175 18.62 30.62 84.28
N SER LB 176 18.66 29.98 83.12
CA SER LB 176 19.74 30.19 82.17
C SER LB 176 19.25 29.90 80.77
N ILE LB 177 19.72 30.70 79.81
CA ILE LB 177 19.41 30.52 78.40
C ILE LB 177 20.71 30.24 77.66
N THR LB 178 20.78 29.08 77.01
CA THR LB 178 21.95 28.68 76.24
C THR LB 178 21.56 28.61 74.77
N ASP LB 179 22.30 29.32 73.93
CA ASP LB 179 22.07 29.34 72.49
C ASP LB 179 22.95 28.28 71.85
N ASN LB 180 22.35 27.13 71.54
CA ASN LB 180 23.04 26.04 70.86
C ASN LB 180 22.48 25.97 69.44
N THR LB 181 23.03 26.79 68.56
CA THR LB 181 22.61 26.82 67.16
C THR LB 181 23.65 26.14 66.30
N PRO LB 182 23.27 25.19 65.45
CA PRO LB 182 24.26 24.49 64.62
C PRO LB 182 24.97 25.44 63.66
N ILE LB 183 26.26 25.65 63.88
CA ILE LB 183 27.05 26.52 63.04
C ILE LB 183 28.14 25.68 62.37
N PRO LB 184 27.91 25.20 61.14
CA PRO LB 184 28.94 24.41 60.47
C PRO LB 184 30.10 25.29 60.02
N HIS LB 185 31.31 24.80 60.26
CA HIS LB 185 32.53 25.50 59.84
C HIS LB 185 32.79 25.22 58.35
N ASN LB 186 31.85 25.67 57.52
CA ASN LB 186 31.86 25.40 56.09
C ASN LB 186 31.95 23.90 55.81
N GLY LB 187 30.96 23.17 56.31
CA GLY LB 187 30.90 21.74 56.14
C GLY LB 187 30.07 21.30 54.97
N CYS LB 188 28.90 20.73 55.24
CA CYS LB 188 28.01 20.29 54.18
C CYS LB 188 27.50 21.48 53.39
N ARG LB 189 27.40 21.31 52.08
CA ARG LB 189 26.92 22.38 51.21
C ARG LB 189 25.41 22.56 51.39
N PRO LB 190 24.94 23.75 51.76
CA PRO LB 190 23.49 23.96 51.89
C PRO LB 190 22.81 24.06 50.54
N ARG LB 191 21.49 24.27 50.56
CA ARG LB 191 20.73 24.33 49.33
C ARG LB 191 21.03 25.61 48.56
N LYS LB 192 20.60 25.64 47.30
CA LYS LB 192 20.82 26.80 46.45
C LYS LB 192 19.90 27.95 46.85
N ALA LB 193 20.28 29.14 46.45
CA ALA LB 193 19.52 30.34 46.76
C ALA LB 193 18.22 30.39 45.98
N ARG LB 194 17.17 30.92 46.60
CA ARG LB 194 15.89 31.09 45.96
C ARG LB 194 15.86 32.36 45.13
N ARG LB 195 14.75 32.57 44.43
CA ARG LB 195 14.54 33.75 43.57
C ARG LB 195 15.65 33.86 42.52
N LEU LB 196 15.71 32.84 41.66
CA LEU LB 196 16.70 32.79 40.59
C LEU LB 196 16.52 33.97 39.63
N ALA MB 31 51.79 50.71 15.83
CA ALA MB 31 52.57 50.30 14.65
C ALA MB 31 53.92 50.99 14.64
N THR MB 32 54.94 50.31 15.16
CA THR MB 32 56.28 50.87 15.20
C THR MB 32 56.90 50.87 13.81
N LEU MB 33 58.10 51.44 13.72
CA LEU MB 33 58.80 51.51 12.42
C LEU MB 33 59.15 50.13 11.89
N ASN MB 34 59.57 49.22 12.76
CA ASN MB 34 59.87 47.86 12.32
C ASN MB 34 58.63 47.16 11.78
N GLN MB 35 57.49 47.31 12.46
CA GLN MB 35 56.25 46.72 11.96
C GLN MB 35 55.80 47.34 10.64
N MET MB 36 55.93 48.67 10.51
CA MET MB 36 55.58 49.31 9.24
C MET MB 36 56.48 48.84 8.11
N HIS MB 37 57.78 48.70 8.36
CA HIS MB 37 58.69 48.17 7.35
C HIS MB 37 58.35 46.73 6.99
N ARG MB 38 58.02 45.91 7.98
CA ARG MB 38 57.66 44.51 7.73
C ARG MB 38 56.39 44.40 6.90
N LEU MB 39 55.38 45.22 7.19
CA LEU MB 39 54.10 45.15 6.49
C LEU MB 39 54.12 45.85 5.13
N GLY MB 40 54.98 46.84 4.95
CA GLY MB 40 55.02 47.57 3.70
C GLY MB 40 53.98 48.67 3.66
N PRO MB 41 54.08 49.55 2.65
CA PRO MB 41 53.10 50.63 2.54
C PRO MB 41 51.74 50.08 2.16
N PRO MB 42 50.66 50.72 2.61
CA PRO MB 42 49.32 50.26 2.24
C PRO MB 42 49.05 50.48 0.76
N LYS MB 43 48.29 49.57 0.16
CA LYS MB 43 47.90 49.66 -1.23
C LYS MB 43 46.38 49.64 -1.35
N HIS MB 44 45.85 50.54 -2.18
CA HIS MB 44 44.41 50.58 -2.38
C HIS MB 44 43.95 49.33 -3.12
N PRO MB 45 42.89 48.66 -2.65
CA PRO MB 45 42.44 47.44 -3.31
C PRO MB 45 41.90 47.74 -4.69
N PRO MB 46 42.01 46.80 -5.63
CA PRO MB 46 41.45 47.01 -6.96
C PRO MB 46 39.94 47.15 -6.91
N GLY MB 47 39.42 47.96 -7.82
CA GLY MB 47 37.99 48.19 -7.90
C GLY MB 47 37.25 46.98 -8.45
N LYS MB 48 36.32 46.45 -7.66
CA LYS MB 48 35.54 45.29 -8.08
C LYS MB 48 34.62 45.66 -9.24
N MET MB 49 34.54 44.77 -10.22
CA MET MB 49 33.67 45.00 -11.36
C MET MB 49 32.20 44.93 -10.94
N GLY MB 50 31.36 45.69 -11.62
CA GLY MB 50 29.96 45.72 -11.33
C GLY MB 50 29.20 44.62 -12.05
N PRO MB 51 27.88 44.79 -12.15
CA PRO MB 51 27.07 43.78 -12.87
C PRO MB 51 27.43 43.65 -14.34
N THR MB 52 28.01 44.69 -14.94
CA THR MB 52 28.33 44.69 -16.36
C THR MB 52 29.74 44.17 -16.65
N ALA MB 53 30.45 43.72 -15.61
CA ALA MB 53 31.79 43.15 -15.77
C ALA MB 53 32.75 44.14 -16.44
N GLY MB 54 32.63 45.41 -16.06
CA GLY MB 54 33.53 46.44 -16.56
C GLY MB 54 33.12 47.06 -17.88
N ARG MB 55 32.03 46.61 -18.49
CA ARG MB 55 31.65 47.26 -19.74
C ARG MB 55 30.59 48.33 -19.50
N PRO MB 56 30.76 49.52 -20.08
CA PRO MB 56 29.74 50.56 -19.88
C PRO MB 56 28.37 50.18 -20.40
N GLN MB 57 28.28 49.42 -21.49
CA GLN MB 57 27.01 49.02 -22.05
C GLN MB 57 27.04 47.55 -22.45
N LEU MB 58 25.86 46.93 -22.44
CA LEU MB 58 25.71 45.53 -22.81
C LEU MB 58 24.47 45.37 -23.66
N LYS MB 59 24.59 44.63 -24.75
CA LYS MB 59 23.48 44.37 -25.65
C LYS MB 59 22.83 43.04 -25.26
N GLY MB 60 21.52 43.06 -25.03
CA GLY MB 60 20.83 41.86 -24.57
C GLY MB 60 19.42 41.77 -25.10
N VAL MB 61 18.92 40.54 -25.14
CA VAL MB 61 17.57 40.25 -25.61
C VAL MB 61 16.66 40.10 -24.41
N VAL MB 62 15.49 40.74 -24.49
CA VAL MB 62 14.52 40.72 -23.39
C VAL MB 62 13.95 39.33 -23.27
N LEU MB 63 13.99 38.78 -22.05
CA LEU MB 63 13.44 37.45 -21.80
C LEU MB 63 12.10 37.48 -21.08
N ARG MB 64 11.92 38.35 -20.09
CA ARG MB 64 10.67 38.38 -19.34
C ARG MB 64 10.43 39.77 -18.76
N THR MB 65 9.40 40.45 -19.27
CA THR MB 65 9.02 41.77 -18.76
C THR MB 65 7.95 41.60 -17.69
N PHE MB 66 8.12 42.28 -16.57
CA PHE MB 66 7.18 42.17 -15.45
C PHE MB 66 7.22 43.45 -14.63
N ILE MB 67 6.54 43.41 -13.48
CA ILE MB 67 6.38 44.55 -12.59
C ILE MB 67 6.87 44.14 -11.20
N ARG MB 68 7.63 45.02 -10.56
CA ARG MB 68 8.10 44.80 -9.19
C ARG MB 68 7.71 45.96 -8.29
N LYS MB 69 7.75 45.69 -6.95
CA LYS MB 69 7.46 46.63 -5.88
C LYS MB 69 8.74 47.27 -5.35
N PRO MB 70 8.69 48.56 -5.02
CA PRO MB 70 9.86 49.22 -4.43
C PRO MB 70 10.09 48.82 -2.98
N LYS MB 71 11.02 49.50 -2.32
CA LYS MB 71 11.33 49.20 -0.92
C LYS MB 71 10.17 49.64 -0.02
N LYS MB 72 10.33 49.43 1.29
CA LYS MB 72 9.24 49.75 2.22
C LYS MB 72 8.86 51.23 2.23
N PRO MB 73 9.79 52.18 2.32
CA PRO MB 73 9.38 53.58 2.50
C PRO MB 73 8.52 54.14 1.37
N ASN MB 74 8.70 53.68 0.13
CA ASN MB 74 7.95 54.24 -1.00
C ASN MB 74 7.34 53.11 -1.81
N SER MB 75 6.12 53.34 -2.28
CA SER MB 75 5.36 52.34 -3.02
C SER MB 75 5.12 52.80 -4.44
N ALA MB 76 5.26 51.87 -5.38
CA ALA MB 76 5.05 52.12 -6.80
C ALA MB 76 4.93 50.77 -7.51
N ASN MB 77 4.92 50.80 -8.84
CA ASN MB 77 4.90 49.58 -9.65
C ASN MB 77 5.93 49.77 -10.76
N ARG MB 78 7.17 49.40 -10.49
CA ARG MB 78 8.26 49.65 -11.41
C ARG MB 78 8.27 48.64 -12.55
N LYS MB 79 8.72 49.10 -13.72
CA LYS MB 79 8.80 48.25 -14.92
C LYS MB 79 10.14 47.55 -14.89
N CYS MB 80 10.14 46.24 -14.61
CA CYS MB 80 11.37 45.47 -14.55
C CYS MB 80 11.38 44.45 -15.68
N CYS MB 81 12.59 43.97 -15.99
CA CYS MB 81 12.75 43.01 -17.06
C CYS MB 81 13.88 42.06 -16.73
N ARG MB 82 13.81 40.87 -17.32
CA ARG MB 82 14.87 39.89 -17.26
C ARG MB 82 15.41 39.73 -18.68
N VAL MB 83 16.71 39.99 -18.85
CA VAL MB 83 17.33 40.12 -20.15
C VAL MB 83 18.56 39.21 -20.20
N ARG MB 84 18.71 38.51 -21.32
CA ARG MB 84 19.86 37.63 -21.55
C ARG MB 84 21.02 38.50 -22.04
N LEU MB 85 22.01 38.69 -21.17
CA LEU MB 85 23.15 39.53 -21.51
C LEU MB 85 24.03 38.83 -22.55
N SER MB 86 24.86 39.64 -23.21
CA SER MB 86 25.75 39.11 -24.25
C SER MB 86 26.86 38.23 -23.65
N THR MB 87 27.09 38.35 -22.35
CA THR MB 87 28.11 37.55 -21.68
C THR MB 87 27.58 36.22 -21.16
N GLY MB 88 26.32 35.89 -21.44
CA GLY MB 88 25.74 34.65 -20.98
C GLY MB 88 25.12 34.68 -19.60
N ARG MB 89 25.10 35.83 -18.94
CA ARG MB 89 24.50 35.95 -17.62
C ARG MB 89 23.09 36.50 -17.73
N GLU MB 90 22.18 35.94 -16.93
CA GLU MB 90 20.80 36.36 -16.87
C GLU MB 90 20.62 37.21 -15.62
N ALA MB 91 20.27 38.49 -15.80
CA ALA MB 91 20.15 39.42 -14.70
C ALA MB 91 18.93 40.30 -14.89
N VAL MB 92 18.48 40.90 -13.79
CA VAL MB 92 17.31 41.77 -13.79
C VAL MB 92 17.75 43.20 -14.08
N CYS MB 93 16.91 43.92 -14.83
CA CYS MB 93 17.15 45.29 -15.24
C CYS MB 93 15.85 46.09 -15.09
N PHE MB 94 15.96 47.42 -15.18
CA PHE MB 94 14.84 48.31 -14.99
C PHE MB 94 14.64 49.15 -16.24
N ILE MB 95 13.39 49.44 -16.58
CA ILE MB 95 13.04 50.23 -17.75
C ILE MB 95 12.67 51.63 -17.27
N PRO MB 96 13.47 52.66 -17.55
CA PRO MB 96 13.13 54.02 -17.14
C PRO MB 96 12.08 54.63 -18.05
N GLY MB 97 11.54 55.77 -17.61
CA GLY MB 97 10.54 56.49 -18.37
C GLY MB 97 9.14 55.98 -18.14
N GLU MB 98 8.17 56.76 -18.61
CA GLU MB 98 6.76 56.42 -18.47
C GLU MB 98 6.26 55.84 -19.80
N GLY MB 99 5.83 54.58 -19.76
CA GLY MB 99 5.32 53.92 -20.94
C GLY MB 99 6.41 53.37 -21.83
N HIS MB 100 6.27 52.12 -22.25
CA HIS MB 100 7.26 51.49 -23.14
C HIS MB 100 6.57 50.38 -23.91
N SER MB 101 7.19 50.01 -25.03
CA SER MB 101 6.70 48.94 -25.90
C SER MB 101 7.84 47.93 -26.08
N LEU MB 102 7.98 47.02 -25.14
CA LEU MB 102 9.03 46.02 -25.16
C LEU MB 102 8.43 44.65 -24.86
N GLN MB 103 8.74 43.67 -25.72
CA GLN MB 103 8.31 42.30 -25.55
C GLN MB 103 9.55 41.40 -25.53
N GLU MB 104 9.31 40.09 -25.54
CA GLU MB 104 10.41 39.14 -25.52
C GLU MB 104 11.19 39.18 -26.82
N HIS MB 105 12.45 38.74 -26.75
CA HIS MB 105 13.35 38.65 -27.89
C HIS MB 105 13.57 40.00 -28.57
N HIS MB 106 13.53 41.08 -27.78
CA HIS MB 106 13.80 42.42 -28.29
C HIS MB 106 15.20 42.84 -27.86
N VAL MB 107 16.00 43.29 -28.83
CA VAL MB 107 17.38 43.69 -28.59
C VAL MB 107 17.38 45.08 -27.98
N VAL MB 108 17.99 45.19 -26.80
CA VAL MB 108 18.10 46.46 -26.09
C VAL MB 108 19.51 46.61 -25.56
N LEU MB 109 19.84 47.83 -25.13
CA LEU MB 109 21.13 48.13 -24.53
C LEU MB 109 20.93 48.54 -23.08
N VAL MB 110 21.71 47.95 -22.19
CA VAL MB 110 21.64 48.24 -20.76
C VAL MB 110 22.97 48.82 -20.31
N GLN MB 111 22.92 49.65 -19.27
CA GLN MB 111 24.09 50.31 -18.73
C GLN MB 111 24.17 50.07 -17.23
N GLY MB 112 25.18 50.65 -16.60
CA GLY MB 112 25.39 50.48 -15.17
C GLY MB 112 24.57 51.41 -14.32
N GLY MB 113 23.29 51.54 -14.63
CA GLY MB 113 22.41 52.39 -13.85
C GLY MB 113 21.79 51.63 -12.69
N ARG MB 114 22.00 52.11 -11.47
CA ARG MB 114 21.48 51.45 -10.28
C ARG MB 114 20.19 52.14 -9.82
N THR MB 115 19.17 51.34 -9.55
CA THR MB 115 17.89 51.86 -9.08
C THR MB 115 17.84 51.80 -7.56
N GLN MB 116 17.61 52.95 -6.93
CA GLN MB 116 17.62 53.01 -5.47
C GLN MB 116 16.41 52.29 -4.86
N ASP MB 117 15.22 52.46 -5.45
CA ASP MB 117 14.01 51.89 -4.88
C ASP MB 117 13.89 50.40 -5.14
N LEU MB 118 14.65 49.85 -6.09
CA LEU MB 118 14.55 48.44 -6.41
C LEU MB 118 15.77 47.70 -5.90
N PRO MB 119 15.65 46.88 -4.86
CA PRO MB 119 16.81 46.14 -4.36
C PRO MB 119 17.22 45.04 -5.32
N GLY MB 120 18.52 44.97 -5.60
CA GLY MB 120 19.06 43.97 -6.49
C GLY MB 120 19.04 44.33 -7.96
N VAL MB 121 18.40 45.43 -8.33
CA VAL MB 121 18.34 45.87 -9.72
C VAL MB 121 19.48 46.86 -9.95
N LYS MB 122 20.44 46.48 -10.77
CA LYS MB 122 21.63 47.29 -11.02
C LYS MB 122 21.79 47.67 -12.48
N LEU MB 123 20.79 47.41 -13.32
CA LEU MB 123 20.87 47.70 -14.75
C LEU MB 123 19.67 48.52 -15.18
N THR MB 124 19.91 49.40 -16.17
CA THR MB 124 18.86 50.23 -16.74
C THR MB 124 18.95 50.17 -18.26
N VAL MB 125 17.81 49.95 -18.92
CA VAL MB 125 17.78 49.92 -20.38
C VAL MB 125 18.02 51.33 -20.91
N VAL MB 126 18.95 51.45 -21.87
CA VAL MB 126 19.23 52.73 -22.49
C VAL MB 126 18.10 53.08 -23.44
N ARG MB 127 17.49 54.25 -23.25
CA ARG MB 127 16.37 54.67 -24.06
C ARG MB 127 16.86 55.19 -25.40
N GLY MB 128 16.27 54.68 -26.49
CA GLY MB 128 16.69 55.08 -27.82
C GLY MB 128 17.60 54.07 -28.48
N LYS MB 129 17.21 52.79 -28.43
CA LYS MB 129 18.02 51.73 -29.00
C LYS MB 129 17.28 51.04 -30.14
N TYR MB 130 17.71 49.85 -30.53
CA TYR MB 130 17.12 49.14 -31.66
C TYR MB 130 15.62 48.92 -31.46
N ASP MB 131 15.25 48.34 -30.31
CA ASP MB 131 13.85 48.03 -30.03
C ASP MB 131 13.25 48.90 -28.93
N CYS MB 132 14.06 49.62 -28.17
CA CYS MB 132 13.58 50.49 -27.10
C CYS MB 132 13.95 51.93 -27.48
N GLY MB 133 13.04 52.58 -28.21
CA GLY MB 133 13.28 53.93 -28.68
C GLY MB 133 13.02 54.97 -27.61
N HIS MB 134 13.04 56.23 -28.04
CA HIS MB 134 12.80 57.33 -27.11
C HIS MB 134 11.33 57.36 -26.69
N VAL MB 135 11.08 57.96 -25.54
CA VAL MB 135 9.74 58.04 -24.99
C VAL MB 135 8.91 59.00 -25.84
N GLN MB 136 7.73 58.56 -26.23
CA GLN MB 136 6.83 59.39 -27.02
C GLN MB 136 6.04 60.33 -26.11
N LYS MB 137 5.81 61.54 -26.60
CA LYS MB 137 5.03 62.52 -25.85
C LYS MB 137 3.55 62.17 -25.90
N LYS MB 138 2.83 62.63 -24.89
CA LYS MB 138 1.39 62.39 -24.81
C LYS MB 138 0.65 63.39 -25.70
N LYS MB 139 0.11 62.89 -26.81
CA LYS MB 139 -0.61 63.75 -27.75
C LYS MB 139 -2.10 63.41 -27.76
N TYR NB 28 -31.35 89.77 2.67
CA TYR NB 28 -31.93 88.47 2.98
C TYR NB 28 -32.17 88.32 4.48
N TYR NB 29 -32.74 87.18 4.87
CA TYR NB 29 -32.91 86.83 6.27
C TYR NB 29 -31.79 85.90 6.72
N VAL NB 30 -31.80 85.55 8.00
CA VAL NB 30 -30.77 84.67 8.54
C VAL NB 30 -30.87 83.28 7.94
N ASP NB 31 -32.08 82.74 7.84
CA ASP NB 31 -32.29 81.40 7.34
C ASP NB 31 -33.67 81.31 6.70
N TRP NB 32 -33.85 80.28 5.86
CA TRP NB 32 -35.15 80.04 5.25
C TRP NB 32 -36.20 79.71 6.31
N LYS NB 33 -35.79 79.07 7.42
CA LYS NB 33 -36.72 78.82 8.50
C LYS NB 33 -37.22 80.13 9.11
N MET NB 34 -36.33 81.09 9.33
CA MET NB 34 -36.74 82.40 9.82
C MET NB 34 -37.60 83.13 8.79
N LEU NB 35 -37.26 83.01 7.51
CA LEU NB 35 -38.07 83.64 6.46
C LEU NB 35 -39.50 83.09 6.47
N ARG NB 36 -39.65 81.77 6.61
CA ARG NB 36 -40.98 81.18 6.69
C ARG NB 36 -41.69 81.55 7.98
N ASP NB 37 -40.95 81.68 9.08
CA ASP NB 37 -41.57 82.09 10.34
C ASP NB 37 -42.08 83.52 10.28
N VAL NB 38 -41.39 84.39 9.54
CA VAL NB 38 -41.89 85.75 9.35
C VAL NB 38 -43.23 85.74 8.62
N LYS NB 39 -43.34 84.91 7.57
CA LYS NB 39 -44.61 84.77 6.88
C LYS NB 39 -45.69 84.18 7.77
N ARG NB 40 -45.33 83.20 8.61
CA ARG NB 40 -46.30 82.65 9.55
C ARG NB 40 -46.81 83.70 10.53
N ARG NB 41 -45.92 84.53 11.08
CA ARG NB 41 -46.34 85.61 11.96
C ARG NB 41 -47.20 86.65 11.24
N LYS NB 42 -46.85 87.00 10.00
CA LYS NB 42 -47.67 87.94 9.25
C LYS NB 42 -49.06 87.39 9.01
N MET NB 43 -49.15 86.10 8.65
CA MET NB 43 -50.45 85.49 8.41
C MET NB 43 -51.26 85.35 9.70
N ALA NB 44 -50.59 85.05 10.82
CA ALA NB 44 -51.28 85.00 12.10
C ALA NB 44 -51.83 86.36 12.49
N TYR NB 45 -51.06 87.43 12.26
CA TYR NB 45 -51.57 88.77 12.54
C TYR NB 45 -52.71 89.14 11.60
N GLU NB 46 -52.62 88.73 10.33
CA GLU NB 46 -53.70 89.01 9.39
C GLU NB 46 -54.99 88.31 9.79
N TYR NB 47 -54.90 87.05 10.24
CA TYR NB 47 -56.08 86.27 10.60
C TYR NB 47 -56.36 86.28 12.10
N ALA NB 48 -55.74 87.19 12.85
CA ALA NB 48 -55.96 87.24 14.29
C ALA NB 48 -57.41 87.54 14.63
N ASP NB 49 -58.03 88.49 13.92
CA ASP NB 49 -59.42 88.84 14.22
C ASP NB 49 -60.39 87.73 13.84
N GLU NB 50 -60.20 87.11 12.68
CA GLU NB 50 -61.14 86.07 12.24
C GLU NB 50 -61.10 84.87 13.17
N ARG NB 51 -59.91 84.40 13.54
CA ARG NB 51 -59.81 83.30 14.47
C ARG NB 51 -60.34 83.64 15.85
N LEU NB 52 -60.09 84.86 16.34
CA LEU NB 52 -60.64 85.29 17.62
C LEU NB 52 -62.16 85.30 17.61
N ARG NB 53 -62.77 85.79 16.52
CA ARG NB 53 -64.23 85.77 16.42
C ARG NB 53 -64.77 84.35 16.31
N ILE NB 54 -64.09 83.48 15.57
CA ILE NB 54 -64.60 82.13 15.36
C ILE NB 54 -64.49 81.31 16.64
N ASN NB 55 -63.37 81.42 17.36
CA ASN NB 55 -63.17 80.62 18.58
C ASN NB 55 -64.19 80.95 19.65
N SER NB 56 -64.81 82.14 19.61
CA SER NB 56 -65.88 82.45 20.54
C SER NB 56 -67.06 81.52 20.36
N LEU NB 57 -67.41 81.19 19.11
CA LEU NB 57 -68.52 80.28 18.85
C LEU NB 57 -68.20 78.85 19.26
N ARG NB 58 -66.92 78.52 19.40
CA ARG NB 58 -66.53 77.15 19.74
C ARG NB 58 -66.28 76.96 21.23
N LYS NB 59 -65.80 78.00 21.93
CA LYS NB 59 -65.46 77.88 23.34
C LYS NB 59 -66.63 78.15 24.27
N ASN NB 60 -67.83 78.39 23.74
CA ASN NB 60 -69.00 78.65 24.54
C ASN NB 60 -69.88 77.41 24.64
N THR NB 61 -70.72 77.39 25.67
CA THR NB 61 -71.69 76.31 25.86
C THR NB 61 -73.13 76.78 25.74
N ILE NB 62 -73.37 78.08 25.72
CA ILE NB 62 -74.74 78.60 25.59
C ILE NB 62 -75.30 78.28 24.21
N LEU NB 63 -74.51 78.53 23.16
CA LEU NB 63 -74.97 78.29 21.81
C LEU NB 63 -75.10 76.79 21.54
N PRO NB 64 -76.04 76.39 20.70
CA PRO NB 64 -76.20 74.97 20.39
C PRO NB 64 -75.00 74.43 19.61
N LYS NB 65 -74.74 73.14 19.80
CA LYS NB 65 -73.62 72.48 19.13
C LYS NB 65 -73.80 72.40 17.62
N ASP NB 66 -75.03 72.58 17.12
CA ASP NB 66 -75.26 72.50 15.68
C ASP NB 66 -74.49 73.56 14.92
N LEU NB 67 -74.48 74.80 15.44
CA LEU NB 67 -73.67 75.84 14.81
C LEU NB 67 -72.20 75.71 15.15
N GLN NB 68 -71.88 75.14 16.31
CA GLN NB 68 -70.48 74.94 16.69
C GLN NB 68 -69.80 73.96 15.74
N GLU NB 69 -70.51 72.92 15.31
CA GLU NB 69 -69.94 71.99 14.34
C GLU NB 69 -69.62 72.67 13.02
N VAL NB 70 -70.50 73.55 12.56
CA VAL NB 70 -70.23 74.29 11.32
C VAL NB 70 -69.09 75.26 11.51
N ALA NB 71 -69.00 75.89 12.68
CA ALA NB 71 -67.88 76.79 12.97
C ALA NB 71 -66.56 76.04 13.00
N ASP NB 72 -66.59 74.77 13.40
CA ASP NB 72 -65.39 73.94 13.31
C ASP NB 72 -64.91 73.80 11.87
N GLU NB 73 -65.83 73.54 10.93
CA GLU NB 73 -65.45 73.51 9.52
C GLU NB 73 -64.98 74.86 9.02
N GLU NB 74 -65.63 75.94 9.49
CA GLU NB 74 -65.22 77.28 9.09
C GLU NB 74 -63.79 77.59 9.53
N ILE NB 75 -63.43 77.22 10.75
CA ILE NB 75 -62.07 77.48 11.23
C ILE NB 75 -61.07 76.49 10.64
N ALA NB 76 -61.51 75.29 10.25
CA ALA NB 76 -60.64 74.36 9.55
C ALA NB 76 -60.35 74.79 8.12
N SER NB 77 -61.29 75.46 7.46
CA SER NB 77 -61.08 75.96 6.12
C SER NB 77 -60.07 77.10 6.06
N LEU NB 78 -59.68 77.67 7.20
CA LEU NB 78 -58.69 78.72 7.22
C LEU NB 78 -57.33 78.18 6.80
N PRO NB 79 -56.45 79.05 6.29
CA PRO NB 79 -55.11 78.59 5.90
C PRO NB 79 -54.34 78.06 7.10
N ARG NB 80 -53.46 77.10 6.81
CA ARG NB 80 -52.74 76.41 7.89
C ARG NB 80 -51.86 77.36 8.68
N ASP NB 81 -51.13 78.24 7.98
CA ASP NB 81 -50.19 79.15 8.62
C ASP NB 81 -50.87 80.32 9.31
N SER NB 82 -52.20 80.39 9.31
CA SER NB 82 -52.91 81.46 9.97
C SER NB 82 -52.95 81.32 11.49
N CYS NB 83 -52.86 80.08 12.00
CA CYS NB 83 -52.94 79.88 13.44
C CYS NB 83 -51.63 80.32 14.10
N PRO NB 84 -51.70 80.93 15.29
CA PRO NB 84 -50.48 81.33 16.00
C PRO NB 84 -49.66 80.15 16.51
N VAL NB 85 -50.19 78.93 16.47
CA VAL NB 85 -49.47 77.78 17.01
C VAL NB 85 -48.22 77.49 16.18
N ARG NB 86 -48.28 77.70 14.87
CA ARG NB 86 -47.14 77.47 14.00
C ARG NB 86 -46.00 78.46 14.22
N ILE NB 87 -46.24 79.54 14.96
CA ILE NB 87 -45.21 80.53 15.21
C ILE NB 87 -44.18 79.95 16.18
N ARG NB 88 -42.91 80.02 15.79
CA ARG NB 88 -41.81 79.53 16.60
C ARG NB 88 -40.93 80.70 17.01
N ASN NB 89 -40.61 80.79 18.28
CA ASN NB 89 -39.79 81.89 18.81
C ASN NB 89 -38.32 81.54 18.63
N ARG NB 90 -37.71 82.09 17.58
CA ARG NB 90 -36.30 81.87 17.29
C ARG NB 90 -35.49 83.08 17.74
N CYS NB 91 -34.18 83.02 17.47
CA CYS NB 91 -33.29 84.12 17.79
C CYS NB 91 -33.32 85.17 16.68
N VAL NB 92 -33.18 86.43 17.09
CA VAL NB 92 -33.13 87.52 16.11
C VAL NB 92 -31.83 87.47 15.33
N MET NB 93 -30.72 87.17 15.99
CA MET NB 93 -29.41 87.21 15.35
C MET NB 93 -29.14 85.96 14.51
N THR NB 94 -29.20 84.79 15.14
CA THR NB 94 -28.80 83.55 14.50
C THR NB 94 -29.97 82.63 14.16
N SER NB 95 -31.20 83.02 14.50
CA SER NB 95 -32.40 82.23 14.21
C SER NB 95 -32.30 80.82 14.81
N ARG NB 96 -31.79 80.73 16.03
CA ARG NB 96 -31.67 79.44 16.68
C ARG NB 96 -33.02 79.01 17.23
N PRO NB 97 -33.52 77.83 16.87
CA PRO NB 97 -34.87 77.44 17.31
C PRO NB 97 -35.01 77.21 18.81
N ARG NB 98 -33.91 76.97 19.52
CA ARG NB 98 -33.97 76.70 20.95
C ARG NB 98 -32.88 77.49 21.67
N GLY NB 99 -32.96 77.50 22.99
CA GLY NB 99 -31.99 78.22 23.80
C GLY NB 99 -32.04 79.72 23.62
N VAL NB 100 -33.22 80.30 23.48
CA VAL NB 100 -33.40 81.73 23.25
C VAL NB 100 -34.25 82.29 24.39
N LYS NB 101 -33.71 83.30 25.07
CA LYS NB 101 -34.48 83.98 26.10
C LYS NB 101 -35.55 84.88 25.49
N ARG NB 102 -36.72 84.89 26.13
CA ARG NB 102 -37.84 85.66 25.59
C ARG NB 102 -37.66 87.16 25.81
N ARG NB 103 -36.94 87.54 26.87
CA ARG NB 103 -36.81 88.96 27.19
C ARG NB 103 -35.97 89.69 26.14
N TRP NB 104 -34.85 89.10 25.72
CA TRP NB 104 -33.96 89.72 24.75
C TRP NB 104 -34.12 89.17 23.34
N ARG NB 105 -34.91 88.11 23.16
CA ARG NB 105 -35.14 87.50 21.85
C ARG NB 105 -33.83 87.05 21.20
N LEU NB 106 -32.84 86.70 22.01
CA LEU NB 106 -31.52 86.30 21.53
C LEU NB 106 -31.15 84.94 22.09
N SER NB 107 -30.33 84.22 21.33
CA SER NB 107 -29.87 82.91 21.76
C SER NB 107 -28.94 83.03 22.97
N ARG NB 108 -28.79 81.92 23.68
CA ARG NB 108 -27.95 81.89 24.87
C ARG NB 108 -26.48 82.13 24.56
N ILE NB 109 -26.06 81.97 23.31
CA ILE NB 109 -24.67 82.15 22.90
C ILE NB 109 -24.39 83.58 22.46
N VAL NB 110 -25.28 84.16 21.63
CA VAL NB 110 -25.14 85.55 21.27
C VAL NB 110 -25.32 86.45 22.50
N PHE NB 111 -26.25 86.09 23.39
CA PHE NB 111 -26.44 86.86 24.61
C PHE NB 111 -25.17 86.87 25.45
N ARG NB 112 -24.51 85.71 25.60
CA ARG NB 112 -23.24 85.67 26.31
C ARG NB 112 -22.16 86.47 25.58
N HIS NB 113 -22.08 86.34 24.25
CA HIS NB 113 -21.07 87.06 23.50
C HIS NB 113 -21.21 88.57 23.63
N LEU NB 114 -22.44 89.07 23.76
CA LEU NB 114 -22.66 90.50 23.97
C LEU NB 114 -22.49 90.93 25.43
N ALA NB 115 -22.97 90.12 26.38
CA ALA NB 115 -22.84 90.47 27.79
C ALA NB 115 -21.38 90.50 28.22
N ASP NB 116 -20.60 89.50 27.79
CA ASP NB 116 -19.18 89.46 28.13
C ASP NB 116 -18.42 90.64 27.53
N HIS NB 117 -18.81 91.10 26.35
CA HIS NB 117 -18.25 92.33 25.80
C HIS NB 117 -18.77 93.57 26.51
N GLY NB 118 -19.90 93.47 27.21
CA GLY NB 118 -20.40 94.59 27.98
C GLY NB 118 -21.30 95.54 27.23
N GLN NB 119 -21.87 95.12 26.10
CA GLN NB 119 -22.77 95.97 25.33
C GLN NB 119 -24.18 95.97 25.90
N LEU NB 120 -24.46 95.17 26.92
CA LEU NB 120 -25.78 95.12 27.56
C LEU NB 120 -25.65 95.64 28.98
N SER NB 121 -26.46 96.64 29.32
CA SER NB 121 -26.40 97.24 30.64
C SER NB 121 -26.94 96.29 31.71
N GLY NB 122 -26.47 96.47 32.93
CA GLY NB 122 -26.96 95.72 34.06
C GLY NB 122 -26.65 94.23 34.07
N VAL NB 123 -26.05 93.70 33.02
CA VAL NB 123 -25.73 92.28 32.93
C VAL NB 123 -24.31 92.07 33.41
N GLN NB 124 -24.14 91.15 34.37
CA GLN NB 124 -22.84 90.86 34.93
C GLN NB 124 -22.82 89.42 35.42
N ARG NB 125 -21.61 88.90 35.60
CA ARG NB 125 -21.46 87.54 36.11
C ARG NB 125 -21.98 87.46 37.54
N ALA NB 126 -22.73 86.39 37.82
CA ALA NB 126 -23.34 86.22 39.13
C ALA NB 126 -22.29 85.71 40.12
N MET NB 127 -22.06 86.46 41.19
CA MET NB 127 -21.09 86.11 42.22
C MET NB 127 -21.75 86.28 43.58
N TRP NB 128 -22.09 85.16 44.21
CA TRP NB 128 -22.69 85.19 45.54
C TRP NB 128 -22.49 83.87 46.25
N GLN OB 65 76.82 10.80 40.08
CA GLN OB 65 76.17 11.62 41.11
C GLN OB 65 77.08 11.82 42.31
N ASP OB 66 77.06 13.02 42.87
CA ASP OB 66 77.87 13.33 44.04
C ASP OB 66 77.29 12.68 45.29
N ASP OB 67 78.19 12.35 46.23
CA ASP OB 67 77.82 11.67 47.46
C ASP OB 67 78.40 12.46 48.64
N PRO OB 68 77.73 13.53 49.05
CA PRO OB 68 78.19 14.27 50.23
C PRO OB 68 78.01 13.44 51.49
N PRO OB 69 79.09 13.23 52.26
CA PRO OB 69 78.97 12.43 53.48
C PRO OB 69 78.02 13.08 54.47
N PRO OB 70 77.22 12.29 55.20
CA PRO OB 70 76.36 12.86 56.23
C PRO OB 70 77.12 13.54 57.36
N SER OB 71 78.39 13.19 57.56
CA SER OB 71 79.22 13.78 58.61
C SER OB 71 80.20 14.79 58.03
N MET OB 72 79.75 15.57 57.05
CA MET OB 72 80.62 16.47 56.30
C MET OB 72 81.08 17.68 57.10
N LEU OB 73 80.42 18.01 58.21
CA LEU OB 73 80.75 19.22 58.99
C LEU OB 73 80.63 20.47 58.11
N LEU OB 74 79.38 20.77 57.76
CA LEU OB 74 79.02 21.76 56.74
C LEU OB 74 79.72 23.11 56.91
N LEU OB 75 79.74 23.89 55.81
CA LEU OB 75 80.60 25.05 55.71
C LEU OB 75 80.40 26.04 56.85
N ASP OB 76 79.17 26.20 57.32
CA ASP OB 76 78.91 27.14 58.40
C ASP OB 76 79.64 26.76 59.68
N TYR OB 77 80.02 25.49 59.84
CA TYR OB 77 80.80 25.03 60.99
C TYR OB 77 82.01 24.21 60.54
N GLN OB 78 82.72 24.70 59.53
CA GLN OB 78 83.86 23.98 58.96
C GLN OB 78 85.15 24.79 58.99
N ASN OB 79 85.08 26.10 58.77
CA ASN OB 79 86.27 26.94 58.71
C ASN OB 79 86.65 27.51 60.07
N VAL OB 80 85.85 27.26 61.11
CA VAL OB 80 86.16 27.76 62.44
C VAL OB 80 87.07 26.78 63.14
N PRO OB 81 88.00 27.23 63.97
CA PRO OB 81 88.91 26.31 64.66
C PRO OB 81 88.19 25.52 65.75
N GLY OB 82 88.81 24.41 66.13
CA GLY OB 82 88.30 23.60 67.23
C GLY OB 82 87.08 22.77 66.90
N ILE OB 83 86.91 22.37 65.65
CA ILE OB 83 85.75 21.56 65.28
C ILE OB 83 86.02 20.08 65.52
N HIS OB 84 87.26 19.62 65.32
CA HIS OB 84 87.59 18.22 65.48
C HIS OB 84 87.91 17.84 66.91
N LYS OB 85 88.03 18.80 67.83
CA LYS OB 85 88.38 18.51 69.21
C LYS OB 85 87.17 18.21 70.08
N VAL OB 86 85.98 18.64 69.66
CA VAL OB 86 84.77 18.40 70.44
C VAL OB 86 84.35 16.94 70.30
N ASP OB 87 83.43 16.51 71.15
CA ASP OB 87 82.99 15.12 71.13
C ASP OB 87 82.14 14.85 69.89
N ASP OB 88 81.64 13.62 69.78
CA ASP OB 88 80.92 13.20 68.59
C ASP OB 88 79.56 13.86 68.46
N VAL OB 89 78.92 14.21 69.57
CA VAL OB 89 77.56 14.76 69.51
C VAL OB 89 77.56 16.11 68.80
N VAL OB 90 78.53 16.97 69.12
CA VAL OB 90 78.57 18.29 68.50
C VAL OB 90 78.85 18.19 67.01
N LYS OB 91 79.78 17.32 66.61
CA LYS OB 91 80.06 17.13 65.19
C LYS OB 91 78.87 16.55 64.46
N ARG OB 92 78.17 15.59 65.07
CA ARG OB 92 76.99 15.01 64.45
C ARG OB 92 75.88 16.04 64.28
N LEU OB 93 75.69 16.91 65.28
CA LEU OB 93 74.68 17.96 65.16
C LEU OB 93 75.07 19.02 64.12
N LEU OB 94 76.35 19.35 64.02
CA LEU OB 94 76.82 20.35 63.07
C LEU OB 94 77.12 19.78 61.70
N SER OB 95 76.93 18.47 61.50
CA SER OB 95 77.18 17.82 60.23
C SER OB 95 75.93 17.84 59.37
N LEU OB 96 76.06 17.31 58.14
CA LEU OB 96 74.95 17.26 57.21
C LEU OB 96 73.88 16.25 57.60
N GLU OB 97 74.14 15.39 58.58
CA GLU OB 97 73.15 14.40 58.99
C GLU OB 97 71.91 15.10 59.56
N MET OB 98 72.11 16.16 60.34
CA MET OB 98 71.01 16.91 60.92
C MET OB 98 70.65 18.16 60.11
N ALA OB 99 71.21 18.29 58.90
CA ALA OB 99 70.99 19.46 58.07
C ALA OB 99 69.83 19.23 57.11
N ASN OB 100 69.39 20.32 56.49
CA ASN OB 100 68.31 20.29 55.52
C ASN OB 100 68.89 20.16 54.12
N GLN OB 101 68.04 20.29 53.10
CA GLN OB 101 68.49 20.20 51.72
C GLN OB 101 69.22 21.44 51.25
N LYS OB 102 68.93 22.60 51.83
CA LYS OB 102 69.63 23.83 51.47
C LYS OB 102 71.10 23.78 51.84
N GLU OB 103 71.44 23.21 53.00
CA GLU OB 103 72.83 23.06 53.39
C GLU OB 103 73.58 22.16 52.39
N LYS OB 104 72.95 21.06 51.99
CA LYS OB 104 73.57 20.19 50.99
C LYS OB 104 73.71 20.90 49.65
N LEU OB 105 72.74 21.73 49.27
CA LEU OB 105 72.88 22.53 48.06
C LEU OB 105 74.07 23.49 48.14
N LYS OB 106 74.24 24.15 49.29
CA LYS OB 106 75.39 25.03 49.47
C LYS OB 106 76.70 24.25 49.40
N ILE OB 107 76.76 23.07 50.02
CA ILE OB 107 77.96 22.25 49.99
C ILE OB 107 78.28 21.81 48.57
N LYS OB 108 77.25 21.37 47.82
CA LYS OB 108 77.46 20.96 46.44
C LYS OB 108 77.93 22.13 45.58
N LYS OB 109 77.34 23.31 45.76
CA LYS OB 109 77.78 24.48 45.02
C LYS OB 109 79.23 24.83 45.34
N MET OB 110 79.62 24.79 46.62
CA MET OB 110 80.99 25.08 46.98
C MET OB 110 81.96 24.07 46.38
N GLN OB 111 81.63 22.77 46.47
CA GLN OB 111 82.49 21.74 45.91
C GLN OB 111 82.60 21.84 44.40
N LEU OB 112 81.52 22.17 43.70
CA LEU OB 112 81.56 22.31 42.26
C LEU OB 112 82.34 23.55 41.82
N MET OB 113 82.19 24.66 42.55
CA MET OB 113 82.94 25.86 42.24
C MET OB 113 84.44 25.69 42.53
N ASN OB 114 84.80 24.92 43.55
CA ASN OB 114 86.21 24.73 43.86
C ASN OB 114 86.93 23.88 42.82
N LYS OB 115 86.21 23.10 42.03
CA LYS OB 115 86.83 22.20 41.06
C LYS OB 115 86.64 22.60 39.62
N VAL OB 116 85.54 23.29 39.28
CA VAL OB 116 85.28 23.67 37.90
C VAL OB 116 85.77 25.09 37.61
N LEU OB 117 85.47 26.02 38.51
CA LEU OB 117 85.87 27.40 38.32
C LEU OB 117 87.35 27.58 38.65
N GLU OB 118 87.92 28.69 38.17
CA GLU OB 118 89.30 29.04 38.45
C GLU OB 118 89.43 30.13 39.49
N ASN OB 119 88.43 31.00 39.61
CA ASN OB 119 88.41 32.06 40.63
C ASN OB 119 87.14 31.93 41.45
N PRO OB 120 87.17 31.23 42.59
CA PRO OB 120 85.94 31.05 43.38
C PRO OB 120 85.36 32.35 43.90
N GLU OB 121 86.16 33.41 44.04
CA GLU OB 121 85.64 34.68 44.54
C GLU OB 121 84.80 35.42 43.50
N ASP OB 122 85.08 35.20 42.22
CA ASP OB 122 84.38 35.88 41.14
C ASP OB 122 83.01 35.22 40.97
N THR OB 123 82.03 35.72 41.73
CA THR OB 123 80.67 35.19 41.67
C THR OB 123 79.86 35.78 40.52
N SER OB 124 80.11 37.03 40.16
CA SER OB 124 79.37 37.68 39.09
C SER OB 124 79.71 37.13 37.71
N SER OB 125 80.73 36.28 37.60
CA SER OB 125 81.18 35.80 36.31
C SER OB 125 80.15 34.84 35.71
N LEU OB 126 80.18 34.76 34.37
CA LEU OB 126 79.22 33.92 33.65
C LEU OB 126 79.39 32.45 34.02
N GLU OB 127 80.63 31.98 34.16
CA GLU OB 127 80.86 30.60 34.56
C GLU OB 127 80.35 30.32 35.96
N ALA OB 128 80.54 31.26 36.90
CA ALA OB 128 80.00 31.08 38.25
C ALA OB 128 78.49 31.05 38.25
N ARG OB 129 77.85 31.92 37.47
CA ARG OB 129 76.40 31.87 37.36
C ARG OB 129 75.92 30.57 36.71
N ILE OB 130 76.65 30.06 35.72
CA ILE OB 130 76.29 28.80 35.09
C ILE OB 130 76.38 27.66 36.08
N VAL OB 131 77.45 27.64 36.90
CA VAL OB 131 77.59 26.59 37.90
C VAL OB 131 76.46 26.69 38.93
N ALA OB 132 76.15 27.91 39.38
CA ALA OB 132 75.09 28.09 40.36
C ALA OB 132 73.74 27.64 39.81
N LEU OB 133 73.45 27.95 38.55
CA LEU OB 133 72.19 27.50 37.94
C LEU OB 133 72.20 25.99 37.69
N THR OB 134 73.36 25.41 37.40
CA THR OB 134 73.44 23.97 37.22
C THR OB 134 73.14 23.23 38.52
N VAL OB 135 73.59 23.77 39.65
CA VAL OB 135 73.25 23.17 40.94
C VAL OB 135 71.74 23.17 41.14
N LYS OB 136 71.09 24.30 40.87
CA LYS OB 136 69.64 24.39 41.01
C LYS OB 136 68.92 23.48 40.02
N ILE OB 137 69.47 23.33 38.81
CA ILE OB 137 68.86 22.44 37.83
C ILE OB 137 68.91 21.00 38.30
N ARG OB 138 70.06 20.58 38.84
CA ARG OB 138 70.15 19.23 39.39
C ARG OB 138 69.18 19.03 40.55
N ASN OB 139 69.07 20.04 41.43
CA ASN OB 139 68.11 19.94 42.53
C ASN OB 139 66.68 19.84 42.03
N TYR OB 140 66.33 20.63 41.00
CA TYR OB 140 64.98 20.58 40.45
C TYR OB 140 64.70 19.25 39.78
N GLU OB 141 65.70 18.68 39.09
CA GLU OB 141 65.52 17.34 38.53
C GLU OB 141 65.31 16.30 39.61
N GLU OB 142 66.06 16.39 40.72
CA GLU OB 142 65.84 15.48 41.83
C GLU OB 142 64.44 15.64 42.41
N HIS OB 143 63.97 16.88 42.54
CA HIS OB 143 62.61 17.10 43.03
C HIS OB 143 61.56 16.55 42.07
N MET OB 144 61.77 16.71 40.76
CA MET OB 144 60.87 16.19 39.75
C MET OB 144 60.83 14.68 39.71
N GLN OB 145 61.96 14.01 39.96
CA GLN OB 145 61.97 12.56 39.99
C GLN OB 145 61.06 12.00 41.09
N LYS OB 146 60.79 12.80 42.12
CA LYS OB 146 59.88 12.43 43.18
C LYS OB 146 58.46 12.92 42.94
N HIS OB 147 58.30 14.14 42.46
CA HIS OB 147 57.00 14.75 42.23
C HIS OB 147 56.74 14.82 40.73
N ARG OB 148 55.79 14.02 40.25
CA ARG OB 148 55.48 13.99 38.83
C ARG OB 148 54.45 15.04 38.44
N LYS OB 149 53.46 15.28 39.29
CA LYS OB 149 52.37 16.20 38.99
C LYS OB 149 52.69 17.65 39.32
N ASP OB 150 53.87 17.94 39.85
CA ASP OB 150 54.26 19.31 40.20
C ASP OB 150 54.59 20.05 38.90
N LYS OB 151 53.77 21.04 38.57
CA LYS OB 151 53.96 21.83 37.35
C LYS OB 151 54.78 23.09 37.58
N ALA OB 152 54.67 23.73 38.75
CA ALA OB 152 55.45 24.92 39.03
C ALA OB 152 56.94 24.61 39.04
N HIS OB 153 57.33 23.50 39.66
CA HIS OB 153 58.74 23.13 39.69
C HIS OB 153 59.22 22.68 38.32
N LYS OB 154 58.36 22.05 37.52
CA LYS OB 154 58.72 21.73 36.14
C LYS OB 154 58.97 22.98 35.33
N ARG OB 155 58.12 24.00 35.49
CA ARG OB 155 58.32 25.27 34.81
C ARG OB 155 59.62 25.93 35.28
N PHE OB 156 59.88 25.89 36.59
CA PHE OB 156 61.13 26.43 37.11
C PHE OB 156 62.34 25.73 36.51
N LEU OB 157 62.31 24.40 36.43
CA LEU OB 157 63.43 23.65 35.87
C LEU OB 157 63.61 23.98 34.39
N LEU OB 158 62.53 24.04 33.63
CA LEU OB 158 62.64 24.35 32.20
C LEU OB 158 63.17 25.76 31.96
N MET OB 159 62.70 26.76 32.72
CA MET OB 159 63.20 28.12 32.55
C MET OB 159 64.61 28.29 33.05
N SER OB 160 65.00 27.56 34.10
CA SER OB 160 66.40 27.54 34.50
C SER OB 160 67.29 26.92 33.43
N ILE OB 161 66.84 25.85 32.79
CA ILE OB 161 67.60 25.26 31.69
C ILE OB 161 67.72 26.25 30.53
N ASP OB 162 66.64 26.95 30.21
CA ASP OB 162 66.69 27.95 29.15
C ASP OB 162 67.66 29.09 29.49
N GLN OB 163 67.63 29.57 30.74
CA GLN OB 163 68.57 30.62 31.14
C GLN OB 163 70.01 30.13 31.09
N ARG OB 164 70.26 28.89 31.52
CA ARG OB 164 71.59 28.33 31.46
C ARG OB 164 72.06 28.20 30.01
N LYS OB 165 71.15 27.81 29.11
CA LYS OB 165 71.51 27.73 27.70
C LYS OB 165 71.82 29.09 27.11
N LYS OB 166 71.05 30.12 27.48
CA LYS OB 166 71.35 31.47 27.01
C LYS OB 166 72.71 31.95 27.54
N MET OB 167 73.01 31.67 28.81
CA MET OB 167 74.31 32.04 29.34
C MET OB 167 75.44 31.24 28.71
N LEU OB 168 75.20 29.98 28.37
CA LEU OB 168 76.19 29.20 27.64
C LEU OB 168 76.44 29.77 26.25
N LYS OB 169 75.39 30.21 25.56
CA LYS OB 169 75.57 30.86 24.27
C LYS OB 169 76.38 32.14 24.41
N ASN OB 170 76.07 32.96 25.42
CA ASN OB 170 76.84 34.18 25.65
C ASN OB 170 78.29 33.88 25.99
N LEU OB 171 78.54 32.87 26.81
CA LEU OB 171 79.91 32.47 27.14
C LEU OB 171 80.65 31.95 25.91
N ARG OB 172 79.97 31.19 25.05
CA ARG OB 172 80.60 30.74 23.82
C ARG OB 172 80.95 31.90 22.90
N GLU OB 173 80.09 32.92 22.85
CA GLU OB 173 80.36 34.10 22.06
C GLU OB 173 81.46 34.98 22.64
N THR OB 174 81.65 34.99 23.96
CA THR OB 174 82.63 35.85 24.60
C THR OB 174 83.98 35.17 24.81
N ASN OB 175 84.02 34.08 25.55
CA ASN OB 175 85.27 33.38 25.87
C ASN OB 175 85.06 31.89 25.52
N TYR OB 176 85.69 31.45 24.43
CA TYR OB 176 85.46 30.10 23.93
C TYR OB 176 86.12 29.04 24.80
N ALA OB 177 87.35 29.27 25.26
CA ALA OB 177 88.05 28.27 26.07
C ALA OB 177 87.33 28.01 27.38
N VAL OB 178 86.85 29.06 28.04
CA VAL OB 178 86.09 28.88 29.28
C VAL OB 178 84.80 28.14 29.01
N PHE OB 179 84.11 28.45 27.90
CA PHE OB 179 82.89 27.74 27.55
C PHE OB 179 83.16 26.25 27.33
N GLU OB 180 84.23 25.93 26.60
CA GLU OB 180 84.57 24.54 26.35
C GLU OB 180 84.94 23.81 27.64
N LYS OB 181 85.68 24.48 28.53
CA LYS OB 181 86.03 23.87 29.81
C LYS OB 181 84.80 23.64 30.67
N ILE OB 182 83.88 24.61 30.71
CA ILE OB 182 82.66 24.47 31.51
C ILE OB 182 81.82 23.32 30.98
N CYS OB 183 81.64 23.24 29.66
CA CYS OB 183 80.88 22.14 29.08
C CYS OB 183 81.50 20.78 29.37
N LYS OB 184 82.83 20.67 29.23
CA LYS OB 184 83.53 19.42 29.53
C LYS OB 184 83.40 19.03 30.99
N GLU OB 185 83.52 19.99 31.91
CA GLU OB 185 83.46 19.67 33.33
C GLU OB 185 82.04 19.33 33.78
N LEU OB 186 81.02 20.02 33.26
CA LEU OB 186 79.67 19.80 33.72
C LEU OB 186 78.90 18.78 32.89
N GLY OB 187 79.48 18.28 31.80
CA GLY OB 187 78.78 17.30 30.98
C GLY OB 187 77.64 17.86 30.17
N ILE OB 188 77.52 19.19 30.08
CA ILE OB 188 76.42 19.81 29.34
C ILE OB 188 76.76 19.83 27.86
N GLU OB 189 75.83 19.35 27.04
CA GLU OB 189 76.00 19.33 25.59
C GLU OB 189 75.26 20.54 25.02
N TYR OB 190 76.03 21.54 24.57
CA TYR OB 190 75.45 22.75 23.99
C TYR OB 190 75.05 22.47 22.54
N THR OB 191 73.76 22.59 22.25
CA THR OB 191 73.23 22.38 20.91
C THR OB 191 72.77 23.71 20.33
N PHE OB 192 73.13 23.94 19.07
CA PHE OB 192 72.75 25.18 18.39
C PHE OB 192 71.24 25.20 18.15
N PRO OB 193 70.60 26.37 18.27
CA PRO OB 193 69.16 26.46 18.06
C PRO OB 193 68.80 26.12 16.62
N PRO OB 194 67.93 25.13 16.41
CA PRO OB 194 67.54 24.77 15.05
C PRO OB 194 66.64 25.84 14.44
N PRO OB 195 66.98 26.35 13.26
CA PRO OB 195 66.13 27.35 12.62
C PRO OB 195 64.80 26.76 12.18
N TYR OB 196 63.82 27.64 12.01
CA TYR OB 196 62.48 27.28 11.56
C TYR OB 196 61.83 26.26 12.52
N HIS OB 197 61.62 26.73 13.74
CA HIS OB 197 60.95 25.92 14.75
C HIS OB 197 59.52 25.59 14.30
N ARG OB 198 59.28 24.32 14.01
CA ARG OB 198 57.99 23.87 13.50
C ARG OB 198 57.53 22.65 14.30
N LYS OB 199 56.21 22.52 14.44
CA LYS OB 199 55.63 21.34 15.08
C LYS OB 199 55.47 20.24 14.03
N ALA OB 200 56.33 19.23 14.09
CA ALA OB 200 56.32 18.16 13.10
C ALA OB 200 55.07 17.31 13.29
N HIS OB 201 54.17 17.34 12.31
CA HIS OB 201 52.94 16.57 12.36
C HIS OB 201 53.10 15.27 11.58
N ARG OB 202 52.06 14.43 11.64
CA ARG OB 202 52.13 13.10 11.05
C ARG OB 202 52.34 13.14 9.55
N ARG OB 203 51.63 14.04 8.85
CA ARG OB 203 51.78 14.14 7.40
C ARG OB 203 53.19 14.54 7.01
N TRP OB 204 53.76 15.54 7.69
CA TRP OB 204 55.11 15.98 7.39
C TRP OB 204 56.14 14.89 7.69
N VAL OB 205 55.98 14.20 8.83
CA VAL OB 205 56.92 13.13 9.17
C VAL OB 205 56.85 12.01 8.14
N THR OB 206 55.63 11.60 7.75
CA THR OB 206 55.48 10.54 6.77
C THR OB 206 56.08 10.93 5.42
N LYS OB 207 55.83 12.17 4.97
CA LYS OB 207 56.37 12.60 3.70
C LYS OB 207 57.89 12.70 3.73
N LYS OB 208 58.45 13.19 4.84
CA LYS OB 208 59.90 13.26 4.95
C LYS OB 208 60.53 11.87 4.93
N ALA OB 209 59.94 10.92 5.67
CA ALA OB 209 60.45 9.56 5.65
C ALA OB 209 60.35 8.93 4.26
N LEU OB 210 59.23 9.15 3.56
CA LEU OB 210 59.10 8.64 2.20
C LEU OB 210 60.15 9.24 1.28
N CYS OB 211 60.37 10.55 1.37
CA CYS OB 211 61.38 11.18 0.52
C CYS OB 211 62.77 10.65 0.82
N THR OB 212 63.11 10.47 2.10
CA THR OB 212 64.43 9.94 2.44
C THR OB 212 64.61 8.52 1.91
N GLN OB 213 63.60 7.66 2.08
CA GLN OB 213 63.70 6.30 1.57
C GLN OB 213 63.80 6.26 0.05
N VAL OB 214 63.03 7.10 -0.64
CA VAL OB 214 63.09 7.15 -2.10
C VAL OB 214 64.47 7.61 -2.55
N PHE OB 215 65.02 8.63 -1.89
CA PHE OB 215 66.36 9.11 -2.25
C PHE OB 215 67.41 8.02 -2.04
N ARG OB 216 67.32 7.30 -0.92
CA ARG OB 216 68.25 6.21 -0.67
C ARG OB 216 68.12 5.09 -1.71
N GLU OB 217 66.91 4.71 -2.08
CA GLU OB 217 66.73 3.72 -3.13
C GLU OB 217 67.26 4.18 -4.47
N VAL OB 218 67.04 5.46 -4.82
CA VAL OB 218 67.52 5.98 -6.10
C VAL OB 218 69.05 5.97 -6.14
N GLN OB 219 69.70 6.43 -5.05
CA GLN OB 219 71.16 6.40 -5.05
C GLN OB 219 71.71 4.98 -5.04
N LYS OB 220 71.04 4.05 -4.34
CA LYS OB 220 71.48 2.66 -4.36
C LYS OB 220 71.37 2.05 -5.76
N LEU OB 221 70.26 2.28 -6.45
CA LEU OB 221 70.11 1.72 -7.79
C LEU OB 221 71.07 2.38 -8.77
N LYS OB 222 71.34 3.69 -8.61
CA LYS OB 222 72.32 4.33 -9.47
C LYS OB 222 73.73 3.79 -9.23
N LYS OB 223 74.09 3.54 -7.96
CA LYS OB 223 75.38 2.93 -7.69
C LYS OB 223 75.49 1.53 -8.28
N GLN OB 224 74.41 0.74 -8.18
CA GLN OB 224 74.42 -0.59 -8.79
C GLN OB 224 74.54 -0.50 -10.31
N LYS OB 225 73.84 0.45 -10.93
CA LYS OB 225 73.96 0.64 -12.38
C LYS OB 225 75.38 1.05 -12.77
N ARG OB 226 76.00 1.94 -11.99
CA ARG OB 226 77.37 2.31 -12.27
C ARG OB 226 78.31 1.12 -12.16
N ALA OB 227 78.13 0.29 -11.13
CA ALA OB 227 78.95 -0.91 -10.99
C ALA OB 227 78.77 -1.87 -12.17
N LEU OB 228 77.52 -2.09 -12.59
CA LEU OB 228 77.26 -2.96 -13.74
C LEU OB 228 77.88 -2.41 -15.02
N ARG OB 229 77.76 -1.10 -15.25
CA ARG OB 229 78.39 -0.50 -16.42
C ARG OB 229 79.91 -0.61 -16.38
N ALA OB 230 80.51 -0.38 -15.21
CA ALA OB 230 81.96 -0.52 -15.10
C ALA OB 230 82.40 -1.94 -15.38
N ALA OB 231 81.68 -2.92 -14.83
CA ALA OB 231 82.00 -4.32 -15.10
C ALA OB 231 81.85 -4.68 -16.57
N ALA OB 232 80.79 -4.20 -17.23
CA ALA OB 232 80.60 -4.47 -18.66
C ALA OB 232 81.70 -3.83 -19.50
N VAL OB 233 82.09 -2.60 -19.16
CA VAL OB 233 83.16 -1.94 -19.91
C VAL OB 233 84.48 -2.68 -19.71
N ALA OB 234 84.76 -3.11 -18.48
CA ALA OB 234 85.98 -3.87 -18.23
C ALA OB 234 85.99 -5.20 -18.98
N ALA OB 235 84.85 -5.91 -19.01
CA ALA OB 235 84.76 -7.15 -19.77
C ALA OB 235 84.93 -6.93 -21.27
N HIS OB 236 84.33 -5.87 -21.82
CA HIS OB 236 84.42 -5.61 -23.26
C HIS OB 236 85.79 -5.12 -23.70
N LYS OB 237 86.48 -4.33 -22.88
CA LYS OB 237 87.77 -3.79 -23.30
C LYS OB 237 88.86 -4.86 -23.28
N GLN OB 238 88.64 -5.96 -22.57
CA GLN OB 238 89.64 -7.03 -22.52
C GLN OB 238 89.59 -7.86 -23.80
N GLY OB 239 88.43 -8.40 -24.13
CA GLY OB 239 88.27 -9.21 -25.32
C GLY OB 239 87.68 -10.58 -25.04
N ARG PB 10 67.43 46.10 -29.44
CA ARG PB 10 67.14 44.67 -29.58
C ARG PB 10 68.32 43.93 -30.22
N ALA PB 11 68.35 42.62 -30.03
CA ALA PB 11 69.43 41.80 -30.59
C ALA PB 11 69.32 41.73 -32.09
N TYR PB 12 70.46 41.85 -32.78
CA TYR PB 12 70.53 41.75 -34.22
C TYR PB 12 71.62 40.76 -34.61
N ARG PB 13 71.41 40.08 -35.74
CA ARG PB 13 72.39 39.15 -36.28
C ARG PB 13 73.62 39.85 -36.81
N GLY PB 14 73.48 41.11 -37.22
CA GLY PB 14 74.60 41.86 -37.78
C GLY PB 14 74.31 43.35 -37.83
N GLY PB 15 74.71 43.99 -38.91
CA GLY PB 15 74.48 45.41 -39.10
C GLY PB 15 75.74 46.22 -38.82
N HIS PB 16 75.72 47.46 -39.30
CA HIS PB 16 76.85 48.36 -39.18
C HIS PB 16 76.36 49.72 -38.69
N LEU PB 17 77.25 50.42 -38.00
CA LEU PB 17 76.92 51.76 -37.51
C LEU PB 17 76.83 52.73 -38.68
N THR PB 18 75.74 53.48 -38.75
CA THR PB 18 75.49 54.41 -39.85
C THR PB 18 75.09 55.75 -39.28
N ILE PB 19 75.79 56.80 -39.72
CA ILE PB 19 75.42 58.18 -39.39
C ILE PB 19 74.44 58.63 -40.45
N ARG PB 20 73.18 58.79 -40.06
CA ARG PB 20 72.11 59.08 -41.01
C ARG PB 20 71.23 60.18 -40.41
N LEU PB 21 70.08 60.41 -41.05
CA LEU PB 21 69.14 61.43 -40.63
C LEU PB 21 67.83 60.74 -40.21
N ALA PB 22 67.44 60.94 -38.96
CA ALA PB 22 66.15 60.48 -38.48
C ALA PB 22 65.13 61.59 -38.69
N LEU PB 23 64.14 61.35 -39.56
CA LEU PB 23 63.14 62.36 -39.88
C LEU PB 23 62.15 62.42 -38.72
N GLY PB 24 62.48 63.25 -37.73
CA GLY PB 24 61.58 63.43 -36.61
C GLY PB 24 61.01 64.84 -36.63
N GLY PB 25 59.75 64.97 -37.00
CA GLY PB 25 59.18 66.30 -37.17
C GLY PB 25 57.67 66.34 -37.18
N CYS PB 26 57.12 67.26 -37.97
CA CYS PB 26 55.70 67.55 -37.95
C CYS PB 26 55.18 67.62 -39.38
N THR PB 27 53.88 67.38 -39.53
CA THR PB 27 53.28 67.29 -40.86
C THR PB 27 53.51 68.58 -41.64
N ASN PB 28 53.95 68.45 -42.89
CA ASN PB 28 54.32 69.57 -43.75
C ASN PB 28 55.42 70.43 -43.14
N ARG PB 29 56.22 69.84 -42.25
CA ARG PB 29 57.30 70.55 -41.58
C ARG PB 29 58.37 69.53 -41.20
N PRO PB 30 59.20 69.12 -42.16
CA PRO PB 30 60.24 68.13 -41.86
C PRO PB 30 61.32 68.70 -40.97
N PHE PB 31 61.96 67.80 -40.23
CA PHE PB 31 63.08 68.14 -39.36
C PHE PB 31 63.89 66.88 -39.13
N TYR PB 32 65.16 66.91 -39.51
CA TYR PB 32 66.01 65.73 -39.44
C TYR PB 32 66.95 65.85 -38.26
N ARG PB 33 67.18 64.74 -37.57
CA ARG PB 33 68.21 64.65 -36.54
C ARG PB 33 69.35 63.83 -37.11
N ILE PB 34 70.50 64.48 -37.29
CA ILE PB 34 71.71 63.81 -37.77
C ILE PB 34 72.25 62.98 -36.61
N VAL PB 35 72.04 61.66 -36.67
CA VAL PB 35 72.33 60.78 -35.55
C VAL PB 35 73.04 59.53 -36.07
N ALA PB 36 73.89 58.96 -35.21
CA ALA PB 36 74.56 57.70 -35.47
C ALA PB 36 73.76 56.58 -34.84
N ALA PB 37 73.31 55.63 -35.66
CA ALA PB 37 72.47 54.54 -35.18
C ALA PB 37 72.80 53.28 -35.98
N HIS PB 38 72.30 52.15 -35.48
CA HIS PB 38 72.50 50.88 -36.16
C HIS PB 38 71.75 50.85 -37.49
N SER PB 39 72.25 50.04 -38.42
CA SER PB 39 71.64 49.96 -39.74
C SER PB 39 70.32 49.20 -39.74
N LYS PB 40 70.14 48.26 -38.82
CA LYS PB 40 68.94 47.42 -38.79
C LYS PB 40 67.85 47.98 -37.87
N CYS PB 41 68.10 49.10 -37.22
CA CYS PB 41 67.08 49.72 -36.39
C CYS PB 41 66.18 50.62 -37.23
N PRO PB 42 64.96 50.88 -36.76
CA PRO PB 42 64.07 51.78 -37.51
C PRO PB 42 64.61 53.19 -37.54
N ARG PB 43 64.02 54.00 -38.43
CA ARG PB 43 64.49 55.37 -38.64
C ARG PB 43 64.37 56.19 -37.38
N ASP PB 44 63.24 56.07 -36.68
CA ASP PB 44 62.99 56.82 -35.45
C ASP PB 44 63.17 55.97 -34.20
N GLY PB 45 63.94 54.90 -34.29
CA GLY PB 45 64.13 53.98 -33.18
C GLY PB 45 65.34 54.31 -32.34
N ARG PB 46 65.88 53.27 -31.71
CA ARG PB 46 67.04 53.44 -30.83
C ARG PB 46 68.26 53.89 -31.62
N PHE PB 47 69.06 54.77 -31.02
CA PHE PB 47 70.27 55.28 -31.65
C PHE PB 47 71.39 55.30 -30.62
N VAL PB 48 72.61 55.51 -31.10
CA VAL PB 48 73.79 55.47 -30.25
C VAL PB 48 74.04 56.85 -29.64
N GLU PB 49 74.26 57.85 -30.49
CA GLU PB 49 74.58 59.18 -30.02
C GLU PB 49 74.09 60.21 -31.03
N GLN PB 50 73.39 61.24 -30.55
CA GLN PB 50 72.91 62.30 -31.41
C GLN PB 50 74.03 63.29 -31.73
N LEU PB 51 74.12 63.70 -32.99
CA LEU PB 51 75.18 64.57 -33.45
C LEU PB 51 74.71 65.98 -33.77
N GLY PB 52 73.65 66.11 -34.58
CA GLY PB 52 73.19 67.44 -34.96
C GLY PB 52 71.76 67.50 -35.46
N SER PB 53 71.36 68.63 -36.03
CA SER PB 53 70.01 68.84 -36.51
C SER PB 53 70.05 69.47 -37.89
N TYR PB 54 68.98 69.25 -38.65
CA TYR PB 54 68.83 69.78 -40.00
C TYR PB 54 67.39 70.28 -40.20
N ASP PB 55 67.28 71.53 -40.64
CA ASP PB 55 65.99 72.14 -40.93
C ASP PB 55 65.86 72.33 -42.43
N PRO PB 56 64.99 71.58 -43.12
CA PRO PB 56 64.86 71.77 -44.57
C PRO PB 56 64.28 73.12 -44.95
N LEU PB 57 63.19 73.54 -44.31
CA LEU PB 57 62.55 74.80 -44.67
C LEU PB 57 63.36 75.99 -44.16
N PRO PB 58 63.46 77.05 -44.96
CA PRO PB 58 64.15 78.25 -44.50
C PRO PB 58 63.35 79.00 -43.44
N ASN PB 59 64.07 79.75 -42.62
CA ASN PB 59 63.47 80.53 -41.56
C ASN PB 59 63.14 81.93 -42.07
N SER PB 60 62.82 82.85 -41.15
CA SER PB 60 62.44 84.21 -41.54
C SER PB 60 63.60 84.95 -42.20
N HIS PB 61 64.83 84.58 -41.88
CA HIS PB 61 66.01 85.19 -42.50
C HIS PB 61 66.39 84.53 -43.82
N GLY PB 62 65.62 83.54 -44.27
CA GLY PB 62 65.98 82.80 -45.46
C GLY PB 62 67.22 81.96 -45.31
N GLU PB 63 67.41 81.35 -44.14
CA GLU PB 63 68.58 80.54 -43.86
C GLU PB 63 68.15 79.13 -43.45
N LYS PB 64 68.87 78.13 -43.95
CA LYS PB 64 68.64 76.74 -43.59
C LYS PB 64 69.67 76.32 -42.56
N LEU PB 65 69.22 76.01 -41.35
CA LEU PB 65 70.13 75.70 -40.26
C LEU PB 65 70.49 74.23 -40.27
N VAL PB 66 71.79 73.93 -40.31
CA VAL PB 66 72.31 72.58 -40.22
C VAL PB 66 73.32 72.54 -39.08
N ALA PB 67 73.15 71.59 -38.16
CA ALA PB 67 74.00 71.47 -36.99
C ALA PB 67 74.88 70.23 -37.14
N LEU PB 68 76.19 70.42 -36.95
CA LEU PB 68 77.15 69.33 -37.05
C LEU PB 68 78.05 69.35 -35.82
N ASN PB 69 78.18 68.19 -35.16
CA ASN PB 69 79.14 68.03 -34.07
C ASN PB 69 80.36 67.31 -34.66
N PHE PB 70 81.23 68.09 -35.27
CA PHE PB 70 82.35 67.54 -36.04
C PHE PB 70 83.26 66.67 -35.17
N ASP PB 71 83.44 67.04 -33.91
CA ASP PB 71 84.33 66.27 -33.04
C ASP PB 71 83.84 64.84 -32.88
N ARG PB 72 82.54 64.66 -32.66
CA ARG PB 72 81.98 63.32 -32.56
C ARG PB 72 81.84 62.66 -33.92
N ILE PB 73 81.57 63.44 -34.96
CA ILE PB 73 81.40 62.87 -36.30
C ILE PB 73 82.70 62.21 -36.77
N ARG PB 74 83.82 62.93 -36.65
CA ARG PB 74 85.09 62.35 -37.06
C ARG PB 74 85.48 61.16 -36.20
N HIS PB 75 85.20 61.21 -34.90
CA HIS PB 75 85.49 60.07 -34.03
C HIS PB 75 84.71 58.83 -34.45
N TRP PB 76 83.41 58.98 -34.72
CA TRP PB 76 82.61 57.83 -35.11
C TRP PB 76 83.01 57.32 -36.49
N ILE PB 77 83.34 58.24 -37.41
CA ILE PB 77 83.77 57.81 -38.74
C ILE PB 77 85.09 57.04 -38.66
N GLY PB 78 86.03 57.50 -37.82
CA GLY PB 78 87.22 56.73 -37.56
C GLY PB 78 86.95 55.39 -36.92
N CYS PB 79 85.98 55.33 -36.00
CA CYS PB 79 85.56 54.06 -35.43
C CYS PB 79 84.94 53.13 -36.47
N GLY PB 80 84.41 53.67 -37.57
CA GLY PB 80 83.88 52.84 -38.62
C GLY PB 80 82.41 53.03 -38.92
N ALA PB 81 81.92 54.24 -38.76
CA ALA PB 81 80.51 54.54 -39.04
C ALA PB 81 80.34 54.93 -40.50
N HIS PB 82 79.39 54.28 -41.17
CA HIS PB 82 79.09 54.59 -42.56
C HIS PB 82 78.27 55.87 -42.66
N LEU PB 83 78.28 56.44 -43.87
CA LEU PB 83 77.58 57.70 -44.14
C LEU PB 83 76.56 57.49 -45.25
N SER PB 84 75.44 58.21 -45.15
CA SER PB 84 74.42 58.19 -46.17
C SER PB 84 74.67 59.27 -47.21
N LYS PB 85 73.96 59.16 -48.34
CA LYS PB 85 74.13 60.12 -49.41
C LYS PB 85 73.74 61.55 -49.01
N PRO PB 86 72.58 61.79 -48.38
CA PRO PB 86 72.32 63.15 -47.89
C PRO PB 86 73.31 63.62 -46.83
N VAL PB 87 73.82 62.71 -46.00
CA VAL PB 87 74.84 63.09 -45.03
C VAL PB 87 76.10 63.56 -45.73
N GLU PB 88 76.54 62.82 -46.75
CA GLU PB 88 77.70 63.24 -47.54
C GLU PB 88 77.46 64.56 -48.25
N LYS PB 89 76.25 64.76 -48.78
CA LYS PB 89 75.93 66.02 -49.44
C LYS PB 89 76.00 67.20 -48.46
N LEU PB 90 75.44 67.03 -47.27
CA LEU PB 90 75.50 68.09 -46.26
C LEU PB 90 76.92 68.36 -45.81
N LEU PB 91 77.72 67.30 -45.62
CA LEU PB 91 79.11 67.50 -45.24
C LEU PB 91 79.91 68.20 -46.33
N GLY PB 92 79.65 67.87 -47.59
CA GLY PB 92 80.31 68.58 -48.69
C GLY PB 92 79.90 70.04 -48.76
N LEU PB 93 78.62 70.33 -48.53
CA LEU PB 93 78.17 71.71 -48.48
C LEU PB 93 78.83 72.46 -47.33
N SER PB 94 78.95 71.83 -46.16
CA SER PB 94 79.60 72.45 -45.02
C SER PB 94 81.09 72.67 -45.25
N GLY PB 95 81.73 71.79 -46.01
CA GLY PB 95 83.15 71.88 -46.27
C GLY PB 95 84.01 70.95 -45.46
N PHE PB 96 83.43 70.16 -44.57
CA PHE PB 96 84.21 69.18 -43.81
C PHE PB 96 84.63 68.00 -44.68
N TYR PB 97 83.89 67.74 -45.74
CA TYR PB 97 84.15 66.66 -46.69
C TYR PB 97 84.11 67.23 -48.10
N PRO PB 98 84.78 66.59 -49.06
CA PRO PB 98 84.73 67.06 -50.45
C PRO PB 98 83.32 66.96 -51.01
N LEU PB 99 83.03 67.83 -51.98
CA LEU PB 99 81.72 67.86 -52.60
C LEU PB 99 81.41 66.54 -53.28
N HIS PB 100 80.19 66.05 -53.10
CA HIS PB 100 79.80 64.77 -53.68
C HIS PB 100 79.60 64.94 -55.18
N PRO PB 101 80.11 64.02 -56.00
CA PRO PB 101 79.95 64.16 -57.46
C PRO PB 101 78.51 64.10 -57.93
N MET PB 102 77.61 63.53 -57.12
CA MET PB 102 76.18 63.59 -57.47
C MET PB 102 75.69 65.02 -57.49
N MET PB 103 76.14 65.85 -56.54
CA MET PB 103 75.80 67.27 -56.59
C MET PB 103 76.32 67.93 -57.86
N ILE PB 104 77.54 67.61 -58.27
CA ILE PB 104 78.11 68.21 -59.46
C ILE PB 104 77.33 67.80 -60.71
N THR PB 105 76.99 66.52 -60.83
CA THR PB 105 76.26 66.07 -62.02
C THR PB 105 74.84 66.61 -62.03
N ASN PB 106 74.21 66.75 -60.86
CA ASN PB 106 72.90 67.38 -60.80
C ASN PB 106 72.97 68.85 -61.18
N ALA PB 107 74.03 69.56 -60.77
CA ALA PB 107 74.19 70.94 -61.18
C ALA PB 107 74.39 71.04 -62.69
N GLU PB 108 75.15 70.12 -63.28
CA GLU PB 108 75.34 70.11 -64.72
C GLU PB 108 74.02 69.85 -65.44
N ARG PB 109 73.23 68.90 -64.94
CA ARG PB 109 71.92 68.64 -65.52
C ARG PB 109 71.01 69.86 -65.41
N LEU PB 110 71.05 70.55 -64.27
CA LEU PB 110 70.25 71.77 -64.12
C LEU PB 110 70.69 72.85 -65.10
N ARG PB 111 72.00 73.02 -65.30
CA ARG PB 111 72.49 73.99 -66.27
C ARG PB 111 72.04 73.65 -67.68
N ARG PB 112 72.12 72.37 -68.06
CA ARG PB 112 71.63 71.95 -69.36
C ARG PB 112 70.13 72.18 -69.51
N LYS PB 113 69.35 71.91 -68.46
CA LYS PB 113 67.91 72.20 -68.51
C LYS PB 113 67.64 73.68 -68.68
N ARG PB 114 68.42 74.54 -67.98
CA ARG PB 114 68.25 75.98 -68.17
C ARG PB 114 68.58 76.40 -69.59
N ALA PB 115 69.65 75.85 -70.17
CA ALA PB 115 69.98 76.17 -71.56
C ALA PB 115 68.89 75.72 -72.52
N ARG PB 116 68.34 74.51 -72.32
CA ARG PB 116 67.24 74.05 -73.15
C ARG PB 116 66.00 74.93 -72.99
N GLU PB 117 65.68 75.34 -71.77
CA GLU PB 117 64.54 76.22 -71.55
C GLU PB 117 64.74 77.56 -72.23
N VAL PB 118 65.95 78.12 -72.16
CA VAL PB 118 66.22 79.38 -72.84
C VAL PB 118 66.08 79.22 -74.35
N LEU PB 119 66.60 78.12 -74.91
CA LEU PB 119 66.47 77.90 -76.34
C LEU PB 119 65.00 77.75 -76.75
N LEU PB 120 64.22 77.01 -75.96
CA LEU PB 120 62.80 76.85 -76.28
C LEU PB 120 62.05 78.18 -76.18
N ALA PB 121 62.36 78.98 -75.16
CA ALA PB 121 61.72 80.29 -75.03
C ALA PB 121 62.07 81.21 -76.19
N SER PB 122 63.34 81.17 -76.63
CA SER PB 122 63.75 81.96 -77.79
C SER PB 122 63.05 81.50 -79.07
N GLN PB 123 62.91 80.19 -79.26
CA GLN PB 123 62.28 79.68 -80.49
C GLN PB 123 60.77 79.78 -80.45
N LYS PB 124 60.16 79.96 -79.29
CA LYS PB 124 58.71 80.14 -79.21
C LYS PB 124 58.29 81.61 -79.30
N THR PB 125 59.24 82.54 -79.35
CA THR PB 125 58.89 83.97 -79.35
C THR PB 125 58.78 84.54 -80.76
N ASP PB 126 59.66 84.13 -81.65
CA ASP PB 126 59.66 84.65 -83.02
C ASP PB 126 58.42 84.23 -83.79
N SER QB 2 97.53 40.36 -15.88
CA SER QB 2 96.64 40.34 -14.72
C SER QB 2 95.20 40.09 -15.15
N ILE QB 3 94.99 38.99 -15.87
CA ILE QB 3 93.63 38.62 -16.33
C ILE QB 3 93.02 37.80 -15.22
N ALA QB 4 92.41 38.50 -14.26
CA ALA QB 4 91.74 37.86 -13.12
C ALA QB 4 90.56 38.74 -12.73
N ARG QB 5 89.38 38.39 -13.22
CA ARG QB 5 88.19 39.19 -13.02
C ARG QB 5 87.04 38.31 -12.53
N SER QB 6 86.13 38.91 -11.77
CA SER QB 6 84.93 38.25 -11.30
C SER QB 6 83.72 39.06 -11.73
N SER QB 7 82.72 38.37 -12.27
CA SER QB 7 81.52 39.02 -12.78
C SER QB 7 80.54 39.42 -11.66
N VAL QB 8 80.78 38.98 -10.43
CA VAL QB 8 79.91 39.29 -9.32
C VAL QB 8 80.27 40.67 -8.77
N HIS QB 9 79.26 41.37 -8.25
CA HIS QB 9 79.50 42.69 -7.68
C HIS QB 9 80.19 42.61 -6.33
N ALA QB 10 80.02 41.51 -5.60
CA ALA QB 10 80.58 41.34 -4.25
C ALA QB 10 82.06 41.01 -4.37
N LYS QB 11 82.86 42.03 -4.66
CA LYS QB 11 84.30 41.84 -4.73
C LYS QB 11 84.86 41.46 -3.36
N TRP QB 12 84.39 42.11 -2.32
CA TRP QB 12 84.80 41.82 -0.94
C TRP QB 12 83.60 42.00 -0.03
N VAL QB 13 83.32 41.00 0.80
CA VAL QB 13 82.20 41.06 1.72
C VAL QB 13 82.64 40.56 3.09
N VAL QB 14 81.87 40.91 4.11
CA VAL QB 14 82.10 40.46 5.48
C VAL QB 14 80.82 39.86 6.02
N GLY QB 15 80.93 38.67 6.62
CA GLY QB 15 79.73 37.98 7.07
C GLY QB 15 79.98 37.14 8.29
N LYS QB 16 78.93 36.47 8.73
CA LYS QB 16 79.00 35.53 9.84
C LYS QB 16 78.68 34.12 9.37
N VAL QB 17 79.45 33.16 9.87
CA VAL QB 17 79.31 31.77 9.46
C VAL QB 17 78.01 31.21 10.05
N ILE QB 18 77.19 30.60 9.19
CA ILE QB 18 75.92 30.02 9.62
C ILE QB 18 76.13 28.54 9.93
N GLY QB 19 76.55 27.78 8.93
CA GLY QB 19 76.74 26.35 9.10
C GLY QB 19 78.03 25.84 8.50
N THR QB 20 78.62 24.82 9.12
CA THR QB 20 79.87 24.22 8.65
C THR QB 20 79.71 22.74 8.35
N ALA QB 21 78.46 22.31 8.10
CA ALA QB 21 78.21 20.90 7.80
C ALA QB 21 78.80 20.50 6.47
N MET QB 22 78.97 21.44 5.54
CA MET QB 22 79.52 21.15 4.24
C MET QB 22 81.04 21.01 4.34
N GLN QB 23 81.58 19.95 3.75
CA GLN QB 23 83.01 19.69 3.82
C GLN QB 23 83.77 20.70 2.96
N LYS QB 24 84.69 21.43 3.60
CA LYS QB 24 85.54 22.42 2.93
C LYS QB 24 84.72 23.54 2.30
N THR QB 25 83.46 23.66 2.71
CA THR QB 25 82.59 24.71 2.20
C THR QB 25 81.90 25.37 3.38
N ALA QB 26 81.86 26.69 3.39
CA ALA QB 26 81.27 27.47 4.47
C ALA QB 26 80.08 28.28 3.96
N LYS QB 27 79.02 28.31 4.76
CA LYS QB 27 77.82 29.08 4.46
C LYS QB 27 77.88 30.36 5.30
N VAL QB 28 78.00 31.50 4.63
CA VAL QB 28 78.22 32.78 5.29
C VAL QB 28 77.05 33.70 4.99
N ARG QB 29 76.51 34.32 6.05
CA ARG QB 29 75.40 35.26 5.92
C ARG QB 29 75.95 36.67 5.94
N VAL QB 30 75.82 37.37 4.82
CA VAL QB 30 76.26 38.75 4.69
C VAL QB 30 75.05 39.65 4.92
N THR QB 31 75.20 40.61 5.84
CA THR QB 31 74.14 41.56 6.17
C THR QB 31 74.51 42.92 5.59
N ARG QB 32 73.60 43.49 4.80
CA ARG QB 32 73.79 44.79 4.18
C ARG QB 32 72.73 45.75 4.68
N LEU QB 33 72.95 47.04 4.42
CA LEU QB 33 72.01 48.09 4.80
C LEU QB 33 71.24 48.51 3.56
N VAL QB 34 69.91 48.46 3.65
CA VAL QB 34 69.03 48.82 2.55
C VAL QB 34 68.08 49.91 3.02
N LEU QB 35 67.93 50.95 2.20
CA LEU QB 35 67.05 52.07 2.54
C LEU QB 35 65.62 51.73 2.13
N ASP QB 36 64.68 51.92 3.05
CA ASP QB 36 63.27 51.74 2.74
C ASP QB 36 62.78 52.95 1.97
N PRO QB 37 62.24 52.78 0.76
CA PRO QB 37 61.78 53.96 0.00
C PRO QB 37 60.68 54.76 0.68
N TYR QB 38 59.89 54.12 1.54
CA TYR QB 38 58.78 54.81 2.20
C TYR QB 38 59.18 55.36 3.57
N LEU QB 39 59.80 54.54 4.41
CA LEU QB 39 60.15 54.96 5.76
C LEU QB 39 61.45 55.76 5.81
N LEU QB 40 62.24 55.73 4.75
CA LEU QB 40 63.53 56.42 4.71
C LEU QB 40 64.43 56.01 5.88
N LYS QB 41 64.43 54.72 6.18
CA LYS QB 41 65.25 54.16 7.24
C LYS QB 41 66.01 52.96 6.69
N TYR QB 42 67.22 52.73 7.22
CA TYR QB 42 68.06 51.65 6.76
C TYR QB 42 67.84 50.40 7.62
N PHE QB 43 67.60 49.28 6.95
CA PHE QB 43 67.37 48.00 7.61
C PHE QB 43 68.37 46.97 7.12
N ASN QB 44 68.60 45.95 7.93
CA ASN QB 44 69.58 44.91 7.64
C ASN QB 44 68.92 43.82 6.80
N LYS QB 45 69.44 43.62 5.59
CA LYS QB 45 69.02 42.54 4.72
C LYS QB 45 70.09 41.47 4.69
N ARG QB 46 69.68 40.22 4.90
CA ARG QB 46 70.61 39.09 4.93
C ARG QB 46 70.65 38.39 3.58
N LYS QB 47 71.82 37.85 3.25
CA LYS QB 47 71.98 37.08 2.02
C LYS QB 47 72.98 35.95 2.27
N THR QB 48 72.65 34.76 1.79
CA THR QB 48 73.49 33.58 2.00
C THR QB 48 74.49 33.44 0.85
N TYR QB 49 75.74 33.12 1.19
CA TYR QB 49 76.79 32.91 0.22
C TYR QB 49 77.55 31.64 0.57
N PHE QB 50 78.10 30.97 -0.45
CA PHE QB 50 78.93 29.80 -0.25
C PHE QB 50 80.38 30.12 -0.55
N ALA QB 51 81.29 29.74 0.34
CA ALA QB 51 82.70 30.02 0.19
C ALA QB 51 83.50 28.72 0.32
N HIS QB 52 84.65 28.68 -0.34
CA HIS QB 52 85.53 27.52 -0.32
C HIS QB 52 86.59 27.71 0.75
N ASP QB 53 86.52 26.89 1.80
CA ASP QB 53 87.47 26.91 2.91
C ASP QB 53 88.34 25.68 2.76
N ALA QB 54 89.51 25.85 2.14
CA ALA QB 54 90.41 24.72 1.92
C ALA QB 54 90.92 24.13 3.23
N LEU QB 55 91.26 24.98 4.19
CA LEU QB 55 91.77 24.50 5.48
C LEU QB 55 90.69 23.95 6.38
N GLN QB 56 89.42 24.26 6.12
CA GLN QB 56 88.29 23.85 6.95
C GLN QB 56 88.52 24.25 8.41
N GLN QB 57 88.69 25.56 8.61
CA GLN QB 57 88.98 26.10 9.93
C GLN QB 57 87.86 26.97 10.49
N CYS QB 58 86.96 27.48 9.65
CA CYS QB 58 85.90 28.35 10.10
C CYS QB 58 84.83 27.52 10.83
N THR QB 59 84.42 28.00 12.00
CA THR QB 59 83.34 27.39 12.76
C THR QB 59 82.16 28.36 12.85
N VAL QB 60 81.11 27.92 13.53
CA VAL QB 60 79.87 28.69 13.64
C VAL QB 60 80.11 29.86 14.58
N GLY QB 61 80.04 31.09 14.06
CA GLY QB 61 80.16 32.27 14.88
C GLY QB 61 81.38 33.12 14.55
N ASP QB 62 81.96 32.92 13.37
CA ASP QB 62 83.16 33.63 12.98
C ASP QB 62 82.81 34.77 12.02
N ILE QB 63 83.43 35.92 12.25
CA ILE QB 63 83.35 37.05 11.34
C ILE QB 63 84.40 36.83 10.26
N VAL QB 64 83.93 36.62 9.02
CA VAL QB 64 84.77 36.12 7.94
C VAL QB 64 84.71 37.10 6.78
N LEU QB 65 85.88 37.43 6.23
CA LEU QB 65 85.98 38.22 5.01
C LEU QB 65 86.09 37.30 3.81
N LEU QB 66 85.25 37.55 2.81
CA LEU QB 66 85.18 36.74 1.61
C LEU QB 66 85.54 37.59 0.39
N LYS QB 67 86.34 36.98 -0.49
CA LYS QB 67 86.80 37.61 -1.71
C LYS QB 67 86.16 36.95 -2.91
N ALA QB 68 85.80 37.74 -3.91
CA ALA QB 68 85.16 37.21 -5.11
C ALA QB 68 86.12 36.28 -5.85
N LEU QB 69 85.74 35.01 -5.96
CA LEU QB 69 86.58 34.04 -6.65
C LEU QB 69 86.57 34.33 -8.15
N PRO QB 70 87.73 34.40 -8.79
CA PRO QB 70 87.76 34.70 -10.23
C PRO QB 70 87.03 33.69 -11.09
N VAL QB 71 87.02 32.41 -10.69
CA VAL QB 71 86.33 31.37 -11.43
C VAL QB 71 85.42 30.61 -10.45
N PRO QB 72 84.11 30.58 -10.67
CA PRO QB 72 83.23 29.82 -9.78
C PRO QB 72 83.46 28.32 -9.95
N ARG QB 73 83.82 27.65 -8.86
CA ARG QB 73 84.02 26.21 -8.91
C ARG QB 73 82.72 25.48 -9.23
N THR QB 74 81.61 25.93 -8.65
CA THR QB 74 80.29 25.37 -8.93
C THR QB 74 79.35 26.53 -9.24
N LYS QB 75 78.06 26.23 -9.38
CA LYS QB 75 77.07 27.25 -9.70
C LYS QB 75 76.63 28.05 -8.49
N HIS QB 76 76.97 27.62 -7.28
CA HIS QB 76 76.59 28.32 -6.06
C HIS QB 76 77.78 28.82 -5.24
N VAL QB 77 78.99 28.33 -5.51
CA VAL QB 77 80.18 28.76 -4.79
C VAL QB 77 80.94 29.71 -5.71
N LYS QB 78 80.99 30.98 -5.32
CA LYS QB 78 81.68 32.00 -6.11
C LYS QB 78 82.60 32.85 -5.26
N HIS QB 79 82.87 32.44 -4.02
CA HIS QB 79 83.72 33.20 -3.12
C HIS QB 79 84.69 32.24 -2.44
N GLU QB 80 85.62 32.81 -1.68
CA GLU QB 80 86.67 32.05 -1.02
C GLU QB 80 86.99 32.71 0.32
N LEU QB 81 87.33 31.87 1.30
CA LEU QB 81 87.75 32.38 2.60
C LEU QB 81 89.04 33.19 2.45
N ALA QB 82 88.99 34.46 2.81
CA ALA QB 82 90.17 35.31 2.78
C ALA QB 82 90.85 35.36 4.15
N GLU QB 83 90.14 35.85 5.17
CA GLU QB 83 90.67 35.94 6.51
C GLU QB 83 89.54 35.77 7.51
N ILE QB 84 89.88 35.27 8.68
CA ILE QB 84 88.95 35.17 9.80
C ILE QB 84 89.15 36.41 10.67
N ILE QB 85 88.23 37.37 10.57
CA ILE QB 85 88.39 38.64 11.24
C ILE QB 85 88.28 38.46 12.76
N PHE QB 86 87.27 37.72 13.21
CA PHE QB 86 87.06 37.47 14.64
C PHE QB 86 86.64 36.03 14.83
N LYS QB 87 87.38 35.29 15.66
CA LYS QB 87 86.99 33.94 16.04
C LYS QB 87 85.96 33.99 17.16
N VAL QB 88 85.04 33.02 17.15
CA VAL QB 88 83.99 32.99 18.15
C VAL QB 88 84.59 32.67 19.51
N GLY QB 89 84.30 33.52 20.50
CA GLY QB 89 84.84 33.36 21.83
C GLY QB 89 86.32 33.63 21.97
N GLN QB 90 87.04 33.75 20.86
CA GLN QB 90 88.49 34.01 20.85
C GLN QB 90 88.70 35.27 20.02
N VAL QB 91 88.61 36.43 20.67
CA VAL QB 91 88.69 37.72 20.00
C VAL QB 91 90.03 38.36 20.34
N ILE QB 92 90.73 38.83 19.32
CA ILE QB 92 91.99 39.55 19.48
C ILE QB 92 91.77 40.98 19.02
N ASP QB 93 92.05 41.94 19.89
CA ASP QB 93 91.82 43.33 19.57
C ASP QB 93 92.82 43.80 18.52
N PRO QB 94 92.38 44.23 17.33
CA PRO QB 94 93.36 44.64 16.30
C PRO QB 94 94.15 45.89 16.66
N VAL QB 95 93.62 46.75 17.55
CA VAL QB 95 94.33 47.98 17.88
C VAL QB 95 95.41 47.73 18.93
N THR QB 96 95.21 46.75 19.81
CA THR QB 96 96.15 46.47 20.87
C THR QB 96 96.89 45.14 20.69
N GLY QB 97 96.35 44.23 19.90
CA GLY QB 97 96.99 42.93 19.73
C GLY QB 97 96.86 42.00 20.91
N LYS QB 98 95.89 42.25 21.80
CA LYS QB 98 95.71 41.46 23.00
C LYS QB 98 94.39 40.69 22.95
N PRO QB 99 94.32 39.52 23.57
CA PRO QB 99 93.05 38.81 23.68
C PRO QB 99 92.06 39.59 24.54
N CYS QB 100 90.78 39.46 24.20
CA CYS QB 100 89.72 40.11 24.95
C CYS QB 100 88.49 39.22 24.98
N ALA QB 101 87.77 39.27 26.09
CA ALA QB 101 86.53 38.53 26.28
C ALA QB 101 85.40 39.54 26.34
N GLY QB 102 84.86 39.90 25.17
CA GLY QB 102 83.83 40.91 25.10
C GLY QB 102 84.37 42.30 25.32
N THR QB 103 84.01 42.91 26.46
CA THR QB 103 84.46 44.26 26.80
C THR QB 103 85.59 44.25 27.82
N THR QB 104 86.15 43.09 28.15
CA THR QB 104 87.20 42.98 29.14
C THR QB 104 88.45 42.37 28.51
N TYR QB 105 89.61 42.92 28.87
CA TYR QB 105 90.88 42.42 28.38
C TYR QB 105 91.29 41.18 29.16
N LEU QB 106 91.63 40.10 28.44
CA LEU QB 106 92.18 38.92 29.10
C LEU QB 106 93.58 39.20 29.63
N GLU QB 107 94.40 39.92 28.86
CA GLU QB 107 95.74 40.32 29.28
C GLU QB 107 95.85 41.84 29.16
N SER QB 108 96.29 42.48 30.23
CA SER QB 108 96.40 43.93 30.22
C SER QB 108 97.59 44.36 29.38
N PRO QB 109 97.41 45.30 28.44
CA PRO QB 109 98.53 45.78 27.63
C PRO QB 109 99.52 46.64 28.41
N ILE QB 110 99.22 46.99 29.66
CA ILE QB 110 100.10 47.81 30.47
C ILE QB 110 101.08 46.92 31.21
N SER QB 111 101.08 45.62 30.89
CA SER QB 111 102.00 44.64 31.48
C SER QB 111 102.71 43.91 30.36
N PRO QB 112 103.68 44.55 29.72
CA PRO QB 112 104.40 43.87 28.62
C PRO QB 112 105.11 42.60 29.06
N GLU QB 113 105.62 42.58 30.29
CA GLU QB 113 106.33 41.42 30.80
C GLU QB 113 105.67 40.88 32.06
N SER RB 47 74.42 85.13 54.26
CA SER RB 47 75.20 85.76 55.32
C SER RB 47 74.43 85.77 56.64
N ASN RB 48 73.17 85.35 56.59
CA ASN RB 48 72.33 85.30 57.77
C ASN RB 48 72.57 84.00 58.53
N GLU RB 49 72.84 84.11 59.83
CA GLU RB 49 73.10 82.97 60.68
C GLU RB 49 71.84 82.42 61.34
N ASP RB 50 70.69 83.07 61.14
CA ASP RB 50 69.43 82.66 61.72
C ASP RB 50 68.55 81.88 60.75
N LEU RB 51 69.10 81.51 59.59
CA LEU RB 51 68.34 80.73 58.63
C LEU RB 51 68.12 79.30 59.14
N PRO RB 52 66.99 78.70 58.81
CA PRO RB 52 66.76 77.31 59.25
C PRO RB 52 67.73 76.35 58.58
N VAL RB 53 68.07 75.29 59.31
CA VAL RB 53 69.02 74.28 58.84
C VAL RB 53 68.24 73.04 58.46
N PRO RB 54 68.54 72.40 57.33
CA PRO RB 54 67.83 71.17 56.96
C PRO RB 54 68.25 69.98 57.81
N MET RB 55 67.74 69.90 59.02
CA MET RB 55 68.07 68.84 59.97
C MET RB 55 66.85 67.95 60.22
N GLU RB 56 67.09 66.85 60.93
CA GLU RB 56 66.01 65.95 61.29
C GLU RB 56 65.10 66.60 62.32
N ASN RB 57 63.86 66.11 62.39
CA ASN RB 57 62.89 66.65 63.32
C ASN RB 57 63.23 66.19 64.74
N PRO RB 58 63.49 67.09 65.68
CA PRO RB 58 63.82 66.67 67.04
C PRO RB 58 62.59 66.25 67.83
N TYR RB 59 61.43 66.73 67.40
CA TYR RB 59 60.18 66.48 68.11
C TYR RB 59 59.45 65.24 67.61
N LYS RB 60 60.18 64.29 67.01
CA LYS RB 60 59.56 63.08 66.47
C LYS RB 60 59.20 62.15 67.62
N GLU RB 61 57.89 61.94 67.83
CA GLU RB 61 57.44 61.07 68.89
C GLU RB 61 57.71 59.61 68.54
N PRO RB 62 57.98 58.76 69.53
CA PRO RB 62 58.15 57.34 69.25
C PRO RB 62 56.87 56.72 68.71
N LEU RB 63 57.04 55.74 67.83
CA LEU RB 63 55.89 55.06 67.24
C LEU RB 63 55.20 54.20 68.28
N LYS RB 64 53.88 54.12 68.19
CA LYS RB 64 53.10 53.32 69.13
C LYS RB 64 53.37 51.83 68.88
N LYS RB 65 53.46 51.08 69.97
CA LYS RB 65 53.80 49.67 69.92
C LYS RB 65 52.58 48.82 70.24
N CYS RB 66 52.51 47.64 69.63
CA CYS RB 66 51.46 46.71 70.00
C CYS RB 66 51.75 46.12 71.37
N ILE RB 67 50.70 45.58 72.00
CA ILE RB 67 50.83 45.05 73.36
C ILE RB 67 51.87 43.94 73.40
N LEU RB 68 52.05 43.22 72.29
CA LEU RB 68 53.05 42.16 72.19
C LEU RB 68 54.26 42.58 71.36
N CYS RB 69 54.50 43.88 71.22
CA CYS RB 69 55.68 44.35 70.50
C CYS RB 69 56.94 43.89 71.23
N GLU RB 70 57.88 43.32 70.46
CA GLU RB 70 59.12 42.76 70.99
C GLU RB 70 58.85 41.69 72.05
N LYS RB 71 57.87 40.83 71.76
CA LYS RB 71 57.52 39.71 72.63
C LYS RB 71 57.55 38.42 71.81
N HIS RB 72 57.43 37.30 72.52
CA HIS RB 72 57.42 35.97 71.91
C HIS RB 72 56.02 35.38 72.06
N VAL RB 73 55.37 35.10 70.94
CA VAL RB 73 54.06 34.47 70.93
C VAL RB 73 54.25 32.97 70.77
N ASP RB 74 53.50 32.20 71.56
CA ASP RB 74 53.64 30.75 71.59
C ASP RB 74 52.28 30.10 71.35
N TYR RB 75 52.31 28.83 70.96
CA TYR RB 75 51.10 28.04 70.79
C TYR RB 75 50.74 27.22 72.03
N LYS RB 76 51.55 27.31 73.09
CA LYS RB 76 51.33 26.54 74.30
C LYS RB 76 50.84 27.37 75.47
N ASN RB 77 50.84 28.70 75.36
CA ASN RB 77 50.32 29.56 76.42
C ASN RB 77 48.83 29.78 76.16
N VAL RB 78 48.02 28.81 76.59
CA VAL RB 78 46.58 28.92 76.42
C VAL RB 78 46.03 30.10 77.20
N GLN RB 79 46.62 30.41 78.35
CA GLN RB 79 46.19 31.58 79.12
C GLN RB 79 46.37 32.86 78.31
N LEU RB 80 47.51 33.00 77.63
CA LEU RB 80 47.72 34.18 76.78
C LEU RB 80 46.78 34.16 75.58
N LEU RB 81 46.60 32.99 74.95
CA LEU RB 81 45.79 32.92 73.74
C LEU RB 81 44.31 33.16 74.03
N SER RB 82 43.84 32.87 75.24
CA SER RB 82 42.43 33.03 75.54
C SER RB 82 42.01 34.48 75.71
N GLN RB 83 42.96 35.39 75.95
CA GLN RB 83 42.60 36.79 76.16
C GLN RB 83 42.08 37.45 74.90
N PHE RB 84 42.34 36.88 73.72
CA PHE RB 84 41.92 37.45 72.45
C PHE RB 84 40.69 36.76 71.86
N ILE RB 85 40.07 35.85 72.60
CA ILE RB 85 38.90 35.12 72.10
C ILE RB 85 37.69 35.47 72.94
N SER RB 86 36.52 35.36 72.33
CA SER RB 86 35.28 35.65 73.03
C SER RB 86 34.97 34.54 74.04
N PRO RB 87 34.68 34.89 75.30
CA PRO RB 87 34.36 33.86 76.29
C PRO RB 87 33.12 33.06 75.93
N PHE RB 88 32.14 33.65 75.25
CA PHE RB 88 30.87 33.00 75.00
C PHE RB 88 30.86 32.21 73.70
N THR RB 89 31.53 32.70 72.66
CA THR RB 89 31.52 32.08 71.34
C THR RB 89 32.87 31.50 70.93
N GLY RB 90 33.96 32.17 71.26
CA GLY RB 90 35.28 31.72 70.86
C GLY RB 90 35.84 32.37 69.62
N CYS RB 91 35.21 33.41 69.10
CA CYS RB 91 35.71 34.10 67.92
C CYS RB 91 37.03 34.79 68.23
N ILE RB 92 37.90 34.84 67.23
CA ILE RB 92 39.17 35.54 67.35
C ILE RB 92 38.93 37.00 67.02
N TYR RB 93 39.25 37.88 67.99
CA TYR RB 93 38.99 39.30 67.80
C TYR RB 93 39.91 39.87 66.72
N GLY RB 94 39.37 40.83 65.98
CA GLY RB 94 40.10 41.47 64.90
C GLY RB 94 41.02 42.57 65.38
N ARG RB 95 41.61 43.27 64.42
CA ARG RB 95 42.52 44.34 64.74
C ARG RB 95 41.82 45.49 65.46
N HIS RB 96 40.62 45.85 65.01
CA HIS RB 96 39.86 46.95 65.61
C HIS RB 96 39.46 46.66 67.05
N ILE RB 97 39.52 45.40 67.49
CA ILE RB 97 39.22 45.03 68.86
C ILE RB 97 40.49 44.86 69.68
N THR RB 98 41.51 44.21 69.10
CA THR RB 98 42.73 43.93 69.84
C THR RB 98 43.65 45.16 69.91
N GLY RB 99 44.02 45.71 68.76
CA GLY RB 99 44.97 46.81 68.72
C GLY RB 99 46.40 46.33 68.64
N LEU RB 100 46.69 45.44 67.70
CA LEU RB 100 48.03 44.89 67.51
C LEU RB 100 48.57 45.29 66.16
N CYS RB 101 49.87 45.59 66.12
CA CYS RB 101 50.48 45.98 64.86
C CYS RB 101 50.69 44.74 63.98
N GLY RB 102 50.87 44.99 62.68
CA GLY RB 102 50.65 44.01 61.62
C GLY RB 102 51.13 42.59 61.81
N LYS RB 103 52.20 42.38 62.57
CA LYS RB 103 52.78 41.05 62.66
C LYS RB 103 52.10 40.21 63.74
N LYS RB 104 51.93 40.78 64.93
CA LYS RB 104 51.43 40.04 66.08
C LYS RB 104 49.98 39.58 65.92
N GLN RB 105 49.14 40.31 65.19
CA GLN RB 105 47.78 39.84 64.96
C GLN RB 105 47.78 38.52 64.18
N LYS RB 106 48.53 38.48 63.08
CA LYS RB 106 48.63 37.25 62.29
C LYS RB 106 49.30 36.14 63.08
N GLU RB 107 50.36 36.46 63.84
CA GLU RB 107 51.01 35.45 64.65
C GLU RB 107 50.09 34.88 65.72
N ILE RB 108 49.30 35.71 66.39
CA ILE RB 108 48.34 35.23 67.38
C ILE RB 108 47.26 34.39 66.71
N THR RB 109 46.78 34.80 65.54
CA THR RB 109 45.78 34.00 64.84
C THR RB 109 46.33 32.62 64.49
N LYS RB 110 47.56 32.57 63.97
CA LYS RB 110 48.17 31.28 63.64
C LYS RB 110 48.40 30.42 64.89
N ALA RB 111 48.85 31.03 65.99
CA ALA RB 111 49.05 30.28 67.22
C ALA RB 111 47.75 29.73 67.77
N ILE RB 112 46.67 30.51 67.72
CA ILE RB 112 45.37 30.04 68.19
C ILE RB 112 44.89 28.89 67.33
N LYS RB 113 45.02 29.02 66.00
CA LYS RB 113 44.60 27.94 65.11
C LYS RB 113 45.41 26.67 65.35
N ARG RB 114 46.70 26.81 65.62
CA ARG RB 114 47.52 25.63 65.89
C ARG RB 114 47.15 24.99 67.22
N ALA RB 115 46.93 25.80 68.26
CA ALA RB 115 46.60 25.27 69.58
C ALA RB 115 45.22 24.62 69.61
N GLN RB 116 44.26 25.14 68.85
CA GLN RB 116 42.93 24.56 68.84
C GLN RB 116 42.91 23.16 68.23
N ILE RB 117 43.88 22.84 67.37
CA ILE RB 117 43.94 21.53 66.75
C ILE RB 117 44.95 20.60 67.43
N LEU RB 118 45.99 21.14 68.07
CA LEU RB 118 46.94 20.30 68.77
C LEU RB 118 46.41 19.75 70.09
N GLY RB 119 45.27 20.25 70.55
CA GLY RB 119 44.65 19.77 71.77
C GLY RB 119 45.00 20.54 73.02
N PHE RB 120 45.29 21.84 72.92
CA PHE RB 120 45.64 22.65 74.08
C PHE RB 120 44.56 23.65 74.47
N MET RB 121 43.77 24.13 73.53
CA MET RB 121 42.75 25.13 73.81
C MET RB 121 41.42 24.74 73.19
N PRO RB 122 40.32 24.85 73.93
CA PRO RB 122 39.00 24.56 73.35
C PRO RB 122 38.64 25.56 72.28
N VAL RB 123 37.85 25.10 71.32
CA VAL RB 123 37.45 25.94 70.19
C VAL RB 123 36.12 26.63 70.43
N THR RB 124 35.16 25.91 71.02
CA THR RB 124 33.80 26.42 71.17
C THR RB 124 33.68 27.48 72.27
N TYR RB 125 34.60 27.49 73.23
CA TYR RB 125 34.47 28.38 74.37
C TYR RB 125 35.85 28.69 74.94
N LYS RB 126 35.91 29.71 75.80
CA LYS RB 126 37.11 30.04 76.54
C LYS RB 126 37.13 29.28 77.85
N ASP RB 127 38.32 28.84 78.25
CA ASP RB 127 38.47 28.08 79.48
C ASP RB 127 38.04 28.92 80.68
N PRO RB 128 37.14 28.43 81.53
CA PRO RB 128 36.78 29.17 82.74
C PRO RB 128 37.95 29.40 83.68
N ALA RB 129 38.98 28.57 83.62
CA ALA RB 129 40.18 28.82 84.42
C ALA RB 129 40.86 30.11 84.01
N TYR RB 130 40.94 30.39 82.71
CA TYR RB 130 41.53 31.61 82.19
C TYR RB 130 40.49 32.71 81.98
N LEU RB 131 39.24 32.44 82.35
CA LEU RB 131 38.18 33.44 82.21
C LEU RB 131 38.42 34.67 83.06
N LYS RB 132 39.08 34.52 84.21
CA LYS RB 132 39.32 35.62 85.13
C LYS RB 132 40.58 36.41 84.80
N ASP RB 133 41.08 36.30 83.57
CA ASP RB 133 42.26 37.05 83.17
C ASP RB 133 41.91 38.52 82.98
N PRO RB 134 42.89 39.41 83.09
CA PRO RB 134 42.64 40.83 82.85
C PRO RB 134 42.19 41.07 81.42
N LYS RB 135 41.31 42.05 81.24
CA LYS RB 135 40.73 42.34 79.93
C LYS RB 135 41.69 43.19 79.11
N VAL RB 136 42.07 42.68 77.94
CA VAL RB 136 42.92 43.42 77.01
C VAL RB 136 42.14 43.91 75.79
N CYS RB 137 41.08 43.22 75.39
CA CYS RB 137 40.28 43.64 74.25
C CYS RB 137 39.49 44.89 74.60
N ASN RB 138 38.98 45.56 73.55
CA ASN RB 138 38.21 46.79 73.70
C ASN RB 138 36.76 46.60 73.30
N ILE RB 139 36.21 45.41 73.55
CA ILE RB 139 34.85 45.08 73.18
C ILE RB 139 34.04 44.85 74.45
N LYS RB 140 32.88 45.50 74.54
CA LYS RB 140 31.98 45.36 75.68
C LYS RB 140 30.67 44.78 75.20
N TYR RB 141 30.23 43.70 75.86
CA TYR RB 141 28.97 43.06 75.51
C TYR RB 141 27.82 43.55 76.38
N ARG RB 142 27.94 43.38 77.69
CA ARG RB 142 26.88 43.75 78.62
C ARG RB 142 26.83 45.27 78.76
N GLU RB 143 25.64 45.84 78.58
CA GLU RB 143 25.47 47.29 78.64
C GLU RB 143 24.39 47.68 79.64
N ALA SB 2 29.94 19.06 70.12
CA ALA SB 2 29.67 17.67 70.49
C ALA SB 2 30.73 17.15 71.46
N ASN SB 3 32.00 17.24 71.06
CA ASN SB 3 33.09 16.79 71.90
C ASN SB 3 33.37 17.73 73.07
N HIS SB 4 32.95 18.99 72.96
CA HIS SB 4 33.17 19.95 74.03
C HIS SB 4 32.13 19.76 75.14
N LEU SB 5 32.44 20.30 76.31
CA LEU SB 5 31.51 20.25 77.44
C LEU SB 5 30.32 21.17 77.19
N LYS SB 6 29.15 20.73 77.63
CA LYS SB 6 27.91 21.45 77.38
C LYS SB 6 27.70 22.54 78.43
N PHE SB 7 26.76 23.44 78.13
CA PHE SB 7 26.36 24.52 79.02
C PHE SB 7 27.53 25.41 79.43
N ILE SB 8 28.44 25.68 78.49
CA ILE SB 8 29.55 26.58 78.72
C ILE SB 8 29.59 27.70 77.68
N ALA SB 9 29.46 27.36 76.40
CA ALA SB 9 29.50 28.36 75.33
C ALA SB 9 28.12 28.93 75.08
N ARG SB 10 28.06 30.24 74.86
CA ARG SB 10 26.82 30.96 74.57
C ARG SB 10 25.77 30.72 75.66
N THR SB 11 26.21 30.73 76.91
CA THR SB 11 25.34 30.50 78.06
C THR SB 11 25.27 31.78 78.89
N VAL SB 12 24.05 32.23 79.18
CA VAL SB 12 23.81 33.43 79.94
C VAL SB 12 22.94 33.07 81.15
N MET SB 13 23.41 33.44 82.34
CA MET SB 13 22.66 33.18 83.57
C MET SB 13 21.72 34.35 83.85
N VAL SB 14 20.42 34.05 84.01
CA VAL SB 14 19.47 35.11 84.31
C VAL SB 14 19.65 35.55 85.76
N GLN SB 15 19.22 36.78 86.04
CA GLN SB 15 19.33 37.36 87.37
C GLN SB 15 17.94 37.75 87.85
N GLU SB 16 17.57 37.26 89.04
CA GLU SB 16 16.29 37.58 89.67
C GLU SB 16 15.10 37.22 88.77
N GLY SB 17 15.24 36.11 88.04
CA GLY SB 17 14.15 35.66 87.19
C GLY SB 17 13.93 36.47 85.94
N ASN SB 18 14.86 37.34 85.57
CA ASN SB 18 14.70 38.20 84.40
C ASN SB 18 15.07 37.42 83.14
N VAL SB 19 14.07 37.08 82.33
CA VAL SB 19 14.28 36.30 81.12
C VAL SB 19 14.26 37.18 79.88
N GLU SB 20 13.39 38.20 79.86
CA GLU SB 20 13.32 39.09 78.71
C GLU SB 20 14.64 39.81 78.48
N GLY SB 21 15.26 40.32 79.55
CA GLY SB 21 16.55 40.96 79.42
C GLY SB 21 17.70 40.00 79.19
N ALA SB 22 17.60 38.78 79.74
CA ALA SB 22 18.62 37.78 79.46
C ALA SB 22 18.64 37.40 77.99
N TYR SB 23 17.46 37.27 77.37
CA TYR SB 23 17.40 37.00 75.94
C TYR SB 23 17.98 38.15 75.13
N ARG SB 24 17.71 39.39 75.54
CA ARG SB 24 18.32 40.53 74.85
C ARG SB 24 19.83 40.54 75.00
N THR SB 25 20.34 40.20 76.18
CA THR SB 25 21.79 40.13 76.38
C THR SB 25 22.41 39.04 75.50
N LEU SB 26 21.76 37.87 75.44
CA LEU SB 26 22.28 36.81 74.58
C LEU SB 26 22.25 37.22 73.10
N ASN SB 27 21.18 37.89 72.67
CA ASN SB 27 21.10 38.36 71.29
C ASN SB 27 22.17 39.40 71.00
N ARG SB 28 22.47 40.29 71.96
CA ARG SB 28 23.57 41.23 71.78
C ARG SB 28 24.92 40.53 71.74
N ILE SB 29 25.09 39.45 72.51
CA ILE SB 29 26.29 38.64 72.38
C ILE SB 29 26.43 38.10 70.97
N LEU SB 30 25.35 37.49 70.46
CA LEU SB 30 25.39 36.87 69.14
C LEU SB 30 25.61 37.88 68.02
N THR SB 31 24.94 39.03 68.07
CA THR SB 31 25.10 40.03 67.02
C THR SB 31 26.52 40.59 67.01
N MET SB 32 27.08 40.86 68.18
CA MET SB 32 28.44 41.38 68.24
C MET SB 32 29.47 40.32 67.86
N ASP SB 33 29.14 39.04 68.05
CA ASP SB 33 30.00 37.97 67.56
C ASP SB 33 29.74 37.62 66.10
N GLY SB 34 28.71 38.20 65.49
CA GLY SB 34 28.42 37.94 64.09
C GLY SB 34 27.77 36.61 63.81
N LEU SB 35 27.17 35.98 64.82
CA LEU SB 35 26.55 34.67 64.63
C LEU SB 35 25.20 34.78 63.91
N ILE SB 36 24.42 35.83 64.20
CA ILE SB 36 23.11 35.96 63.59
C ILE SB 36 23.23 36.13 62.08
N GLU SB 37 24.12 37.02 61.65
CA GLU SB 37 24.31 37.25 60.21
C GLU SB 37 24.87 36.01 59.53
N ASP SB 38 25.80 35.30 60.17
CA ASP SB 38 26.34 34.08 59.60
C ASP SB 38 25.28 33.00 59.46
N ILE SB 39 24.42 32.84 60.47
CA ILE SB 39 23.35 31.86 60.40
C ILE SB 39 22.36 32.23 59.29
N LYS SB 40 22.00 33.50 59.20
CA LYS SB 40 21.10 33.93 58.13
C LYS SB 40 21.72 33.76 56.75
N ARG SB 41 23.04 33.91 56.64
CA ARG SB 41 23.72 33.74 55.36
C ARG SB 41 23.87 32.27 54.97
N ARG SB 42 24.04 31.37 55.94
CA ARG SB 42 24.29 29.96 55.67
C ARG SB 42 23.02 29.18 55.41
N ARG SB 43 21.84 29.80 55.50
CA ARG SB 43 20.61 29.09 55.18
C ARG SB 43 20.59 28.66 53.73
N TYR SB 44 21.04 29.53 52.83
CA TYR SB 44 21.18 29.20 51.42
C TYR SB 44 22.63 29.46 50.99
N TYR SB 45 23.17 28.55 50.19
CA TYR SB 45 24.56 28.66 49.77
C TYR SB 45 24.75 29.87 48.86
N GLU SB 46 25.85 30.58 49.04
CA GLU SB 46 26.21 31.70 48.19
C GLU SB 46 27.47 31.35 47.39
N LYS SB 47 27.45 31.70 46.11
CA LYS SB 47 28.58 31.42 45.25
C LYS SB 47 29.75 32.35 45.59
N PRO SB 48 30.98 31.93 45.29
CA PRO SB 48 32.13 32.80 45.56
C PRO SB 48 32.07 34.12 44.81
N CYS SB 49 31.50 34.14 43.60
CA CYS SB 49 31.36 35.39 42.87
C CYS SB 49 30.49 36.38 43.63
N ARG SB 50 29.37 35.93 44.20
CA ARG SB 50 28.54 36.79 45.01
C ARG SB 50 29.18 37.11 46.36
N ARG SB 51 29.95 36.19 46.92
CA ARG SB 51 30.63 36.44 48.19
C ARG SB 51 31.67 37.56 48.06
N ARG SB 52 32.44 37.55 46.97
CA ARG SB 52 33.39 38.63 46.75
C ARG SB 52 32.70 39.98 46.60
N GLN SB 53 31.60 40.03 45.85
CA GLN SB 53 30.85 41.27 45.71
C GLN SB 53 30.28 41.74 47.05
N ARG SB 54 29.74 40.83 47.85
CA ARG SB 54 29.23 41.22 49.17
C ARG SB 54 30.35 41.75 50.07
N GLU SB 55 31.50 41.08 50.07
CA GLU SB 55 32.63 41.55 50.88
C GLU SB 55 33.10 42.93 50.43
N SER SB 56 33.25 43.15 49.12
CA SER SB 56 33.66 44.45 48.62
C SER SB 56 32.65 45.54 48.94
N TYR SB 57 31.36 45.26 48.77
CA TYR SB 57 30.34 46.25 49.09
C TYR SB 57 30.32 46.57 50.58
N GLU SB 58 30.44 45.56 51.43
CA GLU SB 58 30.45 45.80 52.87
C GLU SB 58 31.68 46.61 53.28
N THR SB 59 32.85 46.29 52.71
CA THR SB 59 34.05 47.05 53.03
C THR SB 59 33.92 48.51 52.60
N CYS SB 60 33.42 48.75 51.39
CA CYS SB 60 33.23 50.12 50.92
C CYS SB 60 32.23 50.88 51.79
N ARG SB 61 31.12 50.24 52.15
CA ARG SB 61 30.12 50.87 52.99
C ARG SB 61 30.67 51.18 54.37
N ARG SB 62 31.44 50.26 54.95
CA ARG SB 62 32.03 50.50 56.26
C ARG SB 62 33.02 51.65 56.21
N ILE SB 63 33.85 51.70 55.17
CA ILE SB 63 34.81 52.81 55.04
C ILE SB 63 34.07 54.13 54.91
N TYR SB 64 33.03 54.18 54.07
CA TYR SB 64 32.28 55.42 53.90
C TYR SB 64 31.60 55.84 55.19
N ASN SB 65 31.01 54.90 55.92
CA ASN SB 65 30.36 55.23 57.19
C ASN SB 65 31.36 55.69 58.24
N MET SB 66 32.53 55.05 58.32
CA MET SB 66 33.56 55.49 59.27
C MET SB 66 34.04 56.90 58.95
N GLU SB 67 34.28 57.20 57.67
CA GLU SB 67 34.69 58.54 57.29
C GLU SB 67 33.61 59.58 57.55
N MET SB 68 32.34 59.25 57.27
CA MET SB 68 31.26 60.18 57.53
C MET SB 68 31.13 60.44 59.03
N ALA SB 69 31.23 59.38 59.86
CA ALA SB 69 31.16 59.56 61.30
C ALA SB 69 32.32 60.38 61.82
N ARG SB 70 33.53 60.16 61.29
CA ARG SB 70 34.69 60.94 61.70
C ARG SB 70 34.49 62.41 61.34
N LYS SB 71 33.98 62.70 60.13
CA LYS SB 71 33.71 64.07 59.76
C LYS SB 71 32.63 64.71 60.63
N ILE SB 72 31.58 63.94 60.96
CA ILE SB 72 30.52 64.48 61.82
C ILE SB 72 31.08 64.80 63.21
N ASN SB 73 31.90 63.91 63.77
CA ASN SB 73 32.51 64.18 65.07
C ASN SB 73 33.47 65.35 65.02
N PHE SB 74 34.19 65.52 63.90
CA PHE SB 74 35.09 66.65 63.77
C PHE SB 74 34.33 67.97 63.65
N LEU SB 75 33.20 67.97 62.95
CA LEU SB 75 32.42 69.18 62.73
C LEU SB 75 31.39 69.43 63.85
N MET SB 76 31.28 68.51 64.81
CA MET SB 76 30.36 68.72 65.92
C MET SB 76 30.64 70.00 66.70
N ARG SB 77 31.89 70.48 66.69
CA ARG SB 77 32.22 71.70 67.41
C ARG SB 77 31.50 72.92 66.85
N LYS SB 78 31.26 72.95 65.54
CA LYS SB 78 30.64 74.10 64.90
C LYS SB 78 29.11 74.11 65.01
N ASN SB 79 28.54 73.25 65.84
CA ASN SB 79 27.09 73.22 66.03
C ASN SB 79 26.62 74.27 67.02
N ARG SB 80 27.52 75.02 67.64
CA ARG SB 80 27.15 76.04 68.62
C ARG SB 80 26.40 77.18 67.93
N ALA SB 81 25.71 77.97 68.75
CA ALA SB 81 24.98 79.11 68.23
C ALA SB 81 25.93 80.14 67.64
N ASP SB 82 25.54 80.71 66.51
CA ASP SB 82 26.38 81.67 65.82
C ASP SB 82 26.45 82.98 66.58
N PRO SB 83 27.63 83.44 66.99
CA PRO SB 83 27.71 84.73 67.69
C PRO SB 83 27.73 85.94 66.78
N TRP SB 84 27.97 85.75 65.48
CA TRP SB 84 28.07 86.85 64.53
C TRP SB 84 26.84 86.96 63.64
N GLN SB 85 25.66 86.66 64.19
CA GLN SB 85 24.43 86.77 63.41
C GLN SB 85 24.14 88.24 63.11
N GLY SB 86 23.67 88.50 61.88
CA GLY SB 86 23.35 89.84 61.46
C GLY SB 86 24.49 90.63 60.84
N CYS SB 87 25.69 90.06 60.80
CA CYS SB 87 26.84 90.73 60.22
C CYS SB 87 26.69 90.85 58.70
N UNK TB 1 -83.06 81.51 37.55
CA UNK TB 1 -84.47 81.58 37.92
C UNK TB 1 -85.00 83.00 37.75
N UNK TB 2 -85.38 83.62 38.87
CA UNK TB 2 -85.90 84.98 38.83
C UNK TB 2 -84.80 85.97 38.45
N UNK TB 3 -85.16 86.93 37.60
CA UNK TB 3 -84.22 87.94 37.13
C UNK TB 3 -84.72 89.31 37.57
N UNK TB 4 -83.82 90.11 38.13
CA UNK TB 4 -84.15 91.45 38.59
C UNK TB 4 -83.91 92.47 37.49
N UNK TB 5 -84.83 93.43 37.38
CA UNK TB 5 -84.74 94.48 36.37
C UNK TB 5 -83.90 95.63 36.90
N UNK TB 6 -82.86 95.99 36.15
CA UNK TB 6 -81.96 97.07 36.52
C UNK TB 6 -82.11 98.22 35.54
N UNK TB 7 -82.32 99.42 36.07
CA UNK TB 7 -82.47 100.62 35.25
C UNK TB 7 -81.10 101.14 34.89
N UNK TB 8 -80.59 100.75 33.72
CA UNK TB 8 -79.27 101.17 33.29
C UNK TB 8 -79.29 102.51 32.58
N UNK TB 9 -80.27 102.74 31.70
CA UNK TB 9 -80.34 104.01 30.99
C UNK TB 9 -80.61 105.17 31.93
N UNK TB 10 -81.50 104.97 32.91
CA UNK TB 10 -81.79 106.03 33.87
C UNK TB 10 -80.57 106.36 34.71
N UNK TB 11 -79.84 105.33 35.15
CA UNK TB 11 -78.62 105.57 35.92
C UNK TB 11 -77.56 106.27 35.09
N UNK TB 12 -77.42 105.88 33.82
CA UNK TB 12 -76.46 106.54 32.93
C UNK TB 12 -76.81 108.00 32.72
N UNK TB 13 -78.10 108.30 32.53
CA UNK TB 13 -78.53 109.67 32.37
C UNK TB 13 -78.29 110.49 33.64
N UNK TB 14 -78.57 109.89 34.80
CA UNK TB 14 -78.38 110.60 36.06
C UNK TB 14 -76.91 110.88 36.34
N UNK TB 15 -76.03 109.92 36.06
CA UNK TB 15 -74.62 110.03 36.39
C UNK TB 15 -73.76 110.43 35.18
N UNK TB 16 -74.39 110.90 34.10
CA UNK TB 16 -73.68 111.30 32.88
C UNK TB 16 -72.83 110.15 32.33
N UNK TB 17 -73.37 108.94 32.38
CA UNK TB 17 -72.70 107.75 31.90
C UNK TB 17 -73.31 107.20 30.62
N UNK TB 18 -74.08 108.03 29.91
CA UNK TB 18 -74.72 107.60 28.67
C UNK TB 18 -73.80 107.83 27.47
N ARG UB 88 101.48 101.81 -22.94
CA ARG UB 88 100.93 101.57 -21.62
C ARG UB 88 99.66 102.38 -21.38
N LYS UB 89 98.73 102.31 -22.33
CA LYS UB 89 97.47 103.01 -22.18
C LYS UB 89 96.64 102.36 -21.07
N PRO UB 90 96.08 103.17 -20.15
CA PRO UB 90 95.26 102.60 -19.08
C PRO UB 90 94.06 101.84 -19.64
N THR UB 91 93.73 100.73 -18.97
CA THR UB 91 92.63 99.87 -19.37
C THR UB 91 91.59 99.80 -18.27
N PHE UB 92 90.34 99.51 -18.67
CA PHE UB 92 89.25 99.42 -17.72
C PHE UB 92 89.48 98.32 -16.68
N MET UB 93 90.21 97.27 -17.02
CA MET UB 93 90.50 96.17 -16.11
C MET UB 93 91.76 96.39 -15.29
N ASP UB 94 92.43 97.53 -15.46
CA ASP UB 94 93.60 97.83 -14.66
C ASP UB 94 93.21 98.05 -13.20
N GLU UB 95 94.09 97.63 -12.30
CA GLU UB 95 93.81 97.75 -10.87
C GLU UB 95 93.70 99.22 -10.44
N GLU UB 96 94.56 100.08 -10.99
CA GLU UB 96 94.54 101.50 -10.65
C GLU UB 96 93.25 102.18 -11.06
N VAL UB 97 92.46 101.57 -11.95
CA VAL UB 97 91.17 102.12 -12.33
C VAL UB 97 90.08 101.42 -11.52
N GLN UB 98 90.22 100.10 -11.34
CA GLN UB 98 89.19 99.33 -10.66
C GLN UB 98 89.07 99.70 -9.19
N ASN UB 99 90.19 99.93 -8.50
CA ASN UB 99 90.11 100.34 -7.11
C ASN UB 99 89.41 101.69 -6.94
N ILE UB 100 89.68 102.64 -7.82
CA ILE UB 100 88.98 103.92 -7.77
C ILE UB 100 87.51 103.74 -8.09
N LEU UB 101 87.19 102.92 -9.10
CA LEU UB 101 85.80 102.73 -9.49
C LEU UB 101 84.97 102.07 -8.39
N ILE UB 102 85.53 101.07 -7.70
CA ILE UB 102 84.79 100.42 -6.62
C ILE UB 102 84.51 101.41 -5.50
N LYS UB 103 85.50 102.20 -5.10
CA LYS UB 103 85.32 103.18 -4.05
C LYS UB 103 84.30 104.24 -4.44
N MET UB 104 84.36 104.72 -5.69
CA MET UB 104 83.42 105.73 -6.15
C MET UB 104 82.00 105.21 -6.26
N THR UB 105 81.84 103.93 -6.65
CA THR UB 105 80.51 103.34 -6.69
C THR UB 105 79.95 103.16 -5.28
N GLY UB 106 80.77 102.64 -4.36
CA GLY UB 106 80.33 102.50 -2.98
C GLY UB 106 79.48 101.26 -2.76
N LEU UB 107 79.13 101.04 -1.51
CA LEU UB 107 78.33 99.91 -1.09
C LEU UB 107 77.01 100.41 -0.51
N ASP UB 108 75.90 99.89 -1.02
CA ASP UB 108 74.57 100.18 -0.47
C ASP UB 108 73.79 98.88 -0.46
N LEU UB 109 73.75 98.23 0.71
CA LEU UB 109 73.07 96.95 0.85
C LEU UB 109 71.57 97.05 0.60
N GLN UB 110 70.94 98.13 1.06
CA GLN UB 110 69.50 98.30 0.89
C GLN UB 110 69.09 98.36 -0.58
N LYS UB 111 70.00 98.77 -1.46
CA LYS UB 111 69.72 98.76 -2.89
C LYS UB 111 70.24 97.50 -3.58
N ILE UB 112 71.38 96.97 -3.14
CA ILE UB 112 71.91 95.76 -3.77
C ILE UB 112 71.00 94.57 -3.51
N PHE UB 113 70.60 94.36 -2.26
CA PHE UB 113 69.72 93.26 -1.90
C PHE UB 113 68.30 93.81 -1.76
N LYS UB 114 67.69 94.07 -2.92
CA LYS UB 114 66.35 94.63 -2.99
C LYS UB 114 65.35 93.56 -3.41
N PRO UB 115 64.18 93.51 -2.77
CA PRO UB 115 63.17 92.52 -3.18
C PRO UB 115 62.72 92.75 -4.62
N ALA UB 116 62.99 91.75 -5.46
CA ALA UB 116 62.68 91.81 -6.88
C ALA UB 116 61.22 91.39 -7.10
N LEU UB 117 60.85 91.16 -8.37
CA LEU UB 117 59.52 90.71 -8.72
C LEU UB 117 59.48 89.21 -9.05
N GLN UB 118 60.31 88.42 -8.38
CA GLN UB 118 60.33 86.98 -8.60
C GLN UB 118 59.39 86.28 -7.61
N GLU UB 119 59.43 84.95 -7.63
CA GLU UB 119 58.60 84.17 -6.72
C GLU UB 119 59.04 84.38 -5.28
N LEU UB 120 58.07 84.34 -4.36
CA LEU UB 120 58.32 84.58 -2.95
C LEU UB 120 58.17 83.30 -2.14
N LYS UB 121 59.02 83.17 -1.12
CA LYS UB 121 58.99 82.07 -0.18
C LYS UB 121 59.10 82.63 1.23
N PRO UB 122 58.58 81.93 2.23
CA PRO UB 122 58.68 82.41 3.62
C PRO UB 122 60.13 82.54 4.04
N PRO UB 123 60.46 83.58 4.81
CA PRO UB 123 61.85 83.81 5.20
C PRO UB 123 62.27 82.87 6.33
N THR UB 124 63.55 82.95 6.65
CA THR UB 124 64.14 82.14 7.71
C THR UB 124 64.59 83.05 8.86
N TYR UB 125 64.33 82.61 10.08
CA TYR UB 125 64.66 83.36 11.28
C TYR UB 125 65.57 82.53 12.17
N LYS UB 126 66.61 83.18 12.71
CA LYS UB 126 67.52 82.53 13.65
C LYS UB 126 68.12 83.59 14.57
N LEU UB 127 68.31 83.21 15.83
CA LEU UB 127 68.82 84.13 16.83
C LEU UB 127 70.31 84.28 16.68
N MET UB 128 70.79 85.52 16.63
CA MET UB 128 72.20 85.82 16.44
C MET UB 128 72.67 86.86 17.45
N THR UB 129 73.93 86.74 17.86
CA THR UB 129 74.56 87.69 18.78
C THR UB 129 75.01 88.93 17.99
N GLN UB 130 75.62 89.88 18.70
CA GLN UB 130 76.15 91.06 18.04
C GLN UB 130 77.31 90.70 17.09
N ALA UB 131 78.22 89.83 17.55
CA ALA UB 131 79.31 89.40 16.69
C ALA UB 131 78.80 88.60 15.49
N GLN UB 132 77.79 87.75 15.72
CA GLN UB 132 77.19 87.02 14.61
C GLN UB 132 76.50 87.94 13.63
N LEU UB 133 75.85 89.00 14.12
CA LEU UB 133 75.25 89.99 13.23
C LEU UB 133 76.31 90.71 12.42
N GLU UB 134 77.44 91.06 13.04
CA GLU UB 134 78.53 91.67 12.30
C GLU UB 134 79.09 90.73 11.23
N GLU UB 135 79.25 89.45 11.57
CA GLU UB 135 79.68 88.48 10.57
C GLU UB 135 78.69 88.34 9.44
N ALA UB 136 77.38 88.35 9.75
CA ALA UB 136 76.37 88.31 8.70
C ALA UB 136 76.45 89.53 7.80
N THR UB 137 76.66 90.71 8.38
CA THR UB 137 76.80 91.92 7.57
C THR UB 137 78.03 91.87 6.66
N LYS UB 138 79.16 91.41 7.19
CA LYS UB 138 80.35 91.33 6.34
C LYS UB 138 80.20 90.26 5.25
N GLN UB 139 79.54 89.15 5.56
CA GLN UB 139 79.25 88.16 4.52
C GLN UB 139 78.31 88.72 3.47
N ALA UB 140 77.32 89.51 3.87
CA ALA UB 140 76.45 90.17 2.90
C ALA UB 140 77.23 91.15 2.02
N VAL UB 141 78.19 91.87 2.60
CA VAL UB 141 79.04 92.77 1.81
C VAL UB 141 79.87 91.96 0.81
N GLU UB 142 80.43 90.84 1.26
CA GLU UB 142 81.21 90.00 0.35
C GLU UB 142 80.35 89.46 -0.78
N ALA UB 143 79.11 89.04 -0.48
CA ALA UB 143 78.21 88.60 -1.53
C ALA UB 143 77.84 89.74 -2.48
N ALA UB 144 77.62 90.95 -1.95
CA ALA UB 144 77.33 92.10 -2.77
C ALA UB 144 78.51 92.49 -3.66
N LYS UB 145 79.72 92.10 -3.28
CA LYS UB 145 80.86 92.28 -4.19
C LYS UB 145 80.62 91.53 -5.50
N VAL UB 146 80.07 90.32 -5.43
CA VAL UB 146 79.76 89.57 -6.63
C VAL UB 146 78.70 90.28 -7.47
N ARG UB 147 77.69 90.87 -6.81
CA ARG UB 147 76.70 91.66 -7.54
C ARG UB 147 77.35 92.86 -8.21
N LEU UB 148 78.30 93.50 -7.55
CA LEU UB 148 78.99 94.68 -8.06
C LEU UB 148 80.12 94.35 -9.03
N LYS UB 149 80.37 93.06 -9.27
CA LYS UB 149 81.33 92.64 -10.28
C LYS UB 149 81.02 93.34 -11.59
N MET UB 150 81.96 94.17 -12.06
CA MET UB 150 81.68 95.05 -13.18
C MET UB 150 81.67 94.26 -14.49
N PRO UB 151 80.79 94.62 -15.43
CA PRO UB 151 80.83 94.01 -16.76
C PRO UB 151 81.96 94.59 -17.59
N PRO UB 152 82.66 93.77 -18.36
CA PRO UB 152 83.76 94.27 -19.20
C PRO UB 152 83.21 95.14 -20.33
N VAL UB 153 83.80 96.32 -20.49
CA VAL UB 153 83.49 97.20 -21.61
C VAL UB 153 84.60 97.06 -22.65
N LEU UB 154 84.22 96.69 -23.87
CA LEU UB 154 85.18 96.43 -24.93
C LEU UB 154 84.94 97.34 -26.12
N GLU UB 155 85.92 97.38 -27.00
CA GLU UB 155 85.85 98.15 -28.23
C GLU UB 155 84.95 97.43 -29.25
N GLU UB 156 84.67 98.12 -30.35
CA GLU UB 156 83.86 97.54 -31.40
C GLU UB 156 84.65 96.47 -32.15
N ARG UB 157 84.06 95.28 -32.28
CA ARG UB 157 84.74 94.18 -32.95
C ARG UB 157 84.76 94.38 -34.46
N ALA UB 158 85.86 93.94 -35.08
CA ALA UB 158 85.98 94.08 -36.52
C ALA UB 158 85.01 93.13 -37.22
N PRO UB 159 84.35 93.60 -38.28
CA PRO UB 159 83.43 92.71 -39.01
C PRO UB 159 84.15 91.53 -39.63
N ILE UB 160 83.46 90.39 -39.67
CA ILE UB 160 84.00 89.17 -40.24
C ILE UB 160 83.62 89.11 -41.71
N ASN UB 161 84.63 89.04 -42.58
CA ASN UB 161 84.43 88.95 -44.02
C ASN UB 161 85.59 88.16 -44.61
N ASP UB 162 85.38 86.87 -44.83
CA ASP UB 162 86.40 86.00 -45.39
C ASP UB 162 85.71 84.86 -46.13
N VAL UB 163 86.33 84.41 -47.21
CA VAL UB 163 85.79 83.35 -48.05
C VAL UB 163 86.72 82.14 -47.95
N LEU UB 164 86.15 80.98 -47.63
CA LEU UB 164 86.93 79.76 -47.53
C LEU UB 164 87.07 79.05 -48.87
N ALA UB 165 86.00 78.98 -49.66
CA ALA UB 165 86.06 78.33 -50.96
C ALA UB 165 84.96 78.91 -51.84
N GLU UB 166 85.15 78.74 -53.16
CA GLU UB 166 84.18 79.19 -54.16
C GLU UB 166 83.90 78.04 -55.11
N ASP UB 167 82.63 77.72 -55.30
CA ASP UB 167 82.20 76.66 -56.21
C ASP UB 167 81.26 77.26 -57.25
N LYS UB 168 81.72 77.34 -58.50
CA LYS UB 168 80.91 77.90 -59.57
C LYS UB 168 79.76 76.98 -59.97
N ILE UB 169 79.85 75.69 -59.66
CA ILE UB 169 78.81 74.75 -60.05
C ILE UB 169 77.52 74.97 -59.27
N LEU UB 170 77.58 75.63 -58.12
CA LEU UB 170 76.44 75.84 -57.24
C LEU UB 170 75.83 77.22 -57.40
N GLU UB 171 75.87 77.77 -58.62
CA GLU UB 171 75.40 79.14 -58.84
C GLU UB 171 73.91 79.28 -58.55
N GLY UB 172 73.11 78.31 -58.96
CA GLY UB 172 71.68 78.38 -58.73
C GLY UB 172 71.05 77.07 -58.33
N THR UB 173 71.84 76.17 -57.75
CA THR UB 173 71.31 74.88 -57.33
C THR UB 173 70.41 75.01 -56.10
N GLU UB 174 70.65 76.02 -55.26
CA GLU UB 174 69.86 76.25 -54.07
C GLU UB 174 69.36 77.69 -54.05
N THR UB 175 68.14 77.88 -53.54
CA THR UB 175 67.56 79.22 -53.44
C THR UB 175 68.02 79.95 -52.19
N ALA UB 176 67.99 79.28 -51.04
CA ALA UB 176 68.44 79.84 -49.78
C ALA UB 176 69.88 79.45 -49.51
N LYS UB 177 70.42 79.94 -48.40
CA LYS UB 177 71.79 79.67 -48.00
C LYS UB 177 71.80 78.69 -46.83
N TYR UB 178 72.85 77.88 -46.76
CA TYR UB 178 72.97 76.86 -45.72
C TYR UB 178 73.94 77.32 -44.64
N VAL UB 179 73.49 77.30 -43.40
CA VAL UB 179 74.31 77.71 -42.26
C VAL UB 179 74.74 76.47 -41.50
N PHE UB 180 76.05 76.33 -41.29
CA PHE UB 180 76.61 75.20 -40.56
C PHE UB 180 77.36 75.72 -39.34
N THR UB 181 77.12 75.07 -38.21
CA THR UB 181 77.71 75.45 -36.93
C THR UB 181 78.49 74.27 -36.38
N ASP UB 182 79.68 74.53 -35.85
CA ASP UB 182 80.46 73.52 -35.14
C ASP UB 182 80.03 73.54 -33.67
N ILE UB 183 79.42 72.44 -33.22
CA ILE UB 183 78.86 72.35 -31.88
C ILE UB 183 79.72 71.40 -31.06
N SER UB 184 80.20 71.89 -29.92
CA SER UB 184 80.99 71.07 -29.00
C SER UB 184 81.00 71.75 -27.65
N TYR UB 185 80.72 70.98 -26.59
CA TYR UB 185 80.68 71.54 -25.24
C TYR UB 185 82.07 71.86 -24.71
N SER UB 186 83.11 71.25 -25.27
CA SER UB 186 84.47 71.41 -24.77
C SER UB 186 85.20 72.60 -25.36
N ILE UB 187 84.58 73.35 -26.26
CA ILE UB 187 85.24 74.49 -26.90
C ILE UB 187 84.51 75.78 -26.54
N PRO UB 188 85.22 76.90 -26.40
CA PRO UB 188 84.54 78.18 -26.15
C PRO UB 188 83.79 78.65 -27.37
N HIS UB 189 82.81 79.53 -27.13
CA HIS UB 189 82.02 80.09 -28.21
C HIS UB 189 82.81 81.02 -29.11
N ARG UB 190 83.96 81.52 -28.64
CA ARG UB 190 84.82 82.36 -29.46
C ARG UB 190 85.62 81.57 -30.49
N GLU UB 191 85.73 80.25 -30.33
CA GLU UB 191 86.48 79.41 -31.26
C GLU UB 191 85.59 78.56 -32.15
N ARG UB 192 84.27 78.67 -32.01
CA ARG UB 192 83.35 77.88 -32.81
C ARG UB 192 83.36 78.35 -34.25
N PHE UB 193 83.16 77.40 -35.18
CA PHE UB 193 83.19 77.68 -36.61
C PHE UB 193 81.76 77.79 -37.13
N ILE UB 194 81.42 78.96 -37.65
CA ILE UB 194 80.12 79.22 -38.27
C ILE UB 194 80.40 79.52 -39.74
N VAL UB 195 79.95 78.64 -40.63
CA VAL UB 195 80.22 78.77 -42.06
C VAL UB 195 78.90 78.78 -42.82
N VAL UB 196 78.74 79.74 -43.72
CA VAL UB 196 77.54 79.88 -44.52
C VAL UB 196 77.90 79.64 -45.98
N ARG UB 197 77.20 78.67 -46.59
CA ARG UB 197 77.28 78.42 -48.02
C ARG UB 197 76.16 79.21 -48.69
N GLU UB 198 76.53 80.24 -49.44
CA GLU UB 198 75.55 81.09 -50.10
C GLU UB 198 74.95 80.36 -51.31
N PRO UB 199 73.74 80.77 -51.72
CA PRO UB 199 73.16 80.18 -52.94
C PRO UB 199 73.96 80.45 -54.19
N SER UB 200 74.83 81.45 -54.20
CA SER UB 200 75.68 81.72 -55.36
C SER UB 200 76.78 80.69 -55.53
N GLY UB 201 77.07 79.90 -54.50
CA GLY UB 201 78.09 78.88 -54.57
C GLY UB 201 79.33 79.13 -53.72
N THR UB 202 79.43 80.26 -53.04
CA THR UB 202 80.59 80.54 -52.19
C THR UB 202 80.35 80.02 -50.78
N LEU UB 203 81.44 79.83 -50.04
CA LEU UB 203 81.40 79.39 -48.65
C LEU UB 203 82.21 80.40 -47.84
N ARG UB 204 81.52 81.21 -47.04
CA ARG UB 204 82.19 82.26 -46.27
C ARG UB 204 81.94 82.05 -44.78
N LYS UB 205 82.63 82.85 -43.97
CA LYS UB 205 82.39 82.86 -42.54
C LYS UB 205 81.25 83.79 -42.20
N ALA UB 206 80.38 83.33 -41.30
CA ALA UB 206 79.22 84.11 -40.91
C ALA UB 206 79.64 85.38 -40.18
N SER UB 207 78.87 86.45 -40.39
CA SER UB 207 79.11 87.71 -39.70
C SER UB 207 78.78 87.57 -38.22
N TRP UB 208 78.99 88.66 -37.48
CA TRP UB 208 78.75 88.62 -36.04
C TRP UB 208 77.26 88.45 -35.71
N GLU UB 209 76.39 89.12 -36.46
CA GLU UB 209 74.96 89.03 -36.20
C GLU UB 209 74.45 87.59 -36.37
N GLU UB 210 74.91 86.90 -37.41
CA GLU UB 210 74.58 85.50 -37.60
C GLU UB 210 75.28 84.58 -36.61
N ARG UB 211 76.53 84.88 -36.26
CA ARG UB 211 77.26 84.02 -35.34
C ARG UB 211 76.62 84.02 -33.96
N ASP UB 212 76.30 85.20 -33.42
CA ASP UB 212 75.65 85.26 -32.12
C ASP UB 212 74.27 84.60 -32.13
N ARG UB 213 73.49 84.84 -33.19
CA ARG UB 213 72.16 84.24 -33.27
C ARG UB 213 72.23 82.72 -33.33
N MET UB 214 73.15 82.18 -34.15
CA MET UB 214 73.28 80.73 -34.25
C MET UB 214 73.87 80.11 -33.00
N ILE UB 215 74.75 80.83 -32.30
CA ILE UB 215 75.23 80.34 -31.01
C ILE UB 215 74.09 80.30 -30.00
N GLN UB 216 73.25 81.32 -29.99
CA GLN UB 216 72.10 81.33 -29.08
C GLN UB 216 71.11 80.23 -29.41
N VAL UB 217 70.92 79.92 -30.69
CA VAL UB 217 69.95 78.91 -31.08
C VAL UB 217 70.30 77.55 -30.49
N TYR UB 218 71.57 77.15 -30.58
CA TYR UB 218 71.99 75.82 -30.14
C TYR UB 218 72.50 75.78 -28.72
N PHE UB 219 72.84 76.92 -28.12
CA PHE UB 219 73.24 77.01 -26.71
C PHE UB 219 72.49 78.16 -26.07
N PRO UB 220 71.18 78.03 -25.88
CA PRO UB 220 70.40 79.14 -25.32
C PRO UB 220 70.72 79.36 -23.85
N ARG UB 221 70.79 80.63 -23.47
CA ARG UB 221 70.95 81.03 -22.08
C ARG UB 221 69.83 81.98 -21.70
N GLU UB 222 69.39 81.88 -20.44
CA GLU UB 222 68.29 82.69 -19.96
C GLU UB 222 68.63 84.17 -20.04
N GLY UB 223 67.70 84.96 -20.59
CA GLY UB 223 67.90 86.38 -20.76
C GLY UB 223 68.29 86.80 -22.15
N ARG UB 224 68.39 85.87 -23.10
CA ARG UB 224 68.76 86.17 -24.47
C ARG UB 224 67.61 85.82 -25.42
N ARG UB 225 67.41 86.68 -26.41
CA ARG UB 225 66.38 86.46 -27.43
C ARG UB 225 67.06 86.26 -28.78
N ILE UB 226 66.59 85.25 -29.52
CA ILE UB 226 67.17 84.94 -30.82
C ILE UB 226 66.94 86.11 -31.79
N LEU UB 227 65.73 86.63 -31.82
CA LEU UB 227 65.40 87.78 -32.67
C LEU UB 227 65.71 89.08 -31.93
N THR UB 228 65.68 90.17 -32.68
CA THR UB 228 65.94 91.49 -32.10
C THR UB 228 64.71 91.95 -31.33
N PRO UB 229 64.82 92.23 -30.03
CA PRO UB 229 63.67 92.70 -29.28
C PRO UB 229 63.21 94.08 -29.73
N VAL UB 230 61.91 94.32 -29.59
CA VAL UB 230 61.35 95.62 -29.95
C VAL UB 230 61.60 96.67 -28.88
N ILE UB 231 61.92 96.24 -27.65
CA ILE UB 231 62.12 97.17 -26.55
C ILE UB 231 63.36 98.03 -26.76
N PHE UB 232 64.28 97.62 -27.62
CA PHE UB 232 65.52 98.35 -27.86
C PHE UB 232 65.38 99.42 -28.93
N LYS UB 233 64.19 99.63 -29.47
CA LYS UB 233 63.99 100.68 -30.46
C LYS UB 233 64.04 102.05 -29.79
N GLU UB 234 64.10 103.10 -30.63
CA GLU UB 234 64.27 104.45 -30.11
C GLU UB 234 63.07 104.91 -29.30
N GLU UB 235 61.85 104.58 -29.75
CA GLU UB 235 60.66 105.01 -29.04
C GLU UB 235 60.50 104.26 -27.72
N ASN UB 236 60.65 102.93 -27.75
CA ASN UB 236 60.53 102.14 -26.53
C ASN UB 236 61.63 102.44 -25.52
N LEU UB 237 62.85 102.68 -25.99
CA LEU UB 237 63.94 103.04 -25.08
C LEU UB 237 63.66 104.37 -24.38
N GLN UB 238 63.16 105.36 -25.13
CA GLN UB 238 62.79 106.64 -24.51
C GLN UB 238 61.63 106.49 -23.54
N THR UB 239 60.63 105.68 -23.89
CA THR UB 239 59.52 105.43 -22.98
C THR UB 239 60.00 104.77 -21.69
N MET UB 240 60.92 103.82 -21.80
CA MET UB 240 61.47 103.16 -20.62
C MET UB 240 62.32 104.13 -19.80
N TYR UB 241 63.06 105.03 -20.46
CA TYR UB 241 63.80 106.06 -19.75
C TYR UB 241 62.89 107.01 -19.00
N SER UB 242 61.71 107.31 -19.57
CA SER UB 242 60.75 108.17 -18.91
C SER UB 242 60.30 107.61 -17.56
N GLN UB 243 60.42 106.29 -17.35
CA GLN UB 243 60.09 105.65 -16.09
C GLN UB 243 61.32 105.40 -15.23
N ASP UB 244 62.42 106.10 -15.50
CA ASP UB 244 63.70 105.94 -14.79
C ASP UB 244 64.03 104.47 -14.54
N GLN UB 245 64.08 103.70 -15.63
CA GLN UB 245 64.41 102.28 -15.59
C GLN UB 245 65.72 102.01 -16.33
N HIS UB 246 66.68 102.93 -16.18
CA HIS UB 246 67.98 102.79 -16.84
C HIS UB 246 68.77 101.59 -16.33
N VAL UB 247 68.66 101.26 -15.04
CA VAL UB 247 69.33 100.06 -14.53
C VAL UB 247 68.80 98.82 -15.22
N ASP UB 248 67.48 98.72 -15.36
CA ASP UB 248 66.89 97.61 -16.09
C ASP UB 248 67.28 97.60 -17.56
N VAL UB 249 67.36 98.78 -18.19
CA VAL UB 249 67.80 98.84 -19.58
C VAL UB 249 69.23 98.31 -19.72
N LEU UB 250 70.12 98.73 -18.82
CA LEU UB 250 71.51 98.28 -18.87
C LEU UB 250 71.61 96.77 -18.63
N ASN UB 251 70.88 96.26 -17.63
CA ASN UB 251 70.91 94.84 -17.34
C ASN UB 251 70.35 94.00 -18.49
N LEU UB 252 69.30 94.48 -19.16
CA LEU UB 252 68.75 93.76 -20.30
C LEU UB 252 69.72 93.79 -21.48
N CYS UB 253 70.33 94.95 -21.75
CA CYS UB 253 71.24 95.07 -22.87
C CYS UB 253 72.50 94.23 -22.69
N VAL UB 254 73.06 94.18 -21.48
CA VAL UB 254 74.25 93.38 -21.24
C VAL UB 254 73.95 91.90 -21.47
N ALA UB 255 72.80 91.43 -20.98
CA ALA UB 255 72.42 90.03 -21.19
C ALA UB 255 72.16 89.75 -22.67
N GLN UB 256 71.51 90.67 -23.37
CA GLN UB 256 71.10 90.40 -24.75
C GLN UB 256 72.29 90.42 -25.70
N PHE UB 257 73.17 91.42 -25.57
CA PHE UB 257 74.21 91.65 -26.56
C PHE UB 257 75.60 91.42 -25.96
N GLU UB 258 76.54 91.06 -26.85
CA GLU UB 258 77.94 90.91 -26.49
C GLU UB 258 78.55 92.26 -26.14
N PRO UB 259 79.44 92.31 -25.14
CA PRO UB 259 80.03 93.61 -24.77
C PRO UB 259 80.86 94.25 -25.88
N ASP UB 260 81.35 93.47 -26.83
CA ASP UB 260 82.17 93.99 -27.93
C ASP UB 260 81.39 94.18 -29.22
N SER UB 261 80.07 94.00 -29.19
CA SER UB 261 79.25 94.14 -30.38
C SER UB 261 78.99 95.62 -30.66
N ALA UB 262 78.24 95.90 -31.73
CA ALA UB 262 77.99 97.28 -32.15
C ALA UB 262 76.75 97.87 -31.47
N GLU UB 263 75.63 97.15 -31.50
CA GLU UB 263 74.42 97.65 -30.88
C GLU UB 263 74.55 97.76 -29.36
N TYR UB 264 75.34 96.89 -28.74
CA TYR UB 264 75.60 97.01 -27.30
C TYR UB 264 76.22 98.36 -26.97
N ILE UB 265 77.30 98.71 -27.67
CA ILE UB 265 77.94 100.01 -27.48
C ILE UB 265 77.02 101.15 -27.84
N LYS UB 266 76.24 101.01 -28.91
CA LYS UB 266 75.30 102.07 -29.30
C LYS UB 266 74.29 102.34 -28.18
N ILE UB 267 73.68 101.29 -27.64
CA ILE UB 267 72.66 101.46 -26.61
C ILE UB 267 73.28 101.97 -25.32
N HIS UB 268 74.47 101.49 -24.97
CA HIS UB 268 75.13 101.97 -23.75
C HIS UB 268 75.50 103.45 -23.88
N HIS UB 269 76.01 103.86 -25.03
CA HIS UB 269 76.30 105.28 -25.23
C HIS UB 269 75.02 106.11 -25.24
N HIS UB 270 73.93 105.58 -25.79
CA HIS UB 270 72.67 106.30 -25.79
C HIS UB 270 72.14 106.50 -24.36
N THR UB 271 72.20 105.46 -23.52
CA THR UB 271 71.72 105.64 -22.15
C THR UB 271 72.68 106.48 -21.32
N TYR UB 272 73.97 106.44 -21.61
CA TYR UB 272 74.91 107.34 -20.93
C TYR UB 272 74.69 108.80 -21.34
N GLU UB 273 74.28 109.04 -22.60
CA GLU UB 273 73.87 110.38 -22.99
C GLU UB 273 72.57 110.79 -22.31
N ASP UB 274 71.61 109.88 -22.21
CA ASP UB 274 70.34 110.20 -21.57
C ASP UB 274 70.51 110.54 -20.09
N ILE UB 275 71.33 109.76 -19.36
CA ILE UB 275 71.47 110.00 -17.92
C ILE UB 275 72.14 111.34 -17.63
N ASP UB 276 73.18 111.71 -18.37
CA ASP UB 276 73.84 112.98 -18.16
C ASP UB 276 73.11 114.15 -18.81
N LYS UB 277 72.18 113.88 -19.73
CA LYS UB 277 71.30 114.93 -20.23
C LYS UB 277 70.22 115.25 -19.21
N CYS UB 278 69.67 114.23 -18.55
CA CYS UB 278 68.59 114.42 -17.59
C CYS UB 278 69.10 114.57 -16.15
N GLY UB 279 70.39 114.49 -15.92
CA GLY UB 279 70.90 114.60 -14.56
C GLY UB 279 70.49 113.46 -13.66
N LYS UB 280 70.49 112.23 -14.18
CA LYS UB 280 70.04 111.06 -13.45
C LYS UB 280 71.20 110.17 -12.98
N TYR UB 281 72.31 110.79 -12.58
CA TYR UB 281 73.45 110.01 -12.10
C TYR UB 281 73.13 109.25 -10.82
N ASP UB 282 72.15 109.73 -10.04
CA ASP UB 282 71.82 109.07 -8.79
C ASP UB 282 71.17 107.70 -9.00
N LEU UB 283 70.61 107.45 -10.19
CA LEU UB 283 70.00 106.15 -10.45
C LEU UB 283 71.04 105.03 -10.43
N LEU UB 284 72.23 105.29 -10.97
CA LEU UB 284 73.28 104.29 -11.05
C LEU UB 284 74.30 104.42 -9.92
N ARG UB 285 73.86 104.86 -8.74
CA ARG UB 285 74.77 105.09 -7.64
C ARG UB 285 75.47 103.81 -7.20
N SER UB 286 74.68 102.83 -6.73
CA SER UB 286 75.23 101.62 -6.14
C SER UB 286 75.06 100.39 -7.03
N THR UB 287 74.73 100.58 -8.31
CA THR UB 287 74.58 99.45 -9.20
C THR UB 287 75.94 98.99 -9.70
N ARG UB 288 75.94 98.01 -10.60
CA ARG UB 288 77.17 97.48 -11.17
C ARG UB 288 77.56 98.18 -12.48
N HIS UB 289 76.93 99.30 -12.80
CA HIS UB 289 77.20 100.00 -14.06
C HIS UB 289 77.71 101.42 -13.83
N PHE UB 290 77.97 101.80 -12.57
CA PHE UB 290 78.50 103.13 -12.30
C PHE UB 290 79.90 103.30 -12.87
N GLY UB 291 80.74 102.26 -12.75
CA GLY UB 291 82.07 102.33 -13.33
C GLY UB 291 82.07 102.42 -14.84
N GLY UB 292 81.12 101.75 -15.50
CA GLY UB 292 81.05 101.85 -16.95
C GLY UB 292 80.73 103.25 -17.43
N MET UB 293 79.74 103.90 -16.82
CA MET UB 293 79.42 105.27 -17.19
C MET UB 293 80.53 106.25 -16.78
N ALA UB 294 81.20 106.01 -15.65
CA ALA UB 294 82.34 106.86 -15.29
C ALA UB 294 83.47 106.73 -16.31
N TRP UB 295 83.76 105.50 -16.76
CA TRP UB 295 84.80 105.30 -17.75
C TRP UB 295 84.41 105.84 -19.12
N TYR UB 296 83.13 105.83 -19.45
CA TYR UB 296 82.68 106.49 -20.68
C TYR UB 296 82.80 108.01 -20.57
N PHE UB 297 82.46 108.58 -19.41
CA PHE UB 297 82.52 110.02 -19.26
C PHE UB 297 83.95 110.55 -19.22
N VAL UB 298 84.88 109.81 -18.61
CA VAL UB 298 86.26 110.27 -18.62
C VAL UB 298 86.83 110.22 -20.04
N ASN UB 299 86.41 109.23 -20.84
CA ASN UB 299 86.85 109.18 -22.23
C ASN UB 299 86.23 110.28 -23.07
N LYS UB 300 84.97 110.62 -22.84
CA LYS UB 300 84.28 111.63 -23.62
C LYS UB 300 84.48 113.04 -23.06
N LYS UB 301 85.19 113.19 -21.95
CA LYS UB 301 85.46 114.50 -21.33
C LYS UB 301 84.18 115.25 -20.99
N LYS UB 302 83.16 114.54 -20.51
CA LYS UB 302 81.92 115.15 -20.05
C LYS UB 302 81.76 114.85 -18.57
N ILE UB 303 82.30 115.74 -17.73
CA ILE UB 303 82.34 115.56 -16.30
C ILE UB 303 81.53 116.61 -15.54
N ASP UB 304 80.98 117.61 -16.25
CA ASP UB 304 80.36 118.74 -15.56
C ASP UB 304 79.17 118.29 -14.71
N GLY UB 305 78.22 117.56 -15.31
CA GLY UB 305 77.06 117.13 -14.56
C GLY UB 305 77.38 116.13 -13.46
N LEU UB 306 78.22 115.14 -13.76
CA LEU UB 306 78.54 114.12 -12.77
C LEU UB 306 79.28 114.71 -11.58
N LEU UB 307 80.21 115.63 -11.83
CA LEU UB 307 80.98 116.22 -10.73
C LEU UB 307 80.07 117.05 -9.82
N ILE UB 308 79.20 117.87 -10.39
CA ILE UB 308 78.30 118.66 -9.56
C ILE UB 308 77.28 117.78 -8.84
N ASP UB 309 76.82 116.69 -9.47
CA ASP UB 309 75.94 115.76 -8.77
C ASP UB 309 76.65 115.12 -7.58
N GLN UB 310 77.89 114.68 -7.76
CA GLN UB 310 78.64 114.10 -6.66
C GLN UB 310 78.89 115.10 -5.55
N ILE UB 311 79.19 116.36 -5.90
CA ILE UB 311 79.40 117.38 -4.89
C ILE UB 311 78.10 117.65 -4.12
N GLN UB 312 76.97 117.75 -4.85
CA GLN UB 312 75.69 117.99 -4.19
C GLN UB 312 75.30 116.82 -3.29
N ARG UB 313 75.72 115.60 -3.63
CA ARG UB 313 75.46 114.44 -2.80
C ARG UB 313 76.40 114.34 -1.61
N ASP UB 314 77.14 115.41 -1.29
CA ASP UB 314 78.10 115.43 -0.19
C ASP UB 314 79.14 114.32 -0.34
N LEU UB 315 79.58 114.10 -1.58
CA LEU UB 315 80.58 113.09 -1.90
C LEU UB 315 81.82 113.81 -2.43
N VAL UB 316 82.81 113.99 -1.57
CA VAL UB 316 84.06 114.65 -1.95
C VAL UB 316 85.11 113.58 -2.21
N SER UB 317 84.98 112.44 -1.51
CA SER UB 317 85.89 111.33 -1.76
C SER UB 317 85.67 110.73 -3.13
N ASP UB 318 84.43 110.74 -3.62
CA ASP UB 318 84.12 110.23 -4.95
C ASP UB 318 84.49 111.22 -6.06
N ALA UB 319 84.78 112.47 -5.71
CA ALA UB 319 85.20 113.47 -6.68
C ALA UB 319 86.71 113.62 -6.75
N THR UB 320 87.39 113.56 -5.60
CA THR UB 320 88.85 113.59 -5.61
C THR UB 320 89.44 112.36 -6.29
N SER UB 321 88.65 111.28 -6.37
CA SER UB 321 89.06 110.10 -7.12
C SER UB 321 88.64 110.17 -8.58
N LEU UB 322 87.52 110.83 -8.88
CA LEU UB 322 87.12 111.03 -10.27
C LEU UB 322 88.12 111.92 -11.00
N VAL UB 323 88.58 112.99 -10.34
CA VAL UB 323 89.59 113.84 -10.95
C VAL UB 323 90.92 113.11 -11.11
N HIS UB 324 91.27 112.22 -10.17
CA HIS UB 324 92.47 111.41 -10.33
C HIS UB 324 92.34 110.45 -11.51
N LEU UB 325 91.17 109.83 -11.68
CA LEU UB 325 90.94 109.00 -12.86
C LEU UB 325 91.02 109.80 -14.15
N TYR UB 326 90.49 111.03 -14.15
CA TYR UB 326 90.61 111.88 -15.33
C TYR UB 326 92.05 112.21 -15.64
N HIS UB 327 92.85 112.53 -14.61
CA HIS UB 327 94.27 112.78 -14.81
C HIS UB 327 95.00 111.55 -15.33
N ILE UB 328 94.66 110.37 -14.83
CA ILE UB 328 95.27 109.14 -15.32
C ILE UB 328 94.93 108.90 -16.78
N LEU UB 329 93.65 109.10 -17.14
CA LEU UB 329 93.22 108.86 -18.51
C LEU UB 329 93.72 109.93 -19.48
N HIS UB 330 94.05 111.13 -18.99
CA HIS UB 330 94.58 112.20 -19.82
C HIS UB 330 95.88 112.69 -19.18
N PRO UB 331 96.96 111.91 -19.30
CA PRO UB 331 98.24 112.35 -18.72
C PRO UB 331 98.74 113.65 -19.32
N ASP UB 332 98.49 113.89 -20.59
CA ASP UB 332 98.95 115.10 -21.27
C ASP UB 332 97.82 116.10 -21.35
N GLY UB 333 97.85 117.10 -20.46
CA GLY UB 333 96.84 118.12 -20.46
C GLY UB 333 97.21 119.20 -19.46
N GLN UB 334 96.60 120.38 -19.67
CA GLN UB 334 96.83 121.50 -18.77
C GLN UB 334 96.30 121.23 -17.37
N SER UB 335 95.23 120.45 -17.23
CA SER UB 335 94.73 120.07 -15.91
C SER UB 335 95.67 119.11 -15.20
N ALA UB 336 96.24 118.15 -15.95
CA ALA UB 336 97.15 117.18 -15.35
C ALA UB 336 98.48 117.80 -14.97
N GLN UB 337 99.06 118.63 -15.85
CA GLN UB 337 100.36 119.23 -15.57
C GLN UB 337 100.29 120.27 -14.47
N GLU UB 338 99.21 121.05 -14.41
CA GLU UB 338 99.08 122.06 -13.36
C GLU UB 338 98.97 121.42 -11.98
N ALA UB 339 98.28 120.30 -11.87
CA ALA UB 339 98.20 119.59 -10.60
C ALA UB 339 99.57 119.12 -10.14
N LYS UB 340 100.38 118.57 -11.06
CA LYS UB 340 101.74 118.16 -10.71
C LYS UB 340 102.61 119.35 -10.32
N LYS UB 341 102.51 120.46 -11.05
CA LYS UB 341 103.37 121.60 -10.76
C LYS UB 341 102.93 122.33 -9.48
N GLN UB 342 101.67 122.17 -9.08
CA GLN UB 342 101.19 122.89 -7.90
C GLN UB 342 101.25 122.03 -6.64
N GLY UB 343 101.14 120.71 -6.78
CA GLY UB 343 101.11 119.84 -5.62
C GLY UB 343 99.86 120.04 -4.79
N ALA UB 344 98.73 120.22 -5.47
CA ALA UB 344 97.47 120.51 -4.80
C ALA UB 344 96.97 119.28 -4.04
N GLU UB 345 96.17 119.55 -3.01
CA GLU UB 345 95.58 118.48 -2.20
C GLU UB 345 94.39 117.88 -2.95
N GLY UB 346 93.79 116.86 -2.33
CA GLY UB 346 92.64 116.21 -2.95
C GLY UB 346 91.46 117.15 -3.11
N LEU UB 347 91.22 118.01 -2.13
CA LEU UB 347 90.14 118.99 -2.24
C LEU UB 347 90.43 120.05 -3.29
N HIS UB 348 91.70 120.42 -3.46
CA HIS UB 348 92.09 121.42 -4.45
C HIS UB 348 92.24 120.85 -5.85
N LEU UB 349 92.25 119.53 -6.01
CA LEU UB 349 92.35 118.94 -7.34
C LEU UB 349 91.12 119.21 -8.19
N ILE UB 350 90.01 119.62 -7.59
CA ILE UB 350 88.80 119.89 -8.37
C ILE UB 350 88.83 121.30 -8.95
N LYS UB 351 89.42 122.26 -8.24
CA LYS UB 351 89.43 123.65 -8.70
C LYS UB 351 90.25 123.80 -9.98
N VAL UB 352 91.40 123.14 -10.08
CA VAL UB 352 92.21 123.24 -11.28
C VAL UB 352 91.48 122.67 -12.49
N PHE UB 353 90.83 121.52 -12.32
CA PHE UB 353 90.04 120.96 -13.42
C PHE UB 353 88.85 121.86 -13.78
N ALA UB 354 88.23 122.49 -12.78
CA ALA UB 354 87.14 123.40 -13.06
C ALA UB 354 87.59 124.63 -13.84
N LYS UB 355 88.77 125.17 -13.53
CA LYS UB 355 89.28 126.36 -14.20
C LYS UB 355 89.87 126.07 -15.56
N THR UB 356 90.50 124.91 -15.76
CA THR UB 356 91.23 124.66 -16.99
C THR UB 356 90.33 124.12 -18.10
N GLU UB 357 89.75 122.94 -17.89
CA GLU UB 357 89.08 122.22 -18.96
C GLU UB 357 87.61 121.94 -18.69
N ALA UB 358 87.01 122.55 -17.68
CA ALA UB 358 85.61 122.35 -17.40
C ALA UB 358 84.76 123.35 -18.16
N GLN UB 359 83.77 122.84 -18.91
CA GLN UB 359 82.91 123.71 -19.69
C GLN UB 359 81.98 124.54 -18.79
N LYS UB 360 81.38 123.90 -17.79
CA LYS UB 360 80.56 124.61 -16.81
C LYS UB 360 81.39 124.88 -15.55
N GLY UB 361 82.53 125.56 -15.78
CA GLY UB 361 83.41 125.90 -14.68
C GLY UB 361 82.79 126.82 -13.67
N ALA UB 362 81.97 127.78 -14.11
CA ALA UB 362 81.29 128.66 -13.17
C ALA UB 362 80.34 127.88 -12.27
N TYR UB 363 79.56 126.96 -12.83
CA TYR UB 363 78.69 126.13 -12.02
C TYR UB 363 79.47 125.24 -11.05
N ILE UB 364 80.57 124.64 -11.51
CA ILE UB 364 81.36 123.79 -10.64
C ILE UB 364 81.93 124.59 -9.48
N GLU UB 365 82.47 125.78 -9.77
CA GLU UB 365 83.05 126.60 -8.72
C GLU UB 365 81.98 127.10 -7.76
N LEU UB 366 80.79 127.46 -8.28
CA LEU UB 366 79.70 127.87 -7.40
C LEU UB 366 79.26 126.74 -6.48
N THR UB 367 79.16 125.51 -7.01
CA THR UB 367 78.82 124.38 -6.16
C THR UB 367 79.89 124.12 -5.10
N LEU UB 368 81.16 124.24 -5.49
CA LEU UB 368 82.24 124.06 -4.52
C LEU UB 368 82.18 125.12 -3.42
N GLN UB 369 81.92 126.37 -3.79
CA GLN UB 369 81.80 127.43 -2.79
C GLN UB 369 80.60 127.19 -1.87
N ALA UB 370 79.48 126.74 -2.44
CA ALA UB 370 78.31 126.43 -1.62
C ALA UB 370 78.60 125.30 -0.64
N TYR UB 371 79.31 124.27 -1.07
CA TYR UB 371 79.72 123.21 -0.15
C TYR UB 371 80.68 123.72 0.91
N GLN UB 372 81.63 124.60 0.54
CA GLN UB 372 82.60 125.11 1.50
C GLN UB 372 81.93 125.95 2.58
N GLU UB 373 81.00 126.82 2.17
CA GLU UB 373 80.36 127.73 3.13
C GLU UB 373 79.36 127.02 4.03
N ALA UB 374 79.03 125.77 3.75
CA ALA UB 374 78.04 125.03 4.54
C ALA UB 374 78.64 123.91 5.37
N PHE UB 375 79.55 123.12 4.80
CA PHE UB 375 80.09 121.97 5.52
C PHE UB 375 80.89 122.41 6.75
N ILE UB 376 81.74 123.42 6.60
CA ILE UB 376 82.55 123.89 7.72
C ILE UB 376 81.67 124.49 8.80
N THR UB 377 80.66 125.27 8.41
CA THR UB 377 79.78 125.91 9.39
C THR UB 377 78.96 124.87 10.15
N HIS UB 378 78.40 123.89 9.46
CA HIS UB 378 77.56 122.91 10.13
C HIS UB 378 78.38 121.87 10.90
N SER UB 379 79.62 121.62 10.48
CA SER UB 379 80.46 120.64 11.16
C SER UB 379 81.83 121.24 11.50
N ALA VB 2 33.06 97.14 23.49
CA ALA VB 2 32.91 97.28 24.93
C ALA VB 2 34.18 96.88 25.66
N GLY VB 3 34.56 95.63 25.52
CA GLY VB 3 35.75 95.13 26.17
C GLY VB 3 35.95 93.66 25.92
N SER VB 4 36.86 93.06 26.68
CA SER VB 4 37.19 91.66 26.58
C SER VB 4 36.87 90.98 27.90
N ARG VB 5 35.89 90.08 27.90
CA ARG VB 5 35.51 89.32 29.09
C ARG VB 5 36.19 87.96 29.13
N LEU VB 6 37.36 87.83 28.53
CA LEU VB 6 38.08 86.56 28.49
C LEU VB 6 39.05 86.50 29.67
N GLU VB 7 39.03 85.38 30.40
CA GLU VB 7 39.80 85.27 31.63
C GLU VB 7 41.08 84.45 31.47
N THR VB 8 41.01 83.32 30.77
CA THR VB 8 42.15 82.41 30.67
C THR VB 8 43.15 82.82 29.60
N VAL VB 9 42.84 83.81 28.78
CA VAL VB 9 43.74 84.19 27.69
C VAL VB 9 45.00 84.85 28.23
N GLY VB 10 44.86 85.72 29.23
CA GLY VB 10 46.00 86.45 29.75
C GLY VB 10 45.67 87.37 30.89
N SER VB 11 46.37 88.49 30.99
CA SER VB 11 46.20 89.42 32.10
C SER VB 11 45.33 90.61 31.68
N ILE VB 12 44.75 91.27 32.69
CA ILE VB 12 43.93 92.44 32.44
C ILE VB 12 44.72 93.58 31.83
N PHE VB 13 45.98 93.77 32.24
CA PHE VB 13 46.80 94.82 31.64
C PHE VB 13 47.00 94.58 30.16
N SER VB 14 47.32 93.34 29.77
CA SER VB 14 47.47 93.03 28.35
C SER VB 14 46.15 93.19 27.60
N ARG VB 15 45.05 92.70 28.17
CA ARG VB 15 43.76 92.78 27.50
C ARG VB 15 43.22 94.20 27.41
N THR VB 16 43.71 95.12 28.25
CA THR VB 16 43.35 96.52 28.12
C THR VB 16 44.30 97.28 27.20
N ARG VB 17 45.57 96.88 27.15
CA ARG VB 17 46.53 97.55 26.29
C ARG VB 17 46.31 97.19 24.82
N ASP VB 18 46.09 95.90 24.53
CA ASP VB 18 45.93 95.48 23.14
C ASP VB 18 44.64 96.02 22.54
N LEU VB 19 43.60 96.17 23.35
CA LEU VB 19 42.34 96.72 22.85
C LEU VB 19 42.53 98.17 22.39
N ILE VB 20 43.22 98.97 23.20
CA ILE VB 20 43.51 100.35 22.79
C ILE VB 20 44.47 100.38 21.60
N ARG VB 21 45.42 99.44 21.57
CA ARG VB 21 46.35 99.37 20.44
C ARG VB 21 45.60 99.11 19.13
N ALA VB 22 44.64 98.19 19.17
CA ALA VB 22 43.78 97.95 18.01
C ALA VB 22 42.79 99.08 17.76
N GLY VB 23 42.48 99.88 18.78
CA GLY VB 23 41.60 101.01 18.61
C GLY VB 23 40.15 100.76 18.97
N VAL VB 24 39.83 99.60 19.55
CA VAL VB 24 38.46 99.30 19.96
C VAL VB 24 38.11 100.15 21.18
N LEU VB 25 39.00 100.15 22.16
CA LEU VB 25 38.79 100.92 23.39
C LEU VB 25 39.39 102.31 23.20
N LYS VB 26 38.53 103.29 22.92
CA LYS VB 26 38.97 104.64 22.65
C LYS VB 26 39.17 105.47 23.92
N GLU VB 27 38.83 104.92 25.09
CA GLU VB 27 39.00 105.60 26.37
C GLU VB 27 40.00 104.82 27.21
N LYS VB 28 41.05 105.49 27.65
CA LYS VB 28 42.08 104.84 28.43
C LYS VB 28 41.70 104.81 29.90
N PRO VB 29 41.66 103.64 30.55
CA PRO VB 29 41.31 103.58 31.96
C PRO VB 29 42.33 104.32 32.82
N LEU VB 30 41.84 104.85 33.94
CA LEU VB 30 42.70 105.62 34.84
C LEU VB 30 43.73 104.74 35.52
N TRP VB 31 43.41 103.46 35.72
CA TRP VB 31 44.34 102.55 36.40
C TRP VB 31 45.44 102.03 35.47
N LEU VB 32 45.29 102.19 34.15
CA LEU VB 32 46.31 101.73 33.22
C LEU VB 32 47.61 102.51 33.40
N ASP VB 33 47.52 103.83 33.57
CA ASP VB 33 48.71 104.63 33.84
C ASP VB 33 49.38 104.23 35.14
N ILE VB 34 48.58 103.97 36.18
CA ILE VB 34 49.15 103.54 37.45
C ILE VB 34 49.85 102.19 37.31
N TYR VB 35 49.24 101.26 36.56
CA TYR VB 35 49.87 99.97 36.31
C TYR VB 35 51.19 100.14 35.55
N ASN VB 36 51.21 101.01 34.54
CA ASN VB 36 52.45 101.26 33.81
C ASN VB 36 53.51 101.87 34.71
N ALA VB 37 53.13 102.80 35.58
CA ALA VB 37 54.09 103.45 36.46
C ALA VB 37 54.67 102.48 37.49
N PHE VB 38 53.81 101.68 38.12
CA PHE VB 38 54.21 100.75 39.17
C PHE VB 38 53.67 99.36 38.87
N PRO VB 39 54.30 98.64 37.93
CA PRO VB 39 53.84 97.29 37.62
C PRO VB 39 54.05 96.36 38.81
N PRO VB 40 53.19 95.37 38.99
CA PRO VB 40 53.37 94.42 40.10
C PRO VB 40 54.49 93.44 39.83
N LEU VB 41 54.86 92.65 40.85
CA LEU VB 41 55.93 91.69 40.69
C LEU VB 41 55.55 90.59 39.69
N ARG VB 42 54.31 90.12 39.75
CA ARG VB 42 53.84 89.05 38.87
C ARG VB 42 52.70 89.57 38.01
N GLU VB 43 52.76 89.27 36.71
CA GLU VB 43 51.68 89.63 35.82
C GLU VB 43 50.43 88.82 36.15
N PRO VB 44 49.27 89.46 36.27
CA PRO VB 44 48.06 88.72 36.67
C PRO VB 44 47.49 87.85 35.55
N VAL VB 45 48.24 86.86 35.10
CA VAL VB 45 47.76 85.92 34.10
C VAL VB 45 47.14 84.71 34.80
N PHE VB 46 46.11 84.14 34.18
CA PHE VB 46 45.42 82.99 34.75
C PHE VB 46 46.29 81.74 34.66
N ARG VB 47 46.43 81.05 35.78
CA ARG VB 47 47.15 79.77 35.83
C ARG VB 47 46.25 78.74 36.48
N ARG VB 48 46.10 77.60 35.81
CA ARG VB 48 45.20 76.56 36.31
C ARG VB 48 45.91 75.73 37.38
N PRO VB 49 45.33 75.59 38.57
CA PRO VB 49 45.99 74.79 39.62
C PRO VB 49 45.95 73.30 39.33
N ARG VB 50 46.86 72.83 38.47
CA ARG VB 50 46.95 71.42 38.18
C ARG VB 50 47.43 70.65 39.40
N LEU VB 51 46.89 69.44 39.58
CA LEU VB 51 47.29 68.60 40.70
C LEU VB 51 48.64 67.97 40.43
N ARG VB 52 49.42 67.81 41.50
CA ARG VB 52 50.78 67.28 41.43
C ARG VB 52 50.73 65.77 41.65
N TYR VB 53 51.24 65.01 40.69
CA TYR VB 53 51.26 63.56 40.76
C TYR VB 53 52.69 63.04 40.75
N GLY VB 54 52.81 61.72 40.93
CA GLY VB 54 54.11 61.07 40.83
C GLY VB 54 55.03 61.40 41.99
N LYS VB 55 56.33 61.37 41.70
CA LYS VB 55 57.35 61.63 42.70
C LYS VB 55 57.57 63.11 42.96
N ALA VB 56 56.91 63.99 42.22
CA ALA VB 56 57.08 65.42 42.41
C ALA VB 56 56.56 65.84 43.78
N LYS VB 57 57.29 66.74 44.43
CA LYS VB 57 56.93 67.24 45.75
C LYS VB 57 57.14 68.74 45.78
N ALA VB 58 56.43 69.41 46.69
CA ALA VB 58 56.53 70.85 46.82
C ALA VB 58 57.94 71.26 47.25
N ALA VB 59 58.34 72.46 46.85
CA ALA VB 59 59.67 72.97 47.12
C ALA VB 59 59.79 73.65 48.49
N VAL VB 60 58.70 73.69 49.25
CA VAL VB 60 58.71 74.31 50.57
C VAL VB 60 59.52 73.43 51.53
N GLN VB 61 60.39 74.06 52.31
CA GLN VB 61 61.25 73.35 53.24
C GLN VB 61 60.88 73.71 54.68
N ASP VB 62 60.97 72.72 55.55
CA ASP VB 62 60.57 72.87 56.94
C ASP VB 62 61.52 73.81 57.68
N ILE VB 63 61.02 74.39 58.76
CA ILE VB 63 61.78 75.35 59.57
C ILE VB 63 62.28 74.62 60.81
N PHE VB 64 63.60 74.50 60.93
CA PHE VB 64 64.22 73.87 62.08
C PHE VB 64 65.56 74.55 62.35
N TYR VB 65 65.88 74.71 63.63
CA TYR VB 65 67.15 75.29 64.06
C TYR VB 65 67.83 74.35 65.04
N HIS VB 66 69.08 74.68 65.37
CA HIS VB 66 69.79 73.95 66.41
C HIS VB 66 69.16 74.13 67.78
N GLU VB 67 68.38 75.20 67.97
CA GLU VB 67 67.69 75.40 69.25
C GLU VB 67 66.61 74.35 69.47
N ASP VB 68 65.98 73.86 68.39
CA ASP VB 68 64.95 72.85 68.52
C ASP VB 68 65.50 71.54 69.06
N ARG VB 69 66.75 71.21 68.72
CA ARG VB 69 67.35 69.99 69.22
C ARG VB 69 67.56 70.02 70.73
N ILE VB 70 67.65 71.22 71.32
CA ILE VB 70 67.74 71.35 72.77
C ILE VB 70 66.35 71.49 73.39
N ARG VB 71 65.43 72.15 72.69
CA ARG VB 71 64.06 72.28 73.17
C ARG VB 71 63.36 70.93 73.27
N ALA VB 72 63.59 70.04 72.30
CA ALA VB 72 63.01 68.70 72.38
C ALA VB 72 63.55 67.93 73.59
N LYS VB 73 64.85 68.05 73.87
CA LYS VB 73 65.42 67.43 75.06
C LYS VB 73 64.84 68.01 76.34
N PHE VB 74 64.65 69.33 76.40
CA PHE VB 74 64.04 69.95 77.57
C PHE VB 74 62.62 69.48 77.77
N TYR VB 75 61.84 69.40 76.69
CA TYR VB 75 60.45 68.97 76.78
C TYR VB 75 60.31 67.48 77.06
N SER VB 76 61.29 66.67 76.65
CA SER VB 76 61.24 65.24 76.94
C SER VB 76 61.33 64.97 78.43
N ALA VB 77 62.15 65.73 79.14
CA ALA VB 77 62.36 65.50 80.57
C ALA VB 77 61.42 66.34 81.43
N TYR VB 78 61.42 67.66 81.24
CA TYR VB 78 60.64 68.54 82.11
C TYR VB 78 59.29 68.92 81.51
N GLY VB 79 59.09 68.71 80.21
CA GLY VB 79 57.83 69.08 79.59
C GLY VB 79 57.61 70.58 79.57
N SER VB 80 56.36 71.01 79.67
CA SER VB 80 56.06 72.43 79.71
C SER VB 80 56.59 73.05 81.00
N GLY VB 81 57.15 74.25 80.87
CA GLY VB 81 57.71 74.96 82.00
C GLY VB 81 56.64 75.49 82.93
N PRO VB 82 57.01 75.73 84.19
CA PRO VB 82 56.03 76.28 85.14
C PRO VB 82 55.50 77.63 84.73
N LYS VB 83 56.31 78.46 84.08
CA LYS VB 83 55.86 79.78 83.64
C LYS VB 83 55.12 79.62 82.31
N ALA VB 84 53.84 79.96 82.30
CA ALA VB 84 53.03 79.80 81.11
C ALA VB 84 53.49 80.75 80.01
N PHE VB 85 53.40 80.29 78.77
CA PHE VB 85 53.80 81.09 77.62
C PHE VB 85 52.85 82.26 77.42
N ASP VB 86 53.41 83.42 77.10
CA ASP VB 86 52.65 84.63 76.82
C ASP VB 86 52.94 85.03 75.38
N LEU VB 87 52.00 84.73 74.48
CA LEU VB 87 52.18 85.04 73.07
C LEU VB 87 51.98 86.52 72.76
N PHE VB 88 51.34 87.28 73.65
CA PHE VB 88 51.13 88.69 73.41
C PHE VB 88 52.42 89.50 73.50
N ASN VB 89 53.30 89.13 74.43
CA ASN VB 89 54.53 89.87 74.64
C ASN VB 89 55.53 89.56 73.52
N PRO VB 90 55.97 90.55 72.75
CA PRO VB 90 56.93 90.26 71.68
C PRO VB 90 58.27 89.77 72.19
N ASN VB 91 58.75 90.31 73.31
CA ASN VB 91 60.05 89.97 73.87
C ASN VB 91 59.95 88.98 75.02
N PHE VB 92 58.96 88.08 74.99
CA PHE VB 92 58.78 87.12 76.06
C PHE VB 92 59.86 86.05 76.00
N LYS VB 93 60.46 85.76 77.16
CA LYS VB 93 61.45 84.70 77.29
C LYS VB 93 60.83 83.59 78.15
N SER VB 94 60.89 82.37 77.66
CA SER VB 94 60.26 81.24 78.33
C SER VB 94 61.28 80.47 79.17
N THR VB 95 60.77 79.48 79.90
CA THR VB 95 61.65 78.62 80.69
C THR VB 95 62.59 77.83 79.78
N CYS VB 96 62.09 77.32 78.66
CA CYS VB 96 62.94 76.63 77.71
C CYS VB 96 63.90 77.59 77.01
N GLN VB 97 63.47 78.84 76.81
CA GLN VB 97 64.38 79.84 76.27
C GLN VB 97 65.55 80.10 77.22
N ARG VB 98 65.28 80.21 78.52
CA ARG VB 98 66.38 80.32 79.48
C ARG VB 98 67.27 79.09 79.47
N PHE VB 99 66.68 77.90 79.33
CA PHE VB 99 67.48 76.67 79.29
C PHE VB 99 68.39 76.63 78.07
N VAL VB 100 67.89 77.02 76.90
CA VAL VB 100 68.73 77.01 75.71
C VAL VB 100 69.77 78.12 75.76
N GLU VB 101 69.44 79.28 76.36
CA GLU VB 101 70.44 80.32 76.55
C GLU VB 101 71.56 79.87 77.49
N LYS VB 102 71.21 79.06 78.49
CA LYS VB 102 72.25 78.45 79.33
C LYS VB 102 73.05 77.39 78.57
N TYR VB 103 72.36 76.61 77.74
CA TYR VB 103 73.01 75.54 76.98
C TYR VB 103 74.02 76.06 75.98
N ILE VB 104 73.71 77.15 75.27
CA ILE VB 104 74.66 77.69 74.30
C ILE VB 104 75.90 78.22 75.02
N GLU VB 105 75.73 78.86 76.18
CA GLU VB 105 76.88 79.34 76.93
C GLU VB 105 77.72 78.19 77.46
N LEU VB 106 77.07 77.12 77.93
CA LEU VB 106 77.81 75.94 78.34
C LEU VB 106 78.58 75.30 77.19
N GLN VB 107 77.98 75.26 76.00
CA GLN VB 107 78.71 74.77 74.82
C GLN VB 107 79.91 75.65 74.51
N ARG VB 108 79.74 76.97 74.59
CA ARG VB 108 80.85 77.89 74.41
C ARG VB 108 81.92 77.73 75.48
N LEU VB 109 81.56 77.25 76.66
CA LEU VB 109 82.52 77.02 77.75
C LEU VB 109 83.45 75.84 77.49
N GLY VB 110 83.39 75.21 76.32
CA GLY VB 110 84.28 74.12 76.01
C GLY VB 110 83.83 72.75 76.49
N GLU VB 111 82.53 72.56 76.71
CA GLU VB 111 81.99 71.28 77.15
C GLU VB 111 81.34 70.58 75.97
N THR VB 112 81.73 69.32 75.73
CA THR VB 112 81.21 68.57 74.60
C THR VB 112 80.25 67.45 75.00
N ASP VB 113 80.28 67.01 76.26
CA ASP VB 113 79.40 65.95 76.70
C ASP VB 113 77.97 66.46 76.82
N GLU VB 114 77.02 65.70 76.27
CA GLU VB 114 75.62 66.09 76.35
C GLU VB 114 75.10 66.07 77.79
N GLU VB 115 75.53 65.08 78.59
CA GLU VB 115 75.14 65.07 79.99
C GLU VB 115 75.68 66.28 80.73
N LYS VB 116 76.93 66.66 80.45
CA LYS VB 116 77.49 67.86 81.08
C LYS VB 116 76.75 69.12 80.65
N LEU VB 117 76.39 69.21 79.36
CA LEU VB 117 75.65 70.38 78.89
C LEU VB 117 74.22 70.42 79.40
N PHE VB 118 73.67 69.26 79.80
CA PHE VB 118 72.28 69.21 80.25
C PHE VB 118 72.14 69.40 81.76
N VAL VB 119 72.83 68.56 82.55
CA VAL VB 119 72.65 68.61 84.00
C VAL VB 119 73.22 69.91 84.57
N GLU VB 120 74.30 70.43 83.99
CA GLU VB 120 74.84 71.70 84.48
C GLU VB 120 73.85 72.84 84.25
N ALA VB 121 73.20 72.89 83.10
CA ALA VB 121 72.18 73.90 82.87
C ALA VB 121 70.99 73.72 83.80
N GLY VB 122 70.58 72.46 84.02
CA GLY VB 122 69.47 72.21 84.93
C GLY VB 122 69.76 72.67 86.35
N LYS VB 123 70.99 72.44 86.83
CA LYS VB 123 71.35 72.90 88.17
C LYS VB 123 71.58 74.41 88.21
N ALA VB 124 72.07 74.99 87.11
CA ALA VB 124 72.29 76.43 87.07
C ALA VB 124 70.98 77.19 87.06
N LEU VB 125 69.92 76.62 86.50
CA LEU VB 125 68.61 77.27 86.57
C LEU VB 125 68.16 77.46 88.01
N LEU VB 126 68.58 76.59 88.93
CA LEU VB 126 68.28 76.79 90.34
C LEU VB 126 68.93 78.04 90.90
N ALA VB 127 70.08 78.45 90.37
CA ALA VB 127 70.70 79.70 90.78
C ALA VB 127 69.82 80.89 90.48
N GLU VB 128 69.21 80.92 89.29
CA GLU VB 128 68.19 81.92 88.98
C GLU VB 128 66.95 81.75 89.85
N GLY VB 129 66.58 80.52 90.16
CA GLY VB 129 65.50 80.25 91.08
C GLY VB 129 64.20 79.78 90.46
N VAL VB 130 64.26 79.09 89.33
CA VAL VB 130 63.06 78.54 88.69
C VAL VB 130 62.90 77.10 89.13
N THR VB 131 61.65 76.65 89.19
CA THR VB 131 61.31 75.30 89.62
C THR VB 131 61.17 74.39 88.41
N LEU VB 132 61.91 73.29 88.40
CA LEU VB 132 61.85 72.31 87.33
C LEU VB 132 61.13 71.07 87.83
N ARG VB 133 60.12 70.63 87.08
CA ARG VB 133 59.32 69.46 87.44
C ARG VB 133 59.62 68.36 86.42
N ARG VB 134 60.48 67.43 86.80
CA ARG VB 134 60.82 66.32 85.92
C ARG VB 134 59.65 65.35 85.82
N VAL VB 135 59.39 64.88 84.61
CA VAL VB 135 58.29 63.96 84.33
C VAL VB 135 58.82 62.54 84.36
N GLY VB 136 58.26 61.71 85.24
CA GLY VB 136 58.69 60.33 85.37
C GLY VB 136 57.82 59.37 84.60
N PRO WB 2 58.99 62.88 9.51
CA PRO WB 2 57.96 62.07 10.16
C PRO WB 2 57.80 62.42 11.64
N MET WB 3 57.17 61.53 12.39
CA MET WB 3 56.98 61.73 13.83
C MET WB 3 57.57 60.62 14.68
N LYS WB 4 57.43 59.37 14.24
CA LYS WB 4 57.96 58.25 15.01
C LYS WB 4 59.49 58.26 14.97
N GLY WB 5 60.09 57.95 16.11
CA GLY WB 5 61.53 57.91 16.24
C GLY WB 5 62.06 59.03 17.12
N ARG WB 6 63.25 58.80 17.66
CA ARG WB 6 63.88 59.78 18.55
C ARG WB 6 64.22 61.05 17.78
N PHE WB 7 64.78 60.91 16.58
CA PHE WB 7 65.15 62.04 15.73
C PHE WB 7 64.53 61.86 14.35
N PRO WB 8 63.29 62.32 14.13
CA PRO WB 8 62.68 62.18 12.80
C PRO WB 8 63.41 62.93 11.69
N ILE WB 9 64.25 63.91 12.03
CA ILE WB 9 64.94 64.68 11.01
C ILE WB 9 65.92 63.81 10.24
N ARG WB 10 66.57 62.86 10.89
CA ARG WB 10 67.58 62.03 10.23
C ARG WB 10 66.98 61.02 9.27
N ARG WB 11 65.65 60.93 9.18
CA ARG WB 11 64.97 60.06 8.24
C ARG WB 11 64.32 60.87 7.12
N THR WB 12 65.03 61.89 6.63
CA THR WB 12 64.55 62.77 5.59
C THR WB 12 65.59 62.85 4.48
N LEU WB 13 65.12 63.13 3.25
CA LEU WB 13 66.01 63.21 2.11
C LEU WB 13 67.04 64.33 2.24
N GLN WB 14 66.64 65.48 2.79
CA GLN WB 14 67.57 66.59 2.95
C GLN WB 14 68.71 66.24 3.89
N TYR WB 15 68.40 65.57 5.01
CA TYR WB 15 69.44 65.15 5.94
C TYR WB 15 70.40 64.14 5.30
N LEU WB 16 69.87 63.20 4.53
CA LEU WB 16 70.73 62.23 3.86
C LEU WB 16 71.58 62.87 2.77
N GLY WB 17 71.07 63.89 2.09
CA GLY WB 17 71.81 64.54 1.03
C GLY WB 17 72.81 65.57 1.50
N GLN WB 18 72.61 66.13 2.70
CA GLN WB 18 73.53 67.13 3.21
C GLN WB 18 74.84 66.53 3.68
N GLY WB 19 74.89 65.23 3.94
CA GLY WB 19 76.12 64.59 4.36
C GLY WB 19 77.06 64.32 3.21
N ASP WB 20 78.17 65.05 3.15
CA ASP WB 20 79.12 64.95 2.04
C ASP WB 20 80.26 64.03 2.44
N VAL WB 21 80.02 62.73 2.32
CA VAL WB 21 81.05 61.72 2.55
C VAL WB 21 81.04 60.73 1.39
N VAL WB 22 82.00 60.87 0.48
CA VAL WB 22 82.08 60.02 -0.70
C VAL WB 22 83.41 59.27 -0.67
N PHE WB 23 83.36 57.95 -0.71
CA PHE WB 23 84.56 57.14 -0.70
C PHE WB 23 85.13 57.00 -2.12
N LYS WB 24 86.38 56.56 -2.19
CA LYS WB 24 87.01 56.29 -3.48
C LYS WB 24 86.47 54.99 -4.05
N ASP WB 25 86.84 54.70 -5.30
CA ASP WB 25 86.38 53.49 -5.97
C ASP WB 25 86.98 52.22 -5.35
N SER WB 26 88.04 52.34 -4.57
CA SER WB 26 88.66 51.19 -3.94
C SER WB 26 87.96 50.74 -2.67
N VAL WB 27 87.26 51.65 -1.98
CA VAL WB 27 86.64 51.31 -0.71
C VAL WB 27 85.46 50.39 -0.95
N LYS WB 28 85.46 49.25 -0.25
CA LYS WB 28 84.41 48.24 -0.41
C LYS WB 28 83.63 47.98 0.85
N VAL WB 29 84.31 47.78 1.98
CA VAL WB 29 83.66 47.35 3.23
C VAL WB 29 84.04 48.29 4.35
N MET WB 30 83.06 48.69 5.15
CA MET WB 30 83.28 49.45 6.39
C MET WB 30 82.68 48.66 7.55
N THR WB 31 83.53 48.08 8.38
CA THR WB 31 83.10 47.33 9.56
C THR WB 31 83.35 48.19 10.80
N VAL WB 32 82.27 48.61 11.46
CA VAL WB 32 82.36 49.48 12.62
C VAL WB 32 82.03 48.67 13.87
N ASN WB 33 83.03 48.49 14.74
CA ASN WB 33 82.83 47.79 16.00
C ASN WB 33 82.81 48.82 17.12
N TYR WB 34 81.79 48.75 17.97
CA TYR WB 34 81.64 49.74 19.03
C TYR WB 34 80.94 49.10 20.22
N ASN WB 35 81.04 49.76 21.36
CA ASN WB 35 80.41 49.32 22.60
C ASN WB 35 79.23 50.21 22.93
N THR WB 36 78.35 49.71 23.80
CA THR WB 36 77.14 50.42 24.20
C THR WB 36 77.20 50.91 25.63
N HIS WB 37 78.39 50.93 26.24
CA HIS WB 37 78.57 51.39 27.61
C HIS WB 37 79.83 52.24 27.68
N GLY WB 38 80.00 52.91 28.82
CA GLY WB 38 81.17 53.75 29.04
C GLY WB 38 81.05 55.13 28.43
N GLU WB 39 81.73 56.10 29.04
CA GLU WB 39 81.72 57.47 28.54
C GLU WB 39 82.64 57.68 27.35
N LEU WB 40 83.51 56.71 27.05
CA LEU WB 40 84.45 56.86 25.95
C LEU WB 40 83.78 56.65 24.59
N GLY WB 41 82.84 55.71 24.52
CA GLY WB 41 82.25 55.35 23.25
C GLY WB 41 81.06 56.18 22.83
N GLU WB 42 80.86 57.33 23.50
CA GLU WB 42 79.75 58.21 23.13
C GLU WB 42 79.90 58.73 21.71
N GLY WB 43 81.11 59.11 21.31
CA GLY WB 43 81.32 59.54 19.93
C GLY WB 43 81.05 58.48 18.90
N ALA WB 44 81.50 57.24 19.16
CA ALA WB 44 81.20 56.15 18.25
C ALA WB 44 79.72 55.85 18.17
N ARG WB 45 79.03 55.85 19.32
CA ARG WB 45 77.59 55.64 19.31
C ARG WB 45 76.85 56.72 18.54
N LYS WB 46 77.24 57.99 18.73
CA LYS WB 46 76.64 59.08 17.96
C LYS WB 46 76.94 58.96 16.48
N PHE WB 47 78.16 58.58 16.11
CA PHE WB 47 78.49 58.38 14.70
C PHE WB 47 77.64 57.28 14.08
N VAL WB 48 77.44 56.18 14.82
CA VAL WB 48 76.59 55.11 14.32
C VAL WB 48 75.15 55.59 14.19
N PHE WB 49 74.66 56.37 15.16
CA PHE WB 49 73.27 56.79 15.16
C PHE WB 49 72.97 57.83 14.08
N PHE WB 50 73.92 58.69 13.75
CA PHE WB 50 73.66 59.81 12.87
C PHE WB 50 74.31 59.71 11.50
N ASN WB 51 75.63 59.50 11.46
CA ASN WB 51 76.37 59.64 10.21
C ASN WB 51 76.37 58.40 9.34
N ILE WB 52 76.00 57.24 9.88
CA ILE WB 52 75.96 56.01 9.07
C ILE WB 52 74.97 56.12 7.92
N PRO WB 53 73.72 56.57 8.11
CA PRO WB 53 72.84 56.78 6.96
C PRO WB 53 73.38 57.81 5.98
N GLN WB 54 74.02 58.87 6.46
CA GLN WB 54 74.59 59.87 5.56
C GLN WB 54 75.67 59.28 4.67
N ILE WB 55 76.54 58.45 5.23
CA ILE WB 55 77.57 57.80 4.42
C ILE WB 55 76.94 56.80 3.47
N GLN WB 56 75.99 56.00 3.96
CA GLN WB 56 75.42 54.93 3.15
C GLN WB 56 74.61 55.47 1.98
N TYR WB 57 73.98 56.65 2.14
CA TYR WB 57 73.18 57.20 1.06
C TYR WB 57 74.04 57.55 -0.15
N LYS WB 58 75.22 58.11 0.08
CA LYS WB 58 76.12 58.45 -1.03
C LYS WB 58 77.09 57.31 -1.35
N ASN WB 59 77.09 56.24 -0.59
CA ASN WB 59 77.88 55.05 -0.89
C ASN WB 59 76.96 53.83 -0.88
N PRO WB 60 76.12 53.67 -1.91
CA PRO WB 60 75.20 52.54 -1.94
C PRO WB 60 75.87 51.20 -2.20
N TRP WB 61 76.99 51.19 -2.92
CA TRP WB 61 77.70 49.95 -3.23
C TRP WB 61 78.71 49.55 -2.17
N VAL WB 62 78.89 50.36 -1.14
CA VAL WB 62 79.81 50.07 -0.05
C VAL WB 62 79.05 49.36 1.06
N GLN WB 63 79.56 48.21 1.49
CA GLN WB 63 78.89 47.43 2.52
C GLN WB 63 79.30 47.91 3.91
N ILE WB 64 78.33 48.43 4.66
CA ILE WB 64 78.57 48.93 6.01
C ILE WB 64 77.96 47.93 6.99
N THR WB 65 78.79 47.40 7.88
CA THR WB 65 78.36 46.41 8.86
C THR WB 65 78.80 46.84 10.25
N MET WB 66 77.87 46.81 11.20
CA MET WB 66 78.13 47.22 12.57
C MET WB 66 78.15 46.03 13.51
N PHE WB 67 78.95 46.14 14.57
CA PHE WB 67 79.06 45.12 15.60
C PHE WB 67 79.12 45.78 16.97
N LYS WB 68 78.47 45.16 17.95
CA LYS WB 68 78.30 45.73 19.27
C LYS WB 68 78.88 44.80 20.32
N ASN WB 69 79.65 45.36 21.26
CA ASN WB 69 80.14 44.65 22.44
C ASN WB 69 80.95 43.41 22.06
N MET WB 70 81.87 43.59 21.13
CA MET WB 70 82.84 42.55 20.77
C MET WB 70 84.27 42.93 21.15
N THR WB 71 84.64 44.20 20.99
CA THR WB 71 85.94 44.69 21.39
C THR WB 71 85.79 45.86 22.35
N PRO WB 72 86.61 45.92 23.41
CA PRO WB 72 86.49 47.01 24.38
C PRO WB 72 86.79 48.39 23.81
N SER WB 73 87.50 48.48 22.68
CA SER WB 73 87.87 49.75 22.09
C SER WB 73 87.14 49.93 20.77
N PRO WB 74 86.35 51.00 20.61
CA PRO WB 74 85.66 51.21 19.34
C PRO WB 74 86.63 51.48 18.20
N PHE WB 75 86.32 50.91 17.04
CA PHE WB 75 87.18 51.08 15.88
C PHE WB 75 86.38 50.85 14.60
N LEU WB 76 86.99 51.26 13.50
CA LEU WB 76 86.48 51.06 12.16
C LEU WB 76 87.55 50.36 11.32
N ARG WB 77 87.08 49.48 10.43
CA ARG WB 77 87.98 48.71 9.59
C ARG WB 77 87.50 48.87 8.15
N PHE WB 78 88.33 49.49 7.31
CA PHE WB 78 88.01 49.69 5.91
C PHE WB 78 88.73 48.65 5.08
N TYR WB 79 87.96 47.81 4.39
CA TYR WB 79 88.48 46.79 3.49
C TYR WB 79 88.34 47.32 2.07
N LEU WB 80 89.47 47.52 1.41
CA LEU WB 80 89.51 48.08 0.06
C LEU WB 80 89.55 46.97 -0.99
N ASP WB 81 89.61 47.40 -2.25
CA ASP WB 81 89.71 46.45 -3.36
C ASP WB 81 91.08 45.79 -3.39
N SER WB 82 92.13 46.51 -2.99
CA SER WB 82 93.48 45.96 -3.01
C SER WB 82 93.76 44.99 -1.87
N GLY WB 83 92.83 44.87 -0.92
CA GLY WB 83 93.01 44.00 0.23
C GLY WB 83 93.67 44.66 1.43
N GLU WB 84 94.13 45.90 1.29
CA GLU WB 84 94.71 46.61 2.41
C GLU WB 84 93.62 46.98 3.42
N GLN WB 85 93.90 46.74 4.70
CA GLN WB 85 92.95 47.02 5.77
C GLN WB 85 93.34 48.33 6.44
N VAL WB 86 92.40 49.27 6.50
CA VAL WB 86 92.62 50.55 7.15
C VAL WB 86 91.96 50.46 8.53
N LEU WB 87 92.78 50.56 9.57
CA LEU WB 87 92.29 50.45 10.95
C LEU WB 87 92.25 51.83 11.58
N VAL WB 88 91.08 52.23 12.07
CA VAL WB 88 90.88 53.55 12.69
C VAL WB 88 90.38 53.30 14.11
N ASP WB 89 91.17 53.70 15.10
CA ASP WB 89 90.79 53.56 16.50
C ASP WB 89 90.10 54.82 16.97
N VAL WB 90 88.88 54.70 17.48
CA VAL WB 90 88.13 55.84 18.01
C VAL WB 90 87.84 55.54 19.48
N GLU WB 91 88.47 56.29 20.37
CA GLU WB 91 88.31 56.10 21.81
C GLU WB 91 87.74 57.33 22.50
N SER WB 92 88.19 58.53 22.10
CA SER WB 92 87.66 59.78 22.64
C SER WB 92 87.25 60.75 21.54
N LYS WB 93 87.24 60.32 20.28
CA LYS WB 93 86.84 61.19 19.20
C LYS WB 93 85.36 61.53 19.28
N SER WB 94 85.03 62.77 18.92
CA SER WB 94 83.65 63.21 18.92
C SER WB 94 82.95 62.76 17.63
N ASN WB 95 81.69 63.15 17.49
CA ASN WB 95 80.92 62.75 16.32
C ASN WB 95 81.47 63.35 15.05
N LYS WB 96 81.81 64.65 15.07
CA LYS WB 96 82.32 65.32 13.87
C LYS WB 96 83.76 64.93 13.57
N GLU WB 97 84.56 64.64 14.60
CA GLU WB 97 85.95 64.28 14.38
C GLU WB 97 86.08 62.96 13.62
N ILE WB 98 85.20 62.00 13.89
CA ILE WB 98 85.24 60.74 13.16
C ILE WB 98 85.00 60.97 11.67
N VAL WB 99 83.99 61.77 11.34
CA VAL WB 99 83.68 62.06 9.94
C VAL WB 99 84.84 62.79 9.27
N GLU WB 100 85.41 63.79 9.96
CA GLU WB 100 86.53 64.52 9.40
C GLU WB 100 87.75 63.62 9.17
N HIS WB 101 88.07 62.75 10.14
CA HIS WB 101 89.20 61.84 9.97
C HIS WB 101 88.95 60.85 8.84
N ILE WB 102 87.72 60.33 8.72
CA ILE WB 102 87.42 59.40 7.64
C ILE WB 102 87.57 60.08 6.28
N ARG WB 103 87.05 61.30 6.16
CA ARG WB 103 87.19 62.04 4.92
C ARG WB 103 88.65 62.35 4.61
N LYS WB 104 89.45 62.67 5.63
CA LYS WB 104 90.87 62.93 5.42
C LYS WB 104 91.61 61.68 4.94
N ILE WB 105 91.33 60.53 5.56
CA ILE WB 105 92.13 59.34 5.27
C ILE WB 105 91.70 58.68 3.96
N LEU WB 106 90.38 58.61 3.70
CA LEU WB 106 89.88 57.97 2.48
C LEU WB 106 88.59 58.68 2.06
N GLY WB 107 88.70 59.52 1.04
CA GLY WB 107 87.54 60.21 0.50
C GLY WB 107 87.82 60.82 -0.85
N LYS WB 108 86.88 61.57 -1.39
CA LYS WB 108 87.04 62.25 -2.67
C LYS WB 108 87.17 63.75 -2.42
N ASN WB 109 88.16 64.37 -3.05
CA ASN WB 109 88.44 65.77 -2.85
C ASN WB 109 87.34 66.63 -3.48
N GLU WB 110 87.35 67.91 -3.11
CA GLU WB 110 86.38 68.85 -3.67
C GLU WB 110 86.55 68.95 -5.18
N GLU WB 111 87.80 69.06 -5.65
CA GLU WB 111 88.05 69.06 -7.09
C GLU WB 111 87.68 67.73 -7.73
N THR WB 112 87.88 66.62 -7.01
CA THR WB 112 87.51 65.32 -7.53
C THR WB 112 86.00 65.22 -7.76
N LEU WB 113 85.20 65.75 -6.83
CA LEU WB 113 83.76 65.77 -7.03
C LEU WB 113 83.36 66.77 -8.11
N GLU WB 114 84.03 67.92 -8.17
CA GLU WB 114 83.67 68.94 -9.15
C GLU WB 114 83.92 68.46 -10.58
N LYS WB 115 85.06 67.79 -10.83
CA LYS WB 115 85.31 67.29 -12.18
C LYS WB 115 84.31 66.20 -12.57
N GLU WB 116 83.95 65.33 -11.63
CA GLU WB 116 82.96 64.29 -11.92
C GLU WB 116 81.60 64.91 -12.26
N GLU WB 117 81.15 65.88 -11.47
CA GLU WB 117 79.85 66.49 -11.76
C GLU WB 117 79.89 67.32 -13.04
N GLN WB 118 81.02 67.98 -13.34
CA GLN WB 118 81.13 68.68 -14.61
C GLN WB 118 81.09 67.72 -15.79
N GLU WB 119 81.74 66.57 -15.67
CA GLU WB 119 81.66 65.57 -16.73
C GLU WB 119 80.25 65.02 -16.88
N LYS WB 120 79.55 64.78 -15.78
CA LYS WB 120 78.17 64.31 -15.85
C LYS WB 120 77.26 65.36 -16.48
N LYS WB 121 77.55 66.65 -16.24
CA LYS WB 121 76.77 67.70 -16.88
C LYS WB 121 76.87 67.65 -18.39
N GLN WB 122 78.00 67.16 -18.93
CA GLN WB 122 78.21 67.12 -20.37
C GLN WB 122 77.25 66.16 -21.08
N LEU WB 123 76.72 65.17 -20.35
CA LEU WB 123 75.86 64.17 -20.99
C LEU WB 123 74.61 64.81 -21.61
N SER WB 124 73.97 65.72 -20.88
CA SER WB 124 72.79 66.40 -21.39
C SER WB 124 73.24 67.54 -22.29
N HIS WB 125 72.97 67.42 -23.59
CA HIS WB 125 73.49 68.46 -24.45
C HIS WB 125 72.39 69.45 -24.84
N PRO WB 126 72.64 70.75 -24.66
CA PRO WB 126 71.61 71.75 -25.00
C PRO WB 126 71.20 71.75 -26.46
N ALA WB 127 72.09 71.38 -27.37
CA ALA WB 127 71.80 71.43 -28.81
C ALA WB 127 71.05 70.22 -29.32
N HIS WB 128 70.83 69.21 -28.48
CA HIS WB 128 70.14 68.01 -28.91
C HIS WB 128 68.63 68.23 -28.90
N PHE WB 129 67.92 67.33 -29.58
CA PHE WB 129 66.47 67.36 -29.66
C PHE WB 129 65.91 65.98 -29.33
N GLY WB 130 64.72 65.97 -28.75
CA GLY WB 130 64.06 64.74 -28.38
C GLY WB 130 63.07 64.93 -27.25
N PRO WB 131 62.83 63.86 -26.48
CA PRO WB 131 61.88 63.95 -25.37
C PRO WB 131 62.35 64.93 -24.31
N ARG WB 132 61.36 65.50 -23.60
CA ARG WB 132 61.64 66.47 -22.54
C ARG WB 132 62.48 65.90 -21.42
N LYS WB 133 62.47 64.57 -21.23
CA LYS WB 133 63.28 63.96 -20.19
C LYS WB 133 64.77 64.13 -20.44
N TYR WB 134 65.20 64.01 -21.70
CA TYR WB 134 66.60 64.08 -22.04
C TYR WB 134 66.99 65.32 -22.83
N CYS WB 135 66.03 66.01 -23.46
CA CYS WB 135 66.33 67.17 -24.29
C CYS WB 135 65.39 68.31 -23.93
N LEU WB 136 65.84 69.53 -24.21
CA LEU WB 136 65.09 70.73 -23.88
C LEU WB 136 64.03 71.09 -24.92
N ARG WB 137 64.05 70.45 -26.09
CA ARG WB 137 63.09 70.74 -27.14
C ARG WB 137 62.67 69.45 -27.82
N GLU WB 138 61.41 69.41 -28.27
CA GLU WB 138 60.85 68.24 -28.94
C GLU WB 138 60.90 68.39 -30.45
N CYS WB 139 60.22 69.41 -30.98
CA CYS WB 139 60.23 69.69 -32.41
C CYS WB 139 60.77 71.10 -32.64
N MET WB 140 61.61 71.25 -33.66
CA MET WB 140 62.31 72.50 -33.94
C MET WB 140 61.36 73.64 -34.30
N CYS WB 141 60.06 73.36 -34.45
CA CYS WB 141 59.11 74.41 -34.79
C CYS WB 141 59.06 75.49 -33.70
N GLU WB 142 59.13 75.07 -32.43
CA GLU WB 142 58.95 76.00 -31.32
C GLU WB 142 60.09 77.00 -31.20
N VAL WB 143 61.19 76.80 -31.93
CA VAL WB 143 62.23 77.83 -31.99
C VAL WB 143 61.65 79.09 -32.59
N GLU WB 144 61.96 80.24 -31.97
CA GLU WB 144 61.31 81.50 -32.33
C GLU WB 144 61.60 81.89 -33.77
N GLY WB 145 62.80 81.61 -34.27
CA GLY WB 145 63.16 82.01 -35.62
C GLY WB 145 62.72 81.06 -36.70
N GLN WB 146 62.43 79.81 -36.34
CA GLN WB 146 62.13 78.78 -37.33
C GLN WB 146 60.65 78.82 -37.70
N VAL WB 147 60.24 77.89 -38.55
CA VAL WB 147 58.84 77.83 -39.02
C VAL WB 147 57.96 77.34 -37.88
N PRO WB 148 56.83 77.99 -37.61
CA PRO WB 148 55.96 77.55 -36.50
C PRO WB 148 55.34 76.19 -36.79
N CYS WB 149 54.97 75.51 -35.70
CA CYS WB 149 54.41 74.16 -35.76
C CYS WB 149 53.03 74.20 -36.43
N PRO WB 150 52.76 73.24 -37.32
CA PRO WB 150 51.46 73.25 -38.02
C PRO WB 150 50.26 73.11 -37.09
N GLY WB 151 50.44 72.49 -35.92
CA GLY WB 151 49.36 72.38 -34.97
C GLY WB 151 49.06 73.63 -34.19
N LEU WB 152 49.88 74.67 -34.33
CA LEU WB 152 49.69 75.94 -33.66
C LEU WB 152 49.28 77.06 -34.62
N VAL WB 153 50.07 77.28 -35.66
CA VAL WB 153 49.78 78.27 -36.69
C VAL WB 153 49.64 77.55 -38.02
N PRO WB 154 48.51 77.66 -38.70
CA PRO WB 154 48.35 76.97 -40.00
C PRO WB 154 49.37 77.48 -41.01
N LEU WB 155 49.87 76.55 -41.81
CA LEU WB 155 50.86 76.90 -42.83
C LEU WB 155 50.18 77.54 -44.03
N PRO WB 156 50.90 78.38 -44.78
CA PRO WB 156 50.33 78.98 -45.98
C PRO WB 156 50.04 77.93 -47.04
N LYS WB 157 49.09 78.26 -47.92
CA LYS WB 157 48.64 77.31 -48.94
C LYS WB 157 49.75 76.90 -49.90
N GLU WB 158 50.79 77.72 -50.04
CA GLU WB 158 51.90 77.39 -50.93
C GLU WB 158 52.79 76.30 -50.36
N MET WB 159 52.78 76.10 -49.04
CA MET WB 159 53.64 75.11 -48.40
C MET WB 159 52.94 73.78 -48.16
N THR WB 160 51.61 73.75 -48.22
CA THR WB 160 50.89 72.50 -48.01
C THR WB 160 51.10 71.56 -49.20
N GLY WB 161 51.18 70.26 -48.88
CA GLY WB 161 51.41 69.27 -49.92
C GLY WB 161 50.23 69.02 -50.83
N LYS WB 162 49.01 69.30 -50.35
CA LYS WB 162 47.83 69.09 -51.17
C LYS WB 162 47.79 70.05 -52.35
N TYR WB 163 48.17 71.32 -52.11
CA TYR WB 163 48.22 72.29 -53.20
C TYR WB 163 49.29 71.94 -54.23
N LYS WB 164 50.45 71.47 -53.77
CA LYS WB 164 51.50 71.06 -54.71
C LYS WB 164 51.07 69.87 -55.56
N ALA WB 165 50.38 68.89 -54.96
CA ALA WB 165 49.83 67.78 -55.72
C ALA WB 165 48.75 68.23 -56.68
N ALA WB 166 47.89 69.17 -56.28
CA ALA WB 166 46.82 69.65 -57.14
C ALA WB 166 47.35 70.42 -58.34
N LEU WB 167 48.37 71.25 -58.15
CA LEU WB 167 48.91 72.02 -59.27
C LEU WB 167 49.62 71.13 -60.28
N LYS WB 168 50.19 70.01 -59.83
CA LYS WB 168 50.83 69.08 -60.78
C LYS WB 168 49.81 68.31 -61.60
N ALA WB 169 48.60 68.10 -61.07
CA ALA WB 169 47.58 67.37 -61.81
C ALA WB 169 47.14 68.11 -63.07
N THR WB 170 46.97 69.42 -62.99
CA THR WB 170 46.56 70.22 -64.14
C THR WB 170 47.77 70.56 -65.01
N ARG XB 27 57.18 44.82 -45.08
CA ARG XB 27 57.69 44.03 -46.20
C ARG XB 27 57.23 42.59 -46.14
N LYS XB 28 57.90 41.73 -46.90
CA LYS XB 28 57.58 40.31 -46.95
C LYS XB 28 58.48 39.53 -45.99
N THR XB 29 58.40 38.21 -46.08
CA THR XB 29 59.20 37.31 -45.27
C THR XB 29 59.84 36.26 -46.19
N ARG XB 30 60.76 35.48 -45.62
CA ARG XB 30 61.46 34.47 -46.42
C ARG XB 30 60.51 33.38 -46.88
N HIS XB 31 59.41 33.15 -46.18
CA HIS XB 31 58.42 32.14 -46.54
C HIS XB 31 57.27 32.71 -47.35
N ASP XB 32 57.29 34.01 -47.65
CA ASP XB 32 56.21 34.61 -48.43
C ASP XB 32 56.43 34.34 -49.91
N PRO XB 33 55.46 33.73 -50.60
CA PRO XB 33 55.64 33.49 -52.03
C PRO XB 33 55.60 34.78 -52.81
N PRO XB 34 56.32 34.87 -53.92
CA PRO XB 34 56.31 36.09 -54.73
C PRO XB 34 54.97 36.27 -55.43
N ALA XB 35 54.68 37.53 -55.76
CA ALA XB 35 53.45 37.86 -56.46
C ALA XB 35 53.50 37.35 -57.90
N LYS XB 36 52.31 37.05 -58.43
CA LYS XB 36 52.20 36.53 -59.79
C LYS XB 36 52.63 37.58 -60.82
N SER XB 37 52.32 38.85 -60.56
CA SER XB 37 52.67 39.91 -61.51
C SER XB 37 54.17 40.08 -61.65
N LYS XB 38 54.94 39.87 -60.57
CA LYS XB 38 56.39 40.02 -60.61
C LYS XB 38 57.12 38.68 -60.66
N ALA XB 39 56.38 37.57 -60.74
CA ALA XB 39 57.03 36.27 -60.87
C ALA XB 39 57.83 36.18 -62.16
N GLY XB 40 57.27 36.66 -63.26
CA GLY XB 40 57.95 36.65 -64.54
C GLY XB 40 58.44 38.03 -64.95
N ARG XB 41 58.93 38.80 -63.99
CA ARG XB 41 59.38 40.17 -64.21
C ARG XB 41 60.87 40.27 -63.97
N VAL XB 42 61.58 40.92 -64.89
CA VAL XB 42 63.01 41.19 -64.74
C VAL XB 42 63.22 42.69 -64.86
N ALA XB 43 64.15 43.20 -64.05
CA ALA XB 43 64.41 44.63 -64.03
C ALA XB 43 64.98 45.10 -65.35
N THR XB 44 64.56 46.29 -65.77
CA THR XB 44 64.98 46.87 -67.03
C THR XB 44 65.93 48.04 -66.80
N PRO XB 45 67.16 47.96 -67.30
CA PRO XB 45 68.11 49.07 -67.12
C PRO XB 45 67.62 50.33 -67.80
N PRO XB 46 67.92 51.49 -67.24
CA PRO XB 46 67.53 52.75 -67.86
C PRO XB 46 68.52 53.16 -68.94
N ALA XB 47 68.29 54.34 -69.52
CA ALA XB 47 69.17 54.86 -70.56
C ALA XB 47 70.54 55.19 -69.97
N VAL XB 48 71.58 54.96 -70.78
CA VAL XB 48 72.96 55.15 -70.37
C VAL XB 48 73.57 56.20 -71.27
N ASP XB 49 74.12 57.26 -70.66
CA ASP XB 49 74.85 58.28 -71.39
C ASP XB 49 76.34 58.06 -71.18
N PRO XB 50 77.09 57.64 -72.19
CA PRO XB 50 78.49 57.24 -71.94
C PRO XB 50 79.40 58.39 -71.54
N THR XB 51 79.28 59.55 -72.20
CA THR XB 51 80.16 60.67 -71.89
C THR XB 51 79.95 61.18 -70.46
N GLU XB 52 78.70 61.25 -69.99
CA GLU XB 52 78.45 61.62 -68.61
C GLU XB 52 78.82 60.49 -67.65
N PHE XB 53 78.60 59.24 -68.06
CA PHE XB 53 78.90 58.12 -67.19
C PHE XB 53 80.39 58.01 -66.89
N PHE XB 54 81.24 58.22 -67.89
CA PHE XB 54 82.68 58.10 -67.68
C PHE XB 54 83.19 59.14 -66.71
N VAL XB 55 82.79 60.40 -66.90
CA VAL XB 55 83.22 61.46 -65.98
C VAL XB 55 82.61 61.26 -64.59
N LEU XB 56 81.37 60.76 -64.51
CA LEU XB 56 80.80 60.48 -63.21
C LEU XB 56 81.58 59.38 -62.49
N THR XB 57 82.01 58.34 -63.21
CA THR XB 57 82.78 57.27 -62.58
C THR XB 57 84.16 57.76 -62.14
N GLU XB 58 84.82 58.57 -62.96
CA GLU XB 58 86.13 59.08 -62.55
C GLU XB 58 86.00 60.02 -61.35
N ARG XB 59 84.96 60.86 -61.30
CA ARG XB 59 84.71 61.66 -60.12
C ARG XB 59 84.36 60.80 -58.91
N TYR XB 60 83.64 59.68 -59.11
CA TYR XB 60 83.38 58.76 -58.03
C TYR XB 60 84.67 58.21 -57.44
N ARG XB 61 85.60 57.79 -58.31
CA ARG XB 61 86.87 57.27 -57.81
C ARG XB 61 87.68 58.35 -57.10
N GLN XB 62 87.72 59.56 -57.66
CA GLN XB 62 88.46 60.65 -57.04
C GLN XB 62 87.86 61.05 -55.70
N TYR XB 63 86.54 60.93 -55.54
CA TYR XB 63 85.91 61.21 -54.26
C TYR XB 63 86.14 60.08 -53.26
N ARG XB 64 86.10 58.83 -53.73
CA ARG XB 64 86.27 57.69 -52.84
C ARG XB 64 87.69 57.60 -52.30
N GLN XB 65 88.70 57.89 -53.12
CA GLN XB 65 90.06 57.91 -52.60
C GLN XB 65 90.24 58.99 -51.53
N THR XB 66 89.66 60.17 -51.73
CA THR XB 66 89.75 61.23 -50.74
C THR XB 66 89.04 60.85 -49.44
N VAL XB 67 87.84 60.27 -49.54
CA VAL XB 67 87.14 59.90 -48.32
C VAL XB 67 87.85 58.74 -47.62
N ARG XB 68 88.50 57.85 -48.38
CA ARG XB 68 89.30 56.80 -47.76
C ARG XB 68 90.48 57.38 -46.99
N ALA XB 69 91.17 58.36 -47.59
CA ALA XB 69 92.28 59.01 -46.89
C ALA XB 69 91.79 59.74 -45.64
N LEU XB 70 90.63 60.41 -45.72
CA LEU XB 70 90.08 61.08 -44.54
C LEU XB 70 89.68 60.09 -43.45
N ARG XB 71 89.13 58.93 -43.84
CA ARG XB 71 88.81 57.89 -42.88
C ARG XB 71 90.07 57.38 -42.18
N LEU XB 72 91.14 57.18 -42.96
CA LEU XB 72 92.41 56.78 -42.35
C LEU XB 72 92.96 57.85 -41.40
N GLU XB 73 92.83 59.12 -41.78
CA GLU XB 73 93.25 60.21 -40.90
C GLU XB 73 92.46 60.21 -39.60
N PHE XB 74 91.14 60.00 -39.69
CA PHE XB 74 90.31 59.94 -38.49
C PHE XB 74 90.64 58.72 -37.64
N MET XB 75 90.96 57.59 -38.26
CA MET XB 75 91.40 56.42 -37.51
C MET XB 75 92.69 56.70 -36.76
N SER XB 76 93.63 57.40 -37.40
CA SER XB 76 94.87 57.79 -36.72
C SER XB 76 94.58 58.73 -35.55
N GLU XB 77 93.68 59.69 -35.75
CA GLU XB 77 93.30 60.58 -34.66
C GLU XB 77 92.70 59.82 -33.49
N VAL XB 78 91.81 58.87 -33.78
CA VAL XB 78 91.21 58.05 -32.72
C VAL XB 78 92.27 57.23 -32.02
N ARG XB 79 93.22 56.66 -32.77
CA ARG XB 79 94.31 55.91 -32.16
C ARG XB 79 95.13 56.77 -31.21
N LYS XB 80 95.49 57.98 -31.65
CA LYS XB 80 96.29 58.87 -30.79
C LYS XB 80 95.51 59.26 -29.54
N LYS XB 81 94.22 59.61 -29.69
CA LYS XB 81 93.43 59.99 -28.53
C LYS XB 81 93.25 58.82 -27.56
N LEU XB 82 92.98 57.62 -28.06
CA LEU XB 82 92.85 56.46 -27.18
C LEU XB 82 94.15 56.14 -26.47
N HIS XB 83 95.28 56.22 -27.18
CA HIS XB 83 96.56 55.98 -26.54
C HIS XB 83 96.87 57.01 -25.45
N GLU XB 84 96.59 58.29 -25.72
CA GLU XB 84 96.79 59.33 -24.72
C GLU XB 84 95.83 59.21 -23.54
N ALA XB 85 94.63 58.68 -23.75
CA ALA XB 85 93.71 58.43 -22.65
C ALA XB 85 94.08 57.19 -21.84
N ARG XB 86 94.69 56.18 -22.47
CA ARG XB 86 95.06 54.96 -21.77
C ARG XB 86 96.37 55.10 -21.01
N ALA XB 87 97.45 55.41 -21.72
CA ALA XB 87 98.79 55.48 -21.12
C ALA XB 87 99.44 56.81 -21.41
N GLY XB 88 98.70 57.90 -21.22
CA GLY XB 88 99.22 59.21 -21.49
C GLY XB 88 100.11 59.74 -20.36
N VAL XB 89 100.84 60.80 -20.69
CA VAL XB 89 101.69 61.45 -19.70
C VAL XB 89 100.85 62.02 -18.56
N GLN XB 90 99.69 62.59 -18.88
CA GLN XB 90 98.80 63.07 -17.85
C GLN XB 90 98.25 61.93 -16.99
N ALA XB 91 97.89 60.82 -17.61
CA ALA XB 91 97.33 59.69 -16.85
C ALA XB 91 98.37 59.10 -15.90
N GLU XB 92 99.63 59.01 -16.35
CA GLU XB 92 100.69 58.48 -15.49
C GLU XB 92 100.90 59.35 -14.26
N ARG XB 93 100.84 60.68 -14.42
CA ARG XB 93 101.00 61.57 -13.26
C ARG XB 93 99.93 61.33 -12.22
N LYS XB 94 98.67 61.21 -12.65
CA LYS XB 94 97.59 60.91 -11.72
C LYS XB 94 97.78 59.54 -11.08
N ALA XB 95 98.17 58.53 -11.86
CA ALA XB 95 98.35 57.20 -11.32
C ALA XB 95 99.42 57.17 -10.24
N GLN XB 96 100.51 57.90 -10.43
CA GLN XB 96 101.56 57.96 -9.41
C GLN XB 96 101.14 58.79 -8.21
N GLU XB 97 100.51 59.96 -8.43
CA GLU XB 97 100.19 60.84 -7.31
C GLU XB 97 99.11 60.24 -6.41
N ASP XB 98 98.15 59.51 -6.99
CA ASP XB 98 97.13 58.86 -6.17
C ASP XB 98 97.76 57.83 -5.23
N ALA XB 99 98.67 57.00 -5.74
CA ALA XB 99 99.34 56.02 -4.90
C ALA XB 99 100.20 56.70 -3.83
N ALA XB 100 100.92 57.77 -4.20
CA ALA XB 100 101.74 58.47 -3.22
C ALA XB 100 100.88 59.06 -2.09
N GLU XB 101 99.77 59.73 -2.45
CA GLU XB 101 98.90 60.29 -1.44
C GLU XB 101 98.24 59.20 -0.60
N HIS XB 102 97.90 58.07 -1.20
CA HIS XB 102 97.33 56.95 -0.44
C HIS XB 102 98.33 56.43 0.59
N ARG XB 103 99.60 56.26 0.18
CA ARG XB 103 100.63 55.83 1.13
C ARG XB 103 100.82 56.85 2.24
N GLU XB 104 100.85 58.14 1.90
CA GLU XB 104 101.03 59.18 2.91
C GLU XB 104 99.88 59.18 3.91
N LEU XB 105 98.64 59.06 3.42
CA LEU XB 105 97.48 59.03 4.31
C LEU XB 105 97.50 57.80 5.21
N MET XB 106 97.89 56.64 4.67
CA MET XB 106 97.99 55.45 5.50
C MET XB 106 99.06 55.58 6.58
N ALA XB 107 100.21 56.16 6.23
CA ALA XB 107 101.23 56.41 7.26
C ALA XB 107 100.73 57.38 8.32
N TRP XB 108 100.02 58.44 7.92
CA TRP XB 108 99.47 59.39 8.87
C TRP XB 108 98.46 58.71 9.80
N ASN XB 109 97.63 57.83 9.24
CA ASN XB 109 96.67 57.07 10.06
C ASN XB 109 97.39 56.15 11.03
N GLN XB 110 98.48 55.51 10.60
CA GLN XB 110 99.26 54.68 11.51
C GLN XB 110 99.82 55.50 12.66
N ALA XB 111 100.37 56.68 12.35
CA ALA XB 111 100.88 57.56 13.41
C ALA XB 111 99.78 58.00 14.36
N GLU XB 112 98.59 58.34 13.84
CA GLU XB 112 97.48 58.73 14.70
C GLU XB 112 97.07 57.57 15.61
N ASN XB 113 97.01 56.35 15.06
CA ASN XB 113 96.65 55.19 15.87
C ASN XB 113 97.68 54.95 16.98
N GLN XB 114 98.97 55.11 16.65
CA GLN XB 114 100.00 54.95 17.68
C GLN XB 114 99.89 56.01 18.77
N ARG XB 115 99.61 57.26 18.39
CA ARG XB 115 99.45 58.31 19.39
C ARG XB 115 98.26 58.01 20.31
N LEU XB 116 97.14 57.59 19.72
CA LEU XB 116 95.97 57.23 20.53
C LEU XB 116 96.22 56.01 21.40
N HIS XB 117 97.00 55.03 20.93
CA HIS XB 117 97.34 53.89 21.76
C HIS XB 117 98.22 54.32 22.94
N GLU XB 118 99.15 55.24 22.72
CA GLU XB 118 99.95 55.76 23.83
C GLU XB 118 99.08 56.48 24.85
N LEU XB 119 98.14 57.31 24.38
CA LEU XB 119 97.24 57.96 25.31
C LEU XB 119 96.38 56.96 26.08
N ARG XB 120 95.94 55.90 25.40
CA ARG XB 120 95.18 54.84 26.05
C ARG XB 120 95.99 54.14 27.13
N LEU XB 121 97.25 53.84 26.86
CA LEU XB 121 98.11 53.24 27.88
C LEU XB 121 98.30 54.18 29.06
N ALA XB 122 98.48 55.47 28.81
CA ALA XB 122 98.59 56.44 29.89
C ALA XB 122 97.34 56.45 30.77
N ARG XB 123 96.15 56.41 30.14
CA ARG XB 123 94.91 56.33 30.89
C ARG XB 123 94.79 55.01 31.66
N LEU XB 124 95.20 53.91 31.03
CA LEU XB 124 95.03 52.59 31.64
C LEU XB 124 95.92 52.41 32.86
N ARG XB 125 97.10 53.04 32.87
CA ARG XB 125 97.92 52.96 34.08
C ARG XB 125 97.23 53.62 35.28
N GLN XB 126 96.63 54.79 35.08
CA GLN XB 126 95.88 55.42 36.17
C GLN XB 126 94.65 54.60 36.54
N GLU XB 127 93.98 53.99 35.55
CA GLU XB 127 92.87 53.10 35.87
C GLU XB 127 93.31 51.91 36.72
N ALA XB 128 94.47 51.34 36.41
CA ALA XB 128 95.00 50.25 37.22
C ALA XB 128 95.32 50.72 38.64
N LEU XB 129 95.86 51.92 38.78
CA LEU XB 129 96.11 52.45 40.12
C LEU XB 129 94.81 52.63 40.90
N GLU XB 130 93.76 53.15 40.25
CA GLU XB 130 92.47 53.28 40.92
C GLU XB 130 91.90 51.92 41.30
N GLN XB 131 92.06 50.93 40.43
CA GLN XB 131 91.62 49.57 40.76
C GLN XB 131 92.39 49.01 41.94
N GLU XB 132 93.68 49.33 42.03
CA GLU XB 132 94.47 48.90 43.19
C GLU XB 132 93.96 49.56 44.47
N ARG XB 133 93.59 50.85 44.40
CA ARG XB 133 93.00 51.50 45.57
C ARG XB 133 91.68 50.84 45.97
N ARG XB 134 90.86 50.48 44.97
CA ARG XB 134 89.61 49.77 45.25
C ARG XB 134 89.87 48.41 45.89
N GLN XB 135 90.88 47.69 45.42
CA GLN XB 135 91.29 46.44 46.05
C GLN XB 135 91.74 46.65 47.49
N ALA XB 136 92.50 47.71 47.75
CA ALA XB 136 92.93 48.02 49.10
C ALA XB 136 91.76 48.28 50.03
N GLU XB 137 90.74 49.02 49.57
CA GLU XB 137 89.60 49.28 50.44
C GLU XB 137 88.73 48.03 50.63
N GLU XB 138 88.52 47.24 49.57
CA GLU XB 138 87.71 46.04 49.72
C GLU XB 138 88.40 44.98 50.57
N ALA XB 139 89.74 44.92 50.56
CA ALA XB 139 90.44 43.97 51.42
C ALA XB 139 90.22 44.30 52.89
N VAL XB 140 90.32 45.58 53.27
CA VAL XB 140 90.10 45.94 54.66
C VAL XB 140 88.63 45.81 55.05
N LEU XB 141 87.71 46.01 54.10
CA LEU XB 141 86.30 45.75 54.41
C LEU XB 141 86.06 44.26 54.64
N GLN XB 142 86.60 43.40 53.78
CA GLN XB 142 86.41 41.97 53.94
C GLN XB 142 87.10 41.43 55.19
N ALA XB 143 88.20 42.06 55.61
CA ALA XB 143 88.86 41.65 56.84
C ALA XB 143 87.94 41.83 58.04
N ARG XB 144 87.22 42.95 58.10
CA ARG XB 144 86.25 43.14 59.18
C ARG XB 144 85.04 42.22 59.02
N GLU XB 145 84.56 42.05 57.78
CA GLU XB 145 83.37 41.25 57.57
C GLU XB 145 83.59 39.78 57.94
N ALA XB 146 84.73 39.22 57.56
CA ALA XB 146 84.99 37.81 57.81
C ALA XB 146 85.21 37.52 59.29
N GLN XB 147 85.92 38.41 60.00
CA GLN XB 147 86.24 38.16 61.41
C GLN XB 147 84.97 38.11 62.26
N ALA XB 148 84.00 38.99 62.00
CA ALA XB 148 82.77 38.98 62.77
C ALA XB 148 82.00 37.67 62.57
N TRP XB 149 81.94 37.18 61.33
CA TRP XB 149 81.26 35.91 61.09
C TRP XB 149 81.96 34.75 61.78
N ALA XB 150 83.30 34.73 61.76
CA ALA XB 150 84.04 33.70 62.48
C ALA XB 150 83.81 33.76 63.99
N GLN XB 151 83.78 34.96 64.56
CA GLN XB 151 83.50 35.09 65.98
C GLN XB 151 82.07 34.65 66.31
N LEU XB 152 81.10 34.97 65.45
CA LEU XB 152 79.73 34.53 65.68
C LEU XB 152 79.63 33.01 65.63
N LYS XB 153 80.28 32.38 64.64
CA LYS XB 153 80.20 30.93 64.52
C LYS XB 153 80.97 30.21 65.61
N GLU XB 154 82.08 30.79 66.09
CA GLU XB 154 82.84 30.16 67.17
C GLU XB 154 82.02 30.10 68.45
N GLN XB 155 81.27 31.15 68.75
CA GLN XB 155 80.46 31.17 69.96
C GLN XB 155 79.35 30.13 69.92
N GLU XB 156 78.79 29.87 68.74
CA GLU XB 156 77.74 28.86 68.62
C GLU XB 156 78.25 27.47 68.98
N VAL XB 157 79.46 27.13 68.55
CA VAL XB 157 80.03 25.83 68.89
C VAL XB 157 80.23 25.71 70.40
N LEU XB 158 80.75 26.76 71.03
CA LEU XB 158 80.90 26.76 72.49
C LEU XB 158 79.57 26.69 73.20
N GLN XB 159 78.56 27.41 72.69
CA GLN XB 159 77.23 27.34 73.30
C GLN XB 159 76.66 25.94 73.21
N LEU XB 160 76.81 25.28 72.06
CA LEU XB 160 76.35 23.91 71.91
C LEU XB 160 77.15 22.93 72.77
N GLN XB 161 78.42 23.24 73.04
CA GLN XB 161 79.23 22.37 73.89
C GLN XB 161 78.65 22.29 75.30
N GLU XB 162 78.21 23.43 75.85
CA GLU XB 162 77.57 23.42 77.16
C GLU XB 162 76.27 22.63 77.15
N GLU XB 163 75.46 22.78 76.09
CA GLU XB 163 74.20 22.05 76.00
C GLU XB 163 74.39 20.56 75.80
N ALA XB 164 75.54 20.13 75.26
CA ALA XB 164 75.80 18.72 75.06
C ALA XB 164 75.90 17.95 76.38
N LYS XB 165 76.23 18.63 77.47
CA LYS XB 165 76.34 17.96 78.76
C LYS XB 165 74.97 17.63 79.34
N THR XB 166 73.94 18.43 79.03
CA THR XB 166 72.61 18.26 79.60
C THR XB 166 71.67 17.49 78.70
N PHE XB 167 72.18 16.91 77.61
CA PHE XB 167 71.34 16.13 76.72
C PHE XB 167 70.92 14.82 77.37
N ILE XB 168 69.86 14.24 76.84
CA ILE XB 168 69.32 12.97 77.33
C ILE XB 168 69.96 11.84 76.55
N THR XB 169 70.52 10.86 77.26
CA THR XB 169 71.18 9.72 76.66
C THR XB 169 70.64 8.44 77.29
N ARG XB 170 71.26 7.31 76.90
CA ARG XB 170 70.83 6.02 77.44
C ARG XB 170 71.02 5.96 78.95
N GLU XB 171 72.16 6.45 79.44
CA GLU XB 171 72.44 6.39 80.87
C GLU XB 171 71.51 7.32 81.65
N ASN XB 172 71.21 8.49 81.08
CA ASN XB 172 70.42 9.51 81.77
C ASN XB 172 68.92 9.39 81.51
N LEU XB 173 68.50 8.39 80.73
CA LEU XB 173 67.08 8.25 80.40
C LEU XB 173 66.23 8.01 81.64
N GLU XB 174 66.65 7.06 82.49
CA GLU XB 174 65.89 6.74 83.69
C GLU XB 174 65.81 7.92 84.65
N ALA XB 175 66.90 8.64 84.84
CA ALA XB 175 66.90 9.81 85.72
C ALA XB 175 66.05 10.95 85.15
N ARG XB 176 66.14 11.18 83.83
CA ARG XB 176 65.38 12.27 83.22
C ARG XB 176 63.89 11.99 83.25
N VAL XB 177 63.48 10.73 83.03
CA VAL XB 177 62.05 10.43 83.08
C VAL XB 177 61.48 10.72 84.45
N GLU XB 178 62.15 10.24 85.51
CA GLU XB 178 61.68 10.49 86.86
C GLU XB 178 61.71 11.97 87.22
N GLU XB 179 62.75 12.69 86.79
CA GLU XB 179 62.83 14.12 87.07
C GLU XB 179 61.72 14.90 86.36
N ALA XB 180 61.40 14.54 85.11
CA ALA XB 180 60.31 15.21 84.42
C ALA XB 180 58.97 14.88 85.06
N LEU XB 181 58.79 13.63 85.51
CA LEU XB 181 57.52 13.23 86.13
C LEU XB 181 57.30 13.92 87.48
N ASP XB 182 58.32 14.54 88.05
CA ASP XB 182 58.18 15.25 89.32
C ASP XB 182 58.44 16.74 89.22
N SER XB 183 58.88 17.25 88.06
CA SER XB 183 59.13 18.68 87.86
C SER XB 183 58.21 19.18 86.77
N PRO XB 184 57.00 19.62 87.12
CA PRO XB 184 56.10 20.18 86.11
C PRO XB 184 56.60 21.54 85.61
N LYS XB 185 56.22 21.87 84.38
CA LYS XB 185 56.53 23.16 83.79
C LYS XB 185 55.26 23.78 83.20
N SER XB 186 55.20 25.10 83.22
CA SER XB 186 54.05 25.84 82.70
C SER XB 186 54.54 27.01 81.87
N TYR XB 187 53.92 27.21 80.71
CA TYR XB 187 54.22 28.32 79.82
C TYR XB 187 53.14 29.38 79.79
N ASN XB 188 52.18 29.33 80.73
CA ASN XB 188 51.08 30.28 80.69
C ASN XB 188 51.47 31.59 81.33
N TRP XB 189 51.26 32.69 80.60
CA TRP XB 189 51.50 34.03 81.11
C TRP XB 189 50.64 35.01 80.33
N ALA XB 190 49.96 35.91 81.03
CA ALA XB 190 49.03 36.84 80.44
C ALA XB 190 49.70 38.20 80.26
N ILE XB 191 48.93 39.14 79.72
CA ILE XB 191 49.39 40.50 79.45
C ILE XB 191 48.35 41.48 79.98
N THR XB 192 48.74 42.75 80.06
CA THR XB 192 47.87 43.82 80.52
C THR XB 192 47.82 44.91 79.46
N ARG XB 193 46.95 45.89 79.70
CA ARG XB 193 46.82 47.00 78.76
C ARG XB 193 48.09 47.86 78.70
N GLU XB 194 48.85 47.91 79.79
CA GLU XB 194 50.07 48.69 79.80
C GLU XB 194 51.18 48.02 79.01
N GLY XB 195 51.15 46.69 78.90
CA GLY XB 195 52.17 45.97 78.16
C GLY XB 195 53.13 45.23 79.06
N LEU XB 196 52.66 44.81 80.24
CA LEU XB 196 53.47 44.11 81.22
C LEU XB 196 53.00 42.67 81.35
N VAL XB 197 53.96 41.77 81.53
CA VAL XB 197 53.69 40.35 81.62
C VAL XB 197 53.34 40.00 83.06
N VAL XB 198 52.40 39.07 83.21
CA VAL XB 198 52.00 38.57 84.52
C VAL XB 198 52.02 37.05 84.49
N ARG XB 199 52.35 36.45 85.64
CA ARG XB 199 52.45 35.01 85.73
C ARG XB 199 51.60 34.49 86.89
N PRO XB 200 50.94 33.34 86.71
CA PRO XB 200 50.11 32.79 87.79
C PRO XB 200 50.89 32.00 88.83
N GLN XB 201 52.21 31.87 88.69
CA GLN XB 201 52.99 31.08 89.64
C GLN XB 201 53.06 31.72 91.03
N GLN XB 202 52.69 33.00 91.14
CA GLN XB 202 52.68 33.67 92.44
C GLN XB 202 51.52 33.25 93.32
N LYS XB 203 50.53 32.55 92.77
CA LYS XB 203 49.39 32.10 93.55
C LYS XB 203 49.77 30.99 94.52
N CYS YB 68 104.64 7.37 -92.24
CA CYS YB 68 104.39 5.95 -92.00
C CYS YB 68 105.70 5.20 -91.82
N LEU YB 69 106.81 5.83 -92.22
CA LEU YB 69 108.12 5.21 -92.11
C LEU YB 69 108.56 5.06 -90.65
N LEU YB 70 107.96 5.82 -89.73
CA LEU YB 70 108.33 5.72 -88.33
C LEU YB 70 108.07 4.33 -87.78
N SER YB 71 106.90 3.77 -88.06
CA SER YB 71 106.51 2.47 -87.53
C SER YB 71 107.39 1.33 -88.02
N ALA YB 72 108.14 1.52 -89.11
CA ALA YB 72 109.05 0.48 -89.58
C ALA YB 72 110.16 0.23 -88.57
N ALA YB 73 110.76 1.30 -88.05
CA ALA YB 73 111.79 1.20 -87.03
C ALA YB 73 111.23 1.28 -85.62
N TYR YB 74 109.96 1.61 -85.47
CA TYR YB 74 109.29 1.65 -84.17
C TYR YB 74 108.39 0.45 -83.95
N VAL YB 75 108.83 -0.73 -84.35
CA VAL YB 75 108.08 -1.98 -84.19
C VAL YB 75 107.47 -2.06 -82.81
N ASP YB 76 106.15 -2.25 -82.75
CA ASP YB 76 105.39 -2.18 -81.51
C ASP YB 76 105.01 -3.54 -80.96
N SER YB 77 104.96 -4.57 -81.80
CA SER YB 77 104.57 -5.90 -81.32
C SER YB 77 105.61 -6.49 -80.37
N HIS YB 78 106.88 -6.10 -80.50
CA HIS YB 78 107.92 -6.66 -79.64
C HIS YB 78 107.83 -6.12 -78.22
N LYS YB 79 107.61 -4.81 -78.08
CA LYS YB 79 107.59 -4.19 -76.76
C LYS YB 79 106.19 -4.17 -76.14
N TRP YB 80 105.14 -4.17 -76.96
CA TRP YB 80 103.78 -4.17 -76.42
C TRP YB 80 103.47 -5.44 -75.65
N GLU YB 81 103.93 -6.59 -76.15
CA GLU YB 81 103.67 -7.85 -75.47
C GLU YB 81 104.53 -8.02 -74.22
N ALA YB 82 105.46 -7.09 -73.98
CA ALA YB 82 106.28 -7.09 -72.76
C ALA YB 82 105.71 -6.19 -71.68
N ARG YB 83 104.52 -5.62 -71.90
CA ARG YB 83 103.92 -4.69 -70.94
C ARG YB 83 102.75 -5.28 -70.18
N ASP YB 84 102.21 -6.43 -70.60
CA ASP YB 84 101.02 -7.01 -69.98
C ASP YB 84 101.45 -7.97 -68.87
N LYS YB 85 101.24 -7.55 -67.62
CA LYS YB 85 101.58 -8.36 -66.45
C LYS YB 85 100.43 -8.40 -65.45
N GLU YB 86 99.19 -8.43 -65.94
CA GLU YB 86 98.04 -8.34 -65.05
C GLU YB 86 97.28 -9.67 -64.94
N ASP YB 87 97.12 -10.38 -66.06
CA ASP YB 87 96.65 -11.77 -66.08
C ASP YB 87 95.28 -11.90 -65.40
N CYS YB 88 94.28 -11.25 -65.98
CA CYS YB 88 93.01 -11.00 -65.30
C CYS YB 88 91.85 -11.73 -66.00
N HIS YB 89 90.66 -11.56 -65.41
CA HIS YB 89 89.43 -12.26 -65.77
C HIS YB 89 88.25 -11.36 -65.45
N LEU YB 90 87.06 -11.95 -65.14
CA LEU YB 90 85.80 -11.21 -65.10
C LEU YB 90 85.18 -11.00 -63.72
N ALA YB 91 84.80 -12.08 -63.03
CA ALA YB 91 83.63 -12.05 -62.15
C ALA YB 91 83.83 -11.21 -60.89
N ASP YB 92 84.83 -11.52 -60.05
CA ASP YB 92 84.91 -10.89 -58.74
C ASP YB 92 85.14 -9.38 -58.83
N LEU YB 93 86.06 -8.92 -59.67
CA LEU YB 93 86.28 -7.47 -59.69
C LEU YB 93 85.15 -6.77 -60.42
N ALA YB 94 84.51 -7.43 -61.40
CA ALA YB 94 83.27 -6.87 -61.92
C ALA YB 94 82.30 -6.56 -60.78
N SER YB 95 82.04 -7.55 -59.92
CA SER YB 95 81.10 -7.35 -58.82
C SER YB 95 81.58 -6.27 -57.87
N LEU YB 96 82.87 -6.30 -57.51
CA LEU YB 96 83.41 -5.37 -56.52
C LEU YB 96 83.23 -3.93 -56.96
N MET YB 97 83.56 -3.62 -58.21
CA MET YB 97 83.46 -2.23 -58.62
C MET YB 97 82.01 -1.82 -58.86
N ASP YB 98 81.15 -2.74 -59.34
CA ASP YB 98 79.73 -2.38 -59.40
C ASP YB 98 79.17 -2.10 -58.01
N LYS YB 99 79.69 -2.77 -56.99
CA LYS YB 99 79.32 -2.47 -55.60
C LYS YB 99 79.87 -1.12 -55.15
N THR YB 100 81.11 -0.80 -55.52
CA THR YB 100 81.67 0.50 -55.15
C THR YB 100 80.86 1.63 -55.76
N TYR YB 101 80.36 1.46 -56.98
CA TYR YB 101 79.51 2.50 -57.58
C TYR YB 101 78.04 2.34 -57.24
N GLU YB 102 77.64 1.24 -56.62
CA GLU YB 102 76.35 1.25 -55.94
C GLU YB 102 76.43 2.07 -54.65
N ARG YB 103 77.59 2.03 -54.00
CA ARG YB 103 77.83 2.79 -52.77
C ARG YB 103 78.38 4.18 -53.03
N LYS YB 104 78.62 4.53 -54.30
CA LYS YB 104 79.18 5.83 -54.69
C LYS YB 104 80.53 6.07 -54.04
N LEU YB 105 81.50 5.24 -54.42
CA LEU YB 105 82.86 5.34 -53.91
C LEU YB 105 83.86 5.50 -55.05
N PRO YB 106 84.69 6.53 -55.02
CA PRO YB 106 85.70 6.70 -56.06
C PRO YB 106 86.76 5.63 -56.03
N VAL YB 107 87.33 5.32 -57.20
CA VAL YB 107 88.33 4.27 -57.36
C VAL YB 107 89.52 4.81 -58.14
N SER YB 108 90.54 3.98 -58.26
CA SER YB 108 91.77 4.35 -58.95
C SER YB 108 91.67 4.06 -60.44
N SER YB 109 92.65 4.58 -61.18
CA SER YB 109 92.85 4.19 -62.57
C SER YB 109 93.69 2.93 -62.70
N LEU YB 110 94.21 2.40 -61.58
CA LEU YB 110 94.98 1.18 -61.61
C LEU YB 110 94.13 0.03 -62.16
N THR YB 111 92.89 -0.09 -61.71
CA THR YB 111 92.03 -1.16 -62.16
C THR YB 111 91.68 -1.01 -63.64
N ILE YB 112 91.35 0.21 -64.08
CA ILE YB 112 90.97 0.41 -65.48
C ILE YB 112 92.16 0.18 -66.39
N SER YB 113 93.38 0.46 -65.93
CA SER YB 113 94.57 0.03 -66.65
C SER YB 113 94.72 -1.48 -66.66
N ARG YB 114 94.43 -2.13 -65.52
CA ARG YB 114 94.54 -3.58 -65.43
C ARG YB 114 93.64 -4.29 -66.43
N PHE YB 115 92.39 -3.86 -66.54
CA PHE YB 115 91.49 -4.52 -67.48
C PHE YB 115 91.88 -4.27 -68.93
N VAL YB 116 92.16 -3.02 -69.30
CA VAL YB 116 92.58 -2.77 -70.68
C VAL YB 116 93.90 -3.46 -70.99
N ASP YB 117 94.66 -3.85 -69.95
CA ASP YB 117 95.83 -4.68 -70.18
C ASP YB 117 95.46 -6.10 -70.60
N ASN YB 118 94.25 -6.56 -70.26
CA ASN YB 118 93.83 -7.92 -70.58
C ASN YB 118 92.59 -7.95 -71.48
N ILE YB 119 92.55 -7.09 -72.49
CA ILE YB 119 91.50 -7.17 -73.50
C ILE YB 119 91.75 -8.39 -74.37
N ALA YB 120 90.69 -9.17 -74.62
CA ALA YB 120 90.80 -10.38 -75.43
C ALA YB 120 90.08 -10.29 -76.76
N SER YB 121 89.07 -9.43 -76.89
CA SER YB 121 88.30 -9.36 -78.12
C SER YB 121 87.61 -8.00 -78.24
N ARG YB 122 86.95 -7.80 -79.39
CA ARG YB 122 86.22 -6.56 -79.62
C ARG YB 122 84.97 -6.48 -78.75
N GLU YB 123 84.43 -7.62 -78.32
CA GLU YB 123 83.39 -7.60 -77.31
C GLU YB 123 83.93 -7.02 -76.00
N ASP YB 124 85.15 -7.41 -75.63
CA ASP YB 124 85.80 -6.78 -74.49
C ASP YB 124 86.10 -5.30 -74.73
N ILE YB 125 86.37 -4.91 -75.97
CA ILE YB 125 86.54 -3.49 -76.28
C ILE YB 125 85.24 -2.73 -76.05
N ASP YB 126 84.10 -3.29 -76.50
CA ASP YB 126 82.82 -2.62 -76.27
C ASP YB 126 82.47 -2.60 -74.78
N HIS YB 127 82.78 -3.68 -74.06
CA HIS YB 127 82.66 -3.65 -72.61
C HIS YB 127 83.48 -2.52 -72.02
N ALA YB 128 84.75 -2.42 -72.41
CA ALA YB 128 85.61 -1.34 -71.98
C ALA YB 128 85.08 0.03 -72.40
N GLU YB 129 84.29 0.11 -73.47
CA GLU YB 129 83.69 1.39 -73.82
C GLU YB 129 82.54 1.75 -72.90
N TYR YB 130 81.59 0.82 -72.69
CA TYR YB 130 80.53 1.07 -71.72
C TYR YB 130 81.12 1.30 -70.33
N TYR YB 131 82.22 0.63 -70.05
CA TYR YB 131 83.02 1.06 -68.92
C TYR YB 131 83.41 2.53 -69.07
N LEU YB 132 84.14 2.89 -70.14
CA LEU YB 132 84.61 4.25 -70.31
C LEU YB 132 83.55 5.24 -69.91
N TYR YB 133 82.27 4.81 -70.10
CA TYR YB 133 81.04 5.61 -70.02
C TYR YB 133 80.27 5.47 -68.68
N LYS YB 134 80.68 4.58 -67.74
CA LYS YB 134 80.00 4.66 -66.43
C LYS YB 134 80.89 4.95 -65.17
N PHE YB 135 82.26 5.07 -65.25
CA PHE YB 135 82.99 5.67 -64.05
C PHE YB 135 83.51 7.11 -64.16
N ARG YB 136 84.35 7.56 -65.15
CA ARG YB 136 85.11 8.80 -64.84
C ARG YB 136 84.26 9.99 -64.38
N HIS YB 137 82.96 9.82 -64.18
CA HIS YB 137 82.10 10.74 -63.45
C HIS YB 137 82.11 10.46 -61.95
N SER YB 138 83.22 9.93 -61.43
CA SER YB 138 83.43 9.79 -59.99
C SER YB 138 84.44 10.84 -59.53
N PRO YB 139 84.66 11.00 -58.22
CA PRO YB 139 85.62 12.01 -57.78
C PRO YB 139 87.03 11.86 -58.34
N ASN YB 140 87.48 10.65 -58.65
CA ASN YB 140 88.83 10.44 -59.15
C ASN YB 140 88.89 10.55 -60.68
N CYS YB 141 88.34 11.65 -61.22
CA CYS YB 141 88.35 11.87 -62.66
C CYS YB 141 89.72 12.33 -63.15
N TRP YB 142 90.41 13.18 -62.38
CA TRP YB 142 91.67 13.75 -62.85
C TRP YB 142 92.83 12.77 -62.77
N TYR YB 143 92.70 11.71 -61.96
CA TYR YB 143 93.81 10.80 -61.70
C TYR YB 143 93.99 9.74 -62.79
N LEU YB 144 93.46 9.97 -63.99
CA LEU YB 144 93.64 9.01 -65.08
C LEU YB 144 95.10 8.96 -65.51
N ARG YB 145 95.68 7.76 -65.48
CA ARG YB 145 97.09 7.59 -65.78
C ARG YB 145 97.34 7.70 -67.29
N ASP YB 146 98.58 8.04 -67.64
CA ASP YB 146 98.94 8.21 -69.04
C ASP YB 146 99.07 6.87 -69.76
N TRP YB 147 99.70 5.88 -69.12
CA TRP YB 147 99.91 4.59 -69.74
C TRP YB 147 98.63 3.81 -69.98
N THR YB 148 97.56 4.13 -69.23
CA THR YB 148 96.26 3.52 -69.52
C THR YB 148 95.76 3.93 -70.90
N ILE YB 149 95.98 5.18 -71.30
CA ILE YB 149 95.61 5.63 -72.63
C ILE YB 149 96.36 4.85 -73.69
N HIS YB 150 97.66 4.65 -73.51
CA HIS YB 150 98.45 3.88 -74.46
C HIS YB 150 97.98 2.44 -74.55
N THR YB 151 97.68 1.81 -73.40
CA THR YB 151 97.21 0.43 -73.40
C THR YB 151 95.87 0.32 -74.12
N TRP YB 152 94.95 1.25 -73.86
CA TRP YB 152 93.65 1.23 -74.53
C TRP YB 152 93.79 1.47 -76.03
N ILE YB 153 94.68 2.37 -76.44
CA ILE YB 153 94.91 2.62 -77.86
C ILE YB 153 95.48 1.37 -78.53
N ARG YB 154 96.43 0.70 -77.87
CA ARG YB 154 96.99 -0.52 -78.45
C ARG YB 154 95.93 -1.61 -78.58
N GLN YB 155 95.07 -1.75 -77.57
CA GLN YB 155 94.01 -2.75 -77.67
C GLN YB 155 93.02 -2.41 -78.79
N CYS YB 156 92.71 -1.12 -78.97
CA CYS YB 156 91.85 -0.73 -80.09
C CYS YB 156 92.51 -1.01 -81.44
N LEU YB 157 93.81 -0.76 -81.55
CA LEU YB 157 94.56 -1.11 -82.76
C LEU YB 157 94.62 -2.61 -82.99
N LYS YB 158 94.56 -3.42 -81.93
CA LYS YB 158 94.63 -4.86 -82.08
C LYS YB 158 93.49 -5.38 -82.95
N TYR YB 159 92.26 -4.87 -82.74
CA TYR YB 159 91.09 -5.31 -83.49
C TYR YB 159 90.65 -4.30 -84.54
N GLY YB 160 90.23 -3.13 -84.11
CA GLY YB 160 89.56 -2.22 -85.00
C GLY YB 160 90.49 -1.27 -85.72
N ALA YB 161 91.37 -0.63 -84.95
CA ALA YB 161 92.45 0.20 -85.49
C ALA YB 161 91.94 1.38 -86.31
N GLN YB 162 90.64 1.40 -86.65
CA GLN YB 162 90.12 2.35 -87.63
C GLN YB 162 88.80 2.99 -87.27
N ASP YB 163 87.95 2.36 -86.47
CA ASP YB 163 86.62 2.87 -86.22
C ASP YB 163 86.43 3.39 -84.80
N LYS YB 164 86.72 2.56 -83.78
CA LYS YB 164 86.48 3.00 -82.42
C LYS YB 164 87.44 4.10 -81.99
N ALA YB 165 88.70 4.02 -82.40
CA ALA YB 165 89.65 5.07 -82.05
C ALA YB 165 89.23 6.42 -82.62
N LEU YB 166 88.66 6.43 -83.82
CA LEU YB 166 88.18 7.67 -84.41
C LEU YB 166 86.89 8.14 -83.74
N TYR YB 167 85.99 7.21 -83.39
CA TYR YB 167 84.76 7.60 -82.72
C TYR YB 167 85.03 8.19 -81.35
N THR YB 168 85.97 7.61 -80.61
CA THR YB 168 86.31 8.10 -79.28
C THR YB 168 87.15 9.37 -79.30
N LEU YB 169 87.66 9.76 -80.47
CA LEU YB 169 88.48 10.96 -80.56
C LEU YB 169 87.76 12.11 -81.22
N LYS YB 170 86.79 11.84 -82.11
CA LYS YB 170 86.14 12.92 -82.84
C LYS YB 170 85.41 13.87 -81.90
N ASN YB 171 84.71 13.34 -80.90
CA ASN YB 171 84.13 14.20 -79.87
C ASN YB 171 85.22 14.88 -79.07
N LYS YB 172 86.19 14.09 -78.60
CA LYS YB 172 87.41 14.51 -77.93
C LYS YB 172 87.13 15.07 -76.54
N VAL YB 173 85.85 15.28 -76.20
CA VAL YB 173 85.42 15.62 -74.86
C VAL YB 173 84.52 14.54 -74.28
N GLN YB 174 83.81 13.82 -75.14
CA GLN YB 174 82.98 12.73 -74.65
C GLN YB 174 83.84 11.59 -74.14
N TYR YB 175 84.84 11.18 -74.90
CA TYR YB 175 85.75 10.13 -74.45
C TYR YB 175 87.02 10.70 -73.84
N GLY YB 176 87.55 11.79 -74.40
CA GLY YB 176 88.67 12.49 -73.80
C GLY YB 176 89.86 11.63 -73.39
N ILE YB 177 90.33 10.79 -74.29
CA ILE YB 177 91.52 9.99 -74.01
C ILE YB 177 92.72 10.89 -73.76
N PHE YB 178 92.80 12.00 -74.51
CA PHE YB 178 93.84 13.00 -74.41
C PHE YB 178 95.23 12.38 -74.48
N PRO YB 179 95.57 11.73 -75.60
CA PRO YB 179 96.89 11.06 -75.72
C PRO YB 179 97.97 12.01 -76.23
N ASP YB 180 98.40 12.93 -75.36
CA ASP YB 180 99.43 13.90 -75.70
C ASP YB 180 100.82 13.26 -75.56
N ASN YB 181 101.06 12.27 -76.43
CA ASN YB 181 102.29 11.50 -76.42
C ASN YB 181 102.64 11.12 -77.86
N TYR YB 182 103.50 10.13 -78.01
CA TYR YB 182 103.85 9.61 -79.33
C TYR YB 182 102.70 8.83 -79.97
N THR YB 183 101.64 8.55 -79.21
CA THR YB 183 100.49 7.84 -79.77
C THR YB 183 99.83 8.61 -80.90
N PHE YB 184 99.94 9.96 -80.88
CA PHE YB 184 99.39 10.74 -81.97
C PHE YB 184 100.09 10.43 -83.29
N ASN YB 185 101.43 10.35 -83.28
CA ASN YB 185 102.16 9.93 -84.47
C ASN YB 185 101.89 8.47 -84.80
N LEU YB 186 101.81 7.62 -83.79
CA LEU YB 186 101.64 6.19 -84.03
C LEU YB 186 100.30 5.87 -84.70
N LEU YB 187 99.23 6.53 -84.26
CA LEU YB 187 97.92 6.32 -84.88
C LEU YB 187 97.90 6.75 -86.34
N MET YB 188 98.51 7.89 -86.66
CA MET YB 188 98.58 8.32 -88.06
C MET YB 188 99.43 7.38 -88.89
N ASP YB 189 100.56 6.89 -88.34
CA ASP YB 189 101.38 5.94 -89.07
C ASP YB 189 100.63 4.64 -89.35
N TYR YB 190 99.88 4.14 -88.38
CA TYR YB 190 99.02 2.99 -88.61
C TYR YB 190 97.89 3.29 -89.60
N PHE YB 191 97.34 4.51 -89.59
CA PHE YB 191 96.31 4.89 -90.53
C PHE YB 191 96.81 4.87 -91.96
N ILE YB 192 98.03 5.36 -92.18
CA ILE YB 192 98.57 5.44 -93.53
C ILE YB 192 98.74 4.06 -94.17
N LYS YB 193 98.81 3.00 -93.37
CA LYS YB 193 98.97 1.66 -93.93
C LYS YB 193 97.81 1.30 -94.85
N LYS YB 194 96.58 1.61 -94.44
CA LYS YB 194 95.42 1.54 -95.33
C LYS YB 194 95.15 2.86 -96.04
N GLU YB 195 95.90 3.91 -95.69
CA GLU YB 195 95.90 5.23 -96.29
C GLU YB 195 94.68 6.06 -95.93
N ASN YB 196 93.65 5.42 -95.36
CA ASN YB 196 92.61 6.04 -94.53
C ASN YB 196 92.30 7.48 -94.91
N TYR YB 197 91.89 7.71 -96.15
CA TYR YB 197 91.75 9.08 -96.67
C TYR YB 197 90.76 9.88 -95.84
N LYS YB 198 89.49 9.44 -95.80
CA LYS YB 198 88.49 10.15 -95.01
C LYS YB 198 88.56 9.82 -93.53
N ASP YB 199 89.20 8.72 -93.15
CA ASP YB 199 89.27 8.34 -91.74
C ASP YB 199 90.28 9.19 -90.96
N ALA YB 200 91.41 9.53 -91.58
CA ALA YB 200 92.47 10.25 -90.89
C ALA YB 200 92.30 11.76 -90.95
N LEU YB 201 91.33 12.27 -91.70
CA LEU YB 201 91.15 13.72 -91.82
C LEU YB 201 90.68 14.32 -90.50
N SER YB 202 89.77 13.64 -89.80
CA SER YB 202 89.22 14.18 -88.57
C SER YB 202 90.24 14.19 -87.43
N VAL YB 203 91.16 13.22 -87.41
CA VAL YB 203 92.12 13.12 -86.31
C VAL YB 203 93.00 14.34 -86.22
N VAL YB 204 93.37 14.93 -87.36
CA VAL YB 204 94.20 16.14 -87.37
C VAL YB 204 93.47 17.28 -86.67
N PHE YB 205 92.16 17.40 -86.89
CA PHE YB 205 91.40 18.47 -86.24
C PHE YB 205 91.44 18.34 -84.73
N GLU YB 206 91.26 17.12 -84.21
CA GLU YB 206 91.28 16.92 -82.76
C GLU YB 206 92.67 17.08 -82.18
N ILE YB 207 93.71 16.66 -82.92
CA ILE YB 207 95.08 16.91 -82.45
C ILE YB 207 95.36 18.39 -82.37
N MET YB 208 94.92 19.16 -83.39
CA MET YB 208 95.09 20.61 -83.36
C MET YB 208 94.33 21.23 -82.20
N MET YB 209 93.12 20.75 -81.91
CA MET YB 209 92.38 21.25 -80.77
C MET YB 209 93.10 20.95 -79.46
N GLN YB 210 93.65 19.74 -79.31
CA GLN YB 210 94.37 19.38 -78.09
C GLN YB 210 95.67 20.16 -77.95
N GLU YB 211 96.27 20.61 -79.05
CA GLU YB 211 97.49 21.41 -79.04
C GLU YB 211 98.64 20.64 -78.39
N ALA YB 212 98.94 19.47 -78.96
CA ALA YB 212 100.04 18.63 -78.50
C ALA YB 212 101.22 18.64 -79.47
N PHE YB 213 101.53 19.79 -80.05
CA PHE YB 213 102.59 19.90 -81.06
C PHE YB 213 103.92 20.22 -80.41
N GLU YB 214 104.31 19.35 -79.48
CA GLU YB 214 105.64 19.39 -78.88
C GLU YB 214 106.56 18.30 -79.39
N VAL YB 215 106.05 17.10 -79.63
CA VAL YB 215 106.80 16.01 -80.24
C VAL YB 215 106.89 16.30 -81.73
N PRO YB 216 107.87 15.73 -82.45
CA PRO YB 216 107.99 16.03 -83.90
C PRO YB 216 106.87 15.40 -84.72
N SER YB 217 105.66 15.92 -84.58
CA SER YB 217 104.51 15.49 -85.38
C SER YB 217 104.10 16.54 -86.40
N THR YB 218 104.75 17.71 -86.39
CA THR YB 218 104.37 18.80 -87.28
C THR YB 218 104.48 18.38 -88.74
N GLN YB 219 105.64 17.85 -89.14
CA GLN YB 219 105.81 17.39 -90.51
C GLN YB 219 104.89 16.23 -90.85
N LEU YB 220 104.67 15.32 -89.90
CA LEU YB 220 103.80 14.18 -90.15
C LEU YB 220 102.37 14.62 -90.47
N LEU YB 221 101.84 15.58 -89.71
CA LEU YB 221 100.49 16.07 -89.99
C LEU YB 221 100.46 17.00 -91.20
N SER YB 222 101.53 17.76 -91.44
CA SER YB 222 101.60 18.62 -92.61
C SER YB 222 101.63 17.82 -93.90
N LEU YB 223 102.23 16.62 -93.89
CA LEU YB 223 102.19 15.77 -95.07
C LEU YB 223 100.76 15.38 -95.42
N TYR YB 224 99.97 15.00 -94.41
CA TYR YB 224 98.62 14.52 -94.67
C TYR YB 224 97.66 15.65 -95.00
N VAL YB 225 97.78 16.81 -94.35
CA VAL YB 225 96.90 17.92 -94.70
C VAL YB 225 97.18 18.39 -96.12
N LEU YB 226 98.44 18.37 -96.56
CA LEU YB 226 98.75 18.70 -97.94
C LEU YB 226 98.36 17.59 -98.90
N TYR YB 227 98.32 16.34 -98.45
CA TYR YB 227 97.70 15.28 -99.25
C TYR YB 227 96.24 15.59 -99.51
N HIS YB 228 95.52 16.02 -98.48
CA HIS YB 228 94.08 16.27 -98.62
C HIS YB 228 93.77 17.58 -99.33
N CYS YB 229 94.64 18.59 -99.23
CA CYS YB 229 94.34 19.87 -99.86
C CYS YB 229 94.32 19.77 -101.38
N LEU YB 230 95.22 18.98 -101.97
CA LEU YB 230 95.19 18.78 -103.42
C LEU YB 230 93.90 18.10 -103.86
N ALA YB 231 93.45 17.08 -103.12
CA ALA YB 231 92.18 16.42 -103.41
C ALA YB 231 90.99 17.32 -103.16
N GLU YB 232 91.13 18.34 -102.33
CA GLU YB 232 90.04 19.27 -102.04
C GLU YB 232 89.79 20.16 -103.26
N LYS YB 233 88.74 19.81 -104.01
CA LYS YB 233 88.25 20.64 -105.12
C LYS YB 233 86.73 20.73 -104.97
N THR YB 234 86.26 21.65 -104.15
CA THR YB 234 84.84 21.84 -103.90
C THR YB 234 84.64 23.27 -103.42
N ASP YB 235 83.39 23.59 -103.09
CA ASP YB 235 83.04 24.87 -102.49
C ASP YB 235 82.96 24.67 -100.98
N LEU YB 236 83.95 25.20 -100.27
CA LEU YB 236 84.03 25.02 -98.82
C LEU YB 236 82.88 25.75 -98.14
N SER YB 237 82.35 25.14 -97.09
CA SER YB 237 81.26 25.71 -96.32
C SER YB 237 81.82 26.52 -95.15
N TRP YB 238 80.93 26.98 -94.27
CA TRP YB 238 81.36 27.81 -93.14
C TRP YB 238 82.29 27.04 -92.21
N GLU YB 239 81.93 25.79 -91.89
CA GLU YB 239 82.76 24.98 -91.01
C GLU YB 239 84.06 24.56 -91.68
N GLU YB 240 84.02 24.28 -92.99
CA GLU YB 240 85.24 23.90 -93.70
C GLU YB 240 86.23 25.04 -93.78
N GLU YB 241 85.77 26.25 -94.13
CA GLU YB 241 86.66 27.40 -94.20
C GLU YB 241 87.29 27.71 -92.85
N ARG YB 242 86.67 27.27 -91.75
CA ARG YB 242 87.25 27.46 -90.43
C ARG YB 242 88.25 26.36 -90.09
N ASN YB 243 87.83 25.10 -90.21
CA ASN YB 243 88.68 24.01 -89.75
C ASN YB 243 89.89 23.78 -90.65
N PHE YB 244 89.72 23.85 -91.98
CA PHE YB 244 90.88 23.69 -92.86
C PHE YB 244 91.87 24.84 -92.66
N GLY YB 245 91.37 26.06 -92.46
CA GLY YB 245 92.26 27.19 -92.19
C GLY YB 245 92.98 27.06 -90.87
N ALA YB 246 92.29 26.56 -89.84
CA ALA YB 246 92.91 26.44 -88.53
C ALA YB 246 93.81 25.21 -88.42
N SER YB 247 93.69 24.26 -89.34
CA SER YB 247 94.52 23.06 -89.31
C SER YB 247 95.91 23.26 -89.91
N LEU YB 248 96.37 24.50 -90.07
CA LEU YB 248 97.70 24.76 -90.59
C LEU YB 248 98.54 25.72 -89.75
N LEU YB 249 97.92 26.58 -88.93
CA LEU YB 249 98.69 27.49 -88.10
C LEU YB 249 99.22 26.80 -86.83
N LEU YB 250 98.30 26.27 -86.01
CA LEU YB 250 98.74 25.53 -84.82
C LEU YB 250 99.51 24.27 -85.20
N PRO YB 251 99.05 23.42 -86.12
CA PRO YB 251 99.87 22.25 -86.49
C PRO YB 251 101.17 22.63 -87.18
N GLY YB 252 101.11 23.44 -88.22
CA GLY YB 252 102.29 23.82 -88.97
C GLY YB 252 103.05 24.98 -88.37
N LEU YB 253 104.22 24.69 -87.78
CA LEU YB 253 105.02 25.74 -87.18
C LEU YB 253 106.52 25.56 -87.44
N LYS YB 254 106.89 24.84 -88.50
CA LYS YB 254 108.30 24.61 -88.80
C LYS YB 254 108.90 25.84 -89.47
N GLN YB 255 109.93 26.41 -88.84
CA GLN YB 255 110.65 27.54 -89.41
C GLN YB 255 111.89 27.12 -90.19
N LYS YB 256 112.26 25.84 -90.14
CA LYS YB 256 113.47 25.39 -90.81
C LYS YB 256 113.27 25.27 -92.32
N ASN YB 257 112.07 24.88 -92.75
CA ASN YB 257 111.76 24.69 -94.16
C ASN YB 257 110.66 25.68 -94.58
N SER YB 258 110.49 25.82 -95.90
CA SER YB 258 109.45 26.67 -96.45
C SER YB 258 108.05 26.09 -96.26
N VAL YB 259 107.95 24.82 -95.89
CA VAL YB 259 106.64 24.18 -95.76
C VAL YB 259 105.83 24.83 -94.65
N GLY YB 260 106.47 25.12 -93.51
CA GLY YB 260 105.75 25.77 -92.43
C GLY YB 260 105.28 27.16 -92.76
N LEU YB 261 106.12 27.95 -93.42
CA LEU YB 261 105.73 29.30 -93.82
C LEU YB 261 104.61 29.26 -94.85
N SER YB 262 104.69 28.35 -95.81
CA SER YB 262 103.61 28.20 -96.78
C SER YB 262 102.31 27.75 -96.13
N SER YB 263 102.40 26.85 -95.15
CA SER YB 263 101.21 26.42 -94.42
C SER YB 263 100.60 27.57 -93.63
N GLN YB 264 101.42 28.40 -92.98
CA GLN YB 264 100.90 29.55 -92.26
C GLN YB 264 100.23 30.54 -93.21
N LEU YB 265 100.86 30.83 -94.35
CA LEU YB 265 100.26 31.73 -95.32
C LEU YB 265 98.95 31.19 -95.87
N TYR YB 266 98.90 29.88 -96.16
CA TYR YB 266 97.66 29.26 -96.63
C TYR YB 266 96.57 29.30 -95.58
N GLY YB 267 96.90 29.00 -94.32
CA GLY YB 267 95.93 29.00 -93.25
C GLY YB 267 95.36 30.37 -92.93
N TYR YB 268 96.22 31.39 -92.88
CA TYR YB 268 95.74 32.74 -92.62
C TYR YB 268 94.79 33.23 -93.69
N ALA YB 269 95.08 32.94 -94.96
CA ALA YB 269 94.22 33.36 -96.05
C ALA YB 269 92.83 32.75 -95.95
N LEU YB 270 92.75 31.48 -95.58
CA LEU YB 270 91.46 30.82 -95.43
C LEU YB 270 90.74 31.29 -94.17
N LEU YB 271 91.48 31.57 -93.10
CA LEU YB 271 90.86 32.05 -91.87
C LEU YB 271 90.29 33.45 -92.03
N GLY YB 272 90.93 34.30 -92.83
CA GLY YB 272 90.40 35.63 -93.07
C GLY YB 272 89.09 35.65 -93.83
N LYS YB 273 88.82 34.63 -94.63
CA LYS YB 273 87.57 34.58 -95.37
C LYS YB 273 86.36 34.52 -94.44
N VAL YB 274 86.46 33.73 -93.36
CA VAL YB 274 85.35 33.65 -92.41
C VAL YB 274 85.08 35.00 -91.76
N GLU YB 275 86.14 35.70 -91.34
CA GLU YB 275 85.96 37.03 -90.75
C GLU YB 275 85.37 38.02 -91.76
N LEU YB 276 85.81 37.96 -93.01
CA LEU YB 276 85.32 38.90 -94.02
C LEU YB 276 83.88 38.61 -94.45
N GLN YB 277 83.45 37.35 -94.41
CA GLN YB 277 82.15 37.00 -94.95
C GLN YB 277 81.07 36.86 -93.88
N GLN YB 278 81.38 36.21 -92.75
CA GLN YB 278 80.37 35.88 -91.75
C GLN YB 278 80.50 36.74 -90.49
N GLY YB 279 81.67 36.77 -89.88
CA GLY YB 279 81.86 37.54 -88.67
C GLY YB 279 83.16 37.19 -88.00
N LEU YB 280 83.49 37.98 -86.98
CA LEU YB 280 84.74 37.80 -86.25
C LEU YB 280 84.64 36.74 -85.15
N ARG YB 281 83.48 36.62 -84.50
CA ARG YB 281 83.35 35.72 -83.36
C ARG YB 281 83.44 34.24 -83.76
N ALA YB 282 83.07 33.90 -85.00
CA ALA YB 282 82.98 32.52 -85.42
C ALA YB 282 84.33 31.85 -85.62
N VAL YB 283 85.42 32.62 -85.70
CA VAL YB 283 86.73 32.01 -85.90
C VAL YB 283 87.36 31.57 -84.58
N TYR YB 284 86.88 32.09 -83.45
CA TYR YB 284 87.39 31.71 -82.15
C TYR YB 284 86.28 31.25 -81.19
N CYS YB 285 85.06 31.08 -81.70
CA CYS YB 285 84.00 30.51 -80.86
C CYS YB 285 84.37 29.11 -80.38
N ASN YB 286 84.91 28.28 -81.28
CA ASN YB 286 85.36 26.94 -80.92
C ASN YB 286 86.79 26.64 -81.34
N MET YB 287 87.27 27.22 -82.44
CA MET YB 287 88.64 26.98 -82.86
C MET YB 287 89.61 27.65 -81.90
N PRO YB 288 90.75 27.02 -81.62
CA PRO YB 288 91.74 27.65 -80.75
C PRO YB 288 92.52 28.74 -81.47
N LEU YB 289 91.85 29.84 -81.78
CA LEU YB 289 92.43 30.95 -82.53
C LEU YB 289 92.34 32.22 -81.68
N LEU YB 290 92.73 33.34 -82.29
CA LEU YB 290 92.78 34.62 -81.59
C LEU YB 290 91.64 35.51 -82.06
N TRP YB 291 91.16 36.35 -81.14
CA TRP YB 291 90.03 37.22 -81.38
C TRP YB 291 90.41 38.55 -82.02
N GLN YB 292 91.70 38.81 -82.21
CA GLN YB 292 92.11 40.06 -82.83
C GLN YB 292 91.65 40.10 -84.29
N PRO YB 293 91.21 41.26 -84.78
CA PRO YB 293 90.70 41.33 -86.16
C PRO YB 293 91.77 41.19 -87.23
N GLY YB 294 93.05 41.25 -86.87
CA GLY YB 294 94.10 41.21 -87.87
C GLY YB 294 94.56 39.82 -88.24
N TYR YB 295 94.04 39.30 -89.35
CA TYR YB 295 94.49 38.02 -89.90
C TYR YB 295 95.04 38.17 -91.31
N LEU YB 296 94.48 39.06 -92.12
CA LEU YB 296 95.11 39.38 -93.39
C LEU YB 296 96.46 40.06 -93.17
N HIS YB 297 96.59 40.88 -92.12
CA HIS YB 297 97.88 41.45 -91.78
C HIS YB 297 98.88 40.38 -91.33
N ARG YB 298 98.39 39.35 -90.62
CA ARG YB 298 99.27 38.22 -90.28
C ARG YB 298 99.65 37.42 -91.52
N ALA YB 299 98.75 37.34 -92.51
CA ALA YB 299 99.10 36.69 -93.77
C ALA YB 299 100.14 37.50 -94.54
N LEU YB 300 100.08 38.83 -94.46
CA LEU YB 300 101.02 39.69 -95.16
C LEU YB 300 102.37 39.81 -94.46
N GLN YB 301 102.41 39.67 -93.13
CA GLN YB 301 103.67 39.83 -92.41
C GLN YB 301 104.64 38.69 -92.69
N VAL YB 302 104.14 37.46 -92.88
CA VAL YB 302 105.04 36.36 -93.20
C VAL YB 302 105.65 36.56 -94.59
N MET YB 303 104.87 37.10 -95.53
CA MET YB 303 105.43 37.49 -96.83
C MET YB 303 106.43 38.63 -96.71
N GLU YB 304 106.16 39.63 -95.87
CA GLU YB 304 107.09 40.72 -95.63
C GLU YB 304 108.38 40.26 -94.98
N LYS YB 305 108.35 39.17 -94.21
CA LYS YB 305 109.54 38.61 -93.60
C LYS YB 305 110.54 38.06 -94.61
N VAL YB 306 110.25 38.16 -95.91
CA VAL YB 306 111.17 37.67 -96.93
C VAL YB 306 112.49 38.42 -96.93
N ALA YB 307 112.51 39.64 -96.38
CA ALA YB 307 113.77 40.40 -96.31
C ALA YB 307 114.82 39.68 -95.50
N SER YB 308 114.40 38.80 -94.57
CA SER YB 308 115.33 37.99 -93.81
C SER YB 308 115.22 36.49 -94.09
N SER YB 309 114.04 36.02 -94.54
CA SER YB 309 113.84 34.62 -94.87
C SER YB 309 113.97 34.42 -96.36
N PRO YB 310 114.95 33.67 -96.84
CA PRO YB 310 115.16 33.55 -98.29
C PRO YB 310 114.24 32.53 -98.97
N GLU YB 311 113.77 31.55 -98.21
CA GLU YB 311 113.02 30.44 -98.77
C GLU YB 311 111.55 30.53 -98.37
N ASP YB 312 110.67 30.45 -99.38
CA ASP YB 312 109.23 30.56 -99.19
C ASP YB 312 108.53 29.52 -100.06
N GLY YB 313 107.21 29.47 -99.96
CA GLY YB 313 106.41 28.63 -100.84
C GLY YB 313 106.05 29.35 -102.12
N GLN YB 314 105.40 30.51 -101.99
CA GLN YB 314 105.15 31.44 -103.08
C GLN YB 314 104.20 30.90 -104.15
N LEU YB 315 103.62 29.72 -103.94
CA LEU YB 315 102.68 29.17 -104.92
C LEU YB 315 101.26 29.03 -104.37
N CYS YB 316 101.08 28.20 -103.36
CA CYS YB 316 99.75 27.98 -102.80
C CYS YB 316 99.21 29.19 -102.07
N GLY YB 317 100.06 29.88 -101.31
CA GLY YB 317 99.64 31.11 -100.65
C GLY YB 317 99.24 32.18 -101.65
N GLU YB 318 100.02 32.34 -102.73
CA GLU YB 318 99.66 33.28 -103.78
C GLU YB 318 98.35 32.91 -104.44
N ALA YB 319 98.14 31.62 -104.73
CA ALA YB 319 96.89 31.19 -105.35
C ALA YB 319 95.70 31.46 -104.45
N LEU YB 320 95.83 31.19 -103.15
CA LEU YB 320 94.73 31.43 -102.22
C LEU YB 320 94.48 32.93 -102.00
N ASP YB 321 95.54 33.74 -101.99
CA ASP YB 321 95.35 35.18 -101.88
C ASP YB 321 94.69 35.75 -103.14
N VAL YB 322 94.94 35.13 -104.30
CA VAL YB 322 94.23 35.53 -105.51
C VAL YB 322 92.72 35.29 -105.35
N LEU YB 323 92.35 34.13 -104.79
CA LEU YB 323 90.95 33.87 -104.51
C LEU YB 323 90.38 34.85 -103.50
N ASP YB 324 91.13 35.17 -102.45
CA ASP YB 324 90.65 36.15 -101.47
C ASP YB 324 90.43 37.52 -102.10
N ARG YB 325 91.37 37.98 -102.93
CA ARG YB 325 91.22 39.28 -103.55
C ARG YB 325 90.10 39.32 -104.59
N VAL YB 326 89.90 38.26 -105.36
CA VAL YB 326 88.77 38.26 -106.29
C VAL YB 326 87.44 38.18 -105.55
N LEU YB 327 87.37 37.42 -104.45
CA LEU YB 327 86.16 37.39 -103.64
C LEU YB 327 85.85 38.74 -103.02
N LYS YB 328 86.87 39.45 -102.53
CA LYS YB 328 86.65 40.78 -101.97
C LYS YB 328 86.43 41.84 -103.03
N ALA YB 329 86.81 41.58 -104.28
CA ALA YB 329 86.61 42.53 -105.37
C ALA YB 329 85.29 42.35 -106.09
N VAL YB 330 84.68 41.16 -106.05
CA VAL YB 330 83.39 40.95 -106.69
C VAL YB 330 82.22 41.36 -105.81
N THR YB 331 82.38 41.34 -104.48
CA THR YB 331 81.28 41.67 -103.59
C THR YB 331 81.01 43.17 -103.52
N ALA YB 332 82.05 44.00 -103.66
CA ALA YB 332 81.85 45.45 -103.53
C ALA YB 332 80.92 46.02 -104.60
N PRO YB 333 81.10 45.74 -105.91
CA PRO YB 333 80.19 46.34 -106.89
C PRO YB 333 78.85 45.62 -106.96
N ALA YB 334 78.85 44.31 -106.74
CA ALA YB 334 77.64 43.49 -106.81
C ALA YB 334 77.26 43.08 -105.39
N GLN YB 335 76.25 43.75 -104.84
CA GLN YB 335 75.79 43.47 -103.49
C GLN YB 335 74.72 42.39 -103.44
N GLY YB 336 73.93 42.23 -104.50
CA GLY YB 336 72.91 41.20 -104.57
C GLY YB 336 73.36 39.90 -105.19
N THR YB 337 74.64 39.75 -105.54
CA THR YB 337 75.13 38.54 -106.18
C THR YB 337 75.71 37.56 -105.17
N SER YB 338 76.74 37.97 -104.44
CA SER YB 338 77.42 37.11 -103.48
C SER YB 338 76.99 37.35 -102.04
N GLU YB 339 76.56 38.57 -101.71
CA GLU YB 339 76.15 38.90 -100.35
C GLU YB 339 74.68 38.61 -100.08
N GLU YB 340 73.95 38.08 -101.06
CA GLU YB 340 72.55 37.75 -100.91
C GLU YB 340 72.32 36.34 -100.38
N GLN YB 341 73.32 35.75 -99.73
CA GLN YB 341 73.23 34.40 -99.19
C GLN YB 341 72.69 34.37 -97.76
N PRO YB 342 72.38 35.52 -97.19
CA PRO YB 342 71.85 35.61 -95.83
C PRO YB 342 70.35 35.88 -95.94
N GLN YB 343 69.56 34.81 -95.95
CA GLN YB 343 68.11 34.90 -96.08
C GLN YB 343 67.41 34.12 -94.97
N GLU YB 344 68.07 33.94 -93.84
CA GLU YB 344 67.47 33.20 -92.73
C GLU YB 344 66.44 34.04 -91.99
N GLY YB 345 66.88 35.15 -91.41
CA GLY YB 345 65.98 36.03 -90.67
C GLY YB 345 66.61 37.42 -90.62
N GLU YB 346 65.75 38.42 -90.40
CA GLU YB 346 66.20 39.81 -90.27
C GLU YB 346 66.02 40.36 -88.86
N GLU YB 347 64.81 40.28 -88.31
CA GLU YB 347 64.54 40.81 -86.98
C GLU YB 347 65.26 40.01 -85.89
N SER YB 348 65.34 38.69 -86.05
CA SER YB 348 66.07 37.87 -85.07
C SER YB 348 67.54 38.23 -85.02
N GLN YB 349 68.16 38.48 -86.18
CA GLN YB 349 69.55 38.91 -86.20
C GLN YB 349 69.74 40.34 -85.72
N ARG YB 350 68.79 41.24 -86.03
CA ARG YB 350 68.91 42.61 -85.58
C ARG YB 350 68.76 42.74 -84.07
N SER YB 351 67.89 41.92 -83.47
CA SER YB 351 67.69 42.02 -82.02
C SER YB 351 68.88 41.45 -81.25
N GLU YB 352 69.59 40.47 -81.82
CA GLU YB 352 70.70 39.82 -81.15
C GLU YB 352 72.05 40.19 -81.78
N GLU YB 353 72.09 41.26 -82.56
CA GLU YB 353 73.32 41.71 -83.18
C GLU YB 353 74.33 42.14 -82.10
N LEU YB 354 75.57 41.70 -82.27
CA LEU YB 354 76.66 42.01 -81.35
C LEU YB 354 77.71 42.84 -82.06
N VAL YB 355 78.14 43.92 -81.41
CA VAL YB 355 79.15 44.82 -81.95
C VAL YB 355 80.44 44.58 -81.17
N GLU YB 356 81.36 43.83 -81.77
CA GLU YB 356 82.63 43.53 -81.10
C GLU YB 356 83.66 44.62 -81.32
N GLN YB 357 83.74 45.16 -82.53
CA GLN YB 357 84.71 46.19 -82.84
C GLN YB 357 84.20 47.56 -82.42
N LEU YB 358 85.12 48.51 -82.32
CA LEU YB 358 84.79 49.88 -81.98
C LEU YB 358 84.50 50.68 -83.24
N ASP YB 359 84.19 51.97 -83.10
CA ASP YB 359 83.91 52.80 -84.25
C ASP YB 359 85.19 53.21 -84.98
N VAL YB 360 86.30 53.36 -84.25
CA VAL YB 360 87.55 53.81 -84.85
C VAL YB 360 88.60 52.72 -84.72
N GLU YB 361 88.17 51.46 -84.77
CA GLU YB 361 89.08 50.32 -84.68
C GLU YB 361 89.66 49.91 -86.04
N GLU YB 362 89.41 50.69 -87.09
CA GLU YB 362 89.93 50.42 -88.43
C GLU YB 362 89.45 49.06 -88.93
N THR YB 363 88.14 48.98 -89.18
CA THR YB 363 87.52 47.74 -89.63
C THR YB 363 88.12 47.27 -90.94
N GLU YB 364 88.28 45.95 -91.06
CA GLU YB 364 88.90 45.35 -92.24
C GLU YB 364 88.07 45.56 -93.50
N GLN YB 365 86.78 45.89 -93.37
CA GLN YB 365 85.94 46.09 -94.55
C GLN YB 365 86.37 47.31 -95.35
N SER YB 366 86.91 48.34 -94.69
CA SER YB 366 87.36 49.55 -95.36
C SER YB 366 88.83 49.52 -95.74
N LYS YB 367 89.54 48.42 -95.47
CA LYS YB 367 90.96 48.31 -95.76
C LYS YB 367 91.25 47.43 -96.98
N LEU YB 368 90.23 47.11 -97.76
CA LEU YB 368 90.44 46.30 -98.96
C LEU YB 368 91.40 46.94 -99.97
N PRO YB 369 91.29 48.23 -100.30
CA PRO YB 369 92.31 48.83 -101.18
C PRO YB 369 93.72 48.76 -100.60
N GLN YB 370 93.87 48.88 -99.29
CA GLN YB 370 95.18 48.69 -98.67
C GLN YB 370 95.68 47.25 -98.81
N TYR YB 371 94.81 46.27 -98.57
CA TYR YB 371 95.23 44.87 -98.68
C TYR YB 371 95.64 44.52 -100.10
N LEU YB 372 94.87 44.98 -101.09
CA LEU YB 372 95.19 44.66 -102.48
C LEU YB 372 96.53 45.23 -102.91
N GLU YB 373 96.81 46.49 -102.56
CA GLU YB 373 98.09 47.09 -102.92
C GLU YB 373 99.26 46.39 -102.22
N ARG YB 374 99.11 46.06 -100.93
CA ARG YB 374 100.17 45.36 -100.23
C ARG YB 374 100.44 44.01 -100.87
N PHE YB 375 99.38 43.26 -101.20
CA PHE YB 375 99.58 41.95 -101.82
C PHE YB 375 100.22 42.07 -103.19
N GLU YB 376 99.77 43.01 -104.01
CA GLU YB 376 100.34 43.16 -105.35
C GLU YB 376 101.80 43.60 -105.29
N ALA YB 377 102.14 44.49 -104.36
CA ALA YB 377 103.53 44.92 -104.22
C ALA YB 377 104.43 43.81 -103.67
N LEU YB 378 103.91 43.00 -102.75
CA LEU YB 378 104.73 41.96 -102.14
C LEU YB 378 104.95 40.79 -103.10
N ARG YB 379 103.92 40.41 -103.86
CA ARG YB 379 104.06 39.26 -104.75
C ARG YB 379 105.03 39.53 -105.88
N SER YB 380 105.14 40.79 -106.35
CA SER YB 380 106.12 41.11 -107.37
C SER YB 380 107.54 41.01 -106.83
N LYS YB 381 107.79 41.53 -105.63
CA LYS YB 381 109.12 41.47 -105.04
C LYS YB 381 109.52 40.04 -104.67
N LEU YB 382 108.56 39.22 -104.25
CA LEU YB 382 108.87 37.83 -103.93
C LEU YB 382 109.37 37.08 -105.14
N GLN YB 383 108.75 37.29 -106.30
CA GLN YB 383 109.23 36.67 -107.53
C GLN YB 383 110.49 37.34 -108.06
N ALA YB 384 110.68 38.64 -107.81
CA ALA YB 384 111.86 39.33 -108.30
C ALA YB 384 113.13 38.98 -107.54
N LEU YB 385 113.05 38.82 -106.22
CA LEU YB 385 114.23 38.55 -105.40
C LEU YB 385 114.26 37.14 -104.84
N GLY YB 386 113.15 36.68 -104.26
CA GLY YB 386 113.10 35.35 -103.68
C GLY YB 386 113.23 34.25 -104.71
N LYS YB 387 112.31 34.23 -105.68
CA LYS YB 387 112.30 33.24 -106.74
C LYS YB 387 112.33 31.82 -106.17
N VAL YB 388 111.41 31.55 -105.24
CA VAL YB 388 111.29 30.25 -104.63
C VAL YB 388 110.02 29.58 -105.15
N GLU YB 389 109.61 29.96 -106.35
CA GLU YB 389 108.41 29.40 -106.97
C GLU YB 389 108.65 27.93 -107.30
N SER YB 390 107.99 27.03 -106.57
CA SER YB 390 108.13 25.61 -106.79
C SER YB 390 107.05 25.09 -107.73
N GLU YB 391 107.28 23.91 -108.30
CA GLU YB 391 106.31 23.31 -109.20
C GLU YB 391 105.04 22.89 -108.47
N SER YB 392 105.17 22.30 -107.29
CA SER YB 392 104.03 21.91 -106.47
C SER YB 392 104.48 21.85 -105.01
N LEU YB 393 103.62 22.30 -104.10
CA LEU YB 393 103.97 22.29 -102.69
C LEU YB 393 103.97 20.88 -102.12
N LEU YB 394 103.07 20.01 -102.60
CA LEU YB 394 102.98 18.66 -102.05
C LEU YB 394 104.23 17.84 -102.36
N THR YB 395 104.70 17.89 -103.61
CA THR YB 395 105.90 17.14 -103.96
C THR YB 395 107.15 17.71 -103.28
N LEU YB 396 107.16 19.01 -102.99
CA LEU YB 396 108.28 19.58 -102.25
C LEU YB 396 108.22 19.20 -100.77
N SER YB 397 107.01 19.20 -100.19
CA SER YB 397 106.85 18.81 -98.80
C SER YB 397 107.04 17.32 -98.60
N THR YB 398 106.69 16.49 -99.59
CA THR YB 398 106.83 15.05 -99.43
C THR YB 398 108.30 14.65 -99.28
N GLN YB 399 109.19 15.24 -100.08
CA GLN YB 399 110.60 14.91 -99.99
C GLN YB 399 111.28 15.56 -98.80
N LEU YB 400 110.69 16.60 -98.21
CA LEU YB 400 111.26 17.25 -97.03
C LEU YB 400 110.80 16.61 -95.74
N ALA YB 401 109.50 16.29 -95.63
CA ALA YB 401 108.99 15.66 -94.42
C ALA YB 401 109.58 14.27 -94.21
N LYS YB 402 109.72 13.49 -95.27
CA LYS YB 402 110.28 12.15 -95.15
C LYS YB 402 111.79 12.17 -94.96
N ALA YB 403 112.46 13.27 -95.30
CA ALA YB 403 113.90 13.36 -95.09
C ALA YB 403 114.23 13.53 -93.61
N GLN YB 404 113.40 14.26 -92.87
CA GLN YB 404 113.64 14.52 -91.46
C GLN YB 404 113.04 13.45 -90.56
N LEU YB 405 112.27 12.51 -91.11
CA LEU YB 405 111.68 11.46 -90.28
C LEU YB 405 112.74 10.56 -89.65
N PRO YB 406 113.80 10.11 -90.36
CA PRO YB 406 114.89 9.41 -89.67
C PRO YB 406 115.60 10.24 -88.62
N THR YB 407 115.61 11.56 -88.75
CA THR YB 407 116.22 12.41 -87.74
C THR YB 407 115.38 12.46 -86.47
N CYS YB 408 114.05 12.47 -86.59
CA CYS YB 408 113.18 12.55 -85.43
C CYS YB 408 112.91 11.20 -84.78
N GLU YB 409 112.99 10.10 -85.54
CA GLU YB 409 112.80 8.80 -84.90
C GLU YB 409 113.89 8.52 -83.87
N ALA YB 410 115.13 8.90 -84.16
CA ALA YB 410 116.23 8.66 -83.23
C ALA YB 410 116.14 9.53 -81.98
N GLU YB 411 115.47 10.69 -82.08
CA GLU YB 411 115.28 11.54 -80.92
C GLU YB 411 114.03 11.19 -80.13
N ASP YB 412 113.06 10.50 -80.75
CA ASP YB 412 111.85 10.10 -80.04
C ASP YB 412 111.95 8.69 -79.43
N ILE YB 413 112.84 7.84 -79.95
CA ILE YB 413 112.94 6.49 -79.42
C ILE YB 413 113.39 6.49 -77.95
N ALA YB 414 114.37 7.33 -77.60
CA ALA YB 414 114.88 7.35 -76.23
C ALA YB 414 113.83 7.87 -75.26
N VAL YB 415 113.09 8.92 -75.64
CA VAL YB 415 112.08 9.45 -74.75
C VAL YB 415 110.92 8.46 -74.61
N TYR YB 416 110.55 7.74 -75.67
CA TYR YB 416 109.54 6.68 -75.51
C TYR YB 416 110.04 5.56 -74.61
N GLU YB 417 111.32 5.18 -74.73
CA GLU YB 417 111.88 4.11 -73.92
C GLU YB 417 111.93 4.49 -72.44
N GLN YB 418 112.19 5.76 -72.13
CA GLN YB 418 112.13 6.19 -70.74
C GLN YB 418 110.71 6.40 -70.25
N ARG YB 419 109.78 6.80 -71.12
CA ARG YB 419 108.38 6.92 -70.72
C ARG YB 419 107.79 5.58 -70.33
N LEU YB 420 108.06 4.54 -71.11
CA LEU YB 420 107.54 3.22 -70.74
C LEU YB 420 108.13 2.74 -69.43
N GLN YB 421 109.42 2.99 -69.19
CA GLN YB 421 110.05 2.59 -67.93
C GLN YB 421 109.42 3.32 -66.75
N GLN YB 422 109.19 4.63 -66.88
CA GLN YB 422 108.60 5.36 -65.75
C GLN YB 422 107.15 4.95 -65.52
N TRP YB 423 106.39 4.68 -66.59
CA TRP YB 423 105.02 4.21 -66.41
C TRP YB 423 104.99 2.85 -65.72
N HIS YB 424 105.88 1.94 -66.12
CA HIS YB 424 105.96 0.65 -65.44
C HIS YB 424 106.38 0.80 -63.98
N GLY YB 425 107.28 1.75 -63.68
CA GLY YB 425 107.65 1.99 -62.29
C GLY YB 425 106.51 2.55 -61.46
N GLU YB 426 105.67 3.41 -62.06
CA GLU YB 426 104.49 3.90 -61.35
C GLU YB 426 103.44 2.82 -61.14
N ARG YB 427 103.30 1.88 -62.09
CA ARG YB 427 102.32 0.81 -61.94
C ARG YB 427 102.58 -0.01 -60.70
N VAL YB 428 103.83 -0.44 -60.51
CA VAL YB 428 104.16 -1.28 -59.36
C VAL YB 428 104.04 -0.48 -58.05
N ARG YB 429 104.34 0.81 -58.10
CA ARG YB 429 104.16 1.65 -56.90
C ARG YB 429 102.69 1.71 -56.50
N LEU YB 430 101.80 1.90 -57.47
CA LEU YB 430 100.36 1.89 -57.16
C LEU YB 430 99.91 0.53 -56.64
N ILE YB 431 100.42 -0.55 -57.24
CA ILE YB 431 100.07 -1.89 -56.77
C ILE YB 431 100.50 -2.09 -55.32
N GLN YB 432 101.73 -1.64 -54.99
CA GLN YB 432 102.20 -1.76 -53.62
C GLN YB 432 101.38 -0.90 -52.66
N ARG YB 433 100.97 0.29 -53.09
CA ARG YB 433 100.09 1.10 -52.26
C ARG YB 433 98.79 0.37 -51.95
N GLU YB 434 98.16 -0.22 -52.97
CA GLU YB 434 96.93 -0.97 -52.72
C GLU YB 434 97.18 -2.17 -51.81
N GLN YB 435 98.29 -2.89 -52.01
CA GLN YB 435 98.60 -4.04 -51.18
C GLN YB 435 98.79 -3.64 -49.72
N GLU YB 436 99.53 -2.56 -49.46
CA GLU YB 436 99.74 -2.14 -48.08
C GLU YB 436 98.47 -1.62 -47.44
N GLN YB 437 97.63 -0.91 -48.20
CA GLN YB 437 96.34 -0.50 -47.65
C GLN YB 437 95.48 -1.70 -47.28
N ARG YB 438 95.44 -2.71 -48.16
CA ARG YB 438 94.67 -3.92 -47.84
C ARG YB 438 95.23 -4.65 -46.63
N GLU YB 439 96.56 -4.77 -46.52
CA GLU YB 439 97.13 -5.49 -45.40
C GLU YB 439 96.91 -4.76 -44.08
N ARG YB 440 97.01 -3.42 -44.09
CA ARG YB 440 96.75 -2.68 -42.85
C ARG YB 440 95.28 -2.72 -42.48
N ALA YB 441 94.37 -2.72 -43.47
CA ALA YB 441 92.96 -2.90 -43.17
C ALA YB 441 92.69 -4.27 -42.55
N ARG YB 442 93.32 -5.32 -43.09
CA ARG YB 442 93.18 -6.65 -42.50
C ARG YB 442 93.71 -6.69 -41.07
N GLN YB 443 94.87 -6.08 -40.84
CA GLN YB 443 95.43 -6.06 -39.49
C GLN YB 443 94.53 -5.32 -38.52
N ASP YB 444 93.99 -4.17 -38.93
CA ASP YB 444 93.07 -3.44 -38.06
C ASP YB 444 91.80 -4.25 -37.78
N TYR YB 445 91.23 -4.90 -38.79
CA TYR YB 445 90.03 -5.69 -38.58
C TYR YB 445 90.29 -6.85 -37.63
N GLU YB 446 91.42 -7.54 -37.80
CA GLU YB 446 91.74 -8.64 -36.90
C GLU YB 446 92.01 -8.17 -35.48
N ALA YB 447 92.70 -7.04 -35.32
CA ALA YB 447 92.95 -6.51 -33.98
C ALA YB 447 91.65 -6.10 -33.30
N ARG YB 448 90.73 -5.47 -34.03
CA ARG YB 448 89.45 -5.11 -33.43
C ARG YB 448 88.58 -6.32 -33.13
N ARG YB 449 88.62 -7.35 -33.98
CA ARG YB 449 87.84 -8.55 -33.72
C ARG YB 449 88.37 -9.33 -32.52
N ALA YB 450 89.70 -9.32 -32.33
CA ALA YB 450 90.27 -9.99 -31.17
C ALA YB 450 89.82 -9.33 -29.87
N ALA YB 451 89.85 -8.00 -29.82
CA ALA YB 451 89.42 -7.25 -28.63
C ALA YB 451 88.41 -6.20 -29.06
N LYS YB 452 87.17 -6.64 -29.29
CA LYS YB 452 86.05 -5.77 -29.65
C LYS YB 452 85.80 -4.79 -28.51
N ALA YB 453 86.29 -3.55 -28.68
CA ALA YB 453 86.09 -2.49 -27.71
C ALA YB 453 85.48 -1.29 -28.42
N SER YB 454 84.17 -1.15 -28.33
CA SER YB 454 83.45 -0.03 -28.94
C SER YB 454 82.64 0.67 -27.86
N ALA YB 455 82.74 2.01 -27.85
CA ALA YB 455 82.01 2.85 -26.90
C ALA YB 455 82.28 2.45 -25.46
N VAL ZB 78 68.68 97.01 60.62
CA VAL ZB 78 67.40 96.47 60.19
C VAL ZB 78 67.30 95.00 60.54
N GLU ZB 79 66.37 94.66 61.43
CA GLU ZB 79 66.17 93.28 61.86
C GLU ZB 79 65.54 92.48 60.73
N SER ZB 80 65.98 91.24 60.57
CA SER ZB 80 65.51 90.40 59.48
C SER ZB 80 64.33 89.54 59.94
N PHE ZB 81 63.52 89.10 58.96
CA PHE ZB 81 62.37 88.27 59.26
C PHE ZB 81 62.77 86.93 59.88
N ALA ZB 82 63.81 86.30 59.34
CA ALA ZB 82 64.30 85.06 59.95
C ALA ZB 82 64.83 85.30 61.36
N SER ZB 83 65.53 86.42 61.57
CA SER ZB 83 66.07 86.72 62.89
C SER ZB 83 64.95 86.91 63.92
N MET ZB 84 63.89 87.64 63.55
CA MET ZB 84 62.79 87.81 64.50
C MET ZB 84 61.95 86.55 64.65
N LEU ZB 85 61.83 85.74 63.60
CA LEU ZB 85 61.10 84.49 63.71
C LEU ZB 85 61.82 83.49 64.62
N ARG ZB 86 63.15 83.48 64.57
CA ARG ZB 86 63.90 82.58 65.45
C ARG ZB 86 63.70 82.92 66.91
N HIS ZB 87 63.47 84.21 67.22
CA HIS ZB 87 63.22 84.66 68.59
C HIS ZB 87 61.75 84.83 68.89
N SER ZB 88 60.88 84.48 67.95
CA SER ZB 88 59.44 84.56 68.19
C SER ZB 88 59.03 83.58 69.30
N PRO ZB 89 58.07 83.98 70.14
CA PRO ZB 89 57.61 83.06 71.20
C PRO ZB 89 57.03 81.76 70.66
N LEU ZB 90 56.37 81.80 69.50
CA LEU ZB 90 55.83 80.57 68.92
C LEU ZB 90 56.93 79.60 68.55
N THR ZB 91 58.05 80.09 68.02
CA THR ZB 91 59.18 79.22 67.71
C THR ZB 91 59.73 78.57 68.97
N GLN ZB 92 59.83 79.34 70.07
CA GLN ZB 92 60.26 78.78 71.34
C GLN ZB 92 59.29 77.75 71.88
N MET ZB 93 57.98 77.95 71.65
CA MET ZB 93 56.98 77.01 72.13
C MET ZB 93 57.14 75.64 71.47
N GLY ZB 94 57.46 75.61 70.18
CA GLY ZB 94 57.59 74.38 69.46
C GLY ZB 94 56.26 73.70 69.23
N PRO ZB 95 56.18 72.41 69.55
CA PRO ZB 95 54.91 71.69 69.37
C PRO ZB 95 53.82 72.25 70.26
N ALA ZB 96 52.59 72.22 69.75
CA ALA ZB 96 51.43 72.75 70.46
C ALA ZB 96 50.69 71.69 71.27
N LYS ZB 97 51.36 70.61 71.66
CA LYS ZB 97 50.73 69.54 72.41
C LYS ZB 97 50.99 69.72 73.90
N ASN ZB 98 49.90 69.86 74.67
CA ASN ZB 98 49.96 69.94 76.13
C ASN ZB 98 50.90 71.06 76.60
N LYS ZB 99 50.69 72.26 76.07
CA LYS ZB 99 51.48 73.42 76.44
C LYS ZB 99 50.60 74.44 77.17
N LEU ZB 100 51.12 74.99 78.26
CA LEU ZB 100 50.41 75.97 79.06
C LEU ZB 100 50.60 77.35 78.45
N VAL ZB 101 49.50 78.01 78.12
CA VAL ZB 101 49.50 79.31 77.46
C VAL ZB 101 48.51 80.22 78.18
N ILE ZB 102 48.66 81.52 77.93
CA ILE ZB 102 47.79 82.54 78.50
C ILE ZB 102 46.96 83.14 77.38
N GLY ZB 103 45.63 83.14 77.55
CA GLY ZB 103 44.74 83.69 76.56
C GLY ZB 103 43.84 84.75 77.16
N GLN ZB 104 43.24 85.55 76.28
CA GLN ZB 104 42.32 86.60 76.69
C GLN ZB 104 40.99 86.42 75.97
N ILE ZB 105 39.90 86.47 76.72
CA ILE ZB 105 38.58 86.28 76.14
C ILE ZB 105 38.12 87.58 75.49
N PHE ZB 106 37.71 87.51 74.23
CA PHE ZB 106 37.27 88.67 73.50
C PHE ZB 106 35.79 88.64 73.11
N HIS ZB 107 35.13 87.48 73.20
CA HIS ZB 107 33.71 87.40 72.89
C HIS ZB 107 33.05 86.48 73.92
N ILE ZB 108 31.78 86.76 74.20
CA ILE ZB 108 31.03 86.06 75.24
C ILE ZB 108 29.72 85.56 74.64
N VAL ZB 109 29.42 84.28 74.86
CA VAL ZB 109 28.12 83.71 74.50
C VAL ZB 109 27.48 83.23 75.80
N GLU ZB 110 26.26 82.69 75.70
CA GLU ZB 110 25.55 82.26 76.91
C GLU ZB 110 26.31 81.17 77.65
N ASP ZB 111 26.86 80.20 76.92
CA ASP ZB 111 27.62 79.11 77.52
C ASP ZB 111 29.01 78.93 76.94
N ASP ZB 112 29.30 79.52 75.78
CA ASP ZB 112 30.61 79.36 75.13
C ASP ZB 112 31.43 80.62 75.29
N LEU ZB 113 32.72 80.44 75.52
CA LEU ZB 113 33.67 81.54 75.66
C LEU ZB 113 34.70 81.44 74.55
N TYR ZB 114 34.84 82.53 73.79
CA TYR ZB 114 35.85 82.62 72.73
C TYR ZB 114 37.13 83.17 73.33
N ILE ZB 115 38.11 82.30 73.51
CA ILE ZB 115 39.39 82.66 74.12
C ILE ZB 115 40.43 82.76 73.03
N ASP ZB 116 41.10 83.90 72.94
CA ASP ZB 116 42.16 84.14 71.96
C ASP ZB 116 43.49 83.89 72.67
N PHE ZB 117 44.02 82.67 72.56
CA PHE ZB 117 45.33 82.37 73.12
C PHE ZB 117 46.44 83.11 72.39
N GLY ZB 118 46.18 83.58 71.17
CA GLY ZB 118 47.07 84.49 70.48
C GLY ZB 118 47.93 83.88 69.39
N GLY ZB 119 47.94 82.56 69.24
CA GLY ZB 119 48.82 81.98 68.24
C GLY ZB 119 48.39 82.25 66.82
N LYS ZB 120 47.32 81.59 66.35
CA LYS ZB 120 46.74 81.95 65.06
C LYS ZB 120 45.25 82.22 65.18
N PHE ZB 121 44.53 81.30 65.80
CA PHE ZB 121 43.07 81.31 65.85
C PHE ZB 121 42.59 81.58 67.26
N HIS ZB 122 41.27 81.50 67.42
CA HIS ZB 122 40.63 81.60 68.73
C HIS ZB 122 39.91 80.30 69.05
N CYS ZB 123 40.16 79.78 70.25
CA CYS ZB 123 39.53 78.55 70.70
C CYS ZB 123 38.19 78.87 71.37
N VAL ZB 124 37.35 77.85 71.49
CA VAL ZB 124 36.05 77.98 72.14
C VAL ZB 124 36.02 77.00 73.30
N CYS ZB 125 35.70 77.51 74.49
CA CYS ZB 125 35.61 76.68 75.69
C CYS ZB 125 34.24 76.86 76.33
N LYS ZB 126 33.97 76.05 77.35
CA LYS ZB 126 32.72 76.11 78.08
C LYS ZB 126 32.94 76.69 79.47
N ARG ZB 127 31.98 77.49 79.91
CA ARG ZB 127 32.08 78.15 81.21
C ARG ZB 127 31.98 77.11 82.32
N PRO ZB 128 32.96 77.02 83.22
CA PRO ZB 128 32.90 76.00 84.28
C PRO ZB 128 31.90 76.35 85.37
N GLU ZB 129 31.56 75.37 86.21
CA GLU ZB 129 30.62 75.57 87.29
C GLU ZB 129 31.18 76.41 88.42
N VAL ZB 130 32.49 76.44 88.58
CA VAL ZB 130 33.14 77.18 89.66
C VAL ZB 130 33.56 78.55 89.13
N ASP ZB 131 33.13 79.60 89.83
CA ASP ZB 131 33.47 80.98 89.48
C ASP ZB 131 33.07 81.32 88.04
N GLY ZB 132 31.89 80.83 87.64
CA GLY ZB 132 31.42 81.07 86.29
C GLY ZB 132 31.13 82.54 86.01
N GLU ZB 133 30.61 83.26 87.02
CA GLU ZB 133 30.30 84.67 86.84
C GLU ZB 133 31.56 85.52 86.67
N LYS ZB 134 32.70 85.05 87.13
CA LYS ZB 134 33.95 85.81 87.06
C LYS ZB 134 34.52 85.89 85.64
N TYR ZB 135 33.98 85.12 84.70
CA TYR ZB 135 34.45 85.13 83.31
C TYR ZB 135 33.70 86.22 82.56
N GLN ZB 136 34.41 87.28 82.19
CA GLN ZB 136 33.85 88.41 81.47
C GLN ZB 136 34.69 88.69 80.24
N LYS ZB 137 34.26 89.68 79.46
CA LYS ZB 137 35.00 90.09 78.27
C LYS ZB 137 36.31 90.74 78.69
N GLY ZB 138 37.42 90.31 78.07
CA GLY ZB 138 38.73 90.81 78.41
C GLY ZB 138 39.43 90.05 79.51
N THR ZB 139 38.77 89.07 80.12
CA THR ZB 139 39.38 88.30 81.20
C THR ZB 139 40.50 87.43 80.65
N ARG ZB 140 41.61 87.35 81.38
CA ARG ZB 140 42.74 86.52 81.00
C ARG ZB 140 42.67 85.19 81.75
N VAL ZB 141 42.86 84.10 81.00
CA VAL ZB 141 42.76 82.74 81.54
C VAL ZB 141 43.96 81.92 81.09
N ARG ZB 142 44.13 80.78 81.75
CA ARG ZB 142 45.18 79.82 81.42
C ARG ZB 142 44.58 78.67 80.63
N LEU ZB 143 45.32 78.21 79.62
CA LEU ZB 143 44.87 77.12 78.77
C LEU ZB 143 45.97 76.08 78.61
N ARG ZB 144 45.57 74.83 78.37
CA ARG ZB 144 46.48 73.76 77.99
C ARG ZB 144 46.20 73.45 76.53
N LEU ZB 145 46.98 74.06 75.64
CA LEU ZB 145 46.73 73.97 74.21
C LEU ZB 145 46.93 72.53 73.72
N LEU ZB 146 45.98 72.03 72.94
CA LEU ZB 146 46.04 70.70 72.38
C LEU ZB 146 46.49 70.71 70.92
N ASP ZB 147 45.79 71.45 70.06
CA ASP ZB 147 46.17 71.59 68.67
C ASP ZB 147 46.06 73.06 68.26
N LEU ZB 148 47.02 73.51 67.46
CA LEU ZB 148 47.02 74.90 67.01
C LEU ZB 148 45.92 75.16 65.99
N GLU ZB 149 45.59 74.18 65.16
CA GLU ZB 149 44.57 74.34 64.13
C GLU ZB 149 44.04 72.96 63.78
N LEU ZB 150 42.72 72.79 63.79
CA LEU ZB 150 42.11 71.49 63.53
C LEU ZB 150 41.84 71.33 62.05
N THR ZB 151 42.67 70.53 61.38
CA THR ZB 151 42.50 70.20 59.98
C THR ZB 151 42.64 68.69 59.82
N SER ZB 152 41.84 68.14 58.91
CA SER ZB 152 41.84 66.69 58.67
C SER ZB 152 41.44 66.44 57.23
N ARG ZB 153 41.83 65.27 56.73
CA ARG ZB 153 41.54 64.87 55.36
C ARG ZB 153 40.45 63.81 55.36
N PHE ZB 154 39.67 63.78 54.28
CA PHE ZB 154 38.59 62.81 54.14
C PHE ZB 154 38.59 62.20 52.75
N LEU ZB 155 37.56 61.40 52.44
CA LEU ZB 155 37.49 60.74 51.15
C LEU ZB 155 37.22 61.76 50.04
N GLY ZB 156 38.02 61.68 48.98
CA GLY ZB 156 37.83 62.55 47.84
C GLY ZB 156 38.12 64.01 48.09
N ALA ZB 157 38.81 64.34 49.18
CA ALA ZB 157 39.13 65.72 49.52
C ALA ZB 157 40.54 66.06 49.07
N THR ZB 158 40.65 67.03 48.16
CA THR ZB 158 41.96 67.45 47.68
C THR ZB 158 42.80 68.06 48.79
N THR ZB 159 42.19 68.86 49.65
CA THR ZB 159 42.87 69.53 50.75
C THR ZB 159 42.19 69.15 52.06
N ASP ZB 160 42.66 69.76 53.15
CA ASP ZB 160 42.12 69.49 54.47
C ASP ZB 160 40.85 70.31 54.71
N THR ZB 161 40.15 69.95 55.78
CA THR ZB 161 38.93 70.64 56.21
C THR ZB 161 39.26 71.42 57.47
N THR ZB 162 39.63 72.69 57.29
CA THR ZB 162 39.98 73.54 58.43
C THR ZB 162 38.74 73.85 59.25
N ILE ZB 163 38.88 73.82 60.58
CA ILE ZB 163 37.77 74.17 61.47
C ILE ZB 163 37.72 75.66 61.78
N LEU ZB 164 38.75 76.43 61.40
CA LEU ZB 164 38.83 77.86 61.65
C LEU ZB 164 38.85 78.18 63.15
N GLU ZB 165 39.32 77.23 63.95
CA GLU ZB 165 39.39 77.37 65.40
C GLU ZB 165 40.62 76.62 65.90
N ALA ZB 166 40.69 76.44 67.21
CA ALA ZB 166 41.77 75.69 67.84
C ALA ZB 166 41.21 74.87 69.00
N ASP ZB 167 41.96 73.85 69.39
CA ASP ZB 167 41.56 72.93 70.45
C ASP ZB 167 42.35 73.26 71.71
N ALA ZB 168 41.63 73.57 72.79
CA ALA ZB 168 42.24 73.93 74.06
C ALA ZB 168 41.24 73.69 75.18
N VAL ZB 169 41.74 73.64 76.41
CA VAL ZB 169 40.92 73.37 77.58
C VAL ZB 169 41.20 74.45 78.63
N LEU ZB 170 40.24 74.61 79.55
CA LEU ZB 170 40.33 75.62 80.59
C LEU ZB 170 40.85 75.00 81.88
N LEU ZB 171 41.83 75.67 82.50
CA LEU ZB 171 42.38 75.27 83.78
C LEU ZB 171 42.14 76.31 84.87
N GLY ZB 172 42.49 77.56 84.60
CA GLY ZB 172 42.28 78.63 85.56
C GLY ZB 172 42.09 79.97 84.88
N LEU ZB 173 42.01 81.05 85.66
CA LEU ZB 173 41.83 82.41 85.13
C LEU ZB 173 42.90 83.32 85.73
N GLN ZB 174 44.07 83.32 85.10
CA GLN ZB 174 45.18 84.20 85.45
C GLN ZB 174 45.48 84.17 86.95
N GLU ZB 175 45.89 82.99 87.42
CA GLU ZB 175 46.24 82.80 88.83
C GLU ZB 175 47.55 83.52 89.11
N SER ZB 176 47.47 84.66 89.78
CA SER ZB 176 48.66 85.45 90.10
C SER ZB 176 48.47 86.21 91.42
N ARG AC 58 -42.66 69.36 104.02
CA ARG AC 58 -43.39 70.41 104.72
C ARG AC 58 -44.71 70.72 104.02
N ALA AC 59 -44.92 70.11 102.85
CA ALA AC 59 -46.10 70.34 102.05
C ALA AC 59 -47.04 69.15 102.17
N ILE AC 60 -48.33 69.43 102.38
CA ILE AC 60 -49.35 68.39 102.48
C ILE AC 60 -49.95 68.17 101.09
N SER AC 61 -49.87 66.95 100.60
CA SER AC 61 -50.34 66.61 99.26
C SER AC 61 -51.48 65.61 99.26
N ARG AC 62 -51.31 64.46 99.92
CA ARG AC 62 -52.31 63.41 99.92
C ARG AC 62 -52.85 63.11 101.31
N THR AC 63 -52.55 63.97 102.30
CA THR AC 63 -53.03 63.75 103.65
C THR AC 63 -54.49 64.12 103.83
N SER AC 64 -55.09 64.84 102.87
CA SER AC 64 -56.49 65.21 102.96
C SER AC 64 -57.38 63.98 102.84
N GLU AC 65 -58.47 63.99 103.59
CA GLU AC 65 -59.42 62.89 103.59
C GLU AC 65 -60.22 62.86 102.29
N ASP AC 66 -60.71 61.68 101.93
CA ASP AC 66 -61.54 61.50 100.74
C ASP AC 66 -62.98 61.74 101.11
N ASP AC 67 -63.51 62.90 100.71
CA ASP AC 67 -64.89 63.27 101.04
C ASP AC 67 -65.40 64.22 99.95
N PRO AC 68 -66.02 63.68 98.90
CA PRO AC 68 -66.54 64.54 97.83
C PRO AC 68 -67.58 65.55 98.31
N ALA AC 69 -68.41 65.19 99.30
CA ALA AC 69 -69.43 66.10 99.79
C ALA AC 69 -68.97 66.98 100.95
N LYS AC 70 -67.73 66.81 101.41
CA LYS AC 70 -67.20 67.55 102.54
C LYS AC 70 -65.89 68.27 102.19
N HIS AC 71 -65.79 68.76 100.96
CA HIS AC 71 -64.59 69.46 100.52
C HIS AC 71 -64.54 70.87 101.11
N ARG AC 72 -63.32 71.34 101.37
CA ARG AC 72 -63.08 72.64 101.97
C ARG AC 72 -62.29 73.52 101.01
N GLU AC 73 -62.52 74.83 101.09
CA GLU AC 73 -61.77 75.77 100.27
C GLU AC 73 -60.28 75.72 100.58
N GLN AC 74 -59.93 75.52 101.86
CA GLN AC 74 -58.53 75.41 102.25
C GLN AC 74 -57.86 74.16 101.69
N HIS AC 75 -58.64 73.18 101.23
CA HIS AC 75 -58.11 71.93 100.70
C HIS AC 75 -57.61 72.06 99.26
N GLU AC 76 -57.36 73.27 98.78
CA GLU AC 76 -56.85 73.45 97.42
C GLU AC 76 -55.49 72.76 97.28
N GLY AC 77 -55.27 72.17 96.10
CA GLY AC 77 -54.03 71.47 95.84
C GLY AC 77 -53.84 70.23 96.69
N GLN AC 78 -54.92 69.48 96.94
CA GLN AC 78 -54.86 68.27 97.75
C GLN AC 78 -55.43 67.10 96.97
N HIS AC 79 -54.79 65.95 97.10
CA HIS AC 79 -55.17 64.74 96.39
C HIS AC 79 -55.89 63.81 97.35
N TYR AC 80 -57.08 63.36 96.96
CA TYR AC 80 -57.86 62.41 97.75
C TYR AC 80 -57.83 61.04 97.09
N ASN AC 81 -57.67 60.01 97.91
CA ASN AC 81 -57.50 58.65 97.41
C ASN AC 81 -58.84 58.03 97.01
N ILE AC 82 -58.83 57.29 95.90
CA ILE AC 82 -59.99 56.55 95.44
C ILE AC 82 -59.60 55.08 95.31
N SER AC 83 -60.42 54.21 95.89
CA SER AC 83 -60.10 52.78 95.88
C SER AC 83 -60.31 52.19 94.48
N LEU AC 84 -59.59 51.09 94.23
CA LEU AC 84 -59.71 50.40 92.95
C LEU AC 84 -61.11 49.86 92.74
N GLN AC 85 -61.73 49.31 93.79
CA GLN AC 85 -63.10 48.84 93.69
C GLN AC 85 -64.08 49.97 93.37
N GLU AC 86 -63.84 51.16 93.92
CA GLU AC 86 -64.68 52.30 93.58
C GLU AC 86 -64.44 52.79 92.17
N LEU AC 87 -63.20 52.66 91.67
CA LEU AC 87 -62.91 53.11 90.30
C LEU AC 87 -63.71 52.32 89.28
N LYS AC 88 -63.72 50.99 89.39
CA LYS AC 88 -64.40 50.16 88.41
C LYS AC 88 -65.91 50.33 88.43
N THR AC 89 -66.46 50.86 89.54
CA THR AC 89 -67.90 51.07 89.65
C THR AC 89 -68.29 52.48 89.25
N VAL AC 90 -67.43 53.46 89.47
CA VAL AC 90 -67.77 54.85 89.17
C VAL AC 90 -67.41 55.20 87.73
N PHE AC 91 -66.25 54.74 87.24
CA PHE AC 91 -65.78 55.05 85.89
C PHE AC 91 -65.49 53.75 85.13
N PRO AC 92 -66.52 53.00 84.73
CA PRO AC 92 -66.31 51.87 83.82
C PRO AC 92 -66.13 52.31 82.37
N HIS AC 93 -66.40 53.58 82.06
CA HIS AC 93 -66.27 54.10 80.70
C HIS AC 93 -64.81 54.47 80.44
N GLY AC 94 -64.56 55.15 79.33
CA GLY AC 94 -63.20 55.53 78.99
C GLY AC 94 -62.63 56.55 79.97
N LEU AC 95 -61.32 56.51 80.14
CA LEU AC 95 -60.59 57.37 81.04
C LEU AC 95 -59.42 58.03 80.31
N PRO AC 96 -59.03 59.24 80.70
CA PRO AC 96 -57.85 59.88 80.09
C PRO AC 96 -56.62 59.02 80.25
N PRO AC 97 -56.01 58.59 79.15
CA PRO AC 97 -54.90 57.63 79.24
C PRO AC 97 -53.71 58.11 80.06
N ARG AC 98 -53.39 59.40 79.99
CA ARG AC 98 -52.22 59.91 80.72
C ARG AC 98 -52.40 59.81 82.23
N PHE AC 99 -53.63 59.85 82.72
CA PHE AC 99 -53.91 59.65 84.14
C PHE AC 99 -54.18 58.19 84.49
N ALA AC 100 -54.79 57.44 83.57
CA ALA AC 100 -55.03 56.02 83.82
C ALA AC 100 -53.73 55.26 83.93
N MET AC 101 -52.75 55.57 83.08
CA MET AC 101 -51.45 54.91 83.17
C MET AC 101 -50.75 55.24 84.48
N GLN AC 102 -50.84 56.49 84.94
CA GLN AC 102 -50.27 56.85 86.24
C GLN AC 102 -50.96 56.11 87.38
N VAL AC 103 -52.29 55.98 87.32
CA VAL AC 103 -53.01 55.25 88.35
C VAL AC 103 -52.59 53.78 88.36
N LYS AC 104 -52.48 53.16 87.18
CA LYS AC 104 -52.02 51.78 87.11
C LYS AC 104 -50.60 51.61 87.61
N THR AC 105 -49.71 52.55 87.29
CA THR AC 105 -48.32 52.46 87.75
C THR AC 105 -48.22 52.60 89.25
N PHE AC 106 -48.93 53.57 89.83
CA PHE AC 106 -48.82 53.81 91.27
C PHE AC 106 -49.71 52.92 92.11
N ASN AC 107 -50.62 52.16 91.50
CA ASN AC 107 -51.61 51.37 92.22
C ASN AC 107 -52.47 52.23 93.14
N GLU AC 108 -52.51 53.54 92.87
CA GLU AC 108 -53.27 54.49 93.67
C GLU AC 108 -53.93 55.48 92.73
N ALA AC 109 -55.14 55.91 93.09
CA ALA AC 109 -55.90 56.89 92.33
C ALA AC 109 -55.99 58.16 93.18
N CYS AC 110 -55.06 59.07 92.96
CA CYS AC 110 -55.00 60.34 93.69
C CYS AC 110 -55.45 61.46 92.76
N LEU AC 111 -56.65 61.99 93.01
CA LEU AC 111 -57.20 63.10 92.25
C LEU AC 111 -57.07 64.37 93.08
N MET AC 112 -56.55 65.42 92.47
CA MET AC 112 -56.35 66.70 93.16
C MET AC 112 -57.55 67.60 92.93
N VAL AC 113 -58.06 68.16 94.02
CA VAL AC 113 -59.21 69.07 93.95
C VAL AC 113 -58.71 70.46 93.54
N ARG AC 114 -59.37 71.05 92.54
CA ARG AC 114 -58.98 72.32 91.98
C ARG AC 114 -60.08 73.35 92.16
N LYS AC 115 -59.76 74.61 91.84
CA LYS AC 115 -60.72 75.70 91.97
C LYS AC 115 -61.96 75.53 91.10
N PRO AC 116 -61.87 75.21 89.80
CA PRO AC 116 -63.10 74.99 89.04
C PRO AC 116 -63.93 73.81 89.56
N ALA AC 117 -63.28 72.74 90.01
CA ALA AC 117 -64.02 71.62 90.57
C ALA AC 117 -64.78 72.01 91.83
N LEU AC 118 -64.12 72.74 92.74
CA LEU AC 118 -64.80 73.22 93.93
C LEU AC 118 -65.93 74.19 93.59
N GLU AC 119 -65.71 75.10 92.63
CA GLU AC 119 -66.75 76.04 92.24
C GLU AC 119 -67.97 75.33 91.65
N LEU AC 120 -67.75 74.31 90.82
CA LEU AC 120 -68.88 73.61 90.22
C LEU AC 120 -69.58 72.70 91.22
N LEU AC 121 -68.84 72.07 92.15
CA LEU AC 121 -69.53 71.30 93.18
C LEU AC 121 -70.30 72.23 94.12
N HIS AC 122 -69.85 73.47 94.29
CA HIS AC 122 -70.64 74.44 95.04
C HIS AC 122 -71.98 74.69 94.36
N TYR AC 123 -72.00 74.83 93.03
CA TYR AC 123 -73.25 74.96 92.31
C TYR AC 123 -74.11 73.71 92.41
N LEU AC 124 -73.49 72.53 92.29
CA LEU AC 124 -74.22 71.28 92.40
C LEU AC 124 -74.82 71.05 93.78
N LYS AC 125 -74.19 71.59 94.82
CA LYS AC 125 -74.73 71.45 96.18
C LYS AC 125 -76.00 72.26 96.39
N ASN AC 126 -76.26 73.24 95.54
CA ASN AC 126 -77.43 74.10 95.66
C ASN AC 126 -78.42 73.88 94.51
N THR AC 127 -78.41 72.70 93.92
CA THR AC 127 -79.31 72.41 92.81
C THR AC 127 -80.74 72.22 93.30
N ASN AC 128 -81.68 72.56 92.42
CA ASN AC 128 -83.11 72.33 92.67
C ASN AC 128 -83.65 71.43 91.58
N PHE AC 129 -84.19 70.28 91.97
CA PHE AC 129 -84.71 69.33 91.00
C PHE AC 129 -86.02 69.78 90.37
N ALA AC 130 -86.75 70.68 91.03
CA ALA AC 130 -87.96 71.23 90.42
C ALA AC 130 -87.62 72.11 89.22
N HIS AC 131 -86.53 72.85 89.29
CA HIS AC 131 -86.07 73.69 88.20
C HIS AC 131 -85.54 72.84 87.04
N PRO AC 132 -85.55 73.36 85.82
CA PRO AC 132 -85.00 72.61 84.69
C PRO AC 132 -83.50 72.43 84.83
N ALA AC 133 -82.98 71.47 84.07
CA ALA AC 133 -81.57 71.13 84.16
C ALA AC 133 -80.69 72.31 83.77
N VAL AC 134 -79.65 72.54 84.56
CA VAL AC 134 -78.73 73.67 84.36
C VAL AC 134 -77.52 73.17 83.57
N ARG AC 135 -77.07 73.99 82.63
CA ARG AC 135 -75.90 73.65 81.82
C ARG AC 135 -74.65 74.37 82.34
N TYR AC 136 -73.57 73.62 82.48
CA TYR AC 136 -72.26 74.17 82.80
C TYR AC 136 -71.28 73.67 81.75
N VAL AC 137 -70.33 74.53 81.37
CA VAL AC 137 -69.34 74.18 80.37
C VAL AC 137 -67.95 74.50 80.93
N LEU AC 138 -67.12 73.47 81.04
CA LEU AC 138 -65.76 73.59 81.54
C LEU AC 138 -64.85 73.82 80.33
N TYR AC 139 -64.38 75.06 80.18
CA TYR AC 139 -63.55 75.42 79.04
C TYR AC 139 -62.16 75.87 79.49
N GLY AC 140 -61.19 75.65 78.61
CA GLY AC 140 -59.82 76.01 78.88
C GLY AC 140 -58.92 75.57 77.75
N GLU AC 141 -57.62 75.76 77.96
CA GLU AC 141 -56.63 75.39 76.95
C GLU AC 141 -56.38 73.88 76.99
N LYS AC 142 -55.39 73.45 76.20
CA LYS AC 142 -55.06 72.03 76.12
C LYS AC 142 -54.35 71.59 77.39
N GLY AC 143 -54.77 70.45 77.94
CA GLY AC 143 -54.16 69.92 79.14
C GLY AC 143 -54.30 70.82 80.36
N THR AC 144 -55.51 71.35 80.59
CA THR AC 144 -55.75 72.26 81.71
C THR AC 144 -56.50 71.61 82.87
N GLY AC 145 -56.91 70.35 82.74
CA GLY AC 145 -57.59 69.68 83.83
C GLY AC 145 -59.09 69.55 83.65
N LYS AC 146 -59.57 69.79 82.43
CA LYS AC 146 -61.00 69.71 82.16
C LYS AC 146 -61.54 68.31 82.43
N THR AC 147 -60.92 67.29 81.84
CA THR AC 147 -61.38 65.92 82.02
C THR AC 147 -61.20 65.45 83.45
N LEU AC 148 -60.13 65.87 84.13
CA LEU AC 148 -59.95 65.49 85.53
C LEU AC 148 -61.01 66.12 86.42
N SER AC 149 -61.36 67.38 86.19
CA SER AC 149 -62.43 68.00 86.94
C SER AC 149 -63.77 67.32 86.66
N LEU AC 150 -64.01 66.96 85.40
CA LEU AC 150 -65.22 66.20 85.07
C LEU AC 150 -65.25 64.86 85.79
N CYS AC 151 -64.10 64.19 85.87
CA CYS AC 151 -64.01 62.93 86.61
C CYS AC 151 -64.28 63.12 88.08
N HIS AC 152 -63.78 64.20 88.68
CA HIS AC 152 -64.07 64.48 90.08
C HIS AC 152 -65.57 64.73 90.30
N ILE AC 153 -66.19 65.50 89.41
CA ILE AC 153 -67.64 65.74 89.53
C ILE AC 153 -68.41 64.44 89.39
N LEU AC 154 -68.02 63.59 88.43
CA LEU AC 154 -68.66 62.29 88.26
C LEU AC 154 -68.49 61.40 89.48
N HIS AC 155 -67.31 61.39 90.09
CA HIS AC 155 -67.11 60.64 91.33
C HIS AC 155 -67.99 61.15 92.45
N PHE AC 156 -68.10 62.47 92.60
CA PHE AC 156 -68.99 63.03 93.62
C PHE AC 156 -70.43 62.63 93.40
N CYS AC 157 -70.92 62.73 92.15
CA CYS AC 157 -72.31 62.39 91.87
C CYS AC 157 -72.56 60.89 92.05
N ALA AC 158 -71.60 60.05 91.66
CA ALA AC 158 -71.74 58.62 91.86
C ALA AC 158 -71.78 58.26 93.35
N LYS AC 159 -70.94 58.91 94.17
CA LYS AC 159 -71.02 58.67 95.60
C LYS AC 159 -72.35 59.18 96.18
N GLN AC 160 -72.89 60.26 95.61
CA GLN AC 160 -74.20 60.77 96.02
C GLN AC 160 -75.34 60.00 95.36
N ASN AC 161 -75.03 58.95 94.59
CA ASN AC 161 -76.02 58.07 94.00
C ASN AC 161 -76.89 58.80 92.96
N TRP AC 162 -76.20 59.33 91.95
CA TRP AC 162 -76.84 59.98 90.82
C TRP AC 162 -76.84 59.06 89.61
N LEU AC 163 -77.85 59.24 88.76
CA LEU AC 163 -77.97 58.49 87.51
C LEU AC 163 -77.01 59.10 86.50
N ILE AC 164 -75.97 58.33 86.16
CA ILE AC 164 -74.85 58.85 85.39
C ILE AC 164 -75.11 58.58 83.91
N LEU AC 165 -74.98 59.61 83.09
CA LEU AC 165 -75.00 59.48 81.63
C LEU AC 165 -73.69 60.09 81.13
N HIS AC 166 -72.65 59.26 81.07
CA HIS AC 166 -71.30 59.72 80.79
C HIS AC 166 -70.84 59.25 79.43
N ILE AC 167 -70.41 60.20 78.59
CA ILE AC 167 -69.83 59.92 77.29
C ILE AC 167 -68.36 60.33 77.33
N PRO AC 168 -67.42 59.37 77.29
CA PRO AC 168 -66.00 59.74 77.43
C PRO AC 168 -65.51 60.68 76.35
N ASP AC 169 -66.00 60.55 75.13
CA ASP AC 169 -65.58 61.41 74.03
C ASP AC 169 -66.63 61.36 72.94
N ALA AC 170 -67.26 62.50 72.64
CA ALA AC 170 -68.25 62.55 71.59
C ALA AC 170 -67.63 62.56 70.19
N HIS AC 171 -66.34 62.87 70.09
CA HIS AC 171 -65.68 62.85 68.78
C HIS AC 171 -65.54 61.44 68.25
N ILE AC 172 -65.57 60.43 69.14
CA ILE AC 172 -65.53 59.04 68.69
C ILE AC 172 -66.77 58.71 67.88
N TRP AC 173 -67.94 59.18 68.33
CA TRP AC 173 -69.17 58.96 67.59
C TRP AC 173 -69.22 59.72 66.27
N VAL AC 174 -68.29 60.65 66.05
CA VAL AC 174 -68.28 61.44 64.83
C VAL AC 174 -67.22 60.99 63.83
N LYS AC 175 -66.07 60.49 64.31
CA LYS AC 175 -64.97 60.14 63.43
C LYS AC 175 -64.52 58.71 63.69
N ASN AC 176 -63.88 58.12 62.68
CA ASN AC 176 -63.21 56.82 62.78
C ASN AC 176 -64.17 55.71 63.20
N CYS AC 177 -65.14 55.45 62.32
CA CYS AC 177 -66.06 54.33 62.47
C CYS AC 177 -65.72 53.28 61.41
N ARG AC 178 -65.77 52.00 61.81
CA ARG AC 178 -65.45 50.93 60.88
C ARG AC 178 -66.68 50.45 60.13
N ASP AC 179 -67.71 50.02 60.85
CA ASP AC 179 -68.94 49.53 60.25
C ASP AC 179 -69.99 50.64 60.32
N LEU AC 180 -70.45 51.09 59.16
CA LEU AC 180 -71.45 52.14 59.05
C LEU AC 180 -72.60 51.62 58.18
N LEU AC 181 -73.81 51.63 58.74
CA LEU AC 181 -75.00 51.20 58.04
C LEU AC 181 -75.96 52.38 57.85
N GLN AC 182 -77.11 52.10 57.26
CA GLN AC 182 -78.14 53.10 57.02
C GLN AC 182 -79.42 52.72 57.75
N SER AC 183 -80.31 53.71 57.91
CA SER AC 183 -81.60 53.47 58.51
C SER AC 183 -82.59 54.47 57.92
N ASN AC 184 -83.53 53.98 57.12
CA ASN AC 184 -84.60 54.80 56.58
C ASN AC 184 -85.74 54.97 57.57
N TYR AC 185 -85.93 54.03 58.49
CA TYR AC 185 -86.95 54.16 59.53
C TYR AC 185 -86.60 55.28 60.50
N ASN AC 186 -85.33 55.63 60.64
CA ASN AC 186 -84.90 56.77 61.44
C ASN AC 186 -84.79 58.06 60.63
N LYS AC 187 -85.59 58.18 59.55
CA LYS AC 187 -85.63 59.36 58.70
C LYS AC 187 -84.27 59.63 58.06
N GLN AC 188 -83.77 58.62 57.35
CA GLN AC 188 -82.53 58.70 56.59
C GLN AC 188 -81.35 59.10 57.48
N ARG AC 189 -80.99 58.20 58.40
CA ARG AC 189 -79.89 58.45 59.32
C ARG AC 189 -78.93 57.27 59.33
N PHE AC 190 -77.65 57.56 59.52
CA PHE AC 190 -76.64 56.52 59.64
C PHE AC 190 -76.43 56.17 61.10
N ASP AC 191 -76.06 54.92 61.35
CA ASP AC 191 -75.94 54.39 62.69
C ASP AC 191 -74.56 53.78 62.91
N GLN AC 192 -74.16 53.71 64.19
CA GLN AC 192 -72.85 53.20 64.57
C GLN AC 192 -73.05 52.09 65.59
N PRO AC 193 -73.32 50.86 65.14
CA PRO AC 193 -73.58 49.76 66.07
C PRO AC 193 -72.41 49.44 66.99
N LEU AC 194 -71.18 49.57 66.49
CA LEU AC 194 -70.01 49.29 67.31
C LEU AC 194 -69.89 50.28 68.46
N GLU AC 195 -70.04 51.58 68.16
CA GLU AC 195 -70.01 52.59 69.21
C GLU AC 195 -71.17 52.43 70.17
N ALA AC 196 -72.36 52.10 69.66
CA ALA AC 196 -73.51 51.90 70.53
C ALA AC 196 -73.29 50.74 71.49
N SER AC 197 -72.75 49.62 70.99
CA SER AC 197 -72.48 48.47 71.85
C SER AC 197 -71.37 48.77 72.87
N THR AC 198 -70.29 49.43 72.44
CA THR AC 198 -69.21 49.74 73.38
C THR AC 198 -69.63 50.79 74.39
N TRP AC 199 -70.64 51.60 74.09
CA TRP AC 199 -71.18 52.50 75.10
C TRP AC 199 -72.15 51.79 76.04
N LEU AC 200 -72.98 50.89 75.51
CA LEU AC 200 -73.93 50.17 76.36
C LEU AC 200 -73.24 49.23 77.31
N LYS AC 201 -72.12 48.62 76.89
CA LYS AC 201 -71.39 47.72 77.78
C LYS AC 201 -70.86 48.44 79.01
N ASN AC 202 -70.35 49.67 78.83
CA ASN AC 202 -69.94 50.48 79.97
C ASN AC 202 -71.12 51.04 80.74
N PHE AC 203 -72.22 51.37 80.06
CA PHE AC 203 -73.39 51.90 80.76
C PHE AC 203 -74.01 50.86 81.70
N LYS AC 204 -74.02 49.59 81.29
CA LYS AC 204 -74.57 48.54 82.16
C LYS AC 204 -73.79 48.45 83.46
N THR AC 205 -72.46 48.48 83.38
CA THR AC 205 -71.63 48.39 84.57
C THR AC 205 -71.56 49.69 85.35
N ALA AC 206 -71.89 50.82 84.73
CA ALA AC 206 -71.84 52.10 85.44
C ALA AC 206 -72.82 52.14 86.59
N ASN AC 207 -74.05 51.66 86.37
CA ASN AC 207 -75.10 51.68 87.38
C ASN AC 207 -75.98 50.45 87.22
N GLU AC 208 -76.13 49.69 88.30
CA GLU AC 208 -77.03 48.54 88.32
C GLU AC 208 -78.21 48.74 89.28
N HIS AC 209 -78.16 49.76 90.15
CA HIS AC 209 -79.25 50.00 91.08
C HIS AC 209 -80.50 50.50 90.37
N PHE AC 210 -80.34 51.32 89.34
CA PHE AC 210 -81.46 51.93 88.65
C PHE AC 210 -81.88 51.18 87.40
N LEU AC 211 -80.98 50.40 86.79
CA LEU AC 211 -81.34 49.67 85.58
C LEU AC 211 -82.39 48.60 85.85
N SER AC 212 -82.33 47.95 87.01
CA SER AC 212 -83.30 46.94 87.39
C SER AC 212 -84.51 47.51 88.12
N GLN AC 213 -84.52 48.82 88.39
CA GLN AC 213 -85.61 49.46 89.12
C GLN AC 213 -86.47 50.35 88.24
N ILE AC 214 -85.89 50.99 87.23
CA ILE AC 214 -86.65 51.85 86.33
C ILE AC 214 -87.49 50.99 85.40
N LYS AC 215 -88.77 51.32 85.29
CA LYS AC 215 -89.72 50.58 84.46
C LYS AC 215 -90.00 51.35 83.19
N VAL AC 216 -89.81 50.70 82.05
CA VAL AC 216 -90.04 51.32 80.75
C VAL AC 216 -91.52 51.26 80.42
N GLN AC 217 -92.09 52.40 80.02
CA GLN AC 217 -93.51 52.52 79.70
C GLN AC 217 -93.63 53.01 78.25
N GLU AC 218 -93.55 52.07 77.32
CA GLU AC 218 -93.66 52.34 75.88
C GLU AC 218 -93.59 51.00 75.16
N LYS AC 219 -94.09 50.98 73.93
CA LYS AC 219 -94.10 49.79 73.09
C LYS AC 219 -93.07 50.00 71.98
N TYR AC 220 -91.92 49.33 72.11
CA TYR AC 220 -90.85 49.39 71.13
C TYR AC 220 -90.82 48.12 70.31
N VAL AC 221 -90.56 48.26 69.02
CA VAL AC 221 -90.50 47.14 68.08
C VAL AC 221 -89.08 47.06 67.53
N TRP AC 222 -88.43 45.92 67.75
CA TRP AC 222 -87.12 45.69 67.18
C TRP AC 222 -87.22 45.05 65.80
N ASN AC 223 -87.87 43.89 65.72
CA ASN AC 223 -88.12 43.20 64.47
C ASN AC 223 -89.60 42.82 64.41
N LYS AC 224 -89.99 42.11 63.35
CA LYS AC 224 -91.36 41.67 63.15
C LYS AC 224 -91.76 40.54 64.09
N ARG AC 225 -90.81 39.92 64.77
CA ARG AC 225 -91.10 38.83 65.67
C ARG AC 225 -90.58 39.04 67.09
N GLU AC 226 -89.56 39.89 67.25
CA GLU AC 226 -88.99 40.18 68.56
C GLU AC 226 -89.29 41.63 68.94
N SER AC 227 -89.96 41.80 70.07
CA SER AC 227 -90.35 43.13 70.53
C SER AC 227 -90.55 43.08 72.04
N THR AC 228 -90.55 44.25 72.67
CA THR AC 228 -90.77 44.38 74.10
C THR AC 228 -91.83 45.43 74.36
N GLU AC 229 -92.81 45.08 75.20
CA GLU AC 229 -93.89 45.99 75.57
C GLU AC 229 -93.52 46.73 76.85
N LYS AC 230 -94.45 47.57 77.31
CA LYS AC 230 -94.23 48.35 78.52
C LYS AC 230 -94.33 47.46 79.75
N GLY AC 231 -93.71 47.93 80.84
CA GLY AC 231 -93.69 47.19 82.09
C GLY AC 231 -92.42 46.41 82.36
N ARG AC 232 -91.39 46.55 81.51
CA ARG AC 232 -90.12 45.85 81.63
C ARG AC 232 -89.02 46.80 82.09
N PRO AC 233 -88.04 46.30 82.83
CA PRO AC 233 -86.94 47.17 83.28
C PRO AC 233 -86.02 47.55 82.13
N LEU AC 234 -85.29 48.65 82.35
CA LEU AC 234 -84.31 49.12 81.38
C LEU AC 234 -83.11 48.19 81.28
N GLY AC 235 -82.88 47.35 82.28
CA GLY AC 235 -81.79 46.40 82.22
C GLY AC 235 -81.93 45.40 81.09
N GLU AC 236 -83.14 44.87 80.89
CA GLU AC 236 -83.36 43.98 79.76
C GLU AC 236 -83.25 44.70 78.43
N VAL AC 237 -83.65 45.97 78.37
CA VAL AC 237 -83.50 46.74 77.13
C VAL AC 237 -82.03 46.90 76.78
N VAL AC 238 -81.21 47.31 77.74
CA VAL AC 238 -79.79 47.50 77.44
C VAL AC 238 -79.10 46.17 77.18
N GLU AC 239 -79.51 45.10 77.87
CA GLU AC 239 -78.96 43.79 77.58
C GLU AC 239 -79.32 43.31 76.18
N GLN AC 240 -80.56 43.53 75.73
CA GLN AC 240 -80.94 43.21 74.36
C GLN AC 240 -80.19 44.04 73.34
N GLY AC 241 -79.94 45.32 73.64
CA GLY AC 241 -79.15 46.16 72.76
C GLY AC 241 -77.71 45.67 72.65
N ILE AC 242 -77.15 45.23 73.77
CA ILE AC 242 -75.79 44.70 73.75
C ILE AC 242 -75.74 43.39 72.96
N MET AC 243 -76.66 42.47 73.23
CA MET AC 243 -76.65 41.17 72.57
C MET AC 243 -76.87 41.32 71.07
N ARG AC 244 -77.81 42.17 70.67
CA ARG AC 244 -78.12 42.39 69.26
C ARG AC 244 -77.44 43.67 68.82
N VAL AC 245 -76.25 43.51 68.21
CA VAL AC 245 -75.51 44.67 67.71
C VAL AC 245 -76.26 45.39 66.59
N ARG AC 246 -77.10 44.67 65.85
CA ARG AC 246 -77.82 45.29 64.73
C ARG AC 246 -78.81 46.34 65.21
N ASN AC 247 -79.22 46.30 66.47
CA ASN AC 247 -80.19 47.23 67.03
C ASN AC 247 -79.67 47.97 68.26
N ALA AC 248 -78.36 47.94 68.49
CA ALA AC 248 -77.80 48.67 69.62
C ALA AC 248 -77.94 50.18 69.45
N THR AC 249 -77.79 50.67 68.22
CA THR AC 249 -77.97 52.09 67.95
C THR AC 249 -79.38 52.55 68.28
N ASP AC 250 -80.39 51.73 67.94
CA ASP AC 250 -81.76 52.06 68.30
C ASP AC 250 -82.00 51.91 69.80
N ALA AC 251 -81.35 50.92 70.44
CA ALA AC 251 -81.52 50.74 71.87
C ALA AC 251 -80.97 51.93 72.66
N VAL AC 252 -79.83 52.48 72.24
CA VAL AC 252 -79.27 53.63 72.93
C VAL AC 252 -80.24 54.81 72.90
N GLY AC 253 -80.79 55.09 71.72
CA GLY AC 253 -81.76 56.17 71.60
C GLY AC 253 -83.04 55.91 72.35
N ILE AC 254 -83.50 54.66 72.37
CA ILE AC 254 -84.68 54.29 73.14
C ILE AC 254 -84.44 54.56 74.63
N VAL AC 255 -83.27 54.16 75.13
CA VAL AC 255 -82.93 54.41 76.53
C VAL AC 255 -82.88 55.90 76.80
N LEU AC 256 -82.27 56.69 75.91
CA LEU AC 256 -82.17 58.12 76.14
C LEU AC 256 -83.54 58.79 76.17
N LYS AC 257 -84.41 58.43 75.22
CA LYS AC 257 -85.72 59.09 75.16
C LYS AC 257 -86.64 58.62 76.26
N GLU AC 258 -86.47 57.39 76.75
CA GLU AC 258 -87.25 56.95 77.91
C GLU AC 258 -86.76 57.61 79.19
N LEU AC 259 -85.45 57.79 79.33
CA LEU AC 259 -84.91 58.54 80.47
C LEU AC 259 -85.39 59.98 80.46
N LYS AC 260 -85.43 60.62 79.29
CA LYS AC 260 -85.91 61.98 79.21
C LYS AC 260 -87.37 62.10 79.64
N ARG AC 261 -88.19 61.11 79.27
CA ARG AC 261 -89.60 61.12 79.66
C ARG AC 261 -89.76 60.86 81.16
N GLN AC 262 -89.05 59.87 81.69
CA GLN AC 262 -89.24 59.46 83.08
C GLN AC 262 -88.42 60.27 84.07
N SER AC 263 -87.61 61.22 83.61
CA SER AC 263 -86.80 62.02 84.53
C SER AC 263 -87.62 62.95 85.40
N SER AC 264 -88.91 63.14 85.11
CA SER AC 264 -89.74 64.04 85.91
C SER AC 264 -90.02 63.49 87.30
N LEU AC 265 -89.82 62.20 87.52
CA LEU AC 265 -90.10 61.60 88.83
C LEU AC 265 -89.03 61.99 89.83
N GLY AC 266 -89.33 61.74 91.11
CA GLY AC 266 -88.42 62.05 92.19
C GLY AC 266 -87.34 61.02 92.46
N ILE AC 267 -87.37 59.88 91.74
CA ILE AC 267 -86.34 58.86 91.88
C ILE AC 267 -85.19 59.08 90.91
N PHE AC 268 -85.25 60.10 90.07
CA PHE AC 268 -84.22 60.37 89.08
C PHE AC 268 -83.39 61.57 89.52
N HIS AC 269 -82.08 61.38 89.54
CA HIS AC 269 -81.11 62.43 89.85
C HIS AC 269 -80.07 62.38 88.74
N LEU AC 270 -80.42 62.94 87.58
CA LEU AC 270 -79.68 62.69 86.35
C LEU AC 270 -78.53 63.68 86.18
N LEU AC 271 -77.35 63.13 85.87
CA LEU AC 271 -76.17 63.94 85.55
C LEU AC 271 -75.68 63.50 84.18
N VAL AC 272 -75.78 64.40 83.20
CA VAL AC 272 -75.36 64.10 81.83
C VAL AC 272 -74.04 64.83 81.58
N ALA AC 273 -72.98 64.05 81.35
CA ALA AC 273 -71.64 64.57 81.13
C ALA AC 273 -71.06 63.92 79.88
N VAL AC 274 -70.99 64.66 78.79
CA VAL AC 274 -70.39 64.19 77.54
C VAL AC 274 -69.20 65.07 77.24
N ASP AC 275 -68.03 64.45 77.07
CA ASP AC 275 -66.81 65.20 76.80
C ASP AC 275 -66.66 65.42 75.31
N GLY AC 276 -66.45 66.68 74.92
CA GLY AC 276 -66.36 67.03 73.51
C GLY AC 276 -67.70 67.38 72.91
N VAL AC 277 -68.45 68.26 73.57
CA VAL AC 277 -69.79 68.60 73.11
C VAL AC 277 -69.76 69.35 71.77
N ASN AC 278 -68.63 69.96 71.42
CA ASN AC 278 -68.52 70.68 70.16
C ASN AC 278 -68.64 69.75 68.96
N ALA AC 279 -68.34 68.46 69.13
CA ALA AC 279 -68.45 67.51 68.02
C ALA AC 279 -69.89 67.32 67.57
N LEU AC 280 -70.88 67.59 68.43
CA LEU AC 280 -72.27 67.46 68.04
C LEU AC 280 -72.63 68.44 66.93
N TRP AC 281 -72.17 69.68 67.04
CA TRP AC 281 -72.46 70.72 66.05
C TRP AC 281 -71.29 70.97 65.11
N GLY AC 282 -70.23 70.19 65.22
CA GLY AC 282 -69.08 70.30 64.35
C GLY AC 282 -69.31 69.67 62.99
N ARG AC 283 -68.22 69.19 62.39
CA ARG AC 283 -68.26 68.55 61.08
C ARG AC 283 -67.88 67.09 61.21
N THR AC 284 -68.46 66.27 60.34
CA THR AC 284 -68.23 64.82 60.34
C THR AC 284 -67.35 64.45 59.14
N THR AC 285 -66.27 63.72 59.42
CA THR AC 285 -65.35 63.28 58.38
C THR AC 285 -65.81 62.00 57.69
N LEU AC 286 -66.85 61.35 58.19
CA LEU AC 286 -67.34 60.13 57.58
C LEU AC 286 -68.04 60.43 56.26
N LYS AC 287 -67.92 59.50 55.32
CA LYS AC 287 -68.46 59.67 53.97
C LYS AC 287 -69.28 58.44 53.59
N ARG AC 288 -70.20 58.64 52.66
CA ARG AC 288 -71.02 57.54 52.14
C ARG AC 288 -70.27 56.84 51.01
N GLU AC 289 -70.97 56.00 50.26
CA GLU AC 289 -70.35 55.31 49.13
C GLU AC 289 -70.14 56.24 47.93
N ASP AC 290 -70.73 57.44 47.96
CA ASP AC 290 -70.57 58.42 46.89
C ASP AC 290 -69.55 59.50 47.22
N LYS AC 291 -68.69 59.27 48.21
CA LYS AC 291 -67.64 60.18 48.64
C LYS AC 291 -68.19 61.48 49.20
N SER AC 292 -69.47 61.51 49.60
CA SER AC 292 -70.07 62.72 50.15
C SER AC 292 -70.09 62.63 51.68
N PRO AC 293 -69.57 63.64 52.37
CA PRO AC 293 -69.61 63.63 53.84
C PRO AC 293 -71.03 63.74 54.36
N ILE AC 294 -71.25 63.16 55.53
CA ILE AC 294 -72.57 63.13 56.15
C ILE AC 294 -72.69 64.27 57.15
N ALA AC 295 -73.87 64.88 57.20
CA ALA AC 295 -74.13 65.95 58.15
C ALA AC 295 -74.19 65.39 59.57
N PRO AC 296 -73.85 66.21 60.57
CA PRO AC 296 -73.89 65.71 61.96
C PRO AC 296 -75.26 65.26 62.41
N GLU AC 297 -76.34 65.89 61.93
CA GLU AC 297 -77.68 65.50 62.33
C GLU AC 297 -78.15 64.22 61.65
N GLU AC 298 -77.42 63.73 60.64
CA GLU AC 298 -77.78 62.50 59.95
C GLU AC 298 -77.24 61.25 60.64
N LEU AC 299 -76.81 61.37 61.89
CA LEU AC 299 -76.31 60.24 62.67
C LEU AC 299 -77.30 59.89 63.76
N ALA AC 300 -77.56 58.58 63.91
CA ALA AC 300 -78.52 58.14 64.93
C ALA AC 300 -78.03 58.46 66.34
N LEU AC 301 -76.74 58.26 66.62
CA LEU AC 301 -76.22 58.54 67.95
C LEU AC 301 -76.15 60.04 68.23
N ILE AC 302 -75.92 60.86 67.22
CA ILE AC 302 -75.77 62.30 67.42
C ILE AC 302 -77.13 62.99 67.53
N HIS AC 303 -78.07 62.64 66.66
CA HIS AC 303 -79.38 63.28 66.69
C HIS AC 303 -80.10 63.01 68.00
N ASN AC 304 -80.05 61.77 68.48
CA ASN AC 304 -80.67 61.41 69.75
C ASN AC 304 -79.96 62.03 70.94
N LEU AC 305 -78.64 62.18 70.88
CA LEU AC 305 -77.91 62.84 71.95
C LEU AC 305 -78.15 64.34 71.97
N ARG AC 306 -78.49 64.94 70.83
CA ARG AC 306 -78.81 66.36 70.81
C ARG AC 306 -80.01 66.68 71.69
N LYS AC 307 -81.03 65.82 71.68
CA LYS AC 307 -82.21 66.02 72.51
C LYS AC 307 -81.89 65.96 74.00
N MET AC 308 -80.82 65.26 74.37
CA MET AC 308 -80.45 65.11 75.77
C MET AC 308 -79.87 66.39 76.38
N VAL AC 309 -79.40 67.32 75.57
CA VAL AC 309 -78.80 68.55 76.08
C VAL AC 309 -79.81 69.67 76.26
N LYS AC 310 -80.98 69.57 75.62
CA LYS AC 310 -81.94 70.66 75.59
C LYS AC 310 -82.59 70.95 76.94
N ASN AC 311 -82.36 70.09 77.94
CA ASN AC 311 -82.80 70.30 79.33
C ASN AC 311 -84.27 70.71 79.40
N ASP AC 312 -85.11 69.97 78.68
CA ASP AC 312 -86.55 70.19 78.73
C ASP AC 312 -87.22 69.47 79.89
N TRP AC 313 -86.51 68.61 80.61
CA TRP AC 313 -87.06 67.89 81.74
C TRP AC 313 -86.67 68.59 83.05
N GLN AC 314 -86.99 67.95 84.16
CA GLN AC 314 -86.71 68.48 85.48
C GLN AC 314 -85.91 67.47 86.29
N GLY AC 315 -85.02 67.98 87.14
CA GLY AC 315 -84.22 67.15 88.01
C GLY AC 315 -82.89 66.68 87.47
N GLY AC 316 -82.38 67.32 86.41
CA GLY AC 316 -81.13 66.94 85.80
C GLY AC 316 -80.07 68.02 85.90
N ALA AC 317 -78.87 67.66 85.44
CA ALA AC 317 -77.73 68.58 85.40
C ALA AC 317 -76.85 68.23 84.21
N ILE AC 318 -76.68 69.19 83.30
CA ILE AC 318 -75.88 69.01 82.10
C ILE AC 318 -74.52 69.64 82.35
N VAL AC 319 -73.45 68.85 82.25
CA VAL AC 319 -72.09 69.35 82.35
C VAL AC 319 -71.34 68.91 81.10
N LEU AC 320 -70.72 69.88 80.43
CA LEU AC 320 -70.09 69.69 79.13
C LEU AC 320 -68.65 70.16 79.19
N THR AC 321 -67.84 69.62 78.26
CA THR AC 321 -66.44 70.00 78.15
C THR AC 321 -66.11 70.14 76.68
N VAL AC 322 -65.93 71.38 76.21
CA VAL AC 322 -65.53 71.60 74.82
C VAL AC 322 -64.10 71.11 74.64
N SER AC 323 -63.89 70.24 73.67
CA SER AC 323 -62.62 69.59 73.45
C SER AC 323 -61.99 70.06 72.14
N GLN AC 324 -60.66 69.98 72.09
CA GLN AC 324 -59.90 70.39 70.91
C GLN AC 324 -59.00 69.25 70.45
N THR AC 325 -58.65 68.35 71.38
CA THR AC 325 -57.80 67.22 71.03
C THR AC 325 -58.47 66.34 69.99
N GLY AC 326 -59.72 65.97 70.22
CA GLY AC 326 -60.48 65.19 69.27
C GLY AC 326 -61.29 65.99 68.28
N SER AC 327 -61.14 67.31 68.27
CA SER AC 327 -61.94 68.16 67.41
C SER AC 327 -61.56 67.96 65.94
N LEU AC 328 -62.50 68.30 65.07
CA LEU AC 328 -62.32 68.17 63.63
C LEU AC 328 -62.52 69.53 62.97
N PHE AC 329 -61.65 69.86 62.02
CA PHE AC 329 -61.69 71.13 61.29
C PHE AC 329 -61.60 72.33 62.23
N LYS AC 330 -60.79 72.19 63.29
CA LYS AC 330 -60.60 73.26 64.26
C LYS AC 330 -59.10 73.47 64.48
N PRO AC 331 -58.63 74.71 64.51
CA PRO AC 331 -57.22 74.95 64.80
C PRO AC 331 -56.88 74.57 66.24
N ARG AC 332 -55.62 74.17 66.44
CA ARG AC 332 -55.19 73.71 67.76
C ARG AC 332 -55.17 74.85 68.78
N ASN AC 333 -54.93 76.08 68.33
CA ASN AC 333 -54.86 77.22 69.24
C ASN AC 333 -56.23 77.75 69.64
N ALA AC 334 -57.31 77.22 69.06
CA ALA AC 334 -58.67 77.69 69.37
C ALA AC 334 -59.21 76.87 70.52
N TYR AC 335 -59.42 77.53 71.67
CA TYR AC 335 -60.00 76.88 72.84
C TYR AC 335 -61.27 77.57 73.33
N LEU AC 336 -61.70 78.65 72.67
CA LEU AC 336 -62.86 79.39 73.12
C LEU AC 336 -64.15 78.63 72.80
N PRO AC 337 -65.09 78.58 73.74
CA PRO AC 337 -66.32 77.81 73.50
C PRO AC 337 -67.12 78.27 72.31
N GLN AC 338 -67.17 79.58 72.05
CA GLN AC 338 -67.96 80.08 70.93
C GLN AC 338 -67.37 79.64 69.60
N GLU AC 339 -66.05 79.75 69.44
CA GLU AC 339 -65.43 79.33 68.19
C GLU AC 339 -65.36 77.81 68.07
N LEU AC 340 -65.40 77.09 69.19
CA LEU AC 340 -65.45 75.63 69.11
C LEU AC 340 -66.85 75.14 68.74
N LEU AC 341 -67.90 75.85 69.18
CA LEU AC 341 -69.26 75.41 68.89
C LEU AC 341 -69.73 75.90 67.52
N GLY AC 342 -69.30 77.09 67.12
CA GLY AC 342 -69.77 77.67 65.87
C GLY AC 342 -71.08 78.41 66.04
N LYS AC 343 -71.52 79.03 64.95
CA LYS AC 343 -72.77 79.80 64.96
C LYS AC 343 -73.98 78.91 65.19
N GLU AC 344 -73.99 77.72 64.57
CA GLU AC 344 -75.15 76.84 64.69
C GLU AC 344 -75.28 76.25 66.09
N GLY AC 345 -74.16 76.05 66.78
CA GLY AC 345 -74.18 75.40 68.08
C GLY AC 345 -74.48 76.32 69.25
N PHE AC 346 -73.76 77.43 69.33
CA PHE AC 346 -73.86 78.30 70.51
C PHE AC 346 -75.26 78.89 70.68
N ASP AC 347 -75.94 79.18 69.57
CA ASP AC 347 -77.27 79.79 69.65
C ASP AC 347 -78.29 78.90 70.33
N ALA AC 348 -78.14 77.57 70.22
CA ALA AC 348 -79.07 76.61 70.82
C ALA AC 348 -78.46 75.95 72.06
N LEU AC 349 -77.65 76.70 72.80
CA LEU AC 349 -76.96 76.16 73.96
C LEU AC 349 -77.70 76.41 75.27
N ASP AC 350 -78.85 77.10 75.25
CA ASP AC 350 -79.63 77.35 76.46
C ASP AC 350 -78.74 77.96 77.54
N PRO AC 351 -78.46 79.28 77.47
CA PRO AC 351 -77.24 79.86 78.06
C PRO AC 351 -76.75 79.23 79.35
N PHE AC 352 -75.48 78.85 79.34
CA PHE AC 352 -74.87 77.99 80.33
C PHE AC 352 -73.97 78.81 81.26
N ILE AC 353 -73.27 78.11 82.15
CA ILE AC 353 -72.26 78.73 83.00
C ILE AC 353 -70.89 78.37 82.45
N PRO AC 354 -70.16 79.35 81.88
CA PRO AC 354 -68.84 79.05 81.31
C PRO AC 354 -67.72 79.04 82.34
N ILE AC 355 -67.53 77.90 83.03
CA ILE AC 355 -66.47 77.81 84.03
C ILE AC 355 -65.13 77.63 83.33
N LEU AC 356 -64.18 78.50 83.65
CA LEU AC 356 -62.85 78.49 83.05
C LEU AC 356 -61.89 77.70 83.95
N VAL AC 357 -61.10 76.83 83.33
CA VAL AC 357 -60.05 76.09 84.01
C VAL AC 357 -58.71 76.74 83.68
N SER AC 358 -57.90 76.99 84.70
CA SER AC 358 -56.62 77.67 84.54
C SER AC 358 -55.48 76.67 84.74
N ASN AC 359 -54.26 77.17 84.62
CA ASN AC 359 -53.06 76.35 84.78
C ASN AC 359 -52.76 76.21 86.27
N TYR AC 360 -51.64 75.55 86.58
CA TYR AC 360 -51.28 75.33 87.98
C TYR AC 360 -50.86 76.63 88.65
N ASN AC 361 -51.38 76.85 89.85
CA ASN AC 361 -50.98 77.95 90.70
C ASN AC 361 -49.62 77.67 91.32
N PRO AC 362 -48.97 78.69 91.89
CA PRO AC 362 -47.71 78.43 92.61
C PRO AC 362 -47.85 77.41 93.71
N LYS AC 363 -48.99 77.38 94.42
CA LYS AC 363 -49.20 76.38 95.45
C LYS AC 363 -49.51 75.02 94.85
N GLU AC 364 -50.33 74.98 93.79
CA GLU AC 364 -50.70 73.71 93.16
C GLU AC 364 -49.50 73.02 92.53
N PHE AC 365 -48.61 73.77 91.88
CA PHE AC 365 -47.43 73.16 91.28
C PHE AC 365 -46.54 72.55 92.35
N GLU AC 366 -46.33 73.25 93.46
CA GLU AC 366 -45.54 72.70 94.55
C GLU AC 366 -46.19 71.45 95.14
N SER AC 367 -47.51 71.48 95.30
CA SER AC 367 -48.21 70.30 95.82
C SER AC 367 -48.07 69.11 94.88
N CYS AC 368 -48.19 69.33 93.57
CA CYS AC 368 -48.04 68.25 92.61
C CYS AC 368 -46.61 67.71 92.60
N ILE AC 369 -45.60 68.59 92.68
CA ILE AC 369 -44.22 68.14 92.71
C ILE AC 369 -43.95 67.32 93.97
N GLN AC 370 -44.46 67.78 95.12
CA GLN AC 370 -44.30 67.02 96.35
C GLN AC 370 -45.03 65.68 96.28
N TYR AC 371 -46.21 65.65 95.66
CA TYR AC 371 -46.91 64.38 95.49
C TYR AC 371 -46.11 63.41 94.63
N TYR AC 372 -45.51 63.91 93.55
CA TYR AC 372 -44.64 63.06 92.73
C TYR AC 372 -43.42 62.58 93.51
N LEU AC 373 -42.84 63.45 94.34
CA LEU AC 373 -41.71 63.05 95.17
C LEU AC 373 -42.10 61.98 96.19
N GLU AC 374 -43.32 62.04 96.73
CA GLU AC 374 -43.75 61.04 97.71
C GLU AC 374 -43.77 59.65 97.11
N ASN AC 375 -44.27 59.51 95.88
CA ASN AC 375 -44.29 58.24 95.17
C ASN AC 375 -43.01 57.99 94.37
N ASN AC 376 -42.05 58.91 94.44
CA ASN AC 376 -40.74 58.74 93.82
C ASN AC 376 -40.85 58.61 92.29
N TRP AC 377 -41.73 59.44 91.71
CA TRP AC 377 -41.85 59.47 90.26
C TRP AC 377 -40.63 60.13 89.62
N LEU AC 378 -40.10 61.19 90.24
CA LEU AC 378 -38.90 61.85 89.75
C LEU AC 378 -37.65 61.13 90.23
N GLN AC 379 -37.08 60.28 89.39
CA GLN AC 379 -35.91 59.50 89.76
C GLN AC 379 -34.59 60.20 89.45
N HIS AC 380 -34.63 61.38 88.85
CA HIS AC 380 -33.41 62.10 88.55
C HIS AC 380 -32.76 62.61 89.83
N GLU AC 381 -31.43 62.61 89.84
CA GLU AC 381 -30.70 63.01 91.04
C GLU AC 381 -30.95 64.48 91.38
N LYS AC 382 -30.93 65.35 90.37
CA LYS AC 382 -31.11 66.78 90.58
C LYS AC 382 -32.57 67.21 90.52
N ALA AC 383 -33.51 66.27 90.43
CA ALA AC 383 -34.93 66.61 90.45
C ALA AC 383 -35.45 66.89 91.85
N HIS AC 384 -34.66 66.60 92.89
CA HIS AC 384 -35.09 66.81 94.26
C HIS AC 384 -34.74 68.19 94.80
N THR AC 385 -33.99 68.99 94.06
CA THR AC 385 -33.61 70.32 94.53
C THR AC 385 -34.56 71.38 93.97
N GLU AC 386 -34.45 72.59 94.51
CA GLU AC 386 -35.33 73.68 94.09
C GLU AC 386 -34.99 74.16 92.68
N GLU AC 387 -33.71 74.04 92.27
CA GLU AC 387 -33.34 74.45 90.92
C GLU AC 387 -34.02 73.59 89.87
N GLY AC 388 -34.12 72.28 90.10
CA GLY AC 388 -34.85 71.42 89.18
C GLY AC 388 -36.33 71.74 89.11
N LYS AC 389 -36.92 72.12 90.25
CA LYS AC 389 -38.31 72.55 90.25
C LYS AC 389 -38.49 73.84 89.45
N LYS AC 390 -37.52 74.76 89.56
CA LYS AC 390 -37.58 75.98 88.75
C LYS AC 390 -37.56 75.66 87.26
N GLU AC 391 -36.66 74.76 86.83
CA GLU AC 391 -36.62 74.35 85.43
C GLU AC 391 -37.89 73.66 84.99
N LEU AC 392 -38.44 72.78 85.83
CA LEU AC 392 -39.71 72.14 85.48
C LEU AC 392 -40.83 73.16 85.32
N LEU AC 393 -40.92 74.12 86.25
CA LEU AC 393 -41.96 75.14 86.15
C LEU AC 393 -41.79 75.98 84.89
N PHE AC 394 -40.56 76.40 84.57
CA PHE AC 394 -40.34 77.21 83.38
C PHE AC 394 -40.66 76.43 82.11
N LEU AC 395 -40.24 75.17 82.03
CA LEU AC 395 -40.44 74.40 80.81
C LEU AC 395 -41.92 74.05 80.62
N SER AC 396 -42.60 73.62 81.68
CA SER AC 396 -44.00 73.23 81.56
C SER AC 396 -44.96 74.41 81.60
N ASN AC 397 -44.46 75.61 81.92
CA ASN AC 397 -45.31 76.79 82.08
C ASN AC 397 -46.42 76.51 83.10
N ARG AC 398 -46.06 75.79 84.15
CA ARG AC 398 -46.98 75.31 85.20
C ARG AC 398 -48.33 74.88 84.62
N ASN AC 399 -48.26 74.04 83.59
CA ASN AC 399 -49.44 73.46 82.96
C ASN AC 399 -49.55 72.00 83.34
N PRO AC 400 -50.70 71.56 83.86
CA PRO AC 400 -50.83 70.15 84.27
C PRO AC 400 -50.65 69.16 83.13
N GLY AC 401 -51.10 69.50 81.92
CA GLY AC 401 -50.95 68.58 80.81
C GLY AC 401 -49.50 68.36 80.41
N GLN AC 402 -48.73 69.45 80.33
CA GLN AC 402 -47.33 69.34 79.95
C GLN AC 402 -46.44 68.84 81.09
N LEU AC 403 -46.84 69.07 82.35
CA LEU AC 403 -46.00 68.66 83.47
C LEU AC 403 -45.86 67.14 83.54
N GLU AC 404 -46.95 66.40 83.32
CA GLU AC 404 -46.87 64.95 83.33
C GLU AC 404 -45.97 64.43 82.21
N ARG AC 405 -46.08 65.00 81.00
CA ARG AC 405 -45.22 64.58 79.91
C ARG AC 405 -43.76 64.87 80.21
N LEU AC 406 -43.47 66.04 80.80
CA LEU AC 406 -42.09 66.38 81.15
C LEU AC 406 -41.53 65.52 82.27
N CYS AC 407 -42.36 65.14 83.24
CA CYS AC 407 -41.92 64.32 84.36
C CYS AC 407 -41.91 62.83 84.04
N ALA AC 408 -42.52 62.42 82.92
CA ALA AC 408 -42.53 61.00 82.57
C ALA AC 408 -41.12 60.47 82.31
N TYR AC 409 -40.28 61.24 81.61
CA TYR AC 409 -38.96 60.77 81.21
C TYR AC 409 -37.86 61.29 82.11
N LEU AC 410 -38.20 61.90 83.25
CA LEU AC 410 -37.20 62.40 84.18
C LEU AC 410 -36.97 61.41 85.31
N SER BC 268 -51.52 130.72 -1.13
CA SER BC 268 -50.70 131.69 -1.86
C SER BC 268 -49.22 131.38 -1.71
N LEU BC 269 -48.53 131.24 -2.85
CA LEU BC 269 -47.10 130.95 -2.82
C LEU BC 269 -46.29 132.15 -2.33
N TRP BC 270 -46.80 133.37 -2.53
CA TRP BC 270 -46.06 134.54 -2.08
C TRP BC 270 -45.96 134.61 -0.56
N ASP BC 271 -47.01 134.17 0.15
CA ASP BC 271 -46.93 134.11 1.60
C ASP BC 271 -45.85 133.13 2.06
N ILE BC 272 -45.75 131.98 1.40
CA ILE BC 272 -44.70 131.02 1.76
C ILE BC 272 -43.32 131.58 1.43
N GLU BC 273 -43.21 132.31 0.32
CA GLU BC 273 -41.93 132.93 -0.03
C GLU BC 273 -41.53 133.99 1.00
N PHE BC 274 -42.49 134.75 1.51
CA PHE BC 274 -42.19 135.71 2.57
C PHE BC 274 -41.84 135.00 3.87
N ALA BC 275 -42.53 133.91 4.19
CA ALA BC 275 -42.26 133.16 5.41
C ALA BC 275 -40.87 132.52 5.39
N LYS BC 276 -40.44 131.99 4.24
CA LYS BC 276 -39.11 131.40 4.18
C LYS BC 276 -38.03 132.46 4.25
N GLN BC 277 -38.27 133.64 3.68
CA GLN BC 277 -37.34 134.75 3.86
C GLN BC 277 -37.25 135.19 5.31
N LEU BC 278 -38.37 135.22 6.03
CA LEU BC 278 -38.33 135.50 7.46
C LEU BC 278 -37.54 134.43 8.21
N ALA BC 279 -37.79 133.16 7.91
CA ALA BC 279 -37.12 132.07 8.59
C ALA BC 279 -35.63 132.03 8.28
N ALA BC 280 -35.21 132.54 7.11
CA ALA BC 280 -33.78 132.56 6.78
C ALA BC 280 -32.99 133.38 7.78
N VAL BC 281 -33.53 134.54 8.19
CA VAL BC 281 -32.87 135.35 9.19
C VAL BC 281 -33.26 134.94 10.62
N THR BC 282 -34.41 134.27 10.79
CA THR BC 282 -34.79 133.81 12.11
C THR BC 282 -33.90 132.67 12.60
N GLU BC 283 -33.68 131.66 11.75
CA GLU BC 283 -32.90 130.50 12.15
C GLU BC 283 -31.42 130.83 12.21
N ARG BC 284 -30.70 130.07 13.04
CA ARG BC 284 -29.27 130.25 13.24
C ARG BC 284 -28.70 128.91 13.69
N PRO BC 285 -27.40 128.69 13.48
CA PRO BC 285 -26.75 127.51 14.07
C PRO BC 285 -26.86 127.54 15.58
N PHE BC 286 -27.04 126.37 16.17
CA PHE BC 286 -27.27 126.27 17.60
C PHE BC 286 -26.03 126.74 18.36
N GLN BC 287 -26.25 127.57 19.38
CA GLN BC 287 -25.17 128.07 20.22
C GLN BC 287 -25.21 127.51 21.63
N ASN BC 288 -26.25 126.75 21.99
CA ASN BC 288 -26.36 126.19 23.32
C ASN BC 288 -27.20 124.92 23.26
N GLY BC 289 -26.90 124.00 24.18
CA GLY BC 289 -27.68 122.78 24.28
C GLY BC 289 -29.13 123.03 24.66
N PHE BC 290 -29.38 124.05 25.47
CA PHE BC 290 -30.76 124.42 25.80
C PHE BC 290 -31.52 124.85 24.56
N GLU BC 291 -30.91 125.66 23.70
CA GLU BC 291 -31.54 126.02 22.43
C GLU BC 291 -31.72 124.81 21.54
N GLU BC 292 -30.75 123.89 21.55
CA GLU BC 292 -30.87 122.65 20.79
C GLU BC 292 -32.10 121.86 21.22
N MET BC 293 -32.35 121.77 22.53
CA MET BC 293 -33.52 121.09 23.03
C MET BC 293 -34.81 121.86 22.77
N ILE BC 294 -34.78 123.19 22.85
CA ILE BC 294 -35.97 124.00 22.58
C ILE BC 294 -36.44 123.81 21.14
N GLN BC 295 -35.49 123.86 20.20
CA GLN BC 295 -35.86 123.72 18.79
C GLN BC 295 -36.48 122.35 18.52
N TRP BC 296 -35.89 121.29 19.07
CA TRP BC 296 -36.43 119.94 18.86
C TRP BC 296 -37.76 119.74 19.58
N THR BC 297 -37.94 120.38 20.74
CA THR BC 297 -39.23 120.31 21.41
C THR BC 297 -40.32 120.99 20.58
N LYS BC 298 -40.01 122.15 20.00
CA LYS BC 298 -40.97 122.81 19.12
C LYS BC 298 -41.23 122.00 17.86
N GLU BC 299 -40.19 121.36 17.30
CA GLU BC 299 -40.35 120.61 16.06
C GLU BC 299 -41.09 119.30 16.29
N GLY BC 300 -41.00 118.71 17.48
CA GLY BC 300 -41.66 117.46 17.78
C GLY BC 300 -40.74 116.31 18.13
N LYS BC 301 -39.42 116.49 18.12
CA LYS BC 301 -38.53 115.39 18.45
C LYS BC 301 -38.49 115.13 19.94
N LEU BC 302 -38.20 116.15 20.73
CA LEU BC 302 -38.14 116.00 22.18
C LEU BC 302 -39.54 115.74 22.74
N TRP BC 303 -39.58 114.94 23.82
CA TRP BC 303 -40.84 114.61 24.45
C TRP BC 303 -41.41 115.82 25.19
N GLU BC 304 -42.70 115.74 25.50
CA GLU BC 304 -43.39 116.78 26.25
C GLU BC 304 -43.14 116.56 27.74
N PHE BC 305 -42.38 117.46 28.36
CA PHE BC 305 -42.12 117.38 29.79
C PHE BC 305 -43.13 118.24 30.55
N PRO BC 306 -43.73 117.74 31.64
CA PRO BC 306 -43.49 116.41 32.22
C PRO BC 306 -44.05 115.28 31.37
N ILE BC 307 -43.33 114.16 31.33
CA ILE BC 307 -43.64 113.07 30.41
C ILE BC 307 -44.87 112.32 30.91
N ASN BC 308 -45.96 112.40 30.15
CA ASN BC 308 -47.16 111.64 30.42
C ASN BC 308 -47.34 110.60 29.31
N ASN BC 309 -47.69 109.38 29.72
CA ASN BC 309 -47.76 108.26 28.78
C ASN BC 309 -48.94 108.35 27.82
N GLU BC 310 -49.87 109.29 28.02
CA GLU BC 310 -51.04 109.44 27.18
C GLU BC 310 -50.88 110.58 26.17
N ALA BC 311 -49.68 111.12 26.02
CA ALA BC 311 -49.43 112.23 25.12
C ALA BC 311 -49.41 111.72 23.68
N GLY BC 312 -50.18 112.38 22.80
CA GLY BC 312 -50.25 112.02 21.41
C GLY BC 312 -51.29 110.98 21.05
N PHE BC 313 -51.99 110.43 22.04
CA PHE BC 313 -53.04 109.42 21.81
C PHE BC 313 -54.31 109.90 22.47
N ASP BC 314 -55.34 110.20 21.67
CA ASP BC 314 -56.61 110.69 22.18
C ASP BC 314 -57.74 109.67 22.09
N ASP BC 315 -57.54 108.57 21.35
CA ASP BC 315 -58.56 107.53 21.17
C ASP BC 315 -59.86 108.11 20.61
N ASP BC 316 -59.71 108.99 19.62
CA ASP BC 316 -60.83 109.63 18.93
C ASP BC 316 -61.73 110.42 19.87
N GLY BC 317 -61.18 110.93 20.98
CA GLY BC 317 -61.96 111.71 21.92
C GLY BC 317 -63.08 110.94 22.58
N SER BC 318 -62.88 109.64 22.82
CA SER BC 318 -63.90 108.82 23.45
C SER BC 318 -63.86 108.95 24.97
N GLU BC 319 -64.91 108.44 25.62
CA GLU BC 319 -65.03 108.48 27.06
C GLU BC 319 -65.25 107.06 27.60
N PHE BC 320 -65.49 106.98 28.91
CA PHE BC 320 -65.66 105.67 29.55
C PHE BC 320 -66.99 105.03 29.15
N HIS BC 321 -68.00 105.83 28.83
CA HIS BC 321 -69.30 105.28 28.45
C HIS BC 321 -69.30 104.69 27.05
N GLU BC 322 -68.42 105.15 26.17
CA GLU BC 322 -68.29 104.56 24.84
C GLU BC 322 -67.57 103.22 24.87
N HIS BC 323 -66.87 102.90 25.96
CA HIS BC 323 -66.17 101.64 26.11
C HIS BC 323 -66.91 100.65 26.99
N ILE BC 324 -67.27 101.05 28.21
CA ILE BC 324 -67.88 100.11 29.15
C ILE BC 324 -69.30 99.76 28.72
N PHE BC 325 -70.09 100.76 28.32
CA PHE BC 325 -71.49 100.56 27.98
C PHE BC 325 -71.60 100.29 26.50
N LEU BC 326 -71.82 99.02 26.14
CA LEU BC 326 -72.04 98.61 24.76
C LEU BC 326 -73.38 97.92 24.57
N ASP BC 327 -74.28 98.04 25.56
CA ASP BC 327 -75.60 97.41 25.45
C ASP BC 327 -76.45 98.04 24.35
N LYS BC 328 -76.16 99.29 23.97
CA LYS BC 328 -76.90 99.96 22.92
C LYS BC 328 -76.70 99.33 21.55
N TYR BC 329 -75.68 98.49 21.38
CA TYR BC 329 -75.41 97.83 20.12
C TYR BC 329 -76.05 96.44 20.04
N LEU BC 330 -76.78 96.03 21.08
CA LEU BC 330 -77.42 94.72 21.11
C LEU BC 330 -78.93 94.80 20.92
N GLN BC 331 -79.42 95.91 20.38
CA GLN BC 331 -80.87 96.07 20.19
C GLN BC 331 -81.40 95.19 19.07
N ASP BC 332 -80.58 94.88 18.07
CA ASP BC 332 -81.00 94.06 16.94
C ASP BC 332 -80.69 92.58 17.21
N PHE BC 333 -81.26 92.08 18.30
CA PHE BC 333 -81.05 90.69 18.72
C PHE BC 333 -82.26 90.26 19.54
N PRO BC 334 -82.55 88.96 19.59
CA PRO BC 334 -83.64 88.49 20.45
C PRO BC 334 -83.31 88.72 21.92
N LYS BC 335 -84.24 89.35 22.63
CA LYS BC 335 -83.98 89.77 24.01
C LYS BC 335 -83.97 88.59 24.98
N GLN BC 336 -84.82 87.60 24.76
CA GLN BC 336 -85.01 86.50 25.69
C GLN BC 336 -84.37 85.20 25.22
N GLY BC 337 -83.58 85.23 24.15
CA GLY BC 337 -82.95 84.04 23.63
C GLY BC 337 -81.53 83.85 24.11
N PRO BC 338 -80.92 82.71 23.76
CA PRO BC 338 -79.50 82.50 24.09
C PRO BC 338 -78.56 83.45 23.38
N ILE BC 339 -79.03 84.12 22.32
CA ILE BC 339 -78.22 85.13 21.66
C ILE BC 339 -77.86 86.24 22.63
N ARG BC 340 -78.82 86.68 23.45
CA ARG BC 340 -78.52 87.68 24.47
C ARG BC 340 -77.54 87.13 25.51
N HIS BC 341 -77.68 85.86 25.89
CA HIS BC 341 -76.76 85.26 26.86
C HIS BC 341 -75.33 85.27 26.34
N PHE BC 342 -75.14 84.98 25.04
CA PHE BC 342 -73.80 85.01 24.47
C PHE BC 342 -73.30 86.44 24.26
N MET BC 343 -74.17 87.34 23.81
CA MET BC 343 -73.76 88.70 23.50
C MET BC 343 -73.48 89.51 24.76
N GLU BC 344 -74.12 89.21 25.88
CA GLU BC 344 -73.76 89.89 27.12
C GLU BC 344 -72.36 89.50 27.57
N LEU BC 345 -71.99 88.23 27.40
CA LEU BC 345 -70.62 87.82 27.68
C LEU BC 345 -69.63 88.50 26.75
N VAL BC 346 -69.97 88.59 25.46
CA VAL BC 346 -69.10 89.29 24.51
C VAL BC 346 -68.95 90.75 24.90
N THR BC 347 -70.04 91.41 25.28
CA THR BC 347 -69.99 92.81 25.68
C THR BC 347 -69.17 93.00 26.95
N CYS BC 348 -69.33 92.10 27.93
CA CYS BC 348 -68.53 92.19 29.14
C CYS BC 348 -67.05 92.00 28.86
N GLY BC 349 -66.70 91.08 27.95
CA GLY BC 349 -65.31 90.94 27.56
C GLY BC 349 -64.77 92.17 26.85
N LEU BC 350 -65.55 92.75 25.94
CA LEU BC 350 -65.10 93.93 25.21
C LEU BC 350 -64.97 95.16 26.09
N SER BC 351 -65.84 95.31 27.09
CA SER BC 351 -65.80 96.48 27.96
C SER BC 351 -64.51 96.51 28.79
N LYS BC 352 -63.99 95.34 29.17
CA LYS BC 352 -62.77 95.25 29.95
C LYS BC 352 -61.53 95.10 29.06
N ASN BC 353 -61.58 95.62 27.84
CA ASN BC 353 -60.45 95.50 26.91
C ASN BC 353 -59.88 96.88 26.61
N PRO BC 354 -58.81 97.30 27.29
CA PRO BC 354 -58.18 98.59 26.97
C PRO BC 354 -57.35 98.58 25.69
N TYR BC 355 -57.15 97.41 25.08
CA TYR BC 355 -56.30 97.31 23.91
C TYR BC 355 -57.00 97.65 22.60
N LEU BC 356 -58.33 97.77 22.61
CA LEU BC 356 -59.10 98.04 21.41
C LEU BC 356 -59.90 99.32 21.57
N SER BC 357 -60.15 99.99 20.45
CA SER BC 357 -60.91 101.22 20.42
C SER BC 357 -62.40 100.91 20.32
N VAL BC 358 -63.23 101.95 20.32
CA VAL BC 358 -64.68 101.75 20.24
C VAL BC 358 -65.07 101.22 18.87
N LYS BC 359 -64.40 101.69 17.81
CA LYS BC 359 -64.76 101.28 16.46
C LYS BC 359 -64.52 99.80 16.24
N GLN BC 360 -63.44 99.24 16.78
CA GLN BC 360 -63.18 97.82 16.63
C GLN BC 360 -64.21 96.97 17.36
N LYS BC 361 -64.63 97.39 18.56
CA LYS BC 361 -65.71 96.70 19.25
C LYS BC 361 -67.02 96.78 18.46
N VAL BC 362 -67.31 97.95 17.88
CA VAL BC 362 -68.50 98.09 17.05
C VAL BC 362 -68.43 97.15 15.83
N GLU BC 363 -67.25 97.04 15.22
CA GLU BC 363 -67.07 96.12 14.12
C GLU BC 363 -67.23 94.66 14.54
N HIS BC 364 -66.75 94.29 15.73
CA HIS BC 364 -66.99 92.93 16.22
C HIS BC 364 -68.47 92.67 16.42
N ILE BC 365 -69.19 93.62 17.01
CA ILE BC 365 -70.63 93.47 17.22
C ILE BC 365 -71.35 93.34 15.88
N GLU BC 366 -70.94 94.14 14.89
CA GLU BC 366 -71.52 94.04 13.56
C GLU BC 366 -71.19 92.71 12.89
N TRP BC 367 -69.99 92.19 13.12
CA TRP BC 367 -69.64 90.88 12.57
C TRP BC 367 -70.54 89.80 13.14
N PHE BC 368 -70.75 89.82 14.46
CA PHE BC 368 -71.67 88.86 15.06
C PHE BC 368 -73.09 89.04 14.53
N ARG BC 369 -73.54 90.29 14.38
CA ARG BC 369 -74.88 90.56 13.85
C ARG BC 369 -75.07 89.96 12.47
N ASN BC 370 -74.15 90.25 11.54
CA ASN BC 370 -74.30 89.75 10.18
C ASN BC 370 -74.07 88.25 10.08
N TYR BC 371 -73.20 87.68 10.90
CA TYR BC 371 -73.07 86.22 10.92
C TYR BC 371 -74.36 85.56 11.36
N PHE BC 372 -74.98 86.07 12.43
CA PHE BC 372 -76.24 85.50 12.91
C PHE BC 372 -77.37 85.70 11.91
N ASN BC 373 -77.42 86.88 11.27
CA ASN BC 373 -78.46 87.15 10.28
C ASN BC 373 -78.24 86.42 8.97
N GLU BC 374 -77.00 85.99 8.69
CA GLU BC 374 -76.74 85.18 7.51
C GLU BC 374 -77.08 83.72 7.75
N LYS BC 375 -76.66 83.17 8.89
CA LYS BC 375 -76.95 81.77 9.21
C LYS BC 375 -78.29 81.71 9.93
N ARG BC 376 -79.37 81.74 9.13
CA ARG BC 376 -80.72 81.68 9.67
C ARG BC 376 -81.28 80.27 9.71
N VAL BC 377 -80.85 79.39 8.80
CA VAL BC 377 -81.38 78.03 8.78
C VAL BC 377 -80.93 77.25 10.02
N ILE BC 378 -79.69 77.47 10.48
CA ILE BC 378 -79.18 76.69 11.60
C ILE BC 378 -79.88 77.05 12.90
N LEU BC 379 -80.17 78.33 13.14
CA LEU BC 379 -80.86 78.72 14.37
C LEU BC 379 -82.29 78.23 14.40
N LYS BC 380 -82.98 78.22 13.25
CA LYS BC 380 -84.33 77.66 13.18
C LYS BC 380 -84.32 76.14 13.30
N GLU BC 381 -83.29 75.47 12.77
CA GLU BC 381 -83.20 74.02 12.89
C GLU BC 381 -82.80 73.58 14.30
N SER BC 382 -82.10 74.43 15.05
CA SER BC 382 -81.67 74.08 16.40
C SER BC 382 -82.83 73.89 17.37
N GLY BC 383 -84.03 74.35 17.02
CA GLY BC 383 -85.19 74.20 17.88
C GLY BC 383 -85.55 75.44 18.69
N ILE BC 384 -84.71 76.46 18.68
CA ILE BC 384 -84.98 77.71 19.38
C ILE BC 384 -85.30 78.79 18.36
N GLN BC 385 -86.41 79.49 18.57
CA GLN BC 385 -86.86 80.52 17.65
C GLN BC 385 -86.00 81.76 17.85
N LEU BC 386 -85.26 82.15 16.80
CA LEU BC 386 -84.39 83.32 16.85
C LEU BC 386 -84.63 84.16 15.60
N ASN BC 387 -84.41 85.46 15.75
CA ASN BC 387 -84.60 86.39 14.63
C ASN BC 387 -83.25 86.89 14.10
N LEU CC 4 -75.25 80.90 51.83
CA LEU CC 4 -75.95 81.40 50.65
C LEU CC 4 -77.43 81.62 50.95
N SER CC 5 -77.91 82.83 50.69
CA SER CC 5 -79.30 83.19 50.91
C SER CC 5 -79.83 83.92 49.68
N GLU CC 6 -81.16 84.06 49.63
CA GLU CC 6 -81.79 84.75 48.51
C GLU CC 6 -81.41 86.24 48.49
N TYR CC 7 -81.27 86.86 49.67
CA TYR CC 7 -80.79 88.23 49.71
C TYR CC 7 -79.34 88.33 49.26
N ALA CC 8 -78.50 87.38 49.68
CA ALA CC 8 -77.09 87.40 49.30
C ALA CC 8 -76.88 87.20 47.81
N VAL CC 9 -77.63 86.28 47.20
CA VAL CC 9 -77.46 86.07 45.76
C VAL CC 9 -77.96 87.28 44.98
N ARG CC 10 -79.03 87.93 45.44
CA ARG CC 10 -79.48 89.15 44.79
C ARG CC 10 -78.45 90.27 44.93
N MET CC 11 -77.83 90.39 46.11
CA MET CC 11 -76.80 91.39 46.30
C MET CC 11 -75.60 91.14 45.39
N SER CC 12 -75.19 89.87 45.27
CA SER CC 12 -74.09 89.52 44.37
C SER CC 12 -74.44 89.81 42.91
N ARG CC 13 -75.68 89.51 42.51
CA ARG CC 13 -76.11 89.80 41.14
C ARG CC 13 -76.09 91.30 40.88
N LEU CC 14 -76.55 92.10 41.84
CA LEU CC 14 -76.53 93.55 41.67
C LEU CC 14 -75.10 94.10 41.64
N SER CC 15 -74.19 93.49 42.42
CA SER CC 15 -72.81 93.95 42.43
C SER CC 15 -72.16 93.78 41.06
N ALA CC 16 -72.37 92.63 40.42
CA ALA CC 16 -71.82 92.40 39.09
C ALA CC 16 -72.41 93.35 38.05
N ARG CC 17 -73.71 93.61 38.13
CA ARG CC 17 -74.34 94.57 37.22
C ARG CC 17 -73.77 95.97 37.40
N LEU CC 18 -73.57 96.40 38.64
CA LEU CC 18 -73.01 97.73 38.90
C LEU CC 18 -71.56 97.82 38.47
N PHE CC 19 -70.78 96.75 38.69
CA PHE CC 19 -69.37 96.77 38.31
C PHE CC 19 -69.14 96.47 36.84
N GLY CC 20 -70.17 96.08 36.10
CA GLY CC 20 -70.02 95.75 34.71
C GLY CC 20 -69.58 94.32 34.44
N GLU CC 21 -69.56 93.48 35.47
CA GLU CC 21 -69.16 92.09 35.33
C GLU CC 21 -70.34 91.26 34.80
N VAL CC 22 -70.19 89.94 34.82
CA VAL CC 22 -71.27 89.08 34.33
C VAL CC 22 -72.34 88.97 35.40
N ALA CC 23 -73.56 89.38 35.06
CA ALA CC 23 -74.65 89.41 36.03
C ALA CC 23 -75.28 88.03 36.18
N ARG CC 24 -75.84 87.48 35.11
CA ARG CC 24 -76.46 86.17 35.18
C ARG CC 24 -75.40 85.09 35.38
N PRO CC 25 -75.75 83.99 36.04
CA PRO CC 25 -74.75 82.94 36.29
C PRO CC 25 -74.26 82.31 34.99
N THR CC 26 -72.95 82.11 34.90
CA THR CC 26 -72.33 81.51 33.74
C THR CC 26 -71.27 80.51 34.20
N ASP CC 27 -70.97 79.55 33.33
CA ASP CC 27 -70.00 78.51 33.67
C ASP CC 27 -68.58 78.96 33.34
N SER CC 28 -67.62 78.32 34.01
CA SER CC 28 -66.21 78.61 33.75
C SER CC 28 -65.83 78.25 32.32
N LYS CC 29 -66.46 77.22 31.75
CA LYS CC 29 -66.25 76.91 30.34
C LYS CC 29 -66.76 78.02 29.43
N SER CC 30 -67.77 78.76 29.86
CA SER CC 30 -68.30 79.86 29.07
C SER CC 30 -67.59 81.19 29.34
N MET CC 31 -66.85 81.29 30.45
CA MET CC 31 -66.05 82.49 30.70
C MET CC 31 -64.85 82.61 29.79
N LYS CC 32 -64.53 81.56 29.03
CA LYS CC 32 -63.41 81.64 28.08
C LYS CC 32 -63.69 82.66 26.99
N VAL CC 33 -64.93 82.71 26.48
CA VAL CC 33 -65.25 83.71 25.48
C VAL CC 33 -65.24 85.12 26.06
N VAL CC 34 -65.53 85.26 27.37
CA VAL CC 34 -65.40 86.57 28.02
C VAL CC 34 -63.93 86.98 28.06
N LYS CC 35 -63.06 86.06 28.48
CA LYS CC 35 -61.63 86.35 28.55
C LYS CC 35 -61.02 86.60 27.17
N LEU CC 36 -61.55 85.97 26.12
CA LEU CC 36 -61.04 86.17 24.77
C LEU CC 36 -61.13 87.62 24.35
N PHE CC 37 -62.24 88.29 24.64
CA PHE CC 37 -62.38 89.71 24.36
C PHE CC 37 -61.86 90.59 25.47
N SER CC 38 -61.68 90.05 26.68
CA SER CC 38 -61.07 90.84 27.75
C SER CC 38 -59.57 91.04 27.55
N GLU CC 39 -58.89 90.06 26.97
CA GLU CC 39 -57.46 90.14 26.75
C GLU CC 39 -57.15 90.16 25.26
N GLN CC 40 -56.10 90.87 24.90
CA GLN CC 40 -55.69 90.98 23.50
C GLN CC 40 -55.16 89.64 23.01
N PRO CC 41 -55.53 89.20 21.81
CA PRO CC 41 -55.04 87.92 21.30
C PRO CC 41 -53.53 87.94 21.10
N LEU CC 42 -52.93 86.76 21.21
CA LEU CC 42 -51.48 86.63 21.09
C LEU CC 42 -50.99 87.03 19.72
N ALA CC 43 -51.73 86.66 18.67
CA ALA CC 43 -51.34 87.01 17.30
C ALA CC 43 -51.39 88.51 17.05
N LYS CC 44 -52.10 89.27 17.88
CA LYS CC 44 -52.18 90.72 17.73
C LYS CC 44 -51.19 91.47 18.61
N ARG CC 45 -50.60 90.80 19.61
CA ARG CC 45 -49.66 91.47 20.50
C ARG CC 45 -48.43 91.92 19.74
N LYS CC 46 -47.91 93.10 20.15
CA LYS CC 46 -46.73 93.65 19.49
C LYS CC 46 -45.49 92.80 19.71
N GLU CC 47 -45.31 92.25 20.92
CA GLU CC 47 -44.16 91.40 21.20
C GLU CC 47 -44.14 90.16 20.32
N THR CC 48 -45.29 89.72 19.81
CA THR CC 48 -45.38 88.57 18.93
C THR CC 48 -45.30 88.94 17.45
N TYR CC 49 -46.13 89.87 17.00
CA TYR CC 49 -46.18 90.18 15.57
C TYR CC 49 -45.03 91.07 15.13
N ASP CC 50 -44.29 91.69 16.05
CA ASP CC 50 -43.13 92.50 15.74
C ASP CC 50 -41.85 91.90 16.30
N TRP CC 51 -41.72 90.57 16.23
CA TRP CC 51 -40.57 89.90 16.82
C TRP CC 51 -39.32 90.10 15.96
N TYR CC 52 -39.40 89.71 14.68
CA TYR CC 52 -38.24 89.76 13.80
C TYR CC 52 -38.16 91.12 13.13
N PRO CC 53 -37.07 91.86 13.30
CA PRO CC 53 -36.91 93.12 12.56
C PRO CC 53 -36.74 92.86 11.07
N ASN CC 54 -36.86 93.93 10.29
CA ASN CC 54 -36.80 93.81 8.84
C ASN CC 54 -35.36 93.60 8.36
N HIS CC 55 -34.91 92.34 8.40
CA HIS CC 55 -33.57 92.02 7.92
C HIS CC 55 -33.37 92.36 6.46
N ASN CC 56 -34.43 92.24 5.64
CA ASN CC 56 -34.33 92.68 4.26
C ASN CC 56 -34.04 94.17 4.16
N THR CC 57 -34.74 94.98 4.96
CA THR CC 57 -34.48 96.42 4.96
C THR CC 57 -33.06 96.72 5.43
N TYR CC 58 -32.61 96.07 6.51
CA TYR CC 58 -31.26 96.31 6.99
C TYR CC 58 -30.22 95.95 5.94
N PHE CC 59 -30.32 94.77 5.35
CA PHE CC 59 -29.37 94.34 4.34
C PHE CC 59 -29.38 95.23 3.10
N ALA CC 60 -30.57 95.58 2.62
CA ALA CC 60 -30.67 96.44 1.45
C ALA CC 60 -30.08 97.83 1.72
N LEU CC 61 -30.38 98.41 2.89
CA LEU CC 61 -29.84 99.72 3.22
C LEU CC 61 -28.33 99.67 3.32
N MET CC 62 -27.78 98.66 4.00
CA MET CC 62 -26.33 98.55 4.12
C MET CC 62 -25.66 98.35 2.77
N GLY CC 63 -26.21 97.50 1.91
CA GLY CC 63 -25.64 97.28 0.59
C GLY CC 63 -25.72 98.50 -0.31
N THR CC 64 -26.85 99.21 -0.27
CA THR CC 64 -26.97 100.43 -1.04
C THR CC 64 -25.98 101.49 -0.57
N LEU CC 65 -25.79 101.62 0.74
CA LEU CC 65 -24.78 102.54 1.25
C LEU CC 65 -23.38 102.13 0.85
N ARG CC 66 -23.08 100.83 0.87
CA ARG CC 66 -21.77 100.35 0.43
C ARG CC 66 -21.54 100.68 -1.05
N PHE CC 67 -22.55 100.49 -1.89
CA PHE CC 67 -22.43 100.82 -3.31
C PHE CC 67 -22.32 102.32 -3.54
N LEU CC 68 -23.00 103.13 -2.74
CA LEU CC 68 -22.93 104.57 -2.87
C LEU CC 68 -21.60 105.14 -2.38
N GLY CC 69 -20.95 104.50 -1.42
CA GLY CC 69 -19.67 104.97 -0.94
C GLY CC 69 -19.70 105.65 0.41
N LEU CC 70 -20.63 105.28 1.28
CA LEU CC 70 -20.71 105.82 2.64
C LEU CC 70 -20.41 104.77 3.69
N TYR CC 71 -20.98 103.57 3.54
CA TYR CC 71 -20.68 102.44 4.41
C TYR CC 71 -19.68 101.53 3.72
N ARG CC 72 -18.82 100.89 4.51
CA ARG CC 72 -17.84 99.94 3.98
C ARG CC 72 -18.03 98.63 4.72
N ASP CC 73 -18.45 97.59 4.00
CA ASP CC 73 -18.74 96.29 4.59
C ASP CC 73 -17.52 95.39 4.40
N GLU CC 74 -16.77 95.18 5.49
CA GLU CC 74 -15.57 94.36 5.42
C GLU CC 74 -15.89 92.90 5.10
N HIS CC 75 -17.00 92.38 5.64
CA HIS CC 75 -17.39 91.01 5.33
C HIS CC 75 -17.71 90.83 3.86
N GLN CC 76 -18.46 91.78 3.28
CA GLN CC 76 -18.77 91.71 1.85
C GLN CC 76 -17.52 91.89 1.01
N ASP CC 77 -16.60 92.76 1.42
CA ASP CC 77 -15.33 92.90 0.70
C ASP CC 77 -14.52 91.62 0.74
N PHE CC 78 -14.48 90.94 1.89
CA PHE CC 78 -13.79 89.66 1.98
C PHE CC 78 -14.44 88.61 1.08
N ARG CC 79 -15.78 88.56 1.07
CA ARG CC 79 -16.46 87.64 0.17
C ARG CC 79 -16.14 87.93 -1.29
N ASP CC 80 -16.15 89.21 -1.68
CA ASP CC 80 -15.84 89.57 -3.05
C ASP CC 80 -14.41 89.22 -3.42
N GLU CC 81 -13.45 89.45 -2.52
CA GLU CC 81 -12.07 89.11 -2.79
C GLU CC 81 -11.89 87.60 -2.94
N GLN CC 82 -12.52 86.82 -2.06
CA GLN CC 82 -12.44 85.37 -2.17
C GLN CC 82 -13.08 84.86 -3.45
N LEU CC 83 -14.23 85.41 -3.84
CA LEU CC 83 -14.86 85.00 -5.09
C LEU CC 83 -14.02 85.39 -6.30
N ARG CC 84 -13.40 86.57 -6.27
CA ARG CC 84 -12.50 86.98 -7.35
C ARG CC 84 -11.33 86.02 -7.48
N LEU CC 85 -10.72 85.66 -6.35
CA LEU CC 85 -9.61 84.71 -6.38
C LEU CC 85 -10.05 83.33 -6.86
N LYS CC 86 -11.22 82.85 -6.43
CA LYS CC 86 -11.72 81.57 -6.88
C LYS CC 86 -11.97 81.56 -8.40
N LYS CC 87 -12.60 82.63 -8.92
CA LYS CC 87 -12.83 82.72 -10.35
C LYS CC 87 -11.53 82.83 -11.13
N LEU CC 88 -10.55 83.57 -10.60
CA LEU CC 88 -9.25 83.66 -11.26
C LEU CC 88 -8.56 82.30 -11.29
N ARG CC 89 -8.69 81.52 -10.21
CA ARG CC 89 -8.15 80.16 -10.21
C ARG CC 89 -8.87 79.30 -11.24
N GLY CC 90 -10.18 79.43 -11.37
CA GLY CC 90 -10.89 78.77 -12.45
C GLY CC 90 -12.13 78.00 -12.07
N LYS CC 91 -12.48 78.01 -10.78
CA LYS CC 91 -13.66 77.30 -10.29
C LYS CC 91 -14.69 78.33 -9.85
N GLY CC 92 -15.52 78.79 -10.80
CA GLY CC 92 -16.55 79.76 -10.54
C GLY CC 92 -17.92 79.14 -10.37
N LYS CC 93 -18.94 79.97 -10.55
CA LYS CC 93 -20.32 79.53 -10.41
C LYS CC 93 -20.87 79.18 -11.78
N PRO CC 94 -21.27 77.94 -12.02
CA PRO CC 94 -21.79 77.56 -13.34
C PRO CC 94 -23.08 78.28 -13.67
N ARG CC 95 -23.29 78.50 -14.97
CA ARG CC 95 -24.50 79.14 -15.44
C ARG CC 95 -25.71 78.24 -15.19
N LYS CC 96 -26.85 78.88 -14.92
CA LYS CC 96 -28.08 78.15 -14.61
C LYS CC 96 -28.57 77.44 -15.88
N GLY CC 97 -28.62 76.11 -15.82
CA GLY CC 97 -29.12 75.31 -16.93
C GLY CC 97 -28.07 74.49 -17.65
N GLU CC 98 -26.78 74.70 -17.38
CA GLU CC 98 -25.71 73.97 -18.04
C GLU CC 98 -24.86 73.14 -17.08
N GLY CC 99 -25.11 73.22 -15.78
CA GLY CC 99 -24.32 72.48 -14.82
C GLY CC 99 -24.52 70.98 -14.91
N LYS CC 100 -25.76 70.54 -15.06
CA LYS CC 100 -26.05 69.10 -15.08
C LYS CC 100 -25.81 68.50 -16.45
N ARG CC 101 -26.56 68.99 -17.46
CA ARG CC 101 -26.47 68.40 -18.80
C ARG CC 101 -25.10 68.63 -19.42
N ALA CC 102 -24.55 69.83 -19.27
CA ALA CC 102 -23.25 70.16 -19.84
C ALA CC 102 -22.18 70.22 -18.77
N MET DC 1 66.50 35.37 -19.27
CA MET DC 1 67.93 35.12 -19.10
C MET DC 1 68.18 33.78 -18.42
N ALA DC 2 68.45 33.81 -17.12
CA ALA DC 2 68.67 32.61 -16.32
C ALA DC 2 67.69 32.64 -15.16
N ARG DC 3 66.75 31.69 -15.15
CA ARG DC 3 65.73 31.61 -14.12
C ARG DC 3 65.77 30.24 -13.45
N LYS DC 4 65.09 30.14 -12.31
CA LYS DC 4 64.98 28.87 -11.62
C LYS DC 4 64.01 27.92 -12.33
N LYS DC 5 63.02 28.46 -13.05
CA LYS DC 5 61.99 27.66 -13.70
C LYS DC 5 62.18 27.55 -15.20
N VAL DC 6 63.43 27.44 -15.66
CA VAL DC 6 63.71 27.34 -17.09
C VAL DC 6 63.47 25.91 -17.54
N ARG DC 7 62.63 25.74 -18.57
CA ARG DC 7 62.34 24.42 -19.09
C ARG DC 7 63.46 23.96 -20.02
N PRO DC 8 64.01 22.76 -19.80
CA PRO DC 8 65.09 22.23 -20.66
C PRO DC 8 64.57 21.75 -22.02
N ARG DC 9 64.41 22.70 -22.94
CA ARG DC 9 63.92 22.37 -24.27
C ARG DC 9 64.87 21.43 -24.99
N LEU DC 10 64.33 20.37 -25.58
CA LEU DC 10 65.11 19.40 -26.33
C LEU DC 10 64.73 19.35 -27.80
N ILE DC 11 63.48 19.67 -28.14
CA ILE DC 11 63.04 19.63 -29.53
C ILE DC 11 63.80 20.66 -30.37
N ALA DC 12 64.02 21.85 -29.81
CA ALA DC 12 64.76 22.87 -30.54
C ALA DC 12 66.19 22.45 -30.82
N GLU DC 13 66.84 21.78 -29.85
CA GLU DC 13 68.20 21.30 -30.07
C GLU DC 13 68.24 20.16 -31.07
N LEU DC 14 67.25 19.26 -31.02
CA LEU DC 14 67.21 18.15 -31.97
C LEU DC 14 66.94 18.65 -33.40
N ALA DC 15 66.15 19.71 -33.54
CA ALA DC 15 65.92 20.29 -34.87
C ALA DC 15 67.19 20.84 -35.48
N ARG DC 16 68.09 21.40 -34.66
CA ARG DC 16 69.38 21.85 -35.19
C ARG DC 16 70.17 20.69 -35.77
N ARG DC 17 70.23 19.56 -35.07
CA ARG DC 17 70.92 18.39 -35.60
C ARG DC 17 70.25 17.85 -36.86
N VAL DC 18 68.92 17.82 -36.88
CA VAL DC 18 68.21 17.33 -38.07
C VAL DC 18 68.52 18.21 -39.28
N ARG DC 19 68.45 19.53 -39.11
CA ARG DC 19 68.76 20.43 -40.22
C ARG DC 19 70.22 20.39 -40.62
N ALA DC 20 71.14 20.19 -39.67
CA ALA DC 20 72.53 20.03 -40.02
C ALA DC 20 72.77 18.77 -40.83
N LEU DC 21 72.12 17.66 -40.44
CA LEU DC 21 72.27 16.41 -41.19
C LEU DC 21 71.68 16.53 -42.59
N ARG DC 22 70.49 17.15 -42.70
CA ARG DC 22 69.85 17.31 -44.00
C ARG DC 22 70.56 18.32 -44.89
N GLU DC 23 71.36 19.22 -44.31
CA GLU DC 23 72.14 20.16 -45.11
C GLU DC 23 73.24 19.45 -45.87
N GLN DC 24 73.88 18.45 -45.25
CA GLN DC 24 74.96 17.72 -45.91
C GLN DC 24 74.45 16.54 -46.73
N ARG DC 25 73.49 15.76 -46.20
CA ARG DC 25 73.00 14.60 -46.94
C ARG DC 25 72.25 15.03 -48.20
N GLU DC 26 71.46 16.09 -48.12
CA GLU DC 26 70.73 16.62 -49.26
C GLU DC 26 71.36 17.90 -49.80
N ARG DC 27 72.67 17.98 -49.82
CA ARG DC 27 73.35 19.15 -50.36
C ARG DC 27 73.16 19.21 -51.87
N PRO DC 28 72.59 20.28 -52.41
CA PRO DC 28 72.41 20.38 -53.87
C PRO DC 28 73.75 20.47 -54.57
N ARG DC 29 73.97 19.57 -55.52
CA ARG DC 29 75.22 19.57 -56.27
C ARG DC 29 75.28 20.78 -57.19
N ASP DC 30 76.48 21.33 -57.34
CA ASP DC 30 76.69 22.55 -58.11
C ASP DC 30 76.25 22.42 -59.56
N SER DC 31 76.27 21.22 -60.14
CA SER DC 31 75.86 21.06 -61.53
C SER DC 31 74.42 21.49 -61.73
N GLN DC 32 73.47 20.82 -61.06
CA GLN DC 32 72.07 21.23 -61.16
C GLN DC 32 71.79 22.53 -60.45
N ARG DC 33 72.62 22.90 -59.47
CA ARG DC 33 72.45 24.20 -58.82
C ARG DC 33 72.67 25.35 -59.79
N TYR DC 34 73.71 25.24 -60.63
CA TYR DC 34 74.04 26.28 -61.60
C TYR DC 34 73.54 25.95 -63.00
N ALA DC 35 72.73 24.90 -63.14
CA ALA DC 35 72.11 24.61 -64.43
C ALA DC 35 71.26 25.80 -64.89
N LEU DC 36 71.26 26.01 -66.20
CA LEU DC 36 70.65 27.21 -66.77
C LEU DC 36 69.76 26.83 -67.94
N ASP DC 37 68.58 27.45 -68.00
CA ASP DC 37 67.69 27.30 -69.14
C ASP DC 37 67.92 28.47 -70.10
N TYR DC 38 68.45 28.16 -71.29
CA TYR DC 38 68.89 29.20 -72.21
C TYR DC 38 67.74 29.89 -72.93
N GLU DC 39 66.51 29.41 -72.79
CA GLU DC 39 65.37 30.05 -73.45
C GLU DC 39 64.76 31.15 -72.61
N THR DC 40 64.33 30.84 -71.38
CA THR DC 40 63.69 31.80 -70.50
C THR DC 40 64.66 32.48 -69.56
N MET DC 41 65.95 32.13 -69.62
CA MET DC 41 66.97 32.71 -68.74
C MET DC 41 66.60 32.53 -67.27
N MET DC 42 66.06 31.36 -66.96
CA MET DC 42 65.60 31.02 -65.61
C MET DC 42 66.40 29.86 -65.06
N ARG DC 43 66.86 30.00 -63.82
CA ARG DC 43 67.58 28.91 -63.16
C ARG DC 43 66.58 27.87 -62.67
N PRO DC 44 66.68 26.61 -63.11
CA PRO DC 44 65.76 25.58 -62.59
C PRO DC 44 65.88 25.37 -61.09
N HIS DC 45 67.07 25.54 -60.51
CA HIS DC 45 67.27 25.25 -59.10
C HIS DC 45 66.76 26.39 -58.22
N SER DC 46 67.35 27.57 -58.37
CA SER DC 46 66.99 28.71 -57.54
C SER DC 46 65.68 29.38 -57.96
N GLY DC 47 65.41 29.42 -59.27
CA GLY DC 47 64.24 30.12 -59.77
C GLY DC 47 64.41 31.59 -60.04
N ASN DC 48 65.65 32.09 -59.98
CA ASN DC 48 65.92 33.50 -60.25
C ASN DC 48 66.24 33.70 -61.73
N ARG DC 49 65.75 34.81 -62.28
CA ARG DC 49 65.98 35.15 -63.68
C ARG DC 49 67.23 36.02 -63.80
N LEU DC 50 68.00 35.78 -64.86
CA LEU DC 50 69.26 36.48 -65.06
C LEU DC 50 69.01 37.94 -65.44
N PRO DC 51 70.00 38.81 -65.23
CA PRO DC 51 69.86 40.21 -65.66
C PRO DC 51 69.69 40.34 -67.16
N MET DC 52 68.98 41.41 -67.56
CA MET DC 52 68.75 41.68 -68.97
C MET DC 52 70.05 41.94 -69.71
N ARG DC 53 70.99 42.64 -69.07
CA ARG DC 53 72.27 42.94 -69.70
C ARG DC 53 73.14 41.70 -69.90
N ALA DC 54 72.84 40.60 -69.22
CA ALA DC 54 73.62 39.38 -69.35
C ALA DC 54 73.01 38.40 -70.36
N TRP DC 55 71.93 38.78 -71.02
CA TRP DC 55 71.29 37.89 -72.00
C TRP DC 55 72.15 37.66 -73.23
N ALA DC 56 73.04 38.59 -73.56
CA ALA DC 56 73.83 38.46 -74.79
C ALA DC 56 75.01 37.52 -74.60
N ASP DC 57 75.79 37.71 -73.54
CA ASP DC 57 76.99 36.90 -73.31
C ASP DC 57 76.67 35.44 -73.02
N VAL DC 58 75.53 35.14 -72.41
CA VAL DC 58 75.16 33.75 -72.15
C VAL DC 58 75.01 32.99 -73.46
N ARG DC 59 74.35 33.61 -74.45
CA ARG DC 59 74.14 32.98 -75.74
C ARG DC 59 75.33 33.12 -76.68
N HIS DC 60 76.21 34.09 -76.46
CA HIS DC 60 77.30 34.35 -77.40
C HIS DC 60 78.69 34.02 -76.86
N GLU DC 61 78.79 33.42 -75.68
CA GLU DC 61 80.10 33.10 -75.10
C GLU DC 61 80.02 31.76 -74.40
N SER DC 62 81.10 31.42 -73.69
CA SER DC 62 81.22 30.16 -72.98
C SER DC 62 81.81 30.41 -71.59
N ARG DC 63 81.56 29.47 -70.69
CA ARG DC 63 82.07 29.58 -69.33
C ARG DC 63 83.45 28.91 -69.24
N LEU DC 64 84.05 28.94 -68.06
CA LEU DC 64 85.40 28.40 -67.89
C LEU DC 64 85.42 26.89 -68.08
N LEU DC 65 84.52 26.18 -67.41
CA LEU DC 65 84.50 24.73 -67.49
C LEU DC 65 83.99 24.21 -68.83
N GLN DC 66 83.26 25.01 -69.58
CA GLN DC 66 82.82 24.60 -70.90
C GLN DC 66 83.96 24.58 -71.91
N LEU DC 67 85.04 25.31 -71.65
CA LEU DC 67 86.22 25.30 -72.51
C LEU DC 67 87.38 24.54 -71.90
N LEU DC 68 87.38 24.35 -70.57
CA LEU DC 68 88.44 23.62 -69.90
C LEU DC 68 88.28 22.10 -70.00
N ASN DC 69 87.12 21.62 -70.41
CA ASN DC 69 86.86 20.18 -70.47
C ASN DC 69 87.60 19.49 -71.61
N ARG DC 70 87.97 20.21 -72.66
CA ARG DC 70 88.62 19.61 -73.82
C ARG DC 70 90.15 19.63 -73.71
N LEU DC 71 90.69 20.16 -72.60
CA LEU DC 71 92.14 20.17 -72.40
C LEU DC 71 92.60 18.85 -71.79
N PRO DC 72 93.85 18.44 -72.05
CA PRO DC 72 94.30 17.11 -71.58
C PRO DC 72 94.32 16.99 -70.05
N LEU DC 73 95.01 17.91 -69.37
CA LEU DC 73 95.12 17.88 -67.92
C LEU DC 73 94.27 18.96 -67.25
N PHE DC 74 93.11 19.28 -67.85
CA PHE DC 74 92.22 20.32 -67.34
C PHE DC 74 92.92 21.65 -67.16
N GLY DC 75 93.85 21.96 -68.06
CA GLY DC 75 94.54 23.23 -68.04
C GLY DC 75 95.51 23.42 -66.90
N LEU DC 76 96.60 22.66 -66.89
CA LEU DC 76 97.66 22.82 -65.90
C LEU DC 76 98.66 23.85 -66.42
N GLY DC 77 98.71 25.01 -65.77
CA GLY DC 77 99.56 26.10 -66.22
C GLY DC 77 98.97 26.95 -67.33
N ARG DC 78 97.74 26.65 -67.76
CA ARG DC 78 97.13 27.42 -68.84
C ARG DC 78 96.66 28.78 -68.34
N LEU DC 79 96.52 29.71 -69.27
CA LEU DC 79 96.08 31.07 -68.99
C LEU DC 79 94.68 31.26 -69.56
N VAL DC 80 93.77 31.77 -68.74
CA VAL DC 80 92.39 32.00 -69.15
C VAL DC 80 92.03 33.45 -68.85
N THR DC 81 91.26 34.06 -69.74
CA THR DC 81 90.84 35.44 -69.60
C THR DC 81 89.32 35.54 -69.67
N ARG DC 82 88.82 36.78 -69.68
CA ARG DC 82 87.40 37.04 -69.70
C ARG DC 82 87.07 38.10 -70.75
N LYS DC 83 85.85 38.02 -71.29
CA LYS DC 83 85.40 38.99 -72.28
C LYS DC 83 85.31 40.40 -71.67
N SER DC 84 84.80 40.49 -70.44
CA SER DC 84 84.72 41.78 -69.76
C SER DC 84 86.10 42.39 -69.52
N TRP DC 85 87.08 41.58 -69.12
CA TRP DC 85 88.44 42.07 -68.98
C TRP DC 85 89.04 42.50 -70.31
N LEU DC 86 88.84 41.70 -71.36
CA LEU DC 86 89.32 42.06 -72.69
C LEU DC 86 88.73 43.37 -73.19
N TRP DC 87 87.45 43.63 -72.87
CA TRP DC 87 86.83 44.88 -73.30
C TRP DC 87 87.26 46.06 -72.45
N GLN DC 88 87.11 45.98 -71.13
CA GLN DC 88 87.37 47.13 -70.27
C GLN DC 88 88.86 47.42 -70.15
N HIS DC 89 89.67 46.41 -69.89
CA HIS DC 89 91.09 46.59 -69.60
C HIS DC 89 91.91 46.21 -70.83
N ASP DC 90 92.59 47.19 -71.42
CA ASP DC 90 93.52 46.89 -72.50
C ASP DC 90 94.75 46.15 -72.00
N GLU DC 91 95.17 46.37 -70.76
CA GLU DC 91 96.27 45.63 -70.17
C GLU DC 91 95.87 44.17 -69.96
N PRO DC 92 96.82 43.25 -70.07
CA PRO DC 92 96.47 41.83 -69.96
C PRO DC 92 96.05 41.47 -68.55
N CYS DC 93 94.94 40.76 -68.44
CA CYS DC 93 94.43 40.24 -67.17
C CYS DC 93 94.08 38.77 -67.38
N TYR DC 94 94.79 37.88 -66.70
CA TYR DC 94 94.64 36.45 -66.94
C TYR DC 94 94.77 35.69 -65.63
N TRP DC 95 94.24 34.47 -65.64
CA TRP DC 95 94.37 33.52 -64.54
C TRP DC 95 95.21 32.35 -65.01
N ARG DC 96 96.26 32.03 -64.25
CA ARG DC 96 97.08 30.83 -64.51
C ARG DC 96 96.54 29.71 -63.64
N LEU DC 97 95.95 28.70 -64.28
CA LEU DC 97 95.31 27.61 -63.55
C LEU DC 97 96.36 26.67 -62.99
N THR DC 98 96.30 26.42 -61.68
CA THR DC 98 97.23 25.50 -61.02
C THR DC 98 96.55 24.20 -60.59
N ARG DC 99 95.25 24.24 -60.31
CA ARG DC 99 94.50 23.04 -59.95
C ARG DC 99 93.03 23.26 -60.23
N VAL DC 100 92.36 22.21 -60.72
CA VAL DC 100 90.94 22.25 -61.04
C VAL DC 100 90.29 20.97 -60.54
N ARG DC 101 89.13 21.10 -59.89
CA ARG DC 101 88.30 19.96 -59.49
C ARG DC 101 86.95 20.15 -60.16
N PRO DC 102 86.75 19.54 -61.33
CA PRO DC 102 85.42 19.55 -61.94
C PRO DC 102 84.46 18.66 -61.17
N ASP DC 103 83.19 19.07 -61.17
CA ASP DC 103 82.15 18.31 -60.51
C ASP DC 103 81.84 17.07 -61.33
N TYR DC 104 81.89 15.91 -60.67
CA TYR DC 104 81.69 14.65 -61.38
C TYR DC 104 80.23 14.35 -61.65
N ALA DC 105 79.30 15.04 -60.99
CA ALA DC 105 77.88 14.75 -61.16
C ALA DC 105 77.32 15.27 -62.47
N ALA DC 106 77.99 16.24 -63.11
CA ALA DC 106 77.49 16.77 -64.36
C ALA DC 106 77.67 15.76 -65.48
N GLU DC 107 76.59 15.49 -66.21
CA GLU DC 107 76.67 14.55 -67.33
C GLU DC 107 77.49 15.11 -68.48
N ASN DC 108 77.41 16.43 -68.72
CA ASN DC 108 78.17 17.09 -69.76
C ASN DC 108 79.53 17.57 -69.27
N LEU DC 109 79.79 17.53 -67.97
CA LEU DC 109 81.07 17.93 -67.38
C LEU DC 109 81.43 19.36 -67.78
N ASP DC 110 80.60 20.30 -67.35
CA ASP DC 110 80.83 21.72 -67.59
C ASP DC 110 80.67 22.55 -66.32
N HIS DC 111 80.93 21.96 -65.15
CA HIS DC 111 80.88 22.67 -63.88
C HIS DC 111 82.03 22.20 -63.01
N GLY DC 112 82.51 23.07 -62.14
CA GLY DC 112 83.59 22.70 -61.24
C GLY DC 112 84.16 23.92 -60.56
N LYS DC 113 85.14 23.66 -59.68
CA LYS DC 113 85.81 24.72 -58.93
C LYS DC 113 87.31 24.64 -59.18
N ALA DC 114 87.91 25.79 -59.48
CA ALA DC 114 89.32 25.86 -59.84
C ALA DC 114 90.02 26.91 -58.99
N TRP DC 115 91.31 26.69 -58.77
CA TRP DC 115 92.20 27.64 -58.13
C TRP DC 115 93.24 28.10 -59.14
N GLY DC 116 94.02 29.11 -58.77
CA GLY DC 116 95.05 29.58 -59.68
C GLY DC 116 95.69 30.86 -59.16
N ILE DC 117 96.50 31.46 -60.03
CA ILE DC 117 97.23 32.68 -59.74
C ILE DC 117 96.63 33.81 -60.57
N LEU DC 118 96.30 34.92 -59.92
CA LEU DC 118 95.68 36.05 -60.57
C LEU DC 118 96.74 37.07 -60.97
N THR DC 119 96.71 37.47 -62.24
CA THR DC 119 97.57 38.54 -62.76
C THR DC 119 96.66 39.55 -63.45
N PHE DC 120 96.25 40.57 -62.70
CA PHE DC 120 95.28 41.56 -63.17
C PHE DC 120 96.01 42.86 -63.46
N LYS DC 121 95.78 43.41 -64.66
CA LYS DC 121 96.40 44.66 -65.11
C LYS DC 121 97.92 44.57 -65.10
N GLY DC 122 98.45 43.36 -65.33
CA GLY DC 122 99.89 43.15 -65.35
C GLY DC 122 100.51 42.91 -64.00
N LYS DC 123 99.76 43.05 -62.91
CA LYS DC 123 100.31 42.85 -61.58
C LYS DC 123 100.18 41.39 -61.18
N THR DC 124 101.30 40.74 -60.89
CA THR DC 124 101.33 39.33 -60.56
C THR DC 124 101.29 39.15 -59.05
N GLU DC 125 100.32 38.39 -58.57
CA GLU DC 125 100.18 38.12 -57.15
C GLU DC 125 100.95 36.84 -56.80
N SER DC 126 101.72 36.89 -55.73
CA SER DC 126 102.55 35.76 -55.31
C SER DC 126 101.81 34.79 -54.40
N GLU DC 127 100.49 34.80 -54.43
CA GLU DC 127 99.68 33.90 -53.60
C GLU DC 127 98.67 33.18 -54.46
N ALA DC 128 98.22 32.02 -53.98
CA ALA DC 128 97.24 31.21 -54.67
C ALA DC 128 95.85 31.60 -54.19
N ARG DC 129 94.96 31.91 -55.13
CA ARG DC 129 93.61 32.33 -54.82
C ARG DC 129 92.62 31.49 -55.62
N GLU DC 130 91.50 31.16 -54.98
CA GLU DC 130 90.44 30.42 -55.64
C GLU DC 130 89.81 31.26 -56.74
N ILE DC 131 89.51 30.63 -57.87
CA ILE DC 131 88.96 31.37 -59.01
C ILE DC 131 87.49 31.70 -58.74
N GLU DC 132 87.14 32.97 -58.95
CA GLU DC 132 85.79 33.46 -58.71
C GLU DC 132 85.03 33.56 -60.02
N GLN DC 133 83.70 33.39 -59.93
CA GLN DC 133 82.80 33.54 -61.08
C GLN DC 133 83.12 32.53 -62.17
N VAL DC 134 83.19 31.25 -61.78
CA VAL DC 134 83.46 30.20 -62.75
C VAL DC 134 82.28 30.02 -63.70
N MET DC 135 81.06 30.10 -63.17
CA MET DC 135 79.86 29.89 -63.96
C MET DC 135 79.58 31.00 -64.95
N TYR DC 136 80.30 32.11 -64.90
CA TYR DC 136 80.06 33.22 -65.80
C TYR DC 136 80.35 32.82 -67.24
N HIS DC 137 79.48 33.25 -68.15
CA HIS DC 137 79.65 32.98 -69.58
C HIS DC 137 80.43 34.10 -70.25
N ASP DC 138 81.66 34.29 -69.79
CA ASP DC 138 82.57 35.28 -70.36
C ASP DC 138 84.00 34.79 -70.53
N TRP DC 139 84.31 33.57 -70.12
CA TRP DC 139 85.69 33.10 -70.15
C TRP DC 139 86.14 32.79 -71.57
N ARG DC 140 87.40 33.10 -71.86
CA ARG DC 140 88.02 32.79 -73.15
C ARG DC 140 89.42 32.24 -72.90
N LEU DC 141 89.87 31.36 -73.79
CA LEU DC 141 91.18 30.73 -73.67
C LEU DC 141 92.12 31.27 -74.73
N VAL DC 142 93.40 31.38 -74.37
CA VAL DC 142 94.42 31.87 -75.29
C VAL DC 142 95.20 30.67 -75.84
N PRO DC 143 95.61 30.70 -77.11
CA PRO DC 143 96.37 29.57 -77.67
C PRO DC 143 97.81 29.55 -77.20
N LYS DC 144 98.50 28.43 -77.45
CA LYS DC 144 99.91 28.32 -77.07
C LYS DC 144 100.79 29.29 -77.84
N HIS DC 145 100.52 29.50 -79.13
CA HIS DC 145 101.32 30.43 -79.94
C HIS DC 145 101.12 31.88 -79.51
N GLU DC 146 100.07 32.18 -78.77
CA GLU DC 146 99.81 33.52 -78.27
C GLU DC 146 100.00 33.61 -76.76
N GLU DC 147 100.36 32.49 -76.10
CA GLU DC 147 100.58 32.52 -74.67
C GLU DC 147 101.68 33.48 -74.27
N GLU DC 148 102.80 33.48 -75.01
CA GLU DC 148 103.90 34.40 -74.72
C GLU DC 148 103.60 35.83 -75.15
N ALA DC 149 102.85 36.01 -76.24
CA ALA DC 149 102.56 37.35 -76.73
C ALA DC 149 101.54 38.07 -75.85
N PHE DC 150 100.56 37.35 -75.30
CA PHE DC 150 99.55 37.99 -74.48
C PHE DC 150 100.13 38.48 -73.16
N THR DC 151 101.18 37.83 -72.67
CA THR DC 151 101.80 38.23 -71.42
C THR DC 151 102.65 39.50 -71.57
N ALA DC 152 102.88 39.97 -72.79
CA ALA DC 152 103.69 41.16 -73.02
C ALA DC 152 103.00 42.38 -72.42
N PHE DC 153 103.54 42.88 -71.31
CA PHE DC 153 102.99 44.03 -70.61
C PHE DC 153 104.11 44.99 -70.25
N THR DC 154 103.83 46.29 -70.34
CA THR DC 154 104.82 47.31 -70.03
C THR DC 154 104.49 47.96 -68.70
N LEU DC 155 105.48 48.07 -67.82
CA LEU DC 155 105.31 48.68 -66.51
C LEU DC 155 105.44 50.19 -66.64
N VAL DC 156 104.31 50.89 -66.60
CA VAL DC 156 104.26 52.34 -66.72
C VAL DC 156 103.94 52.90 -65.33
N PRO DC 157 104.80 53.74 -64.76
CA PRO DC 157 104.51 54.29 -63.43
C PRO DC 157 103.27 55.18 -63.45
N GLU DC 158 102.55 55.14 -62.33
CA GLU DC 158 101.31 55.89 -62.20
C GLU DC 158 101.59 57.38 -62.00
N ASP DC 159 100.66 58.20 -62.48
CA ASP DC 159 100.76 59.65 -62.36
C ASP DC 159 99.78 60.22 -61.33
N THR DC 160 99.24 59.36 -60.47
CA THR DC 160 98.30 59.82 -59.45
C THR DC 160 99.04 60.63 -58.40
N PRO DC 161 98.59 61.85 -58.08
CA PRO DC 161 99.26 62.64 -57.04
C PRO DC 161 99.21 61.93 -55.70
N LEU DC 162 100.31 62.06 -54.94
CA LEU DC 162 100.41 61.42 -53.63
C LEU DC 162 99.83 62.28 -52.51
N SER DC 163 99.59 63.57 -52.76
CA SER DC 163 99.04 64.45 -51.75
C SER DC 163 97.98 65.33 -52.39
N VAL DC 164 96.92 65.62 -51.64
CA VAL DC 164 95.81 66.43 -52.15
C VAL DC 164 95.51 67.55 -51.16
N PRO DC 165 94.98 68.68 -51.61
CA PRO DC 165 94.59 69.72 -50.66
C PRO DC 165 93.45 69.26 -49.76
N TYR DC 166 93.49 69.72 -48.52
CA TYR DC 166 92.41 69.44 -47.58
C TYR DC 166 91.16 70.21 -47.96
N PRO DC 167 89.99 69.74 -47.55
CA PRO DC 167 88.77 70.53 -47.71
C PRO DC 167 88.88 71.84 -46.95
N PRO DC 168 88.21 72.90 -47.40
CA PRO DC 168 88.46 74.22 -46.79
C PRO DC 168 88.16 74.28 -45.29
N LEU DC 169 87.09 73.64 -44.85
CA LEU DC 169 86.74 73.71 -43.43
C LEU DC 169 87.76 72.98 -42.57
N LEU DC 170 88.17 71.78 -42.97
CA LEU DC 170 89.18 71.05 -42.21
C LEU DC 170 90.53 71.74 -42.27
N ARG DC 171 90.85 72.37 -43.40
CA ARG DC 171 92.08 73.14 -43.52
C ARG DC 171 92.09 74.31 -42.53
N ALA DC 172 90.97 75.03 -42.44
CA ALA DC 172 90.85 76.09 -41.44
C ALA DC 172 90.92 75.54 -40.03
N MET DC 173 90.33 74.36 -39.78
CA MET DC 173 90.43 73.74 -38.47
C MET DC 173 91.88 73.47 -38.09
N ILE DC 174 92.66 72.89 -39.01
CA ILE DC 174 94.06 72.60 -38.72
C ILE DC 174 94.85 73.88 -38.54
N LEU DC 175 94.61 74.88 -39.39
CA LEU DC 175 95.31 76.16 -39.26
C LEU DC 175 95.04 76.81 -37.92
N ALA DC 176 93.79 76.80 -37.46
CA ALA DC 176 93.46 77.32 -36.15
C ALA DC 176 94.03 76.49 -35.01
N GLN DC 177 94.05 75.16 -35.15
CA GLN DC 177 94.59 74.30 -34.10
C GLN DC 177 96.07 74.57 -33.88
N ARG DC 178 96.85 74.65 -34.97
CA ARG DC 178 98.27 74.93 -34.78
C ARG DC 178 98.54 76.38 -34.42
N GLN DC 179 97.74 77.32 -34.93
CA GLN DC 179 97.91 78.72 -34.58
C GLN DC 179 97.64 78.96 -33.10
N LYS DC 180 96.65 78.28 -32.52
CA LYS DC 180 96.37 78.44 -31.09
C LYS DC 180 97.54 78.00 -30.23
N TYR DC 181 98.18 76.89 -30.58
CA TYR DC 181 99.39 76.46 -29.89
C TYR DC 181 100.58 77.34 -30.22
N GLY DC 182 100.57 78.05 -31.34
CA GLY DC 182 101.59 79.03 -31.63
C GLY DC 182 102.55 78.66 -32.73
N ASP DC 183 102.18 77.75 -33.64
CA ASP DC 183 103.02 77.38 -34.76
C ASP DC 183 102.84 78.42 -35.86
N THR DC 184 103.87 79.23 -36.09
CA THR DC 184 103.81 80.31 -37.07
C THR DC 184 104.12 79.83 -38.49
N SER DC 185 104.44 78.55 -38.66
CA SER DC 185 104.70 78.01 -39.99
C SER DC 185 103.42 78.01 -40.82
N THR DC 186 103.45 78.71 -41.94
CA THR DC 186 102.29 78.81 -42.83
C THR DC 186 102.36 77.81 -43.99
N GLU DC 187 102.99 76.67 -43.76
CA GLU DC 187 103.09 75.66 -44.80
C GLU DC 187 101.73 75.10 -45.15
N GLU DC 188 101.54 74.79 -46.43
CA GLU DC 188 100.27 74.25 -46.90
C GLU DC 188 100.11 72.82 -46.44
N PRO DC 189 99.05 72.49 -45.68
CA PRO DC 189 98.81 71.10 -45.30
C PRO DC 189 98.30 70.28 -46.47
N MET DC 190 98.72 69.02 -46.53
CA MET DC 190 98.29 68.10 -47.57
C MET DC 190 97.84 66.79 -46.95
N LEU DC 191 96.91 66.12 -47.65
CA LEU DC 191 96.39 64.83 -47.25
C LEU DC 191 97.04 63.75 -48.09
N ASN DC 192 97.62 62.77 -47.43
CA ASN DC 192 98.35 61.70 -48.10
C ASN DC 192 97.40 60.69 -48.71
N LEU DC 193 97.80 60.11 -49.85
CA LEU DC 193 97.02 59.07 -50.52
C LEU DC 193 97.81 57.77 -50.69
N GLU DC 194 98.89 57.60 -49.93
CA GLU DC 194 99.71 56.40 -50.08
C GLU DC 194 98.92 55.14 -49.71
N ARG DC 195 98.15 55.20 -48.63
CA ARG DC 195 97.34 54.07 -48.19
C ARG DC 195 95.89 54.17 -48.65
N ALA DC 196 95.56 55.11 -49.51
CA ALA DC 196 94.21 55.30 -50.02
C ALA DC 196 93.94 54.54 -51.31
N ARG DC 197 94.91 53.76 -51.79
CA ARG DC 197 94.74 53.01 -53.03
C ARG DC 197 93.67 51.95 -52.87
N ILE DC 198 92.78 51.84 -53.86
CA ILE DC 198 91.70 50.88 -53.84
C ILE DC 198 91.66 50.16 -55.17
N ASP DC 199 91.17 48.89 -55.13
CA ASP DC 199 91.01 48.02 -56.28
C ASP DC 199 89.75 48.36 -57.06
N PRO DC 200 89.71 48.10 -58.36
CA PRO DC 200 88.49 48.35 -59.14
C PRO DC 200 87.45 47.28 -58.85
N TRP DC 201 86.21 47.57 -59.27
CA TRP DC 201 85.11 46.63 -59.09
C TRP DC 201 85.31 45.35 -59.88
N ASP DC 202 86.01 45.42 -61.01
CA ASP DC 202 86.30 44.23 -61.80
C ASP DC 202 87.35 43.33 -61.18
N TYR DC 203 88.02 43.79 -60.13
CA TYR DC 203 89.04 42.97 -59.47
C TYR DC 203 88.37 41.91 -58.61
N PRO DC 204 88.60 40.62 -58.88
CA PRO DC 204 87.93 39.58 -58.10
C PRO DC 204 88.47 39.51 -56.68
N ALA DC 205 87.63 39.03 -55.78
CA ALA DC 205 88.00 38.86 -54.38
C ALA DC 205 88.27 37.38 -54.07
N LYS DC 206 88.89 37.15 -52.92
CA LYS DC 206 89.21 35.80 -52.50
C LYS DC 206 88.01 35.14 -51.83
N LEU DC 207 87.89 33.82 -52.04
CA LEU DC 207 86.79 33.05 -51.49
C LEU DC 207 87.19 32.20 -50.29
N GLU DC 208 88.42 32.32 -49.81
CA GLU DC 208 88.87 31.57 -48.65
C GLU DC 208 88.51 32.29 -47.37
N ALA DC 209 88.44 31.52 -46.28
CA ALA DC 209 88.10 32.08 -44.99
C ALA DC 209 89.20 33.00 -44.48
N LYS DC 210 88.80 34.11 -43.87
CA LYS DC 210 89.75 35.07 -43.33
C LYS DC 210 90.30 34.57 -42.00
N THR DC 211 91.62 34.60 -41.86
CA THR DC 211 92.28 34.16 -40.63
C THR DC 211 92.47 35.35 -39.70
N LYS DC 212 91.97 35.24 -38.47
CA LYS DC 212 92.08 36.32 -37.50
C LYS DC 212 93.45 36.26 -36.83
N THR DC 213 94.26 37.28 -37.06
CA THR DC 213 95.60 37.35 -36.48
C THR DC 213 95.63 38.29 -35.28
N ARG EC 51 -0.93 117.77 6.53
CA ARG EC 51 -0.90 118.89 7.46
C ARG EC 51 -1.72 118.58 8.71
N ARG EC 52 -1.05 118.05 9.73
CA ARG EC 52 -1.69 117.75 11.00
C ARG EC 52 -1.57 118.94 11.94
N LYS EC 53 -2.66 119.23 12.65
CA LYS EC 53 -2.72 120.34 13.59
C LYS EC 53 -3.14 119.82 14.96
N ALA EC 54 -2.40 120.21 15.99
CA ALA EC 54 -2.69 119.82 17.36
C ALA EC 54 -2.92 121.10 18.18
N LEU EC 55 -4.17 121.32 18.57
CA LEU EC 55 -4.59 122.50 19.32
C LEU EC 55 -4.60 122.19 20.81
N PRO EC 56 -4.04 123.07 21.64
CA PRO EC 56 -4.12 122.86 23.08
C PRO EC 56 -5.56 122.94 23.56
N PRO EC 57 -5.91 122.19 24.62
CA PRO EC 57 -7.30 122.20 25.09
C PRO EC 57 -7.67 123.46 25.84
N ARG EC 58 -8.90 123.51 26.37
CA ARG EC 58 -9.37 124.67 27.10
C ARG EC 58 -8.75 124.81 28.48
N THR EC 59 -7.97 123.83 28.93
CA THR EC 59 -7.42 123.87 30.29
C THR EC 59 -6.51 125.07 30.48
N GLU EC 60 -5.67 125.38 29.49
CA GLU EC 60 -4.76 126.51 29.61
C GLU EC 60 -5.49 127.85 29.54
N LYS EC 61 -6.72 127.88 29.05
CA LYS EC 61 -7.49 129.10 28.94
C LYS EC 61 -8.60 129.21 29.99
N MET EC 62 -8.79 128.18 30.81
CA MET EC 62 -9.85 128.23 31.81
C MET EC 62 -9.50 129.24 32.90
N ALA EC 63 -10.46 130.12 33.20
CA ALA EC 63 -10.28 131.08 34.28
C ALA EC 63 -10.51 130.42 35.62
N VAL EC 64 -9.84 130.95 36.65
CA VAL EC 64 -9.95 130.39 37.99
C VAL EC 64 -11.36 130.61 38.54
N ASP EC 65 -11.97 131.74 38.22
CA ASP EC 65 -13.31 132.07 38.70
C ASP EC 65 -14.36 132.00 37.61
N GLN EC 66 -14.08 131.29 36.52
CA GLN EC 66 -15.05 131.15 35.44
C GLN EC 66 -16.23 130.31 35.91
N ASP EC 67 -17.44 130.73 35.51
CA ASP EC 67 -18.65 130.03 35.92
C ASP EC 67 -18.72 128.67 35.23
N TRP EC 68 -18.96 127.62 36.02
CA TRP EC 68 -18.99 126.25 35.53
C TRP EC 68 -20.28 125.89 34.79
N PRO EC 69 -21.45 126.39 35.19
CA PRO EC 69 -22.66 126.15 34.37
C PRO EC 69 -22.55 126.71 32.96
N SER EC 70 -21.78 127.79 32.75
CA SER EC 70 -21.57 128.31 31.41
C SER EC 70 -20.81 127.31 30.53
N VAL EC 71 -19.89 126.55 31.11
CA VAL EC 71 -19.15 125.54 30.37
C VAL EC 71 -19.97 124.27 30.21
N TYR EC 72 -20.75 123.90 31.23
CA TYR EC 72 -21.52 122.66 31.25
C TYR EC 72 -22.98 122.99 31.58
N PRO EC 73 -23.74 123.52 30.61
CA PRO EC 73 -25.15 123.83 30.91
C PRO EC 73 -26.05 122.61 30.89
N VAL EC 74 -25.85 121.69 29.94
CA VAL EC 74 -26.71 120.52 29.80
C VAL EC 74 -25.86 119.26 29.92
N ALA EC 75 -26.51 118.10 29.80
CA ALA EC 75 -25.80 116.83 29.85
C ALA EC 75 -24.80 116.75 28.70
N ALA EC 76 -23.58 116.32 29.02
CA ALA EC 76 -22.47 116.27 28.08
C ALA EC 76 -21.79 114.92 28.18
N PRO EC 77 -21.08 114.50 27.13
CA PRO EC 77 -20.39 113.20 27.16
C PRO EC 77 -19.07 113.25 27.93
N PHE EC 78 -18.85 114.30 28.71
CA PHE EC 78 -17.64 114.51 29.48
C PHE EC 78 -16.41 114.57 28.55
N LYS EC 79 -16.40 115.61 27.74
CA LYS EC 79 -15.29 115.83 26.83
C LYS EC 79 -14.05 116.25 27.63
N PRO EC 80 -12.94 115.54 27.51
CA PRO EC 80 -11.76 115.88 28.33
C PRO EC 80 -11.18 117.25 28.03
N SER EC 81 -11.40 117.79 26.83
CA SER EC 81 -10.81 119.07 26.47
C SER EC 81 -11.47 120.26 27.18
N ALA EC 82 -12.70 120.10 27.66
CA ALA EC 82 -13.42 121.17 28.32
C ALA EC 82 -13.39 121.07 29.84
N VAL EC 83 -12.75 120.05 30.39
CA VAL EC 83 -12.68 119.85 31.84
C VAL EC 83 -11.24 120.09 32.28
N PRO EC 84 -10.96 121.17 33.00
CA PRO EC 84 -9.59 121.41 33.49
C PRO EC 84 -9.20 120.55 34.67
N LEU EC 85 -10.11 119.76 35.23
CA LEU EC 85 -9.80 118.93 36.38
C LEU EC 85 -9.06 117.67 35.93
N PRO EC 86 -7.85 117.41 36.43
CA PRO EC 86 -7.15 116.16 36.11
C PRO EC 86 -7.71 115.01 36.94
N VAL EC 87 -8.47 114.13 36.28
CA VAL EC 87 -9.12 113.01 36.93
C VAL EC 87 -8.58 111.71 36.34
N ARG EC 88 -8.18 110.78 37.22
CA ARG EC 88 -7.67 109.49 36.82
C ARG EC 88 -8.67 108.41 37.24
N MET EC 89 -9.21 107.70 36.26
CA MET EC 89 -10.16 106.62 36.50
C MET EC 89 -9.65 105.34 35.87
N GLY EC 90 -9.73 104.25 36.63
CA GLY EC 90 -9.28 102.95 36.15
C GLY EC 90 -8.46 102.19 37.16
N TYR EC 91 -8.35 100.88 36.98
CA TYR EC 91 -7.59 100.05 37.91
C TYR EC 91 -6.10 100.27 37.70
N PRO EC 92 -5.34 100.59 38.75
CA PRO EC 92 -3.92 100.89 38.59
C PRO EC 92 -3.11 99.64 38.26
N VAL EC 93 -1.89 99.87 37.82
CA VAL EC 93 -0.95 98.81 37.48
C VAL EC 93 -0.01 98.61 38.66
N LYS EC 94 0.75 97.51 38.60
CA LYS EC 94 1.68 97.20 39.69
C LYS EC 94 2.70 98.32 39.88
N ARG EC 95 3.26 98.84 38.79
CA ARG EC 95 4.14 99.99 38.83
C ARG EC 95 3.52 101.24 38.22
N GLY EC 96 2.40 101.11 37.50
CA GLY EC 96 1.78 102.23 36.84
C GLY EC 96 0.77 102.96 37.72
N VAL EC 97 0.04 103.85 37.09
CA VAL EC 97 -0.96 104.67 37.78
C VAL EC 97 -2.26 104.60 36.97
N PRO EC 98 -3.39 104.93 37.60
CA PRO EC 98 -4.65 104.93 36.85
C PRO EC 98 -4.60 105.90 35.66
N MET EC 99 -5.27 105.49 34.58
CA MET EC 99 -5.18 106.24 33.32
C MET EC 99 -5.76 107.63 33.46
N ALA EC 100 -5.14 108.58 32.76
CA ALA EC 100 -5.56 109.97 32.83
C ALA EC 100 -6.89 110.15 32.08
N LYS EC 101 -7.37 111.41 32.05
CA LYS EC 101 -8.66 111.70 31.44
C LYS EC 101 -8.61 111.64 29.92
N GLU EC 102 -7.42 111.70 29.32
CA GLU EC 102 -7.30 111.65 27.87
C GLU EC 102 -7.42 110.21 27.39
N GLY EC 103 -8.39 109.97 26.50
CA GLY EC 103 -8.58 108.65 25.94
C GLY EC 103 -9.09 107.61 26.91
N ASN EC 104 -9.66 108.01 28.04
CA ASN EC 104 -10.16 107.06 29.02
C ASN EC 104 -11.63 106.75 28.74
N LEU EC 105 -11.90 105.50 28.35
CA LEU EC 105 -13.27 105.09 28.04
C LEU EC 105 -14.13 104.94 29.29
N GLU EC 106 -13.51 104.66 30.44
CA GLU EC 106 -14.27 104.49 31.68
C GLU EC 106 -14.95 105.80 32.09
N LEU EC 107 -14.26 106.94 31.93
CA LEU EC 107 -14.86 108.22 32.24
C LEU EC 107 -16.05 108.55 31.34
N LEU EC 108 -15.96 108.23 30.05
CA LEU EC 108 -17.08 108.43 29.14
C LEU EC 108 -18.22 107.46 29.39
N LYS EC 109 -17.93 106.27 29.91
CA LYS EC 109 -18.99 105.31 30.22
C LYS EC 109 -19.94 105.82 31.29
N ILE EC 110 -19.42 106.39 32.38
CA ILE EC 110 -20.24 106.81 33.50
C ILE EC 110 -20.96 108.11 33.16
N PRO EC 111 -22.18 108.32 33.65
CA PRO EC 111 -22.83 109.62 33.48
C PRO EC 111 -22.09 110.69 34.28
N ASN EC 112 -22.07 111.90 33.75
CA ASN EC 112 -21.40 113.02 34.40
C ASN EC 112 -22.43 114.02 34.92
N PHE EC 113 -22.29 114.42 36.18
CA PHE EC 113 -23.13 115.42 36.80
C PHE EC 113 -22.47 116.80 36.85
N LEU EC 114 -21.57 117.08 35.91
CA LEU EC 114 -20.91 118.39 35.89
C LEU EC 114 -21.89 119.50 35.58
N HIS EC 115 -23.00 119.20 34.90
CA HIS EC 115 -24.04 120.18 34.65
C HIS EC 115 -25.00 120.33 35.81
N LEU EC 116 -24.86 119.54 36.87
CA LEU EC 116 -25.70 119.61 38.05
C LEU EC 116 -24.87 119.89 39.31
N THR EC 117 -23.88 120.76 39.19
CA THR EC 117 -23.14 121.21 40.35
C THR EC 117 -24.05 122.09 41.22
N PRO EC 118 -23.77 122.19 42.53
CA PRO EC 118 -24.67 122.96 43.41
C PRO EC 118 -24.89 124.39 42.98
N VAL EC 119 -23.87 125.06 42.44
CA VAL EC 119 -24.04 126.44 41.99
C VAL EC 119 -25.05 126.50 40.84
N ALA EC 120 -24.92 125.60 39.86
CA ALA EC 120 -25.88 125.52 38.77
C ALA EC 120 -27.26 125.13 39.24
N ILE EC 121 -27.37 124.24 40.23
CA ILE EC 121 -28.67 123.86 40.77
C ILE EC 121 -29.34 125.08 41.39
N LYS EC 122 -28.59 125.84 42.19
CA LYS EC 122 -29.15 127.05 42.80
C LYS EC 122 -29.58 128.05 41.75
N ARG EC 123 -28.73 128.28 40.74
CA ARG EC 123 -29.05 129.25 39.69
C ARG EC 123 -30.28 128.83 38.90
N HIS EC 124 -30.42 127.54 38.59
CA HIS EC 124 -31.59 127.07 37.86
C HIS EC 124 -32.84 127.13 38.71
N CYS EC 125 -32.76 126.72 39.97
CA CYS EC 125 -33.94 126.70 40.83
C CYS EC 125 -34.40 128.10 41.21
N GLU EC 126 -33.49 129.07 41.22
CA GLU EC 126 -33.90 130.45 41.49
C GLU EC 126 -34.82 130.97 40.41
N ALA EC 127 -34.55 130.63 39.14
CA ALA EC 127 -35.38 131.07 38.03
C ALA EC 127 -36.69 130.30 37.94
N LEU EC 128 -36.82 129.18 38.66
CA LEU EC 128 -38.05 128.38 38.63
C LEU EC 128 -39.06 128.80 39.68
N LYS EC 129 -38.71 129.76 40.55
CA LYS EC 129 -39.66 130.24 41.54
C LYS EC 129 -40.84 130.97 40.93
N ASP EC 130 -40.69 131.49 39.71
CA ASP EC 130 -41.77 132.20 39.05
C ASP EC 130 -42.87 131.29 38.54
N PHE EC 131 -42.57 130.00 38.29
CA PHE EC 131 -43.55 129.08 37.77
C PHE EC 131 -44.32 128.34 38.86
N CYS EC 132 -43.71 128.15 40.03
CA CYS EC 132 -44.34 127.40 41.09
C CYS EC 132 -45.38 128.25 41.83
N THR EC 133 -46.28 127.57 42.53
CA THR EC 133 -47.32 128.22 43.32
C THR EC 133 -47.16 127.87 44.79
N GLU EC 134 -47.78 128.69 45.64
CA GLU EC 134 -47.65 128.54 47.08
C GLU EC 134 -48.66 127.55 47.62
N TRP EC 135 -48.19 126.64 48.47
CA TRP EC 135 -49.03 125.67 49.15
C TRP EC 135 -49.79 126.35 50.28
N PRO EC 136 -51.11 126.19 50.36
CA PRO EC 136 -51.87 126.86 51.42
C PRO EC 136 -51.51 126.30 52.80
N ALA EC 137 -51.33 127.21 53.76
CA ALA EC 137 -50.96 126.81 55.11
C ALA EC 137 -52.10 126.20 55.89
N ALA EC 138 -53.34 126.29 55.38
CA ALA EC 138 -54.50 125.75 56.08
C ALA EC 138 -54.57 124.23 56.02
N LEU EC 139 -53.72 123.59 55.21
CA LEU EC 139 -53.71 122.14 55.06
C LEU EC 139 -52.37 121.57 55.48
N ASP EC 140 -51.76 122.16 56.51
CA ASP EC 140 -50.47 121.68 57.00
C ASP EC 140 -50.57 120.27 57.57
N SER EC 141 -51.64 120.00 58.33
CA SER EC 141 -51.84 118.70 58.94
C SER EC 141 -52.88 117.90 58.17
N ASP EC 142 -52.67 116.58 58.09
CA ASP EC 142 -53.57 115.71 57.35
C ASP EC 142 -54.93 115.55 58.02
N GLU EC 143 -55.05 115.91 59.31
CA GLU EC 143 -56.35 115.81 59.97
C GLU EC 143 -57.38 116.73 59.31
N LYS EC 144 -56.99 117.96 58.99
CA LYS EC 144 -57.87 118.86 58.25
C LYS EC 144 -57.95 118.52 56.78
N CYS EC 145 -56.88 117.95 56.21
CA CYS EC 145 -56.93 117.51 54.82
C CYS EC 145 -57.97 116.41 54.61
N GLU EC 146 -58.07 115.48 55.55
CA GLU EC 146 -59.09 114.44 55.47
C GLU EC 146 -60.50 115.02 55.58
N LYS EC 147 -60.69 116.05 56.40
CA LYS EC 147 -61.99 116.68 56.54
C LYS EC 147 -62.38 117.49 55.31
N HIS EC 148 -61.42 118.13 54.65
CA HIS EC 148 -61.69 119.03 53.53
C HIS EC 148 -61.72 118.30 52.19
N PHE EC 149 -60.75 117.44 51.91
CA PHE EC 149 -60.67 116.69 50.65
C PHE EC 149 -60.51 115.21 50.99
N PRO EC 150 -61.60 114.55 51.40
CA PRO EC 150 -61.48 113.13 51.80
C PRO EC 150 -61.08 112.19 50.70
N ILE EC 151 -61.27 112.55 49.43
CA ILE EC 151 -61.04 111.65 48.31
C ILE EC 151 -59.58 111.75 47.88
N GLU EC 152 -58.91 110.60 47.77
CA GLU EC 152 -57.54 110.52 47.29
C GLU EC 152 -57.51 109.82 45.95
N ILE EC 153 -56.78 110.39 44.99
CA ILE EC 153 -56.73 109.90 43.63
C ILE EC 153 -55.28 109.54 43.32
N ASP EC 154 -55.00 108.24 43.26
CA ASP EC 154 -53.66 107.77 42.94
C ASP EC 154 -53.54 107.50 41.45
N THR EC 155 -52.60 108.19 40.81
CA THR EC 155 -52.34 108.06 39.38
C THR EC 155 -50.88 107.70 39.18
N ALA EC 156 -50.61 106.78 38.27
CA ALA EC 156 -49.26 106.29 38.01
C ALA EC 156 -48.72 106.89 36.72
N ASP EC 157 -47.51 107.44 36.80
CA ASP EC 157 -46.83 108.03 35.65
C ASP EC 157 -45.44 107.43 35.56
N TYR EC 158 -45.01 107.10 34.34
CA TYR EC 158 -43.75 106.43 34.11
C TYR EC 158 -42.95 107.13 33.02
N VAL EC 159 -41.63 107.04 33.13
CA VAL EC 159 -40.72 107.55 32.12
C VAL EC 159 -39.74 106.44 31.76
N SER EC 160 -39.42 106.32 30.48
CA SER EC 160 -38.50 105.30 30.02
C SER EC 160 -37.72 105.82 28.82
N ALA EC 161 -36.44 105.49 28.77
CA ALA EC 161 -35.59 105.91 27.67
C ALA EC 161 -35.89 105.07 26.43
N GLY EC 162 -36.17 105.74 25.32
CA GLY EC 162 -36.47 105.06 24.08
C GLY EC 162 -37.47 105.83 23.24
N PRO EC 163 -37.73 105.36 22.03
CA PRO EC 163 -38.70 106.05 21.16
C PRO EC 163 -40.14 105.92 21.62
N SER EC 164 -40.45 104.97 22.49
CA SER EC 164 -41.84 104.68 22.88
C SER EC 164 -42.19 105.37 24.19
N ILE EC 165 -43.44 105.84 24.28
CA ILE EC 165 -43.93 106.46 25.50
C ILE EC 165 -45.05 105.66 26.15
N ARG EC 166 -45.78 104.86 25.39
CA ARG EC 166 -46.97 104.16 25.90
C ARG EC 166 -46.56 103.11 26.92
N ASN EC 167 -46.92 103.32 28.18
CA ASN EC 167 -46.71 102.34 29.22
C ASN EC 167 -48.05 101.76 29.67
N PRO EC 168 -48.27 100.46 29.47
CA PRO EC 168 -49.57 99.87 29.83
C PRO EC 168 -49.90 99.98 31.30
N LYS EC 169 -48.91 100.13 32.17
CA LYS EC 169 -49.16 100.30 33.60
C LYS EC 169 -49.75 101.67 33.93
N ALA EC 170 -49.79 102.59 32.98
CA ALA EC 170 -50.28 103.94 33.24
C ALA EC 170 -51.80 104.03 33.23
N ARG EC 171 -52.51 102.99 32.77
CA ARG EC 171 -53.96 103.05 32.70
C ARG EC 171 -54.63 102.84 34.06
N VAL EC 172 -53.91 102.29 35.04
CA VAL EC 172 -54.50 101.98 36.34
C VAL EC 172 -54.67 103.26 37.13
N VAL EC 173 -55.87 103.47 37.66
CA VAL EC 173 -56.18 104.62 38.51
C VAL EC 173 -56.82 104.10 39.79
N THR EC 174 -56.36 104.61 40.94
CA THR EC 174 -56.88 104.19 42.23
C THR EC 174 -57.65 105.34 42.87
N LEU EC 175 -58.79 105.03 43.48
CA LEU EC 175 -59.60 106.00 44.19
C LEU EC 175 -59.84 105.51 45.60
N ARG EC 176 -59.40 106.28 46.60
CA ARG EC 176 -59.53 105.90 48.01
C ARG EC 176 -60.44 106.91 48.69
N VAL EC 177 -61.50 106.42 49.33
CA VAL EC 177 -62.46 107.27 50.02
C VAL EC 177 -62.72 106.70 51.40
N LYS EC 178 -62.68 107.56 52.42
CA LYS EC 178 -63.00 107.16 53.78
C LYS EC 178 -64.51 107.27 54.00
N LEU EC 179 -65.13 106.16 54.40
CA LEU EC 179 -66.58 106.15 54.58
C LEU EC 179 -67.04 106.95 55.79
N SER EC 180 -66.12 107.37 56.67
CA SER EC 180 -66.48 108.20 57.81
C SER EC 180 -66.75 109.65 57.41
N SER EC 181 -66.42 110.04 56.18
CA SER EC 181 -66.62 111.40 55.71
C SER EC 181 -67.84 111.53 54.79
N LEU EC 182 -68.65 110.49 54.68
CA LEU EC 182 -69.82 110.49 53.82
C LEU EC 182 -71.09 110.49 54.66
N ASN EC 183 -72.23 110.63 53.98
CA ASN EC 183 -73.53 110.77 54.63
C ASN EC 183 -74.38 109.52 54.52
N LEU EC 184 -73.76 108.34 54.50
CA LEU EC 184 -74.52 107.10 54.49
C LEU EC 184 -75.18 106.86 55.84
N ASP EC 185 -76.42 106.38 55.80
CA ASP EC 185 -77.12 105.99 57.02
C ASP EC 185 -76.67 104.59 57.43
N ASP EC 186 -77.29 104.05 58.48
CA ASP EC 186 -76.94 102.71 58.92
C ASP EC 186 -77.28 101.66 57.87
N HIS EC 187 -78.52 101.67 57.38
CA HIS EC 187 -78.93 100.71 56.36
C HIS EC 187 -78.15 100.87 55.07
N ALA EC 188 -77.91 102.12 54.65
CA ALA EC 188 -77.14 102.36 53.44
C ALA EC 188 -75.70 101.88 53.59
N LYS EC 189 -75.08 102.12 54.74
CA LYS EC 189 -73.71 101.65 54.98
C LYS EC 189 -73.66 100.13 54.99
N LYS EC 190 -74.62 99.49 55.65
CA LYS EC 190 -74.63 98.03 55.70
C LYS EC 190 -74.84 97.42 54.32
N LYS EC 191 -75.70 98.03 53.50
CA LYS EC 191 -75.87 97.56 52.13
C LYS EC 191 -74.62 97.80 51.30
N LEU EC 192 -73.98 98.97 51.45
CA LEU EC 192 -72.81 99.30 50.65
C LEU EC 192 -71.63 98.41 50.97
N ILE EC 193 -71.45 98.04 52.25
CA ILE EC 193 -70.34 97.18 52.61
C ILE EC 193 -70.42 95.84 51.87
N LYS EC 194 -71.60 95.22 51.89
CA LYS EC 194 -71.79 93.97 51.16
C LYS EC 194 -71.76 94.18 49.65
N LEU EC 195 -72.20 95.34 49.17
CA LEU EC 195 -72.16 95.61 47.74
C LEU EC 195 -70.73 95.73 47.22
N VAL EC 196 -69.83 96.33 47.99
CA VAL EC 196 -68.46 96.50 47.54
C VAL EC 196 -67.64 95.25 47.82
N GLY EC 197 -67.93 94.55 48.91
CA GLY EC 197 -67.24 93.31 49.23
C GLY EC 197 -65.88 93.57 49.84
N ASP EC 198 -64.84 93.03 49.20
CA ASP EC 198 -63.48 93.10 49.73
C ASP EC 198 -62.78 94.42 49.44
N ARG EC 199 -63.38 95.30 48.63
CA ARG EC 199 -62.76 96.58 48.33
C ARG EC 199 -62.83 97.57 49.49
N TYR EC 200 -63.55 97.23 50.55
CA TYR EC 200 -63.64 98.06 51.75
C TYR EC 200 -62.88 97.38 52.88
N CYS EC 201 -61.94 98.10 53.48
CA CYS EC 201 -61.16 97.59 54.60
C CYS EC 201 -61.92 97.88 55.89
N LYS EC 202 -62.26 96.81 56.63
CA LYS EC 202 -63.03 96.98 57.85
C LYS EC 202 -62.26 97.73 58.92
N SER EC 203 -60.97 97.41 59.09
CA SER EC 203 -60.17 98.03 60.14
C SER EC 203 -59.87 99.50 59.83
N THR EC 204 -59.52 99.81 58.59
CA THR EC 204 -59.16 101.17 58.21
C THR EC 204 -60.36 102.00 57.77
N ASP EC 205 -61.51 101.36 57.53
CA ASP EC 205 -62.72 102.05 57.09
C ASP EC 205 -62.47 102.88 55.82
N VAL EC 206 -61.77 102.28 54.86
CA VAL EC 206 -61.43 102.92 53.60
C VAL EC 206 -61.91 102.03 52.46
N LEU EC 207 -62.60 102.64 51.50
CA LEU EC 207 -63.03 101.94 50.30
C LEU EC 207 -62.12 102.33 49.14
N THR EC 208 -61.64 101.32 48.42
CA THR EC 208 -60.69 101.50 47.31
C THR EC 208 -61.33 100.99 46.03
N ILE EC 209 -61.28 101.82 44.99
CA ILE EC 209 -61.78 101.45 43.66
C ILE EC 209 -60.60 101.54 42.70
N LYS EC 210 -60.21 100.41 42.12
CA LYS EC 210 -59.06 100.33 41.22
C LYS EC 210 -59.58 100.09 39.81
N THR EC 211 -59.46 101.09 38.94
CA THR EC 211 -59.99 101.03 37.58
C THR EC 211 -58.85 100.86 36.58
N ASP EC 212 -59.03 99.90 35.68
CA ASP EC 212 -58.08 99.65 34.60
C ASP EC 212 -58.75 99.32 33.27
N ARG EC 213 -60.09 99.25 33.24
CA ARG EC 213 -60.80 98.86 32.03
C ARG EC 213 -60.63 99.88 30.90
N CYS EC 214 -60.61 101.18 31.22
CA CYS EC 214 -60.50 102.20 30.19
C CYS EC 214 -59.06 102.33 29.69
N PRO EC 215 -58.88 102.47 28.37
CA PRO EC 215 -57.52 102.61 27.85
C PRO EC 215 -56.80 103.85 28.34
N LEU EC 216 -57.53 104.94 28.57
CA LEU EC 216 -56.91 106.21 28.93
C LEU EC 216 -57.09 106.50 30.42
N LYS EC 217 -56.13 107.24 30.98
CA LYS EC 217 -56.18 107.60 32.39
C LYS EC 217 -57.37 108.51 32.69
N ARG EC 218 -57.66 109.47 31.81
CA ARG EC 218 -58.83 110.32 32.01
C ARG EC 218 -60.13 109.52 31.98
N GLN EC 219 -60.25 108.57 31.05
CA GLN EC 219 -61.44 107.73 31.01
C GLN EC 219 -61.54 106.84 32.23
N ASN EC 220 -60.41 106.32 32.73
CA ASN EC 220 -60.44 105.55 33.97
C ASN EC 220 -60.87 106.42 35.15
N TYR EC 221 -60.40 107.66 35.22
CA TYR EC 221 -60.83 108.55 36.29
C TYR EC 221 -62.32 108.86 36.21
N ASP EC 222 -62.83 109.12 35.00
CA ASP EC 222 -64.26 109.33 34.83
C ASP EC 222 -65.08 108.10 35.20
N TYR EC 223 -64.61 106.90 34.82
CA TYR EC 223 -65.28 105.68 35.22
C TYR EC 223 -65.24 105.45 36.73
N ALA EC 224 -64.15 105.82 37.39
CA ALA EC 224 -64.07 105.69 38.84
C ALA EC 224 -65.03 106.64 39.56
N VAL EC 225 -65.11 107.90 39.10
CA VAL EC 225 -66.04 108.81 39.74
C VAL EC 225 -67.48 108.40 39.45
N TYR EC 226 -67.75 107.88 38.24
CA TYR EC 226 -69.08 107.34 37.97
C TYR EC 226 -69.39 106.15 38.88
N LEU EC 227 -68.40 105.28 39.11
CA LEU EC 227 -68.61 104.14 40.00
C LEU EC 227 -68.92 104.61 41.42
N LEU EC 228 -68.18 105.61 41.91
CA LEU EC 228 -68.49 106.14 43.24
C LEU EC 228 -69.90 106.72 43.30
N THR EC 229 -70.29 107.48 42.27
CA THR EC 229 -71.62 108.07 42.26
C THR EC 229 -72.71 107.00 42.25
N VAL EC 230 -72.56 105.98 41.39
CA VAL EC 230 -73.57 104.94 41.29
C VAL EC 230 -73.63 104.08 42.54
N LEU EC 231 -72.47 103.79 43.18
CA LEU EC 231 -72.50 103.08 44.45
C LEU EC 231 -73.21 103.87 45.53
N TYR EC 232 -72.93 105.18 45.62
CA TYR EC 232 -73.60 106.00 46.62
C TYR EC 232 -75.11 106.07 46.36
N HIS EC 233 -75.52 106.16 45.10
CA HIS EC 233 -76.94 106.22 44.79
C HIS EC 233 -77.65 104.90 45.04
N GLU EC 234 -77.01 103.77 44.69
CA GLU EC 234 -77.63 102.47 44.86
C GLU EC 234 -77.61 101.99 46.31
N SER EC 235 -76.72 102.54 47.13
CA SER EC 235 -76.70 102.15 48.55
C SER EC 235 -77.94 102.65 49.29
N TRP EC 236 -78.67 103.62 48.74
CA TRP EC 236 -79.85 104.16 49.41
C TRP EC 236 -81.15 103.52 48.96
N LYS EC 237 -81.19 102.92 47.77
CA LYS EC 237 -82.43 102.36 47.23
C LYS EC 237 -82.72 101.02 47.91
N THR EC 238 -83.87 100.93 48.57
CA THR EC 238 -84.33 99.68 49.17
C THR EC 238 -85.32 99.02 48.23
N GLU EC 239 -84.96 97.86 47.69
CA GLU EC 239 -85.77 97.17 46.72
C GLU EC 239 -86.66 96.14 47.40
N GLU EC 240 -87.45 95.42 46.59
CA GLU EC 240 -88.41 94.46 47.14
C GLU EC 240 -87.70 93.29 47.81
N TRP EC 241 -86.62 92.80 47.22
CA TRP EC 241 -85.93 91.63 47.75
C TRP EC 241 -85.15 91.92 49.02
N GLU EC 242 -84.97 93.19 49.39
CA GLU EC 242 -84.29 93.51 50.63
C GLU EC 242 -85.15 93.25 51.86
N LYS EC 243 -86.46 93.07 51.68
CA LYS EC 243 -87.37 92.83 52.79
C LYS EC 243 -87.33 91.40 53.31
N LYS EC 244 -86.73 90.47 52.56
CA LYS EC 244 -86.60 89.07 52.97
C LYS EC 244 -85.23 88.79 53.57
N LYS EC 245 -84.66 89.76 54.29
CA LYS EC 245 -83.33 89.60 54.84
C LYS EC 245 -83.33 88.56 55.95
N THR EC 246 -82.30 87.71 55.96
CA THR EC 246 -82.15 86.66 56.96
C THR EC 246 -81.15 87.10 58.03
N GLU EC 247 -81.21 86.44 59.19
CA GLU EC 247 -80.30 86.73 60.28
C GLU EC 247 -78.89 86.22 60.03
N ALA EC 248 -78.71 85.28 59.10
CA ALA EC 248 -77.39 84.75 58.82
C ALA EC 248 -76.46 85.76 58.16
N ASP EC 249 -76.96 86.55 57.23
CA ASP EC 249 -76.13 87.52 56.52
C ASP EC 249 -76.02 88.86 57.25
N MET EC 250 -76.71 89.03 58.36
CA MET EC 250 -76.61 90.27 59.12
C MET EC 250 -75.23 90.41 59.74
N GLU EC 251 -74.67 91.62 59.65
CA GLU EC 251 -73.33 91.87 60.16
C GLU EC 251 -73.28 91.95 61.68
N GLU EC 252 -74.41 92.21 62.34
CA GLU EC 252 -74.46 92.34 63.78
C GLU EC 252 -75.49 91.36 64.36
N TYR EC 253 -75.36 91.11 65.66
CA TYR EC 253 -76.24 90.19 66.37
C TYR EC 253 -77.36 91.00 67.01
N ILE EC 254 -78.58 90.86 66.48
CA ILE EC 254 -79.74 91.56 67.00
C ILE EC 254 -80.48 90.63 67.96
N TRP EC 255 -80.97 91.21 69.06
CA TRP EC 255 -81.67 90.42 70.07
C TRP EC 255 -83.08 90.04 69.62
N GLU EC 256 -83.71 90.87 68.79
CA GLU EC 256 -85.06 90.57 68.32
C GLU EC 256 -85.05 89.37 67.40
N ASN EC 257 -86.03 88.47 67.60
CA ASN EC 257 -86.15 87.23 66.83
C ASN EC 257 -84.87 86.40 66.90
N SER EC 258 -84.34 86.20 68.10
CA SER EC 258 -83.11 85.45 68.28
C SER EC 258 -83.38 84.14 69.03
N THR EC 259 -82.57 83.12 68.70
CA THR EC 259 -82.68 81.84 69.37
C THR EC 259 -82.38 81.96 70.85
N SER EC 260 -81.47 82.86 71.23
CA SER EC 260 -81.21 83.10 72.65
C SER EC 260 -82.44 83.70 73.33
N GLU EC 261 -83.14 84.62 72.67
CA GLU EC 261 -84.39 85.14 73.22
C GLU EC 261 -85.43 84.04 73.38
N LYS EC 262 -85.53 83.15 72.38
CA LYS EC 262 -86.45 82.03 72.49
C LYS EC 262 -86.08 81.10 73.65
N ASN EC 263 -84.79 80.83 73.84
CA ASN EC 263 -84.37 80.01 74.97
C ASN EC 263 -84.69 80.67 76.30
N ILE EC 264 -84.50 81.99 76.39
CA ILE EC 264 -84.85 82.71 77.61
C ILE EC 264 -86.35 82.62 77.87
N LEU EC 265 -87.17 82.81 76.82
CA LEU EC 265 -88.61 82.69 76.98
C LEU EC 265 -89.02 81.30 77.42
N GLU EC 266 -88.38 80.26 76.88
CA GLU EC 266 -88.68 78.89 77.29
C GLU EC 266 -88.28 78.61 78.73
N THR EC 267 -87.10 79.08 79.16
CA THR EC 267 -86.64 78.74 80.50
C THR EC 267 -87.34 79.56 81.58
N LEU EC 268 -87.72 80.82 81.28
CA LEU EC 268 -88.44 81.61 82.28
C LEU EC 268 -89.81 81.02 82.57
N LEU EC 269 -90.49 80.50 81.55
CA LEU EC 269 -91.77 79.83 81.78
C LEU EC 269 -91.61 78.61 82.68
N GLN EC 270 -90.56 77.82 82.47
CA GLN EC 270 -90.27 76.69 83.34
C GLN EC 270 -89.94 77.10 84.76
N ILE EC 271 -89.17 78.16 84.94
CA ILE EC 271 -88.89 78.65 86.30
C ILE EC 271 -90.18 79.11 86.99
N LYS EC 272 -91.03 79.85 86.27
CA LYS EC 272 -92.29 80.29 86.86
C LYS EC 272 -93.20 79.10 87.18
N ALA EC 273 -93.24 78.09 86.31
CA ALA EC 273 -94.04 76.90 86.61
C ALA EC 273 -93.50 76.15 87.82
N ALA EC 274 -92.18 76.05 87.96
CA ALA EC 274 -91.60 75.41 89.13
C ALA EC 274 -91.90 76.18 90.41
N GLU EC 275 -91.93 77.51 90.33
CA GLU EC 275 -92.28 78.35 91.48
C GLU EC 275 -93.78 78.51 91.65
N LYS EC 276 -94.58 77.94 90.74
CA LYS EC 276 -96.04 78.00 90.81
C LYS EC 276 -96.54 79.44 90.79
N ASN EC 277 -96.00 80.25 89.90
CA ASN EC 277 -96.47 81.61 89.66
C ASN EC 277 -97.22 81.64 88.34
N LEU EC 278 -98.47 82.08 88.40
CA LEU EC 278 -99.34 82.12 87.23
C LEU EC 278 -99.17 83.40 86.40
N GLU EC 279 -98.30 84.31 86.85
CA GLU EC 279 -98.09 85.56 86.14
C GLU EC 279 -97.14 85.31 84.97
N LEU EC 280 -97.72 84.97 83.82
CA LEU EC 280 -96.96 84.67 82.61
C LEU EC 280 -97.25 85.75 81.58
N SER EC 281 -96.21 86.45 81.14
CA SER EC 281 -96.35 87.50 80.13
C SER EC 281 -95.00 87.76 79.48
N LYS EC 282 -95.01 87.88 78.16
CA LYS EC 282 -93.77 88.12 77.43
C LYS EC 282 -93.15 89.46 77.80
N GLU EC 283 -93.96 90.52 77.92
CA GLU EC 283 -93.43 91.81 78.34
C GLU EC 283 -92.87 91.76 79.75
N GLU EC 284 -93.56 91.06 80.66
CA GLU EC 284 -93.06 90.94 82.03
C GLU EC 284 -91.73 90.20 82.06
N LEU EC 285 -91.61 89.12 81.28
CA LEU EC 285 -90.38 88.33 81.27
C LEU EC 285 -89.24 89.11 80.62
N LEU EC 286 -89.53 89.88 79.57
CA LEU EC 286 -88.48 90.57 78.85
C LEU EC 286 -88.22 91.99 79.36
N GLY EC 287 -88.95 92.44 80.37
CA GLY EC 287 -88.77 93.79 80.88
C GLY EC 287 -87.92 93.95 82.12
N THR EC 288 -87.31 92.86 82.61
CA THR EC 288 -86.54 92.95 83.84
C THR EC 288 -85.07 93.25 83.56
N LYS EC 289 -84.40 93.78 84.57
CA LYS EC 289 -82.99 94.13 84.45
C LYS EC 289 -82.09 92.92 84.23
N GLU EC 290 -82.50 91.73 84.69
CA GLU EC 290 -81.71 90.53 84.44
C GLU EC 290 -81.65 90.22 82.95
N VAL EC 291 -82.81 90.21 82.28
CA VAL EC 291 -82.81 89.95 80.85
C VAL EC 291 -82.26 91.13 80.06
N GLU EC 292 -82.35 92.36 80.59
CA GLU EC 292 -81.68 93.48 79.93
C GLU EC 292 -80.15 93.30 79.96
N ASP EC 293 -79.61 92.91 81.12
CA ASP EC 293 -78.19 92.63 81.23
C ASP EC 293 -77.77 91.48 80.33
N TYR EC 294 -78.59 90.42 80.25
CA TYR EC 294 -78.28 89.34 79.33
C TYR EC 294 -78.33 89.80 77.88
N ARG EC 295 -79.29 90.65 77.54
CA ARG EC 295 -79.42 91.15 76.17
C ARG EC 295 -78.18 91.94 75.76
N LYS EC 296 -77.66 92.79 76.64
CA LYS EC 296 -76.44 93.48 76.29
C LYS EC 296 -75.21 92.57 76.33
N SER EC 297 -75.17 91.61 77.25
CA SER EC 297 -74.02 90.71 77.35
C SER EC 297 -73.90 89.79 76.14
N VAL EC 298 -75.03 89.27 75.64
CA VAL EC 298 -74.95 88.38 74.48
C VAL EC 298 -74.55 89.15 73.23
N VAL EC 299 -75.02 90.39 73.09
CA VAL EC 299 -74.59 91.21 71.96
C VAL EC 299 -73.09 91.48 72.05
N SER EC 300 -72.60 91.81 73.25
CA SER EC 300 -71.16 92.02 73.43
C SER EC 300 -70.37 90.76 73.11
N LEU EC 301 -70.85 89.59 73.55
CA LEU EC 301 -70.16 88.34 73.30
C LEU EC 301 -70.15 87.96 71.83
N LYS EC 302 -71.23 88.22 71.10
CA LYS EC 302 -71.30 87.92 69.68
C LYS EC 302 -70.46 88.88 68.84
N ASN EC 303 -70.47 90.17 69.18
CA ASN EC 303 -69.73 91.13 68.38
C ASN EC 303 -68.25 91.16 68.77
N GLU EC 304 -67.96 91.51 70.02
CA GLU EC 304 -66.57 91.64 70.46
C GLU EC 304 -65.88 90.28 70.54
N GLY EC 305 -66.64 89.20 70.65
CA GLY EC 305 -66.09 87.88 70.81
C GLY EC 305 -65.88 87.50 72.26
N ASP EC 306 -65.24 86.35 72.44
CA ASP EC 306 -64.94 85.86 73.78
C ASP EC 306 -63.76 86.64 74.35
N ASN EC 307 -63.97 87.24 75.52
CA ASN EC 307 -62.93 88.00 76.21
C ASN EC 307 -63.02 87.70 77.70
N GLU EC 308 -61.96 88.06 78.42
CA GLU EC 308 -61.92 87.77 79.85
C GLU EC 308 -63.01 88.53 80.60
N ASN EC 309 -63.36 89.71 80.12
CA ASN EC 309 -64.44 90.50 80.73
C ASN EC 309 -65.80 90.16 80.15
N THR EC 310 -65.88 89.90 78.85
CA THR EC 310 -67.18 89.57 78.25
C THR EC 310 -67.71 88.23 78.76
N LEU EC 311 -66.84 87.24 78.90
CA LEU EC 311 -67.28 85.95 79.44
C LEU EC 311 -67.64 86.06 80.92
N SER EC 312 -66.93 86.91 81.67
CA SER EC 312 -67.33 87.18 83.05
C SER EC 312 -68.71 87.83 83.11
N GLN EC 313 -68.97 88.79 82.21
CA GLN EC 313 -70.30 89.39 82.14
C GLN EC 313 -71.36 88.34 81.82
N TYR EC 314 -71.07 87.45 80.87
CA TYR EC 314 -72.03 86.41 80.51
C TYR EC 314 -72.29 85.46 81.67
N LYS EC 315 -71.25 85.04 82.39
CA LYS EC 315 -71.44 84.15 83.53
C LYS EC 315 -72.22 84.83 84.65
N GLU EC 316 -71.92 86.11 84.92
CA GLU EC 316 -72.68 86.85 85.92
C GLU EC 316 -74.15 86.97 85.53
N SER EC 317 -74.42 87.24 84.25
CA SER EC 317 -75.80 87.34 83.78
C SER EC 317 -76.53 86.01 83.92
N VAL EC 318 -75.89 84.90 83.56
CA VAL EC 318 -76.54 83.60 83.66
C VAL EC 318 -76.82 83.26 85.13
N LYS EC 319 -75.85 83.51 86.01
CA LYS EC 319 -76.06 83.25 87.43
C LYS EC 319 -77.15 84.12 88.02
N ARG EC 320 -77.22 85.39 87.64
CA ARG EC 320 -78.30 86.26 88.11
C ARG EC 320 -79.65 85.78 87.60
N LEU EC 321 -79.74 85.36 86.33
CA LEU EC 321 -81.00 84.88 85.78
C LEU EC 321 -81.45 83.59 86.44
N LEU EC 322 -80.53 82.68 86.73
CA LEU EC 322 -80.87 81.39 87.33
C LEU EC 322 -80.83 81.42 88.85
N ASN EC 323 -80.55 82.57 89.46
CA ASN EC 323 -80.52 82.73 90.92
C ASN EC 323 -79.55 81.74 91.57
N LEU EC 324 -78.40 81.53 90.93
CA LEU EC 324 -77.39 80.62 91.44
C LEU EC 324 -76.14 81.41 91.84
N ALA EC 325 -75.58 81.08 92.99
CA ALA EC 325 -74.38 81.75 93.48
C ALA EC 325 -73.39 80.73 94.05
N ALA FC 2 38.66 52.14 64.00
CA ALA FC 2 39.31 53.07 63.09
C ALA FC 2 38.81 52.87 61.65
N THR FC 3 39.32 53.68 60.74
CA THR FC 3 38.94 53.58 59.33
C THR FC 3 39.80 52.52 58.64
N PRO FC 4 39.18 51.57 57.94
CA PRO FC 4 39.97 50.55 57.25
C PRO FC 4 40.87 51.14 56.18
N SER FC 5 42.01 50.50 55.97
CA SER FC 5 42.99 51.00 55.02
C SER FC 5 42.44 50.98 53.60
N LEU FC 6 42.86 51.97 52.81
CA LEU FC 6 42.43 52.10 51.43
C LEU FC 6 43.57 51.98 50.43
N ARG FC 7 44.81 51.93 50.89
CA ARG FC 7 45.94 51.83 49.98
C ARG FC 7 45.98 50.46 49.31
N GLY FC 8 46.14 50.46 48.00
CA GLY FC 8 46.22 49.21 47.25
C GLY FC 8 44.91 48.46 47.13
N ARG FC 9 43.78 49.15 47.25
CA ARG FC 9 42.48 48.49 47.18
C ARG FC 9 41.82 48.63 45.81
N LEU FC 10 41.91 49.82 45.21
CA LEU FC 10 41.22 50.09 43.96
C LEU FC 10 42.08 49.74 42.76
N ALA FC 11 41.46 49.71 41.60
CA ALA FC 11 42.15 49.42 40.34
C ALA FC 11 42.57 50.74 39.71
N ARG FC 12 43.87 51.02 39.71
CA ARG FC 12 44.44 52.23 39.14
C ARG FC 12 45.63 51.86 38.29
N LEU FC 13 46.11 52.85 37.50
CA LEU FC 13 47.29 52.62 36.67
C LEU FC 13 48.51 52.33 37.54
N GLY FC 14 48.67 53.07 38.65
CA GLY FC 14 49.80 52.84 39.53
C GLY FC 14 49.69 51.63 40.42
N ASN FC 15 48.52 51.03 40.51
CA ASN FC 15 48.33 49.85 41.34
C ASN FC 15 48.83 48.62 40.61
N PRO FC 16 49.82 47.90 41.13
CA PRO FC 16 50.38 46.75 40.40
C PRO FC 16 49.61 45.46 40.63
N ARG FC 17 48.96 45.33 41.78
CA ARG FC 17 48.32 44.09 42.15
C ARG FC 17 46.87 44.05 41.66
N ARG FC 18 46.20 42.93 41.91
CA ARG FC 18 44.79 42.79 41.60
C ARG FC 18 43.96 43.66 42.54
N PRO FC 19 42.99 44.41 42.01
CA PRO FC 19 42.18 45.28 42.87
C PRO FC 19 41.42 44.49 43.92
N ILE FC 20 41.32 45.06 45.11
CA ILE FC 20 40.64 44.40 46.22
C ILE FC 20 39.20 44.87 46.34
N LEU FC 21 38.97 46.17 46.31
CA LEU FC 21 37.65 46.76 46.48
C LEU FC 21 37.15 47.26 45.14
N LYS FC 22 35.89 46.96 44.82
CA LYS FC 22 35.26 47.38 43.57
C LYS FC 22 34.09 48.29 43.92
N PRO FC 23 34.28 49.60 43.92
CA PRO FC 23 33.21 50.51 44.36
C PRO FC 23 32.05 50.52 43.37
N ASN FC 24 30.84 50.37 43.90
CA ASN FC 24 29.65 50.55 43.07
C ASN FC 24 29.55 51.98 42.56
N LYS FC 25 29.87 52.95 43.42
CA LYS FC 25 29.93 54.36 43.10
C LYS FC 25 31.24 54.92 43.62
N PRO FC 26 31.73 56.01 43.04
CA PRO FC 26 33.01 56.57 43.49
C PRO FC 26 32.97 56.96 44.97
N LEU FC 27 34.07 56.69 45.67
CA LEU FC 27 34.16 56.92 47.11
C LEU FC 27 34.49 58.39 47.36
N ILE FC 28 33.47 59.24 47.18
CA ILE FC 28 33.56 60.67 47.43
C ILE FC 28 32.60 61.01 48.55
N LEU FC 29 33.11 61.71 49.57
CA LEU FC 29 32.30 62.04 50.73
C LEU FC 29 31.27 63.10 50.34
N ALA FC 30 29.99 62.74 50.45
CA ALA FC 30 28.91 63.63 50.03
C ALA FC 30 28.76 64.79 51.02
N ASN FC 31 28.02 65.81 50.59
CA ASN FC 31 27.76 67.00 51.40
C ASN FC 31 26.47 66.89 52.19
N HIS FC 32 25.79 65.74 52.14
CA HIS FC 32 24.56 65.55 52.90
C HIS FC 32 24.47 64.09 53.32
N VAL FC 33 24.03 63.86 54.55
CA VAL FC 33 23.87 62.51 55.07
C VAL FC 33 22.51 61.97 54.64
N GLY FC 34 22.34 60.64 54.70
CA GLY FC 34 21.07 60.04 54.35
C GLY FC 34 20.01 60.33 55.39
N GLU FC 35 18.78 60.51 54.90
CA GLU FC 35 17.66 60.76 55.80
C GLU FC 35 17.35 59.50 56.61
N ARG FC 36 17.07 59.69 57.91
CA ARG FC 36 16.82 58.53 58.82
C ARG FC 36 15.64 57.69 58.32
N ARG FC 37 15.90 56.42 57.99
CA ARG FC 37 14.81 55.51 57.53
C ARG FC 37 13.74 55.40 58.60
N ARG FC 38 12.46 55.50 58.21
CA ARG FC 38 11.34 55.46 59.19
C ARG FC 38 11.42 54.16 60.01
N GLU FC 39 11.48 54.28 61.34
CA GLU FC 39 11.51 53.09 62.23
C GLU FC 39 10.10 52.49 62.29
N LYS FC 40 9.84 51.46 61.48
CA LYS FC 40 8.48 50.85 61.43
C LYS FC 40 7.97 50.53 62.83
N GLY FC 41 6.78 51.04 63.18
CA GLY FC 41 6.21 50.84 64.53
C GLY FC 41 5.87 49.38 64.80
N GLU FC 42 6.06 48.93 66.04
CA GLU FC 42 5.75 47.56 66.42
C GLU FC 42 4.51 47.53 67.32
N ALA FC 43 3.82 46.40 67.30
CA ALA FC 43 2.63 46.23 68.12
C ALA FC 43 2.97 46.34 69.59
N THR FC 44 2.13 47.04 70.34
CA THR FC 44 2.35 47.30 71.76
C THR FC 44 1.30 46.60 72.60
N CYS FC 45 1.62 46.44 73.88
CA CYS FC 45 0.72 45.85 74.88
C CYS FC 45 0.30 44.43 74.50
N ILE FC 46 1.19 43.70 73.80
CA ILE FC 46 0.90 42.31 73.48
C ILE FC 46 0.85 41.47 74.76
N THR FC 47 1.80 41.69 75.67
CA THR FC 47 1.80 40.97 76.93
C THR FC 47 0.56 41.28 77.75
N GLU FC 48 0.15 42.56 77.78
CA GLU FC 48 -1.06 42.93 78.51
C GLU FC 48 -2.30 42.30 77.88
N MET FC 49 -2.37 42.26 76.54
CA MET FC 49 -3.50 41.63 75.88
C MET FC 49 -3.54 40.12 76.15
N SER FC 50 -2.38 39.48 76.24
CA SER FC 50 -2.35 38.05 76.55
C SER FC 50 -2.96 37.77 77.92
N VAL FC 51 -2.54 38.53 78.95
CA VAL FC 51 -3.10 38.31 80.27
C VAL FC 51 -4.54 38.78 80.38
N MET FC 52 -4.95 39.73 79.52
CA MET FC 52 -6.36 40.11 79.48
C MET FC 52 -7.21 38.98 78.90
N MET FC 53 -6.76 38.37 77.80
CA MET FC 53 -7.48 37.25 77.20
C MET FC 53 -7.38 35.97 78.03
N ALA FC 54 -6.39 35.88 78.92
CA ALA FC 54 -6.35 34.76 79.85
C ALA FC 54 -7.59 34.73 80.75
N CYS FC 55 -8.04 35.90 81.21
CA CYS FC 55 -9.27 35.97 82.00
C CYS FC 55 -10.45 35.47 81.18
N TRP FC 56 -10.53 35.87 79.92
CA TRP FC 56 -11.65 35.46 79.08
C TRP FC 56 -11.63 33.95 78.83
N LYS FC 57 -10.44 33.38 78.61
CA LYS FC 57 -10.35 31.95 78.35
C LYS FC 57 -10.60 31.13 79.61
N GLN FC 58 -10.20 31.61 80.78
CA GLN FC 58 -10.36 30.84 82.00
C GLN FC 58 -11.75 30.97 82.60
N ASN FC 59 -12.34 32.17 82.52
CA ASN FC 59 -13.62 32.47 83.15
C ASN FC 59 -14.77 32.49 82.15
N GLU FC 60 -14.58 31.94 80.96
CA GLU FC 60 -15.63 31.83 79.95
C GLU FC 60 -16.12 33.20 79.47
N PHE FC 61 -15.18 34.11 79.22
CA PHE FC 61 -15.42 35.38 78.54
C PHE FC 61 -16.44 36.23 79.32
N ARG FC 62 -16.03 36.63 80.52
CA ARG FC 62 -16.81 37.58 81.32
C ARG FC 62 -15.87 38.55 82.02
N ASP FC 63 -16.22 39.83 81.97
CA ASP FC 63 -15.40 40.87 82.59
C ASP FC 63 -15.63 41.02 84.08
N GLU FC 64 -16.71 40.45 84.61
CA GLU FC 64 -16.99 40.57 86.04
C GLU FC 64 -16.11 39.65 86.87
N ALA FC 65 -15.47 38.65 86.26
CA ALA FC 65 -14.61 37.75 87.02
C ALA FC 65 -13.31 38.43 87.41
N CYS FC 66 -12.58 38.95 86.43
CA CYS FC 66 -11.33 39.66 86.66
C CYS FC 66 -11.43 41.06 86.09
N ARG FC 67 -10.95 42.05 86.85
CA ARG FC 67 -11.04 43.44 86.45
C ARG FC 67 -9.68 44.13 86.27
N LYS FC 68 -8.67 43.73 87.04
CA LYS FC 68 -7.36 44.35 86.93
C LYS FC 68 -6.72 44.09 85.56
N GLU FC 69 -6.88 42.87 85.02
CA GLU FC 69 -6.36 42.57 83.69
C GLU FC 69 -7.13 43.31 82.60
N ILE FC 70 -8.28 43.91 82.93
CA ILE FC 70 -8.97 44.74 81.97
C ILE FC 70 -8.53 46.20 82.09
N GLN FC 71 -8.28 46.68 83.32
CA GLN FC 71 -7.89 48.07 83.52
C GLN FC 71 -6.45 48.32 83.11
N ASP FC 72 -5.55 47.37 83.38
CA ASP FC 72 -4.16 47.54 82.98
C ASP FC 72 -4.00 47.53 81.47
N PHE FC 73 -4.84 46.80 80.74
CA PHE FC 73 -4.81 46.86 79.28
C PHE FC 73 -5.17 48.25 78.78
N PHE FC 74 -6.19 48.87 79.36
CA PHE FC 74 -6.53 50.24 79.00
C PHE FC 74 -5.43 51.22 79.39
N ASP FC 75 -4.79 51.03 80.55
CA ASP FC 75 -3.67 51.88 80.93
C ASP FC 75 -2.52 51.75 79.94
N CYS FC 76 -2.20 50.53 79.52
CA CYS FC 76 -1.16 50.32 78.53
C CYS FC 76 -1.51 50.95 77.19
N ALA FC 77 -2.78 50.85 76.78
CA ALA FC 77 -3.19 51.50 75.53
C ALA FC 77 -3.06 53.01 75.62
N SER FC 78 -3.45 53.61 76.75
CA SER FC 78 -3.31 55.05 76.93
C SER FC 78 -1.84 55.47 76.92
N ARG FC 79 -0.99 54.70 77.61
CA ARG FC 79 0.44 55.02 77.61
C ARG FC 79 1.06 54.87 76.21
N ALA FC 80 0.64 53.86 75.45
CA ALA FC 80 1.13 53.70 74.09
C ALA FC 80 0.68 54.85 73.20
N GLU FC 81 -0.57 55.30 73.35
CA GLU FC 81 -1.04 56.45 72.58
C GLU FC 81 -0.24 57.71 72.94
N ALA FC 82 0.01 57.92 74.24
CA ALA FC 82 0.78 59.09 74.66
C ALA FC 82 2.21 59.03 74.13
N ALA FC 83 2.81 57.84 74.13
CA ALA FC 83 4.14 57.67 73.54
C ALA FC 83 4.15 57.90 72.04
N ARG FC 84 3.12 57.44 71.32
CA ARG FC 84 3.00 57.68 69.90
C ARG FC 84 2.87 59.17 69.59
N LYS FC 85 2.13 59.90 70.43
CA LYS FC 85 1.94 61.33 70.19
C LYS FC 85 3.16 62.17 70.57
N MET FC 86 3.60 62.08 71.83
CA MET FC 86 4.62 63.01 72.30
C MET FC 86 6.00 62.69 71.74
N ARG FC 87 6.38 61.41 71.72
CA ARG FC 87 7.71 61.05 71.26
C ARG FC 87 7.91 61.32 69.77
N SER FC 88 6.87 61.20 68.95
CA SER FC 88 6.98 61.51 67.54
C SER FC 88 7.43 62.94 67.29
N ILE FC 89 7.19 63.84 68.24
CA ILE FC 89 7.69 65.21 68.17
C ILE FC 89 9.02 65.35 68.90
N GLN FC 90 9.14 64.72 70.08
CA GLN FC 90 10.34 64.90 70.89
C GLN FC 90 11.59 64.35 70.19
N GLU FC 91 11.49 63.15 69.59
CA GLU FC 91 12.63 62.57 68.91
C GLU FC 91 12.99 63.30 67.62
N ASN FC 92 12.00 63.82 66.89
CA ASN FC 92 12.27 64.63 65.72
C ASN FC 92 12.86 65.99 66.08
N LEU FC 93 12.56 66.51 67.27
CA LEU FC 93 13.15 67.76 67.73
C LEU FC 93 14.58 67.57 68.22
N GLY FC 94 14.81 66.56 69.06
CA GLY FC 94 16.11 66.30 69.61
C GLY FC 94 16.46 64.82 69.56
N GLU FC 95 17.74 64.54 69.27
CA GLU FC 95 18.20 63.12 69.19
C GLU FC 95 19.37 62.96 70.16
N LEU FC 96 19.37 63.73 71.26
CA LEU FC 96 20.46 63.68 72.28
C LEU FC 96 21.81 63.83 71.59
N GLY FC 97 22.63 62.77 71.62
CA GLY FC 97 24.01 62.83 71.07
C GLY FC 97 24.01 63.14 69.58
N SER FC 98 23.21 62.41 68.80
CA SER FC 98 23.18 62.62 67.33
C SER FC 98 22.43 63.90 66.99
N LEU FC 99 22.66 64.47 65.79
CA LEU FC 99 21.92 65.66 65.39
C LEU FC 99 20.87 65.29 64.34
N PRO FC 100 19.79 66.08 64.25
CA PRO FC 100 18.79 65.84 63.21
C PRO FC 100 19.39 65.99 61.83
N PRO FC 101 18.89 65.23 60.85
CA PRO FC 101 19.46 65.31 59.49
C PRO FC 101 19.36 66.70 58.88
N LYS FC 102 18.31 67.47 59.21
CA LYS FC 102 18.21 68.84 58.71
C LYS FC 102 19.35 69.71 59.20
N LYS FC 103 19.76 69.56 60.46
CA LYS FC 103 20.92 70.28 60.98
C LYS FC 103 22.23 69.72 60.45
N LEU FC 104 22.32 68.39 60.29
CA LEU FC 104 23.54 67.79 59.77
C LEU FC 104 23.84 68.22 58.34
N ASN FC 105 22.80 68.31 57.49
CA ASN FC 105 23.01 68.75 56.12
C ASN FC 105 23.54 70.18 56.08
N LYS FC 106 22.95 71.08 56.87
CA LYS FC 106 23.42 72.45 56.92
C LYS FC 106 24.83 72.55 57.47
N LEU FC 107 25.15 71.76 58.49
CA LEU FC 107 26.50 71.73 59.03
C LEU FC 107 27.51 71.25 58.00
N LEU FC 108 27.18 70.22 57.23
CA LEU FC 108 28.06 69.74 56.18
C LEU FC 108 28.21 70.74 55.05
N HIS FC 109 27.14 71.46 54.70
CA HIS FC 109 27.25 72.50 53.69
C HIS FC 109 28.19 73.62 54.10
N ARG FC 110 28.33 73.87 55.41
CA ARG FC 110 29.27 74.88 55.88
C ARG FC 110 30.71 74.49 55.58
N PHE FC 111 31.04 73.21 55.72
CA PHE FC 111 32.39 72.69 55.48
C PHE FC 111 32.29 71.50 54.53
N PRO FC 112 32.04 71.76 53.25
CA PRO FC 112 31.87 70.65 52.29
C PRO FC 112 33.21 70.09 51.84
N ASN FC 113 33.13 68.96 51.16
CA ASN FC 113 34.30 68.30 50.59
C ASN FC 113 34.76 69.06 49.34
N LYS FC 114 36.00 68.78 48.92
CA LYS FC 114 36.61 69.44 47.76
C LYS FC 114 37.09 68.38 46.79
N PRO FC 115 36.19 67.79 46.00
CA PRO FC 115 36.63 66.80 44.99
C PRO FC 115 37.48 67.42 43.89
N HIS FC 116 37.19 68.67 43.56
CA HIS FC 116 37.87 69.37 42.48
C HIS FC 116 38.96 70.28 43.04
N VAL FC 117 39.69 70.93 42.14
CA VAL FC 117 40.79 71.83 42.49
C VAL FC 117 41.81 71.14 43.37
N LYS GC 128 23.18 49.24 24.90
CA LYS GC 128 24.59 49.48 24.64
C LYS GC 128 25.27 48.25 24.08
N ASN GC 129 26.41 47.88 24.67
CA ASN GC 129 27.14 46.70 24.22
C ASN GC 129 26.33 45.42 24.40
N ILE GC 130 25.32 45.45 25.28
CA ILE GC 130 24.47 44.29 25.48
C ILE GC 130 23.72 43.93 24.21
N LEU GC 131 23.43 44.90 23.33
CA LEU GC 131 22.79 44.57 22.06
C LEU GC 131 23.66 43.65 21.20
N LYS GC 132 24.94 44.01 21.03
CA LYS GC 132 25.85 43.14 20.29
C LYS GC 132 26.08 41.82 21.01
N ILE GC 133 26.15 41.85 22.35
CA ILE GC 133 26.33 40.61 23.10
C ILE GC 133 25.15 39.66 22.86
N ARG GC 134 23.92 40.18 22.91
CA ARG GC 134 22.74 39.37 22.65
C ARG GC 134 22.67 38.91 21.20
N ARG GC 135 23.09 39.74 20.24
CA ARG GC 135 23.13 39.30 18.86
C ARG GC 135 24.07 38.12 18.68
N ARG GC 136 25.28 38.21 19.25
CA ARG GC 136 26.21 37.09 19.20
C ARG GC 136 25.68 35.86 19.94
N LYS GC 137 25.01 36.06 21.07
CA LYS GC 137 24.42 34.95 21.79
C LYS GC 137 23.35 34.25 20.96
N MET GC 138 22.49 35.02 20.29
CA MET GC 138 21.47 34.44 19.44
C MET GC 138 22.07 33.68 18.27
N ASN GC 139 23.11 34.25 17.64
CA ASN GC 139 23.78 33.55 16.55
C ASN GC 139 24.41 32.25 17.03
N HIS GC 140 25.08 32.28 18.19
CA HIS GC 140 25.68 31.05 18.71
C HIS GC 140 24.62 30.01 19.06
N HIS GC 141 23.50 30.44 19.64
CA HIS GC 141 22.42 29.51 19.97
C HIS GC 141 21.83 28.88 18.71
N LYS GC 142 21.62 29.68 17.67
CA LYS GC 142 21.11 29.13 16.41
C LYS GC 142 22.12 28.18 15.78
N TYR GC 143 23.41 28.50 15.84
CA TYR GC 143 24.42 27.59 15.31
C TYR GC 143 24.42 26.27 16.08
N ARG GC 144 24.31 26.34 17.41
CA ARG GC 144 24.24 25.11 18.20
C ARG GC 144 23.00 24.29 17.87
N LYS GC 145 21.85 24.94 17.71
CA LYS GC 145 20.64 24.21 17.33
C LYS GC 145 20.77 23.57 15.96
N LEU GC 146 21.36 24.28 14.99
CA LEU GC 146 21.58 23.71 13.67
C LEU GC 146 22.50 22.50 13.74
N VAL GC 147 23.59 22.60 14.51
CA VAL GC 147 24.50 21.47 14.65
C VAL GC 147 23.80 20.28 15.29
N LYS GC 148 23.01 20.53 16.34
CA LYS GC 148 22.28 19.44 16.99
C LYS GC 148 21.29 18.78 16.05
N ARG GC 149 20.59 19.57 15.22
CA ARG GC 149 19.62 19.01 14.30
C ARG GC 149 20.29 18.22 13.17
N THR GC 150 21.41 18.71 12.65
CA THR GC 150 22.11 18.09 11.53
C THR GC 150 23.42 17.44 11.97
N ARG GC 151 23.43 16.84 13.16
CA ARG GC 151 24.63 16.21 13.69
C ARG GC 151 25.15 15.12 12.75
N PHE GC 152 24.33 14.10 12.49
CA PHE GC 152 24.75 12.97 11.68
C PHE GC 152 25.12 13.34 10.26
N LEU GC 153 24.42 14.29 9.64
CA LEU GC 153 24.80 14.76 8.32
C LEU GC 153 26.19 15.39 8.35
N ARG GC 154 26.48 16.18 9.39
CA ARG GC 154 27.81 16.74 9.54
C ARG GC 154 28.87 15.65 9.73
N ARG GC 155 28.55 14.60 10.50
CA ARG GC 155 29.48 13.50 10.66
C ARG GC 155 29.75 12.80 9.33
N LYS GC 156 28.71 12.57 8.53
CA LYS GC 156 28.90 11.97 7.22
C LYS GC 156 29.75 12.86 6.31
N VAL GC 157 29.51 14.16 6.32
CA VAL GC 157 30.32 15.08 5.53
C VAL GC 157 31.78 15.06 5.99
N ARG GC 158 32.01 15.05 7.30
CA ARG GC 158 33.37 15.00 7.82
C ARG GC 158 34.07 13.72 7.41
N GLU GC 159 33.38 12.59 7.50
CA GLU GC 159 33.98 11.32 7.09
C GLU GC 159 34.28 11.31 5.59
N GLY GC 160 33.37 11.85 4.77
CA GLY GC 160 33.64 11.93 3.34
C GLY GC 160 34.82 12.81 3.00
N ARG GC 161 34.97 13.94 3.70
CA ARG GC 161 36.13 14.80 3.51
C ARG GC 161 37.42 14.17 3.99
N LEU GC 162 37.39 13.42 5.10
CA LEU GC 162 38.57 12.70 5.55
C LEU GC 162 38.97 11.60 4.57
N ARG GC 163 37.99 10.94 3.95
CA ARG GC 163 38.32 9.94 2.92
C ARG GC 163 39.10 10.57 1.77
N GLN GC 164 38.62 11.72 1.28
CA GLN GC 164 39.33 12.45 0.23
C GLN GC 164 40.68 12.94 0.71
N LYS GC 165 40.79 13.37 1.98
CA LYS GC 165 42.07 13.75 2.55
C LYS GC 165 43.07 12.61 2.47
N GLN GC 166 42.67 11.41 2.90
CA GLN GC 166 43.55 10.26 2.86
C GLN GC 166 43.92 9.89 1.43
N VAL GC 167 42.94 9.92 0.52
CA VAL GC 167 43.22 9.57 -0.88
C VAL GC 167 44.19 10.56 -1.51
N LYS GC 168 43.99 11.86 -1.24
CA LYS GC 168 44.91 12.87 -1.76
C LYS GC 168 46.30 12.71 -1.18
N PHE GC 169 46.41 12.38 0.11
CA PHE GC 169 47.72 12.09 0.68
C PHE GC 169 48.38 10.90 0.02
N GLU GC 170 47.61 9.84 -0.24
CA GLU GC 170 48.16 8.66 -0.91
C GLU GC 170 48.66 9.00 -2.31
N ARG GC 171 47.88 9.76 -3.08
CA ARG GC 171 48.30 10.14 -4.43
C ARG GC 171 49.49 11.09 -4.42
N ASP GC 172 49.56 12.02 -3.47
CA ASP GC 172 50.73 12.88 -3.35
C ASP GC 172 51.97 12.06 -3.04
N LEU GC 173 51.85 11.07 -2.15
CA LEU GC 173 53.00 10.19 -1.88
C LEU GC 173 53.39 9.39 -3.10
N LYS GC 174 52.41 8.88 -3.85
CA LYS GC 174 52.72 8.12 -5.06
C LYS GC 174 53.44 8.96 -6.11
N ARG GC 175 52.98 10.21 -6.31
CA ARG GC 175 53.57 11.09 -7.30
C ARG GC 175 55.03 11.41 -6.99
N ILE GC 176 55.44 11.27 -5.72
CA ILE GC 176 56.84 11.49 -5.37
C ILE GC 176 57.74 10.51 -6.08
N TRP GC 177 57.52 9.21 -5.86
CA TRP GC 177 58.37 8.21 -6.51
C TRP GC 177 58.06 8.06 -7.99
N GLN GC 178 56.83 8.39 -8.42
CA GLN GC 178 56.54 8.31 -9.85
C GLN GC 178 57.37 9.31 -10.65
N LYS GC 179 57.66 10.48 -10.08
CA LYS GC 179 58.55 11.44 -10.71
C LYS GC 179 60.01 11.24 -10.34
N ALA GC 180 60.29 10.57 -9.23
CA ALA GC 180 61.65 10.24 -8.84
C ALA GC 180 62.22 9.09 -9.65
N GLY GC 181 61.37 8.28 -10.31
CA GLY GC 181 61.80 7.22 -11.17
C GLY GC 181 61.54 5.82 -10.62
N LEU GC 182 61.18 5.71 -9.36
CA LEU GC 182 60.87 4.39 -8.79
C LEU GC 182 59.57 3.87 -9.38
N LYS GC 183 59.62 2.64 -9.90
CA LYS GC 183 58.45 2.02 -10.51
C LYS GC 183 57.42 1.59 -9.47
N GLU GC 184 57.87 1.08 -8.33
CA GLU GC 184 56.99 0.65 -7.25
C GLU GC 184 57.30 1.44 -5.99
N ALA GC 185 56.52 1.18 -4.95
CA ALA GC 185 56.75 1.79 -3.65
C ALA GC 185 58.02 1.24 -3.02
N PRO GC 186 58.70 2.03 -2.19
CA PRO GC 186 59.90 1.52 -1.50
C PRO GC 186 59.57 0.34 -0.60
N ALA GC 187 60.53 -0.55 -0.47
CA ALA GC 187 60.36 -1.73 0.37
C ALA GC 187 60.19 -1.32 1.84
N GLY GC 188 59.28 -2.00 2.54
CA GLY GC 188 59.02 -1.67 3.93
C GLY GC 188 58.21 -0.41 4.13
N TRP GC 189 57.43 0.00 3.13
CA TRP GC 189 56.62 1.20 3.21
C TRP GC 189 55.15 0.79 3.28
N GLN GC 190 54.45 1.29 4.30
CA GLN GC 190 53.06 0.90 4.54
C GLN GC 190 52.07 2.01 4.26
N THR GC 191 52.49 3.28 4.33
CA THR GC 191 51.62 4.44 4.17
C THR GC 191 50.45 4.36 5.14
N PRO GC 192 50.67 4.56 6.44
CA PRO GC 192 49.59 4.41 7.41
C PRO GC 192 48.54 5.50 7.25
N LYS GC 193 47.34 5.19 7.73
CA LYS GC 193 46.20 6.11 7.67
C LYS GC 193 46.34 7.10 8.82
N ILE GC 194 46.66 8.36 8.48
CA ILE GC 194 46.86 9.37 9.50
C ILE GC 194 45.60 10.17 9.80
N TYR GC 195 44.68 10.27 8.85
CA TYR GC 195 43.45 11.03 9.07
C TYR GC 195 42.29 10.17 9.52
N LEU GC 196 42.29 8.88 9.17
CA LEU GC 196 41.21 7.97 9.53
C LEU GC 196 41.44 7.28 10.87
N LYS GC 197 42.26 7.86 11.74
CA LYS GC 197 42.51 7.27 13.05
C LYS GC 197 41.24 7.29 13.90
N ASN GC 198 40.96 6.18 14.56
CA ASN GC 198 39.78 6.07 15.39
C ASN GC 198 39.94 6.91 16.67
N GLN GC 199 38.82 7.25 17.28
CA GLN GC 199 38.80 8.03 18.50
C GLN GC 199 39.41 7.25 19.66
N GLU HC 53 -64.77 128.02 54.50
CA GLU HC 53 -64.29 129.38 54.74
C GLU HC 53 -62.78 129.39 55.00
N GLU HC 54 -62.31 128.36 55.71
CA GLU HC 54 -60.90 128.26 56.05
C GLU HC 54 -60.06 127.65 54.92
N VAL HC 55 -60.69 127.08 53.92
CA VAL HC 55 -59.97 126.44 52.83
C VAL HC 55 -59.42 127.50 51.88
N VAL HC 56 -58.14 127.38 51.54
CA VAL HC 56 -57.47 128.29 50.60
C VAL HC 56 -57.00 127.45 49.42
N ILE HC 57 -57.48 127.80 48.23
CA ILE HC 57 -57.13 127.10 47.00
C ILE HC 57 -56.49 128.10 46.05
N PRO HC 58 -55.19 128.04 45.82
CA PRO HC 58 -54.54 128.98 44.89
C PRO HC 58 -54.87 128.63 43.45
N LYS HC 59 -54.51 129.55 42.56
CA LYS HC 59 -54.71 129.38 41.13
C LYS HC 59 -53.48 128.76 40.48
N LYS HC 60 -53.70 128.11 39.34
CA LYS HC 60 -52.63 127.46 38.60
C LYS HC 60 -52.01 128.42 37.59
N LYS HC 61 -50.81 128.07 37.15
CA LYS HC 61 -50.07 128.84 36.16
C LYS HC 61 -49.87 127.97 34.93
N THR HC 62 -50.23 128.50 33.76
CA THR HC 62 -50.10 127.79 32.49
C THR HC 62 -48.93 128.39 31.72
N TRP HC 63 -47.99 127.53 31.31
CA TRP HC 63 -46.82 127.95 30.56
C TRP HC 63 -46.66 127.07 29.33
N ASP HC 64 -45.90 127.58 28.37
CA ASP HC 64 -45.67 126.86 27.12
C ASP HC 64 -44.73 125.68 27.36
N LYS HC 65 -44.62 124.81 26.35
CA LYS HC 65 -43.78 123.62 26.47
C LYS HC 65 -42.31 123.99 26.60
N VAL HC 66 -41.90 125.13 26.05
CA VAL HC 66 -40.52 125.55 26.07
C VAL HC 66 -40.29 126.77 26.95
N ALA HC 67 -41.31 127.21 27.69
CA ALA HC 67 -41.15 128.40 28.53
C ALA HC 67 -40.17 128.14 29.67
N ILE HC 68 -40.31 127.02 30.37
CA ILE HC 68 -39.38 126.70 31.45
C ILE HC 68 -37.99 126.42 30.89
N LEU HC 69 -37.90 125.79 29.73
CA LEU HC 69 -36.59 125.57 29.11
C LEU HC 69 -35.90 126.88 28.74
N GLN HC 70 -36.65 127.85 28.21
CA GLN HC 70 -36.09 129.18 27.98
C GLN HC 70 -35.69 129.87 29.28
N ALA HC 71 -36.48 129.70 30.34
CA ALA HC 71 -36.11 130.28 31.64
C ALA HC 71 -34.81 129.68 32.15
N LEU HC 72 -34.63 128.37 32.01
CA LEU HC 72 -33.38 127.73 32.38
C LEU HC 72 -32.23 128.18 31.50
N ALA HC 73 -32.47 128.35 30.19
CA ALA HC 73 -31.45 128.84 29.29
C ALA HC 73 -30.99 130.25 29.62
N SER HC 74 -31.92 131.12 30.06
CA SER HC 74 -31.55 132.48 30.43
C SER HC 74 -30.58 132.53 31.60
N THR HC 75 -30.55 131.48 32.44
CA THR HC 75 -29.61 131.46 33.55
C THR HC 75 -28.16 131.37 33.09
N VAL HC 76 -27.90 130.58 32.06
CA VAL HC 76 -26.55 130.36 31.55
C VAL HC 76 -26.33 131.27 30.34
N HIS HC 77 -25.31 132.12 30.41
CA HIS HC 77 -24.97 133.00 29.32
C HIS HC 77 -23.88 132.37 28.44
N ARG HC 78 -23.47 133.08 27.40
CA ARG HC 78 -22.46 132.57 26.49
C ARG HC 78 -21.10 132.51 27.17
N ASP HC 79 -20.39 131.41 26.94
CA ASP HC 79 -19.09 131.19 27.56
C ASP HC 79 -18.00 131.95 26.81
N SER HC 80 -16.87 132.16 27.49
CA SER HC 80 -15.77 132.93 26.95
C SER HC 80 -14.77 132.06 26.20
N THR HC 81 -14.23 131.04 26.87
CA THR HC 81 -13.20 130.19 26.31
C THR HC 81 -13.76 128.97 25.58
N ALA HC 82 -15.07 128.88 25.43
CA ALA HC 82 -15.71 127.73 24.80
C ALA HC 82 -15.95 127.99 23.32
N ALA HC 83 -15.72 126.96 22.51
CA ALA HC 83 -16.00 127.01 21.08
C ALA HC 83 -17.51 127.03 20.84
N PRO HC 84 -17.95 127.50 19.68
CA PRO HC 84 -19.39 127.47 19.37
C PRO HC 84 -19.95 126.06 19.42
N TYR HC 85 -21.22 125.98 19.86
CA TYR HC 85 -21.83 124.69 20.16
C TYR HC 85 -21.96 123.81 18.93
N VAL HC 86 -22.12 124.41 17.74
CA VAL HC 86 -22.32 123.60 16.54
C VAL HC 86 -21.07 122.79 16.22
N PHE HC 87 -19.89 123.38 16.39
CA PHE HC 87 -18.65 122.67 16.12
C PHE HC 87 -18.36 121.66 17.21
N GLN HC 88 -17.60 120.62 16.84
CA GLN HC 88 -17.15 119.65 17.82
C GLN HC 88 -16.13 120.27 18.76
N ASP HC 89 -16.18 119.86 20.02
CA ASP HC 89 -15.33 120.44 21.05
C ASP HC 89 -13.91 119.87 21.05
N ASP HC 90 -13.66 118.78 20.32
CA ASP HC 90 -12.32 118.23 20.27
C ASP HC 90 -11.39 119.19 19.53
N PRO HC 91 -10.18 119.40 20.04
CA PRO HC 91 -9.27 120.39 19.40
C PRO HC 91 -8.94 120.07 17.95
N TYR HC 92 -8.89 118.79 17.57
CA TYR HC 92 -8.61 118.44 16.19
C TYR HC 92 -9.74 118.85 15.25
N LEU HC 93 -10.94 119.08 15.78
CA LEU HC 93 -12.08 119.52 14.99
C LEU HC 93 -12.50 120.95 15.29
N ILE HC 94 -11.90 121.58 16.31
CA ILE HC 94 -12.20 122.99 16.58
C ILE HC 94 -11.63 123.86 15.47
N PRO HC 95 -12.43 124.75 14.88
CA PRO HC 95 -11.91 125.61 13.81
C PRO HC 95 -10.82 126.54 14.33
N THR HC 96 -9.85 126.82 13.46
CA THR HC 96 -8.73 127.69 13.80
C THR HC 96 -8.94 129.10 13.22
N SER HC 97 -9.42 129.20 11.98
CA SER HC 97 -9.67 130.47 11.33
C SER HC 97 -11.13 130.55 10.88
N SER HC 98 -11.52 131.73 10.42
CA SER HC 98 -12.88 131.95 9.94
C SER HC 98 -13.18 131.13 8.69
N VAL HC 99 -12.21 131.04 7.78
CA VAL HC 99 -12.40 130.20 6.59
C VAL HC 99 -12.52 128.73 6.98
N GLU HC 100 -11.74 128.27 7.95
CA GLU HC 100 -11.88 126.89 8.42
C GLU HC 100 -13.23 126.64 9.06
N SER HC 101 -13.72 127.59 9.86
CA SER HC 101 -15.05 127.43 10.47
C SER HC 101 -16.14 127.38 9.39
N HIS HC 102 -16.05 128.26 8.39
CA HIS HC 102 -17.02 128.25 7.31
C HIS HC 102 -16.97 126.94 6.52
N SER HC 103 -15.76 126.44 6.25
CA SER HC 103 -15.62 125.17 5.54
C SER HC 103 -16.16 124.00 6.36
N PHE HC 104 -15.94 124.01 7.68
CA PHE HC 104 -16.48 122.95 8.53
C PHE HC 104 -18.00 122.99 8.54
N LEU HC 105 -18.59 124.18 8.64
CA LEU HC 105 -20.05 124.29 8.59
C LEU HC 105 -20.59 123.81 7.25
N LEU HC 106 -19.94 124.18 6.15
CA LEU HC 106 -20.38 123.73 4.83
C LEU HC 106 -20.25 122.22 4.68
N ALA HC 107 -19.17 121.63 5.19
CA ALA HC 107 -19.02 120.18 5.14
C ALA HC 107 -20.10 119.47 5.95
N LYS HC 108 -20.41 120.00 7.14
CA LYS HC 108 -21.47 119.41 7.94
C LYS HC 108 -22.82 119.50 7.23
N LYS HC 109 -23.12 120.65 6.61
CA LYS HC 109 -24.37 120.79 5.89
C LYS HC 109 -24.41 119.89 4.64
N SER HC 110 -23.26 119.71 3.98
CA SER HC 110 -23.20 118.79 2.84
C SER HC 110 -23.40 117.35 3.28
N GLY HC 111 -22.91 116.96 4.45
CA GLY HC 111 -23.23 115.65 4.98
C GLY HC 111 -24.69 115.48 5.31
N GLU HC 112 -25.30 116.49 5.94
CA GLU HC 112 -26.73 116.43 6.27
C GLU HC 112 -27.57 116.32 5.01
N ASN HC 113 -27.32 117.16 4.01
CA ASN HC 113 -28.11 117.11 2.79
C ASN HC 113 -27.79 115.88 1.96
N ALA HC 114 -26.55 115.37 2.03
CA ALA HC 114 -26.26 114.10 1.37
C ALA HC 114 -27.06 112.96 1.97
N ALA HC 115 -27.17 112.91 3.30
CA ALA HC 115 -28.00 111.90 3.95
C ALA HC 115 -29.48 112.08 3.60
N LYS HC 116 -29.95 113.33 3.59
CA LYS HC 116 -31.35 113.58 3.23
C LYS HC 116 -31.64 113.16 1.80
N PHE HC 117 -30.66 113.33 0.90
CA PHE HC 117 -30.83 112.87 -0.47
C PHE HC 117 -31.04 111.36 -0.54
N ILE HC 118 -30.25 110.60 0.21
CA ILE HC 118 -30.44 109.15 0.23
C ILE HC 118 -31.79 108.80 0.86
N ILE HC 119 -32.18 109.50 1.92
CA ILE HC 119 -33.47 109.23 2.56
C ILE HC 119 -34.61 109.44 1.58
N ASN HC 120 -34.55 110.54 0.82
CA ASN HC 120 -35.60 110.82 -0.16
C ASN HC 120 -35.55 109.85 -1.34
N SER HC 121 -34.35 109.44 -1.75
CA SER HC 121 -34.23 108.53 -2.88
C SER HC 121 -34.69 107.11 -2.53
N TYR HC 122 -34.61 106.72 -1.27
CA TYR HC 122 -35.02 105.39 -0.82
C TYR HC 122 -36.00 105.54 0.33
N PRO HC 123 -37.25 105.93 0.04
CA PRO HC 123 -38.24 106.09 1.11
C PRO HC 123 -38.70 104.79 1.75
N LYS HC 124 -38.68 103.68 1.01
CA LYS HC 124 -39.20 102.42 1.55
C LYS HC 124 -38.35 101.89 2.70
N TYR HC 125 -37.11 102.36 2.84
CA TYR HC 125 -36.25 101.95 3.94
C TYR HC 125 -36.50 102.73 5.22
N PHE HC 126 -37.38 103.75 5.18
CA PHE HC 126 -37.70 104.55 6.34
C PHE HC 126 -39.19 104.58 6.63
N GLN HC 127 -39.97 103.71 6.00
CA GLN HC 127 -41.40 103.68 6.22
C GLN HC 127 -41.78 103.14 7.60
N LYS HC 128 -40.90 102.38 8.23
CA LYS HC 128 -41.18 101.82 9.55
C LYS HC 128 -41.07 102.91 10.60
N ASP HC 129 -42.09 103.06 11.43
CA ASP HC 129 -42.14 104.06 12.49
C ASP HC 129 -42.02 103.38 13.84
N ILE HC 130 -41.13 103.91 14.68
CA ILE HC 130 -40.91 103.35 16.01
C ILE HC 130 -41.43 104.26 17.12
N ALA HC 131 -41.32 105.58 16.97
CA ALA HC 131 -41.76 106.48 18.02
C ALA HC 131 -43.28 106.52 18.10
N GLU HC 132 -43.79 106.46 19.33
CA GLU HC 132 -45.24 106.57 19.54
C GLU HC 132 -45.79 107.91 19.08
N PRO HC 133 -45.20 109.06 19.40
CA PRO HC 133 -45.78 110.34 18.94
C PRO HC 133 -45.80 110.50 17.43
N HIS HC 134 -45.04 109.70 16.69
CA HIS HC 134 -45.04 109.71 15.22
C HIS HC 134 -44.64 111.09 14.69
N ILE HC 135 -43.40 111.45 14.96
CA ILE HC 135 -42.83 112.73 14.53
C ILE HC 135 -42.81 112.76 13.00
N PRO HC 136 -43.46 113.74 12.37
CA PRO HC 136 -43.52 113.76 10.90
C PRO HC 136 -42.27 114.31 10.23
N CYS HC 137 -41.46 115.10 10.92
CA CYS HC 137 -40.30 115.71 10.30
C CYS HC 137 -39.21 114.70 9.96
N LEU HC 138 -39.19 113.56 10.61
CA LEU HC 138 -38.22 112.51 10.31
C LEU HC 138 -38.70 111.56 9.23
N MET HC 139 -39.94 111.70 8.76
CA MET HC 139 -40.47 110.83 7.73
C MET HC 139 -39.91 111.20 6.36
N PRO HC 140 -39.70 110.22 5.48
CA PRO HC 140 -39.22 110.53 4.13
C PRO HC 140 -40.24 111.30 3.33
N GLU HC 141 -39.75 112.14 2.42
CA GLU HC 141 -40.59 112.95 1.56
C GLU HC 141 -40.67 112.34 0.16
N TYR HC 142 -41.76 112.69 -0.54
CA TYR HC 142 -42.03 112.17 -1.86
C TYR HC 142 -42.15 113.32 -2.85
N PHE HC 143 -41.51 113.19 -4.01
CA PHE HC 143 -41.54 114.22 -5.05
C PHE HC 143 -42.30 113.78 -6.29
N GLU HC 144 -43.19 112.78 -6.16
CA GLU HC 144 -43.93 112.30 -7.32
C GLU HC 144 -45.42 112.61 -7.17
N PRO HC 145 -46.09 112.96 -8.27
CA PRO HC 145 -47.53 113.24 -8.20
C PRO HC 145 -48.33 111.99 -7.86
N GLN HC 146 -49.46 112.21 -7.19
CA GLN HC 146 -50.34 111.10 -6.83
C GLN HC 146 -51.15 110.61 -8.03
N ILE HC 147 -51.57 111.53 -8.90
CA ILE HC 147 -52.43 111.21 -10.03
C ILE HC 147 -51.79 111.76 -11.29
N GLU HC 148 -51.72 110.93 -12.33
CA GLU HC 148 -51.09 111.29 -13.59
C GLU HC 148 -52.09 111.53 -14.72
N ASP HC 149 -53.15 110.74 -14.79
CA ASP HC 149 -54.10 110.85 -15.90
C ASP HC 149 -54.97 112.09 -15.78
N VAL HC 150 -55.45 112.41 -14.58
CA VAL HC 150 -56.34 113.54 -14.40
C VAL HC 150 -55.53 114.83 -14.41
N SER HC 151 -55.87 115.74 -15.31
CA SER HC 151 -55.14 117.00 -15.43
C SER HC 151 -55.37 117.90 -14.23
N GLU HC 152 -56.60 117.95 -13.72
CA GLU HC 152 -56.91 118.80 -12.57
C GLU HC 152 -56.15 118.37 -11.32
N ALA HC 153 -55.89 117.08 -11.16
CA ALA HC 153 -55.10 116.60 -10.04
C ALA HC 153 -53.60 116.62 -10.31
N ALA HC 154 -53.19 116.53 -11.58
CA ALA HC 154 -51.77 116.60 -11.91
C ALA HC 154 -51.23 118.02 -11.79
N LEU HC 155 -52.02 119.02 -12.17
CA LEU HC 155 -51.56 120.40 -12.08
C LEU HC 155 -51.28 120.79 -10.63
N GLN HC 156 -52.21 120.46 -9.72
CA GLN HC 156 -52.03 120.83 -8.33
C GLN HC 156 -50.91 120.05 -7.66
N GLU HC 157 -50.60 118.85 -8.15
CA GLU HC 157 -49.45 118.10 -7.64
C GLU HC 157 -48.12 118.63 -8.17
N ARG HC 158 -48.10 119.09 -9.43
CA ARG HC 158 -46.85 119.52 -10.03
C ARG HC 158 -46.52 120.99 -9.80
N ILE HC 159 -47.49 121.82 -9.39
CA ILE HC 159 -47.18 123.22 -9.12
C ILE HC 159 -46.24 123.33 -7.92
N LYS HC 160 -46.51 122.56 -6.86
CA LYS HC 160 -45.70 122.64 -5.65
C LYS HC 160 -44.41 121.84 -5.74
N LEU HC 161 -44.28 120.97 -6.73
CA LEU HC 161 -43.08 120.14 -6.86
C LEU HC 161 -42.45 120.29 -8.24
N UNK HC 204 -40.55 122.60 -11.34
CA UNK HC 204 -40.34 123.71 -12.26
C UNK HC 204 -40.45 123.24 -13.71
N UNK HC 205 -39.56 122.31 -14.10
CA UNK HC 205 -39.60 121.79 -15.46
C UNK HC 205 -40.87 121.02 -15.74
N UNK HC 206 -41.33 120.21 -14.79
CA UNK HC 206 -42.57 119.45 -14.98
C UNK HC 206 -43.80 120.33 -14.89
N UNK HC 207 -43.66 121.55 -14.34
CA UNK HC 207 -44.81 122.45 -14.25
C UNK HC 207 -45.34 122.83 -15.62
N UNK HC 208 -44.44 123.15 -16.57
CA UNK HC 208 -44.87 123.46 -17.92
C UNK HC 208 -45.43 122.24 -18.64
N UNK HC 209 -44.84 121.06 -18.40
CA UNK HC 209 -45.34 119.84 -19.03
C UNK HC 209 -46.73 119.44 -18.53
N UNK HC 210 -47.02 119.67 -17.24
CA UNK HC 210 -48.35 119.40 -16.73
C UNK HC 210 -49.40 120.27 -17.42
N UNK HC 211 -49.09 121.57 -17.59
CA UNK HC 211 -50.03 122.46 -18.29
C UNK HC 211 -50.16 122.08 -19.75
N UNK HC 212 -49.05 121.69 -20.40
CA UNK HC 212 -49.12 121.25 -21.79
C UNK HC 212 -49.96 120.00 -21.96
N UNK HC 213 -49.85 119.04 -21.05
CA UNK HC 213 -50.70 117.86 -21.09
C UNK HC 213 -52.16 118.19 -20.78
N UNK HC 214 -52.42 119.10 -19.84
CA UNK HC 214 -53.78 119.49 -19.54
C UNK HC 214 -54.45 120.17 -20.72
N UNK HC 215 -53.72 121.04 -21.43
CA UNK HC 215 -54.28 121.71 -22.60
C UNK HC 215 -54.37 120.80 -23.82
N UNK HC 216 -53.74 119.63 -23.79
CA UNK HC 216 -53.80 118.73 -24.93
C UNK HC 216 -55.19 118.15 -25.13
N UNK HC 217 -55.91 117.90 -24.03
CA UNK HC 217 -57.25 117.32 -24.09
C UNK HC 217 -58.36 118.36 -24.04
N UNK HC 218 -58.02 119.63 -24.28
CA UNK HC 218 -58.99 120.73 -24.26
C UNK HC 218 -59.73 120.80 -22.92
N UNK HC 219 -58.97 120.64 -21.84
CA UNK HC 219 -59.52 120.72 -20.50
C UNK HC 219 -59.62 122.17 -20.07
N UNK HC 220 -60.78 122.55 -19.53
CA UNK HC 220 -61.01 123.92 -19.09
C UNK HC 220 -60.37 124.14 -17.72
N UNK HC 221 -59.48 125.12 -17.64
CA UNK HC 221 -58.80 125.45 -16.39
C UNK HC 221 -59.39 126.73 -15.81
N UNK HC 222 -59.72 126.68 -14.52
CA UNK HC 222 -60.31 127.83 -13.84
C UNK HC 222 -59.23 128.85 -13.50
N UNK HC 223 -59.60 129.91 -12.80
CA UNK HC 223 -58.66 130.97 -12.45
C UNK HC 223 -57.83 130.63 -11.22
N UNK HC 224 -58.12 129.51 -10.55
CA UNK HC 224 -57.37 129.12 -9.36
C UNK HC 224 -56.15 128.28 -9.68
N UNK HC 225 -56.27 127.25 -10.53
CA UNK HC 225 -55.13 126.43 -10.89
C UNK HC 225 -54.12 127.22 -11.72
N UNK HC 226 -54.61 128.09 -12.61
CA UNK HC 226 -53.74 128.89 -13.45
C UNK HC 226 -52.94 129.91 -12.66
N UNK HC 227 -53.51 130.50 -11.61
CA UNK HC 227 -52.76 131.41 -10.76
C UNK HC 227 -51.59 130.71 -10.09
N UNK HC 228 -51.81 129.51 -9.55
CA UNK HC 228 -50.72 128.76 -8.93
C UNK HC 228 -49.69 128.31 -9.95
N UNK HC 229 -50.13 127.91 -11.15
CA UNK HC 229 -49.17 127.53 -12.19
C UNK HC 229 -48.31 128.72 -12.59
N UNK HC 230 -48.91 129.92 -12.70
CA UNK HC 230 -48.13 131.10 -13.03
C UNK HC 230 -47.21 131.51 -11.89
N UNK HC 231 -47.66 131.35 -10.64
CA UNK HC 231 -46.80 131.68 -9.50
C UNK HC 231 -45.62 130.73 -9.40
N UNK HC 232 -45.80 129.45 -9.76
CA UNK HC 232 -44.68 128.52 -9.78
C UNK HC 232 -43.61 128.96 -10.78
N UNK HC 233 -44.01 129.40 -11.96
CA UNK HC 233 -43.06 129.93 -12.93
C UNK HC 233 -42.42 131.23 -12.47
N UNK HC 234 -43.20 132.12 -11.85
CA UNK HC 234 -42.65 133.38 -11.35
C UNK HC 234 -41.65 133.19 -10.23
N UNK HC 235 -41.83 132.17 -9.38
CA UNK HC 235 -40.90 131.93 -8.29
C UNK HC 235 -39.54 131.46 -8.81
N UNK HC 236 -39.55 130.55 -9.79
CA UNK HC 236 -38.31 129.98 -10.29
C UNK HC 236 -37.64 130.90 -11.31
N UNK HC 237 -38.34 131.20 -12.40
CA UNK HC 237 -37.76 132.02 -13.46
C UNK HC 237 -37.97 133.51 -13.18
N THR HC 238 -36.37 134.34 -20.60
CA THR HC 238 -36.99 135.60 -20.96
C THR HC 238 -38.09 135.39 -22.02
N TRP HC 239 -37.73 134.70 -23.10
CA TRP HC 239 -38.70 134.42 -24.15
C TRP HC 239 -39.80 133.47 -23.68
N ARG HC 240 -39.46 132.49 -22.83
CA ARG HC 240 -40.47 131.60 -22.27
C ARG HC 240 -41.45 132.33 -21.37
N THR HC 241 -41.03 133.42 -20.74
CA THR HC 241 -41.93 134.18 -19.87
C THR HC 241 -43.10 134.76 -20.66
N LYS HC 242 -42.83 135.33 -21.85
CA LYS HC 242 -43.91 135.85 -22.68
C LYS HC 242 -44.84 134.75 -23.15
N ASN HC 243 -44.29 133.59 -23.53
CA ASN HC 243 -45.13 132.47 -23.95
C ASN HC 243 -46.03 132.00 -22.82
N ASN HC 244 -45.50 131.90 -21.59
CA ASN HC 244 -46.31 131.53 -20.45
C ASN HC 244 -47.35 132.59 -20.11
N ALA HC 245 -47.00 133.86 -20.22
CA ALA HC 245 -47.95 134.93 -19.90
C ALA HC 245 -49.05 135.03 -20.95
N GLU HC 246 -48.78 134.64 -22.19
CA GLU HC 246 -49.82 134.66 -23.21
C GLU HC 246 -50.98 133.73 -22.90
N ARG HC 247 -50.70 132.54 -22.36
CA ARG HC 247 -51.76 131.60 -21.99
C ARG HC 247 -52.50 132.03 -20.74
N ILE HC 248 -51.99 133.00 -20.00
CA ILE HC 248 -52.66 133.53 -18.82
C ILE HC 248 -53.89 134.34 -19.19
N PHE HC 249 -53.78 135.16 -20.22
CA PHE HC 249 -54.89 136.02 -20.63
C PHE HC 249 -55.61 135.47 -21.87
N ALA HC 250 -54.87 135.07 -22.90
CA ALA HC 250 -55.51 134.65 -24.14
C ALA HC 250 -56.35 133.39 -23.95
N LEU HC 251 -55.83 132.41 -23.22
CA LEU HC 251 -56.56 131.15 -23.06
C LEU HC 251 -57.80 131.33 -22.20
N MET HC 252 -57.66 132.00 -21.05
CA MET HC 252 -58.76 132.15 -20.11
C MET HC 252 -58.80 133.57 -19.56
N PRO HC 253 -59.99 134.13 -19.36
CA PRO HC 253 -60.08 135.46 -18.73
C PRO HC 253 -59.76 135.40 -17.24
N GLU HC 254 -58.48 135.34 -16.90
CA GLU HC 254 -58.08 135.21 -15.50
C GLU HC 254 -58.35 136.50 -14.74
N LYS HC 255 -58.51 136.37 -13.43
CA LYS HC 255 -58.73 137.53 -12.58
C LYS HC 255 -57.48 138.40 -12.53
N ASN HC 256 -57.70 139.72 -12.51
CA ASN HC 256 -56.58 140.64 -12.41
C ASN HC 256 -55.80 140.46 -11.12
N ALA HC 257 -56.49 140.09 -10.04
CA ALA HC 257 -55.80 139.86 -8.77
C ALA HC 257 -54.78 138.74 -8.88
N HIS HC 258 -55.12 137.67 -9.59
CA HIS HC 258 -54.21 136.55 -9.82
C HIS HC 258 -53.27 136.80 -10.99
N SER HC 259 -53.53 137.83 -11.80
CA SER HC 259 -52.65 138.13 -12.93
C SER HC 259 -51.49 139.04 -12.53
N TYR HC 260 -51.78 140.11 -11.77
CA TYR HC 260 -50.70 141.02 -11.42
C TYR HC 260 -49.71 140.39 -10.43
N CYS HC 261 -50.20 139.58 -9.49
CA CYS HC 261 -49.31 138.94 -8.51
C CYS HC 261 -48.25 138.08 -9.18
N THR HC 262 -48.50 137.63 -10.41
CA THR HC 262 -47.50 136.94 -11.22
C THR HC 262 -46.71 137.91 -12.09
N MET HC 263 -47.39 138.72 -12.89
CA MET HC 263 -46.70 139.47 -13.93
C MET HC 263 -45.82 140.57 -13.35
N ILE HC 264 -46.34 141.33 -12.37
CA ILE HC 264 -45.58 142.44 -11.82
C ILE HC 264 -44.33 141.94 -11.13
N ARG HC 265 -44.44 140.85 -10.35
CA ARG HC 265 -43.29 140.29 -9.65
C ARG HC 265 -42.38 139.49 -10.57
N GLY HC 266 -42.85 139.11 -11.75
CA GLY HC 266 -42.01 138.39 -12.68
C GLY HC 266 -41.19 139.29 -13.59
N MET HC 267 -41.78 140.41 -14.02
CA MET HC 267 -41.09 141.30 -14.94
C MET HC 267 -40.03 142.16 -14.30
N VAL HC 268 -40.07 142.34 -12.97
CA VAL HC 268 -39.07 143.19 -12.31
C VAL HC 268 -37.68 142.56 -12.43
N LYS HC 269 -37.57 141.24 -12.24
CA LYS HC 269 -36.30 140.57 -12.42
C LYS HC 269 -35.95 140.36 -13.89
N HIS HC 270 -36.93 140.53 -14.79
CA HIS HC 270 -36.67 140.48 -16.22
C HIS HC 270 -36.36 141.86 -16.81
N GLN HC 271 -36.44 142.91 -15.99
CA GLN HC 271 -36.16 144.29 -16.44
C GLN HC 271 -37.12 144.70 -17.56
N ALA HC 272 -38.42 144.69 -17.23
CA ALA HC 272 -39.46 145.08 -18.19
C ALA HC 272 -40.64 145.64 -17.42
N PRO HC 273 -40.52 146.88 -16.93
CA PRO HC 273 -41.62 147.50 -16.17
C PRO HC 273 -42.68 148.19 -17.00
N THR HC 274 -42.44 148.40 -18.30
CA THR HC 274 -43.45 149.05 -19.13
C THR HC 274 -44.68 148.16 -19.30
N GLN HC 275 -44.51 146.84 -19.29
CA GLN HC 275 -45.65 145.93 -19.29
C GLN HC 275 -46.44 146.02 -17.99
N ALA HC 276 -45.75 146.14 -16.85
CA ALA HC 276 -46.43 146.30 -15.57
C ALA HC 276 -47.19 147.62 -15.50
N LEU HC 277 -46.64 148.67 -16.10
CA LEU HC 277 -47.31 149.96 -16.12
C LEU HC 277 -48.61 149.91 -16.91
N ASN HC 278 -48.68 149.10 -17.98
CA ASN HC 278 -49.93 148.94 -18.70
C ASN HC 278 -50.92 148.08 -17.93
N LEU HC 279 -50.42 147.04 -17.25
CA LEU HC 279 -51.29 146.20 -16.44
C LEU HC 279 -51.90 146.96 -15.28
N TYR HC 280 -51.18 147.95 -14.73
CA TYR HC 280 -51.78 148.79 -13.69
C TYR HC 280 -52.99 149.55 -14.22
N THR HC 281 -52.88 150.13 -15.42
CA THR HC 281 -54.03 150.79 -16.03
C THR HC 281 -55.14 149.80 -16.34
N VAL HC 282 -54.78 148.59 -16.77
CA VAL HC 282 -55.79 147.58 -17.09
C VAL HC 282 -56.59 147.22 -15.84
N LEU HC 283 -55.89 146.97 -14.72
CA LEU HC 283 -56.59 146.65 -13.48
C LEU HC 283 -57.35 147.84 -12.91
N LEU HC 284 -56.86 149.07 -13.12
CA LEU HC 284 -57.62 150.25 -12.71
C LEU HC 284 -58.91 150.38 -13.51
N ASN HC 285 -58.87 150.11 -14.81
CA ASN HC 285 -60.07 150.18 -15.63
C ASN HC 285 -61.02 149.03 -15.38
N ASN HC 286 -60.53 147.86 -14.98
CA ASN HC 286 -61.37 146.71 -14.70
C ASN HC 286 -62.07 146.80 -13.35
N ARG HC 287 -62.04 147.97 -12.70
CA ARG HC 287 -62.74 148.27 -11.46
C ARG HC 287 -62.29 147.41 -10.28
N LEU HC 288 -61.19 146.68 -10.42
CA LEU HC 288 -60.65 145.88 -9.34
C LEU HC 288 -59.54 146.66 -8.63
N ARG HC 289 -59.63 146.73 -7.30
CA ARG HC 289 -58.66 147.47 -6.52
C ARG HC 289 -57.31 146.76 -6.52
N ALA HC 290 -56.26 147.52 -6.27
CA ALA HC 290 -54.91 146.99 -6.22
C ALA HC 290 -54.48 146.82 -4.77
N ASP HC 291 -53.88 145.67 -4.47
CA ASP HC 291 -53.49 145.33 -3.11
C ASP HC 291 -52.18 146.05 -2.75
N VAL HC 292 -51.65 145.77 -1.56
CA VAL HC 292 -50.43 146.42 -1.10
C VAL HC 292 -49.24 146.02 -1.98
N TYR HC 293 -49.13 144.72 -2.31
CA TYR HC 293 -47.99 144.22 -3.06
C TYR HC 293 -47.91 144.80 -4.47
N THR HC 294 -49.03 145.24 -5.04
CA THR HC 294 -49.00 145.88 -6.35
C THR HC 294 -48.17 147.16 -6.30
N PHE HC 295 -48.52 148.05 -5.37
CA PHE HC 295 -47.76 149.29 -5.19
C PHE HC 295 -46.40 149.06 -4.57
N ASN HC 296 -46.19 147.93 -3.88
CA ASN HC 296 -44.87 147.60 -3.38
C ASN HC 296 -43.86 147.41 -4.52
N SER HC 297 -44.33 146.95 -5.67
CA SER HC 297 -43.47 146.72 -6.82
C SER HC 297 -43.55 147.81 -7.88
N LEU HC 298 -44.71 148.45 -8.04
CA LEU HC 298 -44.86 149.46 -9.09
C LEU HC 298 -44.01 150.70 -8.82
N ILE HC 299 -43.89 151.11 -7.56
CA ILE HC 299 -43.08 152.28 -7.25
C ILE HC 299 -41.62 152.01 -7.57
N GLU HC 300 -41.11 150.81 -7.25
CA GLU HC 300 -39.74 150.47 -7.60
C GLU HC 300 -39.57 150.36 -9.11
N ALA HC 301 -40.56 149.79 -9.81
CA ALA HC 301 -40.48 149.66 -11.25
C ALA HC 301 -40.41 151.02 -11.93
N THR HC 302 -41.22 151.98 -11.51
CA THR HC 302 -41.18 153.31 -12.10
C THR HC 302 -39.98 154.13 -11.61
N ALA HC 303 -39.44 153.85 -10.43
CA ALA HC 303 -38.29 154.60 -9.95
C ALA HC 303 -37.00 154.13 -10.61
N LEU HC 304 -36.84 152.83 -10.86
CA LEU HC 304 -35.59 152.33 -11.40
C LEU HC 304 -35.33 152.82 -12.83
N VAL HC 305 -36.38 153.14 -13.58
CA VAL HC 305 -36.24 153.65 -14.94
C VAL HC 305 -36.12 155.17 -14.85
N VAL HC 306 -34.91 155.69 -15.04
CA VAL HC 306 -34.63 157.11 -14.96
C VAL HC 306 -33.87 157.52 -16.21
N ASN HC 307 -34.36 158.57 -16.89
CA ASN HC 307 -33.73 159.09 -18.10
C ASN HC 307 -33.64 160.61 -17.95
N GLU HC 308 -32.56 161.08 -17.32
CA GLU HC 308 -32.26 162.49 -17.13
C GLU HC 308 -33.33 163.23 -16.33
N LYS HC 309 -34.18 162.52 -15.59
CA LYS HC 309 -35.22 163.16 -14.80
C LYS HC 309 -35.57 162.26 -13.61
N PHE HC 310 -35.55 162.85 -12.41
CA PHE HC 310 -36.00 162.16 -11.21
C PHE HC 310 -37.28 162.74 -10.62
N GLU HC 311 -37.55 164.03 -10.87
CA GLU HC 311 -38.72 164.68 -10.30
C GLU HC 311 -40.03 164.09 -10.83
N GLU HC 312 -40.10 163.80 -12.12
CA GLU HC 312 -41.31 163.21 -12.68
C GLU HC 312 -41.55 161.81 -12.11
N LYS HC 313 -40.49 161.02 -11.98
CA LYS HC 313 -40.63 159.68 -11.39
C LYS HC 313 -41.05 159.74 -9.92
N TRP HC 314 -40.50 160.70 -9.15
CA TRP HC 314 -40.93 160.86 -7.77
C TRP HC 314 -42.38 161.32 -7.69
N ASN HC 315 -42.79 162.21 -8.58
CA ASN HC 315 -44.18 162.66 -8.61
C ASN HC 315 -45.13 161.53 -8.99
N ASN HC 316 -44.69 160.62 -9.87
CA ASN HC 316 -45.52 159.45 -10.17
C ASN HC 316 -45.71 158.58 -8.94
N ILE HC 317 -44.67 158.38 -8.14
CA ILE HC 317 -44.80 157.61 -6.91
C ILE HC 317 -45.73 158.33 -5.93
N LEU HC 318 -45.63 159.66 -5.87
CA LEU HC 318 -46.53 160.42 -5.02
C LEU HC 318 -47.99 160.28 -5.45
N ASP HC 319 -48.25 160.31 -6.77
CA ASP HC 319 -49.60 160.08 -7.27
C ASP HC 319 -50.09 158.67 -6.96
N LEU HC 320 -49.21 157.67 -7.07
CA LEU HC 320 -49.59 156.32 -6.69
C LEU HC 320 -49.92 156.21 -5.21
N LEU HC 321 -49.15 156.87 -4.36
CA LEU HC 321 -49.47 156.88 -2.93
C LEU HC 321 -50.80 157.56 -2.66
N LYS HC 322 -51.06 158.69 -3.31
CA LYS HC 322 -52.32 159.40 -3.06
C LYS HC 322 -53.52 158.64 -3.61
N GLN HC 323 -53.32 157.83 -4.65
CA GLN HC 323 -54.37 156.94 -5.13
C GLN HC 323 -54.54 155.71 -4.25
N MET HC 324 -53.47 155.30 -3.55
CA MET HC 324 -53.55 154.14 -2.67
C MET HC 324 -54.58 154.34 -1.56
N VAL HC 325 -54.56 155.50 -0.91
CA VAL HC 325 -55.56 155.77 0.13
C VAL HC 325 -56.96 155.91 -0.47
N THR HC 326 -57.08 156.47 -1.68
CA THR HC 326 -58.38 156.58 -2.32
C THR HC 326 -58.97 155.20 -2.63
N GLN HC 327 -58.14 154.25 -3.03
CA GLN HC 327 -58.61 152.91 -3.35
C GLN HC 327 -58.96 152.08 -2.11
N ASN HC 328 -59.04 152.71 -0.94
CA ASN HC 328 -59.45 152.07 0.30
C ASN HC 328 -58.52 150.91 0.70
N VAL HC 329 -57.24 151.02 0.39
CA VAL HC 329 -56.24 150.04 0.81
C VAL HC 329 -55.21 150.78 1.67
N LYS HC 330 -55.05 150.35 2.91
CA LYS HC 330 -54.12 150.98 3.83
C LYS HC 330 -52.68 150.64 3.44
N PRO HC 331 -51.80 151.64 3.38
CA PRO HC 331 -50.39 151.36 3.06
C PRO HC 331 -49.72 150.59 4.19
N ASN HC 332 -49.17 149.43 3.87
CA ASN HC 332 -48.54 148.58 4.86
C ASN HC 332 -47.12 149.09 5.16
N LEU HC 333 -46.42 148.38 6.04
CA LEU HC 333 -45.04 148.76 6.37
C LEU HC 333 -44.13 148.60 5.16
N GLN HC 334 -44.32 147.54 4.37
CA GLN HC 334 -43.43 147.27 3.26
C GLN HC 334 -43.56 148.30 2.13
N THR HC 335 -44.73 148.93 1.98
CA THR HC 335 -44.86 149.97 0.97
C THR HC 335 -43.94 151.14 1.26
N PHE HC 336 -43.97 151.65 2.50
CA PHE HC 336 -43.06 152.70 2.90
C PHE HC 336 -41.61 152.23 2.91
N ASN HC 337 -41.36 150.97 3.30
CA ASN HC 337 -40.00 150.45 3.25
C ASN HC 337 -39.46 150.45 1.82
N THR HC 338 -40.28 150.06 0.84
CA THR HC 338 -39.83 150.05 -0.54
C THR HC 338 -39.65 151.46 -1.09
N ILE HC 339 -40.58 152.38 -0.79
CA ILE HC 339 -40.41 153.75 -1.27
C ILE HC 339 -39.19 154.40 -0.64
N LEU HC 340 -38.82 153.98 0.57
CA LEU HC 340 -37.60 154.47 1.19
C LEU HC 340 -36.35 153.80 0.60
N LYS HC 341 -36.44 152.52 0.26
CA LYS HC 341 -35.32 151.84 -0.39
C LYS HC 341 -35.06 152.37 -1.80
N CYS HC 342 -36.08 152.88 -2.48
CA CYS HC 342 -35.90 153.38 -3.84
C CYS HC 342 -35.18 154.71 -3.92
N LEU HC 343 -35.08 155.45 -2.81
CA LEU HC 343 -34.49 156.79 -2.83
C LEU HC 343 -33.01 156.80 -2.50
N ARG HC 344 -32.39 155.65 -2.20
CA ARG HC 344 -31.00 155.61 -1.78
C ARG HC 344 -30.03 155.72 -2.95
N ARG HC 345 -30.39 155.18 -4.12
CA ARG HC 345 -29.46 154.99 -5.21
C ARG HC 345 -29.48 156.12 -6.25
N PHE HC 346 -30.30 157.15 -6.04
CA PHE HC 346 -30.47 158.20 -7.04
C PHE HC 346 -29.91 159.54 -6.58
N TYR HC 347 -30.37 160.06 -5.43
CA TYR HC 347 -29.97 161.36 -4.94
C TYR HC 347 -29.43 161.24 -3.52
N ALA HC 348 -28.27 161.85 -3.28
CA ALA HC 348 -27.75 161.97 -1.93
C ALA HC 348 -28.40 163.11 -1.15
N PHE HC 349 -29.09 164.01 -1.84
CA PHE HC 349 -29.82 165.10 -1.20
C PHE HC 349 -31.30 164.77 -1.02
N GLY HC 350 -31.71 163.54 -1.33
CA GLY HC 350 -33.08 163.10 -1.22
C GLY HC 350 -33.49 162.60 0.14
N LYS HC 351 -32.74 162.95 1.19
CA LYS HC 351 -33.08 162.53 2.53
C LYS HC 351 -34.25 163.30 3.14
N LEU HC 352 -34.61 164.46 2.58
CA LEU HC 352 -35.75 165.19 3.10
C LEU HC 352 -37.06 164.42 2.93
N PRO HC 353 -37.42 163.92 1.74
CA PRO HC 353 -38.61 163.06 1.65
C PRO HC 353 -38.49 161.77 2.44
N ALA HC 354 -37.28 161.24 2.60
CA ALA HC 354 -37.08 160.07 3.45
C ALA HC 354 -37.47 160.35 4.90
N LEU HC 355 -37.01 161.48 5.45
CA LEU HC 355 -37.41 161.87 6.80
C LEU HC 355 -38.90 162.16 6.87
N GLN HC 356 -39.46 162.81 5.84
CA GLN HC 356 -40.88 163.13 5.86
C GLN HC 356 -41.73 161.86 5.89
N THR HC 357 -41.38 160.85 5.07
CA THR HC 357 -42.13 159.61 5.10
C THR HC 357 -41.84 158.78 6.35
N LEU HC 358 -40.65 158.90 6.93
CA LEU HC 358 -40.38 158.25 8.21
C LEU HC 358 -41.31 158.80 9.29
N ARG HC 359 -41.47 160.13 9.33
CA ARG HC 359 -42.41 160.72 10.27
C ARG HC 359 -43.87 160.40 9.92
N GLU HC 360 -44.20 160.33 8.63
CA GLU HC 360 -45.55 159.97 8.24
C GLU HC 360 -45.93 158.56 8.69
N MET HC 361 -44.99 157.61 8.59
CA MET HC 361 -45.23 156.27 9.09
C MET HC 361 -45.43 156.23 10.59
N LYS HC 362 -44.68 157.04 11.34
CA LYS HC 362 -44.92 157.18 12.78
C LYS HC 362 -46.31 157.73 13.05
N ALA HC 363 -46.74 158.72 12.25
CA ALA HC 363 -48.04 159.35 12.46
C ALA HC 363 -49.21 158.39 12.26
N ILE HC 364 -48.99 157.25 11.60
CA ILE HC 364 -50.07 156.29 11.39
C ILE HC 364 -50.25 155.33 12.58
N GLY HC 365 -49.16 154.90 13.21
CA GLY HC 365 -49.23 153.99 14.32
C GLY HC 365 -48.55 152.66 14.13
N ILE HC 366 -47.85 152.46 13.02
CA ILE HC 366 -47.11 151.23 12.76
C ILE HC 366 -45.63 151.49 13.07
N GLU HC 367 -45.08 150.69 13.96
CA GLU HC 367 -43.67 150.84 14.32
C GLU HC 367 -42.80 150.36 13.17
N PRO HC 368 -41.92 151.21 12.63
CA PRO HC 368 -41.06 150.78 11.52
C PRO HC 368 -40.11 149.68 11.94
N SER HC 369 -39.78 148.80 11.00
CA SER HC 369 -38.85 147.71 11.26
C SER HC 369 -37.41 148.23 11.16
N LEU HC 370 -36.45 147.30 11.17
CA LEU HC 370 -35.05 147.68 11.15
C LEU HC 370 -34.59 148.17 9.79
N ALA HC 371 -35.18 147.65 8.71
CA ALA HC 371 -34.77 148.07 7.37
C ALA HC 371 -35.14 149.52 7.08
N THR HC 372 -36.25 149.99 7.65
CA THR HC 372 -36.64 151.39 7.47
C THR HC 372 -35.58 152.33 8.01
N TYR HC 373 -35.08 152.05 9.23
CA TYR HC 373 -33.97 152.83 9.75
C TYR HC 373 -32.67 152.55 9.02
N HIS HC 374 -32.48 151.34 8.51
CA HIS HC 374 -31.25 151.00 7.80
C HIS HC 374 -31.09 151.85 6.54
N TYR HC 375 -32.17 152.02 5.78
CA TYR HC 375 -32.09 152.84 4.57
C TYR HC 375 -31.79 154.30 4.89
N VAL HC 376 -32.42 154.84 5.95
CA VAL HC 376 -32.15 156.22 6.35
C VAL HC 376 -30.70 156.38 6.79
N ILE HC 377 -30.19 155.42 7.57
CA ILE HC 377 -28.80 155.50 8.02
C ILE HC 377 -27.86 155.35 6.84
N GLN HC 378 -28.21 154.55 5.84
CA GLN HC 378 -27.38 154.44 4.64
C GLN HC 378 -27.31 155.76 3.89
N LEU HC 379 -28.46 156.43 3.72
CA LEU HC 379 -28.45 157.73 3.05
C LEU HC 379 -27.66 158.76 3.85
N PHE HC 380 -27.82 158.76 5.17
CA PHE HC 380 -27.07 159.68 6.01
C PHE HC 380 -25.57 159.38 5.97
N TYR HC 381 -25.20 158.11 5.87
CA TYR HC 381 -23.79 157.76 5.72
C TYR HC 381 -23.25 158.21 4.37
N GLN HC 382 -24.08 158.14 3.32
CA GLN HC 382 -23.68 158.70 2.03
C GLN HC 382 -23.42 160.19 2.13
N HIS HC 383 -24.27 160.92 2.84
CA HIS HC 383 -24.10 162.37 2.98
C HIS HC 383 -23.14 162.75 4.10
N GLU HC 384 -22.65 161.77 4.87
CA GLU HC 384 -21.80 162.05 6.02
C GLU HC 384 -20.38 162.45 5.64
N SER HC 385 -19.88 161.97 4.51
CA SER HC 385 -18.50 162.25 4.11
C SER HC 385 -18.23 163.75 3.94
N PRO HC 386 -19.09 164.52 3.24
CA PRO HC 386 -18.83 165.96 3.13
C PRO HC 386 -19.14 166.73 4.40
N SER HC 387 -20.23 166.37 5.07
CA SER HC 387 -20.69 167.09 6.25
C SER HC 387 -20.89 166.11 7.40
N LYS HC 388 -20.34 166.44 8.57
CA LYS HC 388 -20.43 165.60 9.75
C LYS HC 388 -21.70 165.85 10.56
N GLY HC 389 -22.56 166.78 10.12
CA GLY HC 389 -23.77 167.07 10.87
C GLY HC 389 -24.78 165.94 10.86
N SER HC 390 -24.74 165.10 9.82
CA SER HC 390 -25.65 163.96 9.75
C SER HC 390 -25.33 162.89 10.79
N SER HC 391 -24.12 162.90 11.35
CA SER HC 391 -23.79 161.92 12.39
C SER HC 391 -24.67 162.11 13.62
N LEU HC 392 -24.88 163.36 14.06
CA LEU HC 392 -25.75 163.60 15.20
C LEU HC 392 -27.20 163.27 14.89
N ILE HC 393 -27.63 163.50 13.65
CA ILE HC 393 -28.98 163.11 13.24
C ILE HC 393 -29.14 161.59 13.33
N ILE HC 394 -28.11 160.85 12.92
CA ILE HC 394 -28.12 159.40 13.10
C ILE HC 394 -28.18 159.03 14.58
N TYR HC 395 -27.37 159.69 15.41
CA TYR HC 395 -27.26 159.32 16.81
C TYR HC 395 -28.56 159.55 17.57
N ASP HC 396 -29.24 160.68 17.31
CA ASP HC 396 -30.47 160.96 18.06
C ASP HC 396 -31.57 159.96 17.72
N ILE HC 397 -31.74 159.61 16.45
CA ILE HC 397 -32.75 158.63 16.09
C ILE HC 397 -32.36 157.23 16.59
N MET HC 398 -31.07 156.90 16.56
CA MET HC 398 -30.65 155.60 17.09
C MET HC 398 -30.90 155.50 18.58
N ASN HC 399 -30.69 156.61 19.32
CA ASN HC 399 -30.99 156.61 20.75
C ASN HC 399 -32.46 156.36 21.03
N GLU HC 400 -33.36 156.91 20.21
CA GLU HC 400 -34.79 156.64 20.36
C GLU HC 400 -35.15 155.22 19.94
N VAL HC 401 -34.48 154.68 18.92
CA VAL HC 401 -34.73 153.31 18.48
C VAL HC 401 -34.30 152.30 19.55
N MET HC 402 -33.13 152.50 20.17
CA MET HC 402 -32.57 151.53 21.09
C MET HC 402 -33.31 151.46 22.43
N GLY HC 403 -34.44 152.14 22.56
CA GLY HC 403 -35.19 152.17 23.80
C GLY HC 403 -36.22 151.09 23.99
N LYS HC 404 -36.28 150.10 23.11
CA LYS HC 404 -37.27 149.04 23.22
C LYS HC 404 -36.70 147.76 22.63
N ARG HC 405 -37.29 146.63 23.02
CA ARG HC 405 -36.90 145.31 22.52
C ARG HC 405 -37.57 145.08 21.17
N PHE HC 406 -36.77 144.75 20.17
CA PHE HC 406 -37.25 144.58 18.80
C PHE HC 406 -37.38 143.11 18.43
N SER HC 407 -38.07 142.86 17.33
CA SER HC 407 -38.25 141.52 16.77
C SER HC 407 -38.02 141.57 15.26
N PRO HC 408 -37.18 140.71 14.71
CA PRO HC 408 -36.88 140.77 13.27
C PRO HC 408 -38.02 140.23 12.42
N ARG HC 409 -39.04 141.05 12.19
CA ARG HC 409 -40.19 140.66 11.38
C ARG HC 409 -40.02 141.01 9.91
N ASP HC 410 -38.85 141.53 9.52
CA ASP HC 410 -38.58 141.89 8.14
C ASP HC 410 -37.30 141.21 7.68
N PRO HC 411 -37.30 140.57 6.51
CA PRO HC 411 -36.10 139.86 6.05
C PRO HC 411 -34.92 140.77 5.74
N ASP HC 412 -35.15 142.07 5.55
CA ASP HC 412 -34.09 143.00 5.19
C ASP HC 412 -33.46 143.70 6.39
N ASP HC 413 -33.44 143.04 7.55
CA ASP HC 413 -32.93 143.63 8.78
C ASP HC 413 -31.47 143.29 9.06
N ASP HC 414 -30.81 142.56 8.16
CA ASP HC 414 -29.43 142.12 8.43
C ASP HC 414 -28.43 143.26 8.29
N MET HC 415 -28.59 144.11 7.27
CA MET HC 415 -27.64 145.18 7.00
C MET HC 415 -27.83 146.39 7.91
N PHE HC 416 -28.89 146.43 8.71
CA PHE HC 416 -29.14 147.56 9.58
C PHE HC 416 -28.01 147.76 10.56
N PHE HC 417 -27.60 146.70 11.26
CA PHE HC 417 -26.48 146.79 12.18
C PHE HC 417 -25.15 147.02 11.47
N GLN HC 418 -24.99 146.44 10.27
CA GLN HC 418 -23.78 146.67 9.51
C GLN HC 418 -23.60 148.15 9.21
N SER HC 419 -24.68 148.85 8.87
CA SER HC 419 -24.61 150.28 8.66
C SER HC 419 -24.51 151.08 9.96
N ALA HC 420 -25.23 150.66 11.00
CA ALA HC 420 -25.28 151.41 12.26
C ALA HC 420 -23.96 151.31 13.03
N MET HC 421 -23.15 150.28 12.79
CA MET HC 421 -21.81 150.24 13.36
C MET HC 421 -20.75 150.78 12.41
N ARG HC 422 -20.99 150.70 11.11
CA ARG HC 422 -20.08 151.32 10.15
C ARG HC 422 -20.05 152.84 10.32
N VAL HC 423 -21.20 153.46 10.59
CA VAL HC 423 -21.23 154.91 10.78
C VAL HC 423 -20.41 155.29 12.01
N CYS HC 424 -20.54 154.54 13.11
CA CYS HC 424 -19.73 154.79 14.29
C CYS HC 424 -18.25 154.54 14.07
N SER HC 425 -17.90 153.48 13.33
CA SER HC 425 -16.50 153.19 13.04
C SER HC 425 -15.86 154.28 12.18
N SER HC 426 -16.62 154.84 11.24
CA SER HC 426 -16.08 155.89 10.38
C SER HC 426 -15.68 157.13 11.17
N LEU HC 427 -16.49 157.51 12.16
CA LEU HC 427 -16.26 158.73 12.93
C LEU HC 427 -15.61 158.47 14.28
N ARG HC 428 -15.24 157.23 14.59
CA ARG HC 428 -14.53 156.89 15.84
C ARG HC 428 -15.36 157.27 17.06
N ASP HC 429 -16.52 156.63 17.19
CA ASP HC 429 -17.46 156.91 18.27
C ASP HC 429 -17.70 155.64 19.07
N LEU HC 430 -16.87 155.42 20.10
CA LEU HC 430 -17.02 154.27 20.97
C LEU HC 430 -18.20 154.39 21.93
N GLU HC 431 -18.53 155.60 22.37
CA GLU HC 431 -19.68 155.78 23.26
C GLU HC 431 -20.97 155.38 22.55
N LEU HC 432 -21.01 155.48 21.22
CA LEU HC 432 -22.15 154.99 20.45
C LEU HC 432 -21.97 153.57 19.95
N ALA HC 433 -20.73 153.13 19.75
CA ALA HC 433 -20.49 151.73 19.39
C ALA HC 433 -20.92 150.80 20.52
N TYR HC 434 -20.70 151.21 21.77
CA TYR HC 434 -21.18 150.42 22.90
C TYR HC 434 -22.69 150.30 22.90
N GLN HC 435 -23.40 151.39 22.62
CA GLN HC 435 -24.86 151.32 22.54
C GLN HC 435 -25.32 150.46 21.36
N VAL HC 436 -24.62 150.52 20.23
CA VAL HC 436 -24.95 149.65 19.11
C VAL HC 436 -24.76 148.19 19.49
N HIS HC 437 -23.67 147.88 20.21
CA HIS HC 437 -23.44 146.51 20.66
C HIS HC 437 -24.50 146.08 21.66
N GLY HC 438 -24.94 146.97 22.55
CA GLY HC 438 -25.99 146.64 23.49
C GLY HC 438 -27.37 146.53 22.88
N LEU HC 439 -27.58 147.12 21.71
CA LEU HC 439 -28.86 147.02 21.02
C LEU HC 439 -29.08 145.64 20.39
N LEU HC 440 -28.02 145.00 19.89
CA LEU HC 440 -28.21 143.74 19.18
C LEU HC 440 -28.63 142.61 20.12
N ASN HC 441 -28.10 142.59 21.35
CA ASN HC 441 -28.41 141.54 22.30
C ASN HC 441 -29.63 141.85 23.16
N THR HC 442 -30.27 143.00 22.96
CA THR HC 442 -31.46 143.33 23.74
C THR HC 442 -32.61 142.39 23.42
N GLY HC 443 -32.93 142.23 22.14
CA GLY HC 443 -34.01 141.37 21.72
C GLY HC 443 -33.59 139.96 21.38
N ASP HC 444 -32.60 139.83 20.51
CA ASP HC 444 -32.14 138.52 20.05
C ASP HC 444 -30.67 138.64 19.62
N ASN HC 445 -29.79 137.93 20.34
CA ASN HC 445 -28.37 138.04 20.09
C ASN HC 445 -27.96 137.49 18.73
N TRP HC 446 -28.72 136.54 18.19
CA TRP HC 446 -28.32 135.84 16.97
C TRP HC 446 -29.31 135.95 15.81
N LYS HC 447 -30.59 136.22 16.08
CA LYS HC 447 -31.60 136.24 15.03
C LYS HC 447 -31.66 137.57 14.27
N LEU HC 448 -30.64 138.42 14.40
CA LEU HC 448 -30.63 139.73 13.75
C LEU HC 448 -29.67 139.83 12.59
N ILE HC 449 -28.66 138.97 12.51
CA ILE HC 449 -27.69 138.96 11.41
C ILE HC 449 -27.74 137.59 10.75
N GLY HC 450 -27.85 137.57 9.43
CA GLY HC 450 -27.99 136.33 8.70
C GLY HC 450 -26.68 135.66 8.31
N SER HC 451 -25.81 136.40 7.63
CA SER HC 451 -24.57 135.84 7.11
C SER HC 451 -23.39 136.18 8.01
N ASP HC 452 -22.39 135.30 8.00
CA ASP HC 452 -21.16 135.50 8.75
C ASP HC 452 -20.24 136.53 8.10
N HIS HC 453 -20.44 136.83 6.80
CA HIS HC 453 -19.64 137.85 6.15
C HIS HC 453 -19.85 139.21 6.79
N ARG HC 454 -21.09 139.52 7.15
CA ARG HC 454 -21.37 140.75 7.90
C ARG HC 454 -20.93 140.66 9.36
N ARG HC 455 -21.01 139.48 9.98
CA ARG HC 455 -20.59 139.35 11.37
C ARG HC 455 -19.09 139.61 11.52
N ASN HC 456 -18.28 139.07 10.61
CA ASN HC 456 -16.84 139.29 10.69
C ASN HC 456 -16.50 140.77 10.54
N PHE HC 457 -17.08 141.43 9.54
CA PHE HC 457 -16.86 142.86 9.33
C PHE HC 457 -17.41 143.70 10.48
N TYR HC 458 -18.48 143.25 11.13
CA TYR HC 458 -19.05 143.94 12.28
C TYR HC 458 -18.12 143.89 13.48
N TYR HC 459 -17.65 142.69 13.83
CA TYR HC 459 -16.73 142.55 14.96
C TYR HC 459 -15.37 143.18 14.68
N SER HC 460 -14.88 143.12 13.44
CA SER HC 460 -13.61 143.76 13.12
C SER HC 460 -13.69 145.27 13.32
N LYS HC 461 -14.76 145.91 12.83
CA LYS HC 461 -14.87 147.36 12.99
C LYS HC 461 -15.22 147.75 14.43
N PHE HC 462 -15.87 146.87 15.19
CA PHE HC 462 -16.07 147.15 16.60
C PHE HC 462 -14.75 147.12 17.36
N PHE HC 463 -13.94 146.08 17.16
CA PHE HC 463 -12.67 145.97 17.85
C PHE HC 463 -11.63 146.95 17.32
N ASN HC 464 -11.82 147.50 16.12
CA ASN HC 464 -10.95 148.56 15.64
C ASN HC 464 -11.06 149.79 16.54
N LEU HC 465 -12.28 150.18 16.91
CA LEU HC 465 -12.46 151.28 17.84
C LEU HC 465 -12.11 150.89 19.27
N LEU HC 466 -12.53 149.69 19.68
CA LEU HC 466 -12.33 149.25 21.06
C LEU HC 466 -10.86 149.06 21.42
N CYS HC 467 -9.99 148.83 20.43
CA CYS HC 467 -8.58 148.59 20.74
C CYS HC 467 -7.90 149.84 21.27
N PHE HC 468 -8.10 150.98 20.61
CA PHE HC 468 -7.35 152.19 20.94
C PHE HC 468 -8.17 153.26 21.62
N MET HC 469 -9.50 153.28 21.44
CA MET HC 469 -10.30 154.36 22.01
C MET HC 469 -10.36 154.25 23.53
N GLU HC 470 -10.46 153.03 24.05
CA GLU HC 470 -10.57 152.82 25.49
C GLU HC 470 -9.25 152.29 26.05
N GLN HC 471 -9.25 151.98 27.35
CA GLN HC 471 -8.05 151.60 28.06
C GLN HC 471 -7.55 150.23 27.62
N ILE HC 472 -6.25 150.01 27.83
CA ILE HC 472 -5.63 148.72 27.49
C ILE HC 472 -6.24 147.60 28.32
N ASP HC 473 -6.60 147.87 29.58
CA ASP HC 473 -7.24 146.85 30.39
C ASP HC 473 -8.56 146.39 29.78
N VAL HC 474 -9.40 147.35 29.35
CA VAL HC 474 -10.66 147.00 28.71
C VAL HC 474 -10.43 146.29 27.40
N THR HC 475 -9.45 146.75 26.61
CA THR HC 475 -9.15 146.10 25.34
C THR HC 475 -8.73 144.64 25.56
N LEU HC 476 -7.87 144.40 26.54
CA LEU HC 476 -7.44 143.03 26.84
C LEU HC 476 -8.60 142.19 27.36
N LYS HC 477 -9.45 142.76 28.21
CA LYS HC 477 -10.58 142.00 28.74
C LYS HC 477 -11.54 141.58 27.63
N TRP HC 478 -11.82 142.47 26.67
CA TRP HC 478 -12.68 142.13 25.55
C TRP HC 478 -11.99 141.29 24.49
N TYR HC 479 -10.65 141.27 24.47
CA TYR HC 479 -9.94 140.45 23.50
C TYR HC 479 -10.19 138.97 23.72
N LYS HC 480 -10.17 138.51 24.97
CA LYS HC 480 -10.39 137.09 25.26
C LYS HC 480 -11.85 136.69 25.11
N ASP HC 481 -12.77 137.65 24.97
CA ASP HC 481 -14.19 137.35 24.85
C ASP HC 481 -14.73 137.51 23.45
N LEU HC 482 -14.10 138.33 22.61
CA LEU HC 482 -14.58 138.57 21.25
C LEU HC 482 -13.77 137.84 20.19
N ILE HC 483 -12.45 137.76 20.35
CA ILE HC 483 -11.57 137.23 19.30
C ILE HC 483 -11.64 135.71 19.22
N PRO HC 484 -11.39 134.95 20.31
CA PRO HC 484 -11.35 133.49 20.17
C PRO HC 484 -12.72 132.84 20.28
N SER HC 485 -13.71 133.60 20.76
CA SER HC 485 -15.02 133.03 21.06
C SER HC 485 -15.99 133.18 19.90
N VAL HC 486 -16.26 134.43 19.48
CA VAL HC 486 -17.28 134.67 18.46
C VAL HC 486 -16.72 134.41 17.07
N PHE HC 487 -15.73 135.19 16.66
CA PHE HC 487 -15.15 135.06 15.33
C PHE HC 487 -13.74 135.64 15.34
N PHE HC 488 -12.89 135.08 14.48
CA PHE HC 488 -11.47 135.35 14.31
C PHE HC 488 -11.27 136.63 13.51
N PRO HC 489 -10.22 137.40 13.81
CA PRO HC 489 -10.02 138.70 13.17
C PRO HC 489 -9.62 138.56 11.71
N HIS HC 490 -9.86 139.64 10.97
CA HIS HC 490 -9.41 139.76 9.59
C HIS HC 490 -8.02 140.41 9.57
N SER HC 491 -7.54 140.79 8.39
CA SER HC 491 -6.24 141.44 8.30
C SER HC 491 -6.26 142.84 8.87
N GLN HC 492 -7.43 143.50 8.86
CA GLN HC 492 -7.52 144.88 9.34
C GLN HC 492 -7.43 144.95 10.86
N THR HC 493 -8.03 143.97 11.55
CA THR HC 493 -8.11 144.02 13.01
C THR HC 493 -6.75 143.87 13.68
N MET HC 494 -5.87 143.05 13.10
CA MET HC 494 -4.59 142.76 13.75
C MET HC 494 -3.66 143.97 13.81
N ILE HC 495 -3.73 144.86 12.82
CA ILE HC 495 -2.94 146.10 12.89
C ILE HC 495 -3.42 146.96 14.04
N ASP HC 496 -4.73 146.94 14.32
CA ASP HC 496 -5.28 147.71 15.43
C ASP HC 496 -4.70 147.25 16.77
N LEU HC 497 -4.47 145.95 16.94
CA LEU HC 497 -3.84 145.46 18.15
C LEU HC 497 -2.42 146.01 18.31
N LEU HC 498 -1.64 146.04 17.23
CA LEU HC 498 -0.31 146.60 17.29
C LEU HC 498 -0.34 148.09 17.62
N GLN HC 499 -1.27 148.83 17.01
CA GLN HC 499 -1.41 150.24 17.31
C GLN HC 499 -1.81 150.49 18.76
N ALA HC 500 -2.72 149.68 19.30
CA ALA HC 500 -3.11 149.82 20.70
C ALA HC 500 -1.98 149.47 21.65
N LEU HC 501 -1.19 148.45 21.34
CA LEU HC 501 -0.06 148.08 22.18
C LEU HC 501 1.08 149.10 22.12
N ASP HC 502 1.30 149.74 20.97
CA ASP HC 502 2.42 150.66 20.83
C ASP HC 502 2.20 151.99 21.54
N VAL HC 503 0.96 152.51 21.53
CA VAL HC 503 0.70 153.83 22.08
C VAL HC 503 0.87 153.84 23.60
N ALA HC 504 0.47 152.76 24.27
CA ALA HC 504 0.55 152.67 25.72
C ALA HC 504 1.81 151.95 26.21
N ASN HC 505 2.71 151.55 25.30
CA ASN HC 505 3.96 150.88 25.64
C ASN HC 505 3.70 149.61 26.46
N ARG HC 506 2.98 148.69 25.81
CA ARG HC 506 2.67 147.38 26.39
C ARG HC 506 3.56 146.35 25.73
N LEU HC 507 4.36 145.64 26.54
CA LEU HC 507 5.31 144.66 26.03
C LEU HC 507 5.01 143.23 26.47
N ASP HC 508 4.50 143.05 27.69
CA ASP HC 508 4.24 141.69 28.18
C ASP HC 508 3.12 141.00 27.41
N MET HC 509 2.24 141.77 26.78
CA MET HC 509 1.14 141.19 26.01
C MET HC 509 1.51 140.89 24.56
N VAL HC 510 2.66 141.37 24.10
CA VAL HC 510 3.06 141.11 22.71
C VAL HC 510 3.25 139.62 22.43
N PRO HC 511 3.98 138.85 23.25
CA PRO HC 511 4.02 137.39 23.02
C PRO HC 511 2.67 136.73 23.13
N GLN HC 512 1.79 137.23 24.00
CA GLN HC 512 0.46 136.64 24.14
C GLN HC 512 -0.39 136.88 22.90
N ILE HC 513 -0.30 138.07 22.30
CA ILE HC 513 -1.00 138.33 21.05
C ILE HC 513 -0.39 137.54 19.91
N TRP HC 514 0.94 137.42 19.87
CA TRP HC 514 1.62 136.79 18.75
C TRP HC 514 1.29 135.30 18.63
N LYS HC 515 1.19 134.60 19.76
CA LYS HC 515 0.87 133.17 19.69
C LYS HC 515 -0.52 132.92 19.11
N ASP HC 516 -1.50 133.75 19.49
CA ASP HC 516 -2.83 133.65 18.90
C ASP HC 516 -2.82 134.05 17.42
N SER HC 517 -2.06 135.10 17.08
CA SER HC 517 -1.96 135.53 15.69
C SER HC 517 -1.31 134.47 14.81
N LYS HC 518 -0.41 133.65 15.38
CA LYS HC 518 0.17 132.56 14.62
C LYS HC 518 -0.90 131.62 14.08
N GLU HC 519 -1.86 131.25 14.92
CA GLU HC 519 -2.94 130.37 14.50
C GLU HC 519 -3.98 131.11 13.65
N TYR HC 520 -4.25 132.38 13.98
CA TYR HC 520 -5.38 133.07 13.37
C TYR HC 520 -5.04 133.68 12.01
N GLY HC 521 -3.89 134.34 11.88
CA GLY HC 521 -3.55 135.02 10.65
C GLY HC 521 -2.34 134.44 9.95
N HIS HC 522 -2.29 133.11 9.84
CA HIS HC 522 -1.19 132.48 9.10
C HIS HC 522 -1.23 132.87 7.63
N THR HC 523 -2.43 133.01 7.06
CA THR HC 523 -2.55 133.43 5.66
C THR HC 523 -2.01 134.85 5.45
N PHE HC 524 -2.24 135.72 6.43
CA PHE HC 524 -1.79 137.10 6.36
C PHE HC 524 -0.41 137.31 6.99
N ARG HC 525 0.23 136.23 7.44
CA ARG HC 525 1.51 136.36 8.14
C ARG HC 525 2.59 136.95 7.23
N ASN HC 526 2.59 136.57 5.95
CA ASN HC 526 3.59 137.09 5.02
C ASN HC 526 3.40 138.58 4.75
N GLU HC 527 2.23 139.13 5.00
CA GLU HC 527 1.96 140.54 4.78
C GLU HC 527 1.72 141.33 6.05
N LEU HC 528 1.82 140.70 7.23
CA LEU HC 528 1.59 141.38 8.50
C LEU HC 528 2.80 141.39 9.42
N LYS HC 529 3.79 140.51 9.18
CA LYS HC 529 4.90 140.38 10.12
C LYS HC 529 5.80 141.61 10.14
N GLU HC 530 5.86 142.36 9.04
CA GLU HC 530 6.78 143.49 8.99
C GLU HC 530 6.33 144.66 9.86
N GLU HC 531 5.11 144.63 10.40
CA GLU HC 531 4.63 145.66 11.30
C GLU HC 531 4.34 145.16 12.71
N ILE HC 532 4.56 143.89 12.99
CA ILE HC 532 4.33 143.39 14.35
C ILE HC 532 5.59 143.48 15.21
N LEU HC 533 6.77 143.45 14.60
CA LEU HC 533 8.02 143.47 15.34
C LEU HC 533 8.62 144.87 15.48
N MET HC 534 7.97 145.90 14.92
CA MET HC 534 8.53 147.25 14.98
C MET HC 534 8.34 147.88 16.35
N LEU HC 535 7.41 147.39 17.16
CA LEU HC 535 7.20 147.95 18.49
C LEU HC 535 8.39 147.71 19.41
N MET HC 536 9.16 146.65 19.18
CA MET HC 536 10.33 146.38 20.00
C MET HC 536 11.40 147.44 19.84
N ALA HC 537 11.60 147.95 18.62
CA ALA HC 537 12.55 149.03 18.42
C ALA HC 537 12.08 150.35 19.03
N ARG HC 538 10.78 150.62 19.00
CA ARG HC 538 10.25 151.84 19.59
C ARG HC 538 10.25 151.82 21.12
N ASP HC 539 10.04 150.65 21.72
CA ASP HC 539 9.98 150.54 23.17
C ASP HC 539 11.31 150.05 23.73
N GLN HC 540 11.48 150.26 25.03
CA GLN HC 540 12.70 149.87 25.71
C GLN HC 540 12.70 148.36 25.97
N HIS HC 541 13.85 147.85 26.42
CA HIS HC 541 14.03 146.42 26.67
C HIS HC 541 14.36 146.19 28.13
N PRO HC 542 13.38 145.87 28.98
CA PRO HC 542 13.67 145.60 30.39
C PRO HC 542 14.50 144.34 30.53
N PRO HC 543 15.33 144.26 31.58
CA PRO HC 543 16.15 143.06 31.78
C PRO HC 543 15.38 141.84 32.25
N GLU HC 544 14.04 141.92 32.34
CA GLU HC 544 13.24 140.78 32.77
C GLU HC 544 12.45 140.14 31.65
N LEU HC 545 12.47 140.72 30.44
CA LEU HC 545 11.71 140.21 29.31
C LEU HC 545 12.62 139.57 28.26
N GLN HC 546 13.86 139.24 28.63
CA GLN HC 546 14.80 138.67 27.67
C GLN HC 546 14.36 137.29 27.20
N VAL HC 547 13.72 136.52 28.07
CA VAL HC 547 13.25 135.19 27.67
C VAL HC 547 12.20 135.29 26.57
N ALA HC 548 11.20 136.17 26.72
CA ALA HC 548 10.20 136.33 25.67
C ALA HC 548 10.80 136.97 24.42
N PHE HC 549 11.73 137.91 24.59
CA PHE HC 549 12.38 138.53 23.44
C PHE HC 549 13.14 137.50 22.61
N ALA HC 550 13.83 136.57 23.27
CA ALA HC 550 14.52 135.50 22.57
C ALA HC 550 13.55 134.48 21.98
N ASP HC 551 12.49 134.11 22.71
CA ASP HC 551 11.57 133.09 22.24
C ASP HC 551 10.83 133.54 20.99
N CYS HC 552 10.31 134.78 20.98
CA CYS HC 552 9.56 135.24 19.82
C CYS HC 552 10.43 135.32 18.58
N ALA HC 553 11.63 135.88 18.72
CA ALA HC 553 12.54 135.97 17.58
C ALA HC 553 12.95 134.59 17.09
N ALA HC 554 13.25 133.65 18.00
CA ALA HC 554 13.63 132.31 17.57
C ALA HC 554 12.48 131.60 16.86
N ASP HC 555 11.26 131.72 17.38
CA ASP HC 555 10.11 131.11 16.74
C ASP HC 555 9.81 131.72 15.37
N ILE HC 556 9.98 133.03 15.22
CA ILE HC 556 9.76 133.66 13.92
C ILE HC 556 10.83 133.23 12.93
N LYS HC 557 12.09 133.18 13.36
CA LYS HC 557 13.19 132.98 12.42
C LYS HC 557 13.46 131.50 12.12
N SER HC 558 13.04 130.58 12.98
CA SER HC 558 13.34 129.18 12.76
C SER HC 558 12.44 128.52 11.72
N THR HC 559 11.33 129.15 11.34
CA THR HC 559 10.40 128.55 10.39
C THR HC 559 10.66 129.01 8.95
N TYR HC 560 11.02 130.27 8.74
CA TYR HC 560 11.24 130.77 7.38
C TYR HC 560 12.46 130.17 6.73
N GLU HC 561 13.55 129.98 7.49
CA GLU HC 561 14.77 129.40 6.94
C GLU HC 561 14.63 127.93 6.61
N SER HC 562 13.60 127.25 7.12
CA SER HC 562 13.36 125.84 6.85
C SER HC 562 12.45 125.63 5.65
N GLN HC 563 12.00 126.70 5.01
CA GLN HC 563 11.14 126.59 3.83
C GLN HC 563 11.80 127.18 2.59
N PRO HC 570 8.60 132.64 1.49
CA PRO HC 570 8.77 133.30 2.79
C PRO HC 570 9.95 134.27 2.80
N GLU HC 571 9.74 135.46 2.25
CA GLU HC 571 10.80 136.48 2.23
C GLU HC 571 11.12 136.93 3.64
N TRP HC 572 12.40 137.09 3.93
CA TRP HC 572 12.84 137.47 5.27
C TRP HC 572 13.22 138.95 5.27
N PRO HC 573 12.44 139.81 5.91
CA PRO HC 573 12.79 141.24 5.93
C PRO HC 573 14.08 141.49 6.68
N ALA HC 574 14.80 142.53 6.24
CA ALA HC 574 16.05 142.91 6.86
C ALA HC 574 15.85 143.68 8.16
N SER HC 575 14.65 144.18 8.41
CA SER HC 575 14.38 144.91 9.65
C SER HC 575 14.34 144.01 10.86
N SER HC 576 14.01 142.73 10.68
CA SER HC 576 13.97 141.79 11.81
C SER HC 576 15.36 141.55 12.38
N LEU HC 577 16.40 141.64 11.55
CA LEU HC 577 17.76 141.49 12.05
C LEU HC 577 18.14 142.64 12.98
N ASN HC 578 17.72 143.87 12.65
CA ASN HC 578 17.98 145.00 13.54
C ASN HC 578 17.23 144.85 14.86
N TYR HC 579 16.07 144.19 14.85
CA TYR HC 579 15.32 143.95 16.08
C TYR HC 579 15.97 142.86 16.93
N VAL HC 580 16.41 141.77 16.29
CA VAL HC 580 17.08 140.70 17.00
C VAL HC 580 18.43 141.15 17.53
N ALA HC 581 19.04 142.18 16.91
CA ALA HC 581 20.27 142.73 17.45
C ALA HC 581 20.04 143.50 18.75
N VAL HC 582 19.03 144.36 18.78
CA VAL HC 582 18.75 145.12 20.00
C VAL HC 582 18.15 144.25 21.09
N LEU HC 583 17.45 143.17 20.74
CA LEU HC 583 16.92 142.27 21.75
C LEU HC 583 18.03 141.59 22.54
N PHE HC 584 19.11 141.19 21.86
CA PHE HC 584 20.22 140.49 22.51
C PHE HC 584 21.31 141.42 22.99
N LEU HC 585 21.35 142.67 22.52
CA LEU HC 585 22.36 143.62 23.00
C LEU HC 585 22.23 143.85 24.50
N ARG HC 586 21.02 144.18 24.96
CA ARG HC 586 20.81 144.39 26.39
C ARG HC 586 20.72 143.09 27.17
N ALA HC 587 20.44 141.96 26.49
CA ALA HC 587 20.43 140.66 27.15
C ALA HC 587 21.82 140.06 27.32
N GLY HC 588 22.82 140.58 26.62
CA GLY HC 588 24.18 140.10 26.78
C GLY HC 588 24.45 138.74 26.18
N ARG HC 589 23.66 138.31 25.21
CA ARG HC 589 23.84 137.04 24.53
C ARG HC 589 24.40 137.35 23.14
N THR HC 590 25.73 137.29 23.02
CA THR HC 590 26.41 137.67 21.80
C THR HC 590 26.53 136.54 20.78
N GLN HC 591 26.65 135.29 21.24
CA GLN HC 591 26.86 134.17 20.32
C GLN HC 591 25.64 133.97 19.43
N GLU HC 592 24.45 133.91 20.02
CA GLU HC 592 23.24 133.74 19.24
C GLU HC 592 22.93 134.95 18.37
N ALA HC 593 23.27 136.16 18.85
CA ALA HC 593 23.13 137.35 18.02
C ALA HC 593 24.05 137.31 16.81
N TRP HC 594 25.27 136.83 16.96
CA TRP HC 594 26.20 136.71 15.84
C TRP HC 594 25.83 135.60 14.88
N LYS HC 595 25.29 134.49 15.38
CA LYS HC 595 24.93 133.38 14.50
C LYS HC 595 23.85 133.78 13.50
N MET HC 596 22.86 134.55 13.93
CA MET HC 596 21.77 134.94 13.04
C MET HC 596 22.18 136.01 12.05
N LEU HC 597 23.29 136.71 12.28
CA LEU HC 597 23.70 137.78 11.36
C LEU HC 597 24.20 137.22 10.04
N GLY HC 598 25.01 136.16 10.09
CA GLY HC 598 25.58 135.60 8.87
C GLY HC 598 24.58 134.88 8.00
N LEU HC 599 23.48 134.38 8.58
CA LEU HC 599 22.47 133.69 7.79
C LEU HC 599 21.82 134.61 6.75
N PHE HC 600 21.59 135.87 7.08
CA PHE HC 600 21.04 136.81 6.12
C PHE HC 600 22.09 137.29 5.12
N ARG HC 601 23.34 137.44 5.56
CA ARG HC 601 24.40 137.80 4.62
C ARG HC 601 24.69 136.69 3.62
N LYS HC 602 24.41 135.45 3.98
CA LYS HC 602 24.47 134.34 3.03
C LYS HC 602 23.18 134.20 2.22
N HIS HC 603 22.18 135.05 2.48
CA HIS HC 603 20.92 135.02 1.76
C HIS HC 603 20.90 135.97 0.56
N ASN HC 604 22.06 136.32 0.03
CA ASN HC 604 22.18 137.18 -1.14
C ASN HC 604 21.53 138.54 -0.94
N LYS HC 605 21.58 139.05 0.29
CA LYS HC 605 21.04 140.37 0.60
C LYS HC 605 21.73 140.90 1.85
N ILE HC 606 22.00 142.20 1.88
CA ILE HC 606 22.76 142.81 2.97
C ILE HC 606 21.94 143.94 3.60
N PRO HC 607 21.85 143.99 4.93
CA PRO HC 607 21.12 145.07 5.58
C PRO HC 607 21.97 146.34 5.62
N ARG HC 608 21.40 147.38 6.23
CA ARG HC 608 22.10 148.65 6.33
C ARG HC 608 23.26 148.57 7.32
N ALA HC 609 24.19 149.51 7.19
CA ALA HC 609 25.40 149.51 8.01
C ALA HC 609 25.17 150.03 9.42
N GLU HC 610 24.01 150.61 9.71
CA GLU HC 610 23.70 150.95 11.09
C GLU HC 610 23.64 149.70 11.97
N LEU HC 611 23.08 148.61 11.43
CA LEU HC 611 23.09 147.34 12.13
C LEU HC 611 24.53 146.86 12.36
N LEU HC 612 25.39 147.01 11.36
CA LEU HC 612 26.78 146.62 11.51
C LEU HC 612 27.48 147.43 12.60
N ASN HC 613 27.23 148.74 12.64
CA ASN HC 613 27.82 149.57 13.68
C ASN HC 613 27.30 149.20 15.07
N GLU HC 614 26.01 148.91 15.18
CA GLU HC 614 25.45 148.50 16.47
C GLU HC 614 26.07 147.19 16.93
N PHE HC 615 26.21 146.23 16.02
CA PHE HC 615 26.84 144.96 16.38
C PHE HC 615 28.32 145.12 16.68
N LEU HC 616 29.00 146.05 16.02
CA LEU HC 616 30.39 146.35 16.35
C LEU HC 616 30.51 146.92 17.76
N ASP HC 617 29.59 147.81 18.13
CA ASP HC 617 29.56 148.30 19.51
C ASP HC 617 29.30 147.18 20.50
N SER HC 618 28.37 146.28 20.18
CA SER HC 618 28.12 145.13 21.05
C SER HC 618 29.36 144.25 21.19
N ALA HC 619 30.07 144.01 20.09
CA ALA HC 619 31.27 143.18 20.13
C ALA HC 619 32.39 143.85 20.92
N LYS HC 620 32.59 145.14 20.73
CA LYS HC 620 33.63 145.84 21.49
C LYS HC 620 33.28 145.97 22.97
N ALA HC 621 31.99 145.92 23.32
CA ALA HC 621 31.60 145.86 24.72
C ALA HC 621 32.02 144.56 25.36
N SER HC 622 31.94 143.44 24.63
CA SER HC 622 32.30 142.14 25.15
C SER HC 622 33.73 141.73 24.82
N SER HC 623 34.48 142.62 24.16
CA SER HC 623 35.88 142.37 23.80
C SER HC 623 36.00 141.13 22.89
N SER HC 624 35.36 141.21 21.73
CA SER HC 624 35.37 140.14 20.73
C SER HC 624 35.78 140.74 19.39
N PRO HC 625 37.07 140.97 19.17
CA PRO HC 625 37.52 141.55 17.90
C PRO HC 625 37.49 140.58 16.73
N ALA HC 626 37.28 139.28 16.99
CA ALA HC 626 37.30 138.30 15.91
C ALA HC 626 36.10 138.44 15.00
N GLN HC 627 34.99 138.98 15.50
CA GLN HC 627 33.79 139.14 14.68
C GLN HC 627 33.90 140.33 13.73
N ALA HC 628 34.55 141.41 14.15
CA ALA HC 628 34.56 142.64 13.37
C ALA HC 628 35.38 142.51 12.09
N ILE HC 629 36.45 141.71 12.11
CA ILE HC 629 37.22 141.52 10.88
C ILE HC 629 36.38 140.84 9.82
N GLU HC 630 35.64 139.79 10.18
CA GLU HC 630 34.73 139.17 9.24
C GLU HC 630 33.59 140.10 8.84
N LEU HC 631 33.07 140.90 9.78
CA LEU HC 631 32.02 141.86 9.43
C LEU HC 631 32.49 142.85 8.38
N VAL HC 632 33.66 143.47 8.59
CA VAL HC 632 34.15 144.45 7.64
C VAL HC 632 34.55 143.78 6.32
N LYS HC 633 35.08 142.55 6.37
CA LYS HC 633 35.43 141.85 5.15
C LYS HC 633 34.20 141.55 4.31
N LEU HC 634 33.10 141.14 4.94
CA LEU HC 634 31.87 140.82 4.23
C LEU HC 634 31.05 142.06 3.90
N ALA HC 635 31.38 143.21 4.49
CA ALA HC 635 30.69 144.46 4.19
C ALA HC 635 31.36 145.27 3.08
N SER HC 636 32.69 145.41 3.12
CA SER HC 636 33.38 146.17 2.09
C SER HC 636 33.30 145.50 0.72
N ALA HC 637 33.25 144.16 0.68
CA ALA HC 637 33.10 143.47 -0.59
C ALA HC 637 31.75 143.76 -1.24
N PHE HC 638 30.72 144.00 -0.45
CA PHE HC 638 29.39 144.34 -0.98
C PHE HC 638 29.15 145.84 -0.98
N SER HC 639 30.12 146.64 -0.53
CA SER HC 639 30.10 148.10 -0.67
C SER HC 639 28.90 148.72 0.06
N LEU HC 640 28.92 148.61 1.38
CA LEU HC 640 27.93 149.31 2.19
C LEU HC 640 28.18 150.82 2.12
N PRO HC 641 27.11 151.63 2.13
CA PRO HC 641 27.30 153.08 2.00
C PRO HC 641 28.02 153.73 3.18
N VAL HC 642 28.07 153.06 4.33
CA VAL HC 642 28.72 153.64 5.51
C VAL HC 642 29.99 152.84 5.80
N CYS HC 643 30.61 152.30 4.75
CA CYS HC 643 31.87 151.59 4.92
C CYS HC 643 32.98 152.51 5.44
N GLU HC 644 32.92 153.80 5.12
CA GLU HC 644 33.90 154.74 5.65
C GLU HC 644 33.80 154.85 7.16
N GLY HC 645 32.58 154.85 7.71
CA GLY HC 645 32.44 154.84 9.15
C GLY HC 645 32.72 153.49 9.78
N LEU HC 646 32.43 152.41 9.05
CA LEU HC 646 32.77 151.08 9.55
C LEU HC 646 34.27 150.91 9.69
N THR HC 647 35.04 151.45 8.73
CA THR HC 647 36.49 151.40 8.82
C THR HC 647 37.03 152.18 10.02
N ARG HC 648 36.36 153.26 10.41
CA ARG HC 648 36.77 153.99 11.61
C ARG HC 648 36.39 153.23 12.88
N ARG HC 649 35.19 152.63 12.89
CA ARG HC 649 34.77 151.88 14.07
C ARG HC 649 35.64 150.66 14.31
N VAL HC 650 36.02 149.95 13.25
CA VAL HC 650 36.88 148.78 13.45
C VAL HC 650 38.26 149.21 13.94
N MET HC 651 38.79 150.34 13.43
CA MET HC 651 40.07 150.84 13.93
C MET HC 651 39.98 151.22 15.41
N ALA HC 652 38.88 151.87 15.80
CA ALA HC 652 38.71 152.21 17.22
C ALA HC 652 38.61 150.97 18.09
N GLU HC 653 37.87 149.95 17.64
CA GLU HC 653 37.77 148.72 18.42
C GLU HC 653 39.11 148.01 18.53
N PHE HC 654 39.88 147.96 17.43
CA PHE HC 654 41.19 147.33 17.46
C PHE HC 654 42.17 148.09 18.34
N THR HC 655 42.11 149.43 18.35
CA THR HC 655 42.93 150.20 19.28
C THR HC 655 42.51 149.94 20.73
N LEU HC 656 41.21 149.81 20.99
CA LEU HC 656 40.75 149.50 22.34
C LEU HC 656 41.24 148.13 22.80
N THR HC 657 41.18 147.13 21.93
CA THR HC 657 41.53 145.76 22.31
C THR HC 657 42.99 145.42 22.03
N GLN HC 658 43.79 146.38 21.59
CA GLN HC 658 45.21 146.18 21.32
C GLN HC 658 45.42 145.13 20.22
N GLU HC 659 44.82 145.37 19.07
CA GLU HC 659 44.97 144.54 17.88
C GLU HC 659 45.45 145.37 16.68
N GLN HC 660 46.50 146.16 16.89
CA GLN HC 660 47.00 147.02 15.82
C GLN HC 660 47.54 146.20 14.65
N ARG HC 661 48.05 145.00 14.92
CA ARG HC 661 48.53 144.16 13.83
C ARG HC 661 47.39 143.79 12.87
N GLU HC 662 46.26 143.34 13.41
CA GLU HC 662 45.10 143.07 12.58
C GLU HC 662 44.50 144.34 11.99
N ALA HC 663 44.56 145.46 12.72
CA ALA HC 663 44.08 146.72 12.18
C ALA HC 663 44.84 147.12 10.92
N LEU HC 664 46.16 146.96 10.94
CA LEU HC 664 46.97 147.23 9.75
C LEU HC 664 46.78 146.16 8.67
N GLY HC 665 46.62 144.89 9.06
CA GLY HC 665 46.45 143.84 8.07
C GLY HC 665 45.16 143.96 7.29
N GLU HC 666 44.06 144.32 7.95
CA GLU HC 666 42.78 144.43 7.27
C GLU HC 666 42.79 145.54 6.23
N LEU HC 667 43.63 146.56 6.42
CA LEU HC 667 43.78 147.60 5.41
C LEU HC 667 44.31 147.07 4.10
N THR HC 668 45.31 146.18 4.14
CA THR HC 668 45.81 145.55 2.92
C THR HC 668 44.74 144.69 2.26
N ALA HC 669 43.96 143.95 3.05
CA ALA HC 669 42.90 143.11 2.50
C ALA HC 669 41.83 143.95 1.81
N LEU HC 670 41.42 145.07 2.41
CA LEU HC 670 40.42 145.91 1.77
C LEU HC 670 41.00 146.66 0.57
N THR HC 671 42.29 146.99 0.61
CA THR HC 671 42.93 147.62 -0.54
C THR HC 671 43.00 146.66 -1.73
N SER HC 672 43.36 145.41 -1.49
CA SER HC 672 43.46 144.42 -2.56
C SER HC 672 42.07 144.00 -3.05
N SER IC 49 32.22 101.99 -26.42
CA SER IC 49 33.32 102.83 -25.98
C SER IC 49 33.47 104.05 -26.89
N PRO IC 50 33.33 105.24 -26.32
CA PRO IC 50 33.50 106.46 -27.13
C PRO IC 50 34.95 106.76 -27.44
N TYR IC 51 35.86 106.31 -26.57
CA TYR IC 51 37.28 106.60 -26.74
C TYR IC 51 37.84 105.95 -28.00
N LYS IC 52 37.89 104.62 -28.01
CA LYS IC 52 38.33 103.79 -29.14
C LYS IC 52 39.79 104.01 -29.49
N ASP IC 53 40.51 104.87 -28.78
CA ASP IC 53 41.91 105.13 -29.09
C ASP IC 53 42.77 105.18 -27.84
N GLU IC 54 42.18 105.63 -26.72
CA GLU IC 54 42.92 105.82 -25.47
C GLU IC 54 42.20 105.08 -24.36
N PRO IC 55 42.51 103.80 -24.15
CA PRO IC 55 41.85 103.04 -23.07
C PRO IC 55 42.06 103.64 -21.69
N TRP IC 56 43.21 104.27 -21.43
CA TRP IC 56 43.49 104.85 -20.11
C TRP IC 56 42.60 106.03 -19.78
N LYS IC 57 41.97 106.65 -20.77
CA LYS IC 57 41.05 107.75 -20.49
C LYS IC 57 39.86 107.28 -19.67
N TYR IC 58 39.32 106.09 -19.98
CA TYR IC 58 38.25 105.53 -19.16
C TYR IC 58 38.74 105.21 -17.75
N LEU IC 59 39.96 104.67 -17.62
CA LEU IC 59 40.51 104.38 -16.31
C LEU IC 59 40.67 105.64 -15.47
N ASP IC 60 41.10 106.73 -16.07
CA ASP IC 60 41.22 108.01 -15.37
C ASP IC 60 39.89 108.75 -15.26
N SER IC 61 38.83 108.26 -15.92
CA SER IC 61 37.55 108.93 -15.88
C SER IC 61 36.87 108.71 -14.53
N GLU IC 62 35.82 109.51 -14.29
CA GLU IC 62 35.10 109.43 -13.02
C GLU IC 62 34.11 108.27 -12.98
N GLU IC 63 33.58 107.86 -14.13
CA GLU IC 63 32.64 106.74 -14.17
C GLU IC 63 33.29 105.43 -13.76
N TYR IC 64 34.61 105.28 -13.99
CA TYR IC 64 35.31 104.11 -13.47
C TYR IC 64 35.55 104.22 -11.96
N GLN IC 65 35.90 105.41 -11.48
CA GLN IC 65 36.18 105.61 -10.07
C GLN IC 65 34.95 105.43 -9.20
N ASN IC 66 33.79 105.91 -9.64
CA ASN IC 66 32.58 105.77 -8.83
C ASN IC 66 32.00 104.36 -8.86
N ARG IC 67 32.40 103.55 -9.84
CA ARG IC 67 31.87 102.20 -9.96
C ARG IC 67 32.79 101.18 -9.29
N TYR IC 68 34.09 101.20 -9.63
CA TYR IC 68 35.02 100.23 -9.08
C TYR IC 68 35.84 100.79 -7.93
N GLY IC 69 36.20 102.07 -7.99
CA GLY IC 69 37.03 102.67 -6.96
C GLY IC 69 38.45 102.16 -6.99
N SER IC 70 39.09 102.07 -5.82
CA SER IC 70 40.45 101.56 -5.72
C SER IC 70 40.53 100.05 -5.85
N ARG IC 71 39.39 99.36 -5.85
CA ARG IC 71 39.28 97.92 -5.97
C ARG IC 71 39.44 97.49 -7.42
N PRO IC 72 39.95 96.28 -7.66
CA PRO IC 72 40.07 95.79 -9.04
C PRO IC 72 38.71 95.48 -9.63
N VAL IC 73 38.70 95.34 -10.96
CA VAL IC 73 37.45 95.08 -11.68
C VAL IC 73 36.87 93.72 -11.32
N TRP IC 74 37.69 92.76 -10.91
CA TRP IC 74 37.24 91.42 -10.56
C TRP IC 74 37.07 91.24 -9.06
N ALA IC 75 37.17 92.32 -8.29
CA ALA IC 75 37.04 92.21 -6.83
C ALA IC 75 35.66 91.73 -6.42
N ASP IC 76 34.62 92.27 -7.05
CA ASP IC 76 33.24 91.92 -6.71
C ASP IC 76 32.69 90.77 -7.53
N TYR IC 77 33.45 90.25 -8.49
CA TYR IC 77 32.97 89.18 -9.35
C TYR IC 77 33.06 87.84 -8.64
N ARG IC 78 31.98 87.06 -8.71
CA ARG IC 78 31.94 85.71 -8.17
C ARG IC 78 31.45 84.77 -9.26
N ARG IC 79 32.17 83.65 -9.44
CA ARG IC 79 31.86 82.69 -10.49
C ARG IC 79 31.03 81.55 -9.91
N ASN IC 80 29.92 81.24 -10.58
CA ASN IC 80 29.06 80.13 -10.18
C ASN IC 80 29.52 78.85 -10.84
N HIS IC 81 29.48 77.75 -10.10
CA HIS IC 81 29.91 76.45 -10.61
C HIS IC 81 29.07 75.37 -9.96
N LYS IC 82 29.50 74.12 -10.12
CA LYS IC 82 28.69 72.97 -9.73
C LYS IC 82 28.90 72.51 -8.29
N GLY IC 83 30.08 72.72 -7.72
CA GLY IC 83 30.37 72.26 -6.38
C GLY IC 83 31.12 73.31 -5.60
N GLY IC 84 31.95 72.84 -4.66
CA GLY IC 84 32.76 73.73 -3.86
C GLY IC 84 34.07 74.10 -4.54
N ILE IC 85 34.50 73.28 -5.48
CA ILE IC 85 35.74 73.48 -6.23
C ILE IC 85 35.37 73.93 -7.64
N PRO IC 86 35.71 75.15 -8.04
CA PRO IC 86 35.40 75.59 -9.40
C PRO IC 86 36.21 74.80 -10.41
N PRO IC 87 35.66 74.59 -11.62
CA PRO IC 87 36.41 73.83 -12.64
C PRO IC 87 37.70 74.53 -13.02
N GLN IC 88 38.72 73.72 -13.31
CA GLN IC 88 40.01 74.27 -13.73
C GLN IC 88 39.91 75.02 -15.06
N ARG IC 89 38.96 74.65 -15.91
CA ARG IC 89 38.71 75.33 -17.18
C ARG IC 89 37.52 76.25 -17.00
N THR IC 90 37.70 77.53 -17.30
CA THR IC 90 36.63 78.50 -17.21
C THR IC 90 35.82 78.49 -18.51
N ARG IC 91 34.88 79.42 -18.64
CA ARG IC 91 34.08 79.52 -19.85
C ARG IC 91 34.97 79.92 -21.03
N LYS IC 92 34.76 79.27 -22.17
CA LYS IC 92 35.59 79.52 -23.34
C LYS IC 92 35.37 80.93 -23.87
N MET IC 93 34.14 81.23 -24.28
CA MET IC 93 33.79 82.55 -24.76
C MET IC 93 32.40 82.92 -24.25
N CYS IC 94 32.32 84.03 -23.53
CA CYS IC 94 31.06 84.47 -22.94
C CYS IC 94 30.26 85.40 -23.84
N ILE IC 95 30.82 85.82 -24.98
CA ILE IC 95 30.15 86.70 -25.92
C ILE IC 95 30.15 86.01 -27.28
N ARG IC 96 28.99 85.51 -27.70
CA ARG IC 96 28.82 84.86 -28.99
C ARG IC 96 27.95 85.76 -29.86
N GLY IC 97 28.58 86.51 -30.76
CA GLY IC 97 27.85 87.43 -31.61
C GLY IC 97 27.30 88.62 -30.84
N ASN IC 98 25.98 88.67 -30.69
CA ASN IC 98 25.32 89.75 -29.96
C ASN IC 98 24.73 89.31 -28.63
N LYS IC 99 24.75 88.01 -28.32
CA LYS IC 99 24.16 87.50 -27.09
C LYS IC 99 25.22 87.36 -26.00
N VAL IC 100 24.87 87.79 -24.80
CA VAL IC 100 25.74 87.64 -23.64
C VAL IC 100 25.38 86.35 -22.91
N ALA IC 101 26.39 85.54 -22.60
CA ALA IC 101 26.17 84.23 -21.99
C ALA IC 101 25.96 84.39 -20.49
N GLY IC 102 24.71 84.69 -20.13
CA GLY IC 102 24.35 84.80 -18.72
C GLY IC 102 25.14 85.88 -18.01
N ASN IC 103 25.72 85.54 -16.88
CA ASN IC 103 26.51 86.49 -16.11
C ASN IC 103 27.84 86.74 -16.82
N PRO IC 104 28.15 87.98 -17.17
CA PRO IC 104 29.40 88.25 -17.89
C PRO IC 104 30.60 88.27 -16.95
N CYS IC 105 31.78 88.24 -17.56
CA CYS IC 105 33.04 88.34 -16.85
C CYS IC 105 33.25 89.77 -16.36
N PRO IC 106 34.14 89.98 -15.38
CA PRO IC 106 34.40 91.35 -14.92
C PRO IC 106 34.85 92.29 -16.03
N ILE IC 107 35.68 91.82 -16.95
CA ILE IC 107 36.09 92.65 -18.09
C ILE IC 107 34.94 92.80 -19.08
N CYS IC 108 34.26 91.70 -19.40
CA CYS IC 108 33.32 91.65 -20.51
C CYS IC 108 31.96 92.27 -20.17
N ARG IC 109 31.67 92.50 -18.89
CA ARG IC 109 30.38 93.07 -18.51
C ARG IC 109 30.31 94.56 -18.83
N ASP IC 110 31.45 95.24 -18.92
CA ASP IC 110 31.52 96.65 -19.28
C ASP IC 110 32.25 96.75 -20.61
N GLN IC 111 31.58 97.30 -21.62
CA GLN IC 111 32.18 97.42 -22.95
C GLN IC 111 33.25 98.49 -23.02
N LYS IC 112 33.36 99.35 -22.00
CA LYS IC 112 34.35 100.41 -21.98
C LYS IC 112 35.72 99.93 -21.53
N LEU IC 113 35.85 98.67 -21.12
CA LEU IC 113 37.13 98.08 -20.73
C LEU IC 113 37.75 97.46 -21.99
N HIS IC 114 38.78 98.12 -22.51
CA HIS IC 114 39.49 97.64 -23.69
C HIS IC 114 40.82 97.03 -23.27
N VAL IC 115 41.04 95.78 -23.68
CA VAL IC 115 42.29 95.08 -23.42
C VAL IC 115 43.30 95.55 -24.45
N ASP IC 116 44.39 96.17 -23.98
CA ASP IC 116 45.40 96.73 -24.85
C ASP IC 116 46.69 96.86 -24.06
N PHE IC 117 47.81 97.00 -24.79
CA PHE IC 117 49.11 97.11 -24.15
C PHE IC 117 49.43 98.54 -23.69
N ARG IC 118 48.61 99.52 -24.07
CA ARG IC 118 48.86 100.90 -23.68
C ARG IC 118 48.42 101.19 -22.25
N ASN IC 119 47.22 100.77 -21.88
CA ASN IC 119 46.69 101.05 -20.54
C ASN IC 119 47.34 100.09 -19.54
N VAL IC 120 48.39 100.55 -18.87
CA VAL IC 120 49.08 99.71 -17.91
C VAL IC 120 48.29 99.55 -16.61
N LYS IC 121 47.42 100.50 -16.28
CA LYS IC 121 46.65 100.40 -15.05
C LYS IC 121 45.71 99.20 -15.06
N LEU IC 122 45.02 98.95 -16.18
CA LEU IC 122 44.15 97.79 -16.27
C LEU IC 122 44.94 96.49 -16.23
N LEU IC 123 46.10 96.44 -16.90
CA LEU IC 123 46.90 95.24 -16.93
C LEU IC 123 47.55 94.94 -15.59
N GLU IC 124 47.85 95.97 -14.79
CA GLU IC 124 48.48 95.75 -13.49
C GLU IC 124 47.55 95.00 -12.54
N GLN IC 125 46.24 95.14 -12.72
CA GLN IC 125 45.30 94.45 -11.83
C GLN IC 125 45.41 92.94 -11.95
N PHE IC 126 45.78 92.43 -13.12
CA PHE IC 126 45.87 90.99 -13.35
C PHE IC 126 47.28 90.44 -13.15
N VAL IC 127 48.24 91.28 -12.75
CA VAL IC 127 49.60 90.85 -12.47
C VAL IC 127 49.88 91.10 -11.01
N CYS IC 128 50.38 90.08 -10.31
CA CYS IC 128 50.69 90.22 -8.90
C CYS IC 128 51.79 91.26 -8.69
N ALA IC 129 51.56 92.16 -7.73
CA ALA IC 129 52.55 93.18 -7.42
C ALA IC 129 53.73 92.62 -6.65
N HIS IC 130 53.57 91.45 -6.02
CA HIS IC 130 54.62 90.85 -5.21
C HIS IC 130 55.40 89.78 -5.97
N THR IC 131 54.69 88.78 -6.50
CA THR IC 131 55.35 87.69 -7.22
C THR IC 131 55.56 87.98 -8.69
N GLY IC 132 54.83 88.94 -9.26
CA GLY IC 132 55.03 89.31 -10.65
C GLY IC 132 54.53 88.30 -11.65
N ILE IC 133 53.57 87.45 -11.29
CA ILE IC 133 53.04 86.44 -12.19
C ILE IC 133 51.64 86.85 -12.62
N ILE IC 134 51.19 86.28 -13.73
CA ILE IC 134 49.88 86.59 -14.28
C ILE IC 134 48.84 85.72 -13.59
N PHE IC 135 47.78 86.34 -13.09
CA PHE IC 135 46.70 85.60 -12.47
C PHE IC 135 45.95 84.77 -13.51
N HIS IC 136 45.62 83.52 -13.14
CA HIS IC 136 44.99 82.62 -14.08
C HIS IC 136 43.49 82.90 -14.19
N ALA IC 137 42.86 82.25 -15.18
CA ALA IC 137 41.43 82.45 -15.40
C ALA IC 137 40.57 82.04 -14.22
N PRO IC 138 40.77 80.88 -13.56
CA PRO IC 138 39.99 80.61 -12.34
C PRO IC 138 40.19 81.64 -11.25
N TYR IC 139 41.40 82.22 -11.14
CA TYR IC 139 41.64 83.22 -10.11
C TYR IC 139 40.92 84.53 -10.43
N THR IC 140 40.93 84.92 -11.70
CA THR IC 140 40.33 86.20 -12.09
C THR IC 140 38.82 86.10 -12.24
N GLY IC 141 38.37 85.28 -13.20
CA GLY IC 141 36.95 85.15 -13.49
C GLY IC 141 36.56 85.46 -14.92
N VAL IC 142 37.51 85.76 -15.81
CA VAL IC 142 37.17 86.09 -17.19
C VAL IC 142 37.13 84.82 -18.03
N CYS IC 143 36.50 84.92 -19.20
CA CYS IC 143 36.45 83.80 -20.12
C CYS IC 143 37.83 83.53 -20.71
N MET IC 144 38.00 82.33 -21.26
CA MET IC 144 39.31 81.88 -21.73
C MET IC 144 39.85 82.72 -22.87
N LYS IC 145 38.99 83.16 -23.80
CA LYS IC 145 39.44 84.02 -24.88
C LYS IC 145 40.01 85.33 -24.35
N GLN IC 146 39.32 85.95 -23.39
CA GLN IC 146 39.83 87.16 -22.76
C GLN IC 146 41.08 86.91 -21.94
N HIS IC 147 41.19 85.74 -21.31
CA HIS IC 147 42.42 85.41 -20.59
C HIS IC 147 43.61 85.32 -21.54
N LYS IC 148 43.41 84.65 -22.67
CA LYS IC 148 44.48 84.57 -23.68
C LYS IC 148 44.84 85.95 -24.21
N LYS IC 149 43.83 86.77 -24.51
CA LYS IC 149 44.10 88.14 -24.97
C LYS IC 149 44.83 88.97 -23.92
N LEU IC 150 44.46 88.82 -22.64
CA LEU IC 150 45.18 89.51 -21.57
C LEU IC 150 46.63 89.06 -21.48
N THR IC 151 46.87 87.76 -21.60
CA THR IC 151 48.25 87.28 -21.58
C THR IC 151 49.05 87.85 -22.73
N GLN IC 152 48.47 87.87 -23.94
CA GLN IC 152 49.17 88.45 -25.08
C GLN IC 152 49.44 89.94 -24.89
N ALA IC 153 48.45 90.68 -24.37
CA ALA IC 153 48.64 92.11 -24.13
C ALA IC 153 49.69 92.37 -23.06
N ILE IC 154 49.72 91.56 -22.00
CA ILE IC 154 50.72 91.73 -20.95
C ILE IC 154 52.11 91.45 -21.51
N GLN IC 155 52.25 90.39 -22.32
CA GLN IC 155 53.55 90.12 -22.92
C GLN IC 155 53.98 91.26 -23.84
N LYS IC 156 53.05 91.78 -24.64
CA LYS IC 156 53.37 92.90 -25.53
C LYS IC 156 53.79 94.13 -24.73
N ALA IC 157 53.10 94.42 -23.63
CA ALA IC 157 53.47 95.56 -22.79
C ALA IC 157 54.83 95.37 -22.12
N ARG IC 158 55.13 94.14 -21.66
CA ARG IC 158 56.45 93.87 -21.10
C ARG IC 158 57.54 93.97 -22.16
N ASP IC 159 57.21 93.70 -23.42
CA ASP IC 159 58.16 93.83 -24.51
C ASP IC 159 58.33 95.28 -24.98
N HIS IC 160 57.55 96.21 -24.43
CA HIS IC 160 57.69 97.62 -24.76
C HIS IC 160 58.16 98.46 -23.58
N GLY IC 161 58.36 97.86 -22.41
CA GLY IC 161 58.80 98.59 -21.24
C GLY IC 161 57.70 99.32 -20.49
N LEU IC 162 56.46 99.27 -20.98
CA LEU IC 162 55.36 99.94 -20.30
C LEU IC 162 55.05 99.29 -18.96
N LEU IC 163 55.14 97.96 -18.90
CA LEU IC 163 54.87 97.20 -17.69
C LEU IC 163 56.14 96.56 -17.18
N ARG IC 164 56.45 96.76 -15.90
CA ARG IC 164 57.70 96.27 -15.33
C ARG IC 164 57.65 94.77 -15.10
N TYR IC 165 58.83 94.15 -15.18
CA TYR IC 165 58.98 92.74 -14.84
C TYR IC 165 60.42 92.51 -14.41
N HIS IC 166 60.65 91.37 -13.78
CA HIS IC 166 61.96 91.09 -13.18
C HIS IC 166 63.04 91.06 -14.24
N ILE IC 167 64.16 91.72 -13.96
CA ILE IC 167 65.32 91.74 -14.83
C ILE IC 167 66.53 91.25 -14.04
N PRO IC 168 66.81 89.95 -14.08
CA PRO IC 168 67.94 89.42 -13.33
C PRO IC 168 69.27 89.85 -13.95
N GLN IC 169 70.31 89.79 -13.12
CA GLN IC 169 71.67 90.10 -13.55
C GLN IC 169 72.26 88.85 -14.21
N VAL IC 170 72.77 89.01 -15.43
CA VAL IC 170 73.30 87.91 -16.22
C VAL IC 170 74.77 88.17 -16.52
N GLU IC 171 75.60 87.17 -16.25
CA GLU IC 171 77.02 87.27 -16.55
C GLU IC 171 77.26 87.24 -18.06
N PRO IC 172 78.39 87.79 -18.52
CA PRO IC 172 78.65 87.80 -19.97
C PRO IC 172 78.79 86.40 -20.53
N ARG IC 173 78.50 86.27 -21.83
CA ARG IC 173 78.49 84.97 -22.49
C ARG IC 173 79.88 84.34 -22.50
N ASP IC 174 80.91 85.13 -22.78
CA ASP IC 174 82.27 84.62 -22.89
C ASP IC 174 83.10 85.06 -21.69
N LEU IC 175 83.73 84.09 -21.02
CA LEU IC 175 84.63 84.41 -19.93
C LEU IC 175 85.86 85.17 -20.41
N ASP IC 176 86.43 84.72 -21.54
CA ASP IC 176 87.59 85.36 -22.14
C ASP IC 176 87.24 85.80 -23.55
N PHE IC 177 87.54 87.06 -23.86
CA PHE IC 177 87.28 87.63 -25.17
C PHE IC 177 88.57 87.63 -25.97
N SER IC 178 88.65 86.74 -26.96
CA SER IC 178 89.84 86.61 -27.80
C SER IC 178 89.40 86.65 -29.26
N THR IC 179 89.74 87.72 -29.95
CA THR IC 179 89.41 87.90 -31.37
C THR IC 179 90.55 87.47 -32.30
N THR IC 180 91.64 86.97 -31.74
CA THR IC 180 92.80 86.59 -32.54
C THR IC 180 92.72 85.15 -33.06
N HIS IC 181 91.73 84.38 -32.64
CA HIS IC 181 91.60 83.01 -33.11
C HIS IC 181 91.11 82.99 -34.55
N GLY IC 182 91.41 81.89 -35.25
CA GLY IC 182 91.04 81.77 -36.65
C GLY IC 182 89.56 81.63 -36.91
N ALA IC 183 88.76 81.37 -35.88
CA ALA IC 183 87.32 81.26 -36.06
C ALA IC 183 86.72 82.59 -36.49
N VAL IC 184 87.16 83.69 -35.88
CA VAL IC 184 86.62 85.01 -36.20
C VAL IC 184 87.56 85.82 -37.10
N SER IC 185 88.84 85.46 -37.16
CA SER IC 185 89.79 86.18 -38.00
C SER IC 185 89.91 85.51 -39.36
N SER IC 186 90.48 86.25 -40.31
CA SER IC 186 90.66 85.74 -41.66
C SER IC 186 91.73 84.66 -41.69
N THR IC 187 91.60 83.76 -42.67
CA THR IC 187 92.52 82.65 -42.86
C THR IC 187 93.36 82.86 -44.11
N PRO IC 188 94.57 82.31 -44.15
CA PRO IC 188 95.40 82.42 -45.37
C PRO IC 188 94.74 81.73 -46.54
N PRO IC 189 94.52 82.45 -47.64
CA PRO IC 189 93.86 81.84 -48.80
C PRO IC 189 94.69 80.72 -49.41
N ALA IC 190 94.00 79.76 -50.01
CA ALA IC 190 94.66 78.62 -50.63
C ALA IC 190 95.30 79.04 -51.95
N PRO IC 191 96.35 78.33 -52.37
CA PRO IC 191 96.92 78.59 -53.71
C PRO IC 191 95.93 78.36 -54.83
N THR IC 192 95.02 77.39 -54.68
CA THR IC 192 93.96 77.21 -55.65
C THR IC 192 92.88 78.28 -55.53
N LEU IC 193 92.69 78.85 -54.34
CA LEU IC 193 91.71 79.92 -54.17
C LEU IC 193 92.19 81.22 -54.79
N VAL IC 194 93.46 81.56 -54.62
CA VAL IC 194 93.98 82.80 -55.17
C VAL IC 194 94.09 82.75 -56.69
N SER IC 195 94.19 81.56 -57.28
CA SER IC 195 94.32 81.43 -58.73
C SER IC 195 92.97 81.34 -59.43
N GLY IC 196 91.89 81.15 -58.68
CA GLY IC 196 90.57 81.03 -59.27
C GLY IC 196 90.15 79.61 -59.61
N ASP IC 197 91.05 78.64 -59.48
CA ASP IC 197 90.81 77.23 -59.75
C ASP IC 197 89.88 76.64 -58.69
N PRO IC 198 89.06 75.65 -59.04
CA PRO IC 198 88.25 74.96 -58.02
C PRO IC 198 89.14 74.27 -57.00
N TRP IC 199 88.51 73.85 -55.90
CA TRP IC 199 89.26 73.26 -54.80
C TRP IC 199 89.93 71.96 -55.21
N TYR IC 200 89.24 71.15 -56.02
CA TYR IC 200 89.83 69.91 -56.52
C TYR IC 200 89.82 69.89 -58.04
N PRO IC 201 90.88 69.38 -58.67
CA PRO IC 201 90.95 69.38 -60.14
C PRO IC 201 89.83 68.60 -60.80
N TRP IC 202 89.27 67.60 -60.13
CA TRP IC 202 88.18 66.82 -60.69
C TRP IC 202 86.82 67.49 -60.53
N TYR IC 203 86.77 68.65 -59.88
CA TYR IC 203 85.51 69.40 -59.81
C TYR IC 203 85.08 69.87 -61.19
N SER IC 204 86.02 70.34 -62.01
CA SER IC 204 85.69 70.79 -63.35
C SER IC 204 85.35 69.60 -64.25
N TRP IC 205 84.63 69.91 -65.33
CA TRP IC 205 84.18 68.88 -66.27
C TRP IC 205 85.24 68.72 -67.36
N LYS IC 206 85.80 67.52 -67.46
CA LYS IC 206 86.82 67.20 -68.45
C LYS IC 206 86.22 66.34 -69.56
N GLN IC 207 86.64 66.62 -70.79
CA GLN IC 207 86.14 65.87 -71.93
C GLN IC 207 86.68 64.46 -71.91
N PRO IC 208 85.84 63.43 -71.89
CA PRO IC 208 86.33 62.05 -71.89
C PRO IC 208 87.03 61.71 -73.19
N PRO IC 209 88.01 60.82 -73.17
CA PRO IC 209 88.68 60.41 -74.40
C PRO IC 209 87.74 59.70 -75.35
N GLU IC 210 88.01 59.85 -76.64
CA GLU IC 210 87.19 59.19 -77.66
C GLU IC 210 87.29 57.68 -77.58
N ARG IC 211 88.48 57.15 -77.27
CA ARG IC 211 88.63 55.71 -77.13
C ARG IC 211 87.81 55.16 -75.98
N GLU IC 212 87.80 55.87 -74.84
CA GLU IC 212 86.97 55.44 -73.71
C GLU IC 212 85.50 55.59 -74.02
N LEU IC 213 85.11 56.66 -74.73
CA LEU IC 213 83.72 56.80 -75.14
C LEU IC 213 83.28 55.65 -76.04
N SER IC 214 84.13 55.25 -77.00
CA SER IC 214 83.82 54.11 -77.85
C SER IC 214 83.76 52.82 -77.05
N ARG IC 215 84.67 52.64 -76.08
CA ARG IC 215 84.64 51.45 -75.25
C ARG IC 215 83.34 51.36 -74.46
N LEU IC 216 82.90 52.48 -73.88
CA LEU IC 216 81.63 52.50 -73.16
C LEU IC 216 80.44 52.26 -74.08
N ARG IC 217 80.44 52.86 -75.27
CA ARG IC 217 79.34 52.68 -76.20
C ARG IC 217 79.23 51.26 -76.75
N ARG IC 218 80.36 50.59 -76.97
CA ARG IC 218 80.34 49.19 -77.39
C ARG IC 218 79.73 48.29 -76.32
N LEU IC 219 80.06 48.54 -75.06
CA LEU IC 219 79.55 47.70 -73.98
C LEU IC 219 78.09 48.02 -73.66
N TYR IC 220 77.68 49.27 -73.83
CA TYR IC 220 76.32 49.70 -73.50
C TYR IC 220 75.45 49.87 -74.74
N GLN IC 221 75.61 49.00 -75.74
CA GLN IC 221 74.73 49.04 -76.89
C GLN IC 221 73.31 48.67 -76.49
N GLY IC 222 72.33 49.30 -77.13
CA GLY IC 222 70.93 49.15 -76.79
C GLY IC 222 70.45 50.12 -75.73
N ARG IC 223 71.31 50.52 -74.81
CA ARG IC 223 70.99 51.52 -73.79
C ARG IC 223 71.65 52.87 -74.10
N LEU IC 224 72.03 53.10 -75.35
CA LEU IC 224 72.74 54.32 -75.71
C LEU IC 224 71.81 55.53 -75.61
N ARG IC 225 72.38 56.65 -75.18
CA ARG IC 225 71.65 57.91 -75.05
C ARG IC 225 72.48 59.02 -75.69
N GLU IC 226 71.80 60.10 -76.05
CA GLU IC 226 72.46 61.22 -76.71
C GLU IC 226 73.56 61.80 -75.81
N GLU IC 227 74.71 62.06 -76.42
CA GLU IC 227 75.84 62.59 -75.68
C GLU IC 227 75.60 64.06 -75.32
N SER IC 228 76.42 64.55 -74.40
CA SER IC 228 76.37 65.95 -73.99
C SER IC 228 77.78 66.44 -73.75
N GLY IC 229 78.09 67.63 -74.25
CA GLY IC 229 79.40 68.21 -74.09
C GLY IC 229 79.56 68.89 -72.75
N PRO IC 230 80.57 69.73 -72.61
CA PRO IC 230 80.78 70.46 -71.37
C PRO IC 230 79.58 71.34 -71.04
N PRO IC 231 79.14 71.36 -69.79
CA PRO IC 231 77.99 72.20 -69.42
C PRO IC 231 78.35 73.67 -69.45
N PRO IC 232 77.38 74.55 -69.70
CA PRO IC 232 77.67 75.98 -69.64
C PRO IC 232 78.10 76.40 -68.25
N GLU IC 233 79.03 77.37 -68.20
CA GLU IC 233 79.57 77.82 -66.93
C GLU IC 233 78.54 78.63 -66.14
N LEU IC 234 77.79 79.49 -66.82
CA LEU IC 234 76.75 80.30 -66.19
C LEU IC 234 75.38 79.82 -66.65
N MET IC 235 74.46 79.67 -65.70
CA MET IC 235 73.11 79.23 -66.03
C MET IC 235 72.22 80.44 -66.30
N PRO IC 236 71.67 80.59 -67.49
CA PRO IC 236 70.79 81.73 -67.76
C PRO IC 236 69.46 81.59 -67.03
N GLU IC 237 68.80 82.74 -66.84
CA GLU IC 237 67.51 82.80 -66.17
C GLU IC 237 66.40 82.56 -67.19
N VAL IC 238 65.15 82.78 -66.75
CA VAL IC 238 64.00 82.60 -67.63
C VAL IC 238 63.69 83.89 -68.37
N GLU JC 46 -76.56 7.01 -93.27
CA GLU JC 46 -75.81 8.01 -94.01
C GLU JC 46 -74.32 7.91 -93.71
N ALA JC 47 -73.50 8.46 -94.60
CA ALA JC 47 -72.05 8.44 -94.44
C ALA JC 47 -71.48 9.72 -95.02
N LEU JC 48 -70.17 9.88 -94.91
CA LEU JC 48 -69.46 11.05 -95.38
C LEU JC 48 -68.87 10.79 -96.77
N ALA JC 49 -68.12 11.76 -97.28
CA ALA JC 49 -67.53 11.64 -98.60
C ALA JC 49 -66.21 10.87 -98.52
N GLY JC 50 -65.67 10.51 -99.69
CA GLY JC 50 -64.44 9.75 -99.75
C GLY JC 50 -63.20 10.61 -99.69
N ALA JC 51 -63.37 11.94 -99.79
CA ALA JC 51 -62.28 12.90 -99.72
C ALA JC 51 -61.22 12.59 -100.77
N PRO JC 52 -61.53 12.75 -102.05
CA PRO JC 52 -60.55 12.47 -103.11
C PRO JC 52 -59.48 13.56 -103.16
N LEU JC 53 -58.41 13.25 -103.89
CA LEU JC 53 -57.28 14.15 -104.06
C LEU JC 53 -57.20 14.63 -105.49
N ASP JC 54 -56.24 15.52 -105.76
CA ASP JC 54 -56.03 16.07 -107.09
C ASP JC 54 -55.03 15.26 -107.91
N ASN JC 55 -54.41 14.23 -107.33
CA ASN JC 55 -53.48 13.40 -108.08
C ASN JC 55 -54.18 12.65 -109.20
N ALA JC 56 -55.38 12.12 -108.92
CA ALA JC 56 -56.17 11.42 -109.92
C ALA JC 56 -57.62 11.90 -109.89
N PRO JC 57 -57.84 13.22 -109.88
CA PRO JC 57 -59.21 13.74 -109.82
C PRO JC 57 -59.92 13.67 -111.17
N LYS JC 58 -60.83 12.72 -111.31
CA LYS JC 58 -61.59 12.56 -112.55
C LYS JC 58 -63.08 12.39 -112.34
N GLU JC 59 -63.55 12.15 -111.12
CA GLU JC 59 -64.97 11.91 -110.85
C GLU JC 59 -65.53 13.10 -110.10
N TYR JC 60 -66.62 13.68 -110.63
CA TYR JC 60 -67.38 14.79 -110.06
C TYR JC 60 -68.70 14.29 -109.49
N PRO JC 61 -69.19 14.91 -108.43
CA PRO JC 61 -70.50 14.53 -107.87
C PRO JC 61 -71.60 14.71 -108.89
N PRO JC 62 -72.58 13.79 -108.93
CA PRO JC 62 -73.63 13.87 -109.97
C PRO JC 62 -74.55 15.08 -109.84
N LYS JC 63 -74.53 15.78 -108.70
CA LYS JC 63 -75.43 16.91 -108.50
C LYS JC 63 -75.14 18.04 -109.47
N ILE JC 64 -73.85 18.35 -109.70
CA ILE JC 64 -73.51 19.42 -110.63
C ILE JC 64 -73.87 19.07 -112.06
N GLN JC 65 -73.75 17.80 -112.46
CA GLN JC 65 -74.17 17.41 -113.81
C GLN JC 65 -75.68 17.44 -113.95
N GLN JC 66 -76.40 17.02 -112.91
CA GLN JC 66 -77.87 17.04 -113.00
C GLN JC 66 -78.41 18.46 -113.00
N LEU JC 67 -77.72 19.39 -112.33
CA LEU JC 67 -78.11 20.79 -112.41
C LEU JC 67 -77.95 21.33 -113.84
N VAL JC 68 -76.85 20.97 -114.50
CA VAL JC 68 -76.66 21.36 -115.90
C VAL JC 68 -77.73 20.74 -116.78
N GLN JC 69 -78.09 19.47 -116.52
CA GLN JC 69 -79.17 18.83 -117.27
C GLN JC 69 -80.50 19.56 -117.09
N ASP JC 70 -80.83 19.95 -115.85
CA ASP JC 70 -82.05 20.71 -115.61
C ASP JC 70 -82.02 22.06 -116.32
N ILE JC 71 -80.87 22.74 -116.29
CA ILE JC 71 -80.75 24.04 -116.97
C ILE JC 71 -80.96 23.88 -118.47
N ALA JC 72 -80.34 22.85 -119.06
CA ALA JC 72 -80.44 22.64 -120.50
C ALA JC 72 -81.79 22.06 -120.94
N SER JC 73 -82.56 21.44 -120.05
CA SER JC 73 -83.85 20.87 -120.42
C SER JC 73 -84.99 21.89 -120.34
N LEU JC 74 -84.68 23.19 -120.38
CA LEU JC 74 -85.67 24.24 -120.28
C LEU JC 74 -85.46 25.27 -121.37
N THR JC 75 -86.48 26.11 -121.57
CA THR JC 75 -86.51 27.04 -122.69
C THR JC 75 -86.03 28.43 -122.28
N LEU JC 76 -86.00 29.34 -123.26
CA LEU JC 76 -85.48 30.68 -123.02
C LEU JC 76 -86.36 31.49 -122.09
N LEU JC 77 -87.68 31.25 -122.10
CA LEU JC 77 -88.54 31.92 -121.12
C LEU JC 77 -88.17 31.51 -119.70
N GLU JC 78 -87.92 30.22 -119.48
CA GLU JC 78 -87.45 29.78 -118.17
C GLU JC 78 -86.08 30.35 -117.85
N ILE JC 79 -85.20 30.47 -118.85
CA ILE JC 79 -83.89 31.07 -118.60
C ILE JC 79 -84.04 32.52 -118.16
N SER JC 80 -84.94 33.26 -118.82
CA SER JC 80 -85.19 34.65 -118.47
C SER JC 80 -85.76 34.77 -117.06
N ASP JC 81 -86.72 33.91 -116.72
CA ASP JC 81 -87.28 33.93 -115.37
C ASP JC 81 -86.22 33.60 -114.34
N LEU JC 82 -85.37 32.61 -114.61
CA LEU JC 82 -84.32 32.23 -113.68
C LEU JC 82 -83.32 33.36 -113.47
N ASN JC 83 -82.89 34.01 -114.56
CA ASN JC 83 -81.89 35.07 -114.39
C ASN JC 83 -82.49 36.30 -113.74
N GLU JC 84 -83.75 36.64 -114.02
CA GLU JC 84 -84.37 37.77 -113.33
C GLU JC 84 -84.56 37.45 -111.85
N LEU JC 85 -84.91 36.21 -111.52
CA LEU JC 85 -85.04 35.83 -110.12
C LEU JC 85 -83.69 35.88 -109.41
N LEU JC 86 -82.62 35.43 -110.08
CA LEU JC 86 -81.28 35.53 -109.53
C LEU JC 86 -80.86 36.98 -109.32
N LYS JC 87 -81.15 37.86 -110.26
CA LYS JC 87 -80.86 39.28 -110.10
C LYS JC 87 -81.64 39.90 -108.94
N LYS JC 88 -82.92 39.53 -108.77
CA LYS JC 88 -83.71 40.06 -107.68
C LYS JC 88 -83.22 39.57 -106.32
N THR JC 89 -82.94 38.27 -106.20
CA THR JC 89 -82.54 37.73 -104.91
C THR JC 89 -81.05 37.94 -104.66
N LEU JC 90 -80.20 37.26 -105.41
CA LEU JC 90 -78.75 37.36 -105.24
C LEU JC 90 -78.21 38.57 -105.99
N ILE KC 64 -86.94 25.34 -111.10
CA ILE KC 64 -86.80 26.76 -110.77
C ILE KC 64 -86.50 26.91 -109.29
N GLN KC 65 -87.53 26.78 -108.45
CA GLN KC 65 -87.36 26.86 -107.01
C GLN KC 65 -86.49 25.72 -106.48
N GLN KC 66 -86.65 24.51 -107.02
CA GLN KC 66 -85.76 23.42 -106.66
C GLN KC 66 -84.32 23.71 -107.06
N LEU KC 67 -84.11 24.35 -108.20
CA LEU KC 67 -82.77 24.76 -108.60
C LEU KC 67 -82.18 25.77 -107.63
N VAL KC 68 -82.98 26.74 -107.19
CA VAL KC 68 -82.52 27.70 -106.20
C VAL KC 68 -82.17 27.00 -104.89
N GLN KC 69 -82.99 26.04 -104.47
CA GLN KC 69 -82.69 25.29 -103.25
C GLN KC 69 -81.42 24.48 -103.38
N ASP KC 70 -81.18 23.86 -104.54
CA ASP KC 70 -79.94 23.13 -104.76
C ASP KC 70 -78.73 24.06 -104.73
N ILE KC 71 -78.85 25.25 -105.35
CA ILE KC 71 -77.79 26.23 -105.29
C ILE KC 71 -77.51 26.66 -103.85
N ALA KC 72 -78.57 26.88 -103.06
CA ALA KC 72 -78.40 27.25 -101.66
C ALA KC 72 -77.91 26.10 -100.79
N SER KC 73 -78.06 24.86 -101.24
CA SER KC 73 -77.60 23.70 -100.47
C SER KC 73 -76.23 23.19 -100.92
N LEU KC 74 -75.69 23.72 -102.02
CA LEU KC 74 -74.36 23.34 -102.45
C LEU KC 74 -73.30 24.18 -101.75
N THR KC 75 -72.16 23.57 -101.49
CA THR KC 75 -71.07 24.23 -100.79
C THR KC 75 -70.17 24.95 -101.78
N LEU KC 76 -69.11 25.58 -101.27
CA LEU KC 76 -68.22 26.38 -102.12
C LEU KC 76 -67.51 25.54 -103.16
N LEU KC 77 -67.04 24.35 -102.79
CA LEU KC 77 -66.37 23.49 -103.76
C LEU KC 77 -67.32 23.05 -104.86
N GLU KC 78 -68.55 22.67 -104.51
CA GLU KC 78 -69.51 22.24 -105.52
C GLU KC 78 -69.91 23.37 -106.45
N ILE KC 79 -70.17 24.57 -105.92
CA ILE KC 79 -70.53 25.68 -106.79
C ILE KC 79 -69.35 26.11 -107.66
N SER KC 80 -68.12 26.00 -107.13
CA SER KC 80 -66.94 26.30 -107.95
C SER KC 80 -66.79 25.28 -109.08
N ASP KC 81 -67.02 24.00 -108.79
CA ASP KC 81 -66.97 22.99 -109.85
C ASP KC 81 -68.05 23.23 -110.89
N LEU KC 82 -69.25 23.60 -110.45
CA LEU KC 82 -70.33 23.92 -111.38
C LEU KC 82 -69.97 25.12 -112.25
N ASN KC 83 -69.40 26.16 -111.66
CA ASN KC 83 -68.99 27.33 -112.42
C ASN KC 83 -67.91 26.98 -113.44
N GLU KC 84 -66.93 26.16 -113.05
CA GLU KC 84 -65.90 25.74 -113.99
C GLU KC 84 -66.49 24.93 -115.14
N LEU KC 85 -67.43 24.02 -114.82
CA LEU KC 85 -68.05 23.21 -115.87
C LEU KC 85 -68.84 24.07 -116.84
N LEU KC 86 -69.62 25.03 -116.34
CA LEU KC 86 -70.37 25.90 -117.26
C LEU KC 86 -69.45 26.80 -118.05
N LYS KC 87 -68.34 27.26 -117.45
CA LYS KC 87 -67.35 28.04 -118.17
C LYS KC 87 -66.70 27.26 -119.30
N LYS KC 88 -66.37 25.99 -119.07
CA LYS KC 88 -65.72 25.18 -120.09
C LYS KC 88 -66.70 24.65 -121.14
N THR KC 89 -67.99 24.59 -120.81
CA THR KC 89 -68.97 24.10 -121.78
C THR KC 89 -69.67 25.21 -122.55
N LEU KC 90 -69.61 26.45 -122.06
CA LEU KC 90 -70.37 27.55 -122.64
C LEU KC 90 -69.46 28.72 -122.96
N ILE LC 64 -83.61 25.96 -136.60
CA ILE LC 64 -82.15 26.05 -136.55
C ILE LC 64 -81.63 26.57 -137.89
N GLN LC 65 -81.58 25.68 -138.89
CA GLN LC 65 -81.14 26.07 -140.22
C GLN LC 65 -82.09 27.09 -140.86
N GLN LC 66 -83.40 26.93 -140.65
CA GLN LC 66 -84.35 27.93 -141.11
C GLN LC 66 -84.12 29.27 -140.43
N LEU LC 67 -83.77 29.26 -139.14
CA LEU LC 67 -83.44 30.50 -138.44
C LEU LC 67 -82.20 31.16 -139.04
N VAL LC 68 -81.17 30.36 -139.36
CA VAL LC 68 -79.99 30.91 -140.00
C VAL LC 68 -80.33 31.49 -141.37
N GLN LC 69 -81.18 30.82 -142.13
CA GLN LC 69 -81.60 31.35 -143.42
C GLN LC 69 -82.39 32.64 -143.28
N ASP LC 70 -83.26 32.73 -142.29
CA ASP LC 70 -83.99 33.98 -142.04
C ASP LC 70 -83.05 35.11 -141.64
N ILE LC 71 -82.06 34.82 -140.80
CA ILE LC 71 -81.05 35.81 -140.44
C ILE LC 71 -80.28 36.28 -141.68
N ALA LC 72 -79.91 35.33 -142.56
CA ALA LC 72 -79.19 35.68 -143.77
C ALA LC 72 -80.07 36.38 -144.81
N SER LC 73 -81.39 36.26 -144.70
CA SER LC 73 -82.31 36.90 -145.63
C SER LC 73 -82.88 38.21 -145.10
N LEU LC 74 -82.62 38.55 -143.84
CA LEU LC 74 -83.06 39.82 -143.29
C LEU LC 74 -82.03 40.91 -143.58
N THR LC 75 -82.54 42.12 -143.80
CA THR LC 75 -81.69 43.26 -144.13
C THR LC 75 -81.21 43.94 -142.85
N LEU LC 76 -80.44 45.02 -143.02
CA LEU LC 76 -79.85 45.71 -141.88
C LEU LC 76 -80.91 46.30 -140.96
N LEU LC 77 -81.95 46.91 -141.53
CA LEU LC 77 -83.01 47.49 -140.70
C LEU LC 77 -83.73 46.41 -139.89
N GLU LC 78 -84.04 45.28 -140.53
CA GLU LC 78 -84.73 44.21 -139.82
C GLU LC 78 -83.88 43.59 -138.72
N ILE LC 79 -82.60 43.35 -138.98
CA ILE LC 79 -81.75 42.78 -137.95
C ILE LC 79 -81.51 43.79 -136.82
N SER LC 80 -81.45 45.08 -137.15
CA SER LC 80 -81.33 46.09 -136.11
C SER LC 80 -82.58 46.14 -135.24
N ASP LC 81 -83.77 46.05 -135.85
CA ASP LC 81 -85.01 46.00 -135.08
C ASP LC 81 -85.05 44.76 -134.20
N LEU LC 82 -84.62 43.61 -134.73
CA LEU LC 82 -84.57 42.39 -133.95
C LEU LC 82 -83.62 42.53 -132.76
N ASN LC 83 -82.44 43.12 -132.99
CA ASN LC 83 -81.48 43.33 -131.91
C ASN LC 83 -82.05 44.26 -130.85
N GLU LC 84 -82.71 45.34 -131.26
CA GLU LC 84 -83.33 46.24 -130.28
C GLU LC 84 -84.42 45.54 -129.48
N LEU LC 85 -85.24 44.73 -130.15
CA LEU LC 85 -86.30 44.01 -129.43
C LEU LC 85 -85.73 43.02 -128.43
N LEU LC 86 -84.70 42.26 -128.81
CA LEU LC 86 -84.11 41.33 -127.85
C LEU LC 86 -83.40 42.05 -126.72
N LYS LC 87 -82.77 43.20 -127.01
CA LYS LC 87 -82.16 44.01 -125.97
C LYS LC 87 -83.18 44.54 -124.96
N LYS LC 88 -84.35 44.99 -125.44
CA LYS LC 88 -85.36 45.53 -124.54
C LYS LC 88 -86.17 44.44 -123.83
N THR LC 89 -86.18 43.22 -124.36
CA THR LC 89 -86.92 42.14 -123.72
C THR LC 89 -86.06 41.25 -122.83
N LEU LC 90 -84.74 41.28 -122.98
CA LEU LC 90 -83.88 40.44 -122.14
C LEU LC 90 -82.74 41.19 -121.46
N LYS LC 91 -82.21 42.24 -122.09
CA LYS LC 91 -81.11 43.03 -121.55
C LYS LC 91 -79.87 42.18 -121.26
N ILE MC 64 -89.16 38.84 -137.81
CA ILE MC 64 -88.83 39.68 -136.67
C ILE MC 64 -89.43 39.04 -135.41
N GLN MC 65 -90.74 39.23 -135.22
CA GLN MC 65 -91.43 38.63 -134.08
C GLN MC 65 -91.42 37.11 -134.13
N GLN MC 66 -91.56 36.52 -135.32
CA GLN MC 66 -91.42 35.08 -135.47
C GLN MC 66 -90.01 34.63 -135.11
N LEU MC 67 -88.99 35.41 -135.47
CA LEU MC 67 -87.62 35.09 -135.08
C LEU MC 67 -87.45 35.12 -133.56
N VAL MC 68 -88.04 36.12 -132.90
CA VAL MC 68 -87.99 36.18 -131.44
C VAL MC 68 -88.69 34.97 -130.83
N GLN MC 69 -89.84 34.58 -131.38
CA GLN MC 69 -90.55 33.41 -130.88
C GLN MC 69 -89.74 32.13 -131.08
N ASP MC 70 -89.06 31.99 -132.22
CA ASP MC 70 -88.20 30.84 -132.44
C ASP MC 70 -87.03 30.81 -131.46
N ILE MC 71 -86.42 31.98 -131.20
CA ILE MC 71 -85.37 32.06 -130.20
C ILE MC 71 -85.88 31.66 -128.83
N ALA MC 72 -87.07 32.12 -128.46
CA ALA MC 72 -87.67 31.78 -127.17
C ALA MC 72 -88.13 30.33 -127.10
N SER MC 73 -88.34 29.67 -128.24
CA SER MC 73 -88.78 28.28 -128.27
C SER MC 73 -87.63 27.30 -128.48
N LEU MC 74 -86.43 27.79 -128.77
CA LEU MC 74 -85.26 26.92 -128.89
C LEU MC 74 -84.63 26.66 -127.52
N THR MC 75 -84.09 25.46 -127.36
CA THR MC 75 -83.49 25.06 -126.10
C THR MC 75 -82.01 25.45 -126.08
N LEU MC 76 -81.33 25.11 -124.99
CA LEU MC 76 -79.94 25.51 -124.81
C LEU MC 76 -79.03 24.88 -125.87
N LEU MC 77 -79.23 23.61 -126.18
CA LEU MC 77 -78.41 22.97 -127.20
C LEU MC 77 -78.60 23.60 -128.56
N GLU MC 78 -79.85 23.91 -128.94
CA GLU MC 78 -80.12 24.52 -130.23
C GLU MC 78 -79.54 25.93 -130.32
N ILE MC 79 -79.69 26.74 -129.27
CA ILE MC 79 -79.14 28.09 -129.32
C ILE MC 79 -77.63 28.05 -129.31
N SER MC 80 -77.03 27.07 -128.60
CA SER MC 80 -75.57 26.93 -128.64
C SER MC 80 -75.09 26.53 -130.03
N ASP MC 81 -75.79 25.62 -130.69
CA ASP MC 81 -75.44 25.26 -132.07
C ASP MC 81 -75.57 26.45 -133.00
N LEU MC 82 -76.64 27.24 -132.84
CA LEU MC 82 -76.81 28.44 -133.64
C LEU MC 82 -75.69 29.44 -133.42
N ASN MC 83 -75.30 29.64 -132.15
CA ASN MC 83 -74.20 30.55 -131.84
C ASN MC 83 -72.89 30.06 -132.46
N GLU MC 84 -72.62 28.76 -132.37
CA GLU MC 84 -71.41 28.21 -132.98
C GLU MC 84 -71.43 28.40 -134.49
N LEU MC 85 -72.57 28.15 -135.13
CA LEU MC 85 -72.66 28.32 -136.58
C LEU MC 85 -72.44 29.77 -137.00
N LEU MC 86 -73.05 30.73 -136.28
CA LEU MC 86 -72.84 32.12 -136.64
C LEU MC 86 -71.40 32.56 -136.35
N LYS MC 87 -70.80 32.04 -135.28
CA LYS MC 87 -69.40 32.31 -135.00
C LYS MC 87 -68.47 31.80 -136.10
N LYS MC 88 -68.72 30.60 -136.61
CA LYS MC 88 -67.86 30.03 -137.64
C LYS MC 88 -68.14 30.60 -139.03
N THR MC 89 -69.33 31.17 -139.24
CA THR MC 89 -69.65 31.74 -140.56
C THR MC 89 -69.40 33.24 -140.63
N LEU MC 90 -69.29 33.92 -139.50
CA LEU MC 90 -69.03 35.37 -139.50
C LEU MC 90 -67.88 35.70 -138.57
N ILE NC 64 -71.94 46.37 -155.17
CA ILE NC 64 -70.92 45.53 -154.57
C ILE NC 64 -69.53 46.05 -154.95
N GLN NC 65 -69.12 45.75 -156.18
CA GLN NC 65 -67.83 46.23 -156.68
C GLN NC 65 -67.81 47.75 -156.80
N GLN NC 66 -68.91 48.37 -157.22
CA GLN NC 66 -69.00 49.83 -157.21
C GLN NC 66 -68.90 50.39 -155.80
N LEU NC 67 -69.47 49.71 -154.82
CA LEU NC 67 -69.33 50.13 -153.43
C LEU NC 67 -67.89 50.04 -152.97
N VAL NC 68 -67.18 48.98 -153.34
CA VAL NC 68 -65.77 48.88 -153.00
C VAL NC 68 -64.97 49.98 -153.66
N GLN NC 69 -65.27 50.30 -154.92
CA GLN NC 69 -64.58 51.39 -155.60
C GLN NC 69 -64.85 52.73 -154.94
N ASP NC 70 -66.10 52.98 -154.52
CA ASP NC 70 -66.41 54.21 -153.80
C ASP NC 70 -65.67 54.30 -152.47
N ILE NC 71 -65.60 53.18 -151.73
CA ILE NC 71 -64.82 53.15 -150.50
C ILE NC 71 -63.36 53.44 -150.77
N ALA NC 72 -62.80 52.86 -151.83
CA ALA NC 72 -61.40 53.11 -152.19
C ALA NC 72 -61.16 54.50 -152.74
N SER NC 73 -62.20 55.19 -153.21
CA SER NC 73 -62.08 56.54 -153.76
C SER NC 73 -62.43 57.62 -152.75
N LEU NC 74 -62.97 57.24 -151.58
CA LEU NC 74 -63.27 58.22 -150.54
C LEU NC 74 -62.05 58.47 -149.68
N THR NC 75 -61.91 59.71 -149.22
CA THR NC 75 -60.77 60.11 -148.41
C THR NC 75 -61.06 59.84 -146.93
N LEU NC 76 -60.09 60.21 -146.07
CA LEU NC 76 -60.22 59.91 -144.65
C LEU NC 76 -61.38 60.66 -144.02
N LEU NC 77 -61.59 61.93 -144.38
CA LEU NC 77 -62.71 62.68 -143.82
C LEU NC 77 -64.04 62.07 -144.22
N GLU NC 78 -64.18 61.69 -145.49
CA GLU NC 78 -65.44 61.10 -145.96
C GLU NC 78 -65.71 59.76 -145.30
N ILE NC 79 -64.70 58.89 -145.19
CA ILE NC 79 -64.93 57.59 -144.56
C ILE NC 79 -65.20 57.77 -143.06
N SER NC 80 -64.57 58.76 -142.42
CA SER NC 80 -64.87 59.03 -141.02
C SER NC 80 -66.30 59.52 -140.84
N ASP NC 81 -66.77 60.40 -141.73
CA ASP NC 81 -68.17 60.84 -141.68
C ASP NC 81 -69.12 59.68 -141.91
N LEU NC 82 -68.80 58.80 -142.86
CA LEU NC 82 -69.62 57.62 -143.09
C LEU NC 82 -69.68 56.72 -141.86
N ASN NC 83 -68.52 56.50 -141.23
CA ASN NC 83 -68.48 55.67 -140.02
C ASN NC 83 -69.30 56.30 -138.90
N GLU NC 84 -69.20 57.61 -138.71
CA GLU NC 84 -69.99 58.28 -137.69
C GLU NC 84 -71.48 58.16 -137.99
N LEU NC 85 -71.88 58.33 -139.24
CA LEU NC 85 -73.29 58.21 -139.60
C LEU NC 85 -73.82 56.80 -139.36
N LEU NC 86 -73.06 55.78 -139.75
CA LEU NC 86 -73.53 54.41 -139.50
C LEU NC 86 -73.54 54.09 -138.00
N LYS NC 87 -72.58 54.61 -137.25
CA LYS NC 87 -72.58 54.45 -135.80
C LYS NC 87 -73.80 55.08 -135.15
N LYS NC 88 -74.20 56.28 -135.59
CA LYS NC 88 -75.34 56.96 -134.98
C LYS NC 88 -76.68 56.43 -135.50
N THR NC 89 -76.70 55.76 -136.64
CA THR NC 89 -77.96 55.23 -137.17
C THR NC 89 -78.16 53.75 -136.84
N LEU NC 90 -77.11 53.05 -136.44
CA LEU NC 90 -77.24 51.65 -136.05
C LEU NC 90 -77.20 51.50 -134.54
N ILE OC 64 -72.21 59.49 -149.61
CA ILE OC 64 -72.34 59.47 -148.16
C ILE OC 64 -73.69 58.88 -147.78
N GLN OC 65 -74.75 59.68 -147.91
CA GLN OC 65 -76.10 59.21 -147.62
C GLN OC 65 -76.53 58.11 -148.57
N GLN OC 66 -76.17 58.21 -149.85
CA GLN OC 66 -76.43 57.13 -150.79
C GLN OC 66 -75.68 55.86 -150.40
N LEU OC 67 -74.46 55.99 -149.89
CA LEU OC 67 -73.72 54.83 -149.40
C LEU OC 67 -74.42 54.19 -148.20
N VAL OC 68 -74.93 55.01 -147.29
CA VAL OC 68 -75.67 54.47 -146.15
C VAL OC 68 -76.94 53.76 -146.62
N GLN OC 69 -77.63 54.33 -147.61
CA GLN OC 69 -78.82 53.68 -148.14
C GLN OC 69 -78.48 52.35 -148.82
N ASP OC 70 -77.39 52.30 -149.57
CA ASP OC 70 -76.95 51.04 -150.18
C ASP OC 70 -76.60 50.00 -149.12
N ILE OC 71 -75.91 50.41 -148.05
CA ILE OC 71 -75.62 49.50 -146.95
C ILE OC 71 -76.91 48.99 -146.32
N ALA OC 72 -77.88 49.86 -146.11
CA ALA OC 72 -79.16 49.46 -145.54
C ALA OC 72 -80.01 48.64 -146.49
N SER OC 73 -79.74 48.70 -147.80
CA SER OC 73 -80.50 47.94 -148.79
C SER OC 73 -79.81 46.64 -149.19
N LEU OC 74 -78.57 46.43 -148.77
CA LEU OC 74 -77.88 45.18 -149.05
C LEU OC 74 -78.22 44.12 -148.00
N THR OC 75 -78.28 42.87 -148.45
CA THR OC 75 -78.64 41.76 -147.58
C THR OC 75 -77.39 41.20 -146.91
N LEU OC 76 -77.57 40.15 -146.10
CA LEU OC 76 -76.47 39.60 -145.34
C LEU OC 76 -75.38 39.02 -146.23
N LEU OC 77 -75.75 38.32 -147.30
CA LEU OC 77 -74.75 37.76 -148.20
C LEU OC 77 -73.95 38.85 -148.88
N GLU OC 78 -74.61 39.92 -149.34
CA GLU OC 78 -73.91 41.00 -150.01
C GLU OC 78 -72.98 41.75 -149.06
N ILE OC 79 -73.42 42.04 -147.84
CA ILE OC 79 -72.55 42.73 -146.90
C ILE OC 79 -71.39 41.84 -146.47
N SER OC 80 -71.63 40.52 -146.36
CA SER OC 80 -70.53 39.61 -146.05
C SER OC 80 -69.51 39.56 -147.19
N ASP OC 81 -69.98 39.54 -148.44
CA ASP OC 81 -69.06 39.58 -149.57
C ASP OC 81 -68.26 40.89 -149.59
N LEU OC 82 -68.93 42.01 -149.30
CA LEU OC 82 -68.25 43.30 -149.22
C LEU OC 82 -67.19 43.30 -148.13
N ASN OC 83 -67.53 42.76 -146.95
CA ASN OC 83 -66.57 42.69 -145.86
C ASN OC 83 -65.37 41.82 -146.22
N GLU OC 84 -65.62 40.67 -146.87
CA GLU OC 84 -64.51 39.83 -147.30
C GLU OC 84 -63.63 40.53 -148.32
N LEU OC 85 -64.24 41.24 -149.27
CA LEU OC 85 -63.45 41.96 -150.27
C LEU OC 85 -62.60 43.05 -149.64
N LEU OC 86 -63.17 43.83 -148.71
CA LEU OC 86 -62.36 44.87 -148.08
C LEU OC 86 -61.28 44.27 -147.18
N LYS OC 87 -61.57 43.14 -146.53
CA LYS OC 87 -60.56 42.44 -145.74
C LYS OC 87 -59.40 41.96 -146.60
N LYS OC 88 -59.68 41.41 -147.78
CA LYS OC 88 -58.63 40.89 -148.64
C LYS OC 88 -57.90 41.98 -149.42
N THR OC 89 -58.52 43.16 -149.57
CA THR OC 89 -57.85 44.25 -150.30
C THR OC 89 -57.16 45.24 -149.38
#